data_7UMT
#
_entry.id   7UMT
#
_cell.length_a   1.00
_cell.length_b   1.00
_cell.length_c   1.00
_cell.angle_alpha   90.00
_cell.angle_beta   90.00
_cell.angle_gamma   90.00
#
_symmetry.space_group_name_H-M   'P 1'
#
loop_
_entity.id
_entity.type
_entity.pdbx_description
1 polymer 'Outer capsid protein VP5*'
2 polymer 'Intermediate capsid protein VP6'
3 polymer 'Outer capsid glycoprotein VP7'
4 branched beta-D-mannopyranose-(1-4)-2-acetamido-2-deoxy-beta-D-glucopyranose-(1-4)-2-acetamido-2-deoxy-beta-D-glucopyranose
5 non-polymer 2-acetamido-2-deoxy-beta-D-glucopyranose
6 non-polymer 'CALCIUM ION'
#
loop_
_entity_poly.entity_id
_entity_poly.type
_entity_poly.pdbx_seq_one_letter_code
_entity_poly.pdbx_strand_id
1 'polypeptide(L)'
;AQVDEDIIVSKTSLWKEMQYNRDIIIRFKFGNSIVKMGGLGYKWSEISYKAANYQYNYLRDGEQVTAHTTCSVNGVNNFS
YNGGFLPTDFGISRYEVIKENSYVYVDYWDDSKAFRNIVYVRSLAANLNSVRCTGGSYHFSLPVGAWPVINGGAVSLHFA
GVTLSTQFTDFVSLNSLRFRFSLTVDEPPFSILRTRTVNLYGLPAANPNNGNEYYEISGRFSLISLVPTNDDYQTPIMNS
VTVRQDLERQLTNLREEFNSLSQEIAMAQLIDLALLPLDMFSMFSGIKSTIDLTKSMATSVMKKFRKSKLATSISEMTNS
LSDAASSASRNVSIRSNLSAISNWTNVSNDVSNVTNSLNDISTQTSTIGKKLRLKEMITQTEGMSFDDISAAVLKTKIDM
STQIGKNTLPDIVTEASEKFIPKRSYRILKDDEVMEINTEGKFFAYKINTFDEVPFDVNKFAELVTDSPVISAIIDFKTL
KNLNDNYGITRTEALNLIKSNPNMLRNFINQNNPIIRNRIEQLILQCKL
;
1,2,3
2 'polypeptide(L)'
;MEVLYSLSKTLKDARDKIVEGTLYSNVSDLIQQFNQMIVTMNGNDFQTGGIGNLPIRNWTFDFGLLGTTLLNLDANYVET
ARTTIEYFIDFIDNVCMDEMVRESQRNGVAPQSEALRKLAGIKFKRINFNNSSEYIENWNLQNRRQRTGFVFHKPNIFPY
SASFTLNRSQPMHDNLMGTMWLNAGSEIQVAGFDYSCALNAPANIQQFEHIVQLRRALTTATITLLPDAERFSFPRVINS
ADGATTWFFNPIILRPNNVEVEFLLNGQIINTYQARFGTIVARNFDTIRLSFQLMRPPNMTPAVNALFPQAQPFQHHATV
GLTLRIESAVCESVLADANETLLANVTAVRQEYAIPVGPVFPPGMNWTELITNYSPSREDNLQRVFTVASIRSMLIK
;
A,B,C,D,E,F,G,H,I,J,K,L,M,N,O,P,Q,R
3 'polypeptide(L)'
;MYGIEYTTILIFLISIILLNYILKSVTRIMDYIIYRFLLIFVALFALTKAQNYGLNIPITGSMDTVYSNSTREEVFLTST
LCLYYPTEASTQISDGEWKDSLSQMFLIKGWPTGSVYFKEYSNIVDFSVDPQLYCDYNLVLMKYDQSLELDMSELADLIL
NEWLCNPMDITLYYYQQSGESNKWISMGSSCTVKVCPLNTQTLGIGCQTTNVDSFETVAENEKLAIVDVVDGINHKINLT
TTTCTIRNCKKLGPRENVAVIQVGGANILDITADPTTNPQIERMMRVNWKRWWQVFYTIVDYINQIVQVMSKRSRSLNSA
AFYYRV
;
a,b,c,d,e,f,g,h,i,j,k,l,m,n,o,p,q,r
#
loop_
_chem_comp.id
_chem_comp.type
_chem_comp.name
_chem_comp.formula
BMA D-saccharide, beta linking beta-D-mannopyranose 'C6 H12 O6'
CA non-polymer 'CALCIUM ION' 'Ca 2'
NAG D-saccharide, beta linking 2-acetamido-2-deoxy-beta-D-glucopyranose 'C8 H15 N O6'
#
# COMPACT_ATOMS: atom_id res chain seq x y z
N ALA A 1 26.74 0.22 -39.37
CA ALA A 1 26.30 1.58 -39.64
C ALA A 1 26.28 1.84 -41.14
N GLN A 2 25.16 2.36 -41.62
CA GLN A 2 24.98 2.60 -43.05
C GLN A 2 25.70 3.87 -43.48
N VAL A 3 25.94 3.97 -44.78
CA VAL A 3 26.51 5.21 -45.32
C VAL A 3 25.50 6.35 -45.23
N ASP A 4 24.21 6.04 -45.26
CA ASP A 4 23.14 7.03 -45.22
C ASP A 4 22.26 6.82 -43.99
N GLU A 5 22.88 6.58 -42.84
CA GLU A 5 22.14 6.22 -41.65
C GLU A 5 21.31 7.41 -41.14
N ASP A 6 20.19 7.10 -40.50
CA ASP A 6 19.32 8.07 -39.86
C ASP A 6 19.02 7.59 -38.46
N ILE A 7 19.15 8.48 -37.47
CA ILE A 7 18.98 8.12 -36.07
C ILE A 7 18.18 9.22 -35.39
N ILE A 8 17.28 8.82 -34.49
CA ILE A 8 16.52 9.75 -33.66
C ILE A 8 17.25 9.84 -32.34
N VAL A 9 18.02 10.91 -32.15
CA VAL A 9 18.73 11.08 -30.88
C VAL A 9 17.75 11.28 -29.74
N SER A 10 16.75 12.13 -29.95
CA SER A 10 15.74 12.37 -28.94
C SER A 10 14.43 12.74 -29.63
N LYS A 11 13.33 12.53 -28.91
CA LYS A 11 12.00 12.78 -29.45
C LYS A 11 11.12 13.34 -28.35
N THR A 12 10.14 14.14 -28.75
CA THR A 12 9.11 14.62 -27.84
C THR A 12 7.82 14.80 -28.63
N SER A 13 6.82 15.41 -27.98
CA SER A 13 5.49 15.45 -28.57
C SER A 13 5.47 16.22 -29.88
N LEU A 14 6.16 17.37 -29.92
CA LEU A 14 6.16 18.24 -31.08
C LEU A 14 7.50 18.31 -31.80
N TRP A 15 8.58 17.85 -31.17
CA TRP A 15 9.92 18.00 -31.71
C TRP A 15 10.64 16.66 -31.71
N LYS A 16 11.78 16.64 -32.37
CA LYS A 16 12.69 15.50 -32.34
C LYS A 16 14.08 16.01 -32.70
N GLU A 17 15.06 15.14 -32.53
CA GLU A 17 16.48 15.48 -32.72
C GLU A 17 17.09 14.40 -33.60
N MET A 18 16.92 14.56 -34.90
CA MET A 18 17.38 13.55 -35.85
C MET A 18 18.85 13.76 -36.18
N GLN A 19 19.60 12.66 -36.20
CA GLN A 19 21.00 12.66 -36.61
C GLN A 19 21.09 12.14 -38.05
N TYR A 20 21.70 12.92 -38.91
CA TYR A 20 21.82 12.59 -40.33
C TYR A 20 23.29 12.43 -40.69
N ASN A 21 23.61 11.35 -41.39
CA ASN A 21 24.97 11.02 -41.80
C ASN A 21 24.90 10.69 -43.29
N ARG A 22 25.26 11.65 -44.14
CA ARG A 22 25.10 11.52 -45.58
C ARG A 22 26.44 11.68 -46.29
N ASP A 23 26.58 10.96 -47.39
CA ASP A 23 27.71 11.08 -48.29
C ASP A 23 27.27 11.95 -49.47
N ILE A 24 28.01 13.03 -49.71
CA ILE A 24 27.63 14.03 -50.70
C ILE A 24 28.76 14.19 -51.70
N ILE A 25 28.47 14.90 -52.79
CA ILE A 25 29.49 15.37 -53.72
C ILE A 25 29.21 16.83 -54.01
N ILE A 26 30.23 17.66 -53.83
CA ILE A 26 30.11 19.11 -53.92
C ILE A 26 30.65 19.54 -55.27
N ARG A 27 29.76 20.01 -56.13
CA ARG A 27 30.11 20.50 -57.46
C ARG A 27 29.84 21.99 -57.48
N PHE A 28 30.89 22.79 -57.40
CA PHE A 28 30.79 24.25 -57.39
C PHE A 28 31.43 24.81 -58.64
N LYS A 29 31.43 26.14 -58.74
CA LYS A 29 31.89 26.81 -59.94
C LYS A 29 32.26 28.24 -59.58
N PHE A 30 33.53 28.60 -59.80
CA PHE A 30 33.98 29.94 -59.47
C PHE A 30 33.29 30.98 -60.36
N GLY A 31 33.07 32.16 -59.79
CA GLY A 31 32.37 33.23 -60.47
C GLY A 31 33.20 34.47 -60.72
N ASN A 32 33.54 34.71 -61.98
CA ASN A 32 34.37 35.84 -62.37
C ASN A 32 33.49 37.00 -62.81
N SER A 33 34.03 38.22 -62.69
CA SER A 33 33.32 39.43 -63.07
C SER A 33 34.31 40.36 -63.75
N ILE A 34 34.26 40.40 -65.09
CA ILE A 34 35.20 41.17 -65.90
C ILE A 34 34.48 42.41 -66.40
N VAL A 35 35.09 43.57 -66.19
CA VAL A 35 34.57 44.84 -66.67
C VAL A 35 35.68 45.56 -67.42
N LYS A 36 35.38 45.99 -68.64
CA LYS A 36 36.35 46.67 -69.50
C LYS A 36 36.09 48.17 -69.44
N MET A 37 37.14 48.95 -69.21
CA MET A 37 36.99 50.38 -69.13
C MET A 37 36.69 50.97 -70.50
N GLY A 38 36.14 52.18 -70.51
CA GLY A 38 35.82 52.85 -71.75
C GLY A 38 37.05 53.32 -72.50
N GLY A 39 36.91 54.39 -73.28
CA GLY A 39 38.03 54.87 -74.05
C GLY A 39 38.31 53.98 -75.24
N LEU A 40 39.59 53.92 -75.63
CA LEU A 40 39.97 53.06 -76.75
C LEU A 40 39.62 51.61 -76.49
N GLY A 41 39.75 51.17 -75.25
CA GLY A 41 39.46 49.81 -74.86
C GLY A 41 40.66 48.98 -74.50
N TYR A 42 41.80 49.60 -74.19
CA TYR A 42 42.99 48.85 -73.78
C TYR A 42 43.11 48.72 -72.27
N LYS A 43 42.18 49.29 -71.52
CA LYS A 43 42.27 49.35 -70.06
C LYS A 43 41.09 48.60 -69.47
N TRP A 44 41.39 47.65 -68.58
CA TRP A 44 40.38 46.86 -67.89
C TRP A 44 40.29 47.34 -66.44
N SER A 45 39.13 47.84 -66.06
CA SER A 45 38.98 48.45 -64.73
C SER A 45 39.13 47.42 -63.63
N GLU A 46 38.41 46.30 -63.72
CA GLU A 46 38.42 45.30 -62.66
C GLU A 46 38.28 43.91 -63.24
N ILE A 47 39.02 42.97 -62.66
CA ILE A 47 38.86 41.54 -62.93
C ILE A 47 38.72 40.89 -61.55
N SER A 48 37.49 40.75 -61.08
CA SER A 48 37.20 40.39 -59.71
C SER A 48 36.39 39.11 -59.65
N TYR A 49 36.45 38.45 -58.49
CA TYR A 49 35.67 37.25 -58.25
C TYR A 49 34.23 37.62 -57.90
N LYS A 50 33.37 36.61 -57.93
CA LYS A 50 31.95 36.82 -57.72
C LYS A 50 31.34 35.54 -57.15
N ALA A 51 30.46 35.69 -56.17
CA ALA A 51 29.75 34.53 -55.64
C ALA A 51 28.91 33.92 -56.74
N ALA A 52 29.21 32.67 -57.09
CA ALA A 52 28.57 32.00 -58.22
C ALA A 52 27.81 30.77 -57.74
N ASN A 53 26.65 30.55 -58.34
CA ASN A 53 25.77 29.44 -58.01
C ASN A 53 25.77 28.41 -59.12
N TYR A 54 25.75 27.14 -58.74
CA TYR A 54 25.62 26.03 -59.67
C TYR A 54 24.59 25.06 -59.12
N GLN A 55 23.56 24.79 -59.90
CA GLN A 55 22.47 23.91 -59.53
C GLN A 55 22.55 22.66 -60.38
N TYR A 56 22.64 21.50 -59.73
CA TYR A 56 22.85 20.23 -60.43
C TYR A 56 22.03 19.16 -59.75
N ASN A 57 22.19 17.92 -60.20
CA ASN A 57 21.60 16.79 -59.51
C ASN A 57 22.43 15.56 -59.80
N TYR A 58 22.57 14.69 -58.79
CA TYR A 58 23.43 13.52 -58.91
C TYR A 58 22.71 12.33 -58.28
N LEU A 59 23.46 11.23 -58.16
CA LEU A 59 22.92 9.91 -57.87
C LEU A 59 23.42 9.46 -56.51
N ARG A 60 22.51 9.40 -55.54
CA ARG A 60 22.76 8.75 -54.25
C ARG A 60 22.62 7.25 -54.45
N ASP A 61 22.56 6.47 -53.37
CA ASP A 61 22.42 5.02 -53.53
C ASP A 61 21.02 4.74 -54.05
N GLY A 62 20.87 4.91 -55.36
CA GLY A 62 19.62 4.67 -56.05
C GLY A 62 18.70 5.87 -56.16
N GLU A 63 19.03 7.00 -55.53
CA GLU A 63 18.17 8.16 -55.50
C GLU A 63 18.76 9.30 -56.34
N GLN A 64 17.86 10.05 -56.98
CA GLN A 64 18.21 11.28 -57.67
C GLN A 64 18.06 12.43 -56.67
N VAL A 65 19.17 13.11 -56.38
CA VAL A 65 19.19 14.19 -55.41
C VAL A 65 19.56 15.47 -56.15
N THR A 66 18.69 16.48 -56.05
CA THR A 66 18.95 17.79 -56.59
C THR A 66 19.73 18.61 -55.58
N ALA A 67 20.87 19.14 -55.98
CA ALA A 67 21.76 19.88 -55.11
C ALA A 67 22.00 21.28 -55.66
N HIS A 68 22.24 22.21 -54.74
CA HIS A 68 22.53 23.59 -55.06
C HIS A 68 23.80 23.99 -54.33
N THR A 69 24.78 24.50 -55.06
CA THR A 69 26.06 24.88 -54.49
C THR A 69 26.34 26.33 -54.83
N THR A 70 27.01 27.03 -53.92
CA THR A 70 27.34 28.44 -54.09
C THR A 70 28.76 28.67 -53.59
N CYS A 71 29.63 29.12 -54.47
CA CYS A 71 31.04 29.32 -54.17
C CYS A 71 31.36 30.79 -54.12
N SER A 72 32.04 31.20 -53.04
CA SER A 72 32.54 32.55 -52.90
C SER A 72 33.96 32.47 -52.35
N VAL A 73 34.65 33.60 -52.38
CA VAL A 73 36.06 33.66 -51.99
C VAL A 73 36.23 34.78 -50.96
N ASN A 74 37.11 34.55 -50.00
CA ASN A 74 37.33 35.47 -48.89
C ASN A 74 38.80 35.87 -48.85
N GLY A 75 39.05 37.17 -48.75
CA GLY A 75 40.41 37.67 -48.61
C GLY A 75 41.28 37.47 -49.83
N VAL A 76 40.77 37.75 -51.02
CA VAL A 76 41.56 37.65 -52.24
C VAL A 76 42.46 38.88 -52.35
N ASN A 77 43.67 38.66 -52.87
CA ASN A 77 44.61 39.76 -53.03
C ASN A 77 44.28 40.56 -54.28
N ASN A 78 44.64 41.84 -54.26
CA ASN A 78 44.35 42.78 -55.34
C ASN A 78 45.66 43.14 -56.03
N PHE A 79 45.96 42.47 -57.14
CA PHE A 79 47.15 42.73 -57.91
C PHE A 79 46.78 43.66 -59.07
N SER A 80 47.78 44.10 -59.82
CA SER A 80 47.52 45.00 -60.94
C SER A 80 48.71 44.99 -61.88
N TYR A 81 48.43 44.88 -63.18
CA TYR A 81 49.43 45.02 -64.22
C TYR A 81 49.28 46.40 -64.86
N ASN A 82 50.37 47.16 -64.88
CA ASN A 82 50.37 48.50 -65.44
C ASN A 82 51.58 48.65 -66.35
N GLY A 83 51.36 49.23 -67.53
CA GLY A 83 52.42 49.41 -68.52
C GLY A 83 52.75 50.87 -68.77
N GLY A 84 51.74 51.73 -68.69
CA GLY A 84 51.96 53.15 -68.93
C GLY A 84 50.64 53.88 -68.78
N PHE A 85 50.73 55.21 -68.86
CA PHE A 85 49.57 56.06 -68.68
C PHE A 85 48.85 56.37 -69.99
N LEU A 86 49.52 56.24 -71.13
CA LEU A 86 48.90 56.56 -72.39
C LEU A 86 47.79 55.55 -72.69
N PRO A 87 46.85 55.90 -73.58
CA PRO A 87 45.84 54.91 -73.99
C PRO A 87 46.36 53.88 -74.97
N THR A 88 47.66 53.89 -75.29
CA THR A 88 48.19 52.98 -76.30
C THR A 88 48.56 51.61 -75.74
N ASP A 89 48.85 51.52 -74.45
CA ASP A 89 49.37 50.28 -73.87
C ASP A 89 48.26 49.51 -73.15
N PHE A 90 48.35 48.19 -73.23
CA PHE A 90 47.46 47.31 -72.48
C PHE A 90 47.62 47.56 -70.99
N GLY A 91 46.50 47.60 -70.28
CA GLY A 91 46.53 47.81 -68.85
C GLY A 91 45.37 47.18 -68.10
N ILE A 92 45.65 46.70 -66.89
CA ILE A 92 44.64 46.21 -65.97
C ILE A 92 44.80 47.02 -64.70
N SER A 93 43.78 47.81 -64.36
CA SER A 93 43.86 48.62 -63.16
C SER A 93 43.96 47.76 -61.91
N ARG A 94 43.20 46.67 -61.85
CA ARG A 94 43.20 45.80 -60.68
C ARG A 94 42.55 44.48 -61.05
N TYR A 95 43.14 43.39 -60.56
CA TYR A 95 42.57 42.06 -60.76
C TYR A 95 42.78 41.26 -59.49
N GLU A 96 41.76 40.49 -59.11
CA GLU A 96 41.77 39.73 -57.88
C GLU A 96 42.40 38.37 -58.12
N VAL A 97 43.16 37.90 -57.14
CA VAL A 97 43.88 36.64 -57.23
C VAL A 97 43.77 35.90 -55.90
N ILE A 98 43.57 34.60 -55.97
CA ILE A 98 43.49 33.73 -54.81
C ILE A 98 44.91 33.31 -54.42
N LYS A 99 45.19 33.31 -53.12
CA LYS A 99 46.53 33.09 -52.61
C LYS A 99 46.47 32.22 -51.36
N GLU A 100 47.64 31.96 -50.78
CA GLU A 100 47.71 31.14 -49.57
C GLU A 100 46.89 31.75 -48.44
N ASN A 101 46.93 33.07 -48.30
CA ASN A 101 46.29 33.74 -47.17
C ASN A 101 44.77 33.76 -47.27
N SER A 102 44.19 33.37 -48.40
CA SER A 102 42.76 33.49 -48.64
C SER A 102 42.06 32.18 -48.32
N TYR A 103 40.73 32.19 -48.44
CA TYR A 103 39.89 31.03 -48.19
C TYR A 103 38.82 30.96 -49.27
N VAL A 104 38.33 29.75 -49.52
CA VAL A 104 37.26 29.52 -50.49
C VAL A 104 36.08 28.92 -49.73
N TYR A 105 34.95 29.63 -49.72
CA TYR A 105 33.75 29.16 -49.06
C TYR A 105 32.85 28.49 -50.10
N VAL A 106 32.37 27.29 -49.78
CA VAL A 106 31.43 26.57 -50.63
C VAL A 106 30.25 26.19 -49.76
N ASP A 107 29.06 26.67 -50.12
CA ASP A 107 27.83 26.34 -49.44
C ASP A 107 27.09 25.30 -50.26
N TYR A 108 26.73 24.19 -49.62
CA TYR A 108 26.06 23.08 -50.28
C TYR A 108 24.70 22.86 -49.64
N TRP A 109 23.70 22.58 -50.47
CA TRP A 109 22.37 22.23 -50.00
C TRP A 109 21.83 21.12 -50.89
N ASP A 110 21.03 20.24 -50.29
CA ASP A 110 20.60 19.01 -50.93
C ASP A 110 19.09 18.88 -50.83
N ASP A 111 18.52 18.09 -51.73
CA ASP A 111 17.10 17.77 -51.68
C ASP A 111 16.77 16.69 -50.66
N SER A 112 17.77 16.06 -50.05
CA SER A 112 17.54 14.92 -49.20
C SER A 112 16.78 15.33 -47.94
N LYS A 113 16.49 14.34 -47.10
CA LYS A 113 15.74 14.59 -45.87
C LYS A 113 16.59 15.29 -44.83
N ALA A 114 17.91 15.25 -44.93
CA ALA A 114 18.77 15.85 -43.92
C ALA A 114 18.71 17.37 -43.91
N PHE A 115 18.15 17.98 -44.94
CA PHE A 115 18.10 19.43 -45.08
C PHE A 115 16.69 20.00 -45.02
N ARG A 116 15.67 19.18 -44.77
CA ARG A 116 14.30 19.63 -45.00
C ARG A 116 13.94 20.79 -44.10
N ASN A 117 14.30 20.74 -42.83
CA ASN A 117 13.99 21.79 -41.87
C ASN A 117 15.23 22.17 -41.08
N ILE A 118 16.38 22.18 -41.74
CA ILE A 118 17.65 22.44 -41.06
C ILE A 118 17.66 23.89 -40.61
N VAL A 119 17.62 24.11 -39.30
CA VAL A 119 17.78 25.43 -38.71
C VAL A 119 18.84 25.36 -37.63
N TYR A 120 18.66 24.46 -36.67
CA TYR A 120 19.60 24.25 -35.57
C TYR A 120 20.40 22.98 -35.83
N VAL A 121 21.65 22.96 -35.38
CA VAL A 121 22.55 21.85 -35.71
C VAL A 121 23.57 21.59 -34.59
N ARG A 122 23.57 20.37 -34.07
CA ARG A 122 24.66 19.89 -33.23
C ARG A 122 25.92 19.69 -34.05
N SER A 123 27.06 19.70 -33.36
CA SER A 123 28.24 18.89 -33.67
C SER A 123 28.45 18.69 -35.16
N LEU A 124 28.46 19.80 -35.88
CA LEU A 124 28.60 19.75 -37.34
C LEU A 124 30.04 19.41 -37.68
N ALA A 125 30.24 18.24 -38.28
CA ALA A 125 31.55 17.80 -38.72
C ALA A 125 31.42 17.15 -40.09
N ALA A 126 32.52 17.16 -40.84
CA ALA A 126 32.52 16.56 -42.16
C ALA A 126 33.96 16.31 -42.60
N ASN A 127 34.15 15.26 -43.40
CA ASN A 127 35.43 14.94 -44.01
C ASN A 127 35.30 15.12 -45.51
N LEU A 128 36.17 15.95 -46.07
CA LEU A 128 36.27 16.17 -47.52
C LEU A 128 37.69 15.90 -47.97
N ASN A 129 37.85 15.77 -49.29
CA ASN A 129 39.15 15.56 -49.91
C ASN A 129 39.51 16.75 -50.76
N SER A 130 40.80 17.09 -50.77
CA SER A 130 41.30 18.28 -51.43
C SER A 130 41.00 18.21 -52.93
N VAL A 131 41.25 19.33 -53.62
CA VAL A 131 41.05 19.38 -55.06
C VAL A 131 42.01 20.39 -55.69
N ARG A 132 42.35 20.13 -56.95
CA ARG A 132 43.22 21.00 -57.74
C ARG A 132 42.36 21.90 -58.62
N CYS A 133 42.52 23.21 -58.48
CA CYS A 133 41.87 24.19 -59.34
C CYS A 133 42.94 24.89 -60.17
N THR A 134 42.89 24.71 -61.48
CA THR A 134 43.86 25.28 -62.41
C THR A 134 43.17 26.32 -63.28
N GLY A 135 43.76 27.51 -63.34
CA GLY A 135 43.17 28.58 -64.12
C GLY A 135 43.44 28.42 -65.61
N GLY A 136 42.48 28.85 -66.41
CA GLY A 136 42.53 28.74 -67.84
C GLY A 136 43.08 29.98 -68.51
N SER A 137 42.89 30.06 -69.82
CA SER A 137 43.39 31.14 -70.64
C SER A 137 42.23 32.07 -71.00
N TYR A 138 42.43 33.36 -70.79
CA TYR A 138 41.46 34.39 -71.16
C TYR A 138 42.14 35.38 -72.09
N HIS A 139 41.49 35.69 -73.21
CA HIS A 139 42.05 36.56 -74.23
C HIS A 139 41.53 37.99 -74.04
N PHE A 140 42.45 38.91 -73.77
CA PHE A 140 42.11 40.33 -73.67
C PHE A 140 42.03 40.89 -75.09
N SER A 141 40.88 40.68 -75.72
CA SER A 141 40.70 41.01 -77.13
C SER A 141 40.71 42.52 -77.31
N LEU A 142 41.82 43.04 -77.82
CA LEU A 142 41.96 44.44 -78.18
C LEU A 142 41.53 44.65 -79.63
N PRO A 143 41.16 45.87 -80.02
CA PRO A 143 40.77 46.10 -81.40
C PRO A 143 41.93 46.16 -82.37
N VAL A 144 43.14 46.46 -81.89
CA VAL A 144 44.33 46.47 -82.72
C VAL A 144 45.53 46.17 -81.84
N GLY A 145 46.53 45.54 -82.43
CA GLY A 145 47.69 45.07 -81.70
C GLY A 145 47.60 43.59 -81.41
N ALA A 146 48.19 43.15 -80.31
CA ALA A 146 48.22 41.75 -79.95
C ALA A 146 46.98 41.41 -79.11
N TRP A 147 46.92 40.18 -78.61
CA TRP A 147 45.84 39.70 -77.76
C TRP A 147 46.50 39.12 -76.51
N PRO A 148 46.87 39.97 -75.55
CA PRO A 148 47.57 39.46 -74.36
C PRO A 148 46.67 38.53 -73.56
N VAL A 149 47.11 37.28 -73.41
CA VAL A 149 46.34 36.25 -72.71
C VAL A 149 46.96 36.04 -71.34
N ILE A 150 46.10 36.02 -70.33
CA ILE A 150 46.51 35.63 -68.98
C ILE A 150 46.37 34.12 -68.88
N ASN A 151 47.40 33.45 -68.37
CA ASN A 151 47.48 32.01 -68.40
C ASN A 151 48.14 31.54 -67.12
N GLY A 152 47.91 30.27 -66.80
CA GLY A 152 48.55 29.63 -65.67
C GLY A 152 47.75 29.79 -64.40
N GLY A 153 48.43 29.58 -63.28
CA GLY A 153 47.82 29.69 -61.98
C GLY A 153 47.19 28.39 -61.56
N ALA A 154 47.47 27.94 -60.34
CA ALA A 154 46.86 26.72 -59.83
C ALA A 154 46.93 26.72 -58.32
N VAL A 155 45.84 26.29 -57.69
CA VAL A 155 45.76 26.19 -56.25
C VAL A 155 45.23 24.82 -55.88
N SER A 156 45.46 24.46 -54.63
CA SER A 156 44.94 23.22 -54.06
C SER A 156 44.07 23.60 -52.87
N LEU A 157 42.77 23.36 -53.01
CA LEU A 157 41.83 23.55 -51.91
C LEU A 157 41.97 22.40 -50.95
N HIS A 158 42.31 22.71 -49.70
CA HIS A 158 42.40 21.75 -48.61
C HIS A 158 41.28 22.04 -47.62
N PHE A 159 40.60 21.00 -47.18
CA PHE A 159 39.43 21.15 -46.33
C PHE A 159 39.79 21.84 -45.03
N ALA A 160 38.84 22.61 -44.51
CA ALA A 160 38.96 23.24 -43.21
C ALA A 160 37.55 23.34 -42.64
N GLY A 161 37.34 24.24 -41.68
CA GLY A 161 36.11 24.27 -40.91
C GLY A 161 34.80 24.18 -41.66
N VAL A 162 33.77 23.73 -40.95
CA VAL A 162 32.40 23.62 -41.45
C VAL A 162 31.48 24.33 -40.48
N THR A 163 30.56 25.11 -41.03
CA THR A 163 29.53 25.76 -40.23
C THR A 163 28.22 25.72 -41.00
N LEU A 164 27.19 26.30 -40.43
CA LEU A 164 25.95 26.54 -41.14
C LEU A 164 26.10 27.78 -42.00
N SER A 165 25.17 27.96 -42.93
CA SER A 165 25.14 29.18 -43.72
C SER A 165 23.79 29.27 -44.41
N THR A 166 23.63 30.31 -45.21
CA THR A 166 22.41 30.56 -45.95
C THR A 166 22.77 30.85 -47.40
N GLN A 167 21.90 30.42 -48.30
CA GLN A 167 22.09 30.57 -49.74
C GLN A 167 20.91 31.36 -50.26
N PHE A 168 21.05 32.68 -50.32
CA PHE A 168 20.01 33.55 -50.86
C PHE A 168 20.21 33.72 -52.35
N THR A 169 19.09 33.72 -53.08
CA THR A 169 19.11 33.90 -54.51
C THR A 169 17.74 34.45 -54.90
N ASP A 170 17.62 34.89 -56.14
CA ASP A 170 16.33 35.38 -56.62
C ASP A 170 15.25 34.31 -56.49
N PHE A 171 15.64 33.03 -56.54
CA PHE A 171 14.68 31.94 -56.66
C PHE A 171 14.50 31.13 -55.38
N VAL A 172 15.53 31.05 -54.53
CA VAL A 172 15.46 30.21 -53.33
C VAL A 172 16.26 30.87 -52.21
N SER A 173 15.95 30.46 -50.97
CA SER A 173 16.64 30.92 -49.77
C SER A 173 16.89 29.69 -48.90
N LEU A 174 18.02 29.03 -49.12
CA LEU A 174 18.27 27.72 -48.54
C LEU A 174 19.09 27.85 -47.26
N ASN A 175 18.89 26.91 -46.35
CA ASN A 175 19.70 26.79 -45.13
C ASN A 175 20.72 25.69 -45.40
N SER A 176 21.96 26.09 -45.64
CA SER A 176 22.97 25.21 -46.24
C SER A 176 24.11 24.94 -45.27
N LEU A 177 25.01 24.05 -45.69
CA LEU A 177 26.25 23.77 -44.98
C LEU A 177 27.41 24.44 -45.70
N ARG A 178 28.17 25.25 -44.98
CA ARG A 178 29.33 25.95 -45.54
C ARG A 178 30.60 25.23 -45.13
N PHE A 179 31.40 24.84 -46.13
CA PHE A 179 32.75 24.33 -45.93
C PHE A 179 33.73 25.40 -46.39
N ARG A 180 34.70 25.72 -45.54
CA ARG A 180 35.79 26.59 -45.97
C ARG A 180 36.97 25.73 -46.39
N PHE A 181 37.70 26.23 -47.38
CA PHE A 181 38.89 25.56 -47.90
C PHE A 181 40.06 26.51 -47.77
N SER A 182 41.07 26.10 -47.02
CA SER A 182 42.36 26.76 -47.08
C SER A 182 43.03 26.38 -48.40
N LEU A 183 44.15 27.03 -48.69
CA LEU A 183 44.75 26.95 -50.01
C LEU A 183 46.23 26.66 -49.92
N THR A 184 46.73 25.93 -50.92
CA THR A 184 48.16 25.77 -51.14
C THR A 184 48.43 25.87 -52.63
N VAL A 185 49.17 26.90 -53.04
CA VAL A 185 49.43 27.11 -54.46
C VAL A 185 50.22 25.95 -55.03
N ASP A 186 49.78 25.44 -56.17
CA ASP A 186 50.47 24.34 -56.85
C ASP A 186 51.66 24.90 -57.60
N GLU A 187 52.26 24.10 -58.49
CA GLU A 187 53.53 24.50 -59.10
C GLU A 187 53.41 25.51 -60.24
N PRO A 188 52.49 25.41 -61.19
CA PRO A 188 52.59 26.23 -62.40
C PRO A 188 52.36 27.70 -62.07
N PRO A 189 53.30 28.59 -62.38
CA PRO A 189 53.04 30.02 -62.13
C PRO A 189 51.94 30.55 -63.03
N PHE A 190 51.67 31.85 -62.95
CA PHE A 190 50.68 32.47 -63.82
C PHE A 190 51.23 33.80 -64.31
N SER A 191 50.99 34.08 -65.58
CA SER A 191 51.57 35.26 -66.21
C SER A 191 50.76 35.63 -67.42
N ILE A 192 51.02 36.82 -67.94
CA ILE A 192 50.33 37.36 -69.09
C ILE A 192 51.29 37.45 -70.25
N LEU A 193 50.77 37.24 -71.46
CA LEU A 193 51.58 37.41 -72.66
C LEU A 193 51.81 38.89 -72.92
N ARG A 194 53.06 39.23 -73.25
CA ARG A 194 53.46 40.63 -73.45
C ARG A 194 53.28 41.42 -72.15
N THR A 195 54.00 41.00 -71.13
CA THR A 195 53.87 41.56 -69.79
C THR A 195 55.19 41.42 -69.05
N ARG A 196 55.44 42.36 -68.13
CA ARG A 196 56.71 42.41 -67.42
C ARG A 196 56.79 41.41 -66.28
N THR A 197 55.72 41.31 -65.49
CA THR A 197 55.73 40.43 -64.32
C THR A 197 55.57 38.98 -64.74
N VAL A 198 56.36 38.10 -64.12
CA VAL A 198 56.36 36.68 -64.44
C VAL A 198 56.63 35.87 -63.17
N ASN A 199 56.67 34.55 -63.30
CA ASN A 199 56.98 33.58 -62.24
C ASN A 199 56.30 33.94 -60.93
N LEU A 200 54.96 33.97 -60.97
CA LEU A 200 54.12 34.23 -59.82
C LEU A 200 53.07 33.15 -59.69
N TYR A 201 52.70 32.85 -58.46
CA TYR A 201 51.74 31.79 -58.15
C TYR A 201 50.38 32.39 -57.78
N GLY A 202 49.37 31.53 -57.74
CA GLY A 202 48.03 31.92 -57.36
C GLY A 202 47.03 31.36 -58.34
N LEU A 203 45.87 32.01 -58.41
CA LEU A 203 44.84 31.66 -59.37
C LEU A 203 44.13 32.93 -59.85
N PRO A 204 44.41 33.42 -61.06
CA PRO A 204 43.75 34.65 -61.50
C PRO A 204 42.25 34.45 -61.66
N ALA A 205 41.53 35.56 -61.56
CA ALA A 205 40.08 35.56 -61.63
C ALA A 205 39.56 35.58 -63.06
N ALA A 206 40.43 35.46 -64.05
CA ALA A 206 40.01 35.56 -65.44
C ALA A 206 39.05 34.44 -65.82
N ASN A 207 39.53 33.20 -65.84
CA ASN A 207 38.71 32.03 -66.14
C ASN A 207 39.10 30.91 -65.20
N PRO A 208 38.83 31.06 -63.91
CA PRO A 208 39.21 30.02 -62.94
C PRO A 208 38.53 28.70 -63.18
N ASN A 209 37.37 28.69 -63.85
CA ASN A 209 36.74 27.43 -64.21
C ASN A 209 37.63 26.60 -65.13
N ASN A 210 38.24 27.26 -66.12
CA ASN A 210 39.19 26.62 -67.03
C ASN A 210 38.54 25.45 -67.77
N GLY A 211 37.47 25.75 -68.49
CA GLY A 211 36.82 24.76 -69.32
C GLY A 211 35.85 23.87 -68.56
N ASN A 212 36.25 23.43 -67.38
CA ASN A 212 35.41 22.54 -66.59
C ASN A 212 34.07 23.19 -66.26
N GLU A 213 33.00 22.42 -66.34
CA GLU A 213 31.70 22.89 -65.90
C GLU A 213 31.60 22.97 -64.38
N TYR A 214 32.54 22.37 -63.65
CA TYR A 214 32.50 22.39 -62.20
C TYR A 214 33.77 21.74 -61.66
N TYR A 215 34.06 22.04 -60.39
CA TYR A 215 35.06 21.33 -59.61
C TYR A 215 34.34 20.41 -58.63
N GLU A 216 34.68 19.13 -58.66
CA GLU A 216 33.97 18.12 -57.88
C GLU A 216 34.78 17.78 -56.63
N ILE A 217 34.10 17.76 -55.49
CA ILE A 217 34.68 17.33 -54.22
C ILE A 217 33.73 16.31 -53.62
N SER A 218 34.26 15.14 -53.25
CA SER A 218 33.49 14.14 -52.55
C SER A 218 33.65 14.33 -51.05
N GLY A 219 32.56 14.20 -50.32
CA GLY A 219 32.59 14.45 -48.89
C GLY A 219 31.38 13.88 -48.20
N ARG A 220 31.43 13.89 -46.88
CA ARG A 220 30.32 13.44 -46.06
C ARG A 220 30.30 14.24 -44.77
N PHE A 221 29.12 14.41 -44.20
CA PHE A 221 28.93 15.22 -43.00
C PHE A 221 28.11 14.44 -41.98
N SER A 222 27.96 15.03 -40.80
CA SER A 222 27.26 14.38 -39.69
C SER A 222 26.73 15.46 -38.77
N LEU A 223 25.41 15.69 -38.83
CA LEU A 223 24.77 16.74 -38.07
C LEU A 223 23.56 16.17 -37.35
N ILE A 224 23.17 16.83 -36.24
CA ILE A 224 21.96 16.50 -35.51
C ILE A 224 21.17 17.80 -35.39
N SER A 225 19.93 17.79 -35.88
CA SER A 225 19.15 19.02 -36.00
C SER A 225 17.75 18.83 -35.46
N LEU A 226 17.26 19.83 -34.74
CA LEU A 226 15.84 19.88 -34.41
C LEU A 226 15.00 19.98 -35.67
N VAL A 227 14.12 19.02 -35.86
CA VAL A 227 13.07 19.08 -36.86
C VAL A 227 11.81 18.75 -36.08
N PRO A 228 10.65 19.36 -36.35
CA PRO A 228 9.48 19.01 -35.55
C PRO A 228 9.02 17.61 -35.94
N THR A 229 8.20 17.01 -35.07
CA THR A 229 8.09 15.55 -35.02
C THR A 229 7.73 14.94 -36.37
N ASN A 230 6.54 15.23 -36.89
CA ASN A 230 6.15 14.63 -38.16
C ASN A 230 6.87 15.36 -39.28
N ASP A 231 6.71 14.84 -40.50
CA ASP A 231 7.54 15.24 -41.63
C ASP A 231 6.81 16.07 -42.68
N ASP A 232 5.49 16.13 -42.64
CA ASP A 232 4.72 16.73 -43.73
C ASP A 232 4.72 18.26 -43.57
N TYR A 233 5.91 18.84 -43.73
CA TYR A 233 6.11 20.28 -43.53
C TYR A 233 6.74 20.89 -44.77
N GLN A 234 6.55 22.20 -44.89
CA GLN A 234 7.21 23.01 -45.91
C GLN A 234 7.74 24.25 -45.20
N THR A 235 8.94 24.15 -44.66
CA THR A 235 9.62 25.35 -44.22
C THR A 235 9.92 26.20 -45.46
N PRO A 236 9.83 27.52 -45.37
CA PRO A 236 9.99 28.33 -46.58
C PRO A 236 11.40 28.30 -47.12
N ILE A 237 11.58 27.75 -48.33
CA ILE A 237 12.87 27.79 -49.02
C ILE A 237 12.78 28.58 -50.32
N MET A 238 11.69 28.44 -51.06
CA MET A 238 11.50 29.25 -52.25
C MET A 238 11.32 30.71 -51.86
N ASN A 239 11.82 31.61 -52.69
CA ASN A 239 12.04 33.00 -52.32
C ASN A 239 11.36 33.95 -53.29
N SER A 240 11.44 35.24 -52.97
CA SER A 240 10.97 36.31 -53.86
C SER A 240 11.66 37.58 -53.40
N VAL A 241 12.56 38.11 -54.22
CA VAL A 241 13.46 39.19 -53.82
C VAL A 241 13.14 40.42 -54.64
N THR A 242 12.99 41.56 -53.96
CA THR A 242 12.79 42.87 -54.58
C THR A 242 13.68 43.88 -53.89
N VAL A 243 14.94 43.53 -53.76
CA VAL A 243 15.87 44.18 -52.86
C VAL A 243 16.75 45.16 -53.63
N ARG A 244 17.24 46.19 -52.93
CA ARG A 244 18.03 47.28 -53.50
C ARG A 244 17.22 48.12 -54.49
N GLN A 245 16.06 48.58 -54.04
CA GLN A 245 15.23 49.41 -54.90
C GLN A 245 15.86 50.79 -55.11
N ASP A 246 16.55 51.33 -54.12
CA ASP A 246 17.28 52.58 -54.33
C ASP A 246 18.37 52.39 -55.38
N LEU A 247 19.07 51.25 -55.32
CA LEU A 247 20.07 50.94 -56.33
C LEU A 247 19.44 50.86 -57.71
N GLU A 248 18.28 50.21 -57.82
CA GLU A 248 17.61 50.13 -59.10
C GLU A 248 17.20 51.50 -59.60
N ARG A 249 16.71 52.35 -58.70
CA ARG A 249 16.29 53.70 -59.09
C ARG A 249 17.47 54.49 -59.66
N GLN A 250 18.59 54.49 -58.95
CA GLN A 250 19.73 55.25 -59.46
C GLN A 250 20.30 54.61 -60.72
N LEU A 251 20.18 53.29 -60.86
CA LEU A 251 20.61 52.65 -62.09
C LEU A 251 19.77 53.11 -63.28
N THR A 252 18.45 53.17 -63.12
CA THR A 252 17.64 53.63 -64.24
C THR A 252 17.83 55.12 -64.50
N ASN A 253 18.12 55.91 -63.46
CA ASN A 253 18.46 57.30 -63.69
C ASN A 253 19.71 57.43 -64.55
N LEU A 254 20.73 56.63 -64.23
CA LEU A 254 21.94 56.65 -65.04
C LEU A 254 21.64 56.17 -66.45
N ARG A 255 20.77 55.18 -66.60
CA ARG A 255 20.48 54.67 -67.93
C ARG A 255 19.78 55.72 -68.78
N GLU A 256 18.82 56.45 -68.21
CA GLU A 256 18.16 57.48 -69.00
C GLU A 256 19.12 58.61 -69.34
N GLU A 257 20.03 58.96 -68.42
CA GLU A 257 21.05 59.94 -68.76
C GLU A 257 21.92 59.46 -69.92
N PHE A 258 22.33 58.20 -69.88
CA PHE A 258 23.15 57.66 -70.95
C PHE A 258 22.41 57.64 -72.27
N ASN A 259 21.12 57.28 -72.25
CA ASN A 259 20.35 57.28 -73.48
C ASN A 259 20.22 58.68 -74.05
N SER A 260 19.96 59.66 -73.20
CA SER A 260 19.88 61.04 -73.69
C SER A 260 21.21 61.50 -74.26
N LEU A 261 22.31 61.19 -73.59
CA LEU A 261 23.61 61.59 -74.09
C LEU A 261 23.90 60.92 -75.44
N SER A 262 23.62 59.63 -75.54
CA SER A 262 23.88 58.92 -76.80
C SER A 262 23.02 59.48 -77.92
N GLN A 263 21.76 59.81 -77.63
CA GLN A 263 20.91 60.43 -78.63
C GLN A 263 21.47 61.76 -79.07
N GLU A 264 22.01 62.54 -78.12
CA GLU A 264 22.62 63.81 -78.49
C GLU A 264 23.85 63.58 -79.38
N ILE A 265 24.63 62.56 -79.08
CA ILE A 265 25.79 62.25 -79.92
C ILE A 265 25.33 61.89 -81.33
N ALA A 266 24.30 61.06 -81.45
CA ALA A 266 23.82 60.66 -82.76
C ALA A 266 23.26 61.85 -83.53
N MET A 267 22.51 62.71 -82.85
CA MET A 267 21.95 63.89 -83.51
C MET A 267 23.05 64.81 -83.99
N ALA A 268 24.09 65.00 -83.19
CA ALA A 268 25.21 65.83 -83.62
C ALA A 268 25.94 65.20 -84.80
N GLN A 269 26.18 63.89 -84.76
CA GLN A 269 26.91 63.24 -85.84
C GLN A 269 26.14 63.29 -87.14
N LEU A 270 24.83 63.08 -87.09
CA LEU A 270 24.00 63.11 -88.29
C LEU A 270 23.40 64.50 -88.49
N ALA B 1 -18.51 26.47 -37.04
CA ALA B 1 -17.25 27.10 -37.41
C ALA B 1 -17.51 28.40 -38.16
N GLN B 2 -16.56 29.33 -38.08
CA GLN B 2 -16.68 30.64 -38.69
C GLN B 2 -15.67 30.80 -39.81
N VAL B 3 -15.84 31.88 -40.59
CA VAL B 3 -14.97 32.13 -41.73
C VAL B 3 -13.54 32.35 -41.28
N ASP B 4 -13.34 32.92 -40.09
CA ASP B 4 -12.03 33.22 -39.54
C ASP B 4 -11.70 32.30 -38.37
N GLU B 5 -11.99 31.02 -38.52
CA GLU B 5 -11.84 30.07 -37.42
C GLU B 5 -10.38 30.01 -36.96
N ASP B 6 -10.22 29.75 -35.67
CA ASP B 6 -8.92 29.51 -35.05
C ASP B 6 -9.05 28.35 -34.08
N ILE B 7 -8.09 27.42 -34.14
CA ILE B 7 -8.13 26.18 -33.37
C ILE B 7 -6.76 25.94 -32.77
N ILE B 8 -6.71 25.12 -31.74
CA ILE B 8 -5.47 24.61 -31.15
C ILE B 8 -5.54 23.09 -31.23
N VAL B 9 -4.83 22.51 -32.20
CA VAL B 9 -4.94 21.08 -32.45
C VAL B 9 -4.04 20.24 -31.54
N SER B 10 -2.98 20.82 -30.99
CA SER B 10 -2.13 20.10 -30.05
C SER B 10 -1.31 21.11 -29.27
N LYS B 11 -1.43 21.10 -27.95
CA LYS B 11 -0.77 22.07 -27.09
C LYS B 11 0.28 21.39 -26.24
N THR B 12 1.29 22.15 -25.84
CA THR B 12 2.41 21.65 -25.05
C THR B 12 2.85 22.79 -24.15
N SER B 13 3.85 22.56 -23.30
CA SER B 13 4.25 23.56 -22.33
C SER B 13 4.75 24.83 -23.02
N LEU B 14 5.55 24.68 -24.07
CA LEU B 14 6.12 25.82 -24.79
C LEU B 14 5.51 26.01 -26.16
N TRP B 15 5.38 24.95 -26.95
CA TRP B 15 4.88 25.02 -28.31
C TRP B 15 3.43 24.58 -28.40
N LYS B 16 2.85 24.81 -29.56
CA LYS B 16 1.50 24.33 -29.86
C LYS B 16 1.27 24.44 -31.36
N GLU B 17 0.34 23.63 -31.84
CA GLU B 17 -0.08 23.67 -33.24
C GLU B 17 -1.45 24.32 -33.33
N MET B 18 -1.55 25.39 -34.10
CA MET B 18 -2.79 26.11 -34.33
C MET B 18 -3.21 25.94 -35.77
N GLN B 19 -4.45 25.52 -35.99
CA GLN B 19 -5.03 25.46 -37.33
C GLN B 19 -5.76 26.77 -37.59
N TYR B 20 -5.27 27.54 -38.57
CA TYR B 20 -5.87 28.80 -38.96
C TYR B 20 -6.61 28.62 -40.27
N ASN B 21 -7.88 29.06 -40.29
CA ASN B 21 -8.68 29.10 -41.50
C ASN B 21 -9.20 30.53 -41.63
N ARG B 22 -8.82 31.20 -42.71
CA ARG B 22 -9.20 32.60 -42.88
C ARG B 22 -9.37 32.93 -44.35
N ASP B 23 -10.22 33.93 -44.60
CA ASP B 23 -10.40 34.48 -45.93
C ASP B 23 -9.36 35.55 -46.21
N ILE B 24 -9.12 35.79 -47.49
CA ILE B 24 -8.13 36.78 -47.92
C ILE B 24 -8.58 37.33 -49.27
N ILE B 25 -8.14 38.54 -49.58
CA ILE B 25 -8.24 39.10 -50.92
C ILE B 25 -6.85 39.47 -51.37
N ILE B 26 -6.43 38.88 -52.49
CA ILE B 26 -5.05 38.96 -52.96
C ILE B 26 -5.02 40.03 -54.04
N ARG B 27 -4.73 41.26 -53.65
CA ARG B 27 -4.52 42.34 -54.60
C ARG B 27 -3.05 42.37 -54.95
N PHE B 28 -2.72 42.06 -56.20
CA PHE B 28 -1.35 41.98 -56.66
C PHE B 28 -1.20 42.76 -57.96
N LYS B 29 -0.01 43.31 -58.15
CA LYS B 29 0.28 44.21 -59.26
C LYS B 29 1.49 43.69 -60.02
N PHE B 30 1.37 43.61 -61.34
CA PHE B 30 2.47 43.12 -62.15
C PHE B 30 3.62 44.11 -62.18
N GLY B 31 4.81 43.60 -62.46
CA GLY B 31 6.01 44.41 -62.57
C GLY B 31 6.58 44.36 -63.98
N ASN B 32 7.15 45.47 -64.42
CA ASN B 32 7.72 45.59 -65.75
C ASN B 32 9.07 46.28 -65.68
N SER B 33 9.93 46.00 -66.66
CA SER B 33 11.26 46.57 -66.76
C SER B 33 11.42 47.15 -68.17
N ILE B 34 11.02 48.39 -68.34
CA ILE B 34 11.11 49.08 -69.63
C ILE B 34 12.51 49.66 -69.74
N VAL B 35 13.30 49.15 -70.69
CA VAL B 35 14.70 49.52 -70.84
C VAL B 35 14.91 50.06 -72.24
N LYS B 36 15.60 51.19 -72.32
CA LYS B 36 15.84 51.91 -73.57
C LYS B 36 17.28 51.69 -74.01
N MET B 37 17.44 51.23 -75.25
CA MET B 37 18.77 51.12 -75.83
C MET B 37 19.28 52.50 -76.24
N GLY B 38 20.59 52.60 -76.44
CA GLY B 38 21.17 53.85 -76.87
C GLY B 38 20.87 54.17 -78.32
N GLY B 39 21.71 54.98 -78.95
CA GLY B 39 21.56 55.28 -80.36
C GLY B 39 20.58 56.40 -80.63
N LEU B 40 20.06 56.39 -81.87
CA LEU B 40 19.15 57.43 -82.33
C LEU B 40 17.88 57.49 -81.49
N GLY B 41 17.50 56.39 -80.85
CA GLY B 41 16.25 56.29 -80.12
C GLY B 41 15.20 55.44 -80.79
N TYR B 42 15.56 54.66 -81.80
CA TYR B 42 14.63 53.81 -82.53
C TYR B 42 14.65 52.37 -82.07
N LYS B 43 15.37 52.05 -80.99
CA LYS B 43 15.58 50.69 -80.54
C LYS B 43 15.24 50.55 -79.07
N TRP B 44 14.55 49.47 -78.73
CA TRP B 44 14.31 49.07 -77.34
C TRP B 44 15.13 47.84 -77.04
N SER B 45 15.77 47.83 -75.87
CA SER B 45 16.68 46.74 -75.53
C SER B 45 15.93 45.53 -74.98
N GLU B 46 15.07 45.75 -73.98
CA GLU B 46 14.33 44.65 -73.40
C GLU B 46 13.06 45.18 -72.73
N ILE B 47 11.99 44.40 -72.81
CA ILE B 47 10.74 44.70 -72.12
C ILE B 47 10.37 43.42 -71.37
N SER B 48 10.80 43.32 -70.11
CA SER B 48 10.66 42.10 -69.32
C SER B 48 9.86 42.37 -68.06
N TYR B 49 9.37 41.29 -67.47
CA TYR B 49 8.62 41.37 -66.22
C TYR B 49 9.57 41.54 -65.05
N LYS B 50 9.00 41.93 -63.91
CA LYS B 50 9.77 42.19 -62.70
C LYS B 50 8.96 41.78 -61.49
N ALA B 51 9.66 41.34 -60.45
CA ALA B 51 9.01 41.01 -59.19
C ALA B 51 8.53 42.30 -58.53
N ALA B 52 7.22 42.46 -58.41
CA ALA B 52 6.62 43.71 -57.97
C ALA B 52 5.92 43.52 -56.64
N ASN B 53 6.17 44.43 -55.71
CA ASN B 53 5.49 44.44 -54.43
C ASN B 53 4.24 45.31 -54.50
N TYR B 54 3.37 45.13 -53.53
CA TYR B 54 2.21 46.00 -53.36
C TYR B 54 1.69 45.81 -51.95
N GLN B 55 1.63 46.90 -51.20
CA GLN B 55 1.18 46.91 -49.82
C GLN B 55 -0.15 47.65 -49.74
N TYR B 56 -1.13 47.06 -49.06
CA TYR B 56 -2.44 47.66 -48.97
C TYR B 56 -3.07 47.28 -47.63
N ASN B 57 -4.33 47.63 -47.46
CA ASN B 57 -5.08 47.19 -46.30
C ASN B 57 -6.53 47.07 -46.70
N TYR B 58 -7.22 46.12 -46.06
CA TYR B 58 -8.61 45.88 -46.39
C TYR B 58 -9.36 45.45 -45.15
N LEU B 59 -10.67 45.58 -45.21
CA LEU B 59 -11.54 45.36 -44.06
C LEU B 59 -11.99 43.91 -44.04
N ARG B 60 -11.54 43.17 -43.04
CA ARG B 60 -12.06 41.83 -42.78
C ARG B 60 -13.45 41.98 -42.16
N ASP B 61 -14.02 40.88 -41.65
CA ASP B 61 -15.35 40.95 -41.05
C ASP B 61 -15.24 41.74 -39.74
N GLY B 62 -15.24 43.07 -39.88
CA GLY B 62 -15.20 43.99 -38.78
C GLY B 62 -13.82 44.55 -38.48
N GLU B 63 -12.76 43.85 -38.87
CA GLU B 63 -11.39 44.27 -38.60
C GLU B 63 -10.79 44.88 -39.86
N GLN B 64 -9.75 45.68 -39.66
CA GLN B 64 -8.97 46.27 -40.74
C GLN B 64 -7.56 45.69 -40.67
N VAL B 65 -7.15 44.99 -41.72
CA VAL B 65 -5.91 44.23 -41.75
C VAL B 65 -5.05 44.75 -42.89
N THR B 66 -3.78 45.01 -42.59
CA THR B 66 -2.82 45.38 -43.62
C THR B 66 -2.20 44.12 -44.21
N ALA B 67 -1.90 44.18 -45.51
CA ALA B 67 -1.43 43.03 -46.26
C ALA B 67 -0.31 43.47 -47.20
N HIS B 68 0.54 42.50 -47.53
CA HIS B 68 1.67 42.69 -48.42
C HIS B 68 1.62 41.57 -49.45
N THR B 69 1.80 41.92 -50.72
CA THR B 69 1.74 40.96 -51.80
C THR B 69 2.91 41.20 -52.74
N THR B 70 3.40 40.11 -53.33
CA THR B 70 4.53 40.17 -54.24
C THR B 70 4.25 39.27 -55.44
N CYS B 71 4.12 39.87 -56.61
CA CYS B 71 3.82 39.14 -57.84
C CYS B 71 5.07 38.95 -58.66
N SER B 72 5.19 37.77 -59.27
CA SER B 72 6.33 37.45 -60.11
C SER B 72 5.91 36.35 -61.07
N VAL B 73 6.75 36.09 -62.07
CA VAL B 73 6.47 35.10 -63.10
C VAL B 73 7.74 34.31 -63.38
N ASN B 74 7.57 33.19 -64.07
CA ASN B 74 8.71 32.38 -64.51
C ASN B 74 8.35 31.67 -65.79
N GLY B 75 9.37 31.26 -66.53
CA GLY B 75 9.14 30.58 -67.79
C GLY B 75 8.55 31.45 -68.87
N VAL B 76 8.70 32.77 -68.75
CA VAL B 76 8.14 33.68 -69.73
C VAL B 76 8.85 33.51 -71.07
N ASN B 77 8.14 33.78 -72.16
CA ASN B 77 8.64 33.56 -73.51
C ASN B 77 9.17 34.86 -74.11
N ASN B 78 10.38 34.82 -74.65
CA ASN B 78 11.00 36.00 -75.25
C ASN B 78 10.67 36.06 -76.72
N PHE B 79 10.03 37.14 -77.16
CA PHE B 79 9.73 37.39 -78.55
C PHE B 79 10.48 38.64 -79.02
N SER B 80 11.02 38.58 -80.22
CA SER B 80 11.76 39.67 -80.82
C SER B 80 11.03 40.16 -82.05
N TYR B 81 10.84 41.47 -82.15
CA TYR B 81 10.23 42.11 -83.31
C TYR B 81 11.17 43.18 -83.83
N ASN B 82 11.59 43.04 -85.08
CA ASN B 82 12.49 44.00 -85.73
C ASN B 82 11.86 44.42 -87.05
N GLY B 83 11.68 45.73 -87.21
CA GLY B 83 11.22 46.25 -88.49
C GLY B 83 12.24 46.02 -89.59
N GLY B 84 13.51 46.33 -89.30
CA GLY B 84 14.57 46.08 -90.25
C GLY B 84 15.91 46.30 -89.58
N PHE B 85 16.96 45.79 -90.25
CA PHE B 85 18.30 45.87 -89.67
C PHE B 85 18.83 47.29 -89.59
N LEU B 86 18.25 48.23 -90.34
CA LEU B 86 18.75 49.59 -90.31
C LEU B 86 18.44 50.25 -88.96
N PRO B 87 19.18 51.28 -88.57
CA PRO B 87 18.94 51.91 -87.27
C PRO B 87 17.93 53.05 -87.27
N THR B 88 17.30 53.35 -88.40
CA THR B 88 16.32 54.43 -88.44
C THR B 88 14.92 53.95 -88.12
N ASP B 89 14.61 52.68 -88.37
CA ASP B 89 13.28 52.16 -88.19
C ASP B 89 13.07 51.64 -86.78
N PHE B 90 11.80 51.59 -86.37
CA PHE B 90 11.47 51.15 -85.03
C PHE B 90 11.80 49.68 -84.84
N GLY B 91 12.37 49.34 -83.68
CA GLY B 91 12.72 47.97 -83.40
C GLY B 91 12.74 47.71 -81.92
N ILE B 92 12.39 46.48 -81.55
CA ILE B 92 12.41 46.03 -80.16
C ILE B 92 13.16 44.70 -80.13
N SER B 93 14.24 44.64 -79.36
CA SER B 93 15.11 43.47 -79.40
C SER B 93 14.46 42.28 -78.71
N ARG B 94 13.72 42.52 -77.63
CA ARG B 94 13.14 41.43 -76.87
C ARG B 94 12.05 41.92 -75.93
N TYR B 95 10.90 41.27 -75.93
CA TYR B 95 9.86 41.51 -74.96
C TYR B 95 9.33 40.18 -74.47
N GLU B 96 8.98 40.13 -73.19
CA GLU B 96 8.63 38.90 -72.51
C GLU B 96 7.12 38.78 -72.40
N VAL B 97 6.58 37.64 -72.82
CA VAL B 97 5.15 37.39 -72.94
C VAL B 97 4.83 36.13 -72.17
N ILE B 98 3.70 36.15 -71.46
CA ILE B 98 3.27 35.03 -70.63
C ILE B 98 2.22 34.25 -71.40
N LYS B 99 2.46 32.96 -71.59
CA LYS B 99 1.58 32.10 -72.37
C LYS B 99 1.15 30.93 -71.50
N GLU B 100 0.45 29.98 -72.12
CA GLU B 100 -0.12 28.86 -71.36
C GLU B 100 0.94 28.05 -70.63
N ASN B 101 2.17 28.04 -71.13
CA ASN B 101 3.19 27.18 -70.53
C ASN B 101 3.71 27.74 -69.21
N SER B 102 3.75 29.06 -69.08
CA SER B 102 4.35 29.70 -67.92
C SER B 102 3.34 29.86 -66.79
N TYR B 103 3.84 30.30 -65.63
CA TYR B 103 3.06 30.40 -64.40
C TYR B 103 3.20 31.80 -63.83
N VAL B 104 2.39 32.09 -62.82
CA VAL B 104 2.47 33.32 -62.05
C VAL B 104 2.48 32.96 -60.57
N TYR B 105 3.49 33.46 -59.85
CA TYR B 105 3.60 33.26 -58.41
C TYR B 105 3.17 34.52 -57.70
N VAL B 106 2.25 34.39 -56.74
CA VAL B 106 1.81 35.51 -55.93
C VAL B 106 2.04 35.15 -54.48
N ASP B 107 2.96 35.86 -53.84
CA ASP B 107 3.26 35.67 -52.43
C ASP B 107 2.42 36.64 -51.61
N TYR B 108 1.94 36.18 -50.45
CA TYR B 108 0.95 36.92 -49.68
C TYR B 108 1.24 36.82 -48.19
N TRP B 109 1.11 37.94 -47.49
CA TRP B 109 1.36 38.04 -46.06
C TRP B 109 0.41 39.08 -45.47
N ASP B 110 0.08 38.92 -44.18
CA ASP B 110 -0.84 39.81 -43.50
C ASP B 110 -0.32 40.17 -42.13
N ASP B 111 -0.94 41.20 -41.54
CA ASP B 111 -0.74 41.49 -40.12
C ASP B 111 -1.40 40.45 -39.22
N SER B 112 -2.42 39.75 -39.70
CA SER B 112 -3.29 38.97 -38.83
C SER B 112 -2.57 37.83 -38.14
N LYS B 113 -3.30 37.09 -37.30
CA LYS B 113 -2.67 36.10 -36.44
C LYS B 113 -2.06 34.96 -37.24
N ALA B 114 -2.57 34.69 -38.44
CA ALA B 114 -2.13 33.52 -39.19
C ALA B 114 -0.64 33.56 -39.53
N PHE B 115 -0.02 34.74 -39.50
CA PHE B 115 1.35 34.93 -39.95
C PHE B 115 2.22 35.53 -38.85
N ARG B 116 1.89 35.28 -37.58
CA ARG B 116 2.68 35.88 -36.50
C ARG B 116 4.03 35.21 -36.34
N ASN B 117 4.07 33.89 -36.47
CA ASN B 117 5.32 33.14 -36.34
C ASN B 117 5.41 32.05 -37.39
N ILE B 118 4.84 32.28 -38.57
CA ILE B 118 4.66 31.22 -39.55
C ILE B 118 6.04 30.79 -40.04
N VAL B 119 6.46 29.58 -39.67
CA VAL B 119 7.70 28.99 -40.19
C VAL B 119 7.41 27.59 -40.71
N TYR B 120 6.90 26.73 -39.85
CA TYR B 120 6.61 25.33 -40.18
C TYR B 120 5.11 25.19 -40.40
N VAL B 121 4.72 24.52 -41.48
CA VAL B 121 3.32 24.49 -41.90
C VAL B 121 2.93 23.09 -42.39
N ARG B 122 1.80 22.61 -41.91
CA ARG B 122 1.20 21.38 -42.39
C ARG B 122 0.25 21.70 -43.53
N SER B 123 -0.12 20.66 -44.28
CA SER B 123 -1.41 20.52 -44.95
C SER B 123 -1.97 21.84 -45.44
N LEU B 124 -1.13 22.58 -46.17
CA LEU B 124 -1.49 23.92 -46.61
C LEU B 124 -2.38 23.76 -47.84
N ALA B 125 -3.63 24.16 -47.71
CA ALA B 125 -4.60 24.08 -48.79
C ALA B 125 -5.34 25.40 -48.88
N ALA B 126 -5.86 25.70 -50.06
CA ALA B 126 -6.52 26.97 -50.28
C ALA B 126 -7.46 26.86 -51.47
N ASN B 127 -8.33 27.87 -51.58
CA ASN B 127 -9.24 28.00 -52.71
C ASN B 127 -9.19 29.45 -53.17
N LEU B 128 -8.76 29.66 -54.40
CA LEU B 128 -8.75 30.99 -55.01
C LEU B 128 -9.54 30.93 -56.31
N ASN B 129 -10.51 31.83 -56.45
CA ASN B 129 -11.22 31.93 -57.71
C ASN B 129 -10.31 32.53 -58.77
N SER B 130 -10.54 32.15 -60.01
CA SER B 130 -9.70 32.62 -61.10
C SER B 130 -9.86 34.12 -61.30
N VAL B 131 -8.93 34.70 -62.06
CA VAL B 131 -8.96 36.12 -62.39
C VAL B 131 -8.64 36.27 -63.87
N ARG B 132 -9.03 37.42 -64.42
CA ARG B 132 -8.72 37.79 -65.80
C ARG B 132 -7.83 39.02 -65.79
N CYS B 133 -6.62 38.89 -66.34
CA CYS B 133 -5.68 39.99 -66.45
C CYS B 133 -5.58 40.39 -67.91
N THR B 134 -5.96 41.63 -68.21
CA THR B 134 -5.94 42.16 -69.56
C THR B 134 -4.90 43.27 -69.64
N GLY B 135 -4.00 43.17 -70.62
CA GLY B 135 -2.98 44.17 -70.77
C GLY B 135 -3.54 45.49 -71.28
N GLY B 136 -2.79 46.55 -70.99
CA GLY B 136 -3.13 47.88 -71.43
C GLY B 136 -2.52 48.22 -72.76
N SER B 137 -2.28 49.51 -72.98
CA SER B 137 -1.66 50.01 -74.20
C SER B 137 -0.47 50.87 -73.82
N TYR B 138 0.70 50.53 -74.34
CA TYR B 138 1.94 51.24 -74.06
C TYR B 138 2.42 51.93 -75.33
N HIS B 139 2.62 53.24 -75.26
CA HIS B 139 3.06 54.02 -76.40
C HIS B 139 4.59 54.05 -76.41
N PHE B 140 5.20 53.43 -77.42
CA PHE B 140 6.63 53.55 -77.61
C PHE B 140 6.97 54.94 -78.14
N SER B 141 7.85 55.63 -77.44
CA SER B 141 8.15 57.04 -77.74
C SER B 141 9.31 57.10 -78.72
N LEU B 142 8.98 56.99 -80.00
CA LEU B 142 9.97 57.19 -81.04
C LEU B 142 10.41 58.64 -81.04
N PRO B 143 11.60 58.95 -81.56
CA PRO B 143 12.02 60.36 -81.60
C PRO B 143 11.11 61.21 -82.47
N VAL B 144 10.88 60.80 -83.71
CA VAL B 144 9.98 61.49 -84.63
C VAL B 144 9.32 60.45 -85.52
N GLY B 145 8.00 60.54 -85.66
CA GLY B 145 7.25 59.66 -86.53
C GLY B 145 5.93 59.29 -85.89
N ALA B 146 5.30 58.24 -86.44
CA ALA B 146 4.06 57.71 -85.89
C ALA B 146 4.40 56.76 -84.74
N TRP B 147 4.10 57.19 -83.52
CA TRP B 147 4.48 56.45 -82.32
C TRP B 147 3.84 55.05 -82.33
N PRO B 148 4.60 53.98 -82.54
CA PRO B 148 3.98 52.65 -82.50
C PRO B 148 3.52 52.32 -81.10
N VAL B 149 2.38 51.64 -81.01
CA VAL B 149 1.75 51.32 -79.74
C VAL B 149 1.46 49.82 -79.70
N ILE B 150 1.86 49.18 -78.60
CA ILE B 150 1.53 47.78 -78.33
C ILE B 150 0.29 47.76 -77.46
N ASN B 151 -0.72 47.02 -77.89
CA ASN B 151 -1.98 46.97 -77.17
C ASN B 151 -2.56 45.57 -77.23
N GLY B 152 -3.35 45.24 -76.23
CA GLY B 152 -4.06 43.98 -76.18
C GLY B 152 -3.48 43.01 -75.19
N GLY B 153 -3.65 41.72 -75.47
CA GLY B 153 -3.15 40.68 -74.60
C GLY B 153 -4.08 40.44 -73.44
N ALA B 154 -4.36 39.18 -73.11
CA ALA B 154 -5.25 38.88 -72.01
C ALA B 154 -5.10 37.42 -71.64
N VAL B 155 -5.02 37.14 -70.35
CA VAL B 155 -4.84 35.80 -69.82
C VAL B 155 -5.76 35.59 -68.64
N SER B 156 -6.35 34.40 -68.57
CA SER B 156 -7.10 33.97 -67.40
C SER B 156 -6.15 33.19 -66.50
N LEU B 157 -5.95 33.68 -65.27
CA LEU B 157 -5.17 32.99 -64.27
C LEU B 157 -6.09 32.07 -63.48
N HIS B 158 -5.82 30.77 -63.54
CA HIS B 158 -6.51 29.75 -62.76
C HIS B 158 -5.62 29.30 -61.62
N PHE B 159 -6.25 28.92 -60.52
CA PHE B 159 -5.51 28.48 -59.34
C PHE B 159 -4.74 27.21 -59.64
N ALA B 160 -3.65 27.02 -58.90
CA ALA B 160 -2.85 25.80 -58.94
C ALA B 160 -2.31 25.62 -57.54
N GLY B 161 -1.23 24.85 -57.40
CA GLY B 161 -0.64 24.58 -56.10
C GLY B 161 -0.42 25.81 -55.23
N VAL B 162 -0.26 25.58 -53.93
CA VAL B 162 0.05 26.62 -52.97
C VAL B 162 1.09 26.07 -52.01
N THR B 163 2.12 26.87 -51.72
CA THR B 163 3.22 26.44 -50.88
C THR B 163 3.64 27.63 -50.03
N LEU B 164 4.80 27.55 -49.40
CA LEU B 164 5.36 28.64 -48.63
C LEU B 164 6.40 29.38 -49.44
N SER B 165 6.73 30.58 -49.00
CA SER B 165 7.77 31.37 -49.63
C SER B 165 8.16 32.50 -48.67
N THR B 166 9.14 33.28 -49.09
CA THR B 166 9.62 34.42 -48.33
C THR B 166 9.75 35.61 -49.26
N GLN B 167 9.12 36.72 -48.89
CA GLN B 167 9.25 37.95 -49.63
C GLN B 167 10.34 38.80 -49.00
N PHE B 168 11.33 39.19 -49.77
CA PHE B 168 12.41 40.04 -49.30
C PHE B 168 12.28 41.41 -49.96
N THR B 169 12.26 42.44 -49.12
CA THR B 169 12.15 43.81 -49.57
C THR B 169 13.18 44.63 -48.81
N ASP B 170 13.34 45.89 -49.23
CA ASP B 170 14.30 46.75 -48.57
C ASP B 170 13.89 47.10 -47.15
N PHE B 171 12.66 46.80 -46.75
CA PHE B 171 12.14 47.13 -45.43
C PHE B 171 11.78 45.91 -44.58
N VAL B 172 11.07 44.94 -45.15
CA VAL B 172 10.54 43.82 -44.39
C VAL B 172 10.83 42.52 -45.13
N SER B 173 11.23 41.50 -44.37
CA SER B 173 11.31 40.13 -44.85
C SER B 173 10.12 39.37 -44.29
N LEU B 174 9.16 39.05 -45.15
CA LEU B 174 7.92 38.42 -44.75
C LEU B 174 7.95 36.94 -45.04
N ASN B 175 7.40 36.16 -44.13
CA ASN B 175 7.19 34.73 -44.32
C ASN B 175 5.75 34.53 -44.77
N SER B 176 5.59 34.05 -46.01
CA SER B 176 4.37 34.26 -46.77
C SER B 176 3.92 32.97 -47.42
N LEU B 177 2.68 32.97 -47.92
CA LEU B 177 2.14 31.88 -48.72
C LEU B 177 2.25 32.23 -50.19
N ARG B 178 2.76 31.29 -50.99
CA ARG B 178 2.85 31.46 -52.44
C ARG B 178 1.73 30.70 -53.10
N PHE B 179 0.93 31.40 -53.90
CA PHE B 179 -0.10 30.80 -54.73
C PHE B 179 0.41 30.75 -56.16
N ARG B 180 0.37 29.56 -56.76
CA ARG B 180 0.77 29.37 -58.14
C ARG B 180 -0.46 29.47 -59.02
N PHE B 181 -0.33 30.15 -60.15
CA PHE B 181 -1.41 30.36 -61.09
C PHE B 181 -0.99 29.86 -62.45
N SER B 182 -1.74 28.91 -62.99
CA SER B 182 -1.60 28.54 -64.39
C SER B 182 -2.41 29.50 -65.24
N LEU B 183 -2.13 29.52 -66.53
CA LEU B 183 -2.69 30.52 -67.42
C LEU B 183 -3.40 29.87 -68.60
N THR B 184 -4.42 30.58 -69.10
CA THR B 184 -5.07 30.22 -70.35
C THR B 184 -5.36 31.52 -71.09
N VAL B 185 -4.73 31.69 -72.27
CA VAL B 185 -4.84 32.95 -72.99
C VAL B 185 -6.30 33.19 -73.41
N ASP B 186 -6.73 34.44 -73.30
CA ASP B 186 -8.08 34.83 -73.64
C ASP B 186 -8.14 35.29 -75.10
N GLU B 187 -9.27 35.89 -75.50
CA GLU B 187 -9.49 36.15 -76.93
C GLU B 187 -8.65 37.29 -77.47
N PRO B 188 -8.74 38.51 -76.94
CA PRO B 188 -8.14 39.67 -77.65
C PRO B 188 -6.63 39.53 -77.74
N PRO B 189 -6.06 39.35 -78.97
CA PRO B 189 -4.61 39.15 -79.06
C PRO B 189 -3.84 40.39 -78.64
N PHE B 190 -2.52 40.33 -78.69
CA PHE B 190 -1.67 41.49 -78.44
C PHE B 190 -0.93 41.82 -79.73
N SER B 191 -0.92 43.09 -80.09
CA SER B 191 -0.35 43.50 -81.36
C SER B 191 0.23 44.90 -81.25
N ILE B 192 1.25 45.16 -82.05
CA ILE B 192 1.84 46.47 -82.21
C ILE B 192 1.27 47.09 -83.48
N LEU B 193 1.01 48.39 -83.44
CA LEU B 193 0.50 49.09 -84.60
C LEU B 193 1.64 49.60 -85.47
N ARG B 194 1.33 49.85 -86.74
CA ARG B 194 2.34 50.11 -87.75
C ARG B 194 3.32 48.94 -87.82
N THR B 195 2.76 47.77 -88.10
CA THR B 195 3.46 46.50 -87.94
C THR B 195 2.81 45.47 -88.86
N ARG B 196 3.53 44.37 -89.08
CA ARG B 196 3.06 43.28 -89.92
C ARG B 196 2.50 42.10 -89.15
N THR B 197 3.07 41.76 -87.99
CA THR B 197 2.58 40.61 -87.24
C THR B 197 1.18 40.87 -86.70
N VAL B 198 0.35 39.83 -86.72
CA VAL B 198 -1.05 39.93 -86.30
C VAL B 198 -1.40 38.68 -85.49
N ASN B 199 -2.44 38.82 -84.66
CA ASN B 199 -3.16 37.73 -83.99
C ASN B 199 -2.23 36.66 -83.41
N LEU B 200 -1.39 37.10 -82.48
CA LEU B 200 -0.63 36.22 -81.60
C LEU B 200 -1.08 36.46 -80.17
N TYR B 201 -1.34 35.38 -79.44
CA TYR B 201 -1.93 35.48 -78.11
C TYR B 201 -0.84 35.52 -77.03
N GLY B 202 -1.22 36.06 -75.88
CA GLY B 202 -0.34 36.16 -74.74
C GLY B 202 -0.65 37.41 -73.95
N LEU B 203 0.27 37.74 -73.05
CA LEU B 203 0.21 38.98 -72.27
C LEU B 203 1.60 39.62 -72.30
N PRO B 204 1.81 40.72 -73.01
CA PRO B 204 3.15 41.30 -73.07
C PRO B 204 3.48 42.08 -71.82
N ALA B 205 4.78 42.24 -71.59
CA ALA B 205 5.27 42.94 -70.42
C ALA B 205 5.20 44.45 -70.56
N ALA B 206 4.70 44.97 -71.68
CA ALA B 206 4.68 46.41 -71.88
C ALA B 206 3.82 47.11 -70.85
N ASN B 207 2.62 46.58 -70.60
CA ASN B 207 1.71 47.21 -69.66
C ASN B 207 0.66 46.20 -69.20
N PRO B 208 0.98 45.29 -68.28
CA PRO B 208 0.02 44.28 -67.86
C PRO B 208 -1.04 44.77 -66.88
N ASN B 209 -1.15 46.08 -66.67
CA ASN B 209 -2.07 46.62 -65.67
C ASN B 209 -3.34 47.19 -66.27
N ASN B 210 -3.29 47.72 -67.49
CA ASN B 210 -4.42 48.44 -68.10
C ASN B 210 -4.83 49.64 -67.26
N GLY B 211 -3.90 50.19 -66.48
CA GLY B 211 -4.23 51.24 -65.54
C GLY B 211 -4.88 50.74 -64.26
N ASN B 212 -5.09 49.44 -64.11
CA ASN B 212 -5.66 48.92 -62.88
C ASN B 212 -4.67 49.08 -61.74
N GLU B 213 -5.17 49.52 -60.59
CA GLU B 213 -4.33 49.60 -59.40
C GLU B 213 -3.89 48.23 -58.92
N TYR B 214 -4.64 47.17 -59.25
CA TYR B 214 -4.34 45.83 -58.76
C TYR B 214 -5.32 44.87 -59.40
N TYR B 215 -5.08 43.58 -59.17
CA TYR B 215 -6.00 42.51 -59.56
C TYR B 215 -6.47 41.83 -58.29
N GLU B 216 -7.76 41.91 -58.00
CA GLU B 216 -8.30 41.37 -56.76
C GLU B 216 -8.71 39.92 -56.96
N ILE B 217 -8.26 39.05 -56.06
CA ILE B 217 -8.61 37.64 -56.04
C ILE B 217 -9.11 37.32 -54.65
N SER B 218 -10.42 37.10 -54.52
CA SER B 218 -10.93 36.61 -53.25
C SER B 218 -10.33 35.23 -52.96
N GLY B 219 -10.07 34.96 -51.69
CA GLY B 219 -9.34 33.76 -51.33
C GLY B 219 -9.64 33.32 -49.92
N ARG B 220 -9.37 32.04 -49.66
CA ARG B 220 -9.30 31.55 -48.29
C ARG B 220 -8.37 30.35 -48.27
N PHE B 221 -7.52 30.30 -47.26
CA PHE B 221 -6.50 29.28 -47.11
C PHE B 221 -6.74 28.52 -45.81
N SER B 222 -5.84 27.59 -45.51
CA SER B 222 -5.92 26.83 -44.28
C SER B 222 -4.58 26.16 -44.04
N LEU B 223 -4.13 26.19 -42.79
CA LEU B 223 -2.81 25.65 -42.47
C LEU B 223 -2.71 25.44 -40.98
N ILE B 224 -1.89 24.46 -40.59
CA ILE B 224 -1.54 24.21 -39.20
C ILE B 224 -0.04 24.45 -39.06
N SER B 225 0.35 25.17 -38.02
CA SER B 225 1.73 25.60 -37.88
C SER B 225 2.12 25.67 -36.40
N LEU B 226 3.36 25.30 -36.11
CA LEU B 226 3.91 25.54 -34.78
C LEU B 226 4.02 27.02 -34.49
N VAL B 227 3.55 27.41 -33.31
CA VAL B 227 3.94 28.68 -32.71
C VAL B 227 4.14 28.45 -31.21
N PRO B 228 4.96 29.29 -30.58
CA PRO B 228 5.07 29.19 -29.12
C PRO B 228 3.74 29.49 -28.46
N THR B 229 3.50 28.87 -27.31
CA THR B 229 2.24 29.03 -26.62
C THR B 229 2.01 30.47 -26.21
N ASN B 230 3.04 31.13 -25.70
CA ASN B 230 2.91 32.54 -25.32
C ASN B 230 2.75 33.36 -26.59
N ASP B 231 1.57 33.95 -26.78
CA ASP B 231 1.28 34.73 -27.97
C ASP B 231 2.08 36.03 -28.04
N ASP B 232 2.76 36.41 -26.96
CA ASP B 232 3.62 37.58 -26.98
C ASP B 232 4.89 37.38 -27.80
N TYR B 233 5.19 36.16 -28.22
CA TYR B 233 6.42 35.93 -28.97
C TYR B 233 6.30 36.47 -30.39
N GLN B 234 7.38 37.10 -30.86
CA GLN B 234 7.40 37.73 -32.16
C GLN B 234 8.68 37.35 -32.89
N THR B 235 8.52 36.85 -34.11
CA THR B 235 9.65 36.59 -35.00
C THR B 235 10.05 37.90 -35.68
N PRO B 236 11.31 38.04 -36.10
CA PRO B 236 11.69 39.29 -36.76
C PRO B 236 11.05 39.45 -38.13
N ILE B 237 10.13 40.40 -38.25
CA ILE B 237 9.50 40.71 -39.53
C ILE B 237 10.28 41.81 -40.24
N MET B 238 10.55 42.90 -39.55
CA MET B 238 11.21 44.04 -40.15
C MET B 238 12.61 43.65 -40.59
N ASN B 239 13.16 44.43 -41.52
CA ASN B 239 14.40 44.08 -42.19
C ASN B 239 15.23 45.33 -42.45
N SER B 240 16.53 45.11 -42.65
CA SER B 240 17.44 46.17 -43.06
C SER B 240 18.49 45.54 -43.94
N VAL B 241 18.46 45.87 -45.24
CA VAL B 241 19.16 45.12 -46.27
C VAL B 241 20.25 46.00 -46.88
N THR B 242 21.44 45.41 -47.05
CA THR B 242 22.55 46.07 -47.73
C THR B 242 23.30 45.09 -48.63
N VAL B 243 22.59 44.11 -49.20
CA VAL B 243 23.26 43.10 -50.00
C VAL B 243 23.75 43.68 -51.32
N ARG B 244 24.63 42.93 -51.98
CA ARG B 244 25.18 43.30 -53.29
C ARG B 244 25.87 44.67 -53.22
N GLN B 245 26.93 44.73 -52.42
CA GLN B 245 27.78 45.91 -52.39
C GLN B 245 28.63 46.02 -53.64
N ASP B 246 28.92 44.89 -54.28
CA ASP B 246 29.66 44.91 -55.53
C ASP B 246 28.88 45.68 -56.59
N LEU B 247 27.56 45.54 -56.60
CA LEU B 247 26.76 46.31 -57.55
C LEU B 247 26.87 47.80 -57.28
N GLU B 248 26.82 48.21 -56.02
CA GLU B 248 27.01 49.63 -55.71
C GLU B 248 28.37 50.10 -56.19
N ARG B 249 29.42 49.31 -55.95
CA ARG B 249 30.76 49.71 -56.36
C ARG B 249 30.85 49.85 -57.88
N GLN B 250 30.35 48.85 -58.61
CA GLN B 250 30.44 48.90 -60.07
C GLN B 250 29.62 50.06 -60.63
N LEU B 251 28.42 50.26 -60.10
CA LEU B 251 27.60 51.35 -60.58
C LEU B 251 28.24 52.70 -60.27
N THR B 252 28.84 52.85 -59.10
CA THR B 252 29.50 54.10 -58.78
C THR B 252 30.69 54.36 -59.69
N ASN B 253 31.49 53.33 -59.95
CA ASN B 253 32.62 53.51 -60.88
C ASN B 253 32.12 53.92 -62.25
N LEU B 254 31.08 53.23 -62.73
CA LEU B 254 30.50 53.55 -64.03
C LEU B 254 30.02 55.00 -64.05
N ARG B 255 29.33 55.43 -63.00
CA ARG B 255 28.79 56.78 -62.99
C ARG B 255 29.90 57.82 -62.93
N GLU B 256 30.96 57.56 -62.17
CA GLU B 256 32.05 58.52 -62.09
C GLU B 256 32.73 58.69 -63.43
N GLU B 257 33.10 57.58 -64.08
CA GLU B 257 33.78 57.71 -65.37
C GLU B 257 32.82 58.22 -66.45
N PHE B 258 31.53 57.90 -66.34
CA PHE B 258 30.55 58.44 -67.26
C PHE B 258 30.43 59.95 -67.10
N ASN B 259 30.50 60.44 -65.86
CA ASN B 259 30.55 61.87 -65.65
C ASN B 259 31.79 62.47 -66.29
N SER B 260 32.92 61.78 -66.20
CA SER B 260 34.13 62.27 -66.85
C SER B 260 33.92 62.40 -68.37
N LEU B 261 33.36 61.37 -68.99
CA LEU B 261 33.10 61.42 -70.43
C LEU B 261 32.10 62.50 -70.77
N SER B 262 31.08 62.70 -69.92
CA SER B 262 30.11 63.75 -70.14
C SER B 262 30.78 65.13 -70.06
N GLN B 263 31.70 65.30 -69.13
CA GLN B 263 32.47 66.54 -69.07
C GLN B 263 33.22 66.77 -70.37
N GLU B 264 33.87 65.71 -70.87
CA GLU B 264 34.60 65.85 -72.12
C GLU B 264 33.67 66.27 -73.26
N ILE B 265 32.51 65.61 -73.36
CA ILE B 265 31.59 65.90 -74.46
C ILE B 265 31.05 67.32 -74.35
N ALA B 266 30.63 67.73 -73.15
CA ALA B 266 30.07 69.06 -72.98
C ALA B 266 31.11 70.13 -73.24
N MET B 267 32.34 69.94 -72.74
CA MET B 267 33.39 70.92 -72.96
C MET B 267 33.74 71.01 -74.43
N ALA B 268 33.80 69.88 -75.14
CA ALA B 268 34.06 69.90 -76.57
C ALA B 268 32.95 70.63 -77.31
N GLN B 269 31.70 70.42 -76.89
CA GLN B 269 30.60 71.11 -77.54
C GLN B 269 30.64 72.61 -77.27
N LEU B 270 31.09 73.02 -76.10
CA LEU B 270 31.19 74.44 -75.77
C LEU B 270 32.43 75.04 -76.42
N ALA C 1 21.04 40.49 -9.20
CA ALA C 1 20.92 40.68 -10.65
C ALA C 1 22.20 41.28 -11.19
N GLN C 2 22.77 40.62 -12.20
CA GLN C 2 24.02 41.03 -12.80
C GLN C 2 23.75 41.93 -14.00
N VAL C 3 24.80 42.62 -14.44
CA VAL C 3 24.68 43.45 -15.63
C VAL C 3 24.47 42.59 -16.86
N ASP C 4 25.13 41.43 -16.91
CA ASP C 4 25.07 40.53 -18.06
C ASP C 4 24.49 39.17 -17.66
N GLU C 5 23.39 39.17 -16.93
CA GLU C 5 22.86 37.94 -16.37
C GLU C 5 22.27 37.05 -17.46
N ASP C 6 22.22 35.75 -17.15
CA ASP C 6 21.68 34.72 -18.03
C ASP C 6 20.67 33.93 -17.21
N ILE C 7 19.43 34.38 -17.19
CA ILE C 7 18.39 33.85 -16.30
C ILE C 7 17.50 32.91 -17.09
N ILE C 8 17.02 31.86 -16.43
CA ILE C 8 16.06 30.93 -17.00
C ILE C 8 14.67 31.35 -16.55
N VAL C 9 13.66 31.04 -17.36
CA VAL C 9 12.27 31.18 -16.91
C VAL C 9 11.41 29.98 -17.24
N SER C 10 11.84 29.05 -18.08
CA SER C 10 11.12 27.80 -18.31
C SER C 10 12.01 26.87 -19.11
N LYS C 11 12.03 25.59 -18.71
CA LYS C 11 12.87 24.60 -19.34
C LYS C 11 12.04 23.38 -19.73
N THR C 12 12.40 22.78 -20.86
CA THR C 12 11.73 21.60 -21.37
C THR C 12 12.81 20.68 -21.93
N SER C 13 12.42 19.45 -22.27
CA SER C 13 13.39 18.45 -22.72
C SER C 13 14.21 18.96 -23.90
N LEU C 14 13.56 19.57 -24.88
CA LEU C 14 14.24 20.09 -26.07
C LEU C 14 14.46 21.59 -26.02
N TRP C 15 13.48 22.35 -25.54
CA TRP C 15 13.52 23.80 -25.56
C TRP C 15 13.61 24.37 -24.15
N LYS C 16 14.16 25.57 -24.06
CA LYS C 16 14.16 26.33 -22.83
C LYS C 16 13.77 27.76 -23.17
N GLU C 17 13.82 28.64 -22.18
CA GLU C 17 13.31 29.99 -22.33
C GLU C 17 14.17 30.89 -21.44
N MET C 18 15.18 31.50 -22.05
CA MET C 18 16.17 32.29 -21.33
C MET C 18 15.74 33.75 -21.29
N GLN C 19 15.99 34.41 -20.16
CA GLN C 19 15.90 35.85 -20.06
C GLN C 19 17.31 36.41 -20.12
N TYR C 20 17.56 37.29 -21.08
CA TYR C 20 18.87 37.86 -21.31
C TYR C 20 18.79 39.35 -21.04
N ASN C 21 19.67 39.85 -20.18
CA ASN C 21 19.86 41.27 -19.96
C ASN C 21 21.33 41.57 -20.14
N ARG C 22 21.65 42.54 -20.99
CA ARG C 22 23.02 42.84 -21.34
C ARG C 22 23.23 44.34 -21.41
N ASP C 23 24.41 44.77 -20.99
CA ASP C 23 24.86 46.14 -21.24
C ASP C 23 25.62 46.15 -22.55
N ILE C 24 25.28 47.08 -23.44
CA ILE C 24 25.78 47.09 -24.80
C ILE C 24 26.30 48.48 -25.13
N ILE C 25 27.07 48.56 -26.21
CA ILE C 25 27.59 49.81 -26.74
C ILE C 25 27.25 49.82 -28.23
N ILE C 26 26.31 50.67 -28.62
CA ILE C 26 25.83 50.73 -29.99
C ILE C 26 26.64 51.79 -30.73
N ARG C 27 27.63 51.34 -31.50
CA ARG C 27 28.43 52.22 -32.35
C ARG C 27 27.93 52.03 -33.78
N PHE C 28 27.33 53.09 -34.35
CA PHE C 28 26.80 53.04 -35.70
C PHE C 28 27.36 54.20 -36.50
N LYS C 29 26.97 54.26 -37.77
CA LYS C 29 27.57 55.21 -38.71
C LYS C 29 26.58 55.45 -39.84
N PHE C 30 26.39 56.73 -40.19
CA PHE C 30 25.45 57.07 -41.24
C PHE C 30 26.02 56.76 -42.61
N GLY C 31 25.12 56.52 -43.56
CA GLY C 31 25.49 56.25 -44.93
C GLY C 31 24.90 57.28 -45.87
N ASN C 32 25.66 57.60 -46.92
CA ASN C 32 25.23 58.59 -47.91
C ASN C 32 25.65 58.13 -49.29
N SER C 33 24.84 58.50 -50.28
CA SER C 33 25.09 58.16 -51.69
C SER C 33 25.05 59.46 -52.49
N ILE C 34 26.22 60.02 -52.78
CA ILE C 34 26.32 61.22 -53.58
C ILE C 34 26.36 60.81 -55.04
N VAL C 35 25.33 61.19 -55.80
CA VAL C 35 25.24 60.90 -57.23
C VAL C 35 25.18 62.24 -57.95
N LYS C 36 26.26 62.59 -58.65
CA LYS C 36 26.36 63.87 -59.33
C LYS C 36 25.84 63.73 -60.76
N MET C 37 24.91 64.62 -61.12
CA MET C 37 24.30 64.64 -62.45
C MET C 37 25.36 64.73 -63.53
N GLY C 38 24.99 64.43 -64.76
CA GLY C 38 25.88 64.62 -65.89
C GLY C 38 25.95 66.09 -66.27
N GLY C 39 25.94 66.38 -67.56
CA GLY C 39 25.96 67.76 -67.97
C GLY C 39 27.32 68.41 -67.78
N LEU C 40 27.29 69.75 -67.68
CA LEU C 40 28.52 70.52 -67.60
C LEU C 40 29.32 70.22 -66.33
N GLY C 41 28.69 69.68 -65.30
CA GLY C 41 29.36 69.35 -64.06
C GLY C 41 29.04 70.25 -62.89
N TYR C 42 28.08 71.16 -63.02
CA TYR C 42 27.65 72.03 -61.95
C TYR C 42 26.41 71.52 -61.22
N LYS C 43 25.86 70.38 -61.61
CA LYS C 43 24.59 69.89 -61.10
C LYS C 43 24.80 68.56 -60.39
N TRP C 44 24.10 68.39 -59.27
CA TRP C 44 24.09 67.14 -58.51
C TRP C 44 22.68 66.57 -58.55
N SER C 45 22.59 65.26 -58.75
CA SER C 45 21.30 64.61 -58.99
C SER C 45 20.59 64.21 -57.70
N GLU C 46 21.33 63.71 -56.71
CA GLU C 46 20.73 63.38 -55.43
C GLU C 46 21.81 63.26 -54.37
N ILE C 47 21.47 63.67 -53.16
CA ILE C 47 22.33 63.51 -51.98
C ILE C 47 21.46 62.80 -50.95
N SER C 48 21.52 61.47 -50.93
CA SER C 48 20.59 60.63 -50.20
C SER C 48 21.28 59.96 -49.03
N TYR C 49 20.49 59.21 -48.27
CA TYR C 49 20.98 58.40 -47.16
C TYR C 49 21.02 56.93 -47.57
N LYS C 50 21.87 56.18 -46.88
CA LYS C 50 22.04 54.76 -47.11
C LYS C 50 22.00 54.00 -45.80
N ALA C 51 21.48 52.79 -45.85
CA ALA C 51 21.58 51.87 -44.71
C ALA C 51 23.02 51.39 -44.63
N ALA C 52 23.77 51.94 -43.69
CA ALA C 52 25.21 51.72 -43.61
C ALA C 52 25.52 50.71 -42.51
N ASN C 53 26.33 49.71 -42.84
CA ASN C 53 26.77 48.70 -41.90
C ASN C 53 28.03 49.15 -41.18
N TYR C 54 28.29 48.54 -40.04
CA TYR C 54 29.47 48.89 -39.25
C TYR C 54 29.79 47.72 -38.32
N GLN C 55 30.92 47.07 -38.56
CA GLN C 55 31.45 46.06 -37.65
C GLN C 55 32.37 46.72 -36.66
N TYR C 56 32.45 46.15 -35.46
CA TYR C 56 33.42 46.61 -34.48
C TYR C 56 33.49 45.58 -33.37
N ASN C 57 34.26 45.91 -32.33
CA ASN C 57 34.34 45.05 -31.17
C ASN C 57 34.77 45.90 -29.98
N TYR C 58 34.17 45.64 -28.82
CA TYR C 58 34.45 46.42 -27.63
C TYR C 58 34.57 45.49 -26.43
N LEU C 59 35.17 46.03 -25.38
CA LEU C 59 35.53 45.24 -24.21
C LEU C 59 34.38 45.25 -23.21
N ARG C 60 33.79 44.07 -22.97
CA ARG C 60 32.83 43.89 -21.90
C ARG C 60 33.61 43.78 -20.59
N ASP C 61 32.99 43.27 -19.53
CA ASP C 61 33.68 43.20 -18.24
C ASP C 61 34.80 42.16 -18.28
N GLY C 62 35.86 42.46 -19.03
CA GLY C 62 37.03 41.62 -19.09
C GLY C 62 37.11 40.69 -20.29
N GLU C 63 36.20 40.80 -21.26
CA GLU C 63 36.23 39.93 -22.43
C GLU C 63 35.70 40.69 -23.62
N GLN C 64 36.29 40.40 -24.79
CA GLN C 64 35.88 41.06 -26.01
C GLN C 64 34.49 40.62 -26.43
N VAL C 65 33.77 41.54 -27.09
CA VAL C 65 32.52 41.19 -27.77
C VAL C 65 32.57 41.86 -29.14
N THR C 66 32.35 41.06 -30.19
CA THR C 66 32.26 41.57 -31.55
C THR C 66 30.82 41.89 -31.86
N ALA C 67 30.60 43.04 -32.50
CA ALA C 67 29.27 43.57 -32.73
C ALA C 67 29.14 44.03 -34.17
N HIS C 68 27.92 43.89 -34.68
CA HIS C 68 27.54 44.27 -36.03
C HIS C 68 26.35 45.20 -35.92
N THR C 69 26.42 46.35 -36.59
CA THR C 69 25.41 47.38 -36.48
C THR C 69 25.03 47.85 -37.87
N THR C 70 23.79 48.33 -38.02
CA THR C 70 23.31 48.85 -39.29
C THR C 70 22.42 50.04 -39.03
N CYS C 71 22.84 51.21 -39.46
CA CYS C 71 22.07 52.44 -39.29
C CYS C 71 21.34 52.76 -40.57
N SER C 72 20.02 52.83 -40.51
CA SER C 72 19.19 53.22 -41.64
C SER C 72 18.28 54.35 -41.20
N VAL C 73 17.56 54.93 -42.16
CA VAL C 73 16.73 56.10 -41.91
C VAL C 73 15.39 55.89 -42.59
N ASN C 74 14.36 56.50 -42.01
CA ASN C 74 13.00 56.44 -42.53
C ASN C 74 12.39 57.83 -42.47
N GLY C 75 11.52 58.12 -43.43
CA GLY C 75 10.76 59.36 -43.43
C GLY C 75 11.58 60.61 -43.64
N VAL C 76 12.61 60.55 -44.48
CA VAL C 76 13.44 61.73 -44.76
C VAL C 76 12.62 62.78 -45.50
N ASN C 77 13.17 64.00 -45.53
CA ASN C 77 12.55 65.13 -46.21
C ASN C 77 13.38 65.49 -47.43
N ASN C 78 12.73 65.59 -48.59
CA ASN C 78 13.41 65.81 -49.86
C ASN C 78 13.42 67.30 -50.18
N PHE C 79 14.50 67.98 -49.81
CA PHE C 79 14.67 69.38 -50.19
C PHE C 79 15.35 69.47 -51.54
N SER C 80 15.28 70.65 -52.14
CA SER C 80 15.86 70.86 -53.48
C SER C 80 16.31 72.31 -53.58
N TYR C 81 17.62 72.51 -53.67
CA TYR C 81 18.21 73.83 -53.85
C TYR C 81 18.62 73.99 -55.30
N ASN C 82 18.03 74.98 -55.98
CA ASN C 82 18.28 75.25 -57.39
C ASN C 82 18.98 76.60 -57.50
N GLY C 83 20.26 76.58 -57.89
CA GLY C 83 20.99 77.83 -58.09
C GLY C 83 20.41 78.63 -59.24
N GLY C 84 20.05 77.97 -60.32
CA GLY C 84 19.44 78.64 -61.46
C GLY C 84 19.20 77.65 -62.56
N PHE C 85 18.44 78.09 -63.56
CA PHE C 85 18.08 77.20 -64.66
C PHE C 85 19.22 76.97 -65.64
N LEU C 86 20.27 77.78 -65.61
CA LEU C 86 21.36 77.61 -66.55
C LEU C 86 22.19 76.39 -66.16
N PRO C 87 22.86 75.75 -67.13
CA PRO C 87 23.75 74.64 -66.81
C PRO C 87 25.16 75.07 -66.40
N THR C 88 25.36 76.35 -66.12
CA THR C 88 26.67 76.87 -65.74
C THR C 88 26.82 77.11 -64.24
N ASP C 89 25.73 77.09 -63.49
CA ASP C 89 25.75 77.45 -62.08
C ASP C 89 25.45 76.23 -61.20
N PHE C 90 25.92 76.30 -59.96
CA PHE C 90 25.77 75.21 -59.02
C PHE C 90 24.30 74.88 -58.77
N GLY C 91 23.99 73.60 -58.66
CA GLY C 91 22.62 73.20 -58.43
C GLY C 91 22.53 71.79 -57.88
N ILE C 92 21.49 71.55 -57.08
CA ILE C 92 21.19 70.24 -56.52
C ILE C 92 19.72 69.94 -56.78
N SER C 93 19.44 68.79 -57.41
CA SER C 93 18.06 68.45 -57.71
C SER C 93 17.32 67.99 -56.45
N ARG C 94 17.97 67.17 -55.63
CA ARG C 94 17.32 66.62 -54.45
C ARG C 94 18.38 66.31 -53.40
N TYR C 95 18.04 66.53 -52.14
CA TYR C 95 18.89 66.09 -51.05
C TYR C 95 18.00 65.79 -49.84
N GLU C 96 18.34 64.71 -49.15
CA GLU C 96 17.53 64.20 -48.05
C GLU C 96 17.98 64.81 -46.74
N VAL C 97 17.00 65.15 -45.90
CA VAL C 97 17.25 65.84 -44.65
C VAL C 97 16.52 65.10 -43.53
N ILE C 98 17.07 65.20 -42.33
CA ILE C 98 16.57 64.51 -41.15
C ILE C 98 15.93 65.57 -40.25
N LYS C 99 14.62 65.44 -40.03
CA LYS C 99 13.89 66.40 -39.21
C LYS C 99 13.05 65.66 -38.19
N GLU C 100 12.16 66.37 -37.50
CA GLU C 100 11.38 65.74 -36.43
C GLU C 100 10.50 64.63 -36.97
N ASN C 101 9.84 64.84 -38.11
CA ASN C 101 8.88 63.87 -38.63
C ASN C 101 9.53 62.54 -38.97
N SER C 102 10.84 62.51 -39.16
CA SER C 102 11.54 61.31 -39.61
C SER C 102 11.99 60.48 -38.40
N TYR C 103 12.65 59.36 -38.68
CA TYR C 103 13.13 58.44 -37.66
C TYR C 103 14.47 57.88 -38.08
N VAL C 104 15.26 57.44 -37.09
CA VAL C 104 16.54 56.79 -37.35
C VAL C 104 16.49 55.40 -36.73
N TYR C 105 16.71 54.38 -37.56
CA TYR C 105 16.73 53.00 -37.10
C TYR C 105 18.17 52.55 -36.94
N VAL C 106 18.44 51.81 -35.87
CA VAL C 106 19.77 51.24 -35.63
C VAL C 106 19.59 49.79 -35.24
N ASP C 107 19.99 48.87 -36.10
CA ASP C 107 19.94 47.45 -35.80
C ASP C 107 21.28 47.02 -35.23
N TYR C 108 21.23 46.06 -34.31
CA TYR C 108 22.36 45.72 -33.47
C TYR C 108 22.45 44.21 -33.27
N TRP C 109 23.66 43.69 -33.21
CA TRP C 109 23.87 42.26 -33.00
C TRP C 109 25.26 42.04 -32.40
N ASP C 110 25.41 40.98 -31.62
CA ASP C 110 26.66 40.65 -30.95
C ASP C 110 26.95 39.17 -31.10
N ASP C 111 28.20 38.80 -30.81
CA ASP C 111 28.61 37.40 -30.82
C ASP C 111 28.37 36.71 -29.47
N SER C 112 27.54 37.29 -28.61
CA SER C 112 27.37 36.77 -27.26
C SER C 112 26.22 35.76 -27.21
N LYS C 113 25.94 35.24 -26.02
CA LYS C 113 24.90 34.23 -25.87
C LYS C 113 23.51 34.80 -26.08
N ALA C 114 23.33 36.10 -25.87
CA ALA C 114 22.00 36.69 -25.97
C ALA C 114 21.41 36.60 -27.37
N PHE C 115 22.24 36.35 -28.39
CA PHE C 115 21.81 36.32 -29.78
C PHE C 115 22.08 34.98 -30.43
N ARG C 116 22.37 33.94 -29.65
CA ARG C 116 22.85 32.69 -30.23
C ARG C 116 21.81 32.04 -31.11
N ASN C 117 20.56 31.99 -30.67
CA ASN C 117 19.48 31.43 -31.47
C ASN C 117 18.24 32.31 -31.35
N ILE C 118 18.44 33.63 -31.42
CA ILE C 118 17.36 34.58 -31.23
C ILE C 118 16.46 34.55 -32.45
N VAL C 119 15.31 33.89 -32.32
CA VAL C 119 14.32 33.81 -33.38
C VAL C 119 12.95 34.20 -32.88
N TYR C 120 12.71 34.05 -31.57
CA TYR C 120 11.47 34.50 -30.94
C TYR C 120 11.83 35.31 -29.71
N VAL C 121 11.11 36.41 -29.49
CA VAL C 121 11.41 37.31 -28.38
C VAL C 121 10.11 37.90 -27.86
N ARG C 122 10.03 38.07 -26.55
CA ARG C 122 8.95 38.83 -25.94
C ARG C 122 9.49 39.55 -24.72
N SER C 123 8.64 40.41 -24.15
CA SER C 123 9.03 41.23 -23.01
C SER C 123 10.28 42.04 -23.33
N LEU C 124 10.32 42.58 -24.55
CA LEU C 124 11.48 43.31 -25.03
C LEU C 124 11.41 44.76 -24.57
N ALA C 125 12.50 45.26 -24.00
CA ALA C 125 12.58 46.65 -23.61
C ALA C 125 14.04 47.02 -23.39
N ALA C 126 14.31 48.33 -23.37
CA ALA C 126 15.68 48.80 -23.27
C ALA C 126 15.68 50.25 -22.80
N ASN C 127 16.87 50.72 -22.41
CA ASN C 127 17.07 52.11 -22.02
C ASN C 127 18.34 52.60 -22.69
N LEU C 128 18.21 53.53 -23.63
CA LEU C 128 19.35 54.10 -24.36
C LEU C 128 19.38 55.60 -24.11
N ASN C 129 20.46 56.08 -23.51
CA ASN C 129 20.65 57.52 -23.38
C ASN C 129 20.74 58.15 -24.77
N SER C 130 20.23 59.37 -24.89
CA SER C 130 20.18 60.02 -26.19
C SER C 130 21.59 60.28 -26.72
N VAL C 131 21.66 60.72 -27.98
CA VAL C 131 22.93 61.08 -28.61
C VAL C 131 22.67 62.25 -29.55
N ARG C 132 23.75 62.92 -29.95
CA ARG C 132 23.68 64.04 -30.87
C ARG C 132 24.55 63.77 -32.08
N CYS C 133 24.09 64.21 -33.26
CA CYS C 133 24.82 64.04 -34.50
C CYS C 133 24.88 65.38 -35.21
N THR C 134 26.09 65.88 -35.42
CA THR C 134 26.34 67.16 -36.08
C THR C 134 26.94 66.89 -37.46
N GLY C 135 26.39 67.52 -38.49
CA GLY C 135 26.86 67.28 -39.84
C GLY C 135 28.11 68.08 -40.15
N GLY C 136 29.06 67.42 -40.83
CA GLY C 136 30.30 68.05 -41.24
C GLY C 136 30.17 68.76 -42.58
N SER C 137 31.29 69.30 -43.03
CA SER C 137 31.34 70.08 -44.25
C SER C 137 31.65 69.19 -45.44
N TYR C 138 31.00 69.48 -46.57
CA TYR C 138 31.20 68.75 -47.81
C TYR C 138 31.39 69.76 -48.93
N HIS C 139 32.52 69.66 -49.64
CA HIS C 139 32.86 70.62 -50.70
C HIS C 139 32.41 70.07 -52.04
N PHE C 140 31.54 70.81 -52.72
CA PHE C 140 31.07 70.44 -54.05
C PHE C 140 32.11 70.90 -55.05
N SER C 141 32.85 69.95 -55.62
CA SER C 141 33.96 70.27 -56.52
C SER C 141 33.41 70.58 -57.90
N LEU C 142 33.21 71.87 -58.15
CA LEU C 142 32.82 72.32 -59.48
C LEU C 142 34.03 72.40 -60.38
N PRO C 143 33.85 72.31 -61.70
CA PRO C 143 35.00 72.49 -62.59
C PRO C 143 35.65 73.86 -62.50
N VAL C 144 34.85 74.90 -62.24
CA VAL C 144 35.37 76.27 -62.14
C VAL C 144 34.52 77.02 -61.12
N GLY C 145 35.19 77.82 -60.29
CA GLY C 145 34.52 78.66 -59.31
C GLY C 145 34.86 78.28 -57.88
N ALA C 146 34.66 79.21 -56.95
CA ALA C 146 34.89 78.91 -55.54
C ALA C 146 33.92 77.83 -55.08
N TRP C 147 34.46 76.82 -54.43
CA TRP C 147 33.67 75.63 -54.13
C TRP C 147 32.58 75.95 -53.13
N PRO C 148 31.31 75.64 -53.40
CA PRO C 148 30.30 75.76 -52.36
C PRO C 148 30.40 74.61 -51.38
N VAL C 149 30.14 74.90 -50.11
CA VAL C 149 30.26 73.93 -49.04
C VAL C 149 28.94 73.89 -48.28
N ILE C 150 28.33 72.71 -48.24
CA ILE C 150 27.19 72.47 -47.37
C ILE C 150 27.73 72.09 -46.00
N ASN C 151 27.27 72.78 -44.96
CA ASN C 151 27.73 72.52 -43.60
C ASN C 151 26.58 72.80 -42.66
N GLY C 152 26.88 72.83 -41.37
CA GLY C 152 25.87 73.05 -40.38
C GLY C 152 25.00 71.82 -40.19
N GLY C 153 23.91 72.03 -39.47
CA GLY C 153 22.98 70.95 -39.20
C GLY C 153 23.40 70.10 -38.02
N ALA C 154 22.46 69.86 -37.12
CA ALA C 154 22.69 68.97 -36.00
C ALA C 154 21.34 68.51 -35.49
N VAL C 155 21.23 67.21 -35.21
CA VAL C 155 19.98 66.62 -34.74
C VAL C 155 20.32 65.64 -33.62
N SER C 156 19.49 65.64 -32.60
CA SER C 156 19.66 64.76 -31.45
C SER C 156 18.69 63.60 -31.56
N LEU C 157 19.24 62.38 -31.52
CA LEU C 157 18.46 61.16 -31.45
C LEU C 157 18.03 60.93 -30.00
N HIS C 158 16.72 60.83 -29.81
CA HIS C 158 16.12 60.40 -28.56
C HIS C 158 15.54 59.01 -28.76
N PHE C 159 15.57 58.20 -27.70
CA PHE C 159 15.15 56.81 -27.80
C PHE C 159 13.66 56.72 -28.10
N ALA C 160 13.27 55.62 -28.71
CA ALA C 160 11.88 55.29 -28.97
C ALA C 160 11.77 53.78 -28.86
N GLY C 161 10.74 53.20 -29.46
CA GLY C 161 10.54 51.76 -29.41
C GLY C 161 11.75 50.91 -29.72
N VAL C 162 11.74 49.68 -29.24
CA VAL C 162 12.75 48.68 -29.56
C VAL C 162 12.02 47.42 -29.98
N THR C 163 12.45 46.82 -31.09
CA THR C 163 11.74 45.70 -31.70
C THR C 163 12.79 44.78 -32.29
N LEU C 164 12.35 43.62 -32.78
CA LEU C 164 13.25 42.75 -33.51
C LEU C 164 13.35 43.21 -34.96
N SER C 165 14.38 42.72 -35.64
CA SER C 165 14.55 42.95 -37.08
C SER C 165 15.64 42.00 -37.55
N THR C 166 16.09 42.19 -38.79
CA THR C 166 17.11 41.35 -39.37
C THR C 166 18.04 42.21 -40.22
N GLN C 167 19.35 42.03 -40.02
CA GLN C 167 20.37 42.71 -40.78
C GLN C 167 20.87 41.77 -41.86
N PHE C 168 20.77 42.19 -43.12
CA PHE C 168 21.25 41.42 -44.25
C PHE C 168 22.40 42.17 -44.93
N THR C 169 23.53 41.50 -45.06
CA THR C 169 24.68 42.01 -45.78
C THR C 169 25.18 40.92 -46.71
N ASP C 170 26.20 41.25 -47.49
CA ASP C 170 26.70 40.30 -48.47
C ASP C 170 27.26 39.05 -47.81
N PHE C 171 27.81 39.19 -46.60
CA PHE C 171 28.52 38.10 -45.96
C PHE C 171 27.73 37.40 -44.86
N VAL C 172 26.74 38.06 -44.25
CA VAL C 172 26.09 37.52 -43.06
C VAL C 172 24.60 37.88 -43.06
N SER C 173 23.86 37.17 -42.21
CA SER C 173 22.42 37.38 -42.02
C SER C 173 22.14 37.23 -40.53
N LEU C 174 21.78 38.33 -39.88
CA LEU C 174 21.74 38.42 -38.43
C LEU C 174 20.32 38.72 -37.95
N ASN C 175 19.83 37.91 -37.03
CA ASN C 175 18.59 38.24 -36.31
C ASN C 175 18.97 39.25 -35.25
N SER C 176 18.58 40.51 -35.46
CA SER C 176 19.14 41.64 -34.74
C SER C 176 18.05 42.39 -33.99
N LEU C 177 18.50 43.27 -33.09
CA LEU C 177 17.60 44.14 -32.32
C LEU C 177 17.60 45.51 -32.96
N ARG C 178 16.42 45.98 -33.36
CA ARG C 178 16.25 47.29 -33.96
C ARG C 178 15.84 48.28 -32.89
N PHE C 179 16.51 49.43 -32.85
CA PHE C 179 16.16 50.53 -31.98
C PHE C 179 15.67 51.69 -32.83
N ARG C 180 14.49 52.21 -32.52
CA ARG C 180 13.95 53.38 -33.18
C ARG C 180 14.39 54.63 -32.43
N PHE C 181 14.67 55.69 -33.18
CA PHE C 181 15.09 56.97 -32.60
C PHE C 181 14.27 58.08 -33.21
N SER C 182 13.57 58.83 -32.35
CA SER C 182 12.97 60.07 -32.74
C SER C 182 14.03 61.17 -32.73
N LEU C 183 13.69 62.32 -33.29
CA LEU C 183 14.67 63.34 -33.62
C LEU C 183 14.23 64.69 -33.10
N THR C 184 15.21 65.48 -32.66
CA THR C 184 14.97 66.88 -32.31
C THR C 184 16.08 67.74 -32.91
N VAL C 185 15.71 68.84 -33.55
CA VAL C 185 16.70 69.72 -34.17
C VAL C 185 17.53 70.40 -33.11
N ASP C 186 18.64 71.03 -33.51
CA ASP C 186 19.57 71.65 -32.59
C ASP C 186 19.99 73.00 -33.14
N GLU C 187 20.86 73.69 -32.41
CA GLU C 187 21.17 75.09 -32.69
C GLU C 187 21.73 75.33 -34.09
N PRO C 188 22.76 74.63 -34.56
CA PRO C 188 23.37 75.01 -35.84
C PRO C 188 22.52 74.55 -37.01
N PRO C 189 21.95 75.48 -37.79
CA PRO C 189 21.11 75.05 -38.92
C PRO C 189 21.94 74.75 -40.16
N PHE C 190 21.59 73.66 -40.83
CA PHE C 190 22.35 73.27 -42.01
C PHE C 190 22.06 74.23 -43.15
N SER C 191 23.08 74.50 -43.95
CA SER C 191 22.94 75.37 -45.12
C SER C 191 24.22 75.33 -45.91
N ILE C 192 24.17 75.90 -47.11
CA ILE C 192 25.33 75.98 -47.99
C ILE C 192 25.89 77.39 -47.93
N LEU C 193 27.21 77.50 -47.77
CA LEU C 193 27.85 78.80 -47.84
C LEU C 193 27.81 79.30 -49.27
N ARG C 194 28.00 80.61 -49.43
CA ARG C 194 27.85 81.33 -50.70
C ARG C 194 26.64 80.81 -51.47
N THR C 195 25.48 80.90 -50.80
CA THR C 195 24.25 80.32 -51.30
C THR C 195 23.08 81.13 -50.77
N ARG C 196 21.90 80.91 -51.36
CA ARG C 196 20.69 81.64 -50.97
C ARG C 196 19.86 80.91 -49.93
N THR C 197 19.79 79.58 -49.99
CA THR C 197 18.99 78.82 -49.02
C THR C 197 19.68 78.84 -47.66
N VAL C 198 19.00 79.40 -46.65
CA VAL C 198 19.59 79.62 -45.33
C VAL C 198 18.52 79.44 -44.27
N ASN C 199 18.98 79.39 -43.01
CA ASN C 199 18.15 79.28 -41.80
C ASN C 199 17.05 78.23 -41.94
N LEU C 200 17.48 77.00 -42.22
CA LEU C 200 16.58 75.85 -42.32
C LEU C 200 17.21 74.68 -41.57
N TYR C 201 16.44 74.10 -40.65
CA TYR C 201 16.95 73.14 -39.68
C TYR C 201 16.89 71.72 -40.24
N GLY C 202 17.58 70.82 -39.54
CA GLY C 202 17.60 69.41 -39.90
C GLY C 202 19.01 68.85 -39.87
N LEU C 203 19.28 67.87 -40.73
CA LEU C 203 20.63 67.33 -40.90
C LEU C 203 20.73 66.83 -42.33
N PRO C 204 21.69 67.30 -43.14
CA PRO C 204 21.79 66.83 -44.52
C PRO C 204 22.65 65.60 -44.66
N ALA C 205 22.45 64.89 -45.77
CA ALA C 205 23.15 63.65 -46.03
C ALA C 205 24.56 63.86 -46.53
N ALA C 206 25.01 65.10 -46.71
CA ALA C 206 26.30 65.34 -47.34
C ALA C 206 27.45 64.76 -46.50
N ASN C 207 27.39 64.94 -45.18
CA ASN C 207 28.42 64.38 -44.33
C ASN C 207 27.91 64.28 -42.89
N PRO C 208 26.93 63.41 -42.63
CA PRO C 208 26.42 63.30 -41.25
C PRO C 208 27.44 62.77 -40.27
N ASN C 209 28.50 62.12 -40.74
CA ASN C 209 29.50 61.58 -39.82
C ASN C 209 30.37 62.69 -39.24
N ASN C 210 30.70 63.70 -40.05
CA ASN C 210 31.52 64.83 -39.60
C ASN C 210 32.87 64.36 -39.08
N GLY C 211 33.45 63.36 -39.76
CA GLY C 211 34.73 62.84 -39.37
C GLY C 211 34.74 61.97 -38.14
N ASN C 212 33.58 61.75 -37.51
CA ASN C 212 33.50 60.81 -36.41
C ASN C 212 33.60 59.40 -36.95
N GLU C 213 34.47 58.60 -36.35
CA GLU C 213 34.55 57.19 -36.73
C GLU C 213 33.22 56.49 -36.51
N TYR C 214 32.41 56.99 -35.58
CA TYR C 214 31.14 56.36 -35.26
C TYR C 214 30.34 57.31 -34.36
N TYR C 215 29.10 56.93 -34.11
CA TYR C 215 28.26 57.56 -33.10
C TYR C 215 27.95 56.51 -32.04
N GLU C 216 28.32 56.80 -30.80
CA GLU C 216 28.27 55.80 -29.72
C GLU C 216 27.09 56.08 -28.81
N ILE C 217 26.29 55.05 -28.55
CA ILE C 217 25.19 55.11 -27.60
C ILE C 217 25.38 53.96 -26.64
N SER C 218 25.66 54.27 -25.37
CA SER C 218 25.59 53.26 -24.33
C SER C 218 24.14 52.85 -24.13
N GLY C 219 23.92 51.60 -23.78
CA GLY C 219 22.56 51.10 -23.64
C GLY C 219 22.53 49.72 -23.05
N ARG C 220 21.33 49.32 -22.66
CA ARG C 220 21.10 47.95 -22.23
C ARG C 220 19.70 47.54 -22.67
N PHE C 221 19.50 46.23 -22.82
CA PHE C 221 18.23 45.68 -23.26
C PHE C 221 17.91 44.45 -22.44
N SER C 222 16.64 44.08 -22.45
CA SER C 222 16.16 42.85 -21.82
C SER C 222 15.23 42.14 -22.77
N LEU C 223 15.28 40.81 -22.78
CA LEU C 223 14.43 40.04 -23.67
C LEU C 223 14.32 38.61 -23.14
N ILE C 224 13.28 37.92 -23.58
CA ILE C 224 13.05 36.52 -23.26
C ILE C 224 12.82 35.77 -24.56
N SER C 225 13.54 34.66 -24.75
CA SER C 225 13.54 33.99 -26.05
C SER C 225 13.57 32.48 -25.89
N LEU C 226 12.74 31.79 -26.67
CA LEU C 226 12.93 30.35 -26.86
C LEU C 226 14.27 30.08 -27.50
N VAL C 227 14.98 29.11 -26.96
CA VAL C 227 16.18 28.58 -27.60
C VAL C 227 16.20 27.09 -27.27
N PRO C 228 16.89 26.26 -28.05
CA PRO C 228 16.99 24.84 -27.69
C PRO C 228 17.63 24.66 -26.32
N THR C 229 17.42 23.47 -25.74
CA THR C 229 17.67 23.28 -24.32
C THR C 229 19.13 23.48 -23.96
N ASN C 230 20.05 23.07 -24.84
CA ASN C 230 21.48 23.20 -24.58
C ASN C 230 22.12 24.08 -25.63
N ASP C 231 23.09 24.89 -25.19
CA ASP C 231 23.64 25.98 -25.97
C ASP C 231 24.66 25.53 -27.00
N ASP C 232 24.71 24.25 -27.33
CA ASP C 232 25.63 23.74 -28.34
C ASP C 232 25.03 23.77 -29.74
N TYR C 233 23.97 24.55 -29.96
CA TYR C 233 23.34 24.68 -31.26
C TYR C 233 23.76 25.98 -31.93
N GLN C 234 23.58 26.02 -33.25
CA GLN C 234 23.98 27.17 -34.05
C GLN C 234 22.97 27.33 -35.17
N THR C 235 22.20 28.40 -35.12
CA THR C 235 21.40 28.78 -36.26
C THR C 235 22.30 29.43 -37.31
N PRO C 236 21.99 29.27 -38.60
CA PRO C 236 22.84 29.91 -39.62
C PRO C 236 22.84 31.43 -39.47
N ILE C 237 24.04 32.00 -39.45
CA ILE C 237 24.21 33.44 -39.37
C ILE C 237 25.06 34.00 -40.49
N MET C 238 25.89 33.19 -41.12
CA MET C 238 26.86 33.66 -42.10
C MET C 238 26.37 33.27 -43.48
N ASN C 239 26.49 34.19 -44.44
CA ASN C 239 25.59 34.25 -45.57
C ASN C 239 26.36 34.36 -46.88
N SER C 240 25.74 33.90 -47.96
CA SER C 240 26.18 34.18 -49.32
C SER C 240 24.99 34.61 -50.16
N VAL C 241 25.13 35.72 -50.86
CA VAL C 241 24.02 36.39 -51.53
C VAL C 241 24.34 36.57 -53.01
N THR C 242 23.42 36.16 -53.86
CA THR C 242 23.51 36.39 -55.30
C THR C 242 22.17 36.82 -55.86
N VAL C 243 21.50 37.74 -55.17
CA VAL C 243 20.17 38.21 -55.58
C VAL C 243 20.29 39.28 -56.65
N ARG C 244 19.19 39.60 -57.31
CA ARG C 244 19.12 40.65 -58.32
C ARG C 244 20.05 40.35 -59.49
N GLN C 245 19.94 39.14 -60.02
CA GLN C 245 20.59 38.85 -61.29
C GLN C 245 20.01 39.71 -62.41
N ASP C 246 18.77 40.18 -62.25
CA ASP C 246 18.20 41.14 -63.19
C ASP C 246 19.03 42.42 -63.21
N LEU C 247 19.34 42.96 -62.03
CA LEU C 247 20.16 44.16 -61.98
C LEU C 247 21.56 43.88 -62.49
N GLU C 248 22.12 42.71 -62.17
CA GLU C 248 23.43 42.36 -62.69
C GLU C 248 23.44 42.42 -64.22
N ARG C 249 22.47 41.76 -64.84
CA ARG C 249 22.41 41.72 -66.31
C ARG C 249 22.17 43.10 -66.88
N GLN C 250 21.30 43.89 -66.27
CA GLN C 250 21.02 45.23 -66.78
C GLN C 250 22.27 46.10 -66.71
N LEU C 251 22.99 46.05 -65.60
CA LEU C 251 24.20 46.84 -65.48
C LEU C 251 25.26 46.37 -66.48
N THR C 252 25.39 45.06 -66.68
CA THR C 252 26.38 44.58 -67.63
C THR C 252 26.04 44.99 -69.05
N ASN C 253 24.76 44.92 -69.43
CA ASN C 253 24.36 45.40 -70.74
C ASN C 253 24.66 46.88 -70.90
N LEU C 254 24.35 47.67 -69.88
CA LEU C 254 24.67 49.10 -69.93
C LEU C 254 26.18 49.30 -70.05
N ARG C 255 26.97 48.49 -69.34
CA ARG C 255 28.42 48.62 -69.40
C ARG C 255 28.92 48.39 -70.81
N GLU C 256 28.49 47.31 -71.45
CA GLU C 256 28.99 47.03 -72.80
C GLU C 256 28.51 48.08 -73.79
N GLU C 257 27.26 48.53 -73.67
CA GLU C 257 26.77 49.57 -74.57
C GLU C 257 27.55 50.86 -74.42
N PHE C 258 27.80 51.25 -73.17
CA PHE C 258 28.58 52.46 -72.92
C PHE C 258 30.01 52.29 -73.40
N ASN C 259 30.58 51.09 -73.27
CA ASN C 259 31.92 50.86 -73.77
C ASN C 259 31.96 51.06 -75.28
N SER C 260 30.96 50.56 -75.99
CA SER C 260 30.90 50.77 -77.43
C SER C 260 30.78 52.27 -77.75
N LEU C 261 29.94 52.99 -76.99
CA LEU C 261 29.78 54.42 -77.25
C LEU C 261 31.07 55.19 -77.00
N SER C 262 31.75 54.89 -75.89
CA SER C 262 32.99 55.59 -75.57
C SER C 262 34.08 55.25 -76.58
N GLN C 263 34.13 54.00 -77.02
CA GLN C 263 35.07 53.62 -78.06
C GLN C 263 34.81 54.39 -79.33
N GLU C 264 33.54 54.55 -79.70
CA GLU C 264 33.20 55.32 -80.89
C GLU C 264 33.63 56.77 -80.73
N ILE C 265 33.39 57.36 -79.56
CA ILE C 265 33.77 58.75 -79.31
C ILE C 265 35.27 58.93 -79.46
N ALA C 266 36.04 58.05 -78.83
CA ALA C 266 37.50 58.20 -78.86
C ALA C 266 38.06 57.93 -80.25
N MET C 267 37.48 56.97 -80.97
CA MET C 267 37.94 56.69 -82.33
C MET C 267 37.63 57.87 -83.25
N ALA C 268 36.47 58.50 -83.08
CA ALA C 268 36.17 59.70 -83.84
C ALA C 268 37.15 60.82 -83.50
N GLN C 269 37.48 60.98 -82.23
CA GLN C 269 38.45 61.99 -81.84
C GLN C 269 39.79 61.76 -82.52
N LEU C 270 40.33 60.55 -82.41
CA LEU C 270 41.61 60.22 -83.03
C LEU C 270 41.43 59.86 -84.49
N MET D 1 -23.66 2.95 53.66
CA MET D 1 -22.44 3.80 53.74
C MET D 1 -21.99 3.94 55.18
N GLU D 2 -22.96 4.12 56.07
CA GLU D 2 -22.65 4.04 57.49
C GLU D 2 -22.01 2.70 57.83
N VAL D 3 -22.41 1.64 57.14
CA VAL D 3 -21.79 0.34 57.38
C VAL D 3 -20.34 0.35 56.90
N LEU D 4 -20.10 0.92 55.72
CA LEU D 4 -18.73 0.99 55.22
C LEU D 4 -17.85 1.81 56.18
N TYR D 5 -18.38 2.92 56.68
CA TYR D 5 -17.63 3.69 57.66
C TYR D 5 -17.36 2.86 58.90
N SER D 6 -18.34 2.09 59.35
CA SER D 6 -18.14 1.29 60.55
C SER D 6 -17.07 0.24 60.33
N LEU D 7 -17.06 -0.39 59.16
CA LEU D 7 -15.96 -1.30 58.82
C LEU D 7 -14.62 -0.60 58.92
N SER D 8 -14.51 0.58 58.31
CA SER D 8 -13.23 1.26 58.31
C SER D 8 -12.82 1.65 59.72
N LYS D 9 -13.77 2.16 60.51
CA LYS D 9 -13.45 2.59 61.86
C LYS D 9 -13.01 1.41 62.72
N THR D 10 -13.71 0.28 62.61
CA THR D 10 -13.32 -0.85 63.45
C THR D 10 -12.01 -1.45 63.00
N LEU D 11 -11.69 -1.41 61.71
CA LEU D 11 -10.39 -1.90 61.30
C LEU D 11 -9.27 -0.96 61.74
N LYS D 12 -9.51 0.35 61.67
CA LYS D 12 -8.54 1.30 62.20
C LYS D 12 -8.32 1.08 63.69
N ASP D 13 -9.40 0.88 64.43
CA ASP D 13 -9.28 0.61 65.85
C ASP D 13 -8.57 -0.72 66.11
N ALA D 14 -8.82 -1.73 65.28
CA ALA D 14 -8.11 -3.00 65.47
C ALA D 14 -6.63 -2.82 65.27
N ARG D 15 -6.24 -2.10 64.21
CA ARG D 15 -4.83 -1.90 63.95
C ARG D 15 -4.18 -1.06 65.04
N ASP D 16 -4.93 -0.17 65.68
CA ASP D 16 -4.36 0.72 66.68
C ASP D 16 -4.31 0.11 68.07
N LYS D 17 -5.43 -0.46 68.54
CA LYS D 17 -5.57 -0.85 69.94
C LYS D 17 -5.21 -2.30 70.20
N ILE D 18 -5.31 -3.17 69.20
CA ILE D 18 -4.87 -4.55 69.37
C ILE D 18 -3.38 -4.58 69.14
N VAL D 19 -2.61 -4.27 70.19
CA VAL D 19 -1.16 -4.20 70.12
C VAL D 19 -0.61 -5.02 71.28
N GLU D 20 0.62 -5.50 71.10
CA GLU D 20 1.18 -6.47 72.02
C GLU D 20 1.28 -5.89 73.43
N GLY D 21 0.95 -6.72 74.41
CA GLY D 21 1.08 -6.35 75.80
C GLY D 21 -0.05 -5.54 76.37
N THR D 22 -0.97 -5.05 75.55
CA THR D 22 -2.06 -4.24 76.06
C THR D 22 -3.01 -5.11 76.87
N LEU D 23 -3.58 -4.52 77.91
CA LEU D 23 -4.57 -5.24 78.69
C LEU D 23 -5.78 -5.56 77.83
N TYR D 24 -6.40 -6.71 78.09
CA TYR D 24 -7.67 -6.99 77.45
C TYR D 24 -8.76 -6.05 77.92
N SER D 25 -8.59 -5.43 79.09
CA SER D 25 -9.57 -4.44 79.51
C SER D 25 -9.57 -3.24 78.58
N ASN D 26 -8.44 -2.97 77.92
CA ASN D 26 -8.35 -1.85 77.01
C ASN D 26 -9.06 -2.10 75.70
N VAL D 27 -9.26 -3.37 75.32
CA VAL D 27 -9.78 -3.69 73.99
C VAL D 27 -10.93 -4.69 74.05
N SER D 28 -11.55 -4.86 75.22
CA SER D 28 -12.68 -5.77 75.32
C SER D 28 -13.79 -5.37 74.36
N ASP D 29 -14.23 -4.12 74.42
CA ASP D 29 -15.32 -3.68 73.57
C ASP D 29 -14.93 -3.72 72.11
N LEU D 30 -13.69 -3.37 71.80
CA LEU D 30 -13.26 -3.43 70.42
C LEU D 30 -13.24 -4.86 69.90
N ILE D 31 -12.84 -5.81 70.74
CA ILE D 31 -12.83 -7.20 70.33
C ILE D 31 -14.26 -7.67 70.07
N GLN D 32 -15.20 -7.25 70.92
CA GLN D 32 -16.59 -7.62 70.68
C GLN D 32 -17.09 -7.05 69.37
N GLN D 33 -16.75 -5.80 69.08
CA GLN D 33 -17.15 -5.19 67.80
C GLN D 33 -16.51 -5.93 66.63
N PHE D 34 -15.24 -6.29 66.77
CA PHE D 34 -14.54 -7.01 65.71
C PHE D 34 -15.18 -8.37 65.46
N ASN D 35 -15.56 -9.07 66.53
CA ASN D 35 -16.22 -10.35 66.36
C ASN D 35 -17.59 -10.20 65.72
N GLN D 36 -18.33 -9.15 66.06
CA GLN D 36 -19.59 -8.91 65.37
C GLN D 36 -19.33 -8.69 63.89
N MET D 37 -18.32 -7.89 63.54
CA MET D 37 -17.99 -7.68 62.14
C MET D 37 -17.63 -8.99 61.46
N ILE D 38 -16.82 -9.82 62.12
CA ILE D 38 -16.40 -11.08 61.52
C ILE D 38 -17.61 -11.97 61.28
N VAL D 39 -18.44 -12.14 62.30
CA VAL D 39 -19.59 -13.04 62.18
C VAL D 39 -20.57 -12.53 61.14
N THR D 40 -20.70 -11.22 60.99
CA THR D 40 -21.62 -10.69 60.00
C THR D 40 -21.08 -10.85 58.59
N MET D 41 -19.80 -10.56 58.39
CA MET D 41 -19.22 -10.64 57.05
C MET D 41 -18.92 -12.07 56.62
N ASN D 42 -18.88 -13.01 57.55
CA ASN D 42 -18.49 -14.37 57.24
C ASN D 42 -19.56 -15.07 56.42
N GLY D 43 -19.12 -15.98 55.54
CA GLY D 43 -20.04 -16.69 54.69
C GLY D 43 -20.71 -15.82 53.66
N ASN D 44 -19.97 -14.90 53.05
CA ASN D 44 -20.51 -13.98 52.06
C ASN D 44 -19.50 -13.80 50.95
N ASP D 45 -19.99 -13.37 49.79
CA ASP D 45 -19.15 -13.12 48.62
C ASP D 45 -19.44 -11.72 48.12
N PHE D 46 -18.37 -10.94 47.92
CA PHE D 46 -18.47 -9.62 47.33
C PHE D 46 -17.64 -9.58 46.06
N GLN D 47 -18.10 -8.77 45.11
CA GLN D 47 -17.40 -8.55 43.86
C GLN D 47 -17.15 -7.07 43.72
N THR D 48 -15.93 -6.71 43.33
CA THR D 48 -15.48 -5.33 43.33
C THR D 48 -14.82 -4.98 42.02
N GLY D 49 -15.15 -3.82 41.47
CA GLY D 49 -14.48 -3.29 40.31
C GLY D 49 -15.12 -3.72 39.02
N GLY D 50 -14.43 -3.39 37.93
CA GLY D 50 -14.88 -3.73 36.60
C GLY D 50 -15.31 -2.54 35.78
N ILE D 51 -14.67 -1.39 36.03
CA ILE D 51 -14.91 -0.18 35.28
C ILE D 51 -13.55 0.43 34.94
N GLY D 52 -13.38 0.83 33.69
CA GLY D 52 -12.08 1.34 33.28
C GLY D 52 -11.03 0.25 33.42
N ASN D 53 -9.98 0.56 34.17
CA ASN D 53 -8.93 -0.40 34.47
C ASN D 53 -9.01 -0.97 35.87
N LEU D 54 -10.03 -0.61 36.63
CA LEU D 54 -10.12 -1.11 38.01
C LEU D 54 -10.40 -2.60 37.94
N PRO D 55 -9.42 -3.47 38.23
CA PRO D 55 -9.62 -4.89 37.94
C PRO D 55 -10.69 -5.50 38.80
N ILE D 56 -11.37 -6.50 38.24
CA ILE D 56 -12.40 -7.20 38.98
C ILE D 56 -11.75 -8.11 40.01
N ARG D 57 -12.27 -8.09 41.23
CA ARG D 57 -11.77 -8.95 42.28
C ARG D 57 -12.95 -9.52 43.06
N ASN D 58 -12.72 -10.69 43.66
CA ASN D 58 -13.70 -11.39 44.46
C ASN D 58 -13.20 -11.52 45.88
N TRP D 59 -14.06 -11.19 46.83
CA TRP D 59 -13.74 -11.24 48.25
C TRP D 59 -14.65 -12.27 48.90
N THR D 60 -14.03 -13.22 49.59
CA THR D 60 -14.74 -14.22 50.38
C THR D 60 -14.16 -14.22 51.78
N PHE D 61 -15.04 -14.31 52.77
CA PHE D 61 -14.68 -14.16 54.17
C PHE D 61 -14.96 -15.45 54.92
N ASP D 62 -13.92 -16.00 55.55
CA ASP D 62 -14.10 -17.11 56.49
C ASP D 62 -12.93 -17.04 57.48
N PHE D 63 -13.18 -16.42 58.62
CA PHE D 63 -12.15 -16.13 59.62
C PHE D 63 -12.62 -16.58 60.98
N GLY D 64 -11.66 -16.93 61.82
CA GLY D 64 -11.96 -17.29 63.20
C GLY D 64 -12.02 -16.05 64.07
N LEU D 65 -12.94 -16.07 65.03
CA LEU D 65 -13.11 -14.93 65.91
C LEU D 65 -11.85 -14.69 66.73
N LEU D 66 -11.54 -13.43 66.97
CA LEU D 66 -10.48 -13.11 67.90
C LEU D 66 -10.82 -13.67 69.27
N GLY D 67 -9.85 -14.29 69.92
CA GLY D 67 -10.10 -14.88 71.21
C GLY D 67 -10.46 -13.85 72.26
N THR D 68 -10.97 -14.34 73.38
CA THR D 68 -11.40 -13.48 74.47
C THR D 68 -10.96 -13.96 75.84
N THR D 69 -10.27 -15.10 75.94
CA THR D 69 -9.91 -15.67 77.22
C THR D 69 -8.56 -15.20 77.72
N LEU D 70 -8.06 -14.10 77.18
CA LEU D 70 -6.71 -13.64 77.42
C LEU D 70 -6.78 -12.41 78.30
N LEU D 71 -6.09 -12.43 79.44
CA LEU D 71 -6.08 -11.26 80.30
C LEU D 71 -5.26 -10.14 79.71
N ASN D 72 -4.21 -10.48 78.97
CA ASN D 72 -3.24 -9.49 78.49
C ASN D 72 -2.68 -9.99 77.17
N LEU D 73 -2.89 -9.22 76.11
CA LEU D 73 -2.54 -9.67 74.77
C LEU D 73 -1.06 -9.97 74.67
N ASP D 74 -0.74 -11.03 73.92
CA ASP D 74 0.64 -11.44 73.65
C ASP D 74 0.91 -11.35 72.16
N ALA D 75 2.09 -11.81 71.76
CA ALA D 75 2.51 -11.64 70.37
C ALA D 75 1.71 -12.52 69.43
N ASN D 76 1.38 -13.74 69.85
CA ASN D 76 0.69 -14.67 68.96
C ASN D 76 -0.70 -14.14 68.59
N TYR D 77 -1.37 -13.51 69.54
CA TYR D 77 -2.68 -12.93 69.29
C TYR D 77 -2.62 -11.93 68.14
N VAL D 78 -1.62 -11.06 68.16
CA VAL D 78 -1.54 -10.00 67.17
C VAL D 78 -1.24 -10.54 65.79
N GLU D 79 -0.60 -11.70 65.67
CA GLU D 79 -0.37 -12.27 64.34
C GLU D 79 -1.69 -12.64 63.67
N THR D 80 -2.56 -13.31 64.41
CA THR D 80 -3.87 -13.66 63.85
C THR D 80 -4.67 -12.41 63.55
N ALA D 81 -4.64 -11.44 64.46
CA ALA D 81 -5.34 -10.19 64.21
C ALA D 81 -4.83 -9.51 62.96
N ARG D 82 -3.51 -9.49 62.76
CA ARG D 82 -2.93 -8.89 61.57
C ARG D 82 -3.39 -9.62 60.31
N THR D 83 -3.37 -10.95 60.33
CA THR D 83 -3.74 -11.69 59.14
C THR D 83 -5.17 -11.40 58.74
N THR D 84 -6.05 -11.22 59.71
CA THR D 84 -7.43 -10.82 59.38
C THR D 84 -7.49 -9.38 58.91
N ILE D 85 -6.80 -8.48 59.60
CA ILE D 85 -6.98 -7.06 59.39
C ILE D 85 -6.46 -6.64 58.03
N GLU D 86 -5.34 -7.23 57.59
CA GLU D 86 -4.79 -6.82 56.30
C GLU D 86 -5.74 -7.16 55.17
N TYR D 87 -6.31 -8.36 55.20
CA TYR D 87 -7.28 -8.74 54.18
C TYR D 87 -8.48 -7.81 54.22
N PHE D 88 -8.99 -7.53 55.42
CA PHE D 88 -10.15 -6.65 55.52
C PHE D 88 -9.83 -5.26 54.99
N ILE D 89 -8.64 -4.75 55.29
CA ILE D 89 -8.26 -3.42 54.83
C ILE D 89 -8.19 -3.39 53.31
N ASP D 90 -7.63 -4.44 52.71
CA ASP D 90 -7.59 -4.49 51.26
C ASP D 90 -9.00 -4.47 50.68
N PHE D 91 -9.90 -5.24 51.30
CA PHE D 91 -11.29 -5.28 50.84
C PHE D 91 -11.92 -3.89 50.91
N ILE D 92 -11.74 -3.20 52.03
CA ILE D 92 -12.37 -1.90 52.20
C ILE D 92 -11.77 -0.89 51.23
N ASP D 93 -10.46 -0.96 51.01
CA ASP D 93 -9.83 -0.08 50.03
C ASP D 93 -10.43 -0.28 48.65
N ASN D 94 -10.60 -1.53 48.25
CA ASN D 94 -11.14 -1.79 46.91
C ASN D 94 -12.59 -1.36 46.81
N VAL D 95 -13.38 -1.57 47.87
CA VAL D 95 -14.76 -1.12 47.86
C VAL D 95 -14.83 0.39 47.73
N CYS D 96 -13.98 1.11 48.46
CA CYS D 96 -13.99 2.57 48.38
C CYS D 96 -13.59 3.05 46.99
N MET D 97 -12.58 2.42 46.38
CA MET D 97 -12.20 2.82 45.03
C MET D 97 -13.34 2.59 44.06
N ASP D 98 -13.99 1.44 44.16
CA ASP D 98 -15.12 1.15 43.28
C ASP D 98 -16.22 2.17 43.46
N GLU D 99 -16.51 2.56 44.69
CA GLU D 99 -17.58 3.50 44.92
C GLU D 99 -17.22 4.89 44.41
N MET D 100 -15.95 5.28 44.55
CA MET D 100 -15.54 6.61 44.11
C MET D 100 -15.58 6.72 42.60
N VAL D 101 -15.17 5.68 41.88
CA VAL D 101 -15.09 5.81 40.43
C VAL D 101 -16.45 5.97 39.78
N ARG D 102 -17.52 5.50 40.39
CA ARG D 102 -18.82 5.48 39.75
C ARG D 102 -19.56 6.80 39.97
N GLU D 103 -20.67 6.95 39.27
CA GLU D 103 -21.49 8.16 39.31
C GLU D 103 -22.94 7.74 39.12
N SER D 104 -23.83 8.74 39.18
CA SER D 104 -25.22 8.54 38.80
C SER D 104 -25.91 9.89 38.65
N GLN D 105 -26.53 10.12 37.51
CA GLN D 105 -27.21 11.40 37.31
C GLN D 105 -28.36 11.59 38.29
N ARG D 106 -29.06 10.51 38.61
CA ARG D 106 -30.23 10.56 39.47
C ARG D 106 -30.02 9.71 40.70
N ASN D 107 -30.44 10.24 41.85
CA ASN D 107 -30.28 9.53 43.11
C ASN D 107 -28.81 9.25 43.39
N GLY D 108 -27.97 10.27 43.18
CA GLY D 108 -26.54 10.10 43.39
C GLY D 108 -26.17 9.75 44.82
N VAL D 109 -27.03 10.06 45.78
CA VAL D 109 -26.78 9.67 47.16
C VAL D 109 -26.78 8.15 47.30
N ALA D 110 -27.73 7.49 46.65
CA ALA D 110 -27.85 6.04 46.81
C ALA D 110 -26.59 5.37 46.28
N PRO D 111 -26.13 4.30 46.93
CA PRO D 111 -24.79 3.78 46.60
C PRO D 111 -24.76 3.10 45.24
N GLN D 112 -23.72 3.42 44.48
CA GLN D 112 -23.34 2.65 43.31
C GLN D 112 -22.51 1.48 43.81
N SER D 113 -21.74 0.81 42.96
CA SER D 113 -20.80 -0.18 43.47
C SER D 113 -21.47 -1.35 44.17
N GLU D 114 -21.98 -2.31 43.40
CA GLU D 114 -22.73 -3.44 43.92
C GLU D 114 -22.16 -4.05 45.21
N ALA D 115 -20.86 -3.97 45.43
CA ALA D 115 -20.32 -4.36 46.73
C ALA D 115 -20.93 -3.51 47.85
N LEU D 116 -20.86 -2.19 47.71
CA LEU D 116 -21.45 -1.33 48.73
C LEU D 116 -22.97 -1.43 48.73
N ARG D 117 -23.56 -1.68 47.56
CA ARG D 117 -25.00 -1.88 47.49
C ARG D 117 -25.42 -3.08 48.31
N LYS D 118 -24.65 -4.16 48.25
CA LYS D 118 -24.90 -5.31 49.11
C LYS D 118 -24.67 -4.97 50.57
N LEU D 119 -23.61 -4.23 50.87
CA LEU D 119 -23.34 -3.87 52.25
C LEU D 119 -24.44 -3.01 52.84
N ALA D 120 -25.20 -2.31 52.00
CA ALA D 120 -26.34 -1.53 52.47
C ALA D 120 -27.57 -2.37 52.79
N GLY D 121 -27.46 -3.70 52.85
CA GLY D 121 -28.59 -4.55 53.10
C GLY D 121 -28.96 -4.59 54.57
N ILE D 122 -29.72 -5.61 54.95
CA ILE D 122 -30.29 -5.70 56.29
C ILE D 122 -29.38 -6.54 57.18
N LYS D 123 -28.66 -7.50 56.59
CA LYS D 123 -27.80 -8.35 57.40
C LYS D 123 -26.62 -7.59 57.98
N PHE D 124 -26.23 -6.47 57.36
CA PHE D 124 -25.02 -5.76 57.73
C PHE D 124 -25.27 -4.55 58.61
N LYS D 125 -26.51 -4.31 59.05
CA LYS D 125 -26.71 -3.23 60.00
C LYS D 125 -26.05 -3.52 61.34
N ARG D 126 -25.82 -4.78 61.66
CA ARG D 126 -25.22 -5.11 62.94
C ARG D 126 -23.75 -4.69 63.03
N ILE D 127 -23.16 -4.26 61.92
CA ILE D 127 -21.79 -3.78 61.95
C ILE D 127 -21.69 -2.32 62.36
N ASN D 128 -22.80 -1.57 62.32
CA ASN D 128 -22.79 -0.14 62.58
C ASN D 128 -22.16 0.16 63.94
N PHE D 129 -21.04 0.87 63.92
CA PHE D 129 -20.21 1.05 65.11
C PHE D 129 -20.41 2.41 65.77
N ASN D 130 -20.05 3.48 65.08
CA ASN D 130 -20.30 4.84 65.52
C ASN D 130 -19.84 5.75 64.40
N ASN D 131 -20.39 6.95 64.36
CA ASN D 131 -20.15 7.89 63.27
C ASN D 131 -19.60 9.18 63.85
N SER D 132 -18.29 9.20 64.08
CA SER D 132 -17.63 10.31 64.73
C SER D 132 -17.05 11.32 63.75
N SER D 133 -16.52 10.84 62.63
CA SER D 133 -15.83 11.72 61.70
C SER D 133 -16.80 12.78 61.19
N GLU D 134 -16.24 13.94 60.84
CA GLU D 134 -17.07 15.06 60.43
C GLU D 134 -17.90 14.69 59.20
N TYR D 135 -17.27 14.03 58.23
CA TYR D 135 -17.96 13.74 56.99
C TYR D 135 -19.09 12.75 57.20
N ILE D 136 -18.86 11.67 57.96
CA ILE D 136 -19.92 10.70 58.15
C ILE D 136 -21.03 11.28 59.01
N GLU D 137 -20.68 12.09 60.01
CA GLU D 137 -21.71 12.69 60.85
C GLU D 137 -22.60 13.61 60.03
N ASN D 138 -21.98 14.46 59.22
CA ASN D 138 -22.77 15.30 58.34
C ASN D 138 -23.53 14.48 57.32
N TRP D 139 -23.01 13.32 56.93
CA TRP D 139 -23.76 12.46 56.03
C TRP D 139 -25.05 11.99 56.68
N ASN D 140 -24.97 11.56 57.93
CA ASN D 140 -26.18 11.13 58.63
C ASN D 140 -27.17 12.30 58.76
N LEU D 141 -26.67 13.46 59.15
CA LEU D 141 -27.55 14.60 59.34
C LEU D 141 -28.21 15.00 58.02
N GLN D 142 -27.45 15.02 56.94
CA GLN D 142 -28.02 15.36 55.64
C GLN D 142 -29.05 14.33 55.20
N ASN D 143 -28.75 13.03 55.39
CA ASN D 143 -29.71 12.00 55.04
C ASN D 143 -30.99 12.12 55.86
N ARG D 144 -30.92 12.77 57.01
CA ARG D 144 -32.14 13.13 57.74
C ARG D 144 -31.90 14.52 58.33
N ARG D 145 -32.28 15.56 57.59
CA ARG D 145 -31.70 16.88 57.81
C ARG D 145 -31.99 17.43 59.19
N GLN D 146 -30.93 17.52 59.98
CA GLN D 146 -30.71 18.65 60.85
C GLN D 146 -29.74 19.56 60.12
N ARG D 147 -29.62 20.81 60.58
CA ARG D 147 -28.71 21.72 59.91
C ARG D 147 -27.27 21.23 60.09
N THR D 148 -26.51 21.30 59.01
CA THR D 148 -25.16 20.76 58.98
C THR D 148 -24.16 21.85 58.61
N GLY D 149 -22.89 21.48 58.67
CA GLY D 149 -21.86 22.35 58.16
C GLY D 149 -20.50 21.70 58.21
N PHE D 150 -19.79 21.77 57.10
CA PHE D 150 -18.37 21.42 57.06
C PHE D 150 -17.58 22.68 57.27
N VAL D 151 -16.63 22.63 58.20
CA VAL D 151 -15.71 23.74 58.42
C VAL D 151 -14.53 23.54 57.48
N PHE D 152 -14.24 24.56 56.68
CA PHE D 152 -13.20 24.52 55.68
C PHE D 152 -12.17 25.60 55.94
N HIS D 153 -10.91 25.24 55.76
CA HIS D 153 -9.80 26.18 55.87
C HIS D 153 -9.41 26.63 54.47
N LYS D 154 -9.72 27.86 54.15
CA LYS D 154 -9.33 28.47 52.89
C LYS D 154 -10.01 27.73 51.76
N PRO D 155 -11.35 27.71 51.73
CA PRO D 155 -12.06 26.89 50.75
C PRO D 155 -12.00 27.52 49.37
N ASN D 156 -11.70 26.73 48.36
CA ASN D 156 -11.70 27.23 46.99
C ASN D 156 -13.14 27.23 46.49
N ILE D 157 -13.85 28.30 46.85
CA ILE D 157 -15.24 28.46 46.46
C ILE D 157 -15.39 29.25 45.17
N PHE D 158 -14.43 30.08 44.82
CA PHE D 158 -14.53 30.83 43.58
C PHE D 158 -14.01 29.99 42.41
N PRO D 159 -14.74 29.91 41.29
CA PRO D 159 -14.11 29.33 40.10
C PRO D 159 -13.01 30.24 39.63
N TYR D 160 -11.97 29.65 39.06
CA TYR D 160 -10.87 30.46 38.55
C TYR D 160 -11.38 31.37 37.45
N SER D 161 -11.19 32.67 37.63
CA SER D 161 -11.67 33.63 36.64
C SER D 161 -10.82 34.89 36.76
N ALA D 162 -9.99 35.14 35.75
CA ALA D 162 -9.24 36.37 35.62
C ALA D 162 -9.75 37.09 34.38
N SER D 163 -10.12 38.35 34.53
CA SER D 163 -10.75 39.06 33.42
C SER D 163 -10.81 40.55 33.76
N PHE D 164 -11.50 41.32 32.93
CA PHE D 164 -11.60 42.76 33.13
C PHE D 164 -12.82 43.29 32.38
N THR D 165 -13.25 44.48 32.80
CA THR D 165 -14.26 45.25 32.09
C THR D 165 -13.79 46.68 31.96
N LEU D 166 -14.14 47.29 30.83
CA LEU D 166 -13.78 48.67 30.52
C LEU D 166 -15.05 49.50 30.44
N ASN D 167 -15.28 50.32 31.46
CA ASN D 167 -16.40 51.24 31.42
C ASN D 167 -16.14 52.40 30.48
N ARG D 168 -14.87 52.73 30.23
CA ARG D 168 -14.47 53.70 29.22
C ARG D 168 -13.33 53.12 28.41
N SER D 169 -13.35 53.33 27.11
CA SER D 169 -12.40 52.67 26.22
C SER D 169 -12.28 53.45 24.93
N GLN D 170 -11.25 53.10 24.16
CA GLN D 170 -11.03 53.63 22.82
C GLN D 170 -10.49 52.50 21.95
N PRO D 171 -10.63 52.61 20.64
CA PRO D 171 -9.99 51.60 19.77
C PRO D 171 -8.50 51.56 19.93
N MET D 172 -7.86 52.70 20.17
CA MET D 172 -6.41 52.75 20.34
C MET D 172 -6.01 52.67 21.81
N HIS D 173 -6.98 52.52 22.71
CA HIS D 173 -6.74 52.12 24.10
C HIS D 173 -5.73 53.03 24.82
N ASP D 174 -5.89 54.34 24.65
CA ASP D 174 -5.07 55.28 25.41
C ASP D 174 -5.70 55.71 26.71
N ASN D 175 -7.01 55.89 26.75
CA ASN D 175 -7.71 56.44 27.91
C ASN D 175 -8.76 55.42 28.35
N LEU D 176 -8.34 54.48 29.17
CA LEU D 176 -9.21 53.43 29.68
C LEU D 176 -9.66 53.74 31.11
N MET D 177 -10.68 53.03 31.54
CA MET D 177 -11.17 53.11 32.90
C MET D 177 -12.04 51.89 33.13
N GLY D 178 -11.90 51.27 34.27
CA GLY D 178 -12.66 50.05 34.51
C GLY D 178 -12.03 49.26 35.62
N THR D 179 -12.24 47.95 35.56
CA THR D 179 -11.72 47.05 36.59
C THR D 179 -11.08 45.84 35.95
N MET D 180 -10.07 45.32 36.62
CA MET D 180 -9.52 44.01 36.37
C MET D 180 -9.71 43.19 37.62
N TRP D 181 -9.78 41.88 37.48
CA TRP D 181 -9.91 41.06 38.67
C TRP D 181 -9.42 39.65 38.41
N LEU D 182 -9.13 38.97 39.51
CA LEU D 182 -8.84 37.54 39.52
C LEU D 182 -9.48 36.97 40.77
N ASN D 183 -10.45 36.08 40.58
CA ASN D 183 -10.97 35.23 41.63
C ASN D 183 -10.37 33.85 41.45
N ALA D 184 -9.61 33.40 42.43
CA ALA D 184 -8.99 32.09 42.34
C ALA D 184 -8.90 31.48 43.73
N GLY D 185 -9.39 30.26 43.87
CA GLY D 185 -9.36 29.61 45.16
C GLY D 185 -10.16 30.40 46.17
N SER D 186 -9.48 30.95 47.16
CA SER D 186 -10.10 31.77 48.19
C SER D 186 -9.75 33.25 48.06
N GLU D 187 -9.14 33.66 46.95
CA GLU D 187 -8.64 35.00 46.73
C GLU D 187 -9.60 35.71 45.80
N ILE D 188 -9.98 36.94 46.15
CA ILE D 188 -10.54 37.90 45.20
C ILE D 188 -9.58 39.07 45.19
N GLN D 189 -8.92 39.29 44.07
CA GLN D 189 -8.05 40.44 43.89
C GLN D 189 -8.64 41.28 42.79
N VAL D 190 -9.16 42.46 43.14
CA VAL D 190 -9.85 43.32 42.20
C VAL D 190 -9.18 44.68 42.21
N ALA D 191 -8.85 45.18 41.02
CA ALA D 191 -8.14 46.44 40.88
C ALA D 191 -8.89 47.31 39.89
N GLY D 192 -9.43 48.43 40.37
CA GLY D 192 -10.02 49.41 39.49
C GLY D 192 -8.96 50.39 39.04
N PHE D 193 -8.89 50.62 37.73
CA PHE D 193 -7.90 51.50 37.14
C PHE D 193 -8.58 52.59 36.35
N ASP D 194 -7.99 53.78 36.41
CA ASP D 194 -8.38 54.92 35.60
C ASP D 194 -7.13 55.49 34.98
N TYR D 195 -7.13 55.68 33.67
CA TYR D 195 -5.94 56.19 33.00
C TYR D 195 -5.79 57.68 33.15
N SER D 196 -6.87 58.38 33.50
CA SER D 196 -6.83 59.83 33.67
C SER D 196 -6.72 60.25 35.12
N CYS D 197 -6.61 59.32 36.05
CA CYS D 197 -6.56 59.64 37.47
C CYS D 197 -7.78 60.44 37.91
N ALA D 198 -8.93 60.14 37.34
CA ALA D 198 -10.16 60.84 37.66
C ALA D 198 -10.03 62.33 37.42
N LEU D 199 -9.44 62.71 36.28
CA LEU D 199 -9.25 64.12 35.98
C LEU D 199 -10.58 64.83 35.86
N ASN D 200 -11.53 64.22 35.16
CA ASN D 200 -12.81 64.84 34.82
C ASN D 200 -13.99 64.14 35.48
N ALA D 201 -13.74 63.27 36.46
CA ALA D 201 -14.83 62.59 37.13
C ALA D 201 -15.56 63.55 38.07
N PRO D 202 -16.79 63.22 38.48
CA PRO D 202 -17.50 64.10 39.41
C PRO D 202 -16.77 64.18 40.74
N ALA D 203 -16.35 65.39 41.09
CA ALA D 203 -15.59 65.64 42.32
C ALA D 203 -14.27 64.88 42.34
N ASN D 204 -13.72 64.58 41.16
CA ASN D 204 -12.43 63.91 41.04
C ASN D 204 -12.41 62.57 41.79
N ILE D 205 -13.55 61.88 41.76
CA ILE D 205 -13.71 60.59 42.42
C ILE D 205 -14.34 59.63 41.43
N GLN D 206 -13.63 58.56 41.10
CA GLN D 206 -14.14 57.51 40.22
C GLN D 206 -14.57 56.32 41.06
N GLN D 207 -15.73 55.76 40.75
CA GLN D 207 -16.33 54.70 41.55
C GLN D 207 -16.11 53.37 40.86
N PHE D 208 -15.69 52.36 41.61
CA PHE D 208 -15.55 51.00 41.13
C PHE D 208 -16.35 50.07 42.02
N GLU D 209 -16.89 49.02 41.43
CA GLU D 209 -17.75 48.09 42.14
C GLU D 209 -17.60 46.72 41.52
N HIS D 210 -17.38 45.70 42.35
CA HIS D 210 -17.18 44.33 41.90
C HIS D 210 -18.13 43.42 42.64
N ILE D 211 -18.91 42.64 41.89
CA ILE D 211 -19.91 41.73 42.42
C ILE D 211 -19.41 40.31 42.22
N VAL D 212 -19.30 39.55 43.30
CA VAL D 212 -18.94 38.14 43.24
C VAL D 212 -20.11 37.34 43.77
N GLN D 213 -20.52 36.32 43.01
CA GLN D 213 -21.70 35.52 43.27
C GLN D 213 -21.24 34.13 43.66
N LEU D 214 -21.18 33.83 44.96
CA LEU D 214 -20.79 32.50 45.38
C LEU D 214 -21.83 31.49 44.91
N ARG D 215 -21.36 30.30 44.57
CA ARG D 215 -22.29 29.26 44.13
C ARG D 215 -23.01 28.63 45.31
N ARG D 216 -22.42 28.68 46.50
CA ARG D 216 -23.07 28.21 47.71
C ARG D 216 -22.77 29.19 48.83
N ALA D 217 -23.77 29.43 49.67
CA ALA D 217 -23.60 30.33 50.79
C ALA D 217 -22.58 29.78 51.77
N LEU D 218 -21.72 30.67 52.27
CA LEU D 218 -20.76 30.35 53.31
C LEU D 218 -21.21 30.98 54.62
N THR D 219 -20.79 30.38 55.72
CA THR D 219 -21.26 30.77 57.05
C THR D 219 -20.08 30.99 57.98
N THR D 220 -20.19 32.01 58.82
CA THR D 220 -19.18 32.34 59.83
C THR D 220 -17.79 32.40 59.22
N ALA D 221 -17.70 32.97 58.03
CA ALA D 221 -16.42 33.04 57.35
C ALA D 221 -15.56 34.14 57.94
N THR D 222 -14.26 33.89 57.97
CA THR D 222 -13.26 34.88 58.37
C THR D 222 -12.55 35.35 57.10
N ILE D 223 -12.50 36.66 56.91
CA ILE D 223 -12.06 37.26 55.66
C ILE D 223 -10.96 38.26 55.96
N THR D 224 -9.82 38.13 55.29
CA THR D 224 -8.72 39.08 55.38
C THR D 224 -8.83 40.03 54.20
N LEU D 225 -9.17 41.29 54.49
CA LEU D 225 -9.34 42.33 53.47
C LEU D 225 -8.19 43.31 53.61
N LEU D 226 -7.43 43.47 52.55
CA LEU D 226 -6.30 44.38 52.50
C LEU D 226 -6.41 45.21 51.23
N PRO D 227 -5.75 46.35 51.17
CA PRO D 227 -5.77 47.15 49.94
C PRO D 227 -4.73 46.60 48.96
N ASP D 228 -4.61 47.27 47.81
CA ASP D 228 -3.46 47.09 46.93
C ASP D 228 -3.36 45.64 46.42
N ALA D 229 -4.27 45.31 45.51
CA ALA D 229 -4.13 44.07 44.75
C ALA D 229 -2.76 44.01 44.09
N GLU D 230 -2.04 42.91 44.32
CA GLU D 230 -0.66 42.84 43.85
C GLU D 230 -0.58 42.48 42.38
N ARG D 231 -1.39 41.53 41.93
CA ARG D 231 -1.29 41.05 40.56
C ARG D 231 -1.54 42.13 39.52
N PHE D 232 -2.19 43.23 39.92
CA PHE D 232 -2.51 44.31 39.01
C PHE D 232 -1.83 45.57 39.49
N SER D 233 -0.55 45.44 39.85
CA SER D 233 0.26 46.57 40.30
C SER D 233 1.60 46.62 39.59
N PHE D 234 1.73 45.98 38.44
CA PHE D 234 2.93 46.05 37.64
C PHE D 234 2.53 46.20 36.18
N PRO D 235 3.42 46.70 35.33
CA PRO D 235 3.05 46.89 33.93
C PRO D 235 2.74 45.58 33.23
N ARG D 236 1.83 45.65 32.26
CA ARG D 236 1.40 44.49 31.52
C ARG D 236 0.99 44.93 30.13
N VAL D 237 0.83 43.95 29.23
CA VAL D 237 0.14 44.15 27.97
C VAL D 237 -0.96 43.09 27.91
N ILE D 238 -2.18 43.51 27.60
CA ILE D 238 -3.37 42.68 27.75
C ILE D 238 -4.06 42.58 26.41
N ASN D 239 -4.37 41.36 25.98
CA ASN D 239 -5.19 41.19 24.79
C ASN D 239 -6.54 41.84 25.02
N SER D 240 -7.07 42.48 23.98
CA SER D 240 -8.28 43.27 24.15
C SER D 240 -9.48 42.37 24.40
N ALA D 241 -10.63 43.01 24.62
CA ALA D 241 -11.86 42.27 24.83
C ALA D 241 -12.22 41.46 23.60
N ASP D 242 -12.05 42.04 22.42
CA ASP D 242 -12.29 41.31 21.19
C ASP D 242 -11.15 40.36 20.87
N GLY D 243 -9.93 40.66 21.33
CA GLY D 243 -8.76 39.86 21.02
C GLY D 243 -8.02 40.32 19.79
N ALA D 244 -8.49 41.35 19.10
CA ALA D 244 -7.83 41.79 17.89
C ALA D 244 -6.46 42.41 18.17
N THR D 245 -6.39 43.24 19.21
CA THR D 245 -5.21 44.04 19.46
C THR D 245 -4.92 44.02 20.96
N THR D 246 -3.67 44.27 21.32
CA THR D 246 -3.26 44.32 22.72
C THR D 246 -3.13 45.77 23.17
N TRP D 247 -3.32 45.99 24.47
CA TRP D 247 -3.22 47.33 25.04
C TRP D 247 -2.33 47.32 26.27
N PHE D 248 -1.59 48.40 26.45
CA PHE D 248 -0.64 48.53 27.54
C PHE D 248 -1.35 48.92 28.82
N PHE D 249 -0.75 48.58 29.95
CA PHE D 249 -1.29 48.92 31.25
C PHE D 249 -0.11 49.18 32.18
N ASN D 250 -0.08 50.35 32.80
CA ASN D 250 1.10 50.87 33.48
C ASN D 250 0.69 51.44 34.83
N PRO D 251 0.49 50.59 35.83
CA PRO D 251 -0.14 51.06 37.06
C PRO D 251 0.71 52.03 37.85
N ILE D 252 0.02 52.92 38.54
CA ILE D 252 0.55 53.68 39.67
C ILE D 252 -0.45 53.50 40.79
N ILE D 253 -0.03 52.94 41.91
CA ILE D 253 -0.95 52.51 42.94
C ILE D 253 -1.28 53.69 43.85
N LEU D 254 -2.50 54.20 43.73
CA LEU D 254 -3.09 54.99 44.78
C LEU D 254 -3.85 54.05 45.71
N ARG D 255 -4.22 54.54 46.87
CA ARG D 255 -5.01 53.73 47.78
C ARG D 255 -6.49 53.82 47.43
N PRO D 256 -7.29 52.82 47.78
CA PRO D 256 -8.74 52.95 47.62
C PRO D 256 -9.36 53.65 48.81
N ASN D 257 -10.08 54.75 48.61
CA ASN D 257 -10.63 55.51 49.71
C ASN D 257 -12.12 55.19 49.89
N ASN D 258 -12.57 55.31 51.14
CA ASN D 258 -13.89 54.88 51.61
C ASN D 258 -14.35 53.60 50.92
N VAL D 259 -13.50 52.58 50.97
CA VAL D 259 -13.90 51.26 50.51
C VAL D 259 -14.99 50.73 51.41
N GLU D 260 -16.08 50.27 50.79
CA GLU D 260 -17.16 49.56 51.45
C GLU D 260 -17.19 48.14 50.91
N VAL D 261 -17.43 47.18 51.79
CA VAL D 261 -17.55 45.78 51.41
C VAL D 261 -18.82 45.24 52.05
N GLU D 262 -19.71 44.70 51.22
CA GLU D 262 -21.01 44.21 51.66
C GLU D 262 -21.09 42.71 51.41
N PHE D 263 -21.56 41.98 52.41
CA PHE D 263 -21.78 40.55 52.33
C PHE D 263 -23.29 40.34 52.36
N LEU D 264 -23.83 39.86 51.24
CA LEU D 264 -25.26 39.75 51.00
C LEU D 264 -25.67 38.29 50.95
N LEU D 265 -26.88 38.03 51.42
CA LEU D 265 -27.50 36.71 51.32
C LEU D 265 -28.90 36.89 50.76
N ASN D 266 -29.17 36.31 49.60
CA ASN D 266 -30.48 36.37 48.97
C ASN D 266 -30.92 37.81 48.70
N GLY D 267 -29.97 38.71 48.45
CA GLY D 267 -30.25 40.05 48.03
C GLY D 267 -30.25 41.10 49.12
N GLN D 268 -30.37 40.70 50.38
CA GLN D 268 -30.32 41.64 51.49
C GLN D 268 -28.93 41.66 52.10
N ILE D 269 -28.51 42.84 52.55
CA ILE D 269 -27.18 43.02 53.11
C ILE D 269 -27.15 42.42 54.51
N ILE D 270 -26.36 41.36 54.68
CA ILE D 270 -26.16 40.75 55.99
C ILE D 270 -25.11 41.50 56.77
N ASN D 271 -23.94 41.74 56.17
CA ASN D 271 -22.86 42.46 56.83
C ASN D 271 -22.35 43.56 55.91
N THR D 272 -21.82 44.61 56.53
CA THR D 272 -21.22 45.70 55.78
C THR D 272 -20.10 46.30 56.61
N TYR D 273 -18.97 46.53 55.95
CA TYR D 273 -17.81 47.12 56.59
C TYR D 273 -17.32 48.28 55.74
N GLN D 274 -16.85 49.34 56.39
CA GLN D 274 -16.46 50.56 55.71
C GLN D 274 -15.10 51.00 56.19
N ALA D 275 -14.11 50.93 55.31
CA ALA D 275 -12.74 51.30 55.62
C ALA D 275 -12.19 50.49 56.79
N ARG D 276 -12.61 49.23 56.91
CA ARG D 276 -12.07 48.30 57.87
C ARG D 276 -11.26 47.27 57.10
N PHE D 277 -9.98 47.18 57.42
CA PHE D 277 -9.08 46.19 56.83
C PHE D 277 -8.66 45.20 57.90
N GLY D 278 -7.79 44.29 57.53
CA GLY D 278 -7.42 43.22 58.43
C GLY D 278 -8.46 42.10 58.38
N THR D 279 -8.61 41.43 59.51
CA THR D 279 -9.56 40.34 59.60
C THR D 279 -10.95 40.86 59.95
N ILE D 280 -11.94 40.35 59.23
CA ILE D 280 -13.34 40.66 59.44
C ILE D 280 -14.09 39.34 59.36
N VAL D 281 -15.39 39.39 59.64
CA VAL D 281 -16.21 38.18 59.62
C VAL D 281 -17.44 38.44 58.78
N ALA D 282 -17.96 37.36 58.20
CA ALA D 282 -19.23 37.38 57.49
C ALA D 282 -20.10 36.29 58.10
N ARG D 283 -21.27 36.69 58.61
CA ARG D 283 -22.14 35.74 59.29
C ARG D 283 -22.59 34.65 58.33
N ASN D 284 -23.32 35.04 57.30
CA ASN D 284 -23.87 34.10 56.33
C ASN D 284 -24.05 34.89 55.05
N PHE D 285 -23.25 34.58 54.03
CA PHE D 285 -23.21 35.42 52.84
C PHE D 285 -23.13 34.57 51.59
N ASP D 286 -23.79 35.05 50.55
CA ASP D 286 -23.85 34.40 49.26
C ASP D 286 -23.26 35.24 48.14
N THR D 287 -23.15 36.55 48.32
CA THR D 287 -22.49 37.40 47.35
C THR D 287 -21.69 38.45 48.09
N ILE D 288 -20.68 38.97 47.40
CA ILE D 288 -19.79 40.00 47.94
C ILE D 288 -19.81 41.18 46.98
N ARG D 289 -20.06 42.38 47.50
CA ARG D 289 -19.96 43.61 46.75
C ARG D 289 -18.80 44.40 47.32
N LEU D 290 -17.72 44.50 46.56
CA LEU D 290 -16.57 45.33 46.92
C LEU D 290 -16.71 46.63 46.14
N SER D 291 -17.12 47.69 46.83
CA SER D 291 -17.22 49.01 46.25
C SER D 291 -16.07 49.85 46.79
N PHE D 292 -15.36 50.52 45.92
CA PHE D 292 -14.25 51.37 46.35
C PHE D 292 -14.14 52.53 45.37
N GLN D 293 -13.20 53.42 45.65
CA GLN D 293 -13.12 54.69 44.92
C GLN D 293 -11.67 55.05 44.65
N LEU D 294 -11.49 55.87 43.63
CA LEU D 294 -10.20 56.44 43.26
C LEU D 294 -10.38 57.94 43.31
N MET D 295 -9.84 58.58 44.33
CA MET D 295 -9.87 60.03 44.45
C MET D 295 -8.56 60.59 43.95
N ARG D 296 -8.63 61.53 43.04
CA ARG D 296 -7.42 62.23 42.61
C ARG D 296 -6.88 63.01 43.80
N PRO D 297 -5.58 62.94 44.10
CA PRO D 297 -5.07 63.67 45.27
C PRO D 297 -5.25 65.17 45.11
N PRO D 298 -5.90 65.85 46.07
CA PRO D 298 -6.02 67.31 45.94
C PRO D 298 -4.68 68.00 45.88
N ASN D 299 -3.86 67.79 46.91
CA ASN D 299 -2.50 68.32 46.94
C ASN D 299 -1.56 67.29 46.32
N MET D 300 -0.58 67.76 45.57
CA MET D 300 0.31 66.88 44.84
C MET D 300 1.71 67.47 44.83
N THR D 301 2.70 66.63 45.09
CA THR D 301 4.08 67.02 44.99
C THR D 301 4.42 67.30 43.54
N PRO D 302 5.52 68.02 43.27
CA PRO D 302 5.99 68.12 41.88
C PRO D 302 6.06 66.80 41.15
N ALA D 303 6.54 65.73 41.79
CA ALA D 303 6.70 64.45 41.10
C ALA D 303 5.35 63.90 40.65
N VAL D 304 4.39 63.80 41.57
CA VAL D 304 3.10 63.23 41.19
C VAL D 304 2.38 64.15 40.22
N ASN D 305 2.56 65.46 40.35
CA ASN D 305 1.94 66.37 39.40
C ASN D 305 2.49 66.15 37.99
N ALA D 306 3.79 65.91 37.89
CA ALA D 306 4.37 65.56 36.59
C ALA D 306 3.85 64.22 36.11
N LEU D 307 3.51 63.32 37.04
CA LEU D 307 2.99 62.02 36.64
C LEU D 307 1.61 62.12 36.01
N PHE D 308 0.72 62.89 36.65
CA PHE D 308 -0.68 62.98 36.22
C PHE D 308 -0.94 64.30 35.50
N PRO D 309 -0.90 64.36 34.16
CA PRO D 309 -1.16 65.63 33.48
C PRO D 309 -2.63 65.86 33.20
N GLN D 310 -2.96 66.98 32.57
CA GLN D 310 -4.33 67.28 32.16
C GLN D 310 -4.62 66.93 30.71
N ALA D 311 -3.61 66.53 29.94
CA ALA D 311 -3.78 66.25 28.52
C ALA D 311 -3.93 64.75 28.29
N GLN D 312 -4.11 64.37 27.03
CA GLN D 312 -4.40 62.97 26.73
C GLN D 312 -3.25 61.99 26.92
N PRO D 313 -1.93 62.34 26.76
CA PRO D 313 -0.89 61.31 26.70
C PRO D 313 -0.98 60.22 27.77
N PHE D 314 -1.04 60.60 29.05
CA PHE D 314 -1.32 59.67 30.13
C PHE D 314 -0.35 58.48 30.11
N GLN D 315 0.94 58.77 30.31
CA GLN D 315 1.93 57.71 30.31
C GLN D 315 1.68 56.72 31.44
N HIS D 316 1.37 57.21 32.63
CA HIS D 316 1.15 56.38 33.81
C HIS D 316 -0.33 56.38 34.15
N HIS D 317 -0.85 55.24 34.62
CA HIS D 317 -2.28 55.04 34.78
C HIS D 317 -2.58 54.68 36.22
N ALA D 318 -3.45 55.46 36.86
CA ALA D 318 -3.70 55.28 38.28
C ALA D 318 -4.55 54.05 38.51
N THR D 319 -4.29 53.33 39.60
CA THR D 319 -5.08 52.18 39.96
C THR D 319 -5.17 52.07 41.47
N VAL D 320 -6.28 51.48 41.92
CA VAL D 320 -6.50 51.18 43.33
C VAL D 320 -7.14 49.80 43.39
N GLY D 321 -6.69 48.97 44.34
CA GLY D 321 -7.13 47.60 44.38
C GLY D 321 -7.37 47.10 45.80
N LEU D 322 -8.10 46.00 45.86
CA LEU D 322 -8.35 45.27 47.09
C LEU D 322 -8.00 43.81 46.89
N THR D 323 -7.55 43.20 47.98
CA THR D 323 -7.32 41.77 48.07
C THR D 323 -8.18 41.24 49.20
N LEU D 324 -8.78 40.07 48.99
CA LEU D 324 -9.75 39.51 49.92
C LEU D 324 -9.55 38.01 49.97
N ARG D 325 -9.07 37.50 51.10
CA ARG D 325 -8.83 36.09 51.30
C ARG D 325 -9.86 35.54 52.26
N ILE D 326 -10.59 34.50 51.84
CA ILE D 326 -11.47 33.82 52.78
C ILE D 326 -10.64 32.79 53.52
N GLU D 327 -10.13 33.14 54.71
CA GLU D 327 -9.23 32.25 55.43
C GLU D 327 -9.94 30.97 55.87
N SER D 328 -11.17 31.09 56.37
CA SER D 328 -11.91 29.93 56.82
C SER D 328 -13.39 30.20 56.64
N ALA D 329 -14.18 29.13 56.63
CA ALA D 329 -15.61 29.29 56.44
C ALA D 329 -16.30 28.00 56.83
N VAL D 330 -17.63 28.05 56.82
CA VAL D 330 -18.47 26.88 57.11
C VAL D 330 -19.53 26.81 56.03
N CYS D 331 -19.58 25.69 55.32
CA CYS D 331 -20.47 25.51 54.19
C CYS D 331 -21.38 24.31 54.45
N GLU D 332 -22.66 24.46 54.12
CA GLU D 332 -23.58 23.33 54.25
C GLU D 332 -23.20 22.21 53.30
N SER D 333 -22.81 22.56 52.07
CA SER D 333 -22.37 21.58 51.10
C SER D 333 -20.87 21.41 51.20
N VAL D 334 -20.33 20.49 50.41
CA VAL D 334 -18.93 20.11 50.48
C VAL D 334 -18.15 20.89 49.43
N LEU D 335 -16.88 21.16 49.74
CA LEU D 335 -16.00 21.89 48.84
C LEU D 335 -14.58 21.40 49.03
N ALA D 336 -13.75 21.62 48.02
CA ALA D 336 -12.33 21.42 48.20
C ALA D 336 -11.75 22.53 49.06
N ASP D 337 -10.57 22.27 49.60
CA ASP D 337 -9.91 23.20 50.52
C ASP D 337 -8.43 23.27 50.16
N ALA D 338 -7.66 23.81 51.09
CA ALA D 338 -6.22 23.66 51.09
C ALA D 338 -5.74 22.71 52.18
N ASN D 339 -6.64 22.23 53.04
CA ASN D 339 -6.27 21.38 54.17
C ASN D 339 -6.70 19.94 54.01
N GLU D 340 -7.65 19.65 53.13
CA GLU D 340 -8.21 18.32 52.96
C GLU D 340 -7.84 17.77 51.59
N THR D 341 -7.45 16.50 51.57
CA THR D 341 -7.04 15.81 50.35
C THR D 341 -8.17 14.98 49.75
N LEU D 342 -9.41 15.31 50.04
CA LEU D 342 -10.52 14.51 49.54
C LEU D 342 -10.64 14.60 48.03
N LEU D 343 -10.65 15.82 47.49
CA LEU D 343 -10.73 15.98 46.05
C LEU D 343 -9.53 15.36 45.37
N ALA D 344 -8.34 15.52 45.96
CA ALA D 344 -7.15 14.92 45.39
C ALA D 344 -7.28 13.40 45.35
N ASN D 345 -7.80 12.80 46.42
CA ASN D 345 -7.94 11.35 46.45
C ASN D 345 -8.90 10.88 45.36
N VAL D 346 -10.05 11.55 45.25
CA VAL D 346 -11.04 11.12 44.27
C VAL D 346 -10.48 11.25 42.85
N THR D 347 -9.88 12.39 42.56
CA THR D 347 -9.35 12.61 41.22
C THR D 347 -8.21 11.65 40.92
N ALA D 348 -7.36 11.37 41.89
CA ALA D 348 -6.27 10.44 41.67
C ALA D 348 -6.81 9.04 41.39
N VAL D 349 -7.84 8.63 42.12
CA VAL D 349 -8.41 7.31 41.88
C VAL D 349 -8.94 7.23 40.46
N ARG D 350 -9.64 8.27 40.01
CA ARG D 350 -10.18 8.22 38.65
C ARG D 350 -9.06 8.23 37.61
N GLN D 351 -8.03 9.03 37.83
CA GLN D 351 -6.94 9.13 36.86
C GLN D 351 -6.15 7.84 36.76
N GLU D 352 -5.91 7.18 37.90
CA GLU D 352 -5.10 5.98 37.92
C GLU D 352 -5.68 4.89 37.05
N TYR D 353 -6.99 4.72 37.09
CA TYR D 353 -7.68 3.64 36.39
C TYR D 353 -8.37 4.11 35.12
N ALA D 354 -8.30 5.38 34.78
CA ALA D 354 -8.74 5.87 33.47
C ALA D 354 -10.23 5.60 33.26
N ILE D 355 -11.03 6.06 34.21
CA ILE D 355 -12.47 5.87 34.11
C ILE D 355 -12.99 6.75 32.97
N PRO D 356 -13.87 6.26 32.10
CA PRO D 356 -14.43 7.15 31.08
C PRO D 356 -15.26 8.25 31.74
N VAL D 357 -15.33 9.39 31.06
CA VAL D 357 -16.09 10.53 31.58
C VAL D 357 -17.54 10.10 31.78
N GLY D 358 -18.03 10.28 32.99
CA GLY D 358 -19.37 9.88 33.34
C GLY D 358 -20.38 10.94 32.96
N PRO D 359 -21.64 10.72 33.33
CA PRO D 359 -22.67 11.66 32.90
C PRO D 359 -22.68 12.96 33.69
N VAL D 360 -22.29 12.94 34.97
CA VAL D 360 -22.52 14.10 35.84
C VAL D 360 -21.26 14.95 36.01
N PHE D 361 -20.16 14.35 36.43
CA PHE D 361 -18.97 15.14 36.70
C PHE D 361 -18.34 15.61 35.40
N PRO D 362 -17.52 16.66 35.45
CA PRO D 362 -16.84 17.11 34.24
C PRO D 362 -15.60 16.28 33.99
N PRO D 363 -15.01 16.39 32.80
CA PRO D 363 -13.82 15.58 32.51
C PRO D 363 -12.68 15.93 33.45
N GLY D 364 -11.95 14.90 33.87
CA GLY D 364 -10.80 15.10 34.73
C GLY D 364 -11.10 15.67 36.09
N MET D 365 -12.37 15.66 36.51
CA MET D 365 -12.77 16.29 37.77
C MET D 365 -12.27 17.73 37.84
N ASN D 366 -12.40 18.44 36.73
CA ASN D 366 -11.92 19.81 36.65
C ASN D 366 -12.68 20.68 37.63
N TRP D 367 -12.04 21.03 38.74
CA TRP D 367 -12.78 21.67 39.83
C TRP D 367 -13.33 23.02 39.42
N THR D 368 -12.66 23.72 38.51
CA THR D 368 -13.18 25.02 38.08
C THR D 368 -14.54 24.87 37.41
N GLU D 369 -14.64 23.95 36.45
CA GLU D 369 -15.94 23.68 35.84
C GLU D 369 -16.92 23.13 36.85
N LEU D 370 -16.44 22.28 37.76
CA LEU D 370 -17.34 21.63 38.70
C LEU D 370 -17.99 22.65 39.62
N ILE D 371 -17.23 23.63 40.08
CA ILE D 371 -17.82 24.66 40.93
C ILE D 371 -18.59 25.67 40.10
N THR D 372 -18.17 25.93 38.85
CA THR D 372 -18.92 26.83 38.00
C THR D 372 -20.35 26.35 37.83
N ASN D 373 -20.53 25.09 37.46
CA ASN D 373 -21.84 24.45 37.34
C ASN D 373 -21.94 23.40 38.42
N TYR D 374 -22.71 23.69 39.46
CA TYR D 374 -22.74 22.91 40.69
C TYR D 374 -24.16 22.50 41.03
N SER D 375 -24.85 21.89 40.06
CA SER D 375 -26.25 21.53 40.24
C SER D 375 -26.42 20.56 41.42
N PRO D 376 -27.64 20.40 41.93
CA PRO D 376 -27.83 19.55 43.11
C PRO D 376 -27.42 18.09 42.90
N SER D 377 -27.63 17.53 41.72
CA SER D 377 -27.19 16.16 41.48
C SER D 377 -25.68 16.07 41.57
N ARG D 378 -24.98 17.04 40.98
CA ARG D 378 -23.54 17.10 41.09
C ARG D 378 -23.11 17.24 42.54
N GLU D 379 -23.83 18.04 43.31
CA GLU D 379 -23.51 18.20 44.73
C GLU D 379 -23.65 16.88 45.48
N ASP D 380 -24.73 16.15 45.23
CA ASP D 380 -24.95 14.89 45.92
C ASP D 380 -23.86 13.89 45.57
N ASN D 381 -23.53 13.78 44.29
CA ASN D 381 -22.47 12.85 43.89
C ASN D 381 -21.15 13.25 44.51
N LEU D 382 -20.86 14.55 44.53
CA LEU D 382 -19.62 15.00 45.13
C LEU D 382 -19.56 14.65 46.60
N GLN D 383 -20.68 14.83 47.31
CA GLN D 383 -20.69 14.49 48.73
C GLN D 383 -20.46 13.00 48.93
N ARG D 384 -21.10 12.16 48.10
CA ARG D 384 -20.94 10.72 48.25
C ARG D 384 -19.49 10.30 48.03
N VAL D 385 -18.89 10.75 46.92
CA VAL D 385 -17.54 10.32 46.65
C VAL D 385 -16.58 10.92 47.67
N PHE D 386 -16.85 12.12 48.17
CA PHE D 386 -15.98 12.70 49.19
C PHE D 386 -16.06 11.94 50.50
N THR D 387 -17.25 11.58 50.96
CA THR D 387 -17.32 10.82 52.20
C THR D 387 -16.69 9.44 52.04
N VAL D 388 -16.84 8.82 50.87
CA VAL D 388 -16.18 7.54 50.68
C VAL D 388 -14.68 7.72 50.64
N ALA D 389 -14.20 8.82 50.08
CA ALA D 389 -12.77 9.10 50.09
C ALA D 389 -12.27 9.29 51.51
N SER D 390 -13.05 9.95 52.35
CA SER D 390 -12.69 10.08 53.75
C SER D 390 -12.59 8.71 54.42
N ILE D 391 -13.58 7.85 54.15
CA ILE D 391 -13.57 6.52 54.73
C ILE D 391 -12.34 5.75 54.29
N ARG D 392 -11.95 5.92 53.02
CA ARG D 392 -10.73 5.27 52.56
C ARG D 392 -9.52 5.83 53.27
N SER D 393 -9.42 7.15 53.35
CA SER D 393 -8.27 7.80 53.99
C SER D 393 -8.14 7.39 55.44
N MET D 394 -9.21 6.94 56.08
CA MET D 394 -9.07 6.45 57.44
C MET D 394 -8.13 5.25 57.55
N LEU D 395 -7.88 4.54 56.45
CA LEU D 395 -7.01 3.38 56.43
C LEU D 395 -5.82 3.50 55.50
N ILE D 396 -6.04 3.99 54.28
CA ILE D 396 -5.01 4.02 53.25
C ILE D 396 -4.58 5.47 53.04
N LYS D 397 -3.29 5.72 53.18
CA LYS D 397 -2.73 7.04 52.92
C LYS D 397 -1.58 6.92 51.93
N MET E 1 -18.11 25.51 83.92
CA MET E 1 -18.04 25.38 82.43
C MET E 1 -17.53 24.01 82.04
N GLU E 2 -16.72 23.40 82.90
CA GLU E 2 -16.40 22.00 82.71
C GLU E 2 -17.67 21.16 82.66
N VAL E 3 -18.70 21.56 83.39
CA VAL E 3 -19.99 20.88 83.30
C VAL E 3 -20.60 21.07 81.91
N LEU E 4 -20.52 22.28 81.37
CA LEU E 4 -21.08 22.50 80.05
C LEU E 4 -20.34 21.71 78.99
N TYR E 5 -19.01 21.67 79.07
CA TYR E 5 -18.26 20.84 78.14
C TYR E 5 -18.64 19.39 78.31
N SER E 6 -18.94 18.97 79.54
CA SER E 6 -19.32 17.59 79.77
C SER E 6 -20.66 17.26 79.12
N LEU E 7 -21.66 18.12 79.29
CA LEU E 7 -22.93 17.89 78.60
C LEU E 7 -22.75 17.89 77.09
N SER E 8 -21.97 18.82 76.56
CA SER E 8 -21.78 18.83 75.11
C SER E 8 -21.06 17.57 74.65
N LYS E 9 -20.05 17.14 75.38
CA LYS E 9 -19.31 15.94 74.99
C LYS E 9 -20.21 14.72 75.02
N THR E 10 -20.98 14.55 76.09
CA THR E 10 -21.83 13.37 76.16
C THR E 10 -22.94 13.42 75.14
N LEU E 11 -23.41 14.61 74.76
CA LEU E 11 -24.46 14.66 73.75
C LEU E 11 -23.92 14.39 72.36
N LYS E 12 -22.73 14.91 72.04
CA LYS E 12 -22.10 14.54 70.78
C LYS E 12 -21.85 13.04 70.74
N ASP E 13 -21.39 12.47 71.85
CA ASP E 13 -21.16 11.05 71.90
C ASP E 13 -22.46 10.27 71.78
N ALA E 14 -23.57 10.79 72.29
CA ALA E 14 -24.84 10.10 72.14
C ALA E 14 -25.33 10.15 70.70
N ARG E 15 -25.28 11.33 70.09
CA ARG E 15 -25.67 11.45 68.69
C ARG E 15 -24.79 10.59 67.80
N ASP E 16 -23.56 10.33 68.22
CA ASP E 16 -22.64 9.51 67.45
C ASP E 16 -22.85 8.02 67.71
N LYS E 17 -22.63 7.58 68.94
CA LYS E 17 -22.55 6.16 69.25
C LYS E 17 -23.91 5.49 69.30
N ILE E 18 -24.96 6.21 69.69
CA ILE E 18 -26.29 5.61 69.71
C ILE E 18 -26.86 5.71 68.31
N VAL E 19 -26.61 4.68 67.51
CA VAL E 19 -27.19 4.56 66.18
C VAL E 19 -27.67 3.13 66.02
N GLU E 20 -28.54 2.92 65.04
CA GLU E 20 -29.15 1.62 64.86
C GLU E 20 -28.09 0.58 64.52
N GLY E 21 -28.17 -0.57 65.18
CA GLY E 21 -27.33 -1.69 64.88
C GLY E 21 -26.16 -1.88 65.82
N THR E 22 -25.75 -0.84 66.54
CA THR E 22 -24.56 -0.97 67.37
C THR E 22 -24.81 -1.93 68.51
N LEU E 23 -23.78 -2.67 68.89
CA LEU E 23 -23.90 -3.54 70.04
C LEU E 23 -24.12 -2.69 71.28
N TYR E 24 -24.77 -3.27 72.28
CA TYR E 24 -24.94 -2.52 73.51
C TYR E 24 -23.62 -2.31 74.22
N SER E 25 -22.63 -3.17 73.98
CA SER E 25 -21.34 -2.99 74.63
C SER E 25 -20.64 -1.75 74.11
N ASN E 26 -20.91 -1.36 72.87
CA ASN E 26 -20.31 -0.15 72.32
C ASN E 26 -20.79 1.10 73.02
N VAL E 27 -21.92 1.05 73.72
CA VAL E 27 -22.54 2.26 74.27
C VAL E 27 -22.95 2.08 75.72
N SER E 28 -22.52 1.00 76.38
CA SER E 28 -22.95 0.79 77.76
C SER E 28 -22.48 1.92 78.68
N ASP E 29 -21.20 2.23 78.66
CA ASP E 29 -20.68 3.27 79.54
C ASP E 29 -21.26 4.63 79.16
N LEU E 30 -21.41 4.89 77.86
CA LEU E 30 -22.03 6.14 77.45
C LEU E 30 -23.45 6.24 77.93
N ILE E 31 -24.19 5.14 77.91
CA ILE E 31 -25.56 5.17 78.39
C ILE E 31 -25.57 5.43 79.88
N GLN E 32 -24.60 4.91 80.61
CA GLN E 32 -24.50 5.23 82.03
C GLN E 32 -24.28 6.72 82.24
N GLN E 33 -23.39 7.32 81.45
CA GLN E 33 -23.15 8.76 81.55
C GLN E 33 -24.42 9.53 81.21
N PHE E 34 -25.12 9.12 80.17
CA PHE E 34 -26.33 9.81 79.74
C PHE E 34 -27.41 9.72 80.81
N ASN E 35 -27.57 8.56 81.43
CA ASN E 35 -28.56 8.42 82.49
C ASN E 35 -28.18 9.27 83.70
N GLN E 36 -26.88 9.36 84.00
CA GLN E 36 -26.46 10.27 85.07
C GLN E 36 -26.85 11.70 84.74
N MET E 37 -26.61 12.13 83.50
CA MET E 37 -26.97 13.48 83.09
C MET E 37 -28.48 13.69 83.19
N ILE E 38 -29.26 12.72 82.72
CA ILE E 38 -30.71 12.86 82.75
C ILE E 38 -31.21 12.98 84.18
N VAL E 39 -30.74 12.10 85.06
CA VAL E 39 -31.22 12.13 86.43
C VAL E 39 -30.80 13.41 87.13
N THR E 40 -29.63 13.93 86.80
CA THR E 40 -29.20 15.17 87.45
C THR E 40 -29.97 16.37 86.91
N MET E 41 -30.33 16.37 85.63
CA MET E 41 -30.99 17.52 85.02
C MET E 41 -32.51 17.49 85.15
N ASN E 42 -33.10 16.36 85.51
CA ASN E 42 -34.54 16.30 85.66
C ASN E 42 -34.98 17.19 86.82
N GLY E 43 -36.16 17.78 86.66
CA GLY E 43 -36.71 18.63 87.71
C GLY E 43 -35.85 19.84 88.01
N ASN E 44 -35.30 20.47 86.98
CA ASN E 44 -34.48 21.66 87.12
C ASN E 44 -34.88 22.63 86.02
N ASP E 45 -35.30 23.83 86.39
CA ASP E 45 -35.76 24.83 85.43
C ASP E 45 -34.60 25.76 85.10
N PHE E 46 -34.27 25.86 83.82
CA PHE E 46 -33.27 26.80 83.33
C PHE E 46 -33.95 27.87 82.50
N GLN E 47 -33.38 29.06 82.51
CA GLN E 47 -33.83 30.14 81.66
C GLN E 47 -32.64 30.68 80.88
N THR E 48 -32.87 30.99 79.61
CA THR E 48 -31.81 31.41 78.71
C THR E 48 -32.25 32.64 77.94
N GLY E 49 -31.30 33.54 77.71
CA GLY E 49 -31.54 34.73 76.91
C GLY E 49 -31.74 35.97 77.75
N GLY E 50 -32.37 36.96 77.13
CA GLY E 50 -32.68 38.22 77.78
C GLY E 50 -31.75 39.36 77.48
N ILE E 51 -30.86 39.23 76.50
CA ILE E 51 -29.95 40.29 76.11
C ILE E 51 -30.01 40.43 74.59
N GLY E 52 -30.08 41.66 74.12
CA GLY E 52 -30.24 41.87 72.69
C GLY E 52 -31.52 41.24 72.20
N ASN E 53 -31.41 40.47 71.13
CA ASN E 53 -32.56 39.82 70.51
C ASN E 53 -32.66 38.34 70.86
N LEU E 54 -31.85 37.84 71.79
CA LEU E 54 -32.05 36.48 72.26
C LEU E 54 -33.39 36.41 72.99
N PRO E 55 -34.32 35.57 72.57
CA PRO E 55 -35.61 35.52 73.27
C PRO E 55 -35.50 34.69 74.53
N ILE E 56 -36.27 35.10 75.53
CA ILE E 56 -36.30 34.34 76.77
C ILE E 56 -36.86 32.97 76.48
N ARG E 57 -36.07 31.94 76.73
CA ARG E 57 -36.50 30.55 76.62
C ARG E 57 -36.42 29.88 77.97
N ASN E 58 -37.33 28.94 78.21
CA ASN E 58 -37.39 28.21 79.46
C ASN E 58 -37.25 26.73 79.15
N TRP E 59 -36.43 26.04 79.95
CA TRP E 59 -36.13 24.63 79.76
C TRP E 59 -36.49 23.87 81.01
N THR E 60 -37.29 22.82 80.85
CA THR E 60 -37.62 21.89 81.91
C THR E 60 -37.43 20.48 81.38
N PHE E 61 -36.90 19.60 82.22
CA PHE E 61 -36.54 18.24 81.83
C PHE E 61 -37.33 17.25 82.66
N ASP E 62 -38.09 16.37 81.99
CA ASP E 62 -38.59 15.14 82.59
C ASP E 62 -38.47 14.07 81.51
N PHE E 63 -37.33 13.40 81.47
CA PHE E 63 -37.01 12.41 80.46
C PHE E 63 -36.71 11.08 81.12
N GLY E 64 -37.18 10.00 80.50
CA GLY E 64 -36.86 8.68 80.98
C GLY E 64 -35.48 8.25 80.57
N LEU E 65 -34.91 7.33 81.35
CA LEU E 65 -33.58 6.84 81.06
C LEU E 65 -33.59 5.97 79.81
N LEU E 66 -32.39 5.66 79.33
CA LEU E 66 -32.23 4.88 78.10
C LEU E 66 -32.09 3.42 78.44
N GLY E 67 -32.89 2.59 77.79
CA GLY E 67 -33.04 1.19 78.18
C GLY E 67 -31.78 0.38 77.96
N THR E 68 -31.77 -0.80 78.56
CA THR E 68 -30.59 -1.66 78.55
C THR E 68 -30.86 -3.15 78.36
N THR E 69 -32.09 -3.63 78.52
CA THR E 69 -32.31 -5.08 78.55
C THR E 69 -32.00 -5.75 77.22
N LEU E 70 -31.84 -4.96 76.16
CA LEU E 70 -31.53 -5.49 74.84
C LEU E 70 -30.11 -6.03 74.79
N LEU E 71 -29.76 -6.55 73.61
CA LEU E 71 -28.43 -7.07 73.33
C LEU E 71 -27.84 -6.54 72.02
N ASN E 72 -28.57 -5.69 71.30
CA ASN E 72 -28.07 -5.01 70.11
C ASN E 72 -29.06 -3.92 69.71
N LEU E 73 -28.60 -2.69 69.49
CA LEU E 73 -29.51 -1.56 69.34
C LEU E 73 -30.39 -1.71 68.10
N ASP E 74 -31.57 -1.08 68.17
CA ASP E 74 -32.60 -1.18 67.15
C ASP E 74 -33.19 0.20 66.90
N ALA E 75 -34.18 0.27 66.02
CA ALA E 75 -34.68 1.57 65.55
C ALA E 75 -35.44 2.30 66.65
N ASN E 76 -36.24 1.59 67.44
CA ASN E 76 -37.03 2.26 68.47
C ASN E 76 -36.13 2.97 69.47
N TYR E 77 -35.08 2.27 69.91
CA TYR E 77 -34.15 2.83 70.88
C TYR E 77 -33.59 4.15 70.40
N VAL E 78 -33.05 4.15 69.18
CA VAL E 78 -32.45 5.37 68.67
C VAL E 78 -33.52 6.44 68.48
N GLU E 79 -34.77 6.07 68.20
CA GLU E 79 -35.81 7.08 68.04
C GLU E 79 -36.07 7.82 69.33
N THR E 80 -36.29 7.09 70.43
CA THR E 80 -36.55 7.78 71.69
C THR E 80 -35.33 8.57 72.13
N ALA E 81 -34.15 7.96 71.99
CA ALA E 81 -32.93 8.69 72.32
C ALA E 81 -32.80 9.95 71.51
N ARG E 82 -33.24 9.92 70.24
CA ARG E 82 -33.17 11.10 69.38
C ARG E 82 -34.11 12.18 69.84
N THR E 83 -35.32 11.79 70.23
CA THR E 83 -36.27 12.77 70.77
C THR E 83 -35.67 13.48 71.98
N THR E 84 -34.95 12.76 72.83
CA THR E 84 -34.30 13.43 73.95
C THR E 84 -33.10 14.26 73.51
N ILE E 85 -32.30 13.72 72.61
CA ILE E 85 -31.01 14.32 72.28
C ILE E 85 -31.20 15.64 71.58
N GLU E 86 -32.22 15.75 70.73
CA GLU E 86 -32.41 17.02 70.03
C GLU E 86 -32.71 18.13 71.02
N TYR E 87 -33.57 17.86 72.00
CA TYR E 87 -33.90 18.87 73.00
C TYR E 87 -32.67 19.25 73.82
N PHE E 88 -31.89 18.26 74.23
CA PHE E 88 -30.67 18.58 74.99
C PHE E 88 -29.69 19.40 74.16
N ILE E 89 -29.53 19.06 72.88
CA ILE E 89 -28.62 19.82 72.03
C ILE E 89 -29.10 21.25 71.89
N ASP E 90 -30.41 21.44 71.76
CA ASP E 90 -30.94 22.80 71.65
C ASP E 90 -30.65 23.58 72.92
N PHE E 91 -30.82 22.94 74.08
CA PHE E 91 -30.51 23.61 75.34
C PHE E 91 -29.06 24.03 75.40
N ILE E 92 -28.17 23.12 75.00
CA ILE E 92 -26.74 23.44 75.04
C ILE E 92 -26.42 24.58 74.10
N ASP E 93 -27.03 24.56 72.91
CA ASP E 93 -26.83 25.64 71.95
C ASP E 93 -27.22 26.98 72.54
N ASN E 94 -28.40 27.05 73.14
CA ASN E 94 -28.86 28.33 73.66
C ASN E 94 -28.00 28.79 74.84
N VAL E 95 -27.58 27.87 75.71
CA VAL E 95 -26.73 28.28 76.82
C VAL E 95 -25.40 28.81 76.30
N CYS E 96 -24.84 28.15 75.29
CA CYS E 96 -23.58 28.62 74.73
C CYS E 96 -23.73 30.01 74.14
N MET E 97 -24.81 30.25 73.39
CA MET E 97 -25.01 31.58 72.81
C MET E 97 -25.17 32.64 73.89
N ASP E 98 -25.96 32.33 74.93
CA ASP E 98 -26.15 33.27 76.02
C ASP E 98 -24.83 33.60 76.69
N GLU E 99 -23.98 32.60 76.88
CA GLU E 99 -22.70 32.86 77.53
C GLU E 99 -21.71 33.55 76.60
N MET E 100 -21.88 33.42 75.29
CA MET E 100 -21.01 34.13 74.36
C MET E 100 -21.37 35.60 74.26
N VAL E 101 -22.64 35.94 74.45
CA VAL E 101 -23.07 37.33 74.24
C VAL E 101 -22.85 38.20 75.47
N ARG E 102 -22.13 37.71 76.47
CA ARG E 102 -22.00 38.42 77.74
C ARG E 102 -20.54 38.71 78.05
N GLU E 103 -20.33 39.78 78.83
CA GLU E 103 -19.00 40.27 79.16
C GLU E 103 -18.97 40.63 80.63
N SER E 104 -17.76 40.97 81.11
CA SER E 104 -17.63 41.54 82.43
C SER E 104 -16.23 42.12 82.62
N GLN E 105 -16.15 43.38 83.05
CA GLN E 105 -14.86 43.99 83.35
C GLN E 105 -14.17 43.24 84.47
N ARG E 106 -14.89 42.99 85.56
CA ARG E 106 -14.36 42.31 86.74
C ARG E 106 -14.73 40.84 86.68
N ASN E 107 -13.75 39.98 86.97
CA ASN E 107 -13.99 38.55 87.09
C ASN E 107 -14.50 37.96 85.77
N GLY E 108 -13.68 38.13 84.73
CA GLY E 108 -14.07 37.63 83.42
C GLY E 108 -14.16 36.13 83.33
N VAL E 109 -13.22 35.43 83.97
CA VAL E 109 -13.19 33.97 83.89
C VAL E 109 -14.44 33.34 84.48
N ALA E 110 -15.09 33.99 85.44
CA ALA E 110 -16.26 33.43 86.07
C ALA E 110 -17.41 33.37 85.07
N PRO E 111 -18.41 32.52 85.33
CA PRO E 111 -19.48 32.36 84.34
C PRO E 111 -20.59 33.38 84.45
N GLN E 112 -20.90 34.06 83.37
CA GLN E 112 -22.09 34.91 83.26
C GLN E 112 -23.26 34.01 82.91
N SER E 113 -24.38 34.57 82.46
CA SER E 113 -25.46 33.75 81.91
C SER E 113 -26.03 32.78 82.92
N GLU E 114 -26.81 33.27 83.89
CA GLU E 114 -27.17 32.58 85.12
C GLU E 114 -27.50 31.10 84.96
N ALA E 115 -27.97 30.68 83.78
CA ALA E 115 -28.08 29.26 83.51
C ALA E 115 -26.75 28.56 83.73
N LEU E 116 -25.65 29.18 83.27
CA LEU E 116 -24.34 28.58 83.47
C LEU E 116 -23.89 28.65 84.92
N ARG E 117 -24.29 29.68 85.66
CA ARG E 117 -24.01 29.68 87.10
C ARG E 117 -24.70 28.49 87.77
N LYS E 118 -25.96 28.25 87.41
CA LYS E 118 -26.69 27.12 87.96
C LYS E 118 -25.98 25.82 87.60
N LEU E 119 -25.50 25.70 86.36
CA LEU E 119 -24.75 24.51 85.98
C LEU E 119 -23.48 24.39 86.83
N ALA E 120 -22.80 25.51 87.07
CA ALA E 120 -21.63 25.50 87.92
C ALA E 120 -21.94 25.17 89.37
N GLY E 121 -23.21 25.20 89.76
CA GLY E 121 -23.62 24.74 91.07
C GLY E 121 -23.09 23.37 91.43
N ILE E 122 -23.14 23.02 92.72
CA ILE E 122 -22.53 21.78 93.19
C ILE E 122 -23.38 20.57 92.84
N LYS E 123 -24.67 20.76 92.56
CA LYS E 123 -25.52 19.62 92.22
C LYS E 123 -25.07 18.97 90.91
N PHE E 124 -24.67 19.79 89.94
CA PHE E 124 -24.39 19.31 88.60
C PHE E 124 -22.95 18.87 88.41
N LYS E 125 -22.13 18.86 89.46
CA LYS E 125 -20.80 18.31 89.35
C LYS E 125 -20.82 16.83 89.01
N ARG E 126 -21.93 16.15 89.29
CA ARG E 126 -22.08 14.74 88.96
C ARG E 126 -21.91 14.47 87.47
N ILE E 127 -22.12 15.48 86.62
CA ILE E 127 -22.11 15.28 85.18
C ILE E 127 -20.72 15.49 84.57
N ASN E 128 -19.73 15.88 85.38
CA ASN E 128 -18.40 16.16 84.85
C ASN E 128 -17.81 14.90 84.23
N PHE E 129 -17.68 14.88 82.91
CA PHE E 129 -17.45 13.65 82.17
C PHE E 129 -15.98 13.40 81.88
N ASN E 130 -15.36 14.26 81.08
CA ASN E 130 -13.93 14.23 80.83
C ASN E 130 -13.61 15.51 80.09
N ASN E 131 -12.33 15.87 80.07
CA ASN E 131 -11.89 17.16 79.53
C ASN E 131 -10.76 16.89 78.55
N SER E 132 -11.12 16.67 77.28
CA SER E 132 -10.20 16.21 76.26
C SER E 132 -9.89 17.25 75.19
N SER E 133 -10.84 18.09 74.82
CA SER E 133 -10.58 19.10 73.82
C SER E 133 -9.50 20.04 74.32
N GLU E 134 -8.69 20.58 73.40
CA GLU E 134 -7.57 21.39 73.83
C GLU E 134 -8.02 22.64 74.55
N TYR E 135 -9.19 23.17 74.21
CA TYR E 135 -9.63 24.43 74.81
C TYR E 135 -10.06 24.22 76.25
N ILE E 136 -10.86 23.21 76.53
CA ILE E 136 -11.21 22.94 77.92
C ILE E 136 -10.01 22.41 78.68
N GLU E 137 -9.10 21.74 77.99
CA GLU E 137 -7.88 21.28 78.64
C GLU E 137 -7.08 22.46 79.16
N ASN E 138 -6.87 23.47 78.32
CA ASN E 138 -6.18 24.67 78.76
C ASN E 138 -6.99 25.43 79.79
N TRP E 139 -8.31 25.40 79.68
CA TRP E 139 -9.15 26.04 80.68
C TRP E 139 -8.88 25.45 82.05
N ASN E 140 -8.83 24.13 82.16
CA ASN E 140 -8.49 23.51 83.42
C ASN E 140 -7.06 23.85 83.84
N LEU E 141 -6.14 23.79 82.88
CA LEU E 141 -4.73 24.00 83.20
C LEU E 141 -4.45 25.42 83.68
N GLN E 142 -5.31 26.38 83.38
CA GLN E 142 -5.15 27.73 83.92
C GLN E 142 -6.06 28.02 85.09
N ASN E 143 -7.24 27.39 85.17
CA ASN E 143 -8.06 27.52 86.37
C ASN E 143 -7.33 26.96 87.57
N ARG E 144 -6.46 25.98 87.35
CA ARG E 144 -5.38 25.68 88.26
C ARG E 144 -4.12 26.31 87.71
N ARG E 145 -3.14 26.57 88.57
CA ARG E 145 -1.96 27.30 88.11
C ARG E 145 -1.00 26.32 87.45
N GLN E 146 -1.12 26.19 86.12
CA GLN E 146 -0.17 25.47 85.30
C GLN E 146 0.09 26.28 84.05
N ARG E 147 0.88 25.72 83.14
CA ARG E 147 1.23 26.38 81.90
C ARG E 147 0.36 25.83 80.77
N THR E 148 -0.38 26.70 80.11
CA THR E 148 -1.26 26.31 79.02
C THR E 148 -0.49 26.36 77.70
N GLY E 149 -1.18 26.06 76.61
CA GLY E 149 -0.61 26.21 75.30
C GLY E 149 -1.61 25.99 74.19
N PHE E 150 -1.70 26.93 73.25
CA PHE E 150 -2.57 26.83 72.10
C PHE E 150 -1.72 26.86 70.84
N VAL E 151 -1.92 25.88 69.98
CA VAL E 151 -1.22 25.82 68.69
C VAL E 151 -2.06 26.58 67.68
N PHE E 152 -1.40 27.37 66.84
CA PHE E 152 -2.07 28.21 65.86
C PHE E 152 -1.41 28.09 64.51
N HIS E 153 -2.24 28.06 63.46
CA HIS E 153 -1.79 28.06 62.08
C HIS E 153 -2.06 29.44 61.52
N LYS E 154 -0.99 30.18 61.20
CA LYS E 154 -1.06 31.57 60.76
C LYS E 154 -1.84 32.40 61.77
N PRO E 155 -1.33 32.56 62.99
CA PRO E 155 -2.03 33.39 63.97
C PRO E 155 -1.92 34.85 63.62
N ASN E 156 -3.02 35.57 63.73
CA ASN E 156 -2.98 37.02 63.52
C ASN E 156 -2.62 37.71 64.83
N ILE E 157 -1.37 37.46 65.24
CA ILE E 157 -0.80 38.17 66.38
C ILE E 157 -0.66 39.64 66.06
N PHE E 158 -0.34 39.98 64.83
CA PHE E 158 -0.13 41.37 64.46
C PHE E 158 -1.46 42.07 64.25
N PRO E 159 -1.70 43.24 64.82
CA PRO E 159 -2.82 44.06 64.37
C PRO E 159 -2.50 44.70 63.04
N TYR E 160 -3.54 44.95 62.26
CA TYR E 160 -3.33 45.57 60.96
C TYR E 160 -2.70 46.93 61.13
N SER E 161 -1.63 47.18 60.37
CA SER E 161 -1.01 48.50 60.38
C SER E 161 -0.12 48.62 59.17
N ALA E 162 -0.39 49.60 58.32
CA ALA E 162 0.48 49.99 57.22
C ALA E 162 0.94 51.40 57.48
N SER E 163 2.24 51.66 57.37
CA SER E 163 2.75 52.98 57.69
C SER E 163 4.19 53.07 57.20
N PHE E 164 4.84 54.19 57.50
CA PHE E 164 6.22 54.41 57.10
C PHE E 164 6.84 55.46 58.00
N THR E 165 8.16 55.43 58.09
CA THR E 165 8.93 56.45 58.78
C THR E 165 10.03 56.92 57.86
N LEU E 166 10.16 58.24 57.73
CA LEU E 166 11.18 58.86 56.88
C LEU E 166 12.27 59.40 57.78
N ASN E 167 13.45 58.77 57.76
CA ASN E 167 14.59 59.31 58.46
C ASN E 167 15.16 60.55 57.78
N ARG E 168 14.84 60.76 56.51
CA ARG E 168 15.28 61.93 55.78
C ARG E 168 14.16 62.35 54.84
N SER E 169 13.69 63.58 54.97
CA SER E 169 12.62 64.07 54.12
C SER E 169 12.68 65.58 54.07
N GLN E 170 12.07 66.14 53.04
CA GLN E 170 12.01 67.58 52.85
C GLN E 170 10.82 67.88 51.96
N PRO E 171 10.38 69.14 51.87
CA PRO E 171 9.08 69.43 51.26
C PRO E 171 8.92 68.93 49.84
N MET E 172 9.96 68.98 49.01
CA MET E 172 9.82 68.50 47.64
C MET E 172 9.60 66.99 47.58
N HIS E 173 9.95 66.27 48.65
CA HIS E 173 9.78 64.82 48.72
C HIS E 173 10.40 64.14 47.50
N ASP E 174 11.64 64.52 47.19
CA ASP E 174 12.37 63.95 46.06
C ASP E 174 13.65 63.24 46.47
N ASN E 175 14.07 63.37 47.72
CA ASN E 175 15.23 62.63 48.25
C ASN E 175 14.81 62.17 49.64
N LEU E 176 14.19 61.02 49.70
CA LEU E 176 13.73 60.42 50.94
C LEU E 176 14.57 59.21 51.28
N MET E 177 14.48 58.80 52.54
CA MET E 177 15.13 57.58 53.00
C MET E 177 14.38 57.15 54.23
N GLY E 178 14.05 55.87 54.31
CA GLY E 178 13.29 55.41 55.46
C GLY E 178 12.81 54.01 55.25
N THR E 179 11.72 53.67 55.93
CA THR E 179 11.13 52.35 55.82
C THR E 179 9.63 52.50 55.67
N MET E 180 9.04 51.53 54.98
CA MET E 180 7.61 51.32 54.95
C MET E 180 7.37 49.92 55.48
N TRP E 181 6.20 49.72 56.09
CA TRP E 181 5.90 48.39 56.60
C TRP E 181 4.40 48.15 56.59
N LEU E 182 4.06 46.87 56.46
CA LEU E 182 2.70 46.38 56.63
C LEU E 182 2.75 45.15 57.52
N ASN E 183 2.15 45.26 58.70
CA ASN E 183 1.92 44.12 59.58
C ASN E 183 0.45 43.77 59.48
N ALA E 184 0.14 42.57 59.00
CA ALA E 184 -1.24 42.18 58.78
C ALA E 184 -1.37 40.68 59.00
N GLY E 185 -2.26 40.29 59.89
CA GLY E 185 -2.43 38.88 60.15
C GLY E 185 -1.14 38.30 60.69
N SER E 186 -0.59 37.34 59.95
CA SER E 186 0.65 36.68 60.30
C SER E 186 1.85 37.15 59.48
N GLU E 187 1.69 38.21 58.70
CA GLU E 187 2.72 38.71 57.80
C GLU E 187 3.29 40.01 58.34
N ILE E 188 4.61 40.10 58.34
CA ILE E 188 5.33 41.37 58.33
C ILE E 188 5.92 41.52 56.94
N GLN E 189 5.76 42.70 56.36
CA GLN E 189 6.37 43.02 55.08
C GLN E 189 6.99 44.40 55.24
N VAL E 190 8.31 44.45 55.32
CA VAL E 190 9.01 45.70 55.59
C VAL E 190 9.96 45.97 54.45
N ALA E 191 9.88 47.18 53.90
CA ALA E 191 10.72 47.59 52.78
C ALA E 191 11.41 48.89 53.15
N GLY E 192 12.71 48.82 53.38
CA GLY E 192 13.49 50.03 53.47
C GLY E 192 13.75 50.57 52.08
N PHE E 193 13.90 51.89 52.01
CA PHE E 193 14.13 52.53 50.73
C PHE E 193 15.02 53.74 50.91
N ASP E 194 15.77 54.03 49.87
CA ASP E 194 16.68 55.16 49.81
C ASP E 194 16.62 55.72 48.41
N TYR E 195 16.32 57.02 48.28
CA TYR E 195 16.22 57.60 46.96
C TYR E 195 17.59 57.81 46.34
N SER E 196 18.60 58.02 47.17
CA SER E 196 19.97 58.23 46.70
C SER E 196 20.71 56.92 46.45
N CYS E 197 20.10 55.78 46.73
CA CYS E 197 20.75 54.48 46.57
C CYS E 197 22.06 54.43 47.36
N ALA E 198 22.01 54.89 48.60
CA ALA E 198 23.17 54.87 49.49
C ALA E 198 24.35 55.61 48.86
N LEU E 199 24.06 56.74 48.24
CA LEU E 199 25.12 57.52 47.59
C LEU E 199 26.11 58.04 48.63
N ASN E 200 25.60 58.71 49.66
CA ASN E 200 26.43 59.36 50.68
C ASN E 200 26.44 58.60 51.99
N ALA E 201 25.85 57.42 52.06
CA ALA E 201 25.90 56.63 53.27
C ALA E 201 27.36 56.21 53.53
N PRO E 202 27.73 55.98 54.79
CA PRO E 202 29.12 55.59 55.07
C PRO E 202 29.40 54.22 54.48
N ALA E 203 30.37 54.17 53.56
CA ALA E 203 30.70 52.98 52.79
C ALA E 203 29.58 52.56 51.85
N ASN E 204 28.69 53.49 51.50
CA ASN E 204 27.60 53.22 50.56
C ASN E 204 26.72 52.08 51.07
N ILE E 205 26.44 52.09 52.37
CA ILE E 205 25.63 51.07 53.02
C ILE E 205 24.67 51.76 53.98
N GLN E 206 23.40 51.82 53.61
CA GLN E 206 22.37 52.43 54.45
C GLN E 206 21.70 51.36 55.28
N GLN E 207 21.61 51.59 56.59
CA GLN E 207 21.08 50.62 57.54
C GLN E 207 19.60 50.91 57.78
N PHE E 208 18.77 49.88 57.62
CA PHE E 208 17.37 49.92 57.99
C PHE E 208 17.11 48.94 59.10
N GLU E 209 16.27 49.33 60.05
CA GLU E 209 15.86 48.46 61.14
C GLU E 209 14.38 48.65 61.39
N HIS E 210 13.69 47.57 61.70
CA HIS E 210 12.27 47.58 62.02
C HIS E 210 12.05 46.65 63.21
N ILE E 211 11.45 47.17 64.27
CA ILE E 211 11.26 46.42 65.51
C ILE E 211 9.75 46.27 65.71
N VAL E 212 9.30 45.03 65.83
CA VAL E 212 7.88 44.70 65.95
C VAL E 212 7.65 44.10 67.33
N GLN E 213 6.67 44.61 68.04
CA GLN E 213 6.44 44.33 69.46
C GLN E 213 5.13 43.55 69.57
N LEU E 214 5.21 42.23 69.66
CA LEU E 214 4.00 41.43 69.77
C LEU E 214 3.27 41.73 71.07
N ARG E 215 1.95 41.60 71.03
CA ARG E 215 1.17 41.86 72.22
C ARG E 215 1.29 40.73 73.24
N ARG E 216 1.45 39.50 72.77
CA ARG E 216 1.71 38.36 73.63
C ARG E 216 2.81 37.50 73.01
N ALA E 217 3.65 36.95 73.87
CA ALA E 217 4.80 36.20 73.38
C ALA E 217 4.37 34.89 72.75
N LEU E 218 4.93 34.59 71.58
CA LEU E 218 4.73 33.33 70.88
C LEU E 218 5.83 32.36 71.27
N THR E 219 5.62 31.09 70.91
CA THR E 219 6.52 30.01 71.33
C THR E 219 6.59 28.95 70.25
N THR E 220 7.80 28.44 70.02
CA THR E 220 8.05 27.36 69.06
C THR E 220 7.39 27.65 67.72
N ALA E 221 7.73 28.80 67.16
CA ALA E 221 7.10 29.28 65.94
C ALA E 221 7.98 28.96 64.75
N THR E 222 7.36 28.48 63.69
CA THR E 222 8.01 28.31 62.40
C THR E 222 7.69 29.53 61.56
N ILE E 223 8.73 30.16 61.01
CA ILE E 223 8.61 31.44 60.32
C ILE E 223 9.26 31.31 58.96
N THR E 224 8.50 31.63 57.91
CA THR E 224 9.02 31.65 56.56
C THR E 224 9.48 33.07 56.26
N LEU E 225 10.79 33.25 56.11
CA LEU E 225 11.37 34.54 55.80
C LEU E 225 11.90 34.54 54.38
N LEU E 226 11.52 35.55 53.60
CA LEU E 226 11.93 35.69 52.22
C LEU E 226 12.38 37.11 51.97
N PRO E 227 13.17 37.36 50.92
CA PRO E 227 13.52 38.74 50.58
C PRO E 227 12.49 39.35 49.66
N ASP E 228 12.71 40.60 49.25
CA ASP E 228 11.85 41.25 48.26
C ASP E 228 10.41 41.33 48.74
N ALA E 229 10.20 42.17 49.74
CA ALA E 229 8.86 42.55 50.15
C ALA E 229 8.03 42.94 48.94
N GLU E 230 6.95 42.18 48.71
CA GLU E 230 6.31 42.21 47.40
C GLU E 230 5.35 43.38 47.25
N ARG E 231 4.58 43.70 48.29
CA ARG E 231 3.59 44.74 48.14
C ARG E 231 4.17 46.15 48.25
N PHE E 232 5.48 46.28 48.46
CA PHE E 232 6.18 47.55 48.41
C PHE E 232 7.21 47.51 47.30
N SER E 233 6.84 46.93 46.17
CA SER E 233 7.76 46.70 45.06
C SER E 233 7.18 47.19 43.75
N PHE E 234 6.36 48.24 43.81
CA PHE E 234 5.77 48.82 42.60
C PHE E 234 5.46 50.28 42.89
N PRO E 235 5.27 51.09 41.86
CA PRO E 235 5.09 52.52 42.10
C PRO E 235 3.84 52.81 42.92
N ARG E 236 3.96 53.80 43.80
CA ARG E 236 2.85 54.23 44.63
C ARG E 236 2.87 55.74 44.76
N VAL E 237 1.71 56.29 45.08
CA VAL E 237 1.53 57.71 45.35
C VAL E 237 1.02 57.80 46.78
N ILE E 238 1.94 58.02 47.72
CA ILE E 238 1.67 57.85 49.14
C ILE E 238 1.39 59.21 49.75
N ASN E 239 0.30 59.33 50.49
CA ASN E 239 0.03 60.56 51.21
C ASN E 239 1.17 60.86 52.18
N SER E 240 1.35 62.14 52.49
CA SER E 240 2.45 62.52 53.36
C SER E 240 2.14 62.10 54.80
N ALA E 241 3.07 62.45 55.70
CA ALA E 241 2.90 62.09 57.10
C ALA E 241 1.68 62.77 57.69
N ASP E 242 1.61 64.09 57.55
CA ASP E 242 0.48 64.86 58.07
C ASP E 242 -0.68 64.96 57.07
N GLY E 243 -0.57 64.33 55.91
CA GLY E 243 -1.65 64.32 54.95
C GLY E 243 -1.75 65.54 54.08
N ALA E 244 -0.82 66.49 54.20
CA ALA E 244 -0.89 67.70 53.37
C ALA E 244 -0.80 67.35 51.90
N THR E 245 0.34 66.85 51.46
CA THR E 245 0.62 66.55 50.06
C THR E 245 0.74 65.05 49.88
N THR E 246 1.11 64.63 48.67
CA THR E 246 1.38 63.22 48.38
C THR E 246 2.69 63.14 47.61
N TRP E 247 3.48 62.12 47.92
CA TRP E 247 4.80 61.95 47.34
C TRP E 247 4.87 60.66 46.56
N PHE E 248 5.71 60.68 45.53
CA PHE E 248 5.83 59.57 44.60
C PHE E 248 6.90 58.61 45.06
N PHE E 249 6.66 57.32 44.87
CA PHE E 249 7.59 56.27 45.25
C PHE E 249 7.72 55.32 44.08
N ASN E 250 8.94 55.13 43.59
CA ASN E 250 9.20 54.43 42.33
C ASN E 250 10.30 53.39 42.57
N PRO E 251 9.95 52.23 43.10
CA PRO E 251 10.97 51.30 43.58
C PRO E 251 11.84 50.72 42.48
N ILE E 252 13.08 50.42 42.85
CA ILE E 252 13.95 49.50 42.15
C ILE E 252 14.54 48.59 43.21
N ILE E 253 14.32 47.29 43.09
CA ILE E 253 14.54 46.37 44.20
C ILE E 253 15.97 45.84 44.13
N LEU E 254 16.81 46.30 45.05
CA LEU E 254 18.10 45.69 45.28
C LEU E 254 17.91 44.46 46.15
N ARG E 255 18.99 43.83 46.56
CA ARG E 255 19.00 42.69 47.45
C ARG E 255 19.35 43.14 48.85
N PRO E 256 18.58 42.83 49.88
CA PRO E 256 19.00 43.20 51.24
C PRO E 256 20.21 42.38 51.67
N ASN E 257 21.36 43.01 51.85
CA ASN E 257 22.57 42.30 52.21
C ASN E 257 22.79 42.31 53.71
N ASN E 258 23.50 41.28 54.19
CA ASN E 258 23.70 40.98 55.61
C ASN E 258 22.44 41.27 56.43
N VAL E 259 21.32 40.75 55.93
CA VAL E 259 20.09 40.79 56.71
C VAL E 259 20.29 40.07 58.02
N GLU E 260 19.68 40.58 59.08
CA GLU E 260 19.70 39.94 60.38
C GLU E 260 18.29 39.98 60.96
N VAL E 261 17.90 38.88 61.58
CA VAL E 261 16.61 38.77 62.23
C VAL E 261 16.87 38.29 63.65
N GLU E 262 16.49 39.10 64.63
CA GLU E 262 16.67 38.77 66.03
C GLU E 262 15.30 38.59 66.67
N PHE E 263 15.06 37.39 67.19
CA PHE E 263 13.85 37.09 67.93
C PHE E 263 14.16 37.28 69.41
N LEU E 264 13.47 38.23 70.03
CA LEU E 264 13.79 38.73 71.36
C LEU E 264 12.66 38.40 72.31
N LEU E 265 13.01 38.05 73.55
CA LEU E 265 12.05 37.89 74.63
C LEU E 265 12.50 38.78 75.78
N ASN E 266 11.72 39.80 76.07
CA ASN E 266 12.02 40.71 77.17
C ASN E 266 13.36 41.41 76.95
N GLY E 267 13.64 41.78 75.71
CA GLY E 267 14.84 42.51 75.39
C GLY E 267 16.09 41.68 75.24
N GLN E 268 15.99 40.36 75.40
CA GLN E 268 17.14 39.47 75.38
C GLN E 268 17.13 38.68 74.08
N ILE E 269 18.29 38.56 73.44
CA ILE E 269 18.35 37.90 72.14
C ILE E 269 18.15 36.41 72.38
N ILE E 270 16.98 35.90 71.98
CA ILE E 270 16.72 34.47 72.10
C ILE E 270 17.23 33.73 70.88
N ASN E 271 16.94 34.25 69.69
CA ASN E 271 17.46 33.66 68.46
C ASN E 271 17.95 34.75 67.53
N THR E 272 18.91 34.40 66.68
CA THR E 272 19.41 35.33 65.68
C THR E 272 19.69 34.55 64.41
N TYR E 273 19.49 35.22 63.28
CA TYR E 273 19.70 34.59 61.98
C TYR E 273 20.27 35.62 61.02
N GLN E 274 21.45 35.34 60.46
CA GLN E 274 22.11 36.23 59.53
C GLN E 274 22.10 35.60 58.14
N ALA E 275 21.44 36.26 57.20
CA ALA E 275 21.46 35.85 55.80
C ALA E 275 21.02 34.40 55.64
N ARG E 276 19.99 34.01 56.39
CA ARG E 276 19.42 32.67 56.34
C ARG E 276 17.94 32.81 56.05
N PHE E 277 17.60 32.87 54.77
CA PHE E 277 16.21 32.97 54.35
C PHE E 277 15.55 31.60 54.49
N GLY E 278 14.31 31.49 54.05
CA GLY E 278 13.60 30.23 54.16
C GLY E 278 13.07 30.02 55.55
N THR E 279 12.65 28.78 55.80
CA THR E 279 12.06 28.44 57.09
C THR E 279 13.08 28.59 58.20
N ILE E 280 12.70 29.27 59.26
CA ILE E 280 13.50 29.43 60.47
C ILE E 280 12.58 29.18 61.65
N VAL E 281 13.16 29.13 62.84
CA VAL E 281 12.47 28.72 64.04
C VAL E 281 12.77 29.71 65.15
N ALA E 282 11.76 30.05 65.94
CA ALA E 282 11.91 30.91 67.11
C ALA E 282 11.31 30.20 68.31
N ARG E 283 12.14 29.89 69.30
CA ARG E 283 11.64 29.12 70.43
C ARG E 283 10.76 29.97 71.35
N ASN E 284 11.16 31.22 71.61
CA ASN E 284 10.36 32.14 72.40
C ASN E 284 10.68 33.55 71.95
N PHE E 285 9.67 34.38 71.78
CA PHE E 285 9.94 35.76 71.40
C PHE E 285 8.75 36.68 71.58
N ASP E 286 8.97 37.77 72.32
CA ASP E 286 8.00 38.83 72.49
C ASP E 286 8.10 39.89 71.41
N THR E 287 9.27 40.02 70.77
CA THR E 287 9.45 41.01 69.71
C THR E 287 10.34 40.42 68.63
N ILE E 288 10.20 40.98 67.44
CA ILE E 288 11.08 40.69 66.32
C ILE E 288 11.87 41.95 66.05
N ARG E 289 13.08 41.78 65.54
CA ARG E 289 13.93 42.92 65.18
C ARG E 289 14.62 42.57 63.87
N LEU E 290 14.10 43.11 62.77
CA LEU E 290 14.69 42.90 61.46
C LEU E 290 15.64 44.06 61.20
N SER E 291 16.80 43.77 60.65
CA SER E 291 17.77 44.82 60.34
C SER E 291 18.50 44.41 59.06
N PHE E 292 18.29 45.18 58.00
CA PHE E 292 18.87 44.88 56.71
C PHE E 292 19.60 46.12 56.20
N GLN E 293 20.34 45.95 55.12
CA GLN E 293 21.20 46.99 54.61
C GLN E 293 21.00 47.12 53.11
N LEU E 294 20.90 48.36 52.64
CA LEU E 294 20.89 48.66 51.23
C LEU E 294 22.30 49.10 50.88
N MET E 295 23.02 48.26 50.15
CA MET E 295 24.39 48.53 49.76
C MET E 295 24.41 48.90 48.29
N ARG E 296 25.00 50.04 47.97
CA ARG E 296 25.11 50.43 46.57
C ARG E 296 25.98 49.40 45.86
N PRO E 297 25.54 48.84 44.73
CA PRO E 297 26.36 47.86 44.03
C PRO E 297 27.65 48.51 43.56
N PRO E 298 28.82 48.00 43.98
CA PRO E 298 30.07 48.63 43.52
C PRO E 298 30.20 48.61 42.02
N ASN E 299 30.16 47.42 41.42
CA ASN E 299 30.16 47.31 39.98
C ASN E 299 28.75 47.48 39.45
N MET E 300 28.66 47.98 38.22
CA MET E 300 27.36 48.40 37.70
C MET E 300 27.41 48.41 36.19
N THR E 301 26.45 47.73 35.58
CA THR E 301 26.25 47.80 34.15
C THR E 301 25.83 49.23 33.77
N PRO E 302 26.03 49.64 32.52
CA PRO E 302 25.51 50.95 32.10
C PRO E 302 24.05 51.19 32.42
N ALA E 303 23.18 50.18 32.33
CA ALA E 303 21.77 50.41 32.65
C ALA E 303 21.59 50.82 34.10
N VAL E 304 22.15 50.05 35.04
CA VAL E 304 22.00 50.39 36.45
C VAL E 304 22.70 51.71 36.74
N ASN E 305 23.82 51.98 36.07
CA ASN E 305 24.52 53.22 36.31
C ASN E 305 23.67 54.40 35.88
N ALA E 306 22.95 54.26 34.77
CA ALA E 306 22.01 55.29 34.38
C ALA E 306 20.91 55.44 35.41
N LEU E 307 20.46 54.33 35.98
CA LEU E 307 19.37 54.39 36.94
C LEU E 307 19.77 55.16 38.19
N PHE E 308 20.98 54.93 38.70
CA PHE E 308 21.45 55.52 39.94
C PHE E 308 22.53 56.56 39.66
N PRO E 309 22.18 57.83 39.46
CA PRO E 309 23.19 58.84 39.17
C PRO E 309 23.71 59.48 40.45
N GLN E 310 24.82 60.20 40.31
CA GLN E 310 25.33 60.99 41.41
C GLN E 310 24.62 62.31 41.58
N ALA E 311 23.81 62.71 40.61
CA ALA E 311 23.16 64.01 40.62
C ALA E 311 21.95 63.98 41.55
N GLN E 312 21.14 65.02 41.49
CA GLN E 312 20.00 65.19 42.38
C GLN E 312 18.70 64.52 41.97
N PRO E 313 18.32 64.48 40.66
CA PRO E 313 16.94 64.08 40.30
C PRO E 313 16.41 62.80 40.95
N PHE E 314 17.11 61.67 40.80
CA PHE E 314 16.73 60.43 41.46
C PHE E 314 15.32 60.01 41.06
N GLN E 315 15.16 59.69 39.77
CA GLN E 315 13.85 59.28 39.29
C GLN E 315 13.52 57.83 39.58
N HIS E 316 14.47 57.02 40.04
CA HIS E 316 14.21 55.67 40.52
C HIS E 316 14.80 55.54 41.91
N HIS E 317 14.05 54.92 42.82
CA HIS E 317 14.37 54.92 44.24
C HIS E 317 14.66 53.51 44.68
N ALA E 318 15.85 53.27 45.23
CA ALA E 318 16.24 51.91 45.54
C ALA E 318 15.53 51.42 46.79
N THR E 319 15.19 50.14 46.81
CA THR E 319 14.47 49.54 47.92
C THR E 319 15.01 48.15 48.20
N VAL E 320 14.98 47.76 49.47
CA VAL E 320 15.29 46.41 49.88
C VAL E 320 14.27 45.98 50.92
N GLY E 321 13.73 44.78 50.77
CA GLY E 321 12.59 44.36 51.56
C GLY E 321 12.77 42.99 52.20
N LEU E 322 11.81 42.67 53.04
CA LEU E 322 11.74 41.37 53.70
C LEU E 322 10.28 41.04 53.96
N THR E 323 9.95 39.78 53.75
CA THR E 323 8.66 39.21 54.13
C THR E 323 8.90 38.18 55.21
N LEU E 324 8.03 38.17 56.22
CA LEU E 324 8.19 37.32 57.38
C LEU E 324 6.81 36.81 57.75
N ARG E 325 6.54 35.54 57.49
CA ARG E 325 5.23 34.94 57.68
C ARG E 325 5.32 33.91 58.80
N ILE E 326 4.53 34.09 59.85
CA ILE E 326 4.52 33.12 60.94
C ILE E 326 3.62 31.98 60.50
N GLU E 327 4.20 30.90 59.98
CA GLU E 327 3.38 29.81 59.43
C GLU E 327 2.61 29.10 60.53
N SER E 328 3.23 28.90 61.69
CA SER E 328 2.55 28.28 62.81
C SER E 328 3.30 28.61 64.08
N ALA E 329 2.57 28.76 65.18
CA ALA E 329 3.18 29.15 66.44
C ALA E 329 2.41 28.53 67.59
N VAL E 330 2.91 28.74 68.80
CA VAL E 330 2.27 28.29 70.02
C VAL E 330 2.27 29.44 71.00
N CYS E 331 1.11 29.71 71.60
CA CYS E 331 0.96 30.86 72.48
C CYS E 331 0.22 30.47 73.74
N GLU E 332 0.47 31.19 74.81
CA GLU E 332 -0.17 30.91 76.08
C GLU E 332 -1.56 31.51 76.20
N SER E 333 -1.92 32.43 75.30
CA SER E 333 -3.21 33.10 75.34
C SER E 333 -3.94 32.89 74.02
N VAL E 334 -5.26 32.82 74.09
CA VAL E 334 -6.04 32.46 72.92
C VAL E 334 -6.02 33.59 71.90
N LEU E 335 -5.90 33.23 70.63
CA LEU E 335 -5.84 34.17 69.51
C LEU E 335 -6.77 33.70 68.41
N ALA E 336 -7.07 34.60 67.48
CA ALA E 336 -7.74 34.21 66.26
C ALA E 336 -6.75 33.54 65.32
N ASP E 337 -7.29 32.78 64.36
CA ASP E 337 -6.48 31.97 63.47
C ASP E 337 -7.01 32.06 62.06
N ALA E 338 -6.24 31.49 61.13
CA ALA E 338 -6.73 31.20 59.80
C ALA E 338 -7.33 29.81 59.70
N ASN E 339 -7.25 29.00 60.75
CA ASN E 339 -7.76 27.65 60.76
C ASN E 339 -8.98 27.49 61.67
N GLU E 340 -8.89 27.99 62.91
CA GLU E 340 -10.04 27.95 63.80
C GLU E 340 -11.16 28.83 63.27
N THR E 341 -12.30 28.77 63.95
CA THR E 341 -13.47 29.55 63.59
C THR E 341 -14.14 30.13 64.81
N LEU E 342 -13.41 30.23 65.93
CA LEU E 342 -14.01 30.70 67.16
C LEU E 342 -14.30 32.19 67.18
N LEU E 343 -13.36 33.01 66.71
CA LEU E 343 -13.64 34.44 66.64
C LEU E 343 -14.82 34.71 65.74
N ALA E 344 -14.86 34.07 64.58
CA ALA E 344 -15.98 34.24 63.67
C ALA E 344 -17.26 33.78 64.34
N ASN E 345 -17.22 32.66 65.06
CA ASN E 345 -18.42 32.14 65.67
C ASN E 345 -18.98 33.10 66.71
N VAL E 346 -18.12 33.59 67.61
CA VAL E 346 -18.62 34.48 68.66
C VAL E 346 -19.07 35.80 68.06
N THR E 347 -18.32 36.34 67.10
CA THR E 347 -18.73 37.60 66.50
C THR E 347 -20.05 37.45 65.79
N ALA E 348 -20.24 36.34 65.09
CA ALA E 348 -21.50 36.11 64.39
C ALA E 348 -22.64 35.99 65.37
N VAL E 349 -22.44 35.28 66.48
CA VAL E 349 -23.52 35.15 67.46
C VAL E 349 -23.88 36.52 68.01
N ARG E 350 -22.88 37.36 68.26
CA ARG E 350 -23.17 38.68 68.81
C ARG E 350 -23.92 39.55 67.81
N GLN E 351 -23.42 39.66 66.58
CA GLN E 351 -24.05 40.58 65.64
C GLN E 351 -25.26 39.97 64.94
N GLU E 352 -25.57 38.70 65.18
CA GLU E 352 -26.84 38.15 64.72
C GLU E 352 -27.99 38.73 65.52
N TYR E 353 -27.86 38.74 66.84
CA TYR E 353 -28.88 39.27 67.74
C TYR E 353 -28.61 40.71 68.14
N ALA E 354 -27.57 41.34 67.63
CA ALA E 354 -27.33 42.76 67.84
C ALA E 354 -27.17 43.07 69.34
N ILE E 355 -26.16 42.44 69.93
CA ILE E 355 -25.89 42.65 71.34
C ILE E 355 -25.40 44.08 71.54
N PRO E 356 -25.80 44.78 72.61
CA PRO E 356 -25.24 46.11 72.84
C PRO E 356 -23.75 46.02 73.13
N VAL E 357 -23.02 47.02 72.65
CA VAL E 357 -21.57 47.05 72.86
C VAL E 357 -21.31 47.14 74.35
N GLY E 358 -20.52 46.21 74.87
CA GLY E 358 -20.30 46.07 76.29
C GLY E 358 -19.09 46.83 76.78
N PRO E 359 -18.62 46.51 77.99
CA PRO E 359 -17.56 47.32 78.60
C PRO E 359 -16.14 46.87 78.28
N VAL E 360 -15.94 45.65 77.79
CA VAL E 360 -14.60 45.07 77.62
C VAL E 360 -14.19 44.98 76.15
N PHE E 361 -15.06 44.47 75.30
CA PHE E 361 -14.70 44.26 73.91
C PHE E 361 -14.92 45.54 73.11
N PRO E 362 -14.30 45.66 71.95
CA PRO E 362 -14.53 46.83 71.11
C PRO E 362 -15.82 46.67 70.32
N PRO E 363 -16.28 47.72 69.65
CA PRO E 363 -17.55 47.61 68.91
C PRO E 363 -17.40 46.70 67.71
N GLY E 364 -18.25 45.69 67.63
CA GLY E 364 -18.23 44.77 66.53
C GLY E 364 -17.19 43.68 66.62
N MET E 365 -16.40 43.64 67.70
CA MET E 365 -15.39 42.60 67.90
C MET E 365 -14.41 42.55 66.73
N ASN E 366 -13.88 43.70 66.35
CA ASN E 366 -12.85 43.73 65.32
C ASN E 366 -11.52 43.37 65.95
N TRP E 367 -10.87 42.34 65.40
CA TRP E 367 -9.67 41.82 66.02
C TRP E 367 -8.56 42.85 66.09
N THR E 368 -8.56 43.81 65.17
CA THR E 368 -7.52 44.82 65.17
C THR E 368 -7.52 45.61 66.48
N GLU E 369 -8.66 46.19 66.82
CA GLU E 369 -8.77 46.90 68.08
C GLU E 369 -8.80 45.97 69.27
N LEU E 370 -9.17 44.71 69.09
CA LEU E 370 -9.20 43.80 70.24
C LEU E 370 -7.80 43.36 70.62
N ILE E 371 -6.88 43.29 69.66
CA ILE E 371 -5.51 42.86 69.95
C ILE E 371 -4.57 44.04 70.16
N THR E 372 -4.87 45.21 69.59
CA THR E 372 -3.96 46.33 69.74
C THR E 372 -3.79 46.73 71.20
N ASN E 373 -4.81 46.53 72.02
CA ASN E 373 -4.70 46.64 73.46
C ASN E 373 -5.48 45.48 74.08
N TYR E 374 -4.76 44.59 74.74
CA TYR E 374 -5.18 43.23 75.04
C TYR E 374 -5.07 42.97 76.54
N SER E 375 -5.68 43.86 77.32
CA SER E 375 -5.55 43.87 78.78
C SER E 375 -5.92 42.52 79.39
N PRO E 376 -5.54 42.25 80.64
CA PRO E 376 -5.89 40.96 81.23
C PRO E 376 -7.38 40.69 81.31
N SER E 377 -8.20 41.70 81.59
CA SER E 377 -9.64 41.47 81.62
C SER E 377 -10.16 41.06 80.26
N ARG E 378 -9.70 41.76 79.22
CA ARG E 378 -10.07 41.37 77.87
C ARG E 378 -9.59 39.96 77.56
N GLU E 379 -8.40 39.61 78.01
CA GLU E 379 -7.88 38.27 77.76
C GLU E 379 -8.77 37.22 78.43
N ASP E 380 -9.19 37.46 79.66
CA ASP E 380 -10.04 36.50 80.36
C ASP E 380 -11.38 36.35 79.66
N ASN E 381 -12.02 37.46 79.30
CA ASN E 381 -13.31 37.37 78.64
C ASN E 381 -13.17 36.68 77.29
N LEU E 382 -12.09 36.98 76.57
CA LEU E 382 -11.87 36.34 75.28
C LEU E 382 -11.70 34.84 75.45
N GLN E 383 -10.95 34.43 76.46
CA GLN E 383 -10.78 33.00 76.71
C GLN E 383 -12.13 32.35 76.99
N ARG E 384 -12.95 32.98 77.83
CA ARG E 384 -14.23 32.38 78.17
C ARG E 384 -15.13 32.24 76.95
N VAL E 385 -15.26 33.30 76.17
CA VAL E 385 -16.16 33.23 75.02
C VAL E 385 -15.62 32.28 73.97
N PHE E 386 -14.30 32.23 73.79
CA PHE E 386 -13.74 31.30 72.82
C PHE E 386 -13.94 29.85 73.24
N THR E 387 -13.71 29.54 74.51
CA THR E 387 -13.91 28.16 74.92
C THR E 387 -15.39 27.78 74.80
N VAL E 388 -16.30 28.68 75.16
CA VAL E 388 -17.71 28.37 74.98
C VAL E 388 -18.06 28.22 73.52
N ALA E 389 -17.41 28.98 72.64
CA ALA E 389 -17.63 28.80 71.21
C ALA E 389 -17.20 27.42 70.78
N SER E 390 -16.09 26.93 71.32
CA SER E 390 -15.68 25.56 71.01
C SER E 390 -16.71 24.55 71.51
N ILE E 391 -17.25 24.79 72.71
CA ILE E 391 -18.32 23.92 73.22
C ILE E 391 -19.46 23.87 72.22
N ARG E 392 -19.86 25.04 71.73
CA ARG E 392 -20.98 25.10 70.79
C ARG E 392 -20.63 24.39 69.49
N SER E 393 -19.43 24.65 68.97
CA SER E 393 -19.03 24.06 67.69
C SER E 393 -18.91 22.55 67.78
N MET E 394 -18.78 21.98 68.98
CA MET E 394 -18.84 20.53 69.09
C MET E 394 -20.16 19.97 68.55
N LEU E 395 -21.24 20.76 68.61
CA LEU E 395 -22.58 20.31 68.25
C LEU E 395 -23.13 21.01 67.02
N ILE E 396 -23.16 22.34 67.03
CA ILE E 396 -23.84 23.12 66.01
C ILE E 396 -22.80 23.70 65.07
N LYS E 397 -23.03 23.58 63.78
CA LYS E 397 -22.18 24.17 62.76
C LYS E 397 -23.03 24.84 61.70
N MET F 1 9.72 2.47 72.13
CA MET F 1 9.21 3.84 71.89
C MET F 1 7.70 3.89 71.93
N GLU F 2 7.08 2.86 71.39
CA GLU F 2 5.64 2.72 71.55
C GLU F 2 5.25 2.68 73.02
N VAL F 3 6.14 2.18 73.88
CA VAL F 3 5.91 2.27 75.31
C VAL F 3 5.90 3.73 75.75
N LEU F 4 6.79 4.54 75.19
CA LEU F 4 6.79 5.96 75.53
C LEU F 4 5.50 6.63 75.08
N TYR F 5 5.03 6.31 73.88
CA TYR F 5 3.77 6.88 73.43
C TYR F 5 2.62 6.44 74.32
N SER F 6 2.60 5.17 74.71
CA SER F 6 1.52 4.71 75.57
C SER F 6 1.57 5.38 76.93
N LEU F 7 2.77 5.63 77.44
CA LEU F 7 2.88 6.38 78.69
C LEU F 7 2.32 7.78 78.52
N SER F 8 2.66 8.45 77.42
CA SER F 8 2.12 9.79 77.21
C SER F 8 0.61 9.75 77.08
N LYS F 9 0.08 8.78 76.34
CA LYS F 9 -1.35 8.69 76.15
C LYS F 9 -2.07 8.44 77.46
N THR F 10 -1.57 7.51 78.27
CA THR F 10 -2.26 7.20 79.51
C THR F 10 -2.13 8.32 80.52
N LEU F 11 -1.01 9.05 80.55
CA LEU F 11 -0.94 10.20 81.43
C LEU F 11 -1.87 11.31 80.96
N LYS F 12 -1.98 11.52 79.65
CA LYS F 12 -2.92 12.52 79.16
C LYS F 12 -4.35 12.15 79.54
N ASP F 13 -4.71 10.89 79.35
CA ASP F 13 -6.05 10.46 79.69
C ASP F 13 -6.27 10.46 81.20
N ALA F 14 -5.21 10.32 81.99
CA ALA F 14 -5.35 10.46 83.43
C ALA F 14 -5.60 11.91 83.80
N ARG F 15 -4.86 12.83 83.19
CA ARG F 15 -5.07 14.25 83.46
C ARG F 15 -6.46 14.69 83.04
N ASP F 16 -7.03 14.06 82.01
CA ASP F 16 -8.32 14.48 81.47
C ASP F 16 -9.49 13.75 82.12
N LYS F 17 -9.50 12.42 82.02
CA LYS F 17 -10.66 11.64 82.44
C LYS F 17 -10.79 11.55 83.95
N ILE F 18 -9.69 11.62 84.70
CA ILE F 18 -9.78 11.59 86.15
C ILE F 18 -10.02 13.01 86.65
N VAL F 19 -11.29 13.41 86.71
CA VAL F 19 -11.70 14.73 87.16
C VAL F 19 -12.75 14.56 88.24
N GLU F 20 -12.91 15.60 89.05
CA GLU F 20 -13.78 15.51 90.21
C GLU F 20 -15.22 15.32 89.79
N GLY F 21 -15.91 14.44 90.50
CA GLY F 21 -17.33 14.21 90.27
C GLY F 21 -17.66 13.24 89.17
N THR F 22 -16.70 12.84 88.35
CA THR F 22 -17.01 11.95 87.25
C THR F 22 -17.36 10.56 87.76
N LEU F 23 -18.20 9.86 87.01
CA LEU F 23 -18.54 8.48 87.34
C LEU F 23 -17.32 7.59 87.25
N TYR F 24 -17.33 6.52 88.04
CA TYR F 24 -16.26 5.54 87.95
C TYR F 24 -16.37 4.67 86.71
N SER F 25 -17.56 4.52 86.15
CA SER F 25 -17.69 3.74 84.92
C SER F 25 -17.02 4.43 83.76
N ASN F 26 -16.86 5.75 83.83
CA ASN F 26 -16.20 6.46 82.75
C ASN F 26 -14.71 6.14 82.69
N VAL F 27 -14.11 5.76 83.81
CA VAL F 27 -12.66 5.63 83.89
C VAL F 27 -12.23 4.31 84.51
N SER F 28 -13.12 3.32 84.57
CA SER F 28 -12.70 2.01 85.07
C SER F 28 -11.51 1.46 84.28
N ASP F 29 -11.65 1.42 82.95
CA ASP F 29 -10.57 0.86 82.14
C ASP F 29 -9.32 1.70 82.23
N LEU F 30 -9.47 3.03 82.25
CA LEU F 30 -8.30 3.89 82.36
C LEU F 30 -7.60 3.68 83.68
N ILE F 31 -8.34 3.52 84.77
CA ILE F 31 -7.71 3.33 86.06
C ILE F 31 -6.99 1.98 86.10
N GLN F 32 -7.57 0.96 85.47
CA GLN F 32 -6.87 -0.31 85.39
C GLN F 32 -5.56 -0.16 84.62
N GLN F 33 -5.58 0.57 83.51
CA GLN F 33 -4.36 0.75 82.72
C GLN F 33 -3.34 1.58 83.49
N PHE F 34 -3.80 2.61 84.20
CA PHE F 34 -2.90 3.42 85.01
C PHE F 34 -2.25 2.59 86.11
N ASN F 35 -3.02 1.70 86.73
CA ASN F 35 -2.45 0.80 87.73
C ASN F 35 -1.43 -0.13 87.12
N GLN F 36 -1.70 -0.63 85.91
CA GLN F 36 -0.71 -1.48 85.25
C GLN F 36 0.57 -0.70 85.00
N MET F 37 0.44 0.55 84.57
CA MET F 37 1.62 1.39 84.36
C MET F 37 2.38 1.58 85.68
N ILE F 38 1.67 1.85 86.76
CA ILE F 38 2.33 2.08 88.04
C ILE F 38 3.08 0.82 88.46
N VAL F 39 2.42 -0.33 88.38
CA VAL F 39 2.99 -1.55 88.94
C VAL F 39 4.04 -2.16 88.02
N THR F 40 4.06 -1.80 86.74
CA THR F 40 5.12 -2.26 85.86
C THR F 40 6.30 -1.30 85.82
N MET F 41 6.10 -0.03 86.15
CA MET F 41 7.22 0.89 86.26
C MET F 41 7.86 0.89 87.64
N ASN F 42 7.15 0.41 88.66
CA ASN F 42 7.68 0.42 90.01
C ASN F 42 9.00 -0.33 90.09
N GLY F 43 9.95 0.24 90.83
CA GLY F 43 11.22 -0.41 91.09
C GLY F 43 12.29 -0.13 90.06
N ASN F 44 11.96 0.52 88.95
CA ASN F 44 12.92 0.79 87.89
C ASN F 44 13.51 2.18 88.05
N ASP F 45 14.83 2.27 87.96
CA ASP F 45 15.54 3.54 88.03
C ASP F 45 15.99 3.95 86.65
N PHE F 46 15.76 5.22 86.31
CA PHE F 46 16.07 5.75 84.99
C PHE F 46 17.02 6.93 85.10
N GLN F 47 17.89 7.04 84.10
CA GLN F 47 18.89 8.09 83.99
C GLN F 47 18.58 8.89 82.73
N THR F 48 18.44 10.21 82.88
CA THR F 48 18.04 11.04 81.75
C THR F 48 19.00 12.21 81.60
N GLY F 49 19.33 12.53 80.36
CA GLY F 49 20.19 13.65 80.06
C GLY F 49 21.65 13.33 80.19
N GLY F 50 22.46 14.38 80.03
CA GLY F 50 23.90 14.28 80.10
C GLY F 50 24.57 14.66 78.79
N ILE F 51 23.89 15.48 77.99
CA ILE F 51 24.41 15.94 76.72
C ILE F 51 24.11 17.42 76.59
N GLY F 52 25.08 18.19 76.12
CA GLY F 52 24.91 19.63 76.12
C GLY F 52 24.75 20.15 77.54
N ASN F 53 23.93 21.17 77.69
CA ASN F 53 23.57 21.69 79.00
C ASN F 53 22.36 20.99 79.60
N LEU F 54 21.84 19.97 78.95
CA LEU F 54 20.65 19.29 79.43
C LEU F 54 21.02 18.53 80.70
N PRO F 55 20.46 18.85 81.86
CA PRO F 55 21.03 18.32 83.10
C PRO F 55 20.78 16.83 83.26
N ILE F 56 21.71 16.19 83.95
CA ILE F 56 21.55 14.78 84.32
C ILE F 56 20.56 14.69 85.47
N ARG F 57 19.58 13.80 85.34
CA ARG F 57 18.57 13.65 86.38
C ARG F 57 18.17 12.19 86.50
N ASN F 58 17.88 11.78 87.74
CA ASN F 58 17.58 10.41 88.09
C ASN F 58 16.12 10.29 88.51
N TRP F 59 15.44 9.27 88.00
CA TRP F 59 14.04 9.02 88.29
C TRP F 59 13.91 7.66 88.96
N THR F 60 13.21 7.62 90.09
CA THR F 60 12.89 6.39 90.79
C THR F 60 11.38 6.32 90.97
N PHE F 61 10.84 5.10 90.85
CA PHE F 61 9.40 4.88 90.82
C PHE F 61 9.00 3.97 91.97
N ASP F 62 8.24 4.51 92.91
CA ASP F 62 7.58 3.71 93.94
C ASP F 62 6.29 4.45 94.30
N PHE F 63 5.20 4.06 93.67
CA PHE F 63 3.92 4.75 93.78
C PHE F 63 2.83 3.76 94.17
N GLY F 64 1.78 4.30 94.81
CA GLY F 64 0.65 3.49 95.22
C GLY F 64 -0.41 3.45 94.14
N LEU F 65 -1.05 2.30 94.00
CA LEU F 65 -2.04 2.13 92.95
C LEU F 65 -3.24 3.03 93.21
N LEU F 66 -3.81 3.56 92.12
CA LEU F 66 -5.01 4.37 92.23
C LEU F 66 -6.16 3.52 92.73
N GLY F 67 -7.01 4.13 93.56
CA GLY F 67 -8.13 3.40 94.11
C GLY F 67 -9.15 3.03 93.04
N THR F 68 -9.96 2.03 93.37
CA THR F 68 -10.99 1.53 92.47
C THR F 68 -12.35 1.35 93.12
N THR F 69 -12.43 1.28 94.45
CA THR F 69 -13.70 1.11 95.13
C THR F 69 -14.65 2.27 94.88
N LEU F 70 -14.09 3.46 94.66
CA LEU F 70 -14.90 4.67 94.64
C LEU F 70 -15.84 4.66 93.45
N LEU F 71 -17.14 4.79 93.71
CA LEU F 71 -18.14 4.80 92.65
C LEU F 71 -18.34 6.18 92.04
N ASN F 72 -17.66 7.20 92.55
CA ASN F 72 -17.76 8.54 91.99
C ASN F 72 -16.60 9.36 92.52
N LEU F 73 -15.75 9.86 91.63
CA LEU F 73 -14.50 10.47 92.06
C LEU F 73 -14.74 11.75 92.84
N ASP F 74 -13.81 12.07 93.75
CA ASP F 74 -13.90 13.23 94.62
C ASP F 74 -12.55 13.91 94.67
N ALA F 75 -12.40 14.86 95.59
CA ALA F 75 -11.19 15.69 95.63
C ALA F 75 -9.97 14.89 96.05
N ASN F 76 -10.11 14.00 97.04
CA ASN F 76 -8.96 13.25 97.52
C ASN F 76 -8.39 12.38 96.41
N TYR F 77 -9.26 11.64 95.73
CA TYR F 77 -8.82 10.75 94.67
C TYR F 77 -8.07 11.52 93.60
N VAL F 78 -8.67 12.60 93.11
CA VAL F 78 -8.08 13.31 91.98
C VAL F 78 -6.78 13.99 92.38
N GLU F 79 -6.65 14.45 93.63
CA GLU F 79 -5.40 15.13 93.98
C GLU F 79 -4.28 14.14 94.22
N THR F 80 -4.55 12.97 94.79
CA THR F 80 -3.50 11.96 94.85
C THR F 80 -3.06 11.55 93.45
N ALA F 81 -4.04 11.33 92.55
CA ALA F 81 -3.70 10.99 91.19
C ALA F 81 -2.88 12.09 90.53
N ARG F 82 -3.19 13.36 90.83
CA ARG F 82 -2.42 14.45 90.25
C ARG F 82 -1.00 14.47 90.79
N THR F 83 -0.84 14.15 92.07
CA THR F 83 0.51 14.07 92.62
C THR F 83 1.35 13.04 91.87
N THR F 84 0.75 11.90 91.54
CA THR F 84 1.49 10.92 90.74
C THR F 84 1.71 11.41 89.31
N ILE F 85 0.68 12.01 88.72
CA ILE F 85 0.69 12.32 87.30
C ILE F 85 1.71 13.40 86.99
N GLU F 86 1.88 14.36 87.91
CA GLU F 86 2.84 15.43 87.64
C GLU F 86 4.25 14.87 87.54
N TYR F 87 4.61 13.97 88.45
CA TYR F 87 5.92 13.33 88.38
C TYR F 87 6.08 12.54 87.10
N PHE F 88 5.06 11.77 86.72
CA PHE F 88 5.18 10.98 85.50
C PHE F 88 5.33 11.87 84.29
N ILE F 89 4.60 12.98 84.24
CA ILE F 89 4.71 13.89 83.10
C ILE F 89 6.10 14.49 83.04
N ASP F 90 6.67 14.82 84.20
CA ASP F 90 8.03 15.34 84.23
C ASP F 90 9.00 14.32 83.65
N PHE F 91 8.86 13.06 84.06
CA PHE F 91 9.74 12.01 83.55
C PHE F 91 9.60 11.87 82.05
N ILE F 92 8.37 11.88 81.55
CA ILE F 92 8.15 11.71 80.12
C ILE F 92 8.75 12.86 79.36
N ASP F 93 8.58 14.09 79.86
CA ASP F 93 9.15 15.24 79.17
C ASP F 93 10.67 15.16 79.09
N ASN F 94 11.31 14.77 80.19
CA ASN F 94 12.77 14.67 80.17
C ASN F 94 13.22 13.57 79.21
N VAL F 95 12.53 12.44 79.20
CA VAL F 95 12.90 11.36 78.28
C VAL F 95 12.76 11.81 76.84
N CYS F 96 11.68 12.53 76.53
CA CYS F 96 11.49 13.00 75.16
C CYS F 96 12.55 14.01 74.77
N MET F 97 12.93 14.91 75.69
CA MET F 97 14.01 15.84 75.38
C MET F 97 15.30 15.11 75.10
N ASP F 98 15.62 14.10 75.92
CA ASP F 98 16.82 13.32 75.72
C ASP F 98 16.83 12.67 74.35
N GLU F 99 15.73 12.04 73.97
CA GLU F 99 15.72 11.33 72.70
C GLU F 99 15.68 12.30 71.53
N MET F 100 15.15 13.49 71.72
CA MET F 100 15.26 14.51 70.67
C MET F 100 16.71 14.90 70.45
N VAL F 101 17.43 15.20 71.53
CA VAL F 101 18.77 15.75 71.37
C VAL F 101 19.72 14.68 70.85
N ARG F 102 19.60 13.45 71.33
CA ARG F 102 20.54 12.41 70.92
C ARG F 102 20.37 12.09 69.43
N GLU F 103 21.42 11.50 68.86
CA GLU F 103 21.47 11.25 67.43
C GLU F 103 22.29 10.00 67.15
N SER F 104 22.07 9.44 65.96
CA SER F 104 22.84 8.31 65.49
C SER F 104 22.88 8.35 63.97
N GLN F 105 23.85 7.65 63.41
CA GLN F 105 24.07 7.60 61.97
C GLN F 105 23.77 6.24 61.38
N ARG F 106 24.07 5.17 62.10
CA ARG F 106 23.70 3.82 61.73
C ARG F 106 22.53 3.37 62.59
N ASN F 107 21.49 2.83 61.96
CA ASN F 107 20.29 2.44 62.67
C ASN F 107 19.68 3.64 63.39
N GLY F 108 19.31 4.64 62.59
CA GLY F 108 18.72 5.83 63.16
C GLY F 108 17.38 5.57 63.80
N VAL F 109 16.65 4.58 63.29
CA VAL F 109 15.34 4.24 63.86
C VAL F 109 15.46 3.77 65.31
N ALA F 110 16.60 3.19 65.67
CA ALA F 110 16.73 2.60 66.98
C ALA F 110 16.68 3.68 68.06
N PRO F 111 16.37 3.32 69.31
CA PRO F 111 16.35 4.33 70.36
C PRO F 111 17.75 4.64 70.86
N GLN F 112 18.09 5.93 70.86
CA GLN F 112 19.20 6.45 71.64
C GLN F 112 18.66 6.71 73.04
N SER F 113 19.40 7.44 73.87
CA SER F 113 18.85 7.81 75.17
C SER F 113 18.58 6.58 76.03
N GLU F 114 19.63 6.08 76.68
CA GLU F 114 19.58 4.85 77.46
C GLU F 114 18.32 4.68 78.30
N ALA F 115 17.71 5.78 78.74
CA ALA F 115 16.38 5.69 79.34
C ALA F 115 15.38 5.05 78.37
N LEU F 116 15.33 5.56 77.15
CA LEU F 116 14.41 4.97 76.17
C LEU F 116 14.89 3.60 75.73
N ARG F 117 16.19 3.36 75.72
CA ARG F 117 16.66 2.01 75.40
C ARG F 117 16.18 1.02 76.46
N LYS F 118 16.18 1.43 77.73
CA LYS F 118 15.62 0.58 78.77
C LYS F 118 14.13 0.38 78.58
N LEU F 119 13.41 1.46 78.26
CA LEU F 119 11.97 1.34 78.07
C LEU F 119 11.64 0.41 76.91
N ALA F 120 12.50 0.36 75.90
CA ALA F 120 12.25 -0.51 74.75
C ALA F 120 12.39 -1.99 75.10
N GLY F 121 12.86 -2.33 76.29
CA GLY F 121 12.97 -3.72 76.69
C GLY F 121 11.65 -4.46 76.71
N ILE F 122 11.68 -5.71 77.18
CA ILE F 122 10.49 -6.55 77.16
C ILE F 122 9.65 -6.40 78.42
N LYS F 123 10.25 -6.00 79.53
CA LYS F 123 9.49 -5.85 80.77
C LYS F 123 8.39 -4.80 80.62
N PHE F 124 8.67 -3.72 79.90
CA PHE F 124 7.76 -2.58 79.81
C PHE F 124 6.80 -2.69 78.65
N LYS F 125 6.51 -3.91 78.19
CA LYS F 125 5.55 -4.07 77.10
C LYS F 125 4.12 -4.07 77.60
N ARG F 126 3.89 -4.34 78.89
CA ARG F 126 2.55 -4.32 79.43
C ARG F 126 1.92 -2.94 79.43
N ILE F 127 2.71 -1.88 79.20
CA ILE F 127 2.17 -0.52 79.19
C ILE F 127 1.52 -0.16 77.87
N ASN F 128 1.78 -0.93 76.81
CA ASN F 128 1.30 -0.58 75.48
C ASN F 128 -0.21 -0.40 75.45
N PHE F 129 -0.66 0.82 75.25
CA PHE F 129 -2.06 1.19 75.45
C PHE F 129 -2.85 1.20 74.15
N ASN F 130 -2.49 2.08 73.23
CA ASN F 130 -3.04 2.07 71.87
C ASN F 130 -2.26 3.10 71.09
N ASN F 131 -2.10 2.85 69.80
CA ASN F 131 -1.23 3.67 68.95
C ASN F 131 -2.10 4.26 67.86
N SER F 132 -2.70 5.41 68.14
CA SER F 132 -3.72 6.00 67.29
C SER F 132 -3.30 7.26 66.58
N SER F 133 -2.38 8.04 67.14
CA SER F 133 -1.96 9.28 66.49
C SER F 133 -1.36 8.98 65.12
N GLU F 134 -1.40 9.98 64.24
CA GLU F 134 -0.90 9.75 62.90
C GLU F 134 0.59 9.43 62.91
N TYR F 135 1.35 10.13 63.74
CA TYR F 135 2.79 9.89 63.77
C TYR F 135 3.11 8.51 64.33
N ILE F 136 2.47 8.14 65.44
CA ILE F 136 2.77 6.85 66.03
C ILE F 136 2.29 5.71 65.13
N GLU F 137 1.18 5.88 64.43
CA GLU F 137 0.72 4.77 63.61
C GLU F 137 1.55 4.65 62.35
N ASN F 138 2.04 5.76 61.80
CA ASN F 138 3.03 5.66 60.73
C ASN F 138 4.31 5.00 61.24
N TRP F 139 4.69 5.30 62.48
CA TRP F 139 5.87 4.67 63.07
C TRP F 139 5.69 3.17 63.19
N ASN F 140 4.54 2.74 63.69
CA ASN F 140 4.28 1.30 63.80
C ASN F 140 4.23 0.65 62.43
N LEU F 141 3.69 1.34 61.42
CA LEU F 141 3.72 0.80 60.07
C LEU F 141 5.15 0.61 59.60
N GLN F 142 6.01 1.61 59.82
CA GLN F 142 7.41 1.48 59.44
C GLN F 142 8.05 0.28 60.14
N ASN F 143 7.80 0.15 61.44
CA ASN F 143 8.34 -0.98 62.19
C ASN F 143 7.83 -2.30 61.62
N ARG F 144 6.57 -2.34 61.22
CA ARG F 144 5.93 -3.49 60.60
C ARG F 144 5.95 -3.38 59.09
N ARG F 145 7.06 -2.88 58.54
CA ARG F 145 7.11 -2.04 57.35
C ARG F 145 6.04 -2.30 56.31
N GLN F 146 5.32 -1.22 55.97
CA GLN F 146 4.22 -1.20 55.03
C GLN F 146 4.23 0.18 54.40
N ARG F 147 3.15 0.56 53.72
CA ARG F 147 3.06 1.88 53.10
C ARG F 147 2.68 2.90 54.16
N THR F 148 3.65 3.71 54.59
CA THR F 148 3.34 4.80 55.49
C THR F 148 2.73 5.96 54.72
N GLY F 149 2.24 6.95 55.45
CA GLY F 149 1.70 8.13 54.81
C GLY F 149 1.45 9.25 55.81
N PHE F 150 1.95 10.43 55.49
CA PHE F 150 1.74 11.63 56.29
C PHE F 150 1.02 12.65 55.44
N VAL F 151 -0.06 13.21 55.96
CA VAL F 151 -0.81 14.25 55.26
C VAL F 151 -0.24 15.59 55.70
N PHE F 152 0.17 16.40 54.73
CA PHE F 152 0.80 17.68 54.99
C PHE F 152 0.01 18.80 54.33
N HIS F 153 -0.18 19.88 55.09
CA HIS F 153 -0.82 21.09 54.59
C HIS F 153 0.29 22.08 54.26
N LYS F 154 0.49 22.32 52.97
CA LYS F 154 1.47 23.29 52.51
C LYS F 154 2.85 22.82 52.91
N PRO F 155 3.29 21.64 52.46
CA PRO F 155 4.58 21.11 52.91
C PRO F 155 5.73 21.90 52.34
N ASN F 156 6.70 22.22 53.20
CA ASN F 156 7.93 22.87 52.74
C ASN F 156 8.87 21.77 52.27
N ILE F 157 8.66 21.37 51.02
CA ILE F 157 9.48 20.33 50.41
C ILE F 157 10.59 20.92 49.55
N PHE F 158 10.44 22.13 49.05
CA PHE F 158 11.48 22.73 48.23
C PHE F 158 12.53 23.38 49.12
N PRO F 159 13.83 23.17 48.87
CA PRO F 159 14.82 24.00 49.56
C PRO F 159 14.72 25.43 49.04
N TYR F 160 14.98 26.38 49.92
CA TYR F 160 14.98 27.76 49.49
C TYR F 160 16.07 27.97 48.46
N SER F 161 15.69 28.43 47.28
CA SER F 161 16.67 28.74 46.25
C SER F 161 16.10 29.79 45.32
N ALA F 162 16.78 30.92 45.22
CA ALA F 162 16.47 31.95 44.23
C ALA F 162 17.66 32.04 43.29
N SER F 163 17.40 31.98 41.99
CA SER F 163 18.50 32.01 41.03
C SER F 163 17.93 32.26 39.64
N PHE F 164 18.78 32.13 38.62
CA PHE F 164 18.38 32.37 37.25
C PHE F 164 19.39 31.71 36.32
N THR F 165 19.00 31.61 35.05
CA THR F 165 19.91 31.20 33.98
C THR F 165 19.69 32.08 32.79
N LEU F 166 20.78 32.40 32.10
CA LEU F 166 20.79 33.26 30.92
C LEU F 166 21.19 32.41 29.73
N ASN F 167 20.21 32.06 28.90
CA ASN F 167 20.50 31.32 27.68
C ASN F 167 21.00 32.21 26.56
N ARG F 168 20.95 33.53 26.74
CA ARG F 168 21.60 34.47 25.83
C ARG F 168 22.13 35.62 26.67
N SER F 169 23.39 36.00 26.46
CA SER F 169 24.03 36.96 27.33
C SER F 169 25.17 37.64 26.60
N GLN F 170 25.74 38.64 27.27
CA GLN F 170 26.89 39.39 26.79
C GLN F 170 27.32 40.33 27.92
N PRO F 171 28.58 40.78 27.93
CA PRO F 171 29.06 41.53 29.09
C PRO F 171 28.27 42.79 29.39
N MET F 172 27.66 43.41 28.39
CA MET F 172 26.84 44.59 28.66
C MET F 172 25.51 44.26 29.30
N HIS F 173 25.05 43.01 29.20
CA HIS F 173 23.79 42.59 29.82
C HIS F 173 22.62 43.47 29.39
N ASP F 174 22.62 43.85 28.11
CA ASP F 174 21.58 44.73 27.58
C ASP F 174 20.54 44.00 26.74
N ASN F 175 20.79 42.76 26.36
CA ASN F 175 19.86 41.97 25.57
C ASN F 175 20.01 40.52 26.05
N LEU F 176 19.17 40.14 27.01
CA LEU F 176 19.22 38.85 27.66
C LEU F 176 17.98 38.05 27.33
N MET F 177 18.05 36.76 27.66
CA MET F 177 16.92 35.87 27.55
C MET F 177 17.19 34.68 28.45
N GLY F 178 16.16 34.22 29.13
CA GLY F 178 16.38 33.10 30.03
C GLY F 178 15.26 32.98 31.03
N THR F 179 15.61 32.44 32.19
CA THR F 179 14.62 32.12 33.21
C THR F 179 15.16 32.57 34.55
N MET F 180 14.25 32.77 35.49
CA MET F 180 14.60 33.26 36.81
C MET F 180 13.54 32.79 37.77
N TRP F 181 13.94 32.12 38.84
CA TRP F 181 12.98 31.40 39.67
C TRP F 181 13.32 31.53 41.14
N LEU F 182 12.27 31.33 41.94
CA LEU F 182 12.37 31.05 43.36
C LEU F 182 11.62 29.76 43.64
N ASN F 183 12.21 28.90 44.44
CA ASN F 183 11.52 27.76 45.04
C ASN F 183 11.71 27.87 46.54
N ALA F 184 10.63 28.07 47.27
CA ALA F 184 10.73 28.28 48.70
C ALA F 184 9.52 27.65 49.38
N GLY F 185 9.77 26.85 50.40
CA GLY F 185 8.69 26.21 51.12
C GLY F 185 7.83 25.39 50.19
N SER F 186 6.61 25.86 49.91
CA SER F 186 5.66 25.16 49.06
C SER F 186 5.34 25.92 47.78
N GLU F 187 6.14 26.94 47.44
CA GLU F 187 5.87 27.81 46.31
C GLU F 187 6.98 27.66 45.29
N ILE F 188 6.60 27.45 44.04
CA ILE F 188 7.49 27.62 42.89
C ILE F 188 7.01 28.84 42.14
N GLN F 189 7.89 29.80 41.91
CA GLN F 189 7.59 30.96 41.08
C GLN F 189 8.68 31.03 40.04
N VAL F 190 8.33 30.79 38.78
CA VAL F 190 9.29 30.80 37.69
C VAL F 190 8.86 31.84 36.69
N ALA F 191 9.81 32.62 36.19
CA ALA F 191 9.53 33.66 35.22
C ALA F 191 10.57 33.58 34.12
N GLY F 192 10.12 33.31 32.90
CA GLY F 192 10.95 33.49 31.75
C GLY F 192 10.93 34.93 31.30
N PHE F 193 12.03 35.37 30.72
CA PHE F 193 12.11 36.74 30.24
C PHE F 193 12.94 36.79 28.98
N ASP F 194 12.65 37.79 28.17
CA ASP F 194 13.29 38.00 26.88
C ASP F 194 13.30 39.50 26.65
N TYR F 195 14.49 40.06 26.40
CA TYR F 195 14.55 41.50 26.19
C TYR F 195 14.10 41.86 24.79
N SER F 196 14.40 41.02 23.81
CA SER F 196 13.93 41.28 22.45
C SER F 196 12.45 41.00 22.28
N CYS F 197 11.80 40.34 23.23
CA CYS F 197 10.40 39.98 23.12
C CYS F 197 10.17 39.11 21.88
N ALA F 198 11.02 38.11 21.71
CA ALA F 198 10.90 37.16 20.61
C ALA F 198 10.93 37.86 19.27
N LEU F 199 11.81 38.84 19.14
CA LEU F 199 11.90 39.58 17.87
C LEU F 199 12.41 38.68 16.76
N ASN F 200 13.47 37.92 17.04
CA ASN F 200 14.10 37.04 16.06
C ASN F 200 13.86 35.57 16.32
N ALA F 201 13.16 35.22 17.38
CA ALA F 201 12.89 33.82 17.66
C ALA F 201 12.01 33.23 16.55
N PRO F 202 12.10 31.93 16.30
CA PRO F 202 11.30 31.34 15.21
C PRO F 202 9.81 31.42 15.52
N ALA F 203 9.07 32.04 14.61
CA ALA F 203 7.63 32.27 14.73
C ALA F 203 7.30 33.25 15.85
N ASN F 204 8.27 34.03 16.32
CA ASN F 204 8.08 34.97 17.42
C ASN F 204 7.57 34.27 18.67
N ILE F 205 8.03 33.03 18.87
CA ILE F 205 7.72 32.24 20.05
C ILE F 205 9.03 31.87 20.73
N GLN F 206 9.21 32.33 21.96
CA GLN F 206 10.36 31.96 22.77
C GLN F 206 9.91 30.89 23.76
N GLN F 207 10.71 29.83 23.90
CA GLN F 207 10.37 28.72 24.78
C GLN F 207 11.13 28.81 26.08
N PHE F 208 10.45 28.53 27.19
CA PHE F 208 11.05 28.46 28.50
C PHE F 208 10.61 27.17 29.16
N GLU F 209 11.53 26.54 29.87
CA GLU F 209 11.25 25.31 30.60
C GLU F 209 11.99 25.35 31.92
N HIS F 210 11.38 24.72 32.93
CA HIS F 210 11.97 24.71 34.27
C HIS F 210 11.59 23.40 34.94
N ILE F 211 12.61 22.64 35.34
CA ILE F 211 12.43 21.31 35.92
C ILE F 211 12.84 21.37 37.38
N VAL F 212 11.89 21.03 38.26
CA VAL F 212 12.09 21.03 39.70
C VAL F 212 12.04 19.59 40.17
N GLN F 213 13.04 19.19 40.94
CA GLN F 213 13.18 17.81 41.41
C GLN F 213 12.88 17.77 42.89
N LEU F 214 11.88 16.99 43.29
CA LEU F 214 11.58 16.81 44.69
C LEU F 214 12.42 15.69 45.28
N ARG F 215 12.77 15.81 46.54
CA ARG F 215 13.59 14.79 47.17
C ARG F 215 12.78 13.53 47.41
N ARG F 216 11.52 13.67 47.77
CA ARG F 216 10.60 12.56 47.93
C ARG F 216 9.35 12.84 47.11
N ALA F 217 8.85 11.81 46.44
CA ALA F 217 7.66 11.96 45.63
C ALA F 217 6.45 12.17 46.52
N LEU F 218 5.66 13.19 46.20
CA LEU F 218 4.45 13.50 46.95
C LEU F 218 3.26 12.82 46.29
N THR F 219 2.33 12.36 47.11
CA THR F 219 1.19 11.57 46.68
C THR F 219 -0.10 12.37 46.87
N THR F 220 -0.98 12.29 45.86
CA THR F 220 -2.31 12.89 45.90
C THR F 220 -2.24 14.35 46.34
N ALA F 221 -1.48 15.13 45.60
CA ALA F 221 -1.17 16.51 45.99
C ALA F 221 -2.05 17.48 45.23
N THR F 222 -2.68 18.39 45.96
CA THR F 222 -3.44 19.48 45.37
C THR F 222 -2.52 20.66 45.14
N ILE F 223 -2.61 21.28 43.97
CA ILE F 223 -1.72 22.35 43.58
C ILE F 223 -2.57 23.49 43.06
N THR F 224 -2.14 24.72 43.35
CA THR F 224 -2.76 25.92 42.82
C THR F 224 -1.78 26.52 41.83
N LEU F 225 -2.13 26.51 40.56
CA LEU F 225 -1.30 27.04 39.49
C LEU F 225 -1.94 28.30 38.95
N LEU F 226 -1.20 29.40 38.99
CA LEU F 226 -1.66 30.69 38.50
C LEU F 226 -0.61 31.25 37.57
N PRO F 227 -0.99 32.15 36.66
CA PRO F 227 0.01 32.81 35.82
C PRO F 227 0.56 34.05 36.50
N ASP F 228 1.47 34.77 35.83
CA ASP F 228 1.92 36.08 36.28
C ASP F 228 2.57 36.00 37.66
N ALA F 229 3.74 35.37 37.68
CA ALA F 229 4.56 35.30 38.88
C ALA F 229 4.75 36.67 39.50
N GLU F 230 4.58 36.74 40.82
CA GLU F 230 4.58 38.02 41.50
C GLU F 230 5.99 38.60 41.61
N ARG F 231 6.90 37.83 42.19
CA ARG F 231 8.19 38.38 42.58
C ARG F 231 9.02 38.83 41.40
N PHE F 232 8.77 38.31 40.22
CA PHE F 232 9.56 38.60 39.04
C PHE F 232 8.76 39.43 38.05
N SER F 233 8.02 40.39 38.59
CA SER F 233 7.18 41.27 37.78
C SER F 233 7.34 42.73 38.19
N PHE F 234 8.47 43.09 38.79
CA PHE F 234 8.77 44.47 39.11
C PHE F 234 10.24 44.72 38.82
N PRO F 235 10.62 45.96 38.52
CA PRO F 235 11.98 46.21 38.02
C PRO F 235 13.00 46.03 39.13
N ARG F 236 14.13 45.41 38.79
CA ARG F 236 15.13 45.13 39.82
C ARG F 236 16.49 44.90 39.18
N VAL F 237 17.52 45.01 40.01
CA VAL F 237 18.91 44.88 39.58
C VAL F 237 19.52 43.68 40.31
N ILE F 238 20.09 42.76 39.55
CA ILE F 238 20.61 41.50 40.07
C ILE F 238 22.07 41.38 39.72
N ASN F 239 22.87 40.93 40.69
CA ASN F 239 24.27 40.65 40.41
C ASN F 239 24.36 39.53 39.38
N SER F 240 25.34 39.65 38.49
CA SER F 240 25.53 38.64 37.46
C SER F 240 25.88 37.30 38.10
N ALA F 241 25.94 36.28 37.25
CA ALA F 241 26.25 34.94 37.74
C ALA F 241 27.62 34.91 38.40
N ASP F 242 28.61 35.49 37.74
CA ASP F 242 29.95 35.54 38.31
C ASP F 242 29.99 36.40 39.56
N GLY F 243 29.10 37.39 39.65
CA GLY F 243 29.17 38.38 40.70
C GLY F 243 30.07 39.55 40.40
N ALA F 244 30.63 39.62 39.19
CA ALA F 244 31.52 40.73 38.87
C ALA F 244 30.75 42.03 38.78
N THR F 245 29.64 42.04 38.06
CA THR F 245 28.84 43.24 37.83
C THR F 245 27.39 42.97 38.21
N THR F 246 26.53 43.93 37.90
CA THR F 246 25.11 43.80 38.12
C THR F 246 24.38 44.24 36.86
N TRP F 247 23.19 43.68 36.65
CA TRP F 247 22.39 43.98 35.47
C TRP F 247 20.96 44.27 35.89
N PHE F 248 20.35 45.21 35.18
CA PHE F 248 19.01 45.70 35.44
C PHE F 248 18.03 44.90 34.60
N PHE F 249 16.79 44.76 35.07
CA PHE F 249 15.74 44.42 34.12
C PHE F 249 14.41 44.95 34.62
N ASN F 250 13.60 45.40 33.65
CA ASN F 250 12.36 46.13 33.87
C ASN F 250 11.24 45.30 33.26
N PRO F 251 10.57 44.44 34.03
CA PRO F 251 9.61 43.53 33.43
C PRO F 251 8.42 44.24 32.80
N ILE F 252 7.91 43.61 31.74
CA ILE F 252 6.59 43.88 31.19
C ILE F 252 5.93 42.52 31.11
N ILE F 253 4.93 42.30 31.95
CA ILE F 253 4.33 40.98 32.06
C ILE F 253 3.45 40.72 30.85
N LEU F 254 3.52 39.50 30.32
CA LEU F 254 2.75 39.07 29.17
C LEU F 254 1.99 37.80 29.51
N ARG F 255 0.96 37.53 28.73
CA ARG F 255 0.24 36.28 28.82
C ARG F 255 1.19 35.11 28.54
N PRO F 256 1.34 34.13 29.46
CA PRO F 256 2.11 32.93 29.12
C PRO F 256 1.22 31.95 28.36
N ASN F 257 1.51 31.75 27.09
CA ASN F 257 0.64 30.95 26.23
C ASN F 257 1.10 29.51 26.16
N ASN F 258 0.15 28.64 25.81
CA ASN F 258 0.26 27.17 25.79
C ASN F 258 1.19 26.66 26.88
N VAL F 259 0.93 27.12 28.10
CA VAL F 259 1.65 26.61 29.26
C VAL F 259 1.27 25.15 29.50
N GLU F 260 2.28 24.34 29.76
CA GLU F 260 2.12 22.94 30.10
C GLU F 260 2.79 22.67 31.42
N VAL F 261 2.16 21.82 32.24
CA VAL F 261 2.72 21.36 33.49
C VAL F 261 2.72 19.84 33.43
N GLU F 262 3.92 19.25 33.43
CA GLU F 262 4.04 17.81 33.55
C GLU F 262 4.43 17.46 34.96
N PHE F 263 3.73 16.48 35.53
CA PHE F 263 4.10 15.87 36.79
C PHE F 263 4.64 14.49 36.49
N LEU F 264 5.89 14.26 36.86
CA LEU F 264 6.68 13.12 36.43
C LEU F 264 7.11 12.30 37.64
N LEU F 265 7.04 10.98 37.51
CA LEU F 265 7.54 10.05 38.52
C LEU F 265 8.54 9.13 37.83
N ASN F 266 9.81 9.29 38.17
CA ASN F 266 10.89 8.53 37.54
C ASN F 266 10.90 8.74 36.03
N GLY F 267 10.82 10.00 35.63
CA GLY F 267 10.90 10.35 34.22
C GLY F 267 9.74 9.84 33.40
N GLN F 268 8.64 9.46 34.06
CA GLN F 268 7.45 8.95 33.40
C GLN F 268 6.35 9.99 33.56
N ILE F 269 5.82 10.48 32.45
CA ILE F 269 4.82 11.54 32.50
C ILE F 269 3.56 10.96 33.13
N ILE F 270 3.28 11.35 34.37
CA ILE F 270 2.14 10.83 35.11
C ILE F 270 0.93 11.73 34.96
N ASN F 271 1.11 13.05 34.95
CA ASN F 271 0.01 13.96 34.68
C ASN F 271 0.49 15.09 33.79
N THR F 272 -0.44 15.65 33.02
CA THR F 272 -0.11 16.71 32.08
C THR F 272 -1.30 17.65 32.00
N TYR F 273 -1.12 18.89 32.43
CA TYR F 273 -2.16 19.91 32.35
C TYR F 273 -1.71 21.00 31.40
N GLN F 274 -2.52 21.26 30.38
CA GLN F 274 -2.16 22.15 29.28
C GLN F 274 -3.09 23.34 29.28
N ALA F 275 -2.57 24.51 29.62
CA ALA F 275 -3.34 25.76 29.62
C ALA F 275 -4.52 25.69 30.58
N ARG F 276 -4.34 25.00 31.70
CA ARG F 276 -5.36 24.89 32.73
C ARG F 276 -4.79 25.48 34.02
N PHE F 277 -5.40 26.56 34.49
CA PHE F 277 -5.00 27.23 35.70
C PHE F 277 -5.95 26.85 36.82
N GLY F 278 -5.83 27.53 37.95
CA GLY F 278 -6.65 27.19 39.09
C GLY F 278 -6.07 26.01 39.85
N THR F 279 -6.96 25.22 40.43
CA THR F 279 -6.55 24.07 41.23
C THR F 279 -6.44 22.83 40.35
N ILE F 280 -5.33 22.12 40.50
CA ILE F 280 -5.03 20.90 39.78
C ILE F 280 -4.56 19.88 40.80
N VAL F 281 -4.38 18.64 40.35
CA VAL F 281 -3.93 17.58 41.26
C VAL F 281 -2.86 16.73 40.58
N ALA F 282 -2.06 16.06 41.40
CA ALA F 282 -1.06 15.11 40.93
C ALA F 282 -1.17 13.85 41.76
N ARG F 283 -1.34 12.70 41.09
CA ARG F 283 -1.43 11.44 41.80
C ARG F 283 -0.16 11.17 42.58
N ASN F 284 0.98 11.22 41.90
CA ASN F 284 2.25 10.83 42.47
C ASN F 284 3.32 11.40 41.55
N PHE F 285 4.20 12.24 42.09
CA PHE F 285 5.15 12.94 41.24
C PHE F 285 6.43 13.24 42.00
N ASP F 286 7.54 12.99 41.33
CA ASP F 286 8.88 13.27 41.82
C ASP F 286 9.50 14.50 41.16
N THR F 287 8.93 14.98 40.07
CA THR F 287 9.49 16.09 39.34
C THR F 287 8.35 16.89 38.73
N ILE F 288 8.54 18.20 38.65
CA ILE F 288 7.58 19.11 38.06
C ILE F 288 8.30 19.78 36.90
N ARG F 289 7.68 19.76 35.73
CA ARG F 289 8.23 20.41 34.54
C ARG F 289 7.25 21.48 34.10
N LEU F 290 7.60 22.74 34.35
CA LEU F 290 6.83 23.88 33.91
C LEU F 290 7.38 24.35 32.57
N SER F 291 6.59 24.23 31.52
CA SER F 291 6.97 24.69 30.20
C SER F 291 6.01 25.80 29.80
N PHE F 292 6.54 26.90 29.30
CA PHE F 292 5.69 27.98 28.84
C PHE F 292 6.41 28.72 27.73
N GLN F 293 5.71 29.67 27.14
CA GLN F 293 6.20 30.36 25.95
C GLN F 293 5.89 31.84 26.08
N LEU F 294 6.67 32.62 25.36
CA LEU F 294 6.48 34.06 25.22
C LEU F 294 6.23 34.33 23.76
N MET F 295 5.00 34.69 23.42
CA MET F 295 4.60 34.97 22.05
C MET F 295 4.57 36.48 21.86
N ARG F 296 5.32 36.97 20.90
CA ARG F 296 5.25 38.39 20.58
C ARG F 296 3.82 38.71 20.14
N PRO F 297 3.20 39.76 20.65
CA PRO F 297 1.81 40.02 20.27
C PRO F 297 1.71 40.37 18.79
N PRO F 298 0.99 39.58 18.00
CA PRO F 298 0.98 39.85 16.54
C PRO F 298 0.39 41.20 16.19
N ASN F 299 -0.62 41.66 16.91
CA ASN F 299 -1.14 43.01 16.77
C ASN F 299 -0.80 43.80 18.02
N MET F 300 -0.67 45.11 17.86
CA MET F 300 -0.12 45.94 18.92
C MET F 300 -0.67 47.35 18.82
N THR F 301 -1.30 47.80 19.89
CA THR F 301 -1.64 49.19 20.03
C THR F 301 -0.35 50.02 19.96
N PRO F 302 -0.41 51.27 19.49
CA PRO F 302 0.83 52.07 19.44
C PRO F 302 1.56 52.19 20.75
N ALA F 303 0.87 52.15 21.89
CA ALA F 303 1.57 52.19 23.17
C ALA F 303 2.51 51.00 23.31
N VAL F 304 1.99 49.78 23.13
CA VAL F 304 2.85 48.62 23.23
C VAL F 304 3.85 48.57 22.09
N ASN F 305 3.48 49.09 20.93
CA ASN F 305 4.41 49.10 19.81
C ASN F 305 5.64 49.93 20.14
N ALA F 306 5.43 51.13 20.68
CA ALA F 306 6.56 51.93 21.14
C ALA F 306 7.27 51.25 22.28
N LEU F 307 6.54 50.46 23.06
CA LEU F 307 7.16 49.78 24.20
C LEU F 307 8.19 48.75 23.73
N PHE F 308 7.86 48.00 22.69
CA PHE F 308 8.74 46.95 22.14
C PHE F 308 9.23 47.36 20.76
N PRO F 309 10.44 47.91 20.61
CA PRO F 309 10.91 48.29 19.28
C PRO F 309 11.74 47.20 18.62
N GLN F 310 11.74 47.22 17.29
CA GLN F 310 12.56 46.31 16.51
C GLN F 310 14.04 46.66 16.55
N ALA F 311 14.39 47.83 17.09
CA ALA F 311 15.77 48.27 17.16
C ALA F 311 16.49 47.50 18.26
N GLN F 312 17.62 48.02 18.69
CA GLN F 312 18.44 47.36 19.71
C GLN F 312 18.10 47.72 21.16
N PRO F 313 17.87 49.00 21.53
CA PRO F 313 17.89 49.39 22.95
C PRO F 313 17.15 48.49 23.95
N PHE F 314 15.91 48.13 23.66
CA PHE F 314 15.14 47.20 24.50
C PHE F 314 15.06 47.71 25.94
N GLN F 315 14.37 48.83 26.10
CA GLN F 315 14.31 49.49 27.40
C GLN F 315 13.30 48.87 28.35
N HIS F 316 12.39 48.03 27.86
CA HIS F 316 11.47 47.28 28.72
C HIS F 316 11.50 45.82 28.26
N HIS F 317 11.52 44.90 29.22
CA HIS F 317 11.91 43.53 28.96
C HIS F 317 10.72 42.62 29.18
N ALA F 318 10.32 41.87 28.16
CA ALA F 318 9.11 41.09 28.26
C ALA F 318 9.33 39.89 29.18
N THR F 319 8.32 39.57 29.99
CA THR F 319 8.42 38.44 30.91
C THR F 319 7.11 37.68 30.91
N VAL F 320 7.18 36.44 31.38
CA VAL F 320 6.01 35.57 31.49
C VAL F 320 6.26 34.60 32.63
N GLY F 321 5.34 34.54 33.58
CA GLY F 321 5.56 33.87 34.84
C GLY F 321 4.56 32.76 35.13
N LEU F 322 4.82 32.06 36.23
CA LEU F 322 3.97 30.99 36.71
C LEU F 322 4.21 30.83 38.20
N THR F 323 3.14 30.80 38.96
CA THR F 323 3.17 30.54 40.40
C THR F 323 2.48 29.22 40.66
N LEU F 324 3.03 28.44 41.60
CA LEU F 324 2.59 27.08 41.85
C LEU F 324 2.70 26.81 43.33
N ARG F 325 1.58 26.86 44.05
CA ARG F 325 1.52 26.49 45.46
C ARG F 325 1.18 25.01 45.53
N ILE F 326 1.78 24.31 46.49
CA ILE F 326 1.38 22.94 46.80
C ILE F 326 0.50 23.03 48.04
N GLU F 327 -0.81 23.10 47.85
CA GLU F 327 -1.71 23.37 48.96
C GLU F 327 -1.68 22.26 49.98
N SER F 328 -1.69 21.00 49.52
CA SER F 328 -1.66 19.86 50.42
C SER F 328 -1.10 18.68 49.67
N ALA F 329 -0.60 17.70 50.41
CA ALA F 329 -0.01 16.53 49.78
C ALA F 329 0.06 15.41 50.79
N VAL F 330 0.37 14.21 50.30
CA VAL F 330 0.62 13.04 51.12
C VAL F 330 2.00 12.52 50.78
N CYS F 331 2.87 12.42 51.78
CA CYS F 331 4.24 11.99 51.57
C CYS F 331 4.53 10.75 52.38
N GLU F 332 5.28 9.83 51.77
CA GLU F 332 5.67 8.63 52.49
C GLU F 332 6.65 8.95 53.61
N SER F 333 7.59 9.86 53.35
CA SER F 333 8.56 10.28 54.34
C SER F 333 8.04 11.49 55.12
N VAL F 334 8.75 11.85 56.17
CA VAL F 334 8.33 12.92 57.06
C VAL F 334 8.94 14.23 56.60
N LEU F 335 8.15 15.30 56.69
CA LEU F 335 8.54 16.63 56.27
C LEU F 335 8.00 17.63 57.28
N ALA F 336 8.56 18.83 57.26
CA ALA F 336 7.97 19.92 58.02
C ALA F 336 6.77 20.48 57.26
N ASP F 337 5.95 21.25 57.97
CA ASP F 337 4.71 21.77 57.41
C ASP F 337 4.51 23.20 57.86
N ALA F 338 3.44 23.80 57.37
CA ALA F 338 2.89 25.02 57.91
C ALA F 338 1.84 24.75 58.99
N ASN F 339 1.48 23.49 59.21
CA ASN F 339 0.42 23.13 60.13
C ASN F 339 0.90 22.39 61.36
N GLU F 340 2.19 22.02 61.40
CA GLU F 340 2.72 21.14 62.43
C GLU F 340 3.94 21.78 63.07
N THR F 341 3.99 21.73 64.40
CA THR F 341 5.06 22.35 65.18
C THR F 341 6.13 21.36 65.58
N LEU F 342 6.28 20.28 64.82
CA LEU F 342 7.23 19.23 65.17
C LEU F 342 8.66 19.70 64.97
N LEU F 343 8.96 20.29 63.81
CA LEU F 343 10.30 20.79 63.55
C LEU F 343 10.66 21.89 64.54
N ALA F 344 9.72 22.79 64.80
CA ALA F 344 9.98 23.85 65.75
C ALA F 344 10.26 23.29 67.12
N ASN F 345 9.50 22.29 67.55
CA ASN F 345 9.73 21.71 68.87
C ASN F 345 11.12 21.09 68.96
N VAL F 346 11.51 20.31 67.96
CA VAL F 346 12.80 19.65 68.01
C VAL F 346 13.92 20.67 68.04
N THR F 347 13.85 21.65 67.14
CA THR F 347 14.91 22.65 67.06
C THR F 347 14.98 23.47 68.34
N ALA F 348 13.84 23.84 68.90
CA ALA F 348 13.85 24.60 70.14
C ALA F 348 14.47 23.80 71.27
N VAL F 349 14.17 22.51 71.35
CA VAL F 349 14.74 21.72 72.42
C VAL F 349 16.25 21.62 72.27
N ARG F 350 16.72 21.48 71.03
CA ARG F 350 18.17 21.44 70.85
C ARG F 350 18.81 22.78 71.22
N GLN F 351 18.20 23.89 70.82
CA GLN F 351 18.81 25.19 71.04
C GLN F 351 18.81 25.59 72.51
N GLU F 352 17.73 25.28 73.23
CA GLU F 352 17.62 25.72 74.62
C GLU F 352 18.73 25.15 75.48
N TYR F 353 19.26 24.00 75.11
CA TYR F 353 20.32 23.34 75.87
C TYR F 353 21.64 23.28 75.11
N ALA F 354 21.70 23.86 73.91
CA ALA F 354 22.96 24.05 73.20
C ALA F 354 23.63 22.71 72.93
N ILE F 355 22.91 21.86 72.20
CA ILE F 355 23.45 20.54 71.89
C ILE F 355 24.57 20.70 70.88
N PRO F 356 25.73 20.03 71.05
CA PRO F 356 26.77 20.13 70.03
C PRO F 356 26.29 19.58 68.71
N VAL F 357 26.82 20.14 67.62
CA VAL F 357 26.40 19.72 66.29
C VAL F 357 26.68 18.24 66.12
N GLY F 358 25.66 17.50 65.71
CA GLY F 358 25.77 16.06 65.57
C GLY F 358 26.36 15.66 64.24
N PRO F 359 26.54 14.35 64.04
CA PRO F 359 27.17 13.89 62.80
C PRO F 359 26.23 13.79 61.61
N VAL F 360 24.92 13.90 61.81
CA VAL F 360 23.93 13.60 60.79
C VAL F 360 23.08 14.81 60.44
N PHE F 361 22.61 15.53 61.45
CA PHE F 361 21.81 16.71 61.19
C PHE F 361 22.70 17.91 60.92
N PRO F 362 22.25 18.89 60.15
CA PRO F 362 23.08 20.05 59.87
C PRO F 362 23.11 20.99 61.07
N PRO F 363 24.06 21.91 61.12
CA PRO F 363 24.15 22.79 62.29
C PRO F 363 22.94 23.70 62.38
N GLY F 364 22.25 23.64 63.51
CA GLY F 364 21.04 24.42 63.72
C GLY F 364 19.78 23.80 63.15
N MET F 365 19.90 22.65 62.48
CA MET F 365 18.75 21.95 61.91
C MET F 365 17.98 22.86 60.95
N ASN F 366 18.71 23.62 60.14
CA ASN F 366 18.05 24.48 59.17
C ASN F 366 17.40 23.61 58.10
N TRP F 367 16.10 23.82 57.90
CA TRP F 367 15.36 22.95 57.01
C TRP F 367 15.89 23.01 55.59
N THR F 368 16.39 24.16 55.16
CA THR F 368 16.86 24.29 53.79
C THR F 368 18.01 23.33 53.52
N GLU F 369 19.05 23.36 54.35
CA GLU F 369 20.15 22.45 54.16
C GLU F 369 19.83 21.04 54.58
N LEU F 370 18.78 20.84 55.39
CA LEU F 370 18.41 19.48 55.74
C LEU F 370 17.67 18.77 54.61
N ILE F 371 16.91 19.51 53.80
CA ILE F 371 16.20 18.92 52.68
C ILE F 371 16.94 19.07 51.36
N THR F 372 17.96 19.93 51.29
CA THR F 372 18.81 19.92 50.10
C THR F 372 19.49 18.57 49.95
N ASN F 373 19.99 18.03 51.05
CA ASN F 373 20.51 16.67 51.13
C ASN F 373 19.70 15.94 52.18
N TYR F 374 18.87 15.00 51.75
CA TYR F 374 17.88 14.38 52.63
C TYR F 374 18.09 12.87 52.63
N SER F 375 19.33 12.44 52.87
CA SER F 375 19.71 11.05 52.76
C SER F 375 18.85 10.19 53.69
N PRO F 376 18.84 8.87 53.45
CA PRO F 376 17.97 8.00 54.28
C PRO F 376 18.32 8.00 55.75
N SER F 377 19.59 8.10 56.13
CA SER F 377 19.93 8.18 57.54
C SER F 377 19.35 9.45 58.16
N ARG F 378 19.46 10.57 57.44
CA ARG F 378 18.87 11.80 57.92
C ARG F 378 17.36 11.66 58.05
N GLU F 379 16.72 11.00 57.08
CA GLU F 379 15.28 10.79 57.14
C GLU F 379 14.90 9.94 58.34
N ASP F 380 15.66 8.88 58.61
CA ASP F 380 15.38 8.01 59.74
C ASP F 380 15.44 8.78 61.04
N ASN F 381 16.53 9.52 61.24
CA ASN F 381 16.64 10.29 62.48
C ASN F 381 15.58 11.36 62.57
N LEU F 382 15.24 11.98 61.44
CA LEU F 382 14.20 12.99 61.46
C LEU F 382 12.86 12.40 61.86
N GLN F 383 12.54 11.23 61.33
CA GLN F 383 11.29 10.58 61.72
C GLN F 383 11.29 10.24 63.20
N ARG F 384 12.42 9.75 63.71
CA ARG F 384 12.48 9.41 65.13
C ARG F 384 12.24 10.65 65.99
N VAL F 385 12.98 11.72 65.74
CA VAL F 385 12.84 12.90 66.59
C VAL F 385 11.47 13.54 66.41
N PHE F 386 10.91 13.50 65.20
CA PHE F 386 9.57 14.06 65.00
C PHE F 386 8.53 13.25 65.76
N THR F 387 8.64 11.93 65.75
CA THR F 387 7.69 11.13 66.51
C THR F 387 7.83 11.37 68.00
N VAL F 388 9.06 11.52 68.49
CA VAL F 388 9.24 11.86 69.90
C VAL F 388 8.65 13.21 70.21
N ALA F 389 8.78 14.15 69.28
CA ALA F 389 8.21 15.48 69.47
C ALA F 389 6.69 15.41 69.53
N SER F 390 6.09 14.57 68.70
CA SER F 390 4.64 14.36 68.79
C SER F 390 4.26 13.82 70.15
N ILE F 391 5.02 12.82 70.63
CA ILE F 391 4.72 12.22 71.92
C ILE F 391 4.82 13.25 73.02
N ARG F 392 5.84 14.11 72.96
CA ARG F 392 6.00 15.14 73.98
C ARG F 392 4.88 16.16 73.88
N SER F 393 4.58 16.62 72.67
CA SER F 393 3.55 17.63 72.46
C SER F 393 2.16 17.13 72.83
N MET F 394 1.98 15.83 72.98
CA MET F 394 0.71 15.36 73.55
C MET F 394 0.48 15.95 74.94
N LEU F 395 1.55 16.18 75.70
CA LEU F 395 1.46 16.63 77.08
C LEU F 395 1.93 18.07 77.27
N ILE F 396 3.15 18.37 76.82
CA ILE F 396 3.78 19.66 77.08
C ILE F 396 3.67 20.54 75.83
N LYS F 397 2.61 21.32 75.75
CA LYS F 397 2.43 22.26 74.65
C LYS F 397 2.97 23.62 75.07
N MET G 1 -46.09 -8.87 32.33
CA MET G 1 -46.54 -7.46 32.28
C MET G 1 -47.53 -7.17 33.39
N GLU G 2 -48.57 -7.98 33.48
CA GLU G 2 -49.51 -7.82 34.57
C GLU G 2 -48.82 -8.01 35.91
N VAL G 3 -47.91 -8.98 36.00
CA VAL G 3 -47.20 -9.20 37.24
C VAL G 3 -46.23 -8.05 37.52
N LEU G 4 -45.61 -7.50 36.48
CA LEU G 4 -44.72 -6.36 36.68
C LEU G 4 -45.48 -5.16 37.21
N TYR G 5 -46.62 -4.86 36.60
CA TYR G 5 -47.46 -3.79 37.13
C TYR G 5 -47.84 -4.09 38.57
N SER G 6 -48.14 -5.35 38.87
CA SER G 6 -48.53 -5.69 40.24
C SER G 6 -47.41 -5.41 41.23
N LEU G 7 -46.18 -5.77 40.85
CA LEU G 7 -45.04 -5.46 41.70
C LEU G 7 -44.91 -3.97 41.91
N SER G 8 -45.04 -3.19 40.84
CA SER G 8 -44.94 -1.75 40.98
C SER G 8 -46.02 -1.20 41.89
N LYS G 9 -47.24 -1.68 41.74
CA LYS G 9 -48.35 -1.20 42.56
C LYS G 9 -48.12 -1.52 44.01
N THR G 10 -47.69 -2.75 44.31
CA THR G 10 -47.52 -3.10 45.72
C THR G 10 -46.34 -2.36 46.32
N LEU G 11 -45.29 -2.09 45.55
CA LEU G 11 -44.19 -1.32 46.11
C LEU G 11 -44.58 0.13 46.34
N LYS G 12 -45.36 0.71 45.43
CA LYS G 12 -45.86 2.06 45.66
C LYS G 12 -46.72 2.11 46.91
N ASP G 13 -47.62 1.14 47.05
CA ASP G 13 -48.51 1.15 48.21
C ASP G 13 -47.77 0.81 49.49
N ALA G 14 -46.65 0.09 49.39
CA ALA G 14 -45.84 -0.15 50.59
C ALA G 14 -45.09 1.11 50.98
N ARG G 15 -44.50 1.79 50.00
CA ARG G 15 -43.78 3.03 50.29
C ARG G 15 -44.71 4.08 50.86
N ASP G 16 -45.98 4.06 50.47
CA ASP G 16 -46.94 5.05 50.97
C ASP G 16 -47.61 4.63 52.27
N LYS G 17 -48.28 3.48 52.28
CA LYS G 17 -49.07 3.08 53.43
C LYS G 17 -48.20 2.72 54.63
N ILE G 18 -47.07 2.06 54.41
CA ILE G 18 -46.24 1.60 55.52
C ILE G 18 -45.41 2.77 56.01
N VAL G 19 -45.93 3.51 56.98
CA VAL G 19 -45.23 4.63 57.60
C VAL G 19 -45.45 4.55 59.10
N GLU G 20 -44.53 5.15 59.84
CA GLU G 20 -44.51 4.98 61.29
C GLU G 20 -45.78 5.52 61.92
N GLY G 21 -46.29 4.79 62.90
CA GLY G 21 -47.51 5.16 63.60
C GLY G 21 -48.78 4.64 62.97
N THR G 22 -48.71 4.06 61.78
CA THR G 22 -49.90 3.62 61.10
C THR G 22 -50.53 2.44 61.84
N LEU G 23 -51.86 2.44 61.91
CA LEU G 23 -52.56 1.29 62.43
C LEU G 23 -52.35 0.08 61.54
N TYR G 24 -52.28 -1.09 62.15
CA TYR G 24 -52.24 -2.30 61.34
C TYR G 24 -53.54 -2.52 60.58
N SER G 25 -54.64 -1.92 61.03
CA SER G 25 -55.87 -2.01 60.26
C SER G 25 -55.70 -1.39 58.88
N ASN G 26 -54.82 -0.40 58.75
CA ASN G 26 -54.65 0.29 57.47
C ASN G 26 -53.74 -0.45 56.51
N VAL G 27 -52.98 -1.44 56.98
CA VAL G 27 -52.02 -2.13 56.12
C VAL G 27 -52.08 -3.64 56.25
N SER G 28 -53.13 -4.19 56.85
CA SER G 28 -53.21 -5.65 56.94
C SER G 28 -53.20 -6.30 55.56
N ASP G 29 -54.08 -5.85 54.67
CA ASP G 29 -54.16 -6.46 53.35
C ASP G 29 -52.88 -6.25 52.57
N LEU G 30 -52.31 -5.06 52.65
CA LEU G 30 -51.06 -4.81 51.95
C LEU G 30 -49.93 -5.65 52.50
N ILE G 31 -49.91 -5.89 53.81
CA ILE G 31 -48.85 -6.72 54.36
C ILE G 31 -48.99 -8.14 53.88
N GLN G 32 -50.23 -8.62 53.75
CA GLN G 32 -50.40 -9.96 53.19
C GLN G 32 -49.90 -10.02 51.75
N GLN G 33 -50.22 -9.00 50.96
CA GLN G 33 -49.73 -8.95 49.59
C GLN G 33 -48.20 -8.90 49.56
N PHE G 34 -47.61 -8.10 50.44
CA PHE G 34 -46.16 -7.95 50.47
C PHE G 34 -45.49 -9.26 50.86
N ASN G 35 -46.03 -9.95 51.86
CA ASN G 35 -45.47 -11.24 52.24
C ASN G 35 -45.58 -12.24 51.10
N GLN G 36 -46.69 -12.23 50.38
CA GLN G 36 -46.82 -13.13 49.23
C GLN G 36 -45.78 -12.81 48.17
N MET G 37 -45.57 -11.53 47.90
CA MET G 37 -44.53 -11.15 46.95
C MET G 37 -43.16 -11.64 47.41
N ILE G 38 -42.87 -11.45 48.70
CA ILE G 38 -41.58 -11.86 49.24
C ILE G 38 -41.39 -13.36 49.07
N VAL G 39 -42.41 -14.14 49.46
CA VAL G 39 -42.28 -15.59 49.41
C VAL G 39 -42.12 -16.05 47.97
N THR G 40 -42.92 -15.49 47.07
CA THR G 40 -42.94 -15.99 45.70
C THR G 40 -41.81 -15.45 44.84
N MET G 41 -41.06 -14.46 45.34
CA MET G 41 -39.85 -14.02 44.66
C MET G 41 -38.58 -14.43 45.37
N ASN G 42 -38.66 -15.03 46.56
CA ASN G 42 -37.45 -15.48 47.24
C ASN G 42 -36.77 -16.59 46.45
N GLY G 43 -35.45 -16.60 46.51
CA GLY G 43 -34.68 -17.66 45.90
C GLY G 43 -34.82 -17.74 44.40
N ASN G 44 -34.98 -16.60 43.74
CA ASN G 44 -35.01 -16.52 42.29
C ASN G 44 -33.99 -15.49 41.84
N ASP G 45 -33.28 -15.81 40.77
CA ASP G 45 -32.26 -14.93 40.23
C ASP G 45 -32.77 -14.30 38.94
N PHE G 46 -32.64 -12.99 38.84
CA PHE G 46 -32.96 -12.25 37.64
C PHE G 46 -31.69 -11.60 37.11
N GLN G 47 -31.68 -11.30 35.81
CA GLN G 47 -30.55 -10.64 35.19
C GLN G 47 -31.10 -9.65 34.18
N THR G 48 -30.84 -8.37 34.41
CA THR G 48 -31.38 -7.31 33.57
C THR G 48 -30.24 -6.55 32.89
N GLY G 49 -30.58 -5.94 31.76
CA GLY G 49 -29.63 -5.18 31.00
C GLY G 49 -28.80 -6.07 30.09
N GLY G 50 -27.95 -5.40 29.31
CA GLY G 50 -27.08 -6.07 28.36
C GLY G 50 -27.21 -5.53 26.96
N ILE G 51 -27.78 -4.34 26.81
CA ILE G 51 -27.97 -3.70 25.52
C ILE G 51 -27.47 -2.28 25.64
N GLY G 52 -26.73 -1.84 24.62
CA GLY G 52 -26.22 -0.48 24.63
C GLY G 52 -25.32 -0.24 25.82
N ASN G 53 -25.58 0.86 26.52
CA ASN G 53 -24.86 1.21 27.73
C ASN G 53 -25.64 0.84 28.99
N LEU G 54 -26.76 0.15 28.86
CA LEU G 54 -27.51 -0.26 30.04
C LEU G 54 -26.72 -1.34 30.76
N PRO G 55 -26.28 -1.12 32.00
CA PRO G 55 -25.38 -2.09 32.62
C PRO G 55 -26.08 -3.38 32.98
N ILE G 56 -25.33 -4.47 32.95
CA ILE G 56 -25.85 -5.77 33.35
C ILE G 56 -25.91 -5.81 34.87
N ARG G 57 -27.05 -6.20 35.41
CA ARG G 57 -27.25 -6.32 36.84
C ARG G 57 -27.85 -7.66 37.17
N ASN G 58 -27.37 -8.27 38.25
CA ASN G 58 -27.87 -9.53 38.75
C ASN G 58 -28.62 -9.28 40.04
N TRP G 59 -29.84 -9.79 40.13
CA TRP G 59 -30.70 -9.61 41.29
C TRP G 59 -30.97 -10.96 41.93
N THR G 60 -30.70 -11.05 43.22
CA THR G 60 -31.03 -12.22 44.01
C THR G 60 -31.87 -11.78 45.20
N PHE G 61 -32.93 -12.52 45.48
CA PHE G 61 -33.91 -12.15 46.48
C PHE G 61 -33.85 -13.14 47.65
N ASP G 62 -33.59 -12.61 48.84
CA ASP G 62 -33.76 -13.38 50.08
C ASP G 62 -34.11 -12.35 51.16
N PHE G 63 -35.41 -12.16 51.36
CA PHE G 63 -35.92 -11.15 52.28
C PHE G 63 -36.87 -11.80 53.27
N GLY G 64 -36.87 -11.29 54.48
CA GLY G 64 -37.76 -11.80 55.50
C GLY G 64 -39.15 -11.22 55.38
N LEU G 65 -40.12 -11.96 55.90
CA LEU G 65 -41.50 -11.50 55.88
C LEU G 65 -41.68 -10.36 56.87
N LEU G 66 -42.85 -9.74 56.84
CA LEU G 66 -43.15 -8.59 57.67
C LEU G 66 -44.08 -8.98 58.80
N GLY G 67 -44.01 -8.24 59.89
CA GLY G 67 -44.72 -8.61 61.09
C GLY G 67 -46.22 -8.45 60.96
N THR G 68 -46.92 -9.12 61.86
CA THR G 68 -48.37 -9.10 61.92
C THR G 68 -48.94 -8.91 63.31
N THR G 69 -48.20 -9.23 64.36
CA THR G 69 -48.72 -9.12 65.72
C THR G 69 -48.94 -7.68 66.16
N LEU G 70 -48.39 -6.71 65.45
CA LEU G 70 -48.41 -5.33 65.92
C LEU G 70 -49.83 -4.78 65.95
N LEU G 71 -50.02 -3.77 66.78
CA LEU G 71 -51.20 -2.92 66.76
C LEU G 71 -50.96 -1.66 65.94
N ASN G 72 -49.87 -0.95 66.21
CA ASN G 72 -49.45 0.22 65.45
C ASN G 72 -48.04 0.00 64.94
N LEU G 73 -47.79 0.40 63.70
CA LEU G 73 -46.45 0.31 63.16
C LEU G 73 -45.50 1.22 63.94
N ASP G 74 -44.27 0.73 64.11
CA ASP G 74 -43.24 1.45 64.85
C ASP G 74 -41.98 1.54 64.00
N ALA G 75 -40.87 1.99 64.59
CA ALA G 75 -39.70 2.30 63.78
C ALA G 75 -38.99 1.06 63.29
N ASN G 76 -39.07 -0.05 64.03
CA ASN G 76 -38.46 -1.29 63.54
C ASN G 76 -39.15 -1.76 62.27
N TYR G 77 -40.47 -1.82 62.30
CA TYR G 77 -41.25 -2.29 61.17
C TYR G 77 -40.95 -1.48 59.94
N VAL G 78 -40.97 -0.16 60.08
CA VAL G 78 -40.73 0.72 58.95
C VAL G 78 -39.33 0.51 58.40
N GLU G 79 -38.35 0.24 59.27
CA GLU G 79 -36.99 0.08 58.80
C GLU G 79 -36.83 -1.19 57.98
N THR G 80 -37.37 -2.32 58.46
CA THR G 80 -37.29 -3.55 57.68
C THR G 80 -37.99 -3.37 56.33
N ALA G 81 -39.20 -2.78 56.36
CA ALA G 81 -39.92 -2.58 55.13
C ALA G 81 -39.17 -1.67 54.17
N ARG G 82 -38.56 -0.61 54.69
CA ARG G 82 -37.84 0.34 53.85
C ARG G 82 -36.66 -0.32 53.17
N THR G 83 -35.90 -1.12 53.93
CA THR G 83 -34.76 -1.81 53.35
C THR G 83 -35.20 -2.71 52.20
N THR G 84 -36.26 -3.50 52.42
CA THR G 84 -36.71 -4.38 51.35
C THR G 84 -37.24 -3.59 50.16
N ILE G 85 -37.98 -2.52 50.42
CA ILE G 85 -38.68 -1.81 49.38
C ILE G 85 -37.72 -1.10 48.45
N GLU G 86 -36.63 -0.54 48.99
CA GLU G 86 -35.69 0.15 48.11
C GLU G 86 -35.05 -0.82 47.12
N TYR G 87 -34.72 -2.02 47.57
CA TYR G 87 -34.17 -3.03 46.67
C TYR G 87 -35.17 -3.40 45.60
N PHE G 88 -36.40 -3.72 45.99
CA PHE G 88 -37.41 -4.05 45.00
C PHE G 88 -37.64 -2.91 44.02
N ILE G 89 -37.57 -1.66 44.49
CA ILE G 89 -37.85 -0.55 43.59
C ILE G 89 -36.73 -0.42 42.57
N ASP G 90 -35.49 -0.60 42.99
CA ASP G 90 -34.41 -0.57 42.00
C ASP G 90 -34.57 -1.69 40.99
N PHE G 91 -34.95 -2.88 41.46
CA PHE G 91 -35.15 -4.01 40.55
C PHE G 91 -36.23 -3.71 39.54
N ILE G 92 -37.34 -3.12 40.00
CA ILE G 92 -38.45 -2.79 39.11
C ILE G 92 -38.02 -1.74 38.09
N ASP G 93 -37.29 -0.73 38.53
CA ASP G 93 -36.80 0.28 37.60
C ASP G 93 -35.97 -0.34 36.50
N ASN G 94 -35.05 -1.23 36.88
CA ASN G 94 -34.18 -1.82 35.87
C ASN G 94 -34.95 -2.74 34.94
N VAL G 95 -35.91 -3.51 35.47
CA VAL G 95 -36.71 -4.36 34.60
C VAL G 95 -37.49 -3.52 33.60
N CYS G 96 -38.08 -2.42 34.07
CA CYS G 96 -38.85 -1.57 33.18
C CYS G 96 -37.98 -0.96 32.10
N MET G 97 -36.78 -0.49 32.45
CA MET G 97 -35.89 0.06 31.44
C MET G 97 -35.46 -1.00 30.44
N ASP G 98 -35.14 -2.20 30.95
CA ASP G 98 -34.75 -3.30 30.08
C ASP G 98 -35.85 -3.64 29.09
N GLU G 99 -37.10 -3.57 29.53
CA GLU G 99 -38.21 -3.86 28.63
C GLU G 99 -38.47 -2.71 27.67
N MET G 100 -38.29 -1.47 28.12
CA MET G 100 -38.55 -0.33 27.25
C MET G 100 -37.55 -0.26 26.10
N VAL G 101 -36.27 -0.54 26.38
CA VAL G 101 -35.26 -0.36 25.35
C VAL G 101 -35.36 -1.36 24.21
N ARG G 102 -36.19 -2.38 24.31
CA ARG G 102 -36.19 -3.49 23.36
C ARG G 102 -37.36 -3.38 22.39
N GLU G 103 -37.18 -3.99 21.22
CA GLU G 103 -38.18 -4.01 20.16
C GLU G 103 -38.28 -5.41 19.59
N SER G 104 -39.20 -5.57 18.65
CA SER G 104 -39.41 -6.85 17.97
C SER G 104 -40.26 -6.64 16.73
N GLN G 105 -39.71 -7.02 15.57
CA GLN G 105 -40.44 -6.83 14.32
C GLN G 105 -41.74 -7.62 14.32
N ARG G 106 -41.68 -8.86 14.80
CA ARG G 106 -42.83 -9.76 14.83
C ARG G 106 -43.14 -10.12 16.27
N ASN G 107 -44.42 -10.25 16.57
CA ASN G 107 -44.88 -10.56 17.92
C ASN G 107 -44.44 -9.47 18.90
N GLY G 108 -44.95 -8.26 18.65
CA GLY G 108 -44.55 -7.11 19.45
C GLY G 108 -45.14 -7.11 20.83
N VAL G 109 -46.40 -7.54 20.96
CA VAL G 109 -47.06 -7.50 22.26
C VAL G 109 -46.38 -8.44 23.25
N ALA G 110 -45.83 -9.54 22.77
CA ALA G 110 -45.18 -10.48 23.66
C ALA G 110 -43.98 -9.82 24.30
N PRO G 111 -43.55 -10.29 25.48
CA PRO G 111 -42.51 -9.57 26.21
C PRO G 111 -41.11 -9.96 25.79
N GLN G 112 -40.27 -8.95 25.63
CA GLN G 112 -38.83 -9.08 25.46
C GLN G 112 -38.22 -8.97 26.85
N SER G 113 -36.89 -8.80 26.93
CA SER G 113 -36.28 -8.61 28.24
C SER G 113 -36.45 -9.85 29.10
N GLU G 114 -35.59 -10.85 28.88
CA GLU G 114 -35.64 -12.15 29.52
C GLU G 114 -35.99 -12.10 31.00
N ALA G 115 -35.62 -11.03 31.71
CA ALA G 115 -36.10 -10.88 33.09
C ALA G 115 -37.62 -10.84 33.14
N LEU G 116 -38.22 -9.95 32.36
CA LEU G 116 -39.68 -9.88 32.33
C LEU G 116 -40.27 -11.15 31.74
N ARG G 117 -39.57 -11.76 30.79
CA ARG G 117 -40.06 -13.02 30.22
C ARG G 117 -40.14 -14.09 31.29
N LYS G 118 -39.14 -14.16 32.17
CA LYS G 118 -39.20 -15.08 33.30
C LYS G 118 -40.32 -14.71 34.25
N LEU G 119 -40.52 -13.41 34.47
CA LEU G 119 -41.64 -12.96 35.32
C LEU G 119 -42.97 -13.43 34.77
N ALA G 120 -43.09 -13.53 33.45
CA ALA G 120 -44.37 -13.88 32.83
C ALA G 120 -44.78 -15.33 33.04
N GLY G 121 -43.99 -16.14 33.74
CA GLY G 121 -44.30 -17.54 33.89
C GLY G 121 -45.40 -17.80 34.89
N ILE G 122 -45.78 -19.08 34.99
CA ILE G 122 -46.84 -19.51 35.91
C ILE G 122 -46.41 -19.31 37.35
N LYS G 123 -45.10 -19.31 37.61
CA LYS G 123 -44.62 -19.29 38.99
C LYS G 123 -45.03 -18.02 39.72
N PHE G 124 -45.07 -16.89 39.02
CA PHE G 124 -45.30 -15.59 39.64
C PHE G 124 -46.73 -15.11 39.48
N LYS G 125 -47.66 -15.98 39.06
CA LYS G 125 -49.03 -15.51 38.86
C LYS G 125 -49.74 -15.16 40.15
N ARG G 126 -49.17 -15.50 41.30
CA ARG G 126 -49.76 -15.17 42.58
C ARG G 126 -49.50 -13.74 43.01
N ILE G 127 -48.85 -12.94 42.17
CA ILE G 127 -48.51 -11.57 42.53
C ILE G 127 -49.51 -10.55 41.98
N ASN G 128 -50.37 -10.94 41.04
CA ASN G 128 -51.35 -10.02 40.48
C ASN G 128 -52.19 -9.39 41.57
N PHE G 129 -52.06 -8.07 41.72
CA PHE G 129 -52.63 -7.35 42.85
C PHE G 129 -53.94 -6.67 42.48
N ASN G 130 -53.90 -5.71 41.57
CA ASN G 130 -55.10 -5.15 40.95
C ASN G 130 -54.68 -4.26 39.80
N ASN G 131 -55.26 -4.47 38.63
CA ASN G 131 -54.87 -3.74 37.43
C ASN G 131 -55.76 -2.51 37.28
N SER G 132 -55.49 -1.52 38.14
CA SER G 132 -56.35 -0.35 38.27
C SER G 132 -55.99 0.77 37.32
N SER G 133 -54.69 1.01 37.10
CA SER G 133 -54.27 2.13 36.28
C SER G 133 -54.86 2.03 34.88
N GLU G 134 -54.99 3.20 34.23
CA GLU G 134 -55.64 3.24 32.94
C GLU G 134 -54.89 2.41 31.91
N TYR G 135 -53.57 2.53 31.89
CA TYR G 135 -52.78 1.83 30.88
C TYR G 135 -52.87 0.32 31.05
N ILE G 136 -52.77 -0.18 32.27
CA ILE G 136 -52.85 -1.62 32.45
C ILE G 136 -54.27 -2.12 32.25
N GLU G 137 -55.27 -1.33 32.64
CA GLU G 137 -56.64 -1.75 32.40
C GLU G 137 -56.89 -1.92 30.92
N ASN G 138 -56.39 -0.98 30.11
CA ASN G 138 -56.51 -1.14 28.67
C ASN G 138 -55.65 -2.29 28.17
N TRP G 139 -54.52 -2.55 28.80
CA TRP G 139 -53.70 -3.69 28.42
C TRP G 139 -54.49 -4.97 28.56
N ASN G 140 -55.23 -5.14 29.67
CA ASN G 140 -56.02 -6.35 29.84
C ASN G 140 -57.22 -6.36 28.90
N LEU G 141 -57.91 -5.22 28.76
CA LEU G 141 -59.08 -5.16 27.92
C LEU G 141 -58.76 -5.43 26.46
N GLN G 142 -57.50 -5.25 26.05
CA GLN G 142 -57.07 -5.65 24.73
C GLN G 142 -56.51 -7.06 24.71
N ASN G 143 -55.84 -7.48 25.78
CA ASN G 143 -55.25 -8.81 25.82
C ASN G 143 -56.32 -9.88 25.75
N ARG G 144 -57.52 -9.59 26.20
CA ARG G 144 -58.71 -10.34 25.78
C ARG G 144 -59.64 -9.36 25.08
N ARG G 145 -60.00 -9.68 23.85
CA ARG G 145 -60.43 -8.66 22.89
C ARG G 145 -61.70 -7.98 23.38
N GLN G 146 -61.56 -6.75 23.85
CA GLN G 146 -62.66 -5.91 24.26
C GLN G 146 -62.34 -4.48 23.83
N ARG G 147 -63.31 -3.60 24.01
CA ARG G 147 -63.19 -2.23 23.50
C ARG G 147 -62.30 -1.44 24.45
N THR G 148 -61.03 -1.39 24.13
CA THR G 148 -60.11 -0.53 24.88
C THR G 148 -60.37 0.93 24.53
N GLY G 149 -59.76 1.83 25.30
CA GLY G 149 -59.85 3.23 24.99
C GLY G 149 -59.00 4.09 25.91
N PHE G 150 -58.18 4.97 25.34
CA PHE G 150 -57.36 5.90 26.08
C PHE G 150 -57.90 7.30 25.87
N VAL G 151 -57.94 8.08 26.94
CA VAL G 151 -58.37 9.47 26.89
C VAL G 151 -57.12 10.34 26.83
N PHE G 152 -57.17 11.38 26.00
CA PHE G 152 -56.01 12.22 25.73
C PHE G 152 -56.37 13.68 25.77
N HIS G 153 -55.44 14.49 26.29
CA HIS G 153 -55.54 15.94 26.30
C HIS G 153 -54.60 16.48 25.23
N LYS G 154 -55.17 17.10 24.21
CA LYS G 154 -54.40 17.62 23.08
C LYS G 154 -53.52 16.53 22.46
N PRO G 155 -54.11 15.44 21.98
CA PRO G 155 -53.29 14.35 21.44
C PRO G 155 -52.60 14.78 20.16
N ASN G 156 -51.27 14.64 20.11
CA ASN G 156 -50.55 14.99 18.89
C ASN G 156 -50.75 13.87 17.89
N ILE G 157 -51.95 13.86 17.31
CA ILE G 157 -52.30 12.88 16.29
C ILE G 157 -51.74 13.27 14.93
N PHE G 158 -51.70 14.56 14.65
CA PHE G 158 -51.29 15.00 13.31
C PHE G 158 -49.77 15.00 13.21
N PRO G 159 -49.18 14.29 12.25
CA PRO G 159 -47.74 14.46 12.05
C PRO G 159 -47.46 15.87 11.54
N TYR G 160 -46.32 16.41 11.97
CA TYR G 160 -45.99 17.77 11.58
C TYR G 160 -45.88 17.86 10.07
N SER G 161 -46.57 18.83 9.48
CA SER G 161 -46.49 19.05 8.05
C SER G 161 -46.95 20.47 7.77
N ALA G 162 -46.02 21.30 7.31
CA ALA G 162 -46.30 22.64 6.82
C ALA G 162 -46.03 22.66 5.33
N SER G 163 -47.01 23.08 4.54
CA SER G 163 -46.89 22.97 3.10
C SER G 163 -48.01 23.76 2.44
N PHE G 164 -48.09 23.67 1.12
CA PHE G 164 -49.10 24.39 0.38
C PHE G 164 -49.34 23.71 -0.96
N THR G 165 -50.50 23.99 -1.53
CA THR G 165 -50.84 23.64 -2.90
C THR G 165 -51.22 24.91 -3.63
N LEU G 166 -50.88 24.97 -4.92
CA LEU G 166 -51.23 26.09 -5.79
C LEU G 166 -52.10 25.56 -6.93
N ASN G 167 -53.39 25.88 -6.87
CA ASN G 167 -54.29 25.48 -7.94
C ASN G 167 -54.19 26.39 -9.16
N ARG G 168 -53.54 27.54 -9.04
CA ARG G 168 -53.26 28.39 -10.18
C ARG G 168 -51.96 29.13 -9.90
N SER G 169 -51.04 29.13 -10.85
CA SER G 169 -49.74 29.73 -10.63
C SER G 169 -49.01 29.89 -11.96
N GLN G 170 -47.82 30.49 -11.87
CA GLN G 170 -47.01 30.85 -13.02
C GLN G 170 -45.68 31.39 -12.50
N PRO G 171 -44.61 31.30 -13.31
CA PRO G 171 -43.27 31.58 -12.76
C PRO G 171 -43.12 32.94 -12.13
N MET G 172 -43.79 33.95 -12.68
CA MET G 172 -43.70 35.29 -12.11
C MET G 172 -44.35 35.36 -10.73
N HIS G 173 -45.18 34.39 -10.38
CA HIS G 173 -45.84 34.34 -9.07
C HIS G 173 -46.59 35.63 -8.78
N ASP G 174 -47.22 36.18 -9.80
CA ASP G 174 -47.95 37.43 -9.68
C ASP G 174 -49.39 37.21 -9.26
N ASN G 175 -50.00 36.14 -9.73
CA ASN G 175 -51.42 35.85 -9.57
C ASN G 175 -51.56 34.38 -9.21
N LEU G 176 -51.47 34.06 -7.92
CA LEU G 176 -51.62 32.71 -7.42
C LEU G 176 -53.00 32.48 -6.84
N MET G 177 -53.33 31.22 -6.65
CA MET G 177 -54.48 30.83 -5.87
C MET G 177 -54.22 29.44 -5.34
N GLY G 178 -54.54 29.21 -4.08
CA GLY G 178 -54.25 27.91 -3.50
C GLY G 178 -54.52 27.92 -2.01
N THR G 179 -53.90 26.97 -1.32
CA THR G 179 -54.02 26.90 0.12
C THR G 179 -52.66 26.61 0.73
N MET G 180 -52.45 27.16 1.93
CA MET G 180 -51.35 26.78 2.79
C MET G 180 -51.94 26.10 4.01
N TRP G 181 -51.17 25.19 4.59
CA TRP G 181 -51.65 24.53 5.79
C TRP G 181 -50.48 24.06 6.63
N LEU G 182 -50.64 24.20 7.95
CA LEU G 182 -49.74 23.59 8.92
C LEU G 182 -50.57 22.71 9.84
N ASN G 183 -50.30 21.42 9.81
CA ASN G 183 -50.77 20.48 10.80
C ASN G 183 -49.63 20.24 11.77
N ALA G 184 -49.88 20.40 13.07
CA ALA G 184 -48.83 20.18 14.04
C ALA G 184 -49.46 19.78 15.36
N GLY G 185 -48.97 18.69 15.93
CA GLY G 185 -49.55 18.19 17.15
C GLY G 185 -51.03 17.96 16.99
N SER G 186 -51.83 18.73 17.72
CA SER G 186 -53.29 18.61 17.70
C SER G 186 -53.97 19.82 17.09
N GLU G 187 -53.23 20.69 16.39
CA GLU G 187 -53.79 21.88 15.78
C GLU G 187 -53.60 21.83 14.28
N ILE G 188 -54.68 22.12 13.56
CA ILE G 188 -54.65 22.35 12.12
C ILE G 188 -54.86 23.83 11.89
N GLN G 189 -54.09 24.43 10.99
CA GLN G 189 -54.30 25.79 10.56
C GLN G 189 -54.23 25.80 9.04
N VAL G 190 -55.32 26.15 8.39
CA VAL G 190 -55.41 26.11 6.94
C VAL G 190 -55.90 27.46 6.44
N ALA G 191 -55.24 28.00 5.42
CA ALA G 191 -55.58 29.31 4.88
C ALA G 191 -55.63 29.21 3.37
N GLY G 192 -56.79 29.53 2.79
CA GLY G 192 -56.92 29.59 1.35
C GLY G 192 -56.72 31.02 0.89
N PHE G 193 -55.81 31.20 -0.06
CA PHE G 193 -55.41 32.52 -0.53
C PHE G 193 -55.64 32.62 -2.03
N ASP G 194 -56.26 33.71 -2.43
CA ASP G 194 -56.42 34.08 -3.84
C ASP G 194 -55.81 35.45 -4.03
N TYR G 195 -54.89 35.56 -4.99
CA TYR G 195 -54.25 36.85 -5.24
C TYR G 195 -55.19 37.81 -5.94
N SER G 196 -56.14 37.28 -6.71
CA SER G 196 -57.10 38.12 -7.43
C SER G 196 -58.38 38.34 -6.64
N CYS G 197 -58.46 37.87 -5.40
CA CYS G 197 -59.65 38.03 -4.56
C CYS G 197 -60.90 37.54 -5.26
N ALA G 198 -60.80 36.39 -5.91
CA ALA G 198 -61.94 35.75 -6.56
C ALA G 198 -62.59 36.70 -7.57
N LEU G 199 -61.74 37.36 -8.36
CA LEU G 199 -62.26 38.33 -9.32
C LEU G 199 -63.05 37.64 -10.42
N ASN G 200 -62.51 36.56 -10.98
CA ASN G 200 -63.13 35.85 -12.09
C ASN G 200 -63.70 34.49 -11.70
N ALA G 201 -63.80 34.20 -10.41
CA ALA G 201 -64.42 32.96 -9.99
C ALA G 201 -65.92 33.02 -10.25
N PRO G 202 -66.58 31.88 -10.43
CA PRO G 202 -68.03 31.91 -10.65
C PRO G 202 -68.75 32.43 -9.42
N ALA G 203 -69.58 33.45 -9.62
CA ALA G 203 -70.31 34.11 -8.54
C ALA G 203 -69.37 34.78 -7.53
N ASN G 204 -68.13 35.06 -7.94
CA ASN G 204 -67.16 35.75 -7.08
C ASN G 204 -66.93 35.01 -5.78
N ILE G 205 -66.96 33.68 -5.85
CA ILE G 205 -66.64 32.79 -4.74
C ILE G 205 -65.58 31.80 -5.20
N GLN G 206 -64.51 31.67 -4.43
CA GLN G 206 -63.43 30.73 -4.69
C GLN G 206 -63.49 29.65 -3.64
N GLN G 207 -63.60 28.39 -4.08
CA GLN G 207 -63.77 27.27 -3.17
C GLN G 207 -62.42 26.73 -2.74
N PHE G 208 -62.31 26.43 -1.45
CA PHE G 208 -61.12 25.83 -0.86
C PHE G 208 -61.53 24.61 -0.06
N GLU G 209 -60.68 23.60 -0.06
CA GLU G 209 -60.95 22.33 0.57
C GLU G 209 -59.66 21.78 1.12
N HIS G 210 -59.71 21.18 2.31
CA HIS G 210 -58.53 20.62 2.95
C HIS G 210 -58.94 19.34 3.68
N ILE G 211 -58.36 18.22 3.25
CA ILE G 211 -58.67 16.90 3.79
C ILE G 211 -57.46 16.42 4.55
N VAL G 212 -57.66 16.07 5.82
CA VAL G 212 -56.59 15.47 6.63
C VAL G 212 -57.10 14.16 7.20
N GLN G 213 -56.38 13.08 6.93
CA GLN G 213 -56.76 11.75 7.38
C GLN G 213 -55.93 11.38 8.60
N LEU G 214 -56.58 11.30 9.75
CA LEU G 214 -55.90 10.87 10.95
C LEU G 214 -55.49 9.41 10.80
N ARG G 215 -54.33 9.07 11.36
CA ARG G 215 -53.86 7.69 11.28
C ARG G 215 -54.64 6.76 12.18
N ARG G 216 -55.48 7.27 13.07
CA ARG G 216 -56.30 6.44 13.94
C ARG G 216 -57.60 7.18 14.21
N ALA G 217 -58.69 6.43 14.37
CA ALA G 217 -59.98 7.05 14.63
C ALA G 217 -60.01 7.63 16.03
N LEU G 218 -60.51 8.86 16.15
CA LEU G 218 -60.67 9.53 17.43
C LEU G 218 -62.14 9.56 17.81
N THR G 219 -62.44 9.11 19.02
CA THR G 219 -63.80 8.94 19.49
C THR G 219 -64.13 10.03 20.50
N THR G 220 -65.34 10.59 20.39
CA THR G 220 -65.86 11.58 21.33
C THR G 220 -64.83 12.68 21.61
N ALA G 221 -64.36 13.29 20.53
CA ALA G 221 -63.34 14.32 20.61
C ALA G 221 -64.00 15.69 20.62
N THR G 222 -63.64 16.51 21.61
CA THR G 222 -64.11 17.87 21.71
C THR G 222 -63.09 18.79 21.05
N ILE G 223 -63.57 19.68 20.19
CA ILE G 223 -62.73 20.43 19.28
C ILE G 223 -63.06 21.91 19.43
N THR G 224 -62.07 22.76 19.17
CA THR G 224 -62.24 24.20 19.13
C THR G 224 -61.96 24.66 17.71
N LEU G 225 -62.98 25.20 17.05
CA LEU G 225 -62.87 25.70 15.69
C LEU G 225 -63.03 27.21 15.71
N LEU G 226 -62.05 27.91 15.15
CA LEU G 226 -62.06 29.36 15.10
C LEU G 226 -61.62 29.79 13.72
N PRO G 227 -61.97 31.00 13.29
CA PRO G 227 -61.55 31.45 11.97
C PRO G 227 -60.18 32.10 12.00
N ASP G 228 -59.68 32.54 10.86
CA ASP G 228 -58.49 33.39 10.80
C ASP G 228 -57.27 32.68 11.40
N ALA G 229 -56.80 31.68 10.66
CA ALA G 229 -55.49 31.10 10.90
C ALA G 229 -54.45 32.19 11.08
N GLU G 230 -53.77 32.18 12.22
CA GLU G 230 -52.82 33.24 12.52
C GLU G 230 -51.54 33.08 11.71
N ARG G 231 -51.03 31.86 11.61
CA ARG G 231 -49.69 31.67 11.06
C ARG G 231 -49.58 32.01 9.60
N PHE G 232 -50.69 32.20 8.90
CA PHE G 232 -50.68 32.56 7.49
C PHE G 232 -51.37 33.89 7.27
N SER G 233 -51.25 34.77 8.24
CA SER G 233 -51.92 36.06 8.25
C SER G 233 -50.89 37.18 8.38
N PHE G 234 -49.74 37.01 7.75
CA PHE G 234 -48.71 38.03 7.77
C PHE G 234 -47.77 37.78 6.60
N PRO G 235 -47.05 38.80 6.15
CA PRO G 235 -46.27 38.63 4.92
C PRO G 235 -45.13 37.65 5.09
N ARG G 236 -44.86 36.91 4.03
CA ARG G 236 -43.80 35.90 4.01
C ARG G 236 -43.13 35.93 2.66
N VAL G 237 -42.04 35.17 2.55
CA VAL G 237 -41.48 34.79 1.26
C VAL G 237 -41.27 33.29 1.31
N ILE G 238 -41.93 32.56 0.42
CA ILE G 238 -41.98 31.11 0.48
C ILE G 238 -41.22 30.54 -0.71
N ASN G 239 -40.62 29.38 -0.51
CA ASN G 239 -39.97 28.69 -1.62
C ASN G 239 -40.98 28.38 -2.70
N SER G 240 -40.48 28.11 -3.91
CA SER G 240 -41.32 27.53 -4.91
C SER G 240 -41.57 26.07 -4.56
N ALA G 241 -42.38 25.41 -5.38
CA ALA G 241 -42.53 23.97 -5.24
C ALA G 241 -41.20 23.27 -5.43
N ASP G 242 -40.45 23.67 -6.47
CA ASP G 242 -39.17 23.06 -6.79
C ASP G 242 -38.03 23.58 -5.93
N GLY G 243 -38.22 24.69 -5.23
CA GLY G 243 -37.12 25.32 -4.54
C GLY G 243 -36.27 26.22 -5.40
N ALA G 244 -36.68 26.49 -6.64
CA ALA G 244 -35.92 27.38 -7.49
C ALA G 244 -35.96 28.81 -6.97
N THR G 245 -37.15 29.42 -6.99
CA THR G 245 -37.31 30.84 -6.73
C THR G 245 -38.27 31.04 -5.58
N THR G 246 -38.08 32.13 -4.85
CA THR G 246 -38.92 32.47 -3.72
C THR G 246 -39.97 33.50 -4.13
N TRP G 247 -41.19 33.30 -3.67
CA TRP G 247 -42.32 34.14 -4.04
C TRP G 247 -42.92 34.81 -2.82
N PHE G 248 -43.36 36.04 -3.02
CA PHE G 248 -43.83 36.89 -1.93
C PHE G 248 -45.30 36.65 -1.65
N PHE G 249 -45.64 36.56 -0.38
CA PHE G 249 -47.01 36.39 0.09
C PHE G 249 -47.32 37.53 1.02
N ASN G 250 -48.50 38.12 0.87
CA ASN G 250 -48.85 39.34 1.61
C ASN G 250 -50.35 39.36 1.85
N PRO G 251 -50.83 38.66 2.87
CA PRO G 251 -52.26 38.43 3.00
C PRO G 251 -53.02 39.63 3.51
N ILE G 252 -54.31 39.64 3.13
CA ILE G 252 -55.33 40.46 3.77
C ILE G 252 -56.44 39.51 4.16
N ILE G 253 -56.82 39.51 5.43
CA ILE G 253 -57.61 38.44 6.01
C ILE G 253 -59.09 38.81 5.88
N LEU G 254 -59.73 38.33 4.82
CA LEU G 254 -61.18 38.27 4.79
C LEU G 254 -61.67 37.25 5.83
N ARG G 255 -62.98 37.12 5.95
CA ARG G 255 -63.53 36.03 6.74
C ARG G 255 -63.82 34.83 5.84
N PRO G 256 -63.87 33.62 6.39
CA PRO G 256 -64.31 32.48 5.58
C PRO G 256 -65.82 32.33 5.63
N ASN G 257 -66.49 32.36 4.48
CA ASN G 257 -67.94 32.33 4.44
C ASN G 257 -68.44 30.94 4.06
N ASN G 258 -69.64 30.63 4.56
CA ASN G 258 -70.27 29.31 4.52
C ASN G 258 -69.24 28.19 4.67
N VAL G 259 -68.39 28.34 5.68
CA VAL G 259 -67.45 27.29 6.02
C VAL G 259 -68.21 26.08 6.53
N GLU G 260 -67.87 24.91 6.01
CA GLU G 260 -68.39 23.63 6.47
C GLU G 260 -67.21 22.80 6.96
N VAL G 261 -67.40 22.10 8.07
CA VAL G 261 -66.41 21.17 8.58
C VAL G 261 -67.09 19.82 8.76
N GLU G 262 -66.51 18.79 8.16
CA GLU G 262 -67.13 17.47 8.07
C GLU G 262 -66.18 16.45 8.67
N PHE G 263 -66.67 15.74 9.69
CA PHE G 263 -65.92 14.69 10.35
C PHE G 263 -66.41 13.37 9.82
N LEU G 264 -65.50 12.63 9.17
CA LEU G 264 -65.81 11.48 8.33
C LEU G 264 -65.19 10.22 8.91
N LEU G 265 -65.96 9.14 8.86
CA LEU G 265 -65.48 7.80 9.23
C LEU G 265 -65.77 6.88 8.05
N ASN G 266 -64.70 6.26 7.52
CA ASN G 266 -64.83 5.31 6.43
C ASN G 266 -65.53 5.94 5.22
N GLY G 267 -65.23 7.19 4.95
CA GLY G 267 -65.83 7.93 3.86
C GLY G 267 -67.16 8.55 4.22
N GLN G 268 -68.00 7.81 4.95
CA GLN G 268 -69.30 8.33 5.32
C GLN G 268 -69.16 9.55 6.21
N ILE G 269 -70.07 10.50 6.06
CA ILE G 269 -70.07 11.68 6.91
C ILE G 269 -70.67 11.28 8.25
N ILE G 270 -69.91 11.49 9.33
CA ILE G 270 -70.43 11.26 10.67
C ILE G 270 -71.04 12.53 11.23
N ASN G 271 -70.30 13.64 11.17
CA ASN G 271 -70.79 14.92 11.68
C ASN G 271 -70.45 16.01 10.69
N THR G 272 -71.25 17.07 10.70
CA THR G 272 -71.06 18.18 9.79
C THR G 272 -71.58 19.43 10.45
N TYR G 273 -70.77 20.49 10.44
CA TYR G 273 -71.14 21.77 11.02
C TYR G 273 -71.01 22.87 9.98
N GLN G 274 -72.01 23.72 9.93
CA GLN G 274 -72.19 24.75 8.91
C GLN G 274 -71.96 26.12 9.56
N ALA G 275 -70.75 26.63 9.44
CA ALA G 275 -70.42 27.98 9.92
C ALA G 275 -70.76 28.13 11.39
N ARG G 276 -70.29 27.18 12.19
CA ARG G 276 -70.53 27.16 13.63
C ARG G 276 -69.20 27.02 14.33
N PHE G 277 -68.61 28.15 14.72
CA PHE G 277 -67.31 28.18 15.36
C PHE G 277 -67.47 27.99 16.86
N GLY G 278 -66.33 27.84 17.53
CA GLY G 278 -66.31 27.62 18.96
C GLY G 278 -66.15 26.16 19.30
N THR G 279 -66.65 25.74 20.45
CA THR G 279 -66.52 24.35 20.86
C THR G 279 -67.52 23.49 20.13
N ILE G 280 -67.06 22.34 19.64
CA ILE G 280 -67.88 21.38 18.91
C ILE G 280 -67.43 19.99 19.32
N VAL G 281 -68.13 18.96 18.83
CA VAL G 281 -67.82 17.59 19.16
C VAL G 281 -67.71 16.76 17.89
N ALA G 282 -67.08 15.60 18.02
CA ALA G 282 -66.97 14.65 16.93
C ALA G 282 -67.09 13.25 17.51
N ARG G 283 -68.13 12.52 17.10
CA ARG G 283 -68.37 11.19 17.64
C ARG G 283 -67.22 10.26 17.27
N ASN G 284 -67.02 10.03 15.98
CA ASN G 284 -65.90 9.27 15.45
C ASN G 284 -65.46 9.95 14.17
N PHE G 285 -64.18 9.84 13.85
CA PHE G 285 -63.74 10.29 12.54
C PHE G 285 -62.36 9.76 12.22
N ASP G 286 -62.26 9.02 11.11
CA ASP G 286 -60.96 8.75 10.52
C ASP G 286 -60.37 9.98 9.87
N THR G 287 -61.18 10.96 9.50
CA THR G 287 -60.63 12.09 8.76
C THR G 287 -61.52 13.31 8.90
N ILE G 288 -60.96 14.44 8.48
CA ILE G 288 -61.56 15.75 8.61
C ILE G 288 -61.52 16.42 7.25
N ARG G 289 -62.62 17.07 6.87
CA ARG G 289 -62.71 17.83 5.63
C ARG G 289 -63.16 19.24 5.98
N LEU G 290 -62.23 20.18 5.92
CA LEU G 290 -62.53 21.59 6.14
C LEU G 290 -62.69 22.23 4.78
N SER G 291 -63.92 22.64 4.45
CA SER G 291 -64.22 23.32 3.20
C SER G 291 -64.66 24.73 3.54
N PHE G 292 -64.16 25.71 2.79
CA PHE G 292 -64.56 27.09 3.01
C PHE G 292 -64.47 27.82 1.68
N GLN G 293 -64.78 29.11 1.72
CA GLN G 293 -64.88 29.90 0.50
C GLN G 293 -64.37 31.31 0.75
N LEU G 294 -63.69 31.85 -0.25
CA LEU G 294 -63.35 33.26 -0.29
C LEU G 294 -64.40 33.92 -1.18
N MET G 295 -65.30 34.67 -0.56
CA MET G 295 -66.28 35.46 -1.29
C MET G 295 -65.77 36.88 -1.40
N ARG G 296 -65.69 37.39 -2.62
CA ARG G 296 -65.33 38.79 -2.78
C ARG G 296 -66.41 39.64 -2.12
N PRO G 297 -66.06 40.65 -1.33
CA PRO G 297 -67.09 41.43 -0.67
C PRO G 297 -67.88 42.21 -1.70
N PRO G 298 -69.20 42.01 -1.81
CA PRO G 298 -69.93 42.73 -2.86
C PRO G 298 -69.90 44.24 -2.69
N ASN G 299 -70.25 44.75 -1.52
CA ASN G 299 -70.24 46.18 -1.24
C ASN G 299 -68.94 46.52 -0.54
N MET G 300 -68.07 47.25 -1.23
CA MET G 300 -66.72 47.52 -0.77
C MET G 300 -66.56 49.01 -0.48
N THR G 301 -66.08 49.32 0.72
CA THR G 301 -65.68 50.69 1.02
C THR G 301 -64.52 51.08 0.10
N PRO G 302 -64.34 52.37 -0.21
CA PRO G 302 -63.21 52.76 -1.06
C PRO G 302 -61.86 52.22 -0.63
N ALA G 303 -61.60 52.07 0.66
CA ALA G 303 -60.31 51.53 1.08
C ALA G 303 -60.10 50.12 0.56
N VAL G 304 -61.01 49.21 0.90
CA VAL G 304 -60.88 47.83 0.44
C VAL G 304 -60.95 47.76 -1.08
N ASN G 305 -61.72 48.64 -1.70
CA ASN G 305 -61.73 48.69 -3.16
C ASN G 305 -60.35 49.01 -3.70
N ALA G 306 -59.67 49.96 -3.08
CA ALA G 306 -58.31 50.28 -3.49
C ALA G 306 -57.40 49.08 -3.31
N LEU G 307 -57.65 48.29 -2.27
CA LEU G 307 -56.83 47.10 -2.06
C LEU G 307 -57.02 46.08 -3.18
N PHE G 308 -58.26 45.89 -3.62
CA PHE G 308 -58.58 44.88 -4.62
C PHE G 308 -58.89 45.52 -5.97
N PRO G 309 -57.93 45.66 -6.87
CA PRO G 309 -58.23 46.17 -8.21
C PRO G 309 -58.64 45.06 -9.15
N GLN G 310 -59.08 45.46 -10.35
CA GLN G 310 -59.34 44.53 -11.43
C GLN G 310 -58.12 44.30 -12.31
N ALA G 311 -57.04 45.03 -12.09
CA ALA G 311 -55.87 44.96 -12.95
C ALA G 311 -55.03 43.75 -12.56
N GLN G 312 -53.81 43.70 -13.06
CA GLN G 312 -52.89 42.60 -12.80
C GLN G 312 -52.06 42.70 -11.53
N PRO G 313 -51.54 43.91 -11.13
CA PRO G 313 -50.56 43.97 -10.03
C PRO G 313 -50.88 43.16 -8.79
N PHE G 314 -52.05 43.38 -8.19
CA PHE G 314 -52.47 42.62 -7.01
C PHE G 314 -51.43 42.74 -5.89
N GLN G 315 -51.29 43.96 -5.39
CA GLN G 315 -50.28 44.22 -4.37
C GLN G 315 -50.58 43.51 -3.06
N HIS G 316 -51.86 43.31 -2.73
CA HIS G 316 -52.28 42.62 -1.52
C HIS G 316 -53.15 41.43 -1.89
N HIS G 317 -52.99 40.33 -1.18
CA HIS G 317 -53.52 39.05 -1.62
C HIS G 317 -54.58 38.58 -0.64
N ALA G 318 -55.79 38.34 -1.13
CA ALA G 318 -56.88 38.04 -0.21
C ALA G 318 -56.73 36.62 0.32
N THR G 319 -57.07 36.43 1.59
CA THR G 319 -57.00 35.10 2.19
C THR G 319 -58.14 34.92 3.17
N VAL G 320 -58.41 33.65 3.49
CA VAL G 320 -59.39 33.26 4.50
C VAL G 320 -58.85 32.06 5.23
N GLY G 321 -58.92 32.07 6.56
CA GLY G 321 -58.26 31.08 7.39
C GLY G 321 -59.21 30.27 8.26
N LEU G 322 -58.67 29.21 8.83
CA LEU G 322 -59.37 28.36 9.78
C LEU G 322 -58.33 27.73 10.69
N THR G 323 -58.68 27.61 11.98
CA THR G 323 -57.85 26.91 12.94
C THR G 323 -58.73 25.95 13.72
N LEU G 324 -58.20 24.77 13.98
CA LEU G 324 -58.96 23.66 14.56
C LEU G 324 -58.05 22.95 15.55
N ARG G 325 -58.41 23.00 16.83
CA ARG G 325 -57.62 22.39 17.89
C ARG G 325 -58.41 21.26 18.51
N ILE G 326 -57.83 20.06 18.56
CA ILE G 326 -58.47 18.95 19.26
C ILE G 326 -58.16 19.14 20.74
N GLU G 327 -59.12 19.67 21.51
CA GLU G 327 -58.84 19.96 22.91
C GLU G 327 -58.67 18.67 23.71
N SER G 328 -59.45 17.65 23.39
CA SER G 328 -59.29 16.35 24.01
C SER G 328 -59.94 15.32 23.09
N ALA G 329 -59.61 14.06 23.32
CA ALA G 329 -60.16 13.00 22.49
C ALA G 329 -60.03 11.68 23.20
N VAL G 330 -60.60 10.64 22.59
CA VAL G 330 -60.49 9.28 23.07
C VAL G 330 -60.15 8.41 21.87
N CYS G 331 -59.04 7.70 21.94
CA CYS G 331 -58.56 6.87 20.84
C CYS G 331 -58.35 5.45 21.33
N GLU G 332 -58.47 4.49 20.42
CA GLU G 332 -58.32 3.10 20.80
C GLU G 332 -56.87 2.66 20.92
N SER G 333 -55.91 3.45 20.43
CA SER G 333 -54.51 3.10 20.49
C SER G 333 -53.69 4.29 20.97
N VAL G 334 -52.57 3.99 21.62
CA VAL G 334 -51.84 5.00 22.36
C VAL G 334 -51.30 6.10 21.45
N LEU G 335 -51.22 7.30 22.00
CA LEU G 335 -50.58 8.44 21.35
C LEU G 335 -49.91 9.27 22.43
N ALA G 336 -49.01 10.14 22.00
CA ALA G 336 -48.47 11.14 22.91
C ALA G 336 -49.48 12.26 23.11
N ASP G 337 -49.29 13.04 24.16
CA ASP G 337 -50.20 14.11 24.53
C ASP G 337 -49.42 15.31 25.01
N ALA G 338 -50.17 16.32 25.45
CA ALA G 338 -49.64 17.45 26.17
C ALA G 338 -49.79 17.31 27.68
N ASN G 339 -50.30 16.18 28.16
CA ASN G 339 -50.48 15.93 29.58
C ASN G 339 -49.62 14.78 30.09
N GLU G 340 -49.56 13.69 29.32
CA GLU G 340 -48.78 12.53 29.71
C GLU G 340 -47.30 12.76 29.45
N THR G 341 -46.47 11.86 29.98
CA THR G 341 -45.03 11.93 29.80
C THR G 341 -44.46 10.60 29.31
N LEU G 342 -45.29 9.74 28.73
CA LEU G 342 -44.84 8.39 28.39
C LEU G 342 -43.82 8.42 27.26
N LEU G 343 -44.11 9.18 26.20
CA LEU G 343 -43.15 9.28 25.10
C LEU G 343 -41.84 9.86 25.59
N ALA G 344 -41.92 10.86 26.47
CA ALA G 344 -40.70 11.44 27.01
C ALA G 344 -39.90 10.42 27.80
N ASN G 345 -40.56 9.63 28.65
CA ASN G 345 -39.84 8.62 29.42
C ASN G 345 -39.17 7.62 28.51
N VAL G 346 -39.88 7.14 27.49
CA VAL G 346 -39.31 6.11 26.62
C VAL G 346 -38.12 6.67 25.86
N THR G 347 -38.30 7.84 25.23
CA THR G 347 -37.21 8.41 24.44
C THR G 347 -36.02 8.75 25.32
N ALA G 348 -36.26 9.24 26.53
CA ALA G 348 -35.17 9.57 27.42
C ALA G 348 -34.41 8.33 27.85
N VAL G 349 -35.12 7.24 28.15
CA VAL G 349 -34.42 6.02 28.54
C VAL G 349 -33.60 5.50 27.38
N ARG G 350 -34.09 5.63 26.15
CA ARG G 350 -33.31 5.20 25.01
C ARG G 350 -32.07 6.07 24.83
N GLN G 351 -32.22 7.38 24.94
CA GLN G 351 -31.11 8.28 24.66
C GLN G 351 -30.07 8.30 25.76
N GLU G 352 -30.47 8.03 27.00
CA GLU G 352 -29.50 8.00 28.09
C GLU G 352 -28.45 6.93 27.85
N TYR G 353 -28.89 5.76 27.40
CA TYR G 353 -28.01 4.60 27.23
C TYR G 353 -27.64 4.33 25.79
N ALA G 354 -28.07 5.17 24.85
CA ALA G 354 -27.59 5.10 23.48
C ALA G 354 -27.94 3.76 22.85
N ILE G 355 -29.21 3.39 22.95
CA ILE G 355 -29.66 2.13 22.36
C ILE G 355 -29.57 2.24 20.84
N PRO G 356 -28.95 1.28 20.14
CA PRO G 356 -28.85 1.42 18.68
C PRO G 356 -30.22 1.35 18.04
N VAL G 357 -30.34 1.98 16.87
CA VAL G 357 -31.61 2.04 16.18
C VAL G 357 -32.09 0.62 15.90
N GLY G 358 -33.30 0.31 16.34
CA GLY G 358 -33.81 -1.03 16.27
C GLY G 358 -34.61 -1.27 15.01
N PRO G 359 -35.28 -2.41 14.93
CA PRO G 359 -36.03 -2.73 13.70
C PRO G 359 -37.20 -1.79 13.44
N VAL G 360 -38.04 -1.53 14.44
CA VAL G 360 -39.37 -0.97 14.21
C VAL G 360 -39.41 0.54 14.44
N PHE G 361 -38.90 1.03 15.56
CA PHE G 361 -39.05 2.43 15.85
C PHE G 361 -38.12 3.26 14.96
N PRO G 362 -38.49 4.50 14.63
CA PRO G 362 -37.60 5.33 13.82
C PRO G 362 -36.35 5.71 14.60
N PRO G 363 -35.39 6.37 13.96
CA PRO G 363 -34.20 6.82 14.69
C PRO G 363 -34.54 7.99 15.58
N GLY G 364 -34.34 7.82 16.88
CA GLY G 364 -34.64 8.86 17.85
C GLY G 364 -36.09 8.90 18.28
N MET G 365 -36.93 7.98 17.82
CA MET G 365 -38.32 7.92 18.22
C MET G 365 -39.04 9.23 17.92
N ASN G 366 -38.73 9.84 16.78
CA ASN G 366 -39.41 11.09 16.43
C ASN G 366 -40.87 10.79 16.16
N TRP G 367 -41.75 11.47 16.90
CA TRP G 367 -43.17 11.17 16.79
C TRP G 367 -43.69 11.45 15.39
N THR G 368 -43.07 12.38 14.67
CA THR G 368 -43.53 12.68 13.32
C THR G 368 -43.48 11.45 12.44
N GLU G 369 -42.34 10.78 12.38
CA GLU G 369 -42.27 9.55 11.60
C GLU G 369 -43.06 8.43 12.27
N LEU G 370 -42.97 8.32 13.58
CA LEU G 370 -43.63 7.23 14.29
C LEU G 370 -45.14 7.30 14.20
N ILE G 371 -45.71 8.43 13.77
CA ILE G 371 -47.13 8.53 13.50
C ILE G 371 -47.43 8.62 12.00
N THR G 372 -46.50 9.11 11.19
CA THR G 372 -46.72 9.06 9.75
C THR G 372 -46.82 7.62 9.27
N ASN G 373 -45.95 6.76 9.78
CA ASN G 373 -46.01 5.33 9.52
C ASN G 373 -46.30 4.64 10.83
N TYR G 374 -47.53 4.17 11.00
CA TYR G 374 -48.03 3.64 12.27
C TYR G 374 -48.58 2.24 12.07
N SER G 375 -47.76 1.39 11.45
CA SER G 375 -48.09 0.01 11.15
C SER G 375 -48.59 -0.73 12.40
N PRO G 376 -49.33 -1.84 12.25
CA PRO G 376 -49.75 -2.57 13.45
C PRO G 376 -48.60 -3.10 14.29
N SER G 377 -47.48 -3.45 13.67
CA SER G 377 -46.31 -3.86 14.44
C SER G 377 -45.82 -2.73 15.33
N ARG G 378 -45.69 -1.54 14.74
CA ARG G 378 -45.28 -0.38 15.52
C ARG G 378 -46.28 -0.08 16.61
N GLU G 379 -47.57 -0.21 16.32
CA GLU G 379 -48.58 0.05 17.33
C GLU G 379 -48.47 -0.92 18.50
N ASP G 380 -48.28 -2.21 18.21
CA ASP G 380 -48.15 -3.19 19.27
C ASP G 380 -46.94 -2.89 20.15
N ASN G 381 -45.80 -2.62 19.52
CA ASN G 381 -44.62 -2.34 20.31
C ASN G 381 -44.79 -1.06 21.11
N LEU G 382 -45.42 -0.05 20.53
CA LEU G 382 -45.60 1.20 21.24
C LEU G 382 -46.51 1.01 22.44
N GLN G 383 -47.57 0.23 22.30
CA GLN G 383 -48.43 -0.04 23.44
C GLN G 383 -47.66 -0.77 24.53
N ARG G 384 -46.87 -1.78 24.17
CA ARG G 384 -46.06 -2.49 25.16
C ARG G 384 -45.15 -1.52 25.91
N VAL G 385 -44.40 -0.72 25.14
CA VAL G 385 -43.40 0.14 25.74
C VAL G 385 -44.05 1.21 26.59
N PHE G 386 -45.21 1.73 26.15
CA PHE G 386 -45.87 2.76 26.93
C PHE G 386 -46.45 2.20 28.22
N THR G 387 -47.03 1.00 28.18
CA THR G 387 -47.50 0.41 29.43
C THR G 387 -46.35 0.20 30.39
N VAL G 388 -45.21 -0.24 29.88
CA VAL G 388 -44.05 -0.42 30.74
C VAL G 388 -43.60 0.91 31.31
N ALA G 389 -43.61 1.96 30.49
CA ALA G 389 -43.20 3.28 30.95
C ALA G 389 -44.12 3.77 32.06
N SER G 390 -45.43 3.56 31.92
CA SER G 390 -46.34 3.95 32.98
C SER G 390 -46.06 3.17 34.24
N ILE G 391 -45.77 1.88 34.10
CA ILE G 391 -45.44 1.07 35.26
C ILE G 391 -44.22 1.64 35.98
N ARG G 392 -43.20 2.03 35.22
CA ARG G 392 -42.03 2.64 35.83
C ARG G 392 -42.39 3.95 36.50
N SER G 393 -43.10 4.82 35.80
CA SER G 393 -43.41 6.14 36.30
C SER G 393 -44.31 6.10 37.52
N MET G 394 -44.96 4.96 37.79
CA MET G 394 -45.69 4.83 39.05
C MET G 394 -44.78 5.03 40.23
N LEU G 395 -43.52 4.62 40.12
CA LEU G 395 -42.55 4.65 41.21
C LEU G 395 -41.42 5.64 41.01
N ILE G 396 -40.79 5.65 39.84
CA ILE G 396 -39.62 6.48 39.58
C ILE G 396 -40.08 7.72 38.84
N LYS G 397 -39.89 8.87 39.47
CA LYS G 397 -40.19 10.16 38.87
C LYS G 397 -39.01 11.10 39.06
N MET H 1 -79.28 7.96 42.00
CA MET H 1 -78.03 8.16 41.23
C MET H 1 -76.80 7.79 42.02
N GLU H 2 -76.88 7.95 43.35
CA GLU H 2 -75.81 7.42 44.19
C GLU H 2 -75.68 5.93 43.97
N VAL H 3 -76.81 5.25 43.84
CA VAL H 3 -76.78 3.82 43.57
C VAL H 3 -76.14 3.55 42.22
N LEU H 4 -76.48 4.33 41.21
CA LEU H 4 -75.91 4.09 39.89
C LEU H 4 -74.39 4.28 39.91
N TYR H 5 -73.93 5.33 40.59
CA TYR H 5 -72.49 5.51 40.74
C TYR H 5 -71.88 4.32 41.46
N SER H 6 -72.55 3.81 42.49
CA SER H 6 -72.00 2.70 43.24
C SER H 6 -71.91 1.44 42.40
N LEU H 7 -72.94 1.16 41.59
CA LEU H 7 -72.82 0.03 40.66
C LEU H 7 -71.67 0.22 39.70
N SER H 8 -71.51 1.42 39.14
CA SER H 8 -70.40 1.62 38.23
C SER H 8 -69.07 1.44 38.94
N LYS H 9 -68.95 1.98 40.14
CA LYS H 9 -67.69 1.88 40.88
C LYS H 9 -67.36 0.45 41.22
N THR H 10 -68.35 -0.32 41.69
CA THR H 10 -68.06 -1.70 42.06
C THR H 10 -67.81 -2.55 40.83
N LEU H 11 -68.45 -2.27 39.70
CA LEU H 11 -68.10 -3.01 38.49
C LEU H 11 -66.68 -2.71 38.05
N LYS H 12 -66.27 -1.44 38.11
CA LYS H 12 -64.89 -1.12 37.80
C LYS H 12 -63.94 -1.83 38.76
N ASP H 13 -64.27 -1.80 40.04
CA ASP H 13 -63.41 -2.41 41.05
C ASP H 13 -63.33 -3.92 40.86
N ALA H 14 -64.42 -4.54 40.43
CA ALA H 14 -64.41 -5.99 40.22
C ALA H 14 -63.62 -6.36 38.98
N ARG H 15 -63.85 -5.64 37.89
CA ARG H 15 -63.06 -5.86 36.68
C ARG H 15 -61.59 -5.60 36.92
N ASP H 16 -61.27 -4.76 37.91
CA ASP H 16 -59.91 -4.39 38.29
C ASP H 16 -59.28 -5.45 39.20
N LYS H 17 -59.89 -5.70 40.35
CA LYS H 17 -59.24 -6.43 41.43
C LYS H 17 -59.41 -7.93 41.27
N ILE H 18 -60.56 -8.38 40.78
CA ILE H 18 -60.79 -9.82 40.64
C ILE H 18 -60.03 -10.27 39.40
N VAL H 19 -58.82 -10.78 39.60
CA VAL H 19 -57.96 -11.28 38.54
C VAL H 19 -57.41 -12.63 38.97
N GLU H 20 -56.84 -13.35 38.02
CA GLU H 20 -56.35 -14.69 38.30
C GLU H 20 -55.16 -14.63 39.25
N GLY H 21 -55.23 -15.43 40.31
CA GLY H 21 -54.11 -15.59 41.20
C GLY H 21 -53.99 -14.54 42.28
N THR H 22 -54.83 -13.52 42.29
CA THR H 22 -54.76 -12.51 43.34
C THR H 22 -55.26 -13.11 44.65
N LEU H 23 -54.70 -12.62 45.75
CA LEU H 23 -55.11 -13.12 47.06
C LEU H 23 -56.56 -12.80 47.32
N TYR H 24 -57.21 -13.67 48.10
CA TYR H 24 -58.58 -13.37 48.51
C TYR H 24 -58.62 -12.28 49.57
N SER H 25 -57.55 -12.08 50.32
CA SER H 25 -57.52 -10.96 51.24
C SER H 25 -57.57 -9.63 50.48
N ASN H 26 -57.08 -9.62 49.24
CA ASN H 26 -57.10 -8.39 48.46
C ASN H 26 -58.49 -8.01 48.01
N VAL H 27 -59.43 -8.96 47.97
CA VAL H 27 -60.75 -8.70 47.41
C VAL H 27 -61.87 -9.18 48.30
N SER H 28 -61.60 -9.49 49.57
CA SER H 28 -62.67 -9.93 50.45
C SER H 28 -63.75 -8.86 50.58
N ASP H 29 -63.35 -7.61 50.83
CA ASP H 29 -64.32 -6.54 50.94
C ASP H 29 -65.06 -6.33 49.62
N LEU H 30 -64.33 -6.41 48.51
CA LEU H 30 -64.98 -6.23 47.22
C LEU H 30 -65.97 -7.33 46.95
N ILE H 31 -65.66 -8.56 47.36
CA ILE H 31 -66.59 -9.66 47.15
C ILE H 31 -67.83 -9.46 48.01
N GLN H 32 -67.66 -8.96 49.23
CA GLN H 32 -68.83 -8.65 50.05
C GLN H 32 -69.70 -7.61 49.36
N GLN H 33 -69.08 -6.55 48.84
CA GLN H 33 -69.85 -5.51 48.14
C GLN H 33 -70.54 -6.08 46.92
N PHE H 34 -69.83 -6.91 46.14
CA PHE H 34 -70.38 -7.41 44.89
C PHE H 34 -71.54 -8.36 45.18
N ASN H 35 -71.42 -9.17 46.22
CA ASN H 35 -72.52 -10.03 46.61
C ASN H 35 -73.71 -9.23 47.08
N GLN H 36 -73.48 -8.12 47.80
CA GLN H 36 -74.59 -7.27 48.18
C GLN H 36 -75.30 -6.74 46.95
N MET H 37 -74.54 -6.29 45.95
CA MET H 37 -75.14 -5.83 44.72
C MET H 37 -75.93 -6.95 44.05
N ILE H 38 -75.38 -8.16 44.01
CA ILE H 38 -76.02 -9.27 43.31
C ILE H 38 -77.34 -9.62 43.99
N VAL H 39 -77.33 -9.75 45.31
CA VAL H 39 -78.55 -10.10 46.02
C VAL H 39 -79.57 -8.97 45.93
N THR H 40 -79.11 -7.72 45.85
CA THR H 40 -80.07 -6.63 45.75
C THR H 40 -80.69 -6.54 44.36
N MET H 41 -79.94 -6.89 43.32
CA MET H 41 -80.46 -6.80 41.97
C MET H 41 -81.17 -8.05 41.48
N ASN H 42 -80.97 -9.18 42.14
CA ASN H 42 -81.61 -10.41 41.68
C ASN H 42 -83.12 -10.32 41.85
N GLY H 43 -83.83 -10.99 40.96
CA GLY H 43 -85.28 -10.99 41.01
C GLY H 43 -85.90 -9.68 40.64
N ASN H 44 -85.19 -8.83 39.90
CA ASN H 44 -85.67 -7.53 39.47
C ASN H 44 -85.43 -7.38 37.99
N ASP H 45 -86.38 -6.73 37.32
CA ASP H 45 -86.36 -6.58 35.87
C ASP H 45 -86.44 -5.11 35.51
N PHE H 46 -85.52 -4.66 34.67
CA PHE H 46 -85.42 -3.27 34.26
C PHE H 46 -85.68 -3.19 32.76
N GLN H 47 -86.09 -2.00 32.32
CA GLN H 47 -86.31 -1.72 30.92
C GLN H 47 -85.65 -0.39 30.58
N THR H 48 -84.80 -0.39 29.55
CA THR H 48 -83.97 0.76 29.22
C THR H 48 -84.20 1.18 27.79
N GLY H 49 -84.25 2.49 27.57
CA GLY H 49 -84.39 3.05 26.25
C GLY H 49 -85.83 3.29 25.88
N GLY H 50 -86.01 3.82 24.67
CA GLY H 50 -87.33 4.09 24.14
C GLY H 50 -87.53 5.54 23.75
N ILE H 51 -86.45 6.26 23.46
CA ILE H 51 -86.51 7.62 22.97
C ILE H 51 -85.60 7.71 21.76
N GLY H 52 -86.10 8.28 20.67
CA GLY H 52 -85.31 8.32 19.47
C GLY H 52 -85.03 6.91 18.99
N ASN H 53 -83.85 6.73 18.39
CA ASN H 53 -83.45 5.43 17.88
C ASN H 53 -82.77 4.57 18.93
N LEU H 54 -82.67 5.03 20.16
CA LEU H 54 -82.05 4.23 21.20
C LEU H 54 -82.96 3.05 21.48
N PRO H 55 -82.52 1.80 21.31
CA PRO H 55 -83.47 0.68 21.30
C PRO H 55 -83.92 0.28 22.69
N ILE H 56 -85.07 -0.37 22.73
CA ILE H 56 -85.61 -0.91 23.97
C ILE H 56 -84.81 -2.17 24.32
N ARG H 57 -84.40 -2.28 25.58
CA ARG H 57 -83.69 -3.46 26.05
C ARG H 57 -84.23 -3.86 27.40
N ASN H 58 -84.48 -5.15 27.59
CA ASN H 58 -85.01 -5.70 28.83
C ASN H 58 -83.91 -6.44 29.55
N TRP H 59 -83.71 -6.13 30.83
CA TRP H 59 -82.73 -6.80 31.66
C TRP H 59 -83.44 -7.54 32.78
N THR H 60 -83.06 -8.79 32.99
CA THR H 60 -83.53 -9.58 34.11
C THR H 60 -82.31 -10.19 34.77
N PHE H 61 -82.17 -9.96 36.07
CA PHE H 61 -80.99 -10.37 36.81
C PHE H 61 -81.30 -11.64 37.59
N ASP H 62 -80.56 -12.70 37.30
CA ASP H 62 -80.54 -13.88 38.16
C ASP H 62 -79.15 -14.48 38.03
N PHE H 63 -78.27 -14.10 38.95
CA PHE H 63 -76.87 -14.52 38.93
C PHE H 63 -76.53 -15.22 40.24
N GLY H 64 -75.33 -15.80 40.27
CA GLY H 64 -74.86 -16.52 41.43
C GLY H 64 -73.81 -15.72 42.17
N LEU H 65 -73.87 -15.79 43.50
CA LEU H 65 -72.93 -15.07 44.34
C LEU H 65 -71.52 -15.57 44.09
N LEU H 66 -70.55 -14.66 44.16
CA LEU H 66 -69.17 -15.07 44.03
C LEU H 66 -68.71 -15.79 45.28
N GLY H 67 -67.85 -16.78 45.11
CA GLY H 67 -67.46 -17.62 46.21
C GLY H 67 -66.59 -16.90 47.22
N THR H 68 -66.52 -17.50 48.42
CA THR H 68 -65.73 -16.96 49.52
C THR H 68 -64.85 -17.98 50.21
N THR H 69 -64.94 -19.26 49.84
CA THR H 69 -64.16 -20.32 50.48
C THR H 69 -62.80 -20.52 49.82
N LEU H 70 -62.32 -19.51 49.11
CA LEU H 70 -61.11 -19.63 48.30
C LEU H 70 -60.00 -18.82 48.95
N LEU H 71 -58.81 -19.42 49.06
CA LEU H 71 -57.66 -18.70 49.60
C LEU H 71 -56.95 -17.87 48.56
N ASN H 72 -56.98 -18.28 47.30
CA ASN H 72 -56.26 -17.57 46.26
C ASN H 72 -57.03 -17.76 44.96
N LEU H 73 -57.40 -16.65 44.32
CA LEU H 73 -58.31 -16.72 43.19
C LEU H 73 -57.70 -17.53 42.05
N ASP H 74 -58.54 -18.37 41.44
CA ASP H 74 -58.17 -19.26 40.36
C ASP H 74 -58.98 -18.89 39.12
N ALA H 75 -58.83 -19.68 38.07
CA ALA H 75 -59.42 -19.31 36.78
C ALA H 75 -60.94 -19.43 36.79
N ASN H 76 -61.49 -20.42 37.52
CA ASN H 76 -62.94 -20.55 37.57
C ASN H 76 -63.58 -19.29 38.13
N TYR H 77 -63.05 -18.80 39.25
CA TYR H 77 -63.59 -17.63 39.90
C TYR H 77 -63.59 -16.44 38.95
N VAL H 78 -62.48 -16.20 38.28
CA VAL H 78 -62.36 -15.07 37.39
C VAL H 78 -63.35 -15.20 36.23
N GLU H 79 -63.48 -16.40 35.67
CA GLU H 79 -64.36 -16.57 34.51
C GLU H 79 -65.81 -16.32 34.88
N THR H 80 -66.26 -16.88 36.00
CA THR H 80 -67.64 -16.61 36.43
C THR H 80 -67.83 -15.13 36.71
N ALA H 81 -66.89 -14.52 37.41
CA ALA H 81 -67.03 -13.11 37.76
C ALA H 81 -67.09 -12.26 36.50
N ARG H 82 -66.32 -12.62 35.48
CA ARG H 82 -66.32 -11.81 34.28
C ARG H 82 -67.55 -12.02 33.42
N THR H 83 -68.12 -13.23 33.42
CA THR H 83 -69.42 -13.38 32.76
C THR H 83 -70.46 -12.49 33.42
N THR H 84 -70.44 -12.40 34.75
CA THR H 84 -71.39 -11.50 35.40
C THR H 84 -71.06 -10.03 35.11
N ILE H 85 -69.78 -9.69 35.13
CA ILE H 85 -69.36 -8.29 35.03
C ILE H 85 -69.66 -7.73 33.65
N GLU H 86 -69.52 -8.55 32.60
CA GLU H 86 -69.82 -8.04 31.27
C GLU H 86 -71.28 -7.63 31.16
N TYR H 87 -72.18 -8.46 31.67
CA TYR H 87 -73.60 -8.13 31.65
C TYR H 87 -73.87 -6.89 32.47
N PHE H 88 -73.29 -6.79 33.66
CA PHE H 88 -73.56 -5.61 34.48
C PHE H 88 -73.04 -4.35 33.83
N ILE H 89 -71.87 -4.42 33.19
CA ILE H 89 -71.33 -3.23 32.52
C ILE H 89 -72.23 -2.83 31.38
N ASP H 90 -72.75 -3.79 30.62
CA ASP H 90 -73.63 -3.46 29.52
C ASP H 90 -74.92 -2.80 30.04
N PHE H 91 -75.44 -3.32 31.14
CA PHE H 91 -76.62 -2.71 31.76
C PHE H 91 -76.34 -1.28 32.21
N ILE H 92 -75.19 -1.06 32.84
CA ILE H 92 -74.87 0.27 33.32
C ILE H 92 -74.67 1.23 32.17
N ASP H 93 -74.02 0.77 31.10
CA ASP H 93 -73.84 1.61 29.93
C ASP H 93 -75.17 2.03 29.35
N ASN H 94 -76.10 1.09 29.23
CA ASN H 94 -77.41 1.42 28.68
C ASN H 94 -78.16 2.37 29.60
N VAL H 95 -78.09 2.17 30.92
CA VAL H 95 -78.80 3.05 31.84
C VAL H 95 -78.25 4.47 31.75
N CYS H 96 -76.92 4.60 31.70
CA CYS H 96 -76.33 5.92 31.60
C CYS H 96 -76.70 6.60 30.28
N MET H 97 -76.66 5.85 29.18
CA MET H 97 -77.07 6.43 27.90
C MET H 97 -78.53 6.85 27.93
N ASP H 98 -79.36 6.05 28.59
CA ASP H 98 -80.78 6.37 28.67
C ASP H 98 -81.01 7.65 29.47
N GLU H 99 -80.32 7.80 30.59
CA GLU H 99 -80.52 8.98 31.41
C GLU H 99 -79.87 10.22 30.81
N MET H 100 -78.83 10.06 30.00
CA MET H 100 -78.16 11.22 29.44
C MET H 100 -79.01 11.94 28.39
N VAL H 101 -80.06 11.31 27.87
CA VAL H 101 -80.84 11.88 26.78
C VAL H 101 -82.13 12.49 27.32
N ARG H 102 -82.64 11.97 28.43
CA ARG H 102 -83.84 12.52 29.02
C ARG H 102 -83.59 13.95 29.48
N GLU H 103 -84.67 14.67 29.75
CA GLU H 103 -84.61 16.11 29.85
C GLU H 103 -85.92 16.61 30.44
N SER H 104 -85.83 17.54 31.41
CA SER H 104 -87.02 18.03 32.09
C SER H 104 -86.84 19.50 32.44
N GLN H 105 -87.78 20.33 31.98
CA GLN H 105 -87.76 21.74 32.33
C GLN H 105 -87.99 21.93 33.83
N ARG H 106 -88.92 21.17 34.39
CA ARG H 106 -89.26 21.22 35.80
C ARG H 106 -88.66 20.01 36.50
N ASN H 107 -88.09 20.23 37.68
CA ASN H 107 -87.55 19.13 38.48
C ASN H 107 -86.37 18.47 37.79
N GLY H 108 -85.41 19.29 37.36
CA GLY H 108 -84.33 18.78 36.53
C GLY H 108 -83.42 17.80 37.25
N VAL H 109 -83.02 18.13 38.49
CA VAL H 109 -82.07 17.29 39.20
C VAL H 109 -82.65 15.93 39.50
N ALA H 110 -83.97 15.81 39.54
CA ALA H 110 -84.59 14.53 39.84
C ALA H 110 -84.30 13.54 38.70
N PRO H 111 -84.43 12.25 38.97
CA PRO H 111 -84.06 11.27 37.93
C PRO H 111 -85.17 10.94 36.95
N GLN H 112 -84.90 11.14 35.67
CA GLN H 112 -85.75 10.63 34.59
C GLN H 112 -85.40 9.17 34.39
N SER H 113 -85.79 8.54 33.27
CA SER H 113 -85.36 7.17 33.00
C SER H 113 -85.90 6.19 34.04
N GLU H 114 -87.18 5.86 33.91
CA GLU H 114 -87.91 5.01 34.85
C GLU H 114 -87.09 3.84 35.38
N ALA H 115 -86.21 3.27 34.55
CA ALA H 115 -85.24 2.31 35.07
C ALA H 115 -84.41 2.94 36.18
N LEU H 116 -83.86 4.12 35.93
CA LEU H 116 -83.02 4.76 36.94
C LEU H 116 -83.86 5.26 38.10
N ARG H 117 -85.13 5.55 37.87
CA ARG H 117 -86.03 5.84 39.00
C ARG H 117 -86.15 4.61 39.90
N LYS H 118 -86.40 3.45 39.29
CA LYS H 118 -86.50 2.22 40.07
C LYS H 118 -85.22 1.97 40.84
N LEU H 119 -84.08 2.28 40.22
CA LEU H 119 -82.82 2.23 40.94
C LEU H 119 -82.82 3.20 42.12
N ALA H 120 -83.39 4.39 41.91
CA ALA H 120 -83.46 5.39 42.97
C ALA H 120 -84.43 5.00 44.08
N GLY H 121 -85.21 3.94 43.89
CA GLY H 121 -86.08 3.46 44.94
C GLY H 121 -85.35 3.12 46.23
N ILE H 122 -86.09 2.68 47.24
CA ILE H 122 -85.51 2.55 48.58
C ILE H 122 -84.81 1.22 48.84
N LYS H 123 -85.15 0.17 48.10
CA LYS H 123 -84.56 -1.13 48.36
C LYS H 123 -83.21 -1.31 47.68
N PHE H 124 -82.75 -0.34 46.90
CA PHE H 124 -81.43 -0.37 46.29
C PHE H 124 -80.41 0.48 47.05
N LYS H 125 -80.79 1.11 48.15
CA LYS H 125 -79.85 1.94 48.87
C LYS H 125 -78.65 1.12 49.34
N ARG H 126 -78.87 -0.14 49.68
CA ARG H 126 -77.81 -0.97 50.23
C ARG H 126 -76.71 -1.25 49.22
N ILE H 127 -76.92 -0.96 47.94
CA ILE H 127 -75.85 -1.09 46.97
C ILE H 127 -74.85 0.05 47.05
N ASN H 128 -75.17 1.11 47.79
CA ASN H 128 -74.28 2.26 47.89
C ASN H 128 -72.91 1.82 48.39
N PHE H 129 -71.86 2.29 47.72
CA PHE H 129 -70.51 1.78 47.92
C PHE H 129 -69.56 2.84 48.47
N ASN H 130 -69.34 3.90 47.72
CA ASN H 130 -68.58 5.06 48.16
C ASN H 130 -68.69 6.09 47.06
N ASN H 131 -68.55 7.35 47.42
CA ASN H 131 -68.72 8.45 46.49
C ASN H 131 -67.45 9.29 46.54
N SER H 132 -66.47 8.89 45.75
CA SER H 132 -65.14 9.49 45.79
C SER H 132 -64.84 10.37 44.58
N SER H 133 -65.45 10.10 43.44
CA SER H 133 -65.17 10.89 42.25
C SER H 133 -65.64 12.33 42.47
N GLU H 134 -65.05 13.25 41.71
CA GLU H 134 -65.35 14.67 41.89
C GLU H 134 -66.82 14.95 41.63
N TYR H 135 -67.35 14.43 40.53
CA TYR H 135 -68.71 14.78 40.14
C TYR H 135 -69.73 14.24 41.13
N ILE H 136 -69.55 13.01 41.60
CA ILE H 136 -70.52 12.48 42.54
C ILE H 136 -70.33 13.12 43.92
N GLU H 137 -69.11 13.47 44.29
CA GLU H 137 -68.92 14.16 45.56
C GLU H 137 -69.64 15.49 45.55
N ASN H 138 -69.51 16.24 44.46
CA ASN H 138 -70.24 17.49 44.34
C ASN H 138 -71.74 17.25 44.28
N TRP H 139 -72.16 16.15 43.67
CA TRP H 139 -73.59 15.83 43.63
C TRP H 139 -74.14 15.65 45.04
N ASN H 140 -73.44 14.89 45.86
CA ASN H 140 -73.89 14.71 47.24
C ASN H 140 -73.83 16.01 48.02
N LEU H 141 -72.77 16.80 47.81
CA LEU H 141 -72.63 18.06 48.52
C LEU H 141 -73.78 18.99 48.18
N GLN H 142 -74.20 19.02 46.93
CA GLN H 142 -75.31 19.89 46.56
C GLN H 142 -76.64 19.31 47.04
N ASN H 143 -76.79 17.98 47.01
CA ASN H 143 -78.03 17.39 47.53
C ASN H 143 -78.21 17.68 49.00
N ARG H 144 -77.12 17.89 49.73
CA ARG H 144 -77.16 18.31 51.12
C ARG H 144 -76.46 19.66 51.19
N ARG H 145 -77.22 20.74 50.94
CA ARG H 145 -76.70 22.03 50.50
C ARG H 145 -75.39 22.38 51.18
N GLN H 146 -74.37 22.60 50.36
CA GLN H 146 -73.03 22.80 50.88
C GLN H 146 -72.15 23.28 49.74
N ARG H 147 -70.99 23.83 50.09
CA ARG H 147 -70.11 24.45 49.11
C ARG H 147 -69.58 23.39 48.16
N THR H 148 -70.11 23.36 46.93
CA THR H 148 -69.63 22.45 45.92
C THR H 148 -68.32 22.99 45.36
N GLY H 149 -67.78 22.32 44.36
CA GLY H 149 -66.63 22.85 43.66
C GLY H 149 -66.04 21.86 42.67
N PHE H 150 -65.77 22.35 41.47
CA PHE H 150 -65.09 21.60 40.44
C PHE H 150 -63.85 22.35 40.03
N VAL H 151 -62.76 21.62 39.81
CA VAL H 151 -61.54 22.19 39.28
C VAL H 151 -61.54 21.98 37.77
N PHE H 152 -61.35 23.06 37.03
CA PHE H 152 -61.38 23.02 35.57
C PHE H 152 -60.06 23.54 35.04
N HIS H 153 -59.55 22.89 34.00
CA HIS H 153 -58.34 23.29 33.32
C HIS H 153 -58.71 23.88 31.98
N LYS H 154 -58.57 25.19 31.86
CA LYS H 154 -58.93 25.90 30.64
C LYS H 154 -60.43 25.80 30.41
N PRO H 155 -61.25 26.29 31.33
CA PRO H 155 -62.70 26.07 31.22
C PRO H 155 -63.30 26.88 30.08
N ASN H 156 -64.42 26.38 29.58
CA ASN H 156 -65.19 27.07 28.55
C ASN H 156 -66.22 27.99 29.20
N ILE H 157 -65.70 28.97 29.94
CA ILE H 157 -66.59 29.88 30.65
C ILE H 157 -67.14 30.95 29.72
N PHE H 158 -66.39 31.35 28.70
CA PHE H 158 -66.84 32.41 27.82
C PHE H 158 -67.65 31.84 26.66
N PRO H 159 -68.86 32.33 26.38
CA PRO H 159 -69.47 31.99 25.10
C PRO H 159 -68.68 32.58 23.96
N TYR H 160 -68.64 31.85 22.84
CA TYR H 160 -67.89 32.33 21.70
C TYR H 160 -68.52 33.60 21.16
N SER H 161 -67.71 34.63 20.96
CA SER H 161 -68.21 35.86 20.36
C SER H 161 -67.03 36.67 19.85
N ALA H 162 -66.98 36.87 18.55
CA ALA H 162 -66.06 37.81 17.92
C ALA H 162 -66.88 38.99 17.43
N SER H 163 -66.45 40.20 17.76
CA SER H 163 -67.25 41.37 17.44
C SER H 163 -66.39 42.61 17.59
N PHE H 164 -67.02 43.78 17.47
CA PHE H 164 -66.30 45.03 17.55
C PHE H 164 -67.29 46.16 17.76
N THR H 165 -66.93 47.11 18.62
CA THR H 165 -67.70 48.34 18.82
C THR H 165 -66.89 49.50 18.28
N LEU H 166 -67.54 50.36 17.50
CA LEU H 166 -66.94 51.55 16.94
C LEU H 166 -67.49 52.76 17.69
N ASN H 167 -66.66 53.35 18.54
CA ASN H 167 -67.06 54.55 19.26
C ASN H 167 -67.06 55.79 18.38
N ARG H 168 -66.21 55.82 17.35
CA ARG H 168 -66.22 56.87 16.35
C ARG H 168 -66.22 56.23 14.98
N SER H 169 -67.10 56.67 14.10
CA SER H 169 -67.21 56.05 12.79
C SER H 169 -67.84 57.02 11.81
N GLN H 170 -67.64 56.75 10.53
CA GLN H 170 -68.23 57.51 9.44
C GLN H 170 -68.69 56.53 8.37
N PRO H 171 -69.57 56.96 7.46
CA PRO H 171 -69.94 56.07 6.35
C PRO H 171 -68.74 55.66 5.52
N MET H 172 -67.75 56.54 5.39
CA MET H 172 -66.55 56.23 4.63
C MET H 172 -65.66 55.23 5.35
N HIS H 173 -65.80 55.11 6.68
CA HIS H 173 -64.97 54.21 7.48
C HIS H 173 -63.48 54.51 7.29
N ASP H 174 -63.14 55.77 7.08
CA ASP H 174 -61.76 56.19 6.93
C ASP H 174 -61.10 56.50 8.26
N ASN H 175 -61.88 56.95 9.24
CA ASN H 175 -61.37 57.44 10.53
C ASN H 175 -62.23 56.78 11.60
N LEU H 176 -61.80 55.62 12.08
CA LEU H 176 -62.52 54.84 13.06
C LEU H 176 -61.78 54.84 14.38
N MET H 177 -62.45 54.34 15.40
CA MET H 177 -61.88 54.18 16.72
C MET H 177 -62.81 53.31 17.52
N GLY H 178 -62.27 52.37 18.27
CA GLY H 178 -63.13 51.43 18.98
C GLY H 178 -62.34 50.26 19.50
N THR H 179 -63.03 49.15 19.71
CA THR H 179 -62.40 47.94 20.21
C THR H 179 -62.99 46.73 19.50
N MET H 180 -62.12 45.89 18.95
CA MET H 180 -62.49 44.57 18.51
C MET H 180 -62.20 43.58 19.61
N TRP H 181 -62.89 42.45 19.60
CA TRP H 181 -62.59 41.43 20.60
C TRP H 181 -63.05 40.07 20.12
N LEU H 182 -62.45 39.05 20.74
CA LEU H 182 -62.86 37.66 20.62
C LEU H 182 -62.81 37.04 22.00
N ASN H 183 -63.95 36.54 22.45
CA ASN H 183 -64.02 35.67 23.62
C ASN H 183 -64.28 34.27 23.12
N ALA H 184 -63.53 33.29 23.62
CA ALA H 184 -63.75 31.91 23.18
C ALA H 184 -63.14 30.95 24.19
N GLY H 185 -63.97 30.13 24.80
CA GLY H 185 -63.48 29.15 25.73
C GLY H 185 -62.81 29.77 26.94
N SER H 186 -61.48 29.68 27.01
CA SER H 186 -60.71 30.31 28.08
C SER H 186 -59.92 31.52 27.61
N GLU H 187 -60.07 31.90 26.35
CA GLU H 187 -59.26 32.92 25.69
C GLU H 187 -60.07 34.20 25.63
N ILE H 188 -59.46 35.32 26.01
CA ILE H 188 -59.96 36.65 25.67
C ILE H 188 -58.88 37.34 24.89
N GLN H 189 -59.25 37.99 23.79
CA GLN H 189 -58.35 38.86 23.06
C GLN H 189 -59.09 40.12 22.74
N VAL H 190 -58.62 41.25 23.25
CA VAL H 190 -59.23 42.55 22.98
C VAL H 190 -58.19 43.39 22.29
N ALA H 191 -58.65 44.26 21.40
CA ALA H 191 -57.74 45.14 20.67
C ALA H 191 -58.45 46.46 20.47
N GLY H 192 -58.04 47.47 21.24
CA GLY H 192 -58.52 48.81 21.00
C GLY H 192 -57.72 49.43 19.89
N PHE H 193 -58.41 49.98 18.89
CA PHE H 193 -57.78 50.57 17.73
C PHE H 193 -58.25 52.00 17.56
N ASP H 194 -57.37 52.82 17.01
CA ASP H 194 -57.64 54.22 16.71
C ASP H 194 -56.97 54.54 15.39
N TYR H 195 -57.72 55.09 14.44
CA TYR H 195 -57.13 55.37 13.15
C TYR H 195 -56.30 56.65 13.18
N SER H 196 -56.64 57.58 14.06
CA SER H 196 -55.91 58.84 14.17
C SER H 196 -54.74 58.78 15.13
N CYS H 197 -54.47 57.62 15.72
CA CYS H 197 -53.36 57.47 16.67
C CYS H 197 -53.49 58.44 17.84
N ALA H 198 -54.73 58.72 18.24
CA ALA H 198 -54.98 59.56 19.41
C ALA H 198 -54.35 60.94 19.26
N LEU H 199 -54.84 61.69 18.27
CA LEU H 199 -54.44 63.09 18.10
C LEU H 199 -55.39 64.03 18.83
N ASN H 200 -56.66 64.01 18.43
CA ASN H 200 -57.64 64.89 19.06
C ASN H 200 -57.94 64.52 20.50
N ALA H 201 -57.54 63.33 20.95
CA ALA H 201 -57.90 62.87 22.28
C ALA H 201 -57.24 63.72 23.34
N PRO H 202 -57.83 63.82 24.53
CA PRO H 202 -57.21 64.63 25.59
C PRO H 202 -55.89 64.03 26.04
N ALA H 203 -54.84 64.86 26.01
CA ALA H 203 -53.49 64.46 26.40
C ALA H 203 -52.92 63.38 25.50
N ASN H 204 -53.46 63.23 24.28
CA ASN H 204 -52.97 62.24 23.32
C ASN H 204 -53.04 60.84 23.89
N ILE H 205 -54.06 60.58 24.71
CA ILE H 205 -54.27 59.30 25.37
C ILE H 205 -55.72 58.89 25.14
N GLN H 206 -55.92 57.77 24.47
CA GLN H 206 -57.24 57.26 24.14
C GLN H 206 -57.53 56.07 25.06
N GLN H 207 -58.60 56.17 25.84
CA GLN H 207 -58.96 55.12 26.77
C GLN H 207 -59.78 54.05 26.05
N PHE H 208 -59.51 52.79 26.37
CA PHE H 208 -60.28 51.65 25.89
C PHE H 208 -60.65 50.79 27.06
N GLU H 209 -61.88 50.28 27.07
CA GLU H 209 -62.36 49.43 28.13
C GLU H 209 -63.13 48.27 27.54
N HIS H 210 -63.02 47.11 28.18
CA HIS H 210 -63.77 45.92 27.80
C HIS H 210 -64.27 45.24 29.07
N ILE H 211 -65.55 44.91 29.09
CA ILE H 211 -66.20 44.26 30.22
C ILE H 211 -66.62 42.88 29.77
N VAL H 212 -66.26 41.86 30.55
CA VAL H 212 -66.65 40.48 30.29
C VAL H 212 -67.40 39.99 31.51
N GLN H 213 -68.68 39.70 31.34
CA GLN H 213 -69.55 39.30 32.43
C GLN H 213 -69.67 37.79 32.40
N LEU H 214 -68.93 37.11 33.29
CA LEU H 214 -69.02 35.67 33.34
C LEU H 214 -70.41 35.24 33.78
N ARG H 215 -70.89 34.15 33.19
CA ARG H 215 -72.19 33.63 33.55
C ARG H 215 -72.18 32.93 34.89
N ARG H 216 -71.01 32.53 35.38
CA ARG H 216 -70.88 31.90 36.68
C ARG H 216 -69.57 32.33 37.31
N ALA H 217 -69.62 32.60 38.62
CA ALA H 217 -68.44 33.10 39.31
C ALA H 217 -67.38 32.01 39.41
N LEU H 218 -66.16 32.34 39.00
CA LEU H 218 -65.01 31.46 39.17
C LEU H 218 -64.33 31.76 40.49
N THR H 219 -63.37 30.89 40.85
CA THR H 219 -62.72 30.97 42.14
C THR H 219 -61.29 30.47 42.01
N THR H 220 -60.36 31.18 42.64
CA THR H 220 -58.95 30.80 42.71
C THR H 220 -58.40 30.47 41.32
N ALA H 221 -58.70 31.34 40.37
CA ALA H 221 -58.33 31.12 38.99
C ALA H 221 -56.91 31.61 38.73
N THR H 222 -56.14 30.83 37.99
CA THR H 222 -54.83 31.24 37.51
C THR H 222 -54.98 31.73 36.08
N ILE H 223 -54.45 32.91 35.79
CA ILE H 223 -54.70 33.60 34.53
C ILE H 223 -53.36 34.05 33.96
N THR H 224 -53.21 33.93 32.65
CA THR H 224 -52.02 34.36 31.94
C THR H 224 -52.39 35.55 31.07
N LEU H 225 -51.86 36.72 31.42
CA LEU H 225 -52.16 37.98 30.75
C LEU H 225 -50.92 38.44 30.00
N LEU H 226 -51.08 38.75 28.72
CA LEU H 226 -49.98 39.18 27.87
C LEU H 226 -50.46 40.34 27.02
N PRO H 227 -49.54 41.17 26.50
CA PRO H 227 -49.98 42.23 25.58
C PRO H 227 -50.15 41.73 24.16
N ASP H 228 -50.52 42.63 23.25
CA ASP H 228 -50.45 42.38 21.81
C ASP H 228 -51.30 41.17 21.42
N ALA H 229 -52.61 41.35 21.51
CA ALA H 229 -53.55 40.39 20.95
C ALA H 229 -53.15 40.01 19.53
N GLU H 230 -52.92 38.72 19.31
CA GLU H 230 -52.40 38.28 18.01
C GLU H 230 -53.48 38.39 16.95
N ARG H 231 -54.69 37.96 17.27
CA ARG H 231 -55.71 37.82 16.25
C ARG H 231 -56.19 39.14 15.67
N PHE H 232 -55.83 40.27 16.29
CA PHE H 232 -56.25 41.57 15.79
C PHE H 232 -55.03 42.41 15.52
N SER H 233 -54.07 41.84 14.82
CA SER H 233 -52.84 42.53 14.48
C SER H 233 -52.36 42.20 13.07
N PHE H 234 -53.26 41.84 12.17
CA PHE H 234 -52.97 41.66 10.76
C PHE H 234 -54.04 42.36 9.96
N PRO H 235 -53.76 42.74 8.71
CA PRO H 235 -54.71 43.56 7.96
C PRO H 235 -55.92 42.74 7.54
N ARG H 236 -57.11 43.21 7.92
CA ARG H 236 -58.36 42.54 7.65
C ARG H 236 -59.28 43.49 6.91
N VAL H 237 -60.34 42.93 6.32
CA VAL H 237 -61.46 43.71 5.82
C VAL H 237 -62.71 43.14 6.48
N ILE H 238 -63.42 43.99 7.21
CA ILE H 238 -64.46 43.58 8.14
C ILE H 238 -65.78 44.13 7.65
N ASN H 239 -66.77 43.26 7.54
CA ASN H 239 -68.11 43.74 7.23
C ASN H 239 -68.57 44.68 8.33
N SER H 240 -69.29 45.73 7.94
CA SER H 240 -69.67 46.76 8.89
C SER H 240 -70.72 46.22 9.84
N ALA H 241 -71.26 47.12 10.67
CA ALA H 241 -72.17 46.70 11.73
C ALA H 241 -73.39 45.99 11.15
N ASP H 242 -73.96 46.52 10.08
CA ASP H 242 -75.15 45.96 9.45
C ASP H 242 -74.84 45.17 8.19
N GLY H 243 -73.55 44.99 7.87
CA GLY H 243 -73.19 44.28 6.66
C GLY H 243 -73.34 45.07 5.39
N ALA H 244 -73.70 46.35 5.47
CA ALA H 244 -73.96 47.12 4.26
C ALA H 244 -72.69 47.25 3.43
N THR H 245 -71.55 47.45 4.07
CA THR H 245 -70.27 47.59 3.38
C THR H 245 -69.22 46.81 4.15
N THR H 246 -67.98 46.93 3.71
CA THR H 246 -66.83 46.32 4.38
C THR H 246 -65.72 47.35 4.45
N TRP H 247 -65.12 47.49 5.63
CA TRP H 247 -64.12 48.50 5.88
C TRP H 247 -62.78 47.85 6.18
N PHE H 248 -61.72 48.54 5.79
CA PHE H 248 -60.37 48.02 5.91
C PHE H 248 -59.79 48.38 7.27
N PHE H 249 -59.11 47.41 7.88
CA PHE H 249 -58.45 47.59 9.17
C PHE H 249 -57.01 47.14 8.99
N ASN H 250 -56.07 48.04 9.29
CA ASN H 250 -54.65 47.85 8.97
C ASN H 250 -53.83 48.15 10.21
N PRO H 251 -53.73 47.21 11.14
CA PRO H 251 -53.17 47.53 12.44
C PRO H 251 -51.68 47.81 12.40
N ILE H 252 -51.26 48.71 13.28
CA ILE H 252 -49.88 48.88 13.69
C ILE H 252 -49.86 48.78 15.19
N ILE H 253 -49.12 47.81 15.72
CA ILE H 253 -49.28 47.40 17.11
C ILE H 253 -48.38 48.24 18.01
N LEU H 254 -48.97 49.24 18.65
CA LEU H 254 -48.35 49.96 19.75
C LEU H 254 -48.41 49.12 21.03
N ARG H 255 -47.84 49.64 22.09
CA ARG H 255 -47.80 48.98 23.39
C ARG H 255 -48.96 49.47 24.23
N PRO H 256 -49.80 48.61 24.82
CA PRO H 256 -50.88 49.13 25.65
C PRO H 256 -50.37 49.69 26.96
N ASN H 257 -50.35 51.00 27.13
CA ASN H 257 -49.74 51.57 28.32
C ASN H 257 -50.74 51.67 29.45
N ASN H 258 -50.21 51.71 30.67
CA ASN H 258 -50.95 51.74 31.94
C ASN H 258 -52.20 50.88 31.90
N VAL H 259 -52.04 49.64 31.42
CA VAL H 259 -53.13 48.70 31.44
C VAL H 259 -53.53 48.43 32.89
N GLU H 260 -54.79 48.08 33.09
CA GLU H 260 -55.30 47.77 34.43
C GLU H 260 -56.41 46.74 34.27
N VAL H 261 -56.23 45.59 34.92
CA VAL H 261 -57.18 44.48 34.86
C VAL H 261 -57.81 44.33 36.23
N GLU H 262 -59.13 44.37 36.28
CA GLU H 262 -59.87 44.28 37.54
C GLU H 262 -60.79 43.07 37.49
N PHE H 263 -60.78 42.29 38.57
CA PHE H 263 -61.64 41.12 38.73
C PHE H 263 -62.67 41.46 39.80
N LEU H 264 -63.95 41.39 39.41
CA LEU H 264 -65.06 41.95 40.16
C LEU H 264 -66.06 40.86 40.51
N LEU H 265 -66.65 40.98 41.70
CA LEU H 265 -67.73 40.11 42.16
C LEU H 265 -68.83 41.00 42.70
N ASN H 266 -69.98 41.03 42.01
CA ASN H 266 -71.09 41.91 42.37
C ASN H 266 -70.64 43.37 42.44
N GLY H 267 -69.74 43.74 41.53
CA GLY H 267 -69.26 45.10 41.47
C GLY H 267 -68.12 45.42 42.42
N GLN H 268 -67.84 44.57 43.39
CA GLN H 268 -66.75 44.82 44.33
C GLN H 268 -65.43 44.47 43.67
N ILE H 269 -64.44 45.35 43.80
CA ILE H 269 -63.12 45.05 43.27
C ILE H 269 -62.52 43.96 44.15
N ILE H 270 -62.50 42.73 43.65
CA ILE H 270 -61.86 41.64 44.37
C ILE H 270 -60.37 41.61 44.11
N ASN H 271 -59.96 41.84 42.86
CA ASN H 271 -58.53 41.90 42.56
C ASN H 271 -58.30 42.97 41.49
N THR H 272 -57.09 43.51 41.48
CA THR H 272 -56.72 44.50 40.48
C THR H 272 -55.22 44.44 40.27
N TYR H 273 -54.83 44.47 39.00
CA TYR H 273 -53.42 44.42 38.62
C TYR H 273 -53.16 45.53 37.63
N GLN H 274 -52.20 46.39 37.95
CA GLN H 274 -51.87 47.57 37.16
C GLN H 274 -50.54 47.32 36.48
N ALA H 275 -50.58 47.01 35.19
CA ALA H 275 -49.39 46.77 34.39
C ALA H 275 -48.53 45.68 35.02
N ARG H 276 -49.12 44.50 35.16
CA ARG H 276 -48.44 43.32 35.69
C ARG H 276 -48.87 42.15 34.81
N PHE H 277 -48.10 41.88 33.76
CA PHE H 277 -48.39 40.76 32.90
C PHE H 277 -47.79 39.49 33.46
N GLY H 278 -47.92 38.41 32.73
CA GLY H 278 -47.54 37.11 33.23
C GLY H 278 -48.62 36.53 34.10
N THR H 279 -48.31 35.40 34.72
CA THR H 279 -49.30 34.68 35.49
C THR H 279 -49.74 35.49 36.69
N ILE H 280 -51.05 35.51 36.93
CA ILE H 280 -51.68 36.23 38.02
C ILE H 280 -52.82 35.36 38.53
N VAL H 281 -53.47 35.81 39.59
CA VAL H 281 -54.55 35.04 40.21
C VAL H 281 -55.75 35.95 40.40
N ALA H 282 -56.92 35.40 40.15
CA ALA H 282 -58.19 36.03 40.48
C ALA H 282 -58.80 35.21 41.60
N ARG H 283 -58.94 35.83 42.77
CA ARG H 283 -59.38 35.10 43.96
C ARG H 283 -60.80 34.59 43.77
N ASN H 284 -61.72 35.47 43.37
CA ASN H 284 -63.12 35.12 43.24
C ASN H 284 -63.77 36.24 42.44
N PHE H 285 -64.41 35.90 41.32
CA PHE H 285 -64.85 36.94 40.40
C PHE H 285 -65.87 36.39 39.44
N ASP H 286 -66.84 37.23 39.08
CA ASP H 286 -67.77 36.94 38.00
C ASP H 286 -67.74 38.01 36.92
N THR H 287 -66.81 38.95 36.97
CA THR H 287 -66.68 39.92 35.90
C THR H 287 -65.23 40.33 35.78
N ILE H 288 -64.83 40.66 34.55
CA ILE H 288 -63.50 41.14 34.25
C ILE H 288 -63.62 42.49 33.58
N ARG H 289 -62.78 43.42 33.99
CA ARG H 289 -62.76 44.78 33.43
C ARG H 289 -61.34 45.09 33.00
N LEU H 290 -61.09 45.10 31.70
CA LEU H 290 -59.78 45.39 31.14
C LEU H 290 -59.81 46.81 30.61
N SER H 291 -58.98 47.69 31.20
CA SER H 291 -58.90 49.08 30.79
C SER H 291 -57.47 49.38 30.39
N PHE H 292 -57.26 49.73 29.13
CA PHE H 292 -55.93 50.07 28.64
C PHE H 292 -56.02 51.37 27.86
N GLN H 293 -54.87 51.86 27.42
CA GLN H 293 -54.79 53.19 26.83
C GLN H 293 -53.84 53.17 25.64
N LEU H 294 -54.25 53.83 24.58
CA LEU H 294 -53.41 54.08 23.42
C LEU H 294 -52.85 55.48 23.58
N MET H 295 -51.60 55.58 23.99
CA MET H 295 -50.91 56.86 24.12
C MET H 295 -50.08 57.08 22.87
N ARG H 296 -50.32 58.19 22.19
CA ARG H 296 -49.48 58.54 21.06
C ARG H 296 -48.05 58.73 21.57
N PRO H 297 -47.05 58.10 20.97
CA PRO H 297 -45.71 58.24 21.50
C PRO H 297 -45.19 59.64 21.25
N PRO H 298 -44.71 60.34 22.27
CA PRO H 298 -44.34 61.74 22.04
C PRO H 298 -43.14 61.87 21.13
N ASN H 299 -42.07 61.16 21.45
CA ASN H 299 -40.92 61.09 20.57
C ASN H 299 -41.13 60.01 19.52
N MET H 300 -40.61 60.26 18.33
CA MET H 300 -40.97 59.44 17.19
C MET H 300 -39.89 59.60 16.12
N THR H 301 -39.21 58.51 15.79
CA THR H 301 -38.25 58.57 14.72
C THR H 301 -38.99 58.79 13.40
N PRO H 302 -38.28 59.19 12.34
CA PRO H 302 -38.95 59.50 11.07
C PRO H 302 -39.84 58.40 10.54
N ALA H 303 -39.51 57.13 10.76
CA ALA H 303 -40.36 56.07 10.24
C ALA H 303 -41.75 56.10 10.88
N VAL H 304 -41.82 56.11 12.22
CA VAL H 304 -43.12 56.10 12.85
C VAL H 304 -43.82 57.44 12.63
N ASN H 305 -43.05 58.53 12.53
CA ASN H 305 -43.67 59.81 12.22
C ASN H 305 -44.34 59.76 10.85
N ALA H 306 -43.71 59.08 9.88
CA ALA H 306 -44.36 58.89 8.59
C ALA H 306 -45.60 58.02 8.73
N LEU H 307 -45.54 57.02 9.61
CA LEU H 307 -46.69 56.15 9.80
C LEU H 307 -47.91 56.91 10.30
N PHE H 308 -47.69 57.90 11.17
CA PHE H 308 -48.79 58.63 11.79
C PHE H 308 -48.84 60.07 11.29
N PRO H 309 -49.62 60.36 10.23
CA PRO H 309 -49.78 61.76 9.84
C PRO H 309 -50.65 62.53 10.80
N GLN H 310 -50.89 63.80 10.50
CA GLN H 310 -51.89 64.59 11.18
C GLN H 310 -53.03 65.03 10.28
N ALA H 311 -52.92 64.78 8.98
CA ALA H 311 -54.00 65.05 8.04
C ALA H 311 -55.00 63.90 8.09
N GLN H 312 -55.85 63.81 7.08
CA GLN H 312 -56.96 62.87 7.08
C GLN H 312 -56.65 61.41 6.72
N PRO H 313 -55.72 61.10 5.80
CA PRO H 313 -55.75 59.74 5.19
C PRO H 313 -55.62 58.59 6.18
N PHE H 314 -54.61 58.58 7.04
CA PHE H 314 -54.43 57.54 8.05
C PHE H 314 -54.34 56.16 7.41
N GLN H 315 -53.27 55.97 6.63
CA GLN H 315 -53.07 54.72 5.93
C GLN H 315 -52.76 53.55 6.87
N HIS H 316 -52.32 53.81 8.09
CA HIS H 316 -51.99 52.78 9.06
C HIS H 316 -52.68 53.11 10.37
N HIS H 317 -53.30 52.12 11.00
CA HIS H 317 -54.25 52.35 12.08
C HIS H 317 -53.68 51.79 13.38
N ALA H 318 -53.51 52.65 14.37
CA ALA H 318 -52.87 52.22 15.60
C ALA H 318 -53.74 51.22 16.35
N THR H 319 -53.10 50.29 17.03
CA THR H 319 -53.81 49.24 17.75
C THR H 319 -53.01 48.83 18.98
N VAL H 320 -53.71 48.61 20.08
CA VAL H 320 -53.11 48.08 21.31
C VAL H 320 -54.05 47.01 21.84
N GLY H 321 -53.49 45.87 22.25
CA GLY H 321 -54.29 44.72 22.59
C GLY H 321 -53.86 44.05 23.88
N LEU H 322 -54.74 43.19 24.37
CA LEU H 322 -54.48 42.35 25.52
C LEU H 322 -55.00 40.95 25.23
N THR H 323 -54.25 39.96 25.69
CA THR H 323 -54.66 38.56 25.65
C THR H 323 -54.71 38.04 27.08
N LEU H 324 -55.74 37.26 27.39
CA LEU H 324 -55.97 36.78 28.75
C LEU H 324 -56.49 35.34 28.68
N ARG H 325 -55.69 34.38 29.12
CA ARG H 325 -56.08 32.97 29.14
C ARG H 325 -56.35 32.55 30.57
N ILE H 326 -57.50 31.94 30.81
CA ILE H 326 -57.76 31.37 32.13
C ILE H 326 -57.20 29.96 32.16
N GLU H 327 -55.97 29.81 32.68
CA GLU H 327 -55.29 28.52 32.61
C GLU H 327 -56.00 27.47 33.43
N SER H 328 -56.48 27.83 34.61
CA SER H 328 -57.22 26.90 35.45
C SER H 328 -58.09 27.71 36.40
N ALA H 329 -59.11 27.05 36.94
CA ALA H 329 -60.01 27.76 37.83
C ALA H 329 -60.85 26.75 38.60
N VAL H 330 -61.60 27.28 39.56
CA VAL H 330 -62.49 26.48 40.39
C VAL H 330 -63.85 27.12 40.33
N CYS H 331 -64.85 26.37 39.89
CA CYS H 331 -66.19 26.88 39.71
C CYS H 331 -67.16 26.07 40.56
N GLU H 332 -68.21 26.74 41.03
CA GLU H 332 -69.22 26.04 41.81
C GLU H 332 -70.15 25.22 40.91
N SER H 333 -70.29 25.62 39.65
CA SER H 333 -71.17 24.95 38.70
C SER H 333 -70.36 24.32 37.58
N VAL H 334 -70.96 23.33 36.94
CA VAL H 334 -70.26 22.47 36.01
C VAL H 334 -70.09 23.17 34.67
N LEU H 335 -68.96 22.90 34.01
CA LEU H 335 -68.59 23.53 32.76
C LEU H 335 -67.83 22.51 31.91
N ALA H 336 -67.73 22.79 30.62
CA ALA H 336 -66.85 22.02 29.76
C ALA H 336 -65.43 22.51 29.91
N ASP H 337 -64.48 21.65 29.54
CA ASP H 337 -63.06 21.95 29.73
C ASP H 337 -62.30 21.54 28.48
N ALA H 338 -60.98 21.66 28.57
CA ALA H 338 -60.07 20.99 27.66
C ALA H 338 -59.61 19.65 28.20
N ASN H 339 -59.89 19.34 29.47
CA ASN H 339 -59.43 18.10 30.08
C ASN H 339 -60.53 17.06 30.13
N GLU H 340 -61.70 17.41 30.66
CA GLU H 340 -62.83 16.52 30.74
C GLU H 340 -63.40 16.24 29.36
N THR H 341 -64.08 15.12 29.23
CA THR H 341 -64.74 14.72 27.99
C THR H 341 -66.25 14.59 28.16
N LEU H 342 -66.81 15.21 29.19
CA LEU H 342 -68.20 14.96 29.52
C LEU H 342 -69.14 15.57 28.48
N LEU H 343 -68.86 16.80 28.05
CA LEU H 343 -69.71 17.42 27.04
C LEU H 343 -69.70 16.59 25.77
N ALA H 344 -68.52 16.13 25.36
CA ALA H 344 -68.43 15.31 24.17
C ALA H 344 -69.23 14.03 24.34
N ASN H 345 -69.14 13.39 25.51
CA ASN H 345 -69.88 12.15 25.70
C ASN H 345 -71.38 12.38 25.61
N VAL H 346 -71.87 13.44 26.25
CA VAL H 346 -73.30 13.68 26.25
C VAL H 346 -73.78 14.02 24.84
N THR H 347 -73.07 14.90 24.15
CA THR H 347 -73.50 15.28 22.82
C THR H 347 -73.43 14.11 21.86
N ALA H 348 -72.40 13.27 21.98
CA ALA H 348 -72.29 12.13 21.11
C ALA H 348 -73.39 11.12 21.37
N VAL H 349 -73.77 10.94 22.64
CA VAL H 349 -74.85 10.00 22.91
C VAL H 349 -76.16 10.52 22.35
N ARG H 350 -76.40 11.83 22.45
CA ARG H 350 -77.59 12.39 21.83
C ARG H 350 -77.56 12.21 20.32
N GLN H 351 -76.41 12.45 19.69
CA GLN H 351 -76.31 12.42 18.25
C GLN H 351 -76.31 11.01 17.68
N GLU H 352 -75.89 10.00 18.46
CA GLU H 352 -75.95 8.63 17.99
C GLU H 352 -77.38 8.24 17.62
N TYR H 353 -78.33 8.64 18.46
CA TYR H 353 -79.71 8.20 18.34
C TYR H 353 -80.64 9.33 17.90
N ALA H 354 -80.11 10.50 17.58
CA ALA H 354 -80.90 11.59 17.01
C ALA H 354 -82.07 11.95 17.92
N ILE H 355 -81.73 12.30 19.14
CA ILE H 355 -82.75 12.61 20.14
C ILE H 355 -83.40 13.94 19.78
N PRO H 356 -84.73 14.04 19.75
CA PRO H 356 -85.34 15.32 19.34
C PRO H 356 -84.99 16.43 20.31
N VAL H 357 -85.04 17.67 19.79
CA VAL H 357 -84.74 18.83 20.61
C VAL H 357 -85.69 18.88 21.80
N GLY H 358 -85.14 18.91 22.99
CA GLY H 358 -85.92 18.88 24.20
C GLY H 358 -86.31 20.26 24.67
N PRO H 359 -86.87 20.36 25.88
CA PRO H 359 -87.31 21.68 26.35
C PRO H 359 -86.18 22.64 26.65
N VAL H 360 -85.12 22.20 27.31
CA VAL H 360 -84.14 23.12 27.92
C VAL H 360 -82.86 23.23 27.10
N PHE H 361 -82.22 22.11 26.77
CA PHE H 361 -80.94 22.21 26.11
C PHE H 361 -81.11 22.72 24.69
N PRO H 362 -80.15 23.47 24.16
CA PRO H 362 -80.28 23.97 22.81
C PRO H 362 -80.11 22.86 21.78
N PRO H 363 -80.32 23.14 20.51
CA PRO H 363 -80.21 22.08 19.50
C PRO H 363 -78.78 21.58 19.37
N GLY H 364 -78.60 20.28 19.56
CA GLY H 364 -77.29 19.69 19.42
C GLY H 364 -76.36 19.93 20.58
N MET H 365 -76.87 20.38 21.73
CA MET H 365 -76.04 20.67 22.89
C MET H 365 -74.94 21.67 22.53
N ASN H 366 -75.31 22.66 21.72
CA ASN H 366 -74.36 23.70 21.34
C ASN H 366 -73.89 24.44 22.57
N TRP H 367 -72.62 24.28 22.94
CA TRP H 367 -72.14 24.83 24.20
C TRP H 367 -72.25 26.35 24.23
N THR H 368 -72.06 27.00 23.09
CA THR H 368 -72.12 28.46 23.07
C THR H 368 -73.50 28.95 23.46
N GLU H 369 -74.54 28.45 22.79
CA GLU H 369 -75.89 28.84 23.12
C GLU H 369 -76.33 28.29 24.47
N LEU H 370 -75.64 27.25 24.97
CA LEU H 370 -75.97 26.75 26.29
C LEU H 370 -75.45 27.70 27.36
N ILE H 371 -74.24 28.21 27.20
CA ILE H 371 -73.64 29.04 28.24
C ILE H 371 -74.06 30.51 28.12
N THR H 372 -74.48 30.98 26.95
CA THR H 372 -74.99 32.34 26.88
C THR H 372 -76.20 32.53 27.79
N ASN H 373 -77.11 31.56 27.80
CA ASN H 373 -78.25 31.52 28.70
C ASN H 373 -78.11 30.27 29.55
N TYR H 374 -77.72 30.45 30.81
CA TYR H 374 -77.35 29.36 31.68
C TYR H 374 -78.28 29.32 32.89
N SER H 375 -79.58 29.38 32.63
CA SER H 375 -80.58 29.49 33.67
C SER H 375 -80.48 28.34 34.66
N PRO H 376 -81.09 28.47 35.84
CA PRO H 376 -80.97 27.41 36.84
C PRO H 376 -81.50 26.05 36.39
N SER H 377 -82.60 26.01 35.65
CA SER H 377 -83.11 24.72 35.18
C SER H 377 -82.13 24.07 34.22
N ARG H 378 -81.56 24.86 33.32
CA ARG H 378 -80.57 24.34 32.40
C ARG H 378 -79.34 23.86 33.14
N GLU H 379 -78.92 24.59 34.18
CA GLU H 379 -77.78 24.16 34.96
C GLU H 379 -78.07 22.86 35.69
N ASP H 380 -79.27 22.70 36.23
CA ASP H 380 -79.62 21.47 36.90
C ASP H 380 -79.55 20.29 35.94
N ASN H 381 -80.19 20.42 34.78
CA ASN H 381 -80.17 19.32 33.83
C ASN H 381 -78.76 19.04 33.36
N LEU H 382 -77.95 20.09 33.16
CA LEU H 382 -76.58 19.88 32.72
C LEU H 382 -75.77 19.16 33.77
N GLN H 383 -75.95 19.50 35.04
CA GLN H 383 -75.22 18.78 36.09
C GLN H 383 -75.63 17.33 36.11
N ARG H 384 -76.94 17.05 35.99
CA ARG H 384 -77.39 15.67 36.03
C ARG H 384 -76.80 14.86 34.89
N VAL H 385 -76.90 15.37 33.66
CA VAL H 385 -76.38 14.60 32.54
C VAL H 385 -74.87 14.51 32.62
N PHE H 386 -74.20 15.52 33.17
CA PHE H 386 -72.74 15.45 33.26
C PHE H 386 -72.30 14.43 34.29
N THR H 387 -72.97 14.35 35.43
CA THR H 387 -72.57 13.32 36.40
C THR H 387 -72.91 11.93 35.88
N VAL H 388 -74.01 11.77 35.14
CA VAL H 388 -74.28 10.47 34.55
C VAL H 388 -73.22 10.14 33.51
N ALA H 389 -72.79 11.13 32.73
CA ALA H 389 -71.74 10.90 31.75
C ALA H 389 -70.44 10.53 32.45
N SER H 390 -70.16 11.15 33.59
CA SER H 390 -68.98 10.77 34.35
C SER H 390 -69.07 9.33 34.81
N ILE H 391 -70.24 8.93 35.30
CA ILE H 391 -70.43 7.55 35.74
C ILE H 391 -70.20 6.59 34.57
N ARG H 392 -70.71 6.94 33.40
CA ARG H 392 -70.51 6.08 32.24
C ARG H 392 -69.04 6.03 31.86
N SER H 393 -68.40 7.19 31.72
CA SER H 393 -67.01 7.25 31.31
C SER H 393 -66.10 6.58 32.32
N MET H 394 -66.58 6.33 33.54
CA MET H 394 -65.81 5.51 34.46
C MET H 394 -65.56 4.12 33.89
N LEU H 395 -66.57 3.50 33.29
CA LEU H 395 -66.46 2.14 32.78
C LEU H 395 -66.24 2.05 31.28
N ILE H 396 -66.70 3.03 30.52
CA ILE H 396 -66.79 2.95 29.07
C ILE H 396 -65.88 4.01 28.47
N LYS H 397 -64.91 3.57 27.69
CA LYS H 397 -64.08 4.49 26.91
C LYS H 397 -63.75 3.83 25.57
N MET I 1 -46.16 17.64 59.34
CA MET I 1 -47.13 17.93 58.25
C MET I 1 -47.75 16.66 57.72
N GLU I 2 -47.01 15.55 57.81
CA GLU I 2 -47.58 14.26 57.43
C GLU I 2 -48.80 13.94 58.28
N VAL I 3 -48.79 14.33 59.54
CA VAL I 3 -49.98 14.12 60.36
C VAL I 3 -51.13 14.96 59.83
N LEU I 4 -50.86 16.20 59.42
CA LEU I 4 -51.92 17.03 58.85
C LEU I 4 -52.48 16.41 57.58
N TYR I 5 -51.61 15.88 56.73
CA TYR I 5 -52.10 15.20 55.54
C TYR I 5 -52.95 14.01 55.91
N SER I 6 -52.54 13.25 56.92
CA SER I 6 -53.31 12.09 57.33
C SER I 6 -54.69 12.50 57.84
N LEU I 7 -54.75 13.59 58.61
CA LEU I 7 -56.04 14.12 59.03
C LEU I 7 -56.91 14.45 57.82
N SER I 8 -56.33 15.15 56.85
CA SER I 8 -57.12 15.52 55.68
C SER I 8 -57.60 14.31 54.93
N LYS I 9 -56.72 13.31 54.77
CA LYS I 9 -57.09 12.11 54.04
C LYS I 9 -58.20 11.34 54.75
N THR I 10 -58.09 11.20 56.07
CA THR I 10 -59.13 10.43 56.75
C THR I 10 -60.44 11.18 56.80
N LEU I 11 -60.41 12.51 56.88
CA LEU I 11 -61.67 13.25 56.82
C LEU I 11 -62.28 13.17 55.43
N LYS I 12 -61.44 13.22 54.39
CA LYS I 12 -61.94 13.05 53.03
C LYS I 12 -62.60 11.70 52.86
N ASP I 13 -61.94 10.64 53.32
CA ASP I 13 -62.50 9.31 53.21
C ASP I 13 -63.74 9.16 54.08
N ALA I 14 -63.83 9.90 55.18
CA ALA I 14 -65.06 9.90 55.96
C ALA I 14 -66.19 10.52 55.17
N ARG I 15 -65.94 11.66 54.53
CA ARG I 15 -67.00 12.31 53.77
C ARG I 15 -67.39 11.50 52.54
N ASP I 16 -66.49 10.65 52.04
CA ASP I 16 -66.75 9.86 50.84
C ASP I 16 -67.33 8.49 51.14
N LYS I 17 -66.59 7.67 51.89
CA LYS I 17 -66.98 6.27 52.09
C LYS I 17 -68.16 6.14 53.05
N ILE I 18 -68.20 6.94 54.11
CA ILE I 18 -69.28 6.80 55.08
C ILE I 18 -70.50 7.48 54.52
N VAL I 19 -71.32 6.71 53.81
CA VAL I 19 -72.56 7.19 53.21
C VAL I 19 -73.67 6.21 53.55
N GLU I 20 -74.90 6.70 53.45
CA GLU I 20 -76.04 5.97 53.98
C GLU I 20 -76.29 4.73 53.14
N GLY I 21 -76.23 3.56 53.78
CA GLY I 21 -76.54 2.31 53.14
C GLY I 21 -75.35 1.43 52.80
N THR I 22 -74.13 1.92 52.92
CA THR I 22 -72.98 1.10 52.61
C THR I 22 -72.81 -0.02 53.62
N LEU I 23 -72.23 -1.11 53.16
CA LEU I 23 -71.81 -2.16 54.07
C LEU I 23 -70.78 -1.62 55.05
N TYR I 24 -70.84 -2.09 56.28
CA TYR I 24 -69.79 -1.76 57.22
C TYR I 24 -68.47 -2.42 56.85
N SER I 25 -68.51 -3.47 56.04
CA SER I 25 -67.28 -4.05 55.53
C SER I 25 -66.54 -3.12 54.60
N ASN I 26 -67.22 -2.13 54.04
CA ASN I 26 -66.56 -1.15 53.20
C ASN I 26 -65.84 -0.08 54.00
N VAL I 27 -66.15 0.07 55.28
CA VAL I 27 -65.61 1.16 56.08
C VAL I 27 -65.07 0.68 57.42
N SER I 28 -64.85 -0.62 57.59
CA SER I 28 -64.25 -1.09 58.83
C SER I 28 -62.89 -0.43 59.07
N ASP I 29 -62.00 -0.49 58.07
CA ASP I 29 -60.68 0.11 58.25
C ASP I 29 -60.78 1.61 58.42
N LEU I 30 -61.64 2.26 57.65
CA LEU I 30 -61.77 3.71 57.77
C LEU I 30 -62.29 4.10 59.14
N ILE I 31 -63.24 3.32 59.68
CA ILE I 31 -63.78 3.63 60.99
C ILE I 31 -62.73 3.43 62.07
N GLN I 32 -61.90 2.39 61.92
CA GLN I 32 -60.82 2.22 62.90
C GLN I 32 -59.86 3.39 62.85
N GLN I 33 -59.50 3.84 61.64
CA GLN I 33 -58.63 5.00 61.51
C GLN I 33 -59.28 6.23 62.11
N PHE I 34 -60.56 6.44 61.84
CA PHE I 34 -61.27 7.60 62.36
C PHE I 34 -61.34 7.58 63.87
N ASN I 35 -61.63 6.43 64.46
CA ASN I 35 -61.67 6.35 65.92
C ASN I 35 -60.29 6.58 66.50
N GLN I 36 -59.23 6.14 65.82
CA GLN I 36 -57.90 6.46 66.29
C GLN I 36 -57.66 7.96 66.27
N MET I 37 -58.09 8.61 65.19
CA MET I 37 -57.97 10.06 65.12
C MET I 37 -58.72 10.72 66.27
N ILE I 38 -59.94 10.25 66.55
CA ILE I 38 -60.75 10.84 67.61
C ILE I 38 -60.07 10.66 68.95
N VAL I 39 -59.56 9.46 69.23
CA VAL I 39 -58.92 9.20 70.51
C VAL I 39 -57.68 10.05 70.66
N THR I 40 -56.88 10.15 69.61
CA THR I 40 -55.63 10.92 69.71
C THR I 40 -55.92 12.40 69.92
N MET I 41 -56.92 12.94 69.22
CA MET I 41 -57.20 14.36 69.36
C MET I 41 -57.97 14.69 70.62
N ASN I 42 -58.64 13.72 71.24
CA ASN I 42 -59.48 14.01 72.40
C ASN I 42 -58.65 14.58 73.54
N GLY I 43 -59.19 15.60 74.20
CA GLY I 43 -58.54 16.22 75.32
C GLY I 43 -57.50 17.26 74.97
N ASN I 44 -57.20 17.45 73.69
CA ASN I 44 -56.21 18.44 73.28
C ASN I 44 -56.90 19.77 72.99
N ASP I 45 -56.08 20.81 72.82
CA ASP I 45 -56.60 22.15 72.60
C ASP I 45 -55.63 22.92 71.72
N PHE I 46 -56.14 23.49 70.64
CA PHE I 46 -55.33 24.12 69.61
C PHE I 46 -55.73 25.58 69.45
N GLN I 47 -54.74 26.39 69.07
CA GLN I 47 -54.92 27.80 68.77
C GLN I 47 -54.52 28.02 67.33
N THR I 48 -55.39 28.66 66.55
CA THR I 48 -55.17 28.83 65.12
C THR I 48 -55.32 30.29 64.73
N GLY I 49 -54.44 30.75 63.84
CA GLY I 49 -54.54 32.08 63.31
C GLY I 49 -54.00 33.13 64.27
N GLY I 50 -54.07 34.37 63.83
CA GLY I 50 -53.58 35.51 64.59
C GLY I 50 -52.63 36.39 63.80
N ILE I 51 -52.55 36.15 62.48
CA ILE I 51 -51.68 36.91 61.59
C ILE I 51 -52.56 37.55 60.53
N GLY I 52 -52.43 38.86 60.37
CA GLY I 52 -53.35 39.54 59.48
C GLY I 52 -54.76 39.47 60.04
N ASN I 53 -55.74 39.50 59.14
CA ASN I 53 -57.13 39.46 59.54
C ASN I 53 -57.62 38.07 59.86
N LEU I 54 -56.80 37.04 59.69
CA LEU I 54 -57.18 35.68 59.99
C LEU I 54 -57.51 35.57 61.47
N PRO I 55 -58.77 35.40 61.87
CA PRO I 55 -59.11 35.53 63.29
C PRO I 55 -58.54 34.41 64.12
N ILE I 56 -58.34 34.71 65.40
CA ILE I 56 -57.80 33.74 66.34
C ILE I 56 -58.93 32.81 66.76
N ARG I 57 -58.75 31.52 66.53
CA ARG I 57 -59.77 30.52 66.82
C ARG I 57 -59.23 29.47 67.77
N ASN I 58 -60.10 29.00 68.65
CA ASN I 58 -59.75 28.01 69.67
C ASN I 58 -60.50 26.72 69.35
N TRP I 59 -59.75 25.63 69.22
CA TRP I 59 -60.33 24.33 68.91
C TRP I 59 -60.14 23.41 70.10
N THR I 60 -61.24 22.81 70.58
CA THR I 60 -61.21 21.85 71.67
C THR I 60 -61.89 20.58 71.19
N PHE I 61 -61.29 19.44 71.48
CA PHE I 61 -61.74 18.16 70.96
C PHE I 61 -62.23 17.27 72.09
N ASP I 62 -63.49 16.85 72.01
CA ASP I 62 -63.97 15.76 72.85
C ASP I 62 -65.17 15.15 72.11
N PHE I 63 -64.93 14.05 71.42
CA PHE I 63 -65.94 13.42 70.57
C PHE I 63 -66.09 11.96 70.93
N GLY I 64 -67.25 11.40 70.62
CA GLY I 64 -67.47 9.98 70.82
C GLY I 64 -66.93 9.18 69.65
N LEU I 65 -66.55 7.94 69.95
CA LEU I 65 -66.05 7.07 68.90
C LEU I 65 -67.18 6.62 67.99
N LEU I 66 -66.90 6.55 66.70
CA LEU I 66 -67.89 6.05 65.76
C LEU I 66 -68.20 4.60 66.06
N GLY I 67 -69.46 4.23 65.96
CA GLY I 67 -69.85 2.86 66.23
C GLY I 67 -69.23 1.89 65.24
N THR I 68 -69.27 0.60 65.61
CA THR I 68 -68.73 -0.45 64.75
C THR I 68 -69.62 -1.67 64.64
N THR I 69 -70.71 -1.77 65.39
CA THR I 69 -71.52 -2.98 65.39
C THR I 69 -72.36 -3.11 64.14
N LEU I 70 -72.72 -2.00 63.50
CA LEU I 70 -73.76 -2.04 62.49
C LEU I 70 -73.35 -2.89 61.30
N LEU I 71 -74.27 -3.73 60.84
CA LEU I 71 -74.01 -4.54 59.66
C LEU I 71 -73.95 -3.67 58.42
N ASN I 72 -74.84 -2.70 58.33
CA ASN I 72 -75.02 -1.95 57.08
C ASN I 72 -75.50 -0.56 57.44
N LEU I 73 -74.72 0.46 57.04
CA LEU I 73 -74.90 1.80 57.56
C LEU I 73 -76.30 2.34 57.29
N ASP I 74 -76.84 3.06 58.29
CA ASP I 74 -78.16 3.66 58.22
C ASP I 74 -78.03 5.16 58.40
N ALA I 75 -79.16 5.85 58.51
CA ALA I 75 -79.14 7.30 58.61
C ALA I 75 -78.72 7.78 59.99
N ASN I 76 -79.01 7.01 61.03
CA ASN I 76 -78.60 7.42 62.38
C ASN I 76 -77.10 7.53 62.47
N TYR I 77 -76.38 6.57 61.88
CA TYR I 77 -74.93 6.58 61.92
C TYR I 77 -74.37 7.83 61.27
N VAL I 78 -74.81 8.11 60.04
CA VAL I 78 -74.19 9.16 59.27
C VAL I 78 -74.49 10.54 59.84
N GLU I 79 -75.55 10.69 60.64
CA GLU I 79 -75.80 11.99 61.27
C GLU I 79 -74.72 12.33 62.29
N THR I 80 -74.42 11.41 63.20
CA THR I 80 -73.34 11.65 64.15
C THR I 80 -72.01 11.80 63.43
N ALA I 81 -71.80 10.96 62.41
CA ALA I 81 -70.56 11.10 61.63
C ALA I 81 -70.45 12.49 61.03
N ARG I 82 -71.56 13.02 60.49
CA ARG I 82 -71.54 14.36 59.91
C ARG I 82 -71.24 15.41 60.95
N THR I 83 -71.83 15.28 62.14
CA THR I 83 -71.60 16.26 63.18
C THR I 83 -70.12 16.33 63.54
N THR I 84 -69.46 15.17 63.63
CA THR I 84 -68.03 15.19 63.93
C THR I 84 -67.21 15.67 62.73
N ILE I 85 -67.59 15.27 61.53
CA ILE I 85 -66.78 15.56 60.36
C ILE I 85 -66.77 17.04 60.07
N GLU I 86 -67.89 17.72 60.30
CA GLU I 86 -67.93 19.16 60.07
C GLU I 86 -66.87 19.87 60.92
N TYR I 87 -66.82 19.54 62.20
CA TYR I 87 -65.86 20.18 63.09
C TYR I 87 -64.44 19.88 62.66
N PHE I 88 -64.16 18.62 62.34
CA PHE I 88 -62.80 18.28 61.95
C PHE I 88 -62.40 18.98 60.66
N ILE I 89 -63.33 19.08 59.71
CA ILE I 89 -63.05 19.77 58.45
C ILE I 89 -62.71 21.23 58.72
N ASP I 90 -63.50 21.88 59.57
CA ASP I 90 -63.22 23.28 59.88
C ASP I 90 -61.85 23.43 60.52
N PHE I 91 -61.52 22.55 61.45
CA PHE I 91 -60.23 22.63 62.13
C PHE I 91 -59.08 22.48 61.15
N ILE I 92 -59.17 21.50 60.26
CA ILE I 92 -58.09 21.28 59.31
C ILE I 92 -57.99 22.43 58.33
N ASP I 93 -59.12 22.98 57.91
CA ASP I 93 -59.09 24.13 57.02
C ASP I 93 -58.35 25.29 57.66
N ASN I 94 -58.66 25.58 58.92
CA ASN I 94 -58.01 26.71 59.58
C ASN I 94 -56.53 26.45 59.83
N VAL I 95 -56.17 25.21 60.19
CA VAL I 95 -54.75 24.90 60.37
C VAL I 95 -54.00 25.11 59.07
N CYS I 96 -54.55 24.64 57.96
CA CYS I 96 -53.88 24.82 56.68
C CYS I 96 -53.76 26.29 56.31
N MET I 97 -54.82 27.07 56.54
CA MET I 97 -54.76 28.49 56.21
C MET I 97 -53.67 29.18 57.02
N ASP I 98 -53.61 28.90 58.33
CA ASP I 98 -52.59 29.50 59.17
C ASP I 98 -51.19 29.13 58.70
N GLU I 99 -50.98 27.85 58.43
CA GLU I 99 -49.63 27.42 58.04
C GLU I 99 -49.23 28.02 56.71
N MET I 100 -50.15 28.11 55.76
CA MET I 100 -49.80 28.61 54.44
C MET I 100 -49.79 30.12 54.35
N VAL I 101 -50.24 30.83 55.40
CA VAL I 101 -49.92 32.26 55.47
C VAL I 101 -48.58 32.49 56.16
N ARG I 102 -48.20 31.63 57.11
CA ARG I 102 -46.93 31.87 57.81
C ARG I 102 -45.76 31.66 56.85
N GLU I 103 -44.56 31.94 57.34
CA GLU I 103 -43.41 32.13 56.46
C GLU I 103 -42.15 32.21 57.33
N SER I 104 -41.00 31.92 56.71
CA SER I 104 -39.76 31.91 57.48
C SER I 104 -38.56 31.93 56.55
N GLN I 105 -37.50 32.62 56.99
CA GLN I 105 -36.25 32.63 56.23
C GLN I 105 -35.40 31.40 56.53
N ARG I 106 -35.22 31.10 57.81
CA ARG I 106 -34.38 30.01 58.25
C ARG I 106 -35.27 28.83 58.64
N ASN I 107 -34.90 27.64 58.16
CA ASN I 107 -35.66 26.43 58.47
C ASN I 107 -37.06 26.53 57.88
N GLY I 108 -37.12 26.75 56.57
CA GLY I 108 -38.40 26.92 55.90
C GLY I 108 -39.24 25.65 55.91
N VAL I 109 -38.61 24.51 55.68
CA VAL I 109 -39.36 23.25 55.62
C VAL I 109 -40.01 22.96 56.96
N ALA I 110 -39.38 23.34 58.06
CA ALA I 110 -39.95 23.06 59.36
C ALA I 110 -41.27 23.80 59.51
N PRO I 111 -42.19 23.31 60.33
CA PRO I 111 -43.51 23.92 60.40
C PRO I 111 -43.51 25.22 61.18
N GLN I 112 -44.48 26.06 60.86
CA GLN I 112 -44.81 27.28 61.57
C GLN I 112 -46.21 27.09 62.13
N SER I 113 -46.83 28.17 62.61
CA SER I 113 -48.23 28.04 63.00
C SER I 113 -48.42 27.06 64.14
N GLU I 114 -48.07 27.45 65.36
CA GLU I 114 -47.82 26.56 66.48
C GLU I 114 -48.85 25.44 66.65
N ALA I 115 -50.06 25.59 66.13
CA ALA I 115 -50.98 24.46 66.06
C ALA I 115 -50.34 23.29 65.31
N LEU I 116 -49.82 23.55 64.11
CA LEU I 116 -49.19 22.47 63.36
C LEU I 116 -47.90 22.00 64.03
N ARG I 117 -47.19 22.91 64.68
CA ARG I 117 -46.01 22.50 65.43
C ARG I 117 -46.38 21.56 66.56
N LYS I 118 -47.53 21.79 67.19
CA LYS I 118 -48.03 20.86 68.18
C LYS I 118 -48.37 19.52 67.55
N LEU I 119 -49.02 19.55 66.39
CA LEU I 119 -49.35 18.29 65.71
C LEU I 119 -48.11 17.51 65.35
N ALA I 120 -47.00 18.18 65.11
CA ALA I 120 -45.76 17.48 64.75
C ALA I 120 -45.16 16.71 65.92
N GLY I 121 -45.72 16.81 67.12
CA GLY I 121 -45.15 16.13 68.27
C GLY I 121 -45.29 14.62 68.23
N ILE I 122 -45.17 13.99 69.39
CA ILE I 122 -45.14 12.54 69.49
C ILE I 122 -46.52 12.00 69.80
N LYS I 123 -47.33 12.79 70.50
CA LYS I 123 -48.66 12.32 70.86
C LYS I 123 -49.49 12.06 69.61
N PHE I 124 -49.30 12.87 68.58
CA PHE I 124 -50.09 12.81 67.36
C PHE I 124 -49.39 12.03 66.26
N LYS I 125 -48.58 11.04 66.61
CA LYS I 125 -47.91 10.25 65.60
C LYS I 125 -48.80 9.10 65.13
N ARG I 126 -49.68 8.59 65.98
CA ARG I 126 -50.54 7.48 65.63
C ARG I 126 -51.51 7.83 64.50
N ILE I 127 -51.73 9.11 64.22
CA ILE I 127 -52.72 9.49 63.21
C ILE I 127 -52.16 9.37 61.81
N ASN I 128 -50.86 9.14 61.66
CA ASN I 128 -50.26 8.94 60.34
C ASN I 128 -50.94 7.79 59.63
N PHE I 129 -51.67 8.08 58.55
CA PHE I 129 -52.59 7.14 57.95
C PHE I 129 -52.02 6.51 56.68
N ASN I 130 -51.74 7.32 55.67
CA ASN I 130 -51.03 6.89 54.48
C ASN I 130 -50.65 8.16 53.75
N ASN I 131 -49.71 8.06 52.83
CA ASN I 131 -49.19 9.23 52.13
C ASN I 131 -49.06 8.85 50.67
N SER I 132 -50.13 9.05 49.92
CA SER I 132 -50.21 8.61 48.53
C SER I 132 -50.23 9.74 47.54
N SER I 133 -50.85 10.87 47.87
CA SER I 133 -50.95 11.97 46.92
C SER I 133 -49.55 12.44 46.53
N GLU I 134 -49.47 13.04 45.34
CA GLU I 134 -48.17 13.33 44.75
C GLU I 134 -47.37 14.27 45.63
N TYR I 135 -48.03 15.28 46.19
CA TYR I 135 -47.28 16.31 46.91
C TYR I 135 -46.76 15.79 48.24
N ILE I 136 -47.58 15.07 48.99
CA ILE I 136 -47.06 14.52 50.24
C ILE I 136 -46.05 13.42 49.97
N GLU I 137 -46.22 12.67 48.90
CA GLU I 137 -45.23 11.64 48.57
C GLU I 137 -43.90 12.27 48.26
N ASN I 138 -43.91 13.35 47.48
CA ASN I 138 -42.67 14.08 47.23
C ASN I 138 -42.12 14.67 48.52
N TRP I 139 -43.00 15.13 49.40
CA TRP I 139 -42.56 15.66 50.68
C TRP I 139 -41.81 14.61 51.48
N ASN I 140 -42.33 13.39 51.52
CA ASN I 140 -41.64 12.33 52.26
C ASN I 140 -40.35 11.91 51.57
N LEU I 141 -40.40 11.75 50.24
CA LEU I 141 -39.23 11.32 49.49
C LEU I 141 -38.14 12.37 49.49
N GLN I 142 -38.48 13.62 49.81
CA GLN I 142 -37.49 14.67 50.01
C GLN I 142 -37.09 14.82 51.46
N ASN I 143 -37.98 14.52 52.40
CA ASN I 143 -37.62 14.53 53.81
C ASN I 143 -36.55 13.49 54.09
N ARG I 144 -36.77 12.25 53.66
CA ARG I 144 -35.66 11.33 53.49
C ARG I 144 -34.93 11.76 52.23
N ARG I 145 -33.60 11.79 52.29
CA ARG I 145 -32.87 12.37 51.17
C ARG I 145 -32.90 11.43 49.98
N GLN I 146 -33.98 11.46 49.21
CA GLN I 146 -34.12 10.69 47.99
C GLN I 146 -34.56 11.62 46.88
N ARG I 147 -34.54 11.12 45.65
CA ARG I 147 -34.95 11.96 44.54
C ARG I 147 -36.47 12.04 44.50
N THR I 148 -36.97 13.26 44.36
CA THR I 148 -38.38 13.54 44.25
C THR I 148 -38.73 13.80 42.79
N GLY I 149 -40.01 14.06 42.55
CA GLY I 149 -40.42 14.36 41.20
C GLY I 149 -41.84 14.85 41.12
N PHE I 150 -42.07 15.96 40.41
CA PHE I 150 -43.38 16.47 40.12
C PHE I 150 -43.56 16.49 38.62
N VAL I 151 -44.70 15.99 38.15
CA VAL I 151 -45.06 16.08 36.73
C VAL I 151 -45.91 17.33 36.54
N PHE I 152 -45.54 18.16 35.57
CA PHE I 152 -46.22 19.42 35.30
C PHE I 152 -46.68 19.45 33.86
N HIS I 153 -47.91 19.89 33.66
CA HIS I 153 -48.46 20.14 32.33
C HIS I 153 -48.41 21.63 32.06
N LYS I 154 -47.59 22.02 31.07
CA LYS I 154 -47.31 23.42 30.78
C LYS I 154 -46.79 24.11 32.04
N PRO I 155 -45.57 23.79 32.48
CA PRO I 155 -45.01 24.46 33.65
C PRO I 155 -44.56 25.87 33.30
N ASN I 156 -44.94 26.84 34.14
CA ASN I 156 -44.50 28.22 33.92
C ASN I 156 -43.14 28.39 34.57
N ILE I 157 -42.14 27.84 33.90
CA ILE I 157 -40.76 27.94 34.37
C ILE I 157 -40.15 29.27 34.01
N PHE I 158 -40.49 29.84 32.86
CA PHE I 158 -39.88 31.09 32.43
C PHE I 158 -40.55 32.27 33.11
N PRO I 159 -39.82 33.12 33.83
CA PRO I 159 -40.44 34.36 34.29
C PRO I 159 -40.80 35.21 33.09
N TYR I 160 -41.89 35.98 33.21
CA TYR I 160 -42.31 36.80 32.10
C TYR I 160 -41.21 37.79 31.75
N SER I 161 -40.83 37.80 30.48
CA SER I 161 -39.75 38.67 30.03
C SER I 161 -39.92 38.90 28.54
N ALA I 162 -40.30 40.11 28.16
CA ALA I 162 -40.37 40.52 26.77
C ALA I 162 -39.35 41.62 26.56
N SER I 163 -38.45 41.44 25.61
CA SER I 163 -37.41 42.45 25.39
C SER I 163 -36.73 42.15 24.07
N PHE I 164 -35.64 42.88 23.80
CA PHE I 164 -34.91 42.72 22.55
C PHE I 164 -33.48 43.22 22.73
N THR I 165 -32.58 42.67 21.91
CA THR I 165 -31.21 43.14 21.80
C THR I 165 -30.98 43.58 20.37
N LEU I 166 -30.14 44.59 20.19
CA LEU I 166 -29.80 45.14 18.89
C LEU I 166 -28.29 45.02 18.70
N ASN I 167 -27.87 44.07 17.88
CA ASN I 167 -26.46 43.93 17.54
C ASN I 167 -25.98 45.00 16.57
N ARG I 168 -26.89 45.79 16.00
CA ARG I 168 -26.52 46.88 15.11
C ARG I 168 -27.63 47.91 15.15
N SER I 169 -27.30 49.16 15.43
CA SER I 169 -28.32 50.19 15.55
C SER I 169 -27.72 51.54 15.20
N GLN I 170 -28.61 52.49 14.93
CA GLN I 170 -28.27 53.87 14.65
C GLN I 170 -29.33 54.76 15.28
N PRO I 171 -29.02 56.03 15.54
CA PRO I 171 -30.02 56.90 16.15
C PRO I 171 -31.32 56.98 15.38
N MET I 172 -31.26 56.98 14.05
CA MET I 172 -32.48 56.95 13.27
C MET I 172 -33.22 55.63 13.39
N HIS I 173 -32.55 54.57 13.84
CA HIS I 173 -33.15 53.23 13.88
C HIS I 173 -33.68 52.84 12.51
N ASP I 174 -32.89 53.11 11.48
CA ASP I 174 -33.28 52.80 10.10
C ASP I 174 -32.74 51.47 9.62
N ASN I 175 -31.55 51.07 10.06
CA ASN I 175 -30.90 49.83 9.63
C ASN I 175 -30.52 49.10 10.90
N LEU I 176 -31.46 48.35 11.47
CA LEU I 176 -31.27 47.61 12.69
C LEU I 176 -31.06 46.14 12.40
N MET I 177 -30.60 45.43 13.43
CA MET I 177 -30.45 43.99 13.36
C MET I 177 -30.30 43.49 14.76
N GLY I 178 -30.98 42.40 15.08
CA GLY I 178 -30.90 41.87 16.43
C GLY I 178 -31.95 40.80 16.63
N THR I 179 -32.33 40.61 17.88
CA THR I 179 -33.35 39.62 18.22
C THR I 179 -34.33 40.24 19.19
N MET I 180 -35.55 39.71 19.16
CA MET I 180 -36.59 40.02 20.12
C MET I 180 -37.03 38.70 20.71
N TRP I 181 -37.50 38.73 21.95
CA TRP I 181 -38.00 37.52 22.56
C TRP I 181 -39.06 37.83 23.57
N LEU I 182 -39.99 36.88 23.70
CA LEU I 182 -40.92 36.83 24.82
C LEU I 182 -40.82 35.44 25.41
N ASN I 183 -40.50 35.39 26.70
CA ASN I 183 -40.46 34.15 27.47
C ASN I 183 -41.52 34.30 28.55
N ALA I 184 -42.57 33.49 28.46
CA ALA I 184 -43.67 33.62 29.41
C ALA I 184 -44.36 32.29 29.57
N GLY I 185 -44.67 31.92 30.80
CA GLY I 185 -45.26 30.62 31.02
C GLY I 185 -44.31 29.54 30.56
N SER I 186 -44.80 28.68 29.66
CA SER I 186 -44.00 27.64 29.06
C SER I 186 -43.62 27.95 27.62
N GLU I 187 -43.77 29.20 27.21
CA GLU I 187 -43.59 29.62 25.82
C GLU I 187 -42.31 30.42 25.72
N ILE I 188 -41.38 29.95 24.91
CA ILE I 188 -40.29 30.78 24.39
C ILE I 188 -40.68 31.16 22.99
N GLN I 189 -40.52 32.43 22.64
CA GLN I 189 -40.89 32.90 21.31
C GLN I 189 -39.85 33.94 20.93
N VAL I 190 -38.91 33.56 20.05
CA VAL I 190 -37.75 34.38 19.76
C VAL I 190 -37.68 34.61 18.26
N ALA I 191 -37.47 35.86 17.86
CA ALA I 191 -37.43 36.23 16.45
C ALA I 191 -36.20 37.09 16.20
N GLY I 192 -35.33 36.64 15.31
CA GLY I 192 -34.21 37.43 14.87
C GLY I 192 -34.58 38.18 13.62
N PHE I 193 -34.26 39.47 13.60
CA PHE I 193 -34.64 40.35 12.50
C PHE I 193 -33.42 41.09 12.01
N ASP I 194 -33.39 41.30 10.69
CA ASP I 194 -32.33 42.01 10.01
C ASP I 194 -33.00 42.96 9.03
N TYR I 195 -32.72 44.26 9.15
CA TYR I 195 -33.39 45.21 8.28
C TYR I 195 -32.87 45.11 6.86
N SER I 196 -31.58 44.80 6.70
CA SER I 196 -30.97 44.71 5.39
C SER I 196 -31.09 43.32 4.77
N CYS I 197 -31.80 42.40 5.43
CA CYS I 197 -31.99 41.05 4.90
C CYS I 197 -30.65 40.37 4.63
N ALA I 198 -29.70 40.57 5.53
CA ALA I 198 -28.39 39.94 5.42
C ALA I 198 -27.74 40.25 4.08
N LEU I 199 -27.78 41.52 3.68
CA LEU I 199 -27.17 41.91 2.42
C LEU I 199 -25.65 41.76 2.49
N ASN I 200 -25.04 42.27 3.55
CA ASN I 200 -23.59 42.34 3.68
C ASN I 200 -23.03 41.34 4.68
N ALA I 201 -23.84 40.40 5.15
CA ALA I 201 -23.34 39.39 6.06
C ALA I 201 -22.48 38.39 5.29
N PRO I 202 -21.63 37.63 5.99
CA PRO I 202 -20.82 36.62 5.29
C PRO I 202 -21.70 35.58 4.61
N ALA I 203 -21.58 35.51 3.28
CA ALA I 203 -22.36 34.58 2.46
C ALA I 203 -23.86 34.85 2.56
N ASN I 204 -24.23 36.09 2.86
CA ASN I 204 -25.64 36.49 2.94
C ASN I 204 -26.39 35.63 3.95
N ILE I 205 -25.76 35.35 5.09
CA ILE I 205 -26.33 34.51 6.13
C ILE I 205 -26.05 35.19 7.46
N GLN I 206 -27.05 35.87 8.01
CA GLN I 206 -26.96 36.42 9.35
C GLN I 206 -27.27 35.33 10.37
N GLN I 207 -26.61 35.39 11.52
CA GLN I 207 -26.64 34.32 12.51
C GLN I 207 -27.19 34.86 13.82
N PHE I 208 -28.21 34.21 14.36
CA PHE I 208 -28.89 34.63 15.58
C PHE I 208 -28.84 33.53 16.62
N GLU I 209 -28.75 33.92 17.88
CA GLU I 209 -28.64 33.01 18.99
C GLU I 209 -29.40 33.55 20.19
N HIS I 210 -30.03 32.65 20.94
CA HIS I 210 -30.78 33.03 22.13
C HIS I 210 -30.59 31.98 23.21
N ILE I 211 -30.22 32.42 24.40
CA ILE I 211 -29.89 31.55 25.53
C ILE I 211 -30.94 31.77 26.61
N VAL I 212 -31.62 30.69 27.00
CA VAL I 212 -32.62 30.75 28.06
C VAL I 212 -32.13 29.86 29.19
N GLN I 213 -31.94 30.46 30.36
CA GLN I 213 -31.34 29.80 31.50
C GLN I 213 -32.46 29.47 32.49
N LEU I 214 -32.90 28.22 32.52
CA LEU I 214 -33.93 27.85 33.47
C LEU I 214 -33.42 28.01 34.90
N ARG I 215 -34.29 28.48 35.79
CA ARG I 215 -33.90 28.62 37.18
C ARG I 215 -33.79 27.28 37.88
N ARG I 216 -34.42 26.24 37.35
CA ARG I 216 -34.31 24.90 37.91
C ARG I 216 -34.39 23.90 36.79
N ALA I 217 -33.63 22.81 36.91
CA ALA I 217 -33.53 21.84 35.82
C ALA I 217 -34.86 21.14 35.62
N LEU I 218 -35.18 20.90 34.34
CA LEU I 218 -36.35 20.14 33.95
C LEU I 218 -35.92 18.79 33.41
N THR I 219 -36.78 17.80 33.56
CA THR I 219 -36.48 16.42 33.20
C THR I 219 -37.62 15.84 32.38
N THR I 220 -37.26 15.02 31.39
CA THR I 220 -38.22 14.31 30.53
C THR I 220 -39.27 15.26 29.98
N ALA I 221 -38.81 16.36 29.41
CA ALA I 221 -39.69 17.41 28.93
C ALA I 221 -40.09 17.12 27.49
N THR I 222 -41.40 17.06 27.25
CA THR I 222 -41.92 17.04 25.89
C THR I 222 -42.08 18.47 25.43
N ILE I 223 -41.48 18.81 24.30
CA ILE I 223 -41.40 20.18 23.82
C ILE I 223 -41.94 20.20 22.40
N THR I 224 -42.47 21.35 22.00
CA THR I 224 -43.03 21.54 20.67
C THR I 224 -42.34 22.75 20.04
N LEU I 225 -41.60 22.51 18.97
CA LEU I 225 -40.84 23.54 18.29
C LEU I 225 -41.44 23.79 16.92
N LEU I 226 -41.77 25.04 16.63
CA LEU I 226 -42.36 25.44 15.36
C LEU I 226 -41.65 26.68 14.84
N PRO I 227 -41.71 26.95 13.53
CA PRO I 227 -41.12 28.20 13.03
C PRO I 227 -42.05 29.38 13.22
N ASP I 228 -41.68 30.54 12.68
CA ASP I 228 -42.60 31.66 12.50
C ASP I 228 -43.20 32.11 13.83
N ALA I 229 -42.34 32.72 14.65
CA ALA I 229 -42.78 33.33 15.89
C ALA I 229 -43.91 34.31 15.65
N GLU I 230 -45.11 34.01 16.16
CA GLU I 230 -46.30 34.75 15.79
C GLU I 230 -46.37 36.11 16.47
N ARG I 231 -45.81 36.25 17.67
CA ARG I 231 -45.89 37.53 18.35
C ARG I 231 -45.05 38.59 17.64
N PHE I 232 -43.87 38.21 17.17
CA PHE I 232 -42.92 39.14 16.56
C PHE I 232 -43.01 39.12 15.06
N SER I 233 -44.23 39.00 14.57
CA SER I 233 -44.50 38.73 13.17
C SER I 233 -45.30 39.81 12.47
N PHE I 234 -45.80 40.81 13.19
CA PHE I 234 -46.67 41.84 12.65
C PHE I 234 -46.06 43.19 12.94
N PRO I 235 -46.44 44.23 12.19
CA PRO I 235 -45.79 45.52 12.36
C PRO I 235 -45.96 46.09 13.77
N ARG I 236 -44.91 46.72 14.27
CA ARG I 236 -44.85 47.26 15.61
C ARG I 236 -44.15 48.60 15.57
N VAL I 237 -44.32 49.37 16.63
CA VAL I 237 -43.43 50.50 16.93
C VAL I 237 -43.05 50.39 18.39
N ILE I 238 -41.75 50.30 18.65
CA ILE I 238 -41.23 49.90 19.95
C ILE I 238 -40.39 51.04 20.50
N ASN I 239 -40.64 51.39 21.75
CA ASN I 239 -39.78 52.36 22.41
C ASN I 239 -38.37 51.79 22.54
N SER I 240 -37.37 52.65 22.31
CA SER I 240 -35.99 52.20 22.37
C SER I 240 -35.63 51.77 23.78
N ALA I 241 -34.40 51.29 23.93
CA ALA I 241 -33.93 50.85 25.24
C ALA I 241 -33.93 52.00 26.23
N ASP I 242 -33.39 53.15 25.83
CA ASP I 242 -33.36 54.30 26.71
C ASP I 242 -34.76 54.83 27.01
N GLY I 243 -35.74 54.52 26.16
CA GLY I 243 -37.03 55.15 26.25
C GLY I 243 -37.09 56.53 25.67
N ALA I 244 -36.05 56.96 24.95
CA ALA I 244 -36.05 58.29 24.36
C ALA I 244 -36.99 58.37 23.17
N THR I 245 -36.71 57.62 22.12
CA THR I 245 -37.50 57.62 20.90
C THR I 245 -38.13 56.24 20.71
N THR I 246 -38.85 56.10 19.60
CA THR I 246 -39.49 54.85 19.24
C THR I 246 -39.16 54.54 17.79
N TRP I 247 -39.01 53.25 17.49
CA TRP I 247 -38.58 52.81 16.17
C TRP I 247 -39.58 51.83 15.58
N PHE I 248 -39.67 51.84 14.26
CA PHE I 248 -40.66 51.09 13.51
C PHE I 248 -40.08 49.74 13.15
N PHE I 249 -40.91 48.69 13.22
CA PHE I 249 -40.51 47.33 12.91
C PHE I 249 -41.58 46.74 11.99
N ASN I 250 -41.19 46.36 10.77
CA ASN I 250 -42.12 46.02 9.70
C ASN I 250 -41.73 44.66 9.14
N PRO I 251 -42.07 43.58 9.83
CA PRO I 251 -41.48 42.28 9.50
C PRO I 251 -42.01 41.70 8.21
N ILE I 252 -41.10 41.06 7.47
CA ILE I 252 -41.42 40.11 6.41
C ILE I 252 -40.75 38.81 6.80
N ILE I 253 -41.51 37.73 6.85
CA ILE I 253 -41.06 36.53 7.53
C ILE I 253 -40.42 35.58 6.54
N LEU I 254 -39.11 35.51 6.59
CA LEU I 254 -38.34 34.46 5.95
C LEU I 254 -38.48 33.17 6.74
N ARG I 255 -38.03 32.09 6.14
CA ARG I 255 -37.95 30.81 6.83
C ARG I 255 -36.64 30.72 7.60
N PRO I 256 -36.64 30.27 8.85
CA PRO I 256 -35.35 30.09 9.55
C PRO I 256 -34.69 28.80 9.08
N ASN I 257 -33.42 28.90 8.70
CA ASN I 257 -32.70 27.77 8.11
C ASN I 257 -31.58 27.30 9.03
N ASN I 258 -31.27 26.01 8.91
CA ASN I 258 -30.37 25.27 9.80
C ASN I 258 -30.51 25.73 11.26
N VAL I 259 -31.76 25.74 11.71
CA VAL I 259 -32.03 25.94 13.13
C VAL I 259 -31.39 24.81 13.93
N GLU I 260 -30.95 25.14 15.14
CA GLU I 260 -30.36 24.18 16.06
C GLU I 260 -30.85 24.50 17.47
N VAL I 261 -31.64 23.61 18.03
CA VAL I 261 -32.09 23.72 19.41
C VAL I 261 -31.25 22.75 20.23
N GLU I 262 -30.51 23.28 21.21
CA GLU I 262 -29.62 22.49 22.03
C GLU I 262 -30.06 22.60 23.48
N PHE I 263 -30.37 21.47 24.08
CA PHE I 263 -30.71 21.40 25.49
C PHE I 263 -29.45 21.03 26.26
N LEU I 264 -29.02 21.94 27.12
CA LEU I 264 -27.75 21.86 27.84
C LEU I 264 -28.03 21.62 29.31
N LEU I 265 -27.17 20.81 29.93
CA LEU I 265 -27.16 20.64 31.38
C LEU I 265 -25.73 20.81 31.86
N ASN I 266 -25.49 21.87 32.63
CA ASN I 266 -24.15 22.19 33.10
C ASN I 266 -23.18 22.34 31.94
N GLY I 267 -23.64 22.98 30.87
CA GLY I 267 -22.79 23.32 29.75
C GLY I 267 -22.52 22.20 28.77
N GLN I 268 -23.05 21.01 29.02
CA GLN I 268 -22.87 19.87 28.14
C GLN I 268 -24.16 19.64 27.37
N ILE I 269 -24.06 19.51 26.06
CA ILE I 269 -25.24 19.26 25.26
C ILE I 269 -25.84 17.93 25.69
N ILE I 270 -27.02 17.99 26.28
CA ILE I 270 -27.76 16.76 26.59
C ILE I 270 -28.52 16.32 25.36
N ASN I 271 -29.10 17.26 24.61
CA ASN I 271 -29.74 16.92 23.36
C ASN I 271 -29.50 18.04 22.35
N THR I 272 -29.53 17.68 21.07
CA THR I 272 -29.39 18.66 20.01
C THR I 272 -30.25 18.22 18.83
N TYR I 273 -31.11 19.13 18.37
CA TYR I 273 -32.00 18.88 17.26
C TYR I 273 -31.76 19.93 16.19
N GLN I 274 -31.51 19.48 14.96
CA GLN I 274 -31.21 20.35 13.84
C GLN I 274 -32.30 20.21 12.80
N ALA I 275 -33.08 21.27 12.63
CA ALA I 275 -34.13 21.32 11.61
C ALA I 275 -35.14 20.20 11.80
N ARG I 276 -35.44 19.87 13.05
CA ARG I 276 -36.46 18.89 13.39
C ARG I 276 -37.53 19.61 14.22
N PHE I 277 -38.51 20.17 13.53
CA PHE I 277 -39.62 20.84 14.18
C PHE I 277 -40.60 19.78 14.68
N GLY I 278 -41.75 20.21 15.17
CA GLY I 278 -42.69 19.28 15.73
C GLY I 278 -42.28 18.88 17.13
N THR I 279 -42.94 17.86 17.65
CA THR I 279 -42.69 17.46 19.02
C THR I 279 -41.32 16.83 19.14
N ILE I 280 -40.57 17.27 20.15
CA ILE I 280 -39.24 16.76 20.47
C ILE I 280 -39.21 16.48 21.96
N VAL I 281 -38.12 15.89 22.42
CA VAL I 281 -37.96 15.48 23.81
C VAL I 281 -36.61 15.92 24.31
N ALA I 282 -36.57 16.47 25.52
CA ALA I 282 -35.34 16.78 26.22
C ALA I 282 -35.26 15.90 27.46
N ARG I 283 -34.19 15.10 27.56
CA ARG I 283 -34.09 14.18 28.68
C ARG I 283 -34.03 14.93 29.99
N ASN I 284 -33.10 15.88 30.08
CA ASN I 284 -32.79 16.56 31.32
C ASN I 284 -31.97 17.78 30.96
N PHE I 285 -32.43 18.98 31.33
CA PHE I 285 -31.73 20.17 30.86
C PHE I 285 -31.91 21.31 31.84
N ASP I 286 -31.01 22.28 31.71
CA ASP I 286 -30.99 23.49 32.51
C ASP I 286 -30.92 24.75 31.65
N THR I 287 -30.53 24.63 30.38
CA THR I 287 -30.43 25.78 29.51
C THR I 287 -30.87 25.37 28.13
N ILE I 288 -31.40 26.32 27.37
CA ILE I 288 -31.80 26.13 25.99
C ILE I 288 -31.01 27.12 25.15
N ARG I 289 -30.32 26.61 24.15
CA ARG I 289 -29.61 27.45 23.17
C ARG I 289 -30.34 27.27 21.85
N LEU I 290 -31.00 28.33 21.38
CA LEU I 290 -31.66 28.33 20.08
C LEU I 290 -30.78 29.13 19.13
N SER I 291 -30.23 28.45 18.13
CA SER I 291 -29.50 29.10 17.05
C SER I 291 -30.33 29.02 15.79
N PHE I 292 -30.40 30.11 15.05
CA PHE I 292 -31.02 30.07 13.74
C PHE I 292 -30.34 31.10 12.86
N GLN I 293 -30.72 31.14 11.60
CA GLN I 293 -30.04 31.93 10.61
C GLN I 293 -31.05 32.56 9.67
N LEU I 294 -30.70 33.75 9.20
CA LEU I 294 -31.46 34.46 8.18
C LEU I 294 -30.63 34.43 6.93
N MET I 295 -31.04 33.60 5.97
CA MET I 295 -30.33 33.46 4.71
C MET I 295 -31.08 34.26 3.66
N ARG I 296 -30.37 35.16 3.00
CA ARG I 296 -30.98 35.93 1.94
C ARG I 296 -31.46 34.97 0.84
N PRO I 297 -32.67 35.10 0.32
CA PRO I 297 -33.09 34.24 -0.78
C PRO I 297 -32.16 34.41 -1.97
N PRO I 298 -31.45 33.36 -2.38
CA PRO I 298 -30.56 33.53 -3.54
C PRO I 298 -31.31 33.88 -4.81
N ASN I 299 -32.42 33.22 -5.06
CA ASN I 299 -33.28 33.50 -6.20
C ASN I 299 -34.55 34.20 -5.72
N MET I 300 -35.00 35.17 -6.50
CA MET I 300 -36.06 36.07 -6.07
C MET I 300 -36.98 36.36 -7.22
N THR I 301 -38.27 36.17 -6.99
CA THR I 301 -39.28 36.69 -7.88
C THR I 301 -39.19 38.22 -7.87
N PRO I 302 -39.57 38.89 -8.96
CA PRO I 302 -39.55 40.36 -8.95
C PRO I 302 -40.22 41.01 -7.75
N ALA I 303 -41.31 40.44 -7.23
CA ALA I 303 -41.98 41.06 -6.08
C ALA I 303 -41.07 41.07 -4.86
N VAL I 304 -40.52 39.91 -4.51
CA VAL I 304 -39.65 39.85 -3.33
C VAL I 304 -38.36 40.63 -3.58
N ASN I 305 -37.88 40.65 -4.81
CA ASN I 305 -36.69 41.43 -5.11
C ASN I 305 -36.95 42.91 -4.90
N ALA I 306 -38.16 43.37 -5.24
CA ALA I 306 -38.53 44.73 -4.91
C ALA I 306 -38.60 44.93 -3.41
N LEU I 307 -39.06 43.91 -2.68
CA LEU I 307 -39.13 44.01 -1.24
C LEU I 307 -37.76 44.29 -0.62
N PHE I 308 -36.74 43.57 -1.08
CA PHE I 308 -35.41 43.64 -0.47
C PHE I 308 -34.41 44.35 -1.37
N PRO I 309 -34.20 45.67 -1.21
CA PRO I 309 -33.33 46.39 -2.15
C PRO I 309 -31.88 46.40 -1.68
N GLN I 310 -31.00 47.01 -2.48
CA GLN I 310 -29.59 47.16 -2.13
C GLN I 310 -29.30 48.43 -1.35
N ALA I 311 -30.17 49.42 -1.44
CA ALA I 311 -29.91 50.75 -0.91
C ALA I 311 -30.38 50.84 0.54
N GLN I 312 -30.44 52.05 1.06
CA GLN I 312 -30.68 52.30 2.48
C GLN I 312 -32.13 52.26 2.98
N PRO I 313 -33.15 52.68 2.19
CA PRO I 313 -34.51 52.84 2.75
C PRO I 313 -35.03 51.68 3.59
N PHE I 314 -35.11 50.47 3.04
CA PHE I 314 -35.51 49.27 3.79
C PHE I 314 -36.89 49.46 4.43
N GLN I 315 -37.91 49.62 3.58
CA GLN I 315 -39.26 49.77 4.08
C GLN I 315 -39.85 48.48 4.60
N HIS I 316 -39.20 47.34 4.37
CA HIS I 316 -39.60 46.06 4.91
C HIS I 316 -38.38 45.38 5.51
N HIS I 317 -38.55 44.66 6.61
CA HIS I 317 -37.43 44.19 7.40
C HIS I 317 -37.54 42.69 7.59
N ALA I 318 -36.51 41.94 7.21
CA ALA I 318 -36.62 40.50 7.22
C ALA I 318 -36.60 39.98 8.65
N THR I 319 -37.33 38.91 8.90
CA THR I 319 -37.48 38.36 10.23
C THR I 319 -37.63 36.85 10.13
N VAL I 320 -37.05 36.14 11.09
CA VAL I 320 -37.19 34.69 11.19
C VAL I 320 -37.36 34.34 12.66
N GLY I 321 -38.30 33.45 12.96
CA GLY I 321 -38.67 33.20 14.33
C GLY I 321 -38.79 31.73 14.67
N LEU I 322 -38.81 31.46 15.97
CA LEU I 322 -39.04 30.13 16.53
C LEU I 322 -39.96 30.24 17.72
N THR I 323 -40.80 29.22 17.88
CA THR I 323 -41.72 29.09 19.01
C THR I 323 -41.46 27.74 19.66
N LEU I 324 -41.28 27.74 20.97
CA LEU I 324 -40.91 26.54 21.71
C LEU I 324 -41.82 26.46 22.94
N ARG I 325 -42.66 25.43 22.98
CA ARG I 325 -43.60 25.25 24.06
C ARG I 325 -43.20 24.02 24.87
N ILE I 326 -43.06 24.18 26.17
CA ILE I 326 -42.82 23.02 27.02
C ILE I 326 -44.17 22.44 27.40
N GLU I 327 -44.63 21.43 26.66
CA GLU I 327 -45.97 20.90 26.89
C GLU I 327 -46.08 20.26 28.27
N SER I 328 -45.14 19.38 28.60
CA SER I 328 -45.12 18.73 29.89
C SER I 328 -43.68 18.46 30.27
N ALA I 329 -43.44 18.35 31.57
CA ALA I 329 -42.07 18.15 32.04
C ALA I 329 -42.10 17.60 33.46
N VAL I 330 -40.92 17.27 33.95
CA VAL I 330 -40.73 16.74 35.30
C VAL I 330 -39.70 17.60 35.99
N CYS I 331 -39.99 17.99 37.23
CA CYS I 331 -39.12 18.89 37.97
C CYS I 331 -39.00 18.42 39.40
N GLU I 332 -37.84 18.68 40.01
CA GLU I 332 -37.66 18.37 41.42
C GLU I 332 -38.23 19.48 42.28
N SER I 333 -37.86 20.72 41.98
CA SER I 333 -38.42 21.86 42.68
C SER I 333 -39.88 22.06 42.27
N VAL I 334 -40.71 22.41 43.24
CA VAL I 334 -42.11 22.66 42.97
C VAL I 334 -42.25 23.93 42.13
N LEU I 335 -43.18 23.92 41.19
CA LEU I 335 -43.48 25.06 40.34
C LEU I 335 -44.98 25.25 40.25
N ALA I 336 -45.38 26.31 39.57
CA ALA I 336 -46.78 26.51 39.22
C ALA I 336 -47.03 25.93 37.83
N ASP I 337 -48.29 25.65 37.55
CA ASP I 337 -48.69 25.01 36.30
C ASP I 337 -49.92 25.70 35.77
N ALA I 338 -50.38 25.20 34.62
CA ALA I 338 -51.71 25.49 34.13
C ALA I 338 -52.74 24.45 34.60
N ASN I 339 -52.31 23.46 35.38
CA ASN I 339 -53.18 22.37 35.81
C ASN I 339 -53.43 22.35 37.31
N GLU I 340 -52.44 22.74 38.12
CA GLU I 340 -52.55 22.72 39.56
C GLU I 340 -52.94 24.10 40.06
N THR I 341 -53.89 24.14 41.00
CA THR I 341 -54.37 25.39 41.56
C THR I 341 -53.69 25.72 42.88
N LEU I 342 -52.49 25.22 43.12
CA LEU I 342 -51.86 25.45 44.43
C LEU I 342 -51.34 26.88 44.56
N LEU I 343 -50.70 27.41 43.53
CA LEU I 343 -50.25 28.79 43.61
C LEU I 343 -51.42 29.73 43.79
N ALA I 344 -52.49 29.50 43.03
CA ALA I 344 -53.68 30.32 43.17
C ALA I 344 -54.28 30.19 44.55
N ASN I 345 -54.32 28.98 45.09
CA ASN I 345 -54.89 28.77 46.42
C ASN I 345 -54.10 29.53 47.48
N VAL I 346 -52.76 29.44 47.42
CA VAL I 346 -51.95 30.11 48.42
C VAL I 346 -52.09 31.62 48.30
N THR I 347 -51.98 32.14 47.09
CA THR I 347 -52.08 33.59 46.94
C THR I 347 -53.45 34.08 47.34
N ALA I 348 -54.50 33.31 47.04
CA ALA I 348 -55.84 33.72 47.39
C ALA I 348 -56.04 33.74 48.90
N VAL I 349 -55.56 32.71 49.61
CA VAL I 349 -55.75 32.72 51.04
C VAL I 349 -54.88 33.76 51.72
N ARG I 350 -53.81 34.20 51.06
CA ARG I 350 -53.09 35.36 51.59
C ARG I 350 -53.89 36.64 51.39
N GLN I 351 -54.40 36.85 50.18
CA GLN I 351 -55.12 38.08 49.88
C GLN I 351 -56.41 38.19 50.67
N GLU I 352 -57.05 37.06 50.99
CA GLU I 352 -58.33 37.07 51.68
C GLU I 352 -58.22 37.78 53.01
N TYR I 353 -57.14 37.53 53.74
CA TYR I 353 -56.94 38.10 55.06
C TYR I 353 -55.84 39.16 55.10
N ALA I 354 -55.29 39.54 53.95
CA ALA I 354 -54.39 40.69 53.87
C ALA I 354 -53.15 40.47 54.73
N ILE I 355 -52.46 39.38 54.46
CA ILE I 355 -51.27 39.05 55.24
C ILE I 355 -50.15 40.02 54.87
N PRO I 356 -49.48 40.66 55.83
CA PRO I 356 -48.46 41.65 55.45
C PRO I 356 -47.29 41.00 54.74
N VAL I 357 -46.62 41.80 53.90
CA VAL I 357 -45.54 41.28 53.07
C VAL I 357 -44.44 40.75 53.97
N GLY I 358 -44.11 39.47 53.82
CA GLY I 358 -43.14 38.81 54.67
C GLY I 358 -41.74 38.84 54.09
N PRO I 359 -40.81 38.18 54.75
CA PRO I 359 -39.42 38.21 54.31
C PRO I 359 -39.16 37.63 52.94
N VAL I 360 -39.51 36.37 52.70
CA VAL I 360 -38.97 35.64 51.55
C VAL I 360 -39.81 35.83 50.30
N PHE I 361 -41.13 35.69 50.39
CA PHE I 361 -41.93 35.78 49.18
C PHE I 361 -42.06 37.23 48.74
N PRO I 362 -42.19 37.48 47.44
CA PRO I 362 -42.40 38.86 46.99
C PRO I 362 -43.76 39.38 47.44
N PRO I 363 -44.04 40.65 47.25
CA PRO I 363 -45.34 41.18 47.66
C PRO I 363 -46.44 40.70 46.72
N GLY I 364 -47.51 40.18 47.30
CA GLY I 364 -48.59 39.66 46.50
C GLY I 364 -48.31 38.32 45.85
N MET I 365 -47.19 37.69 46.17
CA MET I 365 -46.82 36.40 45.59
C MET I 365 -46.71 36.49 44.07
N ASN I 366 -46.17 37.60 43.58
CA ASN I 366 -45.96 37.76 42.15
C ASN I 366 -45.03 36.67 41.67
N TRP I 367 -45.56 35.71 40.91
CA TRP I 367 -44.79 34.54 40.56
C TRP I 367 -43.58 34.88 39.71
N THR I 368 -43.69 35.90 38.86
CA THR I 368 -42.55 36.29 38.05
C THR I 368 -41.38 36.71 38.93
N GLU I 369 -41.63 37.57 39.90
CA GLU I 369 -40.58 37.97 40.82
C GLU I 369 -40.15 36.81 41.71
N LEU I 370 -41.06 35.88 41.99
CA LEU I 370 -40.69 34.78 42.87
C LEU I 370 -39.72 33.83 42.17
N ILE I 371 -39.94 33.60 40.88
CA ILE I 371 -39.12 32.65 40.14
C ILE I 371 -37.90 33.31 39.49
N THR I 372 -37.90 34.63 39.28
CA THR I 372 -36.75 35.24 38.65
C THR I 372 -35.50 35.08 39.50
N ASN I 373 -35.66 35.08 40.82
CA ASN I 373 -34.61 34.62 41.73
C ASN I 373 -35.27 33.65 42.70
N TYR I 374 -34.75 32.43 42.74
CA TYR I 374 -35.44 31.27 43.32
C TYR I 374 -34.56 30.63 44.37
N SER I 375 -34.07 31.45 45.30
CA SER I 375 -33.16 31.05 46.35
C SER I 375 -33.67 29.82 47.10
N PRO I 376 -32.78 29.03 47.70
CA PRO I 376 -33.25 27.81 48.39
C PRO I 376 -34.19 28.10 49.54
N SER I 377 -34.06 29.23 50.21
CA SER I 377 -35.02 29.57 51.26
C SER I 377 -36.41 29.70 50.67
N ARG I 378 -36.52 30.43 49.56
CA ARG I 378 -37.80 30.57 48.89
C ARG I 378 -38.31 29.22 48.43
N GLU I 379 -37.43 28.37 47.90
CA GLU I 379 -37.87 27.07 47.42
C GLU I 379 -38.42 26.21 48.55
N ASP I 380 -37.74 26.20 49.69
CA ASP I 380 -38.20 25.39 50.81
C ASP I 380 -39.56 25.89 51.31
N ASN I 381 -39.69 27.20 51.50
CA ASN I 381 -40.97 27.75 51.93
C ASN I 381 -42.06 27.47 50.91
N LEU I 382 -41.72 27.57 49.63
CA LEU I 382 -42.71 27.33 48.59
C LEU I 382 -43.18 25.89 48.61
N GLN I 383 -42.27 24.94 48.80
CA GLN I 383 -42.69 23.55 48.88
C GLN I 383 -43.60 23.34 50.07
N ARG I 384 -43.27 23.94 51.21
CA ARG I 384 -44.10 23.78 52.40
C ARG I 384 -45.51 24.31 52.15
N VAL I 385 -45.60 25.55 51.66
CA VAL I 385 -46.92 26.15 51.49
C VAL I 385 -47.71 25.46 50.40
N PHE I 386 -47.04 24.99 49.34
CA PHE I 386 -47.76 24.25 48.31
C PHE I 386 -48.27 22.92 48.84
N THR I 387 -47.48 22.23 49.66
CA THR I 387 -47.96 21.00 50.25
C THR I 387 -49.19 21.25 51.11
N VAL I 388 -49.15 22.30 51.93
CA VAL I 388 -50.32 22.59 52.75
C VAL I 388 -51.49 22.98 51.87
N ALA I 389 -51.23 23.67 50.76
CA ALA I 389 -52.32 24.04 49.87
C ALA I 389 -52.98 22.82 49.28
N SER I 390 -52.20 21.82 48.89
CA SER I 390 -52.80 20.60 48.37
C SER I 390 -53.57 19.87 49.46
N ILE I 391 -53.03 19.84 50.67
CA ILE I 391 -53.74 19.19 51.78
C ILE I 391 -55.07 19.86 52.02
N ARG I 392 -55.11 21.18 51.91
CA ARG I 392 -56.37 21.90 52.09
C ARG I 392 -57.31 21.64 50.91
N SER I 393 -56.78 21.69 49.69
CA SER I 393 -57.56 21.45 48.50
C SER I 393 -58.18 20.07 48.48
N MET I 394 -57.61 19.12 49.22
CA MET I 394 -58.25 17.81 49.34
C MET I 394 -59.67 17.90 49.90
N LEU I 395 -59.99 18.94 50.66
CA LEU I 395 -61.29 19.06 51.31
C LEU I 395 -62.06 20.31 50.91
N ILE I 396 -61.38 21.44 50.73
CA ILE I 396 -62.03 22.72 50.53
C ILE I 396 -61.83 23.14 49.08
N LYS I 397 -62.94 23.39 48.39
CA LYS I 397 -62.91 23.88 47.02
C LYS I 397 -63.94 24.99 46.87
N MET J 1 -41.38 -38.99 11.31
CA MET J 1 -42.33 -38.19 10.49
C MET J 1 -43.75 -38.45 10.94
N GLU J 2 -44.10 -39.74 11.03
CA GLU J 2 -45.40 -40.09 11.58
C GLU J 2 -45.52 -39.58 13.00
N VAL J 3 -44.45 -39.67 13.77
CA VAL J 3 -44.47 -39.17 15.13
C VAL J 3 -44.64 -37.67 15.16
N LEU J 4 -43.95 -36.95 14.27
CA LEU J 4 -44.12 -35.50 14.23
C LEU J 4 -45.55 -35.12 13.87
N TYR J 5 -46.12 -35.81 12.89
CA TYR J 5 -47.52 -35.54 12.54
C TYR J 5 -48.42 -35.83 13.71
N SER J 6 -48.14 -36.88 14.48
CA SER J 6 -48.96 -37.20 15.62
C SER J 6 -48.85 -36.13 16.71
N LEU J 7 -47.65 -35.60 16.92
CA LEU J 7 -47.49 -34.47 17.82
C LEU J 7 -48.36 -33.30 17.38
N SER J 8 -48.30 -32.95 16.10
CA SER J 8 -49.09 -31.82 15.62
C SER J 8 -50.58 -32.10 15.74
N LYS J 9 -51.00 -33.31 15.39
CA LYS J 9 -52.43 -33.64 15.44
C LYS J 9 -52.94 -33.61 16.87
N THR J 10 -52.19 -34.16 17.81
CA THR J 10 -52.67 -34.14 19.18
C THR J 10 -52.64 -32.73 19.76
N LEU J 11 -51.68 -31.91 19.37
CA LEU J 11 -51.72 -30.52 19.85
C LEU J 11 -52.92 -29.78 19.29
N LYS J 12 -53.21 -29.97 18.00
CA LYS J 12 -54.38 -29.32 17.43
C LYS J 12 -55.66 -29.78 18.12
N ASP J 13 -55.78 -31.08 18.34
CA ASP J 13 -56.95 -31.58 19.05
C ASP J 13 -56.99 -31.12 20.49
N ALA J 14 -55.83 -30.87 21.11
CA ALA J 14 -55.83 -30.33 22.46
C ALA J 14 -56.30 -28.88 22.45
N ARG J 15 -55.86 -28.12 21.47
CA ARG J 15 -56.26 -26.72 21.39
C ARG J 15 -57.74 -26.60 21.06
N ASP J 16 -58.30 -27.58 20.37
CA ASP J 16 -59.71 -27.54 19.99
C ASP J 16 -60.62 -28.17 21.05
N LYS J 17 -60.43 -29.46 21.33
CA LYS J 17 -61.37 -30.21 22.15
C LYS J 17 -61.28 -29.87 23.63
N ILE J 18 -60.10 -29.51 24.13
CA ILE J 18 -59.96 -29.16 25.54
C ILE J 18 -60.32 -27.68 25.69
N VAL J 19 -61.61 -27.39 25.87
CA VAL J 19 -62.11 -26.05 26.06
C VAL J 19 -63.05 -26.04 27.25
N GLU J 20 -63.35 -24.84 27.74
CA GLU J 20 -64.09 -24.69 28.98
C GLU J 20 -65.46 -25.35 28.87
N GLY J 21 -65.79 -26.14 29.88
CA GLY J 21 -67.14 -26.65 30.02
C GLY J 21 -67.46 -27.89 29.23
N THR J 22 -66.56 -28.38 28.40
CA THR J 22 -66.85 -29.60 27.67
C THR J 22 -66.90 -30.79 28.62
N LEU J 23 -67.79 -31.73 28.33
CA LEU J 23 -67.85 -32.95 29.11
C LEU J 23 -66.51 -33.67 29.07
N TYR J 24 -66.31 -34.56 30.04
CA TYR J 24 -65.12 -35.38 30.01
C TYR J 24 -65.23 -36.49 28.98
N SER J 25 -66.46 -36.92 28.65
CA SER J 25 -66.62 -37.93 27.62
C SER J 25 -66.13 -37.41 26.28
N ASN J 26 -66.28 -36.12 26.02
CA ASN J 26 -65.88 -35.56 24.74
C ASN J 26 -64.37 -35.59 24.55
N VAL J 27 -63.59 -35.66 25.61
CA VAL J 27 -62.14 -35.50 25.51
C VAL J 27 -61.39 -36.59 26.28
N SER J 28 -62.06 -37.66 26.68
CA SER J 28 -61.36 -38.70 27.42
C SER J 28 -60.20 -39.29 26.63
N ASP J 29 -60.47 -39.77 25.42
CA ASP J 29 -59.41 -40.40 24.63
C ASP J 29 -58.31 -39.42 24.30
N LEU J 30 -58.67 -38.17 23.99
CA LEU J 30 -57.66 -37.16 23.72
C LEU J 30 -56.82 -36.91 24.96
N ILE J 31 -57.43 -36.94 26.13
CA ILE J 31 -56.68 -36.71 27.35
C ILE J 31 -55.65 -37.81 27.55
N GLN J 32 -56.05 -39.06 27.33
CA GLN J 32 -55.08 -40.14 27.47
C GLN J 32 -53.98 -40.02 26.42
N GLN J 33 -54.32 -39.56 25.21
CA GLN J 33 -53.31 -39.32 24.20
C GLN J 33 -52.34 -38.25 24.64
N PHE J 34 -52.85 -37.17 25.22
CA PHE J 34 -52.01 -36.09 25.72
C PHE J 34 -51.07 -36.58 26.80
N ASN J 35 -51.59 -37.38 27.74
CA ASN J 35 -50.75 -37.95 28.78
C ASN J 35 -49.67 -38.83 28.18
N GLN J 36 -50.02 -39.63 27.17
CA GLN J 36 -49.03 -40.48 26.51
C GLN J 36 -47.92 -39.63 25.91
N MET J 37 -48.30 -38.56 25.21
CA MET J 37 -47.30 -37.68 24.61
C MET J 37 -46.39 -37.06 25.66
N ILE J 38 -46.98 -36.57 26.75
CA ILE J 38 -46.19 -35.91 27.78
C ILE J 38 -45.23 -36.90 28.41
N VAL J 39 -45.72 -38.09 28.76
CA VAL J 39 -44.87 -39.08 29.43
C VAL J 39 -43.73 -39.50 28.51
N THR J 40 -44.02 -39.74 27.24
CA THR J 40 -42.98 -40.23 26.34
C THR J 40 -42.08 -39.13 25.81
N MET J 41 -42.42 -37.85 26.01
CA MET J 41 -41.51 -36.77 25.68
C MET J 41 -40.78 -36.21 26.90
N ASN J 42 -41.16 -36.61 28.11
CA ASN J 42 -40.48 -36.11 29.30
C ASN J 42 -39.04 -36.60 29.36
N GLY J 43 -38.18 -35.79 29.96
CA GLY J 43 -36.81 -36.20 30.20
C GLY J 43 -35.97 -36.36 28.96
N ASN J 44 -36.43 -35.86 27.82
CA ASN J 44 -35.70 -35.93 26.57
C ASN J 44 -35.31 -34.52 26.14
N ASP J 45 -34.10 -34.38 25.62
CA ASP J 45 -33.55 -33.09 25.21
C ASP J 45 -33.41 -33.06 23.70
N PHE J 46 -33.91 -31.99 23.08
CA PHE J 46 -33.85 -31.82 21.64
C PHE J 46 -33.12 -30.53 21.32
N GLN J 47 -32.40 -30.53 20.20
CA GLN J 47 -31.67 -29.36 19.73
C GLN J 47 -32.12 -29.08 18.31
N THR J 48 -32.49 -27.84 18.04
CA THR J 48 -33.12 -27.45 16.79
C THR J 48 -32.34 -26.30 16.16
N GLY J 49 -32.28 -26.29 14.84
CA GLY J 49 -31.59 -25.25 14.13
C GLY J 49 -30.10 -25.51 14.01
N GLY J 50 -29.39 -24.48 13.57
CA GLY J 50 -27.97 -24.54 13.32
C GLY J 50 -27.57 -24.37 11.87
N ILE J 51 -28.52 -24.12 10.97
CA ILE J 51 -28.26 -23.92 9.55
C ILE J 51 -28.79 -22.55 9.17
N GLY J 52 -28.00 -21.80 8.41
CA GLY J 52 -28.41 -20.46 8.06
C GLY J 52 -28.54 -19.60 9.30
N ASN J 53 -29.66 -18.92 9.42
CA ASN J 53 -29.95 -18.04 10.55
C ASN J 53 -30.96 -18.63 11.52
N LEU J 54 -31.31 -19.90 11.38
CA LEU J 54 -32.12 -20.54 12.41
C LEU J 54 -31.35 -20.50 13.73
N PRO J 55 -31.87 -19.87 14.78
CA PRO J 55 -31.15 -19.92 16.05
C PRO J 55 -31.07 -21.34 16.57
N ILE J 56 -29.95 -21.64 17.23
CA ILE J 56 -29.72 -22.96 17.81
C ILE J 56 -30.49 -23.00 19.13
N ARG J 57 -31.70 -23.55 19.10
CA ARG J 57 -32.56 -23.56 20.26
C ARG J 57 -32.55 -24.95 20.90
N ASN J 58 -32.81 -24.98 22.20
CA ASN J 58 -32.76 -26.20 22.99
C ASN J 58 -34.09 -26.39 23.71
N TRP J 59 -34.66 -27.58 23.59
CA TRP J 59 -35.96 -27.91 24.16
C TRP J 59 -35.77 -29.02 25.19
N THR J 60 -36.36 -28.83 26.36
CA THR J 60 -36.41 -29.83 27.41
C THR J 60 -37.82 -29.86 27.97
N PHE J 61 -38.31 -31.05 28.28
CA PHE J 61 -39.71 -31.26 28.64
C PHE J 61 -39.81 -31.87 30.03
N ASP J 62 -40.52 -31.20 30.93
CA ASP J 62 -40.93 -31.79 32.20
C ASP J 62 -42.26 -31.14 32.58
N PHE J 63 -43.36 -31.78 32.19
CA PHE J 63 -44.69 -31.23 32.32
C PHE J 63 -45.58 -32.21 33.05
N GLY J 64 -46.52 -31.66 33.82
CA GLY J 64 -47.49 -32.49 34.50
C GLY J 64 -48.59 -32.95 33.58
N LEU J 65 -49.22 -34.05 33.96
CA LEU J 65 -50.28 -34.65 33.16
C LEU J 65 -51.58 -33.91 33.42
N LEU J 66 -52.67 -34.44 32.84
CA LEU J 66 -53.99 -33.82 32.89
C LEU J 66 -54.94 -34.72 33.65
N GLY J 67 -55.82 -34.11 34.45
CA GLY J 67 -56.69 -34.85 35.33
C GLY J 67 -57.61 -35.81 34.59
N THR J 68 -58.30 -36.65 35.37
CA THR J 68 -59.06 -37.76 34.81
C THR J 68 -60.48 -37.88 35.33
N THR J 69 -60.72 -37.54 36.59
CA THR J 69 -61.99 -37.89 37.22
C THR J 69 -63.05 -36.81 37.10
N LEU J 70 -62.69 -35.58 36.78
CA LEU J 70 -63.67 -34.51 36.70
C LEU J 70 -64.68 -34.83 35.61
N LEU J 71 -65.95 -34.61 35.89
CA LEU J 71 -67.00 -34.93 34.94
C LEU J 71 -67.33 -33.79 34.01
N ASN J 72 -66.68 -32.63 34.13
CA ASN J 72 -66.92 -31.55 33.19
C ASN J 72 -65.80 -30.54 33.32
N LEU J 73 -65.08 -30.27 32.23
CA LEU J 73 -63.90 -29.44 32.28
C LEU J 73 -64.25 -28.02 32.73
N ASP J 74 -63.22 -27.24 33.05
CA ASP J 74 -63.40 -25.90 33.59
C ASP J 74 -62.13 -25.10 33.34
N ALA J 75 -62.17 -23.83 33.71
CA ALA J 75 -61.21 -22.86 33.18
C ALA J 75 -59.78 -23.16 33.63
N ASN J 76 -59.57 -23.51 34.89
CA ASN J 76 -58.21 -23.73 35.37
C ASN J 76 -57.57 -24.94 34.69
N TYR J 77 -58.36 -25.99 34.48
CA TYR J 77 -57.91 -27.13 33.70
C TYR J 77 -57.35 -26.68 32.37
N VAL J 78 -58.12 -25.85 31.65
CA VAL J 78 -57.68 -25.35 30.37
C VAL J 78 -56.46 -24.46 30.53
N GLU J 79 -56.34 -23.76 31.65
CA GLU J 79 -55.18 -22.90 31.84
C GLU J 79 -53.89 -23.71 31.90
N THR J 80 -53.89 -24.79 32.70
CA THR J 80 -52.71 -25.64 32.75
C THR J 80 -52.43 -26.26 31.38
N ALA J 81 -53.47 -26.75 30.73
CA ALA J 81 -53.28 -27.36 29.42
C ALA J 81 -52.69 -26.37 28.43
N ARG J 82 -53.12 -25.11 28.49
CA ARG J 82 -52.65 -24.12 27.54
C ARG J 82 -51.21 -23.73 27.82
N THR J 83 -50.84 -23.65 29.10
CA THR J 83 -49.44 -23.40 29.43
C THR J 83 -48.54 -24.48 28.84
N THR J 84 -48.99 -25.73 28.85
CA THR J 84 -48.20 -26.79 28.20
C THR J 84 -48.24 -26.67 26.68
N ILE J 85 -49.42 -26.41 26.13
CA ILE J 85 -49.63 -26.48 24.70
C ILE J 85 -48.84 -25.40 23.98
N GLU J 86 -48.69 -24.22 24.58
CA GLU J 86 -47.94 -23.17 23.91
C GLU J 86 -46.49 -23.59 23.69
N TYR J 87 -45.87 -24.17 24.71
CA TYR J 87 -44.50 -24.64 24.58
C TYR J 87 -44.40 -25.74 23.55
N PHE J 88 -45.32 -26.70 23.58
CA PHE J 88 -45.25 -27.78 22.60
C PHE J 88 -45.44 -27.26 21.17
N ILE J 89 -46.32 -26.29 20.98
CA ILE J 89 -46.51 -25.70 19.66
C ILE J 89 -45.23 -25.06 19.19
N ASP J 90 -44.56 -24.33 20.07
CA ASP J 90 -43.29 -23.71 19.68
C ASP J 90 -42.28 -24.77 19.28
N PHE J 91 -42.18 -25.84 20.05
CA PHE J 91 -41.22 -26.89 19.75
C PHE J 91 -41.51 -27.51 18.38
N ILE J 92 -42.78 -27.80 18.10
CA ILE J 92 -43.12 -28.40 16.82
C ILE J 92 -42.83 -27.45 15.68
N ASP J 93 -43.16 -26.18 15.85
CA ASP J 93 -42.89 -25.22 14.78
C ASP J 93 -41.41 -25.15 14.47
N ASN J 94 -40.58 -25.13 15.50
CA ASN J 94 -39.13 -25.08 15.27
C ASN J 94 -38.64 -26.36 14.61
N VAL J 95 -39.16 -27.52 15.02
CA VAL J 95 -38.71 -28.77 14.40
C VAL J 95 -39.11 -28.80 12.93
N CYS J 96 -40.33 -28.37 12.61
CA CYS J 96 -40.75 -28.37 11.22
C CYS J 96 -39.92 -27.41 10.39
N MET J 97 -39.66 -26.21 10.92
CA MET J 97 -38.84 -25.25 10.19
C MET J 97 -37.44 -25.80 9.97
N ASP J 98 -36.88 -26.46 10.98
CA ASP J 98 -35.55 -27.03 10.85
C ASP J 98 -35.52 -28.17 9.83
N GLU J 99 -36.60 -28.94 9.74
CA GLU J 99 -36.63 -30.03 8.78
C GLU J 99 -36.86 -29.54 7.36
N MET J 100 -37.62 -28.46 7.18
CA MET J 100 -37.93 -27.98 5.84
C MET J 100 -36.75 -27.37 5.12
N VAL J 101 -35.63 -27.15 5.80
CA VAL J 101 -34.46 -26.50 5.20
C VAL J 101 -33.32 -27.49 4.95
N ARG J 102 -33.51 -28.76 5.23
CA ARG J 102 -32.50 -29.78 5.00
C ARG J 102 -32.77 -30.50 3.69
N GLU J 103 -31.69 -30.99 3.07
CA GLU J 103 -31.78 -31.73 1.83
C GLU J 103 -30.86 -32.94 1.92
N SER J 104 -30.90 -33.77 0.89
CA SER J 104 -29.89 -34.80 0.70
C SER J 104 -30.04 -35.41 -0.69
N GLN J 105 -28.95 -35.48 -1.44
CA GLN J 105 -29.02 -36.17 -2.72
C GLN J 105 -29.35 -37.64 -2.50
N ARG J 106 -28.71 -38.26 -1.53
CA ARG J 106 -28.91 -39.67 -1.23
C ARG J 106 -29.93 -39.81 -0.11
N ASN J 107 -30.92 -40.66 -0.32
CA ASN J 107 -31.87 -41.03 0.73
C ASN J 107 -32.63 -39.80 1.23
N GLY J 108 -33.23 -39.07 0.29
CA GLY J 108 -33.91 -37.84 0.65
C GLY J 108 -35.07 -38.05 1.60
N VAL J 109 -35.78 -39.17 1.47
CA VAL J 109 -36.95 -39.42 2.28
C VAL J 109 -36.59 -39.59 3.74
N ALA J 110 -35.39 -40.07 4.04
CA ALA J 110 -35.02 -40.28 5.42
C ALA J 110 -34.94 -38.93 6.14
N PRO J 111 -35.12 -38.89 7.46
CA PRO J 111 -35.24 -37.60 8.14
C PRO J 111 -33.88 -36.98 8.40
N GLN J 112 -33.69 -35.75 7.92
CA GLN J 112 -32.59 -34.90 8.34
C GLN J 112 -32.99 -34.28 9.67
N SER J 113 -32.30 -33.24 10.14
CA SER J 113 -32.76 -32.54 11.33
C SER J 113 -32.77 -33.45 12.55
N GLU J 114 -31.61 -33.60 13.19
CA GLU J 114 -31.43 -34.50 14.31
C GLU J 114 -32.57 -34.50 15.33
N ALA J 115 -33.31 -33.40 15.48
CA ALA J 115 -34.52 -33.46 16.28
C ALA J 115 -35.50 -34.48 15.73
N LEU J 116 -35.82 -34.38 14.44
CA LEU J 116 -36.72 -35.35 13.84
C LEU J 116 -36.09 -36.73 13.79
N ARG J 117 -34.78 -36.79 13.59
CA ARG J 117 -34.13 -38.10 13.57
C ARG J 117 -34.18 -38.77 14.93
N LYS J 118 -34.23 -37.99 16.00
CA LYS J 118 -34.42 -38.54 17.34
C LYS J 118 -35.87 -38.96 17.53
N LEU J 119 -36.81 -38.16 17.04
CA LEU J 119 -38.21 -38.55 17.11
C LEU J 119 -38.47 -39.84 16.35
N ALA J 120 -37.66 -40.13 15.36
CA ALA J 120 -37.82 -41.37 14.62
C ALA J 120 -37.33 -42.59 15.38
N GLY J 121 -36.96 -42.52 16.66
CA GLY J 121 -36.49 -43.68 17.38
C GLY J 121 -37.63 -44.53 17.90
N ILE J 122 -37.26 -45.67 18.47
CA ILE J 122 -38.27 -46.59 19.00
C ILE J 122 -38.90 -46.08 20.28
N LYS J 123 -38.25 -45.17 20.98
CA LYS J 123 -38.82 -44.63 22.22
C LYS J 123 -40.10 -43.88 21.94
N PHE J 124 -40.14 -43.11 20.86
CA PHE J 124 -41.25 -42.21 20.57
C PHE J 124 -42.33 -42.86 19.74
N LYS J 125 -42.36 -44.19 19.67
CA LYS J 125 -43.37 -44.85 18.88
C LYS J 125 -44.73 -44.79 19.55
N ARG J 126 -44.78 -44.66 20.87
CA ARG J 126 -46.06 -44.64 21.58
C ARG J 126 -46.84 -43.36 21.33
N ILE J 127 -46.29 -42.40 20.60
CA ILE J 127 -47.02 -41.16 20.33
C ILE J 127 -47.98 -41.32 19.18
N ASN J 128 -47.71 -42.22 18.24
CA ASN J 128 -48.40 -42.28 16.95
C ASN J 128 -49.91 -42.29 17.12
N PHE J 129 -50.59 -41.24 16.66
CA PHE J 129 -51.97 -41.00 17.03
C PHE J 129 -52.96 -41.51 15.99
N ASN J 130 -52.96 -40.89 14.81
CA ASN J 130 -53.70 -41.40 13.66
C ASN J 130 -53.31 -40.57 12.45
N ASN J 131 -53.03 -41.24 11.34
CA ASN J 131 -52.52 -40.57 10.14
C ASN J 131 -53.69 -40.39 9.20
N SER J 132 -54.44 -39.31 9.40
CA SER J 132 -55.67 -39.04 8.66
C SER J 132 -55.48 -38.11 7.48
N SER J 133 -54.67 -37.08 7.61
CA SER J 133 -54.57 -36.09 6.55
C SER J 133 -54.07 -36.72 5.27
N GLU J 134 -54.29 -36.01 4.16
CA GLU J 134 -53.95 -36.56 2.85
C GLU J 134 -52.46 -36.82 2.74
N TYR J 135 -51.65 -35.83 3.13
CA TYR J 135 -50.21 -35.96 2.94
C TYR J 135 -49.63 -37.08 3.78
N ILE J 136 -50.05 -37.19 5.04
CA ILE J 136 -49.51 -38.24 5.88
C ILE J 136 -50.02 -39.61 5.42
N GLU J 137 -51.28 -39.68 5.00
CA GLU J 137 -51.78 -40.98 4.54
C GLU J 137 -51.01 -41.45 3.32
N ASN J 138 -50.76 -40.55 2.37
CA ASN J 138 -49.98 -40.94 1.22
C ASN J 138 -48.53 -41.20 1.58
N TRP J 139 -48.00 -40.52 2.59
CA TRP J 139 -46.67 -40.84 3.06
C TRP J 139 -46.59 -42.27 3.55
N ASN J 140 -47.55 -42.69 4.37
CA ASN J 140 -47.56 -44.06 4.86
C ASN J 140 -47.76 -45.05 3.71
N LEU J 141 -48.72 -44.77 2.83
CA LEU J 141 -49.02 -45.67 1.74
C LEU J 141 -47.89 -45.77 0.75
N GLN J 142 -47.03 -44.76 0.69
CA GLN J 142 -45.95 -44.74 -0.28
C GLN J 142 -44.66 -45.28 0.33
N ASN J 143 -44.51 -45.19 1.65
CA ASN J 143 -43.44 -45.92 2.31
C ASN J 143 -43.71 -47.42 2.25
N ARG J 144 -44.80 -47.86 2.85
CA ARG J 144 -45.23 -49.24 2.62
C ARG J 144 -45.79 -49.24 1.22
N ARG J 145 -44.93 -49.50 0.24
CA ARG J 145 -45.20 -49.17 -1.16
C ARG J 145 -46.57 -49.59 -1.65
N GLN J 146 -47.40 -48.61 -1.97
CA GLN J 146 -48.74 -48.84 -2.51
C GLN J 146 -49.03 -47.69 -3.47
N ARG J 147 -50.18 -47.75 -4.11
CA ARG J 147 -50.61 -46.66 -4.97
C ARG J 147 -51.06 -45.49 -4.12
N THR J 148 -50.71 -44.28 -4.55
CA THR J 148 -51.09 -43.05 -3.86
C THR J 148 -51.62 -42.05 -4.87
N GLY J 149 -52.16 -40.95 -4.35
CA GLY J 149 -52.66 -39.91 -5.21
C GLY J 149 -52.94 -38.62 -4.46
N PHE J 150 -52.45 -37.52 -5.00
CA PHE J 150 -52.74 -36.18 -4.53
C PHE J 150 -53.72 -35.53 -5.50
N VAL J 151 -54.84 -35.04 -4.99
CA VAL J 151 -55.78 -34.29 -5.79
C VAL J 151 -55.34 -32.83 -5.80
N PHE J 152 -55.32 -32.23 -6.98
CA PHE J 152 -54.82 -30.87 -7.16
C PHE J 152 -55.85 -30.05 -7.92
N HIS J 153 -55.99 -28.80 -7.51
CA HIS J 153 -56.85 -27.83 -8.17
C HIS J 153 -55.94 -26.87 -8.91
N LYS J 154 -55.92 -26.98 -10.24
CA LYS J 154 -55.06 -26.19 -11.10
C LYS J 154 -53.60 -26.42 -10.75
N PRO J 155 -53.11 -27.66 -10.85
CA PRO J 155 -51.69 -27.89 -10.54
C PRO J 155 -50.81 -27.24 -11.58
N ASN J 156 -49.73 -26.60 -11.12
CA ASN J 156 -48.78 -26.00 -12.07
C ASN J 156 -47.79 -27.08 -12.49
N ILE J 157 -48.31 -28.04 -13.25
CA ILE J 157 -47.48 -29.07 -13.84
C ILE J 157 -46.59 -28.49 -14.92
N PHE J 158 -47.10 -27.55 -15.70
CA PHE J 158 -46.36 -27.03 -16.84
C PHE J 158 -45.33 -26.00 -16.37
N PRO J 159 -44.04 -26.17 -16.65
CA PRO J 159 -43.09 -25.11 -16.35
C PRO J 159 -43.35 -23.91 -17.24
N TYR J 160 -43.04 -22.72 -16.74
CA TYR J 160 -43.28 -21.52 -17.52
C TYR J 160 -42.41 -21.54 -18.76
N SER J 161 -43.04 -21.48 -19.92
CA SER J 161 -42.30 -21.39 -21.18
C SER J 161 -43.18 -20.73 -22.20
N ALA J 162 -42.76 -19.55 -22.67
CA ALA J 162 -43.39 -18.86 -23.79
C ALA J 162 -42.40 -18.84 -24.93
N SER J 163 -42.81 -19.36 -26.08
CA SER J 163 -41.86 -19.45 -27.20
C SER J 163 -42.64 -19.69 -28.49
N PHE J 164 -41.90 -19.93 -29.57
CA PHE J 164 -42.52 -20.13 -30.87
C PHE J 164 -41.62 -20.98 -31.75
N THR J 165 -42.23 -21.58 -32.77
CA THR J 165 -41.53 -22.30 -33.82
C THR J 165 -42.01 -21.76 -35.16
N LEU J 166 -41.09 -21.67 -36.11
CA LEU J 166 -41.36 -21.15 -37.45
C LEU J 166 -41.11 -22.26 -38.46
N ASN J 167 -42.19 -22.83 -38.99
CA ASN J 167 -42.04 -23.81 -40.06
C ASN J 167 -41.82 -23.16 -41.41
N ARG J 168 -42.13 -21.87 -41.54
CA ARG J 168 -41.76 -21.09 -42.72
C ARG J 168 -41.22 -19.75 -42.23
N SER J 169 -40.19 -19.25 -42.90
CA SER J 169 -39.60 -17.99 -42.48
C SER J 169 -38.75 -17.43 -43.61
N GLN J 170 -38.37 -16.16 -43.45
CA GLN J 170 -37.46 -15.47 -44.35
C GLN J 170 -36.60 -14.56 -43.50
N PRO J 171 -35.45 -14.11 -44.02
CA PRO J 171 -34.68 -13.11 -43.27
C PRO J 171 -35.45 -11.84 -43.03
N MET J 172 -36.41 -11.51 -43.90
CA MET J 172 -37.25 -10.35 -43.62
C MET J 172 -38.25 -10.65 -42.53
N HIS J 173 -38.61 -11.93 -42.35
CA HIS J 173 -39.72 -12.28 -41.46
C HIS J 173 -40.97 -11.50 -41.87
N ASP J 174 -41.41 -11.77 -43.09
CA ASP J 174 -42.58 -11.12 -43.68
C ASP J 174 -43.65 -12.09 -44.11
N ASN J 175 -43.30 -13.33 -44.41
CA ASN J 175 -44.25 -14.37 -44.80
C ASN J 175 -43.89 -15.60 -43.99
N LEU J 176 -44.44 -15.70 -42.78
CA LEU J 176 -44.13 -16.75 -41.84
C LEU J 176 -45.29 -17.71 -41.69
N MET J 177 -45.01 -18.83 -41.03
CA MET J 177 -46.03 -19.77 -40.63
C MET J 177 -45.43 -20.60 -39.51
N GLY J 178 -46.25 -20.96 -38.55
CA GLY J 178 -45.71 -21.71 -37.43
C GLY J 178 -46.67 -21.67 -36.27
N THR J 179 -46.12 -21.79 -35.08
CA THR J 179 -46.91 -21.79 -33.86
C THR J 179 -46.21 -20.97 -32.79
N MET J 180 -47.00 -20.50 -31.84
CA MET J 180 -46.49 -19.94 -30.61
C MET J 180 -47.24 -20.59 -29.47
N TRP J 181 -46.61 -20.64 -28.30
CA TRP J 181 -47.26 -21.27 -27.17
C TRP J 181 -46.76 -20.69 -25.87
N LEU J 182 -47.69 -20.52 -24.94
CA LEU J 182 -47.42 -20.29 -23.55
C LEU J 182 -47.88 -21.53 -22.78
N ASN J 183 -46.97 -22.16 -22.08
CA ASN J 183 -47.29 -23.19 -21.10
C ASN J 183 -46.92 -22.61 -19.75
N ALA J 184 -47.92 -22.28 -18.94
CA ALA J 184 -47.68 -21.63 -17.66
C ALA J 184 -48.68 -22.11 -16.64
N GLY J 185 -48.19 -22.59 -15.51
CA GLY J 185 -49.10 -23.08 -14.49
C GLY J 185 -49.91 -24.23 -15.04
N SER J 186 -51.23 -24.08 -15.03
CA SER J 186 -52.15 -25.08 -15.54
C SER J 186 -52.71 -24.71 -16.92
N GLU J 187 -52.03 -23.81 -17.63
CA GLU J 187 -52.54 -23.14 -18.81
C GLU J 187 -51.66 -23.51 -19.99
N ILE J 188 -52.28 -23.89 -21.10
CA ILE J 188 -51.61 -23.99 -22.39
C ILE J 188 -52.39 -23.16 -23.37
N GLN J 189 -51.80 -22.06 -23.83
CA GLN J 189 -52.37 -21.24 -24.88
C GLN J 189 -51.46 -21.39 -26.10
N VAL J 190 -51.94 -22.09 -27.11
CA VAL J 190 -51.16 -22.40 -28.30
C VAL J 190 -51.89 -21.85 -29.51
N ALA J 191 -51.18 -21.13 -30.36
CA ALA J 191 -51.77 -20.46 -31.50
C ALA J 191 -50.91 -20.71 -32.72
N GLY J 192 -51.47 -21.39 -33.71
CA GLY J 192 -50.82 -21.49 -35.00
C GLY J 192 -51.15 -20.25 -35.82
N PHE J 193 -50.18 -19.82 -36.61
CA PHE J 193 -50.37 -18.65 -37.46
C PHE J 193 -49.78 -18.91 -38.83
N ASP J 194 -50.32 -18.19 -39.80
CA ASP J 194 -49.91 -18.30 -41.19
C ASP J 194 -50.12 -16.93 -41.81
N TYR J 195 -49.07 -16.34 -42.34
CA TYR J 195 -49.18 -15.00 -42.90
C TYR J 195 -49.86 -15.02 -44.26
N SER J 196 -49.86 -16.17 -44.94
CA SER J 196 -50.52 -16.32 -46.22
C SER J 196 -51.95 -16.81 -46.11
N CYS J 197 -52.42 -17.14 -44.90
CA CYS J 197 -53.75 -17.69 -44.69
C CYS J 197 -53.97 -18.93 -45.55
N ALA J 198 -52.99 -19.83 -45.52
CA ALA J 198 -53.11 -21.13 -46.17
C ALA J 198 -53.41 -20.99 -47.65
N LEU J 199 -52.82 -19.99 -48.28
CA LEU J 199 -53.11 -19.74 -49.70
C LEU J 199 -52.62 -20.90 -50.57
N ASN J 200 -51.36 -21.29 -50.42
CA ASN J 200 -50.75 -22.31 -51.25
C ASN J 200 -50.62 -23.65 -50.53
N ALA J 201 -51.25 -23.81 -49.37
CA ALA J 201 -51.24 -25.09 -48.69
C ALA J 201 -52.19 -26.06 -49.39
N PRO J 202 -52.05 -27.36 -49.13
CA PRO J 202 -52.89 -28.33 -49.86
C PRO J 202 -54.34 -28.24 -49.42
N ALA J 203 -55.23 -28.07 -50.39
CA ALA J 203 -56.66 -27.91 -50.15
C ALA J 203 -56.97 -26.69 -49.31
N ASN J 204 -56.07 -25.71 -49.28
CA ASN J 204 -56.25 -24.49 -48.50
C ASN J 204 -56.39 -24.79 -47.01
N ILE J 205 -55.64 -25.79 -46.56
CA ILE J 205 -55.56 -26.20 -45.15
C ILE J 205 -54.10 -26.16 -44.73
N GLN J 206 -53.84 -25.54 -43.58
CA GLN J 206 -52.53 -25.57 -42.96
C GLN J 206 -52.64 -26.32 -41.64
N GLN J 207 -51.80 -27.33 -41.45
CA GLN J 207 -51.83 -28.14 -40.24
C GLN J 207 -50.90 -27.55 -39.21
N PHE J 208 -51.33 -27.57 -37.95
CA PHE J 208 -50.52 -27.17 -36.81
C PHE J 208 -50.60 -28.25 -35.76
N GLU J 209 -49.50 -28.47 -35.07
CA GLU J 209 -49.43 -29.45 -34.00
C GLU J 209 -48.56 -28.92 -32.87
N HIS J 210 -48.86 -29.37 -31.65
CA HIS J 210 -48.10 -28.95 -30.49
C HIS J 210 -48.07 -30.09 -29.49
N ILE J 211 -46.87 -30.49 -29.09
CA ILE J 211 -46.66 -31.62 -28.19
C ILE J 211 -46.16 -31.05 -26.87
N VAL J 212 -46.94 -31.21 -25.81
CA VAL J 212 -46.58 -30.78 -24.47
C VAL J 212 -46.41 -32.02 -23.63
N GLN J 213 -45.20 -32.30 -23.18
CA GLN J 213 -44.87 -33.55 -22.52
C GLN J 213 -44.70 -33.28 -21.03
N LEU J 214 -45.61 -33.81 -20.23
CA LEU J 214 -45.58 -33.58 -18.80
C LEU J 214 -44.35 -34.23 -18.20
N ARG J 215 -43.97 -33.73 -17.02
CA ARG J 215 -42.89 -34.36 -16.28
C ARG J 215 -43.39 -35.58 -15.52
N ARG J 216 -44.63 -35.53 -15.02
CA ARG J 216 -45.23 -36.65 -14.32
C ARG J 216 -46.67 -36.79 -14.78
N ALA J 217 -47.09 -38.02 -15.03
CA ALA J 217 -48.41 -38.27 -15.57
C ALA J 217 -49.48 -37.88 -14.57
N LEU J 218 -50.58 -37.32 -15.08
CA LEU J 218 -51.75 -36.97 -14.28
C LEU J 218 -52.84 -38.01 -14.48
N THR J 219 -53.77 -38.05 -13.53
CA THR J 219 -54.85 -39.02 -13.53
C THR J 219 -56.18 -38.31 -13.31
N THR J 220 -57.21 -38.76 -14.04
CA THR J 220 -58.58 -38.28 -13.90
C THR J 220 -58.64 -36.76 -13.86
N ALA J 221 -58.10 -36.13 -14.89
CA ALA J 221 -58.01 -34.69 -14.95
C ALA J 221 -59.17 -34.14 -15.77
N THR J 222 -59.85 -33.13 -15.22
CA THR J 222 -60.81 -32.34 -15.97
C THR J 222 -60.07 -31.21 -16.64
N ILE J 223 -60.31 -31.04 -17.93
CA ILE J 223 -59.58 -30.09 -18.75
C ILE J 223 -60.59 -29.23 -19.49
N THR J 224 -60.48 -27.91 -19.34
CA THR J 224 -61.31 -26.98 -20.07
C THR J 224 -60.60 -26.59 -21.36
N LEU J 225 -61.16 -27.01 -22.49
CA LEU J 225 -60.61 -26.72 -23.81
C LEU J 225 -61.52 -25.72 -24.50
N LEU J 226 -60.98 -24.55 -24.82
CA LEU J 226 -61.70 -23.51 -25.51
C LEU J 226 -60.92 -23.09 -26.75
N PRO J 227 -61.59 -22.54 -27.76
CA PRO J 227 -60.87 -22.08 -28.94
C PRO J 227 -60.38 -20.66 -28.76
N ASP J 228 -59.62 -20.16 -29.74
CA ASP J 228 -59.28 -18.74 -29.84
C ASP J 228 -58.53 -18.27 -28.59
N ALA J 229 -57.31 -18.80 -28.45
CA ALA J 229 -56.40 -18.37 -27.39
C ALA J 229 -56.32 -16.86 -27.34
N GLU J 230 -56.80 -16.28 -26.23
CA GLU J 230 -56.89 -14.83 -26.14
C GLU J 230 -55.53 -14.16 -25.99
N ARG J 231 -54.48 -14.93 -25.72
CA ARG J 231 -53.19 -14.36 -25.38
C ARG J 231 -52.34 -14.00 -26.59
N PHE J 232 -52.52 -14.72 -27.71
CA PHE J 232 -51.74 -14.49 -28.91
C PHE J 232 -52.57 -13.85 -30.01
N SER J 233 -53.68 -13.22 -29.65
CA SER J 233 -54.66 -12.74 -30.60
C SER J 233 -54.68 -11.22 -30.68
N PHE J 234 -53.51 -10.60 -30.67
CA PHE J 234 -53.40 -9.16 -30.81
C PHE J 234 -52.00 -8.84 -31.33
N PRO J 235 -51.77 -7.61 -31.78
CA PRO J 235 -50.48 -7.29 -32.39
C PRO J 235 -49.31 -7.49 -31.43
N ARG J 236 -48.18 -7.84 -32.00
CA ARG J 236 -46.96 -8.10 -31.25
C ARG J 236 -45.77 -7.72 -32.11
N VAL J 237 -44.65 -7.45 -31.45
CA VAL J 237 -43.35 -7.41 -32.11
C VAL J 237 -42.43 -8.31 -31.32
N ILE J 238 -41.91 -9.34 -31.97
CA ILE J 238 -41.28 -10.47 -31.30
C ILE J 238 -39.84 -10.55 -31.78
N ASN J 239 -38.90 -10.66 -30.85
CA ASN J 239 -37.52 -10.87 -31.24
C ASN J 239 -37.42 -12.18 -32.01
N SER J 240 -36.38 -12.30 -32.84
CA SER J 240 -36.22 -13.50 -33.62
C SER J 240 -35.70 -14.63 -32.74
N ALA J 241 -35.60 -15.81 -33.33
CA ALA J 241 -35.08 -16.95 -32.59
C ALA J 241 -33.65 -16.68 -32.14
N ASP J 242 -32.85 -16.07 -33.01
CA ASP J 242 -31.47 -15.76 -32.69
C ASP J 242 -31.32 -14.48 -31.88
N GLY J 243 -32.37 -13.67 -31.77
CA GLY J 243 -32.27 -12.39 -31.11
C GLY J 243 -31.73 -11.27 -31.97
N ALA J 244 -31.41 -11.54 -33.23
CA ALA J 244 -30.83 -10.52 -34.10
C ALA J 244 -31.80 -9.37 -34.31
N THR J 245 -32.90 -9.62 -34.99
CA THR J 245 -33.88 -8.60 -35.34
C THR J 245 -35.25 -9.03 -34.84
N THR J 246 -36.18 -8.08 -34.83
CA THR J 246 -37.54 -8.31 -34.40
C THR J 246 -38.46 -8.37 -35.60
N TRP J 247 -39.61 -9.00 -35.42
CA TRP J 247 -40.59 -9.14 -36.50
C TRP J 247 -41.98 -8.85 -35.99
N PHE J 248 -42.77 -8.17 -36.81
CA PHE J 248 -44.14 -7.80 -36.48
C PHE J 248 -45.06 -8.99 -36.68
N PHE J 249 -46.15 -9.02 -35.90
CA PHE J 249 -47.13 -10.08 -35.97
C PHE J 249 -48.49 -9.48 -35.69
N ASN J 250 -49.42 -9.63 -36.64
CA ASN J 250 -50.66 -8.87 -36.69
C ASN J 250 -51.83 -9.82 -36.89
N PRO J 251 -52.36 -10.40 -35.81
CA PRO J 251 -53.32 -11.50 -35.97
C PRO J 251 -54.64 -11.08 -36.58
N ILE J 252 -55.27 -12.04 -37.23
CA ILE J 252 -56.69 -12.06 -37.53
C ILE J 252 -57.17 -13.46 -37.22
N ILE J 253 -58.18 -13.59 -36.36
CA ILE J 253 -58.46 -14.86 -35.71
C ILE J 253 -59.53 -15.63 -36.46
N LEU J 254 -59.15 -16.80 -36.96
CA LEU J 254 -60.04 -17.84 -37.42
C LEU J 254 -60.28 -18.81 -36.27
N ARG J 255 -61.38 -19.57 -36.33
CA ARG J 255 -61.46 -20.68 -35.39
C ARG J 255 -60.65 -21.84 -35.90
N PRO J 256 -60.16 -22.70 -35.01
CA PRO J 256 -59.43 -23.89 -35.47
C PRO J 256 -60.39 -24.98 -35.88
N ASN J 257 -60.49 -25.23 -37.18
CA ASN J 257 -61.40 -26.25 -37.65
C ASN J 257 -60.83 -27.62 -37.36
N ASN J 258 -61.73 -28.57 -37.13
CA ASN J 258 -61.45 -29.98 -36.78
C ASN J 258 -60.22 -30.11 -35.88
N VAL J 259 -60.29 -29.42 -34.73
CA VAL J 259 -59.27 -29.58 -33.71
C VAL J 259 -59.34 -31.00 -33.17
N GLU J 260 -58.20 -31.47 -32.65
CA GLU J 260 -58.06 -32.84 -32.20
C GLU J 260 -57.02 -32.85 -31.10
N VAL J 261 -57.45 -33.11 -29.87
CA VAL J 261 -56.53 -33.16 -28.73
C VAL J 261 -56.43 -34.62 -28.30
N GLU J 262 -55.20 -35.11 -28.23
CA GLU J 262 -54.92 -36.49 -27.86
C GLU J 262 -54.10 -36.51 -26.59
N PHE J 263 -54.58 -37.25 -25.59
CA PHE J 263 -53.87 -37.46 -24.34
C PHE J 263 -53.22 -38.83 -24.37
N LEU J 264 -51.89 -38.84 -24.30
CA LEU J 264 -51.08 -40.02 -24.52
C LEU J 264 -50.38 -40.43 -23.24
N LEU J 265 -50.30 -41.74 -23.00
CA LEU J 265 -49.58 -42.30 -21.86
C LEU J 265 -48.59 -43.32 -22.40
N ASN J 266 -47.35 -42.90 -22.60
CA ASN J 266 -46.30 -43.77 -23.12
C ASN J 266 -46.63 -44.22 -24.54
N GLY J 267 -46.92 -43.25 -25.39
CA GLY J 267 -47.22 -43.50 -26.79
C GLY J 267 -48.66 -43.84 -27.09
N GLN J 268 -49.27 -44.70 -26.29
CA GLN J 268 -50.65 -45.10 -26.54
C GLN J 268 -51.59 -43.92 -26.41
N ILE J 269 -52.59 -43.88 -27.27
CA ILE J 269 -53.58 -42.81 -27.24
C ILE J 269 -54.62 -43.19 -26.19
N ILE J 270 -54.43 -42.74 -24.95
CA ILE J 270 -55.40 -43.03 -23.91
C ILE J 270 -56.72 -42.35 -24.21
N ASN J 271 -56.67 -41.08 -24.60
CA ASN J 271 -57.90 -40.34 -24.90
C ASN J 271 -57.70 -39.50 -26.16
N THR J 272 -58.80 -39.23 -26.84
CA THR J 272 -58.77 -38.36 -28.01
C THR J 272 -60.13 -37.69 -28.13
N TYR J 273 -60.11 -36.39 -28.40
CA TYR J 273 -61.32 -35.61 -28.56
C TYR J 273 -61.19 -34.77 -29.83
N GLN J 274 -62.09 -35.02 -30.79
CA GLN J 274 -62.15 -34.24 -32.02
C GLN J 274 -63.28 -33.22 -31.91
N ALA J 275 -62.96 -31.95 -32.10
CA ALA J 275 -63.94 -30.89 -32.25
C ALA J 275 -64.88 -30.81 -31.05
N ARG J 276 -64.36 -31.07 -29.86
CA ARG J 276 -65.11 -30.95 -28.63
C ARG J 276 -64.44 -29.88 -27.77
N PHE J 277 -65.21 -28.87 -27.38
CA PHE J 277 -64.74 -27.79 -26.54
C PHE J 277 -65.46 -27.85 -25.21
N GLY J 278 -65.06 -26.98 -24.31
CA GLY J 278 -65.58 -27.02 -22.96
C GLY J 278 -64.84 -28.06 -22.14
N THR J 279 -65.51 -28.53 -21.09
CA THR J 279 -64.88 -29.48 -20.20
C THR J 279 -64.76 -30.85 -20.86
N ILE J 280 -63.65 -31.52 -20.59
CA ILE J 280 -63.37 -32.86 -21.09
C ILE J 280 -62.57 -33.56 -19.99
N VAL J 281 -62.32 -34.86 -20.16
CA VAL J 281 -61.66 -35.65 -19.15
C VAL J 281 -60.54 -36.46 -19.78
N ALA J 282 -59.39 -36.47 -19.10
CA ALA J 282 -58.27 -37.34 -19.46
C ALA J 282 -58.05 -38.29 -18.30
N ARG J 283 -58.32 -39.57 -18.53
CA ARG J 283 -58.28 -40.54 -17.44
C ARG J 283 -56.87 -40.76 -16.92
N ASN J 284 -55.89 -40.80 -17.81
CA ASN J 284 -54.51 -41.05 -17.42
C ASN J 284 -53.65 -40.65 -18.60
N PHE J 285 -52.72 -39.71 -18.39
CA PHE J 285 -51.95 -39.23 -19.53
C PHE J 285 -50.63 -38.64 -19.08
N ASP J 286 -49.73 -38.53 -20.06
CA ASP J 286 -48.38 -38.03 -19.85
C ASP J 286 -47.94 -37.06 -20.94
N THR J 287 -48.63 -36.99 -22.07
CA THR J 287 -48.33 -36.04 -23.12
C THR J 287 -49.64 -35.57 -23.72
N ILE J 288 -49.63 -34.33 -24.22
CA ILE J 288 -50.79 -33.71 -24.85
C ILE J 288 -50.39 -33.32 -26.26
N ARG J 289 -51.07 -33.89 -27.25
CA ARG J 289 -50.86 -33.57 -28.66
C ARG J 289 -52.08 -32.78 -29.11
N LEU J 290 -51.92 -31.47 -29.29
CA LEU J 290 -52.97 -30.60 -29.78
C LEU J 290 -52.73 -30.39 -31.27
N SER J 291 -53.62 -30.91 -32.11
CA SER J 291 -53.58 -30.71 -33.55
C SER J 291 -54.75 -29.83 -33.93
N PHE J 292 -54.51 -28.87 -34.82
CA PHE J 292 -55.60 -28.08 -35.36
C PHE J 292 -55.21 -27.63 -36.75
N GLN J 293 -56.16 -27.04 -37.46
CA GLN J 293 -55.99 -26.68 -38.85
C GLN J 293 -56.53 -25.29 -39.11
N LEU J 294 -55.81 -24.53 -39.91
CA LEU J 294 -56.25 -23.26 -40.41
C LEU J 294 -56.74 -23.48 -41.84
N MET J 295 -58.05 -23.44 -42.03
CA MET J 295 -58.66 -23.57 -43.35
C MET J 295 -59.02 -22.19 -43.84
N ARG J 296 -58.53 -21.83 -45.02
CA ARG J 296 -58.91 -20.55 -45.59
C ARG J 296 -60.41 -20.55 -45.88
N PRO J 297 -61.14 -19.47 -45.60
CA PRO J 297 -62.57 -19.47 -45.89
C PRO J 297 -62.81 -19.60 -47.38
N PRO J 298 -63.65 -20.56 -47.83
CA PRO J 298 -63.93 -20.64 -49.26
C PRO J 298 -64.67 -19.40 -49.74
N ASN J 299 -65.80 -19.10 -49.13
CA ASN J 299 -66.55 -17.89 -49.42
C ASN J 299 -66.15 -16.80 -48.45
N MET J 300 -66.05 -15.58 -48.93
CA MET J 300 -65.26 -14.58 -48.24
C MET J 300 -65.73 -13.20 -48.69
N THR J 301 -66.44 -12.49 -47.81
CA THR J 301 -67.06 -11.23 -48.17
C THR J 301 -65.98 -10.16 -48.38
N PRO J 302 -66.33 -9.04 -49.04
CA PRO J 302 -65.27 -8.13 -49.52
C PRO J 302 -64.30 -7.63 -48.46
N ALA J 303 -64.74 -7.36 -47.23
CA ALA J 303 -63.79 -6.86 -46.23
C ALA J 303 -62.72 -7.89 -45.92
N VAL J 304 -63.12 -9.11 -45.57
CA VAL J 304 -62.16 -10.16 -45.29
C VAL J 304 -61.38 -10.55 -46.55
N ASN J 305 -61.99 -10.42 -47.72
CA ASN J 305 -61.27 -10.62 -48.96
C ASN J 305 -60.13 -9.62 -49.08
N ALA J 306 -60.41 -8.35 -48.76
CA ALA J 306 -59.35 -7.36 -48.75
C ALA J 306 -58.26 -7.73 -47.76
N LEU J 307 -58.65 -8.33 -46.64
CA LEU J 307 -57.65 -8.74 -45.66
C LEU J 307 -56.70 -9.79 -46.22
N PHE J 308 -57.23 -10.78 -46.94
CA PHE J 308 -56.41 -11.88 -47.42
C PHE J 308 -56.20 -11.80 -48.93
N PRO J 309 -55.08 -11.29 -49.42
CA PRO J 309 -54.85 -11.22 -50.86
C PRO J 309 -54.06 -12.41 -51.37
N GLN J 310 -54.02 -12.54 -52.70
CA GLN J 310 -53.17 -13.53 -53.35
C GLN J 310 -51.75 -13.02 -53.57
N ALA J 311 -51.49 -11.74 -53.36
CA ALA J 311 -50.20 -11.15 -53.64
C ALA J 311 -49.29 -11.34 -52.43
N GLN J 312 -48.18 -10.62 -52.40
CA GLN J 312 -47.15 -10.81 -51.39
C GLN J 312 -47.29 -10.05 -50.07
N PRO J 313 -47.75 -8.78 -50.05
CA PRO J 313 -47.49 -7.95 -48.85
C PRO J 313 -47.99 -8.53 -47.53
N PHE J 314 -49.23 -8.99 -47.47
CA PHE J 314 -49.75 -9.67 -46.28
C PHE J 314 -49.69 -8.78 -45.05
N GLN J 315 -50.50 -7.72 -45.08
CA GLN J 315 -50.55 -6.79 -43.96
C GLN J 315 -51.14 -7.42 -42.71
N HIS J 316 -52.01 -8.41 -42.86
CA HIS J 316 -52.65 -9.09 -41.75
C HIS J 316 -52.38 -10.59 -41.85
N HIS J 317 -52.26 -11.24 -40.69
CA HIS J 317 -51.74 -12.60 -40.61
C HIS J 317 -52.76 -13.49 -39.89
N ALA J 318 -53.20 -14.55 -40.56
CA ALA J 318 -54.26 -15.36 -39.97
C ALA J 318 -53.71 -16.22 -38.84
N THR J 319 -54.54 -16.46 -37.83
CA THR J 319 -54.14 -17.30 -36.71
C THR J 319 -55.34 -18.07 -36.20
N VAL J 320 -55.07 -19.28 -35.71
CA VAL J 320 -56.07 -20.11 -35.04
C VAL J 320 -55.49 -20.51 -33.69
N GLY J 321 -56.27 -20.33 -32.62
CA GLY J 321 -55.79 -20.50 -31.28
C GLY J 321 -56.46 -21.66 -30.55
N LEU J 322 -55.92 -21.96 -29.37
CA LEU J 322 -56.48 -22.95 -28.48
C LEU J 322 -56.03 -22.63 -27.07
N THR J 323 -56.93 -22.81 -26.11
CA THR J 323 -56.66 -22.64 -24.70
C THR J 323 -57.05 -23.92 -23.97
N LEU J 324 -56.17 -24.36 -23.07
CA LEU J 324 -56.35 -25.62 -22.37
C LEU J 324 -55.99 -25.41 -20.90
N ARG J 325 -56.98 -25.52 -20.02
CA ARG J 325 -56.80 -25.36 -18.59
C ARG J 325 -57.00 -26.70 -17.91
N ILE J 326 -55.98 -27.19 -17.20
CA ILE J 326 -56.15 -28.39 -16.39
C ILE J 326 -56.83 -27.92 -15.11
N GLU J 327 -58.17 -27.95 -15.10
CA GLU J 327 -58.90 -27.43 -13.95
C GLU J 327 -58.60 -28.23 -12.70
N SER J 328 -58.52 -29.55 -12.84
CA SER J 328 -58.25 -30.43 -11.71
C SER J 328 -57.46 -31.61 -12.21
N ALA J 329 -56.79 -32.28 -11.28
CA ALA J 329 -56.01 -33.46 -11.65
C ALA J 329 -55.72 -34.28 -10.41
N VAL J 330 -55.23 -35.49 -10.64
CA VAL J 330 -54.75 -36.37 -9.60
C VAL J 330 -53.39 -36.88 -10.01
N CYS J 331 -52.39 -36.66 -9.17
CA CYS J 331 -51.01 -36.97 -9.53
C CYS J 331 -50.40 -37.91 -8.50
N GLU J 332 -49.47 -38.74 -8.97
CA GLU J 332 -48.80 -39.67 -8.05
C GLU J 332 -47.82 -38.94 -7.16
N SER J 333 -47.02 -38.04 -7.73
CA SER J 333 -46.04 -37.27 -6.99
C SER J 333 -46.56 -35.85 -6.77
N VAL J 334 -45.88 -35.14 -5.90
CA VAL J 334 -46.41 -33.90 -5.35
C VAL J 334 -46.17 -32.74 -6.32
N LEU J 335 -47.06 -31.75 -6.26
CA LEU J 335 -46.94 -30.55 -7.07
C LEU J 335 -47.55 -29.38 -6.29
N ALA J 336 -47.30 -28.18 -6.79
CA ALA J 336 -47.93 -26.98 -6.26
C ALA J 336 -49.28 -26.75 -6.92
N ASP J 337 -50.11 -25.94 -6.27
CA ASP J 337 -51.48 -25.70 -6.73
C ASP J 337 -51.79 -24.22 -6.53
N ALA J 338 -53.07 -23.90 -6.74
CA ALA J 338 -53.66 -22.65 -6.32
C ALA J 338 -54.54 -22.82 -5.09
N ASN J 339 -54.38 -23.93 -4.37
CA ASN J 339 -55.24 -24.26 -3.25
C ASN J 339 -54.49 -24.81 -2.05
N GLU J 340 -53.17 -24.83 -2.07
CA GLU J 340 -52.37 -25.31 -0.95
C GLU J 340 -51.15 -24.42 -0.82
N THR J 341 -50.78 -24.13 0.42
CA THR J 341 -49.70 -23.21 0.73
C THR J 341 -48.41 -23.93 1.09
N LEU J 342 -48.15 -25.08 0.48
CA LEU J 342 -47.03 -25.89 0.92
C LEU J 342 -45.73 -25.43 0.29
N LEU J 343 -45.70 -25.27 -1.03
CA LEU J 343 -44.53 -24.67 -1.66
C LEU J 343 -44.27 -23.29 -1.08
N ALA J 344 -45.33 -22.53 -0.85
CA ALA J 344 -45.17 -21.20 -0.27
C ALA J 344 -44.56 -21.28 1.12
N ASN J 345 -45.02 -22.21 1.95
CA ASN J 345 -44.48 -22.32 3.30
C ASN J 345 -43.01 -22.71 3.28
N VAL J 346 -42.66 -23.68 2.44
CA VAL J 346 -41.27 -24.12 2.40
C VAL J 346 -40.37 -22.99 1.92
N THR J 347 -40.76 -22.33 0.83
CA THR J 347 -39.95 -21.25 0.30
C THR J 347 -39.85 -20.10 1.29
N ALA J 348 -40.94 -19.80 2.00
CA ALA J 348 -40.90 -18.75 3.00
C ALA J 348 -39.94 -19.10 4.12
N VAL J 349 -39.97 -20.35 4.58
CA VAL J 349 -39.10 -20.74 5.69
C VAL J 349 -37.65 -20.67 5.26
N ARG J 350 -37.37 -21.00 4.00
CA ARG J 350 -35.99 -20.90 3.53
C ARG J 350 -35.57 -19.44 3.39
N GLN J 351 -36.45 -18.60 2.88
CA GLN J 351 -36.05 -17.22 2.61
C GLN J 351 -35.93 -16.40 3.88
N GLU J 352 -36.73 -16.71 4.91
CA GLU J 352 -36.64 -15.97 6.16
C GLU J 352 -35.25 -16.10 6.76
N TYR J 353 -34.68 -17.30 6.71
CA TYR J 353 -33.42 -17.61 7.36
C TYR J 353 -32.25 -17.67 6.40
N ALA J 354 -32.46 -17.42 5.11
CA ALA J 354 -31.37 -17.26 4.15
C ALA J 354 -30.51 -18.54 4.10
N ILE J 355 -31.18 -19.66 3.88
CA ILE J 355 -30.48 -20.95 3.88
C ILE J 355 -29.52 -20.98 2.70
N PRO J 356 -28.26 -21.36 2.88
CA PRO J 356 -27.37 -21.46 1.71
C PRO J 356 -27.87 -22.53 0.76
N VAL J 357 -27.64 -22.31 -0.53
CA VAL J 357 -28.20 -23.19 -1.55
C VAL J 357 -27.60 -24.58 -1.40
N GLY J 358 -28.46 -25.59 -1.38
CA GLY J 358 -28.06 -26.94 -1.09
C GLY J 358 -27.83 -27.76 -2.34
N PRO J 359 -27.65 -29.07 -2.18
CA PRO J 359 -27.39 -29.92 -3.34
C PRO J 359 -28.55 -30.01 -4.31
N VAL J 360 -29.74 -30.33 -3.80
CA VAL J 360 -30.81 -30.85 -4.66
C VAL J 360 -31.70 -29.74 -5.20
N PHE J 361 -32.23 -28.86 -4.35
CA PHE J 361 -33.22 -27.91 -4.84
C PHE J 361 -32.55 -26.76 -5.59
N PRO J 362 -33.27 -26.08 -6.48
CA PRO J 362 -32.67 -24.97 -7.21
C PRO J 362 -32.51 -23.77 -6.30
N PRO J 363 -31.69 -22.79 -6.69
CA PRO J 363 -31.56 -21.59 -5.86
C PRO J 363 -32.85 -20.80 -5.85
N GLY J 364 -33.40 -20.58 -4.66
CA GLY J 364 -34.65 -19.87 -4.50
C GLY J 364 -35.88 -20.74 -4.61
N MET J 365 -35.73 -22.03 -4.91
CA MET J 365 -36.85 -22.96 -5.03
C MET J 365 -37.86 -22.46 -6.05
N ASN J 366 -37.37 -21.91 -7.16
CA ASN J 366 -38.30 -21.47 -8.19
C ASN J 366 -38.93 -22.68 -8.85
N TRP J 367 -40.26 -22.68 -8.92
CA TRP J 367 -40.97 -23.87 -9.35
C TRP J 367 -40.65 -24.23 -10.80
N THR J 368 -40.33 -23.23 -11.63
CA THR J 368 -40.06 -23.52 -13.03
C THR J 368 -38.84 -24.43 -13.17
N GLU J 369 -37.74 -24.07 -12.53
CA GLU J 369 -36.57 -24.91 -12.58
C GLU J 369 -36.70 -26.14 -11.70
N LEU J 370 -37.56 -26.10 -10.68
CA LEU J 370 -37.76 -27.27 -9.84
C LEU J 370 -38.65 -28.31 -10.48
N ILE J 371 -39.40 -27.94 -11.53
CA ILE J 371 -40.21 -28.90 -12.25
C ILE J 371 -39.63 -29.23 -13.63
N THR J 372 -38.83 -28.34 -14.22
CA THR J 372 -38.21 -28.69 -15.50
C THR J 372 -37.35 -29.92 -15.37
N ASN J 373 -36.57 -30.01 -14.29
CA ASN J 373 -35.76 -31.18 -13.97
C ASN J 373 -36.23 -31.70 -12.63
N TYR J 374 -36.95 -32.82 -12.64
CA TYR J 374 -37.71 -33.31 -11.51
C TYR J 374 -37.31 -34.74 -11.18
N SER J 375 -36.01 -34.95 -11.05
CA SER J 375 -35.48 -36.29 -10.90
C SER J 375 -35.97 -36.93 -9.59
N PRO J 376 -35.92 -38.26 -9.48
CA PRO J 376 -36.50 -38.90 -8.29
C PRO J 376 -35.95 -38.41 -6.96
N SER J 377 -34.66 -38.10 -6.87
CA SER J 377 -34.13 -37.58 -5.62
C SER J 377 -34.81 -36.25 -5.27
N ARG J 378 -34.94 -35.38 -6.26
CA ARG J 378 -35.63 -34.11 -6.05
C ARG J 378 -37.08 -34.34 -5.66
N GLU J 379 -37.75 -35.29 -6.31
CA GLU J 379 -39.13 -35.59 -5.96
C GLU J 379 -39.24 -36.07 -4.53
N ASP J 380 -38.30 -36.92 -4.09
CA ASP J 380 -38.37 -37.46 -2.74
C ASP J 380 -38.15 -36.37 -1.70
N ASN J 381 -37.13 -35.54 -1.90
CA ASN J 381 -36.92 -34.44 -0.96
C ASN J 381 -38.11 -33.49 -0.98
N LEU J 382 -38.69 -33.25 -2.15
CA LEU J 382 -39.83 -32.36 -2.23
C LEU J 382 -41.02 -32.92 -1.46
N GLN J 383 -41.27 -34.22 -1.59
CA GLN J 383 -42.38 -34.81 -0.84
C GLN J 383 -42.13 -34.71 0.65
N ARG J 384 -40.89 -34.95 1.08
CA ARG J 384 -40.57 -34.84 2.50
C ARG J 384 -40.85 -33.44 3.03
N VAL J 385 -40.30 -32.42 2.37
CA VAL J 385 -40.48 -31.06 2.88
C VAL J 385 -41.93 -30.63 2.76
N PHE J 386 -42.64 -31.09 1.72
CA PHE J 386 -44.04 -30.74 1.60
C PHE J 386 -44.86 -31.34 2.72
N THR J 387 -44.61 -32.60 3.08
CA THR J 387 -45.39 -33.15 4.18
C THR J 387 -45.02 -32.51 5.50
N VAL J 388 -43.75 -32.11 5.67
CA VAL J 388 -43.38 -31.41 6.89
C VAL J 388 -44.12 -30.08 6.97
N ALA J 389 -44.19 -29.36 5.86
CA ALA J 389 -44.92 -28.09 5.84
C ALA J 389 -46.40 -28.31 6.08
N SER J 390 -46.95 -29.41 5.56
CA SER J 390 -48.34 -29.74 5.84
C SER J 390 -48.56 -29.96 7.33
N ILE J 391 -47.64 -30.65 7.97
CA ILE J 391 -47.72 -30.85 9.42
C ILE J 391 -47.69 -29.51 10.13
N ARG J 392 -46.80 -28.63 9.70
CA ARG J 392 -46.67 -27.33 10.34
C ARG J 392 -47.95 -26.52 10.20
N SER J 393 -48.57 -26.57 9.03
CA SER J 393 -49.76 -25.75 8.78
C SER J 393 -50.93 -26.12 9.69
N MET J 394 -50.91 -27.31 10.29
CA MET J 394 -51.99 -27.67 11.21
C MET J 394 -51.97 -26.82 12.47
N LEU J 395 -50.88 -26.14 12.76
CA LEU J 395 -50.75 -25.32 13.97
C LEU J 395 -50.37 -23.89 13.67
N ILE J 396 -49.52 -23.65 12.68
CA ILE J 396 -48.92 -22.34 12.45
C ILE J 396 -49.43 -21.81 11.11
N LYS J 397 -50.01 -20.63 11.14
CA LYS J 397 -50.45 -19.95 9.92
C LYS J 397 -50.27 -18.45 10.09
N MET K 1 -76.93 -48.30 -0.02
CA MET K 1 -75.72 -47.52 -0.43
C MET K 1 -75.08 -46.80 0.75
N GLU K 2 -75.91 -46.36 1.69
CA GLU K 2 -75.38 -45.85 2.93
C GLU K 2 -74.49 -46.89 3.61
N VAL K 3 -74.81 -48.17 3.44
CA VAL K 3 -73.93 -49.22 3.93
C VAL K 3 -72.60 -49.19 3.19
N LEU K 4 -72.62 -48.94 1.89
CA LEU K 4 -71.36 -48.86 1.16
C LEU K 4 -70.50 -47.70 1.66
N TYR K 5 -71.11 -46.54 1.86
CA TYR K 5 -70.34 -45.43 2.40
C TYR K 5 -69.82 -45.75 3.80
N SER K 6 -70.62 -46.45 4.60
CA SER K 6 -70.19 -46.81 5.93
C SER K 6 -68.97 -47.72 5.88
N LEU K 7 -69.00 -48.71 4.98
CA LEU K 7 -67.83 -49.58 4.83
C LEU K 7 -66.62 -48.77 4.40
N SER K 8 -66.79 -47.85 3.46
CA SER K 8 -65.66 -47.05 3.01
C SER K 8 -65.07 -46.22 4.15
N LYS K 9 -65.94 -45.57 4.93
CA LYS K 9 -65.46 -44.78 6.05
C LYS K 9 -64.78 -45.66 7.08
N THR K 10 -65.35 -46.84 7.34
CA THR K 10 -64.74 -47.75 8.31
C THR K 10 -63.35 -48.15 7.87
N LEU K 11 -63.18 -48.44 6.60
CA LEU K 11 -61.86 -48.89 6.15
C LEU K 11 -60.87 -47.74 6.11
N LYS K 12 -61.32 -46.54 5.75
CA LYS K 12 -60.41 -45.40 5.83
C LYS K 12 -59.99 -45.13 7.27
N ASP K 13 -60.92 -45.23 8.20
CA ASP K 13 -60.59 -45.07 9.61
C ASP K 13 -59.66 -46.16 10.09
N ALA K 14 -59.85 -47.39 9.62
CA ALA K 14 -58.94 -48.47 10.00
C ALA K 14 -57.54 -48.20 9.47
N ARG K 15 -57.44 -47.77 8.22
CA ARG K 15 -56.13 -47.52 7.63
C ARG K 15 -55.45 -46.30 8.23
N ASP K 16 -56.20 -45.36 8.80
CA ASP K 16 -55.62 -44.17 9.38
C ASP K 16 -55.34 -44.29 10.87
N LYS K 17 -56.20 -45.00 11.61
CA LYS K 17 -56.12 -45.05 13.07
C LYS K 17 -55.44 -46.31 13.59
N ILE K 18 -55.55 -47.43 12.89
CA ILE K 18 -54.88 -48.66 13.34
C ILE K 18 -53.48 -48.59 12.77
N VAL K 19 -52.61 -47.86 13.49
CA VAL K 19 -51.21 -47.69 13.12
C VAL K 19 -50.39 -48.02 14.36
N GLU K 20 -49.34 -48.80 14.18
CA GLU K 20 -48.66 -49.42 15.32
C GLU K 20 -48.06 -48.37 16.22
N GLY K 21 -48.29 -48.52 17.52
CA GLY K 21 -47.94 -47.55 18.53
C GLY K 21 -49.11 -46.80 19.11
N THR K 22 -50.29 -46.89 18.51
CA THR K 22 -51.44 -46.14 18.98
C THR K 22 -51.94 -46.68 20.30
N LEU K 23 -52.37 -45.77 21.18
CA LEU K 23 -53.12 -46.19 22.35
C LEU K 23 -54.40 -46.87 21.91
N TYR K 24 -54.77 -47.94 22.62
CA TYR K 24 -56.02 -48.60 22.31
C TYR K 24 -57.23 -47.71 22.58
N SER K 25 -57.09 -46.70 23.43
CA SER K 25 -58.18 -45.77 23.64
C SER K 25 -58.52 -45.03 22.35
N ASN K 26 -57.52 -44.78 21.50
CA ASN K 26 -57.77 -44.07 20.27
C ASN K 26 -58.63 -44.85 19.29
N VAL K 27 -58.67 -46.18 19.40
CA VAL K 27 -59.27 -47.01 18.37
C VAL K 27 -60.21 -48.06 18.95
N SER K 28 -60.57 -47.94 20.23
CA SER K 28 -61.49 -48.92 20.80
C SER K 28 -62.83 -48.91 20.07
N ASP K 29 -63.43 -47.73 19.89
CA ASP K 29 -64.72 -47.66 19.21
C ASP K 29 -64.60 -48.06 17.75
N LEU K 30 -63.48 -47.68 17.11
CA LEU K 30 -63.28 -48.08 15.73
C LEU K 30 -63.20 -49.60 15.60
N ILE K 31 -62.50 -50.25 16.53
CA ILE K 31 -62.41 -51.69 16.47
C ILE K 31 -63.76 -52.32 16.75
N GLN K 32 -64.57 -51.70 17.60
CA GLN K 32 -65.93 -52.19 17.77
C GLN K 32 -66.70 -52.15 16.45
N GLN K 33 -66.56 -51.04 15.72
CA GLN K 33 -67.19 -50.92 14.42
C GLN K 33 -66.68 -51.96 13.44
N PHE K 34 -65.36 -52.14 13.41
CA PHE K 34 -64.75 -53.11 12.50
C PHE K 34 -65.21 -54.52 12.82
N ASN K 35 -65.31 -54.86 14.10
CA ASN K 35 -65.80 -56.18 14.47
C ASN K 35 -67.24 -56.37 14.04
N GLN K 36 -68.07 -55.34 14.21
CA GLN K 36 -69.45 -55.46 13.72
C GLN K 36 -69.46 -55.68 12.21
N MET K 37 -68.62 -54.94 11.49
CA MET K 37 -68.56 -55.11 10.04
C MET K 37 -68.14 -56.53 9.68
N ILE K 38 -67.14 -57.07 10.36
CA ILE K 38 -66.64 -58.39 10.03
C ILE K 38 -67.69 -59.46 10.32
N VAL K 39 -68.30 -59.39 11.50
CA VAL K 39 -69.28 -60.42 11.84
C VAL K 39 -70.52 -60.31 10.97
N THR K 40 -70.82 -59.11 10.47
CA THR K 40 -71.95 -58.97 9.55
C THR K 40 -71.59 -59.50 8.17
N MET K 41 -70.36 -59.27 7.72
CA MET K 41 -69.98 -59.67 6.37
C MET K 41 -69.71 -61.15 6.26
N ASN K 42 -69.30 -61.81 7.35
CA ASN K 42 -68.92 -63.21 7.28
C ASN K 42 -70.08 -64.06 6.80
N GLY K 43 -69.77 -65.04 5.95
CA GLY K 43 -70.77 -65.97 5.48
C GLY K 43 -71.57 -65.51 4.29
N ASN K 44 -71.06 -64.56 3.52
CA ASN K 44 -71.74 -64.05 2.34
C ASN K 44 -70.82 -64.14 1.14
N ASP K 45 -71.43 -64.14 -0.04
CA ASP K 45 -70.71 -64.13 -1.31
C ASP K 45 -71.25 -63.02 -2.18
N PHE K 46 -70.35 -62.27 -2.80
CA PHE K 46 -70.71 -61.17 -3.68
C PHE K 46 -70.10 -61.42 -5.05
N GLN K 47 -70.75 -60.85 -6.07
CA GLN K 47 -70.26 -60.93 -7.44
C GLN K 47 -70.30 -59.54 -8.05
N THR K 48 -69.19 -59.10 -8.63
CA THR K 48 -69.05 -57.74 -9.09
C THR K 48 -68.50 -57.70 -10.51
N GLY K 49 -68.99 -56.74 -11.28
CA GLY K 49 -68.60 -56.60 -12.67
C GLY K 49 -69.42 -57.48 -13.58
N GLY K 50 -69.15 -57.36 -14.88
CA GLY K 50 -69.81 -58.17 -15.88
C GLY K 50 -70.40 -57.41 -17.05
N ILE K 51 -70.03 -56.14 -17.20
CA ILE K 51 -70.46 -55.34 -18.34
C ILE K 51 -69.28 -54.55 -18.86
N GLY K 52 -69.20 -54.43 -20.19
CA GLY K 52 -67.98 -53.93 -20.75
C GLY K 52 -66.87 -54.91 -20.46
N ASN K 53 -65.65 -54.38 -20.35
CA ASN K 53 -64.48 -55.19 -20.03
C ASN K 53 -64.21 -55.27 -18.54
N LEU K 54 -65.09 -54.71 -17.70
CA LEU K 54 -64.97 -54.84 -16.26
C LEU K 54 -65.08 -56.32 -15.89
N PRO K 55 -64.00 -56.96 -15.42
CA PRO K 55 -64.04 -58.41 -15.29
C PRO K 55 -64.88 -58.85 -14.12
N ILE K 56 -65.46 -60.04 -14.24
CA ILE K 56 -66.15 -60.66 -13.11
C ILE K 56 -65.17 -60.87 -11.98
N ARG K 57 -65.63 -60.62 -10.76
CA ARG K 57 -64.87 -60.95 -9.56
C ARG K 57 -65.83 -61.50 -8.52
N ASN K 58 -65.40 -62.57 -7.87
CA ASN K 58 -66.17 -63.20 -6.80
C ASN K 58 -65.49 -62.92 -5.48
N TRP K 59 -66.27 -62.50 -4.49
CA TRP K 59 -65.78 -62.11 -3.18
C TRP K 59 -66.42 -62.99 -2.13
N THR K 60 -65.59 -63.57 -1.28
CA THR K 60 -66.03 -64.35 -0.12
C THR K 60 -65.42 -63.72 1.12
N PHE K 61 -66.19 -63.72 2.21
CA PHE K 61 -65.78 -63.09 3.46
C PHE K 61 -65.76 -64.12 4.57
N ASP K 62 -64.56 -64.40 5.09
CA ASP K 62 -64.39 -65.19 6.31
C ASP K 62 -63.13 -64.64 6.98
N PHE K 63 -63.32 -63.71 7.92
CA PHE K 63 -62.23 -63.01 8.55
C PHE K 63 -62.38 -63.07 10.06
N GLY K 64 -61.23 -62.96 10.73
CA GLY K 64 -61.21 -63.02 12.18
C GLY K 64 -61.39 -61.65 12.80
N LEU K 65 -62.08 -61.62 13.94
CA LEU K 65 -62.30 -60.37 14.64
C LEU K 65 -60.98 -59.81 15.15
N LEU K 66 -60.81 -58.51 14.99
CA LEU K 66 -59.62 -57.86 15.53
C LEU K 66 -59.64 -57.94 17.04
N GLY K 67 -58.45 -58.10 17.63
CA GLY K 67 -58.35 -58.24 19.06
C GLY K 67 -58.54 -56.93 19.78
N THR K 68 -58.78 -57.03 21.08
CA THR K 68 -58.95 -55.89 21.96
C THR K 68 -58.14 -55.96 23.24
N THR K 69 -57.55 -57.12 23.56
CA THR K 69 -56.83 -57.25 24.82
C THR K 69 -55.60 -56.36 24.86
N LEU K 70 -55.01 -56.08 23.70
CA LEU K 70 -53.81 -55.26 23.66
C LEU K 70 -54.11 -53.85 24.15
N LEU K 71 -53.16 -53.24 24.85
CA LEU K 71 -53.31 -51.89 25.38
C LEU K 71 -52.75 -50.84 24.45
N ASN K 72 -51.70 -51.16 23.70
CA ASN K 72 -51.03 -50.18 22.87
C ASN K 72 -50.57 -50.91 21.62
N LEU K 73 -51.14 -50.54 20.46
CA LEU K 73 -51.04 -51.38 19.27
C LEU K 73 -49.60 -51.57 18.84
N ASP K 74 -49.30 -52.79 18.40
CA ASP K 74 -47.96 -53.22 18.00
C ASP K 74 -47.97 -53.62 16.53
N ALA K 75 -46.86 -54.17 16.06
CA ALA K 75 -46.69 -54.40 14.63
C ALA K 75 -47.57 -55.52 14.11
N ASN K 76 -47.58 -56.67 14.78
CA ASN K 76 -48.27 -57.81 14.20
C ASN K 76 -49.78 -57.61 14.21
N TYR K 77 -50.31 -56.91 15.20
CA TYR K 77 -51.71 -56.51 15.19
C TYR K 77 -52.02 -55.74 13.92
N VAL K 78 -51.17 -54.78 13.59
CA VAL K 78 -51.36 -53.98 12.39
C VAL K 78 -51.27 -54.87 11.15
N GLU K 79 -50.39 -55.87 11.15
CA GLU K 79 -50.24 -56.70 9.96
C GLU K 79 -51.49 -57.52 9.70
N THR K 80 -52.05 -58.12 10.75
CA THR K 80 -53.30 -58.87 10.56
C THR K 80 -54.41 -57.92 10.09
N ALA K 81 -54.52 -56.76 10.74
CA ALA K 81 -55.57 -55.82 10.35
C ALA K 81 -55.39 -55.39 8.90
N ARG K 82 -54.15 -55.24 8.45
CA ARG K 82 -53.92 -54.78 7.08
C ARG K 82 -54.16 -55.88 6.06
N THR K 83 -53.86 -57.13 6.40
CA THR K 83 -54.23 -58.21 5.50
C THR K 83 -55.73 -58.29 5.31
N THR K 84 -56.50 -57.93 6.34
CA THR K 84 -57.94 -57.82 6.14
C THR K 84 -58.30 -56.56 5.36
N ILE K 85 -57.66 -55.43 5.67
CA ILE K 85 -58.07 -54.15 5.13
C ILE K 85 -57.83 -54.08 3.64
N GLU K 86 -56.73 -54.64 3.14
CA GLU K 86 -56.46 -54.52 1.72
C GLU K 86 -57.49 -55.30 0.90
N TYR K 87 -57.89 -56.47 1.39
CA TYR K 87 -58.96 -57.22 0.76
C TYR K 87 -60.24 -56.40 0.74
N PHE K 88 -60.60 -55.83 1.88
CA PHE K 88 -61.84 -55.05 1.92
C PHE K 88 -61.78 -53.84 1.00
N ILE K 89 -60.61 -53.19 0.93
CA ILE K 89 -60.45 -52.04 0.06
C ILE K 89 -60.67 -52.43 -1.39
N ASP K 90 -60.10 -53.55 -1.79
CA ASP K 90 -60.29 -54.02 -3.16
C ASP K 90 -61.77 -54.28 -3.43
N PHE K 91 -62.46 -54.91 -2.48
CA PHE K 91 -63.88 -55.21 -2.65
C PHE K 91 -64.68 -53.93 -2.83
N ILE K 92 -64.44 -52.94 -1.98
CA ILE K 92 -65.20 -51.70 -2.04
C ILE K 92 -64.92 -50.98 -3.35
N ASP K 93 -63.67 -50.98 -3.80
CA ASP K 93 -63.35 -50.33 -5.06
C ASP K 93 -64.09 -50.97 -6.22
N ASN K 94 -64.13 -52.30 -6.25
CA ASN K 94 -64.82 -52.96 -7.34
C ASN K 94 -66.32 -52.69 -7.30
N VAL K 95 -66.91 -52.69 -6.10
CA VAL K 95 -68.34 -52.42 -5.99
C VAL K 95 -68.65 -51.01 -6.49
N CYS K 96 -67.81 -50.04 -6.11
CA CYS K 96 -68.02 -48.67 -6.56
C CYS K 96 -67.91 -48.56 -8.07
N MET K 97 -66.91 -49.23 -8.67
CA MET K 97 -66.78 -49.16 -10.11
C MET K 97 -67.99 -49.77 -10.81
N ASP K 98 -68.48 -50.90 -10.31
CA ASP K 98 -69.65 -51.52 -10.92
C ASP K 98 -70.85 -50.57 -10.86
N GLU K 99 -71.08 -49.96 -9.70
CA GLU K 99 -72.23 -49.09 -9.58
C GLU K 99 -72.07 -47.84 -10.43
N MET K 100 -70.84 -47.38 -10.62
CA MET K 100 -70.64 -46.22 -11.47
C MET K 100 -70.96 -46.56 -12.92
N VAL K 101 -70.54 -47.73 -13.39
CA VAL K 101 -70.79 -48.06 -14.79
C VAL K 101 -72.27 -48.30 -15.05
N ARG K 102 -72.98 -48.91 -14.09
CA ARG K 102 -74.39 -49.20 -14.34
C ARG K 102 -75.21 -47.91 -14.43
N GLU K 103 -76.33 -47.99 -15.15
CA GLU K 103 -77.30 -46.89 -15.26
C GLU K 103 -78.70 -47.47 -15.24
N SER K 104 -79.69 -46.60 -15.38
CA SER K 104 -81.10 -46.98 -15.41
C SER K 104 -81.94 -45.75 -15.68
N GLN K 105 -83.05 -45.94 -16.39
CA GLN K 105 -83.99 -44.85 -16.65
C GLN K 105 -84.95 -44.62 -15.50
N ARG K 106 -85.74 -45.63 -15.17
CA ARG K 106 -86.72 -45.52 -14.09
C ARG K 106 -86.05 -45.86 -12.77
N ASN K 107 -86.29 -45.04 -11.77
CA ASN K 107 -85.74 -45.26 -10.44
C ASN K 107 -84.21 -45.24 -10.48
N GLY K 108 -83.68 -44.08 -10.88
CA GLY K 108 -82.24 -43.94 -11.03
C GLY K 108 -81.49 -44.06 -9.73
N VAL K 109 -81.97 -43.39 -8.68
CA VAL K 109 -81.26 -43.41 -7.42
C VAL K 109 -81.30 -44.76 -6.74
N ALA K 110 -82.11 -45.69 -7.21
CA ALA K 110 -82.15 -47.00 -6.59
C ALA K 110 -80.85 -47.74 -6.88
N PRO K 111 -80.51 -48.74 -6.06
CA PRO K 111 -79.30 -49.51 -6.33
C PRO K 111 -79.36 -50.25 -7.66
N GLN K 112 -78.22 -50.32 -8.32
CA GLN K 112 -77.92 -51.26 -9.39
C GLN K 112 -76.82 -52.16 -8.85
N SER K 113 -76.21 -52.99 -9.71
CA SER K 113 -75.09 -53.79 -9.25
C SER K 113 -75.53 -54.74 -8.15
N GLU K 114 -76.12 -55.87 -8.54
CA GLU K 114 -76.70 -56.85 -7.62
C GLU K 114 -75.89 -57.05 -6.35
N ALA K 115 -74.57 -56.91 -6.41
CA ALA K 115 -73.78 -56.82 -5.19
C ALA K 115 -74.28 -55.70 -4.29
N LEU K 116 -74.40 -54.49 -4.83
CA LEU K 116 -74.80 -53.37 -3.99
C LEU K 116 -76.29 -53.44 -3.67
N ARG K 117 -77.09 -54.00 -4.58
CA ARG K 117 -78.49 -54.26 -4.27
C ARG K 117 -78.62 -55.25 -3.11
N LYS K 118 -77.67 -56.17 -2.99
CA LYS K 118 -77.65 -57.06 -1.83
C LYS K 118 -77.20 -56.33 -0.58
N LEU K 119 -76.20 -55.46 -0.70
CA LEU K 119 -75.78 -54.65 0.42
C LEU K 119 -76.92 -53.82 0.97
N ALA K 120 -77.84 -53.39 0.11
CA ALA K 120 -78.97 -52.58 0.56
C ALA K 120 -79.93 -53.33 1.46
N GLY K 121 -79.81 -54.65 1.59
CA GLY K 121 -80.75 -55.41 2.36
C GLY K 121 -80.69 -55.10 3.84
N ILE K 122 -81.68 -55.63 4.57
CA ILE K 122 -81.79 -55.37 5.99
C ILE K 122 -80.64 -56.01 6.76
N LYS K 123 -80.06 -57.06 6.21
CA LYS K 123 -79.01 -57.78 6.93
C LYS K 123 -77.82 -56.89 7.21
N PHE K 124 -77.48 -56.01 6.28
CA PHE K 124 -76.27 -55.19 6.35
C PHE K 124 -76.54 -53.80 6.91
N LYS K 125 -77.72 -53.55 7.46
CA LYS K 125 -77.98 -52.26 8.07
C LYS K 125 -77.14 -52.06 9.32
N ARG K 126 -76.68 -53.14 9.96
CA ARG K 126 -75.85 -53.01 11.15
C ARG K 126 -74.55 -52.29 10.86
N ILE K 127 -74.11 -52.26 9.60
CA ILE K 127 -72.84 -51.61 9.26
C ILE K 127 -73.00 -50.11 9.08
N ASN K 128 -74.21 -49.57 9.17
CA ASN K 128 -74.41 -48.14 9.02
C ASN K 128 -73.70 -47.41 10.15
N PHE K 129 -72.60 -46.75 9.83
CA PHE K 129 -71.65 -46.27 10.82
C PHE K 129 -71.73 -44.77 11.01
N ASN K 130 -71.59 -44.01 9.92
CA ASN K 130 -71.56 -42.57 9.99
C ASN K 130 -71.87 -42.05 8.60
N ASN K 131 -72.46 -40.86 8.54
CA ASN K 131 -72.75 -40.21 7.28
C ASN K 131 -72.39 -38.74 7.44
N SER K 132 -71.12 -38.43 7.20
CA SER K 132 -70.56 -37.10 7.47
C SER K 132 -70.18 -36.34 6.23
N SER K 133 -69.72 -37.01 5.17
CA SER K 133 -69.30 -36.29 3.98
C SER K 133 -70.50 -35.58 3.34
N GLU K 134 -70.19 -34.54 2.58
CA GLU K 134 -71.25 -33.73 2.01
C GLU K 134 -72.14 -34.53 1.08
N TYR K 135 -71.54 -35.41 0.26
CA TYR K 135 -72.31 -36.09 -0.76
C TYR K 135 -73.25 -37.12 -0.14
N ILE K 136 -72.78 -37.87 0.86
CA ILE K 136 -73.68 -38.83 1.51
C ILE K 136 -74.70 -38.09 2.36
N GLU K 137 -74.33 -36.95 2.94
CA GLU K 137 -75.32 -36.16 3.68
C GLU K 137 -76.45 -35.73 2.76
N ASN K 138 -76.12 -35.22 1.59
CA ASN K 138 -77.15 -34.84 0.64
C ASN K 138 -77.92 -36.05 0.14
N TRP K 139 -77.26 -37.20 0.03
CA TRP K 139 -77.96 -38.42 -0.36
C TRP K 139 -79.05 -38.76 0.65
N ASN K 140 -78.71 -38.68 1.94
CA ASN K 140 -79.72 -38.94 2.97
C ASN K 140 -80.81 -37.88 2.94
N LEU K 141 -80.43 -36.61 2.75
CA LEU K 141 -81.40 -35.53 2.74
C LEU K 141 -82.34 -35.62 1.54
N GLN K 142 -81.94 -36.29 0.47
CA GLN K 142 -82.87 -36.54 -0.62
C GLN K 142 -83.68 -37.81 -0.39
N ASN K 143 -83.05 -38.84 0.16
CA ASN K 143 -83.76 -40.09 0.41
C ASN K 143 -84.95 -39.86 1.34
N ARG K 144 -84.74 -39.09 2.40
CA ARG K 144 -85.83 -38.54 3.19
C ARG K 144 -86.06 -37.13 2.69
N ARG K 145 -87.18 -36.90 2.01
CA ARG K 145 -87.37 -35.69 1.22
C ARG K 145 -87.17 -34.44 2.06
N GLN K 146 -86.11 -33.70 1.76
CA GLN K 146 -85.76 -32.50 2.50
C GLN K 146 -84.86 -31.63 1.65
N ARG K 147 -84.66 -30.40 2.10
CA ARG K 147 -83.77 -29.48 1.41
C ARG K 147 -82.36 -30.07 1.35
N THR K 148 -81.72 -29.90 0.21
CA THR K 148 -80.36 -30.38 0.00
C THR K 148 -79.54 -29.29 -0.67
N GLY K 149 -78.23 -29.35 -0.48
CA GLY K 149 -77.37 -28.37 -1.10
C GLY K 149 -75.93 -28.77 -1.18
N PHE K 150 -75.36 -28.66 -2.37
CA PHE K 150 -73.94 -28.84 -2.61
C PHE K 150 -73.32 -27.47 -2.87
N VAL K 151 -72.14 -27.25 -2.29
CA VAL K 151 -71.40 -26.00 -2.48
C VAL K 151 -70.32 -26.25 -3.51
N PHE K 152 -70.26 -25.38 -4.52
CA PHE K 152 -69.39 -25.56 -5.67
C PHE K 152 -68.46 -24.37 -5.82
N HIS K 153 -67.27 -24.64 -6.34
CA HIS K 153 -66.29 -23.63 -6.71
C HIS K 153 -66.10 -23.69 -8.23
N LYS K 154 -66.40 -22.59 -8.91
CA LYS K 154 -66.41 -22.52 -10.37
C LYS K 154 -67.30 -23.60 -10.94
N PRO K 155 -68.61 -23.53 -10.76
CA PRO K 155 -69.49 -24.57 -11.29
C PRO K 155 -69.49 -24.57 -12.80
N ASN K 156 -69.70 -25.74 -13.39
CA ASN K 156 -69.91 -25.87 -14.83
C ASN K 156 -71.40 -25.79 -15.16
N ILE K 157 -72.04 -24.72 -14.69
CA ILE K 157 -73.48 -24.58 -14.88
C ILE K 157 -73.80 -24.31 -16.35
N PHE K 158 -72.95 -23.56 -17.04
CA PHE K 158 -73.25 -23.18 -18.41
C PHE K 158 -72.76 -24.24 -19.38
N PRO K 159 -73.60 -24.75 -20.28
CA PRO K 159 -73.07 -25.59 -21.36
C PRO K 159 -72.25 -24.74 -22.31
N TYR K 160 -71.25 -25.35 -22.93
CA TYR K 160 -70.42 -24.60 -23.87
C TYR K 160 -71.28 -24.10 -25.01
N SER K 161 -71.19 -22.79 -25.26
CA SER K 161 -72.03 -22.18 -26.28
C SER K 161 -71.36 -20.89 -26.73
N ALA K 162 -70.78 -20.90 -27.92
CA ALA K 162 -70.25 -19.70 -28.57
C ALA K 162 -71.13 -19.40 -29.77
N SER K 163 -71.62 -18.17 -29.87
CA SER K 163 -72.56 -17.85 -30.93
C SER K 163 -72.72 -16.35 -31.01
N PHE K 164 -73.58 -15.91 -31.92
CA PHE K 164 -73.87 -14.50 -32.07
C PHE K 164 -75.26 -14.32 -32.62
N THR K 165 -75.77 -13.10 -32.49
CA THR K 165 -77.06 -12.70 -33.01
C THR K 165 -76.89 -11.34 -33.66
N LEU K 166 -77.39 -11.20 -34.88
CA LEU K 166 -77.27 -9.98 -35.68
C LEU K 166 -78.64 -9.34 -35.80
N ASN K 167 -78.83 -8.22 -35.10
CA ASN K 167 -80.08 -7.48 -35.18
C ASN K 167 -80.14 -6.55 -36.38
N ARG K 168 -79.03 -6.35 -37.08
CA ARG K 168 -79.02 -5.62 -38.34
C ARG K 168 -77.97 -6.26 -39.24
N SER K 169 -78.38 -6.70 -40.43
CA SER K 169 -77.46 -7.41 -41.29
C SER K 169 -77.91 -7.29 -42.74
N GLN K 170 -76.97 -7.59 -43.64
CA GLN K 170 -77.21 -7.57 -45.07
C GLN K 170 -76.15 -8.47 -45.71
N PRO K 171 -76.31 -8.79 -47.01
CA PRO K 171 -75.33 -9.70 -47.63
C PRO K 171 -73.89 -9.21 -47.55
N MET K 172 -73.68 -7.90 -47.56
CA MET K 172 -72.32 -7.38 -47.52
C MET K 172 -71.67 -7.59 -46.16
N HIS K 173 -72.44 -7.49 -45.08
CA HIS K 173 -71.94 -7.57 -43.71
C HIS K 173 -70.95 -6.45 -43.39
N ASP K 174 -71.07 -5.30 -44.05
CA ASP K 174 -70.23 -4.14 -43.76
C ASP K 174 -70.85 -3.19 -42.75
N ASN K 175 -72.07 -3.46 -42.29
CA ASN K 175 -72.75 -2.60 -41.32
C ASN K 175 -73.64 -3.51 -40.50
N LEU K 176 -73.13 -3.93 -39.35
CA LEU K 176 -73.80 -4.89 -38.49
C LEU K 176 -74.06 -4.28 -37.12
N MET K 177 -74.93 -4.95 -36.38
CA MET K 177 -75.19 -4.62 -35.00
C MET K 177 -75.74 -5.87 -34.35
N GLY K 178 -75.38 -6.08 -33.10
CA GLY K 178 -75.89 -7.26 -32.43
C GLY K 178 -75.02 -7.61 -31.24
N THR K 179 -75.00 -8.90 -30.92
CA THR K 179 -74.21 -9.40 -29.81
C THR K 179 -73.51 -10.68 -30.22
N MET K 180 -72.46 -11.00 -29.49
CA MET K 180 -71.73 -12.25 -29.65
C MET K 180 -71.30 -12.69 -28.26
N TRP K 181 -71.59 -13.94 -27.93
CA TRP K 181 -71.44 -14.41 -26.56
C TRP K 181 -70.78 -15.77 -26.51
N LEU K 182 -70.07 -16.00 -25.41
CA LEU K 182 -69.55 -17.28 -25.01
C LEU K 182 -70.05 -17.59 -23.61
N ASN K 183 -70.75 -18.71 -23.45
CA ASN K 183 -71.05 -19.26 -22.13
C ASN K 183 -70.28 -20.56 -22.00
N ALA K 184 -69.35 -20.61 -21.05
CA ALA K 184 -68.47 -21.77 -20.92
C ALA K 184 -68.17 -22.02 -19.46
N GLY K 185 -68.53 -23.18 -18.96
CA GLY K 185 -68.28 -23.49 -17.57
C GLY K 185 -68.94 -22.52 -16.64
N SER K 186 -68.15 -21.67 -15.97
CA SER K 186 -68.64 -20.67 -15.04
C SER K 186 -68.50 -19.26 -15.59
N GLU K 187 -68.37 -19.12 -16.90
CA GLU K 187 -67.93 -17.89 -17.54
C GLU K 187 -69.01 -17.45 -18.52
N ILE K 188 -69.37 -16.18 -18.47
CA ILE K 188 -70.17 -15.55 -19.51
C ILE K 188 -69.40 -14.34 -20.03
N GLN K 189 -69.04 -14.37 -21.30
CA GLN K 189 -68.41 -13.24 -21.96
C GLN K 189 -69.34 -12.82 -23.07
N VAL K 190 -70.00 -11.67 -22.91
CA VAL K 190 -70.99 -11.20 -23.87
C VAL K 190 -70.54 -9.83 -24.35
N ALA K 191 -70.49 -9.66 -25.67
CA ALA K 191 -70.06 -8.40 -26.27
C ALA K 191 -71.11 -7.95 -27.26
N GLY K 192 -71.72 -6.81 -26.98
CA GLY K 192 -72.49 -6.14 -27.99
C GLY K 192 -71.58 -5.34 -28.91
N PHE K 193 -71.99 -5.20 -30.15
CA PHE K 193 -71.19 -4.46 -31.12
C PHE K 193 -72.11 -3.76 -32.11
N ASP K 194 -71.65 -2.61 -32.57
CA ASP K 194 -72.34 -1.80 -33.55
C ASP K 194 -71.29 -1.24 -34.49
N TYR K 195 -71.48 -1.43 -35.79
CA TYR K 195 -70.48 -0.95 -36.73
C TYR K 195 -70.54 0.55 -36.88
N SER K 196 -71.73 1.14 -36.80
CA SER K 196 -71.90 2.57 -37.01
C SER K 196 -71.62 3.39 -35.77
N CYS K 197 -71.32 2.76 -34.64
CA CYS K 197 -71.12 3.47 -33.37
C CYS K 197 -72.33 4.32 -33.03
N ALA K 198 -73.52 3.81 -33.33
CA ALA K 198 -74.77 4.45 -32.97
C ALA K 198 -74.87 5.86 -33.53
N LEU K 199 -74.89 5.95 -34.86
CA LEU K 199 -75.16 7.21 -35.52
C LEU K 199 -76.66 7.47 -35.60
N ASN K 200 -77.37 6.63 -36.34
CA ASN K 200 -78.81 6.79 -36.49
C ASN K 200 -79.59 6.35 -35.26
N ALA K 201 -78.94 5.76 -34.26
CA ALA K 201 -79.63 5.27 -33.10
C ALA K 201 -80.24 6.44 -32.32
N PRO K 202 -81.28 6.21 -31.53
CA PRO K 202 -81.89 7.32 -30.77
C PRO K 202 -80.96 7.78 -29.66
N ALA K 203 -80.60 9.05 -29.71
CA ALA K 203 -79.70 9.67 -28.73
C ALA K 203 -78.29 9.10 -28.79
N ASN K 204 -77.94 8.40 -29.87
CA ASN K 204 -76.64 7.77 -30.01
C ASN K 204 -76.38 6.76 -28.90
N ILE K 205 -77.42 6.08 -28.47
CA ILE K 205 -77.36 5.00 -27.48
C ILE K 205 -77.93 3.75 -28.13
N GLN K 206 -77.16 2.68 -28.13
CA GLN K 206 -77.59 1.39 -28.65
C GLN K 206 -77.71 0.42 -27.49
N GLN K 207 -78.85 -0.22 -27.35
CA GLN K 207 -79.14 -1.10 -26.22
C GLN K 207 -78.87 -2.55 -26.61
N PHE K 208 -78.14 -3.26 -25.75
CA PHE K 208 -77.91 -4.68 -25.90
C PHE K 208 -78.41 -5.40 -24.65
N GLU K 209 -79.00 -6.58 -24.85
CA GLU K 209 -79.43 -7.41 -23.75
C GLU K 209 -79.06 -8.85 -24.06
N HIS K 210 -78.87 -9.63 -22.99
CA HIS K 210 -78.49 -11.04 -23.13
C HIS K 210 -79.09 -11.80 -21.97
N ILE K 211 -80.00 -12.72 -22.27
CA ILE K 211 -80.66 -13.55 -21.27
C ILE K 211 -79.97 -14.90 -21.24
N VAL K 212 -79.50 -15.32 -20.08
CA VAL K 212 -78.88 -16.63 -19.87
C VAL K 212 -79.77 -17.37 -18.89
N GLN K 213 -80.35 -18.47 -19.34
CA GLN K 213 -81.26 -19.28 -18.53
C GLN K 213 -80.48 -20.48 -18.01
N LEU K 214 -80.35 -20.57 -16.69
CA LEU K 214 -79.64 -21.71 -16.10
C LEU K 214 -80.53 -22.94 -16.07
N ARG K 215 -79.88 -24.11 -16.15
CA ARG K 215 -80.60 -25.36 -16.06
C ARG K 215 -80.98 -25.72 -14.63
N ARG K 216 -80.29 -25.14 -13.64
CA ARG K 216 -80.57 -25.38 -12.24
C ARG K 216 -80.37 -24.09 -11.48
N ALA K 217 -81.31 -23.77 -10.60
CA ALA K 217 -81.24 -22.49 -9.90
C ALA K 217 -80.12 -22.53 -8.87
N LEU K 218 -79.13 -21.67 -9.03
CA LEU K 218 -78.04 -21.57 -8.07
C LEU K 218 -78.50 -20.76 -6.86
N THR K 219 -77.62 -20.66 -5.87
CA THR K 219 -77.98 -20.06 -4.60
C THR K 219 -76.73 -19.51 -3.93
N THR K 220 -76.86 -18.31 -3.34
CA THR K 220 -75.79 -17.68 -2.56
C THR K 220 -74.49 -17.66 -3.33
N ALA K 221 -74.58 -17.33 -4.61
CA ALA K 221 -73.41 -17.33 -5.47
C ALA K 221 -72.65 -16.03 -5.37
N THR K 222 -71.34 -16.12 -5.51
CA THR K 222 -70.48 -14.95 -5.64
C THR K 222 -70.08 -14.84 -7.09
N ILE K 223 -70.34 -13.68 -7.69
CA ILE K 223 -70.17 -13.46 -9.12
C ILE K 223 -69.23 -12.28 -9.32
N THR K 224 -68.20 -12.48 -10.12
CA THR K 224 -67.25 -11.44 -10.44
C THR K 224 -67.60 -10.86 -11.80
N LEU K 225 -67.97 -9.59 -11.82
CA LEU K 225 -68.42 -8.90 -13.03
C LEU K 225 -67.38 -7.84 -13.37
N LEU K 226 -66.84 -7.91 -14.57
CA LEU K 226 -65.87 -6.96 -15.09
C LEU K 226 -66.34 -6.49 -16.45
N PRO K 227 -65.88 -5.33 -16.91
CA PRO K 227 -66.20 -4.92 -18.29
C PRO K 227 -65.17 -5.47 -19.27
N ASP K 228 -65.31 -5.14 -20.55
CA ASP K 228 -64.31 -5.47 -21.55
C ASP K 228 -64.10 -6.98 -21.66
N ALA K 229 -65.12 -7.66 -22.17
CA ALA K 229 -64.96 -9.04 -22.56
C ALA K 229 -63.82 -9.16 -23.56
N GLU K 230 -62.88 -10.06 -23.29
CA GLU K 230 -61.64 -10.10 -24.04
C GLU K 230 -61.71 -11.02 -25.26
N ARG K 231 -62.46 -12.12 -25.17
CA ARG K 231 -62.54 -13.02 -26.31
C ARG K 231 -63.12 -12.35 -27.53
N PHE K 232 -63.94 -11.32 -27.33
CA PHE K 232 -64.56 -10.61 -28.44
C PHE K 232 -64.04 -9.19 -28.46
N SER K 233 -62.72 -9.06 -28.30
CA SER K 233 -62.06 -7.76 -28.27
C SER K 233 -60.87 -7.69 -29.19
N PHE K 234 -60.71 -8.63 -30.12
CA PHE K 234 -59.63 -8.63 -31.09
C PHE K 234 -60.24 -8.98 -32.45
N PRO K 235 -59.59 -8.62 -33.55
CA PRO K 235 -60.23 -8.78 -34.85
C PRO K 235 -60.34 -10.24 -35.25
N ARG K 236 -61.52 -10.62 -35.72
CA ARG K 236 -61.81 -11.97 -36.16
C ARG K 236 -62.43 -11.95 -37.55
N VAL K 237 -62.55 -13.12 -38.14
CA VAL K 237 -63.40 -13.35 -39.31
C VAL K 237 -64.31 -14.52 -38.96
N ILE K 238 -65.61 -14.31 -39.07
CA ILE K 238 -66.62 -15.18 -38.48
C ILE K 238 -67.55 -15.65 -39.58
N ASN K 239 -67.85 -16.94 -39.60
CA ASN K 239 -68.78 -17.45 -40.58
C ASN K 239 -70.14 -16.77 -40.40
N SER K 240 -70.89 -16.70 -41.48
CA SER K 240 -72.24 -16.16 -41.39
C SER K 240 -73.12 -17.14 -40.61
N ALA K 241 -74.38 -16.77 -40.44
CA ALA K 241 -75.28 -17.62 -39.67
C ALA K 241 -75.45 -18.98 -40.32
N ASP K 242 -75.58 -19.01 -41.65
CA ASP K 242 -75.76 -20.24 -42.40
C ASP K 242 -74.46 -20.75 -43.02
N GLY K 243 -73.34 -20.11 -42.72
CA GLY K 243 -72.08 -20.56 -43.28
C GLY K 243 -71.88 -20.23 -44.74
N ALA K 244 -72.76 -19.44 -45.34
CA ALA K 244 -72.63 -19.13 -46.76
C ALA K 244 -71.32 -18.41 -47.05
N THR K 245 -71.00 -17.41 -46.23
CA THR K 245 -69.78 -16.63 -46.40
C THR K 245 -69.21 -16.36 -45.02
N THR K 246 -68.27 -15.41 -44.95
CA THR K 246 -67.72 -14.96 -43.69
C THR K 246 -67.69 -13.43 -43.68
N TRP K 247 -67.71 -12.87 -42.48
CA TRP K 247 -67.70 -11.42 -42.30
C TRP K 247 -66.61 -11.05 -41.32
N PHE K 248 -66.11 -9.84 -41.47
CA PHE K 248 -64.99 -9.34 -40.70
C PHE K 248 -65.50 -8.60 -39.47
N PHE K 249 -64.81 -8.78 -38.35
CA PHE K 249 -65.12 -8.08 -37.11
C PHE K 249 -63.83 -7.43 -36.62
N ASN K 250 -63.87 -6.12 -36.43
CA ASN K 250 -62.66 -5.31 -36.21
C ASN K 250 -62.92 -4.38 -35.04
N PRO K 251 -62.91 -4.91 -33.82
CA PRO K 251 -63.48 -4.18 -32.70
C PRO K 251 -62.56 -3.09 -32.17
N ILE K 252 -63.15 -1.94 -31.92
CA ILE K 252 -62.61 -0.90 -31.05
C ILE K 252 -63.58 -0.82 -29.89
N ILE K 253 -63.10 -1.00 -28.67
CA ILE K 253 -64.04 -1.12 -27.55
C ILE K 253 -64.25 0.23 -26.89
N LEU K 254 -65.51 0.58 -26.67
CA LEU K 254 -65.91 1.67 -25.82
C LEU K 254 -66.25 1.12 -24.45
N ARG K 255 -66.45 2.01 -23.52
CA ARG K 255 -66.87 1.62 -22.18
C ARG K 255 -68.35 1.24 -22.20
N PRO K 256 -68.77 0.16 -21.55
CA PRO K 256 -70.21 -0.11 -21.42
C PRO K 256 -70.81 0.76 -20.32
N ASN K 257 -71.81 1.56 -20.68
CA ASN K 257 -72.39 2.52 -19.76
C ASN K 257 -73.79 2.10 -19.33
N ASN K 258 -74.15 2.55 -18.13
CA ASN K 258 -75.36 2.14 -17.39
C ASN K 258 -75.66 0.65 -17.58
N VAL K 259 -74.62 -0.16 -17.37
CA VAL K 259 -74.81 -1.61 -17.32
C VAL K 259 -75.80 -1.95 -16.22
N GLU K 260 -76.70 -2.87 -16.53
CA GLU K 260 -77.66 -3.41 -15.57
C GLU K 260 -77.55 -4.92 -15.60
N VAL K 261 -77.40 -5.54 -14.44
CA VAL K 261 -77.29 -7.00 -14.34
C VAL K 261 -78.38 -7.47 -13.39
N GLU K 262 -79.28 -8.31 -13.90
CA GLU K 262 -80.42 -8.78 -13.13
C GLU K 262 -80.35 -10.27 -12.95
N PHE K 263 -80.52 -10.72 -11.71
CA PHE K 263 -80.60 -12.13 -11.38
C PHE K 263 -82.04 -12.43 -11.03
N LEU K 264 -82.67 -13.28 -11.84
CA LEU K 264 -84.09 -13.58 -11.74
C LEU K 264 -84.29 -15.02 -11.31
N LEU K 265 -85.35 -15.26 -10.55
CA LEU K 265 -85.82 -16.59 -10.21
C LEU K 265 -87.29 -16.65 -10.58
N ASN K 266 -87.64 -17.48 -11.55
CA ASN K 266 -89.02 -17.61 -12.00
C ASN K 266 -89.58 -16.27 -12.44
N GLY K 267 -88.76 -15.49 -13.15
CA GLY K 267 -89.22 -14.30 -13.82
C GLY K 267 -89.18 -13.03 -12.99
N GLN K 268 -89.08 -13.13 -11.67
CA GLN K 268 -89.09 -11.97 -10.80
C GLN K 268 -87.67 -11.62 -10.37
N ILE K 269 -87.37 -10.32 -10.37
CA ILE K 269 -85.99 -9.86 -10.22
C ILE K 269 -85.58 -10.05 -8.76
N ILE K 270 -84.80 -11.11 -8.51
CA ILE K 270 -84.30 -11.34 -7.16
C ILE K 270 -83.21 -10.33 -6.81
N ASN K 271 -82.36 -9.99 -7.77
CA ASN K 271 -81.32 -9.00 -7.53
C ASN K 271 -81.10 -8.18 -8.78
N THR K 272 -80.63 -6.96 -8.60
CA THR K 272 -80.32 -6.09 -9.72
C THR K 272 -79.21 -5.14 -9.31
N TYR K 273 -78.23 -4.97 -10.21
CA TYR K 273 -77.09 -4.10 -9.96
C TYR K 273 -76.89 -3.18 -11.14
N GLN K 274 -76.50 -1.94 -10.84
CA GLN K 274 -76.22 -0.93 -11.86
C GLN K 274 -74.81 -0.40 -11.66
N ALA K 275 -73.97 -0.55 -12.67
CA ALA K 275 -72.63 0.03 -12.68
C ALA K 275 -71.84 -0.37 -11.45
N ARG K 276 -71.87 -1.66 -11.15
CA ARG K 276 -71.30 -2.23 -9.93
C ARG K 276 -70.42 -3.40 -10.39
N PHE K 277 -69.18 -3.10 -10.70
CA PHE K 277 -68.23 -4.13 -11.13
C PHE K 277 -67.50 -4.68 -9.90
N GLY K 278 -66.63 -5.65 -10.13
CA GLY K 278 -66.02 -6.36 -9.03
C GLY K 278 -66.96 -7.41 -8.49
N THR K 279 -66.66 -7.88 -7.29
CA THR K 279 -67.46 -8.94 -6.69
C THR K 279 -68.88 -8.46 -6.41
N ILE K 280 -69.84 -9.33 -6.65
CA ILE K 280 -71.24 -9.10 -6.33
C ILE K 280 -71.82 -10.44 -5.90
N VAL K 281 -73.07 -10.42 -5.42
CA VAL K 281 -73.69 -11.61 -4.85
C VAL K 281 -75.03 -11.83 -5.52
N ALA K 282 -75.29 -13.07 -5.92
CA ALA K 282 -76.60 -13.49 -6.40
C ALA K 282 -77.25 -14.32 -5.31
N ARG K 283 -78.42 -13.87 -4.86
CA ARG K 283 -79.08 -14.51 -3.73
C ARG K 283 -79.59 -15.89 -4.09
N ASN K 284 -80.50 -15.96 -5.05
CA ASN K 284 -81.08 -17.23 -5.48
C ASN K 284 -81.69 -16.96 -6.84
N PHE K 285 -81.11 -17.52 -7.90
CA PHE K 285 -81.44 -17.09 -9.24
C PHE K 285 -81.39 -18.23 -10.23
N ASP K 286 -82.19 -18.08 -11.28
CA ASP K 286 -82.29 -19.02 -12.38
C ASP K 286 -81.99 -18.38 -13.73
N THR K 287 -81.83 -17.06 -13.78
CA THR K 287 -81.59 -16.37 -15.03
C THR K 287 -80.70 -15.16 -14.78
N ILE K 288 -79.74 -14.95 -15.66
CA ILE K 288 -78.88 -13.76 -15.63
C ILE K 288 -79.21 -12.94 -16.87
N ARG K 289 -79.71 -11.74 -16.66
CA ARG K 289 -80.06 -10.82 -17.74
C ARG K 289 -79.06 -9.68 -17.70
N LEU K 290 -78.14 -9.67 -18.67
CA LEU K 290 -77.11 -8.65 -18.76
C LEU K 290 -77.54 -7.64 -19.81
N SER K 291 -77.85 -6.44 -19.37
CA SER K 291 -78.22 -5.34 -20.24
C SER K 291 -77.12 -4.29 -20.18
N PHE K 292 -76.79 -3.70 -21.32
CA PHE K 292 -75.80 -2.64 -21.34
C PHE K 292 -76.04 -1.81 -22.58
N GLN K 293 -75.26 -0.74 -22.72
CA GLN K 293 -75.46 0.22 -23.78
C GLN K 293 -74.12 0.63 -24.38
N LEU K 294 -74.16 0.93 -25.66
CA LEU K 294 -73.04 1.54 -26.37
C LEU K 294 -73.43 2.98 -26.64
N MET K 295 -72.74 3.92 -26.02
CA MET K 295 -73.00 5.33 -26.18
C MET K 295 -71.90 5.93 -27.04
N ARG K 296 -72.29 6.54 -28.15
CA ARG K 296 -71.32 7.24 -28.96
C ARG K 296 -70.75 8.40 -28.15
N PRO K 297 -69.43 8.50 -27.98
CA PRO K 297 -68.88 9.54 -27.12
C PRO K 297 -69.18 10.91 -27.70
N PRO K 298 -69.72 11.84 -26.92
CA PRO K 298 -70.08 13.14 -27.51
C PRO K 298 -68.86 13.92 -27.97
N ASN K 299 -67.90 14.13 -27.06
CA ASN K 299 -66.64 14.76 -27.40
C ASN K 299 -65.67 13.71 -27.89
N MET K 300 -64.73 14.13 -28.73
CA MET K 300 -63.83 13.19 -29.37
C MET K 300 -62.58 13.91 -29.82
N THR K 301 -61.44 13.37 -29.48
CA THR K 301 -60.16 13.77 -30.04
C THR K 301 -60.21 13.49 -31.53
N PRO K 302 -59.43 14.20 -32.37
CA PRO K 302 -59.47 13.89 -33.81
C PRO K 302 -59.17 12.45 -34.17
N ALA K 303 -58.30 11.76 -33.43
CA ALA K 303 -58.04 10.36 -33.77
C ALA K 303 -59.28 9.51 -33.60
N VAL K 304 -59.91 9.58 -32.43
CA VAL K 304 -61.11 8.79 -32.20
C VAL K 304 -62.25 9.27 -33.08
N ASN K 305 -62.22 10.54 -33.49
CA ASN K 305 -63.23 11.03 -34.42
C ASN K 305 -63.03 10.44 -35.80
N ALA K 306 -61.78 10.36 -36.26
CA ALA K 306 -61.50 9.74 -37.54
C ALA K 306 -61.87 8.28 -37.53
N LEU K 307 -61.86 7.65 -36.36
CA LEU K 307 -62.27 6.25 -36.29
C LEU K 307 -63.72 6.06 -36.75
N PHE K 308 -64.61 6.95 -36.32
CA PHE K 308 -66.06 6.79 -36.49
C PHE K 308 -66.62 7.88 -37.39
N PRO K 309 -66.60 7.70 -38.71
CA PRO K 309 -67.17 8.71 -39.59
C PRO K 309 -68.67 8.53 -39.73
N GLN K 310 -69.32 9.55 -40.30
CA GLN K 310 -70.75 9.50 -40.55
C GLN K 310 -71.10 8.78 -41.84
N ALA K 311 -70.13 8.52 -42.70
CA ALA K 311 -70.38 7.84 -43.97
C ALA K 311 -70.50 6.34 -43.71
N GLN K 312 -70.52 5.54 -44.77
CA GLN K 312 -70.69 4.10 -44.68
C GLN K 312 -69.46 3.26 -44.35
N PRO K 313 -68.24 3.58 -44.83
CA PRO K 313 -67.21 2.51 -44.94
C PRO K 313 -66.91 1.74 -43.66
N PHE K 314 -66.85 2.42 -42.51
CA PHE K 314 -66.85 1.77 -41.20
C PHE K 314 -65.76 0.69 -41.09
N GLN K 315 -64.52 1.13 -41.16
CA GLN K 315 -63.38 0.22 -41.04
C GLN K 315 -63.10 -0.19 -39.59
N HIS K 316 -63.78 0.40 -38.62
CA HIS K 316 -63.59 0.10 -37.20
C HIS K 316 -64.96 -0.02 -36.56
N HIS K 317 -65.19 -1.07 -35.78
CA HIS K 317 -66.52 -1.42 -35.29
C HIS K 317 -66.57 -1.28 -33.78
N ALA K 318 -67.49 -0.46 -33.28
CA ALA K 318 -67.53 -0.21 -31.85
C ALA K 318 -68.07 -1.42 -31.11
N THR K 319 -67.51 -1.67 -29.93
CA THR K 319 -67.87 -2.86 -29.16
C THR K 319 -67.92 -2.51 -27.67
N VAL K 320 -68.80 -3.17 -26.93
CA VAL K 320 -68.83 -3.06 -25.48
C VAL K 320 -69.10 -4.44 -24.91
N GLY K 321 -68.33 -4.83 -23.91
CA GLY K 321 -68.33 -6.20 -23.43
C GLY K 321 -68.57 -6.30 -21.92
N LEU K 322 -68.89 -7.50 -21.50
CA LEU K 322 -69.02 -7.86 -20.10
C LEU K 322 -68.45 -9.26 -19.89
N THR K 323 -67.78 -9.44 -18.75
CA THR K 323 -67.19 -10.69 -18.33
C THR K 323 -67.77 -11.03 -16.97
N LEU K 324 -68.21 -12.27 -16.81
CA LEU K 324 -68.95 -12.67 -15.60
C LEU K 324 -68.53 -14.07 -15.19
N ARG K 325 -67.75 -14.16 -14.13
CA ARG K 325 -67.38 -15.44 -13.54
C ARG K 325 -68.31 -15.74 -12.38
N ILE K 326 -68.61 -17.02 -12.19
CA ILE K 326 -69.29 -17.47 -10.99
C ILE K 326 -68.27 -18.17 -10.12
N GLU K 327 -67.69 -17.43 -9.17
CA GLU K 327 -66.57 -17.97 -8.41
C GLU K 327 -67.02 -19.09 -7.47
N SER K 328 -68.18 -18.94 -6.86
CA SER K 328 -68.72 -19.96 -5.97
C SER K 328 -70.22 -19.99 -6.11
N ALA K 329 -70.83 -21.08 -5.68
CA ALA K 329 -72.28 -21.19 -5.77
C ALA K 329 -72.75 -22.30 -4.86
N VAL K 330 -74.06 -22.42 -4.74
CA VAL K 330 -74.70 -23.51 -4.01
C VAL K 330 -75.91 -23.94 -4.81
N CYS K 331 -76.07 -25.24 -5.01
CA CYS K 331 -77.13 -25.76 -5.85
C CYS K 331 -77.75 -26.98 -5.19
N GLU K 332 -79.05 -27.16 -5.40
CA GLU K 332 -79.72 -28.34 -4.86
C GLU K 332 -79.20 -29.60 -5.52
N SER K 333 -78.96 -29.56 -6.82
CA SER K 333 -78.54 -30.72 -7.59
C SER K 333 -77.05 -30.68 -7.87
N VAL K 334 -76.51 -31.85 -8.16
CA VAL K 334 -75.07 -32.04 -8.25
C VAL K 334 -74.57 -31.60 -9.63
N LEU K 335 -73.38 -31.01 -9.66
CA LEU K 335 -72.78 -30.49 -10.88
C LEU K 335 -71.29 -30.77 -10.88
N ALA K 336 -70.66 -30.54 -12.02
CA ALA K 336 -69.21 -30.58 -12.11
C ALA K 336 -68.63 -29.29 -11.56
N ASP K 337 -67.34 -29.32 -11.24
CA ASP K 337 -66.71 -28.25 -10.49
C ASP K 337 -65.29 -28.05 -11.01
N ALA K 338 -64.53 -27.24 -10.28
CA ALA K 338 -63.09 -27.26 -10.36
C ALA K 338 -62.52 -28.16 -9.27
N ASN K 339 -62.87 -27.91 -8.01
CA ASN K 339 -62.30 -28.68 -6.91
C ASN K 339 -62.61 -30.16 -7.05
N GLU K 340 -63.89 -30.50 -7.20
CA GLU K 340 -64.29 -31.90 -7.21
C GLU K 340 -63.76 -32.61 -8.46
N THR K 341 -63.56 -33.92 -8.32
CA THR K 341 -63.10 -34.78 -9.40
C THR K 341 -64.08 -35.92 -9.64
N LEU K 342 -65.35 -35.72 -9.29
CA LEU K 342 -66.31 -36.81 -9.38
C LEU K 342 -66.67 -37.12 -10.82
N LEU K 343 -66.89 -36.08 -11.63
CA LEU K 343 -67.14 -36.30 -13.05
C LEU K 343 -65.94 -36.99 -13.69
N ALA K 344 -64.73 -36.56 -13.35
CA ALA K 344 -63.54 -37.21 -13.89
C ALA K 344 -63.51 -38.67 -13.49
N ASN K 345 -63.81 -38.99 -12.24
CA ASN K 345 -63.79 -40.38 -11.81
C ASN K 345 -64.80 -41.20 -12.61
N VAL K 346 -66.02 -40.70 -12.75
CA VAL K 346 -67.05 -41.50 -13.39
C VAL K 346 -66.71 -41.72 -14.86
N THR K 347 -66.33 -40.67 -15.57
CA THR K 347 -66.00 -40.83 -16.97
C THR K 347 -64.76 -41.67 -17.17
N ALA K 348 -63.79 -41.58 -16.25
CA ALA K 348 -62.61 -42.42 -16.37
C ALA K 348 -62.97 -43.88 -16.21
N VAL K 349 -63.84 -44.21 -15.24
CA VAL K 349 -64.23 -45.60 -15.09
C VAL K 349 -65.02 -46.06 -16.30
N ARG K 350 -65.80 -45.17 -16.90
CA ARG K 350 -66.49 -45.53 -18.14
C ARG K 350 -65.50 -45.86 -19.25
N GLN K 351 -64.51 -44.99 -19.46
CA GLN K 351 -63.62 -45.14 -20.61
C GLN K 351 -62.65 -46.31 -20.42
N GLU K 352 -62.18 -46.53 -19.20
CA GLU K 352 -61.25 -47.64 -18.95
C GLU K 352 -61.83 -48.97 -19.41
N TYR K 353 -63.13 -49.14 -19.28
CA TYR K 353 -63.76 -50.42 -19.56
C TYR K 353 -64.67 -50.39 -20.77
N ALA K 354 -64.79 -49.26 -21.46
CA ALA K 354 -65.55 -49.20 -22.71
C ALA K 354 -66.98 -49.66 -22.50
N ILE K 355 -67.63 -49.08 -21.51
CA ILE K 355 -69.01 -49.47 -21.22
C ILE K 355 -69.89 -49.08 -22.39
N PRO K 356 -70.80 -49.93 -22.86
CA PRO K 356 -71.71 -49.50 -23.93
C PRO K 356 -72.57 -48.35 -23.45
N VAL K 357 -72.85 -47.42 -24.37
CA VAL K 357 -73.62 -46.23 -24.00
C VAL K 357 -74.98 -46.65 -23.46
N GLY K 358 -75.30 -46.18 -22.26
CA GLY K 358 -76.49 -46.60 -21.58
C GLY K 358 -77.70 -45.80 -22.00
N PRO K 359 -78.85 -46.12 -21.42
CA PRO K 359 -80.08 -45.38 -21.77
C PRO K 359 -80.03 -43.89 -21.50
N VAL K 360 -79.40 -43.45 -20.40
CA VAL K 360 -79.63 -42.09 -19.91
C VAL K 360 -78.52 -41.13 -20.33
N PHE K 361 -77.28 -41.42 -19.97
CA PHE K 361 -76.24 -40.43 -20.18
C PHE K 361 -75.89 -40.33 -21.66
N PRO K 362 -75.33 -39.20 -22.10
CA PRO K 362 -75.01 -39.04 -23.51
C PRO K 362 -73.80 -39.89 -23.87
N PRO K 363 -73.52 -40.08 -25.17
CA PRO K 363 -72.36 -40.88 -25.56
C PRO K 363 -71.08 -40.20 -25.11
N GLY K 364 -70.23 -40.96 -24.42
CA GLY K 364 -69.01 -40.43 -23.87
C GLY K 364 -69.18 -39.68 -22.58
N MET K 365 -70.41 -39.40 -22.16
CA MET K 365 -70.72 -38.68 -20.93
C MET K 365 -69.95 -37.37 -20.88
N ASN K 366 -70.27 -36.50 -21.83
CA ASN K 366 -69.68 -35.17 -21.91
C ASN K 366 -70.62 -34.17 -21.27
N TRP K 367 -70.05 -33.25 -20.50
CA TRP K 367 -70.86 -32.41 -19.63
C TRP K 367 -71.75 -31.46 -20.42
N THR K 368 -71.34 -31.03 -21.61
CA THR K 368 -72.17 -30.08 -22.34
C THR K 368 -73.50 -30.72 -22.73
N GLU K 369 -73.45 -31.89 -23.37
CA GLU K 369 -74.70 -32.58 -23.68
C GLU K 369 -75.39 -33.10 -22.42
N LEU K 370 -74.66 -33.29 -21.32
CA LEU K 370 -75.32 -33.75 -20.12
C LEU K 370 -76.10 -32.64 -19.45
N ILE K 371 -75.56 -31.42 -19.45
CA ILE K 371 -76.18 -30.31 -18.74
C ILE K 371 -77.18 -29.57 -19.62
N THR K 372 -77.03 -29.63 -20.95
CA THR K 372 -78.00 -28.96 -21.81
C THR K 372 -79.39 -29.55 -21.62
N ASN K 373 -79.47 -30.87 -21.50
CA ASN K 373 -80.70 -31.58 -21.15
C ASN K 373 -80.43 -32.33 -19.85
N TYR K 374 -81.02 -31.86 -18.77
CA TYR K 374 -80.65 -32.30 -17.42
C TYR K 374 -81.89 -32.82 -16.70
N SER K 375 -82.60 -33.73 -17.36
CA SER K 375 -83.90 -34.18 -16.90
C SER K 375 -83.81 -34.78 -15.50
N PRO K 376 -84.95 -34.95 -14.82
CA PRO K 376 -84.91 -35.55 -13.48
C PRO K 376 -84.29 -36.92 -13.42
N SER K 377 -84.53 -37.78 -14.41
CA SER K 377 -83.92 -39.10 -14.39
C SER K 377 -82.41 -39.00 -14.51
N ARG K 378 -81.94 -38.14 -15.41
CA ARG K 378 -80.51 -37.94 -15.55
C ARG K 378 -79.92 -37.41 -14.25
N GLU K 379 -80.63 -36.49 -13.58
CA GLU K 379 -80.14 -35.97 -12.32
C GLU K 379 -80.10 -37.04 -11.24
N ASP K 380 -81.10 -37.91 -11.21
CA ASP K 380 -81.10 -39.01 -10.24
C ASP K 380 -79.87 -39.89 -10.44
N ASN K 381 -79.66 -40.35 -11.68
CA ASN K 381 -78.50 -41.19 -11.95
C ASN K 381 -77.21 -40.44 -11.67
N LEU K 382 -77.20 -39.13 -11.91
CA LEU K 382 -75.98 -38.38 -11.68
C LEU K 382 -75.66 -38.30 -10.20
N GLN K 383 -76.65 -38.08 -9.34
CA GLN K 383 -76.36 -38.11 -7.91
C GLN K 383 -75.88 -39.48 -7.49
N ARG K 384 -76.51 -40.55 -8.00
CA ARG K 384 -76.08 -41.87 -7.59
C ARG K 384 -74.62 -42.11 -7.95
N VAL K 385 -74.26 -41.88 -9.22
CA VAL K 385 -72.89 -42.16 -9.64
C VAL K 385 -71.92 -41.21 -8.97
N PHE K 386 -72.30 -39.96 -8.75
CA PHE K 386 -71.39 -39.02 -8.11
C PHE K 386 -71.14 -39.40 -6.65
N THR K 387 -72.17 -39.82 -5.93
CA THR K 387 -71.96 -40.23 -4.55
C THR K 387 -71.16 -41.52 -4.48
N VAL K 388 -71.35 -42.43 -5.43
CA VAL K 388 -70.48 -43.61 -5.45
C VAL K 388 -69.04 -43.18 -5.73
N ALA K 389 -68.86 -42.23 -6.63
CA ALA K 389 -67.51 -41.78 -6.95
C ALA K 389 -66.86 -41.13 -5.75
N SER K 390 -67.64 -40.41 -4.96
CA SER K 390 -67.12 -39.82 -3.73
C SER K 390 -66.73 -40.91 -2.74
N ILE K 391 -67.57 -41.93 -2.59
CA ILE K 391 -67.23 -43.06 -1.73
C ILE K 391 -65.91 -43.68 -2.18
N ARG K 392 -65.78 -43.89 -3.49
CA ARG K 392 -64.57 -44.51 -4.02
C ARG K 392 -63.36 -43.64 -3.73
N SER K 393 -63.44 -42.36 -4.07
CA SER K 393 -62.33 -41.45 -3.83
C SER K 393 -61.99 -41.33 -2.35
N MET K 394 -62.90 -41.71 -1.46
CA MET K 394 -62.54 -41.79 -0.06
C MET K 394 -61.37 -42.74 0.17
N LEU K 395 -61.20 -43.75 -0.68
CA LEU K 395 -60.18 -44.78 -0.52
C LEU K 395 -59.17 -44.79 -1.65
N ILE K 396 -59.61 -44.87 -2.89
CA ILE K 396 -58.76 -45.05 -4.06
C ILE K 396 -58.63 -43.70 -4.75
N LYS K 397 -57.54 -42.99 -4.48
CA LYS K 397 -57.23 -41.77 -5.20
C LYS K 397 -56.21 -42.07 -6.27
N MET L 1 -70.17 -16.95 21.79
CA MET L 1 -70.82 -17.61 20.62
C MET L 1 -70.15 -18.92 20.28
N GLU L 2 -69.05 -19.23 20.96
CA GLU L 2 -68.52 -20.59 20.90
C GLU L 2 -69.57 -21.59 21.34
N VAL L 3 -70.44 -21.20 22.25
CA VAL L 3 -71.56 -22.07 22.61
C VAL L 3 -72.49 -22.26 21.42
N LEU L 4 -72.73 -21.20 20.64
CA LEU L 4 -73.56 -21.34 19.45
C LEU L 4 -72.92 -22.30 18.45
N TYR L 5 -71.62 -22.15 18.23
CA TYR L 5 -70.93 -23.07 17.34
C TYR L 5 -71.02 -24.49 17.86
N SER L 6 -70.94 -24.67 19.17
CA SER L 6 -71.04 -26.00 19.74
C SER L 6 -72.42 -26.59 19.54
N LEU L 7 -73.46 -25.77 19.68
CA LEU L 7 -74.80 -26.25 19.36
C LEU L 7 -74.88 -26.72 17.92
N SER L 8 -74.33 -25.92 17.00
CA SER L 8 -74.39 -26.31 15.60
C SER L 8 -73.61 -27.59 15.36
N LYS L 9 -72.42 -27.71 15.96
CA LYS L 9 -71.61 -28.90 15.77
C LYS L 9 -72.32 -30.14 16.29
N THR L 10 -72.92 -30.05 17.48
CA THR L 10 -73.56 -31.24 18.03
C THR L 10 -74.83 -31.58 17.28
N LEU L 11 -75.57 -30.59 16.76
CA LEU L 11 -76.72 -30.94 15.95
C LEU L 11 -76.30 -31.60 14.65
N LYS L 12 -75.24 -31.10 14.01
CA LYS L 12 -74.74 -31.76 12.80
C LYS L 12 -74.28 -33.18 13.11
N ASP L 13 -73.57 -33.36 14.22
CA ASP L 13 -73.14 -34.69 14.61
C ASP L 13 -74.33 -35.59 14.89
N ALA L 14 -75.37 -35.05 15.51
CA ALA L 14 -76.54 -35.87 15.78
C ALA L 14 -77.24 -36.27 14.49
N ARG L 15 -77.33 -35.35 13.53
CA ARG L 15 -77.96 -35.68 12.27
C ARG L 15 -77.17 -36.69 11.48
N ASP L 16 -75.84 -36.69 11.66
CA ASP L 16 -74.98 -37.58 10.87
C ASP L 16 -74.72 -38.93 11.53
N LYS L 17 -74.46 -38.97 12.83
CA LYS L 17 -74.04 -40.19 13.51
C LYS L 17 -75.19 -41.01 14.04
N ILE L 18 -76.33 -40.38 14.35
CA ILE L 18 -77.47 -41.12 14.86
C ILE L 18 -78.27 -41.61 13.67
N VAL L 19 -77.88 -42.77 13.11
CA VAL L 19 -78.54 -43.38 11.97
C VAL L 19 -78.83 -44.83 12.34
N GLU L 20 -79.88 -45.37 11.74
CA GLU L 20 -80.41 -46.64 12.21
C GLU L 20 -79.42 -47.77 12.00
N GLY L 21 -79.35 -48.66 12.98
CA GLY L 21 -78.47 -49.80 12.94
C GLY L 21 -77.06 -49.53 13.43
N THR L 22 -76.68 -48.28 13.61
CA THR L 22 -75.32 -47.99 14.05
C THR L 22 -75.11 -48.49 15.47
N LEU L 23 -73.92 -49.02 15.73
CA LEU L 23 -73.60 -49.51 17.06
C LEU L 23 -73.72 -48.38 18.06
N TYR L 24 -74.21 -48.72 19.26
CA TYR L 24 -74.29 -47.69 20.29
C TYR L 24 -72.93 -47.14 20.66
N SER L 25 -71.86 -47.90 20.46
CA SER L 25 -70.55 -47.39 20.82
C SER L 25 -70.13 -46.25 19.92
N ASN L 26 -70.61 -46.22 18.68
CA ASN L 26 -70.25 -45.13 17.78
C ASN L 26 -70.84 -43.81 18.20
N VAL L 27 -71.90 -43.81 19.01
CA VAL L 27 -72.62 -42.59 19.33
C VAL L 27 -72.86 -42.44 20.82
N SER L 28 -72.19 -43.24 21.65
CA SER L 28 -72.39 -43.10 23.09
C SER L 28 -72.00 -41.72 23.58
N ASP L 29 -70.79 -41.27 23.23
CA ASP L 29 -70.35 -39.96 23.68
C ASP L 29 -71.21 -38.86 23.09
N LEU L 30 -71.63 -39.01 21.84
CA LEU L 30 -72.48 -38.00 21.23
C LEU L 30 -73.84 -37.94 21.91
N ILE L 31 -74.38 -39.10 22.31
CA ILE L 31 -75.63 -39.11 23.03
C ILE L 31 -75.46 -38.41 24.36
N GLN L 32 -74.33 -38.64 25.03
CA GLN L 32 -74.08 -37.96 26.30
C GLN L 32 -74.04 -36.45 26.12
N GLN L 33 -73.33 -35.99 25.10
CA GLN L 33 -73.30 -34.57 24.79
C GLN L 33 -74.69 -34.04 24.49
N PHE L 34 -75.47 -34.78 23.72
CA PHE L 34 -76.71 -34.23 23.24
C PHE L 34 -77.68 -34.13 24.41
N ASN L 35 -77.61 -35.08 25.34
CA ASN L 35 -78.39 -35.00 26.57
C ASN L 35 -77.95 -33.85 27.45
N GLN L 36 -76.63 -33.61 27.53
CA GLN L 36 -76.16 -32.41 28.22
C GLN L 36 -76.81 -31.17 27.61
N MET L 37 -76.85 -31.11 26.29
CA MET L 37 -77.41 -29.96 25.61
C MET L 37 -78.90 -29.82 25.93
N ILE L 38 -79.62 -30.94 25.92
CA ILE L 38 -81.05 -30.91 26.18
C ILE L 38 -81.32 -30.44 27.60
N VAL L 39 -80.60 -31.00 28.57
CA VAL L 39 -80.80 -30.62 29.96
C VAL L 39 -80.48 -29.15 30.15
N THR L 40 -79.42 -28.67 29.50
CA THR L 40 -79.06 -27.26 29.63
C THR L 40 -80.10 -26.34 29.03
N MET L 41 -80.65 -26.71 27.88
CA MET L 41 -81.59 -25.85 27.18
C MET L 41 -83.03 -25.99 27.67
N ASN L 42 -83.34 -27.01 28.45
CA ASN L 42 -84.71 -27.21 28.89
C ASN L 42 -85.14 -26.11 29.85
N GLY L 43 -86.37 -25.63 29.67
CA GLY L 43 -86.90 -24.60 30.55
C GLY L 43 -86.36 -23.22 30.31
N ASN L 44 -85.66 -22.99 29.20
CA ASN L 44 -85.16 -21.68 28.84
C ASN L 44 -85.88 -21.21 27.58
N ASP L 45 -86.30 -19.96 27.57
CA ASP L 45 -87.09 -19.39 26.49
C ASP L 45 -86.24 -18.36 25.75
N PHE L 46 -86.29 -18.40 24.42
CA PHE L 46 -85.51 -17.51 23.58
C PHE L 46 -86.43 -16.73 22.67
N GLN L 47 -86.00 -15.52 22.33
CA GLN L 47 -86.70 -14.65 21.40
C GLN L 47 -85.73 -14.26 20.31
N THR L 48 -86.15 -14.40 19.06
CA THR L 48 -85.28 -14.18 17.92
C THR L 48 -86.00 -13.30 16.90
N GLY L 49 -85.22 -12.51 16.17
CA GLY L 49 -85.76 -11.69 15.12
C GLY L 49 -86.29 -10.37 15.62
N GLY L 50 -86.98 -9.68 14.71
CA GLY L 50 -87.55 -8.39 14.97
C GLY L 50 -86.84 -7.23 14.31
N ILE L 51 -85.92 -7.48 13.39
CA ILE L 51 -85.20 -6.43 12.67
C ILE L 51 -85.47 -6.62 11.19
N GLY L 52 -85.84 -5.53 10.51
CA GLY L 52 -86.24 -5.64 9.12
C GLY L 52 -87.47 -6.50 8.99
N ASN L 53 -87.50 -7.32 7.94
CA ASN L 53 -88.59 -8.26 7.72
C ASN L 53 -88.37 -9.60 8.40
N LEU L 54 -87.30 -9.75 9.16
CA LEU L 54 -87.08 -10.98 9.89
C LEU L 54 -88.15 -11.10 10.98
N PRO L 55 -88.97 -12.15 10.97
CA PRO L 55 -90.10 -12.17 11.90
C PRO L 55 -89.66 -12.48 13.32
N ILE L 56 -90.49 -12.09 14.27
CA ILE L 56 -90.25 -12.38 15.67
C ILE L 56 -90.69 -13.81 15.95
N ARG L 57 -89.80 -14.59 16.55
CA ARG L 57 -90.07 -15.99 16.86
C ARG L 57 -89.72 -16.26 18.31
N ASN L 58 -90.44 -17.19 18.90
CA ASN L 58 -90.26 -17.58 20.29
C ASN L 58 -89.97 -19.07 20.35
N TRP L 59 -88.92 -19.44 21.08
CA TRP L 59 -88.45 -20.81 21.18
C TRP L 59 -88.55 -21.26 22.63
N THR L 60 -89.18 -22.41 22.85
CA THR L 60 -89.26 -23.03 24.17
C THR L 60 -88.87 -24.49 24.02
N PHE L 61 -87.96 -24.95 24.89
CA PHE L 61 -87.43 -26.30 24.82
C PHE L 61 -87.91 -27.09 26.03
N ASP L 62 -88.67 -28.14 25.78
CA ASP L 62 -88.89 -29.19 26.78
C ASP L 62 -88.86 -30.51 26.01
N PHE L 63 -87.67 -31.08 25.87
CA PHE L 63 -87.45 -32.26 25.05
C PHE L 63 -86.94 -33.40 25.91
N GLY L 64 -87.47 -34.59 25.68
CA GLY L 64 -87.01 -35.75 26.42
C GLY L 64 -85.62 -36.17 26.00
N LEU L 65 -84.94 -36.87 26.90
CA LEU L 65 -83.60 -37.34 26.62
C LEU L 65 -83.66 -38.59 25.75
N LEU L 66 -82.55 -38.89 25.08
CA LEU L 66 -82.41 -40.13 24.36
C LEU L 66 -81.88 -41.21 25.28
N GLY L 67 -82.47 -42.39 25.20
CA GLY L 67 -82.03 -43.49 26.02
C GLY L 67 -80.62 -43.89 25.70
N THR L 68 -80.10 -44.80 26.53
CA THR L 68 -78.76 -45.34 26.37
C THR L 68 -78.73 -46.85 26.51
N THR L 69 -79.84 -47.50 26.85
CA THR L 69 -79.87 -48.93 27.12
C THR L 69 -80.15 -49.76 25.88
N LEU L 70 -79.91 -49.19 24.70
CA LEU L 70 -80.12 -49.89 23.44
C LEU L 70 -78.77 -50.30 22.90
N LEU L 71 -78.57 -51.60 22.71
CA LEU L 71 -77.28 -52.10 22.26
C LEU L 71 -76.98 -51.65 20.84
N ASN L 72 -78.00 -51.40 20.05
CA ASN L 72 -77.79 -51.07 18.63
C ASN L 72 -79.00 -50.29 18.13
N LEU L 73 -78.75 -49.08 17.63
CA LEU L 73 -79.84 -48.16 17.30
C LEU L 73 -80.76 -48.74 16.23
N ASP L 74 -82.05 -48.47 16.37
CA ASP L 74 -83.06 -48.90 15.40
C ASP L 74 -83.85 -47.68 14.92
N ALA L 75 -84.92 -47.93 14.17
CA ALA L 75 -85.57 -46.84 13.43
C ALA L 75 -86.23 -45.84 14.38
N ASN L 76 -86.98 -46.32 15.37
CA ASN L 76 -87.75 -45.42 16.22
C ASN L 76 -86.86 -44.47 16.98
N TYR L 77 -85.74 -44.97 17.50
CA TYR L 77 -84.76 -44.11 18.17
C TYR L 77 -84.37 -42.95 17.28
N VAL L 78 -84.03 -43.25 16.03
CA VAL L 78 -83.66 -42.20 15.09
C VAL L 78 -84.84 -41.26 14.85
N GLU L 79 -86.06 -41.79 14.86
CA GLU L 79 -87.21 -40.94 14.59
C GLU L 79 -87.39 -39.89 15.68
N THR L 80 -87.33 -40.31 16.94
CA THR L 80 -87.43 -39.33 18.03
C THR L 80 -86.27 -38.35 17.99
N ALA L 81 -85.06 -38.87 17.75
CA ALA L 81 -83.90 -38.00 17.69
C ALA L 81 -84.07 -36.94 16.62
N ARG L 82 -84.58 -37.31 15.45
CA ARG L 82 -84.71 -36.37 14.35
C ARG L 82 -85.86 -35.41 14.58
N THR L 83 -86.91 -35.84 15.28
CA THR L 83 -87.96 -34.92 15.70
C THR L 83 -87.37 -33.79 16.54
N THR L 84 -86.46 -34.13 17.46
CA THR L 84 -85.82 -33.07 18.25
C THR L 84 -84.84 -32.26 17.41
N ILE L 85 -84.09 -32.94 16.54
CA ILE L 85 -82.99 -32.30 15.83
C ILE L 85 -83.52 -31.27 14.84
N GLU L 86 -84.66 -31.55 14.21
CA GLU L 86 -85.22 -30.58 13.27
C GLU L 86 -85.54 -29.28 13.96
N TYR L 87 -86.17 -29.37 15.14
CA TYR L 87 -86.48 -28.16 15.90
C TYR L 87 -85.21 -27.42 16.30
N PHE L 88 -84.20 -28.16 16.78
CA PHE L 88 -82.98 -27.50 17.19
C PHE L 88 -82.29 -26.82 16.03
N ILE L 89 -82.30 -27.46 14.85
CA ILE L 89 -81.68 -26.84 13.68
C ILE L 89 -82.45 -25.60 13.26
N ASP L 90 -83.77 -25.63 13.37
CA ASP L 90 -84.54 -24.43 13.06
C ASP L 90 -84.15 -23.29 14.00
N PHE L 91 -84.05 -23.58 15.29
CA PHE L 91 -83.68 -22.55 16.25
C PHE L 91 -82.30 -21.99 15.96
N ILE L 92 -81.36 -22.88 15.65
CA ILE L 92 -79.99 -22.43 15.41
C ILE L 92 -79.91 -21.59 14.15
N ASP L 93 -80.62 -21.99 13.10
CA ASP L 93 -80.64 -21.19 11.88
C ASP L 93 -81.17 -19.80 12.17
N ASN L 94 -82.27 -19.71 12.93
CA ASN L 94 -82.85 -18.41 13.20
C ASN L 94 -81.91 -17.55 14.04
N VAL L 95 -81.25 -18.14 15.03
CA VAL L 95 -80.31 -17.37 15.85
C VAL L 95 -79.15 -16.87 15.00
N CYS L 96 -78.64 -17.71 14.11
CA CYS L 96 -77.52 -17.30 13.28
C CYS L 96 -77.92 -16.18 12.34
N MET L 97 -79.11 -16.25 11.76
CA MET L 97 -79.57 -15.15 10.91
C MET L 97 -79.71 -13.87 11.73
N ASP L 98 -80.27 -13.99 12.93
CA ASP L 98 -80.46 -12.82 13.77
C ASP L 98 -79.13 -12.17 14.12
N GLU L 99 -78.10 -12.98 14.34
CA GLU L 99 -76.80 -12.42 14.67
C GLU L 99 -76.08 -11.89 13.43
N MET L 100 -76.36 -12.44 12.25
CA MET L 100 -75.69 -11.94 11.05
C MET L 100 -76.25 -10.59 10.62
N VAL L 101 -77.57 -10.42 10.73
CA VAL L 101 -78.17 -9.17 10.27
C VAL L 101 -77.69 -8.00 11.12
N ARG L 102 -77.57 -8.20 12.42
CA ARG L 102 -77.28 -7.10 13.34
C ARG L 102 -75.85 -6.61 13.13
N GLU L 103 -75.48 -5.58 13.88
CA GLU L 103 -74.31 -4.78 13.56
C GLU L 103 -74.08 -3.80 14.70
N SER L 104 -72.81 -3.48 14.96
CA SER L 104 -72.47 -2.61 16.08
C SER L 104 -71.20 -1.85 15.77
N GLN L 105 -71.27 -0.52 15.81
CA GLN L 105 -70.09 0.29 15.57
C GLN L 105 -69.10 0.14 16.71
N ARG L 106 -69.58 0.21 17.94
CA ARG L 106 -68.75 0.10 19.13
C ARG L 106 -68.88 -1.31 19.69
N ASN L 107 -67.74 -1.93 20.00
CA ASN L 107 -67.71 -3.26 20.60
C ASN L 107 -68.40 -4.26 19.69
N GLY L 108 -67.80 -4.45 18.51
CA GLY L 108 -68.35 -5.32 17.50
C GLY L 108 -68.12 -6.81 17.72
N VAL L 109 -67.15 -7.17 18.54
CA VAL L 109 -66.89 -8.58 18.79
C VAL L 109 -68.01 -9.20 19.61
N ALA L 110 -68.58 -8.44 20.54
CA ALA L 110 -69.55 -9.00 21.44
C ALA L 110 -70.83 -9.33 20.70
N PRO L 111 -71.66 -10.23 21.25
CA PRO L 111 -72.87 -10.63 20.52
C PRO L 111 -73.96 -9.59 20.62
N GLN L 112 -74.63 -9.36 19.49
CA GLN L 112 -75.94 -8.70 19.47
C GLN L 112 -76.99 -9.81 19.58
N SER L 113 -78.25 -9.54 19.26
CA SER L 113 -79.19 -10.65 19.15
C SER L 113 -79.43 -11.33 20.49
N GLU L 114 -80.34 -10.77 21.28
CA GLU L 114 -80.68 -11.24 22.63
C GLU L 114 -80.63 -12.76 22.79
N ALA L 115 -81.06 -13.51 21.78
CA ALA L 115 -80.91 -14.97 21.85
C ALA L 115 -79.46 -15.36 22.05
N LEU L 116 -78.56 -14.86 21.20
CA LEU L 116 -77.16 -15.22 21.36
C LEU L 116 -76.57 -14.59 22.61
N ARG L 117 -77.01 -13.39 22.98
CA ARG L 117 -76.49 -12.80 24.20
C ARG L 117 -76.91 -13.60 25.43
N LYS L 118 -78.05 -14.27 25.38
CA LYS L 118 -78.45 -15.16 26.46
C LYS L 118 -77.67 -16.46 26.41
N LEU L 119 -77.37 -16.94 25.20
CA LEU L 119 -76.51 -18.11 25.09
C LEU L 119 -75.13 -17.83 25.67
N ALA L 120 -74.68 -16.59 25.60
CA ALA L 120 -73.36 -16.23 26.14
C ALA L 120 -73.30 -16.32 27.65
N GLY L 121 -74.43 -16.47 28.34
CA GLY L 121 -74.43 -16.51 29.78
C GLY L 121 -73.71 -17.74 30.31
N ILE L 122 -73.86 -17.94 31.62
CA ILE L 122 -73.11 -18.99 32.30
C ILE L 122 -73.87 -20.31 32.37
N LYS L 123 -75.20 -20.29 32.27
CA LYS L 123 -75.94 -21.54 32.30
C LYS L 123 -75.58 -22.43 31.12
N PHE L 124 -75.08 -21.86 30.02
CA PHE L 124 -74.86 -22.58 28.79
C PHE L 124 -73.39 -22.83 28.48
N LYS L 125 -72.52 -22.73 29.48
CA LYS L 125 -71.10 -23.00 29.24
C LYS L 125 -70.82 -24.47 29.08
N ARG L 126 -71.72 -25.34 29.51
CA ARG L 126 -71.49 -26.78 29.46
C ARG L 126 -71.78 -27.38 28.09
N ILE L 127 -72.27 -26.59 27.13
CA ILE L 127 -72.51 -27.12 25.79
C ILE L 127 -71.25 -27.16 24.96
N ASN L 128 -70.15 -26.56 25.42
CA ASN L 128 -68.97 -26.37 24.59
C ASN L 128 -68.41 -27.71 24.15
N PHE L 129 -68.52 -28.02 22.86
CA PHE L 129 -68.18 -29.34 22.34
C PHE L 129 -66.70 -29.42 21.96
N ASN L 130 -66.32 -28.66 20.96
CA ASN L 130 -64.93 -28.49 20.55
C ASN L 130 -64.96 -27.32 19.58
N ASN L 131 -63.79 -26.93 19.11
CA ASN L 131 -63.68 -25.85 18.16
C ASN L 131 -62.73 -26.32 17.07
N SER L 132 -63.28 -27.06 16.10
CA SER L 132 -62.48 -27.69 15.07
C SER L 132 -62.38 -26.83 13.83
N SER L 133 -63.43 -26.11 13.48
CA SER L 133 -63.44 -25.34 12.25
C SER L 133 -62.41 -24.23 12.31
N GLU L 134 -61.93 -23.84 11.12
CA GLU L 134 -60.91 -22.80 11.04
C GLU L 134 -61.41 -21.48 11.61
N TYR L 135 -62.66 -21.12 11.28
CA TYR L 135 -63.16 -19.83 11.72
C TYR L 135 -63.34 -19.78 13.22
N ILE L 136 -63.87 -20.85 13.81
CA ILE L 136 -64.07 -20.83 15.25
C ILE L 136 -62.73 -20.90 15.98
N GLU L 137 -61.76 -21.66 15.46
CA GLU L 137 -60.48 -21.69 16.17
C GLU L 137 -59.81 -20.32 16.10
N ASN L 138 -59.87 -19.66 14.94
CA ASN L 138 -59.34 -18.31 14.86
C ASN L 138 -60.09 -17.38 15.80
N TRP L 139 -61.40 -17.57 15.93
CA TRP L 139 -62.17 -16.77 16.86
C TRP L 139 -61.65 -16.93 18.28
N ASN L 140 -61.45 -18.18 18.70
CA ASN L 140 -60.96 -18.42 20.05
C ASN L 140 -59.59 -17.82 20.26
N LEU L 141 -58.70 -18.00 19.30
CA LEU L 141 -57.35 -17.46 19.41
C LEU L 141 -57.39 -15.94 19.56
N GLN L 142 -58.04 -15.27 18.62
CA GLN L 142 -58.03 -13.81 18.66
C GLN L 142 -58.71 -13.30 19.92
N ASN L 143 -59.75 -13.97 20.39
CA ASN L 143 -60.37 -13.55 21.63
C ASN L 143 -59.40 -13.66 22.80
N ARG L 144 -58.70 -14.78 22.92
CA ARG L 144 -57.60 -14.91 23.87
C ARG L 144 -56.32 -14.64 23.09
N ARG L 145 -56.20 -13.38 22.66
CA ARG L 145 -55.35 -12.89 21.57
C ARG L 145 -54.08 -13.69 21.39
N GLN L 146 -53.88 -14.16 20.16
CA GLN L 146 -52.72 -14.92 19.76
C GLN L 146 -52.44 -14.60 18.30
N ARG L 147 -51.35 -15.13 17.78
CA ARG L 147 -51.11 -15.08 16.34
C ARG L 147 -52.08 -16.05 15.66
N THR L 148 -52.74 -15.57 14.61
CA THR L 148 -53.72 -16.38 13.89
C THR L 148 -53.52 -16.28 12.39
N GLY L 149 -54.43 -16.87 11.63
CA GLY L 149 -54.35 -16.80 10.18
C GLY L 149 -55.44 -17.57 9.49
N PHE L 150 -56.02 -16.95 8.46
CA PHE L 150 -56.98 -17.59 7.58
C PHE L 150 -56.28 -17.85 6.27
N VAL L 151 -56.44 -19.06 5.74
CA VAL L 151 -55.89 -19.43 4.44
C VAL L 151 -56.97 -19.24 3.40
N PHE L 152 -56.67 -18.49 2.35
CA PHE L 152 -57.63 -18.11 1.33
C PHE L 152 -57.12 -18.53 -0.03
N HIS L 153 -58.03 -19.09 -0.84
CA HIS L 153 -57.73 -19.46 -2.21
C HIS L 153 -58.17 -18.32 -3.12
N LYS L 154 -57.21 -17.61 -3.67
CA LYS L 154 -57.46 -16.53 -4.63
C LYS L 154 -58.29 -15.45 -3.96
N PRO L 155 -57.72 -14.72 -2.99
CA PRO L 155 -58.50 -13.72 -2.26
C PRO L 155 -58.89 -12.56 -3.16
N ASN L 156 -60.04 -11.96 -2.86
CA ASN L 156 -60.38 -10.68 -3.48
C ASN L 156 -60.00 -9.54 -2.54
N ILE L 157 -58.69 -9.45 -2.31
CA ILE L 157 -58.15 -8.40 -1.47
C ILE L 157 -58.23 -7.06 -2.17
N PHE L 158 -57.97 -7.02 -3.46
CA PHE L 158 -57.91 -5.75 -4.16
C PHE L 158 -59.32 -5.27 -4.48
N PRO L 159 -59.68 -4.03 -4.14
CA PRO L 159 -60.97 -3.52 -4.59
C PRO L 159 -60.92 -3.24 -6.07
N TYR L 160 -62.08 -3.32 -6.71
CA TYR L 160 -62.14 -3.08 -8.14
C TYR L 160 -61.68 -1.65 -8.44
N SER L 161 -60.68 -1.53 -9.29
CA SER L 161 -60.16 -0.20 -9.65
C SER L 161 -59.51 -0.31 -11.02
N ALA L 162 -60.15 0.28 -12.03
CA ALA L 162 -59.59 0.38 -13.36
C ALA L 162 -59.35 1.85 -13.66
N SER L 163 -58.13 2.19 -14.04
CA SER L 163 -57.77 3.59 -14.22
C SER L 163 -56.45 3.68 -14.95
N PHE L 164 -55.93 4.89 -15.08
CA PHE L 164 -54.68 5.12 -15.79
C PHE L 164 -54.07 6.42 -15.29
N THR L 165 -52.76 6.53 -15.43
CA THR L 165 -52.03 7.76 -15.20
C THR L 165 -51.28 8.13 -16.46
N LEU L 166 -51.26 9.41 -16.79
CA LEU L 166 -50.57 9.92 -17.97
C LEU L 166 -49.37 10.74 -17.50
N ASN L 167 -48.18 10.18 -17.65
CA ASN L 167 -46.97 10.90 -17.28
C ASN L 167 -46.65 11.98 -18.30
N ARG L 168 -46.83 11.68 -19.59
CA ARG L 168 -46.74 12.67 -20.65
C ARG L 168 -48.08 12.71 -21.38
N SER L 169 -48.50 13.91 -21.77
CA SER L 169 -49.82 14.06 -22.35
C SER L 169 -49.89 15.35 -23.15
N GLN L 170 -50.97 15.48 -23.90
CA GLN L 170 -51.31 16.68 -24.66
C GLN L 170 -52.80 16.90 -24.52
N PRO L 171 -53.29 18.11 -24.83
CA PRO L 171 -54.74 18.27 -24.96
C PRO L 171 -55.32 17.42 -26.05
N MET L 172 -54.57 17.17 -27.11
CA MET L 172 -55.02 16.28 -28.17
C MET L 172 -54.81 14.82 -27.85
N HIS L 173 -54.04 14.48 -26.82
CA HIS L 173 -53.76 13.08 -26.50
C HIS L 173 -53.21 12.34 -27.72
N ASP L 174 -52.28 12.99 -28.39
CA ASP L 174 -51.61 12.42 -29.56
C ASP L 174 -50.38 11.61 -29.18
N ASN L 175 -49.65 12.05 -28.16
CA ASN L 175 -48.34 11.51 -27.81
C ASN L 175 -48.30 11.31 -26.30
N LEU L 176 -48.76 10.13 -25.86
CA LEU L 176 -48.95 9.84 -24.44
C LEU L 176 -47.94 8.80 -23.97
N MET L 177 -47.41 9.02 -22.76
CA MET L 177 -46.80 7.96 -21.97
C MET L 177 -47.60 7.79 -20.70
N GLY L 178 -47.57 6.57 -20.18
CA GLY L 178 -48.18 6.41 -18.87
C GLY L 178 -48.43 4.95 -18.57
N THR L 179 -49.35 4.74 -17.65
CA THR L 179 -49.69 3.41 -17.17
C THR L 179 -51.19 3.27 -17.16
N MET L 180 -51.66 2.05 -17.37
CA MET L 180 -53.05 1.68 -17.21
C MET L 180 -53.06 0.50 -16.26
N TRP L 181 -54.08 0.39 -15.43
CA TRP L 181 -54.13 -0.75 -14.54
C TRP L 181 -55.57 -1.10 -14.23
N LEU L 182 -55.79 -2.39 -13.98
CA LEU L 182 -56.99 -2.91 -13.37
C LEU L 182 -56.58 -3.81 -12.21
N ASN L 183 -56.96 -3.42 -11.01
CA ASN L 183 -56.86 -4.26 -9.83
C ASN L 183 -58.25 -4.79 -9.54
N ALA L 184 -58.43 -6.10 -9.60
CA ALA L 184 -59.75 -6.65 -9.33
C ALA L 184 -59.61 -8.06 -8.77
N GLY L 185 -60.32 -8.35 -7.70
CA GLY L 185 -60.24 -9.66 -7.10
C GLY L 185 -58.81 -9.95 -6.70
N SER L 186 -58.28 -11.06 -7.19
CA SER L 186 -56.93 -11.49 -6.89
C SER L 186 -55.92 -11.04 -7.93
N GLU L 187 -56.33 -10.27 -8.93
CA GLU L 187 -55.58 -10.09 -10.15
C GLU L 187 -55.21 -8.62 -10.34
N ILE L 188 -53.92 -8.37 -10.50
CA ILE L 188 -53.40 -7.09 -10.96
C ILE L 188 -53.08 -7.24 -12.43
N GLN L 189 -53.50 -6.28 -13.24
CA GLN L 189 -53.12 -6.25 -14.65
C GLN L 189 -52.71 -4.82 -14.96
N VAL L 190 -51.42 -4.61 -15.15
CA VAL L 190 -50.87 -3.27 -15.33
C VAL L 190 -50.09 -3.26 -16.62
N ALA L 191 -50.31 -2.22 -17.43
CA ALA L 191 -49.63 -2.08 -18.70
C ALA L 191 -49.14 -0.66 -18.87
N GLY L 192 -47.84 -0.50 -19.01
CA GLY L 192 -47.32 0.77 -19.41
C GLY L 192 -47.41 0.93 -20.91
N PHE L 193 -47.52 2.18 -21.35
CA PHE L 193 -47.60 2.46 -22.77
C PHE L 193 -46.84 3.74 -23.09
N ASP L 194 -46.25 3.74 -24.28
CA ASP L 194 -45.53 4.88 -24.80
C ASP L 194 -45.92 5.01 -26.26
N TYR L 195 -46.41 6.17 -26.67
CA TYR L 195 -46.82 6.33 -28.05
C TYR L 195 -45.65 6.50 -28.98
N SER L 196 -44.56 7.10 -28.51
CA SER L 196 -43.36 7.24 -29.31
C SER L 196 -42.47 6.00 -29.28
N CYS L 197 -42.79 5.02 -28.45
CA CYS L 197 -42.00 3.80 -28.33
C CYS L 197 -40.55 4.12 -27.99
N ALA L 198 -40.36 4.95 -26.98
CA ALA L 198 -39.04 5.28 -26.46
C ALA L 198 -38.16 5.90 -27.56
N LEU L 199 -38.71 6.93 -28.21
CA LEU L 199 -37.98 7.63 -29.25
C LEU L 199 -36.92 8.53 -28.64
N ASN L 200 -37.34 9.45 -27.78
CA ASN L 200 -36.46 10.44 -27.15
C ASN L 200 -36.02 10.04 -25.76
N ALA L 201 -36.41 8.87 -25.27
CA ALA L 201 -36.11 8.50 -23.89
C ALA L 201 -34.62 8.22 -23.74
N PRO L 202 -34.10 8.23 -22.51
CA PRO L 202 -32.68 7.92 -22.31
C PRO L 202 -32.35 6.49 -22.68
N ALA L 203 -31.44 6.33 -23.64
CA ALA L 203 -30.99 5.02 -24.08
C ALA L 203 -32.12 4.19 -24.66
N ASN L 204 -33.15 4.84 -25.20
CA ASN L 204 -34.30 4.15 -25.77
C ASN L 204 -34.95 3.20 -24.77
N ILE L 205 -34.95 3.61 -23.51
CA ILE L 205 -35.55 2.87 -22.40
C ILE L 205 -36.53 3.80 -21.70
N GLN L 206 -37.73 3.29 -21.43
CA GLN L 206 -38.73 4.02 -20.67
C GLN L 206 -39.10 3.20 -19.45
N GLN L 207 -38.99 3.80 -18.27
CA GLN L 207 -39.26 3.12 -17.01
C GLN L 207 -40.71 3.30 -16.61
N PHE L 208 -41.33 2.21 -16.15
CA PHE L 208 -42.71 2.23 -15.69
C PHE L 208 -42.77 1.64 -14.29
N GLU L 209 -43.56 2.27 -13.43
CA GLU L 209 -43.72 1.91 -12.03
C GLU L 209 -45.18 1.61 -11.78
N HIS L 210 -45.45 0.82 -10.73
CA HIS L 210 -46.83 0.67 -10.27
C HIS L 210 -46.81 0.17 -8.84
N ILE L 211 -47.26 1.01 -7.92
CA ILE L 211 -47.41 0.67 -6.51
C ILE L 211 -48.85 0.24 -6.30
N VAL L 212 -49.05 -0.87 -5.59
CA VAL L 212 -50.37 -1.22 -5.10
C VAL L 212 -50.25 -1.59 -3.63
N GLN L 213 -51.11 -1.02 -2.82
CA GLN L 213 -50.98 -1.01 -1.36
C GLN L 213 -52.10 -1.87 -0.80
N LEU L 214 -51.79 -3.11 -0.42
CA LEU L 214 -52.81 -3.98 0.16
C LEU L 214 -53.28 -3.38 1.47
N ARG L 215 -54.57 -3.50 1.75
CA ARG L 215 -55.08 -2.98 3.01
C ARG L 215 -54.57 -3.77 4.19
N ARG L 216 -54.52 -5.09 4.07
CA ARG L 216 -53.99 -5.98 5.09
C ARG L 216 -52.82 -6.76 4.52
N ALA L 217 -51.77 -6.92 5.33
CA ALA L 217 -50.62 -7.68 4.90
C ALA L 217 -51.00 -9.15 4.73
N LEU L 218 -50.57 -9.75 3.62
CA LEU L 218 -50.76 -11.17 3.37
C LEU L 218 -49.47 -11.93 3.67
N THR L 219 -49.62 -13.22 3.92
CA THR L 219 -48.52 -14.08 4.34
C THR L 219 -48.50 -15.33 3.48
N THR L 220 -47.29 -15.77 3.12
CA THR L 220 -47.07 -17.01 2.38
C THR L 220 -47.92 -17.05 1.11
N ALA L 221 -47.97 -15.92 0.42
CA ALA L 221 -48.76 -15.83 -0.81
C ALA L 221 -48.03 -16.51 -1.95
N THR L 222 -48.76 -17.31 -2.72
CA THR L 222 -48.28 -17.84 -3.99
C THR L 222 -48.85 -16.96 -5.09
N ILE L 223 -47.99 -16.54 -6.01
CA ILE L 223 -48.35 -15.57 -7.03
C ILE L 223 -47.96 -16.13 -8.38
N THR L 224 -48.72 -15.75 -9.40
CA THR L 224 -48.45 -16.12 -10.78
C THR L 224 -48.23 -14.83 -11.55
N LEU L 225 -47.00 -14.60 -11.99
CA LEU L 225 -46.61 -13.40 -12.72
C LEU L 225 -46.31 -13.78 -14.15
N LEU L 226 -47.07 -13.21 -15.08
CA LEU L 226 -46.92 -13.46 -16.50
C LEU L 226 -46.80 -12.12 -17.22
N PRO L 227 -46.23 -12.10 -18.42
CA PRO L 227 -46.17 -10.85 -19.16
C PRO L 227 -47.43 -10.62 -19.99
N ASP L 228 -47.48 -9.50 -20.70
CA ASP L 228 -48.55 -9.24 -21.67
C ASP L 228 -49.93 -9.22 -20.99
N ALA L 229 -50.12 -8.22 -20.14
CA ALA L 229 -51.44 -7.92 -19.59
C ALA L 229 -52.47 -7.81 -20.71
N GLU L 230 -53.46 -8.70 -20.69
CA GLU L 230 -54.34 -8.86 -21.83
C GLU L 230 -55.26 -7.66 -22.00
N ARG L 231 -55.93 -7.25 -20.92
CA ARG L 231 -57.05 -6.33 -21.07
C ARG L 231 -56.66 -4.99 -21.65
N PHE L 232 -55.40 -4.60 -21.52
CA PHE L 232 -54.89 -3.35 -22.05
C PHE L 232 -53.98 -3.62 -23.22
N SER L 233 -54.40 -4.55 -24.06
CA SER L 233 -53.60 -4.98 -25.21
C SER L 233 -54.45 -5.12 -26.45
N PHE L 234 -55.42 -4.22 -26.63
CA PHE L 234 -56.21 -4.14 -27.85
C PHE L 234 -56.76 -2.73 -27.97
N PRO L 235 -57.26 -2.35 -29.14
CA PRO L 235 -57.71 -0.97 -29.32
C PRO L 235 -58.83 -0.58 -28.36
N ARG L 236 -58.76 0.65 -27.87
CA ARG L 236 -59.77 1.20 -26.97
C ARG L 236 -59.94 2.68 -27.26
N VAL L 237 -61.00 3.26 -26.72
CA VAL L 237 -61.09 4.71 -26.59
C VAL L 237 -61.45 4.99 -25.14
N ILE L 238 -60.64 5.80 -24.47
CA ILE L 238 -60.75 6.01 -23.03
C ILE L 238 -61.06 7.48 -22.82
N ASN L 239 -61.99 7.78 -21.94
CA ASN L 239 -62.25 9.16 -21.57
C ASN L 239 -60.99 9.79 -21.01
N SER L 240 -60.93 11.12 -21.06
CA SER L 240 -59.77 11.80 -20.56
C SER L 240 -59.73 11.73 -19.03
N ALA L 241 -58.74 12.38 -18.45
CA ALA L 241 -58.59 12.34 -16.99
C ALA L 241 -59.82 12.91 -16.31
N ASP L 242 -60.34 14.01 -16.81
CA ASP L 242 -61.51 14.68 -16.25
C ASP L 242 -62.79 14.40 -17.01
N GLY L 243 -62.75 13.53 -18.03
CA GLY L 243 -63.94 13.18 -18.77
C GLY L 243 -64.34 14.14 -19.87
N ALA L 244 -63.47 15.07 -20.25
CA ALA L 244 -63.85 16.07 -21.24
C ALA L 244 -63.98 15.44 -22.62
N THR L 245 -62.88 14.93 -23.17
CA THR L 245 -62.84 14.28 -24.46
C THR L 245 -62.50 12.82 -24.27
N THR L 246 -62.28 12.12 -25.37
CA THR L 246 -61.87 10.72 -25.34
C THR L 246 -60.71 10.52 -26.28
N TRP L 247 -59.72 9.74 -25.85
CA TRP L 247 -58.49 9.51 -26.60
C TRP L 247 -58.41 8.07 -27.03
N PHE L 248 -57.88 7.86 -28.23
CA PHE L 248 -57.79 6.54 -28.85
C PHE L 248 -56.48 5.89 -28.46
N PHE L 249 -56.52 4.58 -28.25
CA PHE L 249 -55.38 3.84 -27.74
C PHE L 249 -55.26 2.56 -28.56
N ASN L 250 -54.28 2.51 -29.47
CA ASN L 250 -54.06 1.40 -30.38
C ASN L 250 -52.76 0.69 -29.99
N PRO L 251 -52.81 -0.35 -29.16
CA PRO L 251 -51.57 -0.91 -28.63
C PRO L 251 -50.97 -2.00 -29.48
N ILE L 252 -49.64 -1.93 -29.60
CA ILE L 252 -48.81 -3.02 -30.09
C ILE L 252 -47.88 -3.38 -28.96
N ILE L 253 -47.88 -4.63 -28.54
CA ILE L 253 -47.12 -4.99 -27.35
C ILE L 253 -45.67 -5.28 -27.74
N LEU L 254 -44.77 -4.56 -27.11
CA LEU L 254 -43.37 -4.94 -27.02
C LEU L 254 -43.28 -6.00 -25.91
N ARG L 255 -42.08 -6.30 -25.46
CA ARG L 255 -41.84 -7.30 -24.43
C ARG L 255 -41.31 -6.59 -23.18
N PRO L 256 -41.90 -6.76 -22.00
CA PRO L 256 -41.38 -6.03 -20.82
C PRO L 256 -40.03 -6.59 -20.40
N ASN L 257 -39.01 -5.74 -20.38
CA ASN L 257 -37.66 -6.18 -20.10
C ASN L 257 -37.18 -5.66 -18.75
N ASN L 258 -36.24 -6.41 -18.17
CA ASN L 258 -35.76 -6.25 -16.79
C ASN L 258 -36.90 -5.89 -15.84
N VAL L 259 -37.98 -6.65 -15.94
CA VAL L 259 -39.08 -6.51 -15.00
C VAL L 259 -38.62 -6.84 -13.59
N GLU L 260 -39.14 -6.11 -12.62
CA GLU L 260 -38.88 -6.31 -11.21
C GLU L 260 -40.19 -6.30 -10.46
N VAL L 261 -40.29 -7.16 -9.46
CA VAL L 261 -41.42 -7.18 -8.55
C VAL L 261 -40.85 -7.18 -7.15
N GLU L 262 -41.14 -6.14 -6.38
CA GLU L 262 -40.69 -6.04 -5.01
C GLU L 262 -41.90 -6.14 -4.09
N PHE L 263 -41.87 -7.11 -3.18
CA PHE L 263 -42.91 -7.28 -2.18
C PHE L 263 -42.41 -6.66 -0.90
N LEU L 264 -43.13 -5.64 -0.41
CA LEU L 264 -42.70 -4.78 0.66
C LEU L 264 -43.63 -4.93 1.85
N LEU L 265 -43.07 -4.80 3.05
CA LEU L 265 -43.83 -4.81 4.30
C LEU L 265 -43.31 -3.65 5.14
N ASN L 266 -44.10 -2.58 5.26
CA ASN L 266 -43.71 -1.40 6.01
C ASN L 266 -42.41 -0.80 5.45
N GLY L 267 -42.42 -0.56 4.15
CA GLY L 267 -41.30 0.06 3.48
C GLY L 267 -40.03 -0.77 3.52
N GLN L 268 -40.15 -2.05 3.84
CA GLN L 268 -39.02 -2.97 3.95
C GLN L 268 -39.13 -3.98 2.83
N ILE L 269 -38.08 -4.12 2.04
CA ILE L 269 -38.14 -4.99 0.87
C ILE L 269 -38.03 -6.43 1.36
N ILE L 270 -39.19 -7.08 1.55
CA ILE L 270 -39.18 -8.45 2.01
C ILE L 270 -38.70 -9.38 0.90
N ASN L 271 -39.19 -9.19 -0.32
CA ASN L 271 -38.82 -10.06 -1.43
C ASN L 271 -38.61 -9.25 -2.69
N THR L 272 -37.77 -9.76 -3.58
CA THR L 272 -37.50 -9.11 -4.85
C THR L 272 -37.26 -10.18 -5.90
N TYR L 273 -38.02 -10.13 -6.98
CA TYR L 273 -37.87 -11.05 -8.11
C TYR L 273 -37.64 -10.23 -9.37
N GLN L 274 -36.55 -10.49 -10.06
CA GLN L 274 -36.15 -9.73 -11.24
C GLN L 274 -36.04 -10.66 -12.43
N ALA L 275 -36.73 -10.31 -13.52
CA ALA L 275 -36.72 -11.10 -14.74
C ALA L 275 -37.21 -12.52 -14.48
N ARG L 276 -38.19 -12.64 -13.59
CA ARG L 276 -38.81 -13.92 -13.25
C ARG L 276 -40.27 -13.88 -13.64
N PHE L 277 -40.77 -14.99 -14.15
CA PHE L 277 -42.18 -15.15 -14.49
C PHE L 277 -42.65 -16.49 -13.97
N GLY L 278 -43.95 -16.69 -14.03
CA GLY L 278 -44.52 -17.93 -13.52
C GLY L 278 -44.68 -17.87 -12.02
N THR L 279 -44.76 -19.06 -11.41
CA THR L 279 -45.02 -19.14 -9.99
C THR L 279 -43.89 -18.50 -9.20
N ILE L 280 -44.26 -17.62 -8.28
CA ILE L 280 -43.34 -17.01 -7.32
C ILE L 280 -44.04 -17.01 -5.96
N VAL L 281 -43.30 -16.61 -4.94
CA VAL L 281 -43.79 -16.64 -3.57
C VAL L 281 -43.42 -15.34 -2.88
N ALA L 282 -44.35 -14.81 -2.09
CA ALA L 282 -44.11 -13.68 -1.21
C ALA L 282 -44.36 -14.14 0.21
N ARG L 283 -43.29 -14.29 0.99
CA ARG L 283 -43.44 -14.86 2.32
C ARG L 283 -44.28 -13.97 3.22
N ASN L 284 -44.21 -12.67 3.03
CA ASN L 284 -44.96 -11.72 3.84
C ASN L 284 -44.86 -10.34 3.20
N PHE L 285 -45.98 -9.67 2.98
CA PHE L 285 -45.91 -8.39 2.29
C PHE L 285 -47.16 -7.57 2.54
N ASP L 286 -47.04 -6.29 2.22
CA ASP L 286 -48.07 -5.29 2.41
C ASP L 286 -48.30 -4.41 1.19
N THR L 287 -47.30 -4.25 0.33
CA THR L 287 -47.48 -3.58 -0.94
C THR L 287 -46.70 -4.34 -1.99
N ILE L 288 -47.21 -4.31 -3.21
CA ILE L 288 -46.52 -4.86 -4.38
C ILE L 288 -46.04 -3.68 -5.20
N ARG L 289 -44.77 -3.71 -5.57
CA ARG L 289 -44.10 -2.62 -6.25
C ARG L 289 -43.60 -3.22 -7.55
N LEU L 290 -44.45 -3.14 -8.59
CA LEU L 290 -44.08 -3.61 -9.91
C LEU L 290 -43.30 -2.54 -10.63
N SER L 291 -42.31 -2.97 -11.40
CA SER L 291 -41.56 -2.06 -12.24
C SER L 291 -41.20 -2.82 -13.51
N PHE L 292 -41.28 -2.14 -14.64
CA PHE L 292 -40.87 -2.77 -15.89
C PHE L 292 -40.35 -1.67 -16.81
N GLN L 293 -39.88 -2.07 -17.98
CA GLN L 293 -39.24 -1.14 -18.90
C GLN L 293 -39.69 -1.45 -20.31
N LEU L 294 -39.85 -0.40 -21.10
CA LEU L 294 -40.14 -0.50 -22.52
C LEU L 294 -38.86 -0.12 -23.25
N MET L 295 -38.24 -1.08 -23.92
CA MET L 295 -37.03 -0.85 -24.68
C MET L 295 -37.40 -0.80 -26.15
N ARG L 296 -36.99 0.27 -26.83
CA ARG L 296 -37.18 0.31 -28.27
C ARG L 296 -36.33 -0.79 -28.89
N PRO L 297 -36.87 -1.59 -29.81
CA PRO L 297 -36.05 -2.63 -30.43
C PRO L 297 -34.87 -2.01 -31.16
N PRO L 298 -33.63 -2.38 -30.80
CA PRO L 298 -32.49 -1.78 -31.50
C PRO L 298 -32.45 -2.18 -32.97
N ASN L 299 -32.63 -3.46 -33.24
CA ASN L 299 -32.76 -3.97 -34.59
C ASN L 299 -34.23 -4.15 -34.93
N MET L 300 -34.58 -3.88 -36.18
CA MET L 300 -35.99 -3.89 -36.57
C MET L 300 -36.12 -4.37 -38.00
N THR L 301 -37.11 -5.23 -38.21
CA THR L 301 -37.55 -5.62 -39.53
C THR L 301 -38.20 -4.41 -40.21
N PRO L 302 -38.32 -4.40 -41.54
CA PRO L 302 -39.08 -3.32 -42.17
C PRO L 302 -40.51 -3.15 -41.69
N ALA L 303 -41.22 -4.22 -41.33
CA ALA L 303 -42.58 -4.03 -40.80
C ALA L 303 -42.56 -3.25 -39.50
N VAL L 304 -41.69 -3.65 -38.56
CA VAL L 304 -41.65 -2.98 -37.27
C VAL L 304 -41.12 -1.56 -37.45
N ASN L 305 -40.21 -1.40 -38.40
CA ASN L 305 -39.76 -0.07 -38.81
C ASN L 305 -40.94 0.80 -39.22
N ALA L 306 -41.82 0.26 -40.08
CA ALA L 306 -42.94 1.07 -40.55
C ALA L 306 -43.91 1.37 -39.42
N LEU L 307 -44.03 0.45 -38.45
CA LEU L 307 -44.86 0.74 -37.29
C LEU L 307 -44.34 1.95 -36.53
N PHE L 308 -43.05 1.95 -36.20
CA PHE L 308 -42.49 2.98 -35.33
C PHE L 308 -41.66 3.97 -36.13
N PRO L 309 -42.15 5.18 -36.44
CA PRO L 309 -41.33 6.16 -37.13
C PRO L 309 -40.64 7.10 -36.16
N GLN L 310 -39.74 7.92 -36.69
CA GLN L 310 -39.14 8.99 -35.92
C GLN L 310 -39.99 10.26 -35.91
N ALA L 311 -41.00 10.35 -36.77
CA ALA L 311 -41.78 11.56 -36.93
C ALA L 311 -42.86 11.61 -35.86
N GLN L 312 -43.81 12.51 -36.05
CA GLN L 312 -44.87 12.80 -35.07
C GLN L 312 -46.12 11.91 -35.09
N PRO L 313 -46.62 11.41 -36.26
CA PRO L 313 -47.94 10.75 -36.27
C PRO L 313 -48.19 9.70 -35.19
N PHE L 314 -47.36 8.67 -35.10
CA PHE L 314 -47.53 7.61 -34.09
C PHE L 314 -48.90 6.95 -34.20
N GLN L 315 -49.12 6.28 -35.34
CA GLN L 315 -50.39 5.59 -35.53
C GLN L 315 -50.56 4.45 -34.54
N HIS L 316 -49.49 3.73 -34.24
CA HIS L 316 -49.50 2.58 -33.35
C HIS L 316 -48.68 2.90 -32.10
N HIS L 317 -49.14 2.41 -30.95
CA HIS L 317 -48.62 2.84 -29.66
C HIS L 317 -48.02 1.65 -28.93
N ALA L 318 -46.75 1.74 -28.56
CA ALA L 318 -46.08 0.61 -27.95
C ALA L 318 -46.58 0.41 -26.53
N THR L 319 -46.67 -0.84 -26.09
CA THR L 319 -47.11 -1.16 -24.75
C THR L 319 -46.31 -2.31 -24.18
N VAL L 320 -46.20 -2.35 -22.87
CA VAL L 320 -45.67 -3.49 -22.14
C VAL L 320 -46.64 -3.78 -21.01
N GLY L 321 -46.68 -5.05 -20.59
CA GLY L 321 -47.73 -5.49 -19.70
C GLY L 321 -47.23 -6.44 -18.62
N LEU L 322 -48.09 -6.66 -17.64
CA LEU L 322 -47.82 -7.61 -16.57
C LEU L 322 -49.13 -8.01 -15.93
N THR L 323 -49.33 -9.31 -15.79
CA THR L 323 -50.44 -9.88 -15.05
C THR L 323 -49.92 -10.58 -13.82
N LEU L 324 -50.59 -10.38 -12.69
CA LEU L 324 -50.13 -10.89 -11.40
C LEU L 324 -51.34 -11.41 -10.64
N ARG L 325 -51.45 -12.73 -10.51
CA ARG L 325 -52.59 -13.37 -9.88
C ARG L 325 -52.15 -13.96 -8.55
N ILE L 326 -52.73 -13.50 -7.45
CA ILE L 326 -52.44 -14.08 -6.14
C ILE L 326 -53.27 -15.35 -6.03
N GLU L 327 -52.66 -16.51 -6.30
CA GLU L 327 -53.43 -17.76 -6.31
C GLU L 327 -53.96 -18.09 -4.92
N SER L 328 -53.10 -18.02 -3.92
CA SER L 328 -53.50 -18.33 -2.55
C SER L 328 -52.68 -17.47 -1.60
N ALA L 329 -53.20 -17.28 -0.40
CA ALA L 329 -52.52 -16.42 0.56
C ALA L 329 -53.01 -16.76 1.96
N VAL L 330 -52.34 -16.17 2.94
CA VAL L 330 -52.69 -16.33 4.35
C VAL L 330 -52.73 -14.95 4.98
N CYS L 331 -53.83 -14.64 5.65
CA CYS L 331 -54.06 -13.28 6.16
C CYS L 331 -54.46 -13.32 7.62
N GLU L 332 -54.05 -12.30 8.36
CA GLU L 332 -54.45 -12.19 9.76
C GLU L 332 -55.97 -12.07 9.88
N SER L 333 -56.56 -11.23 9.05
CA SER L 333 -57.98 -10.89 9.14
C SER L 333 -58.76 -11.55 8.02
N VAL L 334 -60.08 -11.60 8.19
CA VAL L 334 -60.92 -12.29 7.22
C VAL L 334 -60.98 -11.49 5.92
N LEU L 335 -61.31 -12.20 4.86
CA LEU L 335 -61.42 -11.62 3.53
C LEU L 335 -62.33 -12.53 2.73
N ALA L 336 -63.14 -11.95 1.87
CA ALA L 336 -63.90 -12.77 0.95
C ALA L 336 -62.93 -13.51 0.04
N ASP L 337 -63.35 -14.69 -0.41
CA ASP L 337 -62.50 -15.55 -1.20
C ASP L 337 -63.35 -16.24 -2.26
N ALA L 338 -62.68 -16.91 -3.18
CA ALA L 338 -63.35 -17.61 -4.27
C ALA L 338 -63.61 -19.07 -3.94
N ASN L 339 -63.52 -19.46 -2.67
CA ASN L 339 -63.70 -20.85 -2.27
C ASN L 339 -64.89 -21.04 -1.34
N GLU L 340 -65.02 -20.20 -0.32
CA GLU L 340 -66.11 -20.29 0.65
C GLU L 340 -67.10 -19.17 0.43
N THR L 341 -68.32 -19.42 0.89
CA THR L 341 -69.48 -18.57 0.59
C THR L 341 -69.90 -17.72 1.79
N LEU L 342 -68.94 -17.26 2.58
CA LEU L 342 -69.29 -16.51 3.78
C LEU L 342 -69.91 -15.16 3.41
N LEU L 343 -69.25 -14.40 2.55
CA LEU L 343 -69.77 -13.10 2.15
C LEU L 343 -71.12 -13.25 1.47
N ALA L 344 -71.24 -14.23 0.58
CA ALA L 344 -72.50 -14.44 -0.11
C ALA L 344 -73.61 -14.80 0.86
N ASN L 345 -73.31 -15.65 1.84
CA ASN L 345 -74.32 -16.05 2.81
C ASN L 345 -74.81 -14.86 3.63
N VAL L 346 -73.87 -14.04 4.12
CA VAL L 346 -74.25 -12.88 4.91
C VAL L 346 -75.06 -11.91 4.07
N THR L 347 -74.58 -11.61 2.88
CA THR L 347 -75.27 -10.65 2.02
C THR L 347 -76.66 -11.14 1.66
N ALA L 348 -76.79 -12.44 1.38
CA ALA L 348 -78.09 -12.99 1.05
C ALA L 348 -79.05 -12.87 2.22
N VAL L 349 -78.56 -13.15 3.44
CA VAL L 349 -79.45 -13.06 4.58
C VAL L 349 -79.87 -11.61 4.81
N ARG L 350 -78.99 -10.66 4.55
CA ARG L 350 -79.40 -9.26 4.66
C ARG L 350 -80.45 -8.90 3.61
N GLN L 351 -80.19 -9.24 2.35
CA GLN L 351 -81.08 -8.82 1.28
C GLN L 351 -82.44 -9.49 1.38
N GLU L 352 -82.48 -10.75 1.80
CA GLU L 352 -83.74 -11.49 1.87
C GLU L 352 -84.73 -10.84 2.82
N TYR L 353 -84.27 -10.01 3.75
CA TYR L 353 -85.13 -9.37 4.73
C TYR L 353 -85.03 -7.85 4.73
N ALA L 354 -84.21 -7.27 3.85
CA ALA L 354 -84.18 -5.82 3.67
C ALA L 354 -83.76 -5.12 4.96
N ILE L 355 -82.61 -5.52 5.49
CA ILE L 355 -82.10 -4.88 6.70
C ILE L 355 -81.66 -3.46 6.35
N PRO L 356 -82.12 -2.43 7.06
CA PRO L 356 -81.68 -1.08 6.72
C PRO L 356 -80.20 -0.89 6.99
N VAL L 357 -79.62 0.09 6.28
CA VAL L 357 -78.19 0.32 6.38
C VAL L 357 -77.82 0.67 7.81
N GLY L 358 -76.80 0.00 8.33
CA GLY L 358 -76.34 0.21 9.68
C GLY L 358 -75.23 1.23 9.74
N PRO L 359 -74.62 1.38 10.90
CA PRO L 359 -73.54 2.35 11.04
C PRO L 359 -72.29 2.01 10.25
N VAL L 360 -71.79 0.78 10.39
CA VAL L 360 -70.42 0.46 9.99
C VAL L 360 -70.34 -0.16 8.60
N PHE L 361 -71.24 -1.08 8.26
CA PHE L 361 -71.12 -1.73 6.97
C PHE L 361 -71.56 -0.79 5.85
N PRO L 362 -71.06 -0.99 4.63
CA PRO L 362 -71.56 -0.21 3.52
C PRO L 362 -72.96 -0.66 3.14
N PRO L 363 -73.65 0.08 2.27
CA PRO L 363 -74.99 -0.36 1.87
C PRO L 363 -74.91 -1.56 0.94
N GLY L 364 -75.64 -2.61 1.29
CA GLY L 364 -75.63 -3.83 0.51
C GLY L 364 -74.42 -4.71 0.70
N MET L 365 -73.60 -4.43 1.72
CA MET L 365 -72.35 -5.17 1.94
C MET L 365 -71.49 -5.17 0.68
N ASN L 366 -71.39 -3.99 0.06
CA ASN L 366 -70.58 -3.84 -1.14
C ASN L 366 -69.13 -4.08 -0.80
N TRP L 367 -68.59 -5.20 -1.29
CA TRP L 367 -67.25 -5.60 -0.88
C TRP L 367 -66.20 -4.57 -1.28
N THR L 368 -66.42 -3.85 -2.37
CA THR L 368 -65.40 -2.91 -2.83
C THR L 368 -65.18 -1.79 -1.83
N GLU L 369 -66.26 -1.11 -1.43
CA GLU L 369 -66.09 -0.06 -0.43
C GLU L 369 -65.97 -0.63 0.97
N LEU L 370 -66.23 -1.92 1.17
CA LEU L 370 -65.93 -2.51 2.46
C LEU L 370 -64.45 -2.76 2.62
N ILE L 371 -63.75 -3.11 1.55
CA ILE L 371 -62.33 -3.40 1.64
C ILE L 371 -61.47 -2.16 1.44
N THR L 372 -61.94 -1.15 0.69
CA THR L 372 -61.13 0.06 0.57
C THR L 372 -60.96 0.73 1.92
N ASN L 373 -62.03 0.80 2.70
CA ASN L 373 -62.00 1.35 4.06
C ASN L 373 -62.33 0.20 5.00
N TYR L 374 -61.30 -0.32 5.66
CA TYR L 374 -61.38 -1.58 6.40
C TYR L 374 -60.90 -1.39 7.83
N SER L 375 -61.45 -0.38 8.49
CA SER L 375 -61.07 0.00 9.85
C SER L 375 -61.30 -1.13 10.83
N PRO L 376 -60.74 -1.08 12.03
CA PRO L 376 -60.86 -2.21 12.96
C PRO L 376 -62.28 -2.59 13.34
N SER L 377 -63.17 -1.61 13.54
CA SER L 377 -64.56 -1.93 13.86
C SER L 377 -65.22 -2.69 12.72
N ARG L 378 -65.01 -2.23 11.50
CA ARG L 378 -65.50 -2.94 10.33
C ARG L 378 -64.93 -4.34 10.27
N GLU L 379 -63.63 -4.49 10.53
CA GLU L 379 -62.98 -5.79 10.45
C GLU L 379 -63.59 -6.76 11.45
N ASP L 380 -63.77 -6.33 12.69
CA ASP L 380 -64.23 -7.26 13.70
C ASP L 380 -65.71 -7.58 13.53
N ASN L 381 -66.52 -6.63 13.08
CA ASN L 381 -67.89 -6.97 12.74
C ASN L 381 -67.92 -7.98 11.60
N LEU L 382 -67.04 -7.80 10.62
CA LEU L 382 -66.97 -8.76 9.53
C LEU L 382 -66.59 -10.15 10.04
N GLN L 383 -65.65 -10.21 10.98
CA GLN L 383 -65.26 -11.51 11.53
C GLN L 383 -66.42 -12.15 12.26
N ARG L 384 -67.17 -11.37 13.05
CA ARG L 384 -68.32 -11.93 13.75
C ARG L 384 -69.34 -12.49 12.79
N VAL L 385 -69.73 -11.70 11.79
CA VAL L 385 -70.77 -12.18 10.87
C VAL L 385 -70.26 -13.35 10.04
N PHE L 386 -68.98 -13.37 9.68
CA PHE L 386 -68.43 -14.51 8.96
C PHE L 386 -68.44 -15.77 9.81
N THR L 387 -68.07 -15.65 11.08
CA THR L 387 -68.11 -16.83 11.95
C THR L 387 -69.52 -17.35 12.08
N VAL L 388 -70.49 -16.45 12.25
CA VAL L 388 -71.86 -16.90 12.38
C VAL L 388 -72.33 -17.52 11.07
N ALA L 389 -71.90 -16.98 9.94
CA ALA L 389 -72.28 -17.55 8.66
C ALA L 389 -71.75 -18.95 8.50
N SER L 390 -70.49 -19.18 8.90
CA SER L 390 -69.94 -20.53 8.84
C SER L 390 -70.72 -21.46 9.75
N ILE L 391 -71.06 -20.98 10.94
CA ILE L 391 -71.83 -21.80 11.88
C ILE L 391 -73.16 -22.19 11.26
N ARG L 392 -73.79 -21.26 10.55
CA ARG L 392 -75.05 -21.58 9.89
C ARG L 392 -74.84 -22.57 8.77
N SER L 393 -73.81 -22.38 7.95
CA SER L 393 -73.58 -23.26 6.82
C SER L 393 -73.20 -24.66 7.26
N MET L 394 -72.81 -24.84 8.53
CA MET L 394 -72.62 -26.20 9.02
C MET L 394 -73.92 -27.00 9.01
N LEU L 395 -75.08 -26.34 8.97
CA LEU L 395 -76.37 -27.01 9.02
C LEU L 395 -77.26 -26.72 7.82
N ILE L 396 -77.27 -25.48 7.34
CA ILE L 396 -78.21 -25.04 6.31
C ILE L 396 -77.41 -24.71 5.06
N LYS L 397 -77.72 -25.40 3.97
CA LYS L 397 -77.11 -25.12 2.67
C LYS L 397 -78.19 -25.19 1.60
N MET M 1 -12.94 -86.56 -5.12
CA MET M 1 -12.60 -85.12 -5.31
C MET M 1 -13.50 -84.22 -4.48
N GLU M 2 -14.73 -84.68 -4.28
CA GLU M 2 -15.65 -83.98 -3.39
C GLU M 2 -15.02 -83.78 -2.03
N VAL M 3 -14.23 -84.76 -1.59
CA VAL M 3 -13.53 -84.63 -0.32
C VAL M 3 -12.48 -83.55 -0.39
N LEU M 4 -11.79 -83.43 -1.53
CA LEU M 4 -10.78 -82.38 -1.67
C LEU M 4 -11.43 -81.01 -1.57
N TYR M 5 -12.55 -80.82 -2.28
CA TYR M 5 -13.25 -79.55 -2.17
C TYR M 5 -13.72 -79.30 -0.75
N SER M 6 -14.20 -80.34 -0.08
CA SER M 6 -14.70 -80.17 1.27
C SER M 6 -13.59 -79.77 2.24
N LEU M 7 -12.44 -80.45 2.15
CA LEU M 7 -11.29 -80.03 2.94
C LEU M 7 -10.97 -78.56 2.70
N SER M 8 -10.90 -78.18 1.43
CA SER M 8 -10.53 -76.80 1.12
C SER M 8 -11.54 -75.82 1.69
N LYS M 9 -12.82 -76.12 1.53
CA LYS M 9 -13.84 -75.19 2.02
C LYS M 9 -13.82 -75.10 3.53
N THR M 10 -13.61 -76.22 4.22
CA THR M 10 -13.61 -76.16 5.67
C THR M 10 -12.40 -75.40 6.17
N LEU M 11 -11.25 -75.53 5.49
CA LEU M 11 -10.09 -74.73 5.90
C LEU M 11 -10.31 -73.25 5.63
N LYS M 12 -10.94 -72.91 4.50
CA LYS M 12 -11.23 -71.50 4.25
C LYS M 12 -12.19 -70.94 5.29
N ASP M 13 -13.22 -71.71 5.63
CA ASP M 13 -14.15 -71.28 6.65
C ASP M 13 -13.48 -71.17 8.01
N ALA M 14 -12.53 -72.04 8.31
CA ALA M 14 -11.81 -71.94 9.56
C ALA M 14 -10.95 -70.68 9.59
N ARG M 15 -10.26 -70.40 8.50
CA ARG M 15 -9.42 -69.21 8.45
C ARG M 15 -10.25 -67.95 8.59
N ASP M 16 -11.47 -67.96 8.05
CA ASP M 16 -12.29 -66.75 8.09
C ASP M 16 -13.06 -66.61 9.40
N LYS M 17 -13.57 -67.71 9.94
CA LYS M 17 -14.50 -67.67 11.06
C LYS M 17 -13.82 -67.89 12.41
N ILE M 18 -12.82 -68.75 12.49
CA ILE M 18 -12.13 -68.96 13.75
C ILE M 18 -11.10 -67.84 13.86
N VAL M 19 -11.55 -66.70 14.39
CA VAL M 19 -10.74 -65.51 14.53
C VAL M 19 -10.94 -64.98 15.94
N GLU M 20 -9.96 -64.23 16.42
CA GLU M 20 -9.94 -63.80 17.81
C GLU M 20 -11.16 -62.96 18.14
N GLY M 21 -11.82 -63.29 19.25
CA GLY M 21 -12.93 -62.52 19.76
C GLY M 21 -14.30 -63.03 19.38
N THR M 22 -14.41 -63.91 18.41
CA THR M 22 -15.71 -64.39 17.99
C THR M 22 -16.38 -65.19 19.10
N LEU M 23 -17.70 -65.07 19.17
CA LEU M 23 -18.47 -65.97 20.01
C LEU M 23 -18.25 -67.40 19.56
N TYR M 24 -18.24 -68.32 20.52
CA TYR M 24 -18.12 -69.72 20.15
C TYR M 24 -19.30 -70.18 19.33
N SER M 25 -20.48 -69.61 19.57
CA SER M 25 -21.66 -70.03 18.80
C SER M 25 -21.52 -69.69 17.33
N ASN M 26 -20.72 -68.68 16.99
CA ASN M 26 -20.51 -68.36 15.58
C ASN M 26 -19.76 -69.45 14.84
N VAL M 27 -19.03 -70.31 15.55
CA VAL M 27 -18.20 -71.32 14.92
C VAL M 27 -18.41 -72.69 15.54
N SER M 28 -19.51 -72.89 16.26
CA SER M 28 -19.76 -74.18 16.89
C SER M 28 -19.82 -75.31 15.87
N ASP M 29 -20.70 -75.18 14.87
CA ASP M 29 -20.84 -76.24 13.88
C ASP M 29 -19.58 -76.36 13.02
N LEU M 30 -18.94 -75.22 12.73
CA LEU M 30 -17.69 -75.27 11.99
C LEU M 30 -16.63 -76.05 12.76
N ILE M 31 -16.57 -75.85 14.07
CA ILE M 31 -15.57 -76.55 14.88
C ILE M 31 -15.91 -78.03 14.92
N GLN M 32 -17.19 -78.38 14.99
CA GLN M 32 -17.55 -79.79 14.96
C GLN M 32 -17.10 -80.44 13.65
N GLN M 33 -17.30 -79.76 12.54
CA GLN M 33 -16.92 -80.34 11.25
C GLN M 33 -15.40 -80.38 11.12
N PHE M 34 -14.72 -79.35 11.61
CA PHE M 34 -13.27 -79.34 11.63
C PHE M 34 -12.72 -80.51 12.44
N ASN M 35 -13.35 -80.81 13.56
CA ASN M 35 -12.95 -81.96 14.37
C ASN M 35 -13.17 -83.26 13.61
N GLN M 36 -14.28 -83.36 12.88
CA GLN M 36 -14.48 -84.53 12.03
C GLN M 36 -13.35 -84.66 11.03
N MET M 37 -12.97 -83.56 10.39
CA MET M 37 -11.87 -83.56 9.44
C MET M 37 -10.58 -84.02 10.08
N ILE M 38 -10.27 -83.46 11.26
CA ILE M 38 -9.01 -83.78 11.93
C ILE M 38 -8.97 -85.24 12.31
N VAL M 39 -10.04 -85.75 12.89
CA VAL M 39 -10.05 -87.14 13.34
C VAL M 39 -9.98 -88.08 12.15
N THR M 40 -10.62 -87.72 11.05
CA THR M 40 -10.56 -88.60 9.88
C THR M 40 -9.17 -88.62 9.28
N MET M 41 -8.51 -87.46 9.22
CA MET M 41 -7.18 -87.41 8.60
C MET M 41 -6.07 -87.87 9.52
N ASN M 42 -6.32 -87.97 10.83
CA ASN M 42 -5.27 -88.37 11.75
C ASN M 42 -4.77 -89.76 11.46
N GLY M 43 -3.46 -89.96 11.56
CA GLY M 43 -2.88 -91.26 11.32
C GLY M 43 -2.94 -91.71 9.87
N ASN M 44 -2.68 -90.82 8.93
CA ASN M 44 -2.61 -91.15 7.51
C ASN M 44 -1.39 -90.49 6.90
N ASP M 45 -0.83 -91.13 5.89
CA ASP M 45 0.34 -90.66 5.18
C ASP M 45 -0.02 -90.38 3.74
N PHE M 46 0.25 -89.17 3.28
CA PHE M 46 -0.05 -88.75 1.92
C PHE M 46 1.23 -88.31 1.24
N GLN M 47 1.49 -88.87 0.06
CA GLN M 47 2.67 -88.56 -0.73
C GLN M 47 2.23 -87.77 -1.95
N THR M 48 2.83 -86.59 -2.13
CA THR M 48 2.40 -85.65 -3.15
C THR M 48 3.58 -85.31 -4.05
N GLY M 49 3.28 -84.99 -5.29
CA GLY M 49 4.32 -84.61 -6.22
C GLY M 49 5.04 -85.82 -6.77
N GLY M 50 6.13 -85.52 -7.48
CA GLY M 50 6.91 -86.56 -8.14
C GLY M 50 6.64 -86.62 -9.62
N ILE M 51 6.55 -85.46 -10.26
CA ILE M 51 6.43 -85.38 -11.72
C ILE M 51 7.09 -84.09 -12.18
N GLY M 52 8.01 -84.21 -13.12
CA GLY M 52 8.78 -83.03 -13.50
C GLY M 52 9.59 -82.54 -12.33
N ASN M 53 9.72 -81.22 -12.22
CA ASN M 53 10.44 -80.62 -11.12
C ASN M 53 9.60 -80.49 -9.86
N LEU M 54 8.34 -80.90 -9.89
CA LEU M 54 7.48 -80.75 -8.74
C LEU M 54 8.05 -81.57 -7.58
N PRO M 55 8.29 -80.96 -6.41
CA PRO M 55 9.04 -81.68 -5.38
C PRO M 55 8.17 -82.70 -4.67
N ILE M 56 8.73 -83.90 -4.50
CA ILE M 56 8.04 -84.91 -3.71
C ILE M 56 7.94 -84.43 -2.27
N ARG M 57 6.75 -84.57 -1.69
CA ARG M 57 6.48 -84.18 -0.32
C ARG M 57 5.74 -85.30 0.37
N ASN M 58 5.93 -85.39 1.69
CA ASN M 58 5.22 -86.33 2.54
C ASN M 58 4.48 -85.58 3.62
N TRP M 59 3.24 -85.98 3.87
CA TRP M 59 2.38 -85.36 4.88
C TRP M 59 1.91 -86.43 5.84
N THR M 60 2.22 -86.24 7.11
CA THR M 60 1.68 -87.03 8.20
C THR M 60 0.78 -86.13 9.02
N PHE M 61 -0.39 -86.63 9.39
CA PHE M 61 -1.38 -85.86 10.12
C PHE M 61 -1.53 -86.45 11.53
N ASP M 62 -1.27 -85.63 12.54
CA ASP M 62 -1.70 -85.96 13.90
C ASP M 62 -1.82 -84.63 14.65
N PHE M 63 -3.04 -84.14 14.81
CA PHE M 63 -3.30 -82.84 15.38
C PHE M 63 -4.32 -82.96 16.50
N GLY M 64 -4.28 -82.00 17.42
CA GLY M 64 -5.21 -81.98 18.50
C GLY M 64 -6.57 -81.44 18.09
N LEU M 65 -7.61 -82.00 18.68
CA LEU M 65 -8.95 -81.51 18.43
C LEU M 65 -9.07 -80.08 18.91
N LEU M 66 -9.76 -79.24 18.14
CA LEU M 66 -10.04 -77.89 18.62
C LEU M 66 -11.06 -77.96 19.75
N GLY M 67 -10.83 -77.15 20.78
CA GLY M 67 -11.65 -77.21 21.96
C GLY M 67 -13.07 -76.76 21.72
N THR M 68 -13.92 -77.02 22.71
CA THR M 68 -15.32 -76.64 22.66
C THR M 68 -15.83 -76.04 23.97
N THR M 69 -14.98 -75.90 24.98
CA THR M 69 -15.42 -75.39 26.29
C THR M 69 -15.26 -73.89 26.41
N LEU M 70 -14.73 -73.21 25.42
CA LEU M 70 -14.47 -71.78 25.53
C LEU M 70 -15.72 -70.99 25.17
N LEU M 71 -16.05 -70.01 26.00
CA LEU M 71 -17.22 -69.18 25.76
C LEU M 71 -16.96 -68.14 24.67
N ASN M 72 -15.72 -67.69 24.54
CA ASN M 72 -15.37 -66.68 23.55
C ASN M 72 -13.91 -66.88 23.14
N LEU M 73 -13.68 -66.94 21.84
CA LEU M 73 -12.35 -67.33 21.34
C LEU M 73 -11.31 -66.29 21.73
N ASP M 74 -10.17 -66.78 22.21
CA ASP M 74 -9.05 -65.95 22.64
C ASP M 74 -7.80 -66.34 21.85
N ALA M 75 -6.68 -65.72 22.21
CA ALA M 75 -5.48 -65.83 21.38
C ALA M 75 -4.91 -67.25 21.37
N ASN M 76 -5.14 -68.03 22.42
CA ASN M 76 -4.65 -69.41 22.41
C ASN M 76 -5.39 -70.23 21.37
N TYR M 77 -6.71 -70.16 21.38
CA TYR M 77 -7.52 -70.95 20.46
C TYR M 77 -7.17 -70.61 19.01
N VAL M 78 -7.12 -69.33 18.69
CA VAL M 78 -6.87 -68.93 17.32
C VAL M 78 -5.45 -69.32 16.91
N GLU M 79 -4.49 -69.24 17.84
CA GLU M 79 -3.12 -69.61 17.49
C GLU M 79 -2.99 -71.09 17.19
N THR M 80 -3.58 -71.94 18.02
CA THR M 80 -3.52 -73.38 17.75
C THR M 80 -4.23 -73.70 16.44
N ALA M 81 -5.43 -73.14 16.26
CA ALA M 81 -6.16 -73.40 15.02
C ALA M 81 -5.38 -72.91 13.82
N ARG M 82 -4.65 -71.81 13.96
CA ARG M 82 -3.92 -71.25 12.85
C ARG M 82 -2.73 -72.11 12.47
N THR M 83 -1.98 -72.60 13.47
CA THR M 83 -0.87 -73.47 13.13
C THR M 83 -1.35 -74.78 12.52
N THR M 84 -2.56 -75.22 12.87
CA THR M 84 -3.12 -76.38 12.16
C THR M 84 -3.52 -76.02 10.74
N ILE M 85 -4.15 -74.86 10.57
CA ILE M 85 -4.71 -74.49 9.29
C ILE M 85 -3.63 -74.23 8.26
N GLU M 86 -2.49 -73.67 8.68
CA GLU M 86 -1.42 -73.44 7.71
C GLU M 86 -0.92 -74.76 7.13
N TYR M 87 -0.72 -75.76 7.99
CA TYR M 87 -0.30 -77.07 7.52
C TYR M 87 -1.33 -77.65 6.56
N PHE M 88 -2.60 -77.58 6.93
CA PHE M 88 -3.63 -78.16 6.08
C PHE M 88 -3.73 -77.43 4.76
N ILE M 89 -3.57 -76.10 4.77
CA ILE M 89 -3.64 -75.34 3.53
C ILE M 89 -2.47 -75.70 2.62
N ASP M 90 -1.28 -75.88 3.19
CA ASP M 90 -0.15 -76.30 2.38
C ASP M 90 -0.41 -77.67 1.76
N PHE M 91 -0.96 -78.59 2.54
CA PHE M 91 -1.27 -79.92 2.01
C PHE M 91 -2.27 -79.84 0.87
N ILE M 92 -3.32 -79.04 1.04
CA ILE M 92 -4.36 -78.97 0.02
C ILE M 92 -3.83 -78.31 -1.23
N ASP M 93 -3.01 -77.27 -1.08
CA ASP M 93 -2.43 -76.64 -2.25
C ASP M 93 -1.55 -77.60 -3.02
N ASN M 94 -0.71 -78.37 -2.31
CA ASN M 94 0.15 -79.32 -3.01
C ASN M 94 -0.67 -80.42 -3.67
N VAL M 95 -1.73 -80.90 -3.02
CA VAL M 95 -2.57 -81.94 -3.64
C VAL M 95 -3.21 -81.41 -4.91
N CYS M 96 -3.76 -80.19 -4.85
CA CYS M 96 -4.40 -79.62 -6.03
C CYS M 96 -3.39 -79.43 -7.15
N MET M 97 -2.19 -78.97 -6.80
CA MET M 97 -1.16 -78.77 -7.81
C MET M 97 -0.75 -80.08 -8.46
N ASP M 98 -0.60 -81.13 -7.65
CA ASP M 98 -0.24 -82.43 -8.17
C ASP M 98 -1.33 -83.02 -9.05
N GLU M 99 -2.59 -82.72 -8.75
CA GLU M 99 -3.67 -83.19 -9.60
C GLU M 99 -3.79 -82.37 -10.87
N MET M 100 -3.48 -81.08 -10.80
CA MET M 100 -3.54 -80.24 -11.99
C MET M 100 -2.50 -80.64 -13.01
N VAL M 101 -1.29 -80.97 -12.57
CA VAL M 101 -0.24 -81.30 -13.54
C VAL M 101 -0.58 -82.58 -14.30
N ARG M 102 -1.20 -83.55 -13.63
CA ARG M 102 -1.37 -84.86 -14.22
C ARG M 102 -2.54 -84.89 -15.21
N GLU M 103 -2.48 -85.87 -16.11
CA GLU M 103 -3.50 -86.07 -17.14
C GLU M 103 -3.75 -87.56 -17.30
N SER M 104 -4.71 -87.89 -18.16
CA SER M 104 -4.99 -89.27 -18.52
C SER M 104 -5.95 -89.29 -19.69
N GLN M 105 -5.69 -90.16 -20.66
CA GLN M 105 -6.57 -90.29 -21.80
C GLN M 105 -7.83 -91.06 -21.43
N ARG M 106 -7.67 -92.23 -20.82
CA ARG M 106 -8.80 -93.07 -20.44
C ARG M 106 -9.30 -92.71 -19.04
N ASN M 107 -10.61 -92.57 -18.91
CA ASN M 107 -11.25 -92.26 -17.64
C ASN M 107 -10.71 -90.94 -17.09
N GLY M 108 -10.96 -89.87 -17.86
CA GLY M 108 -10.36 -88.59 -17.55
C GLY M 108 -10.81 -88.04 -16.21
N VAL M 109 -12.12 -88.08 -15.95
CA VAL M 109 -12.63 -87.49 -14.72
C VAL M 109 -12.20 -88.25 -13.49
N ALA M 110 -11.71 -89.48 -13.64
CA ALA M 110 -11.30 -90.26 -12.49
C ALA M 110 -10.11 -89.55 -11.81
N PRO M 111 -9.88 -89.82 -10.53
CA PRO M 111 -8.87 -89.06 -9.80
C PRO M 111 -7.47 -89.60 -10.06
N GLN M 112 -6.60 -88.73 -10.58
CA GLN M 112 -5.17 -89.03 -10.69
C GLN M 112 -4.52 -88.68 -9.36
N SER M 113 -3.19 -88.63 -9.30
CA SER M 113 -2.54 -88.15 -8.09
C SER M 113 -2.85 -89.04 -6.90
N GLU M 114 -2.14 -90.17 -6.79
CA GLU M 114 -2.35 -91.19 -5.77
C GLU M 114 -2.69 -90.65 -4.38
N ALA M 115 -2.17 -89.48 -4.03
CA ALA M 115 -2.65 -88.81 -2.83
C ALA M 115 -4.15 -88.59 -2.89
N LEU M 116 -4.64 -88.01 -3.98
CA LEU M 116 -6.07 -87.78 -4.11
C LEU M 116 -6.82 -89.10 -4.30
N ARG M 117 -6.18 -90.09 -4.92
CA ARG M 117 -6.81 -91.40 -4.99
C ARG M 117 -7.09 -91.95 -3.60
N LYS M 118 -6.10 -91.88 -2.71
CA LYS M 118 -6.30 -92.28 -1.34
C LYS M 118 -7.38 -91.44 -0.68
N LEU M 119 -7.34 -90.13 -0.94
CA LEU M 119 -8.28 -89.21 -0.32
C LEU M 119 -9.72 -89.45 -0.76
N ALA M 120 -9.92 -90.11 -1.90
CA ALA M 120 -11.24 -90.47 -2.37
C ALA M 120 -11.64 -91.88 -1.96
N GLY M 121 -11.17 -92.35 -0.81
CA GLY M 121 -11.50 -93.67 -0.32
C GLY M 121 -12.74 -93.63 0.57
N ILE M 122 -13.01 -94.78 1.19
CA ILE M 122 -14.18 -94.87 2.06
C ILE M 122 -13.96 -94.12 3.35
N LYS M 123 -12.74 -94.16 3.89
CA LYS M 123 -12.49 -93.55 5.20
C LYS M 123 -12.71 -92.04 5.18
N PHE M 124 -12.54 -91.41 4.02
CA PHE M 124 -12.60 -89.97 3.90
C PHE M 124 -13.93 -89.47 3.35
N LYS M 125 -14.92 -90.34 3.18
CA LYS M 125 -16.21 -89.87 2.72
C LYS M 125 -16.93 -89.03 3.77
N ARG M 126 -16.57 -89.18 5.04
CA ARG M 126 -17.25 -88.46 6.11
C ARG M 126 -17.00 -86.96 6.09
N ILE M 127 -16.11 -86.47 5.22
CA ILE M 127 -15.71 -85.07 5.24
C ILE M 127 -16.52 -84.21 4.29
N ASN M 128 -17.39 -84.80 3.46
CA ASN M 128 -18.23 -84.01 2.56
C ASN M 128 -19.00 -82.94 3.31
N PHE M 129 -18.67 -81.67 3.05
CA PHE M 129 -19.18 -80.55 3.83
C PHE M 129 -20.38 -79.91 3.15
N ASN M 130 -20.17 -79.31 1.98
CA ASN M 130 -21.23 -78.82 1.12
C ASN M 130 -20.57 -78.37 -0.16
N ASN M 131 -21.29 -78.53 -1.27
CA ASN M 131 -20.75 -78.24 -2.60
C ASN M 131 -21.55 -77.09 -3.16
N SER M 132 -21.18 -75.88 -2.78
CA SER M 132 -21.89 -74.67 -3.14
C SER M 132 -21.25 -73.90 -4.28
N SER M 133 -19.93 -73.99 -4.42
CA SER M 133 -19.26 -73.32 -5.52
C SER M 133 -19.74 -73.88 -6.84
N GLU M 134 -19.74 -73.04 -7.87
CA GLU M 134 -20.35 -73.42 -9.13
C GLU M 134 -19.61 -74.57 -9.79
N TYR M 135 -18.29 -74.64 -9.62
CA TYR M 135 -17.53 -75.67 -10.31
C TYR M 135 -17.76 -77.04 -9.69
N ILE M 136 -17.74 -77.14 -8.36
CA ILE M 136 -18.09 -78.40 -7.73
C ILE M 136 -19.55 -78.72 -7.94
N GLU M 137 -20.40 -77.69 -8.02
CA GLU M 137 -21.80 -77.90 -8.32
C GLU M 137 -21.96 -78.65 -9.64
N ASN M 138 -21.34 -78.13 -10.69
CA ASN M 138 -21.42 -78.79 -11.99
C ASN M 138 -20.70 -80.14 -11.95
N TRP M 139 -19.66 -80.27 -11.12
CA TRP M 139 -18.99 -81.55 -11.00
C TRP M 139 -19.95 -82.63 -10.49
N ASN M 140 -20.71 -82.32 -9.44
CA ASN M 140 -21.69 -83.28 -8.96
C ASN M 140 -22.82 -83.48 -9.97
N LEU M 141 -23.27 -82.39 -10.58
CA LEU M 141 -24.37 -82.46 -11.54
C LEU M 141 -23.97 -83.20 -12.81
N GLN M 142 -22.69 -83.47 -13.02
CA GLN M 142 -22.26 -84.37 -14.08
C GLN M 142 -21.94 -85.76 -13.58
N ASN M 143 -21.44 -85.89 -12.34
CA ASN M 143 -21.25 -87.23 -11.78
C ASN M 143 -22.56 -88.00 -11.75
N ARG M 144 -23.65 -87.31 -11.46
CA ARG M 144 -24.98 -87.80 -11.80
C ARG M 144 -25.39 -87.13 -13.11
N ARG M 145 -25.76 -87.92 -14.10
CA ARG M 145 -25.86 -87.41 -15.47
C ARG M 145 -27.06 -86.48 -15.56
N GLN M 146 -26.85 -85.22 -15.18
CA GLN M 146 -27.85 -84.17 -15.22
C GLN M 146 -27.38 -83.02 -16.09
N ARG M 147 -28.28 -82.07 -16.31
CA ARG M 147 -27.98 -80.92 -17.14
C ARG M 147 -27.31 -79.83 -16.30
N THR M 148 -26.15 -79.39 -16.76
CA THR M 148 -25.29 -78.49 -16.01
C THR M 148 -25.22 -77.15 -16.73
N GLY M 149 -24.43 -76.23 -16.19
CA GLY M 149 -24.23 -74.96 -16.85
C GLY M 149 -23.26 -74.05 -16.15
N PHE M 150 -22.33 -73.49 -16.91
CA PHE M 150 -21.37 -72.51 -16.43
C PHE M 150 -21.68 -71.18 -17.09
N VAL M 151 -21.70 -70.12 -16.28
CA VAL M 151 -21.91 -68.76 -16.78
C VAL M 151 -20.54 -68.15 -17.01
N PHE M 152 -20.29 -67.69 -18.23
CA PHE M 152 -19.01 -67.10 -18.61
C PHE M 152 -19.24 -65.68 -19.08
N HIS M 153 -18.37 -64.77 -18.66
CA HIS M 153 -18.37 -63.39 -19.14
C HIS M 153 -17.31 -63.27 -20.22
N LYS M 154 -17.76 -63.09 -21.46
CA LYS M 154 -16.85 -62.93 -22.59
C LYS M 154 -16.04 -64.20 -22.78
N PRO M 155 -16.69 -65.32 -23.07
CA PRO M 155 -15.96 -66.59 -23.13
C PRO M 155 -15.01 -66.65 -24.31
N ASN M 156 -13.90 -67.34 -24.09
CA ASN M 156 -12.94 -67.64 -25.16
C ASN M 156 -13.39 -68.94 -25.82
N ILE M 157 -14.33 -68.82 -26.74
CA ILE M 157 -14.90 -69.96 -27.44
C ILE M 157 -14.35 -70.08 -28.85
N PHE M 158 -14.13 -68.97 -29.54
CA PHE M 158 -13.62 -69.03 -30.89
C PHE M 158 -12.12 -69.35 -30.85
N PRO M 159 -11.67 -70.43 -31.47
CA PRO M 159 -10.23 -70.57 -31.67
C PRO M 159 -9.72 -69.42 -32.52
N TYR M 160 -8.55 -68.91 -32.17
CA TYR M 160 -8.01 -67.76 -32.89
C TYR M 160 -7.77 -68.12 -34.35
N SER M 161 -8.29 -67.29 -35.24
CA SER M 161 -8.01 -67.48 -36.65
C SER M 161 -8.25 -66.15 -37.35
N ALA M 162 -7.19 -65.59 -37.91
CA ALA M 162 -7.27 -64.50 -38.87
C ALA M 162 -7.04 -65.11 -40.24
N SER M 163 -7.89 -64.75 -41.20
CA SER M 163 -7.86 -65.45 -42.47
C SER M 163 -8.72 -64.72 -43.48
N PHE M 164 -8.75 -65.23 -44.70
CA PHE M 164 -9.60 -64.70 -45.75
C PHE M 164 -9.81 -65.77 -46.81
N THR M 165 -10.91 -65.64 -47.54
CA THR M 165 -11.16 -66.42 -48.75
C THR M 165 -11.44 -65.46 -49.88
N LEU M 166 -10.98 -65.81 -51.08
CA LEU M 166 -11.14 -65.02 -52.28
C LEU M 166 -12.01 -65.80 -53.24
N ASN M 167 -13.27 -65.37 -53.39
CA ASN M 167 -14.16 -65.99 -54.36
C ASN M 167 -13.87 -65.57 -55.79
N ARG M 168 -13.00 -64.58 -55.97
CA ARG M 168 -12.63 -64.11 -57.31
C ARG M 168 -11.26 -63.48 -57.21
N SER M 169 -10.28 -64.04 -57.93
CA SER M 169 -8.92 -63.58 -57.83
C SER M 169 -8.16 -63.96 -59.09
N GLN M 170 -7.04 -63.28 -59.29
CA GLN M 170 -6.13 -63.58 -60.38
C GLN M 170 -4.76 -63.06 -59.99
N PRO M 171 -3.69 -63.63 -60.54
CA PRO M 171 -2.37 -63.44 -59.92
C PRO M 171 -1.92 -61.99 -59.86
N MET M 172 -2.49 -61.11 -60.67
CA MET M 172 -2.18 -59.69 -60.53
C MET M 172 -2.84 -59.08 -59.32
N HIS M 173 -3.93 -59.67 -58.83
CA HIS M 173 -4.66 -59.17 -57.66
C HIS M 173 -5.07 -57.71 -57.83
N ASP M 174 -5.31 -57.30 -59.08
CA ASP M 174 -5.87 -55.98 -59.33
C ASP M 174 -7.34 -55.94 -58.97
N ASN M 175 -8.02 -57.08 -59.08
CA ASN M 175 -9.46 -57.18 -58.88
C ASN M 175 -9.73 -58.39 -58.04
N LEU M 176 -10.39 -58.20 -56.90
CA LEU M 176 -10.61 -59.26 -55.93
C LEU M 176 -12.01 -59.13 -55.37
N MET M 177 -12.52 -60.23 -54.82
CA MET M 177 -13.77 -60.21 -54.10
C MET M 177 -13.77 -61.40 -53.17
N GLY M 178 -14.19 -61.20 -51.93
CA GLY M 178 -14.18 -62.29 -50.98
C GLY M 178 -14.47 -61.80 -49.59
N THR M 179 -14.14 -62.64 -48.62
CA THR M 179 -14.35 -62.33 -47.21
C THR M 179 -13.03 -62.41 -46.46
N MET M 180 -12.99 -61.71 -45.34
CA MET M 180 -11.77 -61.51 -44.57
C MET M 180 -12.20 -61.40 -43.12
N TRP M 181 -11.75 -62.33 -42.28
CA TRP M 181 -12.29 -62.43 -40.93
C TRP M 181 -11.19 -62.61 -39.91
N LEU M 182 -11.55 -62.28 -38.67
CA LEU M 182 -10.76 -62.59 -37.49
C LEU M 182 -11.72 -63.05 -36.41
N ASN M 183 -11.61 -64.32 -36.03
CA ASN M 183 -12.30 -64.86 -34.87
C ASN M 183 -11.29 -64.93 -33.74
N ALA M 184 -11.62 -64.37 -32.58
CA ALA M 184 -10.66 -64.32 -31.48
C ALA M 184 -11.40 -64.21 -30.16
N GLY M 185 -11.24 -65.21 -29.30
CA GLY M 185 -11.91 -65.19 -28.03
C GLY M 185 -13.42 -65.11 -28.18
N SER M 186 -13.98 -63.95 -27.85
CA SER M 186 -15.42 -63.71 -27.97
C SER M 186 -15.77 -62.76 -29.11
N GLU M 187 -14.79 -62.25 -29.85
CA GLU M 187 -15.01 -61.40 -30.99
C GLU M 187 -15.12 -62.23 -32.25
N ILE M 188 -16.08 -61.90 -33.10
CA ILE M 188 -16.01 -62.14 -34.52
C ILE M 188 -15.91 -60.79 -35.20
N GLN M 189 -15.03 -60.69 -36.18
CA GLN M 189 -14.99 -59.51 -37.04
C GLN M 189 -14.89 -60.04 -38.46
N VAL M 190 -15.95 -59.89 -39.24
CA VAL M 190 -15.99 -60.36 -40.62
C VAL M 190 -16.11 -59.15 -41.51
N ALA M 191 -15.58 -59.27 -42.73
CA ALA M 191 -15.67 -58.16 -43.68
C ALA M 191 -15.59 -58.72 -45.08
N GLY M 192 -16.65 -58.51 -45.86
CA GLY M 192 -16.63 -58.85 -47.27
C GLY M 192 -16.18 -57.64 -48.06
N PHE M 193 -15.29 -57.87 -49.02
CA PHE M 193 -14.75 -56.81 -49.83
C PHE M 193 -14.93 -57.17 -51.30
N ASP M 194 -15.05 -56.11 -52.11
CA ASP M 194 -15.23 -56.21 -53.54
C ASP M 194 -14.48 -55.04 -54.16
N TYR M 195 -13.54 -55.34 -55.06
CA TYR M 195 -12.78 -54.26 -55.67
C TYR M 195 -13.59 -53.54 -56.73
N SER M 196 -14.43 -54.26 -57.46
CA SER M 196 -15.28 -53.65 -58.46
C SER M 196 -16.51 -52.96 -57.86
N CYS M 197 -16.75 -53.12 -56.57
CA CYS M 197 -17.89 -52.51 -55.91
C CYS M 197 -19.21 -52.98 -56.54
N ALA M 198 -19.31 -54.29 -56.74
CA ALA M 198 -20.53 -54.91 -57.25
C ALA M 198 -20.91 -54.32 -58.60
N LEU M 199 -19.93 -54.09 -59.45
CA LEU M 199 -20.21 -53.49 -60.75
C LEU M 199 -21.01 -54.42 -61.63
N ASN M 200 -20.61 -55.69 -61.71
CA ASN M 200 -21.25 -56.67 -62.56
C ASN M 200 -21.99 -57.75 -61.78
N ALA M 201 -22.30 -57.48 -60.51
CA ALA M 201 -23.04 -58.44 -59.70
C ALA M 201 -24.51 -58.41 -60.06
N PRO M 202 -25.28 -59.43 -59.68
CA PRO M 202 -26.72 -59.41 -59.94
C PRO M 202 -27.41 -58.22 -59.30
N ALA M 203 -27.92 -57.31 -60.13
CA ALA M 203 -28.61 -56.12 -59.65
C ALA M 203 -27.72 -55.27 -58.74
N ASN M 204 -26.42 -55.27 -59.01
CA ASN M 204 -25.46 -54.48 -58.24
C ASN M 204 -25.51 -54.83 -56.75
N ILE M 205 -25.67 -56.12 -56.46
CA ILE M 205 -25.74 -56.61 -55.10
C ILE M 205 -24.83 -57.83 -54.99
N GLN M 206 -23.85 -57.77 -54.10
CA GLN M 206 -22.91 -58.85 -53.87
C GLN M 206 -23.23 -59.49 -52.52
N GLN M 207 -23.54 -60.77 -52.54
CA GLN M 207 -23.88 -61.49 -51.32
C GLN M 207 -22.62 -62.00 -50.63
N PHE M 208 -22.57 -61.85 -49.31
CA PHE M 208 -21.43 -62.29 -48.51
C PHE M 208 -21.95 -63.16 -47.38
N GLU M 209 -21.31 -64.31 -47.19
CA GLU M 209 -21.70 -65.30 -46.22
C GLU M 209 -20.52 -65.60 -45.33
N HIS M 210 -20.79 -65.86 -44.05
CA HIS M 210 -19.74 -66.35 -43.15
C HIS M 210 -20.40 -67.27 -42.14
N ILE M 211 -19.79 -68.43 -41.91
CA ILE M 211 -20.32 -69.43 -41.01
C ILE M 211 -19.24 -69.71 -39.96
N VAL M 212 -19.60 -69.52 -38.70
CA VAL M 212 -18.72 -69.81 -37.57
C VAL M 212 -19.35 -70.92 -36.77
N GLN M 213 -18.70 -72.07 -36.73
CA GLN M 213 -19.28 -73.27 -36.13
C GLN M 213 -18.63 -73.46 -34.77
N LEU M 214 -19.36 -73.10 -33.71
CA LEU M 214 -18.82 -73.21 -32.36
C LEU M 214 -18.54 -74.66 -32.04
N ARG M 215 -17.47 -74.89 -31.29
CA ARG M 215 -17.14 -76.25 -30.89
C ARG M 215 -18.13 -76.78 -29.87
N ARG M 216 -18.62 -75.92 -28.99
CA ARG M 216 -19.62 -76.29 -28.01
C ARG M 216 -20.74 -75.26 -28.01
N ALA M 217 -21.97 -75.73 -27.87
CA ALA M 217 -23.13 -74.87 -28.01
C ALA M 217 -23.29 -73.97 -26.80
N LEU M 218 -23.36 -72.67 -27.05
CA LEU M 218 -23.63 -71.70 -26.00
C LEU M 218 -25.13 -71.63 -25.74
N THR M 219 -25.51 -70.92 -24.69
CA THR M 219 -26.90 -70.86 -24.26
C THR M 219 -27.16 -69.52 -23.60
N THR M 220 -28.33 -68.94 -23.92
CA THR M 220 -28.78 -67.67 -23.33
C THR M 220 -27.70 -66.60 -23.41
N ALA M 221 -27.05 -66.54 -24.57
CA ALA M 221 -25.93 -65.64 -24.75
C ALA M 221 -26.42 -64.26 -25.15
N THR M 222 -25.84 -63.24 -24.50
CA THR M 222 -26.02 -61.85 -24.90
C THR M 222 -24.91 -61.49 -25.87
N ILE M 223 -25.27 -60.81 -26.96
CA ILE M 223 -24.35 -60.56 -28.06
C ILE M 223 -24.46 -59.10 -28.47
N THR M 224 -23.33 -58.42 -28.54
CA THR M 224 -23.27 -57.05 -29.05
C THR M 224 -22.89 -57.10 -30.51
N LEU M 225 -23.80 -56.72 -31.39
CA LEU M 225 -23.58 -56.75 -32.84
C LEU M 225 -23.53 -55.32 -33.35
N LEU M 226 -22.49 -55.00 -34.10
CA LEU M 226 -22.33 -53.68 -34.69
C LEU M 226 -21.86 -53.85 -36.12
N PRO M 227 -22.06 -52.84 -36.97
CA PRO M 227 -21.54 -52.93 -38.33
C PRO M 227 -20.12 -52.41 -38.43
N ASP M 228 -19.55 -52.39 -39.63
CA ASP M 228 -18.29 -51.71 -39.91
C ASP M 228 -17.15 -52.27 -39.06
N ALA M 229 -16.78 -53.50 -39.38
CA ALA M 229 -15.63 -54.15 -38.76
C ALA M 229 -14.42 -53.24 -38.80
N GLU M 230 -13.97 -52.85 -37.61
CA GLU M 230 -12.89 -51.87 -37.52
C GLU M 230 -11.58 -52.43 -38.01
N ARG M 231 -11.32 -53.71 -37.73
CA ARG M 231 -9.98 -54.27 -37.98
C ARG M 231 -9.66 -54.32 -39.46
N PHE M 232 -10.66 -54.52 -40.32
CA PHE M 232 -10.46 -54.66 -41.75
C PHE M 232 -10.88 -53.40 -42.50
N SER M 233 -10.60 -52.23 -41.94
CA SER M 233 -11.03 -50.97 -42.50
C SER M 233 -9.89 -49.97 -42.68
N PHE M 234 -8.66 -50.46 -42.77
CA PHE M 234 -7.51 -49.62 -43.06
C PHE M 234 -6.59 -50.37 -44.01
N PRO M 235 -5.72 -49.66 -44.74
CA PRO M 235 -4.94 -50.32 -45.79
C PRO M 235 -4.05 -51.42 -45.25
N ARG M 236 -3.87 -52.46 -46.06
CA ARG M 236 -3.13 -53.64 -45.67
C ARG M 236 -2.36 -54.18 -46.85
N VAL M 237 -1.33 -54.97 -46.54
CA VAL M 237 -0.53 -55.66 -47.54
C VAL M 237 -0.47 -57.12 -47.14
N ILE M 238 -1.35 -57.93 -47.73
CA ILE M 238 -1.59 -59.30 -47.27
C ILE M 238 -0.90 -60.27 -48.21
N ASN M 239 -0.11 -61.17 -47.66
CA ASN M 239 0.46 -62.25 -48.45
C ASN M 239 -0.67 -63.13 -48.99
N SER M 240 -0.49 -63.64 -50.20
CA SER M 240 -1.53 -64.42 -50.85
C SER M 240 -1.75 -65.75 -50.15
N ALA M 241 -2.66 -66.57 -50.67
CA ALA M 241 -2.94 -67.86 -50.06
C ALA M 241 -1.69 -68.73 -50.03
N ASP M 242 -0.96 -68.77 -51.13
CA ASP M 242 0.28 -69.55 -51.20
C ASP M 242 1.46 -68.83 -50.57
N GLY M 243 1.36 -67.52 -50.33
CA GLY M 243 2.47 -66.75 -49.85
C GLY M 243 3.48 -66.38 -50.92
N ALA M 244 3.22 -66.71 -52.18
CA ALA M 244 4.19 -66.41 -53.23
C ALA M 244 4.36 -64.91 -53.41
N THR M 245 3.27 -64.14 -53.30
CA THR M 245 3.32 -62.72 -53.55
C THR M 245 2.28 -62.04 -52.67
N THR M 246 2.45 -60.74 -52.47
CA THR M 246 1.62 -59.98 -51.55
C THR M 246 0.74 -59.00 -52.33
N TRP M 247 -0.53 -58.97 -52.00
CA TRP M 247 -1.49 -58.09 -52.63
C TRP M 247 -1.93 -56.99 -51.69
N PHE M 248 -2.52 -55.96 -52.27
CA PHE M 248 -2.84 -54.72 -51.59
C PHE M 248 -4.33 -54.64 -51.31
N PHE M 249 -4.69 -54.06 -50.17
CA PHE M 249 -6.07 -53.90 -49.76
C PHE M 249 -6.25 -52.47 -49.29
N ASN M 250 -7.21 -51.75 -49.86
CA ASN M 250 -7.41 -50.33 -49.62
C ASN M 250 -8.89 -50.08 -49.36
N PRO M 251 -9.38 -50.42 -48.16
CA PRO M 251 -10.82 -50.40 -47.94
C PRO M 251 -11.44 -49.03 -48.03
N ILE M 252 -12.69 -49.02 -48.49
CA ILE M 252 -13.64 -47.93 -48.32
C ILE M 252 -14.89 -48.56 -47.75
N ILE M 253 -15.34 -48.10 -46.59
CA ILE M 253 -16.38 -48.79 -45.85
C ILE M 253 -17.75 -48.29 -46.29
N LEU M 254 -18.49 -49.16 -46.95
CA LEU M 254 -19.91 -48.99 -47.22
C LEU M 254 -20.73 -49.61 -46.09
N ARG M 255 -21.99 -49.22 -46.00
CA ARG M 255 -22.79 -49.82 -44.93
C ARG M 255 -23.25 -51.21 -45.32
N PRO M 256 -23.20 -52.22 -44.45
CA PRO M 256 -23.69 -53.55 -44.84
C PRO M 256 -25.20 -53.59 -44.80
N ASN M 257 -25.82 -53.64 -45.97
CA ASN M 257 -27.27 -53.59 -46.03
C ASN M 257 -27.86 -54.99 -45.82
N ASN M 258 -29.11 -55.00 -45.33
CA ASN M 258 -29.92 -56.17 -44.99
C ASN M 258 -29.09 -57.32 -44.44
N VAL M 259 -28.33 -57.05 -43.38
CA VAL M 259 -27.63 -58.11 -42.69
C VAL M 259 -28.65 -59.08 -42.11
N GLU M 260 -28.25 -60.33 -41.98
CA GLU M 260 -29.09 -61.39 -41.43
C GLU M 260 -28.18 -62.28 -40.61
N VAL M 261 -28.33 -62.22 -39.31
CA VAL M 261 -27.55 -63.03 -38.38
C VAL M 261 -28.49 -64.08 -37.82
N GLU M 262 -28.24 -65.34 -38.13
CA GLU M 262 -29.08 -66.42 -37.64
C GLU M 262 -28.23 -67.39 -36.83
N PHE M 263 -28.73 -67.72 -35.65
CA PHE M 263 -28.07 -68.63 -34.73
C PHE M 263 -28.77 -69.98 -34.82
N LEU M 264 -27.96 -71.02 -35.02
CA LEU M 264 -28.41 -72.36 -35.39
C LEU M 264 -27.98 -73.36 -34.34
N LEU M 265 -28.85 -74.34 -34.08
CA LEU M 265 -28.52 -75.48 -33.23
C LEU M 265 -28.86 -76.75 -33.99
N ASN M 266 -27.82 -77.48 -34.39
CA ASN M 266 -28.01 -78.75 -35.09
C ASN M 266 -28.81 -78.53 -36.38
N GLY M 267 -28.33 -77.59 -37.20
CA GLY M 267 -28.99 -77.29 -38.46
C GLY M 267 -30.15 -76.33 -38.38
N GLN M 268 -31.13 -76.61 -37.51
CA GLN M 268 -32.33 -75.79 -37.45
C GLN M 268 -32.00 -74.37 -37.06
N ILE M 269 -32.72 -73.41 -37.64
CA ILE M 269 -32.53 -72.01 -37.31
C ILE M 269 -33.27 -71.71 -36.01
N ILE M 270 -32.52 -71.24 -35.00
CA ILE M 270 -33.06 -71.08 -33.66
C ILE M 270 -33.35 -69.62 -33.39
N ASN M 271 -32.57 -68.72 -33.99
CA ASN M 271 -32.87 -67.30 -33.87
C ASN M 271 -32.45 -66.60 -35.14
N THR M 272 -33.11 -65.48 -35.42
CA THR M 272 -32.82 -64.67 -36.60
C THR M 272 -32.93 -63.20 -36.23
N TYR M 273 -32.01 -62.40 -36.76
CA TYR M 273 -32.06 -60.95 -36.58
C TYR M 273 -31.71 -60.29 -37.90
N GLN M 274 -32.60 -59.43 -38.38
CA GLN M 274 -32.47 -58.76 -39.66
C GLN M 274 -32.31 -57.27 -39.41
N ALA M 275 -31.13 -56.74 -39.70
CA ALA M 275 -30.86 -55.31 -39.61
C ALA M 275 -31.14 -54.77 -38.21
N ARG M 276 -30.91 -55.59 -37.19
CA ARG M 276 -31.02 -55.18 -35.79
C ARG M 276 -29.64 -55.25 -35.17
N PHE M 277 -29.04 -54.10 -34.93
CA PHE M 277 -27.74 -54.00 -34.29
C PHE M 277 -27.95 -53.77 -32.80
N GLY M 278 -26.85 -53.53 -32.09
CA GLY M 278 -26.91 -53.41 -30.66
C GLY M 278 -27.03 -54.78 -30.02
N THR M 279 -27.45 -54.78 -28.76
CA THR M 279 -27.52 -56.02 -28.00
C THR M 279 -28.65 -56.91 -28.49
N ILE M 280 -28.36 -58.20 -28.62
CA ILE M 280 -29.30 -59.21 -29.05
C ILE M 280 -29.06 -60.45 -28.19
N VAL M 281 -29.92 -61.44 -28.36
CA VAL M 281 -29.91 -62.63 -27.51
C VAL M 281 -30.03 -63.86 -28.37
N ALA M 282 -29.35 -64.93 -27.96
CA ALA M 282 -29.45 -66.23 -28.61
C ALA M 282 -29.62 -67.29 -27.54
N ARG M 283 -30.75 -67.98 -27.54
CA ARG M 283 -31.05 -68.90 -26.45
C ARG M 283 -30.28 -70.22 -26.58
N ASN M 284 -30.06 -70.70 -27.81
CA ASN M 284 -29.29 -71.90 -28.07
C ASN M 284 -28.68 -71.81 -29.45
N PHE M 285 -27.39 -72.13 -29.55
CA PHE M 285 -26.78 -72.19 -30.87
C PHE M 285 -25.43 -72.87 -30.90
N ASP M 286 -25.29 -73.83 -31.81
CA ASP M 286 -24.03 -74.45 -32.16
C ASP M 286 -23.31 -73.71 -33.28
N THR M 287 -23.99 -72.82 -33.99
CA THR M 287 -23.41 -72.19 -35.16
C THR M 287 -23.98 -70.79 -35.32
N ILE M 288 -23.20 -69.93 -35.95
CA ILE M 288 -23.60 -68.57 -36.29
C ILE M 288 -23.44 -68.42 -37.79
N ARG M 289 -24.46 -67.88 -38.45
CA ARG M 289 -24.39 -67.56 -39.88
C ARG M 289 -24.64 -66.08 -40.03
N LEU M 290 -23.65 -65.36 -40.54
CA LEU M 290 -23.73 -63.93 -40.79
C LEU M 290 -23.79 -63.75 -42.30
N SER M 291 -24.91 -63.26 -42.81
CA SER M 291 -25.11 -63.03 -44.24
C SER M 291 -25.37 -61.55 -44.44
N PHE M 292 -24.43 -60.86 -45.07
CA PHE M 292 -24.60 -59.45 -45.37
C PHE M 292 -24.44 -59.23 -46.87
N GLN M 293 -24.60 -57.99 -47.31
CA GLN M 293 -24.62 -57.66 -48.71
C GLN M 293 -23.87 -56.36 -48.94
N LEU M 294 -23.27 -56.26 -50.11
CA LEU M 294 -22.65 -55.03 -50.59
C LEU M 294 -23.45 -54.59 -51.80
N MET M 295 -24.31 -53.60 -51.60
CA MET M 295 -25.16 -53.07 -52.66
C MET M 295 -24.57 -51.76 -53.15
N ARG M 296 -24.32 -51.68 -54.44
CA ARG M 296 -23.72 -50.48 -55.02
C ARG M 296 -24.66 -49.30 -54.81
N PRO M 297 -24.17 -48.13 -54.41
CA PRO M 297 -25.07 -46.99 -54.27
C PRO M 297 -25.47 -46.47 -55.64
N PRO M 298 -26.77 -46.45 -55.98
CA PRO M 298 -27.12 -45.89 -57.28
C PRO M 298 -26.85 -44.40 -57.36
N ASN M 299 -27.37 -43.63 -56.43
CA ASN M 299 -27.13 -42.20 -56.38
C ASN M 299 -25.80 -41.97 -55.70
N MET M 300 -24.91 -41.26 -56.38
CA MET M 300 -23.53 -41.10 -55.93
C MET M 300 -23.12 -39.66 -56.15
N THR M 301 -22.43 -39.10 -55.17
CA THR M 301 -21.85 -37.78 -55.30
C THR M 301 -20.71 -37.84 -56.31
N PRO M 302 -20.29 -36.69 -56.86
CA PRO M 302 -19.07 -36.68 -57.66
C PRO M 302 -17.88 -37.38 -57.01
N ALA M 303 -17.65 -37.20 -55.71
CA ALA M 303 -16.52 -37.85 -55.07
C ALA M 303 -16.65 -39.36 -55.10
N VAL M 304 -17.83 -39.89 -54.79
CA VAL M 304 -18.00 -41.34 -54.76
C VAL M 304 -17.93 -41.90 -56.17
N ASN M 305 -18.49 -41.19 -57.14
CA ASN M 305 -18.38 -41.65 -58.51
C ASN M 305 -16.93 -41.69 -58.96
N ALA M 306 -16.14 -40.69 -58.53
CA ALA M 306 -14.71 -40.72 -58.81
C ALA M 306 -14.06 -41.94 -58.17
N LEU M 307 -14.52 -42.31 -56.97
CA LEU M 307 -13.93 -43.48 -56.31
C LEU M 307 -14.18 -44.75 -57.10
N PHE M 308 -15.40 -44.93 -57.61
CA PHE M 308 -15.77 -46.20 -58.24
C PHE M 308 -15.95 -46.05 -59.75
N PRO M 309 -14.95 -46.41 -60.58
CA PRO M 309 -15.14 -46.37 -62.03
C PRO M 309 -15.57 -47.69 -62.63
N GLN M 310 -15.85 -47.70 -63.94
CA GLN M 310 -16.19 -48.92 -64.66
C GLN M 310 -14.99 -49.66 -65.22
N ALA M 311 -13.85 -49.00 -65.34
CA ALA M 311 -12.66 -49.61 -65.91
C ALA M 311 -12.03 -50.54 -64.88
N GLN M 312 -10.85 -51.07 -65.17
CA GLN M 312 -10.21 -52.00 -64.25
C GLN M 312 -9.45 -51.39 -63.07
N PRO M 313 -8.76 -50.20 -63.19
CA PRO M 313 -7.83 -49.77 -62.14
C PRO M 313 -8.26 -49.99 -60.69
N PHE M 314 -9.44 -49.52 -60.29
CA PHE M 314 -10.03 -49.83 -58.99
C PHE M 314 -9.05 -49.51 -57.85
N GLN M 315 -8.77 -48.22 -57.70
CA GLN M 315 -7.79 -47.79 -56.71
C GLN M 315 -8.27 -48.03 -55.28
N HIS M 316 -9.58 -47.92 -55.03
CA HIS M 316 -10.14 -48.06 -53.69
C HIS M 316 -11.21 -49.13 -53.70
N HIS M 317 -11.24 -49.96 -52.66
CA HIS M 317 -11.93 -51.24 -52.70
C HIS M 317 -13.09 -51.24 -51.71
N ALA M 318 -14.29 -51.50 -52.19
CA ALA M 318 -15.47 -51.46 -51.33
C ALA M 318 -15.40 -52.55 -50.27
N THR M 319 -15.87 -52.25 -49.07
CA THR M 319 -15.79 -53.17 -47.94
C THR M 319 -17.02 -52.99 -47.05
N VAL M 320 -17.51 -54.09 -46.50
CA VAL M 320 -18.64 -54.07 -45.58
C VAL M 320 -18.39 -55.13 -44.52
N GLY M 321 -18.46 -54.74 -43.24
CA GLY M 321 -18.06 -55.61 -42.18
C GLY M 321 -19.00 -55.56 -40.98
N LEU M 322 -18.90 -56.61 -40.17
CA LEU M 322 -19.69 -56.78 -38.97
C LEU M 322 -18.80 -57.22 -37.81
N THR M 323 -19.05 -56.66 -36.64
CA THR M 323 -18.43 -57.11 -35.39
C THR M 323 -19.51 -57.74 -34.52
N LEU M 324 -19.16 -58.83 -33.86
CA LEU M 324 -20.09 -59.59 -33.04
C LEU M 324 -19.35 -60.05 -31.79
N ARG M 325 -19.59 -59.38 -30.67
CA ARG M 325 -19.02 -59.78 -29.39
C ARG M 325 -20.01 -60.65 -28.65
N ILE M 326 -19.53 -61.73 -28.04
CA ILE M 326 -20.36 -62.54 -27.14
C ILE M 326 -20.09 -62.00 -25.75
N GLU M 327 -20.98 -61.13 -25.26
CA GLU M 327 -20.75 -60.48 -23.99
C GLU M 327 -20.73 -61.49 -22.85
N SER M 328 -21.70 -62.39 -22.83
CA SER M 328 -21.79 -63.39 -21.79
C SER M 328 -22.57 -64.56 -22.33
N ALA M 329 -22.40 -65.72 -21.71
CA ALA M 329 -23.06 -66.92 -22.23
C ALA M 329 -23.15 -67.96 -21.14
N VAL M 330 -23.94 -68.98 -21.40
CA VAL M 330 -24.05 -70.16 -20.54
C VAL M 330 -23.70 -71.37 -21.38
N CYS M 331 -22.73 -72.15 -20.93
CA CYS M 331 -22.24 -73.30 -21.67
C CYS M 331 -22.35 -74.55 -20.81
N GLU M 332 -22.68 -75.67 -21.44
CA GLU M 332 -22.74 -76.92 -20.68
C GLU M 332 -21.35 -77.44 -20.38
N SER M 333 -20.36 -77.11 -21.20
CA SER M 333 -18.97 -77.50 -20.98
C SER M 333 -18.18 -76.30 -20.50
N VAL M 334 -16.95 -76.57 -20.06
CA VAL M 334 -16.11 -75.58 -19.39
C VAL M 334 -15.18 -74.95 -20.41
N LEU M 335 -15.02 -73.63 -20.32
CA LEU M 335 -14.26 -72.83 -21.26
C LEU M 335 -13.37 -71.86 -20.49
N ALA M 336 -12.48 -71.19 -21.20
CA ALA M 336 -11.74 -70.09 -20.63
C ALA M 336 -12.62 -68.84 -20.60
N ASP M 337 -12.19 -67.85 -19.83
CA ASP M 337 -13.03 -66.70 -19.51
C ASP M 337 -12.19 -65.43 -19.48
N ALA M 338 -12.90 -64.31 -19.47
CA ALA M 338 -12.33 -63.03 -19.13
C ALA M 338 -12.60 -62.64 -17.68
N ASN M 339 -13.12 -63.57 -16.88
CA ASN M 339 -13.52 -63.29 -15.50
C ASN M 339 -12.81 -64.16 -14.49
N GLU M 340 -12.70 -65.46 -14.75
CA GLU M 340 -11.99 -66.39 -13.89
C GLU M 340 -10.55 -66.53 -14.35
N THR M 341 -9.76 -67.22 -13.54
CA THR M 341 -8.32 -67.35 -13.74
C THR M 341 -7.89 -68.81 -13.67
N LEU M 342 -8.75 -69.72 -14.12
CA LEU M 342 -8.47 -71.14 -13.93
C LEU M 342 -7.55 -71.68 -15.00
N LEU M 343 -7.76 -71.29 -16.27
CA LEU M 343 -6.81 -71.65 -17.31
C LEU M 343 -5.43 -71.11 -16.98
N ALA M 344 -5.37 -69.86 -16.54
CA ALA M 344 -4.08 -69.28 -16.16
C ALA M 344 -3.47 -70.02 -14.99
N ASN M 345 -4.29 -70.42 -14.02
CA ASN M 345 -3.76 -71.15 -12.87
C ASN M 345 -3.12 -72.46 -13.30
N VAL M 346 -3.83 -73.24 -14.13
CA VAL M 346 -3.29 -74.53 -14.54
C VAL M 346 -2.03 -74.32 -15.39
N THR M 347 -2.06 -73.35 -16.30
CA THR M 347 -0.91 -73.11 -17.16
C THR M 347 0.30 -72.69 -16.35
N ALA M 348 0.11 -71.79 -15.38
CA ALA M 348 1.22 -71.38 -14.54
C ALA M 348 1.76 -72.54 -13.73
N VAL M 349 0.88 -73.40 -13.24
CA VAL M 349 1.33 -74.57 -12.50
C VAL M 349 2.20 -75.44 -13.37
N ARG M 350 1.79 -75.66 -14.62
CA ARG M 350 2.60 -76.49 -15.50
C ARG M 350 3.94 -75.84 -15.79
N GLN M 351 3.93 -74.53 -16.06
CA GLN M 351 5.18 -73.86 -16.41
C GLN M 351 6.13 -73.77 -15.22
N GLU M 352 5.60 -73.72 -14.00
CA GLU M 352 6.44 -73.66 -12.81
C GLU M 352 7.42 -74.82 -12.77
N TYR M 353 6.90 -76.03 -12.92
CA TYR M 353 7.67 -77.25 -12.72
C TYR M 353 8.02 -77.96 -14.01
N ALA M 354 7.71 -77.37 -15.17
CA ALA M 354 8.16 -77.89 -16.45
C ALA M 354 7.69 -79.34 -16.64
N ILE M 355 6.39 -79.51 -16.51
CA ILE M 355 5.82 -80.85 -16.66
C ILE M 355 6.03 -81.31 -18.10
N PRO M 356 6.51 -82.53 -18.35
CA PRO M 356 6.62 -82.98 -19.74
C PRO M 356 5.28 -83.01 -20.41
N VAL M 357 5.27 -82.73 -21.72
CA VAL M 357 4.02 -82.66 -22.47
C VAL M 357 3.30 -83.99 -22.36
N GLY M 358 2.05 -83.94 -21.95
CA GLY M 358 1.29 -85.13 -21.66
C GLY M 358 0.57 -85.66 -22.90
N PRO M 359 -0.23 -86.71 -22.72
CA PRO M 359 -0.82 -87.38 -23.86
C PRO M 359 -2.10 -86.75 -24.40
N VAL M 360 -2.66 -85.74 -23.73
CA VAL M 360 -3.94 -85.17 -24.16
C VAL M 360 -3.82 -83.67 -24.46
N PHE M 361 -3.42 -82.87 -23.48
CA PHE M 361 -3.48 -81.44 -23.72
C PHE M 361 -2.36 -81.02 -24.69
N PRO M 362 -2.55 -79.94 -25.43
CA PRO M 362 -1.47 -79.48 -26.32
C PRO M 362 -0.28 -79.01 -25.52
N PRO M 363 0.89 -78.88 -26.14
CA PRO M 363 2.04 -78.35 -25.41
C PRO M 363 1.76 -76.94 -24.93
N GLY M 364 2.16 -76.65 -23.70
CA GLY M 364 1.91 -75.35 -23.12
C GLY M 364 0.46 -75.05 -22.83
N MET M 365 -0.42 -76.03 -22.96
CA MET M 365 -1.86 -75.84 -22.81
C MET M 365 -2.33 -74.65 -23.64
N ASN M 366 -1.89 -74.62 -24.88
CA ASN M 366 -2.29 -73.57 -25.82
C ASN M 366 -3.79 -73.60 -26.00
N TRP M 367 -4.47 -72.57 -25.50
CA TRP M 367 -5.92 -72.59 -25.52
C TRP M 367 -6.47 -72.65 -26.93
N THR M 368 -5.77 -72.05 -27.90
CA THR M 368 -6.27 -72.06 -29.26
C THR M 368 -6.34 -73.48 -29.82
N GLU M 369 -5.25 -74.24 -29.70
CA GLU M 369 -5.29 -75.63 -30.13
C GLU M 369 -6.26 -76.45 -29.29
N LEU M 370 -6.31 -76.15 -27.99
CA LEU M 370 -7.17 -76.92 -27.09
C LEU M 370 -8.63 -76.79 -27.49
N ILE M 371 -9.08 -75.59 -27.83
CA ILE M 371 -10.46 -75.43 -28.26
C ILE M 371 -10.62 -75.86 -29.72
N THR M 372 -9.56 -75.76 -30.53
CA THR M 372 -9.67 -76.21 -31.91
C THR M 372 -10.00 -77.69 -31.99
N ASN M 373 -9.33 -78.49 -31.16
CA ASN M 373 -9.63 -79.91 -31.03
C ASN M 373 -10.02 -80.16 -29.58
N TYR M 374 -11.31 -80.41 -29.35
CA TYR M 374 -11.89 -80.44 -28.01
C TYR M 374 -12.63 -81.75 -27.78
N SER M 375 -11.93 -82.85 -28.03
CA SER M 375 -12.51 -84.19 -27.91
C SER M 375 -13.09 -84.43 -26.51
N PRO M 376 -13.94 -85.44 -26.36
CA PRO M 376 -14.53 -85.69 -25.03
C PRO M 376 -13.53 -85.94 -23.93
N SER M 377 -12.48 -86.72 -24.18
CA SER M 377 -11.49 -86.97 -23.14
C SER M 377 -10.77 -85.69 -22.77
N ARG M 378 -10.44 -84.87 -23.76
CA ARG M 378 -9.82 -83.59 -23.48
C ARG M 378 -10.74 -82.72 -22.64
N GLU M 379 -12.03 -82.71 -22.95
CA GLU M 379 -12.96 -81.92 -22.16
C GLU M 379 -13.03 -82.44 -20.73
N ASP M 380 -13.04 -83.76 -20.55
CA ASP M 380 -13.11 -84.32 -19.21
C ASP M 380 -11.90 -83.92 -18.38
N ASN M 381 -10.71 -84.06 -18.95
CA ASN M 381 -9.52 -83.62 -18.22
C ASN M 381 -9.53 -82.12 -17.98
N LEU M 382 -10.03 -81.35 -18.94
CA LEU M 382 -10.07 -79.91 -18.76
C LEU M 382 -10.99 -79.55 -17.61
N GLN M 383 -12.13 -80.22 -17.50
CA GLN M 383 -13.02 -79.98 -16.37
C GLN M 383 -12.35 -80.35 -15.06
N ARG M 384 -11.66 -81.50 -15.04
CA ARG M 384 -11.02 -81.92 -13.80
C ARG M 384 -9.97 -80.91 -13.36
N VAL M 385 -9.09 -80.51 -14.25
CA VAL M 385 -8.03 -79.58 -13.87
C VAL M 385 -8.63 -78.22 -13.54
N PHE M 386 -9.69 -77.81 -14.24
CA PHE M 386 -10.29 -76.50 -13.97
C PHE M 386 -10.92 -76.46 -12.59
N THR M 387 -11.66 -77.49 -12.22
CA THR M 387 -12.29 -77.47 -10.92
C THR M 387 -11.30 -77.69 -9.79
N VAL M 388 -10.22 -78.46 -10.02
CA VAL M 388 -9.16 -78.50 -9.03
C VAL M 388 -8.51 -77.13 -8.89
N ALA M 389 -8.35 -76.42 -10.00
CA ALA M 389 -7.78 -75.09 -9.93
C ALA M 389 -8.68 -74.15 -9.14
N SER M 390 -9.99 -74.27 -9.30
CA SER M 390 -10.90 -73.44 -8.50
C SER M 390 -10.78 -73.77 -7.02
N ILE M 391 -10.68 -75.06 -6.69
CA ILE M 391 -10.51 -75.46 -5.30
C ILE M 391 -9.26 -74.83 -4.74
N ARG M 392 -8.15 -74.91 -5.47
CA ARG M 392 -6.91 -74.32 -5.01
C ARG M 392 -7.04 -72.81 -4.86
N SER M 393 -7.70 -72.15 -5.82
CA SER M 393 -7.83 -70.71 -5.80
C SER M 393 -8.74 -70.23 -4.68
N MET M 394 -9.57 -71.10 -4.12
CA MET M 394 -10.31 -70.71 -2.93
C MET M 394 -9.38 -70.32 -1.79
N LEU M 395 -8.17 -70.88 -1.76
CA LEU M 395 -7.22 -70.71 -0.68
C LEU M 395 -6.00 -69.90 -1.07
N ILE M 396 -5.37 -70.26 -2.19
CA ILE M 396 -4.08 -69.70 -2.60
C ILE M 396 -4.32 -68.73 -3.74
N LYS M 397 -3.71 -67.56 -3.65
CA LYS M 397 -3.77 -66.59 -4.74
C LYS M 397 -2.46 -65.83 -4.81
N MET N 1 -43.25 -62.70 -3.64
CA MET N 1 -41.97 -62.98 -4.34
C MET N 1 -40.87 -63.35 -3.37
N GLU N 2 -40.91 -62.75 -2.18
CA GLU N 2 -39.96 -63.14 -1.15
C GLU N 2 -40.07 -64.62 -0.84
N VAL N 3 -41.30 -65.15 -0.86
CA VAL N 3 -41.47 -66.58 -0.63
C VAL N 3 -40.88 -67.37 -1.79
N LEU N 4 -41.04 -66.89 -3.02
CA LEU N 4 -40.48 -67.59 -4.17
C LEU N 4 -38.96 -67.65 -4.08
N TYR N 5 -38.34 -66.51 -3.74
CA TYR N 5 -36.90 -66.49 -3.58
C TYR N 5 -36.47 -67.43 -2.45
N SER N 6 -37.25 -67.49 -1.37
CA SER N 6 -36.90 -68.37 -0.27
C SER N 6 -36.97 -69.83 -0.70
N LEU N 7 -38.00 -70.20 -1.48
CA LEU N 7 -38.06 -71.55 -2.02
C LEU N 7 -36.83 -71.86 -2.85
N SER N 8 -36.44 -70.93 -3.73
CA SER N 8 -35.28 -71.17 -4.56
C SER N 8 -34.02 -71.31 -3.72
N LYS N 9 -33.87 -70.46 -2.70
CA LYS N 9 -32.66 -70.52 -1.89
C LYS N 9 -32.60 -71.80 -1.07
N THR N 10 -33.71 -72.20 -0.46
CA THR N 10 -33.67 -73.43 0.33
C THR N 10 -33.46 -74.63 -0.56
N LEU N 11 -33.95 -74.60 -1.80
CA LEU N 11 -33.71 -75.75 -2.68
C LEU N 11 -32.27 -75.77 -3.17
N LYS N 12 -31.69 -74.61 -3.45
CA LYS N 12 -30.28 -74.57 -3.79
C LYS N 12 -29.43 -75.12 -2.66
N ASP N 13 -29.67 -74.64 -1.44
CA ASP N 13 -28.89 -75.11 -0.31
C ASP N 13 -29.23 -76.55 0.05
N ALA N 14 -30.41 -77.06 -0.33
CA ALA N 14 -30.67 -78.47 -0.13
C ALA N 14 -29.90 -79.32 -1.13
N ARG N 15 -29.79 -78.85 -2.37
CA ARG N 15 -29.00 -79.57 -3.35
C ARG N 15 -27.54 -79.58 -2.94
N ASP N 16 -27.05 -78.47 -2.38
CA ASP N 16 -25.64 -78.37 -2.04
C ASP N 16 -25.32 -79.07 -0.71
N LYS N 17 -26.02 -78.69 0.36
CA LYS N 17 -25.61 -79.11 1.69
C LYS N 17 -25.99 -80.56 2.01
N ILE N 18 -27.05 -81.09 1.39
CA ILE N 18 -27.48 -82.46 1.67
C ILE N 18 -26.72 -83.37 0.70
N VAL N 19 -25.51 -83.76 1.10
CA VAL N 19 -24.64 -84.62 0.31
C VAL N 19 -24.24 -85.81 1.16
N GLU N 20 -23.72 -86.83 0.50
CA GLU N 20 -23.39 -88.08 1.19
C GLU N 20 -22.29 -87.85 2.20
N GLY N 21 -22.51 -88.34 3.42
CA GLY N 21 -21.49 -88.33 4.44
C GLY N 21 -21.36 -87.05 5.23
N THR N 22 -22.15 -86.03 4.92
CA THR N 22 -22.05 -84.78 5.65
C THR N 22 -22.63 -84.93 7.05
N LEU N 23 -22.00 -84.28 8.02
CA LEU N 23 -22.51 -84.31 9.38
C LEU N 23 -23.91 -83.73 9.42
N TYR N 24 -24.76 -84.31 10.27
CA TYR N 24 -26.06 -83.70 10.49
C TYR N 24 -25.95 -82.35 11.17
N SER N 25 -24.83 -82.06 11.82
CA SER N 25 -24.64 -80.71 12.36
C SER N 25 -24.46 -79.68 11.27
N ASN N 26 -24.08 -80.10 10.06
CA ASN N 26 -23.99 -79.15 8.96
C ASN N 26 -25.34 -78.79 8.40
N VAL N 27 -26.35 -79.64 8.60
CA VAL N 27 -27.62 -79.48 7.91
C VAL N 27 -28.82 -79.56 8.86
N SER N 28 -28.60 -79.46 10.17
CA SER N 28 -29.73 -79.48 11.08
C SER N 28 -30.68 -78.31 10.82
N ASP N 29 -30.15 -77.09 10.80
CA ASP N 29 -31.00 -75.93 10.56
C ASP N 29 -31.59 -75.95 9.16
N LEU N 30 -30.80 -76.40 8.18
CA LEU N 30 -31.33 -76.47 6.82
C LEU N 30 -32.46 -77.50 6.72
N ILE N 31 -32.33 -78.62 7.40
CA ILE N 31 -33.38 -79.61 7.36
C ILE N 31 -34.62 -79.08 8.06
N GLN N 32 -34.45 -78.27 9.11
CA GLN N 32 -35.60 -77.65 9.73
C GLN N 32 -36.30 -76.70 8.78
N GLN N 33 -35.53 -75.90 8.04
CA GLN N 33 -36.12 -75.00 7.05
C GLN N 33 -36.81 -75.79 5.95
N PHE N 34 -36.18 -76.86 5.47
CA PHE N 34 -36.78 -77.68 4.44
C PHE N 34 -38.07 -78.33 4.91
N ASN N 35 -38.11 -78.78 6.16
CA ASN N 35 -39.33 -79.38 6.66
C ASN N 35 -40.42 -78.35 6.88
N GLN N 36 -40.05 -77.11 7.23
CA GLN N 36 -41.05 -76.05 7.24
C GLN N 36 -41.63 -75.84 5.84
N MET N 37 -40.76 -75.83 4.83
CA MET N 37 -41.22 -75.73 3.46
C MET N 37 -42.18 -76.86 3.12
N ILE N 38 -41.82 -78.08 3.51
CA ILE N 38 -42.64 -79.25 3.19
C ILE N 38 -44.00 -79.12 3.86
N VAL N 39 -44.02 -78.79 5.15
CA VAL N 39 -45.27 -78.70 5.89
C VAL N 39 -46.16 -77.62 5.30
N THR N 40 -45.59 -76.46 4.99
CA THR N 40 -46.40 -75.38 4.45
C THR N 40 -46.95 -75.73 3.09
N MET N 41 -46.16 -76.38 2.23
CA MET N 41 -46.61 -76.63 0.88
C MET N 41 -47.59 -77.79 0.80
N ASN N 42 -47.44 -78.81 1.65
CA ASN N 42 -48.28 -79.99 1.56
C ASN N 42 -49.75 -79.61 1.72
N GLY N 43 -50.59 -80.14 0.84
CA GLY N 43 -52.01 -79.89 0.86
C GLY N 43 -52.48 -78.83 -0.11
N ASN N 44 -51.59 -77.97 -0.57
CA ASN N 44 -51.94 -76.95 -1.55
C ASN N 44 -51.82 -77.50 -2.96
N ASP N 45 -52.55 -76.90 -3.88
CA ASP N 45 -52.49 -77.25 -5.29
C ASP N 45 -52.28 -75.98 -6.09
N PHE N 46 -51.35 -76.02 -7.04
CA PHE N 46 -50.97 -74.86 -7.83
C PHE N 46 -51.18 -75.14 -9.30
N GLN N 47 -51.54 -74.08 -10.03
CA GLN N 47 -51.74 -74.14 -11.46
C GLN N 47 -50.64 -73.28 -12.09
N THR N 48 -50.07 -73.73 -13.20
CA THR N 48 -48.99 -73.00 -13.84
C THR N 48 -49.13 -73.07 -15.34
N GLY N 49 -48.71 -72.00 -16.01
CA GLY N 49 -48.74 -71.93 -17.45
C GLY N 49 -50.13 -71.62 -17.97
N GLY N 50 -50.20 -71.43 -19.29
CA GLY N 50 -51.44 -71.12 -19.96
C GLY N 50 -51.38 -69.86 -20.80
N ILE N 51 -50.17 -69.40 -21.12
CA ILE N 51 -49.95 -68.23 -21.96
C ILE N 51 -48.95 -68.62 -23.02
N GLY N 52 -49.29 -68.36 -24.28
CA GLY N 52 -48.46 -68.85 -25.36
C GLY N 52 -48.45 -70.36 -25.38
N ASN N 53 -47.30 -70.92 -25.74
CA ASN N 53 -47.12 -72.37 -25.77
C ASN N 53 -46.67 -72.92 -24.43
N LEU N 54 -46.69 -72.12 -23.37
CA LEU N 54 -46.32 -72.62 -22.07
C LEU N 54 -47.36 -73.62 -21.60
N PRO N 55 -46.99 -74.84 -21.22
CA PRO N 55 -48.01 -75.86 -20.95
C PRO N 55 -48.73 -75.62 -19.64
N ILE N 56 -49.99 -76.02 -19.63
CA ILE N 56 -50.86 -75.83 -18.47
C ILE N 56 -50.64 -77.02 -17.54
N ARG N 57 -49.78 -76.85 -16.54
CA ARG N 57 -49.33 -77.94 -15.69
C ARG N 57 -49.80 -77.74 -14.26
N ASN N 58 -50.16 -78.85 -13.61
CA ASN N 58 -50.64 -78.85 -12.24
C ASN N 58 -49.52 -79.27 -11.30
N TRP N 59 -49.60 -78.79 -10.06
CA TRP N 59 -48.69 -79.20 -9.00
C TRP N 59 -49.50 -79.53 -7.76
N THR N 60 -49.24 -80.69 -7.19
CA THR N 60 -49.85 -81.11 -5.93
C THR N 60 -48.74 -81.63 -5.04
N PHE N 61 -48.70 -81.16 -3.80
CA PHE N 61 -47.63 -81.48 -2.87
C PHE N 61 -48.17 -82.39 -1.78
N ASP N 62 -47.56 -83.56 -1.63
CA ASP N 62 -47.77 -84.38 -0.45
C ASP N 62 -46.50 -85.22 -0.25
N PHE N 63 -45.60 -84.70 0.58
CA PHE N 63 -44.29 -85.30 0.80
C PHE N 63 -44.10 -85.56 2.28
N GLY N 64 -43.33 -86.60 2.58
CA GLY N 64 -42.90 -86.83 3.93
C GLY N 64 -41.73 -85.94 4.30
N LEU N 65 -41.59 -85.68 5.60
CA LEU N 65 -40.53 -84.82 6.07
C LEU N 65 -39.17 -85.48 5.85
N LEU N 66 -38.14 -84.65 5.71
CA LEU N 66 -36.78 -85.16 5.67
C LEU N 66 -36.37 -85.58 7.07
N GLY N 67 -36.07 -86.87 7.23
CA GLY N 67 -35.74 -87.40 8.53
C GLY N 67 -34.57 -86.69 9.18
N THR N 68 -34.42 -86.94 10.47
CA THR N 68 -33.38 -86.30 11.28
C THR N 68 -32.68 -87.26 12.22
N THR N 69 -32.81 -88.56 12.02
CA THR N 69 -32.29 -89.55 12.95
C THR N 69 -30.98 -90.16 12.48
N LEU N 70 -30.33 -89.58 11.48
CA LEU N 70 -29.05 -90.06 10.96
C LEU N 70 -27.93 -89.22 11.55
N LEU N 71 -27.01 -89.85 12.26
CA LEU N 71 -25.87 -89.13 12.80
C LEU N 71 -24.93 -88.65 11.72
N ASN N 72 -25.03 -89.19 10.51
CA ASN N 72 -24.18 -88.75 9.40
C ASN N 72 -24.82 -89.23 8.12
N LEU N 73 -25.20 -88.29 7.25
CA LEU N 73 -26.04 -88.61 6.09
C LEU N 73 -25.40 -89.66 5.20
N ASP N 74 -26.22 -90.57 4.69
CA ASP N 74 -25.77 -91.66 3.83
C ASP N 74 -26.61 -91.65 2.55
N ALA N 75 -26.35 -92.64 1.69
CA ALA N 75 -26.94 -92.62 0.35
C ALA N 75 -28.45 -92.78 0.41
N ASN N 76 -28.97 -93.55 1.36
CA ASN N 76 -30.41 -93.71 1.48
C ASN N 76 -31.10 -92.38 1.74
N TYR N 77 -30.52 -91.57 2.63
CA TYR N 77 -31.12 -90.29 2.96
C TYR N 77 -31.15 -89.37 1.75
N VAL N 78 -29.98 -89.19 1.12
CA VAL N 78 -29.87 -88.20 0.05
C VAL N 78 -30.71 -88.60 -1.14
N GLU N 79 -30.92 -89.90 -1.36
CA GLU N 79 -31.72 -90.32 -2.50
C GLU N 79 -33.16 -89.87 -2.37
N THR N 80 -33.77 -90.07 -1.21
CA THR N 80 -35.14 -89.59 -1.01
C THR N 80 -35.18 -88.08 -1.02
N ALA N 81 -34.21 -87.43 -0.39
CA ALA N 81 -34.17 -85.97 -0.40
C ALA N 81 -34.11 -85.46 -1.83
N ARG N 82 -33.35 -86.15 -2.69
CA ARG N 82 -33.24 -85.74 -4.09
C ARG N 82 -34.54 -86.01 -4.83
N THR N 83 -35.20 -87.12 -4.54
CA THR N 83 -36.50 -87.38 -5.16
C THR N 83 -37.46 -86.25 -4.90
N THR N 84 -37.43 -85.68 -3.68
CA THR N 84 -38.27 -84.52 -3.40
C THR N 84 -37.73 -83.25 -4.05
N ILE N 85 -36.41 -83.07 -4.03
CA ILE N 85 -35.82 -81.83 -4.48
C ILE N 85 -36.03 -81.64 -5.97
N GLU N 86 -35.97 -82.73 -6.74
CA GLU N 86 -36.18 -82.61 -8.18
C GLU N 86 -37.57 -82.07 -8.49
N TYR N 87 -38.58 -82.61 -7.81
CA TYR N 87 -39.94 -82.14 -8.02
C TYR N 87 -40.07 -80.68 -7.63
N PHE N 88 -39.51 -80.30 -6.48
CA PHE N 88 -39.63 -78.92 -6.06
C PHE N 88 -38.92 -77.99 -7.02
N ILE N 89 -37.76 -78.40 -7.53
CA ILE N 89 -37.02 -77.57 -8.46
C ILE N 89 -37.80 -77.38 -9.74
N ASP N 90 -38.45 -78.45 -10.21
CA ASP N 90 -39.28 -78.32 -11.41
C ASP N 90 -40.43 -77.35 -11.16
N PHE N 91 -41.04 -77.43 -9.98
CA PHE N 91 -42.14 -76.52 -9.66
C PHE N 91 -41.67 -75.07 -9.68
N ILE N 92 -40.53 -74.80 -9.06
CA ILE N 92 -40.05 -73.42 -9.01
C ILE N 92 -39.62 -72.96 -10.40
N ASP N 93 -39.06 -73.88 -11.19
CA ASP N 93 -38.69 -73.55 -12.57
C ASP N 93 -39.92 -73.07 -13.35
N ASN N 94 -41.01 -73.83 -13.25
CA ASN N 94 -42.21 -73.46 -13.98
C ASN N 94 -42.85 -72.20 -13.41
N VAL N 95 -42.80 -72.00 -12.10
CA VAL N 95 -43.35 -70.78 -11.53
C VAL N 95 -42.59 -69.57 -12.03
N CYS N 96 -41.25 -69.67 -12.09
CA CYS N 96 -40.46 -68.54 -12.53
C CYS N 96 -40.70 -68.24 -14.00
N MET N 97 -40.78 -69.27 -14.86
CA MET N 97 -41.14 -69.00 -16.25
C MET N 97 -42.50 -68.34 -16.35
N ASP N 98 -43.46 -68.89 -15.60
CA ASP N 98 -44.85 -68.45 -15.69
C ASP N 98 -44.98 -66.99 -15.27
N GLU N 99 -44.19 -66.58 -14.27
CA GLU N 99 -44.20 -65.18 -13.86
C GLU N 99 -43.41 -64.31 -14.83
N MET N 100 -42.33 -64.82 -15.38
CA MET N 100 -41.50 -64.00 -16.27
C MET N 100 -42.26 -63.60 -17.52
N VAL N 101 -43.05 -64.54 -18.06
CA VAL N 101 -43.68 -64.25 -19.35
C VAL N 101 -44.68 -63.10 -19.24
N ARG N 102 -45.41 -62.99 -18.14
CA ARG N 102 -46.50 -62.02 -18.10
C ARG N 102 -46.01 -60.60 -17.87
N GLU N 103 -46.93 -59.66 -18.07
CA GLU N 103 -46.69 -58.24 -17.95
C GLU N 103 -47.92 -57.60 -17.34
N SER N 104 -47.86 -56.28 -17.13
CA SER N 104 -49.04 -55.55 -16.68
C SER N 104 -48.80 -54.06 -16.85
N GLN N 105 -49.80 -53.36 -17.39
CA GLN N 105 -49.67 -51.93 -17.62
C GLN N 105 -49.62 -51.18 -16.29
N ARG N 106 -50.66 -51.33 -15.48
CA ARG N 106 -50.74 -50.74 -14.16
C ARG N 106 -50.44 -51.80 -13.12
N ASN N 107 -49.83 -51.38 -12.02
CA ASN N 107 -49.47 -52.28 -10.92
C ASN N 107 -48.56 -53.39 -11.43
N GLY N 108 -47.39 -52.97 -11.92
CA GLY N 108 -46.46 -53.91 -12.53
C GLY N 108 -45.61 -54.70 -11.56
N VAL N 109 -45.63 -54.35 -10.28
CA VAL N 109 -44.80 -55.04 -9.29
C VAL N 109 -45.59 -56.05 -8.47
N ALA N 110 -46.91 -55.96 -8.46
CA ALA N 110 -47.69 -57.01 -7.85
C ALA N 110 -47.52 -58.31 -8.65
N PRO N 111 -47.68 -59.47 -8.02
CA PRO N 111 -47.41 -60.72 -8.73
C PRO N 111 -48.59 -61.14 -9.59
N GLN N 112 -48.33 -61.34 -10.89
CA GLN N 112 -49.26 -62.05 -11.76
C GLN N 112 -49.03 -63.54 -11.55
N SER N 113 -49.52 -64.41 -12.43
CA SER N 113 -49.21 -65.83 -12.27
C SER N 113 -49.80 -66.37 -10.99
N GLU N 114 -51.09 -66.68 -11.02
CA GLU N 114 -51.87 -67.09 -9.86
C GLU N 114 -51.14 -68.06 -8.94
N ALA N 115 -50.20 -68.85 -9.45
CA ALA N 115 -49.31 -69.58 -8.56
C ALA N 115 -48.56 -68.64 -7.63
N LEU N 116 -47.91 -67.62 -8.21
CA LEU N 116 -47.19 -66.67 -7.36
C LEU N 116 -48.13 -65.81 -6.56
N ARG N 117 -49.31 -65.52 -7.11
CA ARG N 117 -50.31 -64.77 -6.34
C ARG N 117 -50.70 -65.53 -5.09
N LYS N 118 -50.93 -66.84 -5.23
CA LYS N 118 -51.29 -67.68 -4.10
C LYS N 118 -50.12 -67.83 -3.14
N LEU N 119 -48.90 -67.84 -3.66
CA LEU N 119 -47.73 -67.90 -2.79
C LEU N 119 -47.62 -66.64 -1.95
N ALA N 120 -48.00 -65.50 -2.51
CA ALA N 120 -47.95 -64.25 -1.75
C ALA N 120 -48.85 -64.28 -0.53
N GLY N 121 -49.83 -65.17 -0.48
CA GLY N 121 -50.75 -65.22 0.64
C GLY N 121 -50.05 -65.46 1.95
N ILE N 122 -50.83 -65.33 3.03
CA ILE N 122 -50.26 -65.39 4.37
C ILE N 122 -49.97 -66.81 4.81
N LYS N 123 -50.57 -67.80 4.16
CA LYS N 123 -50.27 -69.19 4.51
C LYS N 123 -48.81 -69.53 4.28
N PHE N 124 -48.18 -68.89 3.28
CA PHE N 124 -46.83 -69.21 2.86
C PHE N 124 -45.81 -68.18 3.30
N LYS N 125 -46.14 -67.35 4.29
CA LYS N 125 -45.14 -66.40 4.78
C LYS N 125 -44.11 -67.06 5.68
N ARG N 126 -44.34 -68.29 6.13
CA ARG N 126 -43.44 -68.97 7.04
C ARG N 126 -42.31 -69.69 6.31
N ILE N 127 -42.07 -69.36 5.05
CA ILE N 127 -40.95 -69.90 4.29
C ILE N 127 -39.85 -68.89 4.05
N ASN N 128 -40.06 -67.62 4.39
CA ASN N 128 -39.06 -66.60 4.14
C ASN N 128 -37.77 -66.96 4.87
N PHE N 129 -36.74 -67.32 4.11
CA PHE N 129 -35.54 -67.94 4.66
C PHE N 129 -34.44 -66.93 4.93
N ASN N 130 -33.92 -66.29 3.88
CA ASN N 130 -33.01 -65.17 4.06
C ASN N 130 -32.81 -64.48 2.72
N ASN N 131 -32.95 -63.16 2.69
CA ASN N 131 -32.93 -62.40 1.45
C ASN N 131 -31.53 -61.80 1.28
N SER N 132 -30.62 -62.63 0.76
CA SER N 132 -29.21 -62.28 0.69
C SER N 132 -28.75 -61.80 -0.68
N SER N 133 -29.30 -62.35 -1.76
CA SER N 133 -28.82 -62.01 -3.09
C SER N 133 -29.07 -60.55 -3.40
N GLU N 134 -28.31 -60.02 -4.37
CA GLU N 134 -28.38 -58.60 -4.67
C GLU N 134 -29.77 -58.20 -5.16
N TYR N 135 -30.36 -59.01 -6.04
CA TYR N 135 -31.61 -58.58 -6.66
C TYR N 135 -32.75 -58.59 -5.66
N ILE N 136 -32.85 -59.63 -4.83
CA ILE N 136 -33.90 -59.64 -3.82
C ILE N 136 -33.62 -58.62 -2.74
N GLU N 137 -32.34 -58.36 -2.45
CA GLU N 137 -31.99 -57.29 -1.52
C GLU N 137 -32.56 -55.97 -2.00
N ASN N 138 -32.31 -55.63 -3.25
CA ASN N 138 -32.87 -54.40 -3.79
C ASN N 138 -34.38 -54.46 -3.89
N TRP N 139 -34.93 -55.66 -4.12
CA TRP N 139 -36.39 -55.79 -4.15
C TRP N 139 -37.00 -55.40 -2.81
N ASN N 140 -36.43 -55.90 -1.72
CA ASN N 140 -36.94 -55.52 -0.40
C ASN N 140 -36.70 -54.04 -0.11
N LEU N 141 -35.50 -53.56 -0.42
CA LEU N 141 -35.16 -52.18 -0.12
C LEU N 141 -36.00 -51.20 -0.92
N GLN N 142 -36.54 -51.61 -2.05
CA GLN N 142 -37.47 -50.79 -2.82
C GLN N 142 -38.91 -51.04 -2.39
N ASN N 143 -39.21 -52.25 -1.91
CA ASN N 143 -40.55 -52.56 -1.43
C ASN N 143 -40.91 -51.70 -0.24
N ARG N 144 -39.98 -51.54 0.69
CA ARG N 144 -40.10 -50.53 1.74
C ARG N 144 -39.09 -49.44 1.42
N ARG N 145 -39.59 -48.22 1.17
CA ARG N 145 -38.80 -47.22 0.46
C ARG N 145 -37.47 -46.95 1.12
N GLN N 146 -36.40 -47.39 0.46
CA GLN N 146 -35.04 -47.13 0.87
C GLN N 146 -34.19 -47.02 -0.37
N ARG N 147 -33.02 -46.43 -0.23
CA ARG N 147 -32.16 -46.20 -1.38
C ARG N 147 -31.58 -47.53 -1.85
N THR N 148 -32.02 -48.00 -3.00
CA THR N 148 -31.56 -49.25 -3.57
C THR N 148 -30.30 -49.01 -4.39
N GLY N 149 -29.89 -50.01 -5.16
CA GLY N 149 -28.79 -49.84 -6.07
C GLY N 149 -28.19 -51.15 -6.55
N PHE N 150 -27.88 -51.21 -7.83
CA PHE N 150 -27.27 -52.36 -8.47
C PHE N 150 -25.93 -51.94 -9.03
N VAL N 151 -24.91 -52.79 -8.86
CA VAL N 151 -23.59 -52.56 -9.41
C VAL N 151 -23.52 -53.28 -10.75
N PHE N 152 -23.25 -52.52 -11.82
CA PHE N 152 -23.20 -53.06 -13.17
C PHE N 152 -21.81 -52.93 -13.73
N HIS N 153 -21.32 -54.01 -14.34
CA HIS N 153 -20.06 -54.04 -15.05
C HIS N 153 -20.36 -53.85 -16.53
N LYS N 154 -19.96 -52.72 -17.07
CA LYS N 154 -20.18 -52.43 -18.48
C LYS N 154 -21.67 -52.38 -18.78
N PRO N 155 -22.41 -51.46 -18.16
CA PRO N 155 -23.87 -51.43 -18.34
C PRO N 155 -24.22 -50.88 -19.71
N ASN N 156 -25.13 -51.55 -20.40
CA ASN N 156 -25.62 -51.03 -21.67
C ASN N 156 -26.76 -50.04 -21.37
N ILE N 157 -26.34 -48.90 -20.83
CA ILE N 157 -27.28 -47.81 -20.56
C ILE N 157 -27.75 -47.17 -21.85
N PHE N 158 -26.84 -46.96 -22.81
CA PHE N 158 -27.20 -46.21 -23.99
C PHE N 158 -28.09 -47.04 -24.91
N PRO N 159 -28.96 -46.41 -25.70
CA PRO N 159 -29.60 -47.13 -26.80
C PRO N 159 -28.77 -46.99 -28.06
N TYR N 160 -28.80 -48.04 -28.88
CA TYR N 160 -28.02 -48.04 -30.10
C TYR N 160 -28.43 -46.88 -30.98
N SER N 161 -27.46 -46.04 -31.33
CA SER N 161 -27.74 -44.86 -32.14
C SER N 161 -26.45 -44.50 -32.89
N ALA N 162 -26.40 -44.81 -34.17
CA ALA N 162 -25.39 -44.31 -35.07
C ALA N 162 -26.01 -43.23 -35.91
N SER N 163 -25.39 -42.05 -35.96
CA SER N 163 -26.00 -40.92 -36.62
C SER N 163 -24.93 -39.88 -36.90
N PHE N 164 -25.32 -38.84 -37.62
CA PHE N 164 -24.45 -37.69 -37.84
C PHE N 164 -25.31 -36.46 -38.06
N THR N 165 -24.72 -35.30 -37.77
CA THR N 165 -25.35 -34.01 -38.04
C THR N 165 -24.36 -33.16 -38.78
N LEU N 166 -24.82 -32.51 -39.84
CA LEU N 166 -23.99 -31.59 -40.63
C LEU N 166 -24.41 -30.16 -40.30
N ASN N 167 -23.57 -29.46 -39.55
CA ASN N 167 -23.82 -28.05 -39.29
C ASN N 167 -23.52 -27.18 -40.49
N ARG N 168 -22.92 -27.73 -41.53
CA ARG N 168 -22.67 -26.99 -42.77
C ARG N 168 -22.60 -28.00 -43.89
N SER N 169 -23.48 -27.88 -44.89
CA SER N 169 -23.51 -28.86 -45.96
C SER N 169 -24.12 -28.24 -47.21
N GLN N 170 -23.89 -28.91 -48.32
CA GLN N 170 -24.47 -28.54 -49.60
C GLN N 170 -24.43 -29.76 -50.50
N PRO N 171 -25.28 -29.83 -51.53
CA PRO N 171 -25.59 -31.14 -52.13
C PRO N 171 -24.38 -31.82 -52.75
N MET N 172 -23.35 -31.07 -53.11
CA MET N 172 -22.13 -31.70 -53.59
C MET N 172 -21.38 -32.41 -52.48
N HIS N 173 -21.68 -32.10 -51.22
CA HIS N 173 -21.06 -32.75 -50.06
C HIS N 173 -19.54 -32.77 -50.17
N ASP N 174 -18.98 -31.61 -50.52
CA ASP N 174 -17.55 -31.46 -50.69
C ASP N 174 -16.91 -30.57 -49.64
N ASN N 175 -17.68 -29.73 -48.97
CA ASN N 175 -17.23 -28.92 -47.83
C ASN N 175 -18.27 -29.14 -46.75
N LEU N 176 -18.11 -30.18 -45.96
CA LEU N 176 -18.98 -30.48 -44.84
C LEU N 176 -18.32 -30.11 -43.53
N MET N 177 -19.14 -30.07 -42.48
CA MET N 177 -18.66 -29.85 -41.13
C MET N 177 -19.75 -30.35 -40.21
N GLY N 178 -19.37 -31.04 -39.16
CA GLY N 178 -20.39 -31.60 -38.28
C GLY N 178 -19.82 -32.64 -37.37
N THR N 179 -20.67 -33.57 -36.96
CA THR N 179 -20.23 -34.59 -36.02
C THR N 179 -20.96 -35.89 -36.26
N MET N 180 -20.21 -36.98 -36.23
CA MET N 180 -20.69 -38.34 -36.30
C MET N 180 -20.67 -38.91 -34.89
N TRP N 181 -21.56 -39.85 -34.61
CA TRP N 181 -21.50 -40.50 -33.32
C TRP N 181 -22.12 -41.88 -33.38
N LEU N 182 -21.57 -42.78 -32.57
CA LEU N 182 -22.17 -44.07 -32.27
C LEU N 182 -22.25 -44.18 -30.77
N ASN N 183 -23.48 -44.22 -30.25
CA ASN N 183 -23.73 -44.52 -28.84
C ASN N 183 -24.25 -45.95 -28.82
N ALA N 184 -23.51 -46.85 -28.20
CA ALA N 184 -23.93 -48.25 -28.25
C ALA N 184 -23.42 -48.98 -27.02
N GLY N 185 -24.27 -49.84 -26.46
CA GLY N 185 -23.93 -50.53 -25.24
C GLY N 185 -23.53 -49.54 -24.17
N SER N 186 -22.27 -49.60 -23.74
CA SER N 186 -21.73 -48.71 -22.74
C SER N 186 -20.66 -47.77 -23.28
N GLU N 187 -20.54 -47.68 -24.60
CA GLU N 187 -19.48 -46.91 -25.24
C GLU N 187 -20.08 -45.80 -26.07
N ILE N 188 -19.59 -44.59 -25.86
CA ILE N 188 -19.83 -43.45 -26.74
C ILE N 188 -18.62 -43.32 -27.63
N GLN N 189 -18.83 -42.99 -28.90
CA GLN N 189 -17.74 -42.61 -29.78
C GLN N 189 -18.24 -41.50 -30.67
N VAL N 190 -17.66 -40.31 -30.52
CA VAL N 190 -18.11 -39.14 -31.26
C VAL N 190 -16.92 -38.53 -31.96
N ALA N 191 -17.09 -38.20 -33.25
CA ALA N 191 -16.02 -37.64 -34.06
C ALA N 191 -16.56 -36.42 -34.78
N GLY N 192 -16.05 -35.23 -34.42
CA GLY N 192 -16.38 -34.03 -35.12
C GLY N 192 -15.41 -33.86 -36.28
N PHE N 193 -15.96 -33.61 -37.46
CA PHE N 193 -15.16 -33.47 -38.66
C PHE N 193 -15.40 -32.12 -39.30
N ASP N 194 -14.39 -31.67 -40.03
CA ASP N 194 -14.42 -30.43 -40.78
C ASP N 194 -13.65 -30.66 -42.07
N TYR N 195 -14.31 -30.51 -43.21
CA TYR N 195 -13.60 -30.70 -44.47
C TYR N 195 -12.63 -29.57 -44.71
N SER N 196 -12.99 -28.35 -44.29
CA SER N 196 -12.12 -27.20 -44.44
C SER N 196 -11.01 -27.15 -43.40
N CYS N 197 -11.07 -28.00 -42.38
CA CYS N 197 -10.06 -28.02 -41.31
C CYS N 197 -10.00 -26.67 -40.60
N ALA N 198 -11.17 -26.08 -40.36
CA ALA N 198 -11.28 -24.84 -39.60
C ALA N 198 -10.41 -23.75 -40.21
N LEU N 199 -10.60 -23.52 -41.49
CA LEU N 199 -9.82 -22.49 -42.17
C LEU N 199 -10.35 -21.11 -41.86
N ASN N 200 -11.60 -20.84 -42.19
CA ASN N 200 -12.21 -19.53 -41.99
C ASN N 200 -12.98 -19.42 -40.68
N ALA N 201 -13.05 -20.47 -39.88
CA ALA N 201 -13.69 -20.37 -38.58
C ALA N 201 -12.86 -19.42 -37.70
N PRO N 202 -13.50 -18.71 -36.78
CA PRO N 202 -12.77 -17.69 -36.02
C PRO N 202 -11.63 -18.30 -35.21
N ALA N 203 -10.46 -17.67 -35.31
CA ALA N 203 -9.24 -18.10 -34.62
C ALA N 203 -8.78 -19.49 -35.04
N ASN N 204 -9.24 -19.98 -36.19
CA ASN N 204 -8.83 -21.27 -36.71
C ASN N 204 -9.13 -22.39 -35.72
N ILE N 205 -10.28 -22.29 -35.06
CA ILE N 205 -10.80 -23.34 -34.18
C ILE N 205 -12.23 -23.61 -34.59
N GLN N 206 -12.71 -24.81 -34.27
CA GLN N 206 -14.08 -25.21 -34.55
C GLN N 206 -14.59 -26.03 -33.37
N GLN N 207 -15.63 -25.53 -32.72
CA GLN N 207 -16.22 -26.24 -31.59
C GLN N 207 -17.06 -27.41 -32.06
N PHE N 208 -17.08 -28.46 -31.23
CA PHE N 208 -17.96 -29.60 -31.45
C PHE N 208 -18.47 -30.05 -30.10
N GLU N 209 -19.77 -30.35 -30.03
CA GLU N 209 -20.42 -30.72 -28.80
C GLU N 209 -21.28 -31.94 -29.03
N HIS N 210 -21.46 -32.74 -27.97
CA HIS N 210 -22.29 -33.92 -28.04
C HIS N 210 -22.93 -34.13 -26.67
N ILE N 211 -24.25 -34.02 -26.62
CA ILE N 211 -25.02 -34.20 -25.38
C ILE N 211 -25.72 -35.54 -25.48
N VAL N 212 -25.55 -36.39 -24.47
CA VAL N 212 -26.29 -37.64 -24.37
C VAL N 212 -26.97 -37.71 -23.02
N GLN N 213 -28.26 -37.99 -23.04
CA GLN N 213 -29.11 -37.98 -21.85
C GLN N 213 -29.31 -39.43 -21.43
N LEU N 214 -28.65 -39.85 -20.36
CA LEU N 214 -28.92 -41.17 -19.84
C LEU N 214 -30.37 -41.23 -19.38
N ARG N 215 -31.02 -42.36 -19.64
CA ARG N 215 -32.42 -42.49 -19.27
C ARG N 215 -32.60 -42.44 -17.76
N ARG N 216 -31.70 -43.07 -17.01
CA ARG N 216 -31.69 -42.95 -15.56
C ARG N 216 -30.27 -42.66 -15.12
N ALA N 217 -30.15 -41.89 -14.04
CA ALA N 217 -28.85 -41.45 -13.57
C ALA N 217 -28.01 -42.63 -13.09
N LEU N 218 -26.72 -42.57 -13.37
CA LEU N 218 -25.74 -43.51 -12.85
C LEU N 218 -24.96 -42.87 -11.71
N THR N 219 -24.33 -43.71 -10.90
CA THR N 219 -23.61 -43.26 -9.72
C THR N 219 -22.31 -44.03 -9.60
N THR N 220 -21.27 -43.34 -9.13
CA THR N 220 -19.96 -43.92 -8.87
C THR N 220 -19.45 -44.69 -10.08
N ALA N 221 -19.56 -44.07 -11.24
CA ALA N 221 -19.19 -44.71 -12.49
C ALA N 221 -17.72 -44.50 -12.77
N THR N 222 -17.01 -45.57 -13.10
CA THR N 222 -15.67 -45.49 -13.65
C THR N 222 -15.81 -45.40 -15.17
N ILE N 223 -15.17 -44.41 -15.77
CA ILE N 223 -15.33 -44.13 -17.19
C ILE N 223 -13.95 -44.03 -17.83
N THR N 224 -13.74 -44.77 -18.90
CA THR N 224 -12.48 -44.77 -19.63
C THR N 224 -12.64 -43.84 -20.83
N LEU N 225 -11.98 -42.69 -20.77
CA LEU N 225 -12.07 -41.66 -21.79
C LEU N 225 -10.75 -41.58 -22.54
N LEU N 226 -10.79 -41.76 -23.84
CA LEU N 226 -9.61 -41.71 -24.70
C LEU N 226 -9.91 -40.84 -25.90
N PRO N 227 -8.88 -40.32 -26.57
CA PRO N 227 -9.12 -39.54 -27.79
C PRO N 227 -9.23 -40.45 -29.01
N ASP N 228 -9.41 -39.85 -30.19
CA ASP N 228 -9.37 -40.60 -31.45
C ASP N 228 -10.44 -41.69 -31.48
N ALA N 229 -11.68 -41.23 -31.57
CA ALA N 229 -12.79 -42.13 -31.86
C ALA N 229 -12.44 -43.04 -33.03
N GLU N 230 -12.49 -44.34 -32.79
CA GLU N 230 -11.92 -45.30 -33.73
C GLU N 230 -12.77 -45.45 -34.98
N ARG N 231 -14.07 -45.70 -34.80
CA ARG N 231 -14.92 -46.11 -35.91
C ARG N 231 -15.09 -45.02 -36.96
N PHE N 232 -14.74 -43.78 -36.65
CA PHE N 232 -14.84 -42.66 -37.59
C PHE N 232 -13.47 -42.13 -37.91
N SER N 233 -12.52 -43.05 -38.13
CA SER N 233 -11.15 -42.70 -38.43
C SER N 233 -10.62 -43.42 -39.66
N PHE N 234 -11.49 -43.96 -40.48
CA PHE N 234 -11.10 -44.59 -41.73
C PHE N 234 -12.02 -44.09 -42.83
N PRO N 235 -11.63 -44.26 -44.10
CA PRO N 235 -12.49 -43.80 -45.18
C PRO N 235 -13.83 -44.49 -45.16
N ARG N 236 -14.87 -43.75 -45.58
CA ARG N 236 -16.24 -44.17 -45.43
C ARG N 236 -17.06 -43.47 -46.50
N VAL N 237 -18.20 -44.05 -46.84
CA VAL N 237 -19.19 -43.40 -47.68
C VAL N 237 -20.54 -43.57 -47.00
N ILE N 238 -21.24 -42.45 -46.77
CA ILE N 238 -22.43 -42.43 -45.94
C ILE N 238 -23.58 -41.94 -46.80
N ASN N 239 -24.71 -42.65 -46.73
CA ASN N 239 -25.92 -42.15 -47.36
C ASN N 239 -26.35 -40.85 -46.69
N SER N 240 -26.83 -39.91 -47.49
CA SER N 240 -27.05 -38.54 -47.06
C SER N 240 -28.18 -38.47 -46.04
N ALA N 241 -28.50 -37.23 -45.65
CA ALA N 241 -29.53 -37.01 -44.65
C ALA N 241 -30.87 -37.60 -45.09
N ASP N 242 -31.26 -37.33 -46.32
CA ASP N 242 -32.51 -37.85 -46.86
C ASP N 242 -32.37 -39.26 -47.42
N GLY N 243 -31.15 -39.75 -47.60
CA GLY N 243 -30.94 -40.97 -48.34
C GLY N 243 -31.00 -40.81 -49.84
N ALA N 244 -31.13 -39.58 -50.34
CA ALA N 244 -31.25 -39.37 -51.77
C ALA N 244 -29.96 -39.68 -52.50
N THR N 245 -28.82 -39.47 -51.86
CA THR N 245 -27.52 -39.73 -52.48
C THR N 245 -26.57 -40.18 -51.38
N THR N 246 -25.28 -40.25 -51.70
CA THR N 246 -24.26 -40.68 -50.77
C THR N 246 -23.04 -39.78 -50.91
N TRP N 247 -22.34 -39.56 -49.80
CA TRP N 247 -21.20 -38.66 -49.76
C TRP N 247 -19.98 -39.36 -49.18
N PHE N 248 -18.83 -38.95 -49.66
CA PHE N 248 -17.55 -39.55 -49.28
C PHE N 248 -16.99 -38.84 -48.05
N PHE N 249 -16.24 -39.60 -47.25
CA PHE N 249 -15.64 -39.09 -46.03
C PHE N 249 -14.26 -39.73 -45.89
N ASN N 250 -13.22 -38.90 -45.86
CA ASN N 250 -11.83 -39.34 -45.92
C ASN N 250 -11.08 -38.73 -44.76
N PRO N 251 -11.17 -39.31 -43.56
CA PRO N 251 -10.70 -38.61 -42.37
C PRO N 251 -9.18 -38.60 -42.24
N ILE N 252 -8.67 -37.48 -41.75
CA ILE N 252 -7.32 -37.34 -41.22
C ILE N 252 -7.47 -36.94 -39.76
N ILE N 253 -6.93 -37.73 -38.85
CA ILE N 253 -7.24 -37.59 -37.44
C ILE N 253 -6.25 -36.63 -36.79
N LEU N 254 -6.75 -35.47 -36.39
CA LEU N 254 -6.06 -34.51 -35.54
C LEU N 254 -6.40 -34.78 -34.09
N ARG N 255 -5.55 -34.30 -33.21
CA ARG N 255 -5.85 -34.46 -31.79
C ARG N 255 -6.94 -33.47 -31.38
N PRO N 256 -7.85 -33.85 -30.46
CA PRO N 256 -8.85 -32.89 -29.99
C PRO N 256 -8.27 -32.05 -28.87
N ASN N 257 -8.11 -30.75 -29.12
CA ASN N 257 -7.50 -29.89 -28.12
C ASN N 257 -8.56 -29.32 -27.19
N ASN N 258 -8.12 -28.97 -25.97
CA ASN N 258 -8.94 -28.52 -24.86
C ASN N 258 -10.29 -29.24 -24.80
N VAL N 259 -10.22 -30.57 -24.93
CA VAL N 259 -11.40 -31.39 -24.73
C VAL N 259 -11.88 -31.22 -23.30
N GLU N 260 -13.20 -31.31 -23.10
CA GLU N 260 -13.75 -31.26 -21.76
C GLU N 260 -15.04 -32.05 -21.72
N VAL N 261 -15.13 -32.95 -20.74
CA VAL N 261 -16.31 -33.78 -20.53
C VAL N 261 -16.97 -33.33 -19.24
N GLU N 262 -18.25 -32.98 -19.32
CA GLU N 262 -19.02 -32.55 -18.17
C GLU N 262 -20.12 -33.55 -17.89
N PHE N 263 -20.12 -34.10 -16.68
CA PHE N 263 -21.18 -34.98 -16.21
C PHE N 263 -22.15 -34.16 -15.40
N LEU N 264 -23.41 -34.14 -15.81
CA LEU N 264 -24.41 -33.24 -15.27
C LEU N 264 -25.54 -34.03 -14.64
N LEU N 265 -26.16 -33.43 -13.64
CA LEU N 265 -27.33 -33.99 -12.96
C LEU N 265 -28.35 -32.86 -12.79
N ASN N 266 -29.43 -32.91 -13.58
CA ASN N 266 -30.46 -31.89 -13.53
C ASN N 266 -29.91 -30.50 -13.81
N GLY N 267 -29.07 -30.39 -14.84
CA GLY N 267 -28.51 -29.11 -15.22
C GLY N 267 -27.24 -28.76 -14.48
N GLN N 268 -27.15 -29.12 -13.20
CA GLN N 268 -25.95 -28.82 -12.44
C GLN N 268 -24.78 -29.65 -12.95
N ILE N 269 -23.62 -29.01 -13.06
CA ILE N 269 -22.40 -29.69 -13.51
C ILE N 269 -21.83 -30.41 -12.30
N ILE N 270 -22.13 -31.70 -12.17
CA ILE N 270 -21.62 -32.46 -11.05
C ILE N 270 -20.11 -32.67 -11.17
N ASN N 271 -19.64 -33.02 -12.36
CA ASN N 271 -18.21 -33.21 -12.59
C ASN N 271 -17.81 -32.58 -13.90
N THR N 272 -16.56 -32.16 -13.98
CA THR N 272 -16.02 -31.61 -15.22
C THR N 272 -14.54 -31.93 -15.29
N TYR N 273 -14.13 -32.60 -16.36
CA TYR N 273 -12.74 -32.97 -16.58
C TYR N 273 -12.27 -32.35 -17.89
N GLN N 274 -11.24 -31.51 -17.81
CA GLN N 274 -10.71 -30.78 -18.94
C GLN N 274 -9.35 -31.36 -19.31
N ALA N 275 -9.23 -31.86 -20.54
CA ALA N 275 -7.96 -32.38 -21.05
C ALA N 275 -7.39 -33.43 -20.10
N ARG N 276 -8.18 -34.47 -19.86
CA ARG N 276 -7.87 -35.46 -18.82
C ARG N 276 -8.37 -36.79 -19.35
N PHE N 277 -7.45 -37.60 -19.88
CA PHE N 277 -7.77 -38.90 -20.44
C PHE N 277 -7.41 -39.99 -19.44
N GLY N 278 -7.63 -41.23 -19.85
CA GLY N 278 -7.49 -42.35 -18.95
C GLY N 278 -8.76 -42.55 -18.16
N THR N 279 -8.67 -43.42 -17.17
CA THR N 279 -9.83 -43.68 -16.32
C THR N 279 -10.14 -42.45 -15.48
N ILE N 280 -11.43 -42.13 -15.38
CA ILE N 280 -11.94 -41.02 -14.59
C ILE N 280 -13.17 -41.53 -13.86
N VAL N 281 -13.72 -40.68 -13.00
CA VAL N 281 -14.84 -41.05 -12.15
C VAL N 281 -15.92 -40.01 -12.25
N ALA N 282 -17.16 -40.45 -12.44
CA ALA N 282 -18.34 -39.60 -12.34
C ALA N 282 -19.13 -40.06 -11.12
N ARG N 283 -19.15 -39.22 -10.08
CA ARG N 283 -19.76 -39.65 -8.83
C ARG N 283 -21.25 -39.84 -8.97
N ASN N 284 -21.92 -38.95 -9.70
CA ASN N 284 -23.36 -39.05 -9.88
C ASN N 284 -23.74 -38.18 -11.05
N PHE N 285 -24.46 -38.73 -12.02
CA PHE N 285 -24.79 -37.96 -13.20
C PHE N 285 -25.94 -38.58 -13.96
N ASP N 286 -26.66 -37.73 -14.68
CA ASP N 286 -27.77 -38.11 -15.53
C ASP N 286 -27.52 -37.82 -17.00
N THR N 287 -26.61 -36.92 -17.32
CA THR N 287 -26.31 -36.62 -18.71
C THR N 287 -24.80 -36.43 -18.85
N ILE N 288 -24.31 -36.65 -20.06
CA ILE N 288 -22.91 -36.45 -20.39
C ILE N 288 -22.86 -35.40 -21.50
N ARG N 289 -21.86 -34.51 -21.42
CA ARG N 289 -21.69 -33.45 -22.41
C ARG N 289 -20.22 -33.40 -22.81
N LEU N 290 -19.90 -33.98 -23.96
CA LEU N 290 -18.57 -33.93 -24.54
C LEU N 290 -18.43 -32.64 -25.32
N SER N 291 -17.30 -31.95 -25.14
CA SER N 291 -17.03 -30.71 -25.86
C SER N 291 -15.58 -30.71 -26.29
N PHE N 292 -15.33 -30.96 -27.57
CA PHE N 292 -13.99 -30.96 -28.11
C PHE N 292 -13.91 -29.90 -29.17
N GLN N 293 -12.72 -29.72 -29.73
CA GLN N 293 -12.41 -28.51 -30.46
C GLN N 293 -11.33 -28.84 -31.49
N LEU N 294 -11.70 -28.78 -32.77
CA LEU N 294 -10.74 -29.00 -33.85
C LEU N 294 -10.01 -27.69 -34.11
N MET N 295 -8.72 -27.67 -33.84
CA MET N 295 -7.91 -26.47 -33.97
C MET N 295 -6.91 -26.71 -35.09
N ARG N 296 -6.92 -25.84 -36.10
CA ARG N 296 -6.00 -26.00 -37.21
C ARG N 296 -4.57 -25.90 -36.69
N PRO N 297 -3.70 -26.87 -36.96
CA PRO N 297 -2.34 -26.76 -36.47
C PRO N 297 -1.60 -25.63 -37.16
N PRO N 298 -0.98 -24.71 -36.42
CA PRO N 298 -0.45 -23.50 -37.08
C PRO N 298 0.86 -23.74 -37.81
N ASN N 299 1.70 -24.62 -37.27
CA ASN N 299 2.99 -24.94 -37.86
C ASN N 299 2.83 -26.23 -38.68
N MET N 300 3.07 -26.14 -39.98
CA MET N 300 2.72 -27.18 -40.93
C MET N 300 3.98 -27.62 -41.66
N THR N 301 4.26 -28.91 -41.64
CA THR N 301 5.28 -29.46 -42.50
C THR N 301 4.72 -29.56 -43.91
N PRO N 302 5.57 -29.76 -44.92
CA PRO N 302 5.06 -29.83 -46.30
C PRO N 302 3.95 -30.85 -46.51
N ALA N 303 4.02 -32.01 -45.85
CA ALA N 303 3.01 -33.03 -46.07
C ALA N 303 1.64 -32.56 -45.57
N VAL N 304 1.56 -32.12 -44.32
CA VAL N 304 0.26 -31.68 -43.81
C VAL N 304 -0.21 -30.45 -44.53
N ASN N 305 0.71 -29.58 -44.94
CA ASN N 305 0.31 -28.42 -45.71
C ASN N 305 -0.33 -28.84 -47.02
N ALA N 306 0.25 -29.83 -47.70
CA ALA N 306 -0.38 -30.36 -48.90
C ALA N 306 -1.75 -30.93 -48.60
N LEU N 307 -1.90 -31.55 -47.43
CA LEU N 307 -3.20 -32.11 -47.06
C LEU N 307 -4.27 -31.04 -46.94
N PHE N 308 -3.92 -29.90 -46.34
CA PHE N 308 -4.90 -28.86 -46.00
C PHE N 308 -4.65 -27.58 -46.80
N PRO N 309 -5.23 -27.43 -47.98
CA PRO N 309 -5.03 -26.21 -48.75
C PRO N 309 -6.15 -25.20 -48.49
N GLN N 310 -5.89 -23.96 -48.87
CA GLN N 310 -6.91 -22.91 -48.83
C GLN N 310 -7.95 -23.05 -49.94
N ALA N 311 -7.67 -23.84 -50.97
CA ALA N 311 -8.54 -23.93 -52.13
C ALA N 311 -9.76 -24.78 -51.79
N GLN N 312 -10.55 -25.10 -52.81
CA GLN N 312 -11.82 -25.79 -52.64
C GLN N 312 -11.77 -27.31 -52.52
N PRO N 313 -10.93 -28.04 -53.26
CA PRO N 313 -11.21 -29.48 -53.46
C PRO N 313 -11.30 -30.30 -52.18
N PHE N 314 -10.42 -30.07 -51.20
CA PHE N 314 -10.48 -30.74 -49.90
C PHE N 314 -10.51 -32.26 -50.05
N GLN N 315 -9.42 -32.81 -50.57
CA GLN N 315 -9.37 -34.26 -50.77
C GLN N 315 -9.30 -35.02 -49.45
N HIS N 316 -8.80 -34.42 -48.37
CA HIS N 316 -8.71 -35.05 -47.07
C HIS N 316 -9.37 -34.17 -46.03
N HIS N 317 -10.14 -34.78 -45.12
CA HIS N 317 -11.06 -34.04 -44.27
C HIS N 317 -10.64 -34.20 -42.81
N ALA N 318 -10.44 -33.09 -42.11
CA ALA N 318 -9.94 -33.16 -40.75
C ALA N 318 -10.99 -33.74 -39.82
N THR N 319 -10.53 -34.46 -38.80
CA THR N 319 -11.44 -35.08 -37.84
C THR N 319 -10.78 -35.17 -36.48
N VAL N 320 -11.52 -34.84 -35.44
CA VAL N 320 -11.08 -35.01 -34.06
C VAL N 320 -12.18 -35.77 -33.33
N GLY N 321 -11.81 -36.81 -32.59
CA GLY N 321 -12.78 -37.68 -31.98
C GLY N 321 -12.46 -37.99 -30.53
N LEU N 322 -13.45 -38.56 -29.86
CA LEU N 322 -13.33 -39.06 -28.51
C LEU N 322 -14.08 -40.37 -28.40
N THR N 323 -13.64 -41.22 -27.49
CA THR N 323 -14.36 -42.42 -27.11
C THR N 323 -14.43 -42.49 -25.59
N LEU N 324 -15.53 -43.05 -25.09
CA LEU N 324 -15.84 -42.97 -23.68
C LEU N 324 -16.61 -44.23 -23.29
N ARG N 325 -15.95 -45.15 -22.60
CA ARG N 325 -16.60 -46.35 -22.10
C ARG N 325 -17.01 -46.15 -20.65
N ILE N 326 -18.09 -46.79 -20.25
CA ILE N 326 -18.49 -46.83 -18.84
C ILE N 326 -18.10 -48.21 -18.34
N GLU N 327 -16.91 -48.30 -17.74
CA GLU N 327 -16.41 -49.60 -17.30
C GLU N 327 -17.31 -50.21 -16.24
N SER N 328 -17.94 -49.38 -15.41
CA SER N 328 -18.88 -49.87 -14.42
C SER N 328 -19.66 -48.70 -13.86
N ALA N 329 -20.73 -48.99 -13.14
CA ALA N 329 -21.55 -47.94 -12.56
C ALA N 329 -22.48 -48.54 -11.52
N VAL N 330 -23.23 -47.67 -10.86
CA VAL N 330 -24.25 -48.05 -9.90
C VAL N 330 -25.55 -47.36 -10.30
N CYS N 331 -26.64 -48.12 -10.34
CA CYS N 331 -27.91 -47.59 -10.81
C CYS N 331 -29.05 -48.12 -9.95
N GLU N 332 -29.99 -47.23 -9.61
CA GLU N 332 -31.18 -47.67 -8.89
C GLU N 332 -32.07 -48.53 -9.78
N SER N 333 -32.35 -48.06 -10.98
CA SER N 333 -33.15 -48.82 -11.93
C SER N 333 -32.32 -49.93 -12.56
N VAL N 334 -32.94 -51.08 -12.75
CA VAL N 334 -32.24 -52.26 -13.24
C VAL N 334 -31.98 -52.13 -14.73
N LEU N 335 -30.85 -52.67 -15.19
CA LEU N 335 -30.41 -52.61 -16.57
C LEU N 335 -29.88 -53.98 -16.98
N ALA N 336 -29.57 -54.12 -18.27
CA ALA N 336 -28.79 -55.26 -18.74
C ALA N 336 -27.30 -54.94 -18.64
N ASP N 337 -26.49 -55.99 -18.74
CA ASP N 337 -25.06 -55.87 -18.50
C ASP N 337 -24.29 -56.76 -19.46
N ALA N 338 -22.97 -56.74 -19.29
CA ALA N 338 -22.07 -57.70 -19.91
C ALA N 338 -21.62 -58.78 -18.93
N ASN N 339 -22.20 -58.80 -17.73
CA ASN N 339 -21.88 -59.83 -16.73
C ASN N 339 -23.10 -60.48 -16.13
N GLU N 340 -24.31 -60.05 -16.47
CA GLU N 340 -25.54 -60.63 -15.97
C GLU N 340 -26.34 -61.22 -17.11
N THR N 341 -26.83 -62.44 -16.91
CA THR N 341 -27.56 -63.18 -17.93
C THR N 341 -29.07 -63.05 -17.79
N LEU N 342 -29.54 -62.03 -17.07
CA LEU N 342 -30.95 -61.97 -16.71
C LEU N 342 -31.82 -61.57 -17.90
N LEU N 343 -31.43 -60.52 -18.62
CA LEU N 343 -32.21 -60.13 -19.79
C LEU N 343 -32.19 -61.25 -20.83
N ALA N 344 -31.05 -61.90 -20.99
CA ALA N 344 -30.99 -63.05 -21.88
C ALA N 344 -31.94 -64.14 -21.43
N ASN N 345 -32.02 -64.40 -20.13
CA ASN N 345 -32.93 -65.44 -19.65
C ASN N 345 -34.38 -65.07 -19.92
N VAL N 346 -34.73 -63.81 -19.69
CA VAL N 346 -36.12 -63.41 -19.90
C VAL N 346 -36.50 -63.51 -21.36
N THR N 347 -35.64 -62.98 -22.25
CA THR N 347 -35.92 -63.07 -23.67
C THR N 347 -35.95 -64.52 -24.13
N ALA N 348 -35.09 -65.36 -23.55
CA ALA N 348 -35.11 -66.77 -23.92
C ALA N 348 -36.42 -67.42 -23.52
N VAL N 349 -36.91 -67.13 -22.32
CA VAL N 349 -38.16 -67.74 -21.88
C VAL N 349 -39.31 -67.28 -22.76
N ARG N 350 -39.27 -66.02 -23.20
CA ARG N 350 -40.31 -65.55 -24.12
C ARG N 350 -40.23 -66.26 -25.47
N GLN N 351 -39.02 -66.32 -26.05
CA GLN N 351 -38.89 -66.89 -27.39
C GLN N 351 -39.11 -68.39 -27.41
N GLU N 352 -38.79 -69.08 -26.31
CA GLU N 352 -38.92 -70.53 -26.29
C GLU N 352 -40.36 -70.96 -26.48
N TYR N 353 -41.29 -70.22 -25.90
CA TYR N 353 -42.70 -70.58 -25.90
C TYR N 353 -43.58 -69.63 -26.70
N ALA N 354 -43.00 -68.63 -27.36
CA ALA N 354 -43.74 -67.74 -28.26
C ALA N 354 -44.87 -67.04 -27.50
N ILE N 355 -44.47 -66.28 -26.50
CA ILE N 355 -45.44 -65.49 -25.73
C ILE N 355 -45.95 -64.36 -26.62
N PRO N 356 -47.27 -64.14 -26.73
CA PRO N 356 -47.74 -63.07 -27.59
C PRO N 356 -47.27 -61.71 -27.09
N VAL N 357 -47.14 -60.76 -28.03
CA VAL N 357 -46.62 -59.44 -27.69
C VAL N 357 -47.50 -58.81 -26.65
N GLY N 358 -46.93 -58.56 -25.47
CA GLY N 358 -47.67 -58.01 -24.37
C GLY N 358 -47.86 -56.52 -24.48
N PRO N 359 -48.55 -55.95 -23.51
CA PRO N 359 -48.94 -54.54 -23.61
C PRO N 359 -47.83 -53.55 -23.33
N VAL N 360 -46.84 -53.91 -22.52
CA VAL N 360 -45.87 -52.96 -21.97
C VAL N 360 -44.50 -53.11 -22.61
N PHE N 361 -43.97 -54.34 -22.70
CA PHE N 361 -42.63 -54.48 -23.25
C PHE N 361 -42.69 -54.41 -24.78
N PRO N 362 -41.60 -54.02 -25.43
CA PRO N 362 -41.59 -53.99 -26.89
C PRO N 362 -41.55 -55.40 -27.44
N PRO N 363 -41.83 -55.58 -28.73
CA PRO N 363 -41.85 -56.93 -29.30
C PRO N 363 -40.42 -57.48 -29.36
N GLY N 364 -40.26 -58.72 -28.92
CA GLY N 364 -38.95 -59.32 -28.84
C GLY N 364 -38.09 -58.81 -27.71
N MET N 365 -38.58 -57.86 -26.90
CA MET N 365 -37.83 -57.30 -25.80
C MET N 365 -36.48 -56.78 -26.25
N ASN N 366 -36.46 -56.10 -27.40
CA ASN N 366 -35.20 -55.56 -27.89
C ASN N 366 -34.75 -54.44 -26.96
N TRP N 367 -33.57 -54.60 -26.38
CA TRP N 367 -33.11 -53.70 -25.35
C TRP N 367 -33.01 -52.27 -25.86
N THR N 368 -32.74 -52.10 -27.14
CA THR N 368 -32.60 -50.74 -27.68
C THR N 368 -33.91 -49.96 -27.52
N GLU N 369 -35.01 -50.52 -28.00
CA GLU N 369 -36.31 -49.87 -27.80
C GLU N 369 -36.68 -49.79 -26.34
N LEU N 370 -36.39 -50.86 -25.59
CA LEU N 370 -36.83 -50.92 -24.20
C LEU N 370 -36.19 -49.81 -23.39
N ILE N 371 -34.90 -49.54 -23.62
CA ILE N 371 -34.24 -48.46 -22.91
C ILE N 371 -34.53 -47.11 -23.57
N THR N 372 -34.84 -47.09 -24.87
CA THR N 372 -35.19 -45.83 -25.51
C THR N 372 -36.42 -45.22 -24.88
N ASN N 373 -37.44 -46.04 -24.63
CA ASN N 373 -38.66 -45.62 -23.94
C ASN N 373 -38.81 -46.46 -22.68
N TYR N 374 -38.51 -45.84 -21.53
CA TYR N 374 -38.27 -46.55 -20.29
C TYR N 374 -39.17 -46.01 -19.19
N SER N 375 -40.46 -45.93 -19.49
CA SER N 375 -41.48 -45.39 -18.60
C SER N 375 -41.45 -46.08 -17.24
N PRO N 376 -41.99 -45.46 -16.19
CA PRO N 376 -41.96 -46.10 -14.87
C PRO N 376 -42.64 -47.46 -14.82
N SER N 377 -43.73 -47.64 -15.57
CA SER N 377 -44.35 -48.95 -15.61
C SER N 377 -43.40 -49.97 -16.20
N ARG N 378 -42.66 -49.58 -17.23
CA ARG N 378 -41.68 -50.50 -17.81
C ARG N 378 -40.58 -50.82 -16.82
N GLU N 379 -40.09 -49.83 -16.07
CA GLU N 379 -39.14 -50.14 -15.00
C GLU N 379 -39.70 -51.17 -14.04
N ASP N 380 -40.94 -50.95 -13.60
CA ASP N 380 -41.51 -51.83 -12.58
C ASP N 380 -41.61 -53.25 -13.08
N ASN N 381 -42.15 -53.43 -14.30
CA ASN N 381 -42.26 -54.77 -14.85
C ASN N 381 -40.88 -55.37 -15.10
N LEU N 382 -39.93 -54.54 -15.53
CA LEU N 382 -38.60 -55.06 -15.82
C LEU N 382 -37.93 -55.54 -14.54
N GLN N 383 -38.07 -54.80 -13.45
CA GLN N 383 -37.48 -55.26 -12.19
C GLN N 383 -38.17 -56.51 -11.69
N ARG N 384 -39.49 -56.60 -11.85
CA ARG N 384 -40.17 -57.82 -11.44
C ARG N 384 -39.62 -59.03 -12.20
N VAL N 385 -39.59 -58.95 -13.52
CA VAL N 385 -39.16 -60.10 -14.30
C VAL N 385 -37.67 -60.38 -14.08
N PHE N 386 -36.85 -59.35 -13.87
CA PHE N 386 -35.43 -59.60 -13.61
C PHE N 386 -35.24 -60.27 -12.26
N THR N 387 -36.00 -59.87 -11.25
CA THR N 387 -35.91 -60.56 -9.97
C THR N 387 -36.32 -62.01 -10.10
N VAL N 388 -37.39 -62.27 -10.85
CA VAL N 388 -37.81 -63.65 -11.03
C VAL N 388 -36.75 -64.42 -11.80
N ALA N 389 -36.09 -63.77 -12.76
CA ALA N 389 -35.07 -64.45 -13.54
C ALA N 389 -33.83 -64.73 -12.70
N SER N 390 -33.51 -63.86 -11.75
CA SER N 390 -32.43 -64.15 -10.81
C SER N 390 -32.79 -65.35 -9.94
N ILE N 391 -34.03 -65.37 -9.45
CA ILE N 391 -34.50 -66.51 -8.66
C ILE N 391 -34.41 -67.78 -9.48
N ARG N 392 -34.68 -67.68 -10.78
CA ARG N 392 -34.57 -68.81 -11.69
C ARG N 392 -33.13 -69.25 -11.85
N SER N 393 -32.23 -68.32 -12.15
CA SER N 393 -30.83 -68.63 -12.35
C SER N 393 -30.20 -69.19 -11.10
N MET N 394 -30.79 -68.94 -9.94
CA MET N 394 -30.32 -69.57 -8.72
C MET N 394 -30.32 -71.09 -8.81
N LEU N 395 -31.18 -71.66 -9.65
CA LEU N 395 -31.34 -73.11 -9.76
C LEU N 395 -31.07 -73.68 -11.14
N ILE N 396 -31.49 -73.01 -12.21
CA ILE N 396 -31.48 -73.58 -13.55
C ILE N 396 -30.55 -72.79 -14.44
N LYS N 397 -29.61 -73.48 -15.07
CA LYS N 397 -28.66 -72.88 -15.99
C LYS N 397 -28.58 -73.69 -17.26
N MET O 1 -10.08 -52.28 12.42
CA MET O 1 -10.78 -52.33 11.11
C MET O 1 -11.54 -53.63 10.92
N GLU O 2 -10.97 -54.73 11.40
CA GLU O 2 -11.70 -55.99 11.38
C GLU O 2 -12.99 -55.86 12.16
N VAL O 3 -13.01 -55.07 13.23
CA VAL O 3 -14.23 -54.83 13.97
C VAL O 3 -15.24 -54.10 13.10
N LEU O 4 -14.78 -53.10 12.36
CA LEU O 4 -15.68 -52.37 11.46
C LEU O 4 -16.27 -53.31 10.42
N TYR O 5 -15.45 -54.18 9.85
CA TYR O 5 -15.95 -55.12 8.87
C TYR O 5 -16.94 -56.08 9.50
N SER O 6 -16.66 -56.53 10.72
CA SER O 6 -17.58 -57.45 11.37
C SER O 6 -18.90 -56.79 11.67
N LEU O 7 -18.87 -55.51 12.04
CA LEU O 7 -20.10 -54.74 12.19
C LEU O 7 -20.88 -54.73 10.89
N SER O 8 -20.21 -54.43 9.79
CA SER O 8 -20.91 -54.39 8.51
C SER O 8 -21.48 -55.75 8.16
N LYS O 9 -20.71 -56.81 8.38
CA LYS O 9 -21.17 -58.15 8.07
C LYS O 9 -22.39 -58.51 8.89
N THR O 10 -22.37 -58.22 10.19
CA THR O 10 -23.50 -58.63 11.02
C THR O 10 -24.72 -57.78 10.76
N LEU O 11 -24.55 -56.53 10.36
CA LEU O 11 -25.72 -55.73 9.99
C LEU O 11 -26.30 -56.21 8.66
N LYS O 12 -25.46 -56.57 7.70
CA LYS O 12 -25.96 -57.15 6.47
C LYS O 12 -26.70 -58.45 6.75
N ASP O 13 -26.13 -59.29 7.61
CA ASP O 13 -26.79 -60.54 7.96
C ASP O 13 -28.09 -60.30 8.72
N ALA O 14 -28.14 -59.26 9.55
CA ALA O 14 -29.38 -58.94 10.24
C ALA O 14 -30.44 -58.48 9.26
N ARG O 15 -30.08 -57.63 8.31
CA ARG O 15 -31.05 -57.16 7.33
C ARG O 15 -31.51 -58.28 6.42
N ASP O 16 -30.66 -59.28 6.17
CA ASP O 16 -30.96 -60.32 5.19
C ASP O 16 -31.59 -61.56 5.80
N LYS O 17 -31.34 -61.84 7.08
CA LYS O 17 -31.82 -63.06 7.71
C LYS O 17 -32.96 -62.85 8.69
N ILE O 18 -33.06 -61.67 9.30
CA ILE O 18 -34.14 -61.38 10.25
C ILE O 18 -35.29 -60.81 9.43
N VAL O 19 -36.16 -61.70 8.96
CA VAL O 19 -37.31 -61.33 8.15
C VAL O 19 -38.51 -62.12 8.64
N GLU O 20 -39.70 -61.62 8.33
CA GLU O 20 -40.93 -62.20 8.85
C GLU O 20 -41.06 -63.66 8.43
N GLY O 21 -41.44 -64.50 9.39
CA GLY O 21 -41.74 -65.88 9.11
C GLY O 21 -40.55 -66.80 9.13
N THR O 22 -39.34 -66.28 9.15
CA THR O 22 -38.17 -67.15 9.21
C THR O 22 -38.14 -67.86 10.54
N LEU O 23 -37.73 -69.13 10.53
CA LEU O 23 -37.66 -69.86 11.78
C LEU O 23 -36.59 -69.26 12.68
N TYR O 24 -36.68 -69.59 13.96
CA TYR O 24 -35.60 -69.20 14.87
C TYR O 24 -34.34 -70.02 14.64
N SER O 25 -34.47 -71.20 14.06
CA SER O 25 -33.28 -71.98 13.74
C SER O 25 -32.39 -71.23 12.77
N ASN O 26 -32.98 -70.54 11.80
CA ASN O 26 -32.21 -69.87 10.76
C ASN O 26 -31.48 -68.65 11.28
N VAL O 27 -31.79 -68.20 12.49
CA VAL O 27 -31.42 -66.86 12.96
C VAL O 27 -30.84 -66.87 14.36
N SER O 28 -30.78 -68.03 15.03
CA SER O 28 -30.32 -68.05 16.42
C SER O 28 -28.90 -67.52 16.57
N ASP O 29 -27.95 -68.08 15.81
CA ASP O 29 -26.56 -67.69 16.00
C ASP O 29 -26.33 -66.25 15.58
N LEU O 30 -27.02 -65.81 14.52
CA LEU O 30 -26.93 -64.41 14.15
C LEU O 30 -27.48 -63.52 15.25
N ILE O 31 -28.50 -63.98 15.96
CA ILE O 31 -29.05 -63.18 17.04
C ILE O 31 -28.06 -63.08 18.17
N GLN O 32 -27.35 -64.16 18.46
CA GLN O 32 -26.32 -64.10 19.50
C GLN O 32 -25.23 -63.11 19.10
N GLN O 33 -24.80 -63.14 17.84
CA GLN O 33 -23.82 -62.17 17.37
C GLN O 33 -24.36 -60.75 17.48
N PHE O 34 -25.63 -60.56 17.14
CA PHE O 34 -26.24 -59.24 17.21
C PHE O 34 -26.28 -58.73 18.64
N ASN O 35 -26.62 -59.61 19.59
CA ASN O 35 -26.64 -59.21 20.98
C ASN O 35 -25.24 -58.85 21.47
N GLN O 36 -24.23 -59.62 21.06
CA GLN O 36 -22.87 -59.26 21.45
C GLN O 36 -22.50 -57.90 20.90
N MET O 37 -22.86 -57.62 19.65
CA MET O 37 -22.58 -56.30 19.08
C MET O 37 -23.26 -55.22 19.90
N ILE O 38 -24.54 -55.42 20.22
CA ILE O 38 -25.29 -54.40 20.93
C ILE O 38 -24.68 -54.15 22.30
N VAL O 39 -24.37 -55.21 23.03
CA VAL O 39 -23.82 -55.06 24.38
C VAL O 39 -22.48 -54.36 24.32
N THR O 40 -21.61 -54.78 23.40
CA THR O 40 -20.28 -54.19 23.36
C THR O 40 -20.29 -52.76 22.86
N MET O 41 -21.32 -52.36 22.10
CA MET O 41 -21.40 -51.00 21.61
C MET O 41 -22.18 -50.06 22.52
N ASN O 42 -23.00 -50.59 23.43
CA ASN O 42 -23.79 -49.74 24.30
C ASN O 42 -22.89 -48.94 25.22
N GLY O 43 -23.41 -47.81 25.68
CA GLY O 43 -22.66 -46.97 26.60
C GLY O 43 -21.35 -46.48 26.03
N ASN O 44 -21.35 -46.10 24.76
CA ASN O 44 -20.19 -45.53 24.11
C ASN O 44 -20.63 -44.37 23.25
N ASP O 45 -19.71 -43.43 23.03
CA ASP O 45 -19.95 -42.29 22.17
C ASP O 45 -18.87 -42.25 21.09
N PHE O 46 -19.29 -41.87 19.89
CA PHE O 46 -18.38 -41.71 18.77
C PHE O 46 -18.64 -40.37 18.11
N GLN O 47 -17.61 -39.84 17.47
CA GLN O 47 -17.73 -38.59 16.73
C GLN O 47 -17.11 -38.80 15.35
N THR O 48 -17.80 -38.33 14.32
CA THR O 48 -17.36 -38.49 12.95
C THR O 48 -17.48 -37.15 12.23
N GLY O 49 -16.83 -37.05 11.09
CA GLY O 49 -16.83 -35.84 10.32
C GLY O 49 -15.70 -34.91 10.73
N GLY O 50 -15.91 -33.63 10.44
CA GLY O 50 -14.95 -32.61 10.77
C GLY O 50 -13.88 -32.36 9.74
N ILE O 51 -14.09 -32.78 8.49
CA ILE O 51 -13.13 -32.55 7.42
C ILE O 51 -13.91 -32.13 6.19
N GLY O 52 -13.47 -31.05 5.55
CA GLY O 52 -14.20 -30.53 4.40
C GLY O 52 -15.61 -30.16 4.79
N ASN O 53 -16.57 -30.62 4.00
CA ASN O 53 -17.98 -30.46 4.32
C ASN O 53 -18.58 -31.68 5.00
N LEU O 54 -17.78 -32.69 5.30
CA LEU O 54 -18.29 -33.86 5.99
C LEU O 54 -18.69 -33.44 7.39
N PRO O 55 -19.98 -33.37 7.73
CA PRO O 55 -20.38 -32.65 8.94
C PRO O 55 -20.02 -33.40 10.20
N ILE O 56 -19.69 -32.63 11.25
CA ILE O 56 -19.52 -33.21 12.58
C ILE O 56 -20.82 -33.91 12.95
N ARG O 57 -20.69 -35.06 13.60
CA ARG O 57 -21.87 -35.86 13.87
C ARG O 57 -21.56 -36.82 15.00
N ASN O 58 -22.47 -36.89 15.97
CA ASN O 58 -22.24 -37.60 17.22
C ASN O 58 -23.15 -38.83 17.31
N TRP O 59 -22.57 -39.96 17.70
CA TRP O 59 -23.28 -41.22 17.83
C TRP O 59 -23.25 -41.67 19.27
N THR O 60 -24.40 -42.11 19.76
CA THR O 60 -24.52 -42.68 21.10
C THR O 60 -25.43 -43.90 21.00
N PHE O 61 -24.97 -45.02 21.54
CA PHE O 61 -25.69 -46.29 21.44
C PHE O 61 -26.32 -46.62 22.78
N ASP O 62 -27.65 -46.69 22.79
CA ASP O 62 -28.39 -47.23 23.93
C ASP O 62 -29.55 -48.03 23.35
N PHE O 63 -29.30 -49.31 23.09
CA PHE O 63 -30.30 -50.22 22.56
C PHE O 63 -30.35 -51.47 23.42
N GLY O 64 -31.43 -52.23 23.27
CA GLY O 64 -31.66 -53.42 24.06
C GLY O 64 -31.38 -54.69 23.28
N LEU O 65 -31.49 -55.81 24.00
CA LEU O 65 -31.25 -57.13 23.43
C LEU O 65 -32.54 -57.64 22.78
N LEU O 66 -32.50 -58.87 22.28
CA LEU O 66 -33.62 -59.50 21.60
C LEU O 66 -34.04 -60.77 22.34
N GLY O 67 -35.32 -60.86 22.68
CA GLY O 67 -35.81 -61.96 23.51
C GLY O 67 -36.16 -63.19 22.69
N THR O 68 -35.63 -64.33 23.11
CA THR O 68 -35.59 -65.54 22.31
C THR O 68 -36.76 -66.48 22.56
N THR O 69 -37.82 -66.01 23.22
CA THR O 69 -38.92 -66.89 23.56
C THR O 69 -39.71 -67.33 22.32
N LEU O 70 -39.47 -66.71 21.17
CA LEU O 70 -40.30 -66.91 19.99
C LEU O 70 -39.87 -68.13 19.18
N LEU O 71 -40.84 -68.79 18.55
CA LEU O 71 -40.60 -69.98 17.74
C LEU O 71 -40.52 -69.71 16.25
N ASN O 72 -41.07 -68.59 15.78
CA ASN O 72 -41.05 -68.23 14.37
C ASN O 72 -41.27 -66.74 14.28
N LEU O 73 -40.33 -66.02 13.67
CA LEU O 73 -40.31 -64.56 13.79
C LEU O 73 -41.60 -63.95 13.27
N ASP O 74 -42.05 -62.91 13.96
CA ASP O 74 -43.26 -62.17 13.64
C ASP O 74 -42.90 -60.71 13.35
N ALA O 75 -43.93 -59.92 13.06
CA ALA O 75 -43.70 -58.60 12.48
C ALA O 75 -43.01 -57.65 13.45
N ASN O 76 -43.37 -57.70 14.73
CA ASN O 76 -42.81 -56.73 15.67
C ASN O 76 -41.35 -57.05 15.98
N TYR O 77 -41.01 -58.33 16.04
CA TYR O 77 -39.61 -58.72 16.21
C TYR O 77 -38.74 -58.08 15.14
N VAL O 78 -39.13 -58.27 13.88
CA VAL O 78 -38.34 -57.67 12.80
C VAL O 78 -38.41 -56.15 12.86
N GLU O 79 -39.49 -55.59 13.41
CA GLU O 79 -39.56 -54.13 13.43
C GLU O 79 -38.55 -53.55 14.41
N THR O 80 -38.45 -54.12 15.62
CA THR O 80 -37.41 -53.65 16.52
C THR O 80 -36.03 -53.90 15.96
N ALA O 81 -35.84 -55.04 15.31
CA ALA O 81 -34.55 -55.31 14.68
C ALA O 81 -34.21 -54.25 13.66
N ARG O 82 -35.17 -53.88 12.82
CA ARG O 82 -34.91 -52.90 11.78
C ARG O 82 -34.67 -51.52 12.35
N THR O 83 -35.37 -51.17 13.43
CA THR O 83 -35.13 -49.88 14.04
C THR O 83 -33.71 -49.77 14.55
N THR O 84 -33.19 -50.84 15.16
CA THR O 84 -31.79 -50.82 15.56
C THR O 84 -30.87 -50.80 14.34
N ILE O 85 -31.21 -51.58 13.31
CA ILE O 85 -30.30 -51.79 12.20
C ILE O 85 -30.14 -50.51 11.40
N GLU O 86 -31.20 -49.70 11.27
CA GLU O 86 -31.08 -48.46 10.52
C GLU O 86 -30.05 -47.54 11.16
N TYR O 87 -30.13 -47.39 12.48
CA TYR O 87 -29.17 -46.54 13.18
C TYR O 87 -27.76 -47.08 13.02
N PHE O 88 -27.59 -48.39 13.17
CA PHE O 88 -26.25 -48.96 13.05
C PHE O 88 -25.70 -48.78 11.65
N ILE O 89 -26.55 -48.98 10.63
CA ILE O 89 -26.09 -48.83 9.25
C ILE O 89 -25.67 -47.40 8.99
N ASP O 90 -26.43 -46.43 9.48
CA ASP O 90 -26.04 -45.04 9.29
C ASP O 90 -24.71 -44.75 9.98
N PHE O 91 -24.52 -45.32 11.17
CA PHE O 91 -23.26 -45.14 11.88
C PHE O 91 -22.10 -45.69 11.06
N ILE O 92 -22.26 -46.90 10.53
CA ILE O 92 -21.19 -47.51 9.76
C ILE O 92 -20.90 -46.70 8.51
N ASP O 93 -21.96 -46.21 7.85
CA ASP O 93 -21.76 -45.42 6.64
C ASP O 93 -20.95 -44.17 6.93
N ASN O 94 -21.30 -43.46 7.99
CA ASN O 94 -20.59 -42.22 8.29
C ASN O 94 -19.16 -42.50 8.76
N VAL O 95 -18.94 -43.61 9.48
CA VAL O 95 -17.57 -43.95 9.86
C VAL O 95 -16.74 -44.26 8.64
N CYS O 96 -17.30 -45.03 7.69
CA CYS O 96 -16.56 -45.34 6.48
C CYS O 96 -16.23 -44.10 5.67
N MET O 97 -17.20 -43.20 5.52
CA MET O 97 -16.92 -41.96 4.80
C MET O 97 -15.86 -41.15 5.52
N ASP O 98 -15.87 -41.16 6.85
CA ASP O 98 -14.85 -40.47 7.61
C ASP O 98 -13.47 -41.06 7.34
N GLU O 99 -13.39 -42.39 7.31
CA GLU O 99 -12.08 -43.03 7.18
C GLU O 99 -11.56 -42.98 5.76
N MET O 100 -12.44 -42.87 4.77
CA MET O 100 -11.98 -42.83 3.38
C MET O 100 -11.21 -41.56 3.06
N VAL O 101 -11.42 -40.48 3.80
CA VAL O 101 -10.93 -39.15 3.41
C VAL O 101 -9.73 -38.72 4.23
N ARG O 102 -9.08 -39.64 4.94
CA ARG O 102 -7.98 -39.32 5.82
C ARG O 102 -6.71 -40.00 5.33
N GLU O 103 -5.57 -39.36 5.58
CA GLU O 103 -4.29 -39.82 5.05
C GLU O 103 -3.22 -39.71 6.12
N SER O 104 -2.07 -40.29 5.80
CA SER O 104 -0.84 -40.04 6.55
C SER O 104 0.33 -40.59 5.77
N GLN O 105 1.34 -39.76 5.52
CA GLN O 105 2.51 -40.23 4.80
C GLN O 105 3.23 -41.33 5.56
N ARG O 106 3.11 -41.33 6.88
CA ARG O 106 3.77 -42.30 7.75
C ARG O 106 2.73 -43.15 8.45
N ASN O 107 2.93 -44.47 8.42
CA ASN O 107 2.04 -45.41 9.12
C ASN O 107 0.62 -45.32 8.56
N GLY O 108 0.52 -45.49 7.23
CA GLY O 108 -0.76 -45.37 6.58
C GLY O 108 -1.71 -46.51 6.85
N VAL O 109 -1.20 -47.67 7.22
CA VAL O 109 -2.06 -48.82 7.46
C VAL O 109 -2.94 -48.57 8.68
N ALA O 110 -2.37 -48.03 9.75
CA ALA O 110 -3.11 -47.87 10.98
C ALA O 110 -4.27 -46.90 10.77
N PRO O 111 -5.36 -47.03 11.52
CA PRO O 111 -6.56 -46.28 11.19
C PRO O 111 -6.53 -44.85 11.71
N GLN O 112 -6.94 -43.94 10.83
CA GLN O 112 -7.25 -42.56 11.18
C GLN O 112 -8.72 -42.50 11.58
N SER O 113 -9.29 -41.31 11.68
CA SER O 113 -10.69 -41.23 12.05
C SER O 113 -10.92 -41.80 13.44
N GLU O 114 -10.62 -41.00 14.46
CA GLU O 114 -10.65 -41.42 15.85
C GLU O 114 -11.85 -42.28 16.23
N ALA O 115 -12.98 -42.16 15.52
CA ALA O 115 -14.05 -43.14 15.69
C ALA O 115 -13.55 -44.55 15.40
N LEU O 116 -12.95 -44.75 14.23
CA LEU O 116 -12.39 -46.06 13.94
C LEU O 116 -11.20 -46.37 14.83
N ARG O 117 -10.44 -45.35 15.23
CA ARG O 117 -9.34 -45.61 16.14
C ARG O 117 -9.84 -46.17 17.47
N LYS O 118 -10.94 -45.63 17.98
CA LYS O 118 -11.56 -46.17 19.19
C LYS O 118 -12.08 -47.57 18.95
N LEU O 119 -12.68 -47.80 17.78
CA LEU O 119 -13.13 -49.16 17.46
C LEU O 119 -11.97 -50.13 17.45
N ALA O 120 -10.77 -49.66 17.11
CA ALA O 120 -9.60 -50.52 17.13
C ALA O 120 -9.18 -50.95 18.53
N GLY O 121 -9.74 -50.34 19.57
CA GLY O 121 -9.36 -50.65 20.93
C GLY O 121 -9.63 -52.08 21.34
N ILE O 122 -9.49 -52.37 22.63
CA ILE O 122 -9.60 -53.73 23.13
C ILE O 122 -11.04 -54.11 23.48
N LYS O 123 -11.86 -53.12 23.84
CA LYS O 123 -13.23 -53.43 24.25
C LYS O 123 -14.03 -54.02 23.12
N PHE O 124 -13.71 -53.67 21.88
CA PHE O 124 -14.53 -54.00 20.73
C PHE O 124 -14.04 -55.23 19.98
N LYS O 125 -13.12 -56.00 20.56
CA LYS O 125 -12.67 -57.22 19.90
C LYS O 125 -13.81 -58.21 19.76
N ARG O 126 -14.66 -58.32 20.78
CA ARG O 126 -15.70 -59.32 20.78
C ARG O 126 -16.68 -59.15 19.63
N ILE O 127 -16.75 -57.96 19.01
CA ILE O 127 -17.63 -57.77 17.88
C ILE O 127 -17.11 -58.50 16.65
N ASN O 128 -15.85 -58.91 16.64
CA ASN O 128 -15.29 -59.62 15.51
C ASN O 128 -16.10 -60.88 15.22
N PHE O 129 -16.52 -61.03 13.97
CA PHE O 129 -17.48 -62.07 13.58
C PHE O 129 -16.87 -63.08 12.62
N ASN O 130 -16.42 -62.64 11.45
CA ASN O 130 -15.64 -63.47 10.54
C ASN O 130 -15.11 -62.56 9.46
N ASN O 131 -14.15 -63.07 8.70
CA ASN O 131 -13.46 -62.29 7.67
C ASN O 131 -13.51 -63.11 6.37
N SER O 132 -14.60 -62.96 5.62
CA SER O 132 -14.83 -63.76 4.43
C SER O 132 -14.59 -63.01 3.14
N SER O 133 -14.83 -61.71 3.11
CA SER O 133 -14.69 -60.95 1.87
C SER O 133 -13.24 -60.97 1.40
N GLU O 134 -13.05 -60.72 0.10
CA GLU O 134 -11.70 -60.73 -0.45
C GLU O 134 -10.83 -59.69 0.22
N TYR O 135 -11.31 -58.46 0.32
CA TYR O 135 -10.46 -57.39 0.80
C TYR O 135 -10.08 -57.59 2.27
N ILE O 136 -11.04 -58.01 3.10
CA ILE O 136 -10.71 -58.22 4.51
C ILE O 136 -9.83 -59.43 4.68
N GLU O 137 -10.05 -60.48 3.89
CA GLU O 137 -9.20 -61.66 3.97
C GLU O 137 -7.77 -61.29 3.65
N ASN O 138 -7.57 -60.52 2.58
CA ASN O 138 -6.23 -60.08 2.24
C ASN O 138 -5.68 -59.12 3.28
N TRP O 139 -6.55 -58.34 3.92
CA TRP O 139 -6.09 -57.44 4.98
C TRP O 139 -5.49 -58.24 6.13
N ASN O 140 -6.19 -59.29 6.58
CA ASN O 140 -5.65 -60.11 7.66
C ASN O 140 -4.40 -60.86 7.22
N LEU O 141 -4.40 -61.39 6.00
CA LEU O 141 -3.23 -62.10 5.51
C LEU O 141 -2.04 -61.17 5.40
N GLN O 142 -2.26 -59.91 5.10
CA GLN O 142 -1.19 -58.93 5.06
C GLN O 142 -0.74 -58.58 6.47
N ASN O 143 -1.66 -58.54 7.43
CA ASN O 143 -1.27 -58.25 8.80
C ASN O 143 -0.34 -59.32 9.35
N ARG O 144 -0.66 -60.59 9.12
CA ARG O 144 0.25 -61.68 9.44
C ARG O 144 0.66 -62.33 8.13
N ARG O 145 1.90 -62.06 7.69
CA ARG O 145 2.27 -62.17 6.29
C ARG O 145 1.92 -63.52 5.70
N GLN O 146 1.11 -63.49 4.66
CA GLN O 146 0.92 -64.61 3.75
C GLN O 146 0.91 -64.02 2.36
N ARG O 147 0.73 -64.88 1.36
CA ARG O 147 0.73 -64.44 -0.04
C ARG O 147 -0.66 -63.89 -0.36
N THR O 148 -0.84 -62.62 -0.07
CA THR O 148 -2.11 -61.97 -0.41
C THR O 148 -2.24 -61.88 -1.92
N GLY O 149 -3.48 -61.96 -2.39
CA GLY O 149 -3.74 -61.79 -3.81
C GLY O 149 -5.13 -61.28 -4.09
N PHE O 150 -5.21 -60.20 -4.86
CA PHE O 150 -6.47 -59.68 -5.38
C PHE O 150 -6.60 -60.10 -6.83
N VAL O 151 -7.73 -60.70 -7.17
CA VAL O 151 -8.03 -61.05 -8.55
C VAL O 151 -8.72 -59.86 -9.21
N PHE O 152 -8.19 -59.43 -10.34
CA PHE O 152 -8.68 -58.27 -11.07
C PHE O 152 -9.10 -58.69 -12.46
N HIS O 153 -10.26 -58.21 -12.90
CA HIS O 153 -10.73 -58.41 -14.26
C HIS O 153 -10.39 -57.14 -15.04
N LYS O 154 -9.44 -57.25 -15.96
CA LYS O 154 -9.03 -56.13 -16.79
C LYS O 154 -8.45 -55.03 -15.91
N PRO O 155 -7.40 -55.32 -15.14
CA PRO O 155 -6.84 -54.30 -14.25
C PRO O 155 -6.30 -53.13 -15.04
N ASN O 156 -6.47 -51.93 -14.47
CA ASN O 156 -5.85 -50.74 -15.07
C ASN O 156 -4.51 -50.50 -14.38
N ILE O 157 -3.53 -51.30 -14.82
CA ILE O 157 -2.17 -51.22 -14.29
C ILE O 157 -1.38 -50.16 -15.01
N PHE O 158 -1.61 -49.98 -16.30
CA PHE O 158 -0.77 -49.06 -17.06
C PHE O 158 -1.28 -47.62 -16.91
N PRO O 159 -0.44 -46.68 -16.48
CA PRO O 159 -0.87 -45.28 -16.52
C PRO O 159 -1.02 -44.84 -17.97
N TYR O 160 -1.99 -43.96 -18.20
CA TYR O 160 -2.26 -43.53 -19.56
C TYR O 160 -1.06 -42.79 -20.13
N SER O 161 -0.56 -43.26 -21.26
CA SER O 161 0.50 -42.57 -21.97
C SER O 161 0.39 -42.88 -23.45
N ALA O 162 0.35 -41.84 -24.27
CA ALA O 162 0.36 -41.96 -25.72
C ALA O 162 1.53 -41.16 -26.24
N SER O 163 2.54 -41.86 -26.77
CA SER O 163 3.78 -41.18 -27.14
C SER O 163 4.57 -42.06 -28.09
N PHE O 164 5.58 -41.46 -28.71
CA PHE O 164 6.37 -42.12 -29.74
C PHE O 164 7.85 -41.81 -29.56
N THR O 165 8.69 -42.71 -30.05
CA THR O 165 10.10 -42.46 -30.23
C THR O 165 10.41 -42.55 -31.72
N LEU O 166 11.27 -41.66 -32.20
CA LEU O 166 11.69 -41.61 -33.59
C LEU O 166 13.18 -41.94 -33.63
N ASN O 167 13.50 -43.18 -33.99
CA ASN O 167 14.90 -43.56 -34.10
C ASN O 167 15.57 -42.94 -35.31
N ARG O 168 14.81 -42.40 -36.24
CA ARG O 168 15.37 -41.65 -37.36
C ARG O 168 14.36 -40.58 -37.74
N SER O 169 14.79 -39.32 -37.74
CA SER O 169 13.90 -38.22 -38.09
C SER O 169 14.74 -37.04 -38.54
N GLN O 170 14.09 -36.10 -39.21
CA GLN O 170 14.76 -34.90 -39.69
C GLN O 170 13.70 -33.85 -39.97
N PRO O 171 14.09 -32.59 -40.18
CA PRO O 171 13.09 -31.52 -40.28
C PRO O 171 12.07 -31.69 -41.40
N MET O 172 12.41 -32.40 -42.48
CA MET O 172 11.38 -32.76 -43.44
C MET O 172 10.22 -33.45 -42.76
N HIS O 173 10.52 -34.35 -41.82
CA HIS O 173 9.55 -35.25 -41.25
C HIS O 173 8.84 -36.03 -42.35
N ASP O 174 9.63 -36.50 -43.32
CA ASP O 174 9.10 -37.28 -44.43
C ASP O 174 9.73 -38.65 -44.57
N ASN O 175 10.82 -38.94 -43.87
CA ASN O 175 11.44 -40.26 -43.86
C ASN O 175 11.76 -40.57 -42.40
N LEU O 176 10.78 -41.08 -41.69
CA LEU O 176 10.88 -41.41 -40.27
C LEU O 176 10.92 -42.91 -40.07
N MET O 177 11.26 -43.30 -38.85
CA MET O 177 11.25 -44.69 -38.46
C MET O 177 11.26 -44.71 -36.94
N GLY O 178 10.38 -45.51 -36.34
CA GLY O 178 10.31 -45.51 -34.90
C GLY O 178 9.11 -46.29 -34.42
N THR O 179 8.65 -45.96 -33.22
CA THR O 179 7.48 -46.61 -32.65
C THR O 179 6.56 -45.57 -32.06
N MET O 180 5.27 -45.81 -32.17
CA MET O 180 4.25 -45.15 -31.38
C MET O 180 3.66 -46.15 -30.43
N TRP O 181 3.16 -45.69 -29.29
CA TRP O 181 2.55 -46.60 -28.35
C TRP O 181 1.55 -45.86 -27.49
N LEU O 182 0.42 -46.51 -27.24
CA LEU O 182 -0.56 -46.06 -26.29
C LEU O 182 -0.75 -47.15 -25.26
N ASN O 183 -0.42 -46.85 -24.01
CA ASN O 183 -0.71 -47.71 -22.87
C ASN O 183 -1.84 -47.06 -22.09
N ALA O 184 -2.84 -47.85 -21.73
CA ALA O 184 -3.97 -47.30 -20.98
C ALA O 184 -4.81 -48.41 -20.38
N GLY O 185 -5.04 -48.36 -19.08
CA GLY O 185 -5.80 -49.41 -18.46
C GLY O 185 -5.10 -50.74 -18.62
N SER O 186 -5.81 -51.70 -19.21
CA SER O 186 -5.25 -53.01 -19.49
C SER O 186 -4.72 -53.16 -20.90
N GLU O 187 -4.78 -52.11 -21.72
CA GLU O 187 -4.43 -52.17 -23.13
C GLU O 187 -3.03 -51.62 -23.35
N ILE O 188 -2.24 -52.34 -24.14
CA ILE O 188 -1.05 -51.81 -24.79
C ILE O 188 -1.30 -51.89 -26.28
N GLN O 189 -0.98 -50.83 -27.00
CA GLN O 189 -1.08 -50.84 -28.46
C GLN O 189 0.15 -50.13 -28.98
N VAL O 190 1.08 -50.89 -29.55
CA VAL O 190 2.37 -50.36 -29.99
C VAL O 190 2.50 -50.65 -31.48
N ALA O 191 2.83 -49.64 -32.24
CA ALA O 191 2.95 -49.73 -33.69
C ALA O 191 4.29 -49.16 -34.11
N GLY O 192 5.17 -50.04 -34.61
CA GLY O 192 6.42 -49.59 -35.18
C GLY O 192 6.22 -49.29 -36.65
N PHE O 193 6.67 -48.11 -37.06
CA PHE O 193 6.46 -47.63 -38.42
C PHE O 193 7.81 -47.29 -39.04
N ASP O 194 7.88 -47.50 -40.36
CA ASP O 194 9.04 -47.17 -41.15
C ASP O 194 8.55 -46.53 -42.44
N TYR O 195 9.02 -45.32 -42.73
CA TYR O 195 8.52 -44.62 -43.90
C TYR O 195 9.09 -45.20 -45.17
N SER O 196 10.31 -45.73 -45.13
CA SER O 196 10.96 -46.32 -46.28
C SER O 196 10.66 -47.81 -46.44
N CYS O 197 9.90 -48.40 -45.52
CA CYS O 197 9.56 -49.82 -45.58
C CYS O 197 10.83 -50.68 -45.62
N ALA O 198 11.80 -50.34 -44.80
CA ALA O 198 13.01 -51.15 -44.63
C ALA O 198 13.76 -51.30 -45.94
N LEU O 199 14.04 -50.16 -46.58
CA LEU O 199 14.76 -50.20 -47.85
C LEU O 199 16.24 -50.41 -47.63
N ASN O 200 16.85 -49.56 -46.79
CA ASN O 200 18.28 -49.62 -46.51
C ASN O 200 18.60 -50.37 -45.22
N ALA O 201 17.60 -51.00 -44.60
CA ALA O 201 17.84 -51.78 -43.39
C ALA O 201 18.57 -53.08 -43.75
N PRO O 202 19.19 -53.73 -42.77
CA PRO O 202 19.95 -54.95 -43.07
C PRO O 202 19.03 -56.13 -43.35
N ALA O 203 19.18 -56.73 -44.52
CA ALA O 203 18.32 -57.81 -45.00
C ALA O 203 16.86 -57.38 -45.13
N ASN O 204 16.61 -56.09 -45.30
CA ASN O 204 15.26 -55.55 -45.40
C ASN O 204 14.42 -55.89 -44.18
N ILE O 205 15.06 -55.89 -43.01
CA ILE O 205 14.41 -56.11 -41.72
C ILE O 205 14.64 -54.87 -40.88
N GLN O 206 13.57 -54.34 -40.29
CA GLN O 206 13.65 -53.26 -39.33
C GLN O 206 13.14 -53.77 -38.00
N GLN O 207 13.96 -53.64 -36.96
CA GLN O 207 13.68 -54.22 -35.66
C GLN O 207 13.04 -53.17 -34.76
N PHE O 208 11.94 -53.52 -34.12
CA PHE O 208 11.21 -52.65 -33.22
C PHE O 208 11.08 -53.31 -31.87
N GLU O 209 11.28 -52.51 -30.82
CA GLU O 209 11.33 -52.96 -29.44
C GLU O 209 10.48 -52.04 -28.59
N HIS O 210 9.81 -52.61 -27.59
CA HIS O 210 9.04 -51.81 -26.65
C HIS O 210 9.07 -52.49 -25.29
N ILE O 211 9.46 -51.74 -24.26
CA ILE O 211 9.57 -52.25 -22.89
C ILE O 211 8.57 -51.48 -22.05
N VAL O 212 7.62 -52.20 -21.44
CA VAL O 212 6.64 -51.62 -20.54
C VAL O 212 6.91 -52.18 -19.16
N GLN O 213 7.30 -51.30 -18.24
CA GLN O 213 7.72 -51.66 -16.89
C GLN O 213 6.52 -51.45 -15.97
N LEU O 214 5.84 -52.54 -15.61
CA LEU O 214 4.71 -52.41 -14.71
C LEU O 214 5.19 -51.92 -13.35
N ARG O 215 4.31 -51.22 -12.65
CA ARG O 215 4.67 -50.73 -11.32
C ARG O 215 4.67 -51.87 -10.30
N ARG O 216 3.67 -52.75 -10.37
CA ARG O 216 3.58 -53.90 -9.49
C ARG O 216 3.45 -55.17 -10.32
N ALA O 217 4.06 -56.24 -9.84
CA ALA O 217 4.08 -57.48 -10.60
C ALA O 217 2.74 -58.18 -10.52
N LEU O 218 2.20 -58.55 -11.68
CA LEU O 218 0.99 -59.34 -11.75
C LEU O 218 1.34 -60.81 -11.76
N THR O 219 0.32 -61.65 -11.61
CA THR O 219 0.51 -63.08 -11.47
C THR O 219 -0.65 -63.80 -12.12
N THR O 220 -0.37 -64.94 -12.75
CA THR O 220 -1.37 -65.79 -13.40
C THR O 220 -2.30 -64.96 -14.27
N ALA O 221 -1.70 -64.19 -15.18
CA ALA O 221 -2.42 -63.23 -15.98
C ALA O 221 -2.81 -63.84 -17.32
N THR O 222 -4.10 -63.83 -17.62
CA THR O 222 -4.58 -64.16 -18.95
C THR O 222 -4.45 -62.94 -19.84
N ILE O 223 -3.87 -63.11 -21.02
CA ILE O 223 -3.56 -62.01 -21.91
C ILE O 223 -4.07 -62.34 -23.29
N THR O 224 -4.59 -61.34 -23.98
CA THR O 224 -5.06 -61.46 -25.35
C THR O 224 -4.13 -60.64 -26.24
N LEU O 225 -3.43 -61.30 -27.15
CA LEU O 225 -2.47 -60.64 -28.02
C LEU O 225 -2.93 -60.78 -29.46
N LEU O 226 -3.02 -59.66 -30.16
CA LEU O 226 -3.40 -59.63 -31.57
C LEU O 226 -2.43 -58.73 -32.32
N PRO O 227 -2.33 -58.90 -33.64
CA PRO O 227 -1.49 -57.98 -34.42
C PRO O 227 -2.28 -56.77 -34.90
N ASP O 228 -1.61 -55.85 -35.58
CA ASP O 228 -2.26 -54.74 -36.27
C ASP O 228 -3.04 -53.87 -35.27
N ALA O 229 -2.28 -53.17 -34.43
CA ALA O 229 -2.86 -52.23 -33.49
C ALA O 229 -3.71 -51.18 -34.21
N GLU O 230 -4.92 -50.97 -33.69
CA GLU O 230 -5.90 -50.16 -34.41
C GLU O 230 -5.63 -48.67 -34.28
N ARG O 231 -5.19 -48.21 -33.10
CA ARG O 231 -5.09 -46.77 -32.88
C ARG O 231 -4.02 -46.12 -33.74
N PHE O 232 -3.16 -46.90 -34.39
CA PHE O 232 -2.09 -46.39 -35.22
C PHE O 232 -2.14 -47.02 -36.60
N SER O 233 -3.33 -47.13 -37.15
CA SER O 233 -3.57 -47.78 -38.43
C SER O 233 -4.50 -46.94 -39.28
N PHE O 234 -4.31 -45.63 -39.22
CA PHE O 234 -5.13 -44.68 -39.95
C PHE O 234 -4.40 -43.35 -40.02
N PRO O 235 -4.69 -42.52 -41.01
CA PRO O 235 -3.91 -41.29 -41.19
C PRO O 235 -3.99 -40.38 -39.98
N ARG O 236 -2.90 -39.68 -39.71
CA ARG O 236 -2.82 -38.79 -38.57
C ARG O 236 -1.91 -37.63 -38.92
N VAL O 237 -2.07 -36.53 -38.19
CA VAL O 237 -1.08 -35.47 -38.18
C VAL O 237 -0.73 -35.23 -36.72
N ILE O 238 0.55 -35.41 -36.40
CA ILE O 238 1.01 -35.54 -35.03
C ILE O 238 2.02 -34.43 -34.78
N ASN O 239 1.86 -33.71 -33.67
CA ASN O 239 2.82 -32.69 -33.33
C ASN O 239 4.18 -33.32 -33.10
N SER O 240 5.22 -32.57 -33.40
CA SER O 240 6.58 -33.09 -33.29
C SER O 240 6.93 -33.32 -31.83
N ALA O 241 8.17 -33.75 -31.60
CA ALA O 241 8.59 -34.05 -30.24
C ALA O 241 8.49 -32.82 -29.34
N ASP O 242 8.92 -31.67 -29.85
CA ASP O 242 8.98 -30.43 -29.08
C ASP O 242 7.85 -29.46 -29.42
N GLY O 243 6.90 -29.86 -30.26
CA GLY O 243 5.80 -29.00 -30.60
C GLY O 243 6.10 -27.94 -31.63
N ALA O 244 7.28 -27.98 -32.24
CA ALA O 244 7.64 -26.96 -33.22
C ALA O 244 6.72 -27.02 -34.44
N THR O 245 6.45 -28.21 -34.94
CA THR O 245 5.63 -28.40 -36.13
C THR O 245 4.77 -29.63 -35.95
N THR O 246 4.12 -30.06 -37.03
CA THR O 246 3.34 -31.28 -37.05
C THR O 246 3.70 -32.06 -38.31
N TRP O 247 3.65 -33.39 -38.23
CA TRP O 247 4.05 -34.26 -39.32
C TRP O 247 2.95 -35.26 -39.64
N PHE O 248 2.90 -35.65 -40.90
CA PHE O 248 1.84 -36.49 -41.42
C PHE O 248 2.25 -37.96 -41.37
N PHE O 249 1.35 -38.81 -40.91
CA PHE O 249 1.59 -40.24 -40.80
C PHE O 249 0.49 -40.97 -41.57
N ASN O 250 0.89 -41.82 -42.51
CA ASN O 250 -0.02 -42.43 -43.48
C ASN O 250 0.24 -43.93 -43.55
N PRO O 251 -0.32 -44.70 -42.62
CA PRO O 251 0.13 -46.09 -42.46
C PRO O 251 -0.31 -46.99 -43.59
N ILE O 252 0.42 -48.10 -43.70
CA ILE O 252 0.03 -49.26 -44.48
C ILE O 252 0.38 -50.45 -43.60
N ILE O 253 -0.63 -51.20 -43.16
CA ILE O 253 -0.42 -52.20 -42.11
C ILE O 253 0.15 -53.45 -42.75
N LEU O 254 1.47 -53.58 -42.72
CA LEU O 254 2.10 -54.86 -42.98
C LEU O 254 1.88 -55.78 -41.78
N ARG O 255 2.13 -57.03 -41.98
CA ARG O 255 1.95 -57.99 -40.91
C ARG O 255 3.23 -58.08 -40.08
N PRO O 256 3.19 -57.92 -38.75
CA PRO O 256 4.42 -58.07 -37.97
C PRO O 256 4.89 -59.52 -38.01
N ASN O 257 6.18 -59.71 -38.24
CA ASN O 257 6.75 -61.05 -38.38
C ASN O 257 7.74 -61.32 -37.27
N ASN O 258 7.90 -62.61 -36.96
CA ASN O 258 8.69 -63.11 -35.84
C ASN O 258 8.55 -62.22 -34.61
N VAL O 259 7.30 -62.01 -34.20
CA VAL O 259 7.04 -61.31 -32.95
C VAL O 259 7.49 -62.16 -31.78
N GLU O 260 8.16 -61.54 -30.82
CA GLU O 260 8.58 -62.19 -29.59
C GLU O 260 8.05 -61.35 -28.44
N VAL O 261 7.26 -61.96 -27.57
CA VAL O 261 6.68 -61.29 -26.41
C VAL O 261 7.24 -61.96 -25.19
N GLU O 262 7.96 -61.21 -24.37
CA GLU O 262 8.68 -61.75 -23.23
C GLU O 262 8.14 -61.12 -21.96
N PHE O 263 7.67 -61.95 -21.05
CA PHE O 263 7.19 -61.52 -19.74
C PHE O 263 8.31 -61.77 -18.73
N LEU O 264 8.79 -60.70 -18.10
CA LEU O 264 10.00 -60.71 -17.31
C LEU O 264 9.71 -60.36 -15.86
N LEU O 265 10.37 -61.07 -14.95
CA LEU O 265 10.32 -60.81 -13.51
C LEU O 265 11.73 -60.56 -13.03
N ASN O 266 12.05 -59.30 -12.75
CA ASN O 266 13.38 -58.92 -12.26
C ASN O 266 14.46 -59.29 -13.27
N GLY O 267 14.19 -59.04 -14.54
CA GLY O 267 15.14 -59.25 -15.60
C GLY O 267 15.19 -60.65 -16.16
N GLN O 268 14.66 -61.64 -15.46
CA GLN O 268 14.64 -63.01 -15.94
C GLN O 268 13.52 -63.19 -16.95
N ILE O 269 13.79 -63.97 -17.99
CA ILE O 269 12.76 -64.26 -18.98
C ILE O 269 11.85 -65.32 -18.37
N ILE O 270 10.80 -64.89 -17.67
CA ILE O 270 9.88 -65.86 -17.11
C ILE O 270 9.14 -66.58 -18.22
N ASN O 271 8.68 -65.85 -19.24
CA ASN O 271 7.92 -66.49 -20.31
C ASN O 271 8.22 -65.84 -21.63
N THR O 272 8.19 -66.64 -22.70
CA THR O 272 8.40 -66.19 -24.06
C THR O 272 7.28 -66.74 -24.93
N TYR O 273 6.85 -65.93 -25.90
CA TYR O 273 5.91 -66.39 -26.90
C TYR O 273 6.34 -65.87 -28.25
N GLN O 274 6.35 -66.75 -29.25
CA GLN O 274 6.93 -66.47 -30.55
C GLN O 274 5.91 -66.80 -31.62
N ALA O 275 5.51 -65.79 -32.39
CA ALA O 275 4.52 -65.97 -33.46
C ALA O 275 3.26 -66.62 -32.91
N ARG O 276 2.87 -66.20 -31.70
CA ARG O 276 1.83 -66.85 -30.92
C ARG O 276 0.85 -65.78 -30.49
N PHE O 277 -0.23 -65.64 -31.25
CA PHE O 277 -1.26 -64.65 -30.97
C PHE O 277 -2.42 -65.30 -30.24
N GLY O 278 -3.43 -64.51 -29.91
CA GLY O 278 -4.59 -65.00 -29.23
C GLY O 278 -4.42 -65.01 -27.72
N THR O 279 -4.88 -66.08 -27.08
CA THR O 279 -4.80 -66.18 -25.63
C THR O 279 -3.45 -66.73 -25.23
N ILE O 280 -2.78 -66.01 -24.33
CA ILE O 280 -1.52 -66.45 -23.73
C ILE O 280 -1.63 -66.24 -22.23
N VAL O 281 -0.66 -66.82 -21.51
CA VAL O 281 -0.65 -66.82 -20.06
C VAL O 281 0.71 -66.32 -19.60
N ALA O 282 0.70 -65.32 -18.71
CA ALA O 282 1.90 -64.88 -18.03
C ALA O 282 1.86 -65.43 -16.61
N ARG O 283 2.78 -66.35 -16.32
CA ARG O 283 2.83 -66.96 -15.00
C ARG O 283 3.03 -65.91 -13.93
N ASN O 284 4.01 -65.04 -14.11
CA ASN O 284 4.34 -64.00 -13.16
C ASN O 284 5.31 -63.04 -13.84
N PHE O 285 5.08 -61.73 -13.74
CA PHE O 285 5.92 -60.83 -14.49
C PHE O 285 5.86 -59.43 -13.90
N ASP O 286 6.88 -58.65 -14.27
CA ASP O 286 7.01 -57.26 -13.87
C ASP O 286 7.24 -56.34 -15.06
N THR O 287 7.70 -56.85 -16.20
CA THR O 287 7.82 -56.06 -17.40
C THR O 287 7.38 -56.89 -18.60
N ILE O 288 6.96 -56.19 -19.64
CA ILE O 288 6.57 -56.79 -20.91
C ILE O 288 7.51 -56.25 -21.97
N ARG O 289 8.10 -57.14 -22.74
CA ARG O 289 9.03 -56.78 -23.81
C ARG O 289 8.45 -57.28 -25.12
N LEU O 290 8.00 -56.36 -25.96
CA LEU O 290 7.41 -56.67 -27.26
C LEU O 290 8.44 -56.34 -28.32
N SER O 291 8.94 -57.35 -29.03
CA SER O 291 9.93 -57.16 -30.07
C SER O 291 9.38 -57.74 -31.36
N PHE O 292 9.13 -56.88 -32.34
CA PHE O 292 8.60 -57.32 -33.62
C PHE O 292 9.46 -56.73 -34.73
N GLN O 293 9.19 -57.14 -35.96
CA GLN O 293 10.03 -56.79 -37.09
C GLN O 293 9.15 -56.39 -38.27
N LEU O 294 9.59 -55.37 -38.98
CA LEU O 294 9.00 -54.98 -40.25
C LEU O 294 9.92 -55.49 -41.35
N MET O 295 9.51 -56.56 -42.02
CA MET O 295 10.25 -57.11 -43.13
C MET O 295 9.63 -56.63 -44.43
N ARG O 296 10.43 -56.08 -45.31
CA ARG O 296 9.93 -55.71 -46.62
C ARG O 296 9.48 -56.99 -47.34
N PRO O 297 8.30 -57.00 -47.96
CA PRO O 297 7.88 -58.22 -48.66
C PRO O 297 8.87 -58.56 -49.77
N PRO O 298 9.45 -59.77 -49.77
CA PRO O 298 10.34 -60.11 -50.89
C PRO O 298 9.65 -60.01 -52.24
N ASN O 299 8.56 -60.74 -52.43
CA ASN O 299 7.73 -60.60 -53.61
C ASN O 299 6.71 -59.50 -53.37
N MET O 300 6.24 -58.90 -54.46
CA MET O 300 5.27 -57.81 -54.36
C MET O 300 4.44 -57.75 -55.62
N THR O 301 3.13 -57.70 -55.45
CA THR O 301 2.25 -57.38 -56.55
C THR O 301 2.55 -55.96 -57.02
N PRO O 302 2.37 -55.64 -58.31
CA PRO O 302 2.73 -54.29 -58.77
C PRO O 302 2.03 -53.15 -58.05
N ALA O 303 0.82 -53.33 -57.53
CA ALA O 303 0.19 -52.25 -56.78
C ALA O 303 1.00 -51.91 -55.53
N VAL O 304 1.32 -52.92 -54.72
CA VAL O 304 2.10 -52.66 -53.52
C VAL O 304 3.51 -52.22 -53.88
N ASN O 305 4.04 -52.73 -54.98
CA ASN O 305 5.33 -52.23 -55.45
C ASN O 305 5.28 -50.74 -55.72
N ALA O 306 4.20 -50.28 -56.36
CA ALA O 306 4.03 -48.86 -56.59
C ALA O 306 3.90 -48.10 -55.28
N LEU O 307 3.29 -48.73 -54.27
CA LEU O 307 3.17 -48.07 -52.98
C LEU O 307 4.53 -47.81 -52.35
N PHE O 308 5.43 -48.78 -52.43
CA PHE O 308 6.74 -48.67 -51.79
C PHE O 308 7.84 -48.42 -52.83
N PRO O 309 8.25 -47.18 -53.07
CA PRO O 309 9.31 -46.94 -54.05
C PRO O 309 10.67 -46.90 -53.36
N GLN O 310 11.71 -46.90 -54.18
CA GLN O 310 13.07 -46.73 -53.69
C GLN O 310 13.46 -45.27 -53.54
N ALA O 311 12.68 -44.35 -54.07
CA ALA O 311 13.04 -42.94 -54.07
C ALA O 311 12.62 -42.30 -52.76
N GLN O 312 12.73 -40.99 -52.67
CA GLN O 312 12.53 -40.25 -51.43
C GLN O 312 11.08 -39.96 -51.02
N PRO O 313 10.13 -39.67 -51.95
CA PRO O 313 8.82 -39.16 -51.53
C PRO O 313 8.10 -39.94 -50.43
N PHE O 314 7.90 -41.24 -50.61
CA PHE O 314 7.31 -42.08 -49.58
C PHE O 314 5.93 -41.57 -49.16
N GLN O 315 4.99 -41.58 -50.12
CA GLN O 315 3.64 -41.13 -49.82
C GLN O 315 2.89 -42.06 -48.88
N HIS O 316 3.34 -43.31 -48.74
CA HIS O 316 2.69 -44.30 -47.89
C HIS O 316 3.76 -44.93 -47.01
N HIS O 317 3.45 -45.19 -45.74
CA HIS O 317 4.46 -45.50 -44.74
C HIS O 317 4.12 -46.82 -44.08
N ALA O 318 5.05 -47.78 -44.13
CA ALA O 318 4.74 -49.10 -43.61
C ALA O 318 4.63 -49.08 -42.10
N THR O 319 3.77 -49.94 -41.56
CA THR O 319 3.52 -49.99 -40.13
C THR O 319 3.19 -51.41 -39.74
N VAL O 320 3.73 -51.86 -38.62
CA VAL O 320 3.41 -53.15 -38.04
C VAL O 320 3.18 -52.95 -36.56
N GLY O 321 2.10 -53.52 -36.04
CA GLY O 321 1.70 -53.25 -34.67
C GLY O 321 1.31 -54.51 -33.93
N LEU O 322 1.29 -54.38 -32.60
CA LEU O 322 0.76 -55.37 -31.69
C LEU O 322 -0.19 -54.69 -30.72
N THR O 323 -1.19 -55.44 -30.28
CA THR O 323 -2.08 -55.01 -29.22
C THR O 323 -2.19 -56.12 -28.19
N LEU O 324 -2.11 -55.75 -26.93
CA LEU O 324 -2.02 -56.67 -25.82
C LEU O 324 -3.02 -56.23 -24.76
N ARG O 325 -3.91 -57.13 -24.37
CA ARG O 325 -4.95 -56.84 -23.40
C ARG O 325 -4.76 -57.74 -22.20
N ILE O 326 -4.60 -57.16 -21.01
CA ILE O 326 -4.53 -57.97 -19.80
C ILE O 326 -5.94 -58.31 -19.39
N GLU O 327 -6.46 -59.45 -19.86
CA GLU O 327 -7.88 -59.74 -19.64
C GLU O 327 -8.20 -59.93 -18.17
N SER O 328 -7.35 -60.63 -17.43
CA SER O 328 -7.59 -60.87 -16.01
C SER O 328 -6.30 -61.31 -15.35
N ALA O 329 -6.00 -60.77 -14.18
CA ALA O 329 -4.73 -61.01 -13.50
C ALA O 329 -4.94 -61.14 -12.01
N VAL O 330 -3.86 -61.46 -11.31
CA VAL O 330 -3.81 -61.53 -9.86
C VAL O 330 -2.63 -60.71 -9.39
N CYS O 331 -2.87 -59.80 -8.45
CA CYS O 331 -1.86 -58.86 -8.00
C CYS O 331 -1.81 -58.84 -6.48
N GLU O 332 -0.59 -58.73 -5.92
CA GLU O 332 -0.48 -58.59 -4.48
C GLU O 332 -1.05 -57.26 -4.02
N SER O 333 -0.62 -56.17 -4.65
CA SER O 333 -1.11 -54.86 -4.27
C SER O 333 -2.53 -54.66 -4.78
N VAL O 334 -3.10 -53.51 -4.46
CA VAL O 334 -4.48 -53.19 -4.78
C VAL O 334 -4.49 -52.22 -5.95
N LEU O 335 -5.39 -52.46 -6.89
CA LEU O 335 -5.51 -51.65 -8.10
C LEU O 335 -6.99 -51.45 -8.41
N ALA O 336 -7.27 -50.47 -9.25
CA ALA O 336 -8.61 -50.30 -9.76
C ALA O 336 -8.87 -51.31 -10.87
N ASP O 337 -10.13 -51.46 -11.23
CA ASP O 337 -10.57 -52.48 -12.17
C ASP O 337 -11.64 -51.90 -13.06
N ALA O 338 -12.29 -52.77 -13.81
CA ALA O 338 -13.64 -52.55 -14.30
C ALA O 338 -14.68 -53.20 -13.40
N ASN O 339 -14.37 -54.38 -12.87
CA ASN O 339 -15.36 -55.15 -12.13
C ASN O 339 -15.61 -54.55 -10.74
N GLU O 340 -14.67 -53.77 -10.23
CA GLU O 340 -14.74 -53.21 -8.88
C GLU O 340 -14.94 -51.70 -8.93
N THR O 341 -15.76 -51.20 -8.01
CA THR O 341 -16.12 -49.78 -7.95
C THR O 341 -15.45 -49.10 -6.76
N LEU O 342 -14.33 -49.62 -6.28
CA LEU O 342 -13.72 -49.11 -5.05
C LEU O 342 -13.11 -47.75 -5.27
N LEU O 343 -12.34 -47.59 -6.34
CA LEU O 343 -11.77 -46.28 -6.66
C LEU O 343 -12.87 -45.26 -6.88
N ALA O 344 -13.93 -45.66 -7.59
CA ALA O 344 -15.03 -44.75 -7.81
C ALA O 344 -15.67 -44.32 -6.50
N ASN O 345 -15.85 -45.27 -5.58
CA ASN O 345 -16.45 -44.93 -4.28
C ASN O 345 -15.59 -43.92 -3.54
N VAL O 346 -14.28 -44.18 -3.45
CA VAL O 346 -13.41 -43.30 -2.68
C VAL O 346 -13.36 -41.91 -3.32
N THR O 347 -13.18 -41.86 -4.64
CA THR O 347 -13.09 -40.58 -5.31
C THR O 347 -14.40 -39.81 -5.19
N ALA O 348 -15.53 -40.50 -5.28
CA ALA O 348 -16.82 -39.84 -5.14
C ALA O 348 -16.98 -39.29 -3.74
N VAL O 349 -16.56 -40.05 -2.72
CA VAL O 349 -16.69 -39.57 -1.36
C VAL O 349 -15.87 -38.30 -1.16
N ARG O 350 -14.65 -38.28 -1.69
CA ARG O 350 -13.84 -37.08 -1.58
C ARG O 350 -14.48 -35.90 -2.31
N GLN O 351 -14.97 -36.14 -3.52
CA GLN O 351 -15.52 -35.06 -4.34
C GLN O 351 -16.78 -34.50 -3.70
N GLU O 352 -17.64 -35.36 -3.17
CA GLU O 352 -18.95 -34.93 -2.69
C GLU O 352 -18.81 -33.88 -1.60
N TYR O 353 -17.87 -34.08 -0.68
CA TYR O 353 -17.66 -33.19 0.45
C TYR O 353 -16.48 -32.25 0.28
N ALA O 354 -15.81 -32.28 -0.87
CA ALA O 354 -14.78 -31.28 -1.19
C ALA O 354 -13.63 -31.34 -0.18
N ILE O 355 -13.08 -32.53 -0.02
CA ILE O 355 -11.95 -32.70 0.90
C ILE O 355 -10.75 -31.95 0.33
N PRO O 356 -9.98 -31.22 1.14
CA PRO O 356 -8.77 -30.60 0.60
C PRO O 356 -7.78 -31.66 0.14
N VAL O 357 -6.91 -31.27 -0.79
CA VAL O 357 -5.90 -32.18 -1.30
C VAL O 357 -5.01 -32.61 -0.15
N GLY O 358 -4.93 -33.91 0.08
CA GLY O 358 -4.15 -34.45 1.17
C GLY O 358 -2.67 -34.39 0.89
N PRO O 359 -1.86 -34.99 1.76
CA PRO O 359 -0.42 -35.02 1.52
C PRO O 359 0.02 -36.13 0.59
N VAL O 360 -0.70 -37.24 0.57
CA VAL O 360 -0.24 -38.46 -0.09
C VAL O 360 -0.88 -38.64 -1.47
N PHE O 361 -2.19 -38.46 -1.58
CA PHE O 361 -2.86 -38.75 -2.84
C PHE O 361 -2.77 -37.56 -3.78
N PRO O 362 -2.88 -37.78 -5.09
CA PRO O 362 -2.86 -36.64 -6.01
C PRO O 362 -4.15 -35.86 -5.94
N PRO O 363 -4.27 -34.76 -6.68
CA PRO O 363 -5.54 -34.03 -6.70
C PRO O 363 -6.64 -34.87 -7.34
N GLY O 364 -7.78 -34.94 -6.66
CA GLY O 364 -8.92 -35.65 -7.21
C GLY O 364 -8.71 -37.13 -7.42
N MET O 365 -7.71 -37.72 -6.75
CA MET O 365 -7.40 -39.14 -6.88
C MET O 365 -7.22 -39.53 -8.34
N ASN O 366 -6.47 -38.69 -9.07
CA ASN O 366 -6.19 -38.95 -10.47
C ASN O 366 -5.44 -40.26 -10.61
N TRP O 367 -6.11 -41.28 -11.15
CA TRP O 367 -5.55 -42.63 -11.09
C TRP O 367 -4.26 -42.73 -11.88
N THR O 368 -4.16 -42.01 -13.00
CA THR O 368 -2.97 -42.13 -13.82
C THR O 368 -1.74 -41.68 -13.04
N GLU O 369 -1.84 -40.53 -12.38
CA GLU O 369 -0.73 -40.08 -11.52
C GLU O 369 -0.53 -41.04 -10.35
N LEU O 370 -1.63 -41.51 -9.76
CA LEU O 370 -1.53 -42.33 -8.57
C LEU O 370 -0.77 -43.61 -8.85
N ILE O 371 -0.99 -44.21 -10.01
CA ILE O 371 -0.27 -45.43 -10.37
C ILE O 371 1.08 -45.13 -11.02
N THR O 372 1.24 -43.97 -11.64
CA THR O 372 2.54 -43.61 -12.19
C THR O 372 3.56 -43.49 -11.08
N ASN O 373 3.22 -42.83 -9.99
CA ASN O 373 4.05 -42.77 -8.79
C ASN O 373 3.29 -43.47 -7.68
N TYR O 374 3.74 -44.67 -7.33
CA TYR O 374 2.98 -45.61 -6.50
C TYR O 374 3.82 -46.09 -5.33
N SER O 375 4.39 -45.14 -4.59
CA SER O 375 5.28 -45.45 -3.48
C SER O 375 4.58 -46.34 -2.45
N PRO O 376 5.34 -46.96 -1.55
CA PRO O 376 4.70 -47.82 -0.54
C PRO O 376 3.74 -47.11 0.38
N SER O 377 4.00 -45.85 0.73
CA SER O 377 3.05 -45.11 1.56
C SER O 377 1.73 -44.94 0.84
N ARG O 378 1.79 -44.57 -0.44
CA ARG O 378 0.58 -44.44 -1.24
C ARG O 378 -0.13 -45.78 -1.35
N GLU O 379 0.63 -46.87 -1.49
CA GLU O 379 0.02 -48.19 -1.56
C GLU O 379 -0.72 -48.52 -0.28
N ASP O 380 -0.10 -48.25 0.87
CA ASP O 380 -0.74 -48.57 2.15
C ASP O 380 -2.01 -47.76 2.32
N ASN O 381 -1.95 -46.46 2.04
CA ASN O 381 -3.14 -45.64 2.14
C ASN O 381 -4.23 -46.12 1.19
N LEU O 382 -3.84 -46.48 -0.03
CA LEU O 382 -4.82 -46.94 -1.00
C LEU O 382 -5.47 -48.23 -0.55
N GLN O 383 -4.70 -49.15 0.01
CA GLN O 383 -5.28 -50.39 0.49
C GLN O 383 -6.24 -50.13 1.63
N ARG O 384 -5.88 -49.23 2.55
CA ARG O 384 -6.78 -48.93 3.66
C ARG O 384 -8.09 -48.34 3.17
N VAL O 385 -8.01 -47.34 2.31
CA VAL O 385 -9.25 -46.72 1.84
C VAL O 385 -10.05 -47.69 0.98
N PHE O 386 -9.39 -48.56 0.22
CA PHE O 386 -10.13 -49.51 -0.60
C PHE O 386 -10.86 -50.53 0.26
N THR O 387 -10.21 -51.06 1.31
CA THR O 387 -10.94 -51.99 2.16
C THR O 387 -12.08 -51.29 2.88
N VAL O 388 -11.87 -50.03 3.28
CA VAL O 388 -12.96 -49.29 3.92
C VAL O 388 -14.12 -49.12 2.95
N ALA O 389 -13.82 -48.81 1.69
CA ALA O 389 -14.88 -48.60 0.71
C ALA O 389 -15.61 -49.90 0.39
N SER O 390 -14.90 -51.05 0.41
CA SER O 390 -15.59 -52.32 0.26
C SER O 390 -16.52 -52.57 1.42
N ILE O 391 -16.06 -52.28 2.64
CA ILE O 391 -16.89 -52.47 3.82
C ILE O 391 -18.14 -51.62 3.72
N ARG O 392 -17.99 -50.37 3.27
CA ARG O 392 -19.15 -49.52 3.11
C ARG O 392 -20.07 -50.06 2.03
N SER O 393 -19.50 -50.47 0.89
CA SER O 393 -20.32 -50.96 -0.22
C SER O 393 -21.05 -52.24 0.13
N MET O 394 -20.65 -52.95 1.19
CA MET O 394 -21.45 -54.08 1.63
C MET O 394 -22.86 -53.68 2.02
N LEU O 395 -23.10 -52.41 2.38
CA LEU O 395 -24.39 -51.94 2.87
C LEU O 395 -24.96 -50.77 2.08
N ILE O 396 -24.12 -49.81 1.70
CA ILE O 396 -24.56 -48.59 1.03
C ILE O 396 -24.18 -48.71 -0.44
N LYS O 397 -25.16 -49.00 -1.28
CA LYS O 397 -24.97 -49.03 -2.72
C LYS O 397 -25.69 -47.86 -3.35
N MET P 1 11.10 -70.75 12.37
CA MET P 1 12.46 -70.16 12.41
C MET P 1 12.82 -69.75 13.82
N GLU P 2 11.84 -69.24 14.56
CA GLU P 2 12.09 -68.87 15.95
C GLU P 2 12.53 -70.08 16.74
N VAL P 3 11.99 -71.25 16.41
CA VAL P 3 12.43 -72.48 17.04
C VAL P 3 13.89 -72.77 16.69
N LEU P 4 14.26 -72.56 15.42
CA LEU P 4 15.64 -72.81 15.02
C LEU P 4 16.60 -71.89 15.75
N TYR P 5 16.27 -70.60 15.84
CA TYR P 5 17.09 -69.68 16.60
C TYR P 5 17.16 -70.11 18.06
N SER P 6 16.05 -70.58 18.61
CA SER P 6 16.05 -71.02 20.00
C SER P 6 16.99 -72.19 20.20
N LEU P 7 16.95 -73.16 19.29
CA LEU P 7 17.88 -74.28 19.34
C LEU P 7 19.32 -73.80 19.31
N SER P 8 19.62 -72.90 18.38
CA SER P 8 20.99 -72.41 18.28
C SER P 8 21.41 -71.66 19.54
N LYS P 9 20.51 -70.83 20.07
CA LYS P 9 20.84 -70.06 21.26
C LYS P 9 21.10 -70.97 22.44
N THR P 10 20.28 -72.01 22.62
CA THR P 10 20.52 -72.88 23.77
C THR P 10 21.75 -73.74 23.58
N LEU P 11 22.09 -74.14 22.36
CA LEU P 11 23.37 -74.84 22.19
C LEU P 11 24.55 -73.92 22.46
N LYS P 12 24.50 -72.68 21.98
CA LYS P 12 25.58 -71.76 22.24
C LYS P 12 25.74 -71.53 23.74
N ASP P 13 24.62 -71.33 24.43
CA ASP P 13 24.69 -71.11 25.87
C ASP P 13 25.14 -72.38 26.60
N ALA P 14 24.76 -73.55 26.11
CA ALA P 14 25.23 -74.78 26.73
C ALA P 14 26.74 -74.89 26.61
N ARG P 15 27.26 -74.62 25.42
CA ARG P 15 28.70 -74.70 25.22
C ARG P 15 29.43 -73.64 26.04
N ASP P 16 28.79 -72.51 26.30
CA ASP P 16 29.44 -71.45 27.07
C ASP P 16 29.39 -71.71 28.56
N LYS P 17 28.23 -72.13 29.09
CA LYS P 17 28.00 -72.14 30.52
C LYS P 17 28.13 -73.52 31.15
N ILE P 18 28.01 -74.60 30.40
CA ILE P 18 28.21 -75.95 30.93
C ILE P 18 29.69 -76.26 30.75
N VAL P 19 30.50 -75.81 31.70
CA VAL P 19 31.94 -76.01 31.68
C VAL P 19 32.37 -76.61 33.01
N GLU P 20 33.53 -77.24 33.01
CA GLU P 20 34.01 -77.93 34.20
C GLU P 20 34.17 -76.95 35.34
N GLY P 21 33.70 -77.34 36.52
CA GLY P 21 33.90 -76.59 37.73
C GLY P 21 32.86 -75.54 38.02
N THR P 22 32.05 -75.15 37.04
CA THR P 22 31.06 -74.12 37.28
C THR P 22 29.99 -74.62 38.24
N LEU P 23 29.46 -73.71 39.05
CA LEU P 23 28.43 -74.08 40.00
C LEU P 23 27.17 -74.50 39.26
N TYR P 24 26.37 -75.36 39.88
CA TYR P 24 25.10 -75.72 39.27
C TYR P 24 24.14 -74.55 39.30
N SER P 25 24.33 -73.62 40.24
CA SER P 25 23.46 -72.45 40.27
C SER P 25 23.66 -71.60 39.03
N ASN P 26 24.85 -71.65 38.42
CA ASN P 26 25.10 -70.89 37.21
C ASN P 26 24.35 -71.43 36.01
N VAL P 27 23.93 -72.69 36.05
CA VAL P 27 23.30 -73.34 34.89
C VAL P 27 21.99 -73.99 35.26
N SER P 28 21.39 -73.61 36.39
CA SER P 28 20.07 -74.16 36.73
C SER P 28 19.06 -73.93 35.61
N ASP P 29 18.75 -72.67 35.31
CA ASP P 29 17.74 -72.39 34.30
C ASP P 29 18.16 -72.89 32.93
N LEU P 30 19.46 -72.83 32.62
CA LEU P 30 19.92 -73.32 31.33
C LEU P 30 19.71 -74.81 31.22
N ILE P 31 19.96 -75.56 32.29
CA ILE P 31 19.74 -77.00 32.24
C ILE P 31 18.26 -77.29 32.11
N GLN P 32 17.41 -76.48 32.74
CA GLN P 32 15.97 -76.68 32.57
C GLN P 32 15.56 -76.49 31.11
N GLN P 33 16.06 -75.43 30.48
CA GLN P 33 15.77 -75.20 29.07
C GLN P 33 16.31 -76.32 28.21
N PHE P 34 17.54 -76.75 28.49
CA PHE P 34 18.15 -77.82 27.70
C PHE P 34 17.38 -79.12 27.83
N ASN P 35 16.92 -79.45 29.03
CA ASN P 35 16.15 -80.67 29.21
C ASN P 35 14.81 -80.59 28.50
N GLN P 36 14.17 -79.42 28.54
CA GLN P 36 12.94 -79.24 27.77
C GLN P 36 13.19 -79.50 26.29
N MET P 37 14.29 -78.94 25.77
CA MET P 37 14.64 -79.16 24.39
C MET P 37 14.87 -80.64 24.11
N ILE P 38 15.57 -81.31 25.00
CA ILE P 38 15.93 -82.72 24.77
C ILE P 38 14.68 -83.57 24.71
N VAL P 39 13.77 -83.40 25.67
CA VAL P 39 12.57 -84.23 25.67
C VAL P 39 11.70 -83.88 24.48
N THR P 40 11.67 -82.61 24.08
CA THR P 40 10.85 -82.24 22.94
C THR P 40 11.37 -82.85 21.64
N MET P 41 12.70 -82.87 21.46
CA MET P 41 13.27 -83.44 20.25
C MET P 41 13.25 -84.96 20.26
N ASN P 42 13.29 -85.57 21.45
CA ASN P 42 13.38 -87.02 21.55
C ASN P 42 12.22 -87.69 20.84
N GLY P 43 12.52 -88.78 20.14
CA GLY P 43 11.52 -89.53 19.42
C GLY P 43 11.22 -89.01 18.02
N ASN P 44 11.67 -87.80 17.70
CA ASN P 44 11.48 -87.24 16.37
C ASN P 44 12.64 -87.60 15.46
N ASP P 45 12.36 -87.61 14.17
CA ASP P 45 13.34 -87.94 13.15
C ASP P 45 13.27 -86.89 12.06
N PHE P 46 14.43 -86.42 11.63
CA PHE P 46 14.54 -85.35 10.65
C PHE P 46 15.41 -85.80 9.49
N GLN P 47 15.32 -85.06 8.40
CA GLN P 47 16.15 -85.32 7.22
C GLN P 47 16.49 -83.98 6.58
N THR P 48 17.75 -83.84 6.17
CA THR P 48 18.24 -82.59 5.61
C THR P 48 19.06 -82.92 4.37
N GLY P 49 19.23 -81.91 3.53
CA GLY P 49 19.96 -82.08 2.30
C GLY P 49 19.07 -82.50 1.15
N GLY P 50 19.70 -82.97 0.09
CA GLY P 50 19.01 -83.42 -1.09
C GLY P 50 18.90 -82.41 -2.21
N ILE P 51 19.61 -81.30 -2.12
CA ILE P 51 19.64 -80.28 -3.17
C ILE P 51 21.08 -80.04 -3.54
N GLY P 52 21.39 -80.14 -4.83
CA GLY P 52 22.78 -80.01 -5.23
C GLY P 52 23.62 -81.15 -4.69
N ASN P 53 24.85 -80.84 -4.33
CA ASN P 53 25.74 -81.84 -3.73
C ASN P 53 25.54 -81.99 -2.23
N LEU P 54 24.67 -81.20 -1.62
CA LEU P 54 24.50 -81.25 -0.18
C LEU P 54 23.92 -82.60 0.22
N PRO P 55 24.64 -83.43 0.99
CA PRO P 55 24.24 -84.84 1.11
C PRO P 55 22.96 -84.98 1.94
N ILE P 56 22.21 -86.03 1.64
CA ILE P 56 21.02 -86.36 2.42
C ILE P 56 21.48 -87.00 3.71
N ARG P 57 21.15 -86.36 4.84
CA ARG P 57 21.53 -86.85 6.15
C ARG P 57 20.28 -87.00 7.00
N ASN P 58 20.24 -88.09 7.76
CA ASN P 58 19.12 -88.40 8.65
C ASN P 58 19.55 -88.17 10.09
N TRP P 59 18.63 -87.63 10.89
CA TRP P 59 18.89 -87.26 12.27
C TRP P 59 17.88 -87.93 13.17
N THR P 60 18.36 -88.71 14.14
CA THR P 60 17.53 -89.37 15.14
C THR P 60 17.95 -88.88 16.51
N PHE P 61 16.99 -88.43 17.29
CA PHE P 61 17.24 -87.84 18.61
C PHE P 61 16.72 -88.79 19.67
N ASP P 62 17.64 -89.33 20.47
CA ASP P 62 17.30 -89.96 21.74
C ASP P 62 18.50 -89.75 22.65
N PHE P 63 18.45 -88.68 23.43
CA PHE P 63 19.54 -88.30 24.32
C PHE P 63 19.02 -88.23 25.73
N GLY P 64 19.78 -88.77 26.68
CA GLY P 64 19.42 -88.65 28.07
C GLY P 64 19.44 -87.21 28.53
N LEU P 65 18.70 -86.94 29.59
CA LEU P 65 18.66 -85.60 30.14
C LEU P 65 19.95 -85.31 30.90
N LEU P 66 20.17 -84.02 31.17
CA LEU P 66 21.27 -83.59 32.02
C LEU P 66 20.81 -83.55 33.46
N GLY P 67 21.52 -84.26 34.33
CA GLY P 67 21.11 -84.35 35.72
C GLY P 67 21.15 -83.01 36.43
N THR P 68 20.67 -83.02 37.66
CA THR P 68 20.65 -81.82 38.49
C THR P 68 21.03 -82.08 39.94
N THR P 69 21.44 -83.30 40.29
CA THR P 69 21.78 -83.64 41.66
C THR P 69 23.20 -83.22 42.04
N LEU P 70 23.98 -82.72 41.11
CA LEU P 70 25.36 -82.33 41.36
C LEU P 70 25.41 -80.84 41.68
N LEU P 71 25.92 -80.50 42.86
CA LEU P 71 25.97 -79.12 43.29
C LEU P 71 27.12 -78.34 42.67
N ASN P 72 28.00 -79.01 41.92
CA ASN P 72 29.05 -78.31 41.20
C ASN P 72 29.53 -79.21 40.07
N LEU P 73 29.51 -78.68 38.85
CA LEU P 73 29.77 -79.50 37.67
C LEU P 73 31.20 -80.06 37.70
N ASP P 74 31.33 -81.31 37.28
CA ASP P 74 32.61 -81.99 37.27
C ASP P 74 32.92 -82.48 35.86
N ALA P 75 33.97 -83.30 35.72
CA ALA P 75 34.38 -83.73 34.38
C ALA P 75 33.40 -84.73 33.79
N ASN P 76 32.83 -85.61 34.61
CA ASN P 76 31.94 -86.64 34.10
C ASN P 76 30.67 -86.07 33.50
N TYR P 77 30.31 -84.86 33.88
CA TYR P 77 29.09 -84.20 33.44
C TYR P 77 29.26 -83.52 32.10
N VAL P 78 30.31 -82.69 31.99
CA VAL P 78 30.54 -81.91 30.80
C VAL P 78 30.84 -82.81 29.60
N GLU P 79 31.36 -84.01 29.82
CA GLU P 79 31.66 -84.89 28.70
C GLU P 79 30.38 -85.36 28.01
N THR P 80 29.41 -85.86 28.78
CA THR P 80 28.14 -86.25 28.20
C THR P 80 27.43 -85.05 27.60
N ALA P 81 27.44 -83.92 28.33
CA ALA P 81 26.83 -82.72 27.79
C ALA P 81 27.47 -82.33 26.46
N ARG P 82 28.77 -82.56 26.32
CA ARG P 82 29.46 -82.16 25.10
C ARG P 82 29.15 -83.08 23.94
N THR P 83 29.02 -84.39 24.20
CA THR P 83 28.57 -85.26 23.12
C THR P 83 27.21 -84.83 22.60
N THR P 84 26.27 -84.58 23.52
CA THR P 84 24.95 -84.14 23.08
C THR P 84 25.05 -82.81 22.34
N ILE P 85 25.88 -81.90 22.83
CA ILE P 85 25.94 -80.56 22.27
C ILE P 85 26.55 -80.60 20.87
N GLU P 86 27.58 -81.41 20.67
CA GLU P 86 28.19 -81.45 19.34
C GLU P 86 27.26 -82.12 18.34
N TYR P 87 26.52 -83.16 18.76
CA TYR P 87 25.54 -83.74 17.85
C TYR P 87 24.49 -82.70 17.45
N PHE P 88 23.97 -81.97 18.43
CA PHE P 88 22.94 -80.99 18.13
C PHE P 88 23.50 -79.87 17.25
N ILE P 89 24.74 -79.47 17.49
CA ILE P 89 25.33 -78.39 16.70
C ILE P 89 25.50 -78.84 15.26
N ASP P 90 25.93 -80.08 15.05
CA ASP P 90 26.01 -80.59 13.69
C ASP P 90 24.65 -80.55 13.01
N PHE P 91 23.60 -81.00 13.72
CA PHE P 91 22.27 -81.00 13.15
C PHE P 91 21.82 -79.59 12.79
N ILE P 92 22.06 -78.64 13.67
CA ILE P 92 21.61 -77.27 13.42
C ILE P 92 22.37 -76.65 12.26
N ASP P 93 23.67 -76.96 12.16
CA ASP P 93 24.43 -76.45 11.02
C ASP P 93 23.88 -77.01 9.71
N ASN P 94 23.56 -78.30 9.70
CA ASN P 94 23.00 -78.89 8.49
C ASN P 94 21.65 -78.27 8.14
N VAL P 95 20.80 -78.05 9.13
CA VAL P 95 19.50 -77.44 8.85
C VAL P 95 19.68 -76.02 8.33
N CYS P 96 20.62 -75.28 8.90
CA CYS P 96 20.83 -73.91 8.45
C CYS P 96 21.32 -73.89 7.00
N MET P 97 22.24 -74.77 6.65
CA MET P 97 22.70 -74.84 5.26
C MET P 97 21.56 -75.23 4.34
N ASP P 98 20.74 -76.20 4.76
CA ASP P 98 19.62 -76.65 3.95
C ASP P 98 18.65 -75.52 3.70
N GLU P 99 18.40 -74.69 4.69
CA GLU P 99 17.46 -73.59 4.51
C GLU P 99 18.07 -72.45 3.72
N MET P 100 19.38 -72.24 3.81
CA MET P 100 20.00 -71.18 3.03
C MET P 100 20.02 -71.52 1.55
N VAL P 101 20.26 -72.79 1.21
CA VAL P 101 20.36 -73.13 -0.21
C VAL P 101 19.02 -73.01 -0.92
N ARG P 102 17.92 -73.23 -0.22
CA ARG P 102 16.61 -73.27 -0.85
C ARG P 102 16.01 -71.88 -0.97
N GLU P 103 15.23 -71.69 -2.04
CA GLU P 103 14.55 -70.44 -2.32
C GLU P 103 13.10 -70.73 -2.62
N SER P 104 12.32 -69.66 -2.80
CA SER P 104 10.95 -69.81 -3.23
C SER P 104 10.43 -68.47 -3.71
N GLN P 105 9.93 -68.44 -4.95
CA GLN P 105 9.39 -67.21 -5.50
C GLN P 105 8.16 -66.75 -4.73
N ARG P 106 7.28 -67.69 -4.37
CA ARG P 106 5.99 -67.38 -3.79
C ARG P 106 6.01 -67.69 -2.30
N ASN P 107 5.68 -66.69 -1.49
CA ASN P 107 5.69 -66.82 -0.03
C ASN P 107 7.09 -67.21 0.45
N GLY P 108 8.04 -66.33 0.18
CA GLY P 108 9.43 -66.61 0.51
C GLY P 108 9.69 -66.60 2.00
N VAL P 109 8.90 -65.86 2.76
CA VAL P 109 9.12 -65.76 4.20
C VAL P 109 8.94 -67.12 4.85
N ALA P 110 7.95 -67.88 4.42
CA ALA P 110 7.68 -69.16 5.03
C ALA P 110 8.87 -70.10 4.81
N PRO P 111 9.06 -71.09 5.66
CA PRO P 111 10.25 -71.93 5.57
C PRO P 111 10.15 -72.99 4.49
N GLN P 112 11.32 -73.38 4.01
CA GLN P 112 11.54 -74.53 3.14
C GLN P 112 12.39 -75.49 3.97
N SER P 113 12.97 -76.51 3.33
CA SER P 113 13.79 -77.44 4.10
C SER P 113 12.92 -78.15 5.12
N GLU P 114 12.19 -79.16 4.67
CA GLU P 114 11.20 -79.86 5.47
C GLU P 114 11.68 -80.18 6.88
N ALA P 115 12.99 -80.28 7.13
CA ALA P 115 13.46 -80.31 8.50
C ALA P 115 13.03 -79.05 9.26
N LEU P 116 13.32 -77.87 8.70
CA LEU P 116 12.88 -76.65 9.33
C LEU P 116 11.37 -76.52 9.30
N ARG P 117 10.74 -77.02 8.24
CA ARG P 117 9.28 -76.99 8.19
C ARG P 117 8.67 -77.83 9.28
N LYS P 118 9.33 -78.92 9.67
CA LYS P 118 8.87 -79.74 10.77
C LYS P 118 9.15 -79.07 12.10
N LEU P 119 10.29 -78.40 12.21
CA LEU P 119 10.57 -77.65 13.44
C LEU P 119 9.54 -76.56 13.65
N ALA P 120 8.97 -76.03 12.58
CA ALA P 120 7.94 -75.00 12.69
C ALA P 120 6.56 -75.55 13.04
N GLY P 121 6.46 -76.78 13.53
CA GLY P 121 5.19 -77.36 13.91
C GLY P 121 4.69 -76.83 15.24
N ILE P 122 3.93 -77.67 15.93
CA ILE P 122 3.34 -77.30 17.22
C ILE P 122 4.05 -78.02 18.35
N LYS P 123 4.60 -79.21 18.09
CA LYS P 123 5.28 -79.94 19.13
C LYS P 123 6.57 -79.26 19.57
N PHE P 124 7.13 -78.41 18.72
CA PHE P 124 8.39 -77.74 18.99
C PHE P 124 8.22 -76.29 19.45
N LYS P 125 7.01 -75.88 19.78
CA LYS P 125 6.80 -74.50 20.24
C LYS P 125 7.29 -74.29 21.66
N ARG P 126 7.39 -75.35 22.47
CA ARG P 126 8.00 -75.19 23.79
C ARG P 126 9.46 -74.79 23.74
N ILE P 127 10.13 -74.93 22.59
CA ILE P 127 11.57 -74.68 22.55
C ILE P 127 11.88 -73.20 22.50
N ASN P 128 10.92 -72.35 22.16
CA ASN P 128 11.19 -70.94 21.95
C ASN P 128 11.80 -70.32 23.21
N PHE P 129 13.06 -69.91 23.12
CA PHE P 129 13.86 -69.55 24.29
C PHE P 129 13.88 -68.05 24.54
N ASN P 130 14.42 -67.28 23.59
CA ASN P 130 14.32 -65.84 23.60
C ASN P 130 14.82 -65.35 22.25
N ASN P 131 14.27 -64.24 21.80
CA ASN P 131 14.59 -63.68 20.50
C ASN P 131 15.28 -62.34 20.76
N SER P 132 16.59 -62.41 20.99
CA SER P 132 17.38 -61.27 21.42
C SER P 132 18.29 -60.72 20.34
N SER P 133 18.89 -61.58 19.53
CA SER P 133 19.80 -61.13 18.48
C SER P 133 19.09 -60.17 17.54
N GLU P 134 19.87 -59.35 16.84
CA GLU P 134 19.27 -58.30 16.03
C GLU P 134 18.44 -58.89 14.90
N TYR P 135 18.92 -59.94 14.25
CA TYR P 135 18.21 -60.46 13.10
C TYR P 135 16.93 -61.17 13.49
N ILE P 136 16.95 -61.94 14.58
CA ILE P 136 15.71 -62.59 15.01
C ILE P 136 14.74 -61.56 15.58
N GLU P 137 15.26 -60.53 16.23
CA GLU P 137 14.38 -59.48 16.74
C GLU P 137 13.66 -58.78 15.60
N ASN P 138 14.40 -58.44 14.55
CA ASN P 138 13.76 -57.85 13.39
C ASN P 138 12.84 -58.84 12.70
N TRP P 139 13.18 -60.13 12.73
CA TRP P 139 12.29 -61.14 12.16
C TRP P 139 10.94 -61.15 12.86
N ASN P 140 10.93 -61.09 14.19
CA ASN P 140 9.67 -61.06 14.90
C ASN P 140 8.95 -59.74 14.71
N LEU P 141 9.68 -58.63 14.79
CA LEU P 141 9.08 -57.32 14.58
C LEU P 141 8.52 -57.18 13.17
N GLN P 142 8.98 -57.99 12.24
CA GLN P 142 8.48 -57.97 10.87
C GLN P 142 7.36 -58.98 10.68
N ASN P 143 7.39 -60.10 11.40
CA ASN P 143 6.26 -61.03 11.36
C ASN P 143 4.99 -60.36 11.88
N ARG P 144 5.06 -59.76 13.06
CA ARG P 144 3.97 -58.91 13.55
C ARG P 144 4.33 -57.47 13.20
N ARG P 145 3.54 -56.87 12.31
CA ARG P 145 4.02 -55.71 11.58
C ARG P 145 4.31 -54.53 12.50
N GLN P 146 5.60 -54.30 12.78
CA GLN P 146 6.07 -53.15 13.54
C GLN P 146 7.14 -52.44 12.72
N ARG P 147 7.66 -51.35 13.28
CA ARG P 147 8.71 -50.57 12.64
C ARG P 147 10.04 -51.26 12.93
N THR P 148 10.51 -52.06 11.98
CA THR P 148 11.76 -52.78 12.14
C THR P 148 12.94 -51.86 11.90
N GLY P 149 14.13 -52.44 11.87
CA GLY P 149 15.32 -51.68 11.52
C GLY P 149 16.61 -52.43 11.79
N PHE P 150 17.53 -52.40 10.83
CA PHE P 150 18.86 -52.95 10.97
C PHE P 150 19.87 -51.81 10.86
N VAL P 151 20.89 -51.83 11.71
CA VAL P 151 21.95 -50.85 11.69
C VAL P 151 23.13 -51.43 10.93
N PHE P 152 23.64 -50.68 9.96
CA PHE P 152 24.69 -51.13 9.05
C PHE P 152 25.87 -50.18 9.07
N HIS P 153 27.06 -50.76 8.94
CA HIS P 153 28.32 -50.07 8.73
C HIS P 153 28.76 -50.22 7.28
N LYS P 154 28.88 -49.09 6.59
CA LYS P 154 29.21 -49.06 5.18
C LYS P 154 28.28 -50.00 4.43
N PRO P 155 26.98 -49.68 4.37
CA PRO P 155 26.04 -50.60 3.72
C PRO P 155 26.15 -50.48 2.22
N ASN P 156 26.58 -51.56 1.57
CA ASN P 156 26.75 -51.50 0.12
C ASN P 156 25.34 -51.44 -0.48
N ILE P 157 24.80 -50.22 -0.46
CA ILE P 157 23.47 -49.95 -0.97
C ILE P 157 23.49 -49.64 -2.48
N PHE P 158 24.57 -49.08 -2.97
CA PHE P 158 24.63 -48.72 -4.39
C PHE P 158 25.10 -49.92 -5.20
N PRO P 159 24.41 -50.29 -6.30
CA PRO P 159 25.00 -51.29 -7.19
C PRO P 159 26.23 -50.72 -7.85
N TYR P 160 27.18 -51.60 -8.16
CA TYR P 160 28.39 -51.14 -8.85
C TYR P 160 28.02 -50.51 -10.18
N SER P 161 28.25 -49.22 -10.31
CA SER P 161 27.91 -48.49 -11.53
C SER P 161 29.00 -47.46 -11.78
N ALA P 162 29.91 -47.77 -12.70
CA ALA P 162 30.85 -46.82 -13.24
C ALA P 162 30.34 -46.40 -14.61
N SER P 163 30.21 -45.10 -14.83
CA SER P 163 29.61 -44.63 -16.09
C SER P 163 29.90 -43.15 -16.27
N PHE P 164 29.36 -42.59 -17.33
CA PHE P 164 29.44 -41.17 -17.60
C PHE P 164 28.32 -40.79 -18.56
N THR P 165 28.00 -39.49 -18.57
CA THR P 165 27.10 -38.93 -19.56
C THR P 165 27.73 -37.67 -20.14
N LEU P 166 27.40 -37.40 -21.41
CA LEU P 166 27.92 -36.27 -22.15
C LEU P 166 26.78 -35.35 -22.54
N ASN P 167 26.67 -34.21 -21.84
CA ASN P 167 25.75 -33.19 -22.26
C ASN P 167 26.24 -32.42 -23.48
N ARG P 168 27.55 -32.49 -23.76
CA ARG P 168 28.12 -31.99 -25.00
C ARG P 168 29.07 -33.03 -25.57
N SER P 169 29.14 -33.08 -26.90
CA SER P 169 29.94 -34.12 -27.54
C SER P 169 30.27 -33.70 -28.97
N GLN P 170 31.30 -34.32 -29.50
CA GLN P 170 31.61 -34.32 -30.92
C GLN P 170 32.08 -35.72 -31.28
N PRO P 171 32.00 -36.10 -32.55
CA PRO P 171 32.57 -37.40 -32.93
C PRO P 171 34.05 -37.50 -32.65
N MET P 172 34.75 -36.38 -32.65
CA MET P 172 36.18 -36.39 -32.34
C MET P 172 36.46 -36.13 -30.87
N HIS P 173 35.43 -35.91 -30.05
CA HIS P 173 35.55 -35.81 -28.61
C HIS P 173 36.65 -34.84 -28.20
N ASP P 174 36.60 -33.66 -28.80
CA ASP P 174 37.58 -32.61 -28.56
C ASP P 174 37.12 -31.65 -27.49
N ASN P 175 35.82 -31.35 -27.45
CA ASN P 175 35.24 -30.34 -26.57
C ASN P 175 34.01 -30.97 -25.94
N LEU P 176 34.19 -31.68 -24.83
CA LEU P 176 33.13 -32.37 -24.14
C LEU P 176 32.68 -31.59 -22.92
N MET P 177 31.56 -32.03 -22.35
CA MET P 177 31.05 -31.48 -21.12
C MET P 177 30.03 -32.47 -20.59
N GLY P 178 30.19 -32.88 -19.34
CA GLY P 178 29.32 -33.90 -18.80
C GLY P 178 29.74 -34.33 -17.42
N THR P 179 29.38 -35.56 -17.08
CA THR P 179 29.59 -36.08 -15.74
C THR P 179 30.13 -37.50 -15.85
N MET P 180 30.97 -37.87 -14.89
CA MET P 180 31.41 -39.24 -14.70
C MET P 180 31.13 -39.62 -13.27
N TRP P 181 30.80 -40.88 -13.03
CA TRP P 181 30.46 -41.29 -11.68
C TRP P 181 30.82 -42.74 -11.46
N LEU P 182 31.14 -43.04 -10.21
CA LEU P 182 31.24 -44.41 -9.72
C LEU P 182 30.44 -44.49 -8.43
N ASN P 183 29.35 -45.23 -8.46
CA ASN P 183 28.59 -45.60 -7.28
C ASN P 183 28.93 -47.04 -6.96
N ALA P 184 29.61 -47.28 -5.84
CA ALA P 184 29.98 -48.65 -5.51
C ALA P 184 30.07 -48.79 -4.00
N GLY P 185 29.50 -49.87 -3.48
CA GLY P 185 29.45 -50.02 -2.04
C GLY P 185 28.71 -48.83 -1.46
N SER P 186 29.32 -48.22 -0.45
CA SER P 186 28.79 -47.00 0.15
C SER P 186 29.45 -45.74 -0.39
N GLU P 187 30.36 -45.85 -1.35
CA GLU P 187 30.99 -44.71 -2.01
C GLU P 187 30.13 -44.21 -3.16
N ILE P 188 30.00 -42.89 -3.24
CA ILE P 188 29.68 -42.21 -4.49
C ILE P 188 30.86 -41.31 -4.80
N GLN P 189 31.29 -41.31 -6.05
CA GLN P 189 32.34 -40.40 -6.50
C GLN P 189 31.90 -39.88 -7.85
N VAL P 190 31.52 -38.60 -7.90
CA VAL P 190 30.98 -38.00 -9.12
C VAL P 190 31.79 -36.77 -9.46
N ALA P 191 32.22 -36.68 -10.72
CA ALA P 191 33.01 -35.54 -11.18
C ALA P 191 32.40 -35.02 -12.47
N GLY P 192 31.99 -33.75 -12.46
CA GLY P 192 31.58 -33.09 -13.68
C GLY P 192 32.79 -32.46 -14.32
N PHE P 193 32.92 -32.69 -15.62
CA PHE P 193 34.03 -32.15 -16.40
C PHE P 193 33.50 -31.29 -17.52
N ASP P 194 34.31 -30.31 -17.89
CA ASP P 194 34.02 -29.41 -19.00
C ASP P 194 35.35 -29.10 -19.67
N TYR P 195 35.45 -29.36 -20.97
CA TYR P 195 36.73 -29.20 -21.62
C TYR P 195 37.05 -27.74 -21.88
N SER P 196 36.04 -26.92 -22.12
CA SER P 196 36.26 -25.50 -22.34
C SER P 196 36.37 -24.70 -21.04
N CYS P 197 36.20 -25.35 -19.89
CA CYS P 197 36.26 -24.66 -18.60
C CYS P 197 35.19 -23.58 -18.49
N ALA P 198 33.96 -23.93 -18.87
CA ALA P 198 32.80 -23.07 -18.68
C ALA P 198 33.03 -21.72 -19.32
N LEU P 199 33.50 -21.75 -20.57
CA LEU P 199 33.84 -20.51 -21.25
C LEU P 199 32.60 -19.83 -21.81
N ASN P 200 31.80 -20.56 -22.57
CA ASN P 200 30.58 -20.03 -23.16
C ASN P 200 29.35 -20.28 -22.30
N ALA P 201 29.51 -20.84 -21.11
CA ALA P 201 28.39 -21.06 -20.23
C ALA P 201 27.85 -19.72 -19.73
N PRO P 202 26.61 -19.67 -19.26
CA PRO P 202 26.08 -18.41 -18.75
C PRO P 202 26.81 -17.98 -17.48
N ALA P 203 27.36 -16.76 -17.50
CA ALA P 203 28.10 -16.21 -16.37
C ALA P 203 29.33 -17.06 -16.05
N ASN P 204 29.85 -17.78 -17.04
CA ASN P 204 31.05 -18.60 -16.86
C ASN P 204 30.87 -19.59 -15.72
N ILE P 205 29.66 -20.14 -15.60
CA ILE P 205 29.30 -21.09 -14.55
C ILE P 205 28.56 -22.24 -15.21
N GLN P 206 29.04 -23.46 -15.00
CA GLN P 206 28.47 -24.66 -15.60
C GLN P 206 27.86 -25.49 -14.49
N GLN P 207 26.56 -25.77 -14.59
CA GLN P 207 25.86 -26.54 -13.58
C GLN P 207 26.07 -28.03 -13.80
N PHE P 208 26.10 -28.78 -12.72
CA PHE P 208 26.20 -30.23 -12.77
C PHE P 208 25.30 -30.82 -11.71
N GLU P 209 24.58 -31.88 -12.07
CA GLU P 209 23.68 -32.57 -11.17
C GLU P 209 23.87 -34.06 -11.31
N HIS P 210 23.58 -34.79 -10.24
CA HIS P 210 23.68 -36.25 -10.25
C HIS P 210 22.68 -36.78 -9.24
N ILE P 211 21.75 -37.62 -9.70
CA ILE P 211 20.68 -38.15 -8.87
C ILE P 211 20.94 -39.62 -8.64
N VAL P 212 20.85 -40.06 -7.39
CA VAL P 212 21.08 -41.44 -7.01
C VAL P 212 19.83 -41.94 -6.31
N GLN P 213 19.16 -42.92 -6.91
CA GLN P 213 17.95 -43.50 -6.35
C GLN P 213 18.35 -44.71 -5.53
N LEU P 214 18.33 -44.60 -4.20
CA LEU P 214 18.55 -45.76 -3.36
C LEU P 214 17.36 -46.71 -3.50
N ARG P 215 17.65 -48.01 -3.53
CA ARG P 215 16.57 -48.97 -3.66
C ARG P 215 15.75 -49.07 -2.39
N ARG P 216 16.37 -48.87 -1.24
CA ARG P 216 15.70 -48.90 0.04
C ARG P 216 16.11 -47.67 0.83
N ALA P 217 15.13 -46.95 1.36
CA ALA P 217 15.43 -45.72 2.07
C ALA P 217 16.23 -46.01 3.33
N LEU P 218 17.25 -45.18 3.55
CA LEU P 218 18.11 -45.28 4.72
C LEU P 218 17.73 -44.22 5.74
N THR P 219 17.90 -44.56 7.01
CA THR P 219 17.46 -43.73 8.13
C THR P 219 18.65 -43.42 9.04
N THR P 220 18.70 -42.16 9.50
CA THR P 220 19.71 -41.68 10.45
C THR P 220 21.11 -42.06 9.99
N ALA P 221 21.42 -41.76 8.74
CA ALA P 221 22.69 -42.13 8.15
C ALA P 221 23.71 -41.03 8.41
N THR P 222 24.92 -41.42 8.77
CA THR P 222 26.06 -40.52 8.85
C THR P 222 26.80 -40.60 7.52
N ILE P 223 27.20 -39.45 7.00
CA ILE P 223 27.78 -39.37 5.67
C ILE P 223 29.03 -38.50 5.74
N THR P 224 30.04 -38.88 4.97
CA THR P 224 31.27 -38.12 4.83
C THR P 224 31.31 -37.54 3.42
N LEU P 225 31.19 -36.22 3.32
CA LEU P 225 31.18 -35.52 2.04
C LEU P 225 32.45 -34.71 1.91
N LEU P 226 33.30 -35.07 0.95
CA LEU P 226 34.54 -34.38 0.67
C LEU P 226 34.55 -33.93 -0.78
N PRO P 227 35.36 -32.93 -1.13
CA PRO P 227 35.43 -32.52 -2.54
C PRO P 227 36.51 -33.27 -3.30
N ASP P 228 36.60 -33.05 -4.61
CA ASP P 228 37.71 -33.54 -5.43
C ASP P 228 37.80 -35.07 -5.38
N ALA P 229 36.79 -35.70 -5.98
CA ALA P 229 36.80 -37.15 -6.15
C ALA P 229 38.06 -37.58 -6.89
N GLU P 230 38.72 -38.62 -6.38
CA GLU P 230 40.04 -38.97 -6.86
C GLU P 230 39.99 -39.91 -8.06
N ARG P 231 38.97 -40.76 -8.15
CA ARG P 231 38.96 -41.73 -9.23
C ARG P 231 38.83 -41.08 -10.59
N PHE P 232 38.32 -39.86 -10.65
CA PHE P 232 38.12 -39.12 -11.90
C PHE P 232 38.98 -37.88 -11.89
N SER P 233 40.22 -38.04 -11.44
CA SER P 233 41.11 -36.93 -11.17
C SER P 233 42.50 -37.13 -11.75
N PHE P 234 42.68 -38.13 -12.60
CA PHE P 234 43.91 -38.45 -13.27
C PHE P 234 43.65 -38.74 -14.74
N PRO P 235 44.63 -38.51 -15.61
CA PRO P 235 44.39 -38.71 -17.04
C PRO P 235 44.00 -40.14 -17.36
N ARG P 236 43.05 -40.29 -18.28
CA ARG P 236 42.54 -41.60 -18.63
C ARG P 236 41.86 -41.51 -19.99
N VAL P 237 41.88 -42.63 -20.71
CA VAL P 237 41.26 -42.73 -22.03
C VAL P 237 40.08 -43.68 -21.92
N ILE P 238 38.92 -43.21 -22.35
CA ILE P 238 37.65 -43.87 -22.10
C ILE P 238 37.02 -44.23 -23.44
N ASN P 239 36.58 -45.48 -23.57
CA ASN P 239 35.80 -45.85 -24.74
C ASN P 239 34.52 -45.03 -24.78
N SER P 240 34.07 -44.69 -25.97
CA SER P 240 32.91 -43.83 -26.12
C SER P 240 31.65 -44.56 -25.65
N ALA P 241 30.51 -43.87 -25.78
CA ALA P 241 29.25 -44.49 -25.40
C ALA P 241 28.97 -45.72 -26.23
N ASP P 242 29.21 -45.65 -27.54
CA ASP P 242 28.92 -46.76 -28.43
C ASP P 242 29.98 -47.84 -28.39
N GLY P 243 31.17 -47.53 -27.87
CA GLY P 243 32.28 -48.44 -28.00
C GLY P 243 32.94 -48.42 -29.36
N ALA P 244 32.67 -47.41 -30.18
CA ALA P 244 33.31 -47.32 -31.48
C ALA P 244 34.76 -46.86 -31.35
N THR P 245 34.97 -45.67 -30.81
CA THR P 245 36.29 -45.08 -30.63
C THR P 245 36.53 -44.84 -29.15
N THR P 246 37.70 -44.27 -28.87
CA THR P 246 38.09 -43.91 -27.51
C THR P 246 38.48 -42.44 -27.48
N TRP P 247 38.17 -41.78 -26.37
CA TRP P 247 38.43 -40.36 -26.22
C TRP P 247 39.26 -40.11 -24.97
N PHE P 248 40.05 -39.05 -25.03
CA PHE P 248 41.05 -38.73 -24.03
C PHE P 248 40.43 -37.81 -22.99
N PHE P 249 40.83 -37.97 -21.73
CA PHE P 249 40.39 -37.13 -20.64
C PHE P 249 41.59 -36.78 -19.79
N ASN P 250 41.86 -35.49 -19.63
CA ASN P 250 43.07 -34.98 -18.97
C ASN P 250 42.64 -33.92 -17.97
N PRO P 251 42.31 -34.31 -16.74
CA PRO P 251 41.63 -33.39 -15.84
C PRO P 251 42.57 -32.42 -15.14
N ILE P 252 42.11 -31.19 -15.03
CA ILE P 252 42.67 -30.18 -14.15
C ILE P 252 41.55 -29.81 -13.18
N ILE P 253 41.81 -29.95 -11.89
CA ILE P 253 40.74 -29.87 -10.91
C ILE P 253 40.62 -28.46 -10.37
N LEU P 254 39.42 -27.91 -10.50
CA LEU P 254 39.01 -26.69 -9.84
C LEU P 254 38.18 -27.04 -8.61
N ARG P 255 37.85 -26.03 -7.83
CA ARG P 255 36.96 -26.22 -6.69
C ARG P 255 35.51 -26.31 -7.17
N PRO P 256 34.68 -27.19 -6.60
CA PRO P 256 33.25 -27.12 -6.88
C PRO P 256 32.59 -26.13 -5.93
N ASN P 257 31.98 -25.08 -6.48
CA ASN P 257 31.40 -24.04 -5.65
C ASN P 257 29.88 -24.16 -5.58
N ASN P 258 29.33 -23.56 -4.52
CA ASN P 258 27.93 -23.69 -4.12
C ASN P 258 27.41 -25.10 -4.33
N VAL P 259 28.19 -26.07 -3.85
CA VAL P 259 27.74 -27.45 -3.82
C VAL P 259 26.50 -27.55 -2.94
N GLU P 260 25.61 -28.47 -3.30
CA GLU P 260 24.36 -28.67 -2.58
C GLU P 260 24.00 -30.14 -2.65
N VAL P 261 23.91 -30.80 -1.50
CA VAL P 261 23.46 -32.17 -1.41
C VAL P 261 22.08 -32.15 -0.80
N GLU P 262 21.08 -32.61 -1.57
CA GLU P 262 19.70 -32.69 -1.11
C GLU P 262 19.35 -34.16 -0.93
N PHE P 263 18.97 -34.52 0.29
CA PHE P 263 18.46 -35.85 0.59
C PHE P 263 16.95 -35.80 0.58
N LEU P 264 16.35 -36.60 -0.30
CA LEU P 264 14.93 -36.56 -0.61
C LEU P 264 14.27 -37.87 -0.21
N LEU P 265 13.00 -37.80 0.13
CA LEU P 265 12.16 -38.98 0.35
C LEU P 265 10.83 -38.73 -0.36
N ASN P 266 10.53 -39.53 -1.38
CA ASN P 266 9.33 -39.37 -2.18
C ASN P 266 9.29 -38.00 -2.86
N GLY P 267 10.46 -37.42 -3.12
CA GLY P 267 10.56 -36.09 -3.66
C GLY P 267 10.47 -34.99 -2.62
N GLN P 268 9.79 -35.23 -1.51
CA GLN P 268 9.71 -34.26 -0.43
C GLN P 268 11.11 -34.05 0.12
N ILE P 269 11.70 -32.90 -0.18
CA ILE P 269 13.09 -32.66 0.21
C ILE P 269 13.18 -32.66 1.74
N ILE P 270 13.98 -33.58 2.27
CA ILE P 270 14.10 -33.76 3.70
C ILE P 270 15.27 -32.94 4.23
N ASN P 271 16.47 -33.24 3.78
CA ASN P 271 17.67 -32.57 4.26
C ASN P 271 18.38 -31.86 3.12
N THR P 272 19.03 -30.74 3.44
CA THR P 272 19.81 -30.01 2.45
C THR P 272 21.06 -29.49 3.13
N TYR P 273 22.22 -29.81 2.57
CA TYR P 273 23.51 -29.34 3.06
C TYR P 273 24.23 -28.67 1.90
N GLN P 274 24.46 -27.38 2.01
CA GLN P 274 25.09 -26.60 0.96
C GLN P 274 26.37 -25.98 1.48
N ALA P 275 27.47 -26.19 0.74
CA ALA P 275 28.78 -25.67 1.11
C ALA P 275 29.18 -26.14 2.50
N ARG P 276 28.91 -27.41 2.79
CA ARG P 276 29.22 -28.01 4.07
C ARG P 276 29.79 -29.40 3.83
N PHE P 277 31.02 -29.62 4.30
CA PHE P 277 31.75 -30.85 4.05
C PHE P 277 32.01 -31.54 5.38
N GLY P 278 32.69 -32.68 5.31
CA GLY P 278 32.90 -33.48 6.49
C GLY P 278 31.66 -34.24 6.86
N THR P 279 31.53 -34.54 8.15
CA THR P 279 30.41 -35.33 8.62
C THR P 279 29.11 -34.56 8.46
N ILE P 280 28.12 -35.21 7.85
CA ILE P 280 26.76 -34.69 7.76
C ILE P 280 25.82 -35.83 8.13
N VAL P 281 24.58 -35.47 8.39
CA VAL P 281 23.55 -36.42 8.84
C VAL P 281 22.39 -36.34 7.89
N ALA P 282 21.96 -37.49 7.39
CA ALA P 282 20.74 -37.60 6.59
C ALA P 282 19.70 -38.32 7.43
N ARG P 283 18.62 -37.61 7.76
CA ARG P 283 17.63 -38.15 8.68
C ARG P 283 16.94 -39.38 8.09
N ASN P 284 16.43 -39.25 6.88
CA ASN P 284 15.64 -40.30 6.24
C ASN P 284 15.57 -39.94 4.77
N PHE P 285 16.03 -40.85 3.90
CA PHE P 285 16.12 -40.49 2.49
C PHE P 285 16.06 -41.72 1.61
N ASP P 286 15.39 -41.56 0.47
CA ASP P 286 15.33 -42.55 -0.59
C ASP P 286 16.11 -42.12 -1.82
N THR P 287 16.37 -40.83 -1.98
CA THR P 287 17.10 -40.32 -3.12
C THR P 287 18.14 -39.32 -2.64
N ILE P 288 19.26 -39.26 -3.35
CA ILE P 288 20.28 -38.26 -3.13
C ILE P 288 20.38 -37.43 -4.40
N ARG P 289 20.58 -36.13 -4.24
CA ARG P 289 20.75 -35.22 -5.37
C ARG P 289 21.99 -34.39 -5.08
N LEU P 290 23.10 -34.73 -5.73
CA LEU P 290 24.30 -33.94 -5.68
C LEU P 290 24.21 -32.87 -6.75
N SER P 291 24.56 -31.64 -6.39
CA SER P 291 24.64 -30.57 -7.36
C SER P 291 25.88 -29.75 -7.09
N PHE P 292 26.59 -29.37 -8.13
CA PHE P 292 27.77 -28.53 -7.98
C PHE P 292 27.91 -27.70 -9.25
N GLN P 293 28.91 -26.82 -9.25
CA GLN P 293 29.09 -25.89 -10.35
C GLN P 293 30.58 -25.74 -10.62
N LEU P 294 30.92 -25.73 -11.90
CA LEU P 294 32.25 -25.40 -12.37
C LEU P 294 32.22 -23.93 -12.77
N MET P 295 32.80 -23.08 -11.94
CA MET P 295 32.87 -21.66 -12.21
C MET P 295 34.27 -21.32 -12.69
N ARG P 296 34.35 -20.76 -13.89
CA ARG P 296 35.64 -20.37 -14.42
C ARG P 296 36.29 -19.36 -13.47
N PRO P 297 37.51 -19.57 -13.02
CA PRO P 297 38.12 -18.62 -12.10
C PRO P 297 38.24 -17.25 -12.75
N PRO P 298 37.73 -16.18 -12.11
CA PRO P 298 37.76 -14.88 -12.80
C PRO P 298 39.16 -14.33 -12.91
N ASN P 299 39.91 -14.37 -11.81
CA ASN P 299 41.30 -13.93 -11.79
C ASN P 299 42.21 -15.14 -11.84
N MET P 300 43.00 -15.25 -12.90
CA MET P 300 43.89 -16.36 -13.11
C MET P 300 45.32 -15.84 -13.25
N THR P 301 46.27 -16.56 -12.66
CA THR P 301 47.67 -16.25 -12.84
C THR P 301 48.08 -16.62 -14.25
N PRO P 302 49.27 -16.21 -14.69
CA PRO P 302 49.70 -16.57 -16.05
C PRO P 302 49.68 -18.05 -16.34
N ALA P 303 50.07 -18.90 -15.39
CA ALA P 303 50.07 -20.34 -15.64
C ALA P 303 48.65 -20.85 -15.90
N VAL P 304 47.69 -20.42 -15.09
CA VAL P 304 46.32 -20.89 -15.26
C VAL P 304 45.72 -20.33 -16.54
N ASN P 305 46.04 -19.07 -16.85
CA ASN P 305 45.54 -18.50 -18.09
C ASN P 305 46.10 -19.24 -19.30
N ALA P 306 47.35 -19.70 -19.20
CA ALA P 306 47.91 -20.56 -20.24
C ALA P 306 47.16 -21.88 -20.30
N LEU P 307 46.75 -22.40 -19.15
CA LEU P 307 46.02 -23.67 -19.13
C LEU P 307 44.70 -23.56 -19.88
N PHE P 308 43.95 -22.50 -19.63
CA PHE P 308 42.59 -22.39 -20.16
C PHE P 308 42.53 -21.33 -21.26
N PRO P 309 42.65 -21.68 -22.53
CA PRO P 309 42.59 -20.68 -23.59
C PRO P 309 41.17 -20.53 -24.12
N GLN P 310 41.00 -19.51 -24.96
CA GLN P 310 39.73 -19.29 -25.66
C GLN P 310 39.72 -19.90 -27.05
N ALA P 311 40.82 -20.52 -27.46
CA ALA P 311 40.89 -21.19 -28.75
C ALA P 311 40.20 -22.54 -28.64
N GLN P 312 40.35 -23.36 -29.66
CA GLN P 312 39.68 -24.65 -29.72
C GLN P 312 40.40 -25.81 -29.03
N PRO P 313 41.75 -25.95 -29.14
CA PRO P 313 42.41 -27.20 -28.70
C PRO P 313 42.00 -27.76 -27.34
N PHE P 314 42.10 -26.98 -26.26
CA PHE P 314 41.73 -27.45 -24.92
C PHE P 314 42.54 -28.69 -24.53
N GLN P 315 43.86 -28.53 -24.42
CA GLN P 315 44.69 -29.65 -24.04
C GLN P 315 44.45 -30.09 -22.59
N HIS P 316 43.80 -29.25 -21.78
CA HIS P 316 43.55 -29.55 -20.38
C HIS P 316 42.08 -29.31 -20.09
N HIS P 317 41.46 -30.21 -19.34
CA HIS P 317 40.00 -30.26 -19.23
C HIS P 317 39.58 -30.02 -17.79
N ALA P 318 38.80 -28.99 -17.54
CA ALA P 318 38.45 -28.62 -16.18
C ALA P 318 37.53 -29.66 -15.57
N THR P 319 37.69 -29.88 -14.26
CA THR P 319 36.95 -30.92 -13.56
C THR P 319 36.66 -30.47 -12.14
N VAL P 320 35.46 -30.83 -11.65
CA VAL P 320 35.10 -30.62 -10.26
C VAL P 320 34.28 -31.79 -9.79
N GLY P 321 34.63 -32.37 -8.64
CA GLY P 321 34.01 -33.60 -8.20
C GLY P 321 33.77 -33.64 -6.69
N LEU P 322 32.99 -34.65 -6.30
CA LEU P 322 32.59 -34.86 -4.93
C LEU P 322 32.68 -36.34 -4.59
N THR P 323 33.00 -36.63 -3.34
CA THR P 323 33.03 -37.96 -2.77
C THR P 323 32.06 -37.98 -1.61
N LEU P 324 31.26 -39.04 -1.51
CA LEU P 324 30.20 -39.14 -0.52
C LEU P 324 30.17 -40.58 -0.03
N ARG P 325 30.63 -40.80 1.19
CA ARG P 325 30.63 -42.12 1.81
C ARG P 325 29.49 -42.20 2.80
N ILE P 326 28.68 -43.25 2.70
CA ILE P 326 27.64 -43.52 3.70
C ILE P 326 28.32 -44.36 4.78
N GLU P 327 28.76 -43.70 5.84
CA GLU P 327 29.52 -44.40 6.88
C GLU P 327 28.66 -45.42 7.59
N SER P 328 27.44 -45.05 7.96
CA SER P 328 26.54 -45.93 8.67
C SER P 328 25.11 -45.56 8.29
N ALA P 329 24.20 -46.49 8.53
CA ALA P 329 22.81 -46.24 8.18
C ALA P 329 21.91 -47.16 8.98
N VAL P 330 20.62 -46.86 8.96
CA VAL P 330 19.60 -47.70 9.54
C VAL P 330 18.54 -47.93 8.49
N CYS P 331 18.37 -49.18 8.08
CA CYS P 331 17.53 -49.54 6.95
C CYS P 331 16.49 -50.54 7.43
N GLU P 332 15.24 -50.37 6.99
CA GLU P 332 14.22 -51.33 7.35
C GLU P 332 14.52 -52.70 6.76
N SER P 333 14.88 -52.74 5.49
CA SER P 333 15.24 -53.99 4.84
C SER P 333 16.68 -54.36 5.14
N VAL P 334 17.01 -55.61 4.89
CA VAL P 334 18.35 -56.14 5.14
C VAL P 334 19.23 -55.87 3.93
N LEU P 335 20.52 -55.66 4.17
CA LEU P 335 21.49 -55.41 3.12
C LEU P 335 22.82 -56.02 3.54
N ALA P 336 23.72 -56.15 2.56
CA ALA P 336 25.08 -56.52 2.89
C ALA P 336 25.81 -55.34 3.53
N ASP P 337 26.84 -55.65 4.31
CA ASP P 337 27.49 -54.68 5.17
C ASP P 337 28.99 -54.87 5.07
N ALA P 338 29.70 -54.25 6.00
CA ALA P 338 31.11 -54.52 6.24
C ALA P 338 31.32 -55.38 7.48
N ASN P 339 30.74 -54.98 8.62
CA ASN P 339 30.98 -55.71 9.87
C ASN P 339 30.51 -57.15 9.77
N GLU P 340 29.32 -57.37 9.22
CA GLU P 340 28.70 -58.68 9.25
C GLU P 340 28.98 -59.44 7.96
N THR P 341 29.01 -60.77 8.07
CA THR P 341 29.41 -61.65 6.99
C THR P 341 28.24 -62.49 6.49
N LEU P 342 27.02 -61.96 6.53
CA LEU P 342 25.85 -62.76 6.19
C LEU P 342 25.86 -63.14 4.72
N LEU P 343 26.05 -62.15 3.84
CA LEU P 343 26.06 -62.42 2.41
C LEU P 343 27.18 -63.38 2.04
N ALA P 344 28.36 -63.19 2.63
CA ALA P 344 29.47 -64.09 2.36
C ALA P 344 29.14 -65.50 2.77
N ASN P 345 28.55 -65.68 3.96
CA ASN P 345 28.22 -67.01 4.42
C ASN P 345 27.20 -67.67 3.51
N VAL P 346 26.18 -66.92 3.10
CA VAL P 346 25.14 -67.50 2.25
C VAL P 346 25.73 -67.89 0.89
N THR P 347 26.50 -66.99 0.29
CA THR P 347 27.09 -67.28 -0.99
C THR P 347 28.02 -68.48 -0.91
N ALA P 348 28.81 -68.56 0.15
CA ALA P 348 29.72 -69.68 0.29
C ALA P 348 28.94 -70.98 0.43
N VAL P 349 27.83 -70.97 1.16
CA VAL P 349 27.07 -72.20 1.31
C VAL P 349 26.50 -72.64 -0.03
N ARG P 350 26.01 -71.70 -0.83
CA ARG P 350 25.55 -72.07 -2.16
C ARG P 350 26.68 -72.63 -3.00
N GLN P 351 27.82 -71.96 -2.98
CA GLN P 351 28.91 -72.24 -3.91
C GLN P 351 29.69 -73.49 -3.52
N GLU P 352 29.70 -73.85 -2.24
CA GLU P 352 30.36 -75.07 -1.80
C GLU P 352 29.70 -76.29 -2.41
N TYR P 353 28.37 -76.33 -2.36
CA TYR P 353 27.60 -77.49 -2.81
C TYR P 353 27.05 -77.34 -4.21
N ALA P 354 27.30 -76.21 -4.89
CA ALA P 354 26.92 -76.04 -6.29
C ALA P 354 25.41 -76.18 -6.45
N ILE P 355 24.69 -75.30 -5.79
CA ILE P 355 23.23 -75.30 -5.90
C ILE P 355 22.85 -74.78 -7.28
N PRO P 356 21.93 -75.42 -8.01
CA PRO P 356 21.49 -74.83 -9.28
C PRO P 356 20.86 -73.48 -9.06
N VAL P 357 21.01 -72.60 -10.06
CA VAL P 357 20.45 -71.26 -9.98
C VAL P 357 18.94 -71.36 -9.81
N GLY P 358 18.41 -70.60 -8.86
CA GLY P 358 17.02 -70.69 -8.49
C GLY P 358 16.16 -69.63 -9.13
N PRO P 359 14.87 -69.61 -8.79
CA PRO P 359 13.94 -68.70 -9.44
C PRO P 359 13.97 -67.26 -8.94
N VAL P 360 14.73 -66.94 -7.90
CA VAL P 360 14.74 -65.58 -7.33
C VAL P 360 16.12 -64.96 -7.38
N PHE P 361 17.10 -65.58 -6.76
CA PHE P 361 18.36 -64.88 -6.61
C PHE P 361 19.17 -64.98 -7.91
N PRO P 362 19.96 -63.96 -8.25
CA PRO P 362 20.75 -64.04 -9.47
C PRO P 362 21.81 -65.11 -9.36
N PRO P 363 22.42 -65.52 -10.47
CA PRO P 363 23.39 -66.61 -10.41
C PRO P 363 24.60 -66.23 -9.58
N GLY P 364 24.90 -67.06 -8.57
CA GLY P 364 26.02 -66.80 -7.69
C GLY P 364 25.82 -65.67 -6.72
N MET P 365 24.59 -65.18 -6.57
CA MET P 365 24.29 -63.95 -5.84
C MET P 365 25.27 -62.83 -6.20
N ASN P 366 25.25 -62.47 -7.47
CA ASN P 366 25.94 -61.25 -7.89
C ASN P 366 25.20 -60.11 -7.22
N TRP P 367 25.74 -59.63 -6.10
CA TRP P 367 25.00 -58.68 -5.27
C TRP P 367 24.65 -57.42 -6.03
N THR P 368 25.46 -57.05 -7.01
CA THR P 368 25.17 -55.85 -7.80
C THR P 368 23.80 -55.97 -8.47
N GLU P 369 23.57 -57.05 -9.20
CA GLU P 369 22.27 -57.20 -9.84
C GLU P 369 21.20 -57.75 -8.90
N LEU P 370 21.60 -58.29 -7.75
CA LEU P 370 20.60 -58.61 -6.74
C LEU P 370 19.95 -57.35 -6.21
N ILE P 371 20.74 -56.32 -5.94
CA ILE P 371 20.20 -55.07 -5.43
C ILE P 371 19.79 -54.12 -6.55
N THR P 372 20.17 -54.39 -7.79
CA THR P 372 19.59 -53.63 -8.90
C THR P 372 18.08 -53.85 -8.96
N ASN P 373 17.64 -55.10 -8.98
CA ASN P 373 16.23 -55.47 -8.95
C ASN P 373 15.98 -56.15 -7.62
N TYR P 374 15.35 -55.43 -6.69
CA TYR P 374 15.22 -55.86 -5.30
C TYR P 374 13.76 -56.02 -4.93
N SER P 375 13.01 -56.74 -5.76
CA SER P 375 11.57 -56.90 -5.60
C SER P 375 11.21 -57.47 -4.23
N PRO P 376 9.96 -57.34 -3.78
CA PRO P 376 9.60 -57.85 -2.45
C PRO P 376 9.88 -59.32 -2.25
N SER P 377 9.69 -60.16 -3.25
CA SER P 377 9.96 -61.58 -3.07
C SER P 377 11.45 -61.81 -2.81
N ARG P 378 12.31 -61.13 -3.57
CA ARG P 378 13.74 -61.22 -3.31
C ARG P 378 14.08 -60.72 -1.93
N GLU P 379 13.45 -59.61 -1.50
CA GLU P 379 13.75 -59.09 -0.18
C GLU P 379 13.35 -60.07 0.91
N ASP P 380 12.18 -60.70 0.77
CA ASP P 380 11.73 -61.67 1.76
C ASP P 380 12.68 -62.86 1.82
N ASN P 381 13.06 -63.38 0.66
CA ASN P 381 13.98 -64.52 0.65
C ASN P 381 15.34 -64.11 1.21
N LEU P 382 15.79 -62.89 0.91
CA LEU P 382 17.06 -62.43 1.44
C LEU P 382 17.02 -62.33 2.94
N GLN P 383 15.93 -61.80 3.50
CA GLN P 383 15.82 -61.75 4.95
C GLN P 383 15.81 -63.14 5.55
N ARG P 384 15.13 -64.08 4.89
CA ARG P 384 15.09 -65.45 5.40
C ARG P 384 16.49 -66.05 5.44
N VAL P 385 17.20 -66.02 4.31
CA VAL P 385 18.51 -66.66 4.25
C VAL P 385 19.50 -65.93 5.15
N PHE P 386 19.41 -64.60 5.26
CA PHE P 386 20.30 -63.88 6.15
C PHE P 386 20.03 -64.22 7.60
N THR P 387 18.76 -64.34 7.98
CA THR P 387 18.46 -64.72 9.36
C THR P 387 19.02 -66.09 9.66
N VAL P 388 18.87 -67.02 8.72
CA VAL P 388 19.38 -68.37 8.97
C VAL P 388 20.91 -68.35 9.02
N ALA P 389 21.53 -67.51 8.21
CA ALA P 389 22.99 -67.40 8.25
C ALA P 389 23.46 -66.86 9.59
N SER P 390 22.74 -65.89 10.15
CA SER P 390 23.09 -65.41 11.48
C SER P 390 22.91 -66.50 12.51
N ILE P 391 21.82 -67.25 12.41
CA ILE P 391 21.58 -68.35 13.35
C ILE P 391 22.69 -69.36 13.28
N ARG P 392 23.21 -69.60 12.08
CA ARG P 392 24.33 -70.53 11.92
C ARG P 392 25.61 -69.94 12.48
N SER P 393 25.90 -68.68 12.15
CA SER P 393 27.10 -68.02 12.63
C SER P 393 27.15 -67.93 14.14
N MET P 394 26.00 -68.02 14.80
CA MET P 394 26.02 -68.09 16.26
C MET P 394 26.80 -69.29 16.78
N LEU P 395 26.97 -70.34 15.97
CA LEU P 395 27.60 -71.57 16.40
C LEU P 395 28.81 -71.96 15.56
N ILE P 396 28.76 -71.76 14.25
CA ILE P 396 29.77 -72.24 13.32
C ILE P 396 30.46 -71.04 12.69
N LYS P 397 31.77 -70.96 12.85
CA LYS P 397 32.57 -69.90 12.24
C LYS P 397 33.90 -70.47 11.80
N MET Q 1 18.99 -41.15 35.53
CA MET Q 1 19.32 -41.73 34.20
C MET Q 1 19.57 -43.22 34.27
N GLU Q 2 20.15 -43.68 35.38
CA GLU Q 2 20.29 -45.11 35.58
C GLU Q 2 18.93 -45.78 35.58
N VAL Q 3 17.92 -45.12 36.14
CA VAL Q 3 16.56 -45.65 36.11
C VAL Q 3 16.06 -45.71 34.68
N LEU Q 4 16.34 -44.68 33.88
CA LEU Q 4 15.88 -44.69 32.50
C LEU Q 4 16.53 -45.82 31.71
N TYR Q 5 17.84 -46.01 31.90
CA TYR Q 5 18.50 -47.12 31.22
C TYR Q 5 17.93 -48.44 31.68
N SER Q 6 17.65 -48.58 32.97
CA SER Q 6 17.09 -49.84 33.45
C SER Q 6 15.70 -50.09 32.87
N LEU Q 7 14.90 -49.04 32.73
CA LEU Q 7 13.60 -49.18 32.09
C LEU Q 7 13.76 -49.67 30.65
N SER Q 8 14.67 -49.06 29.90
CA SER Q 8 14.87 -49.49 28.52
C SER Q 8 15.39 -50.93 28.48
N LYS Q 9 16.31 -51.27 29.37
CA LYS Q 9 16.86 -52.62 29.41
C LYS Q 9 15.76 -53.64 29.67
N THR Q 10 14.92 -53.39 30.66
CA THR Q 10 13.89 -54.37 30.99
C THR Q 10 12.80 -54.42 29.94
N LEU Q 11 12.52 -53.32 29.26
CA LEU Q 11 11.58 -53.42 28.13
C LEU Q 11 12.15 -54.24 27.00
N LYS Q 12 13.44 -54.05 26.68
CA LYS Q 12 14.03 -54.87 25.64
C LYS Q 12 14.04 -56.33 26.04
N ASP Q 13 14.38 -56.62 27.29
CA ASP Q 13 14.38 -58.00 27.75
C ASP Q 13 12.99 -58.59 27.76
N ALA Q 14 11.97 -57.78 28.06
CA ALA Q 14 10.60 -58.27 27.98
C ALA Q 14 10.23 -58.60 26.54
N ARG Q 15 10.52 -57.69 25.62
CA ARG Q 15 10.19 -57.93 24.23
C ARG Q 15 10.95 -59.12 23.65
N ASP Q 16 12.11 -59.45 24.21
CA ASP Q 16 12.94 -60.53 23.67
C ASP Q 16 12.75 -61.87 24.36
N LYS Q 17 12.33 -61.88 25.64
CA LYS Q 17 12.22 -63.11 26.40
C LYS Q 17 10.79 -63.54 26.65
N ILE Q 18 9.83 -62.62 26.62
CA ILE Q 18 8.42 -62.97 26.78
C ILE Q 18 7.91 -63.26 25.38
N VAL Q 19 8.10 -64.51 24.94
CA VAL Q 19 7.63 -64.98 23.64
C VAL Q 19 6.92 -66.31 23.86
N GLU Q 20 6.11 -66.69 22.88
CA GLU Q 20 5.17 -67.79 23.06
C GLU Q 20 5.91 -69.10 23.27
N GLY Q 21 5.53 -69.82 24.30
CA GLY Q 21 6.06 -71.14 24.56
C GLY Q 21 7.32 -71.19 25.39
N THR Q 22 7.84 -70.06 25.84
CA THR Q 22 9.01 -70.08 26.71
C THR Q 22 8.67 -70.80 28.00
N LEU Q 23 9.68 -71.39 28.62
CA LEU Q 23 9.52 -71.81 30.00
C LEU Q 23 9.22 -70.57 30.85
N TYR Q 24 8.66 -70.81 32.03
CA TYR Q 24 8.67 -69.75 33.02
C TYR Q 24 10.00 -69.68 33.75
N SER Q 25 10.78 -70.76 33.75
CA SER Q 25 12.13 -70.69 34.30
C SER Q 25 12.98 -69.71 33.52
N ASN Q 26 12.72 -69.55 32.23
CA ASN Q 26 13.47 -68.59 31.43
C ASN Q 26 13.23 -67.17 31.91
N VAL Q 27 12.00 -66.83 32.25
CA VAL Q 27 11.58 -65.45 32.43
C VAL Q 27 11.11 -65.16 33.85
N SER Q 28 11.40 -66.03 34.81
CA SER Q 28 10.97 -65.75 36.18
C SER Q 28 11.58 -64.46 36.71
N ASP Q 29 12.90 -64.34 36.61
CA ASP Q 29 13.57 -63.15 37.14
C ASP Q 29 13.14 -61.91 36.39
N LEU Q 30 13.01 -62.02 35.06
CA LEU Q 30 12.57 -60.88 34.28
C LEU Q 30 11.15 -60.48 34.63
N ILE Q 31 10.29 -61.44 34.90
CA ILE Q 31 8.92 -61.10 35.27
C ILE Q 31 8.90 -60.42 36.62
N GLN Q 32 9.74 -60.85 37.55
CA GLN Q 32 9.81 -60.17 38.83
C GLN Q 32 10.28 -58.72 38.66
N GLN Q 33 11.30 -58.52 37.82
CA GLN Q 33 11.78 -57.18 37.53
C GLN Q 33 10.68 -56.33 36.91
N PHE Q 34 9.99 -56.88 35.92
CA PHE Q 34 8.94 -56.14 35.23
C PHE Q 34 7.77 -55.86 36.15
N ASN Q 35 7.40 -56.82 37.00
CA ASN Q 35 6.28 -56.62 37.91
C ASN Q 35 6.58 -55.52 38.91
N GLN Q 36 7.77 -55.51 39.49
CA GLN Q 36 8.05 -54.46 40.45
C GLN Q 36 8.32 -53.13 39.76
N MET Q 37 8.76 -53.15 38.50
CA MET Q 37 8.77 -51.91 37.72
C MET Q 37 7.35 -51.38 37.54
N ILE Q 38 6.40 -52.26 37.26
CA ILE Q 38 5.00 -51.86 37.15
C ILE Q 38 4.52 -51.27 38.47
N VAL Q 39 4.85 -51.92 39.58
CA VAL Q 39 4.45 -51.43 40.89
C VAL Q 39 5.03 -50.05 41.13
N THR Q 40 6.30 -49.86 40.81
CA THR Q 40 6.95 -48.58 41.06
C THR Q 40 6.33 -47.48 40.22
N MET Q 41 6.12 -47.75 38.93
CA MET Q 41 5.63 -46.70 38.04
C MET Q 41 4.14 -46.43 38.20
N ASN Q 42 3.37 -47.40 38.67
CA ASN Q 42 1.93 -47.18 38.83
C ASN Q 42 1.67 -46.05 39.82
N GLY Q 43 0.64 -45.28 39.55
CA GLY Q 43 0.26 -44.17 40.41
C GLY Q 43 1.00 -42.89 40.15
N ASN Q 44 1.97 -42.88 39.24
CA ASN Q 44 2.72 -41.68 38.91
C ASN Q 44 2.06 -40.97 37.73
N ASP Q 45 2.63 -39.84 37.35
CA ASP Q 45 2.16 -39.10 36.19
C ASP Q 45 3.29 -38.24 35.66
N PHE Q 46 3.63 -38.42 34.39
CA PHE Q 46 4.73 -37.70 33.77
C PHE Q 46 4.23 -36.86 32.62
N GLN Q 47 4.97 -35.81 32.30
CA GLN Q 47 4.72 -34.99 31.14
C GLN Q 47 6.01 -34.93 30.32
N THR Q 48 5.86 -35.01 29.01
CA THR Q 48 6.99 -35.07 28.10
C THR Q 48 6.76 -34.13 26.93
N GLY Q 49 7.84 -33.63 26.37
CA GLY Q 49 7.73 -32.70 25.28
C GLY Q 49 7.48 -31.28 25.77
N GLY Q 50 7.28 -30.39 24.81
CA GLY Q 50 7.05 -28.99 25.08
C GLY Q 50 8.11 -28.05 24.55
N ILE Q 51 9.11 -28.54 23.82
CA ILE Q 51 10.16 -27.71 23.24
C ILE Q 51 10.17 -27.96 21.74
N GLY Q 52 10.22 -26.89 20.96
CA GLY Q 52 10.13 -27.04 19.52
C GLY Q 52 8.78 -27.60 19.13
N ASN Q 53 8.77 -28.43 18.09
CA ASN Q 53 7.56 -29.09 17.63
C ASN Q 53 7.30 -30.42 18.34
N LEU Q 54 8.13 -30.80 19.30
CA LEU Q 54 7.92 -32.02 20.05
C LEU Q 54 6.60 -31.90 20.80
N PRO Q 55 5.55 -32.64 20.44
CA PRO Q 55 4.26 -32.41 21.08
C PRO Q 55 4.26 -32.80 22.54
N ILE Q 56 3.45 -32.08 23.32
CA ILE Q 56 3.29 -32.40 24.73
C ILE Q 56 2.50 -33.70 24.86
N ARG Q 57 2.87 -34.52 25.83
CA ARG Q 57 2.21 -35.78 26.06
C ARG Q 57 2.21 -36.09 27.54
N ASN Q 58 1.09 -36.61 28.03
CA ASN Q 58 0.91 -36.93 29.44
C ASN Q 58 0.82 -38.44 29.58
N TRP Q 59 1.67 -39.01 30.43
CA TRP Q 59 1.73 -40.45 30.64
C TRP Q 59 1.23 -40.76 32.04
N THR Q 60 0.22 -41.61 32.13
CA THR Q 60 -0.33 -42.06 33.39
C THR Q 60 -0.29 -43.58 33.40
N PHE Q 61 0.23 -44.15 34.48
CA PHE Q 61 0.45 -45.58 34.58
C PHE Q 61 -0.52 -46.17 35.58
N ASP Q 62 -1.34 -47.11 35.13
CA ASP Q 62 -2.13 -47.96 36.02
C ASP Q 62 -2.28 -49.28 35.29
N PHE Q 63 -1.38 -50.21 35.60
CA PHE Q 63 -1.27 -51.47 34.88
C PHE Q 63 -1.33 -52.63 35.86
N GLY Q 64 -1.76 -53.78 35.36
CA GLY Q 64 -1.76 -54.99 36.15
C GLY Q 64 -0.44 -55.72 36.07
N LEU Q 65 -0.10 -56.40 37.15
CA LEU Q 65 1.12 -57.18 37.18
C LEU Q 65 1.04 -58.35 36.22
N LEU Q 66 2.18 -58.68 35.62
CA LEU Q 66 2.26 -59.83 34.73
C LEU Q 66 2.08 -61.12 35.53
N GLY Q 67 1.28 -62.03 35.00
CA GLY Q 67 0.99 -63.25 35.71
C GLY Q 67 2.20 -64.12 35.91
N THR Q 68 2.10 -65.05 36.85
CA THR Q 68 3.16 -66.01 37.13
C THR Q 68 2.60 -67.39 37.43
N THR Q 69 1.43 -67.70 36.91
CA THR Q 69 0.74 -68.95 37.22
C THR Q 69 0.71 -69.90 36.03
N LEU Q 70 1.70 -69.80 35.15
CA LEU Q 70 1.85 -70.66 33.99
C LEU Q 70 3.11 -71.50 34.14
N LEU Q 71 3.17 -72.56 33.34
CA LEU Q 71 4.40 -73.33 33.18
C LEU Q 71 5.16 -72.90 31.94
N ASN Q 72 4.49 -72.93 30.79
CA ASN Q 72 5.04 -72.40 29.54
C ASN Q 72 4.14 -71.28 29.07
N LEU Q 73 4.74 -70.12 28.79
CA LEU Q 73 3.98 -68.96 28.35
C LEU Q 73 3.21 -69.28 27.07
N ASP Q 74 2.00 -68.75 26.98
CA ASP Q 74 1.10 -68.98 25.85
C ASP Q 74 0.82 -67.64 25.17
N ALA Q 75 -0.12 -67.66 24.22
CA ALA Q 75 -0.37 -66.47 23.42
C ALA Q 75 -1.15 -65.40 24.18
N ASN Q 76 -2.01 -65.79 25.12
CA ASN Q 76 -2.72 -64.79 25.93
C ASN Q 76 -1.74 -63.96 26.73
N TYR Q 77 -0.85 -64.63 27.45
CA TYR Q 77 0.13 -63.95 28.27
C TYR Q 77 0.94 -62.97 27.43
N VAL Q 78 1.40 -63.42 26.27
CA VAL Q 78 2.24 -62.57 25.44
C VAL Q 78 1.45 -61.37 24.93
N GLU Q 79 0.18 -61.56 24.60
CA GLU Q 79 -0.60 -60.44 24.10
C GLU Q 79 -0.82 -59.39 25.17
N THR Q 80 -1.16 -59.80 26.39
CA THR Q 80 -1.31 -58.81 27.46
C THR Q 80 0.01 -58.11 27.74
N ALA Q 81 1.10 -58.88 27.79
CA ALA Q 81 2.40 -58.29 28.03
C ALA Q 81 2.76 -57.28 26.95
N ARG Q 82 2.38 -57.56 25.70
CA ARG Q 82 2.68 -56.63 24.63
C ARG Q 82 1.81 -55.39 24.70
N THR Q 83 0.56 -55.54 25.14
CA THR Q 83 -0.27 -54.36 25.37
C THR Q 83 0.38 -53.44 26.38
N THR Q 84 1.01 -54.00 27.41
CA THR Q 84 1.75 -53.17 28.35
C THR Q 84 3.03 -52.61 27.74
N ILE Q 85 3.77 -53.46 27.03
CA ILE Q 85 5.12 -53.13 26.60
C ILE Q 85 5.09 -52.03 25.55
N GLU Q 86 4.11 -52.05 24.65
CA GLU Q 86 4.08 -51.03 23.61
C GLU Q 86 3.89 -49.64 24.23
N TYR Q 87 3.01 -49.53 25.21
CA TYR Q 87 2.82 -48.24 25.89
C TYR Q 87 4.09 -47.82 26.61
N PHE Q 88 4.72 -48.75 27.34
CA PHE Q 88 5.93 -48.37 28.06
C PHE Q 88 7.03 -47.95 27.10
N ILE Q 89 7.15 -48.63 25.96
CA ILE Q 89 8.17 -48.27 24.99
C ILE Q 89 7.90 -46.89 24.42
N ASP Q 90 6.63 -46.58 24.14
CA ASP Q 90 6.32 -45.24 23.68
C ASP Q 90 6.71 -44.20 24.71
N PHE Q 91 6.46 -44.49 25.99
CA PHE Q 91 6.84 -43.58 27.05
C PHE Q 91 8.35 -43.35 27.06
N ILE Q 92 9.12 -44.43 26.97
CA ILE Q 92 10.57 -44.30 27.05
C ILE Q 92 11.10 -43.57 25.83
N ASP Q 93 10.53 -43.84 24.66
CA ASP Q 93 10.93 -43.15 23.44
C ASP Q 93 10.72 -41.66 23.59
N ASN Q 94 9.55 -41.26 24.09
CA ASN Q 94 9.28 -39.83 24.25
C ASN Q 94 10.20 -39.21 25.29
N VAL Q 95 10.47 -39.94 26.39
CA VAL Q 95 11.35 -39.40 27.43
C VAL Q 95 12.73 -39.14 26.86
N CYS Q 96 13.26 -40.10 26.11
CA CYS Q 96 14.60 -39.92 25.54
C CYS Q 96 14.61 -38.82 24.49
N MET Q 97 13.60 -38.75 23.65
CA MET Q 97 13.57 -37.69 22.65
C MET Q 97 13.45 -36.33 23.30
N ASP Q 98 12.78 -36.26 24.45
CA ASP Q 98 12.71 -34.99 25.18
C ASP Q 98 14.04 -34.65 25.83
N GLU Q 99 14.76 -35.65 26.32
CA GLU Q 99 16.03 -35.38 26.99
C GLU Q 99 17.12 -35.04 25.99
N MET Q 100 17.06 -35.60 24.78
CA MET Q 100 18.10 -35.34 23.80
C MET Q 100 18.10 -33.89 23.35
N VAL Q 101 16.92 -33.30 23.17
CA VAL Q 101 16.84 -31.97 22.59
C VAL Q 101 17.27 -30.88 23.55
N ARG Q 102 17.20 -31.11 24.86
CA ARG Q 102 17.46 -30.07 25.83
C ARG Q 102 18.95 -29.94 26.11
N GLU Q 103 19.38 -28.71 26.33
CA GLU Q 103 20.75 -28.38 26.68
C GLU Q 103 20.74 -27.58 27.97
N SER Q 104 21.92 -27.38 28.54
CA SER Q 104 22.08 -26.42 29.62
C SER Q 104 23.55 -26.08 29.73
N GLN Q 105 23.89 -24.82 29.45
CA GLN Q 105 25.30 -24.42 29.51
C GLN Q 105 25.82 -24.53 30.93
N ARG Q 106 24.96 -24.36 31.91
CA ARG Q 106 25.31 -24.46 33.32
C ARG Q 106 24.88 -25.83 33.81
N ASN Q 107 25.83 -26.63 34.28
CA ASN Q 107 25.55 -27.97 34.82
C ASN Q 107 24.89 -28.84 33.74
N GLY Q 108 25.67 -29.14 32.71
CA GLY Q 108 25.15 -29.92 31.60
C GLY Q 108 24.91 -31.38 31.93
N VAL Q 109 25.62 -31.90 32.92
CA VAL Q 109 25.50 -33.32 33.24
C VAL Q 109 24.15 -33.62 33.88
N ALA Q 110 23.63 -32.69 34.67
CA ALA Q 110 22.43 -32.97 35.43
C ALA Q 110 21.22 -33.12 34.50
N PRO Q 111 20.17 -33.79 34.95
CA PRO Q 111 19.04 -34.06 34.06
C PRO Q 111 18.23 -32.81 33.76
N GLN Q 112 18.04 -32.53 32.48
CA GLN Q 112 16.97 -31.65 32.02
C GLN Q 112 15.74 -32.54 31.88
N SER Q 113 14.68 -32.07 31.21
CA SER Q 113 13.56 -32.96 30.93
C SER Q 113 12.88 -33.45 32.21
N GLU Q 114 12.05 -32.59 32.79
CA GLU Q 114 11.38 -32.83 34.07
C GLU Q 114 10.86 -34.26 34.24
N ALA Q 115 10.47 -34.94 33.15
CA ALA Q 115 10.14 -36.36 33.27
C ALA Q 115 11.33 -37.15 33.79
N LEU Q 116 12.48 -37.00 33.14
CA LEU Q 116 13.65 -37.76 33.58
C LEU Q 116 14.12 -37.26 34.94
N ARG Q 117 13.94 -35.97 35.20
CA ARG Q 117 14.30 -35.42 36.50
C ARG Q 117 13.49 -36.07 37.61
N LYS Q 118 12.18 -36.25 37.39
CA LYS Q 118 11.36 -36.96 38.36
C LYS Q 118 11.80 -38.41 38.48
N LEU Q 119 12.16 -39.03 37.36
CA LEU Q 119 12.66 -40.40 37.40
C LEU Q 119 13.92 -40.49 38.24
N ALA Q 120 14.71 -39.41 38.29
CA ALA Q 120 15.91 -39.41 39.11
C ALA Q 120 15.61 -39.42 40.61
N GLY Q 121 14.36 -39.22 41.01
CA GLY Q 121 14.02 -39.17 42.41
C GLY Q 121 14.28 -40.47 43.15
N ILE Q 122 13.81 -40.54 44.39
CA ILE Q 122 14.10 -41.70 45.23
C ILE Q 122 13.05 -42.79 45.13
N LYS Q 123 11.83 -42.46 44.68
CA LYS Q 123 10.79 -43.48 44.53
C LYS Q 123 11.18 -44.51 43.49
N PHE Q 124 11.89 -44.10 42.44
CA PHE Q 124 12.17 -44.94 41.29
C PHE Q 124 13.55 -45.60 41.36
N LYS Q 125 14.24 -45.50 42.48
CA LYS Q 125 15.54 -46.15 42.58
C LYS Q 125 15.41 -47.67 42.55
N ARG Q 126 14.23 -48.20 42.86
CA ARG Q 126 14.05 -49.65 42.87
C ARG Q 126 13.94 -50.22 41.47
N ILE Q 127 13.74 -49.38 40.45
CA ILE Q 127 13.67 -49.87 39.08
C ILE Q 127 15.05 -50.26 38.55
N ASN Q 128 16.12 -49.74 39.14
CA ASN Q 128 17.48 -50.00 38.66
C ASN Q 128 17.74 -51.49 38.50
N PHE Q 129 18.16 -51.88 37.31
CA PHE Q 129 18.21 -53.30 36.92
C PHE Q 129 19.63 -53.79 36.74
N ASN Q 130 20.37 -53.23 35.80
CA ASN Q 130 21.80 -53.46 35.64
C ASN Q 130 22.29 -52.48 34.60
N ASN Q 131 23.56 -52.13 34.69
CA ASN Q 131 24.16 -51.11 33.85
C ASN Q 131 25.30 -51.79 33.08
N SER Q 132 24.93 -52.40 31.96
CA SER Q 132 25.81 -53.31 31.23
C SER Q 132 26.41 -52.70 29.97
N SER Q 133 25.66 -51.84 29.28
CA SER Q 133 26.13 -51.29 28.03
C SER Q 133 27.36 -50.43 28.24
N GLU Q 134 28.11 -50.22 27.15
CA GLU Q 134 29.33 -49.43 27.24
C GLU Q 134 29.04 -48.01 27.70
N TYR Q 135 28.02 -47.39 27.13
CA TYR Q 135 27.77 -45.98 27.42
C TYR Q 135 27.32 -45.78 28.86
N ILE Q 136 26.42 -46.63 29.34
CA ILE Q 136 25.98 -46.48 30.73
C ILE Q 136 27.09 -46.88 31.69
N GLU Q 137 27.93 -47.85 31.33
CA GLU Q 137 29.03 -48.20 32.20
C GLU Q 137 29.99 -47.03 32.34
N ASN Q 138 30.29 -46.36 31.24
CA ASN Q 138 31.10 -45.16 31.33
C ASN Q 138 30.38 -44.05 32.09
N TRP Q 139 29.06 -43.98 31.96
CA TRP Q 139 28.31 -42.98 32.72
C TRP Q 139 28.43 -43.24 34.21
N ASN Q 140 28.41 -44.49 34.64
CA ASN Q 140 28.56 -44.79 36.06
C ASN Q 140 30.00 -44.54 36.52
N LEU Q 141 30.97 -44.94 35.70
CA LEU Q 141 32.38 -44.73 36.03
C LEU Q 141 32.77 -43.28 35.97
N GLN Q 142 31.92 -42.40 35.43
CA GLN Q 142 32.09 -40.96 35.58
C GLN Q 142 31.19 -40.39 36.66
N ASN Q 143 30.07 -41.07 36.96
CA ASN Q 143 29.23 -40.69 38.08
C ASN Q 143 30.03 -40.71 39.38
N ARG Q 144 30.70 -41.82 39.64
CA ARG Q 144 31.86 -41.81 40.52
C ARG Q 144 33.08 -41.52 39.65
N ARG Q 145 34.14 -41.01 40.26
CA ARG Q 145 35.30 -40.57 39.49
C ARG Q 145 36.24 -41.74 39.30
N GLN Q 146 36.16 -42.37 38.13
CA GLN Q 146 37.06 -43.44 37.74
C GLN Q 146 37.31 -43.33 36.24
N ARG Q 147 38.38 -43.97 35.78
CA ARG Q 147 38.80 -43.78 34.40
C ARG Q 147 37.85 -44.50 33.46
N THR Q 148 37.13 -43.73 32.66
CA THR Q 148 36.24 -44.28 31.65
C THR Q 148 37.04 -44.65 30.41
N GLY Q 149 36.33 -45.10 29.39
CA GLY Q 149 36.96 -45.36 28.11
C GLY Q 149 35.96 -45.80 27.08
N PHE Q 150 35.98 -45.16 25.91
CA PHE Q 150 35.11 -45.49 24.80
C PHE Q 150 35.97 -45.99 23.66
N VAL Q 151 35.63 -47.14 23.10
CA VAL Q 151 36.32 -47.66 21.94
C VAL Q 151 35.64 -47.14 20.68
N PHE Q 152 36.43 -46.58 19.78
CA PHE Q 152 35.92 -45.97 18.56
C PHE Q 152 36.59 -46.58 17.34
N HIS Q 153 35.80 -46.79 16.29
CA HIS Q 153 36.27 -47.25 14.99
C HIS Q 153 36.16 -46.09 14.01
N LYS Q 154 37.31 -45.63 13.51
CA LYS Q 154 37.39 -44.44 12.69
C LYS Q 154 36.77 -43.24 13.39
N PRO Q 155 37.29 -42.84 14.54
CA PRO Q 155 36.69 -41.71 15.27
C PRO Q 155 36.79 -40.43 14.45
N ASN Q 156 35.74 -39.61 14.56
CA ASN Q 156 35.72 -38.30 13.90
C ASN Q 156 36.32 -37.26 14.85
N ILE Q 157 37.62 -37.35 15.04
CA ILE Q 157 38.29 -36.43 15.95
C ILE Q 157 38.78 -35.17 15.23
N PHE Q 158 39.32 -35.30 14.05
CA PHE Q 158 39.86 -34.14 13.36
C PHE Q 158 38.72 -33.28 12.84
N PRO Q 159 38.61 -32.00 13.21
CA PRO Q 159 37.64 -31.15 12.53
C PRO Q 159 38.03 -30.98 11.07
N TYR Q 160 37.04 -30.86 10.21
CA TYR Q 160 37.30 -30.75 8.78
C TYR Q 160 38.10 -29.50 8.48
N SER Q 161 39.35 -29.68 8.07
CA SER Q 161 40.21 -28.60 7.61
C SER Q 161 40.84 -29.02 6.29
N ALA Q 162 40.93 -28.07 5.36
CA ALA Q 162 41.55 -28.32 4.07
C ALA Q 162 42.25 -27.02 3.68
N SER Q 163 43.56 -26.97 3.82
CA SER Q 163 44.23 -25.68 3.70
C SER Q 163 45.73 -25.88 3.52
N PHE Q 164 46.40 -24.81 3.09
CA PHE Q 164 47.82 -24.85 2.78
C PHE Q 164 48.54 -23.66 3.42
N THR Q 165 49.83 -23.84 3.64
CA THR Q 165 50.74 -22.74 3.94
C THR Q 165 51.80 -22.68 2.86
N LEU Q 166 52.22 -21.46 2.54
CA LEU Q 166 53.26 -21.22 1.55
C LEU Q 166 54.43 -20.57 2.26
N ASN Q 167 55.47 -21.35 2.53
CA ASN Q 167 56.67 -20.79 3.13
C ASN Q 167 57.48 -19.95 2.14
N ARG Q 168 57.18 -20.04 0.84
CA ARG Q 168 57.79 -19.20 -0.17
C ARG Q 168 56.73 -18.85 -1.20
N SER Q 169 56.54 -17.56 -1.46
CA SER Q 169 55.48 -17.13 -2.34
C SER Q 169 55.81 -15.77 -2.93
N GLN Q 170 55.20 -15.50 -4.07
CA GLN Q 170 55.29 -14.19 -4.73
C GLN Q 170 54.12 -14.07 -5.68
N PRO Q 171 53.81 -12.85 -6.16
CA PRO Q 171 52.52 -12.65 -6.85
C PRO Q 171 52.29 -13.54 -8.04
N MET Q 172 53.33 -13.81 -8.84
CA MET Q 172 53.14 -14.63 -10.03
C MET Q 172 52.84 -16.08 -9.68
N HIS Q 173 53.10 -16.50 -8.44
CA HIS Q 173 52.85 -17.87 -7.99
C HIS Q 173 53.56 -18.88 -8.89
N ASP Q 174 54.78 -18.55 -9.29
CA ASP Q 174 55.55 -19.35 -10.22
C ASP Q 174 56.57 -20.26 -9.53
N ASN Q 175 57.04 -19.88 -8.36
CA ASN Q 175 58.00 -20.65 -7.57
C ASN Q 175 57.47 -20.66 -6.14
N LEU Q 176 56.84 -21.76 -5.75
CA LEU Q 176 56.22 -21.92 -4.45
C LEU Q 176 56.93 -23.02 -3.68
N MET Q 177 56.66 -23.07 -2.39
CA MET Q 177 57.14 -24.15 -1.55
C MET Q 177 56.37 -24.09 -0.25
N GLY Q 178 55.81 -25.22 0.17
CA GLY Q 178 54.93 -25.18 1.32
C GLY Q 178 54.26 -26.52 1.53
N THR Q 179 53.10 -26.48 2.16
CA THR Q 179 52.40 -27.69 2.56
C THR Q 179 50.91 -27.52 2.31
N MET Q 180 50.27 -28.61 1.92
CA MET Q 180 48.82 -28.74 1.88
C MET Q 180 48.43 -29.81 2.87
N TRP Q 181 47.23 -29.69 3.43
CA TRP Q 181 46.75 -30.74 4.31
C TRP Q 181 45.24 -30.79 4.29
N LEU Q 182 44.72 -32.01 4.32
CA LEU Q 182 43.32 -32.27 4.58
C LEU Q 182 43.24 -33.11 5.85
N ASN Q 183 42.62 -32.58 6.88
CA ASN Q 183 42.25 -33.32 8.08
C ASN Q 183 40.74 -33.51 8.04
N ALA Q 184 40.29 -34.75 8.14
CA ALA Q 184 38.86 -35.00 8.02
C ALA Q 184 38.52 -36.34 8.66
N GLY Q 185 37.63 -36.32 9.64
CA GLY Q 185 37.23 -37.54 10.30
C GLY Q 185 38.41 -38.24 10.94
N SER Q 186 38.82 -39.36 10.34
CA SER Q 186 39.94 -40.15 10.83
C SER Q 186 41.15 -40.10 9.90
N GLU Q 187 41.13 -39.25 8.88
CA GLU Q 187 42.16 -39.15 7.87
C GLU Q 187 42.96 -37.87 8.09
N ILE Q 188 44.27 -37.97 7.96
CA ILE Q 188 45.14 -36.83 7.68
C ILE Q 188 45.86 -37.14 6.39
N GLN Q 189 45.88 -36.17 5.47
CA GLN Q 189 46.63 -36.30 4.23
C GLN Q 189 47.38 -35.01 4.04
N VAL Q 190 48.70 -35.06 4.19
CA VAL Q 190 49.54 -33.87 4.18
C VAL Q 190 50.59 -34.03 3.11
N ALA Q 191 50.72 -33.04 2.25
CA ALA Q 191 51.62 -33.10 1.11
C ALA Q 191 52.43 -31.83 1.03
N GLY Q 192 53.74 -31.94 1.25
CA GLY Q 192 54.61 -30.81 1.04
C GLY Q 192 55.05 -30.75 -0.41
N PHE Q 193 55.09 -29.53 -0.95
CA PHE Q 193 55.50 -29.31 -2.32
C PHE Q 193 56.62 -28.28 -2.37
N ASP Q 194 57.42 -28.38 -3.42
CA ASP Q 194 58.44 -27.40 -3.74
C ASP Q 194 58.53 -27.35 -5.25
N TYR Q 195 58.45 -26.14 -5.80
CA TYR Q 195 58.46 -26.02 -7.24
C TYR Q 195 59.84 -26.21 -7.82
N SER Q 196 60.88 -25.82 -7.09
CA SER Q 196 62.25 -25.95 -7.57
C SER Q 196 62.85 -27.32 -7.28
N CYS Q 197 62.12 -28.22 -6.64
CA CYS Q 197 62.64 -29.54 -6.27
C CYS Q 197 63.89 -29.41 -5.42
N ALA Q 198 63.93 -28.38 -4.58
CA ALA Q 198 65.03 -28.15 -3.66
C ALA Q 198 66.37 -28.00 -4.39
N LEU Q 199 66.45 -26.96 -5.22
CA LEU Q 199 67.74 -26.60 -5.80
C LEU Q 199 68.65 -26.01 -4.75
N ASN Q 200 68.25 -24.87 -4.18
CA ASN Q 200 69.12 -24.08 -3.32
C ASN Q 200 68.87 -24.35 -1.84
N ALA Q 201 68.11 -25.40 -1.51
CA ALA Q 201 67.94 -25.75 -0.12
C ALA Q 201 69.24 -26.33 0.42
N PRO Q 202 69.47 -26.25 1.74
CA PRO Q 202 70.71 -26.82 2.29
C PRO Q 202 70.76 -28.33 2.07
N ALA Q 203 71.83 -28.77 1.38
CA ALA Q 203 72.06 -30.18 1.10
C ALA Q 203 70.98 -30.77 0.20
N ASN Q 204 70.36 -29.94 -0.63
CA ASN Q 204 69.36 -30.38 -1.60
C ASN Q 204 68.22 -31.14 -0.93
N ILE Q 205 67.85 -30.70 0.27
CA ILE Q 205 66.79 -31.32 1.06
C ILE Q 205 65.93 -30.21 1.62
N GLN Q 206 64.62 -30.34 1.46
CA GLN Q 206 63.65 -29.38 1.95
C GLN Q 206 62.83 -30.04 3.05
N GLN Q 207 62.79 -29.41 4.22
CA GLN Q 207 62.09 -29.96 5.37
C GLN Q 207 60.65 -29.51 5.37
N PHE Q 208 59.75 -30.40 5.80
CA PHE Q 208 58.34 -30.09 5.96
C PHE Q 208 57.89 -30.67 7.29
N GLU Q 209 57.02 -29.95 7.98
CA GLU Q 209 56.45 -30.42 9.23
C GLU Q 209 54.98 -30.02 9.29
N HIS Q 210 54.18 -30.88 9.90
CA HIS Q 210 52.75 -30.64 10.07
C HIS Q 210 52.37 -31.04 11.48
N ILE Q 211 51.79 -30.10 12.22
CA ILE Q 211 51.37 -30.30 13.61
C ILE Q 211 49.85 -30.34 13.62
N VAL Q 212 49.27 -31.42 14.13
CA VAL Q 212 47.83 -31.49 14.36
C VAL Q 212 47.61 -31.80 15.82
N GLN Q 213 46.86 -30.93 16.49
CA GLN Q 213 46.59 -31.05 17.92
C GLN Q 213 45.18 -31.58 18.09
N LEU Q 214 45.05 -32.82 18.54
CA LEU Q 214 43.74 -33.36 18.85
C LEU Q 214 43.10 -32.52 19.94
N ARG Q 215 41.79 -32.34 19.84
CA ARG Q 215 41.07 -31.64 20.89
C ARG Q 215 40.87 -32.51 22.13
N ARG Q 216 41.09 -33.82 22.02
CA ARG Q 216 41.08 -34.71 23.17
C ARG Q 216 42.12 -35.79 22.93
N ALA Q 217 42.68 -36.30 24.02
CA ALA Q 217 43.76 -37.27 23.92
C ALA Q 217 43.20 -38.66 23.64
N LEU Q 218 43.75 -39.31 22.62
CA LEU Q 218 43.42 -40.68 22.29
C LEU Q 218 44.32 -41.66 23.04
N THR Q 219 43.95 -42.94 22.97
CA THR Q 219 44.65 -43.96 23.73
C THR Q 219 44.58 -45.28 22.96
N THR Q 220 45.69 -46.02 22.97
CA THR Q 220 45.80 -47.32 22.31
C THR Q 220 45.26 -47.26 20.89
N ALA Q 221 45.64 -46.22 20.17
CA ALA Q 221 45.13 -46.01 18.83
C ALA Q 221 45.92 -46.86 17.84
N THR Q 222 45.20 -47.59 17.01
CA THR Q 222 45.79 -48.27 15.86
C THR Q 222 45.78 -47.29 14.69
N ILE Q 223 46.93 -47.12 14.06
CA ILE Q 223 47.11 -46.12 13.02
C ILE Q 223 47.67 -46.81 11.78
N THR Q 224 47.35 -46.26 10.62
CA THR Q 224 47.86 -46.76 9.35
C THR Q 224 48.53 -45.61 8.62
N LEU Q 225 49.84 -45.71 8.43
CA LEU Q 225 50.64 -44.66 7.83
C LEU Q 225 51.14 -45.14 6.48
N LEU Q 226 50.90 -44.35 5.44
CA LEU Q 226 51.33 -44.67 4.09
C LEU Q 226 51.98 -43.45 3.47
N PRO Q 227 52.88 -43.63 2.50
CA PRO Q 227 53.37 -42.47 1.76
C PRO Q 227 52.32 -42.00 0.77
N ASP Q 228 52.67 -41.01 -0.04
CA ASP Q 228 51.89 -40.69 -1.24
C ASP Q 228 50.46 -40.26 -0.86
N ALA Q 229 50.37 -39.10 -0.23
CA ALA Q 229 49.09 -38.47 0.02
C ALA Q 229 48.31 -38.34 -1.28
N GLU Q 230 47.16 -39.00 -1.33
CA GLU Q 230 46.45 -39.18 -2.60
C GLU Q 230 45.89 -37.86 -3.10
N ARG Q 231 45.20 -37.12 -2.24
CA ARG Q 231 44.38 -36.01 -2.69
C ARG Q 231 45.19 -34.85 -3.25
N PHE Q 232 46.50 -34.83 -3.03
CA PHE Q 232 47.38 -33.76 -3.49
C PHE Q 232 48.43 -34.33 -4.42
N SER Q 233 47.99 -35.17 -5.34
CA SER Q 233 48.86 -35.86 -6.28
C SER Q 233 48.26 -35.81 -7.67
N PHE Q 234 47.69 -34.67 -8.02
CA PHE Q 234 47.20 -34.46 -9.38
C PHE Q 234 47.06 -32.96 -9.60
N PRO Q 235 46.92 -32.52 -10.86
CA PRO Q 235 46.85 -31.09 -11.12
C PRO Q 235 45.64 -30.44 -10.46
N ARG Q 236 45.83 -29.20 -10.02
CA ARG Q 236 44.78 -28.43 -9.37
C ARG Q 236 44.96 -26.96 -9.72
N VAL Q 237 43.88 -26.20 -9.54
CA VAL Q 237 43.90 -24.75 -9.59
C VAL Q 237 43.35 -24.26 -8.27
N ILE Q 238 44.20 -23.65 -7.46
CA ILE Q 238 43.89 -23.36 -6.06
C ILE Q 238 43.77 -21.85 -5.89
N ASN Q 239 42.75 -21.41 -5.18
CA ASN Q 239 42.62 -20.00 -4.89
C ASN Q 239 43.83 -19.52 -4.12
N SER Q 240 44.17 -18.24 -4.30
CA SER Q 240 45.36 -17.69 -3.69
C SER Q 240 45.21 -17.61 -2.19
N ALA Q 241 46.22 -17.08 -1.50
CA ALA Q 241 46.14 -16.93 -0.06
C ALA Q 241 44.93 -16.12 0.36
N ASP Q 242 44.58 -15.11 -0.43
CA ASP Q 242 43.49 -14.19 -0.12
C ASP Q 242 42.36 -14.24 -1.14
N GLY Q 243 42.43 -15.14 -2.12
CA GLY Q 243 41.40 -15.24 -3.11
C GLY Q 243 41.48 -14.22 -4.23
N ALA Q 244 42.50 -13.37 -4.23
CA ALA Q 244 42.61 -12.37 -5.30
C ALA Q 244 42.78 -13.03 -6.65
N THR Q 245 43.58 -14.10 -6.72
CA THR Q 245 43.85 -14.81 -7.96
C THR Q 245 43.81 -16.30 -7.66
N THR Q 246 44.27 -17.11 -8.61
CA THR Q 246 44.40 -18.55 -8.43
C THR Q 246 45.73 -18.99 -9.03
N TRP Q 247 46.31 -20.03 -8.44
CA TRP Q 247 47.61 -20.54 -8.86
C TRP Q 247 47.50 -22.01 -9.23
N PHE Q 248 48.25 -22.38 -10.25
CA PHE Q 248 48.28 -23.73 -10.77
C PHE Q 248 49.23 -24.59 -9.95
N PHE Q 249 48.84 -25.84 -9.74
CA PHE Q 249 49.64 -26.80 -8.98
C PHE Q 249 49.71 -28.08 -9.79
N ASN Q 250 50.92 -28.54 -10.09
CA ASN Q 250 51.13 -29.64 -11.03
C ASN Q 250 52.08 -30.65 -10.41
N PRO Q 251 51.59 -31.48 -9.50
CA PRO Q 251 52.49 -32.32 -8.71
C PRO Q 251 53.19 -33.40 -9.51
N ILE Q 252 54.40 -33.71 -9.09
CA ILE Q 252 55.11 -34.94 -9.43
C ILE Q 252 55.57 -35.55 -8.11
N ILE Q 253 55.23 -36.79 -7.88
CA ILE Q 253 55.37 -37.38 -6.56
C ILE Q 253 56.78 -37.94 -6.40
N LEU Q 254 57.42 -37.59 -5.30
CA LEU Q 254 58.66 -38.18 -4.84
C LEU Q 254 58.40 -38.90 -3.53
N ARG Q 255 59.24 -39.87 -3.23
CA ARG Q 255 59.06 -40.62 -2.01
C ARG Q 255 59.58 -39.81 -0.82
N PRO Q 256 58.80 -39.60 0.24
CA PRO Q 256 59.29 -38.76 1.34
C PRO Q 256 60.36 -39.49 2.12
N ASN Q 257 61.58 -38.94 2.11
CA ASN Q 257 62.71 -39.61 2.73
C ASN Q 257 62.86 -39.19 4.18
N ASN Q 258 63.46 -40.08 4.97
CA ASN Q 258 63.58 -39.96 6.43
C ASN Q 258 62.33 -39.36 7.06
N VAL Q 259 61.18 -39.89 6.65
CA VAL Q 259 59.92 -39.50 7.27
C VAL Q 259 59.96 -39.87 8.75
N GLU Q 260 59.30 -39.06 9.56
CA GLU Q 260 59.32 -39.25 11.00
C GLU Q 260 58.00 -38.74 11.55
N VAL Q 261 57.19 -39.64 12.10
CA VAL Q 261 55.91 -39.29 12.71
C VAL Q 261 56.05 -39.45 14.21
N GLU Q 262 55.58 -38.44 14.95
CA GLU Q 262 55.75 -38.37 16.38
C GLU Q 262 54.38 -38.18 17.03
N PHE Q 263 54.07 -39.02 18.01
CA PHE Q 263 52.87 -38.89 18.81
C PHE Q 263 53.26 -38.35 20.18
N LEU Q 264 52.74 -37.17 20.50
CA LEU Q 264 53.15 -36.41 21.68
C LEU Q 264 51.98 -36.23 22.62
N LEU Q 265 52.29 -36.20 23.92
CA LEU Q 265 51.30 -36.00 24.96
C LEU Q 265 51.87 -35.00 25.95
N ASN Q 266 51.20 -33.86 26.09
CA ASN Q 266 51.66 -32.79 26.98
C ASN Q 266 53.08 -32.36 26.63
N GLY Q 267 53.32 -32.15 25.35
CA GLY Q 267 54.65 -31.74 24.90
C GLY Q 267 55.66 -32.85 24.78
N GLN Q 268 55.83 -33.66 25.82
CA GLN Q 268 56.86 -34.68 25.79
C GLN Q 268 56.54 -35.76 24.75
N ILE Q 269 57.58 -36.37 24.20
CA ILE Q 269 57.42 -37.40 23.18
C ILE Q 269 56.93 -38.68 23.84
N ILE Q 270 55.91 -39.29 23.26
CA ILE Q 270 55.41 -40.58 23.69
C ILE Q 270 55.86 -41.68 22.72
N ASN Q 271 55.65 -41.47 21.42
CA ASN Q 271 56.03 -42.47 20.42
C ASN Q 271 56.68 -41.80 19.23
N THR Q 272 57.72 -42.43 18.71
CA THR Q 272 58.41 -41.98 17.49
C THR Q 272 58.43 -43.14 16.51
N TYR Q 273 58.23 -42.83 15.23
CA TYR Q 273 58.35 -43.83 14.18
C TYR Q 273 59.04 -43.20 12.99
N GLN Q 274 60.23 -43.72 12.67
CA GLN Q 274 61.10 -43.18 11.64
C GLN Q 274 61.14 -44.14 10.47
N ALA Q 275 60.73 -43.66 9.30
CA ALA Q 275 60.74 -44.47 8.08
C ALA Q 275 59.97 -45.76 8.29
N ARG Q 276 58.86 -45.66 9.01
CA ARG Q 276 57.99 -46.79 9.28
C ARG Q 276 56.69 -46.59 8.53
N PHE Q 277 56.15 -47.67 7.98
CA PHE Q 277 54.90 -47.64 7.27
C PHE Q 277 54.09 -48.87 7.65
N GLY Q 278 52.91 -48.99 7.05
CA GLY Q 278 51.99 -50.02 7.49
C GLY Q 278 51.33 -49.61 8.77
N THR Q 279 50.80 -50.59 9.49
CA THR Q 279 50.10 -50.31 10.72
C THR Q 279 51.09 -50.06 11.86
N ILE Q 280 50.81 -49.03 12.65
CA ILE Q 280 51.58 -48.67 13.82
C ILE Q 280 50.58 -48.44 14.95
N VAL Q 281 51.09 -48.18 16.14
CA VAL Q 281 50.25 -47.93 17.31
C VAL Q 281 50.74 -46.67 18.01
N ALA Q 282 49.81 -45.83 18.41
CA ALA Q 282 50.06 -44.70 19.29
C ALA Q 282 49.50 -45.09 20.65
N ARG Q 283 50.39 -45.32 21.62
CA ARG Q 283 49.96 -45.76 22.93
C ARG Q 283 49.01 -44.77 23.56
N ASN Q 284 49.37 -43.49 23.54
CA ASN Q 284 48.59 -42.45 24.18
C ASN Q 284 49.12 -41.12 23.72
N PHE Q 285 48.28 -40.24 23.19
CA PHE Q 285 48.82 -39.02 22.60
C PHE Q 285 47.75 -37.95 22.51
N ASP Q 286 48.23 -36.72 22.36
CA ASP Q 286 47.42 -35.52 22.24
C ASP Q 286 47.69 -34.75 20.96
N THR Q 287 48.87 -34.91 20.36
CA THR Q 287 49.19 -34.23 19.12
C THR Q 287 50.02 -35.17 18.25
N ILE Q 288 49.98 -34.93 16.95
CA ILE Q 288 50.76 -35.66 15.97
C ILE Q 288 51.63 -34.65 15.23
N ARG Q 289 52.91 -34.97 15.10
CA ARG Q 289 53.89 -34.14 14.40
C ARG Q 289 54.47 -34.97 13.27
N LEU Q 290 54.05 -34.69 12.05
CA LEU Q 290 54.48 -35.42 10.86
C LEU Q 290 55.55 -34.59 10.17
N SER Q 291 56.79 -35.05 10.22
CA SER Q 291 57.89 -34.37 9.54
C SER Q 291 58.40 -35.26 8.43
N PHE Q 292 58.71 -34.65 7.29
CA PHE Q 292 59.24 -35.38 6.16
C PHE Q 292 60.12 -34.44 5.34
N GLN Q 293 60.73 -34.98 4.30
CA GLN Q 293 61.77 -34.25 3.58
C GLN Q 293 61.68 -34.55 2.09
N LEU Q 294 61.70 -33.50 1.29
CA LEU Q 294 61.84 -33.61 -0.16
C LEU Q 294 63.33 -33.53 -0.49
N MET Q 295 63.92 -34.65 -0.87
CA MET Q 295 65.33 -34.72 -1.21
C MET Q 295 65.44 -34.80 -2.72
N ARG Q 296 66.17 -33.87 -3.32
CA ARG Q 296 66.41 -33.94 -4.75
C ARG Q 296 67.22 -35.18 -5.06
N PRO Q 297 66.81 -36.03 -6.00
CA PRO Q 297 67.59 -37.24 -6.29
C PRO Q 297 68.97 -36.86 -6.82
N PRO Q 298 70.06 -37.44 -6.28
CA PRO Q 298 71.38 -37.10 -6.83
C PRO Q 298 71.54 -37.61 -8.25
N ASN Q 299 71.29 -38.89 -8.43
CA ASN Q 299 71.29 -39.48 -9.76
C ASN Q 299 69.89 -39.37 -10.35
N MET Q 300 69.84 -39.12 -11.65
CA MET Q 300 68.57 -38.81 -12.29
C MET Q 300 68.63 -39.27 -13.74
N THR Q 301 67.66 -40.08 -14.14
CA THR Q 301 67.51 -40.43 -15.54
C THR Q 301 67.26 -39.15 -16.34
N PRO Q 302 67.64 -39.11 -17.62
CA PRO Q 302 67.36 -37.91 -18.41
C PRO Q 302 65.91 -37.48 -18.43
N ALA Q 303 64.95 -38.40 -18.32
CA ALA Q 303 63.56 -37.98 -18.28
C ALA Q 303 63.27 -37.12 -17.06
N VAL Q 304 63.62 -37.63 -15.87
CA VAL Q 304 63.37 -36.86 -14.65
C VAL Q 304 64.23 -35.60 -14.64
N ASN Q 305 65.42 -35.66 -15.23
CA ASN Q 305 66.22 -34.45 -15.36
C ASN Q 305 65.48 -33.40 -16.16
N ALA Q 306 64.86 -33.80 -17.27
CA ALA Q 306 64.04 -32.87 -18.03
C ALA Q 306 62.89 -32.35 -17.21
N LEU Q 307 62.36 -33.18 -16.31
CA LEU Q 307 61.30 -32.71 -15.42
C LEU Q 307 61.78 -31.58 -14.53
N PHE Q 308 62.99 -31.68 -14.00
CA PHE Q 308 63.50 -30.72 -13.02
C PHE Q 308 64.67 -29.90 -13.57
N PRO Q 309 64.44 -28.67 -14.07
CA PRO Q 309 65.57 -27.82 -14.50
C PRO Q 309 66.20 -27.08 -13.34
N GLN Q 310 67.16 -26.21 -13.65
CA GLN Q 310 67.68 -25.22 -12.72
C GLN Q 310 67.18 -23.81 -13.01
N ALA Q 311 66.51 -23.60 -14.14
CA ALA Q 311 66.03 -22.28 -14.53
C ALA Q 311 64.73 -21.98 -13.80
N GLN Q 312 64.04 -20.92 -14.22
CA GLN Q 312 62.83 -20.48 -13.55
C GLN Q 312 61.53 -21.21 -13.90
N PRO Q 313 61.28 -21.69 -15.15
CA PRO Q 313 59.93 -22.16 -15.51
C PRO Q 313 59.27 -23.10 -14.52
N PHE Q 314 59.88 -24.24 -14.20
CA PHE Q 314 59.32 -25.21 -13.25
C PHE Q 314 57.92 -25.65 -13.70
N GLN Q 315 57.89 -26.34 -14.84
CA GLN Q 315 56.61 -26.77 -15.39
C GLN Q 315 55.98 -27.90 -14.59
N HIS Q 316 56.77 -28.62 -13.79
CA HIS Q 316 56.29 -29.70 -12.94
C HIS Q 316 56.86 -29.52 -11.55
N HIS Q 317 56.06 -29.81 -10.53
CA HIS Q 317 56.26 -29.27 -9.19
C HIS Q 317 56.42 -30.44 -8.23
N ALA Q 318 57.61 -30.58 -7.63
CA ALA Q 318 57.87 -31.78 -6.85
C ALA Q 318 57.05 -31.77 -5.58
N THR Q 319 56.55 -32.95 -5.17
CA THR Q 319 55.75 -33.05 -3.96
C THR Q 319 56.01 -34.39 -3.29
N VAL Q 320 55.96 -34.40 -1.97
CA VAL Q 320 56.04 -35.62 -1.16
C VAL Q 320 54.90 -35.58 -0.15
N GLY Q 321 54.22 -36.71 0.03
CA GLY Q 321 53.02 -36.76 0.82
C GLY Q 321 52.99 -37.89 1.81
N LEU Q 322 52.06 -37.78 2.75
CA LEU Q 322 51.80 -38.76 3.79
C LEU Q 322 50.30 -38.89 3.97
N THR Q 323 49.85 -40.12 4.22
CA THR Q 323 48.48 -40.41 4.61
C THR Q 323 48.51 -41.11 5.96
N LEU Q 324 47.57 -40.75 6.82
CA LEU Q 324 47.61 -41.16 8.22
C LEU Q 324 46.17 -41.40 8.67
N ARG Q 325 45.80 -42.68 8.79
CA ARG Q 325 44.47 -43.09 9.18
C ARG Q 325 44.48 -43.54 10.62
N ILE Q 326 43.38 -43.26 11.33
CA ILE Q 326 43.16 -43.82 12.67
C ILE Q 326 42.13 -44.93 12.51
N GLU Q 327 42.60 -46.18 12.53
CA GLU Q 327 41.69 -47.30 12.35
C GLU Q 327 40.82 -47.50 13.58
N SER Q 328 41.37 -47.28 14.77
CA SER Q 328 40.63 -47.47 16.00
C SER Q 328 41.29 -46.62 17.08
N ALA Q 329 40.58 -46.44 18.19
CA ALA Q 329 41.12 -45.64 19.28
C ALA Q 329 40.30 -45.87 20.53
N VAL Q 330 40.87 -45.41 21.65
CA VAL Q 330 40.19 -45.40 22.94
C VAL Q 330 40.26 -43.99 23.48
N CYS Q 331 39.12 -43.43 23.87
CA CYS Q 331 39.05 -42.03 24.28
C CYS Q 331 38.30 -41.92 25.59
N GLU Q 332 38.79 -41.04 26.47
CA GLU Q 332 38.04 -40.73 27.68
C GLU Q 332 36.72 -40.06 27.34
N SER Q 333 36.75 -39.03 26.51
CA SER Q 333 35.56 -38.28 26.15
C SER Q 333 34.77 -39.11 25.14
N VAL Q 334 33.77 -38.49 24.53
CA VAL Q 334 32.86 -39.16 23.60
C VAL Q 334 32.92 -38.46 22.26
N LEU Q 335 32.96 -39.24 21.19
CA LEU Q 335 33.08 -38.70 19.83
C LEU Q 335 32.23 -39.53 18.89
N ALA Q 336 31.90 -38.93 17.76
CA ALA Q 336 31.22 -39.66 16.71
C ALA Q 336 32.19 -40.60 16.01
N ASP Q 337 31.64 -41.62 15.37
CA ASP Q 337 32.43 -42.63 14.69
C ASP Q 337 31.79 -42.92 13.34
N ALA Q 338 32.41 -43.84 12.62
CA ALA Q 338 31.81 -44.46 11.46
C ALA Q 338 31.00 -45.70 11.81
N ASN Q 339 30.99 -46.11 13.08
CA ASN Q 339 30.24 -47.27 13.54
C ASN Q 339 28.99 -46.89 14.32
N GLU Q 340 29.13 -46.12 15.39
CA GLU Q 340 27.98 -45.77 16.20
C GLU Q 340 27.09 -44.77 15.47
N THR Q 341 25.82 -44.75 15.84
CA THR Q 341 24.82 -43.90 15.21
C THR Q 341 24.24 -42.88 16.19
N LEU Q 342 24.96 -42.57 17.26
CA LEU Q 342 24.39 -41.69 18.28
C LEU Q 342 24.38 -40.24 17.84
N LEU Q 343 25.45 -39.77 17.20
CA LEU Q 343 25.43 -38.40 16.67
C LEU Q 343 24.31 -38.24 15.66
N ALA Q 344 24.18 -39.22 14.76
CA ALA Q 344 23.13 -39.17 13.76
C ALA Q 344 21.76 -39.18 14.42
N ASN Q 345 21.57 -39.98 15.46
CA ASN Q 345 20.27 -40.04 16.11
C ASN Q 345 19.92 -38.72 16.78
N VAL Q 346 20.87 -38.13 17.50
CA VAL Q 346 20.57 -36.87 18.18
C VAL Q 346 20.27 -35.78 17.15
N THR Q 347 21.10 -35.68 16.12
CA THR Q 347 20.89 -34.68 15.10
C THR Q 347 19.57 -34.91 14.39
N ALA Q 348 19.22 -36.17 14.16
CA ALA Q 348 17.96 -36.48 13.50
C ALA Q 348 16.77 -36.05 14.35
N VAL Q 349 16.85 -36.27 15.66
CA VAL Q 349 15.74 -35.85 16.52
C VAL Q 349 15.57 -34.35 16.45
N ARG Q 350 16.69 -33.62 16.58
CA ARG Q 350 16.59 -32.16 16.57
C ARG Q 350 16.08 -31.65 15.23
N GLN Q 351 16.55 -32.22 14.12
CA GLN Q 351 16.07 -31.80 12.81
C GLN Q 351 14.61 -32.17 12.62
N GLU Q 352 14.21 -33.35 13.09
CA GLU Q 352 12.83 -33.81 12.96
C GLU Q 352 11.88 -32.83 13.62
N TYR Q 353 12.20 -32.42 14.84
CA TYR Q 353 11.28 -31.63 15.65
C TYR Q 353 11.61 -30.14 15.68
N ALA Q 354 12.54 -29.68 14.84
CA ALA Q 354 12.78 -28.25 14.65
C ALA Q 354 13.11 -27.56 15.95
N ILE Q 355 14.04 -28.14 16.70
CA ILE Q 355 14.45 -27.55 17.98
C ILE Q 355 15.16 -26.23 17.71
N PRO Q 356 14.84 -25.14 18.40
CA PRO Q 356 15.62 -23.92 18.20
C PRO Q 356 17.06 -24.11 18.62
N VAL Q 357 17.95 -23.38 17.94
CA VAL Q 357 19.37 -23.47 18.26
C VAL Q 357 19.58 -23.03 19.70
N GLY Q 358 20.12 -23.92 20.51
CA GLY Q 358 20.23 -23.70 21.93
C GLY Q 358 21.50 -22.96 22.30
N PRO Q 359 21.77 -22.86 23.60
CA PRO Q 359 22.97 -22.14 24.04
C PRO Q 359 24.28 -22.82 23.66
N VAL Q 360 24.41 -24.11 23.95
CA VAL Q 360 25.74 -24.73 23.97
C VAL Q 360 26.10 -25.36 22.62
N PHE Q 361 25.22 -26.15 22.03
CA PHE Q 361 25.59 -26.81 20.79
C PHE Q 361 25.49 -25.83 19.62
N PRO Q 362 26.25 -26.05 18.54
CA PRO Q 362 26.12 -25.19 17.37
C PRO Q 362 24.87 -25.54 16.58
N PRO Q 363 24.49 -24.73 15.61
CA PRO Q 363 23.26 -25.01 14.86
C PRO Q 363 23.38 -26.32 14.08
N GLY Q 364 22.28 -27.05 14.02
CA GLY Q 364 22.27 -28.31 13.29
C GLY Q 364 23.19 -29.37 13.85
N MET Q 365 23.65 -29.20 15.09
CA MET Q 365 24.59 -30.13 15.71
C MET Q 365 25.79 -30.37 14.80
N ASN Q 366 26.25 -29.31 14.17
CA ASN Q 366 27.31 -29.39 13.18
C ASN Q 366 28.59 -29.94 13.80
N TRP Q 367 28.96 -31.16 13.45
CA TRP Q 367 30.00 -31.85 14.20
C TRP Q 367 31.35 -31.17 14.06
N THR Q 368 31.66 -30.59 12.91
CA THR Q 368 32.95 -29.95 12.72
C THR Q 368 33.10 -28.78 13.67
N GLU Q 369 32.11 -27.90 13.72
CA GLU Q 369 32.16 -26.77 14.65
C GLU Q 369 31.98 -27.23 16.09
N LEU Q 370 31.42 -28.42 16.32
CA LEU Q 370 31.30 -28.93 17.67
C LEU Q 370 32.63 -29.42 18.20
N ILE Q 371 33.39 -30.14 17.37
CA ILE Q 371 34.68 -30.66 17.80
C ILE Q 371 35.77 -29.61 17.73
N THR Q 372 35.61 -28.56 16.91
CA THR Q 372 36.61 -27.49 16.89
C THR Q 372 36.73 -26.85 18.27
N ASN Q 373 35.59 -26.51 18.87
CA ASN Q 373 35.54 -25.94 20.22
C ASN Q 373 34.78 -26.92 21.10
N TYR Q 374 35.52 -27.61 21.97
CA TYR Q 374 35.00 -28.76 22.67
C TYR Q 374 35.04 -28.53 24.18
N SER Q 375 34.55 -27.37 24.61
CA SER Q 375 34.60 -26.92 26.00
C SER Q 375 34.06 -27.98 26.95
N PRO Q 376 34.42 -27.93 28.23
CA PRO Q 376 33.94 -28.98 29.15
C PRO Q 376 32.42 -29.04 29.26
N SER Q 377 31.73 -27.90 29.24
CA SER Q 377 30.27 -27.93 29.28
C SER Q 377 29.71 -28.61 28.04
N ARG Q 378 30.27 -28.30 26.88
CA ARG Q 378 29.81 -28.93 25.65
C ARG Q 378 30.07 -30.43 25.69
N GLU Q 379 31.23 -30.85 26.21
CA GLU Q 379 31.50 -32.27 26.33
C GLU Q 379 30.52 -32.93 27.28
N ASP Q 380 30.20 -32.28 28.39
CA ASP Q 380 29.26 -32.85 29.35
C ASP Q 380 27.90 -33.05 28.71
N ASN Q 381 27.40 -32.02 28.04
CA ASN Q 381 26.10 -32.15 27.37
C ASN Q 381 26.15 -33.21 26.30
N LEU Q 382 27.25 -33.29 25.56
CA LEU Q 382 27.35 -34.27 24.48
C LEU Q 382 27.31 -35.67 25.05
N GLN Q 383 28.03 -35.92 26.15
CA GLN Q 383 28.00 -37.24 26.75
C GLN Q 383 26.60 -37.58 27.26
N ARG Q 384 25.92 -36.62 27.87
CA ARG Q 384 24.57 -36.87 28.34
C ARG Q 384 23.65 -37.27 27.19
N VAL Q 385 23.62 -36.46 26.13
CA VAL Q 385 22.71 -36.76 25.04
C VAL Q 385 23.12 -38.04 24.33
N PHE Q 386 24.41 -38.36 24.29
CA PHE Q 386 24.83 -39.60 23.64
C PHE Q 386 24.37 -40.82 24.43
N THR Q 387 24.52 -40.79 25.76
CA THR Q 387 24.05 -41.94 26.52
C THR Q 387 22.53 -42.07 26.44
N VAL Q 388 21.83 -40.93 26.40
CA VAL Q 388 20.39 -40.99 26.22
C VAL Q 388 20.05 -41.58 24.86
N ALA Q 389 20.79 -41.19 23.82
CA ALA Q 389 20.52 -41.70 22.49
C ALA Q 389 20.77 -43.19 22.41
N SER Q 390 21.80 -43.68 23.09
CA SER Q 390 22.03 -45.12 23.11
C SER Q 390 20.89 -45.83 23.83
N ILE Q 391 20.42 -45.26 24.94
CA ILE Q 391 19.27 -45.83 25.63
C ILE Q 391 18.07 -45.91 24.68
N ARG Q 392 17.84 -44.84 23.92
CA ARG Q 392 16.72 -44.86 22.98
C ARG Q 392 16.92 -45.94 21.93
N SER Q 393 18.13 -46.01 21.36
CA SER Q 393 18.37 -46.98 20.30
C SER Q 393 18.31 -48.41 20.80
N MET Q 394 18.36 -48.63 22.11
CA MET Q 394 18.08 -49.98 22.61
C MET Q 394 16.71 -50.46 22.18
N LEU Q 395 15.74 -49.56 22.05
CA LEU Q 395 14.35 -49.92 21.77
C LEU Q 395 13.85 -49.47 20.41
N ILE Q 396 14.30 -48.32 19.91
CA ILE Q 396 13.73 -47.70 18.72
C ILE Q 396 14.80 -47.62 17.66
N LYS Q 397 14.53 -48.23 16.51
CA LYS Q 397 15.40 -48.14 15.34
C LYS Q 397 14.55 -47.88 14.11
N MET R 1 43.81 -70.35 32.35
CA MET R 1 43.40 -69.06 31.72
C MET R 1 41.89 -68.92 31.65
N GLU R 2 41.20 -70.04 31.54
CA GLU R 2 39.74 -69.99 31.67
C GLU R 2 39.37 -69.41 33.02
N VAL R 3 40.16 -69.72 34.05
CA VAL R 3 39.93 -69.13 35.36
C VAL R 3 40.10 -67.62 35.29
N LEU R 4 41.12 -67.14 34.59
CA LEU R 4 41.29 -65.69 34.48
C LEU R 4 40.11 -65.05 33.77
N TYR R 5 39.63 -65.68 32.71
CA TYR R 5 38.45 -65.13 32.05
C TYR R 5 37.24 -65.14 32.97
N SER R 6 37.09 -66.20 33.77
CA SER R 6 35.93 -66.27 34.65
C SER R 6 36.01 -65.21 35.74
N LEU R 7 37.20 -64.98 36.29
CA LEU R 7 37.38 -63.86 37.20
C LEU R 7 36.97 -62.56 36.54
N SER R 8 37.47 -62.30 35.33
CA SER R 8 37.12 -61.05 34.67
C SER R 8 35.63 -60.95 34.44
N LYS R 9 35.01 -62.04 34.01
CA LYS R 9 33.58 -62.02 33.72
C LYS R 9 32.78 -61.74 34.98
N THR R 10 33.11 -62.40 36.09
CA THR R 10 32.31 -62.20 37.28
C THR R 10 32.54 -60.82 37.88
N LEU R 11 33.73 -60.25 37.71
CA LEU R 11 33.91 -58.86 38.16
C LEU R 11 33.14 -57.89 37.28
N LYS R 12 33.15 -58.10 35.97
CA LYS R 12 32.37 -57.25 35.10
C LYS R 12 30.89 -57.35 35.43
N ASP R 13 30.41 -58.57 35.68
CA ASP R 13 29.01 -58.76 36.03
C ASP R 13 28.70 -58.28 37.44
N ALA R 14 29.69 -58.19 38.33
CA ALA R 14 29.44 -57.59 39.63
C ALA R 14 29.32 -56.09 39.53
N ARG R 15 30.21 -55.44 38.79
CA ARG R 15 30.09 -54.01 38.58
C ARG R 15 28.83 -53.68 37.78
N ASP R 16 28.35 -54.63 36.98
CA ASP R 16 27.15 -54.43 36.19
C ASP R 16 25.88 -54.68 36.98
N LYS R 17 25.68 -55.92 37.43
CA LYS R 17 24.41 -56.30 38.05
C LYS R 17 24.23 -55.67 39.41
N ILE R 18 25.25 -55.73 40.26
CA ILE R 18 25.10 -55.32 41.64
C ILE R 18 25.14 -53.80 41.71
N VAL R 19 23.96 -53.19 41.60
CA VAL R 19 23.80 -51.74 41.68
C VAL R 19 22.69 -51.46 42.66
N GLU R 20 22.71 -50.26 43.23
CA GLU R 20 21.78 -49.91 44.29
C GLU R 20 20.35 -50.00 43.81
N GLY R 21 19.50 -50.65 44.61
CA GLY R 21 18.08 -50.70 44.36
C GLY R 21 17.61 -51.85 43.51
N THR R 22 18.51 -52.61 42.91
CA THR R 22 18.08 -53.73 42.09
C THR R 22 17.63 -54.88 42.98
N LEU R 23 16.73 -55.69 42.45
CA LEU R 23 16.20 -56.80 43.22
C LEU R 23 17.26 -57.85 43.45
N TYR R 24 17.13 -58.55 44.58
CA TYR R 24 18.02 -59.67 44.85
C TYR R 24 17.78 -60.83 43.90
N SER R 25 16.58 -60.94 43.34
CA SER R 25 16.32 -62.00 42.37
C SER R 25 17.13 -61.80 41.11
N ASN R 26 17.50 -60.56 40.80
CA ASN R 26 18.31 -60.30 39.61
C ASN R 26 19.71 -60.84 39.76
N VAL R 27 20.23 -60.92 40.99
CA VAL R 27 21.65 -61.16 41.20
C VAL R 27 21.90 -62.29 42.19
N SER R 28 20.89 -63.13 42.46
CA SER R 28 21.13 -64.27 43.34
C SER R 28 22.22 -65.18 42.79
N ASP R 29 22.10 -65.57 41.53
CA ASP R 29 23.09 -66.47 40.95
C ASP R 29 24.45 -65.81 40.90
N LEU R 30 24.50 -64.52 40.56
CA LEU R 30 25.78 -63.83 40.54
C LEU R 30 26.39 -63.75 41.92
N ILE R 31 25.57 -63.62 42.96
CA ILE R 31 26.12 -63.57 44.30
C ILE R 31 26.70 -64.92 44.68
N GLN R 32 26.05 -66.01 44.26
CA GLN R 32 26.65 -67.32 44.50
C GLN R 32 27.98 -67.45 43.79
N GLN R 33 28.06 -67.00 42.53
CA GLN R 33 29.32 -67.04 41.80
C GLN R 33 30.38 -66.20 42.49
N PHE R 34 30.00 -65.01 42.96
CA PHE R 34 30.93 -64.12 43.65
C PHE R 34 31.47 -64.77 44.92
N ASN R 35 30.60 -65.40 45.69
CA ASN R 35 31.05 -66.03 46.93
C ASN R 35 31.95 -67.21 46.63
N GLN R 36 31.66 -67.97 45.56
CA GLN R 36 32.58 -69.04 45.19
C GLN R 36 33.95 -68.48 44.82
N MET R 37 33.97 -67.39 44.06
CA MET R 37 35.23 -66.76 43.70
C MET R 37 36.01 -66.37 44.95
N ILE R 38 35.33 -65.72 45.91
CA ILE R 38 36.01 -65.24 47.10
C ILE R 38 36.54 -66.40 47.92
N VAL R 39 35.74 -67.45 48.09
CA VAL R 39 36.19 -68.57 48.92
C VAL R 39 37.37 -69.28 48.26
N THR R 40 37.37 -69.37 46.93
CA THR R 40 38.47 -70.04 46.26
C THR R 40 39.74 -69.20 46.30
N MET R 41 39.60 -67.87 46.23
CA MET R 41 40.77 -67.00 46.19
C MET R 41 41.33 -66.68 47.57
N ASN R 42 40.56 -66.88 48.64
CA ASN R 42 41.04 -66.55 49.96
C ASN R 42 42.25 -67.40 50.34
N GLY R 43 43.16 -66.81 51.11
CA GLY R 43 44.30 -67.55 51.60
C GLY R 43 45.29 -67.93 50.54
N ASN R 44 45.33 -67.21 49.42
CA ASN R 44 46.31 -67.42 48.37
C ASN R 44 47.05 -66.12 48.13
N ASP R 45 48.37 -66.21 48.04
CA ASP R 45 49.23 -65.05 47.81
C ASP R 45 49.73 -65.11 46.37
N PHE R 46 49.60 -63.99 45.67
CA PHE R 46 50.03 -63.89 44.28
C PHE R 46 51.10 -62.80 44.17
N GLN R 47 52.07 -63.04 43.30
CA GLN R 47 53.09 -62.05 42.99
C GLN R 47 53.03 -61.75 41.50
N THR R 48 53.10 -60.46 41.17
CA THR R 48 52.94 -60.00 39.81
C THR R 48 54.03 -59.00 39.47
N GLY R 49 54.43 -58.99 38.21
CA GLY R 49 55.43 -58.06 37.74
C GLY R 49 56.84 -58.55 37.96
N GLY R 50 57.79 -57.73 37.52
CA GLY R 50 59.20 -58.05 37.62
C GLY R 50 59.90 -58.07 36.26
N ILE R 51 59.25 -57.55 35.23
CA ILE R 51 59.79 -57.50 33.88
C ILE R 51 59.88 -56.03 33.49
N GLY R 52 61.07 -55.58 33.14
CA GLY R 52 61.24 -54.19 32.74
C GLY R 52 60.86 -53.25 33.86
N ASN R 53 60.01 -52.28 33.54
CA ASN R 53 59.55 -51.30 34.50
C ASN R 53 58.29 -51.74 35.24
N LEU R 54 57.76 -52.92 34.95
CA LEU R 54 56.52 -53.35 35.58
C LEU R 54 56.78 -53.62 37.06
N PRO R 55 56.15 -52.90 37.99
CA PRO R 55 56.53 -53.05 39.40
C PRO R 55 56.18 -54.42 39.95
N ILE R 56 56.93 -54.83 40.96
CA ILE R 56 56.58 -56.01 41.74
C ILE R 56 55.43 -55.67 42.66
N ARG R 57 54.39 -56.50 42.64
CA ARG R 57 53.22 -56.33 43.49
C ARG R 57 52.87 -57.67 44.14
N ASN R 58 52.42 -57.61 45.38
CA ASN R 58 51.96 -58.78 46.12
C ASN R 58 50.50 -58.59 46.47
N TRP R 59 49.69 -59.61 46.20
CA TRP R 59 48.28 -59.61 46.48
C TRP R 59 47.96 -60.73 47.45
N THR R 60 47.30 -60.39 48.55
CA THR R 60 46.79 -61.37 49.49
C THR R 60 45.30 -61.13 49.63
N PHE R 61 44.52 -62.22 49.56
CA PHE R 61 43.07 -62.15 49.53
C PHE R 61 42.52 -62.59 50.87
N ASP R 62 41.77 -61.72 51.53
CA ASP R 62 40.99 -62.08 52.71
C ASP R 62 39.76 -61.17 52.69
N PHE R 63 38.67 -61.68 52.10
CA PHE R 63 37.44 -60.94 51.97
C PHE R 63 36.30 -61.79 52.49
N GLY R 64 35.22 -61.11 52.86
CA GLY R 64 34.07 -61.78 53.43
C GLY R 64 33.02 -62.11 52.39
N LEU R 65 32.33 -63.22 52.60
CA LEU R 65 31.24 -63.60 51.72
C LEU R 65 30.11 -62.60 51.86
N LEU R 66 29.42 -62.34 50.75
CA LEU R 66 28.29 -61.43 50.77
C LEU R 66 27.06 -62.12 51.33
N GLY R 67 26.38 -61.45 52.26
CA GLY R 67 25.20 -62.01 52.87
C GLY R 67 24.03 -62.07 51.89
N THR R 68 22.99 -62.81 52.31
CA THR R 68 21.84 -63.05 51.46
C THR R 68 20.51 -62.78 52.17
N THR R 69 20.53 -62.02 53.26
CA THR R 69 19.32 -61.78 54.04
C THR R 69 18.42 -60.72 53.41
N LEU R 70 18.85 -60.07 52.33
CA LEU R 70 18.24 -58.84 51.85
C LEU R 70 17.29 -59.10 50.69
N LEU R 71 16.21 -58.33 50.64
CA LEU R 71 15.19 -58.47 49.59
C LEU R 71 15.38 -57.50 48.44
N ASN R 72 16.06 -56.39 48.64
CA ASN R 72 16.31 -55.42 47.59
C ASN R 72 17.57 -54.66 47.93
N LEU R 73 18.52 -54.62 47.01
CA LEU R 73 19.87 -54.19 47.36
C LEU R 73 19.88 -52.71 47.76
N ASP R 74 20.62 -52.42 48.83
CA ASP R 74 20.76 -51.08 49.38
C ASP R 74 22.25 -50.72 49.41
N ALA R 75 22.54 -49.49 49.82
CA ALA R 75 23.88 -48.94 49.66
C ALA R 75 24.92 -49.73 50.44
N ASN R 76 24.55 -50.28 51.59
CA ASN R 76 25.50 -51.08 52.36
C ASN R 76 26.03 -52.24 51.52
N TYR R 77 25.12 -53.00 50.93
CA TYR R 77 25.50 -54.11 50.07
C TYR R 77 26.39 -53.64 48.93
N VAL R 78 25.97 -52.56 48.27
CA VAL R 78 26.73 -52.04 47.14
C VAL R 78 28.11 -51.61 47.58
N GLU R 79 28.22 -50.99 48.75
CA GLU R 79 29.53 -50.50 49.17
C GLU R 79 30.49 -51.63 49.50
N THR R 80 30.03 -52.65 50.22
CA THR R 80 30.91 -53.79 50.48
C THR R 80 31.34 -54.46 49.18
N ALA R 81 30.39 -54.73 48.31
CA ALA R 81 30.73 -55.38 47.04
C ALA R 81 31.67 -54.52 46.23
N ARG R 82 31.49 -53.20 46.28
CA ARG R 82 32.31 -52.30 45.50
C ARG R 82 33.75 -52.30 45.99
N THR R 83 33.94 -52.27 47.31
CA THR R 83 35.32 -52.25 47.81
C THR R 83 36.01 -53.58 47.59
N THR R 84 35.27 -54.68 47.51
CA THR R 84 35.92 -55.93 47.10
C THR R 84 36.22 -55.93 45.60
N ILE R 85 35.28 -55.43 44.81
CA ILE R 85 35.40 -55.49 43.35
C ILE R 85 36.57 -54.65 42.89
N GLU R 86 36.82 -53.51 43.53
CA GLU R 86 37.91 -52.66 43.08
C GLU R 86 39.25 -53.36 43.24
N TYR R 87 39.48 -53.97 44.39
CA TYR R 87 40.72 -54.71 44.61
C TYR R 87 40.85 -55.84 43.61
N PHE R 88 39.77 -56.60 43.40
CA PHE R 88 39.86 -57.70 42.45
C PHE R 88 40.13 -57.20 41.04
N ILE R 89 39.53 -56.09 40.64
CA ILE R 89 39.74 -55.56 39.30
C ILE R 89 41.19 -55.17 39.14
N ASP R 90 41.78 -54.54 40.15
CA ASP R 90 43.18 -54.16 40.04
C ASP R 90 44.06 -55.41 39.94
N PHE R 91 43.71 -56.46 40.70
CA PHE R 91 44.49 -57.69 40.63
C PHE R 91 44.44 -58.29 39.23
N ILE R 92 43.25 -58.35 38.64
CA ILE R 92 43.11 -58.95 37.32
C ILE R 92 43.82 -58.10 36.28
N ASP R 93 43.74 -56.78 36.42
CA ASP R 93 44.46 -55.91 35.51
C ASP R 93 45.94 -56.18 35.57
N ASN R 94 46.49 -56.31 36.78
CA ASN R 94 47.92 -56.55 36.90
C ASN R 94 48.30 -57.91 36.35
N VAL R 95 47.48 -58.94 36.58
CA VAL R 95 47.81 -60.27 36.08
C VAL R 95 47.83 -60.27 34.56
N CYS R 96 46.81 -59.68 33.93
CA CYS R 96 46.76 -59.63 32.48
C CYS R 96 47.91 -58.79 31.93
N MET R 97 48.19 -57.67 32.56
CA MET R 97 49.27 -56.79 32.13
C MET R 97 50.61 -57.51 32.23
N ASP R 98 50.74 -58.41 33.20
CA ASP R 98 51.99 -59.16 33.36
C ASP R 98 52.09 -60.29 32.34
N GLU R 99 50.97 -60.94 32.03
CA GLU R 99 50.99 -62.03 31.08
C GLU R 99 51.08 -61.57 29.64
N MET R 100 50.74 -60.31 29.37
CA MET R 100 50.87 -59.81 27.99
C MET R 100 52.32 -59.63 27.58
N VAL R 101 53.26 -59.58 28.52
CA VAL R 101 54.62 -59.17 28.24
C VAL R 101 55.61 -60.32 28.42
N ARG R 102 55.18 -61.55 28.16
CA ARG R 102 56.03 -62.73 28.30
C ARG R 102 55.80 -63.65 27.11
N GLU R 103 56.83 -64.42 26.76
CA GLU R 103 56.75 -65.35 25.64
C GLU R 103 57.63 -66.55 25.92
N SER R 104 57.56 -67.53 25.01
CA SER R 104 58.47 -68.66 25.02
C SER R 104 58.52 -69.23 23.62
N GLN R 105 59.71 -69.57 23.15
CA GLN R 105 59.82 -70.28 21.88
C GLN R 105 59.08 -71.61 21.94
N ARG R 106 59.21 -72.31 23.05
CA ARG R 106 58.65 -73.65 23.21
C ARG R 106 57.42 -73.58 24.09
N ASN R 107 56.31 -74.16 23.60
CA ASN R 107 55.06 -74.22 24.33
C ASN R 107 54.54 -72.81 24.64
N GLY R 108 54.26 -72.06 23.57
CA GLY R 108 53.75 -70.71 23.74
C GLY R 108 52.34 -70.66 24.25
N VAL R 109 51.54 -71.69 24.02
CA VAL R 109 50.17 -71.69 24.50
C VAL R 109 50.13 -71.76 26.01
N ALA R 110 51.03 -72.51 26.62
CA ALA R 110 50.97 -72.76 28.05
C ALA R 110 51.19 -71.45 28.81
N PRO R 111 50.71 -71.36 30.05
CA PRO R 111 50.81 -70.09 30.78
C PRO R 111 52.25 -69.68 31.06
N GLN R 112 52.49 -68.38 30.99
CA GLN R 112 53.63 -67.71 31.60
C GLN R 112 53.11 -67.03 32.87
N SER R 113 53.90 -66.13 33.45
CA SER R 113 53.37 -65.29 34.52
C SER R 113 52.94 -66.10 35.74
N GLU R 114 53.91 -66.49 36.56
CA GLU R 114 53.71 -67.40 37.69
C GLU R 114 52.41 -67.19 38.46
N ALA R 115 51.91 -65.96 38.54
CA ALA R 115 50.57 -65.75 39.09
C ALA R 115 49.53 -66.51 38.29
N LEU R 116 49.51 -66.32 36.98
CA LEU R 116 48.50 -67.01 36.17
C LEU R 116 48.83 -68.49 36.07
N ARG R 117 50.11 -68.84 36.16
CA ARG R 117 50.47 -70.26 36.26
C ARG R 117 49.83 -70.89 37.50
N LYS R 118 49.85 -70.18 38.61
CA LYS R 118 49.17 -70.66 39.81
C LYS R 118 47.66 -70.74 39.60
N LEU R 119 47.08 -69.72 38.95
CA LEU R 119 45.65 -69.75 38.69
C LEU R 119 45.26 -70.97 37.87
N ALA R 120 46.12 -71.40 36.98
CA ALA R 120 45.87 -72.61 36.20
C ALA R 120 45.97 -73.89 37.03
N GLY R 121 46.17 -73.83 38.34
CA GLY R 121 46.22 -75.03 39.14
C GLY R 121 44.87 -75.70 39.24
N ILE R 122 44.79 -76.63 40.19
CA ILE R 122 43.59 -77.45 40.35
C ILE R 122 42.57 -76.80 41.28
N LYS R 123 43.04 -76.14 42.34
CA LYS R 123 42.11 -75.62 43.34
C LYS R 123 41.27 -74.47 42.82
N PHE R 124 41.61 -73.88 41.67
CA PHE R 124 40.90 -72.75 41.12
C PHE R 124 39.89 -73.13 40.05
N LYS R 125 39.71 -74.42 39.77
CA LYS R 125 38.72 -74.81 38.77
C LYS R 125 37.32 -74.39 39.17
N ARG R 126 37.05 -74.27 40.46
CA ARG R 126 35.70 -73.94 40.91
C ARG R 126 35.25 -72.55 40.45
N ILE R 127 36.19 -71.70 39.99
CA ILE R 127 35.86 -70.34 39.58
C ILE R 127 35.40 -70.25 38.13
N ASN R 128 35.55 -71.31 37.34
CA ASN R 128 35.13 -71.30 35.95
C ASN R 128 33.64 -70.98 35.85
N PHE R 129 33.30 -69.81 35.30
CA PHE R 129 31.93 -69.30 35.34
C PHE R 129 31.20 -69.51 34.01
N ASN R 130 31.68 -68.88 32.94
CA ASN R 130 31.24 -69.23 31.60
C ASN R 130 32.25 -68.64 30.63
N ASN R 131 32.20 -69.11 29.39
CA ASN R 131 33.17 -68.75 28.36
C ASN R 131 32.37 -68.36 27.12
N SER R 132 31.93 -67.10 27.08
CA SER R 132 31.03 -66.64 26.05
C SER R 132 31.67 -65.73 25.02
N SER R 133 32.68 -64.94 25.41
CA SER R 133 33.32 -64.03 24.47
C SER R 133 33.96 -64.82 23.35
N GLU R 134 34.10 -64.19 22.19
CA GLU R 134 34.60 -64.93 21.02
C GLU R 134 36.03 -65.39 21.23
N TYR R 135 36.86 -64.59 21.88
CA TYR R 135 38.26 -64.96 22.02
C TYR R 135 38.42 -66.15 22.96
N ILE R 136 37.75 -66.12 24.11
CA ILE R 136 37.86 -67.25 25.03
C ILE R 136 37.15 -68.47 24.46
N GLU R 137 36.09 -68.26 23.68
CA GLU R 137 35.41 -69.40 23.07
C GLU R 137 36.33 -70.09 22.07
N ASN R 138 37.02 -69.32 21.23
CA ASN R 138 37.97 -69.93 20.31
C ASN R 138 39.14 -70.54 21.05
N TRP R 139 39.54 -69.95 22.17
CA TRP R 139 40.56 -70.56 23.01
C TRP R 139 40.13 -71.96 23.44
N ASN R 140 38.92 -72.08 23.96
CA ASN R 140 38.44 -73.38 24.42
C ASN R 140 38.30 -74.36 23.26
N LEU R 141 37.86 -73.86 22.10
CA LEU R 141 37.73 -74.74 20.94
C LEU R 141 39.07 -75.29 20.53
N GLN R 142 40.10 -74.44 20.49
CA GLN R 142 41.44 -74.94 20.19
C GLN R 142 41.89 -75.93 21.25
N ASN R 143 41.55 -75.66 22.51
CA ASN R 143 41.98 -76.54 23.59
C ASN R 143 41.40 -77.94 23.41
N ARG R 144 40.12 -78.04 23.07
CA ARG R 144 39.48 -79.32 22.72
C ARG R 144 39.33 -79.33 21.20
N ARG R 145 40.30 -79.92 20.53
CA ARG R 145 40.60 -79.71 19.11
C ARG R 145 39.35 -79.67 18.25
N GLN R 146 39.10 -78.52 17.63
CA GLN R 146 37.87 -78.31 16.89
C GLN R 146 38.00 -77.00 16.12
N ARG R 147 37.40 -76.96 14.94
CA ARG R 147 37.62 -75.85 14.03
C ARG R 147 37.08 -74.57 14.63
N THR R 148 37.88 -73.52 14.58
CA THR R 148 37.57 -72.23 15.19
C THR R 148 37.48 -71.16 14.11
N GLY R 149 37.34 -69.91 14.53
CA GLY R 149 37.32 -68.82 13.58
C GLY R 149 37.06 -67.49 14.24
N PHE R 150 37.84 -66.49 13.88
CA PHE R 150 37.67 -65.13 14.32
C PHE R 150 37.15 -64.31 13.14
N VAL R 151 36.14 -63.50 13.39
CA VAL R 151 35.58 -62.62 12.37
C VAL R 151 36.29 -61.28 12.45
N PHE R 152 36.84 -60.83 11.32
CA PHE R 152 37.63 -59.61 11.25
C PHE R 152 37.03 -58.67 10.23
N HIS R 153 37.13 -57.38 10.52
CA HIS R 153 36.68 -56.31 9.64
C HIS R 153 37.93 -55.58 9.16
N LYS R 154 38.21 -55.69 7.87
CA LYS R 154 39.45 -55.17 7.27
C LYS R 154 40.65 -55.78 7.96
N PRO R 155 40.85 -57.08 7.87
CA PRO R 155 41.98 -57.70 8.58
C PRO R 155 43.31 -57.33 7.95
N ASN R 156 44.25 -56.89 8.80
CA ASN R 156 45.58 -56.52 8.35
C ASN R 156 46.38 -57.80 8.12
N ILE R 157 46.12 -58.44 6.99
CA ILE R 157 46.74 -59.72 6.67
C ILE R 157 47.90 -59.51 5.70
N PHE R 158 47.84 -58.46 4.91
CA PHE R 158 48.94 -58.16 3.99
C PHE R 158 50.03 -57.38 4.71
N PRO R 159 51.28 -57.83 4.70
CA PRO R 159 52.35 -56.95 5.17
C PRO R 159 52.42 -55.72 4.29
N TYR R 160 52.80 -54.60 4.89
CA TYR R 160 53.05 -53.42 4.07
C TYR R 160 54.20 -53.72 3.12
N SER R 161 53.93 -53.66 1.82
CA SER R 161 54.94 -53.99 0.84
C SER R 161 54.58 -53.23 -0.44
N ALA R 162 55.39 -52.24 -0.79
CA ALA R 162 55.24 -51.49 -2.03
C ALA R 162 56.49 -51.68 -2.87
N SER R 163 56.32 -52.14 -4.10
CA SER R 163 57.47 -52.45 -4.95
C SER R 163 57.00 -52.57 -6.39
N PHE R 164 57.89 -53.05 -7.25
CA PHE R 164 57.57 -53.19 -8.67
C PHE R 164 58.55 -54.16 -9.31
N THR R 165 58.09 -54.81 -10.37
CA THR R 165 58.93 -55.63 -11.22
C THR R 165 58.86 -55.09 -12.64
N LEU R 166 59.98 -55.17 -13.35
CA LEU R 166 60.11 -54.69 -14.72
C LEU R 166 60.44 -55.88 -15.60
N ASN R 167 59.43 -56.38 -16.32
CA ASN R 167 59.68 -57.48 -17.24
C ASN R 167 60.51 -57.02 -18.43
N ARG R 168 60.46 -55.75 -18.78
CA ARG R 168 61.26 -55.19 -19.85
C ARG R 168 61.83 -53.87 -19.37
N SER R 169 63.16 -53.77 -19.33
CA SER R 169 63.83 -52.61 -18.79
C SER R 169 65.05 -52.28 -19.63
N GLN R 170 65.42 -51.00 -19.62
CA GLN R 170 66.65 -50.51 -20.19
C GLN R 170 67.30 -49.58 -19.20
N PRO R 171 68.63 -49.40 -19.25
CA PRO R 171 69.29 -48.55 -18.26
C PRO R 171 68.86 -47.09 -18.35
N MET R 172 68.31 -46.65 -19.47
CA MET R 172 67.78 -45.30 -19.58
C MET R 172 66.34 -45.18 -19.10
N HIS R 173 65.63 -46.29 -18.92
CA HIS R 173 64.30 -46.27 -18.32
C HIS R 173 63.34 -45.35 -19.08
N ASP R 174 63.11 -45.69 -20.35
CA ASP R 174 62.12 -44.99 -21.14
C ASP R 174 61.28 -45.90 -22.02
N ASN R 175 61.52 -47.21 -22.01
CA ASN R 175 60.61 -48.19 -22.61
C ASN R 175 60.50 -49.29 -21.58
N LEU R 176 59.58 -49.13 -20.63
CA LEU R 176 59.40 -50.05 -19.53
C LEU R 176 58.10 -50.81 -19.69
N MET R 177 58.04 -51.97 -19.04
CA MET R 177 56.82 -52.75 -18.99
C MET R 177 56.92 -53.63 -17.75
N GLY R 178 55.86 -53.67 -16.96
CA GLY R 178 55.92 -54.45 -15.74
C GLY R 178 54.74 -54.15 -14.85
N THR R 179 54.93 -54.38 -13.56
CA THR R 179 53.88 -54.19 -12.58
C THR R 179 54.43 -53.41 -11.38
N MET R 180 53.56 -52.60 -10.78
CA MET R 180 53.81 -52.00 -9.49
C MET R 180 52.70 -52.47 -8.56
N TRP R 181 53.01 -52.68 -7.29
CA TRP R 181 52.00 -53.14 -6.37
C TRP R 181 52.28 -52.64 -4.97
N LEU R 182 51.22 -52.25 -4.28
CA LEU R 182 51.23 -51.99 -2.84
C LEU R 182 50.21 -52.89 -2.20
N ASN R 183 50.67 -53.74 -1.29
CA ASN R 183 49.81 -54.53 -0.42
C ASN R 183 49.94 -53.96 0.98
N ALA R 184 48.85 -53.48 1.54
CA ALA R 184 48.90 -52.84 2.86
C ALA R 184 47.64 -53.15 3.63
N GLY R 185 47.80 -53.68 4.84
CA GLY R 185 46.66 -54.02 5.65
C GLY R 185 45.77 -54.99 4.93
N SER R 186 44.63 -54.51 4.45
CA SER R 186 43.65 -55.33 3.76
C SER R 186 43.35 -54.80 2.35
N GLU R 187 44.29 -54.12 1.73
CA GLU R 187 44.11 -53.58 0.38
C GLU R 187 45.28 -54.00 -0.49
N ILE R 188 44.97 -54.55 -1.66
CA ILE R 188 45.93 -54.75 -2.73
C ILE R 188 45.64 -53.71 -3.79
N GLN R 189 46.66 -53.01 -4.23
CA GLN R 189 46.55 -52.09 -5.36
C GLN R 189 47.68 -52.43 -6.30
N VAL R 190 47.35 -52.97 -7.47
CA VAL R 190 48.34 -53.44 -8.43
C VAL R 190 48.06 -52.79 -9.76
N ALA R 191 49.08 -52.19 -10.36
CA ALA R 191 48.97 -51.50 -11.63
C ALA R 191 50.04 -52.02 -12.56
N GLY R 192 49.63 -52.65 -13.66
CA GLY R 192 50.54 -53.06 -14.69
C GLY R 192 50.67 -51.95 -15.71
N PHE R 193 51.91 -51.59 -16.03
CA PHE R 193 52.18 -50.46 -16.91
C PHE R 193 53.03 -50.91 -18.07
N ASP R 194 52.94 -50.14 -19.15
CA ASP R 194 53.64 -50.39 -20.40
C ASP R 194 53.82 -49.05 -21.09
N TYR R 195 55.07 -48.72 -21.39
CA TYR R 195 55.33 -47.46 -22.06
C TYR R 195 54.97 -47.54 -23.53
N SER R 196 55.20 -48.70 -24.14
CA SER R 196 54.92 -48.91 -25.55
C SER R 196 53.43 -49.03 -25.85
N CYS R 197 52.58 -49.12 -24.84
CA CYS R 197 51.14 -49.31 -25.05
C CYS R 197 50.87 -50.56 -25.88
N ALA R 198 51.61 -51.62 -25.58
CA ALA R 198 51.40 -52.93 -26.21
C ALA R 198 51.55 -52.85 -27.73
N LEU R 199 52.52 -52.06 -28.18
CA LEU R 199 52.68 -51.88 -29.63
C LEU R 199 53.21 -53.14 -30.29
N ASN R 200 54.27 -53.75 -29.74
CA ASN R 200 54.87 -54.94 -30.31
C ASN R 200 54.55 -56.20 -29.53
N ALA R 201 53.57 -56.17 -28.64
CA ALA R 201 53.11 -57.37 -27.97
C ALA R 201 52.19 -58.15 -28.91
N PRO R 202 52.01 -59.46 -28.67
CA PRO R 202 51.13 -60.23 -29.55
C PRO R 202 49.69 -59.75 -29.49
N ALA R 203 49.11 -59.50 -30.66
CA ALA R 203 47.72 -59.09 -30.80
C ALA R 203 47.41 -57.78 -30.08
N ASN R 204 48.43 -56.95 -29.86
CA ASN R 204 48.26 -55.68 -29.14
C ASN R 204 47.69 -55.92 -27.75
N ILE R 205 48.07 -57.04 -27.15
CA ILE R 205 47.66 -57.44 -25.81
C ILE R 205 48.92 -57.65 -24.98
N GLN R 206 48.95 -57.06 -23.80
CA GLN R 206 50.01 -57.27 -22.83
C GLN R 206 49.39 -57.87 -21.57
N GLN R 207 49.99 -58.94 -21.06
CA GLN R 207 49.45 -59.70 -19.94
C GLN R 207 50.17 -59.31 -18.66
N PHE R 208 49.40 -59.03 -17.60
CA PHE R 208 49.93 -58.69 -16.30
C PHE R 208 49.36 -59.65 -15.27
N GLU R 209 50.23 -60.16 -14.40
CA GLU R 209 49.89 -61.15 -13.39
C GLU R 209 50.48 -60.72 -12.07
N HIS R 210 49.70 -60.83 -11.01
CA HIS R 210 50.16 -60.57 -9.65
C HIS R 210 49.66 -61.68 -8.74
N ILE R 211 50.57 -62.25 -7.95
CA ILE R 211 50.26 -63.35 -7.05
C ILE R 211 50.51 -62.86 -5.63
N VAL R 212 49.47 -62.87 -4.80
CA VAL R 212 49.56 -62.45 -3.41
C VAL R 212 49.19 -63.64 -2.54
N GLN R 213 50.18 -64.26 -1.93
CA GLN R 213 49.97 -65.46 -1.13
C GLN R 213 49.81 -65.06 0.33
N LEU R 214 48.60 -65.23 0.86
CA LEU R 214 48.36 -64.89 2.24
C LEU R 214 49.19 -65.78 3.16
N ARG R 215 49.52 -65.26 4.33
CA ARG R 215 50.25 -66.06 5.30
C ARG R 215 49.39 -67.17 5.85
N ARG R 216 48.15 -66.86 6.21
CA ARG R 216 47.16 -67.82 6.65
C ARG R 216 45.92 -67.65 5.77
N ALA R 217 45.19 -68.74 5.59
CA ALA R 217 44.05 -68.74 4.70
C ALA R 217 42.85 -68.07 5.37
N LEU R 218 42.23 -67.13 4.67
CA LEU R 218 40.99 -66.52 5.12
C LEU R 218 39.82 -67.41 4.72
N THR R 219 38.62 -66.98 5.13
CA THR R 219 37.43 -67.78 4.89
C THR R 219 36.22 -66.87 4.83
N THR R 220 35.29 -67.18 3.92
CA THR R 220 34.05 -66.41 3.72
C THR R 220 34.32 -64.92 3.67
N ALA R 221 35.28 -64.54 2.84
CA ALA R 221 35.70 -63.16 2.75
C ALA R 221 34.83 -62.38 1.78
N THR R 222 34.41 -61.19 2.20
CA THR R 222 33.78 -60.22 1.33
C THR R 222 34.85 -59.28 0.82
N ILE R 223 34.95 -59.14 -0.49
CA ILE R 223 36.05 -58.43 -1.13
C ILE R 223 35.47 -57.48 -2.16
N THR R 224 35.75 -56.19 -2.02
CA THR R 224 35.37 -55.22 -3.04
C THR R 224 36.51 -55.07 -4.03
N LEU R 225 36.18 -55.17 -5.31
CA LEU R 225 37.16 -55.10 -6.38
C LEU R 225 36.77 -53.92 -7.28
N LEU R 226 37.75 -53.11 -7.64
CA LEU R 226 37.52 -51.93 -8.46
C LEU R 226 38.65 -51.82 -9.48
N PRO R 227 38.42 -51.13 -10.60
CA PRO R 227 39.54 -50.84 -11.49
C PRO R 227 40.32 -49.61 -11.07
N ASP R 228 41.40 -49.31 -11.78
CA ASP R 228 42.06 -48.00 -11.71
C ASP R 228 42.56 -47.70 -10.29
N ALA R 229 43.56 -48.49 -9.88
CA ALA R 229 44.26 -48.23 -8.63
C ALA R 229 44.77 -46.79 -8.59
N GLU R 230 44.41 -46.07 -7.54
CA GLU R 230 44.69 -44.64 -7.49
C GLU R 230 46.16 -44.37 -7.23
N ARG R 231 46.78 -45.17 -6.36
CA ARG R 231 48.14 -44.86 -5.93
C ARG R 231 49.13 -44.88 -7.09
N PHE R 232 48.82 -45.62 -8.14
CA PHE R 232 49.69 -45.75 -9.30
C PHE R 232 49.04 -45.13 -10.52
N SER R 233 48.42 -43.96 -10.33
CA SER R 233 47.65 -43.31 -11.37
C SER R 233 48.05 -41.85 -11.57
N PHE R 234 49.15 -41.41 -10.98
CA PHE R 234 49.64 -40.04 -11.13
C PHE R 234 51.13 -40.09 -11.40
N PRO R 235 51.68 -39.04 -12.02
CA PRO R 235 53.12 -39.07 -12.32
C PRO R 235 53.95 -39.17 -11.06
N ARG R 236 55.05 -39.91 -11.17
CA ARG R 236 55.92 -40.13 -10.02
C ARG R 236 57.28 -40.57 -10.51
N VAL R 237 58.32 -40.18 -9.78
CA VAL R 237 59.69 -40.59 -10.07
C VAL R 237 60.07 -41.65 -9.06
N ILE R 238 60.41 -42.84 -9.54
CA ILE R 238 60.65 -44.01 -8.70
C ILE R 238 62.13 -44.34 -8.77
N ASN R 239 62.74 -44.58 -7.62
CA ASN R 239 64.13 -44.98 -7.62
C ASN R 239 64.29 -46.34 -8.28
N SER R 240 65.46 -46.57 -8.87
CA SER R 240 65.68 -47.76 -9.68
C SER R 240 65.62 -49.02 -8.82
N ALA R 241 65.77 -50.16 -9.50
CA ALA R 241 65.80 -51.42 -8.79
C ALA R 241 66.99 -51.48 -7.84
N ASP R 242 68.15 -51.01 -8.28
CA ASP R 242 69.37 -51.04 -7.49
C ASP R 242 69.60 -49.77 -6.69
N GLY R 243 68.75 -48.76 -6.85
CA GLY R 243 68.99 -47.48 -6.23
C GLY R 243 69.99 -46.61 -6.95
N ALA R 244 70.47 -47.04 -8.12
CA ALA R 244 71.47 -46.26 -8.84
C ALA R 244 70.92 -44.93 -9.31
N THR R 245 69.77 -44.96 -9.98
CA THR R 245 69.20 -43.78 -10.62
C THR R 245 67.72 -43.69 -10.26
N THR R 246 67.01 -42.80 -10.94
CA THR R 246 65.60 -42.57 -10.68
C THR R 246 64.90 -42.38 -12.01
N TRP R 247 63.79 -43.10 -12.22
CA TRP R 247 63.10 -43.10 -13.51
C TRP R 247 61.71 -42.51 -13.38
N PHE R 248 61.32 -41.75 -14.40
CA PHE R 248 60.02 -41.12 -14.44
C PHE R 248 58.94 -42.13 -14.77
N PHE R 249 57.72 -41.83 -14.35
CA PHE R 249 56.57 -42.67 -14.63
C PHE R 249 55.38 -41.74 -14.77
N ASN R 250 54.67 -41.86 -15.89
CA ASN R 250 53.70 -40.84 -16.31
C ASN R 250 52.42 -41.53 -16.76
N PRO R 251 51.59 -41.98 -15.82
CA PRO R 251 50.49 -42.87 -16.17
C PRO R 251 49.47 -42.24 -17.10
N ILE R 252 48.88 -43.10 -17.93
CA ILE R 252 47.60 -42.87 -18.59
C ILE R 252 46.78 -44.12 -18.34
N ILE R 253 45.66 -43.96 -17.64
CA ILE R 253 44.93 -45.10 -17.09
C ILE R 253 43.96 -45.62 -18.15
N LEU R 254 44.41 -46.61 -18.92
CA LEU R 254 43.53 -47.40 -19.74
C LEU R 254 42.68 -48.31 -18.87
N ARG R 255 41.62 -48.82 -19.47
CA ARG R 255 40.76 -49.76 -18.77
C ARG R 255 41.42 -51.14 -18.74
N PRO R 256 41.35 -51.87 -17.61
CA PRO R 256 41.88 -53.24 -17.60
C PRO R 256 40.87 -54.21 -18.18
N ASN R 257 41.15 -54.73 -19.36
CA ASN R 257 40.20 -55.61 -20.03
C ASN R 257 40.45 -57.05 -19.64
N ASN R 258 39.40 -57.86 -19.79
CA ASN R 258 39.33 -59.27 -19.43
C ASN R 258 40.13 -59.61 -18.18
N VAL R 259 39.86 -58.88 -17.09
CA VAL R 259 40.49 -59.21 -15.83
C VAL R 259 39.98 -60.57 -15.35
N GLU R 260 40.78 -61.19 -14.49
CA GLU R 260 40.43 -62.48 -13.92
C GLU R 260 41.10 -62.57 -12.56
N VAL R 261 40.29 -62.63 -11.51
CA VAL R 261 40.79 -62.75 -10.14
C VAL R 261 40.43 -64.13 -9.65
N GLU R 262 41.44 -64.91 -9.31
CA GLU R 262 41.26 -66.26 -8.82
C GLU R 262 41.69 -66.34 -7.37
N PHE R 263 40.79 -66.85 -6.53
CA PHE R 263 41.09 -67.13 -5.14
C PHE R 263 41.39 -68.61 -5.03
N LEU R 264 42.61 -68.92 -4.58
CA LEU R 264 43.19 -70.25 -4.63
C LEU R 264 43.42 -70.78 -3.23
N LEU R 265 43.19 -72.08 -3.06
CA LEU R 265 43.51 -72.79 -1.83
C LEU R 265 44.35 -74.00 -2.17
N ASN R 266 45.56 -74.07 -1.62
CA ASN R 266 46.47 -75.17 -1.88
C ASN R 266 46.73 -75.34 -3.37
N GLY R 267 46.85 -74.22 -4.07
CA GLY R 267 47.02 -74.26 -5.51
C GLY R 267 45.77 -74.63 -6.28
N GLN R 268 44.65 -74.86 -5.60
CA GLN R 268 43.41 -75.28 -6.23
C GLN R 268 42.55 -74.04 -6.44
N ILE R 269 42.14 -73.78 -7.68
CA ILE R 269 41.33 -72.60 -7.95
C ILE R 269 39.96 -72.82 -7.32
N ILE R 270 39.70 -72.12 -6.22
CA ILE R 270 38.43 -72.25 -5.52
C ILE R 270 37.39 -71.31 -6.08
N ASN R 271 37.74 -70.05 -6.31
CA ASN R 271 36.81 -69.10 -6.90
C ASN R 271 37.48 -68.35 -8.03
N THR R 272 36.68 -67.93 -9.01
CA THR R 272 37.17 -67.18 -10.14
C THR R 272 36.12 -66.15 -10.54
N TYR R 273 36.54 -64.90 -10.66
CA TYR R 273 35.65 -63.81 -11.05
C TYR R 273 36.33 -63.03 -12.16
N GLN R 274 35.66 -62.91 -13.29
CA GLN R 274 36.21 -62.26 -14.46
C GLN R 274 35.17 -61.32 -15.04
N ALA R 275 35.60 -60.10 -15.39
CA ALA R 275 34.71 -59.03 -15.80
C ALA R 275 33.68 -58.72 -14.72
N ARG R 276 34.08 -58.90 -13.47
CA ARG R 276 33.19 -58.77 -12.32
C ARG R 276 33.85 -57.82 -11.33
N PHE R 277 33.20 -56.69 -11.08
CA PHE R 277 33.66 -55.67 -10.16
C PHE R 277 32.64 -55.51 -9.05
N GLY R 278 32.87 -54.53 -8.18
CA GLY R 278 32.03 -54.42 -7.01
C GLY R 278 32.34 -55.55 -6.04
N THR R 279 31.38 -55.81 -5.17
CA THR R 279 31.59 -56.81 -4.13
C THR R 279 31.61 -58.21 -4.73
N ILE R 280 32.46 -59.07 -4.17
CA ILE R 280 32.57 -60.47 -4.54
C ILE R 280 32.87 -61.24 -3.26
N VAL R 281 32.79 -62.56 -3.35
CA VAL R 281 32.90 -63.43 -2.18
C VAL R 281 33.92 -64.52 -2.47
N ALA R 282 34.78 -64.79 -1.50
CA ALA R 282 35.75 -65.89 -1.57
C ALA R 282 35.45 -66.84 -0.42
N ARG R 283 34.94 -68.03 -0.75
CA ARG R 283 34.50 -68.95 0.30
C ARG R 283 35.68 -69.46 1.10
N ASN R 284 36.83 -69.66 0.47
CA ASN R 284 38.03 -70.11 1.18
C ASN R 284 39.21 -69.94 0.23
N PHE R 285 40.31 -69.42 0.75
CA PHE R 285 41.45 -69.21 -0.12
C PHE R 285 42.69 -68.89 0.69
N ASP R 286 43.83 -69.32 0.16
CA ASP R 286 45.15 -69.01 0.69
C ASP R 286 45.92 -68.05 -0.20
N THR R 287 45.45 -67.78 -1.41
CA THR R 287 46.19 -66.96 -2.35
C THR R 287 45.22 -66.22 -3.25
N ILE R 288 45.65 -65.06 -3.73
CA ILE R 288 44.92 -64.28 -4.72
C ILE R 288 45.80 -64.18 -5.95
N ARG R 289 45.19 -64.31 -7.12
CA ARG R 289 45.90 -64.21 -8.40
C ARG R 289 45.12 -63.28 -9.30
N LEU R 290 45.67 -62.09 -9.54
CA LEU R 290 45.04 -61.08 -10.38
C LEU R 290 45.71 -61.10 -11.74
N SER R 291 44.92 -61.35 -12.79
CA SER R 291 45.44 -61.49 -14.15
C SER R 291 44.64 -60.55 -15.03
N PHE R 292 45.23 -59.42 -15.40
CA PHE R 292 44.56 -58.45 -16.23
C PHE R 292 45.44 -58.17 -17.45
N GLN R 293 44.89 -57.41 -18.39
CA GLN R 293 45.58 -57.17 -19.65
C GLN R 293 45.43 -55.73 -20.09
N LEU R 294 46.51 -55.19 -20.64
CA LEU R 294 46.50 -53.93 -21.35
C LEU R 294 46.31 -54.21 -22.83
N MET R 295 45.15 -53.85 -23.36
CA MET R 295 44.87 -53.95 -24.78
C MET R 295 45.00 -52.57 -25.38
N ARG R 296 45.83 -52.42 -26.40
CA ARG R 296 45.87 -51.16 -27.11
C ARG R 296 44.51 -50.91 -27.75
N PRO R 297 43.88 -49.76 -27.56
CA PRO R 297 42.54 -49.55 -28.10
C PRO R 297 42.57 -49.62 -29.62
N PRO R 298 41.79 -50.52 -30.25
CA PRO R 298 41.84 -50.60 -31.72
C PRO R 298 41.52 -49.29 -32.42
N ASN R 299 40.55 -48.53 -31.90
CA ASN R 299 40.19 -47.23 -32.45
C ASN R 299 40.69 -46.15 -31.51
N MET R 300 40.87 -44.95 -32.07
CA MET R 300 41.51 -43.87 -31.32
C MET R 300 41.10 -42.52 -31.89
N THR R 301 40.62 -41.65 -31.02
CA THR R 301 40.43 -40.26 -31.36
C THR R 301 41.79 -39.65 -31.68
N PRO R 302 41.83 -38.56 -32.46
CA PRO R 302 43.13 -37.91 -32.72
C PRO R 302 44.00 -37.63 -31.50
N ALA R 303 43.45 -37.10 -30.41
CA ALA R 303 44.27 -36.80 -29.25
C ALA R 303 44.84 -38.06 -28.62
N VAL R 304 43.97 -39.05 -28.36
CA VAL R 304 44.45 -40.28 -27.74
C VAL R 304 45.44 -40.99 -28.66
N ASN R 305 45.33 -40.79 -29.96
CA ASN R 305 46.33 -41.33 -30.87
C ASN R 305 47.65 -40.59 -30.73
N ALA R 306 47.60 -39.26 -30.63
CA ALA R 306 48.81 -38.49 -30.47
C ALA R 306 49.53 -38.88 -29.19
N LEU R 307 48.80 -39.37 -28.20
CA LEU R 307 49.43 -39.76 -26.94
C LEU R 307 50.40 -40.91 -27.13
N PHE R 308 50.02 -41.92 -27.92
CA PHE R 308 50.79 -43.15 -28.04
C PHE R 308 51.45 -43.25 -29.40
N PRO R 309 52.59 -42.60 -29.61
CA PRO R 309 53.26 -42.68 -30.91
C PRO R 309 53.80 -44.07 -31.15
N GLN R 310 53.93 -44.40 -32.44
CA GLN R 310 54.51 -45.67 -32.84
C GLN R 310 56.00 -45.78 -32.54
N ALA R 311 56.68 -44.66 -32.29
CA ALA R 311 58.12 -44.61 -32.20
C ALA R 311 58.56 -44.59 -30.75
N GLN R 312 59.86 -44.39 -30.53
CA GLN R 312 60.52 -44.58 -29.24
C GLN R 312 60.24 -43.55 -28.14
N PRO R 313 59.95 -42.25 -28.42
CA PRO R 313 59.87 -41.26 -27.33
C PRO R 313 58.99 -41.66 -26.15
N PHE R 314 57.71 -41.95 -26.38
CA PHE R 314 56.81 -42.50 -25.36
C PHE R 314 56.75 -41.58 -24.13
N GLN R 315 56.22 -40.38 -24.35
CA GLN R 315 56.16 -39.40 -23.27
C GLN R 315 55.04 -39.71 -22.27
N HIS R 316 54.04 -40.48 -22.67
CA HIS R 316 52.93 -40.88 -21.81
C HIS R 316 52.87 -42.39 -21.76
N HIS R 317 52.74 -42.94 -20.55
CA HIS R 317 52.95 -44.36 -20.31
C HIS R 317 51.62 -45.02 -19.97
N ALA R 318 51.17 -45.94 -20.83
CA ALA R 318 49.88 -46.57 -20.61
C ALA R 318 49.94 -47.48 -19.40
N THR R 319 48.83 -47.62 -18.70
CA THR R 319 48.80 -48.53 -17.57
C THR R 319 47.37 -48.83 -17.18
N VAL R 320 47.21 -49.96 -16.49
CA VAL R 320 45.91 -50.47 -16.07
C VAL R 320 46.02 -50.95 -14.63
N GLY R 321 45.02 -50.65 -13.82
CA GLY R 321 45.05 -50.91 -12.40
C GLY R 321 43.98 -51.87 -11.90
N LEU R 322 44.15 -52.28 -10.65
CA LEU R 322 43.14 -53.00 -9.90
C LEU R 322 43.31 -52.69 -8.42
N THR R 323 42.19 -52.55 -7.73
CA THR R 323 42.13 -52.38 -6.29
C THR R 323 41.26 -53.49 -5.72
N LEU R 324 41.69 -54.02 -4.57
CA LEU R 324 41.04 -55.19 -3.99
C LEU R 324 41.10 -55.05 -2.48
N ARG R 325 39.96 -54.75 -1.86
CA ARG R 325 39.88 -54.52 -0.42
C ARG R 325 39.11 -55.67 0.22
N ILE R 326 39.73 -56.34 1.19
CA ILE R 326 39.08 -57.41 1.92
C ILE R 326 38.28 -56.76 3.05
N GLU R 327 37.01 -56.49 2.82
CA GLU R 327 36.23 -55.72 3.79
C GLU R 327 36.04 -56.50 5.09
N SER R 328 35.73 -57.79 5.00
CA SER R 328 35.59 -58.60 6.20
C SER R 328 35.84 -60.06 5.85
N ALA R 329 36.41 -60.78 6.80
CA ALA R 329 36.84 -62.15 6.57
C ALA R 329 36.70 -62.93 7.87
N VAL R 330 36.92 -64.24 7.75
CA VAL R 330 36.94 -65.15 8.91
C VAL R 330 38.21 -65.96 8.81
N CYS R 331 39.01 -65.95 9.86
CA CYS R 331 40.31 -66.61 9.85
C CYS R 331 40.45 -67.52 11.07
N GLU R 332 41.03 -68.70 10.86
CA GLU R 332 41.22 -69.61 11.98
C GLU R 332 42.25 -69.09 12.96
N SER R 333 43.24 -68.33 12.48
CA SER R 333 44.24 -67.72 13.33
C SER R 333 43.83 -66.30 13.69
N VAL R 334 44.62 -65.66 14.54
CA VAL R 334 44.30 -64.36 15.11
C VAL R 334 45.14 -63.30 14.42
N LEU R 335 44.51 -62.18 14.08
CA LEU R 335 45.12 -61.13 13.29
C LEU R 335 44.78 -59.77 13.88
N ALA R 336 45.52 -58.76 13.46
CA ALA R 336 45.15 -57.40 13.78
C ALA R 336 43.96 -56.97 12.94
N ASP R 337 43.33 -55.87 13.35
CA ASP R 337 42.06 -55.45 12.78
C ASP R 337 42.04 -53.94 12.63
N ALA R 338 40.97 -53.46 12.00
CA ALA R 338 40.54 -52.08 12.14
C ALA R 338 39.50 -51.92 13.23
N ASN R 339 38.76 -52.98 13.56
CA ASN R 339 37.69 -52.90 14.54
C ASN R 339 38.20 -52.99 15.98
N GLU R 340 38.96 -54.03 16.30
CA GLU R 340 39.34 -54.32 17.67
C GLU R 340 40.73 -53.80 17.98
N THR R 341 41.02 -53.59 19.25
CA THR R 341 42.24 -52.93 19.71
C THR R 341 43.16 -53.87 20.49
N LEU R 342 43.20 -55.15 20.10
CA LEU R 342 44.01 -56.10 20.85
C LEU R 342 45.50 -55.87 20.62
N LEU R 343 45.90 -55.72 19.36
CA LEU R 343 47.30 -55.44 19.07
C LEU R 343 47.71 -54.12 19.71
N ALA R 344 46.84 -53.12 19.66
CA ALA R 344 47.13 -51.85 20.29
C ALA R 344 47.38 -52.05 21.78
N ASN R 345 46.53 -52.83 22.44
CA ASN R 345 46.68 -53.04 23.88
C ASN R 345 48.01 -53.73 24.19
N VAL R 346 48.35 -54.78 23.45
CA VAL R 346 49.56 -55.53 23.75
C VAL R 346 50.79 -54.66 23.51
N THR R 347 50.84 -53.97 22.37
CA THR R 347 51.99 -53.14 22.08
C THR R 347 52.09 -51.99 23.07
N ALA R 348 50.95 -51.44 23.50
CA ALA R 348 50.99 -50.35 24.45
C ALA R 348 51.53 -50.81 25.79
N VAL R 349 51.11 -51.98 26.27
CA VAL R 349 51.63 -52.44 27.56
C VAL R 349 53.12 -52.69 27.45
N ARG R 350 53.59 -53.20 26.32
CA ARG R 350 55.03 -53.40 26.19
C ARG R 350 55.78 -52.07 26.16
N GLN R 351 55.27 -51.11 25.38
CA GLN R 351 55.95 -49.82 25.26
C GLN R 351 55.97 -49.09 26.60
N GLU R 352 54.87 -49.15 27.35
CA GLU R 352 54.75 -48.40 28.59
C GLU R 352 55.85 -48.79 29.57
N TYR R 353 56.07 -50.08 29.76
CA TYR R 353 57.01 -50.58 30.74
C TYR R 353 58.37 -50.93 30.14
N ALA R 354 58.58 -50.69 28.85
CA ALA R 354 59.91 -50.80 28.26
C ALA R 354 60.43 -52.24 28.35
N ILE R 355 59.60 -53.17 27.93
CA ILE R 355 59.96 -54.59 28.01
C ILE R 355 61.06 -54.87 27.01
N PRO R 356 62.13 -55.60 27.36
CA PRO R 356 63.13 -55.93 26.35
C PRO R 356 62.57 -56.88 25.31
N VAL R 357 63.16 -56.83 24.10
CA VAL R 357 62.68 -57.66 23.01
C VAL R 357 62.76 -59.12 23.41
N GLY R 358 61.65 -59.82 23.26
CA GLY R 358 61.57 -61.22 23.64
C GLY R 358 62.21 -62.11 22.60
N PRO R 359 62.10 -63.42 22.79
CA PRO R 359 62.71 -64.35 21.84
C PRO R 359 61.87 -64.67 20.63
N VAL R 360 60.57 -64.36 20.63
CA VAL R 360 59.68 -64.79 19.55
C VAL R 360 59.12 -63.62 18.76
N PHE R 361 58.90 -62.48 19.40
CA PHE R 361 58.28 -61.35 18.73
C PHE R 361 59.32 -60.39 18.20
N PRO R 362 59.01 -59.63 17.15
CA PRO R 362 59.98 -58.70 16.63
C PRO R 362 60.05 -57.46 17.51
N PRO R 363 61.04 -56.59 17.29
CA PRO R 363 61.14 -55.39 18.13
C PRO R 363 59.92 -54.50 18.00
N GLY R 364 59.45 -54.01 19.14
CA GLY R 364 58.34 -53.08 19.17
C GLY R 364 57.02 -53.66 18.71
N MET R 365 56.94 -54.98 18.61
CA MET R 365 55.73 -55.66 18.13
C MET R 365 55.30 -55.11 16.78
N ASN R 366 56.29 -54.91 15.90
CA ASN R 366 56.01 -54.38 14.57
C ASN R 366 55.17 -55.40 13.81
N TRP R 367 53.93 -55.02 13.49
CA TRP R 367 53.00 -55.97 12.89
C TRP R 367 53.51 -56.49 11.56
N THR R 368 54.19 -55.65 10.78
CA THR R 368 54.57 -56.05 9.43
C THR R 368 55.53 -57.23 9.46
N GLU R 369 56.62 -57.12 10.19
CA GLU R 369 57.54 -58.25 10.30
C GLU R 369 57.08 -59.27 11.31
N LEU R 370 56.00 -59.01 12.05
CA LEU R 370 55.39 -60.08 12.81
C LEU R 370 54.61 -61.01 11.89
N ILE R 371 53.91 -60.46 10.90
CA ILE R 371 53.06 -61.26 10.04
C ILE R 371 53.80 -61.82 8.82
N THR R 372 54.87 -61.16 8.36
CA THR R 372 55.61 -61.73 7.23
C THR R 372 56.14 -63.10 7.58
N ASN R 373 56.70 -63.26 8.78
CA ASN R 373 57.11 -64.55 9.30
C ASN R 373 56.17 -64.87 10.45
N TYR R 374 55.23 -65.79 10.19
CA TYR R 374 54.13 -66.05 11.10
C TYR R 374 54.16 -67.50 11.57
N SER R 375 55.32 -67.94 12.03
CA SER R 375 55.57 -69.31 12.46
C SER R 375 54.50 -69.81 13.42
N PRO R 376 54.34 -71.13 13.58
CA PRO R 376 53.35 -71.61 14.56
C PRO R 376 53.61 -71.16 15.99
N SER R 377 54.87 -71.07 16.40
CA SER R 377 55.17 -70.58 17.75
C SER R 377 54.73 -69.13 17.91
N ARG R 378 55.05 -68.30 16.92
CA ARG R 378 54.63 -66.91 16.97
C ARG R 378 53.12 -66.80 16.99
N GLU R 379 52.44 -67.64 16.21
CA GLU R 379 50.98 -67.64 16.23
C GLU R 379 50.45 -68.03 17.61
N ASP R 380 51.05 -69.04 18.23
CA ASP R 380 50.62 -69.47 19.55
C ASP R 380 50.75 -68.32 20.55
N ASN R 381 51.91 -67.69 20.58
CA ASN R 381 52.11 -66.59 21.52
C ASN R 381 51.18 -65.42 21.22
N LEU R 382 50.96 -65.14 19.94
CA LEU R 382 50.08 -64.04 19.59
C LEU R 382 48.66 -64.31 20.07
N GLN R 383 48.20 -65.56 19.92
CA GLN R 383 46.87 -65.89 20.40
C GLN R 383 46.79 -65.78 21.91
N ARG R 384 47.82 -66.24 22.61
CA ARG R 384 47.79 -66.15 24.07
C ARG R 384 47.69 -64.70 24.52
N VAL R 385 48.55 -63.85 23.99
CA VAL R 385 48.56 -62.45 24.43
C VAL R 385 47.29 -61.73 23.99
N PHE R 386 46.76 -62.07 22.81
CA PHE R 386 45.52 -61.43 22.37
C PHE R 386 44.34 -61.84 23.24
N THR R 387 44.25 -63.12 23.60
CA THR R 387 43.18 -63.55 24.49
C THR R 387 43.29 -62.87 25.85
N VAL R 388 44.52 -62.78 26.39
CA VAL R 388 44.71 -62.11 27.66
C VAL R 388 44.31 -60.64 27.55
N ALA R 389 44.68 -59.99 26.45
CA ALA R 389 44.34 -58.60 26.27
C ALA R 389 42.85 -58.39 26.12
N SER R 390 42.15 -59.35 25.52
CA SER R 390 40.69 -59.29 25.50
C SER R 390 40.13 -59.36 26.90
N ILE R 391 40.66 -60.27 27.72
CA ILE R 391 40.21 -60.39 29.10
C ILE R 391 40.42 -59.08 29.84
N ARG R 392 41.55 -58.43 29.60
CA ARG R 392 41.82 -57.17 30.26
C ARG R 392 40.89 -56.07 29.77
N SER R 393 40.67 -56.01 28.46
CA SER R 393 39.82 -54.99 27.88
C SER R 393 38.37 -55.16 28.29
N MET R 394 37.97 -56.34 28.74
CA MET R 394 36.64 -56.49 29.32
C MET R 394 36.45 -55.52 30.48
N LEU R 395 37.47 -55.35 31.31
CA LEU R 395 37.35 -54.65 32.58
C LEU R 395 37.87 -53.22 32.54
N ILE R 396 38.97 -52.96 31.83
CA ILE R 396 39.55 -51.62 31.77
C ILE R 396 39.78 -51.22 30.33
N LYS R 397 39.92 -49.91 30.13
CA LYS R 397 40.18 -49.37 28.81
C LYS R 397 41.06 -48.14 28.89
N MET S 1 41.67 -42.41 51.26
CA MET S 1 42.43 -41.20 51.68
C MET S 1 41.65 -40.38 52.70
N GLU S 2 40.32 -40.50 52.69
CA GLU S 2 39.55 -39.96 53.80
C GLU S 2 40.05 -40.51 55.12
N VAL S 3 40.46 -41.78 55.14
CA VAL S 3 41.03 -42.36 56.34
C VAL S 3 42.31 -41.63 56.72
N LEU S 4 43.14 -41.28 55.72
CA LEU S 4 44.38 -40.57 56.01
C LEU S 4 44.08 -39.19 56.59
N TYR S 5 43.15 -38.46 55.97
CA TYR S 5 42.83 -37.13 56.47
C TYR S 5 42.26 -37.21 57.86
N SER S 6 41.41 -38.18 58.13
CA SER S 6 40.82 -38.31 59.45
C SER S 6 41.87 -38.71 60.47
N LEU S 7 42.85 -39.53 60.09
CA LEU S 7 43.95 -39.84 60.99
C LEU S 7 44.72 -38.57 61.35
N SER S 8 45.06 -37.76 60.35
CA SER S 8 45.78 -36.52 60.63
C SER S 8 44.95 -35.61 61.51
N LYS S 9 43.65 -35.47 61.21
CA LYS S 9 42.80 -34.58 61.98
C LYS S 9 42.65 -35.05 63.41
N THR S 10 42.46 -36.35 63.63
CA THR S 10 42.30 -36.81 65.00
C THR S 10 43.62 -36.73 65.75
N LEU S 11 44.76 -36.84 65.08
CA LEU S 11 46.00 -36.59 65.80
C LEU S 11 46.17 -35.13 66.14
N LYS S 12 45.75 -34.22 65.24
CA LYS S 12 45.81 -32.80 65.57
C LYS S 12 44.93 -32.50 66.77
N ASP S 13 43.70 -33.01 66.75
CA ASP S 13 42.79 -32.79 67.87
C ASP S 13 43.27 -33.48 69.13
N ALA S 14 43.97 -34.60 69.00
CA ALA S 14 44.53 -35.23 70.18
C ALA S 14 45.64 -34.37 70.77
N ARG S 15 46.45 -33.79 69.91
CA ARG S 15 47.54 -32.94 70.39
C ARG S 15 46.99 -31.67 71.01
N ASP S 16 45.82 -31.21 70.58
CA ASP S 16 45.26 -29.95 71.04
C ASP S 16 44.32 -30.12 72.23
N LYS S 17 43.22 -30.85 72.02
CA LYS S 17 42.18 -30.94 73.04
C LYS S 17 42.63 -31.75 74.24
N ILE S 18 43.49 -32.75 74.04
CA ILE S 18 43.94 -33.55 75.16
C ILE S 18 45.11 -32.80 75.78
N VAL S 19 44.81 -31.92 76.72
CA VAL S 19 45.79 -31.09 77.40
C VAL S 19 45.53 -31.20 78.89
N GLU S 20 46.57 -30.93 79.68
CA GLU S 20 46.47 -31.07 81.13
C GLU S 20 45.33 -30.22 81.68
N GLY S 21 44.55 -30.82 82.57
CA GLY S 21 43.59 -30.09 83.35
C GLY S 21 42.22 -29.92 82.73
N THR S 22 42.09 -30.15 81.43
CA THR S 22 40.81 -29.96 80.78
C THR S 22 39.77 -30.94 81.32
N LEU S 23 38.51 -30.54 81.21
CA LEU S 23 37.42 -31.43 81.60
C LEU S 23 37.35 -32.62 80.67
N TYR S 24 36.99 -33.77 81.23
CA TYR S 24 36.73 -34.93 80.38
C TYR S 24 35.52 -34.69 79.48
N SER S 25 34.60 -33.83 79.90
CA SER S 25 33.48 -33.48 79.05
C SER S 25 33.95 -32.80 77.78
N ASN S 26 35.04 -32.05 77.84
CA ASN S 26 35.51 -31.35 76.66
C ASN S 26 36.06 -32.27 75.61
N VAL S 27 36.47 -33.49 75.98
CA VAL S 27 37.21 -34.35 75.06
C VAL S 27 36.64 -35.77 75.00
N SER S 28 35.46 -36.00 75.55
CA SER S 28 34.94 -37.37 75.56
C SER S 28 34.80 -37.93 74.14
N ASP S 29 34.20 -37.18 73.23
CA ASP S 29 34.00 -37.68 71.88
C ASP S 29 35.34 -37.91 71.18
N LEU S 30 36.29 -37.01 71.38
CA LEU S 30 37.61 -37.22 70.79
C LEU S 30 38.32 -38.41 71.42
N ILE S 31 38.05 -38.69 72.68
CA ILE S 31 38.63 -39.86 73.32
C ILE S 31 38.13 -41.12 72.62
N GLN S 32 36.83 -41.17 72.36
CA GLN S 32 36.30 -42.35 71.68
C GLN S 32 36.85 -42.45 70.26
N GLN S 33 37.02 -41.32 69.58
CA GLN S 33 37.65 -41.34 68.27
C GLN S 33 39.07 -41.88 68.34
N PHE S 34 39.84 -41.43 69.33
CA PHE S 34 41.22 -41.87 69.47
C PHE S 34 41.27 -43.37 69.76
N ASN S 35 40.37 -43.85 70.61
CA ASN S 35 40.32 -45.28 70.88
C ASN S 35 39.97 -46.06 69.63
N GLN S 36 39.02 -45.54 68.82
CA GLN S 36 38.69 -46.23 67.58
C GLN S 36 39.89 -46.31 66.66
N MET S 37 40.63 -45.22 66.54
CA MET S 37 41.84 -45.23 65.72
C MET S 37 42.83 -46.27 66.23
N ILE S 38 43.05 -46.31 67.53
CA ILE S 38 44.02 -47.25 68.09
C ILE S 38 43.59 -48.68 67.81
N VAL S 39 42.33 -49.01 68.10
CA VAL S 39 41.90 -50.39 68.01
C VAL S 39 41.82 -50.83 66.56
N THR S 40 41.52 -49.93 65.63
CA THR S 40 41.43 -50.29 64.23
C THR S 40 42.73 -50.20 63.48
N MET S 41 43.79 -49.65 64.10
CA MET S 41 45.13 -49.74 63.53
C MET S 41 46.00 -50.78 64.22
N ASN S 42 45.59 -51.29 65.37
CA ASN S 42 46.37 -52.30 66.05
C ASN S 42 46.49 -53.56 65.20
N GLY S 43 47.68 -54.17 65.21
CA GLY S 43 47.89 -55.40 64.50
C GLY S 43 48.12 -55.27 63.01
N ASN S 44 48.12 -54.05 62.48
CA ASN S 44 48.34 -53.81 61.07
C ASN S 44 49.78 -53.38 60.86
N ASP S 45 50.49 -54.09 60.00
CA ASP S 45 51.88 -53.79 59.71
C ASP S 45 51.95 -53.06 58.37
N PHE S 46 52.36 -51.79 58.42
CA PHE S 46 52.46 -50.96 57.23
C PHE S 46 53.91 -50.84 56.81
N GLN S 47 54.13 -50.61 55.52
CA GLN S 47 55.45 -50.33 54.99
C GLN S 47 55.36 -49.09 54.11
N THR S 48 56.31 -48.18 54.24
CA THR S 48 56.31 -46.93 53.51
C THR S 48 57.70 -46.66 52.95
N GLY S 49 57.73 -45.90 51.86
CA GLY S 49 58.98 -45.53 51.24
C GLY S 49 59.51 -46.63 50.33
N GLY S 50 60.62 -46.31 49.68
CA GLY S 50 61.29 -47.22 48.78
C GLY S 50 61.46 -46.66 47.39
N ILE S 51 61.38 -45.35 47.26
CA ILE S 51 61.55 -44.66 45.98
C ILE S 51 62.59 -43.55 46.16
N GLY S 52 63.54 -43.48 45.24
CA GLY S 52 64.62 -42.52 45.39
C GLY S 52 65.42 -42.79 46.64
N ASN S 53 65.73 -41.72 47.36
CA ASN S 53 66.44 -41.82 48.63
C ASN S 53 65.51 -42.04 49.81
N LEU S 54 64.21 -42.07 49.59
CA LEU S 54 63.28 -42.17 50.70
C LEU S 54 63.40 -43.55 51.33
N PRO S 55 63.74 -43.67 52.61
CA PRO S 55 64.06 -44.98 53.16
C PRO S 55 62.82 -45.83 53.32
N ILE S 56 63.03 -47.13 53.44
CA ILE S 56 61.96 -48.09 53.62
C ILE S 56 61.75 -48.28 55.11
N ARG S 57 60.56 -47.94 55.60
CA ARG S 57 60.24 -47.97 57.02
C ARG S 57 59.03 -48.85 57.27
N ASN S 58 59.07 -49.59 58.36
CA ASN S 58 57.98 -50.47 58.79
C ASN S 58 57.34 -49.93 60.05
N TRP S 59 56.02 -49.92 60.07
CA TRP S 59 55.24 -49.43 61.20
C TRP S 59 54.38 -50.56 61.73
N THR S 60 54.57 -50.90 63.00
CA THR S 60 53.76 -51.89 63.69
C THR S 60 53.11 -51.22 64.89
N PHE S 61 51.80 -51.37 65.02
CA PHE S 61 51.01 -50.65 66.00
C PHE S 61 50.52 -51.59 67.09
N ASP S 62 50.94 -51.33 68.32
CA ASP S 62 50.34 -51.99 69.49
C ASP S 62 50.40 -50.96 70.63
N PHE S 63 49.30 -50.25 70.82
CA PHE S 63 49.24 -49.13 71.75
C PHE S 63 48.08 -49.33 72.71
N GLY S 64 48.22 -48.75 73.90
CA GLY S 64 47.15 -48.79 74.85
C GLY S 64 46.11 -47.73 74.60
N LEU S 65 44.89 -47.99 75.06
CA LEU S 65 43.80 -47.05 74.90
C LEU S 65 43.86 -46.01 76.01
N LEU S 66 42.87 -45.14 76.03
CA LEU S 66 42.82 -43.99 76.93
C LEU S 66 41.61 -44.10 77.86
N GLY S 67 41.85 -43.90 79.15
CA GLY S 67 40.80 -44.00 80.14
C GLY S 67 39.67 -43.03 79.88
N THR S 68 38.56 -43.28 80.58
CA THR S 68 37.31 -42.56 80.36
C THR S 68 36.69 -41.97 81.62
N THR S 69 36.75 -42.67 82.75
CA THR S 69 35.98 -42.27 83.91
C THR S 69 36.49 -40.98 84.54
N LEU S 70 37.66 -40.50 84.16
CA LEU S 70 38.20 -39.29 84.79
C LEU S 70 37.28 -38.11 84.55
N LEU S 71 37.37 -37.14 85.46
CA LEU S 71 36.63 -35.88 85.34
C LEU S 71 37.50 -34.73 84.87
N ASN S 72 38.80 -34.78 85.12
CA ASN S 72 39.75 -33.79 84.65
C ASN S 72 41.06 -34.47 84.29
N LEU S 73 41.57 -34.21 83.10
CA LEU S 73 42.83 -34.80 82.67
C LEU S 73 43.98 -34.21 83.48
N ASP S 74 45.01 -35.03 83.69
CA ASP S 74 46.19 -34.63 84.45
C ASP S 74 47.44 -35.14 83.74
N ALA S 75 48.61 -34.80 84.29
CA ALA S 75 49.86 -35.09 83.61
C ALA S 75 50.08 -36.59 83.45
N ASN S 76 49.60 -37.41 84.40
CA ASN S 76 49.76 -38.85 84.27
C ASN S 76 49.07 -39.38 83.03
N TYR S 77 48.12 -38.62 82.48
CA TYR S 77 47.34 -39.04 81.33
C TYR S 77 47.97 -38.53 80.03
N VAL S 78 48.31 -37.24 80.01
CA VAL S 78 48.87 -36.63 78.81
C VAL S 78 50.20 -37.26 78.44
N GLU S 79 50.91 -37.84 79.41
CA GLU S 79 52.17 -38.50 79.09
C GLU S 79 51.95 -39.68 78.16
N THR S 80 51.00 -40.56 78.48
CA THR S 80 50.66 -41.64 77.58
C THR S 80 50.14 -41.10 76.26
N ALA S 81 49.31 -40.06 76.32
CA ALA S 81 48.78 -39.47 75.10
C ALA S 81 49.91 -39.06 74.16
N ARG S 82 50.92 -38.36 74.67
CA ARG S 82 52.01 -37.92 73.81
C ARG S 82 52.85 -39.10 73.33
N THR S 83 53.06 -40.10 74.20
CA THR S 83 53.88 -41.24 73.80
C THR S 83 53.27 -41.94 72.59
N THR S 84 51.95 -41.95 72.48
CA THR S 84 51.34 -42.50 71.27
C THR S 84 51.26 -41.51 70.12
N ILE S 85 51.01 -40.24 70.44
CA ILE S 85 50.78 -39.24 69.40
C ILE S 85 52.04 -38.99 68.59
N GLU S 86 53.21 -39.03 69.22
CA GLU S 86 54.44 -38.80 68.47
C GLU S 86 54.64 -39.86 67.40
N TYR S 87 54.45 -41.12 67.77
CA TYR S 87 54.58 -42.22 66.82
C TYR S 87 53.59 -42.08 65.68
N PHE S 88 52.34 -41.78 66.02
CA PHE S 88 51.34 -41.66 64.95
C PHE S 88 51.65 -40.47 64.03
N ILE S 89 52.10 -39.35 64.58
CA ILE S 89 52.44 -38.22 63.74
C ILE S 89 53.55 -38.62 62.77
N ASP S 90 54.54 -39.34 63.27
CA ASP S 90 55.58 -39.84 62.37
C ASP S 90 55.01 -40.72 61.27
N PHE S 91 54.06 -41.60 61.63
CA PHE S 91 53.50 -42.51 60.63
C PHE S 91 52.77 -41.76 59.53
N ILE S 92 51.88 -40.83 59.89
CA ILE S 92 51.18 -40.08 58.86
C ILE S 92 52.14 -39.21 58.06
N ASP S 93 53.18 -38.68 58.69
CA ASP S 93 54.16 -37.91 57.92
C ASP S 93 54.78 -38.76 56.82
N ASN S 94 55.23 -39.96 57.19
CA ASN S 94 55.86 -40.82 56.19
C ASN S 94 54.88 -41.24 55.11
N VAL S 95 53.64 -41.54 55.49
CA VAL S 95 52.64 -41.94 54.51
C VAL S 95 52.37 -40.80 53.54
N CYS S 96 52.27 -39.58 54.04
CA CYS S 96 52.02 -38.45 53.16
C CYS S 96 53.17 -38.22 52.22
N MET S 97 54.40 -38.31 52.71
CA MET S 97 55.54 -38.14 51.82
C MET S 97 55.55 -39.23 50.74
N ASP S 98 55.24 -40.46 51.13
CA ASP S 98 55.19 -41.55 50.17
C ASP S 98 54.17 -41.27 49.07
N GLU S 99 52.96 -40.89 49.46
CA GLU S 99 51.94 -40.64 48.46
C GLU S 99 52.29 -39.42 47.60
N MET S 100 52.93 -38.41 48.18
CA MET S 100 53.31 -37.24 47.40
C MET S 100 54.33 -37.61 46.34
N VAL S 101 55.34 -38.41 46.70
CA VAL S 101 56.36 -38.75 45.71
C VAL S 101 55.79 -39.66 44.64
N ARG S 102 54.88 -40.57 45.01
CA ARG S 102 54.35 -41.48 44.00
C ARG S 102 53.50 -40.71 42.99
N GLU S 103 53.10 -41.40 41.93
CA GLU S 103 52.57 -40.73 40.75
C GLU S 103 52.15 -41.80 39.75
N SER S 104 51.27 -41.42 38.82
CA SER S 104 50.81 -42.35 37.79
C SER S 104 50.12 -41.58 36.69
N GLN S 105 49.99 -42.23 35.54
CA GLN S 105 49.31 -41.68 34.37
C GLN S 105 47.87 -42.15 34.28
N ARG S 106 47.64 -43.43 34.55
CA ARG S 106 46.33 -44.04 34.41
C ARG S 106 45.66 -44.09 35.77
N ASN S 107 44.47 -43.51 35.88
CA ASN S 107 43.71 -43.51 37.12
C ASN S 107 44.50 -42.82 38.23
N GLY S 108 44.81 -41.55 37.98
CA GLY S 108 45.65 -40.81 38.90
C GLY S 108 45.00 -40.59 40.25
N VAL S 109 43.67 -40.49 40.28
CA VAL S 109 42.98 -40.20 41.54
C VAL S 109 43.18 -41.32 42.54
N ALA S 110 43.25 -42.56 42.08
CA ALA S 110 43.34 -43.68 42.99
C ALA S 110 44.64 -43.61 43.78
N PRO S 111 44.70 -44.26 44.95
CA PRO S 111 45.89 -44.12 45.79
C PRO S 111 47.02 -45.05 45.39
N GLN S 112 48.21 -44.48 45.18
CA GLN S 112 49.45 -45.22 45.09
C GLN S 112 49.99 -45.33 46.51
N SER S 113 51.26 -45.72 46.69
CA SER S 113 51.84 -45.80 48.02
C SER S 113 51.08 -46.82 48.88
N GLU S 114 51.32 -48.08 48.56
CA GLU S 114 50.53 -49.21 49.02
C GLU S 114 50.09 -49.16 50.48
N ALA S 115 50.85 -48.47 51.34
CA ALA S 115 50.34 -48.14 52.66
C ALA S 115 49.00 -47.42 52.56
N LEU S 116 48.92 -46.42 51.68
CA LEU S 116 47.67 -45.68 51.52
C LEU S 116 46.57 -46.56 50.94
N ARG S 117 46.90 -47.49 50.05
CA ARG S 117 45.89 -48.42 49.56
C ARG S 117 45.36 -49.29 50.70
N LYS S 118 46.26 -49.80 51.54
CA LYS S 118 45.83 -50.59 52.68
C LYS S 118 44.91 -49.79 53.56
N LEU S 119 45.23 -48.51 53.78
CA LEU S 119 44.31 -47.64 54.51
C LEU S 119 42.98 -47.51 53.79
N ALA S 120 43.01 -47.43 52.47
CA ALA S 120 41.77 -47.36 51.70
C ALA S 120 40.97 -48.64 51.74
N GLY S 121 41.53 -49.73 52.25
CA GLY S 121 40.77 -50.94 52.46
C GLY S 121 39.53 -50.75 53.31
N ILE S 122 38.71 -51.80 53.44
CA ILE S 122 37.43 -51.67 54.11
C ILE S 122 37.55 -51.79 55.62
N LYS S 123 38.63 -52.36 56.12
CA LYS S 123 38.79 -52.49 57.56
C LYS S 123 38.90 -51.15 58.26
N PHE S 124 39.41 -50.14 57.56
CA PHE S 124 39.78 -48.87 58.16
C PHE S 124 38.72 -47.78 57.99
N LYS S 125 37.55 -48.11 57.44
CA LYS S 125 36.54 -47.09 57.29
C LYS S 125 35.98 -46.61 58.62
N ARG S 126 36.22 -47.35 59.70
CA ARG S 126 35.75 -46.91 61.01
C ARG S 126 36.53 -45.70 61.53
N ILE S 127 37.59 -45.28 60.85
CA ILE S 127 38.37 -44.13 61.30
C ILE S 127 37.83 -42.81 60.80
N ASN S 128 36.96 -42.82 59.78
CA ASN S 128 36.52 -41.59 59.14
C ASN S 128 35.88 -40.63 60.15
N PHE S 129 36.53 -39.50 60.38
CA PHE S 129 36.19 -38.64 61.51
C PHE S 129 35.23 -37.53 61.10
N ASN S 130 35.70 -36.62 60.26
CA ASN S 130 34.86 -35.64 59.58
C ASN S 130 35.72 -34.91 58.57
N ASN S 131 35.18 -34.73 57.37
CA ASN S 131 35.94 -34.19 56.25
C ASN S 131 35.65 -32.69 56.15
N SER S 132 36.26 -31.93 57.05
CA SER S 132 35.93 -30.53 57.22
C SER S 132 36.75 -29.60 56.32
N SER S 133 38.04 -29.89 56.15
CA SER S 133 38.94 -28.97 55.48
C SER S 133 38.47 -28.67 54.06
N GLU S 134 38.97 -27.57 53.53
CA GLU S 134 38.58 -27.16 52.18
C GLU S 134 38.99 -28.22 51.17
N TYR S 135 40.22 -28.71 51.27
CA TYR S 135 40.72 -29.63 50.25
C TYR S 135 40.02 -30.98 50.32
N ILE S 136 39.81 -31.50 51.53
CA ILE S 136 39.13 -32.79 51.65
C ILE S 136 37.67 -32.67 51.25
N GLU S 137 37.03 -31.55 51.58
CA GLU S 137 35.64 -31.38 51.18
C GLU S 137 35.52 -31.31 49.67
N ASN S 138 36.42 -30.58 49.02
CA ASN S 138 36.45 -30.55 47.57
C ASN S 138 36.73 -31.93 47.02
N TRP S 139 37.58 -32.69 47.69
CA TRP S 139 37.89 -34.04 47.24
C TRP S 139 36.65 -34.91 47.23
N ASN S 140 35.85 -34.85 48.29
CA ASN S 140 34.65 -35.68 48.34
C ASN S 140 33.61 -35.22 47.32
N LEU S 141 33.39 -33.91 47.25
CA LEU S 141 32.40 -33.38 46.31
C LEU S 141 32.82 -33.63 44.88
N GLN S 142 34.11 -33.80 44.61
CA GLN S 142 34.58 -34.15 43.28
C GLN S 142 34.47 -35.64 43.04
N ASN S 143 34.74 -36.43 44.09
CA ASN S 143 34.73 -37.88 43.96
C ASN S 143 33.33 -38.37 43.60
N ARG S 144 32.31 -37.88 44.28
CA ARG S 144 30.93 -38.11 43.85
C ARG S 144 30.43 -36.87 43.12
N ARG S 145 30.98 -36.67 41.92
CA ARG S 145 31.21 -35.33 41.41
C ARG S 145 29.97 -34.44 41.38
N GLN S 146 29.99 -33.43 42.26
CA GLN S 146 29.20 -32.22 42.14
C GLN S 146 30.15 -31.10 41.75
N ARG S 147 29.58 -29.95 41.39
CA ARG S 147 30.41 -28.78 41.19
C ARG S 147 31.04 -28.39 42.52
N THR S 148 32.29 -27.94 42.46
CA THR S 148 33.03 -27.58 43.65
C THR S 148 33.86 -26.34 43.32
N GLY S 149 34.79 -26.01 44.21
CA GLY S 149 35.61 -24.84 43.98
C GLY S 149 36.67 -24.63 45.03
N PHE S 150 37.87 -24.27 44.57
CA PHE S 150 38.95 -23.83 45.44
C PHE S 150 39.07 -22.32 45.31
N VAL S 151 39.20 -21.64 46.43
CA VAL S 151 39.35 -20.18 46.45
C VAL S 151 40.83 -19.88 46.65
N PHE S 152 41.35 -18.99 45.81
CA PHE S 152 42.76 -18.64 45.77
C PHE S 152 42.92 -17.14 45.90
N HIS S 153 43.98 -16.74 46.61
CA HIS S 153 44.38 -15.34 46.71
C HIS S 153 45.60 -15.17 45.83
N LYS S 154 45.44 -14.44 44.73
CA LYS S 154 46.54 -14.17 43.82
C LYS S 154 47.00 -15.48 43.17
N PRO S 155 46.14 -16.15 42.42
CA PRO S 155 46.49 -17.47 41.88
C PRO S 155 47.43 -17.33 40.69
N ASN S 156 48.56 -18.03 40.74
CA ASN S 156 49.48 -18.04 39.61
C ASN S 156 48.90 -18.97 38.55
N ILE S 157 47.92 -18.44 37.82
CA ILE S 157 47.29 -19.19 36.75
C ILE S 157 48.02 -19.02 35.43
N PHE S 158 48.56 -17.85 35.17
CA PHE S 158 49.25 -17.66 33.91
C PHE S 158 50.63 -18.31 33.97
N PRO S 159 51.14 -18.87 32.87
CA PRO S 159 52.52 -19.31 32.86
C PRO S 159 53.44 -18.15 32.56
N TYR S 160 54.64 -18.17 33.13
CA TYR S 160 55.57 -17.07 32.91
C TYR S 160 55.91 -16.98 31.44
N SER S 161 55.42 -15.92 30.79
CA SER S 161 55.74 -15.70 29.39
C SER S 161 55.87 -14.20 29.16
N ALA S 162 57.07 -13.75 28.84
CA ALA S 162 57.32 -12.41 28.36
C ALA S 162 57.66 -12.50 26.87
N SER S 163 56.99 -11.70 26.06
CA SER S 163 57.19 -11.80 24.62
C SER S 163 56.68 -10.52 23.98
N PHE S 164 56.71 -10.49 22.65
CA PHE S 164 56.18 -9.35 21.91
C PHE S 164 55.77 -9.80 20.52
N THR S 165 54.82 -9.08 19.96
CA THR S 165 54.42 -9.23 18.56
C THR S 165 54.68 -7.91 17.87
N LEU S 166 55.22 -7.98 16.65
CA LEU S 166 55.54 -6.80 15.86
C LEU S 166 54.61 -6.78 14.65
N ASN S 167 53.57 -5.96 14.71
CA ASN S 167 52.69 -5.82 13.57
C ASN S 167 53.38 -5.11 12.42
N ARG S 168 54.22 -4.12 12.72
CA ARG S 168 55.02 -3.41 11.74
C ARG S 168 56.48 -3.58 12.09
N SER S 169 57.32 -3.86 11.10
CA SER S 169 58.73 -4.02 11.36
C SER S 169 59.50 -3.98 10.06
N GLN S 170 60.81 -3.78 10.20
CA GLN S 170 61.73 -3.73 9.07
C GLN S 170 63.12 -4.08 9.60
N PRO S 171 64.03 -4.52 8.74
CA PRO S 171 65.26 -5.14 9.25
C PRO S 171 66.18 -4.19 9.99
N MET S 172 65.84 -2.91 10.11
CA MET S 172 66.57 -1.99 10.96
C MET S 172 65.79 -1.61 12.22
N HIS S 173 64.52 -1.98 12.31
CA HIS S 173 63.75 -1.83 13.55
C HIS S 173 63.75 -0.40 14.06
N ASP S 174 63.71 0.56 13.14
CA ASP S 174 63.68 1.97 13.52
C ASP S 174 62.26 2.51 13.66
N ASN S 175 61.30 1.91 12.97
CA ASN S 175 59.91 2.37 13.00
C ASN S 175 59.05 1.11 13.13
N LEU S 176 58.78 0.72 14.37
CA LEU S 176 58.03 -0.48 14.70
C LEU S 176 56.64 -0.14 15.22
N MET S 177 55.84 -1.19 15.34
CA MET S 177 54.53 -1.13 15.95
C MET S 177 54.22 -2.50 16.50
N GLY S 178 53.58 -2.55 17.65
CA GLY S 178 53.23 -3.87 18.16
C GLY S 178 52.86 -3.86 19.62
N THR S 179 53.05 -5.01 20.25
CA THR S 179 52.53 -5.25 21.59
C THR S 179 53.53 -6.10 22.33
N MET S 180 54.08 -5.57 23.41
CA MET S 180 54.88 -6.35 24.35
C MET S 180 53.94 -6.84 25.43
N TRP S 181 54.29 -7.96 26.05
CA TRP S 181 53.46 -8.41 27.17
C TRP S 181 54.27 -9.32 28.07
N LEU S 182 53.80 -9.39 29.30
CA LEU S 182 54.32 -10.33 30.29
C LEU S 182 53.15 -10.85 31.11
N ASN S 183 52.90 -12.14 31.00
CA ASN S 183 51.93 -12.84 31.85
C ASN S 183 52.74 -13.67 32.83
N ALA S 184 52.70 -13.32 34.11
CA ALA S 184 53.45 -14.05 35.12
C ALA S 184 52.64 -14.10 36.40
N GLY S 185 52.51 -15.29 36.97
CA GLY S 185 51.71 -15.41 38.17
C GLY S 185 50.29 -14.95 37.89
N SER S 186 49.82 -14.00 38.69
CA SER S 186 48.51 -13.40 38.50
C SER S 186 48.58 -12.02 37.88
N GLU S 187 49.73 -11.63 37.33
CA GLU S 187 49.92 -10.36 36.66
C GLU S 187 49.84 -10.57 35.15
N ILE S 188 49.05 -9.74 34.48
CA ILE S 188 49.21 -9.47 33.06
C ILE S 188 49.68 -8.03 32.95
N GLN S 189 50.67 -7.80 32.10
CA GLN S 189 51.14 -6.45 31.81
C GLN S 189 51.35 -6.37 30.32
N VAL S 190 50.50 -5.63 29.62
CA VAL S 190 50.52 -5.56 28.16
C VAL S 190 50.71 -4.11 27.75
N ALA S 191 51.66 -3.87 26.85
CA ALA S 191 52.02 -2.52 26.44
C ALA S 191 52.09 -2.47 24.92
N GLY S 192 51.15 -1.78 24.30
CA GLY S 192 51.25 -1.50 22.89
C GLY S 192 52.10 -0.29 22.62
N PHE S 193 52.66 -0.23 21.41
CA PHE S 193 53.55 0.88 21.10
C PHE S 193 53.59 1.13 19.60
N ASP S 194 53.70 2.42 19.27
CA ASP S 194 53.97 2.91 17.92
C ASP S 194 55.23 3.76 17.96
N TYR S 195 56.18 3.44 17.09
CA TYR S 195 57.35 4.31 17.00
C TYR S 195 57.02 5.62 16.30
N SER S 196 55.95 5.66 15.51
CA SER S 196 55.52 6.88 14.84
C SER S 196 54.42 7.61 15.59
N CYS S 197 54.01 7.12 16.75
CA CYS S 197 52.96 7.76 17.56
C CYS S 197 51.67 7.90 16.77
N ALA S 198 51.31 6.85 16.05
CA ALA S 198 50.06 6.80 15.31
C ALA S 198 49.96 7.94 14.30
N LEU S 199 51.06 8.21 13.62
CA LEU S 199 51.08 9.34 12.69
C LEU S 199 50.12 9.10 11.52
N ASN S 200 50.14 7.89 10.96
CA ASN S 200 49.41 7.57 9.73
C ASN S 200 48.31 6.55 9.97
N ALA S 201 47.89 6.36 11.20
CA ALA S 201 46.77 5.49 11.49
C ALA S 201 45.47 6.15 11.05
N PRO S 202 44.37 5.41 10.96
CA PRO S 202 43.09 6.05 10.61
C PRO S 202 42.60 6.89 11.78
N ALA S 203 42.39 8.17 11.51
CA ALA S 203 42.00 9.14 12.54
C ALA S 203 43.05 9.26 13.63
N ASN S 204 44.32 8.98 13.29
CA ASN S 204 45.42 9.07 14.24
C ASN S 204 45.17 8.21 15.47
N ILE S 205 44.57 7.05 15.26
CA ILE S 205 44.27 6.10 16.33
C ILE S 205 44.77 4.73 15.90
N GLN S 206 45.52 4.08 16.78
CA GLN S 206 46.09 2.77 16.53
C GLN S 206 45.50 1.79 17.55
N GLN S 207 45.02 0.65 17.07
CA GLN S 207 44.37 -0.34 17.91
C GLN S 207 45.38 -1.38 18.34
N PHE S 208 45.32 -1.76 19.62
CA PHE S 208 46.10 -2.85 20.17
C PHE S 208 45.16 -3.83 20.84
N GLU S 209 45.43 -5.12 20.66
CA GLU S 209 44.61 -6.18 21.23
C GLU S 209 45.51 -7.29 21.74
N HIS S 210 45.07 -7.95 22.80
CA HIS S 210 45.84 -9.03 23.40
C HIS S 210 44.89 -10.03 24.02
N ILE S 211 45.03 -11.30 23.63
CA ILE S 211 44.18 -12.39 24.09
C ILE S 211 45.00 -13.30 24.98
N VAL S 212 44.45 -13.65 26.14
CA VAL S 212 45.12 -14.54 27.09
C VAL S 212 44.16 -15.68 27.39
N GLN S 213 44.59 -16.90 27.10
CA GLN S 213 43.78 -18.10 27.26
C GLN S 213 44.17 -18.78 28.56
N LEU S 214 43.28 -18.74 29.56
CA LEU S 214 43.52 -19.50 30.76
C LEU S 214 43.41 -20.98 30.46
N ARG S 215 44.27 -21.79 31.08
CA ARG S 215 44.14 -23.23 30.94
C ARG S 215 42.96 -23.76 31.72
N ARG S 216 42.53 -23.05 32.76
CA ARG S 216 41.33 -23.41 33.52
C ARG S 216 40.52 -22.16 33.75
N ALA S 217 39.21 -22.27 33.55
CA ALA S 217 38.34 -21.12 33.71
C ALA S 217 38.22 -20.76 35.19
N LEU S 218 38.36 -19.47 35.49
CA LEU S 218 38.21 -18.97 36.84
C LEU S 218 36.79 -18.47 37.06
N THR S 219 36.39 -18.42 38.34
CA THR S 219 35.04 -18.08 38.74
C THR S 219 35.08 -16.99 39.79
N THR S 220 34.19 -16.00 39.64
CA THR S 220 34.03 -14.90 40.61
C THR S 220 35.36 -14.26 40.94
N ALA S 221 36.13 -13.93 39.90
CA ALA S 221 37.45 -13.38 40.08
C ALA S 221 37.37 -11.88 40.32
N THR S 222 37.95 -11.44 41.43
CA THR S 222 38.17 -10.03 41.70
C THR S 222 39.46 -9.61 41.03
N ILE S 223 39.40 -8.59 40.19
CA ILE S 223 40.52 -8.20 39.35
C ILE S 223 40.75 -6.72 39.56
N THR S 224 42.00 -6.30 39.47
CA THR S 224 42.37 -4.89 39.54
C THR S 224 43.05 -4.51 38.23
N LEU S 225 42.46 -3.53 37.53
CA LEU S 225 42.94 -3.09 36.23
C LEU S 225 43.44 -1.66 36.37
N LEU S 226 44.68 -1.42 35.99
CA LEU S 226 45.29 -0.11 36.05
C LEU S 226 45.91 0.24 34.71
N PRO S 227 46.07 1.53 34.39
CA PRO S 227 46.77 1.89 33.17
C PRO S 227 48.26 1.98 33.38
N ASP S 228 49.02 2.25 32.32
CA ASP S 228 50.45 2.49 32.41
C ASP S 228 51.17 1.28 33.02
N ALA S 229 51.17 0.18 32.25
CA ALA S 229 52.02 -0.96 32.58
C ALA S 229 53.45 -0.48 32.75
N GLU S 230 54.07 -0.87 33.86
CA GLU S 230 55.29 -0.22 34.30
C GLU S 230 56.53 -0.94 33.83
N ARG S 231 56.47 -2.25 33.63
CA ARG S 231 57.65 -2.98 33.19
C ARG S 231 58.01 -2.69 31.74
N PHE S 232 57.13 -2.06 30.97
CA PHE S 232 57.38 -1.72 29.59
C PHE S 232 57.28 -0.21 29.39
N SER S 233 57.88 0.53 30.31
CA SER S 233 57.82 1.99 30.27
C SER S 233 59.17 2.61 30.59
N PHE S 234 60.25 1.91 30.27
CA PHE S 234 61.59 2.45 30.39
C PHE S 234 62.39 1.96 29.20
N PRO S 235 63.51 2.60 28.88
CA PRO S 235 64.30 2.18 27.73
C PRO S 235 64.78 0.74 27.86
N ARG S 236 64.78 0.02 26.74
CA ARG S 236 65.27 -1.35 26.69
C ARG S 236 65.96 -1.57 25.36
N VAL S 237 66.80 -2.60 25.32
CA VAL S 237 67.31 -3.15 24.07
C VAL S 237 66.90 -4.62 24.03
N ILE S 238 66.16 -4.99 23.00
CA ILE S 238 65.44 -6.25 22.95
C ILE S 238 65.96 -7.06 21.78
N ASN S 239 66.34 -8.31 22.04
CA ASN S 239 66.73 -9.20 20.97
C ASN S 239 65.62 -9.30 19.95
N SER S 240 65.98 -9.56 18.70
CA SER S 240 65.00 -9.55 17.63
C SER S 240 64.10 -10.77 17.76
N ALA S 241 63.20 -10.91 16.78
CA ALA S 241 62.24 -12.01 16.82
C ALA S 241 62.93 -13.37 16.86
N ASP S 242 64.11 -13.47 16.27
CA ASP S 242 64.86 -14.72 16.18
C ASP S 242 66.27 -14.61 16.72
N GLY S 243 66.65 -13.48 17.29
CA GLY S 243 68.01 -13.29 17.79
C GLY S 243 69.00 -12.83 16.76
N ALA S 244 68.56 -12.41 15.58
CA ALA S 244 69.49 -11.94 14.56
C ALA S 244 70.24 -10.70 15.04
N THR S 245 69.51 -9.70 15.51
CA THR S 245 70.09 -8.45 15.97
C THR S 245 69.34 -8.05 17.24
N THR S 246 69.51 -6.80 17.66
CA THR S 246 68.81 -6.25 18.80
C THR S 246 68.30 -4.87 18.44
N TRP S 247 67.05 -4.59 18.82
CA TRP S 247 66.41 -3.32 18.49
C TRP S 247 66.16 -2.52 19.76
N PHE S 248 66.21 -1.21 19.60
CA PHE S 248 66.12 -0.27 20.71
C PHE S 248 64.67 0.15 20.91
N PHE S 249 64.23 0.20 22.16
CA PHE S 249 62.90 0.62 22.53
C PHE S 249 63.05 1.76 23.52
N ASN S 250 62.44 2.91 23.20
CA ASN S 250 62.58 4.14 23.96
C ASN S 250 61.18 4.68 24.22
N PRO S 251 60.49 4.14 25.22
CA PRO S 251 59.08 4.46 25.39
C PRO S 251 58.85 5.83 25.99
N ILE S 252 57.77 6.45 25.56
CA ILE S 252 57.16 7.60 26.21
C ILE S 252 55.68 7.32 26.28
N ILE S 253 55.12 7.32 27.48
CA ILE S 253 53.82 6.71 27.67
C ILE S 253 52.72 7.76 27.65
N LEU S 254 51.66 7.47 26.92
CA LEU S 254 50.39 8.16 26.99
C LEU S 254 49.38 7.25 27.66
N ARG S 255 48.25 7.80 28.05
CA ARG S 255 47.21 6.93 28.60
C ARG S 255 46.61 6.10 27.47
N PRO S 256 46.07 4.92 27.77
CA PRO S 256 45.33 4.18 26.76
C PRO S 256 43.89 4.67 26.70
N ASN S 257 43.54 5.34 25.60
CA ASN S 257 42.17 5.83 25.49
C ASN S 257 41.25 4.68 25.10
N ASN S 258 39.97 4.83 25.46
CA ASN S 258 38.88 3.88 25.27
C ASN S 258 39.34 2.43 25.39
N VAL S 259 40.09 2.15 26.46
CA VAL S 259 40.41 0.76 26.78
C VAL S 259 39.13 0.00 27.09
N GLU S 260 39.13 -1.28 26.75
CA GLU S 260 38.08 -2.20 27.16
C GLU S 260 38.71 -3.55 27.42
N VAL S 261 38.07 -4.32 28.30
CA VAL S 261 38.49 -5.68 28.59
C VAL S 261 37.25 -6.56 28.56
N GLU S 262 37.33 -7.64 27.80
CA GLU S 262 36.25 -8.59 27.68
C GLU S 262 36.67 -9.92 28.28
N PHE S 263 35.89 -10.41 29.22
CA PHE S 263 36.11 -11.72 29.83
C PHE S 263 35.15 -12.68 29.17
N LEU S 264 35.71 -13.74 28.59
CA LEU S 264 35.02 -14.63 27.66
C LEU S 264 35.02 -16.04 28.24
N LEU S 265 33.88 -16.72 28.12
CA LEU S 265 33.76 -18.11 28.52
C LEU S 265 33.22 -18.89 27.32
N ASN S 266 34.08 -19.64 26.65
CA ASN S 266 33.70 -20.41 25.48
C ASN S 266 33.15 -19.49 24.38
N GLY S 267 33.88 -18.43 24.09
CA GLY S 267 33.54 -17.51 23.02
C GLY S 267 32.70 -16.31 23.41
N GLN S 268 31.58 -16.53 24.07
CA GLN S 268 30.63 -15.44 24.28
C GLN S 268 31.16 -14.43 25.29
N ILE S 269 30.63 -13.22 25.22
CA ILE S 269 31.11 -12.12 26.05
C ILE S 269 30.42 -12.25 27.42
N ILE S 270 31.07 -12.89 28.38
CA ILE S 270 30.49 -12.95 29.71
C ILE S 270 30.49 -11.59 30.36
N ASN S 271 31.62 -10.88 30.30
CA ASN S 271 31.71 -9.54 30.87
C ASN S 271 32.48 -8.64 29.93
N THR S 272 32.16 -7.35 29.97
CA THR S 272 32.92 -6.37 29.21
C THR S 272 32.92 -5.06 29.99
N TYR S 273 34.11 -4.56 30.27
CA TYR S 273 34.30 -3.32 31.02
C TYR S 273 35.02 -2.33 30.13
N GLN S 274 34.42 -1.17 29.90
CA GLN S 274 34.94 -0.15 29.01
C GLN S 274 35.43 1.03 29.83
N ALA S 275 36.71 1.34 29.71
CA ALA S 275 37.29 2.56 30.27
C ALA S 275 37.02 2.67 31.76
N ARG S 276 37.11 1.53 32.46
CA ARG S 276 36.82 1.46 33.88
C ARG S 276 37.99 0.75 34.55
N PHE S 277 38.85 1.53 35.21
CA PHE S 277 39.99 1.01 35.93
C PHE S 277 39.57 0.71 37.36
N GLY S 278 40.55 0.48 38.23
CA GLY S 278 40.26 0.13 39.60
C GLY S 278 39.94 -1.34 39.72
N THR S 279 39.00 -1.69 40.59
CA THR S 279 38.62 -3.09 40.76
C THR S 279 37.40 -3.40 39.91
N ILE S 280 37.45 -4.55 39.24
CA ILE S 280 36.38 -5.07 38.44
C ILE S 280 36.19 -6.52 38.84
N VAL S 281 35.15 -7.15 38.28
CA VAL S 281 34.79 -8.52 38.63
C VAL S 281 34.47 -9.28 37.35
N ALA S 282 34.97 -10.51 37.27
CA ALA S 282 34.62 -11.44 36.20
C ALA S 282 33.93 -12.62 36.82
N ARG S 283 32.62 -12.76 36.58
CA ARG S 283 31.87 -13.82 37.24
C ARG S 283 32.35 -15.19 36.82
N ASN S 284 32.62 -15.38 35.53
CA ASN S 284 33.09 -16.66 35.03
C ASN S 284 33.75 -16.43 33.68
N PHE S 285 34.98 -16.90 33.51
CA PHE S 285 35.68 -16.64 32.28
C PHE S 285 36.78 -17.64 32.05
N ASP S 286 37.17 -17.77 30.78
CA ASP S 286 38.25 -18.64 30.34
C ASP S 286 39.27 -17.92 29.48
N THR S 287 38.94 -16.76 28.93
CA THR S 287 39.85 -15.98 28.12
C THR S 287 39.68 -14.52 28.49
N ILE S 288 40.77 -13.77 28.48
CA ILE S 288 40.75 -12.34 28.67
C ILE S 288 41.13 -11.68 27.35
N ARG S 289 40.45 -10.60 27.01
CA ARG S 289 40.68 -9.89 25.76
C ARG S 289 40.83 -8.41 26.08
N LEU S 290 42.08 -7.95 26.15
CA LEU S 290 42.38 -6.56 26.46
C LEU S 290 42.56 -5.81 25.16
N SER S 291 41.71 -4.83 24.90
CA SER S 291 41.73 -4.05 23.67
C SER S 291 41.82 -2.58 24.03
N PHE S 292 42.95 -1.96 23.72
CA PHE S 292 43.16 -0.55 24.02
C PHE S 292 43.63 0.14 22.74
N GLN S 293 43.85 1.45 22.83
CA GLN S 293 44.16 2.26 21.67
C GLN S 293 45.14 3.35 22.04
N LEU S 294 46.02 3.66 21.09
CA LEU S 294 46.95 4.78 21.20
C LEU S 294 46.46 5.85 20.23
N MET S 295 46.02 6.97 20.78
CA MET S 295 45.55 8.10 19.99
C MET S 295 46.60 9.20 20.03
N ARG S 296 46.99 9.67 18.86
CA ARG S 296 47.90 10.80 18.82
C ARG S 296 47.24 12.01 19.49
N PRO S 297 47.88 12.68 20.43
CA PRO S 297 47.23 13.81 21.07
C PRO S 297 47.02 14.93 20.08
N PRO S 298 45.79 15.40 19.87
CA PRO S 298 45.58 16.40 18.83
C PRO S 298 46.29 17.70 19.07
N ASN S 299 46.41 18.13 20.33
CA ASN S 299 47.04 19.39 20.70
C ASN S 299 48.35 19.10 21.41
N MET S 300 49.42 19.75 20.96
CA MET S 300 50.78 19.45 21.38
C MET S 300 51.41 20.73 21.90
N THR S 301 51.76 20.76 23.19
CA THR S 301 52.65 21.78 23.66
C THR S 301 54.01 21.57 22.99
N PRO S 302 54.83 22.62 22.87
CA PRO S 302 56.02 22.50 22.03
C PRO S 302 56.97 21.38 22.41
N ALA S 303 57.07 21.03 23.69
CA ALA S 303 57.96 19.93 24.05
C ALA S 303 57.50 18.62 23.44
N VAL S 304 56.23 18.27 23.64
CA VAL S 304 55.74 17.01 23.09
C VAL S 304 55.66 17.08 21.57
N ASN S 305 55.44 18.27 21.02
CA ASN S 305 55.49 18.42 19.58
C ASN S 305 56.88 18.09 19.05
N ALA S 306 57.91 18.56 19.74
CA ALA S 306 59.27 18.19 19.36
C ALA S 306 59.48 16.70 19.48
N LEU S 307 58.86 16.09 20.49
CA LEU S 307 59.00 14.64 20.67
C LEU S 307 58.48 13.87 19.47
N PHE S 308 57.27 14.16 19.02
CA PHE S 308 56.62 13.38 17.96
C PHE S 308 56.68 14.13 16.64
N PRO S 309 57.60 13.79 15.71
CA PRO S 309 57.70 14.55 14.46
C PRO S 309 56.92 13.89 13.33
N GLN S 310 56.75 14.60 12.22
CA GLN S 310 56.24 13.98 11.00
C GLN S 310 57.32 13.26 10.22
N ALA S 311 58.58 13.54 10.51
CA ALA S 311 59.68 12.99 9.75
C ALA S 311 59.91 11.53 10.16
N GLN S 312 60.98 10.94 9.66
CA GLN S 312 61.27 9.53 9.87
C GLN S 312 62.01 9.15 11.15
N PRO S 313 63.00 9.96 11.66
CA PRO S 313 63.84 9.50 12.77
C PRO S 313 63.15 8.81 13.94
N PHE S 314 62.17 9.47 14.58
CA PHE S 314 61.45 8.88 15.70
C PHE S 314 62.39 8.50 16.83
N GLN S 315 63.00 9.52 17.43
CA GLN S 315 63.88 9.30 18.56
C GLN S 315 63.15 8.84 19.81
N HIS S 316 61.82 8.96 19.85
CA HIS S 316 61.04 8.48 20.99
C HIS S 316 59.81 7.77 20.45
N HIS S 317 59.31 6.80 21.22
CA HIS S 317 58.31 5.86 20.73
C HIS S 317 57.14 5.82 21.67
N ALA S 318 55.95 6.12 21.17
CA ALA S 318 54.78 6.23 22.03
C ALA S 318 54.33 4.86 22.50
N THR S 319 53.92 4.80 23.77
CA THR S 319 53.50 3.56 24.40
C THR S 319 52.21 3.77 25.18
N VAL S 320 51.39 2.72 25.24
CA VAL S 320 50.20 2.71 26.08
C VAL S 320 50.09 1.34 26.71
N GLY S 321 49.95 1.30 28.05
CA GLY S 321 50.06 0.07 28.79
C GLY S 321 48.80 -0.26 29.58
N LEU S 322 48.80 -1.47 30.12
CA LEU S 322 47.74 -1.94 31.00
C LEU S 322 48.32 -2.99 31.93
N THR S 323 47.91 -2.94 33.19
CA THR S 323 48.22 -3.95 34.18
C THR S 323 46.90 -4.54 34.66
N LEU S 324 46.85 -5.87 34.78
CA LEU S 324 45.64 -6.57 35.19
C LEU S 324 46.06 -7.65 36.16
N ARG S 325 45.64 -7.51 37.42
CA ARG S 325 46.07 -8.41 38.47
C ARG S 325 44.87 -9.15 39.04
N ILE S 326 44.94 -10.48 39.05
CA ILE S 326 43.86 -11.28 39.60
C ILE S 326 44.03 -11.35 41.10
N GLU S 327 43.36 -10.47 41.84
CA GLU S 327 43.59 -10.42 43.28
C GLU S 327 43.13 -11.70 43.96
N SER S 328 41.94 -12.18 43.61
CA SER S 328 41.43 -13.42 44.17
C SER S 328 40.50 -14.06 43.15
N ALA S 329 40.31 -15.37 43.28
CA ALA S 329 39.48 -16.06 42.31
C ALA S 329 39.05 -17.41 42.87
N VAL S 330 38.12 -18.04 42.17
CA VAL S 330 37.62 -19.37 42.51
C VAL S 330 37.72 -20.23 41.27
N CYS S 331 38.30 -21.41 41.40
CA CYS S 331 38.60 -22.28 40.27
C CYS S 331 38.12 -23.70 40.55
N GLU S 332 37.75 -24.39 39.48
CA GLU S 332 37.36 -25.79 39.59
C GLU S 332 38.54 -26.65 40.03
N SER S 333 39.69 -26.42 39.42
CA SER S 333 40.86 -27.28 39.57
C SER S 333 41.94 -26.58 40.38
N VAL S 334 42.72 -27.38 41.08
CA VAL S 334 43.70 -26.87 42.02
C VAL S 334 44.77 -26.08 41.29
N LEU S 335 45.24 -25.01 41.92
CA LEU S 335 46.34 -24.21 41.41
C LEU S 335 47.18 -23.74 42.59
N ALA S 336 48.39 -23.28 42.30
CA ALA S 336 49.22 -22.72 43.35
C ALA S 336 48.76 -21.31 43.68
N ASP S 337 49.22 -20.82 44.83
CA ASP S 337 48.79 -19.55 45.37
C ASP S 337 49.98 -18.82 45.97
N ALA S 338 49.70 -17.61 46.44
CA ALA S 338 50.59 -16.90 47.35
C ALA S 338 50.19 -17.07 48.80
N ASN S 339 49.15 -17.85 49.08
CA ASN S 339 48.60 -17.98 50.42
C ASN S 339 48.70 -19.37 50.99
N GLU S 340 49.00 -20.38 50.18
CA GLU S 340 49.03 -21.77 50.62
C GLU S 340 50.25 -22.45 50.05
N THR S 341 50.91 -23.25 50.89
CA THR S 341 52.21 -23.83 50.58
C THR S 341 52.11 -25.26 50.06
N LEU S 342 51.05 -25.58 49.32
CA LEU S 342 50.87 -26.96 48.87
C LEU S 342 51.90 -27.35 47.83
N LEU S 343 52.07 -26.50 46.81
CA LEU S 343 53.06 -26.79 45.77
C LEU S 343 54.46 -26.80 46.36
N ALA S 344 54.73 -25.87 47.26
CA ALA S 344 56.03 -25.83 47.91
C ALA S 344 56.29 -27.11 48.68
N ASN S 345 55.29 -27.61 49.39
CA ASN S 345 55.48 -28.79 50.21
C ASN S 345 55.72 -30.02 49.35
N VAL S 346 54.90 -30.22 48.31
CA VAL S 346 55.10 -31.40 47.46
C VAL S 346 56.45 -31.34 46.76
N THR S 347 56.81 -30.18 46.21
CA THR S 347 58.08 -30.08 45.52
C THR S 347 59.25 -30.26 46.49
N ALA S 348 59.10 -29.76 47.71
CA ALA S 348 60.16 -29.94 48.69
C ALA S 348 60.36 -31.41 49.04
N VAL S 349 59.25 -32.14 49.23
CA VAL S 349 59.44 -33.54 49.58
C VAL S 349 60.00 -34.33 48.41
N ARG S 350 59.69 -33.93 47.18
CA ARG S 350 60.27 -34.64 46.04
C ARG S 350 61.76 -34.32 45.91
N GLN S 351 62.13 -33.05 46.01
CA GLN S 351 63.54 -32.67 45.87
C GLN S 351 64.38 -33.19 47.02
N GLU S 352 63.81 -33.29 48.22
CA GLU S 352 64.58 -33.71 49.38
C GLU S 352 65.13 -35.10 49.19
N TYR S 353 64.33 -36.01 48.64
CA TYR S 353 64.71 -37.40 48.47
C TYR S 353 65.05 -37.76 47.02
N ALA S 354 65.04 -36.79 46.11
CA ALA S 354 65.57 -36.99 44.76
C ALA S 354 64.80 -38.09 44.04
N ILE S 355 63.51 -37.86 43.86
CA ILE S 355 62.63 -38.84 43.23
C ILE S 355 62.89 -38.82 41.73
N PRO S 356 63.09 -39.97 41.08
CA PRO S 356 63.32 -39.95 39.63
C PRO S 356 62.08 -39.44 38.89
N VAL S 357 62.32 -38.87 37.70
CA VAL S 357 61.24 -38.24 36.96
C VAL S 357 60.20 -39.28 36.58
N GLY S 358 58.95 -38.98 36.91
CA GLY S 358 57.85 -39.88 36.65
C GLY S 358 57.25 -39.67 35.28
N PRO S 359 56.12 -40.31 35.01
CA PRO S 359 55.54 -40.23 33.66
C PRO S 359 54.86 -38.91 33.35
N VAL S 360 54.16 -38.31 34.32
CA VAL S 360 53.21 -37.23 34.04
C VAL S 360 53.74 -35.87 34.48
N PHE S 361 54.21 -35.73 35.71
CA PHE S 361 54.64 -34.41 36.16
C PHE S 361 55.92 -34.00 35.43
N PRO S 362 56.16 -32.70 35.26
CA PRO S 362 57.40 -32.27 34.63
C PRO S 362 58.57 -32.46 35.57
N PRO S 363 59.79 -32.46 35.07
CA PRO S 363 60.94 -32.68 35.96
C PRO S 363 61.09 -31.51 36.93
N GLY S 364 61.11 -31.84 38.22
CA GLY S 364 61.25 -30.84 39.25
C GLY S 364 59.97 -30.11 39.61
N MET S 365 58.82 -30.60 39.13
CA MET S 365 57.53 -29.95 39.40
C MET S 365 57.56 -28.49 38.99
N ASN S 366 58.15 -28.22 37.83
CA ASN S 366 58.22 -26.86 37.33
C ASN S 366 56.80 -26.35 37.06
N TRP S 367 56.37 -25.33 37.79
CA TRP S 367 54.99 -24.88 37.67
C TRP S 367 54.69 -24.33 36.30
N THR S 368 55.69 -23.76 35.62
CA THR S 368 55.42 -23.12 34.33
C THR S 368 54.94 -24.15 33.32
N GLU S 369 55.68 -25.24 33.14
CA GLU S 369 55.22 -26.27 32.22
C GLU S 369 54.26 -27.25 32.88
N LEU S 370 54.01 -27.14 34.18
CA LEU S 370 52.93 -27.90 34.80
C LEU S 370 51.58 -27.21 34.64
N ILE S 371 51.58 -25.92 34.31
CA ILE S 371 50.35 -25.19 34.01
C ILE S 371 50.20 -24.89 32.53
N THR S 372 51.28 -24.92 31.75
CA THR S 372 51.14 -24.75 30.32
C THR S 372 50.42 -25.95 29.71
N ASN S 373 50.86 -27.16 30.03
CA ASN S 373 50.23 -28.40 29.62
C ASN S 373 49.57 -29.00 30.85
N TYR S 374 48.25 -28.88 30.93
CA TYR S 374 47.48 -29.19 32.12
C TYR S 374 46.38 -30.19 31.79
N SER S 375 46.75 -31.29 31.14
CA SER S 375 45.79 -32.30 30.74
C SER S 375 45.06 -32.86 31.95
N PRO S 376 43.92 -33.53 31.76
CA PRO S 376 43.18 -34.06 32.93
C PRO S 376 43.99 -34.99 33.81
N SER S 377 44.88 -35.80 33.23
CA SER S 377 45.73 -36.66 34.05
C SER S 377 46.62 -35.82 34.96
N ARG S 378 47.25 -34.80 34.40
CA ARG S 378 48.02 -33.87 35.21
C ARG S 378 47.14 -33.25 36.29
N GLU S 379 45.95 -32.82 35.92
CA GLU S 379 45.09 -32.08 36.83
C GLU S 379 44.72 -32.94 38.03
N ASP S 380 44.20 -34.14 37.78
CA ASP S 380 43.69 -34.94 38.88
C ASP S 380 44.82 -35.55 39.70
N ASN S 381 45.95 -35.90 39.08
CA ASN S 381 47.08 -36.34 39.88
C ASN S 381 47.63 -35.21 40.73
N LEU S 382 47.66 -33.99 40.18
CA LEU S 382 48.09 -32.85 40.95
C LEU S 382 47.16 -32.62 42.13
N GLN S 383 45.86 -32.77 41.91
CA GLN S 383 44.91 -32.63 43.01
C GLN S 383 45.18 -33.66 44.08
N ARG S 384 45.49 -34.89 43.69
CA ARG S 384 45.77 -35.93 44.69
C ARG S 384 46.99 -35.56 45.54
N VAL S 385 48.09 -35.19 44.90
CA VAL S 385 49.29 -34.88 45.68
C VAL S 385 49.07 -33.61 46.51
N PHE S 386 48.34 -32.64 45.97
CA PHE S 386 48.08 -31.42 46.72
C PHE S 386 47.24 -31.69 47.96
N THR S 387 46.21 -32.52 47.84
CA THR S 387 45.39 -32.79 49.02
C THR S 387 46.15 -33.62 50.04
N VAL S 388 47.03 -34.52 49.59
CA VAL S 388 47.86 -35.23 50.55
C VAL S 388 48.77 -34.24 51.28
N ALA S 389 49.31 -33.26 50.57
CA ALA S 389 50.13 -32.24 51.20
C ALA S 389 49.32 -31.43 52.20
N SER S 390 48.06 -31.13 51.86
CA SER S 390 47.18 -30.44 52.80
C SER S 390 47.00 -31.24 54.06
N ILE S 391 46.82 -32.56 53.91
CA ILE S 391 46.69 -33.42 55.08
C ILE S 391 47.95 -33.35 55.92
N ARG S 392 49.11 -33.40 55.27
CA ARG S 392 50.37 -33.43 56.00
C ARG S 392 50.60 -32.14 56.76
N SER S 393 50.29 -31.00 56.15
CA SER S 393 50.58 -29.72 56.77
C SER S 393 49.76 -29.49 58.03
N MET S 394 48.69 -30.25 58.24
CA MET S 394 47.95 -30.13 59.50
C MET S 394 48.80 -30.52 60.68
N LEU S 395 49.78 -31.40 60.49
CA LEU S 395 50.63 -31.90 61.57
C LEU S 395 52.08 -31.44 61.41
N ILE S 396 52.72 -31.78 60.30
CA ILE S 396 54.13 -31.49 60.09
C ILE S 396 54.23 -30.20 59.31
N LYS S 397 54.93 -29.23 59.87
CA LYS S 397 54.89 -27.89 59.36
C LYS S 397 56.13 -27.14 59.81
N MET T 1 17.95 -13.86 59.71
CA MET T 1 19.26 -13.92 59.01
C MET T 1 20.27 -14.70 59.85
N GLU T 2 20.20 -14.54 61.16
CA GLU T 2 20.94 -15.43 62.05
C GLU T 2 20.50 -16.87 61.83
N VAL T 3 19.20 -17.07 61.61
CA VAL T 3 18.71 -18.41 61.32
C VAL T 3 19.23 -18.90 59.99
N LEU T 4 19.37 -18.00 59.00
CA LEU T 4 19.95 -18.41 57.74
C LEU T 4 21.39 -18.87 57.91
N TYR T 5 22.17 -18.15 58.71
CA TYR T 5 23.53 -18.61 58.96
C TYR T 5 23.52 -19.94 59.69
N SER T 6 22.59 -20.13 60.62
CA SER T 6 22.52 -21.40 61.32
C SER T 6 22.19 -22.53 60.35
N LEU T 7 21.30 -22.29 59.41
CA LEU T 7 21.01 -23.28 58.37
C LEU T 7 22.28 -23.62 57.59
N SER T 8 23.01 -22.60 57.15
CA SER T 8 24.20 -22.88 56.35
C SER T 8 25.25 -23.63 57.16
N LYS T 9 25.47 -23.21 58.41
CA LYS T 9 26.46 -23.88 59.24
C LYS T 9 26.07 -25.32 59.48
N THR T 10 24.80 -25.60 59.76
CA THR T 10 24.43 -26.96 60.07
C THR T 10 24.44 -27.84 58.82
N LEU T 11 24.16 -27.28 57.64
CA LEU T 11 24.35 -28.08 56.43
C LEU T 11 25.82 -28.36 56.16
N LYS T 12 26.69 -27.38 56.37
CA LYS T 12 28.11 -27.63 56.17
C LYS T 12 28.59 -28.71 57.14
N ASP T 13 28.16 -28.62 58.39
CA ASP T 13 28.53 -29.64 59.37
C ASP T 13 27.95 -30.99 58.98
N ALA T 14 26.72 -31.03 58.49
CA ALA T 14 26.13 -32.30 58.10
C ALA T 14 26.90 -32.93 56.95
N ARG T 15 27.27 -32.12 55.96
CA ARG T 15 27.99 -32.65 54.81
C ARG T 15 29.39 -33.11 55.20
N ASP T 16 30.01 -32.48 56.19
CA ASP T 16 31.37 -32.82 56.57
C ASP T 16 31.47 -33.91 57.63
N LYS T 17 30.45 -34.07 58.47
CA LYS T 17 30.53 -34.94 59.63
C LYS T 17 29.65 -36.18 59.55
N ILE T 18 28.68 -36.22 58.65
CA ILE T 18 27.87 -37.42 58.42
C ILE T 18 28.51 -38.13 57.23
N VAL T 19 29.49 -38.98 57.51
CA VAL T 19 30.26 -39.70 56.51
C VAL T 19 30.34 -41.15 56.91
N GLU T 20 30.58 -42.01 55.91
CA GLU T 20 30.54 -43.45 56.13
C GLU T 20 31.55 -43.87 57.18
N GLY T 21 31.09 -44.65 58.15
CA GLY T 21 31.96 -45.23 59.14
C GLY T 21 32.29 -44.36 60.33
N THR T 22 31.80 -43.12 60.37
CA THR T 22 32.11 -42.23 61.48
C THR T 22 31.25 -42.57 62.68
N LEU T 23 31.83 -42.49 63.88
CA LEU T 23 31.09 -42.87 65.06
C LEU T 23 29.92 -41.94 65.29
N TYR T 24 28.91 -42.45 66.01
CA TYR T 24 27.82 -41.60 66.44
C TYR T 24 28.26 -40.62 67.51
N SER T 25 29.36 -40.89 68.20
CA SER T 25 29.87 -39.92 69.16
C SER T 25 30.27 -38.64 68.45
N ASN T 26 30.86 -38.75 67.27
CA ASN T 26 31.30 -37.56 66.54
C ASN T 26 30.12 -36.69 66.10
N VAL T 27 28.92 -37.25 65.97
CA VAL T 27 27.86 -36.58 65.24
C VAL T 27 26.55 -36.58 66.02
N SER T 28 26.57 -36.96 67.29
CA SER T 28 25.34 -37.01 68.07
C SER T 28 24.72 -35.62 68.21
N ASP T 29 25.50 -34.64 68.67
CA ASP T 29 24.95 -33.30 68.85
C ASP T 29 24.55 -32.69 67.52
N LEU T 30 25.31 -32.97 66.46
CA LEU T 30 24.92 -32.49 65.13
C LEU T 30 23.59 -33.11 64.71
N ILE T 31 23.40 -34.39 65.00
CA ILE T 31 22.14 -35.03 64.65
C ILE T 31 21.00 -34.40 65.43
N GLN T 32 21.23 -34.04 66.68
CA GLN T 32 20.20 -33.36 67.46
C GLN T 32 19.84 -32.03 66.82
N GLN T 33 20.86 -31.27 66.41
CA GLN T 33 20.61 -30.00 65.74
C GLN T 33 19.85 -30.21 64.43
N PHE T 34 20.24 -31.23 63.67
CA PHE T 34 19.59 -31.48 62.38
C PHE T 34 18.15 -31.89 62.56
N ASN T 35 17.87 -32.72 63.57
CA ASN T 35 16.49 -33.12 63.83
C ASN T 35 15.66 -31.93 64.26
N GLN T 36 16.21 -31.05 65.09
CA GLN T 36 15.48 -29.85 65.47
C GLN T 36 15.17 -29.01 64.24
N MET T 37 16.15 -28.88 63.35
CA MET T 37 15.95 -28.10 62.13
C MET T 37 14.86 -28.71 61.26
N ILE T 38 14.87 -30.04 61.12
CA ILE T 38 13.86 -30.69 60.30
C ILE T 38 12.47 -30.46 60.90
N VAL T 39 12.34 -30.65 62.20
CA VAL T 39 11.05 -30.49 62.85
C VAL T 39 10.54 -29.07 62.68
N THR T 40 11.42 -28.09 62.82
CA THR T 40 10.99 -26.71 62.68
C THR T 40 10.60 -26.39 61.25
N MET T 41 11.35 -26.89 60.27
CA MET T 41 11.12 -26.52 58.88
C MET T 41 10.00 -27.32 58.22
N ASN T 42 9.57 -28.43 58.80
CA ASN T 42 8.51 -29.21 58.20
C ASN T 42 7.21 -28.40 58.14
N GLY T 43 6.43 -28.61 57.10
CA GLY T 43 5.15 -27.94 56.95
C GLY T 43 5.25 -26.45 56.73
N ASN T 44 6.18 -26.02 55.89
CA ASN T 44 6.29 -24.63 55.47
C ASN T 44 6.45 -24.58 53.97
N ASP T 45 6.09 -23.44 53.39
CA ASP T 45 6.17 -23.22 51.95
C ASP T 45 6.87 -21.90 51.72
N PHE T 46 8.11 -21.97 51.25
CA PHE T 46 8.88 -20.78 50.93
C PHE T 46 8.83 -20.53 49.43
N GLN T 47 8.91 -19.27 49.05
CA GLN T 47 8.97 -18.86 47.66
C GLN T 47 10.19 -18.00 47.48
N THR T 48 10.98 -18.28 46.46
CA THR T 48 12.27 -17.63 46.24
C THR T 48 12.34 -17.10 44.83
N GLY T 49 12.73 -15.85 44.69
CA GLY T 49 12.96 -15.24 43.39
C GLY T 49 11.78 -14.44 42.91
N GLY T 50 11.94 -13.93 41.69
CA GLY T 50 10.97 -13.05 41.07
C GLY T 50 11.50 -11.68 40.71
N ILE T 51 12.81 -11.48 40.74
CA ILE T 51 13.44 -10.21 40.41
C ILE T 51 14.46 -10.47 39.31
N GLY T 52 14.44 -9.64 38.28
CA GLY T 52 15.30 -9.91 37.14
C GLY T 52 14.94 -11.23 36.50
N ASN T 53 15.95 -11.96 36.07
CA ASN T 53 15.77 -13.27 35.45
C ASN T 53 15.85 -14.41 36.46
N LEU T 54 16.02 -14.13 37.74
CA LEU T 54 16.16 -15.21 38.70
C LEU T 54 14.82 -15.93 38.81
N PRO T 55 14.74 -17.23 38.57
CA PRO T 55 13.44 -17.85 38.39
C PRO T 55 12.72 -18.08 39.72
N ILE T 56 11.40 -17.93 39.68
CA ILE T 56 10.59 -18.26 40.85
C ILE T 56 10.77 -19.73 41.16
N ARG T 57 10.86 -20.05 42.44
CA ARG T 57 10.93 -21.43 42.90
C ARG T 57 10.13 -21.57 44.18
N ASN T 58 9.53 -22.73 44.36
CA ASN T 58 8.75 -23.04 45.56
C ASN T 58 9.40 -24.20 46.30
N TRP T 59 9.56 -24.04 47.60
CA TRP T 59 10.20 -25.02 48.46
C TRP T 59 9.21 -25.50 49.50
N THR T 60 9.02 -26.80 49.58
CA THR T 60 8.15 -27.44 50.57
C THR T 60 8.95 -28.52 51.27
N PHE T 61 8.88 -28.53 52.59
CA PHE T 61 9.68 -29.43 53.41
C PHE T 61 8.78 -30.48 54.06
N ASP T 62 8.98 -31.73 53.69
CA ASP T 62 8.47 -32.87 54.46
C ASP T 62 9.57 -33.92 54.44
N PHE T 63 10.44 -33.87 55.44
CA PHE T 63 11.55 -34.81 55.56
C PHE T 63 11.50 -35.47 56.92
N GLY T 64 11.72 -36.78 56.94
CA GLY T 64 11.78 -37.48 58.20
C GLY T 64 13.06 -37.17 58.96
N LEU T 65 13.04 -37.49 60.25
CA LEU T 65 14.22 -37.26 61.09
C LEU T 65 15.33 -38.21 60.68
N LEU T 66 16.48 -38.05 61.32
CA LEU T 66 17.65 -38.89 61.10
C LEU T 66 17.78 -39.88 62.24
N GLY T 67 18.20 -41.09 61.91
CA GLY T 67 18.25 -42.14 62.91
C GLY T 67 19.25 -41.82 64.00
N THR T 68 19.06 -42.45 65.16
CA THR T 68 19.92 -42.27 66.32
C THR T 68 20.37 -43.59 66.94
N THR T 69 19.83 -44.72 66.50
CA THR T 69 20.14 -46.00 67.11
C THR T 69 21.46 -46.60 66.61
N LEU T 70 22.09 -45.96 65.62
CA LEU T 70 23.28 -46.53 65.01
C LEU T 70 24.51 -46.21 65.83
N LEU T 71 25.26 -47.25 66.21
CA LEU T 71 26.51 -47.02 66.94
C LEU T 71 27.52 -46.31 66.06
N ASN T 72 27.70 -46.80 64.83
CA ASN T 72 28.71 -46.30 63.92
C ASN T 72 28.08 -46.16 62.55
N LEU T 73 28.15 -44.96 61.98
CA LEU T 73 27.40 -44.67 60.77
C LEU T 73 27.79 -45.61 59.64
N ASP T 74 26.79 -46.00 58.85
CA ASP T 74 26.95 -46.91 57.73
C ASP T 74 26.54 -46.18 56.46
N ALA T 75 26.44 -46.91 55.36
CA ALA T 75 26.11 -46.29 54.09
C ALA T 75 24.72 -45.68 54.11
N ASN T 76 23.69 -46.53 54.30
CA ASN T 76 22.31 -46.13 54.07
C ASN T 76 21.95 -44.84 54.80
N TYR T 77 22.47 -44.69 56.02
CA TYR T 77 22.37 -43.42 56.73
C TYR T 77 22.84 -42.28 55.87
N VAL T 78 23.98 -42.46 55.19
CA VAL T 78 24.56 -41.37 54.43
C VAL T 78 23.71 -41.03 53.22
N GLU T 79 23.18 -42.03 52.52
CA GLU T 79 22.31 -41.73 51.38
C GLU T 79 21.02 -41.04 51.80
N THR T 80 20.38 -41.49 52.87
CA THR T 80 19.18 -40.79 53.33
C THR T 80 19.51 -39.34 53.68
N ALA T 81 20.58 -39.15 54.45
CA ALA T 81 20.98 -37.80 54.82
C ALA T 81 21.30 -36.96 53.60
N ARG T 82 21.96 -37.54 52.60
CA ARG T 82 22.34 -36.74 51.44
C ARG T 82 21.14 -36.37 50.60
N THR T 83 20.19 -37.27 50.41
CA THR T 83 19.03 -36.89 49.62
C THR T 83 18.25 -35.78 50.31
N THR T 84 18.30 -35.72 51.64
CA THR T 84 17.78 -34.52 52.31
C THR T 84 18.68 -33.31 52.09
N ILE T 85 20.00 -33.52 52.16
CA ILE T 85 20.94 -32.42 52.27
C ILE T 85 21.05 -31.66 50.96
N GLU T 86 21.03 -32.35 49.82
CA GLU T 86 21.11 -31.60 48.56
C GLU T 86 19.89 -30.69 48.41
N TYR T 87 18.71 -31.17 48.80
CA TYR T 87 17.54 -30.32 48.73
C TYR T 87 17.71 -29.09 49.61
N PHE T 88 18.17 -29.31 50.86
CA PHE T 88 18.32 -28.16 51.75
C PHE T 88 19.38 -27.20 51.22
N ILE T 89 20.47 -27.72 50.67
CA ILE T 89 21.53 -26.85 50.17
C ILE T 89 21.02 -26.03 49.00
N ASP T 90 20.23 -26.64 48.11
CA ASP T 90 19.65 -25.87 47.03
C ASP T 90 18.74 -24.77 47.56
N PHE T 91 17.94 -25.09 48.59
CA PHE T 91 17.07 -24.08 49.18
C PHE T 91 17.88 -22.91 49.74
N ILE T 92 18.94 -23.22 50.49
CA ILE T 92 19.71 -22.16 51.13
C ILE T 92 20.45 -21.35 50.09
N ASP T 93 20.98 -22.00 49.06
CA ASP T 93 21.64 -21.28 47.98
C ASP T 93 20.68 -20.31 47.31
N ASN T 94 19.47 -20.76 47.02
CA ASN T 94 18.51 -19.87 46.37
C ASN T 94 18.09 -18.73 47.30
N VAL T 95 17.96 -19.01 48.60
CA VAL T 95 17.58 -17.96 49.54
C VAL T 95 18.65 -16.88 49.58
N CYS T 96 19.91 -17.29 49.70
CA CYS T 96 20.98 -16.31 49.72
C CYS T 96 21.06 -15.56 48.40
N MET T 97 20.88 -16.25 47.28
CA MET T 97 20.95 -15.60 45.99
C MET T 97 19.86 -14.55 45.85
N ASP T 98 18.65 -14.87 46.30
CA ASP T 98 17.55 -13.93 46.21
C ASP T 98 17.70 -12.78 47.19
N GLU T 99 18.39 -13.02 48.30
CA GLU T 99 18.63 -11.95 49.26
C GLU T 99 19.70 -10.99 48.75
N MET T 100 20.70 -11.51 48.04
CA MET T 100 21.79 -10.67 47.58
C MET T 100 21.39 -9.72 46.45
N VAL T 101 20.20 -9.88 45.88
CA VAL T 101 19.79 -9.08 44.72
C VAL T 101 18.79 -7.99 45.09
N ARG T 102 18.52 -7.80 46.38
CA ARG T 102 17.51 -6.87 46.83
C ARG T 102 18.13 -5.82 47.73
N GLU T 103 17.69 -4.59 47.56
CA GLU T 103 18.18 -3.44 48.30
C GLU T 103 17.02 -2.82 49.08
N SER T 104 17.35 -1.81 49.88
CA SER T 104 16.33 -1.07 50.61
C SER T 104 16.95 0.25 51.02
N GLN T 105 16.42 1.35 50.49
CA GLN T 105 16.97 2.66 50.80
C GLN T 105 16.79 2.98 52.27
N ARG T 106 15.65 2.61 52.85
CA ARG T 106 15.37 2.78 54.27
C ARG T 106 15.44 1.43 54.96
N ASN T 107 16.19 1.37 56.07
CA ASN T 107 16.30 0.15 56.86
C ASN T 107 16.91 -0.99 56.03
N GLY T 108 18.17 -0.79 55.63
CA GLY T 108 18.84 -1.77 54.80
C GLY T 108 19.09 -3.08 55.53
N VAL T 109 19.52 -3.00 56.79
CA VAL T 109 19.91 -4.21 57.51
C VAL T 109 18.75 -5.16 57.71
N ALA T 110 17.52 -4.66 57.71
CA ALA T 110 16.39 -5.55 57.85
C ALA T 110 16.32 -6.47 56.64
N PRO T 111 15.84 -7.70 56.81
CA PRO T 111 15.85 -8.64 55.69
C PRO T 111 14.95 -8.18 54.55
N GLN T 112 15.30 -8.62 53.36
CA GLN T 112 14.46 -8.60 52.18
C GLN T 112 14.23 -10.06 51.82
N SER T 113 13.69 -10.33 50.63
CA SER T 113 13.52 -11.73 50.25
C SER T 113 12.53 -12.42 51.17
N GLU T 114 11.23 -12.22 50.90
CA GLU T 114 10.13 -12.73 51.71
C GLU T 114 10.38 -14.12 52.28
N ALA T 115 11.08 -14.99 51.57
CA ALA T 115 11.56 -16.23 52.17
C ALA T 115 12.38 -15.95 53.42
N LEU T 116 13.39 -15.08 53.29
CA LEU T 116 14.23 -14.77 54.44
C LEU T 116 13.43 -14.02 55.51
N ARG T 117 12.50 -13.18 55.08
CA ARG T 117 11.67 -12.46 56.05
C ARG T 117 10.82 -13.45 56.86
N LYS T 118 10.28 -14.47 56.20
CA LYS T 118 9.56 -15.52 56.90
C LYS T 118 10.48 -16.28 57.84
N LEU T 119 11.70 -16.56 57.39
CA LEU T 119 12.66 -17.25 58.25
C LEU T 119 12.97 -16.44 59.50
N ALA T 120 12.92 -15.11 59.39
CA ALA T 120 13.19 -14.26 60.54
C ALA T 120 12.14 -14.39 61.64
N GLY T 121 11.00 -15.00 61.38
CA GLY T 121 9.92 -15.04 62.34
C GLY T 121 10.26 -15.83 63.59
N ILE T 122 9.36 -15.76 64.55
CA ILE T 122 9.61 -16.34 65.87
C ILE T 122 9.59 -17.86 65.80
N LYS T 123 8.92 -18.44 64.81
CA LYS T 123 8.83 -19.89 64.73
C LYS T 123 10.21 -20.52 64.56
N PHE T 124 11.05 -19.92 63.74
CA PHE T 124 12.32 -20.51 63.37
C PHE T 124 13.46 -20.09 64.27
N LYS T 125 13.17 -19.49 65.42
CA LYS T 125 14.26 -19.07 66.30
C LYS T 125 14.91 -20.25 67.00
N ARG T 126 14.33 -21.43 66.90
CA ARG T 126 14.92 -22.64 67.46
C ARG T 126 15.96 -23.26 66.55
N ILE T 127 16.20 -22.69 65.37
CA ILE T 127 17.30 -23.14 64.52
C ILE T 127 18.64 -22.52 64.92
N ASN T 128 18.64 -21.47 65.74
CA ASN T 128 19.87 -20.75 66.02
C ASN T 128 20.90 -21.67 66.63
N PHE T 129 21.93 -21.98 65.87
CA PHE T 129 22.89 -23.02 66.19
C PHE T 129 24.21 -22.46 66.69
N ASN T 130 24.77 -21.50 65.96
CA ASN T 130 26.15 -21.09 66.16
C ASN T 130 26.38 -19.87 65.29
N ASN T 131 27.13 -18.90 65.80
CA ASN T 131 27.44 -17.68 65.06
C ASN T 131 28.93 -17.43 65.17
N SER T 132 29.70 -18.11 64.32
CA SER T 132 31.14 -18.22 64.50
C SER T 132 31.95 -17.43 63.49
N SER T 133 31.52 -17.40 62.24
CA SER T 133 32.28 -16.70 61.21
C SER T 133 32.38 -15.22 61.55
N GLU T 134 33.36 -14.57 60.95
CA GLU T 134 33.61 -13.17 61.26
C GLU T 134 32.40 -12.32 60.92
N TYR T 135 31.79 -12.57 59.77
CA TYR T 135 30.73 -11.69 59.31
C TYR T 135 29.46 -11.85 60.13
N ILE T 136 29.09 -13.09 60.46
CA ILE T 136 27.92 -13.27 61.31
C ILE T 136 28.21 -12.77 62.73
N GLU T 137 29.45 -12.90 63.19
CA GLU T 137 29.78 -12.36 64.50
C GLU T 137 29.57 -10.86 64.53
N ASN T 138 30.04 -10.16 63.50
CA ASN T 138 29.86 -8.71 63.49
C ASN T 138 28.41 -8.33 63.28
N TRP T 139 27.65 -9.14 62.54
CA TRP T 139 26.21 -8.90 62.44
C TRP T 139 25.54 -8.99 63.79
N ASN T 140 25.87 -10.04 64.55
CA ASN T 140 25.29 -10.18 65.88
C ASN T 140 25.70 -9.02 66.77
N LEU T 141 26.95 -8.59 66.68
CA LEU T 141 27.39 -7.48 67.51
C LEU T 141 26.64 -6.20 67.16
N GLN T 142 26.47 -5.93 65.87
CA GLN T 142 25.72 -4.74 65.47
C GLN T 142 24.30 -4.77 66.02
N ASN T 143 23.61 -5.91 65.89
CA ASN T 143 22.28 -6.01 66.51
C ASN T 143 22.38 -5.88 68.03
N ARG T 144 23.53 -6.21 68.59
CA ARG T 144 23.83 -6.16 70.01
C ARG T 144 24.68 -4.93 70.33
N ARG T 145 24.34 -3.81 69.70
CA ARG T 145 25.24 -2.74 69.27
C ARG T 145 26.49 -2.58 70.13
N GLN T 146 27.64 -2.68 69.49
CA GLN T 146 28.94 -2.44 70.11
C GLN T 146 29.97 -2.56 69.00
N ARG T 147 31.25 -2.45 69.36
CA ARG T 147 32.29 -2.34 68.35
C ARG T 147 32.36 -3.59 67.49
N THR T 148 32.38 -3.37 66.17
CA THR T 148 32.57 -4.42 65.18
C THR T 148 33.92 -4.23 64.53
N GLY T 149 34.54 -5.34 64.17
CA GLY T 149 35.84 -5.29 63.53
C GLY T 149 36.03 -6.34 62.46
N PHE T 150 36.32 -5.90 61.25
CA PHE T 150 36.63 -6.78 60.14
C PHE T 150 38.11 -6.58 59.82
N VAL T 151 38.87 -7.67 59.87
CA VAL T 151 40.29 -7.63 59.54
C VAL T 151 40.44 -7.89 58.05
N PHE T 152 41.21 -7.04 57.38
CA PHE T 152 41.34 -7.06 55.94
C PHE T 152 42.79 -7.14 55.53
N HIS T 153 43.02 -7.78 54.39
CA HIS T 153 44.33 -7.92 53.78
C HIS T 153 44.30 -7.22 52.44
N LYS T 154 45.15 -6.21 52.27
CA LYS T 154 45.12 -5.33 51.11
C LYS T 154 43.72 -4.75 50.91
N PRO T 155 43.16 -4.07 51.91
CA PRO T 155 41.83 -3.47 51.72
C PRO T 155 41.89 -2.41 50.66
N ASN T 156 40.88 -2.39 49.78
CA ASN T 156 40.79 -1.36 48.75
C ASN T 156 39.92 -0.21 49.25
N ILE T 157 40.38 0.38 50.34
CA ILE T 157 39.69 1.52 50.93
C ILE T 157 39.78 2.74 50.02
N PHE T 158 40.80 2.83 49.18
CA PHE T 158 41.01 4.01 48.35
C PHE T 158 40.25 3.88 47.04
N PRO T 159 39.33 4.77 46.71
CA PRO T 159 38.74 4.72 45.38
C PRO T 159 39.80 5.01 44.34
N TYR T 160 39.63 4.41 43.15
CA TYR T 160 40.58 4.68 42.09
C TYR T 160 40.58 6.15 41.74
N SER T 161 41.77 6.75 41.70
CA SER T 161 41.87 8.17 41.43
C SER T 161 43.31 8.47 41.01
N ALA T 162 43.48 8.89 39.76
CA ALA T 162 44.76 9.33 39.24
C ALA T 162 44.62 10.78 38.82
N SER T 163 45.49 11.65 39.34
CA SER T 163 45.32 13.07 39.06
C SER T 163 46.53 13.83 39.55
N PHE T 164 46.65 15.07 39.10
CA PHE T 164 47.78 15.93 39.42
C PHE T 164 47.29 17.33 39.74
N THR T 165 48.14 18.07 40.45
CA THR T 165 47.92 19.48 40.75
C THR T 165 49.19 20.24 40.41
N LEU T 166 49.04 21.42 39.82
CA LEU T 166 50.15 22.26 39.40
C LEU T 166 50.11 23.55 40.20
N ASN T 167 51.09 23.75 41.06
CA ASN T 167 51.19 24.97 41.84
C ASN T 167 51.96 26.07 41.10
N ARG T 168 52.65 25.74 40.01
CA ARG T 168 53.24 26.73 39.13
C ARG T 168 52.98 26.27 37.70
N SER T 169 52.30 27.10 36.91
CA SER T 169 51.83 26.70 35.60
C SER T 169 52.02 27.82 34.60
N GLN T 170 52.29 27.43 33.37
CA GLN T 170 52.38 28.31 32.21
C GLN T 170 51.57 27.69 31.09
N PRO T 171 51.12 28.48 30.12
CA PRO T 171 50.41 27.88 28.98
C PRO T 171 51.30 27.01 28.14
N MET T 172 52.62 27.18 28.20
CA MET T 172 53.54 26.31 27.49
C MET T 172 53.96 25.10 28.30
N HIS T 173 53.71 25.09 29.61
CA HIS T 173 53.99 23.94 30.47
C HIS T 173 55.45 23.51 30.40
N ASP T 174 56.35 24.48 30.50
CA ASP T 174 57.79 24.21 30.42
C ASP T 174 58.51 24.34 31.76
N ASN T 175 57.96 25.11 32.70
CA ASN T 175 58.54 25.25 34.04
C ASN T 175 57.41 25.00 35.02
N LEU T 176 57.13 23.73 35.31
CA LEU T 176 56.04 23.33 36.17
C LEU T 176 56.55 22.95 37.55
N MET T 177 55.61 22.85 38.48
CA MET T 177 55.88 22.33 39.81
C MET T 177 54.56 21.87 40.38
N GLY T 178 54.59 20.77 41.10
CA GLY T 178 53.34 20.28 41.67
C GLY T 178 53.47 18.83 42.05
N THR T 179 52.34 18.14 42.04
CA THR T 179 52.30 16.74 42.46
C THR T 179 51.38 15.96 41.53
N MET T 180 51.61 14.66 41.50
CA MET T 180 50.74 13.69 40.85
C MET T 180 50.54 12.54 41.82
N TRP T 181 49.41 11.85 41.67
CA TRP T 181 49.10 10.77 42.60
C TRP T 181 48.18 9.77 41.96
N LEU T 182 48.39 8.51 42.31
CA LEU T 182 47.47 7.41 42.07
C LEU T 182 47.09 6.85 43.44
N ASN T 183 45.82 6.93 43.78
CA ASN T 183 45.26 6.21 44.90
C ASN T 183 44.41 5.10 44.31
N ALA T 184 44.83 3.86 44.54
CA ALA T 184 44.12 2.74 43.94
C ALA T 184 44.27 1.52 44.82
N GLY T 185 43.16 0.89 45.16
CA GLY T 185 43.24 -0.27 46.02
C GLY T 185 43.84 0.12 47.35
N SER T 186 44.93 -0.54 47.73
CA SER T 186 45.66 -0.24 48.95
C SER T 186 46.90 0.62 48.70
N GLU T 187 47.08 1.12 47.48
CA GLU T 187 48.26 1.86 47.07
C GLU T 187 47.97 3.36 47.11
N ILE T 188 48.88 4.12 47.68
CA ILE T 188 49.01 5.54 47.41
C ILE T 188 50.40 5.74 46.85
N GLN T 189 50.49 6.07 45.57
CA GLN T 189 51.74 6.44 44.94
C GLN T 189 51.65 7.94 44.65
N VAL T 190 52.53 8.72 45.28
CA VAL T 190 52.52 10.17 45.16
C VAL T 190 53.89 10.60 44.69
N ALA T 191 53.94 11.60 43.81
CA ALA T 191 55.20 12.08 43.26
C ALA T 191 55.12 13.58 43.10
N GLY T 192 55.98 14.31 43.81
CA GLY T 192 56.10 15.74 43.64
C GLY T 192 57.23 16.04 42.68
N PHE T 193 56.92 16.82 41.65
CA PHE T 193 57.88 17.16 40.61
C PHE T 193 58.10 18.66 40.57
N ASP T 194 59.34 19.04 40.30
CA ASP T 194 59.74 20.42 40.07
C ASP T 194 60.60 20.44 38.82
N TYR T 195 60.21 21.25 37.85
CA TYR T 195 60.95 21.30 36.61
C TYR T 195 62.24 22.09 36.76
N SER T 196 62.25 23.08 37.65
CA SER T 196 63.45 23.86 37.88
C SER T 196 64.41 23.20 38.86
N CYS T 197 64.01 22.10 39.50
CA CYS T 197 64.85 21.43 40.49
C CYS T 197 65.24 22.38 41.61
N ALA T 198 64.30 23.20 42.03
CA ALA T 198 64.46 24.07 43.20
C ALA T 198 65.65 25.01 43.03
N LEU T 199 65.53 25.92 42.05
CA LEU T 199 66.52 26.98 41.92
C LEU T 199 66.21 28.13 42.87
N ASN T 200 65.05 28.75 42.71
CA ASN T 200 64.67 29.90 43.50
C ASN T 200 63.90 29.54 44.76
N ALA T 201 63.71 28.25 45.05
CA ALA T 201 62.99 27.85 46.24
C ALA T 201 63.79 28.26 47.47
N PRO T 202 63.13 28.41 48.62
CA PRO T 202 63.86 28.80 49.84
C PRO T 202 64.89 27.75 50.23
N ALA T 203 66.16 28.15 50.20
CA ALA T 203 67.28 27.27 50.51
C ALA T 203 67.36 26.09 49.55
N ASN T 204 66.79 26.21 48.36
CA ASN T 204 66.77 25.13 47.39
C ASN T 204 66.05 23.90 47.95
N ILE T 205 64.98 24.13 48.69
CA ILE T 205 64.13 23.08 49.25
C ILE T 205 62.71 23.38 48.82
N GLN T 206 62.09 22.45 48.11
CA GLN T 206 60.71 22.59 47.66
C GLN T 206 59.84 21.62 48.42
N GLN T 207 58.84 22.14 49.14
CA GLN T 207 57.99 21.33 50.01
C GLN T 207 56.81 20.81 49.21
N PHE T 208 56.61 19.49 49.23
CA PHE T 208 55.47 18.85 48.61
C PHE T 208 54.64 18.18 49.69
N GLU T 209 53.33 18.30 49.57
CA GLU T 209 52.40 17.75 50.53
C GLU T 209 51.23 17.11 49.80
N HIS T 210 50.73 16.02 50.34
CA HIS T 210 49.59 15.31 49.75
C HIS T 210 48.69 14.83 50.88
N ILE T 211 47.40 15.11 50.75
CA ILE T 211 46.40 14.81 51.77
C ILE T 211 45.48 13.75 51.22
N VAL T 212 45.35 12.63 51.92
CA VAL T 212 44.44 11.57 51.52
C VAL T 212 43.45 11.33 52.65
N GLN T 213 42.17 11.29 52.31
CA GLN T 213 41.09 11.12 53.28
C GLN T 213 40.51 9.73 53.09
N LEU T 214 40.44 8.94 54.15
CA LEU T 214 39.75 7.66 54.10
C LEU T 214 38.27 7.87 54.37
N ARG T 215 37.44 7.10 53.69
CA ARG T 215 36.02 7.15 53.95
C ARG T 215 35.64 6.43 55.24
N ARG T 216 36.48 5.54 55.72
CA ARG T 216 36.28 4.87 57.00
C ARG T 216 37.60 4.83 57.73
N ALA T 217 37.55 4.83 59.06
CA ALA T 217 38.76 4.95 59.87
C ALA T 217 39.36 3.56 60.07
N LEU T 218 40.44 3.27 59.36
CA LEU T 218 41.12 1.99 59.55
C LEU T 218 41.82 1.98 60.90
N THR T 219 42.06 0.77 61.41
CA THR T 219 42.58 0.58 62.75
C THR T 219 43.66 -0.49 62.71
N THR T 220 44.75 -0.25 63.45
CA THR T 220 45.86 -1.18 63.58
C THR T 220 46.30 -1.73 62.23
N ALA T 221 46.74 -0.82 61.37
CA ALA T 221 47.10 -1.16 60.00
C ALA T 221 48.61 -1.19 59.86
N THR T 222 49.14 -2.27 59.28
CA THR T 222 50.54 -2.33 58.90
C THR T 222 50.67 -1.71 57.52
N ILE T 223 51.60 -0.78 57.37
CA ILE T 223 51.75 0.01 56.16
C ILE T 223 53.20 -0.10 55.71
N THR T 224 53.40 -0.44 54.45
CA THR T 224 54.73 -0.48 53.86
C THR T 224 54.97 0.83 53.12
N LEU T 225 55.95 1.58 53.58
CA LEU T 225 56.29 2.88 53.01
C LEU T 225 57.66 2.79 52.37
N LEU T 226 57.73 3.10 51.09
CA LEU T 226 58.97 3.08 50.33
C LEU T 226 59.11 4.41 49.61
N PRO T 227 60.33 4.81 49.26
CA PRO T 227 60.50 5.99 48.42
C PRO T 227 60.33 5.60 46.96
N ASP T 228 60.48 6.60 46.09
CA ASP T 228 60.58 6.35 44.65
C ASP T 228 59.31 5.71 44.09
N ALA T 229 58.24 6.50 44.12
CA ALA T 229 57.00 6.09 43.46
C ALA T 229 57.26 5.76 42.01
N GLU T 230 57.08 4.48 41.65
CA GLU T 230 57.55 4.00 40.36
C GLU T 230 56.71 4.55 39.22
N ARG T 231 55.39 4.58 39.38
CA ARG T 231 54.53 4.89 38.25
C ARG T 231 54.78 6.27 37.67
N PHE T 232 55.31 7.20 38.47
CA PHE T 232 55.56 8.57 38.04
C PHE T 232 57.06 8.82 37.93
N SER T 233 57.80 7.82 37.47
CA SER T 233 59.26 7.90 37.37
C SER T 233 59.72 7.41 36.02
N PHE T 234 59.02 7.81 34.96
CA PHE T 234 59.48 7.59 33.60
C PHE T 234 58.73 8.55 32.69
N PRO T 235 59.23 8.77 31.47
CA PRO T 235 58.66 9.83 30.62
C PRO T 235 57.18 9.62 30.36
N ARG T 236 56.46 10.72 30.25
CA ARG T 236 55.02 10.64 30.09
C ARG T 236 54.50 11.91 29.42
N VAL T 237 53.34 11.78 28.77
CA VAL T 237 52.68 12.86 28.05
C VAL T 237 51.27 12.99 28.62
N ILE T 238 51.04 14.03 29.41
CA ILE T 238 49.85 14.14 30.25
C ILE T 238 48.96 15.24 29.70
N ASN T 239 47.68 14.93 29.52
CA ASN T 239 46.73 15.98 29.15
C ASN T 239 46.70 17.04 30.23
N SER T 240 46.52 18.30 29.82
CA SER T 240 46.45 19.38 30.78
C SER T 240 45.16 19.26 31.57
N ALA T 241 44.98 20.18 32.53
CA ALA T 241 43.83 20.09 33.43
C ALA T 241 42.52 20.20 32.65
N ASP T 242 42.44 21.15 31.74
CA ASP T 242 41.23 21.37 30.96
C ASP T 242 41.22 20.62 29.64
N GLY T 243 42.22 19.79 29.37
CA GLY T 243 42.26 19.02 28.15
C GLY T 243 42.64 19.79 26.91
N ALA T 244 43.00 21.07 27.05
CA ALA T 244 43.32 21.88 25.88
C ALA T 244 44.49 21.31 25.12
N THR T 245 45.62 21.12 25.81
CA THR T 245 46.84 20.59 25.22
C THR T 245 47.38 19.47 26.10
N THR T 246 48.58 19.01 25.78
CA THR T 246 49.26 17.98 26.54
C THR T 246 50.68 18.43 26.83
N TRP T 247 51.15 18.17 28.04
CA TRP T 247 52.47 18.58 28.47
C TRP T 247 53.33 17.34 28.70
N PHE T 248 54.64 17.57 28.70
CA PHE T 248 55.64 16.52 28.72
C PHE T 248 56.29 16.46 30.08
N PHE T 249 56.55 15.25 30.56
CA PHE T 249 57.08 15.02 31.91
C PHE T 249 58.22 14.04 31.79
N ASN T 250 59.43 14.48 32.16
CA ASN T 250 60.67 13.76 31.86
C ASN T 250 61.46 13.59 33.16
N PRO T 251 61.07 12.64 34.00
CA PRO T 251 61.55 12.62 35.38
C PRO T 251 63.04 12.40 35.52
N ILE T 252 63.58 12.94 36.60
CA ILE T 252 64.85 12.52 37.19
C ILE T 252 64.58 12.35 38.68
N ILE T 253 64.83 11.15 39.21
CA ILE T 253 64.35 10.79 40.54
C ILE T 253 65.42 11.15 41.56
N LEU T 254 65.19 12.25 42.27
CA LEU T 254 66.00 12.58 43.42
C LEU T 254 65.52 11.79 44.63
N ARG T 255 66.33 11.78 45.67
CA ARG T 255 65.87 11.23 46.92
C ARG T 255 64.74 12.11 47.48
N PRO T 256 63.73 11.53 48.12
CA PRO T 256 62.82 12.34 48.94
C PRO T 256 63.43 12.53 50.31
N ASN T 257 63.81 13.77 50.64
CA ASN T 257 64.55 14.05 51.86
C ASN T 257 63.62 14.59 52.93
N ASN T 258 63.91 14.21 54.18
CA ASN T 258 63.08 14.45 55.35
C ASN T 258 61.60 14.27 55.05
N VAL T 259 61.25 13.05 54.65
CA VAL T 259 59.85 12.71 54.51
C VAL T 259 59.21 12.73 55.88
N GLU T 260 57.88 12.82 55.89
CA GLU T 260 57.14 12.89 57.15
C GLU T 260 55.71 12.48 56.84
N VAL T 261 55.29 11.35 57.40
CA VAL T 261 53.93 10.85 57.23
C VAL T 261 53.20 11.00 58.56
N GLU T 262 52.02 11.61 58.51
CA GLU T 262 51.14 11.76 59.66
C GLU T 262 49.87 10.95 59.40
N PHE T 263 49.52 10.10 60.35
CA PHE T 263 48.24 9.41 60.36
C PHE T 263 47.36 10.09 61.39
N LEU T 264 46.20 10.59 60.94
CA LEU T 264 45.35 11.46 61.73
C LEU T 264 43.97 10.85 61.87
N LEU T 265 43.38 11.02 63.05
CA LEU T 265 41.99 10.64 63.32
C LEU T 265 41.26 11.84 63.88
N ASN T 266 40.25 12.32 63.16
CA ASN T 266 39.53 13.53 63.53
C ASN T 266 40.48 14.72 63.64
N GLY T 267 41.44 14.79 62.73
CA GLY T 267 42.31 15.94 62.64
C GLY T 267 43.22 16.17 63.83
N GLN T 268 43.73 15.13 64.46
CA GLN T 268 44.77 15.26 65.46
C GLN T 268 45.83 14.18 65.26
N ILE T 269 47.08 14.53 65.59
CA ILE T 269 48.22 13.72 65.23
C ILE T 269 48.18 12.42 66.05
N ILE T 270 47.82 11.33 65.40
CA ILE T 270 47.80 10.02 66.04
C ILE T 270 49.12 9.29 65.88
N ASN T 271 49.71 9.34 64.68
CA ASN T 271 51.03 8.76 64.48
C ASN T 271 51.85 9.62 63.53
N THR T 272 53.16 9.62 63.75
CA THR T 272 54.08 10.41 62.95
C THR T 272 55.35 9.60 62.70
N TYR T 273 55.83 9.62 61.45
CA TYR T 273 57.09 8.97 61.13
C TYR T 273 57.88 9.86 60.19
N GLN T 274 59.11 10.18 60.57
CA GLN T 274 60.04 10.93 59.74
C GLN T 274 61.17 10.01 59.27
N ALA T 275 61.41 10.01 57.96
CA ALA T 275 62.57 9.34 57.36
C ALA T 275 62.62 7.87 57.79
N ARG T 276 61.46 7.25 57.87
CA ARG T 276 61.28 5.91 58.43
C ARG T 276 60.53 5.12 57.37
N PHE T 277 61.27 4.48 56.48
CA PHE T 277 60.69 3.65 55.44
C PHE T 277 60.62 2.21 55.92
N GLY T 278 59.97 1.37 55.14
CA GLY T 278 59.79 -0.03 55.49
C GLY T 278 58.44 -0.26 56.12
N THR T 279 58.38 -1.14 57.12
CA THR T 279 57.13 -1.46 57.78
C THR T 279 56.88 -0.49 58.92
N ILE T 280 55.75 0.20 58.89
CA ILE T 280 55.31 1.09 59.94
C ILE T 280 53.89 0.68 60.30
N VAL T 281 53.37 1.26 61.37
CA VAL T 281 52.05 0.89 61.89
C VAL T 281 51.26 2.18 62.13
N ALA T 282 50.02 2.19 61.66
CA ALA T 282 49.06 3.23 61.99
C ALA T 282 48.07 2.67 62.99
N ARG T 283 48.05 3.26 64.19
CA ARG T 283 47.25 2.70 65.27
C ARG T 283 45.76 2.81 64.94
N ASN T 284 45.31 4.02 64.62
CA ASN T 284 43.90 4.26 64.33
C ASN T 284 43.82 5.60 63.62
N PHE T 285 43.37 5.61 62.38
CA PHE T 285 43.53 6.81 61.57
C PHE T 285 42.42 6.94 60.54
N ASP T 286 42.28 8.17 60.06
CA ASP T 286 41.26 8.54 59.09
C ASP T 286 41.81 9.37 57.93
N THR T 287 43.01 9.94 58.06
CA THR T 287 43.64 10.63 56.93
C THR T 287 45.14 10.41 57.00
N ILE T 288 45.78 10.49 55.84
CA ILE T 288 47.22 10.35 55.71
C ILE T 288 47.76 11.62 55.07
N ARG T 289 48.67 12.28 55.76
CA ARG T 289 49.39 13.41 55.19
C ARG T 289 50.80 12.94 54.88
N LEU T 290 51.17 12.95 53.60
CA LEU T 290 52.53 12.65 53.17
C LEU T 290 53.18 13.96 52.79
N SER T 291 54.23 14.35 53.52
CA SER T 291 54.94 15.58 53.23
C SER T 291 56.41 15.24 53.01
N PHE T 292 56.92 15.53 51.82
CA PHE T 292 58.32 15.29 51.51
C PHE T 292 58.88 16.56 50.90
N GLN T 293 60.18 16.55 50.62
CA GLN T 293 60.89 17.73 50.15
C GLN T 293 61.83 17.34 49.02
N LEU T 294 61.82 18.14 47.97
CA LEU T 294 62.81 18.05 46.91
C LEU T 294 63.93 19.04 47.25
N MET T 295 65.07 18.51 47.64
CA MET T 295 66.22 19.32 48.03
C MET T 295 67.24 19.26 46.91
N ARG T 296 67.55 20.41 46.33
CA ARG T 296 68.55 20.42 45.27
C ARG T 296 69.89 19.98 45.86
N PRO T 297 70.61 19.07 45.23
CA PRO T 297 71.89 18.68 45.78
C PRO T 297 72.91 19.79 45.55
N PRO T 298 73.61 20.25 46.58
CA PRO T 298 74.59 21.32 46.33
C PRO T 298 75.78 20.85 45.52
N ASN T 299 76.37 19.71 45.89
CA ASN T 299 77.48 19.14 45.14
C ASN T 299 76.95 18.26 44.03
N MET T 300 77.58 18.33 42.86
CA MET T 300 77.14 17.60 41.69
C MET T 300 78.36 17.22 40.86
N THR T 301 78.38 16.00 40.37
CA THR T 301 79.31 15.66 39.32
C THR T 301 78.83 16.34 38.03
N PRO T 302 79.70 16.52 37.05
CA PRO T 302 79.29 17.25 35.85
C PRO T 302 78.09 16.68 35.15
N ALA T 303 77.83 15.37 35.22
CA ALA T 303 76.62 14.84 34.61
C ALA T 303 75.38 15.44 35.26
N VAL T 304 75.30 15.40 36.59
CA VAL T 304 74.16 15.96 37.28
C VAL T 304 74.09 17.46 37.05
N ASN T 305 75.24 18.12 37.04
CA ASN T 305 75.26 19.55 36.82
C ASN T 305 74.68 19.90 35.46
N ALA T 306 75.05 19.14 34.43
CA ALA T 306 74.48 19.36 33.11
C ALA T 306 72.98 19.10 33.11
N LEU T 307 72.53 18.13 33.90
CA LEU T 307 71.10 17.86 33.95
C LEU T 307 70.33 19.07 34.49
N PHE T 308 70.83 19.67 35.57
CA PHE T 308 70.10 20.75 36.25
C PHE T 308 70.80 22.09 36.06
N PRO T 309 70.46 22.86 35.04
CA PRO T 309 71.09 24.17 34.86
C PRO T 309 70.33 25.25 35.62
N GLN T 310 70.90 26.45 35.61
CA GLN T 310 70.25 27.63 36.14
C GLN T 310 69.43 28.38 35.10
N ALA T 311 69.37 27.86 33.87
CA ALA T 311 68.84 28.58 32.73
C ALA T 311 67.36 28.29 32.55
N GLN T 312 66.84 28.63 31.39
CA GLN T 312 65.42 28.55 31.03
C GLN T 312 64.94 27.16 30.61
N PRO T 313 65.68 26.38 29.82
CA PRO T 313 65.06 25.21 29.14
C PRO T 313 64.48 24.14 30.06
N PHE T 314 65.26 23.59 30.97
CA PHE T 314 64.82 22.51 31.86
C PHE T 314 64.37 21.29 31.07
N GLN T 315 65.33 20.67 30.40
CA GLN T 315 65.05 19.49 29.59
C GLN T 315 64.68 18.29 30.45
N HIS T 316 65.32 18.14 31.61
CA HIS T 316 65.03 17.05 32.55
C HIS T 316 64.40 17.61 33.81
N HIS T 317 63.42 16.90 34.36
CA HIS T 317 62.46 17.45 35.30
C HIS T 317 62.58 16.70 36.61
N ALA T 318 63.04 17.37 37.66
CA ALA T 318 63.35 16.66 38.88
C ALA T 318 62.07 16.22 39.57
N THR T 319 62.15 15.12 40.32
CA THR T 319 60.98 14.67 41.06
C THR T 319 61.38 13.75 42.19
N VAL T 320 60.50 13.66 43.18
CA VAL T 320 60.62 12.75 44.29
C VAL T 320 59.26 12.06 44.45
N GLY T 321 59.26 10.92 45.14
CA GLY T 321 58.02 10.19 45.29
C GLY T 321 58.02 9.24 46.46
N LEU T 322 56.81 8.88 46.88
CA LEU T 322 56.56 7.92 47.93
C LEU T 322 55.53 6.90 47.46
N THR T 323 55.70 5.66 47.93
CA THR T 323 54.73 4.59 47.74
C THR T 323 54.30 4.10 49.11
N LEU T 324 53.00 3.94 49.29
CA LEU T 324 52.43 3.56 50.58
C LEU T 324 51.40 2.48 50.34
N ARG T 325 51.71 1.26 50.75
CA ARG T 325 50.76 0.15 50.70
C ARG T 325 50.18 -0.05 52.08
N ILE T 326 48.87 -0.28 52.14
CA ILE T 326 48.23 -0.74 53.38
C ILE T 326 48.19 -2.26 53.27
N GLU T 327 49.15 -2.94 53.89
CA GLU T 327 49.22 -4.39 53.76
C GLU T 327 48.02 -5.07 54.42
N SER T 328 47.63 -4.58 55.60
CA SER T 328 46.46 -5.12 56.29
C SER T 328 45.91 -4.04 57.19
N ALA T 329 44.68 -4.24 57.65
CA ALA T 329 44.04 -3.24 58.50
C ALA T 329 42.86 -3.88 59.20
N VAL T 330 42.22 -3.10 60.07
CA VAL T 330 41.00 -3.51 60.75
C VAL T 330 40.04 -2.34 60.66
N CYS T 331 38.87 -2.57 60.05
CA CYS T 331 37.88 -1.53 59.85
C CYS T 331 36.60 -1.88 60.57
N GLU T 332 35.87 -0.85 60.98
CA GLU T 332 34.59 -1.07 61.62
C GLU T 332 33.48 -1.38 60.62
N SER T 333 33.70 -1.15 59.33
CA SER T 333 32.69 -1.34 58.31
C SER T 333 33.25 -2.18 57.18
N VAL T 334 32.36 -2.89 56.51
CA VAL T 334 32.75 -3.94 55.58
C VAL T 334 33.35 -3.32 54.32
N LEU T 335 34.40 -3.95 53.79
CA LEU T 335 35.10 -3.50 52.61
C LEU T 335 35.43 -4.69 51.73
N ALA T 336 35.76 -4.40 50.48
CA ALA T 336 36.35 -5.40 49.60
C ALA T 336 37.84 -5.52 49.90
N ASP T 337 38.41 -6.66 49.52
CA ASP T 337 39.83 -6.93 49.76
C ASP T 337 40.41 -7.61 48.53
N ALA T 338 41.65 -8.06 48.67
CA ALA T 338 42.28 -8.98 47.74
C ALA T 338 42.30 -10.41 48.26
N ASN T 339 41.59 -10.69 49.37
CA ASN T 339 41.56 -12.00 49.98
C ASN T 339 40.18 -12.64 49.95
N GLU T 340 39.16 -11.94 50.44
CA GLU T 340 37.81 -12.48 50.46
C GLU T 340 37.11 -12.22 49.13
N THR T 341 36.19 -13.11 48.78
CA THR T 341 35.50 -13.08 47.49
C THR T 341 34.06 -12.61 47.62
N LEU T 342 33.76 -11.80 48.64
CA LEU T 342 32.38 -11.43 48.88
C LEU T 342 31.86 -10.44 47.85
N LEU T 343 32.65 -9.41 47.52
CA LEU T 343 32.24 -8.48 46.48
C LEU T 343 32.07 -9.21 45.15
N ALA T 344 32.99 -10.11 44.85
CA ALA T 344 32.87 -10.88 43.62
C ALA T 344 31.59 -11.71 43.62
N ASN T 345 31.27 -12.35 44.75
CA ASN T 345 30.06 -13.16 44.81
C ASN T 345 28.83 -12.31 44.56
N VAL T 346 28.71 -11.18 45.25
CA VAL T 346 27.51 -10.37 45.11
C VAL T 346 27.39 -9.83 43.69
N THR T 347 28.49 -9.31 43.14
CA THR T 347 28.43 -8.75 41.81
C THR T 347 28.10 -9.82 40.78
N ALA T 348 28.68 -11.02 40.93
CA ALA T 348 28.39 -12.09 40.00
C ALA T 348 26.93 -12.48 40.06
N VAL T 349 26.36 -12.57 41.26
CA VAL T 349 24.97 -12.98 41.36
C VAL T 349 24.06 -11.92 40.75
N ARG T 350 24.41 -10.64 40.91
CA ARG T 350 23.61 -9.61 40.28
C ARG T 350 23.70 -9.71 38.76
N GLN T 351 24.91 -9.86 38.22
CA GLN T 351 25.10 -9.85 36.78
C GLN T 351 24.52 -11.11 36.13
N GLU T 352 24.52 -12.24 36.84
CA GLU T 352 24.02 -13.48 36.27
C GLU T 352 22.58 -13.34 35.82
N TYR T 353 21.76 -12.70 36.65
CA TYR T 353 20.33 -12.58 36.41
C TYR T 353 19.91 -11.17 35.99
N ALA T 354 20.86 -10.26 35.80
CA ALA T 354 20.58 -8.96 35.20
C ALA T 354 19.58 -8.18 36.06
N ILE T 355 19.95 -8.03 37.33
CA ILE T 355 19.12 -7.26 38.24
C ILE T 355 19.10 -5.81 37.77
N PRO T 356 17.94 -5.15 37.64
CA PRO T 356 17.95 -3.75 37.25
C PRO T 356 18.62 -2.90 38.31
N VAL T 357 19.15 -1.75 37.89
CA VAL T 357 19.83 -0.86 38.82
C VAL T 357 18.88 -0.50 39.96
N GLY T 358 19.29 -0.79 41.18
CA GLY T 358 18.45 -0.59 42.32
C GLY T 358 18.54 0.82 42.88
N PRO T 359 17.73 1.12 43.90
CA PRO T 359 17.75 2.48 44.44
C PRO T 359 19.08 2.91 45.02
N VAL T 360 19.76 2.03 45.75
CA VAL T 360 20.86 2.44 46.63
C VAL T 360 22.23 2.22 45.98
N PHE T 361 22.45 1.07 45.35
CA PHE T 361 23.78 0.74 44.90
C PHE T 361 24.08 1.38 43.55
N PRO T 362 25.35 1.55 43.20
CA PRO T 362 25.69 2.13 41.91
C PRO T 362 25.49 1.12 40.79
N PRO T 363 25.46 1.55 39.54
CA PRO T 363 25.17 0.62 38.45
C PRO T 363 26.33 -0.33 38.24
N GLY T 364 26.03 -1.62 38.25
CA GLY T 364 27.05 -2.64 38.20
C GLY T 364 27.76 -2.89 39.50
N MET T 365 27.48 -2.09 40.53
CA MET T 365 28.07 -2.25 41.85
C MET T 365 29.59 -2.17 41.77
N ASN T 366 30.07 -1.10 41.16
CA ASN T 366 31.50 -0.89 41.00
C ASN T 366 32.07 -0.26 42.26
N TRP T 367 33.15 -0.83 42.76
CA TRP T 367 33.63 -0.47 44.08
C TRP T 367 34.10 0.97 44.14
N THR T 368 34.58 1.54 43.03
CA THR T 368 35.06 2.92 43.07
C THR T 368 33.92 3.87 43.41
N GLU T 369 32.82 3.79 42.68
CA GLU T 369 31.68 4.64 42.97
C GLU T 369 30.95 4.21 44.23
N LEU T 370 31.11 2.95 44.65
CA LEU T 370 30.46 2.53 45.88
C LEU T 370 31.19 3.08 47.10
N ILE T 371 32.52 3.14 47.05
CA ILE T 371 33.29 3.62 48.19
C ILE T 371 33.44 5.14 48.18
N THR T 372 33.45 5.77 47.00
CA THR T 372 33.61 7.22 46.98
C THR T 372 32.42 7.92 47.64
N ASN T 373 31.24 7.32 47.57
CA ASN T 373 30.05 7.78 48.29
C ASN T 373 29.53 6.57 49.07
N TYR T 374 29.89 6.50 50.34
CA TYR T 374 29.71 5.30 51.15
C TYR T 374 28.79 5.60 52.32
N SER T 375 27.65 6.21 52.01
CA SER T 375 26.67 6.67 52.99
C SER T 375 26.23 5.56 53.93
N PRO T 376 25.64 5.90 55.08
CA PRO T 376 25.22 4.85 56.02
C PRO T 376 24.23 3.85 55.45
N SER T 377 23.28 4.28 54.62
CA SER T 377 22.35 3.33 54.01
C SER T 377 23.10 2.35 53.12
N ARG T 378 24.04 2.86 52.32
CA ARG T 378 24.84 1.98 51.49
C ARG T 378 25.65 1.01 52.35
N GLU T 379 26.16 1.49 53.48
CA GLU T 379 26.92 0.62 54.37
C GLU T 379 26.03 -0.48 54.92
N ASP T 380 24.80 -0.14 55.29
CA ASP T 380 23.87 -1.14 55.79
C ASP T 380 23.59 -2.21 54.75
N ASN T 381 23.24 -1.79 53.53
CA ASN T 381 22.95 -2.75 52.49
C ASN T 381 24.18 -3.59 52.16
N LEU T 382 25.36 -2.96 52.14
CA LEU T 382 26.57 -3.68 51.82
C LEU T 382 26.88 -4.72 52.88
N GLN T 383 26.74 -4.37 54.15
CA GLN T 383 26.97 -5.36 55.19
C GLN T 383 25.98 -6.50 55.08
N ARG T 384 24.71 -6.20 54.82
CA ARG T 384 23.72 -7.27 54.70
C ARG T 384 24.09 -8.23 53.57
N VAL T 385 24.33 -7.70 52.37
CA VAL T 385 24.60 -8.57 51.25
C VAL T 385 25.95 -9.27 51.40
N PHE T 386 26.93 -8.62 52.02
CA PHE T 386 28.22 -9.28 52.22
C PHE T 386 28.09 -10.42 53.22
N THR T 387 27.31 -10.23 54.28
CA THR T 387 27.08 -11.32 55.21
C THR T 387 26.36 -12.46 54.52
N VAL T 388 25.38 -12.14 53.68
CA VAL T 388 24.65 -13.20 52.99
C VAL T 388 25.58 -13.95 52.04
N ALA T 389 26.45 -13.23 51.35
CA ALA T 389 27.39 -13.88 50.44
C ALA T 389 28.37 -14.77 51.20
N SER T 390 28.84 -14.31 52.36
CA SER T 390 29.70 -15.16 53.18
C SER T 390 28.95 -16.39 53.65
N ILE T 391 27.65 -16.26 53.95
CA ILE T 391 26.84 -17.42 54.30
C ILE T 391 26.77 -18.39 53.14
N ARG T 392 26.53 -17.86 51.93
CA ARG T 392 26.38 -18.72 50.76
C ARG T 392 27.67 -19.45 50.45
N SER T 393 28.81 -18.77 50.59
CA SER T 393 30.09 -19.39 50.25
C SER T 393 30.43 -20.55 51.17
N MET T 394 29.73 -20.70 52.30
CA MET T 394 29.94 -21.88 53.12
C MET T 394 29.60 -23.15 52.35
N LEU T 395 28.52 -23.12 51.58
CA LEU T 395 28.04 -24.29 50.85
C LEU T 395 28.42 -24.26 49.38
N ILE T 396 28.24 -23.13 48.70
CA ILE T 396 28.36 -23.05 47.26
C ILE T 396 29.65 -22.34 46.89
N LYS T 397 30.47 -22.99 46.09
CA LYS T 397 31.68 -22.40 45.56
C LYS T 397 31.80 -22.72 44.08
N MET U 1 49.69 -19.43 80.96
CA MET U 1 49.38 -18.77 79.66
C MET U 1 48.39 -19.57 78.83
N GLU U 2 48.51 -20.89 78.90
CA GLU U 2 47.46 -21.73 78.37
C GLU U 2 46.14 -21.41 79.03
N VAL U 3 46.17 -21.03 80.30
CA VAL U 3 44.95 -20.60 80.98
C VAL U 3 44.39 -19.34 80.33
N LEU U 4 45.26 -18.38 79.99
CA LEU U 4 44.78 -17.17 79.35
C LEU U 4 44.16 -17.47 77.99
N TYR U 5 44.83 -18.31 77.19
CA TYR U 5 44.26 -18.68 75.91
C TYR U 5 42.93 -19.38 76.10
N SER U 6 42.84 -20.27 77.08
CA SER U 6 41.60 -21.00 77.30
C SER U 6 40.47 -20.07 77.73
N LEU U 7 40.77 -19.10 78.59
CA LEU U 7 39.74 -18.15 78.98
C LEU U 7 39.27 -17.36 77.77
N SER U 8 40.21 -16.93 76.93
CA SER U 8 39.80 -16.20 75.73
C SER U 8 38.92 -17.08 74.85
N LYS U 9 39.33 -18.32 74.61
CA LYS U 9 38.57 -19.18 73.72
C LYS U 9 37.20 -19.49 74.28
N THR U 10 37.10 -19.76 75.58
CA THR U 10 35.79 -20.10 76.13
C THR U 10 34.89 -18.87 76.20
N LEU U 11 35.45 -17.69 76.41
CA LEU U 11 34.60 -16.51 76.36
C LEU U 11 34.11 -16.25 74.94
N LYS U 12 34.96 -16.49 73.95
CA LYS U 12 34.54 -16.36 72.56
C LYS U 12 33.44 -17.36 72.25
N ASP U 13 33.62 -18.61 72.67
CA ASP U 13 32.61 -19.63 72.45
C ASP U 13 31.35 -19.37 73.26
N ALA U 14 31.44 -18.63 74.36
CA ALA U 14 30.23 -18.26 75.08
C ALA U 14 29.49 -17.15 74.34
N ARG U 15 30.23 -16.16 73.84
CA ARG U 15 29.62 -15.12 73.04
C ARG U 15 28.96 -15.70 71.80
N ASP U 16 29.49 -16.82 71.31
CA ASP U 16 29.01 -17.42 70.07
C ASP U 16 27.98 -18.52 70.29
N LYS U 17 28.35 -19.60 70.95
CA LYS U 17 27.48 -20.76 71.06
C LYS U 17 26.24 -20.43 71.86
N ILE U 18 26.40 -19.74 72.98
CA ILE U 18 25.26 -19.43 73.83
C ILE U 18 24.53 -18.27 73.20
N VAL U 19 23.62 -18.59 72.29
CA VAL U 19 22.76 -17.61 71.63
C VAL U 19 21.34 -18.11 71.76
N GLU U 20 20.40 -17.18 71.93
CA GLU U 20 19.05 -17.54 72.33
C GLU U 20 18.38 -18.42 71.28
N GLY U 21 17.61 -19.39 71.76
CA GLY U 21 16.90 -20.33 70.93
C GLY U 21 17.67 -21.59 70.60
N THR U 22 18.95 -21.66 70.93
CA THR U 22 19.75 -22.82 70.57
C THR U 22 19.46 -23.98 71.51
N LEU U 23 19.64 -25.19 71.00
CA LEU U 23 19.44 -26.38 71.81
C LEU U 23 20.45 -26.41 72.95
N TYR U 24 20.07 -27.06 74.04
CA TYR U 24 21.03 -27.31 75.10
C TYR U 24 22.02 -28.40 74.73
N SER U 25 21.68 -29.27 73.78
CA SER U 25 22.66 -30.23 73.29
C SER U 25 23.82 -29.53 72.63
N ASN U 26 23.57 -28.38 72.01
CA ASN U 26 24.63 -27.65 71.32
C ASN U 26 25.60 -26.98 72.26
N VAL U 27 25.22 -26.78 73.53
CA VAL U 27 26.04 -25.99 74.45
C VAL U 27 26.24 -26.69 75.77
N SER U 28 25.90 -27.99 75.87
CA SER U 28 26.16 -28.69 77.13
C SER U 28 27.64 -28.66 77.50
N ASP U 29 28.51 -29.03 76.56
CA ASP U 29 29.93 -29.07 76.86
C ASP U 29 30.45 -27.68 77.20
N LEU U 30 30.03 -26.67 76.45
CA LEU U 30 30.51 -25.33 76.72
C LEU U 30 30.00 -24.83 78.06
N ILE U 31 28.78 -25.20 78.43
CA ILE U 31 28.25 -24.73 79.71
C ILE U 31 29.04 -25.37 80.85
N GLN U 32 29.41 -26.64 80.71
CA GLN U 32 30.23 -27.24 81.74
C GLN U 32 31.61 -26.58 81.82
N GLN U 33 32.21 -26.27 80.67
CA GLN U 33 33.49 -25.57 80.67
C GLN U 33 33.36 -24.21 81.33
N PHE U 34 32.30 -23.47 80.99
CA PHE U 34 32.09 -22.15 81.55
C PHE U 34 31.87 -22.21 83.05
N ASN U 35 31.14 -23.21 83.52
CA ASN U 35 30.91 -23.33 84.96
C ASN U 35 32.20 -23.66 85.69
N GLN U 36 33.03 -24.52 85.09
CA GLN U 36 34.34 -24.76 85.69
C GLN U 36 35.14 -23.46 85.76
N MET U 37 35.11 -22.68 84.69
CA MET U 37 35.81 -21.40 84.69
C MET U 37 35.29 -20.50 85.81
N ILE U 38 33.97 -20.39 85.94
CA ILE U 38 33.39 -19.50 86.93
C ILE U 38 33.78 -19.94 88.33
N VAL U 39 33.67 -21.25 88.59
CA VAL U 39 33.98 -21.73 89.93
C VAL U 39 35.45 -21.57 90.25
N THR U 40 36.32 -21.73 89.25
CA THR U 40 37.75 -21.60 89.51
C THR U 40 38.14 -20.14 89.73
N MET U 41 37.52 -19.22 88.98
CA MET U 41 37.87 -17.81 89.09
C MET U 41 37.16 -17.11 90.23
N ASN U 42 36.11 -17.71 90.79
CA ASN U 42 35.39 -17.08 91.89
C ASN U 42 36.27 -16.95 93.12
N GLY U 43 36.11 -15.85 93.84
CA GLY U 43 36.80 -15.65 95.10
C GLY U 43 38.24 -15.20 94.98
N ASN U 44 38.74 -14.98 93.77
CA ASN U 44 40.12 -14.58 93.53
C ASN U 44 40.15 -13.17 92.98
N ASP U 45 41.16 -12.41 93.40
CA ASP U 45 41.29 -11.00 93.06
C ASP U 45 42.51 -10.80 92.18
N PHE U 46 42.33 -10.01 91.11
CA PHE U 46 43.39 -9.73 90.16
C PHE U 46 43.65 -8.23 90.10
N GLN U 47 44.90 -7.86 89.85
CA GLN U 47 45.29 -6.46 89.67
C GLN U 47 46.03 -6.34 88.36
N THR U 48 45.67 -5.35 87.56
CA THR U 48 46.13 -5.24 86.20
C THR U 48 46.54 -3.80 85.90
N GLY U 49 47.55 -3.65 85.05
CA GLY U 49 48.01 -2.34 84.64
C GLY U 49 48.98 -1.75 85.64
N GLY U 50 49.43 -0.54 85.31
CA GLY U 50 50.33 0.22 86.16
C GLY U 50 51.63 0.60 85.49
N ILE U 51 51.64 0.68 84.16
CA ILE U 51 52.80 1.13 83.41
C ILE U 51 52.33 2.17 82.41
N GLY U 52 53.13 3.23 82.25
CA GLY U 52 52.75 4.31 81.36
C GLY U 52 51.43 4.89 81.79
N ASN U 53 50.55 5.11 80.81
CA ASN U 53 49.21 5.58 81.07
C ASN U 53 48.20 4.44 81.23
N LEU U 54 48.64 3.19 81.10
CA LEU U 54 47.76 2.05 81.24
C LEU U 54 47.26 2.01 82.68
N PRO U 55 45.98 2.29 82.94
CA PRO U 55 45.57 2.54 84.32
C PRO U 55 45.54 1.27 85.15
N ILE U 56 45.64 1.44 86.46
CA ILE U 56 45.54 0.34 87.40
C ILE U 56 44.07 -0.03 87.57
N ARG U 57 43.78 -1.32 87.55
CA ARG U 57 42.43 -1.82 87.72
C ARG U 57 42.44 -3.06 88.58
N ASN U 58 41.36 -3.27 89.31
CA ASN U 58 41.19 -4.43 90.17
C ASN U 58 39.94 -5.19 89.73
N TRP U 59 40.07 -6.51 89.63
CA TRP U 59 39.00 -7.38 89.20
C TRP U 59 38.69 -8.36 90.32
N THR U 60 37.41 -8.47 90.66
CA THR U 60 36.92 -9.44 91.62
C THR U 60 35.78 -10.22 90.97
N PHE U 61 35.70 -11.50 91.29
CA PHE U 61 34.75 -12.41 90.66
C PHE U 61 33.83 -13.01 91.71
N ASP U 62 32.53 -12.78 91.53
CA ASP U 62 31.49 -13.49 92.28
C ASP U 62 30.30 -13.60 91.33
N PHE U 63 30.24 -14.69 90.58
CA PHE U 63 29.29 -14.85 89.49
C PHE U 63 28.52 -16.15 89.67
N GLY U 64 27.27 -16.14 89.22
CA GLY U 64 26.44 -17.32 89.31
C GLY U 64 26.67 -18.27 88.15
N LEU U 65 26.64 -19.55 88.46
CA LEU U 65 26.84 -20.56 87.42
C LEU U 65 25.69 -20.51 86.42
N LEU U 66 26.02 -20.73 85.15
CA LEU U 66 25.00 -20.79 84.12
C LEU U 66 24.12 -22.00 84.32
N GLY U 67 22.84 -21.86 84.00
CA GLY U 67 21.90 -22.93 84.24
C GLY U 67 22.13 -24.12 83.32
N THR U 68 21.53 -25.25 83.70
CA THR U 68 21.69 -26.49 82.95
C THR U 68 20.41 -27.28 82.75
N THR U 69 19.33 -26.96 83.47
CA THR U 69 18.09 -27.71 83.36
C THR U 69 17.16 -27.17 82.29
N LEU U 70 17.59 -26.18 81.51
CA LEU U 70 16.79 -25.69 80.41
C LEU U 70 16.98 -26.58 79.19
N LEU U 71 15.91 -26.80 78.44
CA LEU U 71 15.97 -27.66 77.26
C LEU U 71 16.28 -26.87 75.99
N ASN U 72 15.90 -25.60 75.93
CA ASN U 72 16.16 -24.77 74.76
C ASN U 72 16.32 -23.35 75.24
N LEU U 73 17.48 -22.75 74.99
CA LEU U 73 17.81 -21.49 75.66
C LEU U 73 16.91 -20.36 75.17
N ASP U 74 16.44 -19.56 76.11
CA ASP U 74 15.58 -18.41 75.86
C ASP U 74 16.38 -17.14 76.05
N ALA U 75 15.72 -16.00 75.87
CA ALA U 75 16.42 -14.71 75.94
C ALA U 75 16.94 -14.45 77.34
N ASN U 76 16.15 -14.76 78.36
CA ASN U 76 16.52 -14.37 79.72
C ASN U 76 17.79 -15.08 80.17
N TYR U 77 17.97 -16.34 79.78
CA TYR U 77 19.23 -17.03 80.01
C TYR U 77 20.39 -16.23 79.43
N VAL U 78 20.22 -15.80 78.18
CA VAL U 78 21.30 -15.15 77.46
C VAL U 78 21.66 -13.82 78.11
N GLU U 79 20.72 -13.16 78.80
CA GLU U 79 21.06 -11.89 79.42
C GLU U 79 22.04 -12.08 80.58
N THR U 80 21.82 -13.07 81.43
CA THR U 80 22.79 -13.34 82.48
C THR U 80 24.12 -13.75 81.87
N ALA U 81 24.06 -14.56 80.80
CA ALA U 81 25.28 -14.91 80.09
C ALA U 81 26.01 -13.66 79.62
N ARG U 82 25.27 -12.69 79.08
CA ARG U 82 25.86 -11.46 78.58
C ARG U 82 26.55 -10.70 79.70
N THR U 83 25.87 -10.55 80.84
CA THR U 83 26.44 -9.77 81.92
C THR U 83 27.74 -10.38 82.42
N THR U 84 27.81 -11.71 82.47
CA THR U 84 29.08 -12.33 82.86
C THR U 84 30.12 -12.21 81.76
N ILE U 85 29.72 -12.40 80.51
CA ILE U 85 30.67 -12.51 79.42
C ILE U 85 31.33 -11.17 79.14
N GLU U 86 30.56 -10.08 79.21
CA GLU U 86 31.16 -8.76 78.97
C GLU U 86 32.23 -8.46 80.00
N TYR U 87 31.95 -8.76 81.27
CA TYR U 87 32.94 -8.55 82.32
C TYR U 87 34.18 -9.39 82.06
N PHE U 88 33.99 -10.66 81.70
CA PHE U 88 35.16 -11.50 81.48
C PHE U 88 35.95 -11.04 80.27
N ILE U 89 35.28 -10.55 79.23
CA ILE U 89 36.02 -10.07 78.06
C ILE U 89 36.80 -8.82 78.41
N ASP U 90 36.23 -7.94 79.23
CA ASP U 90 37.01 -6.78 79.67
C ASP U 90 38.22 -7.21 80.47
N PHE U 91 38.05 -8.19 81.37
CA PHE U 91 39.17 -8.67 82.16
C PHE U 91 40.25 -9.25 81.27
N ILE U 92 39.86 -10.02 80.27
CA ILE U 92 40.84 -10.66 79.41
C ILE U 92 41.55 -9.63 78.55
N ASP U 93 40.81 -8.65 78.05
CA ASP U 93 41.44 -7.58 77.28
C ASP U 93 42.49 -6.87 78.13
N ASN U 94 42.13 -6.53 79.36
CA ASN U 94 43.07 -5.80 80.21
C ASN U 94 44.29 -6.64 80.54
N VAL U 95 44.11 -7.94 80.79
CA VAL U 95 45.26 -8.79 81.08
C VAL U 95 46.16 -8.90 79.87
N CYS U 96 45.59 -9.10 78.68
CA CYS U 96 46.40 -9.21 77.48
C CYS U 96 47.16 -7.92 77.21
N MET U 97 46.50 -6.78 77.36
CA MET U 97 47.14 -5.50 77.12
C MET U 97 48.25 -5.26 78.14
N ASP U 98 48.03 -5.68 79.38
CA ASP U 98 49.08 -5.59 80.39
C ASP U 98 50.28 -6.45 80.02
N GLU U 99 50.04 -7.64 79.48
CA GLU U 99 51.16 -8.52 79.15
C GLU U 99 51.85 -8.13 77.85
N MET U 100 51.19 -7.37 76.98
CA MET U 100 51.79 -7.01 75.70
C MET U 100 52.78 -5.85 75.78
N VAL U 101 52.90 -5.18 76.92
CA VAL U 101 53.82 -4.06 77.07
C VAL U 101 55.10 -4.47 77.79
N ARG U 102 54.99 -5.40 78.73
CA ARG U 102 56.13 -5.76 79.55
C ARG U 102 57.14 -6.56 78.74
N GLU U 103 58.39 -6.52 79.18
CA GLU U 103 59.48 -7.25 78.53
C GLU U 103 60.39 -7.82 79.61
N SER U 104 61.41 -8.55 79.17
CA SER U 104 62.48 -8.98 80.07
C SER U 104 63.62 -9.58 79.26
N GLN U 105 64.84 -9.14 79.55
CA GLN U 105 66.00 -9.71 78.87
C GLN U 105 66.18 -11.17 79.28
N ARG U 106 66.18 -11.44 80.58
CA ARG U 106 66.34 -12.78 81.11
C ARG U 106 64.98 -13.41 81.36
N ASN U 107 64.82 -14.65 80.93
CA ASN U 107 63.60 -15.41 81.14
C ASN U 107 62.42 -14.71 80.44
N GLY U 108 62.56 -14.57 79.12
CA GLY U 108 61.57 -13.84 78.35
C GLY U 108 60.27 -14.59 78.12
N VAL U 109 60.34 -15.91 77.97
CA VAL U 109 59.12 -16.69 77.77
C VAL U 109 58.25 -16.65 79.00
N ALA U 110 58.86 -16.63 80.18
CA ALA U 110 58.10 -16.66 81.42
C ALA U 110 57.24 -15.40 81.50
N PRO U 111 56.12 -15.45 82.22
CA PRO U 111 55.17 -14.34 82.18
C PRO U 111 55.51 -13.21 83.14
N GLN U 112 55.07 -12.02 82.77
CA GLN U 112 55.08 -10.83 83.60
C GLN U 112 53.62 -10.44 83.83
N SER U 113 53.38 -9.24 84.34
CA SER U 113 51.99 -8.85 84.58
C SER U 113 51.36 -9.76 85.62
N GLU U 114 51.64 -9.48 86.89
CA GLU U 114 51.25 -10.31 88.01
C GLU U 114 49.84 -10.89 87.92
N ALA U 115 48.91 -10.23 87.23
CA ALA U 115 47.63 -10.87 86.95
C ALA U 115 47.84 -12.17 86.18
N LEU U 116 48.54 -12.11 85.05
CA LEU U 116 48.79 -13.32 84.29
C LEU U 116 49.73 -14.25 85.04
N ARG U 117 50.68 -13.70 85.79
CA ARG U 117 51.56 -14.55 86.58
C ARG U 117 50.77 -15.33 87.63
N LYS U 118 49.66 -14.78 88.11
CA LYS U 118 48.77 -15.50 89.00
C LYS U 118 47.92 -16.51 88.24
N LEU U 119 47.50 -16.15 87.03
CA LEU U 119 46.77 -17.10 86.20
C LEU U 119 47.61 -18.33 85.91
N ALA U 120 48.93 -18.20 85.92
CA ALA U 120 49.81 -19.34 85.75
C ALA U 120 49.93 -20.20 87.00
N GLY U 121 49.09 -20.00 88.01
CA GLY U 121 49.21 -20.73 89.25
C GLY U 121 48.60 -22.11 89.19
N ILE U 122 48.66 -22.80 90.33
CA ILE U 122 48.16 -24.17 90.40
C ILE U 122 46.65 -24.19 90.32
N LYS U 123 45.99 -23.25 90.98
CA LYS U 123 44.53 -23.31 91.11
C LYS U 123 43.85 -23.25 89.74
N PHE U 124 44.37 -22.42 88.84
CA PHE U 124 43.70 -22.13 87.58
C PHE U 124 44.01 -23.14 86.50
N LYS U 125 44.66 -24.26 86.83
CA LYS U 125 45.04 -25.21 85.80
C LYS U 125 43.83 -25.85 85.15
N ARG U 126 42.73 -25.99 85.88
CA ARG U 126 41.57 -26.73 85.38
C ARG U 126 40.73 -25.92 84.41
N ILE U 127 41.21 -24.77 83.94
CA ILE U 127 40.52 -24.01 82.90
C ILE U 127 41.14 -24.26 81.53
N ASN U 128 42.25 -25.00 81.45
CA ASN U 128 42.86 -25.31 80.17
C ASN U 128 41.88 -26.05 79.29
N PHE U 129 41.43 -25.41 78.21
CA PHE U 129 40.30 -25.90 77.43
C PHE U 129 40.76 -26.68 76.21
N ASN U 130 41.45 -26.02 75.29
CA ASN U 130 42.11 -26.68 74.18
C ASN U 130 43.01 -25.63 73.54
N ASN U 131 44.02 -26.09 72.82
CA ASN U 131 45.01 -25.21 72.21
C ASN U 131 45.00 -25.50 70.71
N SER U 132 44.10 -24.84 69.99
CA SER U 132 43.89 -25.09 68.58
C SER U 132 44.60 -24.09 67.67
N SER U 133 44.49 -22.80 67.96
CA SER U 133 45.05 -21.80 67.06
C SER U 133 46.56 -21.96 66.95
N GLU U 134 47.07 -21.69 65.75
CA GLU U 134 48.44 -22.01 65.41
C GLU U 134 49.44 -21.37 66.37
N TYR U 135 49.13 -20.19 66.88
CA TYR U 135 50.08 -19.53 67.77
C TYR U 135 50.21 -20.28 69.08
N ILE U 136 49.11 -20.77 69.64
CA ILE U 136 49.22 -21.55 70.86
C ILE U 136 49.74 -22.95 70.56
N GLU U 137 49.48 -23.47 69.35
CA GLU U 137 50.12 -24.71 68.94
C GLU U 137 51.63 -24.59 69.08
N ASN U 138 52.19 -23.56 68.45
CA ASN U 138 53.63 -23.38 68.45
C ASN U 138 54.12 -23.07 69.86
N TRP U 139 53.34 -22.33 70.63
CA TRP U 139 53.73 -22.05 72.00
C TRP U 139 53.93 -23.33 72.77
N ASN U 140 52.96 -24.25 72.70
CA ASN U 140 53.09 -25.51 73.43
C ASN U 140 54.26 -26.33 72.89
N LEU U 141 54.36 -26.42 71.56
CA LEU U 141 55.37 -27.28 70.96
C LEU U 141 56.76 -26.80 71.26
N GLN U 142 56.94 -25.48 71.42
CA GLN U 142 58.26 -24.98 71.78
C GLN U 142 58.50 -25.08 73.27
N ASN U 143 57.49 -24.82 74.10
CA ASN U 143 57.68 -24.92 75.54
C ASN U 143 58.07 -26.33 75.94
N ARG U 144 57.58 -27.33 75.23
CA ARG U 144 58.03 -28.71 75.38
C ARG U 144 58.78 -29.04 74.09
N ARG U 145 60.12 -28.97 74.13
CA ARG U 145 60.97 -28.77 72.96
C ARG U 145 60.56 -29.68 71.80
N GLN U 146 60.08 -29.09 70.71
CA GLN U 146 59.63 -29.87 69.56
C GLN U 146 59.84 -29.05 68.30
N ARG U 147 59.89 -29.73 67.17
CA ARG U 147 59.92 -29.04 65.89
C ARG U 147 58.56 -28.39 65.65
N THR U 148 58.58 -27.22 65.02
CA THR U 148 57.37 -26.44 64.86
C THR U 148 57.54 -25.54 63.64
N GLY U 149 56.60 -24.61 63.48
CA GLY U 149 56.68 -23.65 62.39
C GLY U 149 55.46 -22.76 62.30
N PHE U 150 55.64 -21.61 61.66
CA PHE U 150 54.57 -20.67 61.35
C PHE U 150 54.54 -20.47 59.85
N VAL U 151 53.36 -20.52 59.28
CA VAL U 151 53.19 -20.21 57.86
C VAL U 151 52.94 -18.72 57.73
N PHE U 152 53.60 -18.09 56.77
CA PHE U 152 53.49 -16.66 56.53
C PHE U 152 53.21 -16.42 55.07
N HIS U 153 52.26 -15.53 54.80
CA HIS U 153 52.01 -15.04 53.46
C HIS U 153 52.76 -13.74 53.28
N LYS U 154 53.80 -13.76 52.46
CA LYS U 154 54.57 -12.56 52.15
C LYS U 154 55.27 -12.03 53.40
N PRO U 155 56.11 -12.83 54.04
CA PRO U 155 56.75 -12.37 55.28
C PRO U 155 57.75 -11.27 54.99
N ASN U 156 57.88 -10.34 55.93
CA ASN U 156 58.89 -9.29 55.82
C ASN U 156 60.13 -9.71 56.60
N ILE U 157 60.79 -10.73 56.04
CA ILE U 157 62.03 -11.22 56.64
C ILE U 157 63.16 -10.23 56.42
N PHE U 158 63.14 -9.49 55.34
CA PHE U 158 64.27 -8.64 54.99
C PHE U 158 64.16 -7.30 55.70
N PRO U 159 65.21 -6.83 56.38
CA PRO U 159 65.19 -5.44 56.84
C PRO U 159 65.22 -4.52 55.64
N TYR U 160 64.60 -3.35 55.80
CA TYR U 160 64.65 -2.38 54.72
C TYR U 160 66.08 -1.95 54.47
N SER U 161 66.49 -1.99 53.20
CA SER U 161 67.85 -1.59 52.85
C SER U 161 67.88 -1.25 51.37
N ALA U 162 68.10 0.02 51.05
CA ALA U 162 68.37 0.47 49.69
C ALA U 162 69.81 0.93 49.66
N SER U 163 70.61 0.35 48.76
CA SER U 163 72.04 0.61 48.77
C SER U 163 72.62 0.27 47.41
N PHE U 164 73.94 0.42 47.30
CA PHE U 164 74.67 0.00 46.12
C PHE U 164 76.10 -0.32 46.51
N THR U 165 76.75 -1.13 45.69
CA THR U 165 78.20 -1.33 45.74
C THR U 165 78.75 -1.06 44.36
N LEU U 166 79.95 -0.48 44.32
CA LEU U 166 80.61 -0.11 43.09
C LEU U 166 81.95 -0.83 43.02
N ASN U 167 82.13 -1.63 41.97
CA ASN U 167 83.40 -2.31 41.74
C ASN U 167 84.36 -1.49 40.91
N ARG U 168 83.85 -0.62 40.05
CA ARG U 168 84.67 0.29 39.26
C ARG U 168 84.19 1.71 39.50
N SER U 169 85.11 2.59 39.87
CA SER U 169 84.72 3.95 40.26
C SER U 169 85.88 4.90 40.04
N GLN U 170 85.53 6.18 40.03
CA GLN U 170 86.48 7.28 40.06
C GLN U 170 85.72 8.52 40.48
N PRO U 171 86.40 9.55 40.99
CA PRO U 171 85.65 10.66 41.59
C PRO U 171 84.78 11.40 40.60
N MET U 172 85.02 11.22 39.31
CA MET U 172 84.18 11.83 38.30
C MET U 172 82.84 11.13 38.16
N HIS U 173 82.79 9.82 38.42
CA HIS U 173 81.57 9.03 38.29
C HIS U 173 80.99 9.10 36.88
N ASP U 174 81.88 9.09 35.88
CA ASP U 174 81.48 9.00 34.48
C ASP U 174 81.46 7.57 33.98
N ASN U 175 82.11 6.64 34.67
CA ASN U 175 82.25 5.26 34.21
C ASN U 175 82.17 4.40 35.47
N LEU U 176 81.03 3.75 35.67
CA LEU U 176 80.76 2.98 36.87
C LEU U 176 80.34 1.57 36.49
N MET U 177 80.53 0.67 37.44
CA MET U 177 80.05 -0.69 37.31
C MET U 177 79.81 -1.22 38.71
N GLY U 178 78.71 -1.94 38.90
CA GLY U 178 78.40 -2.44 40.23
C GLY U 178 76.98 -2.92 40.31
N THR U 179 76.44 -2.87 41.52
CA THR U 179 75.06 -3.28 41.76
C THR U 179 74.37 -2.24 42.62
N MET U 180 73.08 -2.08 42.38
CA MET U 180 72.16 -1.41 43.29
C MET U 180 71.17 -2.45 43.78
N TRP U 181 70.65 -2.26 44.98
CA TRP U 181 69.68 -3.22 45.48
C TRP U 181 68.73 -2.55 46.46
N LEU U 182 67.52 -3.11 46.50
CA LEU U 182 66.54 -2.81 47.53
C LEU U 182 66.00 -4.11 48.07
N ASN U 183 66.27 -4.37 49.35
CA ASN U 183 65.60 -5.42 50.10
C ASN U 183 64.51 -4.74 50.92
N ALA U 184 63.27 -5.16 50.72
CA ALA U 184 62.15 -4.49 51.37
C ALA U 184 61.02 -5.48 51.59
N GLY U 185 60.70 -5.76 52.84
CA GLY U 185 59.65 -6.71 53.13
C GLY U 185 59.98 -8.07 52.58
N SER U 186 59.28 -8.48 51.52
CA SER U 186 59.50 -9.76 50.88
C SER U 186 60.15 -9.64 49.51
N GLU U 187 60.64 -8.45 49.17
CA GLU U 187 61.20 -8.17 47.85
C GLU U 187 62.70 -8.07 47.94
N ILE U 188 63.39 -8.65 46.97
CA ILE U 188 64.77 -8.32 46.66
C ILE U 188 64.76 -7.88 45.21
N GLN U 189 64.93 -6.59 44.98
CA GLN U 189 65.10 -6.04 43.63
C GLN U 189 66.57 -5.65 43.51
N VAL U 190 67.32 -6.37 42.67
CA VAL U 190 68.75 -6.17 42.55
C VAL U 190 69.10 -5.94 41.10
N ALA U 191 69.84 -4.88 40.81
CA ALA U 191 70.15 -4.48 39.45
C ALA U 191 71.64 -4.22 39.34
N GLY U 192 72.34 -5.07 38.60
CA GLY U 192 73.69 -4.76 38.19
C GLY U 192 73.67 -3.76 37.05
N PHE U 193 74.74 -2.96 36.97
CA PHE U 193 74.82 -1.92 35.98
C PHE U 193 76.26 -1.72 35.56
N ASP U 194 76.44 -1.33 34.31
CA ASP U 194 77.74 -1.11 33.69
C ASP U 194 77.60 0.04 32.71
N TYR U 195 78.44 1.06 32.86
CA TYR U 195 78.33 2.21 31.99
C TYR U 195 78.92 1.92 30.61
N SER U 196 79.92 1.04 30.54
CA SER U 196 80.55 0.69 29.28
C SER U 196 79.84 -0.45 28.55
N CYS U 197 78.77 -1.00 29.12
CA CYS U 197 78.03 -2.11 28.51
C CYS U 197 78.95 -3.28 28.20
N ALA U 198 79.85 -3.59 29.13
CA ALA U 198 80.79 -4.69 28.97
C ALA U 198 81.64 -4.50 27.72
N LEU U 199 82.35 -3.39 27.69
CA LEU U 199 83.25 -3.11 26.58
C LEU U 199 84.57 -3.85 26.75
N ASN U 200 85.28 -3.57 27.83
CA ASN U 200 86.58 -4.20 28.10
C ASN U 200 86.46 -5.44 28.97
N ALA U 201 85.24 -5.89 29.29
CA ALA U 201 85.10 -7.04 30.14
C ALA U 201 85.53 -8.31 29.39
N PRO U 202 85.89 -9.37 30.12
CA PRO U 202 86.30 -10.60 29.43
C PRO U 202 85.15 -11.22 28.65
N ALA U 203 85.34 -11.36 27.35
CA ALA U 203 84.36 -11.98 26.46
C ALA U 203 83.06 -11.19 26.42
N ASN U 204 83.14 -9.88 26.63
CA ASN U 204 81.96 -9.01 26.58
C ASN U 204 80.90 -9.45 27.57
N ILE U 205 81.34 -10.05 28.69
CA ILE U 205 80.48 -10.54 29.75
C ILE U 205 80.94 -9.89 31.05
N GLN U 206 80.01 -9.30 31.79
CA GLN U 206 80.29 -8.77 33.11
C GLN U 206 79.44 -9.52 34.12
N GLN U 207 80.09 -10.14 35.11
CA GLN U 207 79.40 -10.93 36.11
C GLN U 207 78.98 -10.04 37.28
N PHE U 208 77.76 -10.26 37.76
CA PHE U 208 77.24 -9.61 38.96
C PHE U 208 76.76 -10.68 39.92
N GLU U 209 77.00 -10.45 41.20
CA GLU U 209 76.60 -11.38 42.25
C GLU U 209 76.15 -10.60 43.47
N HIS U 210 75.04 -11.03 44.07
CA HIS U 210 74.49 -10.38 45.25
C HIS U 210 74.10 -11.46 46.23
N ILE U 211 74.68 -11.41 47.43
CA ILE U 211 74.45 -12.38 48.49
C ILE U 211 73.65 -11.69 49.57
N VAL U 212 72.55 -12.31 49.99
CA VAL U 212 71.71 -11.78 51.05
C VAL U 212 71.44 -12.87 52.08
N GLN U 213 71.73 -12.58 53.33
CA GLN U 213 71.79 -13.55 54.42
C GLN U 213 70.58 -13.32 55.31
N LEU U 214 69.63 -14.25 55.29
CA LEU U 214 68.45 -14.08 56.13
C LEU U 214 68.82 -14.17 57.60
N ARG U 215 68.14 -13.38 58.43
CA ARG U 215 68.37 -13.45 59.86
C ARG U 215 67.95 -14.79 60.41
N ARG U 216 66.81 -15.30 59.99
CA ARG U 216 66.35 -16.65 60.36
C ARG U 216 65.99 -17.41 59.09
N ALA U 217 66.34 -18.69 59.08
CA ALA U 217 66.15 -19.50 57.87
C ALA U 217 64.68 -19.82 57.66
N LEU U 218 64.19 -19.52 56.46
CA LEU U 218 62.84 -19.90 56.09
C LEU U 218 62.82 -21.36 55.65
N THR U 219 61.65 -21.83 55.24
CA THR U 219 61.48 -23.24 54.87
C THR U 219 60.28 -23.37 53.95
N THR U 220 60.42 -24.24 52.94
CA THR U 220 59.34 -24.57 52.02
C THR U 220 58.68 -23.33 51.46
N ALA U 221 59.50 -22.39 51.01
CA ALA U 221 59.03 -21.11 50.53
C ALA U 221 58.67 -21.17 49.05
N THR U 222 57.60 -20.49 48.69
CA THR U 222 57.24 -20.25 47.30
C THR U 222 57.73 -18.85 46.94
N ILE U 223 58.46 -18.75 45.84
CA ILE U 223 59.13 -17.52 45.46
C ILE U 223 58.78 -17.23 44.02
N THR U 224 58.80 -15.95 43.65
CA THR U 224 58.56 -15.50 42.29
C THR U 224 59.76 -14.73 41.82
N LEU U 225 60.35 -15.17 40.72
CA LEU U 225 61.55 -14.56 40.16
C LEU U 225 61.24 -14.02 38.78
N LEU U 226 61.52 -12.74 38.56
CA LEU U 226 61.26 -12.08 37.28
C LEU U 226 62.48 -11.26 36.90
N PRO U 227 62.64 -10.95 35.61
CA PRO U 227 63.72 -10.04 35.20
C PRO U 227 63.36 -8.60 35.52
N ASP U 228 64.24 -7.69 35.10
CA ASP U 228 63.96 -6.26 35.04
C ASP U 228 63.56 -5.72 36.41
N ALA U 229 64.55 -5.67 37.30
CA ALA U 229 64.37 -4.99 38.58
C ALA U 229 63.88 -3.58 38.30
N GLU U 230 62.64 -3.29 38.70
CA GLU U 230 61.94 -2.14 38.17
C GLU U 230 62.43 -0.83 38.77
N ARG U 231 62.67 -0.80 40.07
CA ARG U 231 62.99 0.46 40.72
C ARG U 231 64.32 1.03 40.29
N PHE U 232 65.16 0.25 39.61
CA PHE U 232 66.45 0.71 39.13
C PHE U 232 66.47 0.62 37.62
N SER U 233 65.42 1.12 37.00
CA SER U 233 65.31 1.15 35.54
C SER U 233 64.83 2.50 35.04
N PHE U 234 65.04 3.55 35.80
CA PHE U 234 64.74 4.91 35.38
C PHE U 234 65.84 5.83 35.89
N PRO U 235 65.97 7.02 35.31
CA PRO U 235 67.10 7.89 35.67
C PRO U 235 67.06 8.30 37.13
N ARG U 236 68.25 8.46 37.71
CA ARG U 236 68.38 8.82 39.12
C ARG U 236 69.59 9.71 39.29
N VAL U 237 69.58 10.48 40.38
CA VAL U 237 70.79 11.14 40.88
C VAL U 237 71.00 10.64 42.30
N ILE U 238 72.14 10.01 42.53
CA ILE U 238 72.40 9.23 43.73
C ILE U 238 73.63 9.79 44.40
N ASN U 239 73.53 10.07 45.69
CA ASN U 239 74.70 10.47 46.44
C ASN U 239 75.75 9.37 46.37
N SER U 240 77.02 9.76 46.55
CA SER U 240 78.08 8.79 46.57
C SER U 240 78.04 8.00 47.87
N ALA U 241 78.95 7.03 47.97
CA ALA U 241 79.06 6.27 49.21
C ALA U 241 79.40 7.18 50.37
N ASP U 242 80.35 8.09 50.16
CA ASP U 242 80.68 9.08 51.18
C ASP U 242 79.60 10.13 51.34
N GLY U 243 78.76 10.33 50.33
CA GLY U 243 77.77 11.39 50.33
C GLY U 243 78.30 12.72 49.84
N ALA U 244 79.56 12.81 49.46
CA ALA U 244 80.13 14.09 49.06
C ALA U 244 79.39 14.68 47.87
N THR U 245 79.42 13.99 46.74
CA THR U 245 78.82 14.46 45.50
C THR U 245 77.84 13.41 44.98
N THR U 246 76.94 13.85 44.11
CA THR U 246 75.93 13.00 43.51
C THR U 246 76.34 12.62 42.09
N TRP U 247 76.00 11.40 41.69
CA TRP U 247 76.28 10.90 40.35
C TRP U 247 74.99 10.50 39.67
N PHE U 248 74.96 10.68 38.36
CA PHE U 248 73.80 10.43 37.54
C PHE U 248 73.82 9.00 37.04
N PHE U 249 72.65 8.38 37.01
CA PHE U 249 72.50 6.98 36.61
C PHE U 249 71.35 6.93 35.61
N ASN U 250 71.65 6.51 34.37
CA ASN U 250 70.74 6.63 33.23
C ASN U 250 70.56 5.24 32.63
N PRO U 251 69.76 4.39 33.26
CA PRO U 251 69.74 2.98 32.87
C PRO U 251 69.12 2.75 31.50
N ILE U 252 69.65 1.73 30.83
CA ILE U 252 69.02 1.10 29.67
C ILE U 252 68.97 -0.38 29.97
N ILE U 253 67.76 -0.95 29.96
CA ILE U 253 67.54 -2.27 30.52
C ILE U 253 67.86 -3.31 29.47
N LEU U 254 69.01 -3.97 29.62
CA LEU U 254 69.34 -5.17 28.88
C LEU U 254 68.68 -6.37 29.53
N ARG U 255 68.84 -7.54 28.92
CA ARG U 255 68.23 -8.77 29.40
C ARG U 255 69.25 -9.56 30.21
N PRO U 256 69.03 -9.87 31.48
CA PRO U 256 70.04 -10.60 32.25
C PRO U 256 70.13 -12.04 31.77
N ASN U 257 71.32 -12.45 31.32
CA ASN U 257 71.49 -13.78 30.77
C ASN U 257 72.22 -14.68 31.75
N ASN U 258 72.05 -15.98 31.55
CA ASN U 258 72.53 -17.06 32.44
C ASN U 258 72.42 -16.66 33.90
N VAL U 259 71.23 -16.21 34.27
CA VAL U 259 70.93 -15.96 35.67
C VAL U 259 70.97 -17.26 36.45
N GLU U 260 71.41 -17.17 37.71
CA GLU U 260 71.47 -18.30 38.61
C GLU U 260 70.99 -17.85 39.98
N VAL U 261 70.23 -18.70 40.65
CA VAL U 261 69.77 -18.44 42.00
C VAL U 261 70.11 -19.65 42.84
N GLU U 262 70.90 -19.44 43.89
CA GLU U 262 71.32 -20.52 44.77
C GLU U 262 70.75 -20.24 46.15
N PHE U 263 69.94 -21.16 46.65
CA PHE U 263 69.39 -21.09 47.99
C PHE U 263 70.27 -21.96 48.89
N LEU U 264 70.89 -21.31 49.86
CA LEU U 264 71.96 -21.85 50.69
C LEU U 264 71.47 -22.00 52.12
N LEU U 265 72.05 -22.98 52.83
CA LEU U 265 71.79 -23.14 54.26
C LEU U 265 73.05 -23.61 54.94
N ASN U 266 73.58 -22.81 55.87
CA ASN U 266 74.82 -23.12 56.55
C ASN U 266 75.95 -23.34 55.55
N GLY U 267 75.97 -22.52 54.50
CA GLY U 267 76.99 -22.65 53.49
C GLY U 267 76.88 -23.89 52.64
N GLN U 268 75.70 -24.50 52.56
CA GLN U 268 75.47 -25.70 51.76
C GLN U 268 74.43 -25.39 50.70
N ILE U 269 74.75 -25.72 49.45
CA ILE U 269 73.91 -25.33 48.33
C ILE U 269 72.68 -26.24 48.32
N ILE U 270 71.58 -25.77 48.90
CA ILE U 270 70.39 -26.59 49.02
C ILE U 270 69.65 -26.67 47.69
N ASN U 271 69.41 -25.53 47.04
CA ASN U 271 68.72 -25.51 45.75
C ASN U 271 69.46 -24.61 44.77
N THR U 272 69.38 -24.97 43.50
CA THR U 272 69.93 -24.16 42.42
C THR U 272 68.91 -24.06 41.31
N TYR U 273 68.80 -22.89 40.71
CA TYR U 273 67.94 -22.66 39.58
C TYR U 273 68.70 -21.85 38.53
N GLN U 274 68.69 -22.34 37.30
CA GLN U 274 69.46 -21.76 36.20
C GLN U 274 68.49 -21.32 35.11
N ALA U 275 68.53 -20.03 34.77
CA ALA U 275 67.74 -19.48 33.68
C ALA U 275 66.25 -19.72 33.89
N ARG U 276 65.82 -19.81 35.13
CA ARG U 276 64.44 -20.08 35.48
C ARG U 276 63.77 -18.76 35.87
N PHE U 277 62.50 -18.64 35.52
CA PHE U 277 61.72 -17.47 35.89
C PHE U 277 60.31 -17.94 36.23
N GLY U 278 59.49 -17.02 36.69
CA GLY U 278 58.21 -17.39 37.22
C GLY U 278 58.37 -17.95 38.62
N THR U 279 57.35 -18.68 39.07
CA THR U 279 57.37 -19.17 40.42
C THR U 279 58.30 -20.36 40.56
N ILE U 280 59.14 -20.31 41.59
CA ILE U 280 60.05 -21.37 41.97
C ILE U 280 59.80 -21.69 43.44
N VAL U 281 60.51 -22.69 43.96
CA VAL U 281 60.37 -23.12 45.33
C VAL U 281 61.76 -23.21 45.95
N ALA U 282 61.86 -22.80 47.20
CA ALA U 282 63.07 -22.97 48.01
C ALA U 282 62.72 -23.94 49.12
N ARG U 283 63.31 -25.14 49.06
CA ARG U 283 62.99 -26.17 50.04
C ARG U 283 63.28 -25.69 51.46
N ASN U 284 64.47 -25.16 51.68
CA ASN U 284 64.91 -24.73 53.00
C ASN U 284 66.19 -23.94 52.84
N PHE U 285 66.26 -22.71 53.36
CA PHE U 285 67.38 -21.86 53.02
C PHE U 285 67.59 -20.77 54.05
N ASP U 286 68.86 -20.41 54.23
CA ASP U 286 69.30 -19.35 55.11
C ASP U 286 69.93 -18.19 54.36
N THR U 287 70.27 -18.37 53.09
CA THR U 287 70.94 -17.34 52.32
C THR U 287 70.52 -17.48 50.86
N ILE U 288 70.55 -16.36 50.14
CA ILE U 288 70.26 -16.34 48.71
C ILE U 288 71.45 -15.73 48.00
N ARG U 289 71.96 -16.44 46.99
CA ARG U 289 73.00 -15.93 46.11
C ARG U 289 72.38 -15.75 44.73
N LEU U 290 72.19 -14.51 44.31
CA LEU U 290 71.68 -14.20 42.99
C LEU U 290 72.87 -13.79 42.12
N SER U 291 73.13 -14.58 41.08
CA SER U 291 74.17 -14.29 40.12
C SER U 291 73.52 -14.02 38.77
N PHE U 292 74.09 -13.10 38.01
CA PHE U 292 73.64 -12.89 36.65
C PHE U 292 74.78 -12.23 35.88
N GLN U 293 74.55 -11.99 34.60
CA GLN U 293 75.58 -11.44 33.75
C GLN U 293 74.98 -10.42 32.79
N LEU U 294 75.78 -9.42 32.46
CA LEU U 294 75.47 -8.48 31.40
C LEU U 294 76.33 -8.85 30.20
N MET U 295 75.69 -9.26 29.12
CA MET U 295 76.36 -9.59 27.88
C MET U 295 76.15 -8.47 26.89
N ARG U 296 77.24 -7.94 26.35
CA ARG U 296 77.10 -6.94 25.30
C ARG U 296 76.41 -7.57 24.11
N PRO U 297 75.39 -6.95 23.51
CA PRO U 297 74.70 -7.59 22.40
C PRO U 297 75.63 -7.71 21.21
N PRO U 298 75.95 -8.94 20.72
CA PRO U 298 76.92 -9.05 19.63
C PRO U 298 76.47 -8.36 18.36
N ASN U 299 75.29 -8.74 17.86
CA ASN U 299 74.68 -8.04 16.74
C ASN U 299 73.91 -6.84 17.28
N MET U 300 73.90 -5.77 16.51
CA MET U 300 73.37 -4.50 17.00
C MET U 300 72.77 -3.70 15.86
N THR U 301 71.56 -3.21 16.08
CA THR U 301 70.95 -2.24 15.22
C THR U 301 71.75 -0.94 15.29
N PRO U 302 71.64 -0.07 14.29
CA PRO U 302 72.23 1.27 14.43
C PRO U 302 71.77 2.02 15.66
N ALA U 303 70.53 1.85 16.12
CA ALA U 303 70.08 2.55 17.31
C ALA U 303 70.89 2.13 18.53
N VAL U 304 70.98 0.82 18.80
CA VAL U 304 71.72 0.39 19.97
C VAL U 304 73.20 0.65 19.79
N ASN U 305 73.69 0.61 18.55
CA ASN U 305 75.07 0.96 18.30
C ASN U 305 75.35 2.40 18.70
N ALA U 306 74.44 3.31 18.36
CA ALA U 306 74.60 4.69 18.79
C ALA U 306 74.51 4.80 20.30
N LEU U 307 73.71 3.95 20.94
CA LEU U 307 73.63 3.97 22.40
C LEU U 307 74.97 3.63 23.02
N PHE U 308 75.63 2.57 22.54
CA PHE U 308 76.83 2.05 23.18
C PHE U 308 78.06 2.32 22.31
N PRO U 309 78.86 3.35 22.62
CA PRO U 309 80.09 3.57 21.85
C PRO U 309 81.29 2.92 22.52
N GLN U 310 82.44 2.90 21.85
CA GLN U 310 83.68 2.49 22.47
C GLN U 310 84.45 3.64 23.11
N ALA U 311 84.04 4.87 22.86
CA ALA U 311 84.70 6.03 23.44
C ALA U 311 84.29 6.16 24.90
N GLN U 312 84.63 7.28 25.51
CA GLN U 312 84.33 7.52 26.92
C GLN U 312 82.93 8.04 27.24
N PRO U 313 82.32 8.97 26.42
CA PRO U 313 81.11 9.68 26.87
C PRO U 313 80.07 8.87 27.64
N PHE U 314 79.59 7.76 27.07
CA PHE U 314 78.71 6.83 27.78
C PHE U 314 77.49 7.54 28.35
N GLN U 315 76.68 8.09 27.45
CA GLN U 315 75.51 8.85 27.88
C GLN U 315 74.40 7.96 28.40
N HIS U 316 74.40 6.67 28.06
CA HIS U 316 73.36 5.74 28.48
C HIS U 316 74.04 4.50 29.05
N HIS U 317 73.57 4.05 30.21
CA HIS U 317 74.31 3.10 31.03
C HIS U 317 73.55 1.78 31.07
N ALA U 318 74.17 0.71 30.60
CA ALA U 318 73.46 -0.56 30.52
C ALA U 318 73.21 -1.10 31.92
N THR U 319 72.08 -1.78 32.09
CA THR U 319 71.78 -2.37 33.39
C THR U 319 70.87 -3.58 33.19
N VAL U 320 71.01 -4.54 34.10
CA VAL U 320 70.19 -5.75 34.09
C VAL U 320 69.83 -6.07 35.53
N GLY U 321 68.59 -6.50 35.77
CA GLY U 321 68.12 -6.69 37.11
C GLY U 321 67.20 -7.89 37.28
N LEU U 322 67.00 -8.25 38.53
CA LEU U 322 66.13 -9.33 38.95
C LEU U 322 65.23 -8.86 40.08
N THR U 323 64.03 -9.44 40.13
CA THR U 323 63.05 -9.20 41.17
C THR U 323 62.68 -10.53 41.79
N LEU U 324 62.79 -10.61 43.11
CA LEU U 324 62.62 -11.86 43.85
C LEU U 324 61.63 -11.62 44.98
N ARG U 325 60.43 -12.21 44.89
CA ARG U 325 59.38 -12.00 45.86
C ARG U 325 59.12 -13.30 46.60
N ILE U 326 59.25 -13.29 47.92
CA ILE U 326 58.90 -14.47 48.71
C ILE U 326 57.39 -14.43 48.92
N GLU U 327 56.64 -15.13 48.08
CA GLU U 327 55.18 -15.04 48.16
C GLU U 327 54.66 -15.66 49.45
N SER U 328 55.26 -16.75 49.89
CA SER U 328 54.89 -17.36 51.16
C SER U 328 56.07 -18.17 51.66
N ALA U 329 56.06 -18.45 52.96
CA ALA U 329 57.16 -19.20 53.54
C ALA U 329 56.71 -19.82 54.85
N VAL U 330 57.58 -20.64 55.41
CA VAL U 330 57.36 -21.27 56.70
C VAL U 330 58.62 -21.08 57.53
N CYS U 331 58.47 -20.46 58.69
CA CYS U 331 59.61 -20.09 59.52
C CYS U 331 59.42 -20.63 60.93
N GLU U 332 60.51 -21.11 61.52
CA GLU U 332 60.42 -21.64 62.88
C GLU U 332 60.07 -20.54 63.87
N SER U 333 60.66 -19.36 63.73
CA SER U 333 60.38 -18.23 64.61
C SER U 333 59.25 -17.39 64.04
N VAL U 334 58.90 -16.33 64.75
CA VAL U 334 57.74 -15.50 64.45
C VAL U 334 58.18 -14.24 63.73
N LEU U 335 57.47 -13.89 62.66
CA LEU U 335 57.81 -12.76 61.81
C LEU U 335 56.56 -11.97 61.51
N ALA U 336 56.71 -10.66 61.31
CA ALA U 336 55.59 -9.87 60.85
C ALA U 336 55.23 -10.29 59.43
N ASP U 337 53.96 -10.12 59.08
CA ASP U 337 53.42 -10.67 57.83
C ASP U 337 52.57 -9.61 57.15
N ALA U 338 51.86 -10.05 56.12
CA ALA U 338 50.87 -9.22 55.44
C ALA U 338 49.44 -9.66 55.70
N ASN U 339 49.22 -10.86 56.25
CA ASN U 339 47.88 -11.28 56.65
C ASN U 339 47.60 -10.94 58.11
N GLU U 340 48.38 -11.48 59.02
CA GLU U 340 48.12 -11.29 60.44
C GLU U 340 48.42 -9.85 60.85
N THR U 341 47.94 -9.48 62.03
CA THR U 341 48.03 -8.11 62.53
C THR U 341 48.56 -8.07 63.95
N LEU U 342 49.42 -9.02 64.32
CA LEU U 342 49.89 -9.08 65.69
C LEU U 342 50.92 -8.01 65.98
N LEU U 343 51.84 -7.76 65.04
CA LEU U 343 52.75 -6.64 65.20
C LEU U 343 51.98 -5.35 65.33
N ALA U 344 50.94 -5.18 64.51
CA ALA U 344 50.13 -3.97 64.59
C ALA U 344 49.47 -3.85 65.95
N ASN U 345 48.92 -4.95 66.47
CA ASN U 345 48.26 -4.90 67.76
C ASN U 345 49.23 -4.49 68.86
N VAL U 346 50.39 -5.14 68.92
CA VAL U 346 51.29 -4.86 70.03
C VAL U 346 51.88 -3.45 69.92
N THR U 347 52.26 -3.03 68.71
CA THR U 347 52.79 -1.68 68.55
C THR U 347 51.73 -0.63 68.85
N ALA U 348 50.48 -0.90 68.46
CA ALA U 348 49.42 0.06 68.75
C ALA U 348 49.21 0.18 70.25
N VAL U 349 49.24 -0.94 70.97
CA VAL U 349 49.08 -0.87 72.43
C VAL U 349 50.19 -0.03 73.03
N ARG U 350 51.43 -0.30 72.63
CA ARG U 350 52.55 0.43 73.21
C ARG U 350 52.47 1.91 72.89
N GLN U 351 52.15 2.25 71.64
CA GLN U 351 52.04 3.66 71.26
C GLN U 351 50.91 4.34 72.02
N GLU U 352 49.77 3.66 72.16
CA GLU U 352 48.64 4.25 72.85
C GLU U 352 48.98 4.58 74.30
N TYR U 353 49.69 3.68 74.97
CA TYR U 353 49.92 3.82 76.40
C TYR U 353 51.31 4.33 76.74
N ALA U 354 52.07 4.80 75.75
CA ALA U 354 53.30 5.56 75.98
C ALA U 354 54.27 4.78 76.86
N ILE U 355 54.43 3.51 76.55
CA ILE U 355 55.26 2.64 77.38
C ILE U 355 56.72 3.08 77.23
N PRO U 356 57.45 3.35 78.31
CA PRO U 356 58.86 3.72 78.14
C PRO U 356 59.63 2.57 77.52
N VAL U 357 60.68 2.92 76.78
CA VAL U 357 61.46 1.90 76.08
C VAL U 357 62.07 0.96 77.10
N GLY U 358 61.88 -0.34 76.88
CA GLY U 358 62.43 -1.35 77.75
C GLY U 358 63.86 -1.68 77.36
N PRO U 359 64.39 -2.77 77.89
CA PRO U 359 65.73 -3.18 77.50
C PRO U 359 65.77 -3.96 76.20
N VAL U 360 64.66 -4.57 75.81
CA VAL U 360 64.67 -5.60 74.78
C VAL U 360 64.36 -5.02 73.40
N PHE U 361 63.14 -4.54 73.20
CA PHE U 361 62.75 -4.12 71.87
C PHE U 361 63.31 -2.75 71.52
N PRO U 362 63.40 -2.42 70.23
CA PRO U 362 63.81 -1.07 69.87
C PRO U 362 62.74 -0.06 70.26
N PRO U 363 63.02 1.23 70.16
CA PRO U 363 62.00 2.22 70.48
C PRO U 363 60.87 2.19 69.46
N GLY U 364 59.65 2.11 69.94
CA GLY U 364 58.49 2.08 69.07
C GLY U 364 58.24 0.77 68.38
N MET U 365 58.91 -0.31 68.81
CA MET U 365 58.81 -1.60 68.15
C MET U 365 59.14 -1.46 66.66
N ASN U 366 60.28 -0.83 66.40
CA ASN U 366 60.71 -0.64 65.02
C ASN U 366 61.05 -1.98 64.40
N TRP U 367 60.25 -2.39 63.41
CA TRP U 367 60.39 -3.74 62.91
C TRP U 367 61.74 -3.97 62.25
N THR U 368 62.29 -2.95 61.60
CA THR U 368 63.57 -3.13 60.90
C THR U 368 64.69 -3.41 61.89
N GLU U 369 64.82 -2.58 62.92
CA GLU U 369 65.83 -2.85 63.94
C GLU U 369 65.58 -4.18 64.61
N LEU U 370 64.30 -4.48 64.87
CA LEU U 370 63.96 -5.72 65.56
C LEU U 370 64.41 -6.93 64.76
N ILE U 371 64.18 -6.92 63.46
CA ILE U 371 64.56 -8.06 62.65
C ILE U 371 66.08 -8.10 62.44
N THR U 372 66.74 -6.96 62.28
CA THR U 372 68.19 -6.99 62.11
C THR U 372 68.86 -7.60 63.34
N ASN U 373 68.72 -6.94 64.49
CA ASN U 373 69.23 -7.51 65.74
C ASN U 373 68.10 -8.33 66.35
N TYR U 374 68.22 -9.64 66.26
CA TYR U 374 67.13 -10.57 66.51
C TYR U 374 67.58 -11.70 67.43
N SER U 375 68.22 -11.32 68.53
CA SER U 375 68.84 -12.24 69.47
C SER U 375 67.83 -13.23 70.03
N PRO U 376 68.26 -14.27 70.74
CA PRO U 376 67.30 -15.25 71.27
C PRO U 376 66.30 -14.67 72.27
N SER U 377 66.76 -13.84 73.22
CA SER U 377 65.84 -13.26 74.19
C SER U 377 64.84 -12.34 73.52
N ARG U 378 65.33 -11.53 72.57
CA ARG U 378 64.44 -10.67 71.80
C ARG U 378 63.41 -11.49 71.05
N GLU U 379 63.84 -12.60 70.45
CA GLU U 379 62.92 -13.47 69.74
C GLU U 379 61.86 -14.04 70.69
N ASP U 380 62.28 -14.49 71.87
CA ASP U 380 61.33 -15.09 72.81
C ASP U 380 60.30 -14.07 73.26
N ASN U 381 60.74 -12.86 73.58
CA ASN U 381 59.79 -11.85 74.02
C ASN U 381 58.86 -11.46 72.88
N LEU U 382 59.38 -11.41 71.66
CA LEU U 382 58.52 -11.13 70.53
C LEU U 382 57.46 -12.21 70.37
N GLN U 383 57.85 -13.48 70.56
CA GLN U 383 56.87 -14.55 70.47
C GLN U 383 55.81 -14.40 71.55
N ARG U 384 56.23 -14.08 72.78
CA ARG U 384 55.26 -13.97 73.86
C ARG U 384 54.27 -12.85 73.60
N VAL U 385 54.76 -11.67 73.22
CA VAL U 385 53.84 -10.56 72.97
C VAL U 385 52.97 -10.86 71.75
N PHE U 386 53.52 -11.54 70.74
CA PHE U 386 52.72 -11.85 69.56
C PHE U 386 51.58 -12.81 69.90
N THR U 387 51.87 -13.87 70.65
CA THR U 387 50.80 -14.80 70.96
C THR U 387 49.79 -14.19 71.91
N VAL U 388 50.22 -13.31 72.82
CA VAL U 388 49.23 -12.59 73.61
C VAL U 388 48.38 -11.71 72.72
N ALA U 389 48.98 -11.09 71.70
CA ALA U 389 48.21 -10.25 70.81
C ALA U 389 47.17 -11.06 70.06
N SER U 390 47.54 -12.26 69.61
CA SER U 390 46.56 -13.11 68.94
C SER U 390 45.44 -13.52 69.88
N ILE U 391 45.79 -13.84 71.13
CA ILE U 391 44.77 -14.15 72.12
C ILE U 391 43.81 -12.98 72.26
N ARG U 392 44.33 -11.78 72.35
CA ARG U 392 43.49 -10.59 72.46
C ARG U 392 42.62 -10.43 71.21
N SER U 393 43.20 -10.67 70.04
CA SER U 393 42.46 -10.54 68.80
C SER U 393 41.33 -11.54 68.68
N MET U 394 41.37 -12.64 69.42
CA MET U 394 40.22 -13.54 69.42
C MET U 394 38.97 -12.85 69.92
N LEU U 395 39.10 -11.84 70.78
CA LEU U 395 37.97 -11.22 71.46
C LEU U 395 37.73 -9.78 71.03
N ILE U 396 38.78 -8.97 70.97
CA ILE U 396 38.67 -7.52 70.82
C ILE U 396 39.27 -7.16 69.48
N LYS U 397 38.43 -7.11 68.45
CA LYS U 397 38.86 -6.72 67.13
C LYS U 397 38.47 -5.27 66.88
N ASN V 56 25.98 30.31 22.50
CA ASN V 56 25.95 30.74 23.90
C ASN V 56 25.39 29.63 24.79
N ILE V 57 26.24 29.11 25.67
CA ILE V 57 25.80 28.11 26.64
C ILE V 57 25.08 28.84 27.78
N PRO V 58 24.21 28.18 28.53
CA PRO V 58 23.60 28.84 29.69
C PRO V 58 24.62 29.03 30.80
N ILE V 59 24.41 30.06 31.61
CA ILE V 59 25.23 30.32 32.78
C ILE V 59 24.30 30.59 33.95
N THR V 60 24.19 29.63 34.85
CA THR V 60 23.32 29.73 36.00
C THR V 60 23.98 30.61 37.06
N GLY V 61 23.16 31.36 37.78
CA GLY V 61 23.67 32.24 38.81
C GLY V 61 22.68 32.46 39.93
N SER V 62 23.16 32.43 41.17
CA SER V 62 22.28 32.63 42.31
C SER V 62 21.87 34.10 42.41
N MET V 63 20.86 34.35 43.24
CA MET V 63 20.37 35.69 43.50
C MET V 63 20.67 36.15 44.92
N ASP V 64 21.58 35.46 45.60
CA ASP V 64 21.97 35.80 46.96
C ASP V 64 23.46 36.03 47.13
N THR V 65 24.25 35.79 46.09
CA THR V 65 25.69 35.98 46.21
C THR V 65 26.02 37.44 46.50
N VAL V 66 27.06 37.65 47.30
CA VAL V 66 27.41 39.00 47.74
C VAL V 66 28.06 39.77 46.60
N TYR V 67 27.78 41.06 46.53
CA TYR V 67 28.37 41.90 45.49
C TYR V 67 29.88 41.88 45.60
N SER V 68 30.54 41.82 44.45
CA SER V 68 31.99 41.79 44.42
C SER V 68 32.56 43.18 44.63
N ASN V 69 33.83 43.23 45.00
CA ASN V 69 34.51 44.50 45.21
C ASN V 69 34.53 45.32 43.93
N SER V 70 34.96 46.57 44.05
CA SER V 70 34.98 47.46 42.90
C SER V 70 36.11 47.07 41.95
N THR V 71 35.78 46.86 40.68
CA THR V 71 36.73 46.45 39.67
C THR V 71 37.32 47.64 38.92
N ARG V 72 37.05 48.86 39.39
CA ARG V 72 37.51 50.05 38.70
C ARG V 72 39.02 50.07 38.59
N GLU V 73 39.71 49.76 39.70
CA GLU V 73 41.16 49.80 39.68
C GLU V 73 41.73 48.72 38.77
N GLU V 74 41.14 47.53 38.79
CA GLU V 74 41.58 46.47 37.91
C GLU V 74 41.47 46.89 36.46
N VAL V 75 40.32 47.45 36.07
CA VAL V 75 40.14 47.80 34.66
C VAL V 75 41.02 48.98 34.28
N PHE V 76 41.25 49.92 35.19
CA PHE V 76 42.14 51.04 34.88
C PHE V 76 43.57 50.57 34.72
N LEU V 77 43.99 49.55 35.47
CA LEU V 77 45.34 49.03 35.30
C LEU V 77 45.45 48.16 34.05
N THR V 78 44.36 47.51 33.64
CA THR V 78 44.41 46.51 32.58
C THR V 78 43.99 47.03 31.21
N SER V 79 43.40 48.22 31.13
CA SER V 79 42.84 48.73 29.89
C SER V 79 43.51 50.05 29.50
N THR V 80 43.09 50.59 28.37
CA THR V 80 43.59 51.84 27.85
C THR V 80 42.42 52.72 27.42
N LEU V 81 42.59 54.02 27.58
CA LEU V 81 41.61 55.02 27.19
C LEU V 81 42.20 55.84 26.06
N CYS V 82 41.37 56.22 25.09
CA CYS V 82 41.86 57.01 23.96
C CYS V 82 40.82 58.03 23.54
N LEU V 83 41.28 59.27 23.37
CA LEU V 83 40.43 60.42 23.09
C LEU V 83 40.67 60.92 21.67
N TYR V 84 39.60 61.02 20.89
CA TYR V 84 39.62 61.57 19.55
C TYR V 84 38.96 62.93 19.57
N TYR V 85 39.74 63.97 19.31
CA TYR V 85 39.30 65.36 19.42
C TYR V 85 39.68 66.09 18.15
N PRO V 86 39.01 67.20 17.85
CA PRO V 86 39.33 67.92 16.61
C PRO V 86 40.55 68.80 16.77
N THR V 87 41.16 69.14 15.63
CA THR V 87 42.39 69.92 15.66
C THR V 87 42.18 71.30 16.26
N GLU V 88 40.98 71.87 16.11
CA GLU V 88 40.72 73.17 16.68
C GLU V 88 40.84 73.17 18.19
N ALA V 89 40.68 72.01 18.83
CA ALA V 89 40.89 71.93 20.27
C ALA V 89 42.32 72.32 20.62
N SER V 90 43.29 71.68 19.97
CA SER V 90 44.69 72.03 20.21
C SER V 90 44.97 73.46 19.77
N THR V 91 44.35 73.89 18.67
CA THR V 91 44.57 75.26 18.18
C THR V 91 44.16 76.29 19.23
N GLN V 92 42.99 76.10 19.84
CA GLN V 92 42.56 77.03 20.87
C GLN V 92 43.37 76.87 22.15
N ILE V 93 43.79 75.65 22.47
CA ILE V 93 44.57 75.44 23.68
C ILE V 93 45.90 76.18 23.59
N SER V 94 46.49 76.24 22.40
CA SER V 94 47.68 77.04 22.14
C SER V 94 48.83 76.61 23.06
N ASP V 95 49.12 75.31 23.03
CA ASP V 95 50.04 74.69 23.97
C ASP V 95 50.67 73.49 23.26
N GLY V 96 51.05 72.45 23.99
CA GLY V 96 51.83 71.38 23.42
C GLY V 96 52.63 70.63 24.45
N GLU V 97 52.67 71.15 25.67
CA GLU V 97 52.85 70.33 26.85
C GLU V 97 51.52 69.79 27.36
N TRP V 98 50.42 70.07 26.66
CA TRP V 98 49.10 69.77 27.22
C TRP V 98 48.78 68.29 27.20
N LYS V 99 49.27 67.55 26.20
CA LYS V 99 49.07 66.10 26.23
C LYS V 99 49.75 65.49 27.45
N ASP V 100 51.00 65.88 27.71
CA ASP V 100 51.70 65.36 28.87
C ASP V 100 51.03 65.80 30.16
N SER V 101 50.56 67.05 30.20
CA SER V 101 49.89 67.52 31.40
C SER V 101 48.62 66.73 31.66
N LEU V 102 47.84 66.46 30.62
CA LEU V 102 46.62 65.68 30.81
C LEU V 102 46.92 64.24 31.17
N SER V 103 48.02 63.68 30.66
CA SER V 103 48.39 62.33 31.08
C SER V 103 48.72 62.31 32.57
N GLN V 104 49.50 63.30 33.02
CA GLN V 104 49.79 63.40 34.45
C GLN V 104 48.51 63.60 35.25
N MET V 105 47.55 64.33 34.68
CA MET V 105 46.29 64.57 35.37
C MET V 105 45.48 63.29 35.49
N PHE V 106 45.42 62.51 34.41
CA PHE V 106 44.75 61.21 34.44
C PHE V 106 45.39 60.29 35.46
N LEU V 107 46.71 60.38 35.61
CA LEU V 107 47.39 59.53 36.59
C LEU V 107 46.82 59.70 37.98
N ILE V 108 46.31 60.89 38.31
CA ILE V 108 45.66 61.08 39.59
C ILE V 108 44.40 60.25 39.69
N LYS V 109 43.60 60.24 38.63
CA LYS V 109 42.40 59.42 38.63
C LYS V 109 42.70 57.93 38.56
N GLY V 110 43.93 57.57 38.19
CA GLY V 110 44.40 56.21 38.36
C GLY V 110 44.75 55.47 37.08
N TRP V 111 44.80 56.17 35.96
CA TRP V 111 45.20 55.56 34.70
C TRP V 111 46.73 55.65 34.61
N PRO V 112 47.47 54.52 34.58
CA PRO V 112 48.93 54.61 34.45
C PRO V 112 49.40 55.46 33.29
N THR V 113 50.69 55.79 33.27
CA THR V 113 51.20 56.85 32.41
C THR V 113 50.96 56.56 30.93
N GLY V 114 51.12 55.31 30.52
CA GLY V 114 50.93 54.96 29.12
C GLY V 114 49.52 54.63 28.72
N SER V 115 48.57 54.69 29.65
CA SER V 115 47.23 54.17 29.38
C SER V 115 46.39 55.08 28.51
N VAL V 116 46.74 56.36 28.38
CA VAL V 116 45.90 57.35 27.72
C VAL V 116 46.54 57.73 26.40
N TYR V 117 45.74 57.73 25.34
CA TYR V 117 46.23 57.98 23.98
C TYR V 117 45.39 59.05 23.33
N PHE V 118 46.02 60.15 22.92
CA PHE V 118 45.34 61.28 22.33
C PHE V 118 45.54 61.23 20.82
N LYS V 119 44.47 60.98 20.08
CA LYS V 119 44.53 60.81 18.62
C LYS V 119 43.74 61.94 17.99
N GLU V 120 44.44 63.01 17.65
CA GLU V 120 43.81 64.16 17.00
C GLU V 120 43.30 63.79 15.61
N TYR V 121 42.18 64.38 15.22
CA TYR V 121 41.65 64.28 13.86
C TYR V 121 41.29 65.66 13.37
N SER V 122 41.28 65.84 12.05
CA SER V 122 41.17 67.19 11.50
C SER V 122 39.80 67.79 11.78
N ASN V 123 38.73 67.07 11.46
CA ASN V 123 37.37 67.52 11.71
C ASN V 123 36.44 66.34 11.48
N ILE V 124 35.15 66.56 11.75
CA ILE V 124 34.22 65.43 11.83
C ILE V 124 34.05 64.76 10.47
N VAL V 125 33.80 65.56 9.44
CA VAL V 125 33.52 64.96 8.12
C VAL V 125 34.75 64.25 7.60
N ASP V 126 35.94 64.77 7.88
CA ASP V 126 37.16 64.15 7.40
C ASP V 126 37.53 62.91 8.20
N PHE V 127 37.19 62.88 9.49
CA PHE V 127 37.41 61.70 10.32
C PHE V 127 36.39 60.62 10.05
N SER V 128 35.25 60.98 9.47
CA SER V 128 34.23 59.97 9.17
C SER V 128 34.76 58.89 8.23
N VAL V 129 35.65 59.26 7.33
CA VAL V 129 36.10 58.31 6.30
C VAL V 129 36.94 57.22 6.96
N ASP V 130 36.34 56.06 7.16
CA ASP V 130 37.01 54.88 7.70
C ASP V 130 37.72 55.17 9.01
N PRO V 131 36.99 55.36 10.11
CA PRO V 131 37.63 55.64 11.39
C PRO V 131 38.12 54.37 12.06
N GLN V 132 39.43 54.29 12.29
CA GLN V 132 40.03 53.22 13.07
C GLN V 132 40.15 53.69 14.51
N LEU V 133 39.57 52.93 15.43
CA LEU V 133 39.54 53.30 16.85
C LEU V 133 40.58 52.47 17.59
N TYR V 134 41.83 52.90 17.52
CA TYR V 134 42.95 52.14 18.07
C TYR V 134 42.91 52.25 19.58
N CYS V 135 42.07 51.47 20.23
CA CYS V 135 42.04 51.66 21.67
C CYS V 135 41.31 50.48 22.33
N ASP V 136 41.00 50.66 23.62
CA ASP V 136 40.23 49.70 24.40
C ASP V 136 39.03 50.36 25.07
N TYR V 137 39.09 51.68 25.28
CA TYR V 137 37.94 52.50 25.65
C TYR V 137 38.04 53.79 24.88
N ASN V 138 37.10 54.03 23.97
CA ASN V 138 37.18 55.12 23.02
C ASN V 138 36.24 56.24 23.41
N LEU V 139 36.76 57.47 23.48
CA LEU V 139 35.97 58.68 23.59
C LEU V 139 36.13 59.48 22.31
N VAL V 140 35.03 60.03 21.82
CA VAL V 140 35.04 60.83 20.60
C VAL V 140 34.39 62.16 20.95
N LEU V 141 35.20 63.19 21.16
CA LEU V 141 34.68 64.54 21.27
C LEU V 141 34.25 65.00 19.88
N MET V 142 33.05 65.58 19.79
CA MET V 142 32.42 65.81 18.50
C MET V 142 31.78 67.20 18.51
N LYS V 143 32.47 68.18 17.93
CA LYS V 143 31.95 69.54 17.96
C LYS V 143 30.84 69.71 16.93
N TYR V 144 29.69 70.19 17.39
CA TYR V 144 28.51 70.31 16.55
C TYR V 144 28.49 71.69 15.90
N ASP V 145 28.19 71.70 14.61
CA ASP V 145 27.93 72.93 13.87
C ASP V 145 26.67 72.73 13.06
N GLN V 146 25.91 73.80 12.89
CA GLN V 146 24.68 73.73 12.10
C GLN V 146 25.00 73.25 10.69
N SER V 147 24.09 72.44 10.14
CA SER V 147 24.16 71.82 8.83
C SER V 147 25.05 70.58 8.81
N LEU V 148 25.78 70.29 9.87
CA LEU V 148 26.53 69.04 9.99
C LEU V 148 25.76 68.00 10.79
N GLU V 149 24.46 68.22 11.00
CA GLU V 149 23.69 67.31 11.85
C GLU V 149 23.71 65.89 11.30
N LEU V 150 23.38 65.74 10.02
CA LEU V 150 23.30 64.39 9.46
C LEU V 150 24.65 63.72 9.44
N ASP V 151 25.72 64.45 9.12
CA ASP V 151 27.03 63.81 9.03
C ASP V 151 27.55 63.43 10.41
N MET V 152 27.32 64.28 11.40
CA MET V 152 27.63 63.93 12.78
C MET V 152 26.85 62.69 13.20
N SER V 153 25.57 62.63 12.86
CA SER V 153 24.76 61.47 13.18
C SER V 153 25.26 60.23 12.46
N GLU V 154 25.70 60.39 11.22
CA GLU V 154 26.24 59.27 10.46
C GLU V 154 27.45 58.69 11.17
N LEU V 155 28.39 59.56 11.57
CA LEU V 155 29.58 59.07 12.25
C LEU V 155 29.22 58.41 13.57
N ALA V 156 28.29 59.01 14.32
CA ALA V 156 27.90 58.44 15.60
C ALA V 156 27.29 57.06 15.40
N ASP V 157 26.40 56.92 14.43
CA ASP V 157 25.83 55.63 14.11
C ASP V 157 26.90 54.62 13.74
N LEU V 158 27.82 55.03 12.85
CA LEU V 158 28.84 54.11 12.38
C LEU V 158 29.66 53.55 13.53
N ILE V 159 30.19 54.44 14.37
CA ILE V 159 31.12 53.95 15.39
C ILE V 159 30.37 53.31 16.54
N LEU V 160 29.23 53.86 16.94
CA LEU V 160 28.51 53.31 18.08
C LEU V 160 27.96 51.93 17.79
N ASN V 161 27.48 51.69 16.57
CA ASN V 161 26.87 50.42 16.23
C ASN V 161 27.88 49.48 15.60
N GLU V 162 27.75 48.21 15.90
CA GLU V 162 28.58 47.17 15.30
C GLU V 162 28.04 46.80 13.94
N TRP V 163 28.91 46.83 12.94
CA TRP V 163 28.55 46.54 11.55
C TRP V 163 29.33 45.35 11.04
N LEU V 164 28.67 44.51 10.26
CA LEU V 164 29.30 43.44 9.50
C LEU V 164 29.19 43.83 8.04
N CYS V 165 30.33 44.19 7.45
CA CYS V 165 30.37 44.77 6.11
C CYS V 165 30.97 43.78 5.12
N ASN V 166 30.40 43.76 3.93
CA ASN V 166 30.84 42.93 2.81
C ASN V 166 31.18 43.85 1.65
N PRO V 167 32.17 43.50 0.82
CA PRO V 167 32.45 44.33 -0.35
C PRO V 167 31.30 44.31 -1.34
N MET V 168 31.19 45.39 -2.09
CA MET V 168 30.23 45.54 -3.18
C MET V 168 31.00 45.81 -4.46
N ASP V 169 30.59 45.15 -5.55
CA ASP V 169 31.16 45.37 -6.87
C ASP V 169 30.10 46.08 -7.71
N ILE V 170 30.16 47.41 -7.70
CA ILE V 170 29.14 48.21 -8.36
C ILE V 170 29.12 47.95 -9.86
N THR V 171 30.26 47.60 -10.43
CA THR V 171 30.38 47.53 -11.89
C THR V 171 29.76 46.27 -12.48
N LEU V 172 29.43 45.28 -11.65
CA LEU V 172 28.87 44.01 -12.14
C LEU V 172 27.47 43.74 -11.63
N TYR V 173 27.23 43.83 -10.33
CA TYR V 173 26.00 43.37 -9.71
C TYR V 173 25.11 44.54 -9.31
N TYR V 174 23.81 44.31 -9.39
CA TYR V 174 22.80 45.22 -8.84
C TYR V 174 22.39 44.68 -7.48
N TYR V 175 22.39 45.56 -6.48
CA TYR V 175 22.29 45.17 -5.09
C TYR V 175 20.94 45.55 -4.51
N GLN V 176 20.36 44.62 -3.75
CA GLN V 176 19.19 44.89 -2.94
C GLN V 176 19.63 45.22 -1.53
N GLN V 177 18.65 45.42 -0.66
CA GLN V 177 18.87 45.52 0.78
C GLN V 177 18.03 44.45 1.45
N SER V 178 18.68 43.63 2.28
CA SER V 178 18.02 42.45 2.82
C SER V 178 16.86 42.82 3.73
N GLY V 179 17.04 43.83 4.58
CA GLY V 179 15.99 44.18 5.52
C GLY V 179 16.23 45.45 6.30
N GLU V 180 15.65 45.53 7.49
CA GLU V 180 15.73 46.76 8.27
C GLU V 180 17.17 47.05 8.67
N SER V 181 17.92 46.02 9.03
CA SER V 181 19.25 46.18 9.59
C SER V 181 20.32 46.40 8.53
N ASN V 182 19.98 46.32 7.25
CA ASN V 182 20.98 46.46 6.19
C ASN V 182 21.03 47.89 5.70
N LYS V 183 22.25 48.37 5.46
CA LYS V 183 22.50 49.67 4.86
C LYS V 183 23.66 49.51 3.90
N TRP V 184 23.91 50.54 3.09
CA TRP V 184 25.14 50.63 2.31
C TRP V 184 25.92 51.84 2.80
N ILE V 185 27.17 51.62 3.22
CA ILE V 185 28.02 52.68 3.72
C ILE V 185 29.07 52.97 2.67
N SER V 186 29.14 54.21 2.23
CA SER V 186 30.14 54.67 1.28
C SER V 186 31.07 55.65 1.98
N MET V 187 32.37 55.39 1.89
CA MET V 187 33.40 56.19 2.52
C MET V 187 34.44 56.58 1.48
N GLY V 188 34.90 57.82 1.53
CA GLY V 188 35.91 58.23 0.59
C GLY V 188 36.13 59.72 0.63
N SER V 189 37.03 60.18 -0.24
CA SER V 189 37.36 61.59 -0.29
C SER V 189 36.17 62.42 -0.77
N SER V 190 35.36 61.88 -1.68
CA SER V 190 34.13 62.53 -2.09
C SER V 190 33.22 61.48 -2.68
N CYS V 191 32.20 61.09 -1.93
CA CYS V 191 31.25 60.07 -2.37
C CYS V 191 29.99 60.76 -2.84
N THR V 192 29.59 60.48 -4.08
CA THR V 192 28.32 60.96 -4.63
C THR V 192 27.61 59.73 -5.20
N VAL V 193 26.90 59.02 -4.34
CA VAL V 193 26.23 57.80 -4.75
C VAL V 193 24.90 58.17 -5.40
N LYS V 194 24.69 57.67 -6.62
CA LYS V 194 23.45 57.85 -7.34
C LYS V 194 22.82 56.49 -7.55
N VAL V 195 21.52 56.38 -7.28
CA VAL V 195 20.83 55.11 -7.32
C VAL V 195 19.73 55.16 -8.38
N CYS V 196 19.64 54.09 -9.16
CA CYS V 196 18.60 53.91 -10.16
C CYS V 196 17.89 52.59 -9.86
N PRO V 197 16.68 52.60 -9.31
CA PRO V 197 16.00 51.34 -9.01
C PRO V 197 15.61 50.63 -10.29
N LEU V 198 15.44 49.31 -10.18
CA LEU V 198 15.27 48.45 -11.34
C LEU V 198 14.01 47.61 -11.22
N ASN V 199 13.49 47.22 -12.38
CA ASN V 199 12.29 46.39 -12.46
C ASN V 199 12.69 44.92 -12.39
N THR V 200 11.71 44.03 -12.59
CA THR V 200 12.01 42.61 -12.67
C THR V 200 12.82 42.30 -13.92
N GLN V 201 12.63 43.07 -14.99
CA GLN V 201 13.39 42.92 -16.21
C GLN V 201 14.62 43.82 -16.25
N THR V 202 14.99 44.42 -15.12
CA THR V 202 16.16 45.28 -15.03
C THR V 202 16.04 46.48 -15.97
N LEU V 203 15.02 47.28 -15.70
CA LEU V 203 14.76 48.52 -16.42
C LEU V 203 14.46 49.59 -15.38
N GLY V 204 14.98 50.78 -15.59
CA GLY V 204 14.85 51.81 -14.58
C GLY V 204 13.42 52.28 -14.41
N ILE V 205 13.10 52.70 -13.19
CA ILE V 205 11.85 53.39 -12.87
C ILE V 205 12.19 54.72 -12.22
N GLY V 206 11.73 55.80 -12.83
CA GLY V 206 12.22 57.11 -12.47
C GLY V 206 13.61 57.41 -12.98
N CYS V 207 14.16 56.53 -13.80
CA CYS V 207 15.54 56.64 -14.25
C CYS V 207 15.71 55.76 -15.47
N GLN V 208 16.73 56.08 -16.26
CA GLN V 208 17.19 55.23 -17.35
C GLN V 208 18.51 54.61 -16.93
N THR V 209 18.61 53.29 -17.06
CA THR V 209 19.71 52.57 -16.45
C THR V 209 21.07 52.97 -16.99
N THR V 210 21.11 53.55 -18.19
CA THR V 210 22.36 53.92 -18.83
C THR V 210 22.67 55.40 -18.76
N ASN V 211 21.68 56.24 -18.46
CA ASN V 211 21.87 57.68 -18.37
C ASN V 211 22.05 58.03 -16.90
N VAL V 212 23.31 58.27 -16.50
CA VAL V 212 23.58 58.56 -15.10
C VAL V 212 22.96 59.88 -14.67
N ASP V 213 22.62 60.75 -15.61
CA ASP V 213 22.07 62.05 -15.24
C ASP V 213 20.66 61.91 -14.66
N SER V 214 19.88 60.96 -15.17
CA SER V 214 18.52 60.78 -14.70
C SER V 214 18.42 60.05 -13.36
N PHE V 215 19.53 59.48 -12.90
CA PHE V 215 19.56 58.77 -11.63
C PHE V 215 19.13 59.70 -10.49
N GLU V 216 18.80 59.09 -9.37
CA GLU V 216 18.28 59.81 -8.20
C GLU V 216 19.41 59.93 -7.18
N THR V 217 19.98 61.12 -7.07
CA THR V 217 21.09 61.33 -6.15
C THR V 217 20.60 61.29 -4.71
N VAL V 218 21.28 60.51 -3.87
CA VAL V 218 20.97 60.42 -2.44
C VAL V 218 22.14 60.86 -1.57
N ALA V 219 23.25 61.30 -2.16
CA ALA V 219 24.37 61.85 -1.42
C ALA V 219 25.29 62.50 -2.42
N GLU V 220 25.87 63.65 -2.05
CA GLU V 220 26.73 64.41 -2.94
C GLU V 220 27.96 64.87 -2.19
N ASN V 221 29.14 64.50 -2.70
CA ASN V 221 30.41 65.06 -2.24
C ASN V 221 30.62 64.84 -0.74
N GLU V 222 29.98 63.83 -0.18
CA GLU V 222 30.06 63.56 1.24
C GLU V 222 31.15 62.54 1.50
N LYS V 223 31.98 62.82 2.51
CA LYS V 223 33.04 61.89 2.87
C LYS V 223 32.47 60.56 3.31
N LEU V 224 31.30 60.57 3.93
CA LEU V 224 30.66 59.35 4.42
C LEU V 224 29.16 59.47 4.26
N ALA V 225 28.56 58.45 3.65
CA ALA V 225 27.11 58.40 3.46
C ALA V 225 26.60 57.00 3.79
N ILE V 226 25.61 56.94 4.68
CA ILE V 226 24.94 55.69 5.04
C ILE V 226 23.58 55.68 4.38
N VAL V 227 23.47 55.07 3.22
CA VAL V 227 22.25 55.13 2.43
C VAL V 227 21.38 53.93 2.76
N ASP V 228 20.11 54.21 3.03
CA ASP V 228 19.03 53.23 3.12
C ASP V 228 18.08 53.50 1.98
N VAL V 229 17.87 52.49 1.15
CA VAL V 229 16.93 52.57 0.04
C VAL V 229 15.79 51.61 0.33
N VAL V 230 14.77 51.60 -0.53
CA VAL V 230 13.62 50.75 -0.30
C VAL V 230 14.05 49.30 -0.39
N ASP V 231 13.73 48.53 0.63
CA ASP V 231 14.22 47.17 0.73
C ASP V 231 13.44 46.27 -0.22
N GLY V 232 14.14 45.31 -0.84
CA GLY V 232 13.52 44.36 -1.73
C GLY V 232 13.50 44.75 -3.18
N ILE V 233 14.24 45.77 -3.59
CA ILE V 233 14.29 46.22 -4.98
C ILE V 233 15.74 46.35 -5.39
N ASN V 234 16.07 45.77 -6.54
CA ASN V 234 17.42 45.89 -7.06
C ASN V 234 17.70 47.32 -7.49
N HIS V 235 18.96 47.73 -7.35
CA HIS V 235 19.39 49.08 -7.67
C HIS V 235 20.68 49.03 -8.46
N LYS V 236 20.86 50.02 -9.33
CA LYS V 236 22.14 50.28 -9.97
C LYS V 236 22.76 51.51 -9.33
N ILE V 237 24.05 51.44 -9.04
CA ILE V 237 24.73 52.47 -8.27
C ILE V 237 25.80 53.11 -9.14
N ASN V 238 25.92 54.43 -9.04
CA ASN V 238 27.01 55.18 -9.66
C ASN V 238 27.76 55.88 -8.54
N LEU V 239 28.99 55.43 -8.30
CA LEU V 239 29.85 56.08 -7.33
C LEU V 239 31.29 55.95 -7.81
N THR V 240 31.73 56.91 -8.64
CA THR V 240 33.09 57.45 -8.64
C THR V 240 34.14 56.47 -8.14
N THR V 241 34.23 55.31 -8.79
CA THR V 241 34.89 54.15 -8.19
C THR V 241 36.32 54.44 -7.75
N THR V 242 37.00 55.37 -8.41
CA THR V 242 38.37 55.67 -8.05
C THR V 242 38.46 56.32 -6.68
N THR V 243 37.47 57.12 -6.31
CA THR V 243 37.52 57.90 -5.09
C THR V 243 36.93 57.17 -3.90
N CYS V 244 35.70 56.70 -4.01
CA CYS V 244 34.91 56.23 -2.87
C CYS V 244 34.72 54.72 -2.92
N THR V 245 34.66 54.12 -1.74
CA THR V 245 34.44 52.69 -1.57
C THR V 245 33.11 52.48 -0.87
N ILE V 246 32.27 51.61 -1.41
CA ILE V 246 30.95 51.34 -0.88
C ILE V 246 30.91 49.89 -0.40
N ARG V 247 30.31 49.66 0.75
CA ARG V 247 30.20 48.33 1.34
C ARG V 247 28.79 48.08 1.82
N ASN V 248 28.34 46.84 1.66
CA ASN V 248 27.01 46.40 2.07
C ASN V 248 27.12 45.89 3.50
N CYS V 249 26.53 46.59 4.45
CA CYS V 249 26.72 46.28 5.86
C CYS V 249 25.40 45.98 6.55
N LYS V 250 25.46 45.06 7.51
CA LYS V 250 24.36 44.73 8.39
C LYS V 250 24.69 45.17 9.81
N LYS V 251 23.72 45.81 10.45
CA LYS V 251 23.90 46.30 11.82
C LYS V 251 23.63 45.16 12.78
N LEU V 252 24.69 44.72 13.47
CA LEU V 252 24.55 43.80 14.59
C LEU V 252 24.17 44.62 15.82
N GLY V 253 24.37 44.07 17.02
CA GLY V 253 24.12 44.82 18.22
C GLY V 253 24.98 46.05 18.34
N PRO V 254 25.02 46.68 19.51
CA PRO V 254 25.78 47.91 19.67
C PRO V 254 27.25 47.61 19.97
N ARG V 255 28.08 48.63 19.79
CA ARG V 255 29.50 48.57 20.12
C ARG V 255 29.69 49.19 21.50
N GLU V 256 30.07 48.37 22.48
CA GLU V 256 30.18 48.83 23.85
C GLU V 256 31.44 49.65 24.10
N ASN V 257 32.37 49.65 23.15
CA ASN V 257 33.71 50.18 23.39
C ASN V 257 33.79 51.69 23.28
N VAL V 258 32.84 52.33 22.60
CA VAL V 258 32.99 53.69 22.15
C VAL V 258 31.91 54.55 22.77
N ALA V 259 32.24 55.80 23.09
CA ALA V 259 31.29 56.78 23.57
C ALA V 259 31.51 58.08 22.82
N VAL V 260 30.43 58.77 22.53
CA VAL V 260 30.47 59.99 21.74
C VAL V 260 30.03 61.14 22.63
N ILE V 261 30.93 62.10 22.86
CA ILE V 261 30.63 63.30 23.62
C ILE V 261 30.33 64.39 22.61
N GLN V 262 29.06 64.60 22.30
CA GLN V 262 28.68 65.77 21.54
C GLN V 262 29.01 67.00 22.35
N VAL V 263 29.69 67.95 21.72
CA VAL V 263 30.21 69.08 22.44
C VAL V 263 29.35 70.33 22.26
N GLY V 264 28.55 70.41 21.21
CA GLY V 264 27.87 71.64 20.91
C GLY V 264 26.41 71.71 21.37
N GLY V 265 25.48 71.50 20.44
CA GLY V 265 24.15 72.02 20.58
C GLY V 265 23.14 71.07 21.21
N ALA V 266 21.95 71.02 20.62
CA ALA V 266 20.84 70.28 21.21
C ALA V 266 20.98 68.79 20.94
N ASN V 267 20.12 68.02 21.61
CA ASN V 267 20.09 66.57 21.42
C ASN V 267 19.54 66.28 20.03
N ILE V 268 20.43 65.98 19.08
CA ILE V 268 20.05 65.84 17.68
C ILE V 268 20.49 64.52 17.07
N LEU V 269 21.48 63.83 17.62
CA LEU V 269 21.94 62.59 17.05
C LEU V 269 20.82 61.56 17.03
N ASP V 270 20.63 60.92 15.87
CA ASP V 270 19.62 59.88 15.67
C ASP V 270 20.34 58.68 15.07
N ILE V 271 20.81 57.78 15.93
CA ILE V 271 21.53 56.61 15.43
C ILE V 271 20.58 55.70 14.67
N THR V 272 19.35 55.55 15.14
CA THR V 272 18.42 54.61 14.53
C THR V 272 17.81 55.27 13.31
N ALA V 273 18.11 54.73 12.13
CA ALA V 273 17.60 55.31 10.89
C ALA V 273 16.09 55.23 10.79
N ASP V 274 15.45 54.39 11.60
CA ASP V 274 13.99 54.34 11.63
C ASP V 274 13.47 55.71 12.06
N PRO V 275 12.51 56.30 11.33
CA PRO V 275 11.93 57.55 11.81
C PRO V 275 11.21 57.43 13.15
N THR V 276 10.57 56.28 13.42
CA THR V 276 9.73 56.19 14.59
C THR V 276 10.55 56.27 15.88
N THR V 277 11.59 55.46 15.99
CA THR V 277 12.37 55.40 17.21
C THR V 277 13.51 56.41 17.17
N ASN V 278 13.69 57.14 18.25
CA ASN V 278 14.80 58.08 18.42
C ASN V 278 15.36 57.89 19.82
N PRO V 279 15.95 56.73 20.09
CA PRO V 279 16.36 56.43 21.47
C PRO V 279 17.64 57.16 21.84
N GLN V 280 17.64 57.76 23.02
CA GLN V 280 18.82 58.45 23.54
C GLN V 280 19.66 57.42 24.27
N ILE V 281 20.60 56.82 23.54
CA ILE V 281 21.44 55.79 24.14
C ILE V 281 22.36 56.43 25.19
N GLU V 282 22.79 55.61 26.13
CA GLU V 282 23.61 56.10 27.25
C GLU V 282 24.99 56.55 26.79
N ARG V 283 25.52 55.99 25.71
CA ARG V 283 26.86 56.31 25.27
C ARG V 283 26.94 57.58 24.43
N MET V 284 25.80 58.19 24.10
CA MET V 284 25.77 59.46 23.38
C MET V 284 25.64 60.59 24.40
N MET V 285 26.76 60.90 25.03
CA MET V 285 26.78 61.95 26.03
C MET V 285 26.85 63.30 25.34
N ARG V 286 26.53 64.35 26.11
CA ARG V 286 26.48 65.69 25.56
C ARG V 286 26.88 66.68 26.64
N VAL V 287 27.54 67.76 26.21
CA VAL V 287 27.99 68.78 27.14
C VAL V 287 28.12 70.09 26.40
N ASN V 288 27.84 71.20 27.08
CA ASN V 288 28.05 72.52 26.52
C ASN V 288 29.52 72.91 26.64
N TRP V 289 29.92 73.95 25.90
CA TRP V 289 31.34 74.28 25.89
C TRP V 289 31.49 75.75 25.57
N LYS V 290 32.55 76.35 26.10
CA LYS V 290 33.10 77.57 25.53
C LYS V 290 34.61 77.44 25.37
N ARG V 291 35.25 76.66 26.24
CA ARG V 291 36.69 76.51 26.25
C ARG V 291 37.04 75.03 26.22
N TRP V 292 37.89 74.66 25.26
CA TRP V 292 38.30 73.27 25.14
C TRP V 292 39.04 72.81 26.38
N TRP V 293 39.73 73.70 27.06
CA TRP V 293 40.33 73.34 28.34
C TRP V 293 39.25 72.89 29.31
N GLN V 294 38.14 73.62 29.35
CA GLN V 294 37.06 73.24 30.24
C GLN V 294 36.47 71.91 29.84
N VAL V 295 36.35 71.66 28.53
CA VAL V 295 35.82 70.37 28.08
C VAL V 295 36.73 69.24 28.55
N PHE V 296 38.04 69.39 28.34
CA PHE V 296 38.94 68.30 28.69
C PHE V 296 39.02 68.10 30.20
N TYR V 297 38.98 69.18 30.97
CA TYR V 297 38.94 69.03 32.42
C TYR V 297 37.66 68.35 32.86
N THR V 298 36.53 68.67 32.22
CA THR V 298 35.30 67.98 32.53
C THR V 298 35.43 66.49 32.31
N ILE V 299 35.97 66.11 31.14
CA ILE V 299 36.12 64.70 30.83
C ILE V 299 37.03 64.02 31.84
N VAL V 300 38.15 64.65 32.17
CA VAL V 300 39.11 64.03 33.07
C VAL V 300 38.49 63.85 34.45
N ASP V 301 37.79 64.87 34.94
CA ASP V 301 37.20 64.78 36.26
C ASP V 301 36.15 63.67 36.30
N TYR V 302 35.31 63.58 35.27
CA TYR V 302 34.23 62.61 35.24
C TYR V 302 34.60 61.38 34.41
N ILE V 303 35.88 61.02 34.36
CA ILE V 303 36.26 59.86 33.56
C ILE V 303 35.67 58.58 34.12
N ASN V 304 35.52 58.49 35.44
CA ASN V 304 34.98 57.26 36.01
C ASN V 304 33.58 57.01 35.48
N GLN V 305 32.75 58.05 35.40
CA GLN V 305 31.39 57.86 34.92
C GLN V 305 31.38 57.45 33.46
N ILE V 306 32.26 58.04 32.65
CA ILE V 306 32.25 57.74 31.22
C ILE V 306 32.62 56.28 30.98
N VAL V 307 33.70 55.81 31.60
CA VAL V 307 34.10 54.43 31.38
C VAL V 307 33.13 53.48 32.05
N GLN V 308 32.41 53.95 33.08
CA GLN V 308 31.33 53.12 33.62
C GLN V 308 30.22 52.96 32.59
N VAL V 309 29.91 54.03 31.86
CA VAL V 309 28.90 53.94 30.81
C VAL V 309 29.35 52.97 29.73
N MET V 310 30.61 53.07 29.32
CA MET V 310 31.13 52.15 28.31
C MET V 310 31.35 50.77 28.94
N SER V 311 31.60 49.78 28.08
CA SER V 311 31.86 48.43 28.57
C SER V 311 32.76 47.71 27.57
N LYS V 312 33.37 46.62 28.04
CA LYS V 312 34.32 45.88 27.23
C LYS V 312 33.67 45.38 25.95
N ARG V 313 34.39 45.52 24.84
CA ARG V 313 33.88 45.04 23.56
C ARG V 313 33.82 43.51 23.58
N SER V 314 32.79 42.97 22.94
CA SER V 314 32.59 41.53 22.85
C SER V 314 32.15 41.21 21.43
N ARG V 315 33.10 40.77 20.61
CA ARG V 315 32.77 40.23 19.31
C ARG V 315 33.96 39.49 18.73
N SER V 316 33.73 38.26 18.26
CA SER V 316 34.76 37.49 17.60
C SER V 316 34.99 38.11 16.22
N LEU V 317 35.78 39.18 16.21
CA LEU V 317 36.12 39.85 14.97
C LEU V 317 36.84 38.89 14.03
N ASN V 318 36.94 39.32 12.77
CA ASN V 318 37.72 38.61 11.77
C ASN V 318 38.72 39.50 11.05
N SER V 319 38.51 40.81 11.03
CA SER V 319 39.42 41.74 10.37
C SER V 319 40.46 42.20 11.37
N ALA V 320 41.73 41.93 11.06
CA ALA V 320 42.81 42.37 11.93
C ALA V 320 43.04 43.87 11.78
N ALA V 321 43.41 44.52 12.87
CA ALA V 321 43.76 45.93 12.83
C ALA V 321 44.52 46.27 14.10
N PHE V 322 45.27 47.37 14.03
CA PHE V 322 46.10 47.76 15.15
C PHE V 322 45.24 48.23 16.33
N TYR V 323 45.63 47.80 17.53
CA TYR V 323 44.98 48.21 18.76
C TYR V 323 46.03 48.64 19.76
N TYR V 324 45.68 49.61 20.59
CA TYR V 324 46.58 50.16 21.60
C TYR V 324 46.29 49.56 22.98
N ARG V 325 46.48 48.25 23.09
CA ARG V 325 46.21 47.55 24.34
C ARG V 325 47.46 47.48 25.19
N VAL V 326 47.25 47.21 26.48
CA VAL V 326 48.35 46.90 27.40
C VAL V 326 48.42 45.40 27.52
N GLN W 51 -29.59 54.45 18.24
CA GLN W 51 -29.63 54.62 19.67
C GLN W 51 -28.26 55.08 20.15
N ASN W 52 -27.27 54.21 20.02
CA ASN W 52 -25.87 54.54 20.22
C ASN W 52 -25.06 53.35 19.70
N TYR W 53 -23.77 53.36 19.96
CA TYR W 53 -22.90 52.21 19.70
C TYR W 53 -22.54 51.50 21.00
N GLY W 54 -23.50 51.43 21.92
CA GLY W 54 -23.29 50.75 23.18
C GLY W 54 -22.24 51.39 24.06
N LEU W 55 -22.29 52.71 24.23
CA LEU W 55 -21.32 53.38 25.08
C LEU W 55 -21.51 53.02 26.54
N ASN W 56 -22.74 53.12 27.03
CA ASN W 56 -23.00 53.13 28.46
C ASN W 56 -23.06 51.75 29.08
N ILE W 57 -22.51 50.73 28.41
CA ILE W 57 -22.44 49.40 29.00
C ILE W 57 -21.07 48.80 28.73
N PRO W 58 -20.53 48.05 29.69
CA PRO W 58 -19.12 47.70 29.63
C PRO W 58 -18.84 46.49 28.76
N ILE W 59 -17.64 46.48 28.20
CA ILE W 59 -17.15 45.36 27.41
C ILE W 59 -16.25 44.53 28.30
N THR W 60 -16.54 43.24 28.38
CA THR W 60 -15.81 42.30 29.24
C THR W 60 -14.88 41.44 28.40
N GLY W 61 -13.75 41.08 28.99
CA GLY W 61 -12.80 40.22 28.31
C GLY W 61 -11.94 39.48 29.30
N SER W 62 -11.45 38.32 28.87
CA SER W 62 -10.64 37.45 29.72
C SER W 62 -9.17 37.72 29.49
N MET W 63 -8.39 37.70 30.58
CA MET W 63 -6.96 37.93 30.50
C MET W 63 -6.16 36.66 30.28
N ASP W 64 -6.79 35.49 30.32
CA ASP W 64 -6.09 34.22 30.16
C ASP W 64 -6.55 33.45 28.93
N THR W 65 -7.15 34.09 27.95
CA THR W 65 -7.61 33.42 26.74
C THR W 65 -7.28 34.31 25.55
N VAL W 66 -6.79 33.69 24.48
CA VAL W 66 -6.53 34.36 23.21
C VAL W 66 -7.70 34.07 22.29
N TYR W 67 -8.42 35.12 21.88
CA TYR W 67 -9.66 34.95 21.15
C TYR W 67 -9.39 34.84 19.65
N SER W 68 -10.40 34.36 18.93
CA SER W 68 -10.27 34.04 17.50
C SER W 68 -11.11 34.93 16.61
N ASN W 69 -12.44 34.98 16.81
CA ASN W 69 -13.28 35.60 15.78
C ASN W 69 -13.27 37.12 15.89
N SER W 70 -13.21 37.78 14.73
CA SER W 70 -13.01 39.22 14.63
C SER W 70 -14.20 39.84 13.92
N THR W 71 -14.46 41.11 14.24
CA THR W 71 -15.53 41.88 13.63
C THR W 71 -15.00 42.49 12.34
N ARG W 72 -15.03 41.72 11.25
CA ARG W 72 -14.54 42.18 9.97
C ARG W 72 -15.51 43.23 9.42
N GLU W 73 -15.02 44.46 9.26
CA GLU W 73 -15.81 45.55 8.68
C GLU W 73 -14.88 46.41 7.84
N GLU W 74 -15.38 46.83 6.67
CA GLU W 74 -14.59 47.66 5.78
C GLU W 74 -15.53 48.38 4.83
N VAL W 75 -15.45 49.71 4.79
CA VAL W 75 -16.12 50.52 3.78
C VAL W 75 -15.03 51.38 3.15
N PHE W 76 -14.37 50.84 2.13
CA PHE W 76 -13.16 51.46 1.59
C PHE W 76 -12.83 50.76 0.28
N LEU W 77 -11.82 51.29 -0.41
CA LEU W 77 -11.04 50.53 -1.37
C LEU W 77 -9.93 49.77 -0.64
N THR W 78 -9.16 50.50 0.18
CA THR W 78 -8.22 50.00 1.16
C THR W 78 -7.64 51.25 1.83
N SER W 79 -6.83 51.03 2.86
CA SER W 79 -6.19 52.17 3.51
C SER W 79 -5.30 52.91 2.51
N THR W 80 -5.27 54.24 2.63
CA THR W 80 -4.60 55.09 1.66
C THR W 80 -3.57 55.97 2.37
N LEU W 81 -2.29 55.65 2.19
CA LEU W 81 -1.22 56.50 2.69
C LEU W 81 -1.17 57.79 1.90
N CYS W 82 -0.66 58.85 2.53
CA CYS W 82 -0.97 60.16 2.02
C CYS W 82 0.09 61.14 2.50
N LEU W 83 1.04 61.47 1.64
CA LEU W 83 2.19 62.28 2.02
C LEU W 83 1.96 63.74 1.62
N TYR W 84 2.26 64.64 2.55
CA TYR W 84 2.31 66.07 2.31
C TYR W 84 3.76 66.48 2.37
N TYR W 85 4.27 67.04 1.28
CA TYR W 85 5.67 67.41 1.21
C TYR W 85 5.80 68.85 0.73
N PRO W 86 6.82 69.59 1.17
CA PRO W 86 6.96 70.97 0.68
C PRO W 86 7.38 70.99 -0.77
N THR W 87 7.06 72.10 -1.44
CA THR W 87 7.40 72.22 -2.86
C THR W 87 8.89 72.20 -3.10
N GLU W 88 9.68 72.62 -2.12
CA GLU W 88 11.12 72.59 -2.28
C GLU W 88 11.63 71.16 -2.44
N ALA W 89 10.90 70.17 -1.94
CA ALA W 89 11.30 68.78 -2.15
C ALA W 89 11.30 68.44 -3.63
N SER W 90 10.18 68.70 -4.32
CA SER W 90 10.15 68.44 -5.75
C SER W 90 11.12 69.33 -6.50
N THR W 91 11.31 70.56 -6.03
CA THR W 91 12.30 71.44 -6.65
C THR W 91 13.68 70.81 -6.65
N GLN W 92 14.10 70.30 -5.49
CA GLN W 92 15.43 69.70 -5.40
C GLN W 92 15.48 68.39 -6.16
N ILE W 93 14.38 67.63 -6.16
CA ILE W 93 14.37 66.35 -6.86
C ILE W 93 14.57 66.55 -8.35
N SER W 94 13.89 67.55 -8.92
CA SER W 94 14.08 67.94 -10.32
C SER W 94 13.87 66.74 -11.25
N ASP W 95 12.69 66.16 -11.15
CA ASP W 95 12.33 64.94 -11.85
C ASP W 95 10.83 65.10 -12.06
N GLY W 96 10.06 64.03 -12.09
CA GLY W 96 8.66 64.21 -12.45
C GLY W 96 7.99 62.96 -12.96
N GLU W 97 8.77 61.90 -13.13
CA GLU W 97 8.28 60.55 -12.97
C GLU W 97 8.45 60.07 -11.54
N TRP W 98 8.73 60.98 -10.60
CA TRP W 98 9.10 60.56 -9.26
C TRP W 98 7.91 60.09 -8.45
N LYS W 99 6.73 60.64 -8.68
CA LYS W 99 5.55 60.09 -8.03
C LYS W 99 5.29 58.66 -8.53
N ASP W 100 5.48 58.42 -9.82
CA ASP W 100 5.40 57.04 -10.32
C ASP W 100 6.44 56.16 -9.67
N SER W 101 7.66 56.65 -9.53
CA SER W 101 8.71 55.86 -8.91
C SER W 101 8.32 55.49 -7.48
N LEU W 102 7.81 56.45 -6.73
CA LEU W 102 7.45 56.18 -5.34
C LEU W 102 6.24 55.26 -5.24
N SER W 103 5.31 55.37 -6.18
CA SER W 103 4.18 54.44 -6.19
C SER W 103 4.65 53.02 -6.45
N GLN W 104 5.60 52.85 -7.38
CA GLN W 104 6.16 51.54 -7.62
C GLN W 104 6.87 51.01 -6.37
N MET W 105 7.57 51.89 -5.65
CA MET W 105 8.21 51.48 -4.41
C MET W 105 7.18 51.01 -3.38
N PHE W 106 6.10 51.78 -3.22
CA PHE W 106 5.10 51.42 -2.23
C PHE W 106 4.40 50.13 -2.61
N LEU W 107 4.28 49.85 -3.90
CA LEU W 107 3.70 48.58 -4.32
C LEU W 107 4.55 47.41 -3.86
N ILE W 108 5.87 47.56 -3.87
CA ILE W 108 6.73 46.55 -3.27
C ILE W 108 6.49 46.48 -1.78
N LYS W 109 6.38 47.63 -1.12
CA LYS W 109 6.19 47.62 0.33
C LYS W 109 4.81 47.12 0.75
N GLY W 110 3.89 46.94 -0.18
CA GLY W 110 2.62 46.30 0.09
C GLY W 110 1.38 47.16 -0.10
N TRP W 111 1.52 48.39 -0.57
CA TRP W 111 0.39 49.27 -0.79
C TRP W 111 -0.03 49.21 -2.25
N PRO W 112 -1.26 48.85 -2.61
CA PRO W 112 -1.63 48.85 -4.03
C PRO W 112 -1.44 50.22 -4.66
N THR W 113 -1.58 50.25 -5.98
CA THR W 113 -1.29 51.47 -6.73
C THR W 113 -2.16 52.62 -6.27
N GLY W 114 -3.47 52.49 -6.39
CA GLY W 114 -4.36 53.60 -6.16
C GLY W 114 -4.56 54.02 -4.73
N SER W 115 -3.64 53.66 -3.83
CA SER W 115 -3.76 54.01 -2.42
C SER W 115 -2.94 55.25 -2.08
N VAL W 116 -1.66 55.24 -2.44
CA VAL W 116 -0.76 56.30 -1.99
C VAL W 116 -1.05 57.58 -2.76
N TYR W 117 -1.06 58.70 -2.07
CA TYR W 117 -1.23 60.01 -2.69
C TYR W 117 -0.14 60.95 -2.23
N PHE W 118 0.28 61.83 -3.14
CA PHE W 118 1.32 62.81 -2.87
C PHE W 118 0.76 64.20 -3.10
N LYS W 119 1.02 65.10 -2.14
CA LYS W 119 0.42 66.42 -2.16
C LYS W 119 1.46 67.47 -1.80
N GLU W 120 1.55 68.48 -2.65
CA GLU W 120 2.53 69.55 -2.50
C GLU W 120 1.89 70.74 -1.81
N TYR W 121 2.63 71.34 -0.88
CA TYR W 121 2.25 72.61 -0.30
C TYR W 121 3.46 73.53 -0.36
N SER W 122 3.20 74.83 -0.53
CA SER W 122 4.27 75.78 -0.80
C SER W 122 5.26 75.82 0.34
N ASN W 123 4.81 76.25 1.52
CA ASN W 123 5.64 76.24 2.71
C ASN W 123 4.72 76.15 3.91
N ILE W 124 5.29 75.79 5.05
CA ILE W 124 4.48 75.35 6.18
C ILE W 124 3.55 76.46 6.65
N VAL W 125 4.02 77.72 6.61
CA VAL W 125 3.20 78.83 7.07
C VAL W 125 1.99 78.99 6.18
N ASP W 126 2.16 78.84 4.86
CA ASP W 126 1.02 78.97 3.96
C ASP W 126 0.13 77.74 3.97
N PHE W 127 0.68 76.58 4.27
CA PHE W 127 -0.13 75.38 4.41
C PHE W 127 -0.99 75.45 5.67
N SER W 128 -0.54 76.19 6.67
CA SER W 128 -1.26 76.27 7.93
C SER W 128 -2.68 76.81 7.74
N VAL W 129 -2.88 77.73 6.81
CA VAL W 129 -4.18 78.38 6.68
C VAL W 129 -5.19 77.35 6.20
N ASP W 130 -6.09 76.93 7.08
CA ASP W 130 -7.12 75.97 6.75
C ASP W 130 -6.47 74.67 6.27
N PRO W 131 -5.79 73.93 7.14
CA PRO W 131 -5.11 72.72 6.69
C PRO W 131 -6.12 71.62 6.44
N GLN W 132 -6.16 71.13 5.22
CA GLN W 132 -7.10 70.11 4.81
C GLN W 132 -6.34 68.80 4.66
N LEU W 133 -6.87 67.74 5.27
CA LEU W 133 -6.28 66.42 5.16
C LEU W 133 -7.30 65.49 4.50
N TYR W 134 -7.29 65.50 3.17
CA TYR W 134 -8.40 64.95 2.40
C TYR W 134 -8.30 63.44 2.26
N CYS W 135 -7.98 62.70 3.32
CA CYS W 135 -7.23 61.49 3.03
C CYS W 135 -7.06 60.68 4.31
N ASP W 136 -6.62 59.43 4.16
CA ASP W 136 -6.83 58.44 5.22
C ASP W 136 -5.67 58.34 6.21
N TYR W 137 -4.47 57.98 5.73
CA TYR W 137 -3.28 57.84 6.56
C TYR W 137 -2.35 58.98 6.22
N ASN W 138 -2.42 60.06 6.98
CA ASN W 138 -1.75 61.29 6.63
C ASN W 138 -0.37 61.36 7.28
N LEU W 139 0.64 61.68 6.48
CA LEU W 139 1.96 62.05 6.95
C LEU W 139 2.28 63.44 6.44
N VAL W 140 2.86 64.28 7.29
CA VAL W 140 3.19 65.66 6.93
C VAL W 140 4.67 65.86 7.17
N LEU W 141 5.41 66.20 6.11
CA LEU W 141 6.85 66.43 6.21
C LEU W 141 7.08 67.92 6.44
N MET W 142 7.58 68.28 7.61
CA MET W 142 7.78 69.68 7.98
C MET W 142 9.27 69.98 7.94
N LYS W 143 9.68 70.83 7.01
CA LYS W 143 11.09 71.16 6.85
C LYS W 143 11.45 72.20 7.90
N TYR W 144 12.12 71.77 8.96
CA TYR W 144 12.42 72.68 10.05
C TYR W 144 13.46 73.70 9.62
N ASP W 145 13.26 74.94 10.07
CA ASP W 145 14.22 76.00 9.91
C ASP W 145 13.97 77.03 10.99
N GLN W 146 15.00 77.81 11.31
CA GLN W 146 14.90 78.75 12.42
C GLN W 146 13.88 79.82 12.13
N SER W 147 13.24 80.31 13.19
CA SER W 147 12.22 81.35 13.21
C SER W 147 10.85 80.84 12.80
N LEU W 148 10.71 79.56 12.44
CA LEU W 148 9.42 78.93 12.20
C LEU W 148 9.04 77.95 13.29
N GLU W 149 9.71 78.04 14.44
CA GLU W 149 9.45 77.07 15.51
C GLU W 149 8.00 77.12 15.95
N LEU W 150 7.51 78.33 16.25
CA LEU W 150 6.14 78.43 16.77
C LEU W 150 5.14 78.03 15.71
N ASP W 151 5.33 78.47 14.47
CA ASP W 151 4.35 78.15 13.44
C ASP W 151 4.30 76.65 13.17
N MET W 152 5.47 76.00 13.16
CA MET W 152 5.48 74.55 13.00
C MET W 152 4.81 73.87 14.17
N SER W 153 5.20 74.23 15.40
CA SER W 153 4.60 73.61 16.57
C SER W 153 3.10 73.82 16.59
N GLU W 154 2.65 74.95 16.09
CA GLU W 154 1.24 75.28 16.10
C GLU W 154 0.46 74.51 15.05
N LEU W 155 1.02 74.37 13.85
CA LEU W 155 0.38 73.52 12.86
C LEU W 155 0.31 72.07 13.34
N ALA W 156 1.38 71.60 13.98
CA ALA W 156 1.35 70.27 14.56
C ALA W 156 0.24 70.17 15.60
N ASP W 157 0.12 71.19 16.45
CA ASP W 157 -0.92 71.18 17.46
C ASP W 157 -2.31 71.17 16.83
N LEU W 158 -2.45 71.85 15.69
CA LEU W 158 -3.75 71.92 15.04
C LEU W 158 -4.12 70.58 14.41
N ILE W 159 -3.19 69.95 13.70
CA ILE W 159 -3.56 68.75 12.94
C ILE W 159 -3.55 67.52 13.83
N LEU W 160 -2.56 67.37 14.72
CA LEU W 160 -2.47 66.18 15.53
C LEU W 160 -3.64 66.02 16.49
N ASN W 161 -4.31 67.12 16.85
CA ASN W 161 -5.39 67.10 17.81
C ASN W 161 -6.73 67.37 17.14
N GLU W 162 -7.78 66.77 17.68
CA GLU W 162 -9.13 67.04 17.22
C GLU W 162 -9.65 68.31 17.88
N TRP W 163 -10.38 69.11 17.11
CA TRP W 163 -10.90 70.39 17.58
C TRP W 163 -12.39 70.48 17.25
N LEU W 164 -13.10 71.20 18.11
CA LEU W 164 -14.53 71.44 17.94
C LEU W 164 -14.72 72.95 18.01
N CYS W 165 -15.04 73.56 16.87
CA CYS W 165 -14.97 75.01 16.71
C CYS W 165 -16.35 75.59 16.47
N ASN W 166 -16.64 76.68 17.17
CA ASN W 166 -17.81 77.50 16.95
C ASN W 166 -17.40 78.85 16.36
N PRO W 167 -18.28 79.53 15.64
CA PRO W 167 -17.92 80.84 15.09
C PRO W 167 -17.80 81.87 16.20
N MET W 168 -17.40 83.08 15.80
CA MET W 168 -17.26 84.20 16.72
C MET W 168 -17.65 85.46 15.97
N ASP W 169 -18.87 85.94 16.20
CA ASP W 169 -19.26 87.22 15.60
C ASP W 169 -18.50 88.31 16.33
N ILE W 170 -17.29 88.58 15.85
CA ILE W 170 -16.31 89.32 16.62
C ILE W 170 -16.80 90.72 16.93
N THR W 171 -17.50 91.35 15.99
CA THR W 171 -17.81 92.77 16.13
C THR W 171 -18.98 93.05 17.06
N LEU W 172 -19.65 92.01 17.56
CA LEU W 172 -20.86 92.20 18.37
C LEU W 172 -20.62 91.89 19.84
N TYR W 173 -20.19 90.67 20.17
CA TYR W 173 -20.10 90.23 21.54
C TYR W 173 -18.68 90.36 22.07
N TYR W 174 -18.52 89.98 23.33
CA TYR W 174 -17.21 89.78 23.95
C TYR W 174 -17.11 88.34 24.40
N TYR W 175 -15.91 87.77 24.25
CA TYR W 175 -15.71 86.34 24.41
C TYR W 175 -14.75 86.07 25.55
N GLN W 176 -14.88 84.87 26.12
CA GLN W 176 -14.01 84.36 27.16
C GLN W 176 -13.32 83.09 26.65
N GLN W 177 -12.62 82.42 27.55
CA GLN W 177 -12.09 81.09 27.31
C GLN W 177 -12.49 80.22 28.49
N SER W 178 -13.27 79.17 28.22
CA SER W 178 -13.87 78.41 29.30
C SER W 178 -12.82 77.70 30.14
N GLY W 179 -11.83 77.07 29.50
CA GLY W 179 -10.92 76.24 30.27
C GLY W 179 -9.64 75.95 29.51
N GLU W 180 -8.87 75.02 30.07
CA GLU W 180 -7.54 74.74 29.56
C GLU W 180 -7.58 74.26 28.12
N SER W 181 -8.66 73.58 27.72
CA SER W 181 -8.76 73.01 26.38
C SER W 181 -9.34 73.98 25.37
N ASN W 182 -9.65 75.21 25.75
CA ASN W 182 -10.27 76.17 24.85
C ASN W 182 -9.23 77.16 24.35
N LYS W 183 -9.22 77.37 23.03
CA LYS W 183 -8.33 78.31 22.39
C LYS W 183 -9.16 79.10 21.38
N TRP W 184 -8.57 80.18 20.85
CA TRP W 184 -9.12 80.86 19.70
C TRP W 184 -8.19 80.62 18.53
N ILE W 185 -8.67 79.96 17.50
CA ILE W 185 -7.87 79.64 16.33
C ILE W 185 -8.27 80.64 15.25
N SER W 186 -7.31 81.41 14.77
CA SER W 186 -7.53 82.40 13.73
C SER W 186 -6.73 81.98 12.51
N MET W 187 -7.41 81.85 11.38
CA MET W 187 -6.79 81.43 10.13
C MET W 187 -7.20 82.37 9.01
N GLY W 188 -6.25 82.73 8.17
CA GLY W 188 -6.56 83.59 7.05
C GLY W 188 -5.31 84.00 6.30
N SER W 189 -5.51 84.86 5.31
CA SER W 189 -4.39 85.36 4.51
C SER W 189 -3.41 86.13 5.38
N SER W 190 -3.92 86.98 6.28
CA SER W 190 -3.06 87.69 7.21
C SER W 190 -3.92 88.06 8.42
N CYS W 191 -3.81 87.26 9.48
CA CYS W 191 -4.49 87.55 10.74
C CYS W 191 -3.58 88.41 11.60
N THR W 192 -4.17 89.38 12.28
CA THR W 192 -3.45 90.20 13.25
C THR W 192 -4.40 90.42 14.43
N VAL W 193 -4.26 89.56 15.43
CA VAL W 193 -5.19 89.54 16.55
C VAL W 193 -4.76 90.57 17.57
N LYS W 194 -5.62 91.54 17.85
CA LYS W 194 -5.42 92.50 18.92
C LYS W 194 -6.56 92.35 19.91
N VAL W 195 -6.22 91.97 21.14
CA VAL W 195 -7.23 91.73 22.18
C VAL W 195 -7.22 92.89 23.16
N CYS W 196 -8.24 92.92 24.00
CA CYS W 196 -8.35 93.87 25.09
C CYS W 196 -9.17 93.25 26.20
N PRO W 197 -8.56 92.86 27.32
CA PRO W 197 -9.35 92.32 28.43
C PRO W 197 -10.23 93.38 29.05
N LEU W 198 -11.30 92.92 29.70
CA LEU W 198 -12.32 93.79 30.27
C LEU W 198 -12.47 93.53 31.76
N ASN W 199 -12.79 94.59 32.50
CA ASN W 199 -13.07 94.46 33.92
C ASN W 199 -14.38 93.72 34.14
N THR W 200 -14.75 93.53 35.41
CA THR W 200 -16.10 93.05 35.69
C THR W 200 -17.15 94.07 35.29
N GLN W 201 -16.79 95.35 35.29
CA GLN W 201 -17.69 96.42 34.86
C GLN W 201 -17.67 96.64 33.36
N THR W 202 -16.98 95.78 32.60
CA THR W 202 -16.88 95.91 31.15
C THR W 202 -16.10 97.17 30.78
N LEU W 203 -15.08 97.50 31.56
CA LEU W 203 -14.13 98.55 31.27
C LEU W 203 -12.78 97.90 31.01
N GLY W 204 -12.13 98.28 29.91
CA GLY W 204 -10.88 97.64 29.54
C GLY W 204 -9.80 97.91 30.57
N ILE W 205 -8.90 96.94 30.71
CA ILE W 205 -7.76 97.03 31.63
C ILE W 205 -6.50 97.05 30.78
N GLY W 206 -5.74 98.13 30.88
CA GLY W 206 -4.59 98.32 30.02
C GLY W 206 -4.92 98.71 28.60
N CYS W 207 -6.19 98.98 28.30
CA CYS W 207 -6.59 99.33 26.94
C CYS W 207 -7.98 99.95 26.99
N GLN W 208 -8.13 101.13 26.40
CA GLN W 208 -9.45 101.72 26.25
C GLN W 208 -10.20 100.95 25.18
N THR W 209 -11.43 100.53 25.50
CA THR W 209 -12.16 99.64 24.61
C THR W 209 -12.47 100.28 23.26
N THR W 210 -12.39 101.61 23.16
CA THR W 210 -12.69 102.29 21.91
C THR W 210 -11.44 102.50 21.06
N ASN W 211 -10.34 102.91 21.67
CA ASN W 211 -9.11 103.21 20.95
C ASN W 211 -8.38 101.90 20.68
N VAL W 212 -8.51 101.40 19.45
CA VAL W 212 -7.95 100.09 19.12
C VAL W 212 -6.44 100.11 19.16
N ASP W 213 -5.81 101.27 19.07
CA ASP W 213 -4.36 101.31 19.06
C ASP W 213 -3.76 100.89 20.40
N SER W 214 -4.52 101.00 21.48
CA SER W 214 -4.04 100.59 22.79
C SER W 214 -4.17 99.10 23.04
N PHE W 215 -4.88 98.37 22.18
CA PHE W 215 -5.09 96.96 22.37
C PHE W 215 -3.75 96.22 22.37
N GLU W 216 -3.76 95.05 23.00
CA GLU W 216 -2.58 94.22 23.12
C GLU W 216 -2.56 93.24 21.95
N THR W 217 -1.56 93.37 21.09
CA THR W 217 -1.42 92.46 19.96
C THR W 217 -0.83 91.13 20.43
N VAL W 218 -1.52 90.04 20.11
CA VAL W 218 -1.09 88.71 20.53
C VAL W 218 -0.58 87.87 19.37
N ALA W 219 -0.91 88.19 18.14
CA ALA W 219 -0.37 87.50 16.97
C ALA W 219 -0.40 88.50 15.83
N GLU W 220 0.75 88.75 15.21
CA GLU W 220 0.91 89.82 14.25
C GLU W 220 1.16 89.22 12.87
N ASN W 221 0.15 89.31 12.00
CA ASN W 221 0.32 89.00 10.58
C ASN W 221 0.81 87.56 10.39
N GLU W 222 -0.03 86.62 10.81
CA GLU W 222 0.26 85.20 10.72
C GLU W 222 -0.88 84.48 10.01
N LYS W 223 -0.52 83.48 9.20
CA LYS W 223 -1.53 82.68 8.53
C LYS W 223 -2.38 81.91 9.52
N LEU W 224 -1.75 81.40 10.58
CA LEU W 224 -2.45 80.63 11.61
C LEU W 224 -1.96 81.10 12.98
N ALA W 225 -2.88 81.45 13.86
CA ALA W 225 -2.55 81.87 15.22
C ALA W 225 -3.52 81.21 16.18
N ILE W 226 -2.97 80.42 17.10
CA ILE W 226 -3.78 79.71 18.11
C ILE W 226 -3.52 80.47 19.40
N VAL W 227 -4.35 81.46 19.68
CA VAL W 227 -4.13 82.33 20.81
C VAL W 227 -4.87 81.77 22.02
N ASP W 228 -4.15 81.63 23.12
CA ASP W 228 -4.73 81.37 24.43
C ASP W 228 -4.61 82.64 25.24
N VAL W 229 -5.73 83.08 25.80
CA VAL W 229 -5.75 84.24 26.69
C VAL W 229 -6.23 83.78 28.04
N VAL W 230 -6.30 84.70 29.00
CA VAL W 230 -6.59 84.34 30.37
C VAL W 230 -8.02 83.87 30.48
N ASP W 231 -8.21 82.76 31.18
CA ASP W 231 -9.49 82.05 31.18
C ASP W 231 -10.37 82.66 32.27
N GLY W 232 -11.39 83.42 31.86
CA GLY W 232 -12.31 84.04 32.77
C GLY W 232 -12.40 85.55 32.62
N ILE W 233 -11.76 86.09 31.59
CA ILE W 233 -11.76 87.51 31.31
C ILE W 233 -12.53 87.74 30.04
N ASN W 234 -13.53 88.62 30.07
CA ASN W 234 -14.14 89.05 28.83
C ASN W 234 -13.13 89.79 27.99
N HIS W 235 -13.21 89.63 26.68
CA HIS W 235 -12.21 90.17 25.76
C HIS W 235 -12.88 90.79 24.57
N LYS W 236 -12.38 91.95 24.15
CA LYS W 236 -12.79 92.55 22.89
C LYS W 236 -11.66 92.32 21.89
N ILE W 237 -12.01 91.85 20.70
CA ILE W 237 -11.05 91.32 19.73
C ILE W 237 -11.16 92.14 18.46
N ASN W 238 -10.00 92.41 17.84
CA ASN W 238 -9.93 93.20 16.62
C ASN W 238 -8.99 92.50 15.65
N LEU W 239 -9.50 92.11 14.49
CA LEU W 239 -8.63 91.71 13.39
C LEU W 239 -9.44 91.76 12.10
N THR W 240 -9.10 92.70 11.21
CA THR W 240 -9.05 92.47 9.75
C THR W 240 -10.07 91.44 9.27
N THR W 241 -11.35 91.69 9.52
CA THR W 241 -12.36 90.63 9.39
C THR W 241 -12.40 90.03 8.00
N THR W 242 -11.98 90.77 6.98
CA THR W 242 -12.07 90.25 5.61
C THR W 242 -10.99 89.21 5.35
N THR W 243 -9.78 89.43 5.86
CA THR W 243 -8.66 88.55 5.55
C THR W 243 -8.52 87.37 6.51
N CYS W 244 -9.26 87.36 7.61
CA CYS W 244 -9.08 86.33 8.63
C CYS W 244 -10.42 85.90 9.18
N THR W 245 -10.47 84.66 9.66
CA THR W 245 -11.61 84.12 10.38
C THR W 245 -11.12 83.53 11.69
N ILE W 246 -11.76 83.93 12.78
CA ILE W 246 -11.40 83.49 14.12
C ILE W 246 -12.53 82.62 14.65
N ARG W 247 -12.16 81.51 15.28
CA ARG W 247 -13.13 80.53 15.76
C ARG W 247 -12.79 80.14 17.18
N ASN W 248 -13.83 79.92 17.99
CA ASN W 248 -13.70 79.50 19.37
C ASN W 248 -13.65 77.99 19.39
N CYS W 249 -12.46 77.41 19.61
CA CYS W 249 -12.23 75.99 19.41
C CYS W 249 -11.90 75.32 20.74
N LYS W 250 -12.70 74.33 21.11
CA LYS W 250 -12.33 73.39 22.15
C LYS W 250 -11.47 72.29 21.55
N LYS W 251 -10.68 71.66 22.39
CA LYS W 251 -9.82 70.54 21.99
C LYS W 251 -10.40 69.25 22.56
N LEU W 252 -10.84 68.36 21.68
CA LEU W 252 -11.25 67.03 22.07
C LEU W 252 -10.00 66.19 22.25
N GLY W 253 -10.14 64.87 22.25
CA GLY W 253 -8.99 64.01 22.28
C GLY W 253 -8.07 64.25 21.08
N PRO W 254 -6.98 63.49 21.00
CA PRO W 254 -6.02 63.70 19.92
C PRO W 254 -6.46 62.97 18.65
N ARG W 255 -6.30 63.65 17.52
CA ARG W 255 -6.49 63.00 16.23
C ARG W 255 -5.35 62.03 16.04
N GLU W 256 -5.63 60.76 16.24
CA GLU W 256 -4.62 59.71 16.22
C GLU W 256 -4.41 59.15 14.82
N ASN W 257 -4.62 59.98 13.80
CA ASN W 257 -4.57 59.60 12.41
C ASN W 257 -3.40 60.22 11.67
N VAL W 258 -3.27 61.52 11.74
CA VAL W 258 -2.20 62.25 11.06
C VAL W 258 -0.92 62.16 11.89
N ALA W 259 0.21 62.03 11.19
CA ALA W 259 1.52 61.98 11.82
C ALA W 259 2.42 63.02 11.18
N VAL W 260 3.39 63.49 11.95
CA VAL W 260 4.23 64.62 11.58
C VAL W 260 5.67 64.18 11.61
N ILE W 261 6.32 64.21 10.45
CA ILE W 261 7.75 63.92 10.33
C ILE W 261 8.47 65.25 10.19
N GLN W 262 9.23 65.61 11.22
CA GLN W 262 10.07 66.79 11.16
C GLN W 262 11.34 66.45 10.41
N VAL W 263 11.53 67.07 9.25
CA VAL W 263 12.64 66.72 8.39
C VAL W 263 13.95 67.33 8.89
N GLY W 264 13.91 68.52 9.44
CA GLY W 264 15.15 69.18 9.83
C GLY W 264 15.67 68.76 11.19
N GLY W 265 16.26 69.71 11.91
CA GLY W 265 17.02 69.41 13.11
C GLY W 265 16.24 69.28 14.40
N ALA W 266 16.69 70.01 15.42
CA ALA W 266 16.39 69.74 16.82
C ALA W 266 14.91 69.58 17.13
N ASN W 267 14.62 68.93 18.25
CA ASN W 267 13.26 68.61 18.67
C ASN W 267 12.67 69.84 19.38
N ILE W 268 11.69 70.47 18.74
CA ILE W 268 11.11 71.71 19.22
C ILE W 268 9.58 71.65 19.29
N LEU W 269 8.98 70.67 18.63
CA LEU W 269 7.53 70.61 18.56
C LEU W 269 6.94 70.45 19.95
N ASP W 270 6.26 71.48 20.42
CA ASP W 270 5.55 71.49 21.70
C ASP W 270 4.08 71.76 21.37
N ILE W 271 3.33 70.71 21.06
CA ILE W 271 1.94 70.91 20.71
C ILE W 271 1.16 71.36 21.94
N THR W 272 1.48 70.81 23.11
CA THR W 272 0.75 71.12 24.33
C THR W 272 1.07 72.56 24.69
N ALA W 273 0.07 73.43 24.60
CA ALA W 273 0.28 74.84 24.87
C ALA W 273 0.70 75.11 26.29
N ASP W 274 0.53 74.13 27.19
CA ASP W 274 0.98 74.29 28.55
C ASP W 274 2.51 74.39 28.59
N PRO W 275 3.07 75.23 29.48
CA PRO W 275 4.53 75.26 29.59
C PRO W 275 5.09 74.07 30.35
N THR W 276 4.36 73.59 31.36
CA THR W 276 4.91 72.54 32.22
C THR W 276 5.10 71.25 31.46
N THR W 277 4.10 70.84 30.69
CA THR W 277 4.14 69.56 29.98
C THR W 277 4.65 69.77 28.56
N ASN W 278 5.55 68.89 28.14
CA ASN W 278 6.10 68.89 26.78
C ASN W 278 6.14 67.45 26.28
N PRO W 279 4.97 66.85 26.04
CA PRO W 279 4.95 65.43 25.68
C PRO W 279 5.59 65.19 24.32
N GLN W 280 6.15 63.99 24.17
CA GLN W 280 6.75 63.54 22.92
C GLN W 280 5.95 62.33 22.45
N ILE W 281 4.91 62.60 21.67
CA ILE W 281 4.02 61.53 21.26
C ILE W 281 4.73 60.63 20.25
N GLU W 282 4.17 59.43 20.05
CA GLU W 282 4.74 58.51 19.08
C GLU W 282 4.68 59.07 17.67
N ARG W 283 3.71 59.93 17.38
CA ARG W 283 3.49 60.45 16.04
C ARG W 283 4.32 61.70 15.75
N MET W 284 5.14 62.16 16.69
CA MET W 284 6.05 63.28 16.45
C MET W 284 7.38 62.75 15.95
N MET W 285 7.35 62.18 14.76
CA MET W 285 8.54 61.54 14.25
C MET W 285 9.49 62.60 13.70
N ARG W 286 10.75 62.20 13.52
CA ARG W 286 11.79 63.13 13.12
C ARG W 286 12.86 62.38 12.36
N VAL W 287 13.52 63.09 11.44
CA VAL W 287 14.65 62.53 10.71
C VAL W 287 15.70 63.61 10.49
N ASN W 288 16.92 63.15 10.24
CA ASN W 288 18.03 64.01 9.86
C ASN W 288 18.23 63.91 8.36
N TRP W 289 18.25 65.04 7.67
CA TRP W 289 18.16 65.06 6.23
C TRP W 289 19.25 65.91 5.61
N LYS W 290 19.66 65.49 4.43
CA LYS W 290 20.37 66.32 3.46
C LYS W 290 19.73 66.26 2.09
N ARG W 291 19.18 65.10 1.71
CA ARG W 291 18.63 64.86 0.38
C ARG W 291 17.21 64.36 0.48
N TRP W 292 16.30 65.07 -0.17
CA TRP W 292 14.90 64.72 -0.11
C TRP W 292 14.66 63.33 -0.65
N TRP W 293 15.48 62.88 -1.61
CA TRP W 293 15.36 61.51 -2.08
C TRP W 293 15.65 60.54 -0.96
N GLN W 294 16.67 60.84 -0.15
CA GLN W 294 16.96 59.98 0.99
C GLN W 294 15.81 60.00 1.98
N VAL W 295 15.20 61.17 2.19
CA VAL W 295 14.08 61.25 3.12
C VAL W 295 12.92 60.39 2.64
N PHE W 296 12.57 60.50 1.37
CA PHE W 296 11.44 59.75 0.86
C PHE W 296 11.73 58.26 0.86
N TYR W 297 12.96 57.87 0.54
CA TYR W 297 13.32 56.46 0.63
C TYR W 297 13.23 55.97 2.06
N THR W 298 13.64 56.79 3.02
CA THR W 298 13.51 56.39 4.42
C THR W 298 12.06 56.17 4.79
N ILE W 299 11.20 57.11 4.40
CA ILE W 299 9.77 56.98 4.72
C ILE W 299 9.20 55.73 4.07
N VAL W 300 9.53 55.49 2.80
CA VAL W 300 8.99 54.33 2.12
C VAL W 300 9.48 53.05 2.77
N ASP W 301 10.78 52.99 3.09
CA ASP W 301 11.34 51.77 3.66
C ASP W 301 10.69 51.46 5.00
N TYR W 302 10.50 52.48 5.83
CA TYR W 302 9.93 52.29 7.16
C TYR W 302 8.48 52.71 7.22
N ILE W 303 7.73 52.55 6.13
CA ILE W 303 6.33 52.96 6.14
C ILE W 303 5.50 52.07 7.05
N ASN W 304 5.78 50.77 7.11
CA ASN W 304 4.94 49.89 7.90
C ASN W 304 5.00 50.28 9.37
N GLN W 305 6.18 50.64 9.87
CA GLN W 305 6.27 51.05 11.26
C GLN W 305 5.53 52.34 11.51
N ILE W 306 5.52 53.24 10.53
CA ILE W 306 4.85 54.53 10.71
C ILE W 306 3.35 54.34 10.82
N VAL W 307 2.76 53.52 9.94
CA VAL W 307 1.33 53.27 10.06
C VAL W 307 1.01 52.38 11.25
N GLN W 308 1.99 51.62 11.75
CA GLN W 308 1.78 50.91 13.01
C GLN W 308 1.68 51.89 14.17
N VAL W 309 2.47 52.97 14.12
CA VAL W 309 2.31 54.04 15.10
C VAL W 309 0.94 54.69 14.97
N MET W 310 0.52 54.97 13.75
CA MET W 310 -0.77 55.61 13.53
C MET W 310 -1.90 54.60 13.70
N SER W 311 -3.14 55.09 13.59
CA SER W 311 -4.32 54.24 13.64
C SER W 311 -5.43 54.94 12.90
N LYS W 312 -5.93 54.32 11.83
CA LYS W 312 -6.87 54.98 10.92
C LYS W 312 -8.29 55.06 11.45
N ARG W 313 -8.59 54.48 12.60
CA ARG W 313 -9.97 54.44 13.07
C ARG W 313 -10.52 55.84 13.29
N SER W 314 -9.66 56.81 13.60
CA SER W 314 -10.09 58.20 13.74
C SER W 314 -10.01 58.85 12.37
N ARG W 315 -11.16 59.10 11.77
CA ARG W 315 -11.22 59.80 10.50
C ARG W 315 -12.63 60.37 10.35
N SER W 316 -12.71 61.58 9.83
CA SER W 316 -13.98 62.26 9.65
C SER W 316 -14.45 62.16 8.22
N LEU W 317 -15.73 62.45 8.01
CA LEU W 317 -16.24 62.56 6.65
C LEU W 317 -15.54 63.68 5.90
N ASN W 318 -15.71 64.91 6.37
CA ASN W 318 -15.10 66.04 5.69
C ASN W 318 -13.59 66.03 5.88
N SER W 319 -12.91 66.77 5.02
CA SER W 319 -11.46 66.86 5.07
C SER W 319 -10.96 67.86 6.09
N ALA W 320 -11.84 68.64 6.70
CA ALA W 320 -11.40 69.74 7.54
C ALA W 320 -10.60 69.23 8.74
N ALA W 321 -9.71 70.08 9.23
CA ALA W 321 -8.89 69.75 10.38
C ALA W 321 -9.61 69.96 11.70
N PHE W 322 -10.87 70.39 11.68
CA PHE W 322 -11.61 70.65 12.90
C PHE W 322 -13.09 70.52 12.62
N TYR W 323 -13.80 69.87 13.54
CA TYR W 323 -15.25 69.81 13.45
C TYR W 323 -15.82 71.19 13.70
N TYR W 324 -16.90 71.51 13.01
CA TYR W 324 -17.56 72.81 13.10
C TYR W 324 -18.96 72.61 13.64
N ARG W 325 -19.29 73.29 14.74
CA ARG W 325 -20.55 73.06 15.44
C ARG W 325 -21.30 74.36 15.67
N VAL W 326 -21.21 75.28 14.72
CA VAL W 326 -21.99 76.53 14.64
C VAL W 326 -22.23 77.16 16.02
N LEU X 55 17.31 67.96 58.28
CA LEU X 55 16.91 67.36 59.55
C LEU X 55 17.14 65.85 59.54
N ASN X 56 17.05 65.25 60.73
CA ASN X 56 17.29 63.83 60.91
C ASN X 56 16.24 63.13 61.75
N ILE X 57 15.34 63.85 62.40
CA ILE X 57 14.37 63.20 63.27
C ILE X 57 13.43 62.34 62.43
N PRO X 58 13.10 61.12 62.84
CA PRO X 58 12.14 60.33 62.06
C PRO X 58 10.75 60.94 62.07
N ILE X 59 10.01 60.71 61.00
CA ILE X 59 8.66 61.23 60.84
C ILE X 59 7.77 60.04 60.52
N THR X 60 7.17 59.45 61.56
CA THR X 60 6.24 58.36 61.35
C THR X 60 4.99 58.85 60.61
N GLY X 61 4.39 57.96 59.84
CA GLY X 61 3.20 58.31 59.10
C GLY X 61 2.39 57.11 58.65
N SER X 62 1.08 57.17 58.86
CA SER X 62 0.21 56.09 58.45
C SER X 62 0.03 56.10 56.94
N MET X 63 -0.64 55.06 56.43
CA MET X 63 -1.00 54.96 55.03
C MET X 63 -2.50 54.99 54.79
N ASP X 64 -3.31 54.95 55.84
CA ASP X 64 -4.76 55.09 55.73
C ASP X 64 -5.24 56.48 56.10
N THR X 65 -4.34 57.44 56.26
CA THR X 65 -4.75 58.80 56.59
C THR X 65 -5.51 59.41 55.42
N VAL X 66 -6.60 60.10 55.73
CA VAL X 66 -7.43 60.70 54.70
C VAL X 66 -6.67 61.82 54.00
N TYR X 67 -7.08 62.12 52.77
CA TYR X 67 -6.44 63.17 52.00
C TYR X 67 -6.91 64.54 52.47
N SER X 68 -5.97 65.45 52.70
CA SER X 68 -6.32 66.81 53.05
C SER X 68 -6.81 67.57 51.82
N ASN X 69 -7.59 68.63 52.07
CA ASN X 69 -8.13 69.41 50.98
C ASN X 69 -7.00 70.09 50.21
N SER X 70 -7.35 70.58 49.02
CA SER X 70 -6.40 71.32 48.21
C SER X 70 -6.12 72.66 48.86
N THR X 71 -4.84 72.96 49.09
CA THR X 71 -4.43 74.22 49.67
C THR X 71 -4.03 75.25 48.64
N ARG X 72 -4.54 75.13 47.41
CA ARG X 72 -4.19 76.08 46.35
C ARG X 72 -4.64 77.49 46.72
N GLU X 73 -5.87 77.61 47.23
CA GLU X 73 -6.40 78.91 47.60
C GLU X 73 -5.56 79.54 48.72
N GLU X 74 -5.20 78.74 49.72
CA GLU X 74 -4.41 79.27 50.83
C GLU X 74 -3.02 79.69 50.36
N VAL X 75 -2.37 78.88 49.53
CA VAL X 75 -1.02 79.22 49.11
C VAL X 75 -1.03 80.48 48.25
N PHE X 76 -2.05 80.65 47.42
CA PHE X 76 -2.16 81.90 46.67
C PHE X 76 -2.37 83.08 47.62
N LEU X 77 -3.31 82.95 48.56
CA LEU X 77 -3.57 84.05 49.47
C LEU X 77 -2.42 84.36 50.42
N THR X 78 -1.43 83.48 50.55
CA THR X 78 -0.30 83.75 51.44
C THR X 78 1.02 84.04 50.75
N SER X 79 1.26 83.50 49.55
CA SER X 79 2.59 83.55 48.95
C SER X 79 2.76 84.81 48.11
N THR X 80 3.85 84.87 47.36
CA THR X 80 4.10 85.97 46.44
C THR X 80 4.78 85.44 45.18
N LEU X 81 4.20 85.75 44.03
CA LEU X 81 4.72 85.33 42.74
C LEU X 81 5.64 86.41 42.19
N CYS X 82 6.58 86.02 41.32
CA CYS X 82 7.72 86.88 41.07
C CYS X 82 8.31 86.53 39.71
N LEU X 83 8.05 87.36 38.71
CA LEU X 83 8.54 87.13 37.36
C LEU X 83 9.81 87.90 37.10
N TYR X 84 10.72 87.29 36.33
CA TYR X 84 11.96 87.92 35.90
C TYR X 84 12.06 87.77 34.39
N TYR X 85 11.95 88.87 33.66
CA TYR X 85 11.82 88.84 32.22
C TYR X 85 12.88 89.74 31.58
N PRO X 86 13.23 89.50 30.32
CA PRO X 86 14.23 90.36 29.68
C PRO X 86 13.65 91.71 29.31
N THR X 87 14.53 92.71 29.21
CA THR X 87 14.08 94.06 28.87
C THR X 87 13.53 94.12 27.45
N GLU X 88 13.98 93.22 26.57
CA GLU X 88 13.43 93.18 25.22
C GLU X 88 11.93 92.86 25.26
N ALA X 89 11.48 92.17 26.30
CA ALA X 89 10.05 91.94 26.45
C ALA X 89 9.30 93.26 26.61
N SER X 90 9.80 94.13 27.49
CA SER X 90 9.17 95.44 27.64
C SER X 90 9.24 96.23 26.35
N THR X 91 10.38 96.16 25.67
CA THR X 91 10.53 96.88 24.40
C THR X 91 9.47 96.43 23.40
N GLN X 92 9.29 95.12 23.26
CA GLN X 92 8.29 94.63 22.31
C GLN X 92 6.88 95.00 22.76
N ILE X 93 6.61 94.93 24.06
CA ILE X 93 5.26 95.23 24.55
C ILE X 93 4.89 96.66 24.24
N SER X 94 5.81 97.60 24.50
CA SER X 94 5.58 99.02 24.23
C SER X 94 4.36 99.53 24.99
N ASP X 95 4.45 99.42 26.30
CA ASP X 95 3.37 99.77 27.21
C ASP X 95 3.97 100.22 28.53
N GLY X 96 3.27 100.05 29.64
CA GLY X 96 3.64 100.69 30.89
C GLY X 96 2.46 100.84 31.82
N GLU X 97 1.27 100.50 31.35
CA GLU X 97 0.19 100.04 32.20
C GLU X 97 0.14 98.51 32.26
N TRP X 98 1.10 97.84 31.61
CA TRP X 98 1.01 96.38 31.46
C TRP X 98 1.26 95.65 32.77
N LYS X 99 2.16 96.16 33.61
CA LYS X 99 2.35 95.53 34.91
C LYS X 99 1.08 95.58 35.75
N ASP X 100 0.41 96.74 35.77
CA ASP X 100 -0.82 96.85 36.53
C ASP X 100 -1.90 95.95 35.94
N SER X 101 -1.99 95.90 34.61
CA SER X 101 -2.98 95.04 33.98
C SER X 101 -2.75 93.58 34.34
N LEU X 102 -1.48 93.15 34.30
CA LEU X 102 -1.18 91.77 34.66
C LEU X 102 -1.41 91.52 36.14
N SER X 103 -1.24 92.52 36.99
CA SER X 103 -1.57 92.35 38.41
C SER X 103 -3.06 92.08 38.58
N GLN X 104 -3.91 92.87 37.91
CA GLN X 104 -5.34 92.61 37.98
C GLN X 104 -5.68 91.24 37.41
N MET X 105 -5.04 90.88 36.30
CA MET X 105 -5.38 89.67 35.59
C MET X 105 -4.78 88.44 36.27
N PHE X 106 -3.86 88.63 37.20
CA PHE X 106 -3.47 87.58 38.14
C PHE X 106 -4.45 87.50 39.30
N LEU X 107 -4.91 88.66 39.78
CA LEU X 107 -5.92 88.67 40.83
C LEU X 107 -7.14 87.88 40.41
N ILE X 108 -7.46 87.90 39.12
CA ILE X 108 -8.57 87.07 38.63
C ILE X 108 -8.24 85.60 38.79
N LYS X 109 -6.96 85.21 38.61
CA LYS X 109 -6.58 83.83 38.89
C LYS X 109 -6.70 83.51 40.37
N GLY X 110 -6.39 84.45 41.26
CA GLY X 110 -6.58 84.24 42.68
C GLY X 110 -5.52 84.81 43.60
N TRP X 111 -4.51 85.44 43.05
CA TRP X 111 -3.46 86.02 43.87
C TRP X 111 -3.93 87.34 44.45
N PRO X 112 -3.67 87.65 45.71
CA PRO X 112 -4.06 88.97 46.23
C PRO X 112 -3.31 90.07 45.50
N THR X 113 -3.70 91.31 45.76
CA THR X 113 -3.23 92.42 44.95
C THR X 113 -1.71 92.58 45.07
N GLY X 114 -1.20 92.68 46.28
CA GLY X 114 0.22 92.92 46.47
C GLY X 114 1.02 91.65 46.53
N SER X 115 0.83 90.77 45.55
CA SER X 115 1.41 89.43 45.56
C SER X 115 2.33 89.16 44.39
N VAL X 116 2.00 89.65 43.21
CA VAL X 116 2.77 89.38 42.01
C VAL X 116 3.69 90.57 41.75
N TYR X 117 4.97 90.29 41.62
CA TYR X 117 5.98 91.30 41.34
C TYR X 117 6.68 90.96 40.04
N PHE X 118 7.18 92.00 39.38
CA PHE X 118 7.86 91.85 38.10
C PHE X 118 9.22 92.53 38.18
N LYS X 119 10.22 91.89 37.57
CA LYS X 119 11.56 92.44 37.46
C LYS X 119 12.04 92.28 36.04
N GLU X 120 12.59 93.34 35.48
CA GLU X 120 13.30 93.26 34.21
C GLU X 120 14.77 93.02 34.52
N TYR X 121 15.47 92.42 33.57
CA TYR X 121 16.92 92.36 33.61
C TYR X 121 17.46 92.70 32.23
N SER X 122 18.69 93.21 32.22
CA SER X 122 19.28 93.68 30.97
C SER X 122 19.28 92.61 29.91
N ASN X 123 19.78 91.43 30.26
CA ASN X 123 19.82 90.29 29.36
C ASN X 123 20.33 89.11 30.18
N ILE X 124 20.40 87.95 29.54
CA ILE X 124 20.72 86.73 30.27
C ILE X 124 22.10 86.82 30.89
N VAL X 125 23.10 87.26 30.12
CA VAL X 125 24.47 87.23 30.62
C VAL X 125 24.65 88.27 31.72
N ASP X 126 24.05 89.46 31.56
CA ASP X 126 24.17 90.48 32.59
C ASP X 126 23.45 90.07 33.86
N PHE X 127 22.27 89.45 33.71
CA PHE X 127 21.54 88.93 34.86
C PHE X 127 22.33 87.84 35.57
N SER X 128 23.20 87.14 34.84
CA SER X 128 23.92 86.02 35.43
C SER X 128 24.71 86.43 36.66
N VAL X 129 25.19 87.67 36.71
CA VAL X 129 26.11 88.07 37.78
C VAL X 129 25.30 88.29 39.06
N ASP X 130 25.42 87.36 40.00
CA ASP X 130 24.77 87.44 41.30
C ASP X 130 23.27 87.66 41.17
N PRO X 131 22.51 86.63 40.78
CA PRO X 131 21.05 86.77 40.75
C PRO X 131 20.50 86.82 42.17
N GLN X 132 19.70 87.84 42.45
CA GLN X 132 19.07 88.02 43.76
C GLN X 132 17.60 87.63 43.61
N LEU X 133 17.31 86.34 43.76
CA LEU X 133 15.95 85.85 43.68
C LEU X 133 15.29 85.81 45.05
N TYR X 134 15.40 86.93 45.77
CA TYR X 134 14.88 87.03 47.14
C TYR X 134 13.38 87.26 47.07
N CYS X 135 12.66 86.21 46.70
CA CYS X 135 11.25 86.40 46.35
C CYS X 135 10.60 85.02 46.21
N ASP X 136 9.34 84.91 46.61
CA ASP X 136 8.82 83.65 47.16
C ASP X 136 8.56 82.57 46.10
N TYR X 137 8.03 82.95 44.94
CA TYR X 137 7.93 82.06 43.77
C TYR X 137 8.58 82.72 42.57
N ASN X 138 9.78 82.28 42.24
CA ASN X 138 10.58 82.90 41.20
C ASN X 138 10.37 82.15 39.89
N LEU X 139 9.87 82.85 38.88
CA LEU X 139 9.88 82.39 37.50
C LEU X 139 10.89 83.24 36.74
N VAL X 140 11.70 82.59 35.91
CA VAL X 140 12.74 83.27 35.16
C VAL X 140 12.45 83.00 33.70
N LEU X 141 11.76 83.94 33.05
CA LEU X 141 11.67 83.92 31.60
C LEU X 141 13.07 84.16 31.04
N MET X 142 13.40 83.48 29.94
CA MET X 142 14.68 83.78 29.30
C MET X 142 14.66 83.32 27.86
N LYS X 143 14.95 84.24 26.95
CA LYS X 143 15.02 83.92 25.53
C LYS X 143 16.28 83.12 25.24
N TYR X 144 16.21 82.31 24.20
CA TYR X 144 17.33 81.48 23.77
C TYR X 144 17.89 82.01 22.46
N ASP X 145 19.20 81.92 22.32
CA ASP X 145 19.86 82.22 21.06
C ASP X 145 21.22 81.55 21.05
N GLN X 146 21.76 81.38 19.85
CA GLN X 146 23.02 80.67 19.70
C GLN X 146 24.15 81.41 20.40
N SER X 147 25.16 80.66 20.82
CA SER X 147 26.38 81.10 21.48
C SER X 147 26.16 81.48 22.94
N LEU X 148 24.91 81.55 23.41
CA LEU X 148 24.60 81.79 24.81
C LEU X 148 24.12 80.51 25.49
N GLU X 149 24.34 79.36 24.86
CA GLU X 149 23.88 78.10 25.44
C GLU X 149 24.59 77.82 26.75
N LEU X 150 25.91 77.95 26.78
CA LEU X 150 26.64 77.63 28.01
C LEU X 150 26.37 78.68 29.08
N ASP X 151 26.29 79.96 28.70
CA ASP X 151 25.99 80.99 29.68
C ASP X 151 24.61 80.77 30.29
N MET X 152 23.64 80.40 29.45
CA MET X 152 22.30 80.12 29.95
C MET X 152 22.29 78.91 30.86
N SER X 153 23.03 77.86 30.49
CA SER X 153 23.10 76.68 31.34
C SER X 153 23.76 77.02 32.69
N GLU X 154 24.80 77.86 32.65
CA GLU X 154 25.43 78.29 33.90
C GLU X 154 24.43 79.02 34.78
N LEU X 155 23.65 79.93 34.20
CA LEU X 155 22.66 80.65 34.98
C LEU X 155 21.64 79.69 35.57
N ALA X 156 21.18 78.72 34.77
CA ALA X 156 20.19 77.76 35.25
C ALA X 156 20.76 76.93 36.40
N ASP X 157 22.01 76.52 36.29
CA ASP X 157 22.66 75.83 37.40
C ASP X 157 22.69 76.70 38.64
N LEU X 158 23.02 77.98 38.47
CA LEU X 158 23.20 78.84 39.63
C LEU X 158 21.89 79.04 40.37
N ILE X 159 20.78 79.22 39.65
CA ILE X 159 19.52 79.56 40.32
C ILE X 159 18.70 78.31 40.66
N LEU X 160 18.67 77.30 39.81
CA LEU X 160 17.83 76.14 40.09
C LEU X 160 18.33 75.32 41.27
N ASN X 161 19.61 75.40 41.59
CA ASN X 161 20.22 74.61 42.65
C ASN X 161 20.68 75.52 43.76
N GLU X 162 20.66 75.01 44.99
CA GLU X 162 21.03 75.78 46.16
C GLU X 162 22.46 75.45 46.53
N TRP X 163 23.33 76.46 46.50
CA TRP X 163 24.76 76.30 46.66
C TRP X 163 25.19 76.81 48.02
N LEU X 164 26.29 76.27 48.53
CA LEU X 164 26.92 76.70 49.76
C LEU X 164 28.33 77.12 49.40
N CYS X 165 28.62 78.41 49.43
CA CYS X 165 29.86 78.97 48.92
C CYS X 165 30.72 79.51 50.04
N ASN X 166 32.03 79.36 49.89
CA ASN X 166 33.02 79.93 50.78
C ASN X 166 33.94 80.84 49.97
N PRO X 167 34.53 81.86 50.58
CA PRO X 167 35.36 82.79 49.83
C PRO X 167 36.66 82.11 49.41
N MET X 168 37.36 82.76 48.47
CA MET X 168 38.64 82.28 47.99
C MET X 168 39.58 83.47 47.90
N ASP X 169 40.51 83.57 48.84
CA ASP X 169 41.56 84.59 48.75
C ASP X 169 42.57 84.08 47.74
N ILE X 170 42.33 84.44 46.49
CA ILE X 170 43.03 83.81 45.37
C ILE X 170 44.53 84.06 45.41
N THR X 171 44.95 85.17 46.04
CA THR X 171 46.37 85.49 46.04
C THR X 171 47.16 84.54 46.93
N LEU X 172 46.65 84.21 48.11
CA LEU X 172 47.46 83.51 49.09
C LEU X 172 47.54 82.02 48.80
N TYR X 173 46.41 81.32 48.87
CA TYR X 173 46.43 79.87 48.94
C TYR X 173 46.26 79.23 47.56
N TYR X 174 46.75 78.00 47.45
CA TYR X 174 46.41 77.12 46.35
C TYR X 174 45.13 76.36 46.71
N TYR X 175 44.27 76.17 45.73
CA TYR X 175 42.94 75.62 45.96
C TYR X 175 42.77 74.26 45.31
N GLN X 176 41.69 73.60 45.71
CA GLN X 176 41.56 72.14 45.64
C GLN X 176 40.09 71.81 45.67
N GLN X 177 39.62 71.02 44.70
CA GLN X 177 38.22 70.61 44.64
C GLN X 177 38.04 69.33 45.43
N SER X 178 37.27 69.41 46.52
CA SER X 178 37.12 68.28 47.43
C SER X 178 36.42 67.11 46.75
N GLY X 179 35.40 67.38 45.94
CA GLY X 179 34.61 66.30 45.39
C GLY X 179 33.84 66.75 44.17
N GLU X 180 33.11 65.80 43.60
CA GLU X 180 32.37 66.04 42.36
C GLU X 180 31.36 67.16 42.52
N SER X 181 30.79 67.32 43.71
CA SER X 181 29.75 68.32 43.94
C SER X 181 30.32 69.73 44.12
N ASN X 182 31.63 69.90 43.99
CA ASN X 182 32.27 71.18 44.23
C ASN X 182 32.68 71.81 42.91
N LYS X 183 32.42 73.10 42.79
CA LYS X 183 32.81 73.90 41.63
C LYS X 183 33.40 75.19 42.15
N TRP X 184 33.95 76.00 41.25
CA TRP X 184 34.30 77.38 41.58
C TRP X 184 33.43 78.28 40.71
N ILE X 185 32.69 79.18 41.35
CA ILE X 185 31.80 80.10 40.66
C ILE X 185 32.45 81.47 40.69
N SER X 186 32.75 82.00 39.50
CA SER X 186 33.37 83.31 39.37
C SER X 186 32.35 84.26 38.79
N MET X 187 32.09 85.36 39.49
CA MET X 187 31.10 86.34 39.11
C MET X 187 31.73 87.72 39.11
N GLY X 188 31.39 88.52 38.11
CA GLY X 188 31.91 89.87 38.06
C GLY X 188 31.69 90.46 36.69
N SER X 189 32.18 91.69 36.53
CA SER X 189 32.02 92.37 35.25
C SER X 189 32.81 91.67 34.14
N SER X 190 33.97 91.11 34.47
CA SER X 190 34.75 90.38 33.46
C SER X 190 35.67 89.40 34.20
N CYS X 191 35.27 88.13 34.22
CA CYS X 191 36.02 87.09 34.89
C CYS X 191 36.86 86.33 33.88
N THR X 192 38.17 86.34 34.09
CA THR X 192 39.12 85.56 33.28
C THR X 192 39.90 84.67 34.24
N VAL X 193 39.44 83.44 34.40
CA VAL X 193 40.09 82.48 35.28
C VAL X 193 41.23 81.81 34.50
N LYS X 194 42.41 81.77 35.10
CA LYS X 194 43.51 80.99 34.56
C LYS X 194 44.06 80.11 35.66
N VAL X 195 44.04 78.79 35.46
CA VAL X 195 44.40 77.83 36.48
C VAL X 195 45.68 77.13 36.06
N CYS X 196 46.62 77.03 37.00
CA CYS X 196 47.85 76.25 36.82
C CYS X 196 47.78 75.08 37.79
N PRO X 197 47.47 73.86 37.34
CA PRO X 197 47.49 72.74 38.26
C PRO X 197 48.91 72.48 38.74
N LEU X 198 49.01 71.94 39.96
CA LEU X 198 50.29 71.72 40.61
C LEU X 198 50.43 70.23 40.92
N ASN X 199 51.63 69.70 40.70
CA ASN X 199 51.92 68.33 41.05
C ASN X 199 52.07 68.24 42.57
N THR X 200 52.48 67.08 43.06
CA THR X 200 52.61 66.91 44.50
C THR X 200 53.69 67.81 45.08
N GLN X 201 54.71 68.15 44.29
CA GLN X 201 55.79 69.01 44.74
C GLN X 201 55.48 70.49 44.56
N THR X 202 54.21 70.85 44.41
CA THR X 202 53.79 72.26 44.36
C THR X 202 54.42 72.96 43.16
N LEU X 203 54.59 72.23 42.07
CA LEU X 203 55.15 72.75 40.83
C LEU X 203 54.16 72.51 39.71
N GLY X 204 54.12 73.43 38.76
CA GLY X 204 53.12 73.35 37.72
C GLY X 204 53.34 72.18 36.78
N ILE X 205 52.25 71.71 36.18
CA ILE X 205 52.28 70.76 35.08
C ILE X 205 51.62 71.42 33.89
N GLY X 206 52.37 71.60 32.82
CA GLY X 206 51.90 72.41 31.72
C GLY X 206 51.91 73.89 31.99
N CYS X 207 52.48 74.31 33.12
CA CYS X 207 52.56 75.72 33.47
C CYS X 207 53.72 75.91 34.42
N GLN X 208 54.20 77.15 34.49
CA GLN X 208 55.15 77.58 35.50
C GLN X 208 54.42 78.51 36.46
N THR X 209 54.45 78.18 37.74
CA THR X 209 53.65 78.94 38.71
C THR X 209 54.04 80.40 38.76
N THR X 210 55.26 80.74 38.35
CA THR X 210 55.69 82.14 38.37
C THR X 210 55.23 82.91 37.14
N ASN X 211 55.18 82.26 35.97
CA ASN X 211 54.82 82.91 34.72
C ASN X 211 53.33 82.71 34.47
N VAL X 212 52.55 83.78 34.60
CA VAL X 212 51.11 83.68 34.44
C VAL X 212 50.71 83.50 32.98
N ASP X 213 51.61 83.77 32.04
CA ASP X 213 51.30 83.51 30.64
C ASP X 213 51.07 82.03 30.38
N SER X 214 51.87 81.18 31.03
CA SER X 214 51.79 79.74 30.80
C SER X 214 50.53 79.12 31.38
N PHE X 215 49.79 79.86 32.20
CA PHE X 215 48.61 79.31 32.85
C PHE X 215 47.56 78.92 31.83
N GLU X 216 46.76 77.91 32.17
CA GLU X 216 45.76 77.37 31.27
C GLU X 216 44.46 78.12 31.48
N THR X 217 44.08 78.94 30.50
CA THR X 217 42.85 79.71 30.60
C THR X 217 41.64 78.80 30.57
N VAL X 218 40.61 79.16 31.33
CA VAL X 218 39.39 78.37 31.44
C VAL X 218 38.15 79.23 31.24
N ALA X 219 38.33 80.55 31.19
CA ALA X 219 37.22 81.44 30.90
C ALA X 219 37.78 82.79 30.48
N GLU X 220 37.10 83.46 29.55
CA GLU X 220 37.50 84.78 29.07
C GLU X 220 36.30 85.71 29.07
N ASN X 221 36.40 86.79 29.84
CA ASN X 221 35.46 87.91 29.76
C ASN X 221 34.02 87.44 29.96
N GLU X 222 33.83 86.49 30.86
CA GLU X 222 32.52 85.94 31.17
C GLU X 222 31.99 86.57 32.45
N LYS X 223 30.76 87.05 32.40
CA LYS X 223 30.18 87.67 33.59
C LYS X 223 30.03 86.65 34.71
N LEU X 224 29.59 85.45 34.37
CA LEU X 224 29.48 84.33 35.30
C LEU X 224 30.14 83.12 34.68
N ALA X 225 30.84 82.34 35.49
CA ALA X 225 31.46 81.12 35.00
C ALA X 225 31.54 80.10 36.11
N ILE X 226 30.98 78.92 35.87
CA ILE X 226 31.16 77.76 36.73
C ILE X 226 32.31 76.96 36.14
N VAL X 227 33.42 76.88 36.86
CA VAL X 227 34.60 76.18 36.40
C VAL X 227 34.81 74.97 37.29
N ASP X 228 34.93 73.80 36.66
CA ASP X 228 35.23 72.53 37.30
C ASP X 228 36.59 72.07 36.78
N VAL X 229 37.52 71.87 37.70
CA VAL X 229 38.82 71.30 37.38
C VAL X 229 38.92 69.94 38.04
N VAL X 230 39.99 69.22 37.72
CA VAL X 230 40.13 67.86 38.19
C VAL X 230 40.19 67.85 39.71
N ASP X 231 39.40 66.98 40.31
CA ASP X 231 39.26 66.94 41.76
C ASP X 231 40.39 66.09 42.33
N GLY X 232 41.30 66.72 43.06
CA GLY X 232 42.42 66.02 43.66
C GLY X 232 43.75 66.72 43.47
N ILE X 233 43.76 67.83 42.72
CA ILE X 233 44.98 68.51 42.32
C ILE X 233 44.90 69.95 42.79
N ASN X 234 45.94 70.40 43.48
CA ASN X 234 46.03 71.81 43.83
C ASN X 234 46.12 72.65 42.56
N HIS X 235 45.61 73.87 42.64
CA HIS X 235 45.69 74.80 41.53
C HIS X 235 46.12 76.16 42.04
N LYS X 236 46.89 76.87 41.24
CA LYS X 236 47.12 78.29 41.44
C LYS X 236 46.26 79.04 40.44
N ILE X 237 45.40 79.92 40.94
CA ILE X 237 44.40 80.59 40.11
C ILE X 237 44.81 82.05 39.98
N ASN X 238 44.71 82.56 38.75
CA ASN X 238 44.94 83.97 38.46
C ASN X 238 43.65 84.52 37.87
N LEU X 239 43.02 85.46 38.58
CA LEU X 239 41.78 86.05 38.12
C LEU X 239 41.67 87.46 38.68
N THR X 240 42.19 88.44 37.92
CA THR X 240 41.65 89.79 37.80
C THR X 240 40.89 90.27 39.02
N THR X 241 41.54 90.26 40.20
CA THR X 241 40.80 90.38 41.44
C THR X 241 40.03 91.69 41.57
N THR X 242 40.39 92.71 40.79
CA THR X 242 39.72 94.00 40.90
C THR X 242 38.26 93.89 40.49
N THR X 243 37.96 93.12 39.45
CA THR X 243 36.65 93.11 38.83
C THR X 243 35.80 91.90 39.21
N CYS X 244 36.41 90.73 39.39
CA CYS X 244 35.69 89.48 39.55
C CYS X 244 36.04 88.82 40.87
N THR X 245 35.05 88.14 41.45
CA THR X 245 35.23 87.38 42.68
C THR X 245 34.89 85.93 42.42
N ILE X 246 35.73 85.03 42.93
CA ILE X 246 35.59 83.60 42.72
C ILE X 246 35.32 82.97 44.08
N ARG X 247 34.34 82.07 44.12
CA ARG X 247 33.89 81.44 45.35
C ARG X 247 33.92 79.92 45.19
N ASN X 248 34.40 79.25 46.23
CA ASN X 248 34.45 77.79 46.26
C ASN X 248 33.09 77.28 46.70
N CYS X 249 32.31 76.72 45.77
CA CYS X 249 30.89 76.44 46.00
C CYS X 249 30.63 74.96 45.95
N LYS X 250 30.03 74.42 47.01
CA LYS X 250 29.53 73.06 47.04
C LYS X 250 28.04 73.06 46.73
N LYS X 251 27.61 72.07 45.97
CA LYS X 251 26.25 72.01 45.46
C LYS X 251 25.41 71.14 46.38
N LEU X 252 24.54 71.77 47.16
CA LEU X 252 23.57 71.03 47.95
C LEU X 252 22.42 70.63 47.03
N GLY X 253 21.31 70.19 47.60
CA GLY X 253 20.18 69.75 46.82
C GLY X 253 19.61 70.83 45.94
N PRO X 254 18.48 70.57 45.28
CA PRO X 254 17.93 71.52 44.33
C PRO X 254 17.21 72.65 45.05
N ARG X 255 17.14 73.79 44.38
CA ARG X 255 16.38 74.93 44.89
C ARG X 255 14.93 74.74 44.50
N GLU X 256 14.09 74.41 45.49
CA GLU X 256 12.69 74.15 45.23
C GLU X 256 11.95 75.35 44.66
N ASN X 257 12.50 76.54 44.82
CA ASN X 257 11.74 77.76 44.62
C ASN X 257 11.70 78.19 43.16
N VAL X 258 12.82 78.13 42.48
CA VAL X 258 12.95 78.78 41.18
C VAL X 258 12.48 77.85 40.08
N ALA X 259 11.84 78.43 39.06
CA ALA X 259 11.51 77.73 37.83
C ALA X 259 11.98 78.56 36.65
N VAL X 260 12.54 77.88 35.65
CA VAL X 260 13.17 78.51 34.51
C VAL X 260 12.33 78.21 33.30
N ILE X 261 11.97 79.24 32.54
CA ILE X 261 11.10 79.11 31.38
C ILE X 261 11.93 79.56 30.19
N GLN X 262 12.43 78.61 29.42
CA GLN X 262 13.17 78.92 28.21
C GLN X 262 12.17 79.25 27.12
N VAL X 263 12.26 80.47 26.59
CA VAL X 263 11.26 81.00 25.68
C VAL X 263 11.55 80.66 24.22
N GLY X 264 12.76 80.24 23.89
CA GLY X 264 13.15 80.11 22.50
C GLY X 264 13.14 78.70 21.94
N GLY X 265 14.30 78.09 21.85
CA GLY X 265 14.53 76.96 20.98
C GLY X 265 14.45 75.63 21.68
N ALA X 266 15.38 74.74 21.32
CA ALA X 266 15.31 73.34 21.72
C ALA X 266 15.82 73.14 23.14
N ASN X 267 15.60 71.94 23.66
CA ASN X 267 16.03 71.59 25.00
C ASN X 267 17.55 71.57 25.04
N ILE X 268 18.13 72.61 25.63
CA ILE X 268 19.58 72.81 25.57
C ILE X 268 20.22 72.84 26.96
N LEU X 269 19.48 73.15 28.01
CA LEU X 269 20.09 73.33 29.32
C LEU X 269 20.62 72.01 29.85
N ASP X 270 21.82 72.05 30.42
CA ASP X 270 22.42 70.92 31.13
C ASP X 270 22.68 71.40 32.56
N ILE X 271 21.80 71.01 33.48
CA ILE X 271 21.93 71.43 34.87
C ILE X 271 22.85 70.54 35.69
N THR X 272 23.60 69.65 35.05
CA THR X 272 24.51 68.75 35.74
C THR X 272 25.85 68.78 35.04
N ALA X 273 26.89 69.18 35.77
CA ALA X 273 28.22 69.25 35.20
C ALA X 273 28.72 67.90 34.71
N ASP X 274 28.15 66.82 35.22
CA ASP X 274 28.46 65.51 34.70
C ASP X 274 28.11 65.45 33.21
N PRO X 275 28.96 64.84 32.37
CA PRO X 275 28.58 64.70 30.96
C PRO X 275 27.59 63.58 30.75
N THR X 276 27.71 62.51 31.54
CA THR X 276 26.90 61.32 31.31
C THR X 276 25.42 61.60 31.51
N THR X 277 25.07 62.36 32.55
CA THR X 277 23.68 62.62 32.90
C THR X 277 23.28 64.02 32.45
N ASN X 278 22.16 64.10 31.75
CA ASN X 278 21.60 65.36 31.27
C ASN X 278 20.14 65.38 31.66
N PRO X 279 19.84 65.56 32.95
CA PRO X 279 18.48 65.30 33.42
C PRO X 279 17.50 66.36 32.97
N GLN X 280 16.23 65.95 32.91
CA GLN X 280 15.13 66.85 32.57
C GLN X 280 14.31 67.06 33.84
N ILE X 281 14.68 68.08 34.61
CA ILE X 281 13.94 68.40 35.82
C ILE X 281 12.67 69.15 35.43
N GLU X 282 11.62 68.95 36.24
CA GLU X 282 10.31 69.50 35.89
C GLU X 282 10.24 71.02 35.97
N ARG X 283 11.17 71.66 36.68
CA ARG X 283 11.16 73.12 36.80
C ARG X 283 11.79 73.82 35.60
N MET X 284 12.29 73.07 34.63
CA MET X 284 12.89 73.64 33.41
C MET X 284 11.84 73.56 32.31
N MET X 285 10.93 74.52 32.31
CA MET X 285 9.88 74.58 31.32
C MET X 285 10.39 75.20 30.03
N ARG X 286 9.67 74.94 28.95
CA ARG X 286 10.05 75.41 27.63
C ARG X 286 8.80 75.82 26.87
N VAL X 287 8.89 76.94 26.15
CA VAL X 287 7.75 77.53 25.47
C VAL X 287 8.24 78.12 24.15
N ASN X 288 7.45 77.95 23.10
CA ASN X 288 7.70 78.66 21.85
C ASN X 288 7.00 80.00 21.88
N TRP X 289 7.48 80.94 21.07
CA TRP X 289 7.02 82.31 21.18
C TRP X 289 7.16 83.04 19.86
N LYS X 290 6.25 83.98 19.66
CA LYS X 290 6.39 85.02 18.64
C LYS X 290 6.12 86.39 19.25
N ARG X 291 5.21 86.46 20.23
CA ARG X 291 4.82 87.71 20.87
C ARG X 291 4.90 87.58 22.38
N TRP X 292 5.56 88.53 23.01
CA TRP X 292 5.69 88.49 24.46
C TRP X 292 4.35 88.60 25.16
N TRP X 293 3.36 89.22 24.51
CA TRP X 293 2.02 89.18 25.08
C TRP X 293 1.50 87.76 25.13
N GLN X 294 1.74 86.99 24.07
CA GLN X 294 1.34 85.59 24.10
C GLN X 294 2.06 84.85 25.21
N VAL X 295 3.35 85.14 25.39
CA VAL X 295 4.11 84.47 26.44
C VAL X 295 3.50 84.76 27.80
N PHE X 296 3.29 86.03 28.10
CA PHE X 296 2.80 86.39 29.43
C PHE X 296 1.38 85.91 29.65
N TYR X 297 0.56 85.93 28.59
CA TYR X 297 -0.80 85.41 28.73
C TYR X 297 -0.78 83.92 29.01
N THR X 298 0.12 83.18 28.36
CA THR X 298 0.25 81.76 28.66
C THR X 298 0.64 81.56 30.12
N ILE X 299 1.65 82.32 30.59
CA ILE X 299 2.12 82.14 31.96
C ILE X 299 1.01 82.43 32.95
N VAL X 300 0.36 83.58 32.81
CA VAL X 300 -0.67 83.96 33.77
C VAL X 300 -1.85 83.01 33.70
N ASP X 301 -2.19 82.53 32.50
CA ASP X 301 -3.31 81.61 32.39
C ASP X 301 -3.03 80.32 33.11
N TYR X 302 -1.81 79.79 32.96
CA TYR X 302 -1.49 78.48 33.47
C TYR X 302 -0.60 78.56 34.72
N ILE X 303 -0.70 79.66 35.45
CA ILE X 303 0.13 79.82 36.64
C ILE X 303 -0.17 78.78 37.70
N ASN X 304 -1.37 78.21 37.70
CA ASN X 304 -1.67 77.17 38.68
C ASN X 304 -0.74 75.98 38.48
N GLN X 305 -0.59 75.53 37.24
CA GLN X 305 0.29 74.40 36.97
C GLN X 305 1.74 74.74 37.30
N ILE X 306 2.16 75.96 36.96
CA ILE X 306 3.56 76.32 37.18
C ILE X 306 3.88 76.32 38.67
N VAL X 307 3.02 76.93 39.47
CA VAL X 307 3.21 76.95 40.91
C VAL X 307 3.20 75.54 41.45
N GLN X 308 2.27 74.72 40.97
CA GLN X 308 2.18 73.35 41.45
C GLN X 308 3.44 72.56 41.11
N VAL X 309 4.12 72.91 40.02
CA VAL X 309 5.41 72.31 39.72
C VAL X 309 6.47 72.78 40.70
N MET X 310 6.45 74.07 41.04
CA MET X 310 7.42 74.61 41.98
C MET X 310 7.04 74.20 43.40
N SER X 311 7.75 74.74 44.39
CA SER X 311 7.38 74.54 45.80
C SER X 311 7.91 75.71 46.61
N LYS X 312 7.18 76.04 47.68
CA LYS X 312 7.49 77.22 48.47
C LYS X 312 8.87 77.10 49.11
N ARG X 313 9.42 78.26 49.46
CA ARG X 313 10.63 78.34 50.24
C ARG X 313 10.31 78.18 51.72
N SER X 314 11.35 77.86 52.49
CA SER X 314 11.22 77.64 53.92
C SER X 314 12.17 78.53 54.71
N GLN Y 51 -43.60 15.88 -18.24
CA GLN Y 51 -44.05 16.81 -19.25
C GLN Y 51 -45.47 16.48 -19.69
N ASN Y 52 -46.43 17.13 -19.04
CA ASN Y 52 -47.84 16.78 -19.10
C ASN Y 52 -48.65 17.97 -19.57
N TYR Y 53 -48.26 18.55 -20.69
CA TYR Y 53 -48.69 19.89 -21.09
C TYR Y 53 -50.20 19.99 -21.18
N GLY Y 54 -50.67 21.22 -21.30
CA GLY Y 54 -52.10 21.49 -21.46
C GLY Y 54 -52.87 21.59 -20.17
N LEU Y 55 -52.75 20.59 -19.30
CA LEU Y 55 -53.54 20.57 -18.08
C LEU Y 55 -52.93 21.48 -17.02
N ASN Y 56 -53.80 21.95 -16.12
CA ASN Y 56 -53.41 22.77 -14.98
C ASN Y 56 -53.48 21.88 -13.75
N ILE Y 57 -52.39 21.20 -13.45
CA ILE Y 57 -52.32 20.24 -12.35
C ILE Y 57 -51.93 20.97 -11.08
N PRO Y 58 -52.64 20.82 -9.95
CA PRO Y 58 -52.19 21.46 -8.72
C PRO Y 58 -50.85 20.92 -8.27
N ILE Y 59 -49.87 21.81 -8.19
CA ILE Y 59 -48.57 21.46 -7.65
C ILE Y 59 -48.58 21.69 -6.15
N THR Y 60 -47.95 20.77 -5.42
CA THR Y 60 -47.86 20.86 -3.96
C THR Y 60 -46.40 20.83 -3.56
N GLY Y 61 -46.03 21.71 -2.63
CA GLY Y 61 -44.67 21.78 -2.15
C GLY Y 61 -44.66 22.15 -0.68
N SER Y 62 -43.59 21.74 -0.01
CA SER Y 62 -43.47 21.96 1.42
C SER Y 62 -42.88 23.35 1.69
N MET Y 63 -43.18 23.86 2.88
CA MET Y 63 -42.65 25.13 3.33
C MET Y 63 -41.37 24.99 4.15
N ASP Y 64 -40.88 23.77 4.34
CA ASP Y 64 -39.65 23.53 5.08
C ASP Y 64 -38.48 23.15 4.19
N THR Y 65 -38.67 23.11 2.87
CA THR Y 65 -37.56 22.82 1.99
C THR Y 65 -36.53 23.94 2.05
N VAL Y 66 -35.32 23.62 1.61
CA VAL Y 66 -34.20 24.55 1.67
C VAL Y 66 -34.10 25.30 0.33
N TYR Y 67 -33.41 26.42 0.35
CA TYR Y 67 -33.20 27.21 -0.85
C TYR Y 67 -32.33 26.42 -1.83
N SER Y 68 -32.04 27.02 -2.98
CA SER Y 68 -31.14 26.44 -3.97
C SER Y 68 -30.07 27.48 -4.31
N ASN Y 69 -29.01 27.02 -4.96
CA ASN Y 69 -27.92 27.91 -5.31
C ASN Y 69 -28.40 28.94 -6.34
N SER Y 70 -27.69 30.07 -6.39
CA SER Y 70 -28.14 31.17 -7.22
C SER Y 70 -28.14 30.80 -8.70
N THR Y 71 -28.95 31.53 -9.47
CA THR Y 71 -29.16 31.27 -10.88
C THR Y 71 -28.63 32.39 -11.77
N ARG Y 72 -28.01 33.41 -11.17
CA ARG Y 72 -27.43 34.51 -11.94
C ARG Y 72 -26.48 34.00 -13.01
N GLU Y 73 -25.60 33.08 -12.61
CA GLU Y 73 -24.64 32.51 -13.55
C GLU Y 73 -25.34 31.87 -14.73
N GLU Y 74 -26.39 31.09 -14.46
CA GLU Y 74 -27.08 30.38 -15.54
C GLU Y 74 -27.74 31.38 -16.48
N VAL Y 75 -28.42 32.38 -15.94
CA VAL Y 75 -29.14 33.31 -16.81
C VAL Y 75 -28.17 34.09 -17.67
N PHE Y 76 -27.05 34.57 -17.09
CA PHE Y 76 -26.09 35.29 -17.92
C PHE Y 76 -25.47 34.38 -18.96
N LEU Y 77 -25.21 33.11 -18.63
CA LEU Y 77 -24.53 32.24 -19.55
C LEU Y 77 -25.42 31.68 -20.64
N THR Y 78 -26.74 31.71 -20.47
CA THR Y 78 -27.64 31.14 -21.46
C THR Y 78 -28.53 32.15 -22.17
N SER Y 79 -29.01 33.20 -21.50
CA SER Y 79 -30.00 34.09 -22.08
C SER Y 79 -29.31 35.07 -23.02
N THR Y 80 -30.07 36.05 -23.51
CA THR Y 80 -29.55 37.06 -24.43
C THR Y 80 -30.13 38.42 -24.07
N LEU Y 81 -29.26 39.35 -23.67
CA LEU Y 81 -29.68 40.69 -23.33
C LEU Y 81 -29.86 41.51 -24.60
N CYS Y 82 -30.69 42.55 -24.52
CA CYS Y 82 -31.22 43.08 -25.76
C CYS Y 82 -31.67 44.51 -25.49
N LEU Y 83 -31.12 45.49 -26.21
CA LEU Y 83 -31.23 46.90 -25.84
C LEU Y 83 -31.75 47.71 -27.01
N TYR Y 84 -32.87 48.40 -26.82
CA TYR Y 84 -33.46 49.29 -27.81
C TYR Y 84 -33.30 50.72 -27.32
N TYR Y 85 -32.77 51.58 -28.17
CA TYR Y 85 -32.45 52.94 -27.81
C TYR Y 85 -32.82 53.86 -28.97
N PRO Y 86 -33.07 55.14 -28.71
CA PRO Y 86 -33.40 56.05 -29.80
C PRO Y 86 -32.15 56.46 -30.58
N THR Y 87 -32.37 56.84 -31.84
CA THR Y 87 -31.26 57.21 -32.71
C THR Y 87 -30.47 58.39 -32.15
N GLU Y 88 -31.16 59.30 -31.44
CA GLU Y 88 -30.46 60.44 -30.87
C GLU Y 88 -29.39 59.99 -29.89
N ALA Y 89 -29.53 58.81 -29.31
CA ALA Y 89 -28.49 58.25 -28.44
C ALA Y 89 -27.17 58.19 -29.19
N SER Y 90 -27.11 57.37 -30.24
CA SER Y 90 -25.87 57.25 -31.00
C SER Y 90 -25.45 58.58 -31.60
N THR Y 91 -26.44 59.41 -31.98
CA THR Y 91 -26.10 60.70 -32.56
C THR Y 91 -25.30 61.56 -31.59
N GLN Y 92 -25.69 61.57 -30.31
CA GLN Y 92 -24.91 62.30 -29.31
C GLN Y 92 -23.64 61.55 -28.92
N ILE Y 93 -23.67 60.22 -28.94
CA ILE Y 93 -22.48 59.45 -28.57
C ILE Y 93 -21.33 59.81 -29.49
N SER Y 94 -21.60 59.90 -30.78
CA SER Y 94 -20.63 60.39 -31.76
C SER Y 94 -19.33 59.57 -31.69
N ASP Y 95 -19.51 58.27 -31.85
CA ASP Y 95 -18.45 57.28 -31.73
C ASP Y 95 -18.89 56.22 -32.72
N GLY Y 96 -18.61 54.94 -32.50
CA GLY Y 96 -18.93 54.00 -33.55
C GLY Y 96 -18.21 52.67 -33.53
N GLU Y 97 -17.28 52.50 -32.59
CA GLU Y 97 -17.04 51.19 -32.03
C GLU Y 97 -17.65 51.07 -30.64
N TRP Y 98 -18.64 51.91 -30.33
CA TRP Y 98 -19.26 51.89 -29.01
C TRP Y 98 -20.15 50.68 -28.80
N LYS Y 99 -20.68 50.09 -29.87
CA LYS Y 99 -21.32 48.79 -29.73
C LYS Y 99 -20.34 47.79 -29.14
N ASP Y 100 -19.13 47.73 -29.69
CA ASP Y 100 -18.12 46.81 -29.18
C ASP Y 100 -17.72 47.17 -27.75
N SER Y 101 -17.57 48.46 -27.47
CA SER Y 101 -17.19 48.88 -26.12
C SER Y 101 -18.24 48.44 -25.10
N LEU Y 102 -19.51 48.68 -25.40
CA LEU Y 102 -20.58 48.24 -24.52
C LEU Y 102 -20.58 46.72 -24.39
N SER Y 103 -20.32 46.02 -25.48
CA SER Y 103 -20.31 44.56 -25.42
C SER Y 103 -19.21 44.06 -24.49
N GLN Y 104 -18.05 44.71 -24.50
CA GLN Y 104 -16.98 44.29 -23.62
C GLN Y 104 -17.29 44.61 -22.16
N MET Y 105 -17.92 45.75 -21.90
CA MET Y 105 -18.33 46.03 -20.53
C MET Y 105 -19.35 45.00 -20.05
N PHE Y 106 -20.30 44.63 -20.93
CA PHE Y 106 -21.26 43.59 -20.56
C PHE Y 106 -20.56 42.26 -20.35
N LEU Y 107 -19.49 41.99 -21.10
CA LEU Y 107 -18.72 40.78 -20.86
C LEU Y 107 -18.09 40.80 -19.49
N ILE Y 108 -17.57 41.94 -19.07
CA ILE Y 108 -17.05 42.05 -17.71
C ILE Y 108 -18.17 41.77 -16.71
N LYS Y 109 -19.37 42.26 -16.99
CA LYS Y 109 -20.48 42.00 -16.08
C LYS Y 109 -20.88 40.53 -16.06
N GLY Y 110 -20.69 39.81 -17.17
CA GLY Y 110 -20.90 38.38 -17.20
C GLY Y 110 -21.64 37.83 -18.40
N TRP Y 111 -21.95 38.67 -19.39
CA TRP Y 111 -22.67 38.22 -20.57
C TRP Y 111 -21.69 37.81 -21.65
N PRO Y 112 -21.72 36.58 -22.19
CA PRO Y 112 -20.85 36.26 -23.32
C PRO Y 112 -20.93 37.26 -24.46
N THR Y 113 -19.90 37.29 -25.31
CA THR Y 113 -19.79 38.35 -26.30
C THR Y 113 -20.94 38.33 -27.28
N GLY Y 114 -21.34 37.16 -27.74
CA GLY Y 114 -22.38 37.06 -28.72
C GLY Y 114 -23.79 37.09 -28.17
N SER Y 115 -23.98 37.53 -26.93
CA SER Y 115 -25.24 37.39 -26.22
C SER Y 115 -25.84 38.72 -25.80
N VAL Y 116 -25.41 39.82 -26.41
CA VAL Y 116 -25.97 41.14 -26.16
C VAL Y 116 -26.22 41.81 -27.50
N TYR Y 117 -27.44 42.28 -27.71
CA TYR Y 117 -27.85 42.86 -28.99
C TYR Y 117 -28.28 44.30 -28.80
N PHE Y 118 -28.01 45.12 -29.82
CA PHE Y 118 -28.36 46.53 -29.83
C PHE Y 118 -29.22 46.82 -31.06
N LYS Y 119 -30.41 47.38 -30.84
CA LYS Y 119 -31.39 47.57 -31.91
C LYS Y 119 -31.90 49.01 -31.85
N GLU Y 120 -31.25 49.88 -32.62
CA GLU Y 120 -31.64 51.27 -32.70
C GLU Y 120 -33.04 51.42 -33.27
N TYR Y 121 -33.79 52.41 -32.78
CA TYR Y 121 -35.08 52.77 -33.36
C TYR Y 121 -35.14 54.28 -33.50
N SER Y 122 -35.92 54.75 -34.47
CA SER Y 122 -35.93 56.17 -34.82
C SER Y 122 -36.49 57.02 -33.69
N ASN Y 123 -37.66 56.66 -33.18
CA ASN Y 123 -38.29 57.41 -32.08
C ASN Y 123 -39.41 56.57 -31.52
N ILE Y 124 -40.05 57.09 -30.47
CA ILE Y 124 -41.08 56.32 -29.76
C ILE Y 124 -42.24 56.01 -30.69
N VAL Y 125 -42.72 57.03 -31.41
CA VAL Y 125 -43.94 56.87 -32.19
C VAL Y 125 -43.71 55.88 -33.33
N ASP Y 126 -42.61 56.02 -34.04
CA ASP Y 126 -42.35 55.14 -35.17
C ASP Y 126 -41.85 53.76 -34.75
N PHE Y 127 -41.38 53.63 -33.51
CA PHE Y 127 -41.07 52.30 -32.98
C PHE Y 127 -42.32 51.56 -32.54
N SER Y 128 -43.34 52.29 -32.08
CA SER Y 128 -44.54 51.65 -31.57
C SER Y 128 -45.36 50.97 -32.67
N VAL Y 129 -45.03 51.17 -33.94
CA VAL Y 129 -45.79 50.53 -35.01
C VAL Y 129 -45.36 49.07 -35.14
N ASP Y 130 -46.06 48.19 -34.42
CA ASP Y 130 -45.72 46.78 -34.36
C ASP Y 130 -44.31 46.60 -33.82
N PRO Y 131 -44.08 46.87 -32.54
CA PRO Y 131 -42.76 46.62 -31.96
C PRO Y 131 -42.62 45.14 -31.65
N GLN Y 132 -41.80 44.47 -32.45
CA GLN Y 132 -41.65 43.02 -32.36
C GLN Y 132 -40.33 42.74 -31.65
N LEU Y 133 -40.41 42.33 -30.38
CA LEU Y 133 -39.25 42.17 -29.52
C LEU Y 133 -38.78 40.71 -29.52
N TYR Y 134 -38.42 40.23 -30.72
CA TYR Y 134 -38.02 38.83 -30.90
C TYR Y 134 -36.66 38.64 -30.27
N CYS Y 135 -36.65 38.46 -28.95
CA CYS Y 135 -35.40 38.48 -28.23
C CYS Y 135 -35.68 37.90 -26.85
N ASP Y 136 -34.69 37.96 -25.93
CA ASP Y 136 -34.77 37.17 -24.70
C ASP Y 136 -34.78 37.97 -23.40
N TYR Y 137 -34.11 39.11 -23.33
CA TYR Y 137 -34.20 39.99 -22.15
C TYR Y 137 -34.18 41.42 -22.66
N ASN Y 138 -35.35 42.03 -22.76
CA ASN Y 138 -35.50 43.27 -23.51
C ASN Y 138 -35.46 44.49 -22.60
N LEU Y 139 -34.76 45.52 -23.05
CA LEU Y 139 -34.73 46.82 -22.41
C LEU Y 139 -35.09 47.85 -23.46
N VAL Y 140 -36.03 48.73 -23.14
CA VAL Y 140 -36.47 49.76 -24.07
C VAL Y 140 -36.22 51.10 -23.39
N LEU Y 141 -35.19 51.82 -23.82
CA LEU Y 141 -34.94 53.15 -23.30
C LEU Y 141 -35.77 54.16 -24.10
N MET Y 142 -36.48 55.02 -23.39
CA MET Y 142 -37.45 55.93 -24.01
C MET Y 142 -37.18 57.33 -23.50
N LYS Y 143 -36.77 58.24 -24.39
CA LYS Y 143 -36.57 59.61 -23.98
C LYS Y 143 -37.94 60.28 -23.86
N TYR Y 144 -38.33 60.60 -22.64
CA TYR Y 144 -39.61 61.26 -22.43
C TYR Y 144 -39.59 62.64 -23.06
N ASP Y 145 -40.69 62.99 -23.73
CA ASP Y 145 -40.85 64.30 -24.33
C ASP Y 145 -42.27 64.78 -24.09
N GLN Y 146 -42.42 66.09 -24.00
CA GLN Y 146 -43.74 66.67 -23.84
C GLN Y 146 -44.60 66.35 -25.06
N SER Y 147 -45.89 66.18 -24.81
CA SER Y 147 -46.92 65.82 -25.79
C SER Y 147 -46.82 64.39 -26.27
N LEU Y 148 -45.82 63.63 -25.84
CA LEU Y 148 -45.73 62.20 -26.12
C LEU Y 148 -46.12 61.36 -24.92
N GLU Y 149 -46.79 61.96 -23.94
CA GLU Y 149 -47.18 61.21 -22.75
C GLU Y 149 -48.07 60.04 -23.11
N LEU Y 150 -49.14 60.29 -23.86
CA LEU Y 150 -50.06 59.22 -24.20
C LEU Y 150 -49.39 58.20 -25.09
N ASP Y 151 -48.60 58.63 -26.07
CA ASP Y 151 -47.99 57.65 -26.96
C ASP Y 151 -47.00 56.77 -26.24
N MET Y 152 -46.21 57.34 -25.34
CA MET Y 152 -45.30 56.54 -24.54
C MET Y 152 -46.05 55.57 -23.66
N SER Y 153 -47.15 56.03 -23.04
CA SER Y 153 -47.95 55.13 -22.20
C SER Y 153 -48.56 54.02 -23.04
N GLU Y 154 -49.04 54.34 -24.24
CA GLU Y 154 -49.62 53.33 -25.12
C GLU Y 154 -48.58 52.29 -25.49
N LEU Y 155 -47.38 52.73 -25.85
CA LEU Y 155 -46.33 51.77 -26.19
C LEU Y 155 -45.99 50.90 -25.00
N ALA Y 156 -45.87 51.50 -23.82
CA ALA Y 156 -45.55 50.72 -22.63
C ALA Y 156 -46.64 49.70 -22.33
N ASP Y 157 -47.90 50.12 -22.44
CA ASP Y 157 -49.01 49.19 -22.24
C ASP Y 157 -48.97 48.07 -23.26
N LEU Y 158 -48.53 48.38 -24.47
CA LEU Y 158 -48.46 47.35 -25.51
C LEU Y 158 -47.39 46.33 -25.19
N ILE Y 159 -46.19 46.78 -24.84
CA ILE Y 159 -45.07 45.86 -24.73
C ILE Y 159 -44.91 45.23 -23.35
N LEU Y 160 -45.47 45.84 -22.30
CA LEU Y 160 -45.33 45.31 -20.95
C LEU Y 160 -46.42 44.33 -20.57
N ASN Y 161 -47.27 43.94 -21.51
CA ASN Y 161 -48.34 42.99 -21.23
C ASN Y 161 -48.50 42.09 -22.44
N GLU Y 162 -49.07 40.91 -22.20
CA GLU Y 162 -49.31 39.95 -23.27
C GLU Y 162 -50.70 40.16 -23.83
N TRP Y 163 -50.77 40.26 -25.15
CA TRP Y 163 -52.00 40.56 -25.87
C TRP Y 163 -52.35 39.38 -26.76
N LEU Y 164 -53.61 38.98 -26.74
CA LEU Y 164 -54.13 37.93 -27.60
C LEU Y 164 -55.05 38.60 -28.60
N CYS Y 165 -54.62 38.70 -29.84
CA CYS Y 165 -55.28 39.54 -30.84
C CYS Y 165 -55.98 38.68 -31.88
N ASN Y 166 -57.27 38.94 -32.09
CA ASN Y 166 -58.03 38.42 -33.20
C ASN Y 166 -58.20 39.49 -34.26
N PRO Y 167 -58.40 39.11 -35.53
CA PRO Y 167 -58.55 40.13 -36.57
C PRO Y 167 -59.89 40.84 -36.44
N MET Y 168 -60.01 41.95 -37.16
CA MET Y 168 -61.27 42.66 -37.29
C MET Y 168 -61.51 42.99 -38.76
N ASP Y 169 -62.69 42.61 -39.24
CA ASP Y 169 -63.13 42.89 -40.61
C ASP Y 169 -64.07 44.09 -40.52
N ILE Y 170 -63.49 45.29 -40.58
CA ILE Y 170 -64.25 46.50 -40.31
C ILE Y 170 -65.40 46.65 -41.29
N THR Y 171 -65.15 46.38 -42.56
CA THR Y 171 -66.14 46.62 -43.60
C THR Y 171 -67.35 45.72 -43.46
N LEU Y 172 -67.26 44.66 -42.67
CA LEU Y 172 -68.25 43.59 -42.68
C LEU Y 172 -69.04 43.48 -41.38
N TYR Y 173 -68.37 43.40 -40.23
CA TYR Y 173 -69.01 43.13 -38.96
C TYR Y 173 -69.17 44.41 -38.15
N TYR Y 174 -69.94 44.30 -37.07
CA TYR Y 174 -70.02 45.30 -36.01
C TYR Y 174 -69.42 44.69 -34.76
N TYR Y 175 -68.59 45.46 -34.06
CA TYR Y 175 -67.76 44.92 -33.00
C TYR Y 175 -68.18 45.44 -31.64
N GLN Y 176 -67.72 44.71 -30.62
CA GLN Y 176 -68.14 44.90 -29.25
C GLN Y 176 -66.97 44.57 -28.34
N GLN Y 177 -66.90 45.26 -27.20
CA GLN Y 177 -65.83 45.06 -26.23
C GLN Y 177 -66.38 44.24 -25.08
N SER Y 178 -65.92 42.98 -24.99
CA SER Y 178 -66.55 42.03 -24.09
C SER Y 178 -66.40 42.44 -22.63
N GLY Y 179 -65.24 42.93 -22.24
CA GLY Y 179 -65.01 43.23 -20.84
C GLY Y 179 -63.90 44.25 -20.66
N GLU Y 180 -63.58 44.49 -19.38
CA GLU Y 180 -62.56 45.48 -19.06
C GLU Y 180 -61.21 45.14 -19.69
N SER Y 181 -60.95 43.85 -19.92
CA SER Y 181 -59.66 43.40 -20.42
C SER Y 181 -59.64 43.24 -21.93
N ASN Y 182 -60.40 44.07 -22.65
CA ASN Y 182 -60.49 44.01 -24.10
C ASN Y 182 -60.28 45.39 -24.67
N LYS Y 183 -59.43 45.49 -25.69
CA LYS Y 183 -59.16 46.76 -26.36
C LYS Y 183 -59.09 46.50 -27.85
N TRP Y 184 -59.02 47.58 -28.63
CA TRP Y 184 -58.72 47.48 -30.05
C TRP Y 184 -57.41 48.21 -30.29
N ILE Y 185 -56.38 47.48 -30.69
CA ILE Y 185 -55.10 48.09 -31.02
C ILE Y 185 -55.06 48.34 -32.51
N SER Y 186 -54.91 49.61 -32.88
CA SER Y 186 -54.72 50.01 -34.26
C SER Y 186 -53.27 50.38 -34.46
N MET Y 187 -52.64 49.72 -35.44
CA MET Y 187 -51.23 49.95 -35.74
C MET Y 187 -51.07 50.19 -37.24
N GLY Y 188 -50.23 51.15 -37.59
CA GLY Y 188 -50.01 51.46 -38.98
C GLY Y 188 -49.29 52.79 -39.12
N SER Y 189 -49.22 53.25 -40.37
CA SER Y 189 -48.53 54.49 -40.66
C SER Y 189 -49.35 55.72 -40.26
N SER Y 190 -50.68 55.65 -40.40
CA SER Y 190 -51.52 56.79 -40.03
C SER Y 190 -52.92 56.25 -39.74
N CYS Y 191 -53.25 56.13 -38.46
CA CYS Y 191 -54.53 55.59 -38.02
C CYS Y 191 -55.46 56.71 -37.59
N THR Y 192 -56.66 56.74 -38.14
CA THR Y 192 -57.73 57.63 -37.71
C THR Y 192 -58.99 56.79 -37.52
N VAL Y 193 -59.13 56.24 -36.32
CA VAL Y 193 -60.27 55.40 -36.00
C VAL Y 193 -61.47 56.29 -35.73
N LYS Y 194 -62.57 56.05 -36.45
CA LYS Y 194 -63.82 56.78 -36.21
C LYS Y 194 -64.88 55.75 -35.88
N VAL Y 195 -65.38 55.77 -34.65
CA VAL Y 195 -66.38 54.82 -34.20
C VAL Y 195 -67.75 55.48 -34.27
N CYS Y 196 -68.78 54.67 -34.34
CA CYS Y 196 -70.16 55.13 -34.28
C CYS Y 196 -70.94 54.07 -33.51
N PRO Y 197 -71.31 54.32 -32.26
CA PRO Y 197 -72.01 53.29 -31.49
C PRO Y 197 -73.42 53.12 -31.98
N LEU Y 198 -74.02 51.98 -31.65
CA LEU Y 198 -75.29 51.56 -32.20
C LEU Y 198 -76.33 51.31 -31.11
N ASN Y 199 -77.59 51.57 -31.45
CA ASN Y 199 -78.70 51.23 -30.58
C ASN Y 199 -78.79 49.72 -30.44
N THR Y 200 -79.73 49.27 -29.60
CA THR Y 200 -80.05 47.86 -29.56
C THR Y 200 -80.71 47.37 -30.83
N GLN Y 201 -81.20 48.28 -31.68
CA GLN Y 201 -81.81 47.94 -32.97
C GLN Y 201 -80.92 48.33 -34.15
N THR Y 202 -79.62 48.45 -33.92
CA THR Y 202 -78.66 48.68 -35.00
C THR Y 202 -78.87 50.04 -35.67
N LEU Y 203 -79.30 51.03 -34.88
CA LEU Y 203 -79.40 52.41 -35.31
C LEU Y 203 -78.36 53.22 -34.56
N GLY Y 204 -77.57 53.99 -35.30
CA GLY Y 204 -76.50 54.75 -34.68
C GLY Y 204 -77.02 55.78 -33.70
N ILE Y 205 -76.24 56.04 -32.66
CA ILE Y 205 -76.53 57.08 -31.68
C ILE Y 205 -75.37 58.06 -31.68
N GLY Y 206 -75.69 59.35 -31.84
CA GLY Y 206 -74.66 60.34 -32.05
C GLY Y 206 -74.04 60.31 -33.43
N CYS Y 207 -74.68 59.61 -34.37
CA CYS Y 207 -74.13 59.41 -35.70
C CYS Y 207 -75.12 58.65 -36.57
N GLN Y 208 -74.97 58.73 -37.88
CA GLN Y 208 -75.69 57.87 -38.81
C GLN Y 208 -74.76 56.78 -39.29
N THR Y 209 -75.32 55.58 -39.48
CA THR Y 209 -74.50 54.44 -39.85
C THR Y 209 -73.83 54.62 -41.21
N THR Y 210 -74.30 55.57 -42.02
CA THR Y 210 -73.74 55.83 -43.34
C THR Y 210 -72.86 57.08 -43.39
N ASN Y 211 -72.85 57.91 -42.35
CA ASN Y 211 -72.25 59.23 -42.38
C ASN Y 211 -70.92 59.20 -41.61
N VAL Y 212 -69.85 58.90 -42.33
CA VAL Y 212 -68.52 58.89 -41.73
C VAL Y 212 -68.19 60.26 -41.17
N ASP Y 213 -68.76 61.31 -41.74
CA ASP Y 213 -68.56 62.64 -41.17
C ASP Y 213 -69.14 62.72 -39.77
N SER Y 214 -70.32 62.13 -39.56
CA SER Y 214 -70.95 62.19 -38.25
C SER Y 214 -70.33 61.21 -37.26
N PHE Y 215 -69.60 60.21 -37.75
CA PHE Y 215 -68.89 59.29 -36.86
C PHE Y 215 -68.04 60.05 -35.86
N GLU Y 216 -67.93 59.52 -34.66
CA GLU Y 216 -67.19 60.15 -33.58
C GLU Y 216 -65.74 59.68 -33.63
N THR Y 217 -64.81 60.61 -33.77
CA THR Y 217 -63.39 60.27 -33.78
C THR Y 217 -62.94 59.88 -32.38
N VAL Y 218 -62.10 58.85 -32.31
CA VAL Y 218 -61.58 58.37 -31.04
C VAL Y 218 -60.06 58.41 -31.05
N ALA Y 219 -59.46 58.28 -32.23
CA ALA Y 219 -58.02 58.44 -32.40
C ALA Y 219 -57.77 59.05 -33.77
N GLU Y 220 -56.66 59.77 -33.91
CA GLU Y 220 -56.43 60.54 -35.12
C GLU Y 220 -54.94 60.61 -35.45
N ASN Y 221 -54.57 60.01 -36.58
CA ASN Y 221 -53.26 60.21 -37.20
C ASN Y 221 -52.11 59.90 -36.25
N GLU Y 222 -52.17 58.74 -35.61
CA GLU Y 222 -51.04 58.26 -34.82
C GLU Y 222 -50.76 56.81 -35.16
N LYS Y 223 -49.50 56.42 -34.98
CA LYS Y 223 -49.06 55.10 -35.41
C LYS Y 223 -49.71 54.01 -34.59
N LEU Y 224 -49.73 54.16 -33.26
CA LEU Y 224 -50.31 53.19 -32.36
C LEU Y 224 -51.46 53.86 -31.62
N ALA Y 225 -52.59 53.17 -31.55
CA ALA Y 225 -53.75 53.67 -30.82
C ALA Y 225 -54.44 52.47 -30.17
N ILE Y 226 -54.37 52.40 -28.85
CA ILE Y 226 -55.03 51.34 -28.08
C ILE Y 226 -56.36 51.94 -27.61
N VAL Y 227 -57.38 51.81 -28.44
CA VAL Y 227 -58.66 52.48 -28.19
C VAL Y 227 -59.56 51.56 -27.38
N ASP Y 228 -60.20 52.14 -26.37
CA ASP Y 228 -61.22 51.49 -25.56
C ASP Y 228 -62.49 52.30 -25.66
N VAL Y 229 -63.60 51.60 -25.83
CA VAL Y 229 -64.92 52.22 -25.89
C VAL Y 229 -65.81 51.53 -24.87
N VAL Y 230 -67.06 51.99 -24.80
CA VAL Y 230 -67.99 51.44 -23.82
C VAL Y 230 -68.21 49.97 -24.13
N ASP Y 231 -68.24 49.17 -23.06
CA ASP Y 231 -68.38 47.73 -23.19
C ASP Y 231 -69.85 47.37 -23.09
N GLY Y 232 -70.31 46.53 -24.01
CA GLY Y 232 -71.71 46.18 -24.10
C GLY Y 232 -72.49 46.92 -25.17
N ILE Y 233 -71.83 47.62 -26.08
CA ILE Y 233 -72.48 48.38 -27.13
C ILE Y 233 -71.80 48.07 -28.45
N ASN Y 234 -72.58 47.67 -29.45
CA ASN Y 234 -72.03 47.47 -30.78
C ASN Y 234 -71.54 48.79 -31.33
N HIS Y 235 -70.47 48.72 -32.13
CA HIS Y 235 -69.91 49.89 -32.80
C HIS Y 235 -69.71 49.56 -34.26
N LYS Y 236 -69.81 50.59 -35.10
CA LYS Y 236 -69.38 50.53 -36.49
C LYS Y 236 -68.14 51.39 -36.63
N ILE Y 237 -67.07 50.81 -37.13
CA ILE Y 237 -65.77 51.48 -37.20
C ILE Y 237 -65.51 51.87 -38.65
N ASN Y 238 -64.81 52.98 -38.82
CA ASN Y 238 -64.13 53.28 -40.08
C ASN Y 238 -62.69 53.65 -39.77
N LEU Y 239 -61.77 52.88 -40.31
CA LEU Y 239 -60.35 53.16 -40.19
C LEU Y 239 -59.65 52.77 -41.49
N THR Y 240 -59.68 53.68 -42.47
CA THR Y 240 -58.64 53.88 -43.49
C THR Y 240 -57.81 52.62 -43.78
N THR Y 241 -58.48 51.52 -44.15
CA THR Y 241 -57.88 50.20 -44.03
C THR Y 241 -56.59 50.05 -44.84
N THR Y 242 -56.37 50.88 -45.85
CA THR Y 242 -55.20 50.72 -46.70
C THR Y 242 -53.90 51.03 -45.97
N THR Y 243 -53.94 51.76 -44.86
CA THR Y 243 -52.71 52.20 -44.20
C THR Y 243 -52.75 52.05 -42.68
N CYS Y 244 -53.65 51.23 -42.14
CA CYS Y 244 -53.69 51.01 -40.70
C CYS Y 244 -54.51 49.77 -40.41
N THR Y 245 -53.88 48.74 -39.87
CA THR Y 245 -54.63 47.57 -39.44
C THR Y 245 -55.10 47.75 -38.02
N ILE Y 246 -56.17 47.03 -37.67
CA ILE Y 246 -56.74 47.08 -36.33
C ILE Y 246 -57.03 45.66 -35.89
N ARG Y 247 -56.78 45.37 -34.62
CA ARG Y 247 -56.95 44.04 -34.07
C ARG Y 247 -57.66 44.12 -32.74
N ASN Y 248 -58.63 43.23 -32.55
CA ASN Y 248 -59.39 43.13 -31.31
C ASN Y 248 -58.59 42.26 -30.35
N CYS Y 249 -58.01 42.86 -29.33
CA CYS Y 249 -57.06 42.16 -28.48
C CYS Y 249 -57.55 42.07 -27.05
N LYS Y 250 -57.16 40.99 -26.40
CA LYS Y 250 -57.51 40.70 -25.02
C LYS Y 250 -56.24 40.71 -24.18
N LYS Y 251 -56.37 41.17 -22.94
CA LYS Y 251 -55.25 41.41 -22.05
C LYS Y 251 -55.01 40.15 -21.22
N LEU Y 252 -54.02 39.37 -21.58
CA LEU Y 252 -53.58 38.28 -20.73
C LEU Y 252 -52.72 38.87 -19.62
N GLY Y 253 -51.96 38.03 -18.92
CA GLY Y 253 -51.13 38.49 -17.84
C GLY Y 253 -50.06 39.46 -18.31
N PRO Y 254 -49.14 39.82 -17.43
CA PRO Y 254 -48.09 40.76 -17.81
C PRO Y 254 -46.99 40.05 -18.57
N ARG Y 255 -46.26 40.84 -19.37
CA ARG Y 255 -45.13 40.35 -20.15
C ARG Y 255 -43.87 40.68 -19.36
N GLU Y 256 -43.26 39.66 -18.79
CA GLU Y 256 -42.12 39.82 -17.90
C GLU Y 256 -40.79 39.87 -18.65
N ASN Y 257 -40.83 39.78 -19.97
CA ASN Y 257 -39.63 39.66 -20.77
C ASN Y 257 -38.93 41.00 -21.00
N VAL Y 258 -39.66 42.11 -20.88
CA VAL Y 258 -39.20 43.42 -21.34
C VAL Y 258 -39.40 44.42 -20.22
N ALA Y 259 -38.44 45.33 -20.10
CA ALA Y 259 -38.50 46.41 -19.11
C ALA Y 259 -38.32 47.75 -19.82
N VAL Y 260 -39.09 48.72 -19.36
CA VAL Y 260 -39.11 50.06 -19.94
C VAL Y 260 -38.28 50.96 -19.04
N ILE Y 261 -37.54 51.90 -19.65
CA ILE Y 261 -36.73 52.86 -18.91
C ILE Y 261 -37.04 54.25 -19.43
N GLN Y 262 -37.77 55.02 -18.64
CA GLN Y 262 -38.07 56.40 -18.99
C GLN Y 262 -36.86 57.25 -18.66
N VAL Y 263 -36.19 57.76 -19.70
CA VAL Y 263 -34.95 58.48 -19.51
C VAL Y 263 -35.16 59.93 -19.12
N GLY Y 264 -36.37 60.47 -19.30
CA GLY Y 264 -36.58 61.89 -19.10
C GLY Y 264 -37.23 62.28 -17.80
N GLY Y 265 -38.54 62.50 -17.83
CA GLY Y 265 -39.21 63.27 -16.80
C GLY Y 265 -39.69 62.49 -15.60
N ALA Y 266 -40.99 62.58 -15.31
CA ALA Y 266 -41.58 62.03 -14.12
C ALA Y 266 -42.45 60.82 -14.46
N ASN Y 267 -42.97 60.18 -13.42
CA ASN Y 267 -43.83 59.01 -13.58
C ASN Y 267 -45.13 59.42 -14.24
N ILE Y 268 -45.34 59.00 -15.49
CA ILE Y 268 -46.56 59.31 -16.21
C ILE Y 268 -47.16 58.08 -16.87
N LEU Y 269 -46.40 57.00 -16.96
CA LEU Y 269 -46.91 55.80 -17.62
C LEU Y 269 -48.10 55.24 -16.86
N ASP Y 270 -49.21 55.07 -17.56
CA ASP Y 270 -50.44 54.49 -17.01
C ASP Y 270 -50.75 53.26 -17.85
N ILE Y 271 -50.13 52.13 -17.52
CA ILE Y 271 -50.39 50.93 -18.27
C ILE Y 271 -51.79 50.38 -17.99
N THR Y 272 -52.41 50.78 -16.89
CA THR Y 272 -53.75 50.33 -16.55
C THR Y 272 -54.75 51.35 -17.09
N ALA Y 273 -55.53 50.94 -18.09
CA ALA Y 273 -56.51 51.83 -18.69
C ALA Y 273 -57.56 52.31 -17.71
N ASP Y 274 -57.74 51.59 -16.61
CA ASP Y 274 -58.67 52.03 -15.59
C ASP Y 274 -58.22 53.38 -15.04
N PRO Y 275 -59.08 54.40 -15.00
CA PRO Y 275 -58.68 55.65 -14.36
C PRO Y 275 -58.34 55.51 -12.90
N THR Y 276 -59.03 54.63 -12.17
CA THR Y 276 -58.88 54.60 -10.72
C THR Y 276 -57.47 54.21 -10.32
N THR Y 277 -56.89 53.23 -10.99
CA THR Y 277 -55.59 52.67 -10.62
C THR Y 277 -54.52 53.09 -11.61
N ASN Y 278 -53.39 53.56 -11.09
CA ASN Y 278 -52.22 53.90 -11.89
C ASN Y 278 -51.00 53.29 -11.23
N PRO Y 279 -50.93 51.96 -11.17
CA PRO Y 279 -49.88 51.33 -10.36
C PRO Y 279 -48.52 51.42 -11.02
N GLN Y 280 -47.49 51.34 -10.18
CA GLN Y 280 -46.10 51.45 -10.61
C GLN Y 280 -45.51 50.05 -10.64
N ILE Y 281 -45.22 49.56 -11.84
CA ILE Y 281 -44.62 48.24 -12.00
C ILE Y 281 -43.12 48.38 -11.87
N GLU Y 282 -42.50 47.33 -11.33
CA GLU Y 282 -41.05 47.33 -11.18
C GLU Y 282 -40.35 47.41 -12.52
N ARG Y 283 -40.96 46.90 -13.58
CA ARG Y 283 -40.36 46.96 -14.91
C ARG Y 283 -40.42 48.34 -15.53
N MET Y 284 -41.22 49.26 -14.97
CA MET Y 284 -41.30 50.63 -15.46
C MET Y 284 -40.28 51.46 -14.67
N MET Y 285 -39.02 51.36 -15.07
CA MET Y 285 -37.97 52.10 -14.41
C MET Y 285 -37.86 53.50 -14.98
N ARG Y 286 -37.20 54.37 -14.22
CA ARG Y 286 -37.03 55.76 -14.59
C ARG Y 286 -35.63 56.20 -14.19
N VAL Y 287 -35.09 57.16 -14.94
CA VAL Y 287 -33.75 57.65 -14.62
C VAL Y 287 -33.58 59.01 -15.28
N ASN Y 288 -32.97 59.94 -14.55
CA ASN Y 288 -32.64 61.24 -15.10
C ASN Y 288 -31.41 61.11 -15.99
N TRP Y 289 -31.12 62.17 -16.73
CA TRP Y 289 -30.05 62.06 -17.73
C TRP Y 289 -29.58 63.43 -18.17
N LYS Y 290 -28.30 63.49 -18.54
CA LYS Y 290 -27.78 64.55 -19.38
C LYS Y 290 -26.98 63.97 -20.54
N ARG Y 291 -26.31 62.84 -20.30
CA ARG Y 291 -25.40 62.24 -21.26
C ARG Y 291 -25.78 60.79 -21.52
N TRP Y 292 -25.92 60.44 -22.79
CA TRP Y 292 -26.28 59.07 -23.12
C TRP Y 292 -25.22 58.09 -22.69
N TRP Y 293 -23.95 58.51 -22.70
CA TRP Y 293 -22.91 57.63 -22.18
C TRP Y 293 -23.18 57.32 -20.71
N GLN Y 294 -23.58 58.33 -19.95
CA GLN Y 294 -23.88 58.11 -18.54
C GLN Y 294 -25.05 57.15 -18.39
N VAL Y 295 -26.08 57.31 -19.23
CA VAL Y 295 -27.23 56.42 -19.14
C VAL Y 295 -26.81 54.98 -19.39
N PHE Y 296 -26.04 54.76 -20.46
CA PHE Y 296 -25.65 53.40 -20.81
C PHE Y 296 -24.73 52.81 -19.75
N TYR Y 297 -23.87 53.62 -19.16
CA TYR Y 297 -23.04 53.13 -18.07
C TYR Y 297 -23.87 52.73 -16.87
N THR Y 298 -24.93 53.49 -16.58
CA THR Y 298 -25.84 53.07 -15.51
C THR Y 298 -26.47 51.73 -15.82
N ILE Y 299 -26.94 51.55 -17.06
CA ILE Y 299 -27.55 50.29 -17.45
C ILE Y 299 -26.56 49.15 -17.25
N VAL Y 300 -25.35 49.32 -17.78
CA VAL Y 300 -24.37 48.25 -17.73
C VAL Y 300 -24.01 47.92 -16.30
N ASP Y 301 -23.86 48.95 -15.47
CA ASP Y 301 -23.47 48.72 -14.09
C ASP Y 301 -24.54 47.94 -13.34
N TYR Y 302 -25.81 48.34 -13.50
CA TYR Y 302 -26.91 47.73 -12.74
C TYR Y 302 -27.68 46.72 -13.57
N ILE Y 303 -27.02 46.07 -14.53
CA ILE Y 303 -27.75 45.11 -15.35
C ILE Y 303 -28.23 43.92 -14.53
N ASN Y 304 -27.50 43.55 -13.48
CA ASN Y 304 -27.96 42.44 -12.66
C ASN Y 304 -29.28 42.77 -11.99
N GLN Y 305 -29.41 43.98 -11.46
CA GLN Y 305 -30.66 44.36 -10.81
C GLN Y 305 -31.80 44.41 -11.83
N ILE Y 306 -31.51 44.88 -13.05
CA ILE Y 306 -32.54 44.97 -14.07
C ILE Y 306 -33.03 43.59 -14.45
N VAL Y 307 -32.11 42.66 -14.64
CA VAL Y 307 -32.49 41.29 -14.98
C VAL Y 307 -33.28 40.67 -13.84
N GLN Y 308 -32.92 41.00 -12.60
CA GLN Y 308 -33.69 40.50 -11.48
C GLN Y 308 -35.11 41.03 -11.51
N VAL Y 309 -35.27 42.31 -11.86
CA VAL Y 309 -36.62 42.87 -11.99
C VAL Y 309 -37.40 42.14 -13.06
N MET Y 310 -36.76 41.80 -14.17
CA MET Y 310 -37.42 41.08 -15.24
C MET Y 310 -37.39 39.58 -14.95
N SER Y 311 -37.97 38.80 -15.86
CA SER Y 311 -37.85 37.35 -15.81
C SER Y 311 -38.19 36.79 -17.18
N LYS Y 312 -37.78 35.53 -17.39
CA LYS Y 312 -37.98 34.88 -18.67
C LYS Y 312 -39.47 34.79 -18.99
N ARG Y 313 -39.80 34.98 -20.26
CA ARG Y 313 -41.21 35.05 -20.65
C ARG Y 313 -41.93 33.76 -20.33
N SER Y 314 -43.11 33.87 -19.72
CA SER Y 314 -43.88 32.69 -19.37
C SER Y 314 -44.27 31.91 -20.61
N ARG Y 315 -44.66 32.62 -21.66
CA ARG Y 315 -45.15 31.99 -22.87
C ARG Y 315 -44.05 31.56 -23.81
N SER Y 316 -42.79 31.77 -23.45
CA SER Y 316 -41.67 31.26 -24.22
C SER Y 316 -41.20 29.88 -23.78
N LEU Y 317 -41.70 29.36 -22.67
CA LEU Y 317 -41.26 28.10 -22.13
C LEU Y 317 -42.20 26.97 -22.54
N ASN Y 318 -41.68 25.75 -22.45
CA ASN Y 318 -42.51 24.57 -22.70
C ASN Y 318 -43.61 24.42 -21.67
N SER Y 319 -43.48 25.06 -20.50
CA SER Y 319 -44.52 24.98 -19.48
C SER Y 319 -45.84 25.50 -20.03
N ALA Y 320 -45.79 26.57 -20.82
CA ALA Y 320 -46.98 27.16 -21.42
C ALA Y 320 -47.31 26.58 -22.78
N ALA Y 321 -46.90 25.33 -23.04
CA ALA Y 321 -46.84 24.82 -24.40
C ALA Y 321 -48.19 24.85 -25.08
N PHE Y 322 -49.25 24.44 -24.37
CA PHE Y 322 -50.56 24.28 -24.97
C PHE Y 322 -51.57 25.27 -24.38
N TYR Y 323 -51.10 26.45 -23.97
CA TYR Y 323 -52.00 27.55 -23.64
C TYR Y 323 -51.89 28.66 -24.66
N TYR Y 324 -50.79 29.41 -24.68
CA TYR Y 324 -50.57 30.42 -25.71
C TYR Y 324 -49.07 30.56 -25.98
N ARG Y 325 -48.38 29.43 -26.13
CA ARG Y 325 -46.92 29.45 -26.22
C ARG Y 325 -46.48 30.28 -27.42
N VAL Y 326 -45.44 31.06 -27.21
CA VAL Y 326 -44.93 31.95 -28.26
C VAL Y 326 -43.53 32.42 -27.93
N GLY Z 54 -72.19 58.00 12.39
CA GLY Z 54 -72.44 57.90 13.81
C GLY Z 54 -71.19 58.14 14.63
N LEU Z 55 -70.84 59.41 14.78
CA LEU Z 55 -69.66 59.81 15.53
C LEU Z 55 -70.02 59.96 17.00
N ASN Z 56 -69.27 59.26 17.86
CA ASN Z 56 -69.39 59.38 19.32
C ASN Z 56 -70.67 58.71 19.86
N ILE Z 57 -71.14 57.66 19.21
CA ILE Z 57 -72.21 56.82 19.74
C ILE Z 57 -71.83 55.36 19.44
N PRO Z 58 -71.65 54.49 20.43
CA PRO Z 58 -71.15 53.14 20.12
C PRO Z 58 -72.10 52.37 19.22
N ILE Z 59 -71.52 51.60 18.30
CA ILE Z 59 -72.27 50.79 17.35
C ILE Z 59 -71.65 49.39 17.39
N THR Z 60 -72.21 48.52 18.21
CA THR Z 60 -71.71 47.16 18.32
C THR Z 60 -72.17 46.34 17.11
N GLY Z 61 -71.29 45.46 16.63
CA GLY Z 61 -71.62 44.61 15.51
C GLY Z 61 -70.71 43.40 15.42
N SER Z 62 -71.27 42.23 15.13
CA SER Z 62 -70.47 41.02 15.11
C SER Z 62 -69.47 41.05 13.96
N MET Z 63 -68.61 40.04 13.91
CA MET Z 63 -67.66 39.85 12.83
C MET Z 63 -68.00 38.66 11.94
N ASP Z 64 -68.84 37.74 12.40
CA ASP Z 64 -69.20 36.57 11.62
C ASP Z 64 -70.46 36.77 10.79
N THR Z 65 -71.14 37.90 10.90
CA THR Z 65 -72.36 38.11 10.14
C THR Z 65 -72.07 38.09 8.66
N VAL Z 66 -72.94 37.41 7.90
CA VAL Z 66 -72.68 37.21 6.48
C VAL Z 66 -72.72 38.54 5.75
N TYR Z 67 -72.18 38.54 4.53
CA TYR Z 67 -72.15 39.76 3.74
C TYR Z 67 -73.56 40.10 3.26
N SER Z 68 -73.75 41.37 2.93
CA SER Z 68 -74.96 41.82 2.29
C SER Z 68 -74.86 41.57 0.79
N ASN Z 69 -75.91 41.92 0.06
CA ASN Z 69 -75.90 41.79 -1.39
C ASN Z 69 -75.46 43.10 -2.04
N SER Z 70 -74.91 42.99 -3.24
CA SER Z 70 -74.41 44.17 -3.94
C SER Z 70 -75.55 45.15 -4.19
N THR Z 71 -75.24 46.44 -4.02
CA THR Z 71 -76.23 47.50 -4.16
C THR Z 71 -75.83 48.52 -5.22
N ARG Z 72 -74.95 48.13 -6.16
CA ARG Z 72 -74.61 49.03 -7.25
C ARG Z 72 -75.85 49.38 -8.07
N GLU Z 73 -76.67 48.38 -8.37
CA GLU Z 73 -77.90 48.64 -9.11
C GLU Z 73 -78.80 49.60 -8.35
N GLU Z 74 -78.90 49.41 -7.03
CA GLU Z 74 -79.80 50.25 -6.25
C GLU Z 74 -79.32 51.70 -6.23
N VAL Z 75 -78.03 51.92 -6.03
CA VAL Z 75 -77.52 53.29 -6.01
C VAL Z 75 -77.63 53.90 -7.41
N PHE Z 76 -77.42 53.10 -8.45
CA PHE Z 76 -77.60 53.63 -9.81
C PHE Z 76 -79.03 54.08 -10.03
N LEU Z 77 -80.00 53.28 -9.59
CA LEU Z 77 -81.40 53.65 -9.80
C LEU Z 77 -81.77 54.88 -8.98
N THR Z 78 -81.24 55.00 -7.77
CA THR Z 78 -81.64 56.04 -6.83
C THR Z 78 -80.49 57.00 -6.52
N SER Z 79 -79.72 57.39 -7.54
CA SER Z 79 -78.71 58.41 -7.36
C SER Z 79 -78.50 59.15 -8.67
N THR Z 80 -77.67 60.19 -8.60
CA THR Z 80 -77.36 61.03 -9.75
C THR Z 80 -75.86 61.19 -9.86
N LEU Z 81 -75.40 61.42 -11.08
CA LEU Z 81 -73.98 61.60 -11.37
C LEU Z 81 -73.85 62.86 -12.20
N CYS Z 82 -72.74 63.56 -12.03
CA CYS Z 82 -72.56 64.87 -12.65
C CYS Z 82 -71.11 65.02 -13.07
N LEU Z 83 -70.88 65.16 -14.37
CA LEU Z 83 -69.55 65.39 -14.92
C LEU Z 83 -69.37 66.89 -15.14
N TYR Z 84 -68.32 67.45 -14.56
CA TYR Z 84 -67.93 68.84 -14.77
C TYR Z 84 -66.71 68.84 -15.67
N TYR Z 85 -66.87 69.30 -16.90
CA TYR Z 85 -65.82 69.20 -17.91
C TYR Z 85 -65.48 70.58 -18.44
N PRO Z 86 -64.28 70.78 -18.98
CA PRO Z 86 -63.94 72.09 -19.53
C PRO Z 86 -64.55 72.27 -20.91
N THR Z 87 -64.93 73.52 -21.20
CA THR Z 87 -65.66 73.80 -22.44
C THR Z 87 -64.85 73.43 -23.67
N GLU Z 88 -63.53 73.41 -23.57
CA GLU Z 88 -62.73 72.98 -24.70
C GLU Z 88 -62.98 71.51 -25.03
N ALA Z 89 -63.53 70.73 -24.10
CA ALA Z 89 -63.97 69.38 -24.45
C ALA Z 89 -65.05 69.42 -25.51
N SER Z 90 -66.09 70.23 -25.30
CA SER Z 90 -67.12 70.39 -26.32
C SER Z 90 -66.53 70.97 -27.59
N THR Z 91 -65.60 71.92 -27.45
CA THR Z 91 -65.00 72.54 -28.62
C THR Z 91 -64.32 71.50 -29.50
N GLN Z 92 -63.55 70.59 -28.90
CA GLN Z 92 -62.91 69.54 -29.68
C GLN Z 92 -63.93 68.56 -30.21
N ILE Z 93 -64.93 68.22 -29.42
CA ILE Z 93 -65.87 67.18 -29.83
C ILE Z 93 -66.67 67.62 -31.05
N SER Z 94 -66.98 68.91 -31.14
CA SER Z 94 -67.65 69.47 -32.32
C SER Z 94 -68.99 68.78 -32.57
N ASP Z 95 -69.80 68.74 -31.52
CA ASP Z 95 -71.06 68.01 -31.51
C ASP Z 95 -72.02 68.75 -30.59
N GLY Z 96 -72.97 68.05 -29.99
CA GLY Z 96 -74.09 68.70 -29.33
C GLY Z 96 -75.32 67.81 -29.28
N GLU Z 97 -75.25 66.69 -29.97
CA GLU Z 97 -76.00 65.51 -29.58
C GLU Z 97 -75.22 64.66 -28.58
N TRP Z 98 -73.99 65.04 -28.28
CA TRP Z 98 -73.11 64.16 -27.51
C TRP Z 98 -73.60 63.99 -26.08
N LYS Z 99 -74.28 65.00 -25.52
CA LYS Z 99 -74.83 64.83 -24.18
C LYS Z 99 -75.87 63.71 -24.16
N ASP Z 100 -76.80 63.73 -25.11
CA ASP Z 100 -77.80 62.66 -25.19
C ASP Z 100 -77.13 61.33 -25.51
N SER Z 101 -76.13 61.34 -26.38
CA SER Z 101 -75.42 60.10 -26.69
C SER Z 101 -74.79 59.49 -25.44
N LEU Z 102 -74.03 60.29 -24.70
CA LEU Z 102 -73.41 59.77 -23.49
C LEU Z 102 -74.44 59.38 -22.45
N SER Z 103 -75.60 60.05 -22.43
CA SER Z 103 -76.65 59.59 -21.54
C SER Z 103 -77.11 58.19 -21.93
N GLN Z 104 -77.20 57.93 -23.24
CA GLN Z 104 -77.54 56.57 -23.69
C GLN Z 104 -76.47 55.57 -23.25
N MET Z 105 -75.20 55.93 -23.37
CA MET Z 105 -74.14 55.02 -22.96
C MET Z 105 -74.23 54.74 -21.46
N PHE Z 106 -74.46 55.79 -20.67
CA PHE Z 106 -74.60 55.60 -19.23
C PHE Z 106 -75.80 54.74 -18.91
N LEU Z 107 -76.88 54.86 -19.68
CA LEU Z 107 -78.04 54.01 -19.46
C LEU Z 107 -77.70 52.55 -19.75
N ILE Z 108 -76.90 52.30 -20.78
CA ILE Z 108 -76.44 50.94 -21.02
C ILE Z 108 -75.64 50.44 -19.84
N LYS Z 109 -74.81 51.31 -19.25
CA LYS Z 109 -74.08 50.90 -18.05
C LYS Z 109 -75.02 50.65 -16.88
N GLY Z 110 -76.15 51.35 -16.82
CA GLY Z 110 -77.16 51.09 -15.81
C GLY Z 110 -77.70 52.31 -15.09
N TRP Z 111 -77.39 53.52 -15.57
CA TRP Z 111 -77.85 54.75 -14.94
C TRP Z 111 -79.11 55.24 -15.65
N PRO Z 112 -80.26 55.40 -14.99
CA PRO Z 112 -81.47 55.81 -15.72
C PRO Z 112 -81.30 57.17 -16.37
N THR Z 113 -82.29 57.54 -17.17
CA THR Z 113 -82.14 58.70 -18.05
C THR Z 113 -81.95 59.99 -17.28
N GLY Z 114 -82.76 60.21 -16.25
CA GLY Z 114 -82.72 61.48 -15.54
C GLY Z 114 -81.77 61.49 -14.37
N SER Z 115 -80.62 60.83 -14.51
CA SER Z 115 -79.65 60.71 -13.43
C SER Z 115 -78.30 61.31 -13.76
N VAL Z 116 -77.85 61.23 -15.00
CA VAL Z 116 -76.53 61.71 -15.40
C VAL Z 116 -76.68 63.11 -15.96
N TYR Z 117 -75.85 64.02 -15.47
CA TYR Z 117 -75.90 65.43 -15.84
C TYR Z 117 -74.52 65.91 -16.23
N PHE Z 118 -74.51 66.88 -17.15
CA PHE Z 118 -73.28 67.39 -17.74
C PHE Z 118 -73.23 68.89 -17.53
N LYS Z 119 -72.14 69.38 -16.95
CA LYS Z 119 -71.95 70.79 -16.71
C LYS Z 119 -70.56 71.18 -17.18
N GLU Z 120 -70.43 72.40 -17.67
CA GLU Z 120 -69.18 72.88 -18.23
C GLU Z 120 -68.67 74.06 -17.42
N TYR Z 121 -67.51 74.56 -17.81
CA TYR Z 121 -66.91 75.72 -17.19
C TYR Z 121 -65.80 76.24 -18.08
N SER Z 122 -65.48 77.52 -17.94
CA SER Z 122 -64.52 78.14 -18.84
C SER Z 122 -63.15 77.49 -18.70
N ASN Z 123 -62.66 77.36 -17.48
CA ASN Z 123 -61.33 76.82 -17.20
C ASN Z 123 -61.21 76.67 -15.69
N ILE Z 124 -60.06 76.21 -15.23
CA ILE Z 124 -59.91 75.88 -13.82
C ILE Z 124 -60.03 77.13 -12.96
N VAL Z 125 -59.38 78.22 -13.39
CA VAL Z 125 -59.37 79.42 -12.58
C VAL Z 125 -60.77 80.02 -12.50
N ASP Z 126 -61.52 80.00 -13.60
CA ASP Z 126 -62.88 80.54 -13.56
C ASP Z 126 -63.81 79.64 -12.77
N PHE Z 127 -63.61 78.32 -12.84
CA PHE Z 127 -64.45 77.40 -12.10
C PHE Z 127 -64.17 77.44 -10.60
N SER Z 128 -62.96 77.83 -10.21
CA SER Z 128 -62.61 77.82 -8.79
C SER Z 128 -63.52 78.73 -7.97
N VAL Z 129 -63.95 79.85 -8.55
CA VAL Z 129 -64.73 80.80 -7.77
C VAL Z 129 -66.10 80.21 -7.47
N ASP Z 130 -66.33 79.91 -6.19
CA ASP Z 130 -67.61 79.40 -5.72
C ASP Z 130 -68.04 78.15 -6.49
N PRO Z 131 -67.29 77.07 -6.40
CA PRO Z 131 -67.67 75.85 -7.14
C PRO Z 131 -68.77 75.12 -6.39
N GLN Z 132 -69.98 75.20 -6.94
CA GLN Z 132 -71.15 74.55 -6.34
C GLN Z 132 -71.36 73.21 -7.03
N LEU Z 133 -71.54 72.16 -6.22
CA LEU Z 133 -71.73 70.81 -6.71
C LEU Z 133 -73.13 70.37 -6.31
N TYR Z 134 -74.10 70.73 -7.15
CA TYR Z 134 -75.51 70.51 -6.89
C TYR Z 134 -75.91 69.08 -7.28
N CYS Z 135 -75.27 68.09 -6.68
CA CYS Z 135 -75.40 66.75 -7.24
C CYS Z 135 -75.06 65.71 -6.19
N ASP Z 136 -75.04 64.45 -6.63
CA ASP Z 136 -75.02 63.29 -5.75
C ASP Z 136 -73.79 62.41 -5.95
N TYR Z 137 -73.21 62.43 -7.14
CA TYR Z 137 -71.86 61.91 -7.39
C TYR Z 137 -71.21 62.93 -8.31
N ASN Z 138 -70.13 63.55 -7.87
CA ASN Z 138 -69.49 64.63 -8.61
C ASN Z 138 -68.17 64.14 -9.18
N LEU Z 139 -67.95 64.40 -10.47
CA LEU Z 139 -66.73 63.99 -11.14
C LEU Z 139 -66.21 65.19 -11.92
N VAL Z 140 -65.12 65.77 -11.45
CA VAL Z 140 -64.56 66.99 -12.03
C VAL Z 140 -63.40 66.58 -12.94
N LEU Z 141 -63.64 66.62 -14.25
CA LEU Z 141 -62.53 66.57 -15.19
C LEU Z 141 -61.69 67.82 -15.01
N MET Z 142 -60.38 67.66 -15.17
CA MET Z 142 -59.45 68.76 -14.88
C MET Z 142 -58.27 68.64 -15.83
N LYS Z 143 -58.19 69.52 -16.81
CA LYS Z 143 -57.10 69.48 -17.76
C LYS Z 143 -55.84 70.05 -17.12
N TYR Z 144 -54.74 69.30 -17.19
CA TYR Z 144 -53.49 69.76 -16.63
C TYR Z 144 -52.86 70.81 -17.52
N ASP Z 145 -52.42 71.90 -16.92
CA ASP Z 145 -51.71 72.96 -17.64
C ASP Z 145 -50.51 73.38 -16.82
N GLN Z 146 -49.38 73.62 -17.49
CA GLN Z 146 -48.24 74.20 -16.82
C GLN Z 146 -48.61 75.58 -16.31
N SER Z 147 -48.09 75.94 -15.15
CA SER Z 147 -48.32 77.21 -14.46
C SER Z 147 -49.69 77.25 -13.79
N LEU Z 148 -50.53 76.23 -13.95
CA LEU Z 148 -51.79 76.11 -13.22
C LEU Z 148 -51.70 75.02 -12.15
N GLU Z 149 -50.48 74.64 -11.77
CA GLU Z 149 -50.32 73.56 -10.80
C GLU Z 149 -50.90 73.94 -9.45
N LEU Z 150 -50.54 75.13 -8.95
CA LEU Z 150 -51.04 75.51 -7.64
C LEU Z 150 -52.53 75.75 -7.66
N ASP Z 151 -53.07 76.30 -8.76
CA ASP Z 151 -54.50 76.54 -8.80
C ASP Z 151 -55.28 75.23 -8.89
N MET Z 152 -54.74 74.25 -9.63
CA MET Z 152 -55.35 72.93 -9.62
C MET Z 152 -55.32 72.32 -8.22
N SER Z 153 -54.18 72.47 -7.53
CA SER Z 153 -54.09 71.96 -6.17
C SER Z 153 -55.09 72.63 -5.24
N GLU Z 154 -55.26 73.95 -5.39
CA GLU Z 154 -56.16 74.66 -4.51
C GLU Z 154 -57.61 74.30 -4.80
N LEU Z 155 -57.98 74.14 -6.07
CA LEU Z 155 -59.32 73.68 -6.37
C LEU Z 155 -59.56 72.28 -5.81
N ALA Z 156 -58.56 71.41 -5.93
CA ALA Z 156 -58.67 70.07 -5.37
C ALA Z 156 -58.86 70.12 -3.86
N ASP Z 157 -58.11 70.98 -3.17
CA ASP Z 157 -58.29 71.13 -1.73
C ASP Z 157 -59.70 71.62 -1.43
N LEU Z 158 -60.20 72.57 -2.21
CA LEU Z 158 -61.48 73.17 -1.90
C LEU Z 158 -62.62 72.17 -2.05
N ILE Z 159 -62.60 71.36 -3.10
CA ILE Z 159 -63.74 70.48 -3.36
C ILE Z 159 -63.56 69.12 -2.68
N LEU Z 160 -62.37 68.52 -2.73
CA LEU Z 160 -62.24 67.16 -2.23
C LEU Z 160 -62.39 67.05 -0.71
N ASN Z 161 -62.25 68.14 0.03
CA ASN Z 161 -62.36 68.15 1.48
C ASN Z 161 -63.48 69.07 1.90
N GLU Z 162 -64.18 68.69 2.96
CA GLU Z 162 -65.34 69.45 3.43
C GLU Z 162 -64.89 70.48 4.45
N TRP Z 163 -65.19 71.74 4.18
CA TRP Z 163 -64.78 72.85 5.02
C TRP Z 163 -65.96 73.40 5.80
N LEU Z 164 -65.65 73.90 6.99
CA LEU Z 164 -66.59 74.66 7.81
C LEU Z 164 -66.10 76.09 7.84
N CYS Z 165 -66.77 76.97 7.10
CA CYS Z 165 -66.28 78.30 6.80
C CYS Z 165 -67.15 79.33 7.51
N ASN Z 166 -66.53 80.17 8.33
CA ASN Z 166 -67.17 81.32 8.94
C ASN Z 166 -66.79 82.58 8.19
N PRO Z 167 -67.60 83.62 8.26
CA PRO Z 167 -67.27 84.84 7.53
C PRO Z 167 -66.22 85.66 8.26
N MET Z 168 -65.53 86.50 7.49
CA MET Z 168 -64.47 87.35 7.99
C MET Z 168 -64.77 88.78 7.62
N ASP Z 169 -64.77 89.67 8.62
CA ASP Z 169 -64.94 91.11 8.42
C ASP Z 169 -63.55 91.73 8.51
N ILE Z 170 -62.94 91.97 7.36
CA ILE Z 170 -61.54 92.33 7.30
C ILE Z 170 -61.28 93.65 8.03
N THR Z 171 -62.14 94.64 7.82
CA THR Z 171 -61.87 95.96 8.36
C THR Z 171 -62.02 96.01 9.87
N LEU Z 172 -62.85 95.15 10.45
CA LEU Z 172 -63.14 95.27 11.87
C LEU Z 172 -62.08 94.57 12.73
N TYR Z 173 -61.94 93.27 12.59
CA TYR Z 173 -61.18 92.46 13.54
C TYR Z 173 -59.86 92.00 12.94
N TYR Z 174 -58.91 91.74 13.84
CA TYR Z 174 -57.68 91.05 13.49
C TYR Z 174 -57.89 89.55 13.66
N TYR Z 175 -57.44 88.78 12.68
CA TYR Z 175 -57.73 87.35 12.63
C TYR Z 175 -56.46 86.55 12.92
N GLN Z 176 -56.67 85.27 13.22
CA GLN Z 176 -55.61 84.43 13.78
C GLN Z 176 -56.01 82.97 13.56
N GLN Z 177 -55.25 82.26 12.75
CA GLN Z 177 -55.54 80.85 12.51
C GLN Z 177 -55.29 80.05 13.77
N SER Z 178 -56.28 79.24 14.17
CA SER Z 178 -56.22 78.60 15.46
C SER Z 178 -55.27 77.41 15.46
N GLY Z 179 -55.22 76.66 14.38
CA GLY Z 179 -54.44 75.44 14.35
C GLY Z 179 -54.11 75.00 12.96
N GLU Z 180 -53.69 73.74 12.85
CA GLU Z 180 -53.26 73.21 11.57
C GLU Z 180 -54.39 73.19 10.55
N SER Z 181 -55.58 72.79 10.98
CA SER Z 181 -56.68 72.58 10.05
C SER Z 181 -57.41 73.86 9.68
N ASN Z 182 -56.90 75.02 10.08
CA ASN Z 182 -57.54 76.30 9.80
C ASN Z 182 -56.80 77.01 8.69
N LYS Z 183 -57.53 77.40 7.65
CA LYS Z 183 -57.00 78.15 6.52
C LYS Z 183 -57.88 79.37 6.33
N TRP Z 184 -57.41 80.33 5.54
CA TRP Z 184 -58.25 81.43 5.06
C TRP Z 184 -58.43 81.23 3.57
N ILE Z 185 -59.67 81.12 3.13
CA ILE Z 185 -59.99 80.86 1.73
C ILE Z 185 -60.54 82.15 1.16
N SER Z 186 -59.81 82.74 0.22
CA SER Z 186 -60.24 83.93 -0.48
C SER Z 186 -60.67 83.55 -1.89
N MET Z 187 -61.73 84.17 -2.36
CA MET Z 187 -62.45 83.66 -3.51
C MET Z 187 -63.26 84.77 -4.14
N GLY Z 188 -63.14 84.89 -5.46
CA GLY Z 188 -63.86 85.91 -6.22
C GLY Z 188 -63.15 86.16 -7.53
N SER Z 189 -63.49 87.28 -8.15
CA SER Z 189 -62.97 87.54 -9.50
C SER Z 189 -61.46 87.79 -9.48
N SER Z 190 -60.97 88.53 -8.49
CA SER Z 190 -59.52 88.75 -8.38
C SER Z 190 -59.20 89.19 -6.96
N CYS Z 191 -58.51 88.33 -6.22
CA CYS Z 191 -58.12 88.62 -4.85
C CYS Z 191 -56.68 89.08 -4.78
N THR Z 192 -56.41 90.00 -3.86
CA THR Z 192 -55.06 90.42 -3.51
C THR Z 192 -54.98 90.39 -2.00
N VAL Z 193 -54.69 89.21 -1.44
CA VAL Z 193 -54.53 89.09 0.00
C VAL Z 193 -53.24 89.78 0.41
N LYS Z 194 -53.30 90.64 1.41
CA LYS Z 194 -52.11 91.28 1.94
C LYS Z 194 -52.19 91.23 3.46
N VAL Z 195 -51.37 90.37 4.07
CA VAL Z 195 -51.40 90.13 5.51
C VAL Z 195 -50.21 90.84 6.14
N CYS Z 196 -50.47 91.48 7.28
CA CYS Z 196 -49.44 92.12 8.10
C CYS Z 196 -49.49 91.45 9.47
N PRO Z 197 -48.55 90.58 9.83
CA PRO Z 197 -48.61 89.96 11.15
C PRO Z 197 -48.39 90.98 12.25
N LEU Z 198 -48.99 90.71 13.41
CA LEU Z 198 -48.95 91.60 14.55
C LEU Z 198 -48.34 90.88 15.75
N ASN Z 199 -47.42 91.55 16.43
CA ASN Z 199 -46.83 91.00 17.64
C ASN Z 199 -47.86 91.04 18.77
N THR Z 200 -47.43 90.66 19.97
CA THR Z 200 -48.34 90.65 21.11
C THR Z 200 -48.85 92.04 21.45
N GLN Z 201 -48.15 93.08 21.01
CA GLN Z 201 -48.55 94.47 21.25
C GLN Z 201 -49.62 94.95 20.27
N THR Z 202 -50.12 94.08 19.39
CA THR Z 202 -50.98 94.50 18.28
C THR Z 202 -50.30 95.57 17.44
N LEU Z 203 -49.01 95.41 17.24
CA LEU Z 203 -48.19 96.29 16.43
C LEU Z 203 -47.48 95.45 15.38
N GLY Z 204 -47.55 95.88 14.12
CA GLY Z 204 -47.10 95.04 13.04
C GLY Z 204 -45.61 94.75 13.11
N ILE Z 205 -45.22 93.57 12.61
CA ILE Z 205 -43.83 93.17 12.52
C ILE Z 205 -43.51 92.93 11.05
N GLY Z 206 -42.44 93.54 10.58
CA GLY Z 206 -42.16 93.55 9.15
C GLY Z 206 -43.15 94.34 8.34
N CYS Z 207 -43.95 95.18 8.99
CA CYS Z 207 -45.05 95.89 8.36
C CYS Z 207 -45.63 96.85 9.38
N GLN Z 208 -46.24 97.92 8.89
CA GLN Z 208 -46.85 98.94 9.72
C GLN Z 208 -48.35 98.91 9.51
N THR Z 209 -49.10 98.80 10.61
CA THR Z 209 -50.53 98.51 10.53
C THR Z 209 -51.30 99.58 9.76
N THR Z 210 -50.76 100.79 9.63
CA THR Z 210 -51.47 101.88 8.95
C THR Z 210 -51.17 101.94 7.46
N ASN Z 211 -49.92 101.73 7.07
CA ASN Z 211 -49.52 101.81 5.66
C ASN Z 211 -49.65 100.44 5.02
N VAL Z 212 -50.56 100.33 4.05
CA VAL Z 212 -50.85 99.04 3.45
C VAL Z 212 -49.67 98.55 2.62
N ASP Z 213 -48.97 99.46 1.94
CA ASP Z 213 -47.92 99.04 1.01
C ASP Z 213 -46.85 98.23 1.70
N SER Z 214 -46.62 98.45 2.99
CA SER Z 214 -45.64 97.67 3.72
C SER Z 214 -46.10 96.24 3.99
N PHE Z 215 -47.38 95.95 3.79
CA PHE Z 215 -47.90 94.61 4.08
C PHE Z 215 -47.19 93.57 3.24
N GLU Z 216 -47.28 92.32 3.68
CA GLU Z 216 -46.64 91.20 3.03
C GLU Z 216 -47.66 90.51 2.15
N THR Z 217 -47.67 90.85 0.86
CA THR Z 217 -48.60 90.23 -0.07
C THR Z 217 -48.33 88.74 -0.16
N VAL Z 218 -49.40 87.95 -0.10
CA VAL Z 218 -49.30 86.50 -0.14
C VAL Z 218 -49.97 85.87 -1.34
N ALA Z 219 -50.84 86.60 -2.05
CA ALA Z 219 -51.41 86.12 -3.31
C ALA Z 219 -52.13 87.27 -4.01
N GLU Z 220 -51.90 87.44 -5.32
CA GLU Z 220 -52.50 88.54 -6.07
C GLU Z 220 -53.18 88.03 -7.33
N ASN Z 221 -54.32 88.65 -7.64
CA ASN Z 221 -55.10 88.36 -8.84
C ASN Z 221 -55.47 86.89 -8.95
N GLU Z 222 -55.63 86.22 -7.82
CA GLU Z 222 -56.06 84.83 -7.82
C GLU Z 222 -57.58 84.76 -7.76
N LYS Z 223 -58.16 83.90 -8.60
CA LYS Z 223 -59.57 83.59 -8.44
C LYS Z 223 -59.81 82.88 -7.12
N LEU Z 224 -58.92 81.97 -6.75
CA LEU Z 224 -59.02 81.21 -5.51
C LEU Z 224 -57.66 81.19 -4.84
N ALA Z 225 -57.65 81.33 -3.52
CA ALA Z 225 -56.40 81.30 -2.76
C ALA Z 225 -56.67 80.72 -1.38
N ILE Z 226 -56.03 79.60 -1.08
CA ILE Z 226 -56.11 78.98 0.25
C ILE Z 226 -54.82 79.40 0.97
N VAL Z 227 -54.87 80.51 1.70
CA VAL Z 227 -53.67 81.01 2.36
C VAL Z 227 -53.60 80.42 3.76
N ASP Z 228 -52.45 79.84 4.06
CA ASP Z 228 -52.08 79.39 5.39
C ASP Z 228 -50.99 80.32 5.88
N VAL Z 229 -51.22 80.95 7.03
CA VAL Z 229 -50.23 81.80 7.66
C VAL Z 229 -49.74 81.08 8.90
N VAL Z 230 -48.73 81.65 9.55
CA VAL Z 230 -48.23 81.09 10.79
C VAL Z 230 -49.35 81.11 11.82
N ASP Z 231 -49.51 80.01 12.54
CA ASP Z 231 -50.62 79.84 13.47
C ASP Z 231 -50.19 80.34 14.84
N GLY Z 232 -50.99 81.25 15.40
CA GLY Z 232 -50.74 81.77 16.73
C GLY Z 232 -50.43 83.26 16.76
N ILE Z 233 -50.48 83.91 15.61
CA ILE Z 233 -50.14 85.32 15.49
C ILE Z 233 -51.30 86.05 14.82
N ASN Z 234 -51.74 87.12 15.45
CA ASN Z 234 -52.80 87.94 14.86
C ASN Z 234 -52.31 88.57 13.57
N HIS Z 235 -53.25 88.88 12.69
CA HIS Z 235 -52.92 89.43 11.38
C HIS Z 235 -53.89 90.55 11.06
N LYS Z 236 -53.39 91.59 10.41
CA LYS Z 236 -54.23 92.60 9.80
C LYS Z 236 -54.26 92.31 8.30
N ILE Z 237 -55.46 92.17 7.76
CA ILE Z 237 -55.65 91.72 6.40
C ILE Z 237 -56.12 92.91 5.57
N ASN Z 238 -55.65 92.97 4.32
CA ASN Z 238 -56.23 93.85 3.31
C ASN Z 238 -56.64 92.98 2.14
N LEU Z 239 -57.93 93.06 1.78
CA LEU Z 239 -58.45 92.35 0.62
C LEU Z 239 -59.66 93.12 0.08
N THR Z 240 -59.40 94.09 -0.80
CA THR Z 240 -60.19 94.40 -1.98
C THR Z 240 -61.66 94.03 -1.82
N THR Z 241 -62.35 94.62 -0.84
CA THR Z 241 -63.63 94.08 -0.38
C THR Z 241 -64.64 93.92 -1.51
N THR Z 242 -64.60 94.78 -2.51
CA THR Z 242 -65.57 94.70 -3.59
C THR Z 242 -65.31 93.50 -4.50
N THR Z 243 -64.05 93.28 -4.88
CA THR Z 243 -63.73 92.36 -5.96
C THR Z 243 -63.79 90.90 -5.53
N CYS Z 244 -63.56 90.60 -4.24
CA CYS Z 244 -63.64 89.21 -3.80
C CYS Z 244 -63.84 89.15 -2.30
N THR Z 245 -64.22 87.97 -1.83
CA THR Z 245 -64.53 87.71 -0.43
C THR Z 245 -63.51 86.75 0.17
N ILE Z 246 -63.65 86.53 1.48
CA ILE Z 246 -62.71 85.69 2.22
C ILE Z 246 -63.45 85.06 3.39
N ARG Z 247 -63.01 83.87 3.78
CA ARG Z 247 -63.64 83.14 4.86
C ARG Z 247 -62.60 82.41 5.69
N ASN Z 248 -62.91 82.22 6.97
CA ASN Z 248 -62.08 81.48 7.91
C ASN Z 248 -62.59 80.05 7.96
N CYS Z 249 -61.84 79.11 7.40
CA CYS Z 249 -62.34 77.77 7.12
C CYS Z 249 -61.54 76.73 7.88
N LYS Z 250 -62.22 75.97 8.73
CA LYS Z 250 -61.66 74.76 9.28
C LYS Z 250 -61.86 73.61 8.31
N LYS Z 251 -60.88 72.71 8.26
CA LYS Z 251 -60.91 71.57 7.37
C LYS Z 251 -61.38 70.35 8.13
N LEU Z 252 -62.61 69.94 7.89
CA LEU Z 252 -63.14 68.71 8.49
C LEU Z 252 -62.61 67.53 7.71
N GLY Z 253 -63.20 66.35 7.89
CA GLY Z 253 -62.80 65.18 7.15
C GLY Z 253 -62.94 65.36 5.65
N PRO Z 254 -62.67 64.31 4.89
CA PRO Z 254 -62.69 64.44 3.44
C PRO Z 254 -64.12 64.44 2.91
N ARG Z 255 -64.30 65.09 1.77
CA ARG Z 255 -65.59 65.14 1.10
C ARG Z 255 -65.67 63.94 0.19
N GLU Z 256 -66.55 63.00 0.52
CA GLU Z 256 -66.61 61.73 -0.18
C GLU Z 256 -67.33 61.85 -1.51
N ASN Z 257 -68.07 62.93 -1.73
CA ASN Z 257 -69.02 62.99 -2.81
C ASN Z 257 -68.40 63.32 -4.15
N VAL Z 258 -67.16 63.81 -4.17
CA VAL Z 258 -66.55 64.39 -5.36
C VAL Z 258 -65.20 63.76 -5.61
N ALA Z 259 -64.94 63.42 -6.87
CA ALA Z 259 -63.66 62.89 -7.31
C ALA Z 259 -63.15 63.73 -8.47
N VAL Z 260 -61.84 63.81 -8.60
CA VAL Z 260 -61.17 64.68 -9.56
C VAL Z 260 -60.39 63.80 -10.51
N ILE Z 261 -60.67 63.90 -11.79
CA ILE Z 261 -59.92 63.19 -12.83
C ILE Z 261 -59.02 64.23 -13.49
N GLN Z 262 -57.75 64.24 -13.11
CA GLN Z 262 -56.75 64.97 -13.86
C GLN Z 262 -56.53 64.30 -15.20
N VAL Z 263 -56.44 65.10 -16.25
CA VAL Z 263 -56.47 64.61 -17.62
C VAL Z 263 -55.09 64.57 -18.26
N GLY Z 264 -54.11 65.29 -17.75
CA GLY Z 264 -52.81 65.38 -18.40
C GLY Z 264 -51.62 64.89 -17.61
N GLY Z 265 -50.67 65.79 -17.36
CA GLY Z 265 -49.36 65.43 -16.86
C GLY Z 265 -49.32 64.78 -15.49
N ALA Z 266 -48.11 64.62 -14.95
CA ALA Z 266 -47.89 63.83 -13.76
C ALA Z 266 -48.65 64.41 -12.57
N ASN Z 267 -48.75 63.61 -11.52
CA ASN Z 267 -49.48 64.01 -10.32
C ASN Z 267 -48.82 65.21 -9.64
N ILE Z 268 -49.47 66.37 -9.74
CA ILE Z 268 -49.03 67.57 -9.03
C ILE Z 268 -49.93 67.91 -7.85
N LEU Z 269 -51.16 67.42 -7.83
CA LEU Z 269 -52.11 67.82 -6.79
C LEU Z 269 -51.58 67.46 -5.42
N ASP Z 270 -51.42 68.47 -4.57
CA ASP Z 270 -50.96 68.32 -3.19
C ASP Z 270 -52.14 68.64 -2.29
N ILE Z 271 -52.89 67.61 -1.90
CA ILE Z 271 -54.09 67.83 -1.09
C ILE Z 271 -53.74 68.52 0.21
N THR Z 272 -52.76 67.98 0.92
CA THR Z 272 -52.44 68.44 2.26
C THR Z 272 -51.50 69.63 2.16
N ALA Z 273 -51.95 70.78 2.68
CA ALA Z 273 -51.13 71.99 2.65
C ALA Z 273 -49.82 71.81 3.38
N ASP Z 274 -49.73 70.84 4.27
CA ASP Z 274 -48.47 70.49 4.91
C ASP Z 274 -47.46 70.09 3.84
N PRO Z 275 -46.17 70.39 4.01
CA PRO Z 275 -45.18 69.95 3.01
C PRO Z 275 -44.72 68.52 3.22
N THR Z 276 -44.71 68.04 4.47
CA THR Z 276 -44.23 66.69 4.73
C THR Z 276 -45.16 65.66 4.12
N THR Z 277 -46.46 65.87 4.24
CA THR Z 277 -47.48 64.90 3.83
C THR Z 277 -48.00 65.27 2.46
N ASN Z 278 -47.84 64.35 1.50
CA ASN Z 278 -48.35 64.52 0.14
C ASN Z 278 -49.06 63.24 -0.27
N PRO Z 279 -50.24 62.98 0.30
CA PRO Z 279 -50.89 61.68 0.13
C PRO Z 279 -51.52 61.54 -1.24
N GLN Z 280 -51.71 60.28 -1.64
CA GLN Z 280 -52.39 59.93 -2.88
C GLN Z 280 -53.72 59.28 -2.50
N ILE Z 281 -54.75 60.11 -2.33
CA ILE Z 281 -56.06 59.60 -1.97
C ILE Z 281 -56.68 58.92 -3.18
N GLU Z 282 -57.75 58.16 -2.96
CA GLU Z 282 -58.34 57.38 -4.05
C GLU Z 282 -59.05 58.28 -5.04
N ARG Z 283 -59.74 59.30 -4.55
CA ARG Z 283 -60.63 60.10 -5.39
C ARG Z 283 -59.87 61.00 -6.36
N MET Z 284 -58.55 61.11 -6.24
CA MET Z 284 -57.72 61.76 -7.24
C MET Z 284 -57.27 60.72 -8.24
N MET Z 285 -57.75 60.84 -9.48
CA MET Z 285 -57.44 59.91 -10.54
C MET Z 285 -56.70 60.67 -11.64
N ARG Z 286 -55.87 59.96 -12.38
CA ARG Z 286 -55.13 60.53 -13.49
C ARG Z 286 -55.35 59.67 -14.72
N VAL Z 287 -55.50 60.32 -15.87
CA VAL Z 287 -55.49 59.64 -17.15
C VAL Z 287 -54.64 60.45 -18.12
N ASN Z 288 -54.13 59.78 -19.13
CA ASN Z 288 -53.51 60.45 -20.26
C ASN Z 288 -54.55 60.66 -21.35
N TRP Z 289 -54.26 61.56 -22.28
CA TRP Z 289 -55.31 61.98 -23.18
C TRP Z 289 -54.73 62.51 -24.47
N LYS Z 290 -55.45 62.28 -25.56
CA LYS Z 290 -55.28 63.05 -26.78
C LYS Z 290 -56.63 63.52 -27.29
N ARG Z 291 -57.69 62.77 -27.01
CA ARG Z 291 -59.02 63.04 -27.53
C ARG Z 291 -60.05 62.97 -26.41
N TRP Z 292 -60.84 64.03 -26.28
CA TRP Z 292 -61.86 64.06 -25.25
C TRP Z 292 -62.88 62.96 -25.45
N TRP Z 293 -63.07 62.49 -26.68
CA TRP Z 293 -63.93 61.35 -26.88
C TRP Z 293 -63.35 60.12 -26.20
N GLN Z 294 -62.05 59.90 -26.33
CA GLN Z 294 -61.43 58.78 -25.65
C GLN Z 294 -61.56 58.92 -24.14
N VAL Z 295 -61.37 60.14 -23.63
CA VAL Z 295 -61.49 60.36 -22.19
C VAL Z 295 -62.91 60.03 -21.73
N PHE Z 296 -63.91 60.54 -22.43
CA PHE Z 296 -65.29 60.34 -22.00
C PHE Z 296 -65.69 58.88 -22.11
N TYR Z 297 -65.26 58.19 -23.17
CA TYR Z 297 -65.57 56.77 -23.27
C TYR Z 297 -64.91 56.00 -22.14
N THR Z 298 -63.68 56.38 -21.77
CA THR Z 298 -63.04 55.72 -20.64
C THR Z 298 -63.87 55.91 -19.37
N ILE Z 299 -64.32 57.14 -19.13
CA ILE Z 299 -65.09 57.40 -17.91
C ILE Z 299 -66.38 56.59 -17.92
N VAL Z 300 -67.09 56.60 -19.05
CA VAL Z 300 -68.35 55.88 -19.12
C VAL Z 300 -68.12 54.40 -18.90
N ASP Z 301 -67.08 53.84 -19.52
CA ASP Z 301 -66.84 52.41 -19.41
C ASP Z 301 -66.51 52.03 -17.97
N TYR Z 302 -65.65 52.80 -17.31
CA TYR Z 302 -65.23 52.49 -15.96
C TYR Z 302 -66.01 53.27 -14.92
N ILE Z 303 -67.26 53.62 -15.22
CA ILE Z 303 -68.05 54.39 -14.26
C ILE Z 303 -68.28 53.61 -12.98
N ASN Z 304 -68.41 52.28 -13.07
CA ASN Z 304 -68.60 51.49 -11.85
C ASN Z 304 -67.43 51.68 -10.91
N GLN Z 305 -66.22 51.62 -11.43
CA GLN Z 305 -65.04 51.79 -10.59
C GLN Z 305 -65.01 53.18 -9.97
N ILE Z 306 -65.37 54.20 -10.74
CA ILE Z 306 -65.27 55.57 -10.25
C ILE Z 306 -66.26 55.79 -9.10
N VAL Z 307 -67.51 55.40 -9.30
CA VAL Z 307 -68.49 55.59 -8.25
C VAL Z 307 -68.23 54.65 -7.09
N GLN Z 308 -67.44 53.59 -7.30
CA GLN Z 308 -67.00 52.79 -6.17
C GLN Z 308 -65.93 53.53 -5.37
N VAL Z 309 -65.03 54.22 -6.07
CA VAL Z 309 -64.02 55.03 -5.38
C VAL Z 309 -64.70 56.10 -4.55
N MET Z 310 -65.69 56.78 -5.10
CA MET Z 310 -66.43 57.78 -4.36
C MET Z 310 -67.39 57.11 -3.40
N SER Z 311 -68.17 57.91 -2.67
CA SER Z 311 -69.27 57.38 -1.90
C SER Z 311 -70.35 58.44 -1.78
N LYS Z 312 -71.60 57.97 -1.68
CA LYS Z 312 -72.75 58.85 -1.72
C LYS Z 312 -72.73 59.81 -0.54
N ARG Z 313 -73.37 60.96 -0.73
CA ARG Z 313 -73.55 61.93 0.34
C ARG Z 313 -74.61 61.43 1.33
N SER Z 314 -75.00 62.29 2.25
CA SER Z 314 -76.06 61.97 3.20
C SER Z 314 -76.56 63.22 3.91
N GLN AA 51 -17.79 54.84 28.49
CA GLN AA 51 -17.77 55.25 27.10
C GLN AA 51 -16.85 54.36 26.28
N ASN AA 52 -17.44 53.49 25.46
CA ASN AA 52 -16.70 52.47 24.74
C ASN AA 52 -16.71 52.78 23.26
N TYR AA 53 -16.37 54.02 22.93
CA TYR AA 53 -16.37 54.50 21.54
C TYR AA 53 -15.65 53.51 20.63
N GLY AA 54 -16.12 53.45 19.39
CA GLY AA 54 -15.49 52.59 18.41
C GLY AA 54 -15.69 51.12 18.64
N LEU AA 55 -16.80 50.73 19.28
CA LEU AA 55 -17.13 49.33 19.50
C LEU AA 55 -18.61 49.13 19.27
N ASN AA 56 -18.95 48.08 18.53
CA ASN AA 56 -20.35 47.71 18.32
C ASN AA 56 -20.73 46.73 19.42
N ILE AA 57 -21.20 47.29 20.53
CA ILE AA 57 -21.57 46.52 21.72
C ILE AA 57 -23.08 46.34 21.68
N PRO AA 58 -23.61 45.11 21.72
CA PRO AA 58 -25.07 44.96 21.69
C PRO AA 58 -25.70 45.58 22.92
N ILE AA 59 -26.91 46.10 22.75
CA ILE AA 59 -27.64 46.77 23.81
C ILE AA 59 -29.02 46.16 23.93
N THR AA 60 -29.39 45.77 25.15
CA THR AA 60 -30.67 45.15 25.44
C THR AA 60 -31.67 46.23 25.84
N GLY AA 61 -32.93 46.01 25.49
CA GLY AA 61 -33.98 46.94 25.83
C GLY AA 61 -35.30 46.25 26.09
N SER AA 62 -35.99 46.64 27.15
CA SER AA 62 -37.24 46.02 27.50
C SER AA 62 -38.32 46.43 26.49
N MET AA 63 -39.55 45.97 26.74
CA MET AA 63 -40.71 46.42 26.00
C MET AA 63 -41.83 46.93 26.88
N ASP AA 64 -41.76 46.72 28.19
CA ASP AA 64 -42.76 47.25 29.11
C ASP AA 64 -42.38 48.63 29.65
N THR AA 65 -41.19 49.14 29.33
CA THR AA 65 -40.79 50.46 29.81
C THR AA 65 -41.75 51.52 29.27
N VAL AA 66 -42.20 52.40 30.16
CA VAL AA 66 -43.07 53.50 29.76
C VAL AA 66 -42.20 54.55 29.09
N TYR AA 67 -42.41 54.76 27.80
CA TYR AA 67 -41.57 55.68 27.06
C TYR AA 67 -41.70 57.11 27.58
N SER AA 68 -40.60 57.84 27.50
CA SER AA 68 -40.40 59.08 28.21
C SER AA 68 -41.15 60.22 27.51
N ASN AA 69 -40.91 61.45 27.95
CA ASN AA 69 -41.71 62.59 27.55
C ASN AA 69 -41.15 63.20 26.25
N SER AA 70 -41.76 64.31 25.84
CA SER AA 70 -41.39 64.95 24.59
C SER AA 70 -40.00 65.54 24.67
N THR AA 71 -39.43 65.80 23.50
CA THR AA 71 -38.11 66.38 23.36
C THR AA 71 -38.11 67.60 22.46
N ARG AA 72 -39.26 68.00 21.91
CA ARG AA 72 -39.32 69.13 21.00
C ARG AA 72 -38.82 70.40 21.68
N GLU AA 73 -39.16 70.58 22.96
CA GLU AA 73 -38.66 71.75 23.66
C GLU AA 73 -37.14 71.72 23.77
N GLU AA 74 -36.56 70.55 24.02
CA GLU AA 74 -35.10 70.45 24.07
C GLU AA 74 -34.49 70.82 22.73
N VAL AA 75 -34.95 70.19 21.64
CA VAL AA 75 -34.30 70.44 20.36
C VAL AA 75 -34.50 71.87 19.92
N PHE AA 76 -35.65 72.48 20.22
CA PHE AA 76 -35.86 73.87 19.87
C PHE AA 76 -34.99 74.80 20.70
N LEU AA 77 -34.86 74.56 22.00
CA LEU AA 77 -34.07 75.45 22.84
C LEU AA 77 -32.58 75.24 22.69
N THR AA 78 -32.14 74.13 22.07
CA THR AA 78 -30.72 73.83 21.93
C THR AA 78 -30.22 73.95 20.50
N SER AA 79 -30.86 73.28 19.56
CA SER AA 79 -30.34 73.15 18.21
C SER AA 79 -30.45 74.47 17.47
N THR AA 80 -30.18 74.44 16.17
CA THR AA 80 -30.16 75.63 15.32
C THR AA 80 -30.84 75.29 14.00
N LEU AA 81 -31.97 75.92 13.73
CA LEU AA 81 -32.62 75.77 12.43
C LEU AA 81 -31.89 76.61 11.39
N CYS AA 82 -31.97 76.18 10.13
CA CYS AA 82 -31.00 76.72 9.17
C CYS AA 82 -31.57 76.58 7.76
N LEU AA 83 -32.08 77.68 7.22
CA LEU AA 83 -32.80 77.67 5.94
C LEU AA 83 -31.94 78.21 4.83
N TYR AA 84 -31.83 77.45 3.73
CA TYR AA 84 -31.09 77.86 2.54
C TYR AA 84 -32.08 78.12 1.42
N TYR AA 85 -32.15 79.37 0.96
CA TYR AA 85 -33.13 79.75 -0.05
C TYR AA 85 -32.47 80.43 -1.22
N PRO AA 86 -33.05 80.36 -2.42
CA PRO AA 86 -32.46 81.03 -3.57
C PRO AA 86 -32.69 82.54 -3.53
N THR AA 87 -31.81 83.27 -4.21
CA THR AA 87 -31.86 84.73 -4.12
C THR AA 87 -33.13 85.28 -4.74
N GLU AA 88 -33.71 84.59 -5.70
CA GLU AA 88 -34.94 85.07 -6.31
C GLU AA 88 -36.07 85.15 -5.31
N ALA AA 89 -36.00 84.33 -4.25
CA ALA AA 89 -37.00 84.43 -3.19
C ALA AA 89 -37.01 85.83 -2.58
N SER AA 90 -35.85 86.30 -2.14
CA SER AA 90 -35.78 87.65 -1.59
C SER AA 90 -36.10 88.69 -2.65
N THR AA 91 -35.70 88.43 -3.90
CA THR AA 91 -35.99 89.38 -4.97
C THR AA 91 -37.49 89.58 -5.13
N GLN AA 92 -38.27 88.49 -5.06
CA GLN AA 92 -39.72 88.63 -5.15
C GLN AA 92 -40.31 89.16 -3.85
N ILE AA 93 -39.70 88.87 -2.72
CA ILE AA 93 -40.20 89.40 -1.45
C ILE AA 93 -40.14 90.93 -1.46
N SER AA 94 -39.02 91.49 -1.93
CA SER AA 94 -38.88 92.94 -2.06
C SER AA 94 -38.97 93.61 -0.69
N ASP AA 95 -38.11 93.19 0.22
CA ASP AA 95 -38.13 93.59 1.62
C ASP AA 95 -36.70 93.53 2.13
N GLY AA 96 -36.52 93.25 3.42
CA GLY AA 96 -35.20 93.35 4.03
C GLY AA 96 -35.24 93.53 5.53
N GLU AA 97 -36.42 93.71 6.09
CA GLU AA 97 -36.69 93.30 7.45
C GLU AA 97 -37.25 91.89 7.53
N TRP AA 98 -37.40 91.21 6.39
CA TRP AA 98 -38.17 89.96 6.39
C TRP AA 98 -37.44 88.85 7.11
N LYS AA 99 -36.11 88.86 7.11
CA LYS AA 99 -35.40 87.89 7.93
C LYS AA 99 -35.75 88.07 9.41
N ASP AA 100 -35.79 89.32 9.88
CA ASP AA 100 -36.17 89.57 11.27
C ASP AA 100 -37.60 89.13 11.52
N SER AA 101 -38.50 89.42 10.57
CA SER AA 101 -39.89 89.01 10.75
C SER AA 101 -40.01 87.50 10.87
N LEU AA 102 -39.31 86.76 10.01
CA LEU AA 102 -39.35 85.31 10.09
C LEU AA 102 -38.73 84.83 11.40
N SER AA 103 -37.68 85.50 11.87
CA SER AA 103 -37.09 85.12 13.15
C SER AA 103 -38.10 85.28 14.28
N GLN AA 104 -38.85 86.37 14.26
CA GLN AA 104 -39.85 86.57 15.31
C GLN AA 104 -40.97 85.54 15.21
N MET AA 105 -41.36 85.18 14.00
CA MET AA 105 -42.41 84.17 13.85
C MET AA 105 -41.92 82.80 14.31
N PHE AA 106 -40.67 82.47 14.00
CA PHE AA 106 -40.08 81.25 14.56
C PHE AA 106 -40.04 81.31 16.07
N LEU AA 107 -39.75 82.48 16.62
CA LEU AA 107 -39.74 82.63 18.07
C LEU AA 107 -41.12 82.33 18.65
N ILE AA 108 -42.17 82.82 18.00
CA ILE AA 108 -43.52 82.50 18.43
C ILE AA 108 -43.76 81.00 18.33
N LYS AA 109 -43.18 80.36 17.32
CA LYS AA 109 -43.38 78.93 17.14
C LYS AA 109 -42.49 78.07 18.06
N GLY AA 110 -41.53 78.67 18.76
CA GLY AA 110 -40.78 77.97 19.78
C GLY AA 110 -39.29 78.22 19.84
N TRP AA 111 -38.67 78.45 18.70
CA TRP AA 111 -37.21 78.52 18.65
C TRP AA 111 -36.71 79.76 19.39
N PRO AA 112 -35.51 79.76 19.98
CA PRO AA 112 -34.96 81.01 20.50
C PRO AA 112 -34.69 82.00 19.38
N THR AA 113 -34.32 83.22 19.79
CA THR AA 113 -34.13 84.29 18.82
C THR AA 113 -32.94 84.03 17.91
N GLY AA 114 -31.79 83.73 18.49
CA GLY AA 114 -30.57 83.64 17.71
C GLY AA 114 -30.25 82.25 17.20
N SER AA 115 -31.25 81.38 17.15
CA SER AA 115 -31.05 79.98 16.81
C SER AA 115 -31.53 79.61 15.41
N VAL AA 116 -32.23 80.51 14.72
CA VAL AA 116 -32.65 80.27 13.34
C VAL AA 116 -31.79 81.15 12.45
N TYR AA 117 -31.15 80.54 11.46
CA TYR AA 117 -30.18 81.21 10.60
C TYR AA 117 -30.59 81.04 9.16
N PHE AA 118 -30.38 82.08 8.36
CA PHE AA 118 -30.78 82.13 6.97
C PHE AA 118 -29.56 82.24 6.07
N LYS AA 119 -29.55 81.45 5.01
CA LYS AA 119 -28.50 81.45 4.01
C LYS AA 119 -29.12 81.60 2.63
N GLU AA 120 -28.39 82.26 1.77
CA GLU AA 120 -28.80 82.55 0.41
C GLU AA 120 -27.86 81.85 -0.57
N TYR AA 121 -28.36 81.61 -1.77
CA TYR AA 121 -27.49 81.12 -2.84
C TYR AA 121 -28.06 81.59 -4.16
N SER AA 122 -27.15 81.85 -5.12
CA SER AA 122 -27.55 82.42 -6.39
C SER AA 122 -28.54 81.52 -7.11
N ASN AA 123 -28.20 80.25 -7.27
CA ASN AA 123 -29.11 79.27 -7.83
C ASN AA 123 -28.55 77.90 -7.52
N ILE AA 124 -29.32 76.87 -7.87
CA ILE AA 124 -29.00 75.51 -7.43
C ILE AA 124 -27.68 75.05 -8.04
N VAL AA 125 -27.45 75.37 -9.31
CA VAL AA 125 -26.26 74.87 -9.98
C VAL AA 125 -25.00 75.47 -9.38
N ASP AA 126 -25.05 76.74 -8.99
CA ASP AA 126 -23.88 77.35 -8.34
C ASP AA 126 -23.76 76.88 -6.90
N PHE AA 127 -24.89 76.68 -6.22
CA PHE AA 127 -24.86 76.16 -4.86
C PHE AA 127 -24.23 74.79 -4.80
N SER AA 128 -24.36 74.00 -5.87
CA SER AA 128 -23.89 72.63 -5.84
C SER AA 128 -22.38 72.52 -5.67
N VAL AA 129 -21.61 73.59 -5.89
CA VAL AA 129 -20.16 73.48 -5.82
C VAL AA 129 -19.73 73.48 -4.36
N ASP AA 130 -19.33 72.32 -3.85
CA ASP AA 130 -18.96 72.09 -2.47
C ASP AA 130 -20.02 72.67 -1.52
N PRO AA 131 -21.23 72.14 -1.53
CA PRO AA 131 -22.27 72.64 -0.63
C PRO AA 131 -22.05 72.09 0.76
N GLN AA 132 -21.61 72.94 1.67
CA GLN AA 132 -21.32 72.55 3.04
C GLN AA 132 -22.38 73.12 3.96
N LEU AA 133 -22.96 72.26 4.79
CA LEU AA 133 -24.04 72.63 5.69
C LEU AA 133 -23.56 72.43 7.11
N TYR AA 134 -22.83 73.42 7.63
CA TYR AA 134 -22.24 73.36 8.96
C TYR AA 134 -23.23 73.81 10.01
N CYS AA 135 -24.44 73.27 10.01
CA CYS AA 135 -25.53 74.01 10.63
C CYS AA 135 -26.62 73.02 11.01
N ASP AA 136 -27.12 73.15 12.25
CA ASP AA 136 -27.56 71.98 13.01
C ASP AA 136 -28.82 71.31 12.47
N TYR AA 137 -29.70 72.05 11.80
CA TYR AA 137 -30.92 71.47 11.21
C TYR AA 137 -31.16 72.16 9.88
N ASN AA 138 -30.81 71.51 8.78
CA ASN AA 138 -30.71 72.17 7.49
C ASN AA 138 -31.95 71.92 6.65
N LEU AA 139 -32.52 73.00 6.13
CA LEU AA 139 -33.53 72.94 5.08
C LEU AA 139 -32.97 73.61 3.84
N VAL AA 140 -33.31 73.05 2.68
CA VAL AA 140 -32.88 73.60 1.40
C VAL AA 140 -34.12 73.77 0.55
N LEU AA 141 -34.58 75.01 0.42
CA LEU AA 141 -35.61 75.32 -0.56
C LEU AA 141 -35.02 75.27 -1.95
N MET AA 142 -35.66 74.54 -2.85
CA MET AA 142 -35.06 74.19 -4.14
C MET AA 142 -36.11 74.43 -5.23
N LYS AA 143 -36.00 75.55 -5.93
CA LYS AA 143 -36.97 75.86 -6.97
C LYS AA 143 -36.69 75.03 -8.20
N TYR AA 144 -37.73 74.40 -8.72
CA TYR AA 144 -37.61 73.46 -9.83
C TYR AA 144 -37.86 74.16 -11.16
N ASP AA 145 -37.11 73.76 -12.18
CA ASP AA 145 -37.36 74.18 -13.54
C ASP AA 145 -36.96 73.05 -14.48
N GLN AA 146 -37.47 73.11 -15.70
CA GLN AA 146 -37.12 72.10 -16.69
C GLN AA 146 -35.63 72.14 -16.98
N SER AA 147 -35.09 70.97 -17.35
CA SER AA 147 -33.70 70.74 -17.75
C SER AA 147 -32.76 70.72 -16.55
N LEU AA 148 -33.21 71.05 -15.34
CA LEU AA 148 -32.39 70.95 -14.15
C LEU AA 148 -32.73 69.73 -13.31
N GLU AA 149 -33.42 68.75 -13.91
CA GLU AA 149 -33.80 67.56 -13.16
C GLU AA 149 -32.58 66.84 -12.63
N LEU AA 150 -31.60 66.59 -13.51
CA LEU AA 150 -30.44 65.84 -13.06
C LEU AA 150 -29.61 66.64 -12.07
N ASP AA 151 -29.54 67.97 -12.24
CA ASP AA 151 -28.76 68.77 -11.30
C ASP AA 151 -29.43 68.80 -9.93
N MET AA 152 -30.75 68.91 -9.90
CA MET AA 152 -31.46 68.83 -8.63
C MET AA 152 -31.27 67.48 -7.98
N SER AA 153 -31.33 66.40 -8.77
CA SER AA 153 -31.10 65.08 -8.22
C SER AA 153 -29.68 64.93 -7.70
N GLU AA 154 -28.71 65.47 -8.43
CA GLU AA 154 -27.32 65.42 -7.99
C GLU AA 154 -27.17 66.09 -6.64
N LEU AA 155 -27.67 67.31 -6.52
CA LEU AA 155 -27.57 68.04 -5.26
C LEU AA 155 -28.30 67.30 -4.15
N ALA AA 156 -29.50 66.81 -4.44
CA ALA AA 156 -30.28 66.13 -3.42
C ALA AA 156 -29.55 64.92 -2.89
N ASP AA 157 -29.00 64.11 -3.80
CA ASP AA 157 -28.23 62.95 -3.39
C ASP AA 157 -27.05 63.38 -2.52
N LEU AA 158 -26.31 64.39 -2.98
CA LEU AA 158 -25.09 64.80 -2.29
C LEU AA 158 -25.37 65.26 -0.88
N ILE AA 159 -26.43 66.07 -0.69
CA ILE AA 159 -26.68 66.65 0.64
C ILE AA 159 -27.66 65.83 1.46
N LEU AA 160 -28.18 64.72 0.94
CA LEU AA 160 -29.04 63.85 1.73
C LEU AA 160 -28.33 62.60 2.21
N ASN AA 161 -27.28 62.15 1.52
CA ASN AA 161 -26.57 60.94 1.91
C ASN AA 161 -25.15 61.28 2.35
N GLU AA 162 -24.65 60.53 3.31
CA GLU AA 162 -23.31 60.77 3.86
C GLU AA 162 -22.29 60.13 2.94
N TRP AA 163 -21.52 60.96 2.24
CA TRP AA 163 -20.48 60.50 1.35
C TRP AA 163 -19.14 60.60 2.08
N LEU AA 164 -18.46 59.47 2.20
CA LEU AA 164 -17.10 59.44 2.71
C LEU AA 164 -16.16 59.18 1.56
N CYS AA 165 -15.09 59.98 1.44
CA CYS AA 165 -14.36 59.88 0.20
C CYS AA 165 -12.92 60.35 0.24
N ASN AA 166 -12.16 59.74 -0.67
CA ASN AA 166 -10.73 59.85 -0.80
C ASN AA 166 -10.39 60.63 -2.06
N PRO AA 167 -9.19 61.20 -2.14
CA PRO AA 167 -8.85 62.00 -3.31
C PRO AA 167 -8.49 61.10 -4.48
N MET AA 168 -8.35 61.74 -5.64
CA MET AA 168 -7.99 61.05 -6.87
C MET AA 168 -6.89 61.85 -7.55
N ASP AA 169 -5.87 61.14 -8.05
CA ASP AA 169 -4.75 61.76 -8.73
C ASP AA 169 -4.89 61.36 -10.20
N ILE AA 170 -5.64 62.16 -10.94
CA ILE AA 170 -6.05 61.80 -12.29
C ILE AA 170 -4.85 61.56 -13.19
N THR AA 171 -3.83 62.42 -13.06
CA THR AA 171 -2.70 62.35 -13.98
C THR AA 171 -1.89 61.08 -13.82
N LEU AA 172 -2.07 60.33 -12.74
CA LEU AA 172 -1.15 59.27 -12.36
C LEU AA 172 -1.80 57.89 -12.33
N TYR AA 173 -2.91 57.73 -11.65
CA TYR AA 173 -3.50 56.43 -11.40
C TYR AA 173 -4.66 56.15 -12.34
N TYR AA 174 -4.97 54.86 -12.50
CA TYR AA 174 -6.19 54.41 -13.15
C TYR AA 174 -7.16 53.94 -12.07
N TYR AA 175 -8.40 54.39 -12.15
CA TYR AA 175 -9.36 54.23 -11.07
C TYR AA 175 -10.45 53.25 -11.43
N GLN AA 176 -10.74 52.36 -10.49
CA GLN AA 176 -11.70 51.28 -10.65
C GLN AA 176 -12.74 51.42 -9.55
N GLN AA 177 -14.02 51.36 -9.93
CA GLN AA 177 -15.10 51.50 -8.97
C GLN AA 177 -15.34 50.16 -8.28
N SER AA 178 -15.33 50.19 -6.94
CA SER AA 178 -15.33 48.96 -6.16
C SER AA 178 -16.66 48.23 -6.26
N GLY AA 179 -17.76 48.91 -5.89
CA GLY AA 179 -19.05 48.27 -5.84
C GLY AA 179 -20.21 49.20 -6.13
N GLU AA 180 -21.40 48.84 -5.66
CA GLU AA 180 -22.60 49.61 -5.98
C GLU AA 180 -22.53 51.02 -5.43
N SER AA 181 -22.07 51.17 -4.19
CA SER AA 181 -22.18 52.41 -3.46
C SER AA 181 -21.05 53.39 -3.74
N ASN AA 182 -20.24 53.14 -4.76
CA ASN AA 182 -19.07 53.96 -5.06
C ASN AA 182 -19.32 54.75 -6.33
N LYS AA 183 -19.19 56.07 -6.25
CA LYS AA 183 -19.28 56.98 -7.38
C LYS AA 183 -18.05 57.89 -7.35
N TRP AA 184 -17.92 58.76 -8.35
CA TRP AA 184 -16.94 59.83 -8.30
C TRP AA 184 -17.67 61.15 -8.40
N ILE AA 185 -17.48 62.02 -7.42
CA ILE AA 185 -18.10 63.34 -7.43
C ILE AA 185 -17.06 64.36 -7.85
N SER AA 186 -17.38 65.11 -8.89
CA SER AA 186 -16.53 66.17 -9.40
C SER AA 186 -17.22 67.50 -9.16
N MET AA 187 -16.46 68.45 -8.62
CA MET AA 187 -16.94 69.78 -8.30
C MET AA 187 -15.98 70.82 -8.85
N GLY AA 188 -16.54 71.94 -9.29
CA GLY AA 188 -15.72 73.02 -9.80
C GLY AA 188 -16.59 73.96 -10.61
N SER AA 189 -15.95 74.99 -11.17
CA SER AA 189 -16.69 75.93 -11.99
C SER AA 189 -17.05 75.34 -13.35
N SER AA 190 -16.25 74.40 -13.84
CA SER AA 190 -16.56 73.75 -15.13
C SER AA 190 -15.87 72.38 -15.14
N CYS AA 191 -16.65 71.33 -14.98
CA CYS AA 191 -16.15 69.96 -14.99
C CYS AA 191 -16.52 69.32 -16.32
N THR AA 192 -15.51 68.83 -17.04
CA THR AA 192 -15.71 68.07 -18.27
C THR AA 192 -14.92 66.77 -18.14
N VAL AA 193 -15.51 65.79 -17.49
CA VAL AA 193 -14.83 64.52 -17.26
C VAL AA 193 -14.83 63.73 -18.57
N LYS AA 194 -13.70 63.09 -18.86
CA LYS AA 194 -13.55 62.24 -20.04
C LYS AA 194 -12.91 60.94 -19.56
N VAL AA 195 -13.68 59.85 -19.53
CA VAL AA 195 -13.21 58.57 -19.03
C VAL AA 195 -12.96 57.64 -20.21
N CYS AA 196 -11.86 56.92 -20.15
CA CYS AA 196 -11.51 55.91 -21.15
C CYS AA 196 -11.41 54.58 -20.43
N PRO AA 197 -12.33 53.64 -20.62
CA PRO AA 197 -12.18 52.34 -19.97
C PRO AA 197 -11.02 51.57 -20.56
N LEU AA 198 -10.46 50.66 -19.76
CA LEU AA 198 -9.25 49.94 -20.11
C LEU AA 198 -9.48 48.44 -20.08
N ASN AA 199 -8.85 47.73 -21.01
CA ASN AA 199 -8.85 46.29 -21.00
C ASN AA 199 -8.03 45.79 -19.81
N THR AA 200 -7.96 44.47 -19.65
CA THR AA 200 -7.07 43.90 -18.65
C THR AA 200 -5.61 44.06 -19.02
N GLN AA 201 -5.30 44.33 -20.28
CA GLN AA 201 -3.96 44.65 -20.73
C GLN AA 201 -3.66 46.15 -20.65
N THR AA 202 -4.61 46.95 -20.15
CA THR AA 202 -4.44 48.39 -20.05
C THR AA 202 -4.32 49.05 -21.42
N LEU AA 203 -5.13 48.58 -22.36
CA LEU AA 203 -5.35 49.23 -23.64
C LEU AA 203 -6.79 49.69 -23.69
N GLY AA 204 -7.00 50.96 -24.01
CA GLY AA 204 -8.34 51.51 -23.97
C GLY AA 204 -9.24 50.88 -25.00
N ILE AA 205 -10.54 50.88 -24.70
CA ILE AA 205 -11.56 50.34 -25.60
C ILE AA 205 -12.53 51.46 -25.93
N GLY AA 206 -12.82 51.65 -27.22
CA GLY AA 206 -13.56 52.81 -27.63
C GLY AA 206 -12.82 54.10 -27.40
N CYS AA 207 -11.50 54.03 -27.23
CA CYS AA 207 -10.67 55.18 -26.93
C CYS AA 207 -9.22 54.74 -26.98
N GLN AA 208 -8.32 55.72 -27.00
CA GLN AA 208 -6.89 55.49 -26.97
C GLN AA 208 -6.30 56.24 -25.79
N THR AA 209 -5.42 55.58 -25.05
CA THR AA 209 -4.86 56.18 -23.84
C THR AA 209 -4.18 57.51 -24.12
N THR AA 210 -3.60 57.66 -25.31
CA THR AA 210 -2.79 58.82 -25.64
C THR AA 210 -3.53 59.86 -26.49
N ASN AA 211 -4.83 59.70 -26.69
CA ASN AA 211 -5.63 60.62 -27.50
C ASN AA 211 -6.89 60.96 -26.71
N VAL AA 212 -6.88 62.11 -26.05
CA VAL AA 212 -8.01 62.51 -25.22
C VAL AA 212 -9.26 62.73 -26.06
N ASP AA 213 -9.12 62.92 -27.37
CA ASP AA 213 -10.28 63.17 -28.20
C ASP AA 213 -11.21 61.96 -28.24
N SER AA 214 -10.66 60.76 -28.32
CA SER AA 214 -11.48 59.56 -28.46
C SER AA 214 -12.20 59.17 -27.19
N PHE AA 215 -11.84 59.79 -26.06
CA PHE AA 215 -12.46 59.49 -24.77
C PHE AA 215 -13.97 59.70 -24.83
N GLU AA 216 -14.65 59.14 -23.86
CA GLU AA 216 -16.11 59.10 -23.82
C GLU AA 216 -16.59 60.04 -22.72
N THR AA 217 -17.02 61.22 -23.09
CA THR AA 217 -17.45 62.22 -22.12
C THR AA 217 -18.73 61.80 -21.42
N VAL AA 218 -18.79 62.04 -20.11
CA VAL AA 218 -19.99 61.76 -19.32
C VAL AA 218 -20.34 62.95 -18.44
N ALA AA 219 -19.80 64.13 -18.77
CA ALA AA 219 -20.23 65.37 -18.15
C ALA AA 219 -19.63 66.54 -18.91
N GLU AA 220 -20.41 67.60 -19.15
CA GLU AA 220 -19.90 68.81 -19.81
C GLU AA 220 -20.18 70.02 -18.94
N ASN AA 221 -19.11 70.73 -18.57
CA ASN AA 221 -19.15 71.97 -17.81
C ASN AA 221 -20.18 71.97 -16.70
N GLU AA 222 -20.30 70.84 -16.00
CA GLU AA 222 -21.23 70.73 -14.89
C GLU AA 222 -20.54 71.18 -13.61
N LYS AA 223 -21.25 72.00 -12.83
CA LYS AA 223 -20.71 72.43 -11.55
C LYS AA 223 -20.54 71.25 -10.62
N LEU AA 224 -21.48 70.32 -10.65
CA LEU AA 224 -21.41 69.10 -9.86
C LEU AA 224 -21.73 67.93 -10.77
N ALA AA 225 -21.01 66.82 -10.60
CA ALA AA 225 -21.28 65.63 -11.40
C ALA AA 225 -21.00 64.40 -10.56
N ILE AA 226 -22.03 63.61 -10.30
CA ILE AA 226 -21.90 62.32 -9.62
C ILE AA 226 -21.81 61.28 -10.74
N VAL AA 227 -20.60 61.01 -11.20
CA VAL AA 227 -20.41 60.12 -12.34
C VAL AA 227 -20.27 58.69 -11.85
N ASP AA 228 -21.00 57.79 -12.51
CA ASP AA 228 -20.94 56.36 -12.30
C ASP AA 228 -20.31 55.71 -13.52
N VAL AA 229 -19.65 54.57 -13.30
CA VAL AA 229 -19.05 53.79 -14.37
C VAL AA 229 -19.22 52.33 -14.04
N VAL AA 230 -18.89 51.48 -15.01
CA VAL AA 230 -19.08 50.04 -14.85
C VAL AA 230 -18.20 49.54 -13.72
N ASP AA 231 -18.84 49.08 -12.65
CA ASP AA 231 -18.11 48.70 -11.45
C ASP AA 231 -17.32 47.43 -11.73
N GLY AA 232 -16.01 47.58 -11.91
CA GLY AA 232 -15.14 46.44 -12.09
C GLY AA 232 -14.08 46.61 -13.16
N ILE AA 233 -14.05 47.75 -13.84
CA ILE AA 233 -13.15 48.00 -14.96
C ILE AA 233 -12.27 49.18 -14.61
N ASN AA 234 -11.00 49.11 -14.99
CA ASN AA 234 -10.10 50.24 -14.83
C ASN AA 234 -10.46 51.34 -15.82
N HIS AA 235 -10.25 52.58 -15.40
CA HIS AA 235 -10.52 53.74 -16.23
C HIS AA 235 -9.36 54.72 -16.15
N LYS AA 236 -9.16 55.48 -17.22
CA LYS AA 236 -8.25 56.61 -17.23
C LYS AA 236 -9.08 57.87 -17.44
N ILE AA 237 -8.90 58.83 -16.56
CA ILE AA 237 -9.75 60.02 -16.53
C ILE AA 237 -8.93 61.21 -17.02
N ASN AA 238 -9.60 62.15 -17.66
CA ASN AA 238 -9.07 63.48 -17.88
C ASN AA 238 -10.13 64.48 -17.47
N LEU AA 239 -9.77 65.36 -16.54
CA LEU AA 239 -10.66 66.44 -16.13
C LEU AA 239 -9.79 67.60 -15.64
N THR AA 240 -9.40 68.50 -16.56
CA THR AA 240 -9.21 69.92 -16.31
C THR AA 240 -8.76 70.25 -14.89
N THR AA 241 -7.61 69.70 -14.48
CA THR AA 241 -7.28 69.64 -13.06
C THR AA 241 -7.25 71.01 -12.40
N THR AA 242 -6.96 72.07 -13.16
CA THR AA 242 -6.85 73.38 -12.55
C THR AA 242 -8.18 73.88 -12.01
N THR AA 243 -9.28 73.60 -12.73
CA THR AA 243 -10.58 74.18 -12.44
C THR AA 243 -11.47 73.27 -11.60
N CYS AA 244 -11.61 72.01 -12.01
CA CYS AA 244 -12.53 71.08 -11.38
C CYS AA 244 -11.76 69.94 -10.74
N THR AA 245 -12.07 69.65 -9.48
CA THR AA 245 -11.49 68.53 -8.77
C THR AA 245 -12.49 67.38 -8.71
N ILE AA 246 -11.97 66.18 -8.53
CA ILE AA 246 -12.77 64.96 -8.51
C ILE AA 246 -12.34 64.12 -7.33
N ARG AA 247 -13.31 63.53 -6.64
CA ARG AA 247 -13.06 62.73 -5.45
C ARG AA 247 -13.74 61.38 -5.62
N ASN AA 248 -13.03 60.32 -5.28
CA ASN AA 248 -13.57 58.97 -5.30
C ASN AA 248 -14.36 58.77 -4.02
N CYS AA 249 -15.69 58.77 -4.12
CA CYS AA 249 -16.54 58.76 -2.95
C CYS AA 249 -17.41 57.54 -2.90
N LYS AA 250 -17.72 57.10 -1.68
CA LYS AA 250 -18.66 56.03 -1.49
C LYS AA 250 -19.66 56.43 -0.40
N LYS AA 251 -20.86 55.88 -0.55
CA LYS AA 251 -22.05 56.40 0.10
C LYS AA 251 -22.36 55.55 1.33
N LEU AA 252 -22.22 56.14 2.50
CA LEU AA 252 -22.61 55.52 3.75
C LEU AA 252 -24.12 55.68 3.91
N GLY AA 253 -24.63 55.49 5.12
CA GLY AA 253 -26.04 55.69 5.37
C GLY AA 253 -26.51 57.10 5.06
N PRO AA 254 -27.76 57.40 5.38
CA PRO AA 254 -28.33 58.68 4.97
C PRO AA 254 -27.96 59.79 5.93
N ARG AA 255 -27.72 60.98 5.38
CA ARG AA 255 -27.51 62.16 6.20
C ARG AA 255 -28.88 62.65 6.66
N GLU AA 256 -29.16 62.48 7.94
CA GLU AA 256 -30.50 62.70 8.46
C GLU AA 256 -30.72 64.14 8.92
N ASN AA 257 -29.71 65.00 8.79
CA ASN AA 257 -29.79 66.36 9.29
C ASN AA 257 -30.26 67.36 8.25
N VAL AA 258 -30.53 66.91 7.03
CA VAL AA 258 -30.75 67.77 5.87
C VAL AA 258 -32.07 67.38 5.23
N ALA AA 259 -32.90 68.37 4.93
CA ALA AA 259 -34.16 68.15 4.24
C ALA AA 259 -34.22 69.06 3.03
N VAL AA 260 -34.80 68.54 1.95
CA VAL AA 260 -34.85 69.25 0.67
C VAL AA 260 -36.31 69.48 0.34
N ILE AA 261 -36.71 70.74 0.24
CA ILE AA 261 -38.09 71.10 -0.06
C ILE AA 261 -38.11 71.55 -1.52
N GLN AA 262 -38.56 70.67 -2.41
CA GLN AA 262 -38.73 71.04 -3.80
C GLN AA 262 -39.92 71.98 -3.91
N VAL AA 263 -39.66 73.21 -4.37
CA VAL AA 263 -40.68 74.24 -4.39
C VAL AA 263 -41.59 74.17 -5.60
N GLY AA 264 -41.23 73.39 -6.63
CA GLY AA 264 -41.94 73.44 -7.89
C GLY AA 264 -42.73 72.21 -8.28
N GLY AA 265 -42.17 71.38 -9.16
CA GLY AA 265 -42.95 70.49 -9.99
C GLY AA 265 -43.31 69.15 -9.37
N ALA AA 266 -43.05 68.07 -10.11
CA ALA AA 266 -43.47 66.73 -9.75
C ALA AA 266 -42.35 65.99 -9.02
N ASN AA 267 -42.63 64.75 -8.66
CA ASN AA 267 -41.60 63.87 -8.09
C ASN AA 267 -40.59 63.55 -9.16
N ILE AA 268 -39.37 64.08 -9.03
CA ILE AA 268 -38.30 63.79 -9.98
C ILE AA 268 -36.98 63.47 -9.32
N LEU AA 269 -36.79 63.73 -8.03
CA LEU AA 269 -35.51 63.47 -7.40
C LEU AA 269 -35.29 61.96 -7.29
N ASP AA 270 -34.34 61.44 -8.07
CA ASP AA 270 -33.88 60.07 -7.97
C ASP AA 270 -32.54 60.14 -7.26
N ILE AA 271 -32.57 60.12 -5.94
CA ILE AA 271 -31.32 60.12 -5.18
C ILE AA 271 -30.58 58.80 -5.39
N THR AA 272 -31.30 57.73 -5.68
CA THR AA 272 -30.70 56.41 -5.84
C THR AA 272 -30.23 56.26 -7.29
N ALA AA 273 -28.92 56.15 -7.48
CA ALA AA 273 -28.36 56.04 -8.81
C ALA AA 273 -28.85 54.80 -9.53
N ASP AA 274 -29.19 53.75 -8.79
CA ASP AA 274 -29.75 52.56 -9.41
C ASP AA 274 -31.05 52.92 -10.11
N PRO AA 275 -31.30 52.42 -11.32
CA PRO AA 275 -32.56 52.75 -11.99
C PRO AA 275 -33.74 51.93 -11.51
N THR AA 276 -33.51 50.76 -10.94
CA THR AA 276 -34.62 49.90 -10.54
C THR AA 276 -35.40 50.50 -9.37
N THR AA 277 -34.69 51.04 -8.38
CA THR AA 277 -35.30 51.56 -7.16
C THR AA 277 -35.35 53.07 -7.21
N ASN AA 278 -36.52 53.63 -6.93
CA ASN AA 278 -36.72 55.07 -6.87
C ASN AA 278 -37.45 55.42 -5.57
N PRO AA 279 -36.79 55.26 -4.44
CA PRO AA 279 -37.49 55.43 -3.16
C PRO AA 279 -37.78 56.89 -2.86
N GLN AA 280 -38.82 57.10 -2.06
CA GLN AA 280 -39.26 58.43 -1.66
C GLN AA 280 -38.87 58.59 -0.20
N ILE AA 281 -37.72 59.24 0.03
CA ILE AA 281 -37.27 59.45 1.40
C ILE AA 281 -38.21 60.43 2.09
N GLU AA 282 -38.22 60.36 3.43
CA GLU AA 282 -39.10 61.25 4.19
C GLU AA 282 -38.69 62.70 4.02
N ARG AA 283 -37.39 62.97 3.91
CA ARG AA 283 -36.84 64.32 3.93
C ARG AA 283 -36.88 65.01 2.59
N MET AA 284 -37.35 64.33 1.54
CA MET AA 284 -37.56 64.95 0.23
C MET AA 284 -39.01 65.40 0.17
N MET AA 285 -39.23 66.64 0.60
CA MET AA 285 -40.56 67.22 0.62
C MET AA 285 -40.82 67.97 -0.68
N ARG AA 286 -42.09 68.21 -0.96
CA ARG AA 286 -42.51 68.84 -2.20
C ARG AA 286 -43.70 69.73 -1.91
N VAL AA 287 -43.62 71.00 -2.32
CA VAL AA 287 -44.67 71.95 -2.04
C VAL AA 287 -44.94 72.75 -3.30
N ASN AA 288 -46.22 72.89 -3.67
CA ASN AA 288 -46.58 73.76 -4.77
C ASN AA 288 -46.43 75.21 -4.36
N TRP AA 289 -46.08 76.06 -5.32
CA TRP AA 289 -45.73 77.43 -5.02
C TRP AA 289 -46.34 78.35 -6.05
N LYS AA 290 -46.76 79.52 -5.59
CA LYS AA 290 -46.92 80.68 -6.45
C LYS AA 290 -46.40 81.96 -5.81
N ARG AA 291 -45.98 81.93 -4.54
CA ARG AA 291 -45.57 83.14 -3.85
C ARG AA 291 -44.64 82.78 -2.71
N TRP AA 292 -43.44 83.36 -2.73
CA TRP AA 292 -42.41 82.97 -1.79
C TRP AA 292 -42.81 83.28 -0.36
N TRP AA 293 -43.63 84.32 -0.16
CA TRP AA 293 -44.16 84.54 1.17
C TRP AA 293 -44.97 83.34 1.63
N GLN AA 294 -45.81 82.79 0.75
CA GLN AA 294 -46.61 81.65 1.15
C GLN AA 294 -45.73 80.45 1.43
N VAL AA 295 -44.66 80.27 0.65
CA VAL AA 295 -43.77 79.14 0.91
C VAL AA 295 -43.12 79.26 2.28
N PHE AA 296 -42.58 80.45 2.59
CA PHE AA 296 -41.94 80.64 3.88
C PHE AA 296 -42.93 80.51 5.02
N TYR AA 297 -44.16 81.00 4.82
CA TYR AA 297 -45.16 80.86 5.86
C TYR AA 297 -45.50 79.39 6.10
N THR AA 298 -45.60 78.60 5.03
CA THR AA 298 -45.87 77.18 5.20
C THR AA 298 -44.76 76.52 6.01
N ILE AA 299 -43.51 76.83 5.67
CA ILE AA 299 -42.40 76.22 6.39
C ILE AA 299 -42.43 76.64 7.86
N VAL AA 300 -42.69 77.91 8.12
CA VAL AA 300 -42.71 78.39 9.50
C VAL AA 300 -43.82 77.70 10.27
N ASP AA 301 -45.02 77.60 9.68
CA ASP AA 301 -46.13 76.99 10.39
C ASP AA 301 -45.85 75.53 10.68
N TYR AA 302 -45.33 74.79 9.71
CA TYR AA 302 -45.12 73.35 9.85
C TYR AA 302 -43.70 73.00 10.25
N ILE AA 303 -42.98 73.94 10.87
CA ILE AA 303 -41.58 73.66 11.18
C ILE AA 303 -41.44 72.50 12.15
N ASN AA 304 -42.44 72.28 13.01
CA ASN AA 304 -42.37 71.14 13.92
C ASN AA 304 -42.36 69.84 13.15
N GLN AA 305 -43.27 69.68 12.19
CA GLN AA 305 -43.34 68.45 11.44
C GLN AA 305 -42.09 68.23 10.60
N ILE AA 306 -41.55 69.30 10.03
CA ILE AA 306 -40.35 69.15 9.21
C ILE AA 306 -39.19 68.66 10.06
N VAL AA 307 -39.01 69.24 11.24
CA VAL AA 307 -37.93 68.82 12.11
C VAL AA 307 -38.16 67.38 12.57
N GLN AA 308 -39.42 67.00 12.78
CA GLN AA 308 -39.70 65.61 13.11
C GLN AA 308 -39.28 64.68 11.99
N VAL AA 309 -39.53 65.07 10.74
CA VAL AA 309 -39.08 64.29 9.60
C VAL AA 309 -37.57 64.16 9.61
N MET AA 310 -36.89 65.25 9.89
CA MET AA 310 -35.44 65.24 9.99
C MET AA 310 -35.02 64.54 11.27
N SER AA 311 -33.71 64.48 11.51
CA SER AA 311 -33.21 63.90 12.75
C SER AA 311 -31.78 64.37 12.95
N LYS AA 312 -31.32 64.27 14.20
CA LYS AA 312 -29.99 64.75 14.54
C LYS AA 312 -28.95 63.97 13.76
N ARG AA 313 -27.88 64.66 13.34
CA ARG AA 313 -26.87 64.02 12.52
C ARG AA 313 -26.14 62.97 13.32
N SER AA 314 -26.19 61.72 12.84
CA SER AA 314 -25.56 60.63 13.56
C SER AA 314 -24.06 60.86 13.70
N ARG AA 315 -23.41 61.30 12.62
CA ARG AA 315 -21.97 61.47 12.64
C ARG AA 315 -21.52 62.64 13.49
N SER AA 316 -22.43 63.49 13.96
CA SER AA 316 -22.06 64.58 14.85
C SER AA 316 -22.22 64.21 16.32
N LEU AA 317 -22.98 63.17 16.63
CA LEU AA 317 -23.14 62.76 18.01
C LEU AA 317 -21.81 62.28 18.58
N ASN AA 318 -21.67 62.40 19.89
CA ASN AA 318 -20.49 61.88 20.55
C ASN AA 318 -20.41 60.37 20.39
N SER AA 319 -21.56 59.70 20.32
CA SER AA 319 -21.58 58.24 20.27
C SER AA 319 -20.92 57.68 19.02
N ALA AA 320 -20.78 58.48 17.97
CA ALA AA 320 -20.13 58.03 16.74
C ALA AA 320 -18.67 58.44 16.70
N ALA AA 321 -18.02 58.52 17.86
CA ALA AA 321 -16.71 59.18 17.95
C ALA AA 321 -15.67 58.49 17.10
N PHE AA 322 -15.50 57.18 17.27
CA PHE AA 322 -14.42 56.45 16.61
C PHE AA 322 -14.94 55.59 15.46
N TYR AA 323 -15.98 56.04 14.77
CA TYR AA 323 -16.42 55.37 13.55
C TYR AA 323 -16.16 56.26 12.34
N TYR AA 324 -16.85 57.39 12.21
CA TYR AA 324 -16.49 58.38 11.20
C TYR AA 324 -16.82 59.80 11.64
N ARG AA 325 -16.67 60.10 12.92
CA ARG AA 325 -17.27 61.30 13.52
C ARG AA 325 -16.90 62.56 12.75
N VAL AA 326 -17.89 63.43 12.56
CA VAL AA 326 -17.72 64.68 11.83
C VAL AA 326 -18.41 65.80 12.57
N GLN BA 51 -27.20 -21.35 -47.95
CA GLN BA 51 -26.93 -22.77 -48.11
C GLN BA 51 -27.69 -23.57 -47.06
N ASN BA 52 -28.93 -23.18 -46.80
CA ASN BA 52 -29.77 -23.94 -45.90
C ASN BA 52 -30.14 -25.26 -46.57
N TYR BA 53 -29.96 -26.36 -45.83
CA TYR BA 53 -30.42 -27.66 -46.30
C TYR BA 53 -31.12 -28.45 -45.21
N GLY BA 54 -31.26 -27.89 -44.01
CA GLY BA 54 -32.30 -28.30 -43.09
C GLY BA 54 -33.51 -27.43 -43.33
N LEU BA 55 -33.90 -27.32 -44.61
CA LEU BA 55 -34.90 -26.36 -45.01
C LEU BA 55 -36.27 -26.68 -44.44
N ASN BA 56 -36.51 -27.91 -44.00
CA ASN BA 56 -37.82 -28.34 -43.55
C ASN BA 56 -37.96 -28.35 -42.04
N ILE BA 57 -36.89 -28.62 -41.31
CA ILE BA 57 -37.03 -28.77 -39.85
C ILE BA 57 -37.22 -27.38 -39.24
N PRO BA 58 -38.00 -27.25 -38.16
CA PRO BA 58 -38.38 -25.90 -37.70
C PRO BA 58 -37.44 -25.31 -36.68
N ILE BA 59 -37.27 -23.98 -36.78
CA ILE BA 59 -36.58 -23.26 -35.74
C ILE BA 59 -37.44 -23.21 -34.49
N THR BA 60 -36.80 -23.06 -33.34
CA THR BA 60 -37.47 -22.75 -32.09
C THR BA 60 -36.77 -21.57 -31.44
N GLY BA 61 -37.53 -20.72 -30.77
CA GLY BA 61 -36.95 -19.57 -30.12
C GLY BA 61 -37.84 -18.99 -29.06
N SER BA 62 -37.25 -18.59 -27.93
CA SER BA 62 -38.05 -18.07 -26.83
C SER BA 62 -38.64 -16.71 -27.19
N MET BA 63 -39.48 -16.22 -26.29
CA MET BA 63 -40.08 -14.90 -26.41
C MET BA 63 -39.54 -13.90 -25.41
N ASP BA 64 -39.12 -14.36 -24.24
CA ASP BA 64 -38.78 -13.48 -23.12
C ASP BA 64 -37.28 -13.28 -22.96
N THR BA 65 -36.49 -13.54 -24.00
CA THR BA 65 -35.04 -13.44 -23.89
C THR BA 65 -34.44 -12.90 -25.19
N VAL BA 66 -33.76 -11.76 -25.09
CA VAL BA 66 -32.86 -11.31 -26.15
C VAL BA 66 -31.53 -12.04 -25.93
N TYR BA 67 -31.19 -12.90 -26.87
CA TYR BA 67 -30.00 -13.73 -26.75
C TYR BA 67 -28.74 -12.92 -27.04
N SER BA 68 -27.70 -13.19 -26.26
CA SER BA 68 -26.40 -12.55 -26.49
C SER BA 68 -25.62 -13.21 -27.62
N ASN BA 69 -25.99 -14.43 -28.02
CA ASN BA 69 -25.38 -15.08 -29.18
C ASN BA 69 -26.07 -14.62 -30.46
N SER BA 70 -25.30 -14.49 -31.54
CA SER BA 70 -25.84 -14.04 -32.81
C SER BA 70 -24.88 -14.42 -33.92
N THR BA 71 -25.43 -14.91 -35.03
CA THR BA 71 -24.60 -15.36 -36.14
C THR BA 71 -23.92 -14.17 -36.82
N ARG BA 72 -22.65 -14.35 -37.17
CA ARG BA 72 -21.83 -13.34 -37.82
C ARG BA 72 -21.47 -13.85 -39.21
N GLU BA 73 -22.17 -13.34 -40.22
CA GLU BA 73 -21.96 -13.76 -41.61
C GLU BA 73 -21.24 -12.65 -42.37
N GLU BA 74 -20.22 -13.02 -43.12
CA GLU BA 74 -19.38 -12.05 -43.81
C GLU BA 74 -18.75 -12.72 -45.03
N VAL BA 75 -19.36 -12.53 -46.20
CA VAL BA 75 -18.67 -12.75 -47.47
C VAL BA 75 -18.85 -11.45 -48.25
N PHE BA 76 -17.94 -10.51 -48.01
CA PHE BA 76 -18.18 -9.09 -48.21
C PHE BA 76 -16.88 -8.37 -47.87
N LEU BA 77 -16.92 -7.04 -48.01
CA LEU BA 77 -16.13 -6.15 -47.16
C LEU BA 77 -17.06 -5.40 -46.22
N THR BA 78 -18.03 -4.68 -46.78
CA THR BA 78 -19.18 -4.15 -46.06
C THR BA 78 -20.30 -4.04 -47.07
N SER BA 79 -21.47 -3.61 -46.60
CA SER BA 79 -22.57 -3.37 -47.53
C SER BA 79 -22.18 -2.30 -48.52
N THR BA 80 -22.65 -2.45 -49.75
CA THR BA 80 -22.36 -1.54 -50.84
C THR BA 80 -23.65 -1.00 -51.40
N LEU BA 81 -23.72 0.31 -51.57
CA LEU BA 81 -24.91 1.02 -52.02
C LEU BA 81 -24.70 1.49 -53.45
N CYS BA 82 -25.77 1.52 -54.22
CA CYS BA 82 -25.66 1.91 -55.63
C CYS BA 82 -26.90 2.68 -56.05
N LEU BA 83 -26.70 3.89 -56.57
CA LEU BA 83 -27.76 4.80 -56.93
C LEU BA 83 -27.90 4.86 -58.45
N TYR BA 84 -29.11 4.62 -58.94
CA TYR BA 84 -29.44 4.78 -60.34
C TYR BA 84 -30.23 6.08 -60.49
N TYR BA 85 -29.78 6.94 -61.39
CA TYR BA 85 -30.37 8.25 -61.59
C TYR BA 85 -30.42 8.54 -63.07
N PRO BA 86 -31.38 9.33 -63.54
CA PRO BA 86 -31.43 9.64 -64.96
C PRO BA 86 -30.36 10.63 -65.35
N THR BA 87 -29.98 10.61 -66.63
CA THR BA 87 -28.92 11.47 -67.11
C THR BA 87 -29.28 12.95 -66.98
N GLU BA 88 -30.57 13.27 -67.04
CA GLU BA 88 -30.97 14.65 -66.87
C GLU BA 88 -30.63 15.19 -65.50
N ALA BA 89 -30.43 14.31 -64.51
CA ALA BA 89 -29.91 14.76 -63.23
C ALA BA 89 -28.53 15.36 -63.40
N SER BA 90 -27.64 14.65 -64.10
CA SER BA 90 -26.31 15.20 -64.35
C SER BA 90 -26.40 16.48 -65.17
N THR BA 91 -27.28 16.51 -66.18
CA THR BA 91 -27.35 17.70 -67.02
C THR BA 91 -27.79 18.92 -66.21
N GLN BA 92 -28.73 18.74 -65.28
CA GLN BA 92 -29.11 19.87 -64.44
C GLN BA 92 -28.00 20.25 -63.47
N ILE BA 93 -27.32 19.26 -62.90
CA ILE BA 93 -26.29 19.56 -61.91
C ILE BA 93 -25.16 20.35 -62.53
N SER BA 94 -24.73 19.97 -63.75
CA SER BA 94 -23.68 20.67 -64.47
C SER BA 94 -22.39 20.73 -63.64
N ASP BA 95 -21.84 19.55 -63.41
CA ASP BA 95 -20.69 19.35 -62.52
C ASP BA 95 -19.92 18.14 -63.04
N GLY BA 96 -19.26 17.40 -62.17
CA GLY BA 96 -18.32 16.38 -62.60
C GLY BA 96 -17.28 16.05 -61.55
N GLU BA 97 -17.28 16.81 -60.46
CA GLU BA 97 -16.80 16.32 -59.17
C GLU BA 97 -17.96 15.94 -58.26
N TRP BA 98 -19.19 15.95 -58.77
CA TRP BA 98 -20.33 15.75 -57.89
C TRP BA 98 -20.42 14.33 -57.39
N LYS BA 99 -20.00 13.36 -58.20
CA LYS BA 99 -19.94 11.99 -57.70
C LYS BA 99 -18.97 11.89 -56.53
N ASP BA 100 -17.82 12.55 -56.64
CA ASP BA 100 -16.86 12.54 -55.55
C ASP BA 100 -17.42 13.23 -54.31
N SER BA 101 -18.10 14.36 -54.50
CA SER BA 101 -18.65 15.08 -53.35
C SER BA 101 -19.72 14.25 -52.65
N LEU BA 102 -20.59 13.59 -53.43
CA LEU BA 102 -21.58 12.72 -52.82
C LEU BA 102 -20.91 11.56 -52.10
N SER BA 103 -19.83 11.03 -52.66
CA SER BA 103 -19.09 9.98 -51.98
C SER BA 103 -18.56 10.47 -50.64
N GLN BA 104 -18.04 11.69 -50.60
CA GLN BA 104 -17.54 12.23 -49.34
C GLN BA 104 -18.66 12.43 -48.33
N MET BA 105 -19.81 12.88 -48.78
CA MET BA 105 -20.92 13.08 -47.85
C MET BA 105 -21.44 11.74 -47.33
N PHE BA 106 -21.47 10.72 -48.18
CA PHE BA 106 -21.80 9.39 -47.70
C PHE BA 106 -20.79 8.93 -46.66
N LEU BA 107 -19.51 9.24 -46.88
CA LEU BA 107 -18.49 8.91 -45.88
C LEU BA 107 -18.77 9.61 -44.57
N ILE BA 108 -19.20 10.86 -44.63
CA ILE BA 108 -19.55 11.58 -43.40
C ILE BA 108 -20.71 10.88 -42.70
N LYS BA 109 -21.66 10.34 -43.46
CA LYS BA 109 -22.74 9.60 -42.82
C LYS BA 109 -22.27 8.30 -42.22
N GLY BA 110 -21.35 7.59 -42.86
CA GLY BA 110 -20.83 6.35 -42.31
C GLY BA 110 -20.47 5.28 -43.33
N TRP BA 111 -20.93 5.44 -44.55
CA TRP BA 111 -20.61 4.48 -45.60
C TRP BA 111 -19.19 4.70 -46.08
N PRO BA 112 -18.29 3.71 -45.98
CA PRO BA 112 -16.89 3.97 -46.35
C PRO BA 112 -16.78 4.31 -47.83
N THR BA 113 -15.56 4.70 -48.22
CA THR BA 113 -15.38 5.30 -49.54
C THR BA 113 -15.75 4.33 -50.65
N GLY BA 114 -15.31 3.10 -50.57
CA GLY BA 114 -15.51 2.19 -51.67
C GLY BA 114 -16.88 1.60 -51.80
N SER BA 115 -17.84 2.05 -51.00
CA SER BA 115 -19.12 1.36 -50.91
C SER BA 115 -20.17 1.90 -51.86
N VAL BA 116 -20.13 3.19 -52.18
CA VAL BA 116 -21.22 3.85 -52.89
C VAL BA 116 -20.84 3.99 -54.36
N TYR BA 117 -21.76 3.58 -55.25
CA TYR BA 117 -21.56 3.65 -56.68
C TYR BA 117 -22.76 4.35 -57.31
N PHE BA 118 -22.53 4.93 -58.49
CA PHE BA 118 -23.55 5.70 -59.19
C PHE BA 118 -23.63 5.22 -60.62
N LYS BA 119 -24.75 4.60 -61.00
CA LYS BA 119 -24.95 4.05 -62.33
C LYS BA 119 -25.96 4.93 -63.05
N GLU BA 120 -25.49 5.73 -63.99
CA GLU BA 120 -26.36 6.59 -64.76
C GLU BA 120 -27.12 5.79 -65.81
N TYR BA 121 -28.36 6.19 -66.07
CA TYR BA 121 -29.13 5.65 -67.17
C TYR BA 121 -29.82 6.80 -67.90
N SER BA 122 -30.09 6.60 -69.19
CA SER BA 122 -30.57 7.70 -70.02
C SER BA 122 -31.97 8.13 -69.61
N ASN BA 123 -32.89 7.18 -69.47
CA ASN BA 123 -34.24 7.47 -69.01
C ASN BA 123 -34.91 6.15 -68.66
N ILE BA 124 -36.15 6.23 -68.19
CA ILE BA 124 -36.82 5.07 -67.62
C ILE BA 124 -37.01 4.00 -68.68
N VAL BA 125 -37.45 4.39 -69.88
CA VAL BA 125 -37.75 3.38 -70.89
C VAL BA 125 -36.48 2.67 -71.34
N ASP BA 126 -35.38 3.40 -71.50
CA ASP BA 126 -34.14 2.78 -71.94
C ASP BA 126 -33.51 1.95 -70.83
N PHE BA 127 -33.77 2.29 -69.57
CA PHE BA 127 -33.33 1.46 -68.46
C PHE BA 127 -34.20 0.22 -68.29
N SER BA 128 -35.45 0.27 -68.77
CA SER BA 128 -36.36 -0.85 -68.59
C SER BA 128 -35.90 -2.12 -69.30
N VAL BA 129 -35.06 -2.00 -70.32
CA VAL BA 129 -34.62 -3.17 -71.07
C VAL BA 129 -33.35 -3.72 -70.43
N ASP BA 130 -33.42 -4.98 -69.99
CA ASP BA 130 -32.33 -5.63 -69.29
C ASP BA 130 -31.78 -4.76 -68.14
N PRO BA 131 -32.61 -4.39 -67.18
CA PRO BA 131 -32.09 -3.65 -66.03
C PRO BA 131 -31.19 -4.54 -65.21
N GLN BA 132 -30.06 -3.99 -64.80
CA GLN BA 132 -29.02 -4.75 -64.11
C GLN BA 132 -28.83 -4.18 -62.72
N LEU BA 133 -28.79 -5.08 -61.74
CA LEU BA 133 -28.70 -4.73 -60.32
C LEU BA 133 -27.31 -5.13 -59.85
N TYR BA 134 -26.34 -4.25 -60.10
CA TYR BA 134 -24.94 -4.59 -59.85
C TYR BA 134 -24.53 -4.37 -58.42
N CYS BA 135 -25.25 -4.77 -57.39
CA CYS BA 135 -24.91 -4.16 -56.11
C CYS BA 135 -25.63 -4.91 -55.00
N ASP BA 136 -25.60 -4.33 -53.80
CA ASP BA 136 -26.17 -4.93 -52.59
C ASP BA 136 -27.32 -4.15 -52.00
N TYR BA 137 -27.26 -2.83 -52.05
CA TYR BA 137 -28.37 -1.95 -51.68
C TYR BA 137 -28.62 -1.04 -52.87
N ASN BA 138 -29.65 -1.35 -53.65
CA ASN BA 138 -29.95 -0.62 -54.88
C ASN BA 138 -31.01 0.42 -54.60
N LEU BA 139 -30.77 1.65 -55.06
CA LEU BA 139 -31.77 2.69 -55.07
C LEU BA 139 -31.95 3.15 -56.51
N VAL BA 140 -33.19 3.32 -56.93
CA VAL BA 140 -33.50 3.70 -58.31
C VAL BA 140 -34.39 4.92 -58.27
N LEU BA 141 -33.84 6.08 -58.60
CA LEU BA 141 -34.64 7.29 -58.75
C LEU BA 141 -35.38 7.24 -60.08
N MET BA 142 -36.60 7.77 -60.09
CA MET BA 142 -37.43 7.75 -61.28
C MET BA 142 -38.22 9.03 -61.37
N LYS BA 143 -37.95 9.83 -62.39
CA LYS BA 143 -38.68 11.07 -62.58
C LYS BA 143 -40.01 10.77 -63.25
N TYR BA 144 -41.10 10.97 -62.53
CA TYR BA 144 -42.42 10.73 -63.09
C TYR BA 144 -42.69 11.74 -64.19
N ASP BA 145 -43.22 11.27 -65.31
CA ASP BA 145 -43.57 12.11 -66.44
C ASP BA 145 -44.90 11.63 -67.00
N GLN BA 146 -45.64 12.56 -67.59
CA GLN BA 146 -46.96 12.22 -68.11
C GLN BA 146 -46.85 11.22 -69.25
N SER BA 147 -47.73 10.23 -69.24
CA SER BA 147 -47.84 9.15 -70.20
C SER BA 147 -46.79 8.07 -69.98
N LEU BA 148 -45.81 8.28 -69.11
CA LEU BA 148 -44.85 7.26 -68.75
C LEU BA 148 -45.35 6.38 -67.62
N GLU BA 149 -46.64 6.47 -67.28
CA GLU BA 149 -47.14 5.85 -66.06
C GLU BA 149 -47.04 4.34 -66.12
N LEU BA 150 -47.53 3.73 -67.19
CA LEU BA 150 -47.51 2.28 -67.27
C LEU BA 150 -46.09 1.75 -67.38
N ASP BA 151 -45.25 2.39 -68.18
CA ASP BA 151 -43.88 1.92 -68.31
C ASP BA 151 -43.14 2.04 -66.99
N MET BA 152 -43.36 3.13 -66.26
CA MET BA 152 -42.74 3.30 -64.95
C MET BA 152 -43.21 2.21 -64.00
N SER BA 153 -44.52 1.93 -63.98
CA SER BA 153 -45.04 0.89 -63.12
C SER BA 153 -44.46 -0.47 -63.50
N GLU BA 154 -44.34 -0.74 -64.79
CA GLU BA 154 -43.79 -2.01 -65.24
C GLU BA 154 -42.35 -2.17 -64.80
N LEU BA 155 -41.54 -1.12 -64.95
CA LEU BA 155 -40.16 -1.19 -64.48
C LEU BA 155 -40.13 -1.44 -62.98
N ALA BA 156 -40.97 -0.73 -62.23
CA ALA BA 156 -40.97 -0.88 -60.78
C ALA BA 156 -41.32 -2.31 -60.40
N ASP BA 157 -42.35 -2.88 -61.04
CA ASP BA 157 -42.72 -4.26 -60.78
C ASP BA 157 -41.55 -5.20 -61.09
N LEU BA 158 -40.93 -5.00 -62.26
CA LEU BA 158 -39.87 -5.89 -62.70
C LEU BA 158 -38.73 -5.91 -61.69
N ILE BA 159 -38.22 -4.75 -61.31
CA ILE BA 159 -37.06 -4.78 -60.43
C ILE BA 159 -37.46 -5.14 -59.01
N LEU BA 160 -38.56 -4.59 -58.50
CA LEU BA 160 -38.92 -4.81 -57.10
C LEU BA 160 -39.20 -6.28 -56.81
N ASN BA 161 -39.90 -6.96 -57.72
CA ASN BA 161 -40.25 -8.34 -57.47
C ASN BA 161 -39.20 -9.28 -58.08
N GLU BA 162 -39.23 -10.52 -57.63
CA GLU BA 162 -38.25 -11.53 -58.03
C GLU BA 162 -38.88 -12.44 -59.06
N TRP BA 163 -38.29 -12.50 -60.25
CA TRP BA 163 -38.87 -13.18 -61.39
C TRP BA 163 -38.04 -14.39 -61.79
N LEU BA 164 -38.73 -15.46 -62.16
CA LEU BA 164 -38.12 -16.70 -62.64
C LEU BA 164 -38.60 -16.89 -64.06
N CYS BA 165 -37.70 -16.69 -65.02
CA CYS BA 165 -38.04 -16.62 -66.44
C CYS BA 165 -37.59 -17.86 -67.18
N ASN BA 166 -38.30 -18.17 -68.26
CA ASN BA 166 -37.96 -19.26 -69.17
C ASN BA 166 -38.05 -18.76 -70.60
N PRO BA 167 -37.31 -19.37 -71.53
CA PRO BA 167 -37.36 -18.91 -72.92
C PRO BA 167 -38.68 -19.23 -73.58
N MET BA 168 -38.86 -18.68 -74.78
CA MET BA 168 -40.11 -18.82 -75.52
C MET BA 168 -39.77 -18.75 -77.00
N ASP BA 169 -39.89 -19.87 -77.69
CA ASP BA 169 -39.76 -19.89 -79.15
C ASP BA 169 -41.10 -19.49 -79.73
N ILE BA 170 -41.22 -18.23 -80.12
CA ILE BA 170 -42.48 -17.72 -80.67
C ILE BA 170 -42.82 -18.45 -81.96
N THR BA 171 -41.83 -18.72 -82.79
CA THR BA 171 -42.09 -19.27 -84.11
C THR BA 171 -42.70 -20.66 -84.03
N LEU BA 172 -42.24 -21.47 -83.08
CA LEU BA 172 -42.58 -22.89 -83.08
C LEU BA 172 -43.86 -23.18 -82.31
N TYR BA 173 -43.88 -22.86 -81.02
CA TYR BA 173 -44.90 -23.36 -80.11
C TYR BA 173 -45.92 -22.28 -79.78
N TYR BA 174 -47.13 -22.72 -79.48
CA TYR BA 174 -48.09 -21.85 -78.79
C TYR BA 174 -47.67 -21.73 -77.33
N TYR BA 175 -48.30 -20.81 -76.61
CA TYR BA 175 -47.91 -20.56 -75.23
C TYR BA 175 -49.14 -20.24 -74.40
N GLN BA 176 -48.98 -20.42 -73.10
CA GLN BA 176 -50.08 -20.41 -72.15
C GLN BA 176 -49.58 -19.86 -70.83
N GLN BA 177 -50.50 -19.35 -70.03
CA GLN BA 177 -50.17 -18.77 -68.72
C GLN BA 177 -50.82 -19.64 -67.65
N SER BA 178 -49.98 -20.32 -66.87
CA SER BA 178 -50.47 -21.36 -65.97
C SER BA 178 -51.33 -20.78 -64.86
N GLY BA 179 -50.92 -19.65 -64.29
CA GLY BA 179 -51.61 -19.09 -63.14
C GLY BA 179 -51.48 -17.58 -63.11
N GLU BA 180 -52.13 -16.99 -62.10
CA GLU BA 180 -52.12 -15.54 -61.96
C GLU BA 180 -50.72 -14.98 -61.71
N SER BA 181 -49.79 -15.81 -61.25
CA SER BA 181 -48.44 -15.36 -60.95
C SER BA 181 -47.54 -15.31 -62.17
N ASN BA 182 -48.02 -15.75 -63.33
CA ASN BA 182 -47.20 -15.87 -64.53
C ASN BA 182 -47.54 -14.77 -65.50
N LYS BA 183 -46.52 -14.16 -66.09
CA LYS BA 183 -46.65 -13.11 -67.09
C LYS BA 183 -45.67 -13.41 -68.21
N TRP BA 184 -45.77 -12.64 -69.29
CA TRP BA 184 -44.76 -12.65 -70.34
C TRP BA 184 -44.11 -11.28 -70.36
N ILE BA 185 -42.79 -11.26 -70.20
CA ILE BA 185 -42.02 -10.02 -70.28
C ILE BA 185 -41.35 -9.96 -71.63
N SER BA 186 -41.61 -8.88 -72.36
CA SER BA 186 -40.98 -8.60 -73.63
C SER BA 186 -39.95 -7.49 -73.43
N MET BA 187 -38.71 -7.74 -73.83
CA MET BA 187 -37.63 -6.79 -73.72
C MET BA 187 -36.95 -6.63 -75.06
N GLY BA 188 -36.62 -5.40 -75.42
CA GLY BA 188 -35.94 -5.14 -76.67
C GLY BA 188 -35.99 -3.68 -77.02
N SER BA 189 -35.45 -3.36 -78.19
CA SER BA 189 -35.44 -1.98 -78.64
C SER BA 189 -36.82 -1.54 -79.11
N SER BA 190 -37.63 -2.46 -79.61
CA SER BA 190 -38.98 -2.14 -80.04
C SER BA 190 -39.78 -3.44 -80.06
N CYS BA 191 -40.67 -3.60 -79.09
CA CYS BA 191 -41.52 -4.79 -78.98
C CYS BA 191 -42.92 -4.43 -79.43
N THR BA 192 -43.51 -5.30 -80.24
CA THR BA 192 -44.90 -5.13 -80.68
C THR BA 192 -45.57 -6.49 -80.59
N VAL BA 193 -46.13 -6.78 -79.42
CA VAL BA 193 -46.65 -8.11 -79.15
C VAL BA 193 -48.05 -8.21 -79.71
N LYS BA 194 -48.26 -9.13 -80.65
CA LYS BA 194 -49.59 -9.44 -81.15
C LYS BA 194 -49.92 -10.86 -80.72
N VAL BA 195 -51.05 -11.02 -80.04
CA VAL BA 195 -51.49 -12.32 -79.56
C VAL BA 195 -52.73 -12.73 -80.34
N CYS BA 196 -52.86 -14.01 -80.63
CA CYS BA 196 -54.08 -14.59 -81.19
C CYS BA 196 -54.49 -15.72 -80.26
N PRO BA 197 -55.50 -15.54 -79.40
CA PRO BA 197 -55.97 -16.67 -78.60
C PRO BA 197 -56.49 -17.78 -79.49
N LEU BA 198 -56.28 -19.01 -79.05
CA LEU BA 198 -56.73 -20.21 -79.75
C LEU BA 198 -57.88 -20.83 -78.97
N ASN BA 199 -58.48 -21.85 -79.55
CA ASN BA 199 -59.56 -22.62 -78.94
C ASN BA 199 -59.08 -24.03 -78.65
N THR BA 200 -59.94 -24.81 -77.99
CA THR BA 200 -59.66 -26.22 -77.80
C THR BA 200 -59.49 -26.90 -79.15
N GLN BA 201 -60.24 -26.46 -80.16
CA GLN BA 201 -60.11 -26.98 -81.50
C GLN BA 201 -58.85 -26.48 -82.21
N THR BA 202 -58.11 -25.55 -81.59
CA THR BA 202 -56.90 -24.98 -82.17
C THR BA 202 -57.23 -24.10 -83.37
N LEU BA 203 -58.35 -23.40 -83.29
CA LEU BA 203 -58.71 -22.35 -84.22
C LEU BA 203 -58.72 -21.03 -83.47
N GLY BA 204 -58.13 -20.00 -84.06
CA GLY BA 204 -58.10 -18.71 -83.40
C GLY BA 204 -59.49 -18.14 -83.22
N ILE BA 205 -59.65 -17.36 -82.16
CA ILE BA 205 -60.88 -16.64 -81.88
C ILE BA 205 -60.62 -15.15 -82.04
N GLY BA 206 -61.44 -14.49 -82.85
CA GLY BA 206 -61.16 -13.13 -83.22
C GLY BA 206 -59.92 -12.93 -84.05
N CYS BA 207 -59.35 -14.01 -84.58
CA CYS BA 207 -58.12 -13.91 -85.34
C CYS BA 207 -57.90 -15.19 -86.12
N GLN BA 208 -57.51 -15.05 -87.39
CA GLN BA 208 -57.10 -16.18 -88.20
C GLN BA 208 -55.65 -16.47 -87.87
N THR BA 209 -55.34 -17.74 -87.62
CA THR BA 209 -54.01 -18.10 -87.16
C THR BA 209 -52.93 -17.75 -88.16
N THR BA 210 -53.27 -17.61 -89.44
CA THR BA 210 -52.30 -17.31 -90.48
C THR BA 210 -52.25 -15.84 -90.87
N ASN BA 211 -53.36 -15.12 -90.76
CA ASN BA 211 -53.39 -13.69 -91.09
C ASN BA 211 -52.98 -12.91 -89.86
N VAL BA 212 -51.74 -12.44 -89.85
CA VAL BA 212 -51.21 -11.78 -88.66
C VAL BA 212 -51.93 -10.48 -88.35
N ASP BA 213 -52.58 -9.86 -89.35
CA ASP BA 213 -53.26 -8.59 -89.11
C ASP BA 213 -54.41 -8.76 -88.13
N SER BA 214 -55.14 -9.87 -88.23
CA SER BA 214 -56.28 -10.10 -87.36
C SER BA 214 -55.88 -10.27 -85.89
N PHE BA 215 -54.60 -10.47 -85.61
CA PHE BA 215 -54.12 -10.61 -84.24
C PHE BA 215 -54.44 -9.34 -83.46
N GLU BA 216 -54.34 -9.43 -82.14
CA GLU BA 216 -54.67 -8.34 -81.24
C GLU BA 216 -53.38 -7.82 -80.62
N THR BA 217 -53.11 -6.53 -80.80
CA THR BA 217 -51.85 -5.94 -80.37
C THR BA 217 -51.96 -5.55 -78.89
N VAL BA 218 -51.36 -6.35 -78.02
CA VAL BA 218 -51.45 -6.06 -76.59
C VAL BA 218 -50.51 -4.93 -76.18
N ALA BA 219 -49.38 -4.77 -76.87
CA ALA BA 219 -48.45 -3.69 -76.57
C ALA BA 219 -47.66 -3.39 -77.83
N GLU BA 220 -47.33 -2.12 -78.04
CA GLU BA 220 -46.61 -1.72 -79.23
C GLU BA 220 -45.49 -0.74 -78.89
N ASN BA 221 -44.32 -0.99 -79.48
CA ASN BA 221 -43.19 -0.06 -79.43
C ASN BA 221 -42.80 0.27 -77.99
N GLU BA 222 -42.90 -0.72 -77.11
CA GLU BA 222 -42.42 -0.60 -75.75
C GLU BA 222 -41.09 -1.33 -75.63
N LYS BA 223 -40.17 -0.73 -74.87
CA LYS BA 223 -38.95 -1.44 -74.51
C LYS BA 223 -39.26 -2.62 -73.59
N LEU BA 224 -40.02 -2.37 -72.53
CA LEU BA 224 -40.44 -3.40 -71.59
C LEU BA 224 -41.95 -3.51 -71.64
N ALA BA 225 -42.45 -4.73 -71.76
CA ALA BA 225 -43.89 -4.98 -71.75
C ALA BA 225 -44.16 -6.21 -70.91
N ILE BA 226 -44.80 -6.02 -69.76
CA ILE BA 226 -45.30 -7.12 -68.94
C ILE BA 226 -46.74 -7.35 -69.37
N VAL BA 227 -46.95 -8.38 -70.19
CA VAL BA 227 -48.29 -8.67 -70.73
C VAL BA 227 -48.87 -9.87 -69.99
N ASP BA 228 -50.09 -9.70 -69.51
CA ASP BA 228 -50.90 -10.78 -68.96
C ASP BA 228 -52.07 -11.03 -69.90
N VAL BA 229 -52.21 -12.27 -70.35
CA VAL BA 229 -53.36 -12.71 -71.10
C VAL BA 229 -54.10 -13.74 -70.26
N VAL BA 230 -55.29 -14.11 -70.72
CA VAL BA 230 -56.16 -14.93 -69.90
C VAL BA 230 -55.54 -16.30 -69.70
N ASP BA 231 -55.71 -16.84 -68.49
CA ASP BA 231 -55.04 -18.05 -68.07
C ASP BA 231 -55.93 -19.23 -68.41
N GLY BA 232 -55.43 -20.14 -69.25
CA GLY BA 232 -56.18 -21.31 -69.64
C GLY BA 232 -56.27 -21.51 -71.14
N ILE BA 233 -55.89 -20.50 -71.92
CA ILE BA 233 -56.02 -20.51 -73.37
C ILE BA 233 -54.63 -20.37 -73.98
N ASN BA 234 -54.36 -21.19 -75.00
CA ASN BA 234 -53.13 -21.06 -75.75
C ASN BA 234 -53.19 -19.83 -76.63
N HIS BA 235 -52.04 -19.27 -76.95
CA HIS BA 235 -51.94 -18.10 -77.79
C HIS BA 235 -50.86 -18.31 -78.83
N LYS BA 236 -51.12 -17.84 -80.04
CA LYS BA 236 -50.07 -17.72 -81.05
C LYS BA 236 -49.54 -16.30 -80.99
N ILE BA 237 -48.25 -16.16 -80.78
CA ILE BA 237 -47.62 -14.87 -80.56
C ILE BA 237 -46.90 -14.46 -81.82
N ASN BA 238 -46.92 -13.16 -82.10
CA ASN BA 238 -46.17 -12.55 -83.19
C ASN BA 238 -45.41 -11.38 -82.62
N LEU BA 239 -44.09 -11.50 -82.58
CA LEU BA 239 -43.23 -10.48 -81.99
C LEU BA 239 -41.88 -10.52 -82.71
N THR BA 240 -41.79 -9.79 -83.82
CA THR BA 240 -40.59 -9.07 -84.27
C THR BA 240 -39.30 -9.71 -83.79
N THR BA 241 -39.08 -10.99 -84.10
CA THR BA 241 -38.05 -11.76 -83.40
C THR BA 241 -36.66 -11.18 -83.57
N THR BA 242 -36.42 -10.38 -84.61
CA THR BA 242 -35.10 -9.82 -84.82
C THR BA 242 -34.74 -8.81 -83.76
N THR BA 243 -35.73 -8.12 -83.19
CA THR BA 243 -35.51 -7.01 -82.28
C THR BA 243 -35.74 -7.38 -80.82
N CYS BA 244 -36.92 -7.92 -80.50
CA CYS BA 244 -37.37 -8.06 -79.12
C CYS BA 244 -37.48 -9.53 -78.75
N THR BA 245 -37.07 -9.85 -77.53
CA THR BA 245 -37.18 -11.19 -76.97
C THR BA 245 -38.34 -11.22 -75.98
N ILE BA 246 -38.89 -12.41 -75.78
CA ILE BA 246 -40.03 -12.64 -74.90
C ILE BA 246 -39.68 -13.78 -73.96
N ARG BA 247 -40.07 -13.65 -72.70
CA ARG BA 247 -39.77 -14.64 -71.67
C ARG BA 247 -41.03 -14.94 -70.87
N ASN BA 248 -41.24 -16.22 -70.57
CA ASN BA 248 -42.36 -16.68 -69.76
C ASN BA 248 -41.89 -16.71 -68.31
N CYS BA 249 -42.35 -15.76 -67.50
CA CYS BA 249 -41.78 -15.55 -66.17
C CYS BA 249 -42.84 -15.65 -65.09
N LYS BA 250 -42.53 -16.39 -64.04
CA LYS BA 250 -43.34 -16.41 -62.83
C LYS BA 250 -42.80 -15.38 -61.84
N LYS BA 251 -43.69 -14.86 -61.01
CA LYS BA 251 -43.33 -13.93 -59.95
C LYS BA 251 -43.13 -14.72 -58.67
N LEU BA 252 -41.89 -14.85 -58.24
CA LEU BA 252 -41.57 -15.38 -56.93
C LEU BA 252 -41.77 -14.27 -55.91
N GLY BA 253 -41.23 -14.43 -54.71
CA GLY BA 253 -41.37 -13.42 -53.69
C GLY BA 253 -40.77 -12.08 -54.11
N PRO BA 254 -40.71 -11.12 -53.17
CA PRO BA 254 -40.22 -9.79 -53.53
C PRO BA 254 -38.72 -9.65 -53.35
N ARG BA 255 -38.12 -8.86 -54.23
CA ARG BA 255 -36.71 -8.51 -54.12
C ARG BA 255 -36.57 -7.29 -53.22
N GLU BA 256 -35.49 -7.26 -52.44
CA GLU BA 256 -35.28 -6.25 -51.42
C GLU BA 256 -34.09 -5.35 -51.64
N ASN BA 257 -33.17 -5.70 -52.53
CA ASN BA 257 -32.04 -4.81 -52.78
C ASN BA 257 -32.50 -3.48 -53.35
N VAL BA 258 -33.64 -3.47 -54.03
CA VAL BA 258 -34.04 -2.35 -54.87
C VAL BA 258 -35.14 -1.57 -54.15
N ALA BA 259 -34.91 -0.28 -53.98
CA ALA BA 259 -35.90 0.65 -53.48
C ALA BA 259 -36.12 1.71 -54.54
N VAL BA 260 -37.38 1.95 -54.87
CA VAL BA 260 -37.75 2.82 -55.98
C VAL BA 260 -38.19 4.16 -55.42
N ILE BA 261 -37.44 5.20 -55.75
CA ILE BA 261 -37.74 6.56 -55.31
C ILE BA 261 -38.40 7.27 -56.47
N GLN BA 262 -39.72 7.31 -56.49
CA GLN BA 262 -40.42 8.18 -57.41
C GLN BA 262 -40.16 9.62 -57.02
N VAL BA 263 -39.98 10.46 -58.03
CA VAL BA 263 -39.55 11.84 -57.82
C VAL BA 263 -40.62 12.86 -58.15
N GLY BA 264 -41.63 12.52 -58.95
CA GLY BA 264 -42.61 13.49 -59.37
C GLY BA 264 -43.94 13.43 -58.65
N GLY BA 265 -44.93 12.81 -59.28
CA GLY BA 265 -46.32 13.01 -58.93
C GLY BA 265 -46.83 12.07 -57.87
N ALA BA 266 -48.15 11.86 -57.87
CA ALA BA 266 -48.81 11.14 -56.81
C ALA BA 266 -48.44 9.66 -56.85
N ASN BA 267 -48.99 8.91 -55.90
CA ASN BA 267 -48.76 7.46 -55.82
C ASN BA 267 -49.50 6.78 -56.96
N ILE BA 268 -48.74 6.26 -57.92
CA ILE BA 268 -49.30 5.72 -59.15
C ILE BA 268 -48.67 4.39 -59.56
N LEU BA 269 -47.68 3.92 -58.81
CA LEU BA 269 -47.05 2.65 -59.12
C LEU BA 269 -47.94 1.51 -58.66
N ASP BA 270 -48.56 0.81 -59.62
CA ASP BA 270 -49.35 -0.39 -59.32
C ASP BA 270 -48.48 -1.58 -59.71
N ILE BA 271 -47.75 -2.10 -58.73
CA ILE BA 271 -46.88 -3.23 -59.00
C ILE BA 271 -47.71 -4.48 -59.29
N THR BA 272 -48.82 -4.67 -58.59
CA THR BA 272 -49.60 -5.89 -58.71
C THR BA 272 -50.51 -5.81 -59.92
N ALA BA 273 -50.40 -6.79 -60.81
CA ALA BA 273 -51.23 -6.80 -62.02
C ALA BA 273 -52.71 -6.90 -61.67
N ASP BA 274 -53.04 -7.51 -60.54
CA ASP BA 274 -54.43 -7.62 -60.13
C ASP BA 274 -55.02 -6.22 -59.97
N PRO BA 275 -56.19 -5.92 -60.57
CA PRO BA 275 -56.77 -4.59 -60.35
C PRO BA 275 -57.16 -4.32 -58.91
N THR BA 276 -57.60 -5.34 -58.18
CA THR BA 276 -58.16 -5.11 -56.85
C THR BA 276 -57.10 -4.63 -55.87
N THR BA 277 -55.91 -5.19 -55.95
CA THR BA 277 -54.83 -4.85 -55.03
C THR BA 277 -53.93 -3.79 -55.62
N ASN BA 278 -53.74 -2.70 -54.88
CA ASN BA 278 -52.82 -1.63 -55.26
C ASN BA 278 -52.00 -1.26 -54.03
N PRO BA 279 -51.16 -2.16 -53.55
CA PRO BA 279 -50.53 -1.97 -52.24
C PRO BA 279 -49.37 -0.99 -52.28
N GLN BA 280 -49.18 -0.30 -51.16
CA GLN BA 280 -48.10 0.66 -50.98
C GLN BA 280 -47.07 0.00 -50.07
N ILE BA 281 -46.02 -0.57 -50.67
CA ILE BA 281 -44.98 -1.23 -49.89
C ILE BA 281 -43.97 -0.19 -49.40
N GLU BA 282 -43.10 -0.59 -48.49
CA GLU BA 282 -42.14 0.34 -47.91
C GLU BA 282 -41.07 0.76 -48.89
N ARG BA 283 -40.74 -0.07 -49.87
CA ARG BA 283 -39.66 0.20 -50.81
C ARG BA 283 -40.08 1.11 -51.96
N MET BA 284 -41.37 1.37 -52.12
CA MET BA 284 -41.85 2.33 -53.11
C MET BA 284 -42.01 3.67 -52.42
N MET BA 285 -40.92 4.43 -52.41
CA MET BA 285 -40.94 5.74 -51.78
C MET BA 285 -41.25 6.80 -52.83
N ARG BA 286 -41.71 7.94 -52.35
CA ARG BA 286 -42.08 9.06 -53.20
C ARG BA 286 -41.58 10.34 -52.55
N VAL BA 287 -41.01 11.23 -53.36
CA VAL BA 287 -40.52 12.50 -52.86
C VAL BA 287 -40.75 13.57 -53.92
N ASN BA 288 -41.26 14.72 -53.50
CA ASN BA 288 -41.39 15.84 -54.41
C ASN BA 288 -40.02 16.35 -54.82
N TRP BA 289 -40.00 17.32 -55.74
CA TRP BA 289 -38.71 17.80 -56.18
C TRP BA 289 -38.89 19.08 -56.98
N LYS BA 290 -37.86 19.92 -56.93
CA LYS BA 290 -37.60 20.89 -57.98
C LYS BA 290 -36.15 20.93 -58.42
N ARG BA 291 -35.21 20.49 -57.58
CA ARG BA 291 -33.78 20.49 -57.91
C ARG BA 291 -33.18 19.13 -57.59
N TRP BA 292 -32.40 18.61 -58.54
CA TRP BA 292 -31.78 17.32 -58.34
C TRP BA 292 -30.77 17.35 -57.21
N TRP BA 293 -30.12 18.49 -56.98
CA TRP BA 293 -29.24 18.59 -55.83
C TRP BA 293 -30.02 18.41 -54.54
N GLN BA 294 -31.21 18.99 -54.46
CA GLN BA 294 -32.04 18.80 -53.28
C GLN BA 294 -32.43 17.34 -53.13
N VAL BA 295 -32.76 16.67 -54.24
CA VAL BA 295 -33.14 15.26 -54.16
C VAL BA 295 -31.97 14.43 -53.64
N PHE BA 296 -30.77 14.68 -54.18
CA PHE BA 296 -29.62 13.87 -53.78
C PHE BA 296 -29.23 14.14 -52.34
N TYR BA 297 -29.30 15.40 -51.90
CA TYR BA 297 -29.02 15.69 -50.50
C TYR BA 297 -30.05 15.03 -49.61
N THR BA 298 -31.30 14.99 -50.02
CA THR BA 298 -32.32 14.31 -49.22
C THR BA 298 -31.99 12.84 -49.07
N ILE BA 299 -31.63 12.19 -50.17
CA ILE BA 299 -31.30 10.76 -50.12
C ILE BA 299 -30.08 10.53 -49.24
N VAL BA 300 -29.05 11.35 -49.42
CA VAL BA 300 -27.83 11.20 -48.61
C VAL BA 300 -28.14 11.38 -47.15
N ASP BA 301 -28.95 12.39 -46.82
CA ASP BA 301 -29.24 12.69 -45.43
C ASP BA 301 -30.01 11.56 -44.78
N TYR BA 302 -30.98 10.98 -45.49
CA TYR BA 302 -31.80 9.92 -44.94
C TYR BA 302 -31.40 8.55 -45.48
N ILE BA 303 -30.13 8.34 -45.78
CA ILE BA 303 -29.72 7.05 -46.32
C ILE BA 303 -29.89 5.96 -45.28
N ASN BA 304 -29.67 6.27 -44.01
CA ASN BA 304 -29.80 5.25 -42.97
C ASN BA 304 -31.22 4.70 -42.93
N GLN BA 305 -32.22 5.58 -43.02
CA GLN BA 305 -33.60 5.13 -42.98
C GLN BA 305 -33.94 4.27 -44.18
N ILE BA 306 -33.51 4.67 -45.37
CA ILE BA 306 -33.81 3.90 -46.56
C ILE BA 306 -33.17 2.52 -46.47
N VAL BA 307 -31.91 2.46 -46.06
CA VAL BA 307 -31.23 1.17 -46.04
C VAL BA 307 -31.83 0.26 -44.97
N GLN BA 308 -32.26 0.82 -43.84
CA GLN BA 308 -32.88 -0.05 -42.84
C GLN BA 308 -34.35 -0.32 -43.14
N VAL BA 309 -34.90 0.28 -44.19
CA VAL BA 309 -36.12 -0.24 -44.80
C VAL BA 309 -35.81 -1.41 -45.73
N MET BA 310 -34.68 -1.34 -46.45
CA MET BA 310 -34.33 -2.38 -47.41
C MET BA 310 -33.73 -3.58 -46.67
N SER BA 311 -33.26 -4.58 -47.42
CA SER BA 311 -32.63 -5.76 -46.83
C SER BA 311 -31.57 -6.29 -47.78
N LYS BA 312 -30.35 -6.49 -47.27
CA LYS BA 312 -29.24 -6.94 -48.11
C LYS BA 312 -29.35 -8.42 -48.47
N ARG BA 313 -30.08 -9.21 -47.68
CA ARG BA 313 -29.97 -10.66 -47.78
C ARG BA 313 -30.40 -11.15 -49.15
N SER BA 314 -31.51 -10.61 -49.67
CA SER BA 314 -32.06 -11.09 -50.93
C SER BA 314 -31.30 -10.49 -52.10
N ARG BA 315 -30.04 -10.89 -52.21
CA ARG BA 315 -29.17 -10.54 -53.33
C ARG BA 315 -28.92 -11.80 -54.15
N SER BA 316 -28.67 -11.61 -55.44
CA SER BA 316 -28.42 -12.71 -56.36
C SER BA 316 -27.03 -12.59 -56.95
N LEU BA 317 -26.46 -13.73 -57.35
CA LEU BA 317 -25.12 -13.73 -57.91
C LEU BA 317 -25.05 -12.86 -59.14
N ASN BA 318 -25.73 -13.28 -60.21
CA ASN BA 318 -25.75 -12.47 -61.40
C ASN BA 318 -26.53 -11.19 -61.15
N SER BA 319 -26.10 -10.12 -61.80
CA SER BA 319 -26.74 -8.83 -61.64
C SER BA 319 -28.00 -8.69 -62.47
N ALA BA 320 -28.46 -9.76 -63.11
CA ALA BA 320 -29.65 -9.68 -63.94
C ALA BA 320 -30.88 -9.42 -63.08
N ALA BA 321 -31.98 -9.10 -63.74
CA ALA BA 321 -33.23 -8.81 -63.06
C ALA BA 321 -34.09 -10.04 -62.85
N PHE BA 322 -33.69 -11.20 -63.37
CA PHE BA 322 -34.50 -12.40 -63.25
C PHE BA 322 -33.60 -13.62 -63.29
N TYR BA 323 -34.13 -14.74 -62.80
CA TYR BA 323 -33.45 -16.02 -62.84
C TYR BA 323 -33.85 -16.73 -64.12
N TYR BA 324 -32.92 -16.84 -65.07
CA TYR BA 324 -33.22 -17.40 -66.39
C TYR BA 324 -32.97 -18.90 -66.32
N ARG BA 325 -34.03 -19.67 -66.09
CA ARG BA 325 -33.90 -21.11 -65.89
C ARG BA 325 -34.04 -21.90 -67.17
N VAL BA 326 -33.67 -21.32 -68.31
CA VAL BA 326 -33.66 -21.98 -69.62
C VAL BA 326 -34.89 -22.85 -69.86
N ASN CA 56 -84.23 -7.44 -40.75
CA ASN CA 56 -85.45 -7.09 -40.02
C ASN CA 56 -85.71 -8.07 -38.87
N ILE CA 57 -85.29 -9.32 -39.05
CA ILE CA 57 -85.44 -10.35 -38.03
C ILE CA 57 -84.07 -10.60 -37.40
N PRO CA 58 -83.97 -10.98 -36.13
CA PRO CA 58 -82.64 -11.31 -35.57
C PRO CA 58 -82.16 -12.65 -36.07
N ILE CA 59 -81.12 -12.64 -36.89
CA ILE CA 59 -80.50 -13.86 -37.38
C ILE CA 59 -79.42 -14.27 -36.40
N THR CA 60 -79.47 -15.52 -35.95
CA THR CA 60 -78.53 -16.06 -34.98
C THR CA 60 -77.83 -17.28 -35.55
N GLY CA 61 -76.55 -17.40 -35.27
CA GLY CA 61 -75.78 -18.55 -35.72
C GLY CA 61 -74.62 -18.82 -34.80
N SER CA 62 -74.23 -20.08 -34.73
CA SER CA 62 -73.12 -20.46 -33.87
C SER CA 62 -71.80 -20.11 -34.55
N MET CA 63 -70.75 -20.04 -33.73
CA MET CA 63 -69.41 -19.78 -34.23
C MET CA 63 -68.64 -21.05 -34.55
N ASP CA 64 -69.18 -22.23 -34.23
CA ASP CA 64 -68.52 -23.50 -34.50
C ASP CA 64 -69.06 -24.17 -35.76
N THR CA 65 -69.82 -23.47 -36.58
CA THR CA 65 -70.26 -24.02 -37.84
C THR CA 65 -69.08 -24.20 -38.78
N VAL CA 66 -69.16 -25.20 -39.64
CA VAL CA 66 -68.14 -25.47 -40.63
C VAL CA 66 -68.46 -24.67 -41.89
N TYR CA 67 -67.43 -24.42 -42.69
CA TYR CA 67 -67.62 -23.68 -43.93
C TYR CA 67 -68.42 -24.48 -44.95
N SER CA 68 -69.33 -23.80 -45.63
CA SER CA 68 -69.92 -24.36 -46.82
C SER CA 68 -68.91 -24.30 -47.96
N ASN CA 69 -69.19 -25.05 -49.02
CA ASN CA 69 -68.30 -25.09 -50.17
C ASN CA 69 -68.32 -23.74 -50.89
N SER CA 70 -67.35 -23.55 -51.77
CA SER CA 70 -67.24 -22.28 -52.48
C SER CA 70 -68.45 -22.06 -53.38
N THR CA 71 -68.98 -20.85 -53.34
CA THR CA 71 -70.19 -20.47 -54.07
C THR CA 71 -69.85 -19.76 -55.38
N ARG CA 72 -68.57 -19.67 -55.73
CA ARG CA 72 -68.18 -18.99 -56.96
C ARG CA 72 -68.83 -19.63 -58.17
N GLU CA 73 -68.85 -20.96 -58.22
CA GLU CA 73 -69.43 -21.64 -59.36
C GLU CA 73 -70.92 -21.34 -59.48
N GLU CA 74 -71.63 -21.33 -58.34
CA GLU CA 74 -73.06 -21.05 -58.38
C GLU CA 74 -73.31 -19.63 -58.89
N VAL CA 75 -72.58 -18.64 -58.36
CA VAL CA 75 -72.82 -17.28 -58.79
C VAL CA 75 -72.46 -17.11 -60.26
N PHE CA 76 -71.42 -17.80 -60.72
CA PHE CA 76 -71.06 -17.73 -62.14
C PHE CA 76 -72.16 -18.33 -63.01
N LEU CA 77 -72.74 -19.45 -62.57
CA LEU CA 77 -73.78 -20.07 -63.37
C LEU CA 77 -75.10 -19.32 -63.33
N THR CA 78 -75.39 -18.57 -62.27
CA THR CA 78 -76.69 -17.95 -62.12
C THR CA 78 -76.72 -16.46 -62.43
N SER CA 79 -75.61 -15.76 -62.31
CA SER CA 79 -75.58 -14.31 -62.42
C SER CA 79 -75.13 -13.87 -63.80
N THR CA 80 -75.23 -12.58 -64.05
CA THR CA 80 -74.77 -11.94 -65.27
C THR CA 80 -73.79 -10.84 -64.94
N LEU CA 81 -72.70 -10.77 -65.70
CA LEU CA 81 -71.70 -9.72 -65.58
C LEU CA 81 -71.85 -8.80 -66.77
N CYS CA 82 -71.66 -7.50 -66.55
CA CYS CA 82 -71.87 -6.54 -67.62
C CYS CA 82 -70.84 -5.42 -67.55
N LEU CA 83 -70.19 -5.16 -68.68
CA LEU CA 83 -69.07 -4.23 -68.76
C LEU CA 83 -69.48 -2.99 -69.55
N TYR CA 84 -69.29 -1.82 -68.95
CA TYR CA 84 -69.49 -0.55 -69.61
C TYR CA 84 -68.12 0.03 -69.90
N TYR CA 85 -67.85 0.33 -71.16
CA TYR CA 85 -66.56 0.78 -71.62
C TYR CA 85 -66.77 1.94 -72.59
N PRO CA 86 -65.83 2.88 -72.66
CA PRO CA 86 -66.03 4.02 -73.56
C PRO CA 86 -65.91 3.59 -75.01
N THR CA 87 -66.51 4.39 -75.89
CA THR CA 87 -66.39 4.14 -77.32
C THR CA 87 -64.94 4.21 -77.78
N GLU CA 88 -64.12 4.98 -77.07
CA GLU CA 88 -62.70 5.05 -77.36
C GLU CA 88 -62.07 3.66 -77.34
N ALA CA 89 -62.55 2.80 -76.45
CA ALA CA 89 -62.01 1.45 -76.36
C ALA CA 89 -62.19 0.72 -77.68
N SER CA 90 -63.42 0.66 -78.19
CA SER CA 90 -63.67 -0.02 -79.45
C SER CA 90 -62.91 0.65 -80.58
N THR CA 91 -62.80 1.98 -80.55
CA THR CA 91 -62.09 2.69 -81.60
C THR CA 91 -60.64 2.24 -81.67
N GLN CA 92 -59.98 2.09 -80.52
CA GLN CA 92 -58.61 1.59 -80.54
C GLN CA 92 -58.57 0.11 -80.88
N ILE CA 93 -59.59 -0.65 -80.47
CA ILE CA 93 -59.61 -2.08 -80.72
C ILE CA 93 -59.58 -2.35 -82.22
N SER CA 94 -60.39 -1.63 -82.99
CA SER CA 94 -60.45 -1.78 -84.44
C SER CA 94 -60.84 -3.21 -84.83
N ASP CA 95 -62.00 -3.62 -84.32
CA ASP CA 95 -62.51 -4.96 -84.47
C ASP CA 95 -64.03 -4.89 -84.44
N GLY CA 96 -64.70 -5.94 -83.97
CA GLY CA 96 -66.14 -6.03 -84.12
C GLY CA 96 -66.67 -7.45 -84.07
N GLU CA 97 -65.77 -8.42 -84.03
CA GLU CA 97 -66.06 -9.71 -83.41
C GLU CA 97 -65.44 -9.80 -82.02
N TRP CA 98 -64.84 -8.72 -81.53
CA TRP CA 98 -64.14 -8.78 -80.26
C TRP CA 98 -65.10 -9.04 -79.10
N LYS CA 99 -66.35 -8.59 -79.21
CA LYS CA 99 -67.33 -8.93 -78.18
C LYS CA 99 -67.51 -10.44 -78.10
N ASP CA 100 -67.62 -11.10 -79.25
CA ASP CA 100 -67.79 -12.56 -79.25
C ASP CA 100 -66.53 -13.25 -78.75
N SER CA 101 -65.36 -12.77 -79.15
CA SER CA 101 -64.12 -13.37 -78.66
C SER CA 101 -64.02 -13.22 -77.15
N LEU CA 102 -64.35 -12.04 -76.63
CA LEU CA 102 -64.29 -11.81 -75.20
C LEU CA 102 -65.33 -12.64 -74.45
N SER CA 103 -66.49 -12.87 -75.05
CA SER CA 103 -67.46 -13.77 -74.43
C SER CA 103 -66.93 -15.20 -74.36
N GLN CA 104 -66.36 -15.68 -75.46
CA GLN CA 104 -65.79 -17.02 -75.46
C GLN CA 104 -64.64 -17.12 -74.47
N MET CA 105 -63.94 -16.01 -74.22
CA MET CA 105 -62.82 -16.03 -73.31
C MET CA 105 -63.26 -15.88 -71.86
N PHE CA 106 -64.43 -15.29 -71.62
CA PHE CA 106 -65.05 -15.37 -70.31
C PHE CA 106 -65.58 -16.78 -70.03
N LEU CA 107 -66.00 -17.48 -71.08
CA LEU CA 107 -66.56 -18.82 -70.89
C LEU CA 107 -65.56 -19.73 -70.21
N ILE CA 108 -64.29 -19.66 -70.60
CA ILE CA 108 -63.29 -20.50 -69.95
C ILE CA 108 -63.13 -20.11 -68.49
N LYS CA 109 -63.32 -18.83 -68.16
CA LYS CA 109 -63.24 -18.43 -66.76
C LYS CA 109 -64.45 -18.91 -65.97
N GLY CA 110 -65.59 -19.12 -66.64
CA GLY CA 110 -66.71 -19.78 -66.00
C GLY CA 110 -68.08 -19.26 -66.36
N TRP CA 111 -68.18 -18.01 -66.79
CA TRP CA 111 -69.48 -17.43 -67.07
C TRP CA 111 -70.09 -18.07 -68.31
N PRO CA 112 -71.33 -18.58 -68.27
CA PRO CA 112 -71.88 -19.20 -69.48
C PRO CA 112 -71.94 -18.25 -70.66
N THR CA 113 -72.32 -18.77 -71.83
CA THR CA 113 -72.03 -18.09 -73.08
C THR CA 113 -72.75 -16.74 -73.17
N GLY CA 114 -74.00 -16.67 -72.73
CA GLY CA 114 -74.75 -15.44 -72.84
C GLY CA 114 -74.68 -14.53 -71.63
N SER CA 115 -73.93 -14.91 -70.61
CA SER CA 115 -74.03 -14.26 -69.31
C SER CA 115 -73.18 -13.01 -69.18
N VAL CA 116 -72.41 -12.64 -70.19
CA VAL CA 116 -71.59 -11.44 -70.20
C VAL CA 116 -72.16 -10.48 -71.23
N TYR CA 117 -72.40 -9.24 -70.82
CA TYR CA 117 -73.07 -8.27 -71.68
C TYR CA 117 -72.25 -6.99 -71.75
N PHE CA 118 -71.94 -6.56 -72.97
CA PHE CA 118 -71.11 -5.39 -73.20
C PHE CA 118 -71.99 -4.23 -73.62
N LYS CA 119 -71.89 -3.12 -72.89
CA LYS CA 119 -72.76 -1.95 -73.09
C LYS CA 119 -71.86 -0.74 -73.22
N GLU CA 120 -71.48 -0.43 -74.45
CA GLU CA 120 -70.69 0.75 -74.75
C GLU CA 120 -71.38 2.00 -74.22
N TYR CA 121 -70.57 3.00 -73.87
CA TYR CA 121 -71.06 4.34 -73.61
C TYR CA 121 -70.13 5.34 -74.31
N SER CA 122 -70.66 6.50 -74.65
CA SER CA 122 -69.90 7.44 -75.47
C SER CA 122 -68.70 7.97 -74.70
N ASN CA 123 -68.95 8.69 -73.60
CA ASN CA 123 -67.88 9.20 -72.76
C ASN CA 123 -68.45 9.40 -71.36
N ILE CA 124 -67.59 9.84 -70.45
CA ILE CA 124 -67.95 9.81 -69.03
C ILE CA 124 -69.11 10.76 -68.75
N VAL CA 125 -69.04 11.98 -69.27
CA VAL CA 125 -70.05 12.98 -68.92
C VAL CA 125 -71.39 12.62 -69.53
N ASP CA 126 -71.39 12.08 -70.75
CA ASP CA 126 -72.65 11.71 -71.39
C ASP CA 126 -73.24 10.46 -70.77
N PHE CA 127 -72.41 9.54 -70.29
CA PHE CA 127 -72.91 8.40 -69.54
C PHE CA 127 -73.47 8.83 -68.19
N SER CA 128 -72.96 9.94 -67.65
CA SER CA 128 -73.40 10.38 -66.33
C SER CA 128 -74.90 10.63 -66.27
N VAL CA 129 -75.51 11.06 -67.37
CA VAL CA 129 -76.91 11.45 -67.32
C VAL CA 129 -77.78 10.22 -67.13
N ASP CA 130 -78.16 9.95 -65.89
CA ASP CA 130 -79.06 8.86 -65.53
C ASP CA 130 -78.53 7.53 -66.08
N PRO CA 131 -77.48 6.97 -65.50
CA PRO CA 131 -76.93 5.72 -66.01
C PRO CA 131 -77.77 4.54 -65.54
N GLN CA 132 -78.30 3.78 -66.50
CA GLN CA 132 -78.98 2.55 -66.19
C GLN CA 132 -77.97 1.43 -66.05
N LEU CA 133 -78.25 0.49 -65.16
CA LEU CA 133 -77.34 -0.62 -64.86
C LEU CA 133 -78.12 -1.91 -65.09
N TYR CA 134 -78.14 -2.35 -66.35
CA TYR CA 134 -78.97 -3.47 -66.78
C TYR CA 134 -78.28 -4.79 -66.50
N CYS CA 135 -78.06 -5.12 -65.23
CA CYS CA 135 -77.23 -6.31 -65.03
C CYS CA 135 -77.32 -6.78 -63.59
N ASP CA 136 -76.45 -7.73 -63.25
CA ASP CA 136 -76.36 -8.31 -61.92
C ASP CA 136 -74.99 -8.16 -61.30
N TYR CA 137 -73.95 -7.90 -62.10
CA TYR CA 137 -72.63 -7.54 -61.59
C TYR CA 137 -72.05 -6.55 -62.60
N ASN CA 138 -72.00 -5.27 -62.22
CA ASN CA 138 -71.68 -4.22 -63.17
C ASN CA 138 -70.25 -3.73 -62.99
N LEU CA 139 -69.50 -3.70 -64.10
CA LEU CA 139 -68.18 -3.07 -64.16
C LEU CA 139 -68.29 -1.83 -65.02
N VAL CA 140 -67.72 -0.73 -64.55
CA VAL CA 140 -67.74 0.54 -65.26
C VAL CA 140 -66.31 1.01 -65.42
N LEU CA 141 -65.83 1.06 -66.66
CA LEU CA 141 -64.47 1.48 -66.96
C LEU CA 141 -64.47 2.96 -67.24
N MET CA 142 -63.67 3.71 -66.49
CA MET CA 142 -63.66 5.17 -66.57
C MET CA 142 -62.26 5.62 -66.92
N LYS CA 143 -62.08 6.11 -68.14
CA LYS CA 143 -60.77 6.58 -68.58
C LYS CA 143 -60.54 7.98 -68.04
N TYR CA 144 -59.45 8.16 -67.32
CA TYR CA 144 -59.17 9.42 -66.65
C TYR CA 144 -58.42 10.38 -67.57
N ASP CA 145 -58.85 11.63 -67.55
CA ASP CA 145 -58.09 12.72 -68.15
C ASP CA 145 -58.27 13.95 -67.29
N GLN CA 146 -57.35 14.90 -67.44
CA GLN CA 146 -57.40 16.09 -66.60
C GLN CA 146 -58.68 16.87 -66.85
N SER CA 147 -59.20 17.47 -65.78
CA SER CA 147 -60.43 18.25 -65.71
C SER CA 147 -61.67 17.36 -65.64
N LEU CA 148 -61.55 16.05 -65.79
CA LEU CA 148 -62.67 15.14 -65.60
C LEU CA 148 -62.69 14.57 -64.19
N GLU CA 149 -61.87 15.11 -63.28
CA GLU CA 149 -61.80 14.56 -61.93
C GLU CA 149 -63.15 14.68 -61.22
N LEU CA 150 -63.72 15.87 -61.21
CA LEU CA 150 -64.98 16.05 -60.51
C LEU CA 150 -66.11 15.31 -61.20
N ASP CA 151 -66.12 15.28 -62.54
CA ASP CA 151 -67.19 14.59 -63.23
C ASP CA 151 -67.14 13.08 -62.96
N MET CA 152 -65.94 12.50 -63.00
CA MET CA 152 -65.81 11.10 -62.64
C MET CA 152 -66.21 10.86 -61.20
N SER CA 153 -65.82 11.76 -60.31
CA SER CA 153 -66.19 11.60 -58.90
C SER CA 153 -67.69 11.66 -58.72
N GLU CA 154 -68.36 12.56 -59.41
CA GLU CA 154 -69.81 12.65 -59.33
C GLU CA 154 -70.47 11.38 -59.84
N LEU CA 155 -69.98 10.85 -60.97
CA LEU CA 155 -70.57 9.62 -61.50
C LEU CA 155 -70.36 8.47 -60.54
N ALA CA 156 -69.17 8.35 -59.97
CA ALA CA 156 -68.90 7.28 -59.03
C ALA CA 156 -69.78 7.42 -57.79
N ASP CA 157 -69.91 8.63 -57.27
CA ASP CA 157 -70.81 8.85 -56.15
C ASP CA 157 -72.24 8.51 -56.50
N LEU CA 158 -72.63 8.69 -57.76
CA LEU CA 158 -74.00 8.40 -58.16
C LEU CA 158 -74.25 6.90 -58.25
N ILE CA 159 -73.33 6.15 -58.83
CA ILE CA 159 -73.59 4.73 -59.07
C ILE CA 159 -73.18 3.86 -57.90
N LEU CA 160 -72.02 4.12 -57.27
CA LEU CA 160 -71.55 3.25 -56.21
C LEU CA 160 -72.45 3.29 -55.00
N ASN CA 161 -72.81 4.49 -54.54
CA ASN CA 161 -73.75 4.61 -53.45
C ASN CA 161 -75.17 4.44 -53.95
N GLU CA 162 -76.06 4.11 -53.03
CA GLU CA 162 -77.44 3.76 -53.35
C GLU CA 162 -78.35 4.88 -52.85
N TRP CA 163 -79.11 5.48 -53.78
CA TRP CA 163 -79.90 6.67 -53.50
C TRP CA 163 -81.39 6.34 -53.49
N LEU CA 164 -82.14 7.19 -52.78
CA LEU CA 164 -83.60 7.16 -52.81
C LEU CA 164 -84.06 8.59 -52.93
N CYS CA 165 -84.91 8.91 -53.91
CA CYS CA 165 -85.11 10.32 -54.17
C CYS CA 165 -86.39 10.66 -54.91
N ASN CA 166 -86.72 11.95 -54.85
CA ASN CA 166 -88.02 12.51 -55.17
C ASN CA 166 -87.85 13.70 -56.10
N PRO CA 167 -88.91 14.10 -56.80
CA PRO CA 167 -88.79 15.22 -57.73
C PRO CA 167 -88.84 16.55 -57.00
N MET CA 168 -88.59 17.62 -57.75
CA MET CA 168 -88.55 18.97 -57.20
C MET CA 168 -89.25 19.90 -58.18
N ASP CA 169 -90.37 20.48 -57.76
CA ASP CA 169 -91.07 21.47 -58.55
C ASP CA 169 -90.38 22.81 -58.33
N ILE CA 170 -89.36 23.07 -59.15
CA ILE CA 170 -88.46 24.19 -58.89
C ILE CA 170 -89.20 25.52 -59.00
N THR CA 171 -90.06 25.67 -60.01
CA THR CA 171 -90.67 26.97 -60.26
C THR CA 171 -91.57 27.41 -59.12
N LEU CA 172 -92.07 26.47 -58.31
CA LEU CA 172 -93.05 26.79 -57.28
C LEU CA 172 -92.40 27.03 -55.93
N TYR CA 173 -91.73 26.03 -55.39
CA TYR CA 173 -91.39 25.97 -53.97
C TYR CA 173 -89.94 26.38 -53.72
N TYR CA 174 -89.59 26.39 -52.44
CA TYR CA 174 -88.21 26.56 -51.97
C TYR CA 174 -87.82 25.29 -51.24
N TYR CA 175 -86.53 24.95 -51.30
CA TYR CA 175 -86.09 23.63 -50.87
C TYR CA 175 -84.93 23.72 -49.89
N GLN CA 176 -84.94 22.83 -48.92
CA GLN CA 176 -83.87 22.65 -47.94
C GLN CA 176 -83.23 21.29 -48.13
N GLN CA 177 -82.02 21.16 -47.61
CA GLN CA 177 -81.32 19.88 -47.52
C GLN CA 177 -81.46 19.42 -46.07
N SER CA 178 -82.23 18.36 -45.87
CA SER CA 178 -82.63 17.96 -44.52
C SER CA 178 -81.44 17.64 -43.65
N GLY CA 179 -80.42 16.98 -44.22
CA GLY CA 179 -79.28 16.58 -43.43
C GLY CA 179 -78.01 16.39 -44.21
N GLU CA 180 -77.05 15.70 -43.60
CA GLU CA 180 -75.75 15.49 -44.22
C GLU CA 180 -75.83 14.58 -45.43
N SER CA 181 -76.79 13.65 -45.43
CA SER CA 181 -76.89 12.66 -46.50
C SER CA 181 -77.81 13.08 -47.62
N ASN CA 182 -78.23 14.33 -47.67
CA ASN CA 182 -79.17 14.81 -48.66
C ASN CA 182 -78.46 15.74 -49.64
N LYS CA 183 -78.49 15.39 -50.93
CA LYS CA 183 -77.92 16.17 -52.01
C LYS CA 183 -79.02 16.47 -53.02
N TRP CA 184 -78.71 17.32 -54.00
CA TRP CA 184 -79.58 17.52 -55.15
C TRP CA 184 -78.85 17.04 -56.39
N ILE CA 185 -79.47 16.13 -57.13
CA ILE CA 185 -78.89 15.52 -58.31
C ILE CA 185 -79.56 16.13 -59.52
N SER CA 186 -78.78 16.79 -60.36
CA SER CA 186 -79.27 17.43 -61.57
C SER CA 186 -78.72 16.69 -62.78
N MET CA 187 -79.63 16.24 -63.65
CA MET CA 187 -79.28 15.42 -64.79
C MET CA 187 -79.96 15.94 -66.03
N GLY CA 188 -79.22 16.00 -67.14
CA GLY CA 188 -79.84 16.36 -68.40
C GLY CA 188 -78.81 16.72 -69.44
N SER CA 189 -79.31 17.32 -70.52
CA SER CA 189 -78.44 17.72 -71.63
C SER CA 189 -77.44 18.76 -71.19
N SER CA 190 -77.88 19.74 -70.39
CA SER CA 190 -76.98 20.74 -69.84
C SER CA 190 -77.67 21.37 -68.65
N CYS CA 191 -77.07 21.23 -67.47
CA CYS CA 191 -77.60 21.79 -66.24
C CYS CA 191 -76.85 23.07 -65.90
N THR CA 192 -77.58 24.05 -65.38
CA THR CA 192 -76.99 25.29 -64.86
C THR CA 192 -77.79 25.63 -63.61
N VAL CA 193 -77.28 25.19 -62.46
CA VAL CA 193 -78.00 25.27 -61.20
C VAL CA 193 -77.62 26.61 -60.56
N LYS CA 194 -78.55 27.55 -60.51
CA LYS CA 194 -78.31 28.84 -59.89
C LYS CA 194 -79.13 28.92 -58.62
N VAL CA 195 -78.46 28.85 -57.47
CA VAL CA 195 -79.12 28.83 -56.18
C VAL CA 195 -78.99 30.21 -55.55
N CYS CA 196 -80.09 30.71 -55.02
CA CYS CA 196 -80.11 31.91 -54.20
C CYS CA 196 -80.58 31.51 -52.82
N PRO CA 197 -79.74 31.53 -51.79
CA PRO CA 197 -80.22 31.18 -50.45
C PRO CA 197 -81.11 32.27 -49.89
N LEU CA 198 -81.96 31.89 -48.94
CA LEU CA 198 -82.96 32.78 -48.37
C LEU CA 198 -82.76 32.86 -46.87
N ASN CA 199 -82.91 34.06 -46.33
CA ASN CA 199 -82.95 34.22 -44.88
C ASN CA 199 -84.36 33.87 -44.39
N THR CA 200 -84.57 33.98 -43.08
CA THR CA 200 -85.82 33.47 -42.51
C THR CA 200 -87.03 34.25 -42.99
N GLN CA 201 -86.87 35.52 -43.31
CA GLN CA 201 -87.99 36.35 -43.77
C GLN CA 201 -88.31 36.15 -45.25
N THR CA 202 -87.71 35.16 -45.90
CA THR CA 202 -87.97 34.87 -47.31
C THR CA 202 -87.43 35.98 -48.20
N LEU CA 203 -86.24 36.48 -47.87
CA LEU CA 203 -85.50 37.40 -48.72
C LEU CA 203 -84.12 36.83 -48.98
N GLY CA 204 -83.65 36.98 -50.21
CA GLY CA 204 -82.36 36.41 -50.56
C GLY CA 204 -81.23 37.10 -49.82
N ILE CA 205 -80.13 36.37 -49.67
CA ILE CA 205 -78.90 36.89 -49.06
C ILE CA 205 -77.80 36.78 -50.10
N GLY CA 206 -77.17 37.90 -50.41
CA GLY CA 206 -76.30 37.96 -51.56
C GLY CA 206 -77.01 37.84 -52.89
N CYS CA 207 -78.34 37.94 -52.91
CA CYS CA 207 -79.11 37.77 -54.12
C CYS CA 207 -80.53 38.26 -53.89
N GLN CA 208 -81.17 38.69 -54.96
CA GLN CA 208 -82.58 39.07 -54.95
C GLN CA 208 -83.39 37.91 -55.48
N THR CA 209 -84.46 37.55 -54.76
CA THR CA 209 -85.28 36.42 -55.17
C THR CA 209 -85.89 36.61 -56.55
N THR CA 210 -86.02 37.86 -57.01
CA THR CA 210 -86.58 38.13 -58.33
C THR CA 210 -85.51 38.09 -59.42
N ASN CA 211 -84.50 38.94 -59.29
CA ASN CA 211 -83.44 39.00 -60.29
C ASN CA 211 -82.61 37.74 -60.27
N VAL CA 212 -82.56 37.03 -61.41
CA VAL CA 212 -81.79 35.80 -61.50
C VAL CA 212 -80.31 36.07 -61.73
N ASP CA 213 -79.93 37.29 -62.10
CA ASP CA 213 -78.52 37.60 -62.28
C ASP CA 213 -77.76 37.46 -60.97
N SER CA 214 -78.36 37.91 -59.87
CA SER CA 214 -77.67 37.93 -58.58
C SER CA 214 -77.50 36.54 -57.99
N PHE CA 215 -78.14 35.52 -58.55
CA PHE CA 215 -78.02 34.17 -58.04
C PHE CA 215 -76.56 33.71 -58.12
N GLU CA 216 -76.22 32.70 -57.34
CA GLU CA 216 -74.86 32.17 -57.26
C GLU CA 216 -74.85 30.81 -57.93
N THR CA 217 -74.14 30.71 -59.05
CA THR CA 217 -74.02 29.43 -59.75
C THR CA 217 -73.21 28.45 -58.90
N VAL CA 218 -73.68 27.21 -58.85
CA VAL CA 218 -72.95 26.13 -58.20
C VAL CA 218 -72.51 25.04 -59.17
N ALA CA 219 -73.10 24.97 -60.35
CA ALA CA 219 -72.70 23.97 -61.35
C ALA CA 219 -73.29 24.40 -62.67
N GLU CA 220 -72.46 24.60 -63.69
CA GLU CA 220 -72.89 25.22 -64.93
C GLU CA 220 -72.42 24.41 -66.13
N ASN CA 221 -73.33 24.18 -67.06
CA ASN CA 221 -73.06 23.40 -68.27
C ASN CA 221 -72.55 22.01 -67.90
N GLU CA 222 -73.33 21.31 -67.08
CA GLU CA 222 -73.00 19.99 -66.58
C GLU CA 222 -74.10 19.02 -67.00
N LYS CA 223 -73.72 17.87 -67.55
CA LYS CA 223 -74.70 16.83 -67.78
C LYS CA 223 -75.21 16.26 -66.46
N LEU CA 224 -74.29 16.01 -65.53
CA LEU CA 224 -74.62 15.57 -64.17
C LEU CA 224 -73.99 16.54 -63.18
N ALA CA 225 -74.73 16.85 -62.13
CA ALA CA 225 -74.24 17.74 -61.09
C ALA CA 225 -74.84 17.32 -59.75
N ILE CA 226 -73.99 16.91 -58.83
CA ILE CA 226 -74.41 16.55 -57.47
C ILE CA 226 -74.08 17.75 -56.59
N VAL CA 227 -75.07 18.61 -56.34
CA VAL CA 227 -74.84 19.87 -55.64
C VAL CA 227 -75.25 19.72 -54.19
N ASP CA 228 -74.35 20.15 -53.29
CA ASP CA 228 -74.60 20.23 -51.86
C ASP CA 228 -74.56 21.70 -51.48
N VAL CA 229 -75.63 22.19 -50.88
CA VAL CA 229 -75.71 23.54 -50.37
C VAL CA 229 -75.74 23.46 -48.85
N VAL CA 230 -75.66 24.62 -48.21
CA VAL CA 230 -75.69 24.66 -46.75
C VAL CA 230 -77.00 24.09 -46.27
N ASP CA 231 -76.93 23.15 -45.34
CA ASP CA 231 -78.12 22.45 -44.89
C ASP CA 231 -78.84 23.26 -43.83
N GLY CA 232 -80.16 23.32 -43.95
CA GLY CA 232 -80.98 24.07 -43.03
C GLY CA 232 -81.37 25.46 -43.50
N ILE CA 233 -81.14 25.79 -44.76
CA ILE CA 233 -81.44 27.10 -45.32
C ILE CA 233 -82.32 26.92 -46.54
N ASN CA 234 -83.43 27.64 -46.60
CA ASN CA 234 -84.26 27.62 -47.79
C ASN CA 234 -83.47 28.17 -48.97
N HIS CA 235 -83.70 27.59 -50.14
CA HIS CA 235 -83.01 27.99 -51.36
C HIS CA 235 -84.02 28.14 -52.48
N LYS CA 236 -83.74 29.09 -53.38
CA LYS CA 236 -84.49 29.24 -54.62
C LYS CA 236 -83.58 28.82 -55.76
N ILE CA 237 -84.02 27.84 -56.54
CA ILE CA 237 -83.22 27.27 -57.61
C ILE CA 237 -83.75 27.80 -58.94
N ASN CA 238 -82.83 28.26 -59.78
CA ASN CA 238 -83.10 28.59 -61.18
C ASN CA 238 -82.39 27.54 -62.02
N LEU CA 239 -83.17 26.74 -62.74
CA LEU CA 239 -82.59 25.63 -63.49
C LEU CA 239 -83.47 25.35 -64.72
N THR CA 240 -83.21 26.07 -65.81
CA THR CA 240 -83.25 25.55 -67.18
C THR CA 240 -84.19 24.37 -67.35
N THR CA 241 -85.48 24.54 -67.01
CA THR CA 241 -86.35 23.38 -66.86
C THR CA 241 -86.52 22.59 -68.15
N THR CA 242 -86.24 23.20 -69.31
CA THR CA 242 -86.49 22.54 -70.59
C THR CA 242 -85.64 21.27 -70.72
N THR CA 243 -84.36 21.36 -70.35
CA THR CA 243 -83.40 20.28 -70.59
C THR CA 243 -83.08 19.48 -69.33
N CYS CA 244 -82.65 20.16 -68.27
CA CYS CA 244 -82.12 19.52 -67.08
C CYS CA 244 -83.21 19.35 -66.04
N THR CA 245 -83.35 18.14 -65.51
CA THR CA 245 -84.20 17.88 -64.37
C THR CA 245 -83.36 17.79 -63.11
N ILE CA 246 -84.00 17.98 -61.97
CA ILE CA 246 -83.32 18.00 -60.69
C ILE CA 246 -84.15 17.24 -59.68
N ARG CA 247 -83.48 16.45 -58.83
CA ARG CA 247 -84.13 15.57 -57.88
C ARG CA 247 -83.51 15.76 -56.51
N ASN CA 248 -84.37 15.81 -55.50
CA ASN CA 248 -83.95 15.85 -54.10
C ASN CA 248 -83.65 14.42 -53.67
N CYS CA 249 -82.36 14.09 -53.47
CA CYS CA 249 -81.96 12.71 -53.27
C CYS CA 249 -81.19 12.49 -51.97
N LYS CA 250 -81.64 11.48 -51.22
CA LYS CA 250 -80.99 11.03 -50.00
C LYS CA 250 -80.12 9.81 -50.29
N LYS CA 251 -79.07 9.67 -49.50
CA LYS CA 251 -78.03 8.69 -49.71
C LYS CA 251 -78.19 7.57 -48.69
N LEU CA 252 -78.64 6.41 -49.15
CA LEU CA 252 -78.68 5.21 -48.33
C LEU CA 252 -77.29 4.60 -48.30
N GLY CA 253 -77.20 3.34 -47.89
CA GLY CA 253 -75.93 2.64 -47.86
C GLY CA 253 -75.33 2.48 -49.25
N PRO CA 254 -74.34 1.60 -49.39
CA PRO CA 254 -73.66 1.48 -50.67
C PRO CA 254 -74.37 0.49 -51.57
N ARG CA 255 -74.29 0.76 -52.88
CA ARG CA 255 -74.80 -0.17 -53.88
C ARG CA 255 -73.73 -1.21 -54.15
N GLU CA 256 -74.02 -2.46 -53.82
CA GLU CA 256 -73.04 -3.52 -53.93
C GLU CA 256 -72.88 -4.02 -55.35
N ASN CA 257 -73.80 -3.65 -56.24
CA ASN CA 257 -73.90 -4.28 -57.55
C ASN CA 257 -72.82 -3.82 -58.50
N VAL CA 258 -72.26 -2.62 -58.28
CA VAL CA 258 -71.43 -1.96 -59.27
C VAL CA 258 -70.01 -1.85 -58.76
N ALA CA 259 -69.09 -1.66 -59.70
CA ALA CA 259 -67.67 -1.50 -59.37
C ALA CA 259 -67.02 -0.67 -60.45
N VAL CA 260 -66.18 0.27 -60.03
CA VAL CA 260 -65.63 1.29 -60.91
C VAL CA 260 -64.14 1.00 -61.09
N ILE CA 261 -63.75 0.72 -62.34
CA ILE CA 261 -62.35 0.56 -62.71
C ILE CA 261 -61.91 1.87 -63.34
N GLN CA 262 -61.22 2.70 -62.56
CA GLN CA 262 -60.48 3.80 -63.14
C GLN CA 262 -59.37 3.24 -64.02
N VAL CA 263 -59.18 3.81 -65.19
CA VAL CA 263 -58.30 3.23 -66.18
C VAL CA 263 -57.01 4.03 -66.31
N GLY CA 264 -57.03 5.29 -65.87
CA GLY CA 264 -55.90 6.17 -66.08
C GLY CA 264 -55.05 6.46 -64.86
N GLY CA 265 -55.27 7.61 -64.25
CA GLY CA 265 -54.28 8.23 -63.39
C GLY CA 265 -54.32 7.78 -61.95
N ALA CA 266 -54.10 8.73 -61.05
CA ALA CA 266 -53.88 8.44 -59.63
C ALA CA 266 -55.21 8.42 -58.88
N ASN CA 267 -55.12 8.35 -57.54
CA ASN CA 267 -56.30 8.48 -56.69
C ASN CA 267 -56.93 9.85 -56.88
N ILE CA 268 -58.12 9.90 -57.48
CA ILE CA 268 -58.87 11.15 -57.59
C ILE CA 268 -60.32 11.01 -57.14
N LEU CA 269 -60.90 9.81 -57.14
CA LEU CA 269 -62.28 9.68 -56.76
C LEU CA 269 -62.46 10.03 -55.29
N ASP CA 270 -63.48 10.86 -55.01
CA ASP CA 270 -63.87 11.22 -53.65
C ASP CA 270 -65.38 11.03 -53.58
N ILE CA 271 -65.80 9.78 -53.33
CA ILE CA 271 -67.24 9.50 -53.31
C ILE CA 271 -67.92 10.25 -52.18
N THR CA 272 -67.23 10.40 -51.05
CA THR CA 272 -67.80 11.06 -49.89
C THR CA 272 -67.66 12.57 -50.06
N ALA CA 273 -68.79 13.26 -50.17
CA ALA CA 273 -68.76 14.69 -50.42
C ALA CA 273 -68.09 15.46 -49.28
N ASP CA 274 -68.01 14.87 -48.09
CA ASP CA 274 -67.34 15.53 -46.99
C ASP CA 274 -65.86 15.73 -47.32
N PRO CA 275 -65.25 16.84 -46.87
CA PRO CA 275 -63.80 16.95 -47.06
C PRO CA 275 -63.01 16.07 -46.11
N THR CA 276 -63.46 15.93 -44.86
CA THR CA 276 -62.66 15.26 -43.84
C THR CA 276 -62.36 13.81 -44.21
N THR CA 277 -63.34 13.11 -44.75
CA THR CA 277 -63.20 11.69 -45.06
C THR CA 277 -63.05 11.50 -46.57
N ASN CA 278 -62.02 10.78 -46.97
CA ASN CA 278 -61.77 10.44 -48.37
C ASN CA 278 -61.47 8.95 -48.47
N PRO CA 279 -62.42 8.09 -48.11
CA PRO CA 279 -62.12 6.66 -48.03
C PRO CA 279 -61.90 6.05 -49.40
N GLN CA 280 -61.03 5.04 -49.43
CA GLN CA 280 -60.78 4.25 -50.62
C GLN CA 280 -61.51 2.92 -50.45
N ILE CA 281 -62.76 2.89 -50.87
CA ILE CA 281 -63.59 1.70 -50.71
C ILE CA 281 -63.08 0.62 -51.65
N GLU CA 282 -63.56 -0.60 -51.46
CA GLU CA 282 -63.00 -1.75 -52.15
C GLU CA 282 -63.38 -1.80 -53.62
N ARG CA 283 -64.52 -1.21 -53.98
CA ARG CA 283 -65.04 -1.32 -55.34
C ARG CA 283 -64.49 -0.24 -56.27
N MET CA 284 -63.65 0.66 -55.78
CA MET CA 284 -63.02 1.69 -56.60
C MET CA 284 -61.63 1.21 -56.98
N MET CA 285 -61.57 0.34 -57.97
CA MET CA 285 -60.29 -0.19 -58.42
C MET CA 285 -59.68 0.74 -59.46
N ARG CA 286 -58.38 0.59 -59.67
CA ARG CA 286 -57.71 1.32 -60.74
C ARG CA 286 -56.68 0.42 -61.38
N VAL CA 287 -56.52 0.58 -62.69
CA VAL CA 287 -55.54 -0.17 -63.47
C VAL CA 287 -54.80 0.81 -64.38
N ASN CA 288 -53.57 0.46 -64.72
CA ASN CA 288 -52.72 1.28 -65.56
C ASN CA 288 -52.82 0.79 -67.00
N TRP CA 289 -53.20 1.70 -67.89
CA TRP CA 289 -53.53 1.35 -69.26
C TRP CA 289 -52.54 1.99 -70.21
N LYS CA 290 -52.18 1.25 -71.24
CA LYS CA 290 -51.68 1.83 -72.47
C LYS CA 290 -52.32 1.20 -73.70
N ARG CA 291 -52.92 0.02 -73.59
CA ARG CA 291 -53.67 -0.61 -74.66
C ARG CA 291 -54.95 -1.20 -74.10
N TRP CA 292 -56.07 -0.91 -74.77
CA TRP CA 292 -57.35 -1.38 -74.27
C TRP CA 292 -57.44 -2.90 -74.30
N TRP CA 293 -56.73 -3.55 -75.23
CA TRP CA 293 -56.66 -5.00 -75.14
C TRP CA 293 -56.04 -5.43 -73.83
N GLN CA 294 -54.97 -4.77 -73.40
CA GLN CA 294 -54.36 -5.18 -72.15
C GLN CA 294 -55.31 -4.96 -70.99
N VAL CA 295 -56.05 -3.84 -71.02
CA VAL CA 295 -57.03 -3.58 -69.98
C VAL CA 295 -58.06 -4.70 -69.91
N PHE CA 296 -58.65 -5.03 -71.06
CA PHE CA 296 -59.72 -6.01 -71.07
C PHE CA 296 -59.21 -7.39 -70.72
N TYR CA 297 -58.01 -7.74 -71.18
CA TYR CA 297 -57.44 -9.04 -70.84
C TYR CA 297 -57.21 -9.13 -69.34
N THR CA 298 -56.72 -8.06 -68.72
CA THR CA 298 -56.53 -8.09 -67.27
C THR CA 298 -57.86 -8.28 -66.55
N ILE CA 299 -58.89 -7.56 -66.99
CA ILE CA 299 -60.20 -7.71 -66.35
C ILE CA 299 -60.70 -9.14 -66.49
N VAL CA 300 -60.58 -9.71 -67.68
CA VAL CA 300 -61.07 -11.06 -67.90
C VAL CA 300 -60.30 -12.05 -67.06
N ASP CA 301 -58.98 -11.89 -66.99
CA ASP CA 301 -58.16 -12.82 -66.23
C ASP CA 301 -58.52 -12.79 -64.76
N TYR CA 302 -58.72 -11.59 -64.20
CA TYR CA 302 -58.96 -11.44 -62.77
C TYR CA 302 -60.42 -11.26 -62.44
N ILE CA 303 -61.33 -11.70 -63.32
CA ILE CA 303 -62.75 -11.53 -63.05
C ILE CA 303 -63.16 -12.23 -61.76
N ASN CA 304 -62.44 -13.28 -61.36
CA ASN CA 304 -62.75 -13.93 -60.10
C ASN CA 304 -62.69 -12.92 -58.95
N GLN CA 305 -61.63 -12.14 -58.89
CA GLN CA 305 -61.47 -11.20 -57.79
C GLN CA 305 -62.41 -10.01 -57.92
N ILE CA 306 -62.71 -9.57 -59.14
CA ILE CA 306 -63.61 -8.44 -59.32
C ILE CA 306 -64.99 -8.78 -58.76
N VAL CA 307 -65.53 -9.93 -59.17
CA VAL CA 307 -66.84 -10.33 -58.70
C VAL CA 307 -66.79 -10.64 -57.21
N GLN CA 308 -65.68 -11.21 -56.74
CA GLN CA 308 -65.59 -11.49 -55.32
C GLN CA 308 -65.58 -10.22 -54.50
N VAL CA 309 -65.05 -9.13 -55.04
CA VAL CA 309 -65.12 -7.83 -54.39
C VAL CA 309 -66.54 -7.25 -54.44
N MET CA 310 -67.24 -7.42 -55.56
CA MET CA 310 -68.61 -6.95 -55.62
C MET CA 310 -69.51 -7.87 -54.79
N SER CA 311 -70.76 -7.45 -54.61
CA SER CA 311 -71.74 -8.29 -53.95
C SER CA 311 -73.12 -8.01 -54.52
N LYS CA 312 -74.01 -8.97 -54.34
CA LYS CA 312 -75.36 -8.87 -54.89
C LYS CA 312 -76.12 -7.71 -54.26
N ARG CA 313 -76.99 -7.10 -55.05
CA ARG CA 313 -77.77 -5.98 -54.55
C ARG CA 313 -78.75 -6.48 -53.50
N SER CA 314 -78.88 -5.71 -52.41
CA SER CA 314 -79.84 -5.99 -51.35
C SER CA 314 -80.61 -4.70 -51.09
N ARG CA 315 -81.65 -4.47 -51.87
CA ARG CA 315 -82.57 -3.37 -51.62
C ARG CA 315 -83.85 -3.65 -52.36
N SER CA 316 -84.93 -3.87 -51.63
CA SER CA 316 -86.22 -4.15 -52.27
C SER CA 316 -86.76 -2.87 -52.90
N LEU CA 317 -86.47 -2.68 -54.17
CA LEU CA 317 -87.02 -1.55 -54.89
C LEU CA 317 -88.49 -1.79 -55.22
N ASN CA 318 -89.18 -0.71 -55.60
CA ASN CA 318 -90.57 -0.79 -56.01
C ASN CA 318 -90.79 -0.15 -57.38
N SER CA 319 -89.74 0.31 -58.05
CA SER CA 319 -89.84 0.91 -59.37
C SER CA 319 -89.30 -0.09 -60.37
N ALA CA 320 -90.18 -0.65 -61.19
CA ALA CA 320 -89.77 -1.66 -62.14
C ALA CA 320 -88.88 -1.07 -63.23
N ALA CA 321 -87.97 -1.89 -63.73
CA ALA CA 321 -87.04 -1.46 -64.77
C ALA CA 321 -86.51 -2.71 -65.46
N PHE CA 322 -85.85 -2.49 -66.59
CA PHE CA 322 -85.31 -3.61 -67.37
C PHE CA 322 -83.99 -4.06 -66.80
N TYR CA 323 -83.86 -5.37 -66.58
CA TYR CA 323 -82.65 -5.98 -66.05
C TYR CA 323 -82.24 -7.15 -66.94
N TYR CA 324 -80.94 -7.38 -67.02
CA TYR CA 324 -80.38 -8.48 -67.80
C TYR CA 324 -80.04 -9.65 -66.88
N ARG CA 325 -81.08 -10.29 -66.38
CA ARG CA 325 -80.96 -11.47 -65.53
C ARG CA 325 -81.18 -12.71 -66.38
N VAL CA 326 -80.27 -13.68 -66.24
CA VAL CA 326 -80.45 -14.98 -66.88
C VAL CA 326 -80.26 -16.06 -65.83
N GLN DA 51 -43.66 28.71 -10.98
CA GLN DA 51 -44.37 27.45 -11.15
C GLN DA 51 -44.67 27.14 -12.59
N ASN DA 52 -44.41 25.90 -12.98
CA ASN DA 52 -44.93 25.37 -14.22
C ASN DA 52 -46.42 25.10 -14.05
N TYR DA 53 -47.01 24.47 -15.06
CA TYR DA 53 -48.40 24.02 -15.01
C TYR DA 53 -48.52 22.61 -14.45
N GLY DA 54 -47.59 22.20 -13.58
CA GLY DA 54 -47.54 20.83 -13.14
C GLY DA 54 -47.13 19.86 -14.22
N LEU DA 55 -46.15 20.22 -15.04
CA LEU DA 55 -45.80 19.40 -16.19
C LEU DA 55 -45.31 18.03 -15.76
N ASN DA 56 -44.50 17.98 -14.70
CA ASN DA 56 -43.81 16.75 -14.30
C ASN DA 56 -44.55 16.04 -13.19
N ILE DA 57 -45.88 16.03 -13.25
CA ILE DA 57 -46.73 15.36 -12.30
C ILE DA 57 -47.66 14.44 -13.09
N PRO DA 58 -48.10 13.30 -12.57
CA PRO DA 58 -49.08 12.49 -13.30
C PRO DA 58 -50.51 12.85 -12.94
N ILE DA 59 -51.42 12.52 -13.86
CA ILE DA 59 -52.85 12.74 -13.66
C ILE DA 59 -53.58 11.41 -13.67
N THR DA 60 -53.77 10.83 -12.50
CA THR DA 60 -54.54 9.59 -12.41
C THR DA 60 -55.95 9.85 -12.91
N GLY DA 61 -56.37 9.08 -13.90
CA GLY DA 61 -57.68 9.17 -14.47
C GLY DA 61 -58.60 8.11 -13.91
N SER DA 62 -59.51 7.63 -14.75
CA SER DA 62 -60.38 6.51 -14.39
C SER DA 62 -60.97 5.98 -15.67
N MET DA 63 -61.55 4.78 -15.59
CA MET DA 63 -62.19 4.14 -16.72
C MET DA 63 -63.66 3.84 -16.46
N ASP DA 64 -64.26 4.53 -15.50
CA ASP DA 64 -65.68 4.39 -15.22
C ASP DA 64 -66.41 5.72 -15.14
N THR DA 65 -65.70 6.85 -15.17
CA THR DA 65 -66.36 8.13 -15.22
C THR DA 65 -67.16 8.27 -16.52
N VAL DA 66 -68.35 8.83 -16.40
CA VAL DA 66 -69.25 8.96 -17.55
C VAL DA 66 -68.82 10.15 -18.40
N TYR DA 67 -69.00 10.02 -19.71
CA TYR DA 67 -68.58 11.05 -20.65
C TYR DA 67 -69.33 12.34 -20.36
N SER DA 68 -68.57 13.40 -20.06
CA SER DA 68 -69.16 14.72 -19.99
C SER DA 68 -69.71 15.11 -21.36
N ASN DA 69 -70.82 15.84 -21.36
CA ASN DA 69 -71.59 16.02 -22.59
C ASN DA 69 -70.82 16.91 -23.56
N SER DA 70 -71.44 17.18 -24.70
CA SER DA 70 -70.74 17.77 -25.84
C SER DA 70 -70.21 19.15 -25.51
N THR DA 71 -69.43 19.70 -26.44
CA THR DA 71 -68.78 21.00 -26.29
C THR DA 71 -68.89 21.83 -27.57
N ARG DA 72 -69.71 21.39 -28.52
CA ARG DA 72 -69.77 22.06 -29.82
C ARG DA 72 -70.28 23.50 -29.67
N GLU DA 73 -71.30 23.71 -28.85
CA GLU DA 73 -71.84 25.05 -28.69
C GLU DA 73 -70.81 25.99 -28.08
N GLU DA 74 -70.09 25.52 -27.06
CA GLU DA 74 -69.09 26.37 -26.41
C GLU DA 74 -67.96 26.72 -27.37
N VAL DA 75 -67.46 25.72 -28.11
CA VAL DA 75 -66.35 26.00 -29.02
C VAL DA 75 -66.80 26.93 -30.13
N PHE DA 76 -68.04 26.79 -30.60
CA PHE DA 76 -68.60 27.76 -31.54
C PHE DA 76 -68.58 29.16 -30.96
N LEU DA 77 -69.15 29.33 -29.77
CA LEU DA 77 -69.32 30.68 -29.25
C LEU DA 77 -68.00 31.33 -28.86
N THR DA 78 -66.96 30.54 -28.59
CA THR DA 78 -65.66 31.11 -28.23
C THR DA 78 -64.75 31.31 -29.43
N SER DA 79 -64.52 30.27 -30.22
CA SER DA 79 -63.47 30.29 -31.23
C SER DA 79 -63.83 31.27 -32.35
N THR DA 80 -62.89 31.41 -33.29
CA THR DA 80 -63.09 32.22 -34.50
C THR DA 80 -62.61 31.42 -35.70
N LEU DA 81 -63.53 31.14 -36.61
CA LEU DA 81 -63.18 30.41 -37.82
C LEU DA 81 -62.60 31.35 -38.85
N CYS DA 82 -61.81 30.80 -39.77
CA CYS DA 82 -60.99 31.70 -40.55
C CYS DA 82 -60.55 31.00 -41.82
N LEU DA 83 -60.84 31.61 -42.97
CA LEU DA 83 -60.57 31.02 -44.27
C LEU DA 83 -59.46 31.78 -44.96
N TYR DA 84 -58.64 31.06 -45.72
CA TYR DA 84 -57.59 31.64 -46.54
C TYR DA 84 -57.80 31.12 -47.95
N TYR DA 85 -58.32 31.96 -48.83
CA TYR DA 85 -58.70 31.56 -50.18
C TYR DA 85 -57.87 32.32 -51.20
N PRO DA 86 -57.70 31.79 -52.40
CA PRO DA 86 -56.96 32.53 -53.42
C PRO DA 86 -57.84 33.54 -54.14
N THR DA 87 -57.19 34.58 -54.68
CA THR DA 87 -57.92 35.65 -55.35
C THR DA 87 -58.74 35.13 -56.52
N GLU DA 88 -58.33 34.02 -57.11
CA GLU DA 88 -59.12 33.39 -58.16
C GLU DA 88 -60.52 33.07 -57.69
N ALA DA 89 -60.68 32.72 -56.41
CA ALA DA 89 -62.01 32.45 -55.88
C ALA DA 89 -62.91 33.65 -56.03
N SER DA 90 -62.45 34.81 -55.57
CA SER DA 90 -63.25 36.02 -55.69
C SER DA 90 -63.46 36.39 -57.15
N THR DA 91 -62.44 36.20 -57.97
CA THR DA 91 -62.56 36.56 -59.39
C THR DA 91 -63.67 35.74 -60.06
N GLN DA 92 -63.71 34.44 -59.80
CA GLN DA 92 -64.76 33.62 -60.40
C GLN DA 92 -66.11 33.95 -59.76
N ILE DA 93 -66.13 34.22 -58.46
CA ILE DA 93 -67.40 34.44 -57.78
C ILE DA 93 -68.09 35.68 -58.32
N SER DA 94 -67.32 36.74 -58.59
CA SER DA 94 -67.85 37.96 -59.20
C SER DA 94 -68.94 38.58 -58.33
N ASP DA 95 -68.56 38.89 -57.10
CA ASP DA 95 -69.50 39.33 -56.07
C ASP DA 95 -68.75 40.23 -55.10
N GLY DA 96 -69.19 40.26 -53.84
CA GLY DA 96 -68.75 41.29 -52.90
C GLY DA 96 -69.79 41.53 -51.83
N GLU DA 97 -70.96 40.93 -52.00
CA GLU DA 97 -71.82 40.55 -50.90
C GLU DA 97 -71.55 39.11 -50.46
N TRP DA 98 -70.62 38.41 -51.09
CA TRP DA 98 -70.45 36.99 -50.81
C TRP DA 98 -69.82 36.77 -49.45
N LYS DA 99 -68.94 37.66 -48.99
CA LYS DA 99 -68.44 37.53 -47.64
C LYS DA 99 -69.57 37.62 -46.62
N ASP DA 100 -70.47 38.57 -46.81
CA ASP DA 100 -71.61 38.69 -45.90
C ASP DA 100 -72.50 37.46 -45.99
N SER DA 101 -72.74 36.96 -47.20
CA SER DA 101 -73.61 35.80 -47.36
C SER DA 101 -73.01 34.58 -46.68
N LEU DA 102 -71.70 34.37 -46.84
CA LEU DA 102 -71.06 33.25 -46.18
C LEU DA 102 -71.07 33.43 -44.66
N SER DA 103 -70.90 34.65 -44.18
CA SER DA 103 -70.99 34.88 -42.75
C SER DA 103 -72.37 34.52 -42.23
N GLN DA 104 -73.42 34.88 -42.97
CA GLN DA 104 -74.76 34.55 -42.53
C GLN DA 104 -75.01 33.04 -42.59
N MET DA 105 -74.47 32.37 -43.60
CA MET DA 105 -74.61 30.92 -43.65
C MET DA 105 -73.91 30.27 -42.46
N PHE DA 106 -72.72 30.75 -42.12
CA PHE DA 106 -72.04 30.24 -40.94
C PHE DA 106 -72.85 30.51 -39.68
N LEU DA 107 -73.50 31.67 -39.62
CA LEU DA 107 -74.34 31.97 -38.47
C LEU DA 107 -75.47 30.96 -38.35
N ILE DA 108 -76.10 30.63 -39.48
CA ILE DA 108 -77.15 29.62 -39.46
C ILE DA 108 -76.56 28.26 -39.08
N LYS DA 109 -75.30 28.03 -39.43
CA LYS DA 109 -74.65 26.78 -39.09
C LYS DA 109 -74.27 26.70 -37.62
N GLY DA 110 -74.21 27.85 -36.94
CA GLY DA 110 -74.08 27.87 -35.50
C GLY DA 110 -72.90 28.61 -34.93
N TRP DA 111 -72.33 29.55 -35.69
CA TRP DA 111 -71.25 30.38 -35.21
C TRP DA 111 -71.76 31.79 -34.94
N PRO DA 112 -71.17 32.55 -34.03
CA PRO DA 112 -71.60 33.95 -33.87
C PRO DA 112 -71.24 34.74 -35.12
N THR DA 113 -71.78 35.95 -35.21
CA THR DA 113 -71.54 36.77 -36.40
C THR DA 113 -70.07 37.11 -36.54
N GLY DA 114 -69.52 37.88 -35.60
CA GLY DA 114 -68.18 38.39 -35.75
C GLY DA 114 -67.09 37.38 -35.44
N SER DA 115 -67.16 36.22 -36.08
CA SER DA 115 -66.24 35.13 -35.79
C SER DA 115 -65.65 34.47 -37.03
N VAL DA 116 -66.25 34.63 -38.20
CA VAL DA 116 -65.72 34.04 -39.43
C VAL DA 116 -65.01 35.15 -40.18
N TYR DA 117 -63.71 34.98 -40.40
CA TYR DA 117 -62.90 35.98 -41.08
C TYR DA 117 -62.30 35.38 -42.35
N PHE DA 118 -62.43 36.10 -43.46
CA PHE DA 118 -61.92 35.66 -44.74
C PHE DA 118 -60.66 36.44 -45.08
N LYS DA 119 -59.63 35.73 -45.52
CA LYS DA 119 -58.38 36.31 -45.96
C LYS DA 119 -58.07 35.84 -47.36
N GLU DA 120 -57.43 36.72 -48.11
CA GLU DA 120 -57.18 36.55 -49.53
C GLU DA 120 -55.68 36.59 -49.77
N TYR DA 121 -55.19 35.69 -50.61
CA TYR DA 121 -53.82 35.70 -51.05
C TYR DA 121 -53.78 35.52 -52.57
N SER DA 122 -52.74 36.08 -53.18
CA SER DA 122 -52.68 36.06 -54.64
C SER DA 122 -52.52 34.65 -55.17
N ASN DA 123 -51.65 33.85 -54.58
CA ASN DA 123 -51.49 32.46 -54.96
C ASN DA 123 -50.62 31.78 -53.91
N ILE DA 124 -50.39 30.48 -54.09
CA ILE DA 124 -49.71 29.69 -53.07
C ILE DA 124 -48.29 30.20 -52.88
N VAL DA 125 -47.58 30.43 -53.97
CA VAL DA 125 -46.17 30.81 -53.88
C VAL DA 125 -46.02 32.14 -53.17
N ASP DA 126 -46.88 33.11 -53.47
CA ASP DA 126 -46.77 34.42 -52.84
C ASP DA 126 -47.31 34.41 -51.41
N PHE DA 127 -48.26 33.53 -51.11
CA PHE DA 127 -48.67 33.38 -49.72
C PHE DA 127 -47.57 32.76 -48.88
N SER DA 128 -46.71 31.95 -49.51
CA SER DA 128 -45.69 31.24 -48.75
C SER DA 128 -44.75 32.18 -48.03
N VAL DA 129 -44.46 33.35 -48.60
CA VAL DA 129 -43.46 34.23 -47.99
C VAL DA 129 -44.07 34.85 -46.74
N ASP DA 130 -43.57 34.43 -45.58
CA ASP DA 130 -44.01 34.99 -44.31
C ASP DA 130 -45.50 34.77 -44.13
N PRO DA 131 -45.95 33.53 -43.98
CA PRO DA 131 -47.37 33.29 -43.81
C PRO DA 131 -47.81 33.63 -42.41
N GLN DA 132 -48.50 34.77 -42.28
CA GLN DA 132 -49.06 35.19 -41.02
C GLN DA 132 -50.47 34.65 -40.94
N LEU DA 133 -50.71 33.73 -40.01
CA LEU DA 133 -52.02 33.14 -39.78
C LEU DA 133 -52.61 33.80 -38.54
N TYR DA 134 -53.29 34.94 -38.73
CA TYR DA 134 -53.64 35.82 -37.63
C TYR DA 134 -54.87 35.36 -36.88
N CYS DA 135 -55.04 34.07 -36.58
CA CYS DA 135 -56.45 33.69 -36.59
C CYS DA 135 -56.59 32.30 -35.98
N ASP DA 136 -57.77 32.00 -35.43
CA ASP DA 136 -57.90 30.92 -34.42
C ASP DA 136 -58.04 29.52 -35.02
N TYR DA 137 -59.14 29.25 -35.73
CA TYR DA 137 -59.25 28.07 -36.58
C TYR DA 137 -58.93 28.44 -38.01
N ASN DA 138 -57.71 28.13 -38.41
CA ASN DA 138 -57.22 28.45 -39.75
C ASN DA 138 -57.57 27.31 -40.70
N LEU DA 139 -58.20 27.65 -41.82
CA LEU DA 139 -58.34 26.77 -42.96
C LEU DA 139 -57.67 27.44 -44.13
N VAL DA 140 -56.92 26.67 -44.90
CA VAL DA 140 -56.22 27.20 -46.07
C VAL DA 140 -56.73 26.43 -47.28
N LEU DA 141 -57.65 27.04 -48.03
CA LEU DA 141 -58.03 26.49 -49.32
C LEU DA 141 -56.86 26.69 -50.27
N MET DA 142 -56.48 25.64 -50.98
CA MET DA 142 -55.21 25.63 -51.69
C MET DA 142 -55.40 24.90 -53.01
N LYS DA 143 -55.38 25.64 -54.11
CA LYS DA 143 -55.67 25.04 -55.41
C LYS DA 143 -54.43 24.39 -55.98
N TYR DA 144 -54.49 23.08 -56.17
CA TYR DA 144 -53.40 22.38 -56.81
C TYR DA 144 -53.35 22.69 -58.29
N ASP DA 145 -52.14 22.85 -58.81
CA ASP DA 145 -51.92 22.87 -60.24
C ASP DA 145 -50.54 22.27 -60.49
N GLN DA 146 -50.34 21.76 -61.70
CA GLN DA 146 -49.10 21.06 -62.00
C GLN DA 146 -47.91 21.98 -61.85
N SER DA 147 -46.81 21.42 -61.35
CA SER DA 147 -45.53 22.07 -61.09
C SER DA 147 -45.52 22.86 -59.79
N LEU DA 148 -46.65 23.04 -59.11
CA LEU DA 148 -46.67 23.67 -57.81
C LEU DA 148 -46.53 22.66 -56.68
N GLU DA 149 -46.18 21.41 -57.00
CA GLU DA 149 -46.21 20.34 -56.02
C GLU DA 149 -45.26 20.64 -54.86
N LEU DA 150 -44.00 20.95 -55.17
CA LEU DA 150 -43.03 21.06 -54.09
C LEU DA 150 -43.26 22.31 -53.26
N ASP DA 151 -43.55 23.45 -53.89
CA ASP DA 151 -43.73 24.66 -53.10
C ASP DA 151 -45.02 24.61 -52.31
N MET DA 152 -46.05 23.99 -52.87
CA MET DA 152 -47.29 23.80 -52.12
C MET DA 152 -47.07 22.84 -50.95
N SER DA 153 -46.29 21.78 -51.16
CA SER DA 153 -45.96 20.89 -50.06
C SER DA 153 -45.14 21.59 -49.00
N GLU DA 154 -44.23 22.46 -49.42
CA GLU DA 154 -43.44 23.24 -48.47
C GLU DA 154 -44.34 24.13 -47.62
N LEU DA 155 -45.30 24.79 -48.26
CA LEU DA 155 -46.23 25.61 -47.50
C LEU DA 155 -47.02 24.76 -46.51
N ALA DA 156 -47.50 23.60 -46.98
CA ALA DA 156 -48.25 22.73 -46.09
C ALA DA 156 -47.42 22.31 -44.90
N ASP DA 157 -46.16 21.94 -45.14
CA ASP DA 157 -45.27 21.56 -44.05
C ASP DA 157 -45.11 22.70 -43.06
N LEU DA 158 -44.81 23.90 -43.59
CA LEU DA 158 -44.51 25.03 -42.74
C LEU DA 158 -45.68 25.38 -41.84
N ILE DA 159 -46.90 25.38 -42.39
CA ILE DA 159 -48.03 25.81 -41.56
C ILE DA 159 -48.53 24.67 -40.68
N LEU DA 160 -48.56 23.44 -41.19
CA LEU DA 160 -49.11 22.34 -40.42
C LEU DA 160 -48.26 22.04 -39.20
N ASN DA 161 -46.93 22.08 -39.33
CA ASN DA 161 -46.06 21.74 -38.21
C ASN DA 161 -45.47 23.00 -37.58
N GLU DA 162 -45.26 22.93 -36.27
CA GLU DA 162 -44.66 24.05 -35.55
C GLU DA 162 -43.14 24.03 -35.73
N TRP DA 163 -42.57 25.21 -35.89
CA TRP DA 163 -41.14 25.37 -36.10
C TRP DA 163 -40.58 26.33 -35.07
N LEU DA 164 -39.33 26.09 -34.68
CA LEU DA 164 -38.59 26.95 -33.77
C LEU DA 164 -37.36 27.44 -34.52
N CYS DA 165 -37.34 28.72 -34.88
CA CYS DA 165 -36.38 29.27 -35.81
C CYS DA 165 -35.41 30.21 -35.10
N ASN DA 166 -34.13 29.98 -35.31
CA ASN DA 166 -33.04 30.84 -34.91
C ASN DA 166 -32.54 31.63 -36.10
N PRO DA 167 -31.89 32.77 -35.88
CA PRO DA 167 -31.30 33.50 -37.00
C PRO DA 167 -30.12 32.75 -37.59
N MET DA 168 -29.80 33.09 -38.83
CA MET DA 168 -28.59 32.60 -39.49
C MET DA 168 -27.89 33.80 -40.11
N ASP DA 169 -26.77 34.21 -39.53
CA ASP DA 169 -25.96 35.28 -40.11
C ASP DA 169 -25.08 34.65 -41.17
N ILE DA 170 -25.51 34.78 -42.43
CA ILE DA 170 -24.89 34.02 -43.51
C ILE DA 170 -23.44 34.45 -43.71
N THR DA 171 -23.16 35.74 -43.62
CA THR DA 171 -21.86 36.24 -44.03
C THR DA 171 -20.74 35.81 -43.09
N LEU DA 172 -21.04 35.53 -41.83
CA LEU DA 172 -20.01 35.26 -40.82
C LEU DA 172 -19.80 33.78 -40.57
N TYR DA 173 -20.87 33.07 -40.19
CA TYR DA 173 -20.77 31.72 -39.67
C TYR DA 173 -21.22 30.70 -40.70
N TYR DA 174 -20.47 29.62 -40.81
CA TYR DA 174 -20.95 28.43 -41.49
C TYR DA 174 -21.88 27.66 -40.55
N TYR DA 175 -22.73 26.82 -41.13
CA TYR DA 175 -23.80 26.19 -40.38
C TYR DA 175 -23.94 24.73 -40.76
N GLN DA 176 -24.12 23.89 -39.74
CA GLN DA 176 -24.50 22.50 -39.92
C GLN DA 176 -26.00 22.37 -39.73
N GLN DA 177 -26.48 21.13 -39.83
CA GLN DA 177 -27.80 20.76 -39.36
C GLN DA 177 -27.63 19.70 -38.28
N SER DA 178 -28.21 19.95 -37.11
CA SER DA 178 -27.99 19.08 -35.96
C SER DA 178 -28.51 17.67 -36.23
N GLY DA 179 -29.69 17.56 -36.81
CA GLY DA 179 -30.27 16.25 -36.99
C GLY DA 179 -31.45 16.26 -37.93
N GLU DA 180 -32.26 15.21 -37.83
CA GLU DA 180 -33.37 15.03 -38.76
C GLU DA 180 -34.36 16.18 -38.67
N SER DA 181 -34.69 16.61 -37.46
CA SER DA 181 -35.74 17.60 -37.26
C SER DA 181 -35.33 19.01 -37.65
N ASN DA 182 -34.09 19.22 -38.08
CA ASN DA 182 -33.60 20.55 -38.41
C ASN DA 182 -33.72 20.78 -39.91
N LYS DA 183 -34.08 22.00 -40.28
CA LYS DA 183 -34.09 22.44 -41.67
C LYS DA 183 -33.63 23.88 -41.70
N TRP DA 184 -33.40 24.40 -42.91
CA TRP DA 184 -33.22 25.83 -43.10
C TRP DA 184 -34.38 26.33 -43.94
N ILE DA 185 -35.00 27.42 -43.51
CA ILE DA 185 -36.18 27.96 -44.16
C ILE DA 185 -35.82 29.34 -44.68
N SER DA 186 -35.95 29.53 -45.99
CA SER DA 186 -35.62 30.79 -46.64
C SER DA 186 -36.88 31.41 -47.21
N MET DA 187 -37.14 32.67 -46.83
CA MET DA 187 -38.38 33.34 -47.21
C MET DA 187 -38.06 34.75 -47.67
N GLY DA 188 -38.72 35.17 -48.75
CA GLY DA 188 -38.57 36.53 -49.23
C GLY DA 188 -39.01 36.66 -50.67
N SER DA 189 -38.68 37.82 -51.25
CA SER DA 189 -39.14 38.13 -52.59
C SER DA 189 -38.58 37.16 -53.63
N SER DA 190 -37.30 36.81 -53.50
CA SER DA 190 -36.69 35.85 -54.42
C SER DA 190 -35.51 35.21 -53.69
N CYS DA 191 -35.73 34.01 -53.18
CA CYS DA 191 -34.70 33.27 -52.47
C CYS DA 191 -33.98 32.38 -53.47
N THR DA 192 -32.68 32.59 -53.61
CA THR DA 192 -31.82 31.71 -54.39
C THR DA 192 -30.73 31.21 -53.45
N VAL DA 193 -30.76 29.92 -53.13
CA VAL DA 193 -29.92 29.33 -52.10
C VAL DA 193 -28.86 28.48 -52.78
N LYS DA 194 -27.59 28.75 -52.48
CA LYS DA 194 -26.48 28.00 -53.01
C LYS DA 194 -25.59 27.60 -51.85
N VAL DA 195 -25.42 26.31 -51.64
CA VAL DA 195 -24.65 25.79 -50.52
C VAL DA 195 -23.43 25.07 -51.06
N CYS DA 196 -22.28 25.36 -50.48
CA CYS DA 196 -21.03 24.68 -50.76
C CYS DA 196 -20.62 23.94 -49.50
N PRO DA 197 -20.60 22.60 -49.48
CA PRO DA 197 -20.21 21.89 -48.26
C PRO DA 197 -18.71 21.92 -48.06
N LEU DA 198 -18.30 22.08 -46.80
CA LEU DA 198 -16.90 22.21 -46.44
C LEU DA 198 -16.41 20.93 -45.78
N ASN DA 199 -15.14 20.62 -45.99
CA ASN DA 199 -14.51 19.48 -45.35
C ASN DA 199 -14.00 19.90 -43.98
N THR DA 200 -13.19 19.03 -43.36
CA THR DA 200 -12.67 19.33 -42.03
C THR DA 200 -11.74 20.54 -42.03
N GLN DA 201 -11.12 20.83 -43.16
CA GLN DA 201 -10.23 21.98 -43.28
C GLN DA 201 -10.97 23.28 -43.59
N THR DA 202 -12.30 23.25 -43.70
CA THR DA 202 -13.10 24.42 -44.03
C THR DA 202 -12.84 24.88 -45.46
N LEU DA 203 -12.51 23.95 -46.35
CA LEU DA 203 -12.36 24.18 -47.77
C LEU DA 203 -13.44 23.38 -48.49
N GLY DA 204 -14.13 24.01 -49.43
CA GLY DA 204 -15.28 23.37 -50.04
C GLY DA 204 -14.90 22.11 -50.79
N ILE DA 205 -15.81 21.14 -50.79
CA ILE DA 205 -15.67 19.90 -51.56
C ILE DA 205 -16.65 19.96 -52.72
N GLY DA 206 -16.13 19.75 -53.93
CA GLY DA 206 -16.94 19.93 -55.11
C GLY DA 206 -17.25 21.37 -55.45
N CYS DA 207 -16.61 22.31 -54.78
CA CYS DA 207 -16.86 23.73 -55.00
C CYS DA 207 -15.83 24.52 -54.22
N GLN DA 208 -15.33 25.59 -54.83
CA GLN DA 208 -14.43 26.52 -54.14
C GLN DA 208 -15.28 27.51 -53.36
N THR DA 209 -14.95 27.70 -52.07
CA THR DA 209 -15.72 28.63 -51.25
C THR DA 209 -15.64 30.05 -51.76
N THR DA 210 -14.65 30.37 -52.59
CA THR DA 210 -14.60 31.68 -53.23
C THR DA 210 -15.52 31.72 -54.45
N ASN DA 211 -15.38 30.75 -55.35
CA ASN DA 211 -16.08 30.75 -56.62
C ASN DA 211 -17.55 30.41 -56.37
N VAL DA 212 -18.39 31.44 -56.31
CA VAL DA 212 -19.81 31.23 -56.08
C VAL DA 212 -20.48 30.49 -57.22
N ASP DA 213 -19.87 30.49 -58.41
CA ASP DA 213 -20.47 29.76 -59.52
C ASP DA 213 -20.43 28.26 -59.27
N SER DA 214 -19.38 27.77 -58.61
CA SER DA 214 -19.25 26.35 -58.33
C SER DA 214 -20.15 25.88 -57.21
N PHE DA 215 -20.73 26.80 -56.43
CA PHE DA 215 -21.64 26.43 -55.35
C PHE DA 215 -22.79 25.61 -55.91
N GLU DA 216 -23.20 24.59 -55.17
CA GLU DA 216 -24.26 23.70 -55.62
C GLU DA 216 -25.60 24.37 -55.32
N THR DA 217 -26.19 24.98 -56.33
CA THR DA 217 -27.50 25.61 -56.17
C THR DA 217 -28.54 24.58 -55.76
N VAL DA 218 -29.30 24.89 -54.72
CA VAL DA 218 -30.26 23.95 -54.15
C VAL DA 218 -31.70 24.45 -54.23
N ALA DA 219 -31.92 25.75 -54.43
CA ALA DA 219 -33.26 26.27 -54.64
C ALA DA 219 -33.17 27.69 -55.19
N GLU DA 220 -33.75 27.95 -56.36
CA GLU DA 220 -33.60 29.23 -57.04
C GLU DA 220 -34.96 29.89 -57.25
N ASN DA 221 -35.03 31.18 -56.94
CA ASN DA 221 -36.19 32.02 -57.25
C ASN DA 221 -37.48 31.44 -56.68
N GLU DA 222 -37.42 31.02 -55.41
CA GLU DA 222 -38.59 30.58 -54.67
C GLU DA 222 -38.93 31.60 -53.60
N LYS DA 223 -40.23 31.88 -53.45
CA LYS DA 223 -40.67 32.71 -52.34
C LYS DA 223 -40.39 32.04 -51.01
N LEU DA 224 -40.65 30.75 -50.90
CA LEU DA 224 -40.35 29.96 -49.71
C LEU DA 224 -39.56 28.75 -50.15
N ALA DA 225 -38.54 28.41 -49.36
CA ALA DA 225 -37.70 27.25 -49.65
C ALA DA 225 -37.33 26.60 -48.33
N ILE DA 226 -37.88 25.41 -48.07
CA ILE DA 226 -37.40 24.55 -47.00
C ILE DA 226 -36.30 23.70 -47.61
N VAL DA 227 -35.06 23.90 -47.16
CA VAL DA 227 -33.91 23.19 -47.68
C VAL DA 227 -33.35 22.31 -46.56
N ASP DA 228 -33.26 21.02 -46.85
CA ASP DA 228 -32.58 20.04 -46.02
C ASP DA 228 -31.26 19.70 -46.67
N VAL DA 229 -30.24 19.50 -45.85
CA VAL DA 229 -28.90 19.19 -46.31
C VAL DA 229 -28.37 18.08 -45.42
N VAL DA 230 -27.38 17.35 -45.95
CA VAL DA 230 -26.76 16.25 -45.22
C VAL DA 230 -26.35 16.72 -43.85
N ASP DA 231 -26.65 15.91 -42.84
CA ASP DA 231 -26.63 16.36 -41.45
C ASP DA 231 -25.26 16.08 -40.85
N GLY DA 232 -24.50 17.13 -40.58
CA GLY DA 232 -23.21 17.00 -39.94
C GLY DA 232 -22.04 17.49 -40.78
N ILE DA 233 -22.31 18.46 -41.65
CA ILE DA 233 -21.26 19.06 -42.50
C ILE DA 233 -21.47 20.57 -42.50
N ASN DA 234 -20.38 21.31 -42.28
CA ASN DA 234 -20.46 22.76 -42.40
C ASN DA 234 -20.73 23.15 -43.85
N HIS DA 235 -21.40 24.29 -44.03
CA HIS DA 235 -21.72 24.78 -45.36
C HIS DA 235 -21.52 26.28 -45.42
N LYS DA 236 -21.11 26.75 -46.60
CA LYS DA 236 -21.11 28.16 -46.93
C LYS DA 236 -22.31 28.44 -47.81
N ILE DA 237 -23.06 29.48 -47.50
CA ILE DA 237 -24.34 29.75 -48.15
C ILE DA 237 -24.26 31.11 -48.82
N ASN DA 238 -24.68 31.17 -50.08
CA ASN DA 238 -24.72 32.41 -50.85
C ASN DA 238 -26.18 32.73 -51.12
N LEU DA 239 -26.78 33.57 -50.27
CA LEU DA 239 -28.21 33.88 -50.36
C LEU DA 239 -28.43 35.39 -50.25
N THR DA 240 -28.23 36.11 -51.36
CA THR DA 240 -28.99 37.29 -51.78
C THR DA 240 -29.60 38.03 -50.59
N THR DA 241 -28.76 38.47 -49.66
CA THR DA 241 -29.26 38.86 -48.35
C THR DA 241 -30.25 40.01 -48.39
N THR DA 242 -30.24 40.81 -49.45
CA THR DA 242 -31.11 41.99 -49.48
C THR DA 242 -32.58 41.61 -49.51
N THR DA 243 -32.95 40.59 -50.29
CA THR DA 243 -34.35 40.23 -50.44
C THR DA 243 -34.77 39.16 -49.45
N CYS DA 244 -34.13 38.00 -49.52
CA CYS DA 244 -34.55 36.81 -48.79
C CYS DA 244 -33.79 36.66 -47.48
N THR DA 245 -34.48 36.12 -46.47
CA THR DA 245 -33.91 35.86 -45.16
C THR DA 245 -34.03 34.38 -44.85
N ILE DA 246 -32.97 33.82 -44.28
CA ILE DA 246 -32.86 32.39 -44.03
C ILE DA 246 -32.74 32.17 -42.53
N ARG DA 247 -33.55 31.25 -42.02
CA ARG DA 247 -33.58 30.91 -40.60
C ARG DA 247 -33.23 29.43 -40.44
N ASN DA 248 -32.61 29.12 -39.30
CA ASN DA 248 -32.28 27.74 -38.94
C ASN DA 248 -33.38 27.23 -38.02
N CYS DA 249 -34.23 26.34 -38.53
CA CYS DA 249 -35.48 26.00 -37.86
C CYS DA 249 -35.51 24.53 -37.47
N LYS DA 250 -35.62 24.28 -36.16
CA LYS DA 250 -35.99 22.98 -35.67
C LYS DA 250 -37.48 22.78 -35.86
N LYS DA 251 -37.90 21.52 -35.91
CA LYS DA 251 -39.30 21.15 -36.09
C LYS DA 251 -39.82 20.56 -34.78
N LEU DA 252 -40.68 21.30 -34.09
CA LEU DA 252 -41.35 20.78 -32.91
C LEU DA 252 -42.53 19.93 -33.37
N GLY DA 253 -43.44 19.63 -32.46
CA GLY DA 253 -44.59 18.81 -32.78
C GLY DA 253 -45.49 19.43 -33.83
N PRO DA 254 -46.70 18.89 -33.99
CA PRO DA 254 -47.58 19.39 -35.05
C PRO DA 254 -48.42 20.56 -34.59
N ARG DA 255 -48.49 21.59 -35.43
CA ARG DA 255 -49.47 22.64 -35.20
C ARG DA 255 -50.82 22.05 -35.52
N GLU DA 256 -51.52 21.65 -34.47
CA GLU DA 256 -52.76 20.88 -34.57
C GLU DA 256 -53.97 21.79 -34.65
N ASN DA 257 -53.78 22.99 -35.20
CA ASN DA 257 -54.79 24.03 -35.28
C ASN DA 257 -55.14 24.40 -36.70
N VAL DA 258 -54.15 24.55 -37.56
CA VAL DA 258 -54.37 24.95 -38.95
C VAL DA 258 -54.57 23.72 -39.79
N ALA DA 259 -55.55 23.78 -40.69
CA ALA DA 259 -55.85 22.69 -41.61
C ALA DA 259 -55.78 23.19 -43.04
N VAL DA 260 -55.37 22.31 -43.94
CA VAL DA 260 -55.12 22.65 -45.33
C VAL DA 260 -56.06 21.82 -46.19
N ILE DA 261 -56.86 22.49 -47.00
CA ILE DA 261 -57.83 21.84 -47.86
C ILE DA 261 -57.31 21.98 -49.28
N GLN DA 262 -56.71 20.93 -49.82
CA GLN DA 262 -56.36 20.91 -51.23
C GLN DA 262 -57.64 20.89 -52.05
N VAL DA 263 -57.65 21.65 -53.12
CA VAL DA 263 -58.84 21.83 -53.93
C VAL DA 263 -58.75 21.11 -55.27
N GLY DA 264 -57.56 20.78 -55.74
CA GLY DA 264 -57.42 20.27 -57.09
C GLY DA 264 -57.35 18.75 -57.21
N GLY DA 265 -56.16 18.25 -57.52
CA GLY DA 265 -55.99 16.90 -58.04
C GLY DA 265 -55.63 15.89 -56.98
N ALA DA 266 -54.73 14.98 -57.35
CA ALA DA 266 -54.38 13.87 -56.48
C ALA DA 266 -53.63 14.35 -55.24
N ASN DA 267 -53.74 13.59 -54.16
CA ASN DA 267 -53.04 13.93 -52.95
C ASN DA 267 -51.53 13.79 -53.16
N ILE DA 268 -50.81 14.88 -52.90
CA ILE DA 268 -49.37 14.91 -53.14
C ILE DA 268 -48.58 15.48 -51.97
N LEU DA 269 -49.21 16.04 -50.96
CA LEU DA 269 -48.48 16.79 -49.93
C LEU DA 269 -47.66 15.82 -49.09
N ASP DA 270 -46.34 15.86 -49.26
CA ASP DA 270 -45.40 15.14 -48.40
C ASP DA 270 -44.91 16.14 -47.36
N ILE DA 271 -45.60 16.19 -46.22
CA ILE DA 271 -45.19 17.09 -45.17
C ILE DA 271 -43.84 16.67 -44.61
N THR DA 272 -43.58 15.37 -44.53
CA THR DA 272 -42.38 14.86 -43.90
C THR DA 272 -41.25 14.83 -44.92
N ALA DA 273 -40.18 15.56 -44.65
CA ALA DA 273 -39.05 15.64 -45.57
C ALA DA 273 -38.36 14.30 -45.75
N ASP DA 274 -38.52 13.38 -44.80
CA ASP DA 274 -37.97 12.06 -44.98
C ASP DA 274 -38.63 11.38 -46.19
N PRO DA 275 -37.88 10.64 -47.01
CA PRO DA 275 -38.51 10.01 -48.17
C PRO DA 275 -39.22 8.71 -47.85
N THR DA 276 -38.84 8.02 -46.77
CA THR DA 276 -39.46 6.74 -46.46
C THR DA 276 -40.92 6.89 -46.08
N THR DA 277 -41.26 7.91 -45.28
CA THR DA 277 -42.59 8.05 -44.69
C THR DA 277 -43.36 9.17 -45.37
N ASN DA 278 -44.64 8.91 -45.62
CA ASN DA 278 -45.55 9.87 -46.24
C ASN DA 278 -46.87 9.82 -45.49
N PRO DA 279 -46.91 10.34 -44.26
CA PRO DA 279 -48.15 10.28 -43.50
C PRO DA 279 -49.25 11.12 -44.11
N GLN DA 280 -50.48 10.71 -43.89
CA GLN DA 280 -51.67 11.44 -44.35
C GLN DA 280 -52.39 11.95 -43.11
N ILE DA 281 -51.98 13.14 -42.64
CA ILE DA 281 -52.60 13.73 -41.47
C ILE DA 281 -54.05 14.08 -41.80
N GLU DA 282 -54.92 13.96 -40.80
CA GLU DA 282 -56.32 14.27 -41.03
C GLU DA 282 -56.58 15.75 -41.25
N ARG DA 283 -55.62 16.62 -40.94
CA ARG DA 283 -55.76 18.03 -41.26
C ARG DA 283 -55.43 18.35 -42.72
N MET DA 284 -54.90 17.38 -43.47
CA MET DA 284 -54.69 17.52 -44.91
C MET DA 284 -55.92 16.96 -45.62
N MET DA 285 -56.89 17.83 -45.88
CA MET DA 285 -58.10 17.44 -46.56
C MET DA 285 -57.96 17.69 -48.05
N ARG DA 286 -58.91 17.15 -48.82
CA ARG DA 286 -58.82 17.24 -50.27
C ARG DA 286 -60.22 17.11 -50.85
N VAL DA 287 -60.59 18.02 -51.73
CA VAL DA 287 -61.91 18.00 -52.37
C VAL DA 287 -61.75 18.31 -53.85
N ASN DA 288 -62.44 17.56 -54.69
CA ASN DA 288 -62.53 17.91 -56.10
C ASN DA 288 -63.35 19.18 -56.25
N TRP DA 289 -63.18 19.84 -57.39
CA TRP DA 289 -63.85 21.12 -57.57
C TRP DA 289 -64.02 21.45 -59.03
N LYS DA 290 -65.10 22.17 -59.33
CA LYS DA 290 -65.25 22.87 -60.59
C LYS DA 290 -65.69 24.31 -60.37
N ARG DA 291 -66.41 24.57 -59.27
CA ARG DA 291 -66.95 25.89 -58.97
C ARG DA 291 -66.61 26.28 -57.53
N TRP DA 292 -66.04 27.47 -57.38
CA TRP DA 292 -65.66 27.93 -56.06
C TRP DA 292 -66.86 28.10 -55.15
N TRP DA 293 -68.03 28.39 -55.71
CA TRP DA 293 -69.22 28.45 -54.88
C TRP DA 293 -69.53 27.08 -54.31
N GLN DA 294 -69.38 26.03 -55.11
CA GLN DA 294 -69.58 24.69 -54.59
C GLN DA 294 -68.57 24.36 -53.51
N VAL DA 295 -67.32 24.78 -53.70
CA VAL DA 295 -66.29 24.52 -52.70
C VAL DA 295 -66.66 25.20 -51.38
N PHE DA 296 -67.07 26.47 -51.44
CA PHE DA 296 -67.39 27.21 -50.23
C PHE DA 296 -68.62 26.64 -49.55
N TYR DA 297 -69.62 26.23 -50.33
CA TYR DA 297 -70.79 25.61 -49.72
C TYR DA 297 -70.43 24.31 -49.03
N THR DA 298 -69.56 23.51 -49.63
CA THR DA 298 -69.13 22.28 -48.96
C THR DA 298 -68.44 22.61 -47.64
N ILE DA 299 -67.58 23.62 -47.65
CA ILE DA 299 -66.88 23.99 -46.41
C ILE DA 299 -67.88 24.41 -45.35
N VAL DA 300 -68.84 25.28 -45.71
CA VAL DA 300 -69.80 25.77 -44.74
C VAL DA 300 -70.64 24.62 -44.20
N ASP DA 301 -71.06 23.72 -45.09
CA ASP DA 301 -71.91 22.62 -44.65
C ASP DA 301 -71.18 21.71 -43.68
N TYR DA 302 -69.94 21.34 -44.01
CA TYR DA 302 -69.18 20.38 -43.21
C TYR DA 302 -68.19 21.06 -42.28
N ILE DA 303 -68.47 22.29 -41.86
CA ILE DA 303 -67.53 22.98 -41.00
C ILE DA 303 -67.35 22.25 -39.67
N ASN DA 304 -68.45 21.77 -39.09
CA ASN DA 304 -68.36 21.17 -37.77
C ASN DA 304 -67.44 19.97 -37.77
N GLN DA 305 -67.46 19.17 -38.84
CA GLN DA 305 -66.53 18.06 -38.93
C GLN DA 305 -65.10 18.57 -39.05
N ILE DA 306 -64.89 19.65 -39.78
CA ILE DA 306 -63.54 20.16 -39.98
C ILE DA 306 -62.98 20.69 -38.66
N VAL DA 307 -63.75 21.50 -37.94
CA VAL DA 307 -63.25 21.98 -36.66
C VAL DA 307 -63.12 20.84 -35.68
N GLN DA 308 -63.91 19.78 -35.83
CA GLN DA 308 -63.71 18.62 -34.98
C GLN DA 308 -62.38 17.95 -35.28
N VAL DA 309 -61.95 17.98 -36.53
CA VAL DA 309 -60.64 17.44 -36.88
C VAL DA 309 -59.54 18.32 -36.32
N MET DA 310 -59.72 19.63 -36.36
CA MET DA 310 -58.71 20.56 -35.85
C MET DA 310 -58.80 20.63 -34.33
N SER DA 311 -57.98 21.50 -33.72
CA SER DA 311 -58.00 21.67 -32.28
C SER DA 311 -57.59 23.09 -31.93
N LYS DA 312 -58.33 23.69 -30.98
CA LYS DA 312 -58.15 25.10 -30.64
C LYS DA 312 -56.90 25.34 -29.80
N ARG DA 313 -56.52 24.38 -28.96
CA ARG DA 313 -55.59 24.68 -27.88
C ARG DA 313 -54.22 25.10 -28.40
N SER DA 314 -53.77 24.54 -29.52
CA SER DA 314 -52.43 24.86 -30.03
C SER DA 314 -52.46 26.14 -30.86
N ARG DA 315 -52.82 27.23 -30.20
CA ARG DA 315 -52.79 28.57 -30.76
C ARG DA 315 -51.70 29.37 -30.09
N SER DA 316 -51.05 30.24 -30.87
CA SER DA 316 -49.97 31.08 -30.39
C SER DA 316 -50.45 32.51 -30.25
N LEU DA 317 -49.79 33.28 -29.39
CA LEU DA 317 -50.07 34.72 -29.34
C LEU DA 317 -49.72 35.36 -30.66
N ASN DA 318 -48.58 35.02 -31.22
CA ASN DA 318 -48.12 35.63 -32.45
C ASN DA 318 -48.87 35.02 -33.63
N SER DA 319 -49.04 35.84 -34.67
CA SER DA 319 -49.61 35.40 -35.91
C SER DA 319 -48.61 34.66 -36.79
N ALA DA 320 -47.34 34.62 -36.40
CA ALA DA 320 -46.32 34.00 -37.23
C ALA DA 320 -46.51 32.50 -37.30
N ALA DA 321 -45.88 31.89 -38.29
CA ALA DA 321 -45.90 30.45 -38.47
C ALA DA 321 -44.77 29.73 -37.75
N PHE DA 322 -43.95 30.46 -37.00
CA PHE DA 322 -42.78 29.87 -36.34
C PHE DA 322 -42.47 30.70 -35.11
N TYR DA 323 -41.75 30.08 -34.18
CA TYR DA 323 -41.34 30.73 -32.94
C TYR DA 323 -39.91 31.22 -33.11
N TYR DA 324 -39.72 32.53 -33.11
CA TYR DA 324 -38.41 33.12 -33.34
C TYR DA 324 -37.68 33.22 -32.01
N ARG DA 325 -36.56 32.50 -31.88
CA ARG DA 325 -35.85 32.40 -30.60
C ARG DA 325 -34.48 33.07 -30.63
N VAL DA 326 -34.25 33.98 -31.59
CA VAL DA 326 -33.05 34.83 -31.66
C VAL DA 326 -31.75 34.05 -31.42
N TYR EA 53 -10.00 -76.07 -64.87
CA TYR EA 53 -9.19 -75.81 -63.69
C TYR EA 53 -10.03 -75.83 -62.42
N GLY EA 54 -11.24 -75.30 -62.53
CA GLY EA 54 -12.13 -75.20 -61.38
C GLY EA 54 -12.03 -73.83 -60.74
N LEU EA 55 -12.95 -72.93 -61.12
CA LEU EA 55 -12.95 -71.55 -60.67
C LEU EA 55 -14.05 -71.26 -59.66
N ASN EA 56 -15.13 -72.02 -59.69
CA ASN EA 56 -16.25 -71.82 -58.78
C ASN EA 56 -15.84 -71.97 -57.32
N ILE EA 57 -14.77 -72.68 -57.02
CA ILE EA 57 -14.41 -72.99 -55.63
C ILE EA 57 -13.55 -71.86 -55.08
N PRO EA 58 -13.56 -71.60 -53.78
CA PRO EA 58 -12.78 -70.49 -53.23
C PRO EA 58 -11.39 -70.93 -52.77
N ILE EA 59 -10.55 -69.93 -52.54
CA ILE EA 59 -9.17 -70.12 -52.13
C ILE EA 59 -9.02 -69.53 -50.74
N THR EA 60 -8.75 -70.36 -49.76
CA THR EA 60 -8.68 -69.93 -48.36
C THR EA 60 -7.25 -69.57 -48.00
N GLY EA 61 -7.03 -68.33 -47.57
CA GLY EA 61 -5.74 -67.84 -47.18
C GLY EA 61 -5.61 -67.68 -45.67
N SER EA 62 -4.51 -67.05 -45.28
CA SER EA 62 -4.23 -66.78 -43.88
C SER EA 62 -3.65 -65.38 -43.76
N MET EA 63 -3.39 -64.97 -42.51
CA MET EA 63 -2.79 -63.67 -42.23
C MET EA 63 -1.64 -63.77 -41.23
N ASP EA 64 -1.15 -64.98 -40.97
CA ASP EA 64 0.04 -65.18 -40.15
C ASP EA 64 1.10 -66.00 -40.85
N THR EA 65 0.82 -66.57 -42.02
CA THR EA 65 1.82 -67.34 -42.74
C THR EA 65 2.98 -66.43 -43.12
N VAL EA 66 4.21 -66.93 -42.92
CA VAL EA 66 5.38 -66.12 -43.21
C VAL EA 66 5.51 -65.91 -44.71
N TYR EA 67 6.22 -64.84 -45.07
CA TYR EA 67 6.46 -64.54 -46.47
C TYR EA 67 7.33 -65.62 -47.10
N SER EA 68 7.12 -65.83 -48.40
CA SER EA 68 7.93 -66.78 -49.15
C SER EA 68 9.26 -66.12 -49.49
N ASN EA 69 10.00 -66.71 -50.43
CA ASN EA 69 11.33 -66.27 -50.80
C ASN EA 69 11.28 -65.59 -52.15
N SER EA 70 12.14 -64.60 -52.35
CA SER EA 70 12.10 -63.80 -53.57
C SER EA 70 12.36 -64.68 -54.79
N THR EA 71 11.65 -64.38 -55.89
CA THR EA 71 11.75 -65.16 -57.12
C THR EA 71 12.13 -64.32 -58.33
N ARG EA 72 12.63 -63.09 -58.12
CA ARG EA 72 13.15 -62.31 -59.24
C ARG EA 72 14.25 -63.08 -59.95
N GLU EA 73 15.02 -63.88 -59.20
CA GLU EA 73 16.05 -64.69 -59.82
C GLU EA 73 15.45 -65.65 -60.84
N GLU EA 74 14.36 -66.34 -60.46
CA GLU EA 74 13.79 -67.33 -61.36
C GLU EA 74 13.12 -66.67 -62.55
N VAL EA 75 12.46 -65.54 -62.35
CA VAL EA 75 11.84 -64.91 -63.53
C VAL EA 75 12.93 -64.41 -64.48
N PHE EA 76 14.04 -63.89 -63.95
CA PHE EA 76 15.15 -63.55 -64.84
C PHE EA 76 15.67 -64.78 -65.56
N LEU EA 77 15.85 -65.88 -64.84
CA LEU EA 77 16.45 -67.07 -65.45
C LEU EA 77 15.59 -67.62 -66.57
N THR EA 78 14.27 -67.67 -66.39
CA THR EA 78 13.42 -68.34 -67.36
C THR EA 78 12.81 -67.38 -68.38
N SER EA 79 12.31 -66.23 -67.96
CA SER EA 79 11.53 -65.37 -68.84
C SER EA 79 12.41 -64.77 -69.92
N THR EA 80 11.79 -64.01 -70.80
CA THR EA 80 12.47 -63.27 -71.85
C THR EA 80 11.88 -61.87 -71.93
N LEU EA 81 12.74 -60.86 -71.95
CA LEU EA 81 12.33 -59.48 -72.14
C LEU EA 81 12.58 -59.07 -73.59
N CYS EA 82 11.73 -58.16 -74.09
CA CYS EA 82 11.85 -57.71 -75.46
C CYS EA 82 11.59 -56.21 -75.53
N LEU EA 83 12.61 -55.47 -75.95
CA LEU EA 83 12.47 -54.05 -76.21
C LEU EA 83 11.93 -53.83 -77.61
N TYR EA 84 11.09 -52.80 -77.75
CA TYR EA 84 10.57 -52.36 -79.04
C TYR EA 84 10.97 -50.91 -79.19
N TYR EA 85 11.91 -50.63 -80.08
CA TYR EA 85 12.49 -49.31 -80.18
C TYR EA 85 12.32 -48.77 -81.60
N PRO EA 86 12.25 -47.45 -81.77
CA PRO EA 86 12.07 -46.91 -83.11
C PRO EA 86 13.37 -46.92 -83.89
N THR EA 87 13.23 -46.94 -85.21
CA THR EA 87 14.40 -46.91 -86.08
C THR EA 87 15.22 -45.65 -85.86
N GLU EA 88 14.58 -44.56 -85.45
CA GLU EA 88 15.30 -43.35 -85.13
C GLU EA 88 16.34 -43.60 -84.05
N ALA EA 89 16.02 -44.49 -83.11
CA ALA EA 89 16.97 -44.79 -82.05
C ALA EA 89 18.25 -45.39 -82.60
N SER EA 90 18.12 -46.42 -83.43
CA SER EA 90 19.32 -47.03 -84.01
C SER EA 90 20.07 -46.04 -84.88
N THR EA 91 19.34 -45.20 -85.62
CA THR EA 91 20.01 -44.23 -86.48
C THR EA 91 20.84 -43.25 -85.67
N GLN EA 92 20.31 -42.75 -84.55
CA GLN EA 92 21.12 -41.87 -83.73
C GLN EA 92 22.22 -42.62 -83.01
N ILE EA 93 21.99 -43.90 -82.72
CA ILE EA 93 23.03 -44.72 -82.10
C ILE EA 93 24.25 -44.78 -83.00
N SER EA 94 24.03 -45.03 -84.29
CA SER EA 94 25.12 -45.04 -85.26
C SER EA 94 26.17 -46.09 -84.90
N ASP EA 95 25.69 -47.32 -84.75
CA ASP EA 95 26.50 -48.42 -84.22
C ASP EA 95 25.97 -49.71 -84.85
N GLY EA 96 26.07 -50.84 -84.17
CA GLY EA 96 25.83 -52.11 -84.79
C GLY EA 96 26.53 -53.26 -84.09
N GLU EA 97 27.34 -52.94 -83.10
CA GLU EA 97 27.60 -53.84 -81.98
C GLU EA 97 26.72 -53.52 -80.78
N TRP EA 98 25.78 -52.58 -80.93
CA TRP EA 98 25.07 -52.07 -79.76
C TRP EA 98 24.06 -53.06 -79.20
N LYS EA 99 23.46 -53.90 -80.06
CA LYS EA 99 22.59 -54.94 -79.53
C LYS EA 99 23.38 -55.93 -78.68
N ASP EA 100 24.57 -56.31 -79.15
CA ASP EA 100 25.44 -57.17 -78.34
C ASP EA 100 25.85 -56.48 -77.05
N SER EA 101 26.16 -55.19 -77.13
CA SER EA 101 26.51 -54.43 -75.94
C SER EA 101 25.38 -54.45 -74.92
N LEU EA 102 24.16 -54.19 -75.38
CA LEU EA 102 23.03 -54.18 -74.46
C LEU EA 102 22.77 -55.56 -73.89
N SER EA 103 22.96 -56.61 -74.70
CA SER EA 103 22.80 -57.96 -74.17
C SER EA 103 23.81 -58.23 -73.07
N GLN EA 104 25.07 -57.79 -73.26
CA GLN EA 104 26.08 -57.99 -72.23
C GLN EA 104 25.71 -57.25 -70.96
N MET EA 105 25.27 -56.00 -71.08
CA MET EA 105 24.95 -55.23 -69.88
C MET EA 105 23.73 -55.81 -69.18
N PHE EA 106 22.74 -56.29 -69.94
CA PHE EA 106 21.62 -56.97 -69.33
C PHE EA 106 22.07 -58.22 -68.58
N LEU EA 107 23.01 -58.96 -69.17
CA LEU EA 107 23.54 -60.14 -68.49
C LEU EA 107 24.19 -59.75 -67.17
N ILE EA 108 24.90 -58.62 -67.15
CA ILE EA 108 25.44 -58.14 -65.89
C ILE EA 108 24.32 -57.85 -64.91
N LYS EA 109 23.25 -57.22 -65.38
CA LYS EA 109 22.12 -56.95 -64.49
C LYS EA 109 21.40 -58.21 -64.05
N GLY EA 110 21.65 -59.35 -64.69
CA GLY EA 110 21.22 -60.63 -64.17
C GLY EA 110 20.24 -61.40 -65.02
N TRP EA 111 20.30 -61.24 -66.34
CA TRP EA 111 19.50 -62.01 -67.28
C TRP EA 111 20.38 -63.04 -68.00
N PRO EA 112 19.85 -64.16 -68.44
CA PRO EA 112 20.63 -65.04 -69.30
C PRO EA 112 20.98 -64.33 -70.60
N THR EA 113 21.98 -64.85 -71.28
CA THR EA 113 22.50 -64.15 -72.45
C THR EA 113 21.51 -64.14 -73.60
N GLY EA 114 20.70 -65.18 -73.73
CA GLY EA 114 19.83 -65.33 -74.89
C GLY EA 114 18.39 -64.94 -74.63
N SER EA 115 18.14 -64.12 -73.61
CA SER EA 115 16.79 -63.77 -73.21
C SER EA 115 16.34 -62.43 -73.78
N VAL EA 116 17.18 -61.40 -73.71
CA VAL EA 116 16.76 -60.07 -74.12
C VAL EA 116 16.78 -59.98 -75.64
N TYR EA 117 15.65 -59.58 -76.22
CA TYR EA 117 15.51 -59.41 -77.66
C TYR EA 117 15.17 -57.96 -77.98
N PHE EA 118 15.52 -57.56 -79.19
CA PHE EA 118 15.28 -56.20 -79.67
C PHE EA 118 14.46 -56.24 -80.94
N LYS EA 119 13.46 -55.37 -81.03
CA LYS EA 119 12.60 -55.28 -82.19
C LYS EA 119 12.57 -53.84 -82.67
N GLU EA 120 13.04 -53.63 -83.88
CA GLU EA 120 13.00 -52.32 -84.53
C GLU EA 120 11.64 -52.17 -85.18
N TYR EA 121 10.95 -51.08 -84.88
CA TYR EA 121 9.76 -50.69 -85.60
C TYR EA 121 10.00 -49.33 -86.23
N SER EA 122 9.59 -49.20 -87.50
CA SER EA 122 10.00 -48.05 -88.30
C SER EA 122 9.57 -46.73 -87.65
N ASN EA 123 8.29 -46.61 -87.33
CA ASN EA 123 7.80 -45.43 -86.63
C ASN EA 123 6.48 -45.80 -85.97
N ILE EA 124 5.97 -44.88 -85.16
CA ILE EA 124 4.89 -45.21 -84.24
C ILE EA 124 3.63 -45.60 -85.02
N VAL EA 125 3.27 -44.81 -86.03
CA VAL EA 125 2.03 -45.07 -86.75
C VAL EA 125 2.17 -46.34 -87.57
N ASP EA 126 3.35 -46.56 -88.18
CA ASP EA 126 3.58 -47.79 -88.92
C ASP EA 126 3.47 -49.01 -88.02
N PHE EA 127 4.00 -48.92 -86.80
CA PHE EA 127 3.92 -50.02 -85.85
C PHE EA 127 2.50 -50.24 -85.38
N SER EA 128 1.68 -49.18 -85.36
CA SER EA 128 0.33 -49.28 -84.83
C SER EA 128 -0.49 -50.35 -85.52
N VAL EA 129 -0.18 -50.68 -86.77
CA VAL EA 129 -0.93 -51.70 -87.49
C VAL EA 129 -0.54 -53.07 -86.97
N ASP EA 130 -1.55 -53.87 -86.59
CA ASP EA 130 -1.44 -55.23 -86.07
C ASP EA 130 -0.19 -55.45 -85.22
N PRO EA 131 0.04 -54.65 -84.19
CA PRO EA 131 1.31 -54.74 -83.48
C PRO EA 131 1.44 -56.04 -82.73
N GLN EA 132 2.24 -56.95 -83.23
CA GLN EA 132 2.42 -58.24 -82.58
C GLN EA 132 3.49 -58.11 -81.51
N LEU EA 133 3.29 -58.81 -80.41
CA LEU EA 133 4.17 -58.75 -79.24
C LEU EA 133 4.72 -60.15 -78.98
N TYR EA 134 5.98 -60.36 -79.37
CA TYR EA 134 6.58 -61.69 -79.50
C TYR EA 134 7.33 -62.08 -78.24
N CYS EA 135 6.78 -62.00 -77.03
CA CYS EA 135 7.68 -62.07 -75.90
C CYS EA 135 6.91 -62.39 -74.62
N ASP EA 136 7.63 -62.36 -73.51
CA ASP EA 136 7.11 -62.64 -72.18
C ASP EA 136 7.04 -61.41 -71.30
N TYR EA 137 8.06 -60.56 -71.34
CA TYR EA 137 7.98 -59.19 -70.85
C TYR EA 137 8.20 -58.31 -72.07
N ASN EA 138 7.31 -57.33 -72.27
CA ASN EA 138 7.37 -56.48 -73.46
C ASN EA 138 7.52 -55.04 -73.01
N LEU EA 139 8.52 -54.35 -73.56
CA LEU EA 139 8.70 -52.92 -73.34
C LEU EA 139 8.57 -52.23 -74.68
N VAL EA 140 7.89 -51.09 -74.70
CA VAL EA 140 7.66 -50.35 -75.94
C VAL EA 140 8.16 -48.94 -75.73
N LEU EA 141 9.38 -48.66 -76.17
CA LEU EA 141 9.83 -47.28 -76.26
C LEU EA 141 8.99 -46.56 -77.29
N MET EA 142 8.59 -45.33 -76.98
CA MET EA 142 7.59 -44.63 -77.78
C MET EA 142 7.97 -43.17 -77.84
N LYS EA 143 8.64 -42.78 -78.92
CA LYS EA 143 9.05 -41.39 -79.06
C LYS EA 143 7.83 -40.54 -79.33
N TYR EA 144 7.65 -39.50 -78.53
CA TYR EA 144 6.50 -38.62 -78.65
C TYR EA 144 6.89 -37.32 -79.36
N ASP EA 145 6.06 -36.94 -80.31
CA ASP EA 145 6.06 -35.59 -80.86
C ASP EA 145 4.61 -35.14 -80.96
N GLN EA 146 4.40 -33.83 -80.88
CA GLN EA 146 3.05 -33.27 -80.95
C GLN EA 146 2.34 -33.73 -82.22
N SER EA 147 1.01 -33.62 -82.23
CA SER EA 147 0.13 -34.01 -83.32
C SER EA 147 -0.07 -35.51 -83.41
N LEU EA 148 0.61 -36.32 -82.57
CA LEU EA 148 0.41 -37.75 -82.53
C LEU EA 148 -0.23 -38.20 -81.22
N GLU EA 149 -0.98 -37.31 -80.57
CA GLU EA 149 -1.61 -37.66 -79.30
C GLU EA 149 -2.52 -38.86 -79.47
N LEU EA 150 -3.44 -38.78 -80.43
CA LEU EA 150 -4.46 -39.83 -80.56
C LEU EA 150 -3.86 -41.12 -81.07
N ASP EA 151 -2.95 -41.04 -82.05
CA ASP EA 151 -2.34 -42.27 -82.55
C ASP EA 151 -1.54 -42.96 -81.46
N MET EA 152 -0.78 -42.17 -80.71
CA MET EA 152 0.00 -42.71 -79.60
C MET EA 152 -0.90 -43.36 -78.57
N SER EA 153 -1.96 -42.66 -78.17
CA SER EA 153 -2.86 -43.18 -77.15
C SER EA 153 -3.60 -44.42 -77.64
N GLU EA 154 -3.97 -44.43 -78.93
CA GLU EA 154 -4.66 -45.58 -79.47
C GLU EA 154 -3.78 -46.82 -79.41
N LEU EA 155 -2.53 -46.69 -79.84
CA LEU EA 155 -1.63 -47.83 -79.74
C LEU EA 155 -1.44 -48.25 -78.30
N ALA EA 156 -1.24 -47.27 -77.41
CA ALA EA 156 -0.99 -47.60 -76.01
C ALA EA 156 -2.17 -48.37 -75.44
N ASP EA 157 -3.38 -47.91 -75.71
CA ASP EA 157 -4.58 -48.60 -75.24
C ASP EA 157 -4.66 -50.01 -75.82
N LEU EA 158 -4.40 -50.14 -77.12
CA LEU EA 158 -4.52 -51.43 -77.78
C LEU EA 158 -3.59 -52.45 -77.17
N ILE EA 159 -2.35 -52.06 -76.87
CA ILE EA 159 -1.42 -53.05 -76.34
C ILE EA 159 -1.56 -53.21 -74.83
N LEU EA 160 -1.92 -52.16 -74.10
CA LEU EA 160 -2.00 -52.27 -72.65
C LEU EA 160 -3.20 -53.10 -72.23
N ASN EA 161 -4.33 -52.98 -72.91
CA ASN EA 161 -5.52 -53.76 -72.56
C ASN EA 161 -5.64 -54.98 -73.46
N GLU EA 162 -6.20 -56.05 -72.90
CA GLU EA 162 -6.54 -57.23 -73.69
C GLU EA 162 -7.85 -56.99 -74.43
N TRP EA 163 -7.93 -57.53 -75.63
CA TRP EA 163 -9.09 -57.36 -76.49
C TRP EA 163 -9.50 -58.70 -77.05
N LEU EA 164 -10.81 -58.91 -77.19
CA LEU EA 164 -11.38 -60.09 -77.82
C LEU EA 164 -12.19 -59.61 -79.01
N CYS EA 165 -11.78 -60.01 -80.21
CA CYS EA 165 -12.27 -59.41 -81.44
C CYS EA 165 -12.94 -60.45 -82.31
N ASN EA 166 -14.09 -60.05 -82.87
CA ASN EA 166 -14.82 -60.76 -83.90
C ASN EA 166 -14.62 -60.04 -85.23
N PRO EA 167 -14.74 -60.73 -86.36
CA PRO EA 167 -14.69 -60.02 -87.64
C PRO EA 167 -15.98 -59.26 -87.89
N MET EA 168 -15.90 -58.33 -88.83
CA MET EA 168 -17.06 -57.57 -89.28
C MET EA 168 -17.17 -57.69 -90.78
N ASP EA 169 -18.35 -58.09 -91.25
CA ASP EA 169 -18.64 -58.20 -92.67
C ASP EA 169 -19.38 -56.92 -93.06
N ILE EA 170 -18.62 -55.90 -93.45
CA ILE EA 170 -19.18 -54.58 -93.70
C ILE EA 170 -20.20 -54.63 -94.83
N THR EA 171 -19.89 -55.35 -95.90
CA THR EA 171 -20.72 -55.29 -97.08
C THR EA 171 -22.07 -55.96 -96.91
N LEU EA 172 -22.30 -56.70 -95.83
CA LEU EA 172 -23.53 -57.45 -95.62
C LEU EA 172 -24.35 -56.95 -94.45
N TYR EA 173 -23.74 -56.74 -93.29
CA TYR EA 173 -24.45 -56.49 -92.05
C TYR EA 173 -24.16 -55.09 -91.53
N TYR EA 174 -25.16 -54.52 -90.87
CA TYR EA 174 -25.02 -53.28 -90.11
C TYR EA 174 -24.75 -53.64 -88.67
N TYR EA 175 -23.68 -53.10 -88.10
CA TYR EA 175 -23.23 -53.49 -86.78
C TYR EA 175 -23.60 -52.43 -85.75
N GLN EA 176 -23.47 -52.84 -84.49
CA GLN EA 176 -23.96 -52.06 -83.36
C GLN EA 176 -23.11 -52.40 -82.15
N GLN EA 177 -22.84 -51.40 -81.32
CA GLN EA 177 -21.92 -51.57 -80.21
C GLN EA 177 -22.67 -51.97 -78.95
N SER EA 178 -22.16 -53.01 -78.28
CA SER EA 178 -22.89 -53.59 -77.16
C SER EA 178 -22.86 -52.69 -75.94
N GLY EA 179 -21.71 -52.14 -75.60
CA GLY EA 179 -21.59 -51.36 -74.39
C GLY EA 179 -20.31 -50.55 -74.38
N GLU EA 180 -19.98 -50.04 -73.20
CA GLU EA 180 -18.80 -49.19 -73.07
C GLU EA 180 -17.52 -49.94 -73.40
N SER EA 181 -17.51 -51.26 -73.20
CA SER EA 181 -16.32 -52.06 -73.39
C SER EA 181 -16.14 -52.53 -74.83
N ASN EA 182 -17.01 -52.12 -75.74
CA ASN EA 182 -16.96 -52.53 -77.14
C ASN EA 182 -16.54 -51.35 -77.98
N LYS EA 183 -15.56 -51.56 -78.85
CA LYS EA 183 -15.11 -50.59 -79.82
C LYS EA 183 -14.95 -51.27 -81.17
N TRP EA 184 -14.69 -50.49 -82.20
CA TRP EA 184 -14.33 -51.03 -83.50
C TRP EA 184 -12.89 -50.62 -83.78
N ILE EA 185 -12.03 -51.60 -84.01
CA ILE EA 185 -10.61 -51.35 -84.27
C ILE EA 185 -10.35 -51.64 -85.72
N SER EA 186 -9.86 -50.64 -86.44
CA SER EA 186 -9.55 -50.77 -87.85
C SER EA 186 -8.05 -50.63 -88.04
N MET EA 187 -7.44 -51.61 -88.71
CA MET EA 187 -6.01 -51.62 -88.97
C MET EA 187 -5.77 -51.86 -90.45
N GLY EA 188 -4.82 -51.14 -91.00
CA GLY EA 188 -4.48 -51.29 -92.40
C GLY EA 188 -3.45 -50.26 -92.80
N SER EA 189 -3.08 -50.31 -94.08
CA SER EA 189 -2.14 -49.32 -94.59
C SER EA 189 -2.74 -47.93 -94.50
N SER EA 190 -4.02 -47.79 -94.82
CA SER EA 190 -4.71 -46.51 -94.66
C SER EA 190 -6.20 -46.80 -94.55
N CYS EA 191 -6.73 -46.64 -93.36
CA CYS EA 191 -8.15 -46.85 -93.10
C CYS EA 191 -8.91 -45.54 -93.24
N THR EA 192 -10.19 -45.64 -93.54
CA THR EA 192 -11.07 -44.48 -93.57
C THR EA 192 -12.46 -44.98 -93.16
N VAL EA 193 -12.81 -44.79 -91.90
CA VAL EA 193 -14.04 -45.34 -91.33
C VAL EA 193 -15.12 -44.27 -91.47
N LYS EA 194 -15.92 -44.37 -92.53
CA LYS EA 194 -17.05 -43.50 -92.74
C LYS EA 194 -18.31 -44.22 -92.28
N VAL EA 195 -18.91 -43.74 -91.19
CA VAL EA 195 -20.05 -44.41 -90.56
C VAL EA 195 -21.31 -43.59 -90.82
N CYS EA 196 -22.45 -44.28 -90.79
CA CYS EA 196 -23.75 -43.66 -90.95
C CYS EA 196 -24.72 -44.31 -89.97
N PRO EA 197 -25.20 -43.60 -88.94
CA PRO EA 197 -26.21 -44.20 -88.06
C PRO EA 197 -27.54 -44.32 -88.75
N LEU EA 198 -28.29 -45.37 -88.42
CA LEU EA 198 -29.54 -45.68 -89.09
C LEU EA 198 -30.72 -45.62 -88.13
N ASN EA 199 -31.91 -45.53 -88.70
CA ASN EA 199 -33.15 -45.62 -87.95
C ASN EA 199 -33.44 -47.08 -87.64
N THR EA 200 -34.64 -47.35 -87.12
CA THR EA 200 -35.13 -48.71 -87.08
C THR EA 200 -35.61 -49.19 -88.44
N GLN EA 201 -35.82 -48.28 -89.39
CA GLN EA 201 -36.21 -48.65 -90.75
C GLN EA 201 -35.01 -48.93 -91.63
N THR EA 202 -33.80 -48.92 -91.09
CA THR EA 202 -32.57 -49.10 -91.88
C THR EA 202 -32.44 -47.98 -92.90
N LEU EA 203 -32.56 -46.74 -92.41
CA LEU EA 203 -32.34 -45.54 -93.21
C LEU EA 203 -31.53 -44.56 -92.40
N GLY EA 204 -30.58 -43.90 -93.04
CA GLY EA 204 -29.65 -43.08 -92.32
C GLY EA 204 -30.27 -41.78 -91.83
N ILE EA 205 -29.69 -41.23 -90.76
CA ILE EA 205 -30.00 -39.89 -90.27
C ILE EA 205 -28.73 -39.07 -90.30
N GLY EA 206 -28.80 -37.90 -90.91
CA GLY EA 206 -27.60 -37.14 -91.20
C GLY EA 206 -26.75 -37.72 -92.29
N CYS EA 207 -27.23 -38.76 -92.96
CA CYS EA 207 -26.50 -39.46 -94.01
C CYS EA 207 -27.51 -40.30 -94.78
N GLN EA 208 -27.19 -40.59 -96.02
CA GLN EA 208 -28.04 -41.39 -96.89
C GLN EA 208 -27.37 -42.73 -97.09
N THR EA 209 -28.08 -43.81 -96.78
CA THR EA 209 -27.44 -45.13 -96.75
C THR EA 209 -26.83 -45.52 -98.08
N THR EA 210 -27.29 -44.94 -99.18
CA THR EA 210 -26.74 -45.23 -100.50
C THR EA 210 -25.60 -44.30 -100.90
N ASN EA 211 -25.65 -43.03 -100.50
CA ASN EA 211 -24.65 -42.04 -100.88
C ASN EA 211 -23.54 -42.03 -99.85
N VAL EA 212 -22.38 -42.58 -100.22
CA VAL EA 212 -21.25 -42.62 -99.30
C VAL EA 212 -20.74 -41.23 -99.00
N ASP EA 213 -20.88 -40.29 -99.93
CA ASP EA 213 -20.29 -38.98 -99.75
C ASP EA 213 -20.93 -38.19 -98.62
N SER EA 214 -22.12 -38.59 -98.16
CA SER EA 214 -22.76 -37.93 -97.03
C SER EA 214 -22.46 -38.61 -95.69
N PHE EA 215 -21.75 -39.73 -95.71
CA PHE EA 215 -21.42 -40.44 -94.49
C PHE EA 215 -20.55 -39.58 -93.59
N GLU EA 216 -20.67 -39.80 -92.30
CA GLU EA 216 -19.95 -39.02 -91.29
C GLU EA 216 -18.63 -39.72 -91.03
N THR EA 217 -17.55 -39.18 -91.58
CA THR EA 217 -16.23 -39.73 -91.35
C THR EA 217 -15.80 -39.49 -89.90
N VAL EA 218 -15.21 -40.53 -89.30
CA VAL EA 218 -14.68 -40.44 -87.93
C VAL EA 218 -13.18 -40.72 -87.88
N ALA EA 219 -12.56 -41.13 -88.98
CA ALA EA 219 -11.12 -41.29 -89.06
C ALA EA 219 -10.73 -41.50 -90.51
N GLU EA 220 -9.68 -40.83 -90.98
CA GLU EA 220 -9.25 -40.95 -92.38
C GLU EA 220 -7.75 -41.03 -92.47
N ASN EA 221 -7.28 -41.90 -93.37
CA ASN EA 221 -5.85 -42.07 -93.63
C ASN EA 221 -5.10 -42.37 -92.34
N GLU EA 222 -5.70 -43.22 -91.51
CA GLU EA 222 -5.11 -43.65 -90.25
C GLU EA 222 -4.80 -45.13 -90.32
N LYS EA 223 -3.59 -45.48 -89.87
CA LYS EA 223 -3.18 -46.87 -89.92
C LYS EA 223 -3.88 -47.70 -88.85
N LEU EA 224 -4.09 -47.11 -87.67
CA LEU EA 224 -4.87 -47.72 -86.62
C LEU EA 224 -5.91 -46.72 -86.15
N ALA EA 225 -7.16 -47.17 -86.01
CA ALA EA 225 -8.22 -46.30 -85.51
C ALA EA 225 -9.13 -47.11 -84.60
N ILE EA 226 -9.25 -46.68 -83.36
CA ILE EA 226 -10.19 -47.24 -82.40
C ILE EA 226 -11.37 -46.28 -82.34
N VAL EA 227 -12.45 -46.63 -83.03
CA VAL EA 227 -13.62 -45.76 -83.14
C VAL EA 227 -14.71 -46.26 -82.19
N ASP EA 228 -15.30 -45.31 -81.46
CA ASP EA 228 -16.48 -45.53 -80.64
C ASP EA 228 -17.62 -44.76 -81.25
N VAL EA 229 -18.80 -45.38 -81.29
CA VAL EA 229 -20.01 -44.74 -81.74
C VAL EA 229 -21.09 -44.99 -80.69
N VAL EA 230 -22.18 -44.23 -80.80
CA VAL EA 230 -23.21 -44.26 -79.77
C VAL EA 230 -23.77 -45.67 -79.68
N ASP EA 231 -23.63 -46.28 -78.52
CA ASP EA 231 -24.02 -47.68 -78.37
C ASP EA 231 -25.54 -47.81 -78.47
N GLY EA 232 -25.98 -48.88 -79.11
CA GLY EA 232 -27.40 -49.13 -79.26
C GLY EA 232 -28.01 -48.61 -80.55
N ILE EA 233 -27.20 -48.25 -81.53
CA ILE EA 233 -27.68 -47.74 -82.82
C ILE EA 233 -27.04 -48.56 -83.91
N ASN EA 234 -27.84 -49.00 -84.87
CA ASN EA 234 -27.28 -49.66 -86.04
C ASN EA 234 -26.48 -48.66 -86.85
N HIS EA 235 -25.35 -49.09 -87.38
CA HIS EA 235 -24.45 -48.26 -88.15
C HIS EA 235 -24.08 -48.97 -89.43
N LYS EA 236 -23.98 -48.21 -90.52
CA LYS EA 236 -23.44 -48.71 -91.78
C LYS EA 236 -22.06 -48.11 -91.98
N ILE EA 237 -21.08 -48.96 -92.21
CA ILE EA 237 -19.69 -48.54 -92.31
C ILE EA 237 -19.25 -48.65 -93.76
N ASN EA 238 -18.35 -47.76 -94.17
CA ASN EA 238 -17.56 -47.94 -95.36
C ASN EA 238 -16.11 -47.68 -95.02
N LEU EA 239 -15.24 -48.61 -95.43
CA LEU EA 239 -13.81 -48.36 -95.42
C LEU EA 239 -13.18 -49.34 -96.42
N THR EA 240 -12.85 -48.83 -97.61
CA THR EA 240 -11.69 -49.26 -98.41
C THR EA 240 -11.33 -50.72 -98.18
N THR EA 241 -12.29 -51.62 -98.40
CA THR EA 241 -12.18 -52.98 -97.86
C THR EA 241 -10.94 -53.72 -98.35
N THR EA 242 -10.40 -53.35 -99.50
CA THR EA 242 -9.18 -54.01 -99.98
C THR EA 242 -8.00 -53.68 -99.09
N THR EA 243 -7.94 -52.44 -98.58
CA THR EA 243 -6.77 -51.96 -97.84
C THR EA 243 -6.86 -52.28 -96.35
N CYS EA 244 -7.90 -51.78 -95.70
CA CYS EA 244 -8.03 -51.85 -94.24
C CYS EA 244 -8.99 -52.95 -93.83
N THR EA 245 -8.84 -53.39 -92.59
CA THR EA 245 -9.72 -54.40 -92.00
C THR EA 245 -10.18 -53.93 -90.64
N ILE EA 246 -11.46 -54.11 -90.36
CA ILE EA 246 -12.10 -53.61 -89.15
C ILE EA 246 -12.66 -54.79 -88.37
N ARG EA 247 -12.51 -54.72 -87.05
CA ARG EA 247 -12.92 -55.80 -86.15
C ARG EA 247 -13.73 -55.24 -85.00
N ASN EA 248 -14.72 -56.02 -84.58
CA ASN EA 248 -15.58 -55.70 -83.45
C ASN EA 248 -14.89 -56.22 -82.19
N CYS EA 249 -14.26 -55.33 -81.43
CA CYS EA 249 -13.40 -55.74 -80.33
C CYS EA 249 -14.02 -55.35 -79.01
N LYS EA 250 -14.26 -56.33 -78.15
CA LYS EA 250 -14.61 -56.10 -76.77
C LYS EA 250 -13.33 -55.97 -75.95
N LYS EA 251 -13.39 -55.17 -74.90
CA LYS EA 251 -12.23 -54.85 -74.07
C LYS EA 251 -12.30 -55.67 -72.79
N LEU EA 252 -11.49 -56.71 -72.71
CA LEU EA 252 -11.38 -57.50 -71.49
C LEU EA 252 -10.45 -56.76 -70.53
N GLY EA 253 -10.02 -57.44 -69.46
CA GLY EA 253 -9.15 -56.84 -68.49
C GLY EA 253 -7.83 -56.38 -69.08
N PRO EA 254 -6.98 -55.78 -68.25
CA PRO EA 254 -5.73 -55.23 -68.76
C PRO EA 254 -4.75 -56.32 -69.17
N ARG EA 255 -3.87 -55.97 -70.09
CA ARG EA 255 -2.69 -56.77 -70.40
C ARG EA 255 -1.52 -56.17 -69.64
N GLU EA 256 -0.94 -56.96 -68.75
CA GLU EA 256 0.18 -56.52 -67.91
C GLU EA 256 1.50 -57.11 -68.38
N ASN EA 257 1.49 -57.83 -69.50
CA ASN EA 257 2.72 -58.30 -70.11
C ASN EA 257 3.55 -57.17 -70.69
N VAL EA 258 2.89 -56.11 -71.14
CA VAL EA 258 3.55 -55.04 -71.88
C VAL EA 258 3.66 -53.82 -70.98
N ALA EA 259 4.54 -52.91 -71.37
CA ALA EA 259 4.75 -51.67 -70.64
C ALA EA 259 5.26 -50.62 -71.58
N VAL EA 260 4.62 -49.47 -71.58
CA VAL EA 260 4.92 -48.40 -72.51
C VAL EA 260 5.86 -47.42 -71.83
N ILE EA 261 6.85 -46.92 -72.57
CA ILE EA 261 7.79 -45.92 -72.07
C ILE EA 261 7.73 -44.76 -73.05
N GLN EA 262 6.99 -43.72 -72.69
CA GLN EA 262 6.95 -42.50 -73.48
C GLN EA 262 8.28 -41.78 -73.33
N VAL EA 263 9.03 -41.71 -74.43
CA VAL EA 263 10.35 -41.07 -74.39
C VAL EA 263 10.29 -39.56 -74.45
N GLY EA 264 9.14 -38.99 -74.79
CA GLY EA 264 9.06 -37.55 -74.98
C GLY EA 264 8.62 -36.78 -73.75
N GLY EA 265 7.50 -36.09 -73.86
CA GLY EA 265 7.14 -35.04 -72.92
C GLY EA 265 5.88 -35.28 -72.12
N ALA EA 266 4.90 -34.40 -72.29
CA ALA EA 266 3.83 -34.24 -71.32
C ALA EA 266 2.97 -35.51 -71.21
N ASN EA 267 2.10 -35.49 -70.21
CA ASN EA 267 1.18 -36.58 -69.91
C ASN EA 267 -0.01 -36.51 -70.86
N ILE EA 268 -0.07 -37.44 -71.82
CA ILE EA 268 -1.00 -37.33 -72.93
C ILE EA 268 -1.83 -38.60 -73.11
N LEU EA 269 -1.33 -39.73 -72.64
CA LEU EA 269 -2.01 -40.99 -72.89
C LEU EA 269 -3.31 -41.05 -72.12
N ASP EA 270 -4.40 -41.41 -72.80
CA ASP EA 270 -5.70 -41.66 -72.20
C ASP EA 270 -6.13 -43.04 -72.68
N ILE EA 271 -5.73 -44.07 -71.93
CA ILE EA 271 -6.07 -45.43 -72.33
C ILE EA 271 -7.58 -45.66 -72.27
N THR EA 272 -8.26 -45.03 -71.32
CA THR EA 272 -9.69 -45.22 -71.14
C THR EA 272 -10.44 -44.19 -71.95
N ALA EA 273 -11.21 -44.66 -72.94
CA ALA EA 273 -11.91 -43.77 -73.85
C ALA EA 273 -12.98 -42.95 -73.17
N ASP EA 274 -13.40 -43.33 -71.98
CA ASP EA 274 -14.36 -42.54 -71.22
C ASP EA 274 -13.74 -41.17 -70.95
N PRO EA 275 -14.38 -40.07 -71.35
CA PRO EA 275 -13.75 -38.77 -71.13
C PRO EA 275 -13.69 -38.36 -69.67
N THR EA 276 -14.47 -38.99 -68.80
CA THR EA 276 -14.40 -38.64 -67.38
C THR EA 276 -13.11 -39.15 -66.76
N THR EA 277 -12.89 -40.46 -66.83
CA THR EA 277 -11.73 -41.06 -66.19
C THR EA 277 -10.50 -40.96 -67.08
N ASN EA 278 -9.34 -40.81 -66.44
CA ASN EA 278 -8.06 -40.71 -67.13
C ASN EA 278 -6.98 -41.33 -66.25
N PRO EA 279 -7.12 -42.60 -65.90
CA PRO EA 279 -6.24 -43.18 -64.90
C PRO EA 279 -4.81 -43.28 -65.38
N GLN EA 280 -3.88 -43.05 -64.45
CA GLN EA 280 -2.45 -43.11 -64.73
C GLN EA 280 -1.95 -44.49 -64.29
N ILE EA 281 -2.11 -45.46 -65.17
CA ILE EA 281 -1.68 -46.82 -64.87
C ILE EA 281 -0.17 -46.85 -64.72
N GLU EA 282 0.31 -47.74 -63.85
CA GLU EA 282 1.73 -47.87 -63.58
C GLU EA 282 2.54 -48.15 -64.83
N ARG EA 283 2.04 -48.99 -65.74
CA ARG EA 283 2.81 -49.45 -66.89
C ARG EA 283 3.02 -48.38 -67.93
N MET EA 284 2.36 -47.23 -67.80
CA MET EA 284 2.64 -46.06 -68.62
C MET EA 284 3.74 -45.26 -67.96
N MET EA 285 4.96 -45.33 -68.47
CA MET EA 285 6.11 -44.68 -67.89
C MET EA 285 6.53 -43.54 -68.80
N ARG EA 286 7.31 -42.62 -68.25
CA ARG EA 286 7.74 -41.43 -68.98
C ARG EA 286 9.20 -41.16 -68.65
N VAL EA 287 10.00 -40.86 -69.67
CA VAL EA 287 11.37 -40.44 -69.48
C VAL EA 287 11.65 -39.26 -70.38
N ASN EA 288 12.22 -38.20 -69.83
CA ASN EA 288 12.77 -37.15 -70.66
C ASN EA 288 14.05 -37.65 -71.32
N TRP EA 289 14.34 -37.12 -72.50
CA TRP EA 289 15.41 -37.67 -73.32
C TRP EA 289 16.10 -36.58 -74.11
N LYS EA 290 17.39 -36.80 -74.36
CA LYS EA 290 18.09 -36.12 -75.45
C LYS EA 290 18.97 -37.09 -76.23
N ARG EA 291 19.41 -38.17 -75.59
CA ARG EA 291 20.29 -39.15 -76.21
C ARG EA 291 19.71 -40.54 -76.06
N TRP EA 292 19.63 -41.27 -77.18
CA TRP EA 292 19.09 -42.61 -77.12
C TRP EA 292 19.99 -43.54 -76.32
N TRP EA 293 21.30 -43.32 -76.31
CA TRP EA 293 22.13 -44.08 -75.38
C TRP EA 293 21.71 -43.84 -73.95
N GLN EA 294 21.45 -42.58 -73.59
CA GLN EA 294 21.05 -42.33 -72.20
C GLN EA 294 19.75 -43.03 -71.89
N VAL EA 295 18.81 -43.02 -72.83
CA VAL EA 295 17.53 -43.71 -72.60
C VAL EA 295 17.76 -45.20 -72.41
N PHE EA 296 18.54 -45.82 -73.29
CA PHE EA 296 18.72 -47.26 -73.23
C PHE EA 296 19.49 -47.66 -71.97
N TYR EA 297 20.46 -46.86 -71.58
CA TYR EA 297 21.16 -47.12 -70.33
C TYR EA 297 20.21 -47.00 -69.15
N THR EA 298 19.30 -46.03 -69.18
CA THR EA 298 18.33 -45.91 -68.11
C THR EA 298 17.48 -47.17 -68.01
N ILE EA 299 16.99 -47.66 -69.15
CA ILE EA 299 16.18 -48.87 -69.15
C ILE EA 299 16.99 -50.03 -68.60
N VAL EA 300 18.22 -50.20 -69.06
CA VAL EA 300 19.02 -51.34 -68.63
C VAL EA 300 19.30 -51.25 -67.13
N ASP EA 301 19.61 -50.07 -66.64
CA ASP EA 301 19.91 -49.92 -65.22
C ASP EA 301 18.69 -50.25 -64.38
N TYR EA 302 17.51 -49.78 -64.79
CA TYR EA 302 16.32 -49.90 -63.96
C TYR EA 302 15.41 -51.03 -64.41
N ILE EA 303 15.93 -52.00 -65.16
CA ILE EA 303 15.08 -53.07 -65.68
C ILE EA 303 14.40 -53.85 -64.57
N ASN EA 304 15.03 -53.96 -63.40
CA ASN EA 304 14.42 -54.73 -62.32
C ASN EA 304 13.12 -54.09 -61.87
N GLN EA 305 13.09 -52.77 -61.74
CA GLN EA 305 11.85 -52.09 -61.37
C GLN EA 305 10.80 -52.26 -62.46
N ILE EA 306 11.23 -52.23 -63.72
CA ILE EA 306 10.31 -52.40 -64.84
C ILE EA 306 9.61 -53.76 -64.73
N VAL EA 307 10.39 -54.82 -64.56
CA VAL EA 307 9.82 -56.15 -64.46
C VAL EA 307 8.98 -56.27 -63.19
N GLN EA 308 9.37 -55.57 -62.13
CA GLN EA 308 8.55 -55.57 -60.93
C GLN EA 308 7.17 -55.00 -61.22
N VAL EA 309 7.10 -53.95 -62.03
CA VAL EA 309 5.80 -53.40 -62.41
C VAL EA 309 5.03 -54.40 -63.27
N MET EA 310 5.70 -55.01 -64.24
CA MET EA 310 4.99 -55.89 -65.17
C MET EA 310 4.73 -57.25 -64.53
N SER EA 311 4.03 -58.12 -65.25
CA SER EA 311 3.68 -59.44 -64.75
C SER EA 311 3.61 -60.42 -65.90
N LYS EA 312 4.56 -61.36 -65.95
CA LYS EA 312 4.66 -62.27 -67.08
C LYS EA 312 3.46 -63.19 -67.22
N ARG EA 313 2.67 -63.37 -66.16
CA ARG EA 313 1.62 -64.38 -66.20
C ARG EA 313 0.59 -64.11 -67.28
N SER EA 314 0.42 -62.86 -67.69
CA SER EA 314 -0.56 -62.49 -68.69
C SER EA 314 0.00 -62.59 -70.11
N ARG EA 315 0.56 -63.75 -70.43
CA ARG EA 315 1.09 -64.01 -71.76
C ARG EA 315 0.17 -64.96 -72.49
N SER EA 316 -0.09 -64.68 -73.77
CA SER EA 316 -0.96 -65.49 -74.60
C SER EA 316 -0.12 -66.44 -75.44
N LEU EA 317 -0.75 -67.49 -75.96
CA LEU EA 317 -0.06 -68.39 -76.86
C LEU EA 317 0.37 -67.66 -78.13
N ASN EA 318 -0.58 -66.99 -78.78
CA ASN EA 318 -0.29 -66.31 -80.03
C ASN EA 318 0.33 -64.94 -79.75
N SER EA 319 1.17 -64.51 -80.67
CA SER EA 319 1.86 -63.23 -80.53
C SER EA 319 0.97 -62.03 -80.81
N ALA EA 320 -0.22 -62.25 -81.37
CA ALA EA 320 -1.08 -61.13 -81.74
C ALA EA 320 -1.52 -60.37 -80.50
N ALA EA 321 -1.97 -59.14 -80.71
CA ALA EA 321 -2.34 -58.23 -79.63
C ALA EA 321 -3.80 -58.33 -79.25
N PHE EA 322 -4.54 -59.27 -79.81
CA PHE EA 322 -5.94 -59.43 -79.45
C PHE EA 322 -6.36 -60.85 -79.77
N TYR EA 323 -7.10 -61.48 -78.86
CA TYR EA 323 -7.67 -62.78 -79.14
C TYR EA 323 -8.71 -62.63 -80.24
N TYR EA 324 -8.75 -63.60 -81.16
CA TYR EA 324 -9.60 -63.54 -82.34
C TYR EA 324 -10.57 -64.70 -82.27
N ARG EA 325 -11.84 -64.40 -81.96
CA ARG EA 325 -12.83 -65.42 -81.68
C ARG EA 325 -13.89 -65.51 -82.78
N VAL EA 326 -13.45 -65.33 -84.03
CA VAL EA 326 -14.27 -65.48 -85.25
C VAL EA 326 -15.69 -64.94 -85.09
N GLN FA 51 -39.40 -24.88 -45.04
CA GLN FA 51 -39.18 -23.72 -45.88
C GLN FA 51 -38.73 -22.55 -45.02
N ASN FA 52 -37.53 -22.65 -44.48
CA ASN FA 52 -36.99 -21.68 -43.52
C ASN FA 52 -35.78 -20.99 -44.13
N TYR FA 53 -35.98 -20.47 -45.34
CA TYR FA 53 -34.90 -19.95 -46.18
C TYR FA 53 -34.04 -18.95 -45.45
N GLY FA 54 -32.82 -18.75 -45.94
CA GLY FA 54 -31.95 -17.73 -45.39
C GLY FA 54 -31.56 -17.96 -43.95
N LEU FA 55 -31.29 -19.20 -43.59
CA LEU FA 55 -30.87 -19.49 -42.21
C LEU FA 55 -30.13 -20.81 -42.20
N ASN FA 56 -29.04 -20.87 -41.46
CA ASN FA 56 -28.24 -22.08 -41.34
C ASN FA 56 -28.82 -22.96 -40.24
N ILE FA 57 -29.27 -24.16 -40.61
CA ILE FA 57 -29.93 -25.08 -39.69
C ILE FA 57 -29.23 -26.43 -39.77
N PRO FA 58 -28.81 -27.04 -38.66
CA PRO FA 58 -28.18 -28.37 -38.76
C PRO FA 58 -29.16 -29.41 -39.28
N ILE FA 59 -28.59 -30.41 -39.95
CA ILE FA 59 -29.36 -31.47 -40.60
C ILE FA 59 -28.97 -32.78 -39.94
N THR FA 60 -29.79 -33.26 -39.01
CA THR FA 60 -29.53 -34.52 -38.34
C THR FA 60 -29.93 -35.65 -39.27
N GLY FA 61 -29.05 -36.64 -39.41
CA GLY FA 61 -29.33 -37.80 -40.22
C GLY FA 61 -28.84 -39.05 -39.54
N SER FA 62 -29.30 -40.19 -40.03
CA SER FA 62 -28.99 -41.48 -39.45
C SER FA 62 -27.82 -42.11 -40.19
N MET FA 63 -27.50 -43.33 -39.80
CA MET FA 63 -26.39 -44.09 -40.38
C MET FA 63 -26.81 -45.41 -40.99
N ASP FA 64 -27.95 -45.97 -40.58
CA ASP FA 64 -28.39 -47.28 -41.04
C ASP FA 64 -29.71 -47.19 -41.80
N THR FA 65 -30.06 -46.01 -42.31
CA THR FA 65 -31.26 -45.88 -43.13
C THR FA 65 -30.99 -46.44 -44.51
N VAL FA 66 -31.86 -47.34 -44.97
CA VAL FA 66 -31.77 -47.81 -46.34
C VAL FA 66 -31.97 -46.65 -47.29
N TYR FA 67 -31.18 -46.64 -48.35
CA TYR FA 67 -31.13 -45.59 -49.36
C TYR FA 67 -31.85 -45.97 -50.63
N SER FA 68 -32.42 -44.96 -51.28
CA SER FA 68 -33.50 -45.12 -52.24
C SER FA 68 -32.97 -45.48 -53.63
N ASN FA 69 -33.88 -45.46 -54.60
CA ASN FA 69 -33.61 -45.85 -55.97
C ASN FA 69 -32.84 -44.75 -56.69
N SER FA 70 -32.36 -45.08 -57.89
CA SER FA 70 -31.53 -44.19 -58.66
C SER FA 70 -32.31 -42.94 -59.10
N THR FA 71 -31.60 -42.04 -59.76
CA THR FA 71 -32.16 -40.78 -60.24
C THR FA 71 -31.69 -40.44 -61.64
N ARG FA 72 -30.98 -41.36 -62.31
CA ARG FA 72 -30.59 -41.12 -63.71
C ARG FA 72 -31.81 -40.89 -64.59
N GLU FA 73 -32.82 -41.73 -64.43
CA GLU FA 73 -34.03 -41.57 -65.23
C GLU FA 73 -34.67 -40.21 -64.98
N GLU FA 74 -34.71 -39.78 -63.72
CA GLU FA 74 -35.33 -38.50 -63.40
C GLU FA 74 -34.55 -37.35 -64.00
N VAL FA 75 -33.22 -37.39 -63.91
CA VAL FA 75 -32.45 -36.26 -64.42
C VAL FA 75 -32.54 -36.21 -65.95
N PHE FA 76 -32.55 -37.36 -66.62
CA PHE FA 76 -32.76 -37.36 -68.07
C PHE FA 76 -34.12 -36.78 -68.40
N LEU FA 77 -35.16 -37.24 -67.71
CA LEU FA 77 -36.51 -36.82 -68.07
C LEU FA 77 -36.77 -35.35 -67.77
N THR FA 78 -36.05 -34.76 -66.82
CA THR FA 78 -36.33 -33.39 -66.38
C THR FA 78 -35.32 -32.37 -66.90
N SER FA 79 -34.04 -32.55 -66.63
CA SER FA 79 -33.07 -31.50 -66.85
C SER FA 79 -32.84 -31.29 -68.34
N THR FA 80 -31.91 -30.38 -68.68
CA THR FA 80 -31.59 -30.05 -70.07
C THR FA 80 -30.09 -30.00 -70.27
N LEU FA 81 -29.58 -30.87 -71.12
CA LEU FA 81 -28.16 -30.88 -71.45
C LEU FA 81 -27.86 -29.79 -72.46
N CYS FA 82 -26.61 -29.32 -72.47
CA CYS FA 82 -26.37 -28.02 -73.06
C CYS FA 82 -24.91 -27.96 -73.51
N LEU FA 83 -24.66 -28.20 -74.79
CA LEU FA 83 -23.30 -28.27 -75.30
C LEU FA 83 -22.85 -26.94 -75.86
N TYR FA 84 -21.57 -26.61 -75.65
CA TYR FA 84 -20.92 -25.46 -76.24
C TYR FA 84 -19.72 -25.97 -77.02
N TYR FA 85 -19.70 -25.68 -78.32
CA TYR FA 85 -18.66 -26.16 -79.21
C TYR FA 85 -18.12 -25.00 -80.04
N PRO FA 86 -16.89 -25.11 -80.54
CA PRO FA 86 -16.34 -24.04 -81.36
C PRO FA 86 -16.73 -24.16 -82.83
N THR FA 87 -16.65 -23.04 -83.53
CA THR FA 87 -17.07 -22.99 -84.93
C THR FA 87 -16.26 -23.94 -85.81
N GLU FA 88 -14.99 -24.14 -85.47
CA GLU FA 88 -14.15 -25.03 -86.25
C GLU FA 88 -14.72 -26.44 -86.29
N ALA FA 89 -15.42 -26.85 -85.23
CA ALA FA 89 -16.07 -28.16 -85.24
C ALA FA 89 -17.09 -28.24 -86.36
N SER FA 90 -17.93 -27.22 -86.49
CA SER FA 90 -18.90 -27.22 -87.58
C SER FA 90 -18.23 -27.20 -88.94
N THR FA 91 -17.18 -26.38 -89.08
CA THR FA 91 -16.52 -26.29 -90.39
C THR FA 91 -15.92 -27.64 -90.78
N GLN FA 92 -15.26 -28.32 -89.85
CA GLN FA 92 -14.71 -29.63 -90.16
C GLN FA 92 -15.82 -30.64 -90.42
N ILE FA 93 -16.93 -30.55 -89.70
CA ILE FA 93 -17.99 -31.53 -89.90
C ILE FA 93 -18.61 -31.37 -91.29
N SER FA 94 -18.71 -30.14 -91.78
CA SER FA 94 -19.19 -29.89 -93.14
C SER FA 94 -20.59 -30.45 -93.34
N ASP FA 95 -21.51 -30.00 -92.51
CA ASP FA 95 -22.86 -30.54 -92.43
C ASP FA 95 -23.78 -29.42 -91.97
N GLY FA 96 -24.84 -29.74 -91.24
CA GLY FA 96 -25.91 -28.79 -91.00
C GLY FA 96 -27.24 -29.46 -90.70
N GLU FA 97 -27.27 -30.78 -90.81
CA GLU FA 97 -28.23 -31.61 -90.11
C GLU FA 97 -27.57 -32.40 -88.98
N TRP FA 98 -26.32 -32.09 -88.65
CA TRP FA 98 -25.65 -32.78 -87.56
C TRP FA 98 -26.26 -32.42 -86.22
N LYS FA 99 -26.82 -31.22 -86.09
CA LYS FA 99 -27.57 -30.90 -84.89
C LYS FA 99 -28.69 -31.90 -84.67
N ASP FA 100 -29.46 -32.16 -85.73
CA ASP FA 100 -30.55 -33.12 -85.64
C ASP FA 100 -30.02 -34.53 -85.40
N SER FA 101 -28.91 -34.89 -86.04
CA SER FA 101 -28.36 -36.23 -85.83
C SER FA 101 -27.97 -36.45 -84.38
N LEU FA 102 -27.23 -35.50 -83.80
CA LEU FA 102 -26.84 -35.65 -82.41
C LEU FA 102 -28.04 -35.57 -81.48
N SER FA 103 -29.05 -34.76 -81.83
CA SER FA 103 -30.26 -34.75 -81.02
C SER FA 103 -30.92 -36.11 -81.01
N GLN FA 104 -30.99 -36.77 -82.16
CA GLN FA 104 -31.58 -38.09 -82.22
C GLN FA 104 -30.76 -39.11 -81.45
N MET FA 105 -29.44 -38.99 -81.50
CA MET FA 105 -28.61 -39.94 -80.75
C MET FA 105 -28.75 -39.73 -79.24
N PHE FA 106 -28.83 -38.48 -78.80
CA PHE FA 106 -29.15 -38.22 -77.40
C PHE FA 106 -30.50 -38.81 -77.04
N LEU FA 107 -31.47 -38.72 -77.94
CA LEU FA 107 -32.77 -39.33 -77.68
C LEU FA 107 -32.65 -40.83 -77.53
N ILE FA 108 -31.81 -41.47 -78.35
CA ILE FA 108 -31.57 -42.90 -78.18
C ILE FA 108 -31.01 -43.18 -76.80
N LYS FA 109 -30.13 -42.31 -76.31
CA LYS FA 109 -29.61 -42.50 -74.96
C LYS FA 109 -30.58 -42.08 -73.87
N GLY FA 110 -31.70 -41.45 -74.22
CA GLY FA 110 -32.80 -41.27 -73.29
C GLY FA 110 -33.12 -39.84 -72.89
N TRP FA 111 -32.62 -38.86 -73.62
CA TRP FA 111 -32.92 -37.47 -73.33
C TRP FA 111 -34.08 -37.00 -74.20
N PRO FA 112 -35.07 -36.26 -73.70
CA PRO FA 112 -36.14 -35.79 -74.58
C PRO FA 112 -35.59 -34.91 -75.71
N THR FA 113 -36.47 -34.60 -76.66
CA THR FA 113 -36.05 -33.89 -77.86
C THR FA 113 -35.51 -32.49 -77.52
N GLY FA 114 -36.30 -31.71 -76.78
CA GLY FA 114 -35.86 -30.38 -76.43
C GLY FA 114 -34.84 -30.32 -75.31
N SER FA 115 -34.58 -31.44 -74.65
CA SER FA 115 -33.67 -31.45 -73.52
C SER FA 115 -32.26 -31.04 -73.92
N VAL FA 116 -31.81 -31.47 -75.09
CA VAL FA 116 -30.49 -31.11 -75.56
C VAL FA 116 -30.54 -29.74 -76.20
N TYR FA 117 -29.46 -28.97 -76.05
CA TYR FA 117 -29.44 -27.58 -76.46
C TYR FA 117 -28.02 -27.24 -76.91
N PHE FA 118 -27.84 -26.90 -78.18
CA PHE FA 118 -26.51 -26.68 -78.75
C PHE FA 118 -26.20 -25.20 -78.86
N LYS FA 119 -24.94 -24.85 -78.61
CA LYS FA 119 -24.48 -23.47 -78.60
C LYS FA 119 -23.11 -23.42 -79.27
N GLU FA 120 -22.91 -22.38 -80.06
CA GLU FA 120 -21.76 -22.25 -80.95
C GLU FA 120 -21.02 -20.97 -80.62
N TYR FA 121 -19.69 -21.06 -80.51
CA TYR FA 121 -18.87 -19.90 -80.17
C TYR FA 121 -17.65 -19.84 -81.09
N SER FA 122 -17.13 -18.63 -81.29
CA SER FA 122 -16.11 -18.42 -82.30
C SER FA 122 -14.77 -19.02 -81.89
N ASN FA 123 -14.34 -18.77 -80.66
CA ASN FA 123 -13.12 -19.35 -80.13
C ASN FA 123 -13.07 -19.06 -78.64
N ILE FA 124 -12.06 -19.60 -77.97
CA ILE FA 124 -12.02 -19.54 -76.51
C ILE FA 124 -11.94 -18.09 -76.03
N VAL FA 125 -11.05 -17.31 -76.65
CA VAL FA 125 -10.80 -15.96 -76.15
C VAL FA 125 -12.03 -15.08 -76.35
N ASP FA 126 -12.75 -15.26 -77.45
CA ASP FA 126 -13.91 -14.43 -77.73
C ASP FA 126 -15.17 -14.94 -77.05
N PHE FA 127 -15.18 -16.21 -76.64
CA PHE FA 127 -16.27 -16.74 -75.84
C PHE FA 127 -16.13 -16.36 -74.39
N SER FA 128 -14.89 -16.19 -73.91
CA SER FA 128 -14.67 -15.88 -72.51
C SER FA 128 -15.15 -14.49 -72.12
N VAL FA 129 -15.53 -13.64 -73.07
CA VAL FA 129 -16.03 -12.31 -72.74
C VAL FA 129 -17.46 -12.47 -72.21
N ASP FA 130 -17.59 -12.50 -70.89
CA ASP FA 130 -18.86 -12.76 -70.22
C ASP FA 130 -19.46 -14.04 -70.75
N PRO FA 131 -18.91 -15.21 -70.41
CA PRO FA 131 -19.48 -16.47 -70.90
C PRO FA 131 -20.71 -16.79 -70.10
N GLN FA 132 -21.88 -16.64 -70.72
CA GLN FA 132 -23.12 -16.55 -69.97
C GLN FA 132 -23.79 -17.91 -70.07
N LEU FA 133 -23.61 -18.74 -69.05
CA LEU FA 133 -24.05 -20.14 -69.06
C LEU FA 133 -25.40 -20.33 -68.40
N TYR FA 134 -26.43 -19.65 -68.90
CA TYR FA 134 -27.81 -19.79 -68.46
C TYR FA 134 -28.41 -21.08 -69.00
N CYS FA 135 -28.08 -22.20 -68.35
CA CYS FA 135 -28.55 -23.47 -68.89
C CYS FA 135 -28.30 -24.54 -67.82
N ASP FA 136 -28.87 -25.74 -68.04
CA ASP FA 136 -29.11 -26.66 -66.91
C ASP FA 136 -28.02 -27.72 -66.68
N TYR FA 137 -27.40 -28.25 -67.73
CA TYR FA 137 -26.20 -29.08 -67.60
C TYR FA 137 -25.26 -28.67 -68.72
N ASN FA 138 -24.24 -27.89 -68.40
CA ASN FA 138 -23.40 -27.29 -69.43
C ASN FA 138 -22.15 -28.12 -69.65
N LEU FA 139 -21.90 -28.44 -70.91
CA LEU FA 139 -20.62 -28.98 -71.37
C LEU FA 139 -19.96 -27.92 -72.22
N VAL FA 140 -18.66 -27.71 -72.01
CA VAL FA 140 -17.91 -26.71 -72.77
C VAL FA 140 -16.69 -27.40 -73.36
N LEU FA 141 -16.64 -27.48 -74.69
CA LEU FA 141 -15.50 -28.08 -75.37
C LEU FA 141 -14.47 -27.01 -75.69
N MET FA 142 -13.25 -27.22 -75.23
CA MET FA 142 -12.17 -26.25 -75.41
C MET FA 142 -11.05 -26.91 -76.18
N LYS FA 143 -10.86 -26.51 -77.43
CA LYS FA 143 -9.72 -26.98 -78.18
C LYS FA 143 -8.46 -26.33 -77.63
N TYR FA 144 -7.40 -27.11 -77.50
CA TYR FA 144 -6.13 -26.61 -76.99
C TYR FA 144 -5.21 -26.21 -78.13
N ASP FA 145 -4.55 -25.08 -77.97
CA ASP FA 145 -3.43 -24.70 -78.82
C ASP FA 145 -2.44 -23.92 -77.97
N GLN FA 146 -1.20 -23.87 -78.43
CA GLN FA 146 -0.15 -23.20 -77.69
C GLN FA 146 -0.47 -21.71 -77.58
N SER FA 147 0.01 -21.09 -76.50
CA SER FA 147 -0.13 -19.68 -76.17
C SER FA 147 -1.51 -19.36 -75.64
N LEU FA 148 -2.47 -20.28 -75.66
CA LEU FA 148 -3.79 -20.08 -75.10
C LEU FA 148 -3.92 -20.74 -73.74
N GLU FA 149 -2.81 -21.13 -73.12
CA GLU FA 149 -2.86 -21.84 -71.85
C GLU FA 149 -3.54 -20.98 -70.79
N LEU FA 150 -3.07 -19.75 -70.59
CA LEU FA 150 -3.66 -18.93 -69.55
C LEU FA 150 -5.08 -18.53 -69.90
N ASP FA 151 -5.37 -18.31 -71.19
CA ASP FA 151 -6.74 -17.93 -71.55
C ASP FA 151 -7.71 -19.05 -71.24
N MET FA 152 -7.36 -20.29 -71.60
CA MET FA 152 -8.20 -21.42 -71.23
C MET FA 152 -8.29 -21.57 -69.72
N SER FA 153 -7.17 -21.39 -69.03
CA SER FA 153 -7.17 -21.55 -67.58
C SER FA 153 -8.08 -20.54 -66.91
N GLU FA 154 -8.01 -19.28 -67.33
CA GLU FA 154 -8.83 -18.27 -66.68
C GLU FA 154 -10.29 -18.40 -67.08
N LEU FA 155 -10.58 -18.84 -68.31
CA LEU FA 155 -11.96 -19.13 -68.65
C LEU FA 155 -12.52 -20.24 -67.76
N ALA FA 156 -11.73 -21.31 -67.59
CA ALA FA 156 -12.18 -22.40 -66.75
C ALA FA 156 -12.37 -21.95 -65.31
N ASP FA 157 -11.44 -21.14 -64.79
CA ASP FA 157 -11.61 -20.62 -63.45
C ASP FA 157 -12.87 -19.79 -63.35
N LEU FA 158 -13.21 -19.06 -64.41
CA LEU FA 158 -14.40 -18.22 -64.37
C LEU FA 158 -15.67 -19.06 -64.33
N ILE FA 159 -15.76 -20.08 -65.17
CA ILE FA 159 -17.03 -20.79 -65.31
C ILE FA 159 -17.17 -21.91 -64.29
N LEU FA 160 -16.10 -22.62 -63.94
CA LEU FA 160 -16.21 -23.73 -63.01
C LEU FA 160 -16.57 -23.29 -61.60
N ASN FA 161 -16.43 -22.02 -61.27
CA ASN FA 161 -16.61 -21.52 -59.92
C ASN FA 161 -17.75 -20.50 -59.88
N GLU FA 162 -18.27 -20.27 -58.69
CA GLU FA 162 -19.27 -19.23 -58.46
C GLU FA 162 -18.57 -17.98 -57.96
N TRP FA 163 -18.74 -16.88 -58.69
CA TRP FA 163 -18.13 -15.61 -58.34
C TRP FA 163 -19.23 -14.62 -57.98
N LEU FA 164 -19.07 -13.94 -56.85
CA LEU FA 164 -19.92 -12.84 -56.45
C LEU FA 164 -19.17 -11.55 -56.78
N CYS FA 165 -19.70 -10.77 -57.71
CA CYS FA 165 -18.98 -9.66 -58.30
C CYS FA 165 -19.66 -8.35 -57.94
N ASN FA 166 -18.98 -7.52 -57.16
CA ASN FA 166 -19.36 -6.14 -56.94
C ASN FA 166 -18.75 -5.27 -58.02
N PRO FA 167 -19.30 -4.09 -58.27
CA PRO FA 167 -18.77 -3.24 -59.33
C PRO FA 167 -17.60 -2.41 -58.85
N MET FA 168 -16.92 -1.79 -59.80
CA MET FA 168 -15.78 -0.93 -59.51
C MET FA 168 -15.85 0.30 -60.39
N ASP FA 169 -15.67 1.47 -59.78
CA ASP FA 169 -15.55 2.74 -60.50
C ASP FA 169 -14.08 3.15 -60.41
N ILE FA 170 -13.34 2.88 -61.48
CA ILE FA 170 -11.90 3.04 -61.45
C ILE FA 170 -11.52 4.51 -61.24
N THR FA 171 -12.22 5.41 -61.91
CA THR FA 171 -11.87 6.83 -61.88
C THR FA 171 -12.34 7.54 -60.62
N LEU FA 172 -12.72 6.82 -59.57
CA LEU FA 172 -13.27 7.44 -58.38
C LEU FA 172 -12.74 6.87 -57.07
N TYR FA 173 -12.21 5.66 -57.04
CA TYR FA 173 -11.78 5.01 -55.81
C TYR FA 173 -10.46 4.28 -56.03
N TYR FA 174 -9.81 3.95 -54.92
CA TYR FA 174 -8.69 3.02 -54.90
C TYR FA 174 -9.16 1.71 -54.27
N TYR FA 175 -8.61 0.60 -54.76
CA TYR FA 175 -9.18 -0.71 -54.48
C TYR FA 175 -8.14 -1.65 -53.88
N GLN FA 176 -8.60 -2.46 -52.93
CA GLN FA 176 -7.83 -3.48 -52.26
C GLN FA 176 -8.39 -4.85 -52.61
N GLN FA 177 -7.62 -5.88 -52.31
CA GLN FA 177 -8.09 -7.25 -52.36
C GLN FA 177 -8.17 -7.77 -50.94
N SER FA 178 -9.36 -8.21 -50.53
CA SER FA 178 -9.58 -8.55 -49.13
C SER FA 178 -8.71 -9.72 -48.70
N GLY FA 179 -8.62 -10.75 -49.52
CA GLY FA 179 -7.89 -11.94 -49.14
C GLY FA 179 -7.63 -12.92 -50.25
N GLU FA 180 -7.56 -14.20 -49.89
CA GLU FA 180 -7.13 -15.21 -50.84
C GLU FA 180 -8.08 -15.33 -52.01
N SER FA 181 -9.38 -15.31 -51.75
CA SER FA 181 -10.38 -15.68 -52.73
C SER FA 181 -10.87 -14.51 -53.56
N ASN FA 182 -10.31 -13.32 -53.41
CA ASN FA 182 -10.76 -12.14 -54.13
C ASN FA 182 -9.86 -11.88 -55.32
N LYS FA 183 -10.46 -11.54 -56.46
CA LYS FA 183 -9.75 -11.16 -57.66
C LYS FA 183 -10.47 -9.96 -58.26
N TRP FA 184 -9.89 -9.39 -59.33
CA TRP FA 184 -10.59 -8.44 -60.16
C TRP FA 184 -10.75 -9.05 -61.54
N ILE FA 185 -11.99 -9.21 -61.98
CA ILE FA 185 -12.28 -9.83 -63.26
C ILE FA 185 -12.61 -8.71 -64.23
N SER FA 186 -11.81 -8.60 -65.29
CA SER FA 186 -11.99 -7.57 -66.31
C SER FA 186 -12.39 -8.25 -67.60
N MET FA 187 -13.51 -7.82 -68.18
CA MET FA 187 -14.03 -8.39 -69.40
C MET FA 187 -14.47 -7.29 -70.34
N GLY FA 188 -14.37 -7.56 -71.63
CA GLY FA 188 -14.76 -6.60 -72.63
C GLY FA 188 -14.05 -6.89 -73.94
N SER FA 189 -14.22 -5.98 -74.88
CA SER FA 189 -13.61 -6.16 -76.19
C SER FA 189 -12.09 -6.10 -76.10
N SER FA 190 -11.56 -5.23 -75.24
CA SER FA 190 -10.11 -5.07 -75.11
C SER FA 190 -9.81 -4.53 -73.72
N CYS FA 191 -9.35 -5.41 -72.84
CA CYS FA 191 -8.97 -5.05 -71.48
C CYS FA 191 -7.46 -4.89 -71.41
N THR FA 192 -7.01 -3.68 -71.06
CA THR FA 192 -5.59 -3.41 -70.82
C THR FA 192 -5.51 -2.71 -69.47
N VAL FA 193 -5.45 -3.51 -68.42
CA VAL FA 193 -5.53 -3.01 -67.06
C VAL FA 193 -4.13 -2.66 -66.57
N LYS FA 194 -3.89 -1.38 -66.35
CA LYS FA 194 -2.65 -0.88 -65.78
C LYS FA 194 -2.93 -0.48 -64.35
N VAL FA 195 -2.45 -1.27 -63.40
CA VAL FA 195 -2.61 -0.98 -61.99
C VAL FA 195 -1.33 -0.33 -61.51
N CYS FA 196 -1.40 0.31 -60.35
CA CYS FA 196 -0.15 0.54 -59.64
C CYS FA 196 -0.45 0.76 -58.18
N PRO FA 197 0.37 0.24 -57.26
CA PRO FA 197 0.02 0.30 -55.84
C PRO FA 197 0.31 1.67 -55.24
N LEU FA 198 -0.28 1.90 -54.07
CA LEU FA 198 -0.13 3.11 -53.31
C LEU FA 198 0.27 2.75 -51.89
N ASN FA 199 1.36 3.33 -51.41
CA ASN FA 199 1.77 3.08 -50.03
C ASN FA 199 0.80 3.78 -49.09
N THR FA 200 1.09 3.68 -47.79
CA THR FA 200 0.18 4.21 -46.78
C THR FA 200 -0.04 5.72 -46.90
N GLN FA 201 0.90 6.44 -47.50
CA GLN FA 201 0.76 7.87 -47.72
C GLN FA 201 -0.02 8.20 -48.97
N THR FA 202 -0.59 7.20 -49.65
CA THR FA 202 -1.37 7.35 -50.88
C THR FA 202 -0.51 7.67 -52.09
N LEU FA 203 0.80 7.84 -51.92
CA LEU FA 203 1.72 8.08 -53.01
C LEU FA 203 2.12 6.73 -53.62
N GLY FA 204 2.14 6.66 -54.94
CA GLY FA 204 2.43 5.40 -55.60
C GLY FA 204 3.86 4.95 -55.36
N ILE FA 205 4.04 3.64 -55.35
CA ILE FA 205 5.36 3.01 -55.30
C ILE FA 205 5.55 2.24 -56.59
N GLY FA 206 6.64 2.53 -57.29
CA GLY FA 206 6.83 2.05 -58.63
C GLY FA 206 6.04 2.78 -59.69
N CYS FA 207 5.28 3.81 -59.29
CA CYS FA 207 4.43 4.55 -60.21
C CYS FA 207 4.24 5.95 -59.67
N GLN FA 208 3.82 6.85 -60.55
CA GLN FA 208 3.35 8.17 -60.18
C GLN FA 208 1.84 8.21 -60.40
N THR FA 209 1.11 8.70 -59.40
CA THR FA 209 -0.34 8.57 -59.40
C THR FA 209 -0.98 9.22 -60.62
N THR FA 210 -0.29 10.16 -61.27
CA THR FA 210 -0.80 10.82 -62.46
C THR FA 210 -0.11 10.38 -63.74
N ASN FA 211 0.89 9.49 -63.67
CA ASN FA 211 1.66 9.06 -64.85
C ASN FA 211 1.26 7.64 -65.21
N VAL FA 212 0.23 7.53 -66.05
CA VAL FA 212 -0.24 6.24 -66.52
C VAL FA 212 0.85 5.50 -67.29
N ASP FA 213 1.82 6.22 -67.85
CA ASP FA 213 2.95 5.55 -68.46
C ASP FA 213 3.73 4.76 -67.42
N SER FA 214 3.97 5.36 -66.24
CA SER FA 214 4.76 4.68 -65.24
C SER FA 214 3.95 3.65 -64.46
N PHE FA 215 2.61 3.71 -64.56
CA PHE FA 215 1.78 2.62 -64.06
C PHE FA 215 2.30 1.29 -64.59
N GLU FA 216 2.11 0.24 -63.80
CA GLU FA 216 2.64 -1.08 -64.10
C GLU FA 216 1.52 -1.95 -64.66
N THR FA 217 1.70 -2.41 -65.90
CA THR FA 217 0.67 -3.18 -66.59
C THR FA 217 0.66 -4.63 -66.13
N VAL FA 218 -0.52 -5.24 -66.13
CA VAL FA 218 -0.67 -6.64 -65.73
C VAL FA 218 -1.51 -7.42 -66.74
N ALA FA 219 -1.98 -6.77 -67.78
CA ALA FA 219 -2.69 -7.44 -68.86
C ALA FA 219 -2.90 -6.45 -69.99
N GLU FA 220 -2.93 -6.95 -71.23
CA GLU FA 220 -3.19 -6.08 -72.36
C GLU FA 220 -3.82 -6.85 -73.50
N ASN FA 221 -4.83 -6.23 -74.12
CA ASN FA 221 -5.49 -6.77 -75.30
C ASN FA 221 -6.14 -8.12 -75.03
N GLU FA 222 -6.58 -8.35 -73.81
CA GLU FA 222 -7.24 -9.59 -73.42
C GLU FA 222 -8.74 -9.39 -73.35
N LYS FA 223 -9.48 -10.33 -73.93
CA LYS FA 223 -10.93 -10.31 -73.77
C LYS FA 223 -11.31 -10.52 -72.31
N LEU FA 224 -10.61 -11.42 -71.62
CA LEU FA 224 -10.84 -11.71 -70.21
C LEU FA 224 -9.52 -11.67 -69.49
N ALA FA 225 -9.52 -11.10 -68.30
CA ALA FA 225 -8.34 -11.16 -67.43
C ALA FA 225 -8.79 -11.21 -65.98
N ILE FA 226 -8.47 -12.30 -65.30
CA ILE FA 226 -8.66 -12.40 -63.86
C ILE FA 226 -7.34 -11.96 -63.24
N VAL FA 227 -7.25 -10.70 -62.84
CA VAL FA 227 -6.02 -10.15 -62.30
C VAL FA 227 -6.04 -10.27 -60.79
N ASP FA 228 -4.98 -10.85 -60.24
CA ASP FA 228 -4.70 -10.89 -58.81
C ASP FA 228 -3.50 -9.99 -58.55
N VAL FA 229 -3.60 -9.18 -57.52
CA VAL FA 229 -2.51 -8.33 -57.07
C VAL FA 229 -2.33 -8.55 -55.58
N VAL FA 230 -1.30 -7.92 -55.03
CA VAL FA 230 -0.96 -8.15 -53.64
C VAL FA 230 -2.09 -7.69 -52.75
N ASP FA 231 -2.46 -8.54 -51.80
CA ASP FA 231 -3.58 -8.28 -50.93
C ASP FA 231 -3.13 -7.40 -49.78
N GLY FA 232 -3.86 -6.32 -49.54
CA GLY FA 232 -3.53 -5.36 -48.50
C GLY FA 232 -2.92 -4.07 -48.99
N ILE FA 233 -2.88 -3.84 -50.30
CA ILE FA 233 -2.33 -2.63 -50.90
C ILE FA 233 -3.42 -1.94 -51.70
N ASN FA 234 -3.62 -0.66 -51.46
CA ASN FA 234 -4.48 0.11 -52.35
C ASN FA 234 -3.83 0.18 -53.72
N HIS FA 235 -4.64 0.14 -54.77
CA HIS FA 235 -4.16 0.20 -56.14
C HIS FA 235 -4.99 1.20 -56.91
N LYS FA 236 -4.33 2.05 -57.68
CA LYS FA 236 -5.01 2.91 -58.63
C LYS FA 236 -4.95 2.25 -60.00
N ILE FA 237 -6.09 2.17 -60.66
CA ILE FA 237 -6.25 1.36 -61.86
C ILE FA 237 -6.53 2.30 -63.03
N ASN FA 238 -6.18 1.84 -64.23
CA ASN FA 238 -6.62 2.50 -65.45
C ASN FA 238 -6.87 1.43 -66.50
N LEU FA 239 -8.06 1.44 -67.09
CA LEU FA 239 -8.32 0.57 -68.24
C LEU FA 239 -9.51 1.16 -69.00
N THR FA 240 -9.23 1.86 -70.09
CA THR FA 240 -10.06 1.88 -71.31
C THR FA 240 -11.54 1.69 -71.01
N THR FA 241 -12.12 2.55 -70.17
CA THR FA 241 -13.44 2.26 -69.63
C THR FA 241 -14.52 2.16 -70.70
N THR FA 242 -14.28 2.70 -71.89
CA THR FA 242 -15.29 2.64 -72.94
C THR FA 242 -15.60 1.20 -73.34
N THR FA 243 -14.58 0.35 -73.45
CA THR FA 243 -14.76 -1.02 -73.88
C THR FA 243 -14.76 -2.01 -72.70
N CYS FA 244 -13.69 -2.01 -71.92
CA CYS FA 244 -13.49 -3.04 -70.90
C CYS FA 244 -14.06 -2.60 -69.57
N THR FA 245 -14.89 -3.44 -68.97
CA THR FA 245 -15.38 -3.23 -67.62
C THR FA 245 -14.65 -4.18 -66.68
N ILE FA 246 -14.70 -3.86 -65.39
CA ILE FA 246 -13.95 -4.57 -64.37
C ILE FA 246 -14.81 -4.69 -63.13
N ARG FA 247 -14.71 -5.82 -62.43
CA ARG FA 247 -15.55 -6.11 -61.28
C ARG FA 247 -14.74 -6.76 -60.18
N ASN FA 248 -14.96 -6.31 -58.96
CA ASN FA 248 -14.34 -6.89 -57.76
C ASN FA 248 -15.06 -8.19 -57.44
N CYS FA 249 -14.45 -9.32 -57.79
CA CYS FA 249 -15.13 -10.61 -57.74
C CYS FA 249 -14.52 -11.49 -56.67
N LYS FA 250 -15.35 -11.95 -55.74
CA LYS FA 250 -14.96 -12.87 -54.69
C LYS FA 250 -15.45 -14.26 -55.05
N LYS FA 251 -14.56 -15.25 -54.95
CA LYS FA 251 -14.91 -16.62 -55.31
C LYS FA 251 -15.63 -17.30 -54.17
N LEU FA 252 -16.86 -17.72 -54.41
CA LEU FA 252 -17.56 -18.62 -53.52
C LEU FA 252 -17.15 -20.05 -53.87
N GLY FA 253 -17.87 -21.04 -53.38
CA GLY FA 253 -17.55 -22.42 -53.67
C GLY FA 253 -17.61 -22.76 -55.14
N PRO FA 254 -17.55 -24.04 -55.48
CA PRO FA 254 -17.51 -24.43 -56.88
C PRO FA 254 -18.89 -24.44 -57.52
N ARG FA 255 -18.89 -24.19 -58.83
CA ARG FA 255 -20.10 -24.26 -59.65
C ARG FA 255 -20.16 -25.66 -60.25
N GLU FA 256 -21.20 -26.41 -59.91
CA GLU FA 256 -21.33 -27.78 -60.39
C GLU FA 256 -21.95 -27.88 -61.77
N ASN FA 257 -22.59 -26.80 -62.23
CA ASN FA 257 -23.42 -26.88 -63.41
C ASN FA 257 -22.64 -27.19 -64.67
N VAL FA 258 -21.34 -26.95 -64.68
CA VAL FA 258 -20.55 -26.86 -65.90
C VAL FA 258 -19.42 -27.87 -65.85
N ALA FA 259 -19.10 -28.44 -67.00
CA ALA FA 259 -17.99 -29.37 -67.15
C ALA FA 259 -17.19 -28.98 -68.38
N VAL FA 260 -15.88 -28.89 -68.22
CA VAL FA 260 -14.98 -28.42 -69.26
C VAL FA 260 -14.26 -29.63 -69.83
N ILE FA 261 -14.47 -29.89 -71.11
CA ILE FA 261 -13.76 -30.95 -71.82
C ILE FA 261 -12.68 -30.28 -72.64
N GLN FA 262 -11.44 -30.31 -72.15
CA GLN FA 262 -10.32 -29.94 -72.99
C GLN FA 262 -10.14 -31.02 -74.03
N VAL FA 263 -9.84 -30.61 -75.26
CA VAL FA 263 -9.89 -31.51 -76.41
C VAL FA 263 -8.51 -31.90 -76.91
N GLY FA 264 -7.47 -31.16 -76.55
CA GLY FA 264 -6.15 -31.39 -77.11
C GLY FA 264 -5.09 -31.90 -76.14
N GLY FA 265 -4.25 -30.99 -75.67
CA GLY FA 265 -3.00 -31.34 -75.03
C GLY FA 265 -3.18 -31.89 -73.63
N ALA FA 266 -2.11 -31.77 -72.85
CA ALA FA 266 -2.06 -32.36 -71.53
C ALA FA 266 -2.70 -31.42 -70.50
N ASN FA 267 -2.68 -31.85 -69.24
CA ASN FA 267 -3.25 -31.05 -68.16
C ASN FA 267 -2.53 -29.73 -68.04
N ILE FA 268 -3.25 -28.63 -68.26
CA ILE FA 268 -2.69 -27.30 -68.13
C ILE FA 268 -3.60 -26.36 -67.37
N LEU FA 269 -4.86 -26.74 -67.17
CA LEU FA 269 -5.82 -25.86 -66.52
C LEU FA 269 -5.47 -25.76 -65.05
N ASP FA 270 -4.78 -24.68 -64.67
CA ASP FA 270 -4.50 -24.37 -63.28
C ASP FA 270 -5.50 -23.30 -62.84
N ILE FA 271 -6.68 -23.77 -62.43
CA ILE FA 271 -7.75 -22.83 -62.13
C ILE FA 271 -7.43 -22.04 -60.87
N THR FA 272 -6.83 -22.68 -59.88
CA THR FA 272 -6.58 -22.00 -58.61
C THR FA 272 -5.40 -21.06 -58.76
N ALA FA 273 -5.64 -19.77 -58.52
CA ALA FA 273 -4.59 -18.77 -58.69
C ALA FA 273 -3.44 -18.97 -57.73
N ASP FA 274 -3.67 -19.67 -56.63
CA ASP FA 274 -2.58 -20.08 -55.77
C ASP FA 274 -1.60 -20.92 -56.58
N PRO FA 275 -0.30 -20.60 -56.58
CA PRO FA 275 0.63 -21.41 -57.37
C PRO FA 275 0.99 -22.74 -56.73
N THR FA 276 0.89 -22.85 -55.40
CA THR FA 276 1.30 -24.09 -54.76
C THR FA 276 0.36 -25.23 -55.10
N THR FA 277 -0.94 -24.96 -55.14
CA THR FA 277 -1.95 -25.99 -55.39
C THR FA 277 -2.37 -25.99 -56.85
N ASN FA 278 -2.59 -27.19 -57.38
CA ASN FA 278 -2.98 -27.37 -58.77
C ASN FA 278 -3.92 -28.58 -58.86
N PRO FA 279 -5.10 -28.49 -58.29
CA PRO FA 279 -5.98 -29.65 -58.22
C PRO FA 279 -6.60 -29.98 -59.56
N GLN FA 280 -7.02 -31.23 -59.69
CA GLN FA 280 -7.73 -31.72 -60.87
C GLN FA 280 -9.15 -32.05 -60.45
N ILE FA 281 -10.06 -31.11 -60.67
CA ILE FA 281 -11.48 -31.38 -60.45
C ILE FA 281 -11.92 -32.45 -61.43
N GLU FA 282 -12.84 -33.31 -60.98
CA GLU FA 282 -13.42 -34.30 -61.87
C GLU FA 282 -14.13 -33.68 -63.06
N ARG FA 283 -14.53 -32.41 -62.97
CA ARG FA 283 -15.26 -31.75 -64.04
C ARG FA 283 -14.35 -31.23 -65.16
N MET FA 284 -13.04 -31.35 -65.02
CA MET FA 284 -12.09 -30.97 -66.06
C MET FA 284 -11.66 -32.23 -66.80
N MET FA 285 -12.46 -32.62 -67.78
CA MET FA 285 -12.17 -33.80 -68.58
C MET FA 285 -11.18 -33.47 -69.68
N ARG FA 286 -10.52 -34.50 -70.20
CA ARG FA 286 -9.62 -34.39 -71.34
C ARG FA 286 -9.95 -35.46 -72.35
N VAL FA 287 -9.81 -35.11 -73.63
CA VAL FA 287 -9.95 -36.07 -74.72
C VAL FA 287 -8.80 -35.88 -75.68
N ASN FA 288 -8.40 -36.96 -76.33
CA ASN FA 288 -7.46 -36.91 -77.44
C ASN FA 288 -8.27 -36.96 -78.72
N TRP FA 289 -7.98 -36.03 -79.65
CA TRP FA 289 -8.86 -35.81 -80.78
C TRP FA 289 -8.06 -35.84 -82.08
N LYS FA 290 -8.71 -36.38 -83.11
CA LYS FA 290 -8.29 -36.17 -84.49
C LYS FA 290 -9.47 -35.70 -85.33
N ARG FA 291 -10.68 -36.13 -84.97
CA ARG FA 291 -11.89 -35.78 -85.69
C ARG FA 291 -12.97 -35.31 -84.72
N TRP FA 292 -13.55 -34.15 -85.04
CA TRP FA 292 -14.62 -33.61 -84.20
C TRP FA 292 -15.81 -34.54 -84.15
N TRP FA 293 -16.06 -35.30 -85.21
CA TRP FA 293 -17.11 -36.31 -85.14
C TRP FA 293 -16.78 -37.32 -84.06
N GLN FA 294 -15.52 -37.75 -83.97
CA GLN FA 294 -15.16 -38.70 -82.94
C GLN FA 294 -15.33 -38.10 -81.56
N VAL FA 295 -14.97 -36.83 -81.41
CA VAL FA 295 -15.13 -36.18 -80.11
C VAL FA 295 -16.60 -36.15 -79.70
N PHE FA 296 -17.47 -35.73 -80.62
CA PHE FA 296 -18.88 -35.65 -80.30
C PHE FA 296 -19.47 -37.02 -80.03
N TYR FA 297 -19.03 -38.03 -80.77
CA TYR FA 297 -19.52 -39.38 -80.54
C TYR FA 297 -19.12 -39.88 -79.16
N THR FA 298 -17.88 -39.62 -78.74
CA THR FA 298 -17.48 -40.02 -77.40
C THR FA 298 -18.33 -39.31 -76.35
N ILE FA 299 -18.55 -38.00 -76.55
CA ILE FA 299 -19.33 -37.24 -75.57
C ILE FA 299 -20.73 -37.81 -75.46
N VAL FA 300 -21.36 -38.06 -76.60
CA VAL FA 300 -22.72 -38.61 -76.57
C VAL FA 300 -22.72 -39.97 -75.89
N ASP FA 301 -21.80 -40.85 -76.31
CA ASP FA 301 -21.82 -42.22 -75.81
C ASP FA 301 -21.62 -42.26 -74.30
N TYR FA 302 -20.83 -41.34 -73.76
CA TYR FA 302 -20.56 -41.31 -72.33
C TYR FA 302 -21.27 -40.17 -71.62
N ILE FA 303 -22.35 -39.66 -72.20
CA ILE FA 303 -23.02 -38.51 -71.60
C ILE FA 303 -23.57 -38.83 -70.21
N ASN FA 304 -23.88 -40.09 -69.95
CA ASN FA 304 -24.37 -40.45 -68.62
C ASN FA 304 -23.30 -40.20 -67.57
N GLN FA 305 -22.08 -40.69 -67.81
CA GLN FA 305 -21.00 -40.49 -66.84
C GLN FA 305 -20.69 -39.01 -66.69
N ILE FA 306 -20.88 -38.23 -67.75
CA ILE FA 306 -20.65 -36.79 -67.67
C ILE FA 306 -21.57 -36.17 -66.62
N VAL FA 307 -22.85 -36.50 -66.68
CA VAL FA 307 -23.78 -35.91 -65.72
C VAL FA 307 -23.59 -36.53 -64.33
N GLN FA 308 -23.08 -37.75 -64.26
CA GLN FA 308 -22.68 -38.28 -62.95
C GLN FA 308 -21.59 -37.42 -62.34
N VAL FA 309 -20.61 -37.00 -63.15
CA VAL FA 309 -19.57 -36.11 -62.66
C VAL FA 309 -20.18 -34.78 -62.24
N MET FA 310 -21.07 -34.24 -63.05
CA MET FA 310 -21.63 -32.92 -62.81
C MET FA 310 -22.70 -32.99 -61.74
N SER FA 311 -23.38 -31.87 -61.49
CA SER FA 311 -24.54 -31.81 -60.61
C SER FA 311 -25.23 -30.48 -60.84
N LYS FA 312 -26.47 -30.40 -60.40
CA LYS FA 312 -27.24 -29.18 -60.60
C LYS FA 312 -26.64 -28.04 -59.78
N ARG FA 313 -26.76 -26.83 -60.31
CA ARG FA 313 -26.14 -25.68 -59.66
C ARG FA 313 -26.75 -25.48 -58.29
N SER FA 314 -25.89 -25.42 -57.28
CA SER FA 314 -26.37 -25.34 -55.90
C SER FA 314 -27.15 -24.06 -55.68
N ARG FA 315 -26.70 -22.96 -56.27
CA ARG FA 315 -27.37 -21.68 -56.05
C ARG FA 315 -28.75 -21.66 -56.71
N SER FA 316 -28.90 -22.32 -57.86
CA SER FA 316 -30.18 -22.30 -58.55
C SER FA 316 -31.26 -23.01 -57.75
N LEU FA 317 -30.90 -23.87 -56.81
CA LEU FA 317 -31.89 -24.57 -56.01
C LEU FA 317 -32.66 -23.58 -55.14
N ASN FA 318 -33.93 -23.89 -54.92
CA ASN FA 318 -34.74 -23.10 -54.01
C ASN FA 318 -34.17 -23.12 -52.59
N SER FA 319 -33.41 -24.15 -52.25
CA SER FA 319 -32.86 -24.28 -50.90
C SER FA 319 -31.95 -23.13 -50.55
N ALA FA 320 -31.26 -22.55 -51.54
CA ALA FA 320 -30.33 -21.45 -51.33
C ALA FA 320 -30.99 -20.12 -51.66
N ALA FA 321 -32.27 -19.98 -51.31
CA ALA FA 321 -33.06 -18.85 -51.79
C ALA FA 321 -32.49 -17.53 -51.30
N PHE FA 322 -32.12 -17.45 -50.03
CA PHE FA 322 -31.82 -16.17 -49.39
C PHE FA 322 -30.36 -16.06 -49.01
N TYR FA 323 -29.46 -16.66 -49.78
CA TYR FA 323 -28.03 -16.40 -49.64
C TYR FA 323 -27.48 -15.67 -50.85
N TYR FA 324 -27.36 -16.32 -51.99
CA TYR FA 324 -27.00 -15.64 -53.24
C TYR FA 324 -27.67 -16.35 -54.42
N ARG FA 325 -28.96 -16.64 -54.29
CA ARG FA 325 -29.66 -17.44 -55.29
C ARG FA 325 -29.52 -16.84 -56.68
N VAL FA 326 -29.35 -17.70 -57.67
CA VAL FA 326 -29.12 -17.30 -59.05
C VAL FA 326 -30.07 -18.04 -59.96
N GLN GA 51 24.26 -30.32 -26.21
CA GLN GA 51 24.28 -30.61 -27.62
C GLN GA 51 25.35 -31.62 -28.02
N ASN GA 52 24.91 -32.70 -28.64
CA ASN GA 52 25.71 -33.91 -28.83
C ASN GA 52 25.80 -34.24 -30.30
N TYR GA 53 26.26 -33.28 -31.09
CA TYR GA 53 26.30 -33.43 -32.54
C TYR GA 53 26.96 -34.74 -32.96
N GLY GA 54 26.60 -35.20 -34.15
CA GLY GA 54 27.24 -36.34 -34.74
C GLY GA 54 26.66 -37.69 -34.36
N LEU GA 55 25.62 -37.72 -33.54
CA LEU GA 55 24.98 -38.96 -33.12
C LEU GA 55 23.51 -38.93 -33.51
N ASN GA 56 22.98 -40.12 -33.80
CA ASN GA 56 21.57 -40.27 -34.15
C ASN GA 56 20.92 -41.07 -33.03
N ILE GA 57 20.48 -40.35 -31.99
CA ILE GA 57 19.94 -40.95 -30.79
C ILE GA 57 18.45 -40.69 -30.74
N PRO GA 58 17.64 -41.61 -30.19
CA PRO GA 58 16.19 -41.46 -30.29
C PRO GA 58 15.70 -40.23 -29.56
N ILE GA 59 14.63 -39.65 -30.10
CA ILE GA 59 14.01 -38.45 -29.54
C ILE GA 59 12.55 -38.77 -29.27
N THR GA 60 12.17 -38.73 -28.00
CA THR GA 60 10.84 -39.12 -27.57
C THR GA 60 9.93 -37.90 -27.50
N GLY GA 61 8.66 -38.12 -27.77
CA GLY GA 61 7.68 -37.05 -27.71
C GLY GA 61 6.30 -37.60 -27.48
N SER GA 62 5.48 -36.80 -26.81
CA SER GA 62 4.12 -37.21 -26.48
C SER GA 62 3.16 -36.80 -27.57
N MET GA 63 2.13 -37.62 -27.78
CA MET GA 63 1.10 -37.34 -28.77
C MET GA 63 -0.02 -36.46 -28.22
N ASP GA 64 0.19 -35.82 -27.07
CA ASP GA 64 -0.84 -35.03 -26.41
C ASP GA 64 -0.39 -33.64 -26.01
N THR GA 65 0.88 -33.30 -26.18
CA THR GA 65 1.31 -31.94 -25.88
C THR GA 65 0.62 -30.96 -26.82
N VAL GA 66 0.12 -29.87 -26.27
CA VAL GA 66 -0.59 -28.87 -27.07
C VAL GA 66 0.44 -28.19 -27.95
N TYR GA 67 0.28 -28.32 -29.27
CA TYR GA 67 1.30 -27.79 -30.17
C TYR GA 67 1.33 -26.27 -30.15
N SER GA 68 2.47 -25.74 -30.58
CA SER GA 68 2.89 -24.38 -30.28
C SER GA 68 2.18 -23.38 -31.19
N ASN GA 69 2.67 -22.13 -31.19
CA ASN GA 69 2.06 -21.04 -31.91
C ASN GA 69 2.73 -20.86 -33.27
N SER GA 70 2.17 -19.97 -34.08
CA SER GA 70 2.70 -19.74 -35.41
C SER GA 70 4.12 -19.18 -35.35
N THR GA 71 4.94 -19.58 -36.31
CA THR GA 71 6.28 -19.02 -36.48
C THR GA 71 6.45 -18.38 -37.85
N ARG GA 72 5.35 -18.10 -38.55
CA ARG GA 72 5.45 -17.39 -39.83
C ARG GA 72 6.11 -16.04 -39.63
N GLU GA 73 5.68 -15.32 -38.60
CA GLU GA 73 6.25 -14.00 -38.33
C GLU GA 73 7.73 -14.10 -38.02
N GLU GA 74 8.13 -15.08 -37.20
CA GLU GA 74 9.54 -15.20 -36.84
C GLU GA 74 10.39 -15.59 -38.04
N VAL GA 75 9.92 -16.52 -38.87
CA VAL GA 75 10.74 -16.92 -40.01
C VAL GA 75 10.86 -15.76 -40.99
N PHE GA 76 9.82 -14.96 -41.14
CA PHE GA 76 9.96 -13.78 -42.00
C PHE GA 76 10.92 -12.77 -41.40
N LEU GA 77 10.89 -12.59 -40.08
CA LEU GA 77 11.78 -11.62 -39.45
C LEU GA 77 13.24 -12.03 -39.57
N THR GA 78 13.53 -13.31 -39.38
CA THR GA 78 14.92 -13.76 -39.36
C THR GA 78 15.41 -14.18 -40.74
N SER GA 79 14.69 -15.07 -41.39
CA SER GA 79 15.16 -15.71 -42.61
C SER GA 79 15.32 -14.71 -43.73
N THR GA 80 15.82 -15.19 -44.87
CA THR GA 80 16.08 -14.38 -46.05
C THR GA 80 15.63 -15.14 -47.27
N LEU GA 81 14.83 -14.49 -48.11
CA LEU GA 81 14.24 -15.12 -49.29
C LEU GA 81 14.92 -14.58 -50.53
N CYS GA 82 15.10 -15.45 -51.51
CA CYS GA 82 15.88 -15.10 -52.69
C CYS GA 82 15.15 -15.63 -53.93
N LEU GA 83 14.73 -14.71 -54.79
CA LEU GA 83 14.14 -15.10 -56.07
C LEU GA 83 15.23 -15.20 -57.12
N TYR GA 84 15.03 -16.12 -58.06
CA TYR GA 84 15.91 -16.29 -59.21
C TYR GA 84 15.06 -16.29 -60.45
N TYR GA 85 15.09 -15.19 -61.21
CA TYR GA 85 14.25 -15.02 -62.38
C TYR GA 85 15.13 -14.92 -63.63
N PRO GA 86 14.57 -15.09 -64.82
CA PRO GA 86 15.35 -14.88 -66.04
C PRO GA 86 15.31 -13.43 -66.47
N THR GA 87 16.40 -13.00 -67.10
CA THR GA 87 16.53 -11.60 -67.49
C THR GA 87 15.42 -11.19 -68.45
N GLU GA 88 14.84 -12.15 -69.17
CA GLU GA 88 13.66 -11.86 -69.98
C GLU GA 88 12.54 -11.27 -69.15
N ALA GA 89 12.47 -11.64 -67.87
CA ALA GA 89 11.44 -11.07 -66.99
C ALA GA 89 11.61 -9.56 -66.87
N SER GA 90 12.81 -9.10 -66.52
CA SER GA 90 13.05 -7.67 -66.41
C SER GA 90 12.86 -6.99 -67.76
N THR GA 91 13.26 -7.67 -68.84
CA THR GA 91 13.10 -7.11 -70.18
C THR GA 91 11.64 -6.79 -70.46
N GLN GA 92 10.75 -7.73 -70.16
CA GLN GA 92 9.32 -7.46 -70.36
C GLN GA 92 8.80 -6.45 -69.36
N ILE GA 93 9.35 -6.44 -68.14
CA ILE GA 93 8.87 -5.50 -67.13
C ILE GA 93 9.09 -4.07 -67.59
N SER GA 94 10.27 -3.78 -68.13
CA SER GA 94 10.57 -2.45 -68.68
C SER GA 94 10.43 -1.37 -67.60
N ASP GA 95 11.26 -1.52 -66.57
CA ASP GA 95 11.22 -0.72 -65.36
C ASP GA 95 12.65 -0.67 -64.82
N GLY GA 96 12.81 -0.58 -63.51
CA GLY GA 96 14.14 -0.38 -62.95
C GLY GA 96 14.13 0.21 -61.56
N GLU GA 97 12.95 0.58 -61.06
CA GLU GA 97 12.68 0.60 -59.64
C GLU GA 97 11.83 -0.59 -59.21
N TRP GA 98 11.72 -1.61 -60.07
CA TRP GA 98 10.80 -2.70 -59.79
C TRP GA 98 11.30 -3.63 -58.69
N LYS GA 99 12.61 -3.79 -58.56
CA LYS GA 99 13.12 -4.55 -57.43
C LYS GA 99 12.75 -3.89 -56.12
N ASP GA 100 12.92 -2.58 -56.03
CA ASP GA 100 12.53 -1.86 -54.82
C ASP GA 100 11.03 -1.91 -54.60
N SER GA 101 10.25 -1.80 -55.67
CA SER GA 101 8.80 -1.88 -55.55
C SER GA 101 8.37 -3.24 -55.03
N LEU GA 102 8.94 -4.31 -55.57
CA LEU GA 102 8.59 -5.64 -55.09
C LEU GA 102 9.04 -5.84 -53.66
N SER GA 103 10.18 -5.24 -53.28
CA SER GA 103 10.59 -5.30 -51.88
C SER GA 103 9.56 -4.63 -50.98
N GLN GA 104 9.05 -3.48 -51.40
CA GLN GA 104 8.05 -2.79 -50.61
C GLN GA 104 6.76 -3.60 -50.52
N MET GA 105 6.39 -4.27 -51.61
CA MET GA 105 5.19 -5.10 -51.57
C MET GA 105 5.39 -6.33 -50.68
N PHE GA 106 6.60 -6.88 -50.66
CA PHE GA 106 6.90 -7.98 -49.75
C PHE GA 106 6.83 -7.51 -48.30
N LEU GA 107 7.23 -6.28 -48.06
CA LEU GA 107 7.26 -5.77 -46.68
C LEU GA 107 5.90 -5.88 -46.02
N ILE GA 108 4.83 -5.65 -46.78
CA ILE GA 108 3.50 -5.76 -46.20
C ILE GA 108 3.16 -7.21 -45.91
N LYS GA 109 3.62 -8.14 -46.73
CA LYS GA 109 3.41 -9.54 -46.42
C LYS GA 109 4.18 -9.96 -45.18
N GLY GA 110 5.27 -9.25 -44.88
CA GLY GA 110 5.92 -9.41 -43.58
C GLY GA 110 7.43 -9.36 -43.57
N TRP GA 111 8.05 -9.58 -44.72
CA TRP GA 111 9.50 -9.66 -44.76
C TRP GA 111 10.12 -8.31 -44.45
N PRO GA 112 11.25 -8.25 -43.72
CA PRO GA 112 11.94 -6.97 -43.58
C PRO GA 112 12.42 -6.45 -44.92
N THR GA 113 12.88 -5.20 -44.92
CA THR GA 113 13.26 -4.56 -46.17
C THR GA 113 14.43 -5.26 -46.83
N GLY GA 114 15.45 -5.60 -46.06
CA GLY GA 114 16.67 -6.15 -46.60
C GLY GA 114 16.69 -7.66 -46.72
N SER GA 115 15.59 -8.34 -46.43
CA SER GA 115 15.59 -9.80 -46.40
C SER GA 115 15.24 -10.45 -47.73
N VAL GA 116 14.76 -9.68 -48.71
CA VAL GA 116 14.42 -10.21 -50.02
C VAL GA 116 15.54 -9.83 -50.98
N TYR GA 117 16.14 -10.83 -51.61
CA TYR GA 117 17.15 -10.63 -52.63
C TYR GA 117 16.60 -11.10 -53.98
N PHE GA 118 16.92 -10.37 -55.03
CA PHE GA 118 16.52 -10.71 -56.38
C PHE GA 118 17.76 -11.02 -57.20
N LYS GA 119 17.76 -12.17 -57.87
CA LYS GA 119 18.86 -12.60 -58.71
C LYS GA 119 18.33 -12.90 -60.10
N GLU GA 120 19.17 -12.65 -61.09
CA GLU GA 120 18.83 -12.89 -62.48
C GLU GA 120 19.82 -13.86 -63.09
N TYR GA 121 19.36 -14.59 -64.11
CA TYR GA 121 20.23 -15.45 -64.90
C TYR GA 121 19.85 -15.31 -66.35
N SER GA 122 20.83 -15.52 -67.24
CA SER GA 122 20.59 -15.30 -68.66
C SER GA 122 19.53 -16.25 -69.20
N ASN GA 123 19.59 -17.51 -68.81
CA ASN GA 123 18.61 -18.52 -69.25
C ASN GA 123 18.87 -19.80 -68.48
N ILE GA 124 18.05 -20.82 -68.72
CA ILE GA 124 18.08 -22.02 -67.91
C ILE GA 124 19.42 -22.74 -68.07
N VAL GA 125 19.84 -22.96 -69.32
CA VAL GA 125 21.04 -23.75 -69.55
C VAL GA 125 22.26 -23.06 -68.97
N ASP GA 126 22.36 -21.74 -69.12
CA ASP GA 126 23.48 -21.02 -68.54
C ASP GA 126 23.42 -21.04 -67.02
N PHE GA 127 22.22 -20.91 -66.46
CA PHE GA 127 22.08 -20.96 -65.01
C PHE GA 127 22.49 -22.32 -64.47
N SER GA 128 22.33 -23.37 -65.26
CA SER GA 128 22.55 -24.72 -64.76
C SER GA 128 23.97 -24.94 -64.29
N VAL GA 129 24.96 -24.37 -65.00
CA VAL GA 129 26.35 -24.65 -64.69
C VAL GA 129 26.69 -24.04 -63.33
N ASP GA 130 26.94 -24.90 -62.34
CA ASP GA 130 27.31 -24.49 -61.00
C ASP GA 130 26.27 -23.56 -60.39
N PRO GA 131 25.07 -24.05 -60.11
CA PRO GA 131 24.04 -23.19 -59.51
C PRO GA 131 24.23 -23.13 -58.01
N GLN GA 132 24.68 -21.98 -57.53
CA GLN GA 132 24.89 -21.75 -56.10
C GLN GA 132 23.71 -20.97 -55.57
N LEU GA 133 22.85 -21.64 -54.81
CA LEU GA 133 21.69 -21.01 -54.20
C LEU GA 133 21.97 -20.68 -52.74
N TYR GA 134 22.95 -19.80 -52.55
CA TYR GA 134 23.36 -19.41 -51.21
C TYR GA 134 22.33 -18.50 -50.58
N CYS GA 135 21.29 -19.07 -49.98
CA CYS GA 135 20.27 -18.26 -49.37
C CYS GA 135 19.45 -19.16 -48.47
N ASP GA 136 18.46 -18.58 -47.80
CA ASP GA 136 17.73 -19.28 -46.76
C ASP GA 136 16.33 -19.67 -47.16
N TYR GA 137 15.80 -19.13 -48.25
CA TYR GA 137 14.55 -19.62 -48.83
C TYR GA 137 14.60 -19.28 -50.32
N ASN GA 138 14.88 -20.26 -51.16
CA ASN GA 138 15.13 -20.01 -52.57
C ASN GA 138 13.90 -20.32 -53.41
N LEU GA 139 13.53 -19.38 -54.28
CA LEU GA 139 12.58 -19.65 -55.36
C LEU GA 139 13.31 -19.49 -56.68
N VAL GA 140 12.99 -20.36 -57.63
CA VAL GA 140 13.58 -20.31 -58.96
C VAL GA 140 12.44 -20.29 -59.96
N LEU GA 141 12.15 -19.12 -60.51
CA LEU GA 141 11.26 -19.04 -61.67
C LEU GA 141 11.90 -19.79 -62.82
N MET GA 142 11.09 -20.46 -63.64
CA MET GA 142 11.64 -21.34 -64.67
C MET GA 142 10.73 -21.27 -65.88
N LYS GA 143 11.08 -20.42 -66.85
CA LYS GA 143 10.25 -20.28 -68.04
C LYS GA 143 10.43 -21.50 -68.92
N TYR GA 144 9.33 -22.16 -69.24
CA TYR GA 144 9.38 -23.37 -70.06
C TYR GA 144 9.29 -23.01 -71.54
N ASP GA 145 10.11 -23.67 -72.35
CA ASP GA 145 9.89 -23.76 -73.77
C ASP GA 145 10.15 -25.19 -74.19
N GLN GA 146 9.56 -25.58 -75.32
CA GLN GA 146 9.70 -26.94 -75.80
C GLN GA 146 11.15 -27.25 -76.12
N SER GA 147 11.52 -28.52 -76.01
CA SER GA 147 12.83 -29.09 -76.31
C SER GA 147 13.84 -28.84 -75.20
N LEU GA 148 13.54 -28.03 -74.19
CA LEU GA 148 14.40 -27.85 -73.03
C LEU GA 148 13.89 -28.64 -71.83
N GLU GA 149 12.98 -29.59 -72.06
CA GLU GA 149 12.40 -30.32 -70.95
C GLU GA 149 13.45 -31.10 -70.19
N LEU GA 150 14.37 -31.75 -70.90
CA LEU GA 150 15.38 -32.55 -70.18
C LEU GA 150 16.33 -31.65 -69.42
N ASP GA 151 16.75 -30.53 -69.99
CA ASP GA 151 17.64 -29.64 -69.27
C ASP GA 151 16.95 -29.06 -68.04
N MET GA 152 15.68 -28.71 -68.18
CA MET GA 152 14.92 -28.22 -67.04
C MET GA 152 14.83 -29.27 -65.96
N SER GA 153 14.56 -30.52 -66.35
CA SER GA 153 14.48 -31.60 -65.38
C SER GA 153 15.82 -31.85 -64.73
N GLU GA 154 16.91 -31.74 -65.50
CA GLU GA 154 18.24 -31.90 -64.92
C GLU GA 154 18.52 -30.82 -63.89
N LEU GA 155 18.16 -29.58 -64.19
CA LEU GA 155 18.38 -28.50 -63.23
C LEU GA 155 17.55 -28.72 -61.98
N ALA GA 156 16.29 -29.15 -62.15
CA ALA GA 156 15.47 -29.44 -60.99
C ALA GA 156 16.08 -30.57 -60.17
N ASP GA 157 16.52 -31.64 -60.83
CA ASP GA 157 17.16 -32.74 -60.11
C ASP GA 157 18.40 -32.26 -59.37
N LEU GA 158 19.09 -31.27 -59.92
CA LEU GA 158 20.32 -30.80 -59.30
C LEU GA 158 20.03 -29.97 -58.06
N ILE GA 159 19.01 -29.11 -58.10
CA ILE GA 159 18.79 -28.17 -57.00
C ILE GA 159 17.79 -28.73 -55.97
N LEU GA 160 16.66 -29.30 -56.41
CA LEU GA 160 15.66 -29.75 -55.46
C LEU GA 160 16.16 -30.89 -54.58
N ASN GA 161 17.15 -31.66 -55.03
CA ASN GA 161 17.76 -32.68 -54.20
C ASN GA 161 19.05 -32.13 -53.62
N GLU GA 162 19.77 -32.98 -52.89
CA GLU GA 162 20.93 -32.56 -52.12
C GLU GA 162 22.02 -33.62 -52.31
N TRP GA 163 22.98 -33.31 -53.17
CA TRP GA 163 23.98 -34.27 -53.62
C TRP GA 163 25.26 -34.10 -52.82
N LEU GA 164 25.79 -35.22 -52.34
CA LEU GA 164 27.15 -35.31 -51.83
C LEU GA 164 28.01 -35.91 -52.92
N CYS GA 165 29.13 -35.26 -53.25
CA CYS GA 165 29.88 -35.88 -54.33
C CYS GA 165 31.35 -35.55 -54.39
N ASN GA 166 32.08 -36.50 -54.98
CA ASN GA 166 33.52 -36.57 -55.01
C ASN GA 166 34.02 -36.34 -56.42
N PRO GA 167 35.29 -35.96 -56.59
CA PRO GA 167 35.80 -35.71 -57.93
C PRO GA 167 36.11 -37.01 -58.65
N MET GA 168 36.27 -36.89 -59.96
CA MET GA 168 36.63 -38.02 -60.82
C MET GA 168 37.82 -37.61 -61.67
N ASP GA 169 38.83 -38.47 -61.69
CA ASP GA 169 40.04 -38.26 -62.49
C ASP GA 169 39.97 -39.24 -63.65
N ILE GA 170 39.50 -38.74 -64.80
CA ILE GA 170 39.10 -39.61 -65.89
C ILE GA 170 40.28 -40.39 -66.45
N THR GA 171 41.46 -39.77 -66.49
CA THR GA 171 42.59 -40.40 -67.16
C THR GA 171 43.18 -41.54 -66.37
N LEU GA 172 42.95 -41.59 -65.05
CA LEU GA 172 43.56 -42.61 -64.21
C LEU GA 172 42.67 -43.83 -64.03
N TYR GA 173 41.43 -43.62 -63.59
CA TYR GA 173 40.59 -44.67 -63.06
C TYR GA 173 39.43 -44.98 -63.98
N TYR GA 174 38.84 -46.15 -63.76
CA TYR GA 174 37.57 -46.54 -64.35
C TYR GA 174 36.54 -46.55 -63.24
N TYR GA 175 35.36 -45.99 -63.51
CA TYR GA 175 34.38 -45.71 -62.48
C TYR GA 175 33.14 -46.57 -62.66
N GLN GA 176 32.67 -47.14 -61.56
CA GLN GA 176 31.36 -47.77 -61.48
C GLN GA 176 30.38 -46.78 -60.87
N GLN GA 177 29.11 -47.17 -60.87
CA GLN GA 177 28.09 -46.50 -60.09
C GLN GA 177 27.61 -47.48 -59.03
N SER GA 178 27.73 -47.10 -57.76
CA SER GA 178 27.54 -48.06 -56.68
C SER GA 178 26.12 -48.60 -56.66
N GLY GA 179 25.13 -47.74 -56.87
CA GLY GA 179 23.75 -48.16 -56.78
C GLY GA 179 22.77 -47.19 -57.38
N GLU GA 180 21.53 -47.22 -56.88
CA GLU GA 180 20.48 -46.40 -57.45
C GLU GA 180 20.76 -44.92 -57.25
N SER GA 181 21.28 -44.55 -56.09
CA SER GA 181 21.39 -43.16 -55.70
C SER GA 181 22.56 -42.43 -56.35
N ASN GA 182 23.35 -43.10 -57.18
CA ASN GA 182 24.60 -42.56 -57.69
C ASN GA 182 24.45 -42.19 -59.16
N LYS GA 183 24.83 -40.97 -59.49
CA LYS GA 183 24.89 -40.44 -60.85
C LYS GA 183 26.27 -39.86 -61.07
N TRP GA 184 26.54 -39.41 -62.30
CA TRP GA 184 27.68 -38.55 -62.57
C TRP GA 184 27.15 -37.23 -63.09
N ILE GA 185 27.58 -36.13 -62.46
CA ILE GA 185 27.13 -34.79 -62.83
C ILE GA 185 28.30 -34.10 -63.51
N SER GA 186 28.07 -33.62 -64.73
CA SER GA 186 29.08 -32.94 -65.51
C SER GA 186 28.59 -31.54 -65.84
N MET GA 187 29.34 -30.54 -65.41
CA MET GA 187 28.98 -29.14 -65.59
C MET GA 187 30.13 -28.39 -66.23
N GLY GA 188 29.80 -27.46 -67.12
CA GLY GA 188 30.82 -26.68 -67.81
C GLY GA 188 30.22 -26.02 -69.02
N SER GA 189 31.06 -25.28 -69.72
CA SER GA 189 30.59 -24.57 -70.91
C SER GA 189 30.26 -25.53 -72.04
N SER GA 190 30.90 -26.69 -72.09
CA SER GA 190 30.61 -27.67 -73.14
C SER GA 190 31.03 -29.04 -72.63
N CYS GA 191 30.05 -29.84 -72.23
CA CYS GA 191 30.29 -31.21 -71.80
C CYS GA 191 29.89 -32.16 -72.92
N THR GA 192 30.76 -33.13 -73.21
CA THR GA 192 30.45 -34.20 -74.14
C THR GA 192 31.03 -35.48 -73.54
N VAL GA 193 30.17 -36.25 -72.90
CA VAL GA 193 30.60 -37.36 -72.05
C VAL GA 193 30.52 -38.63 -72.88
N LYS GA 194 31.67 -39.15 -73.29
CA LYS GA 194 31.71 -40.39 -74.06
C LYS GA 194 32.07 -41.53 -73.13
N VAL GA 195 31.21 -42.54 -73.07
CA VAL GA 195 31.28 -43.61 -72.09
C VAL GA 195 31.55 -44.92 -72.82
N CYS GA 196 32.58 -45.64 -72.39
CA CYS GA 196 32.92 -46.96 -72.94
C CYS GA 196 32.82 -47.99 -71.84
N PRO GA 197 31.79 -48.85 -71.80
CA PRO GA 197 31.76 -49.87 -70.76
C PRO GA 197 32.81 -50.93 -71.01
N LEU GA 198 33.25 -51.59 -69.93
CA LEU GA 198 34.31 -52.57 -70.00
C LEU GA 198 33.85 -53.89 -69.40
N ASN GA 199 34.35 -54.98 -69.98
CA ASN GA 199 34.18 -56.30 -69.40
C ASN GA 199 34.99 -56.40 -68.11
N THR GA 200 34.90 -57.56 -67.45
CA THR GA 200 35.77 -57.80 -66.30
C THR GA 200 37.24 -57.90 -66.70
N GLN GA 201 37.52 -58.14 -67.98
CA GLN GA 201 38.89 -58.26 -68.46
C GLN GA 201 39.48 -56.92 -68.89
N THR GA 202 38.88 -55.81 -68.48
CA THR GA 202 39.34 -54.48 -68.86
C THR GA 202 39.38 -54.32 -70.38
N LEU GA 203 38.41 -54.90 -71.05
CA LEU GA 203 38.23 -54.76 -72.49
C LEU GA 203 36.84 -54.21 -72.75
N GLY GA 204 36.75 -53.27 -73.68
CA GLY GA 204 35.50 -52.60 -73.93
C GLY GA 204 34.46 -53.53 -74.54
N ILE GA 205 33.20 -53.20 -74.34
CA ILE GA 205 32.08 -53.83 -75.03
C ILE GA 205 31.38 -52.77 -75.86
N GLY GA 206 31.29 -53.01 -77.16
CA GLY GA 206 30.81 -51.97 -78.06
C GLY GA 206 31.76 -50.80 -78.21
N CYS GA 207 33.01 -50.96 -77.79
CA CYS GA 207 33.98 -49.87 -77.79
C CYS GA 207 35.35 -50.50 -77.56
N GLN GA 208 36.38 -49.73 -77.89
CA GLN GA 208 37.76 -50.10 -77.59
C GLN GA 208 38.36 -49.07 -76.66
N THR GA 209 39.13 -49.54 -75.68
CA THR GA 209 39.69 -48.64 -74.68
C THR GA 209 40.55 -47.57 -75.31
N THR GA 210 41.25 -47.89 -76.39
CA THR GA 210 42.14 -46.93 -77.02
C THR GA 210 41.40 -45.97 -77.94
N ASN GA 211 40.71 -46.50 -78.94
CA ASN GA 211 40.04 -45.67 -79.93
C ASN GA 211 38.84 -44.98 -79.29
N VAL GA 212 38.99 -43.69 -79.01
CA VAL GA 212 37.89 -42.94 -78.38
C VAL GA 212 36.69 -42.87 -79.30
N ASP GA 213 36.89 -42.95 -80.62
CA ASP GA 213 35.77 -42.75 -81.54
C ASP GA 213 34.71 -43.83 -81.39
N SER GA 214 35.11 -45.04 -81.00
CA SER GA 214 34.15 -46.11 -80.81
C SER GA 214 33.34 -45.95 -79.53
N PHE GA 215 33.71 -45.02 -78.65
CA PHE GA 215 32.97 -44.79 -77.42
C PHE GA 215 31.52 -44.45 -77.75
N GLU GA 216 30.67 -44.62 -76.75
CA GLU GA 216 29.23 -44.42 -76.89
C GLU GA 216 28.87 -43.11 -76.18
N THR GA 217 28.57 -42.08 -76.96
CA THR GA 217 28.27 -40.78 -76.40
C THR GA 217 26.99 -40.84 -75.58
N VAL GA 218 26.99 -40.15 -74.44
CA VAL GA 218 25.83 -40.08 -73.56
C VAL GA 218 25.27 -38.66 -73.44
N ALA GA 219 26.07 -37.64 -73.73
CA ALA GA 219 25.58 -36.27 -73.76
C ALA GA 219 26.49 -35.47 -74.68
N GLU GA 220 26.02 -34.31 -75.12
CA GLU GA 220 26.77 -33.51 -76.08
C GLU GA 220 26.46 -32.04 -75.87
N ASN GA 221 27.50 -31.23 -75.71
CA ASN GA 221 27.38 -29.78 -75.61
C ASN GA 221 26.40 -29.38 -74.50
N GLU GA 222 26.27 -30.22 -73.49
CA GLU GA 222 25.35 -29.96 -72.39
C GLU GA 222 26.05 -29.07 -71.36
N LYS GA 223 25.43 -27.93 -71.06
CA LYS GA 223 25.96 -27.10 -69.97
C LYS GA 223 25.88 -27.84 -68.65
N LEU GA 224 24.84 -28.63 -68.46
CA LEU GA 224 24.73 -29.54 -67.33
C LEU GA 224 24.22 -30.87 -67.86
N ALA GA 225 24.81 -31.95 -67.36
CA ALA GA 225 24.39 -33.29 -67.77
C ALA GA 225 24.50 -34.23 -66.59
N ILE GA 226 23.38 -34.81 -66.19
CA ILE GA 226 23.35 -35.91 -65.23
C ILE GA 226 23.27 -37.19 -66.04
N VAL GA 227 24.25 -38.07 -65.87
CA VAL GA 227 24.30 -39.34 -66.60
C VAL GA 227 24.22 -40.48 -65.59
N ASP GA 228 23.24 -41.36 -65.82
CA ASP GA 228 23.14 -42.65 -65.17
C ASP GA 228 23.53 -43.72 -66.18
N VAL GA 229 24.39 -44.64 -65.75
CA VAL GA 229 24.83 -45.75 -66.57
C VAL GA 229 24.62 -47.04 -65.78
N VAL GA 230 24.81 -48.16 -66.46
CA VAL GA 230 24.48 -49.45 -65.87
C VAL GA 230 25.36 -49.66 -64.64
N ASP GA 231 24.72 -49.79 -63.49
CA ASP GA 231 25.45 -49.83 -62.24
C ASP GA 231 26.15 -51.18 -62.09
N GLY GA 232 27.43 -51.15 -61.77
CA GLY GA 232 28.22 -52.35 -61.60
C GLY GA 232 29.12 -52.71 -62.77
N ILE GA 233 29.22 -51.84 -63.78
CA ILE GA 233 30.08 -52.07 -64.93
C ILE GA 233 31.10 -50.94 -64.98
N ASN GA 234 32.38 -51.30 -64.97
CA ASN GA 234 33.43 -50.30 -65.12
C ASN GA 234 33.26 -49.55 -66.43
N HIS GA 235 33.53 -48.26 -66.39
CA HIS GA 235 33.43 -47.41 -67.56
C HIS GA 235 34.72 -46.62 -67.72
N LYS GA 236 35.12 -46.40 -68.97
CA LYS GA 236 36.14 -45.42 -69.29
C LYS GA 236 35.45 -44.21 -69.89
N ILE GA 237 35.76 -43.03 -69.37
CA ILE GA 237 35.09 -41.80 -69.76
C ILE GA 237 36.06 -40.99 -70.62
N ASN GA 238 35.49 -40.20 -71.52
CA ASN GA 238 36.24 -39.21 -72.29
C ASN GA 238 35.46 -37.92 -72.25
N LEU GA 239 36.04 -36.90 -71.63
CA LEU GA 239 35.35 -35.64 -71.37
C LEU GA 239 36.37 -34.51 -71.28
N THR GA 240 36.69 -33.91 -72.42
CA THR GA 240 36.94 -32.46 -72.57
C THR GA 240 37.42 -31.80 -71.28
N THR GA 241 38.55 -32.25 -70.72
CA THR GA 241 38.91 -31.84 -69.37
C THR GA 241 39.05 -30.34 -69.23
N THR GA 242 39.43 -29.64 -70.31
CA THR GA 242 39.63 -28.20 -70.22
C THR GA 242 38.34 -27.47 -69.90
N THR GA 243 37.21 -27.89 -70.47
CA THR GA 243 35.95 -27.19 -70.36
C THR GA 243 35.07 -27.73 -69.24
N CYS GA 244 34.78 -29.02 -69.25
CA CYS GA 244 33.73 -29.62 -68.44
C CYS GA 244 34.34 -30.38 -67.26
N THR GA 245 33.76 -30.17 -66.08
CA THR GA 245 34.17 -30.86 -64.85
C THR GA 245 33.09 -31.85 -64.46
N ILE GA 246 33.50 -33.08 -64.16
CA ILE GA 246 32.59 -34.17 -63.87
C ILE GA 246 32.86 -34.67 -62.45
N ARG GA 247 31.79 -35.00 -61.73
CA ARG GA 247 31.86 -35.48 -60.37
C ARG GA 247 30.96 -36.68 -60.18
N ASN GA 248 31.43 -37.63 -59.38
CA ASN GA 248 30.67 -38.83 -59.05
C ASN GA 248 29.84 -38.52 -57.82
N CYS GA 249 28.51 -38.50 -57.97
CA CYS GA 249 27.62 -37.92 -56.98
C CYS GA 249 26.57 -38.88 -56.45
N LYS GA 250 26.51 -39.00 -55.13
CA LYS GA 250 25.45 -39.70 -54.41
C LYS GA 250 24.35 -38.72 -54.03
N LYS GA 251 23.13 -39.22 -54.04
CA LYS GA 251 21.94 -38.42 -53.79
C LYS GA 251 21.45 -38.69 -52.38
N LEU GA 252 21.65 -37.72 -51.50
CA LEU GA 252 21.09 -37.77 -50.15
C LEU GA 252 19.62 -37.35 -50.23
N GLY GA 253 19.04 -36.98 -49.09
CA GLY GA 253 17.67 -36.55 -49.04
C GLY GA 253 17.37 -35.35 -49.91
N PRO GA 254 16.15 -34.83 -49.84
CA PRO GA 254 15.78 -33.69 -50.67
C PRO GA 254 16.27 -32.38 -50.06
N ARG GA 255 16.33 -31.37 -50.91
CA ARG GA 255 16.72 -30.02 -50.50
C ARG GA 255 15.47 -29.30 -49.99
N GLU GA 256 15.37 -29.15 -48.68
CA GLU GA 256 14.27 -28.40 -48.08
C GLU GA 256 14.16 -27.01 -48.67
N ASN GA 257 15.30 -26.38 -48.93
CA ASN GA 257 15.40 -24.94 -48.95
C ASN GA 257 14.90 -24.29 -50.25
N VAL GA 258 14.77 -25.05 -51.33
CA VAL GA 258 14.62 -24.51 -52.67
C VAL GA 258 13.31 -24.99 -53.26
N ALA GA 259 12.64 -24.09 -53.97
CA ALA GA 259 11.42 -24.41 -54.70
C ALA GA 259 11.55 -23.89 -56.12
N VAL GA 260 10.99 -24.64 -57.06
CA VAL GA 260 11.05 -24.31 -58.48
C VAL GA 260 9.63 -24.03 -58.94
N ILE GA 261 9.45 -22.93 -59.65
CA ILE GA 261 8.16 -22.48 -60.14
C ILE GA 261 8.24 -22.55 -61.66
N GLN GA 262 7.81 -23.66 -62.24
CA GLN GA 262 7.70 -23.75 -63.68
C GLN GA 262 6.64 -22.77 -64.13
N VAL GA 263 7.02 -21.91 -65.09
CA VAL GA 263 6.13 -20.85 -65.50
C VAL GA 263 5.30 -21.26 -66.72
N GLY GA 264 5.81 -22.11 -67.58
CA GLY GA 264 5.10 -22.32 -68.84
C GLY GA 264 4.17 -23.52 -68.85
N GLY GA 265 4.64 -24.64 -69.36
CA GLY GA 265 3.80 -25.73 -69.81
C GLY GA 265 3.35 -26.65 -68.71
N ALA GA 266 3.03 -27.88 -69.09
CA ALA GA 266 2.40 -28.83 -68.19
C ALA GA 266 3.44 -29.52 -67.33
N ASN GA 267 2.98 -30.46 -66.50
CA ASN GA 267 3.87 -31.20 -65.62
C ASN GA 267 4.83 -32.04 -66.45
N ILE GA 268 6.10 -31.62 -66.52
CA ILE GA 268 7.12 -32.39 -67.23
C ILE GA 268 8.35 -32.68 -66.40
N LEU GA 269 8.57 -31.99 -65.30
CA LEU GA 269 9.79 -32.20 -64.52
C LEU GA 269 9.76 -33.57 -63.87
N ASP GA 270 10.49 -34.51 -64.45
CA ASP GA 270 10.74 -35.81 -63.84
C ASP GA 270 12.07 -35.71 -63.12
N ILE GA 271 12.01 -35.45 -61.82
CA ILE GA 271 13.23 -35.27 -61.03
C ILE GA 271 13.79 -36.62 -60.58
N THR GA 272 13.14 -37.72 -60.96
CA THR GA 272 13.56 -39.05 -60.57
C THR GA 272 14.07 -39.78 -61.80
N ALA GA 273 15.36 -40.10 -61.81
CA ALA GA 273 15.95 -40.80 -62.94
C ALA GA 273 15.36 -42.19 -63.12
N ASP GA 274 14.74 -42.74 -62.10
CA ASP GA 274 13.96 -43.95 -62.28
C ASP GA 274 12.84 -43.69 -63.29
N PRO GA 275 12.60 -44.57 -64.25
CA PRO GA 275 11.47 -44.35 -65.16
C PRO GA 275 10.12 -44.69 -64.57
N THR GA 276 10.05 -45.62 -63.61
CA THR GA 276 8.76 -46.10 -63.12
C THR GA 276 8.07 -45.10 -62.20
N THR GA 277 8.83 -44.32 -61.45
CA THR GA 277 8.28 -43.34 -60.52
C THR GA 277 8.45 -41.95 -61.09
N ASN GA 278 7.36 -41.18 -61.08
CA ASN GA 278 7.37 -39.77 -61.44
C ASN GA 278 6.58 -39.01 -60.40
N PRO GA 279 7.16 -38.74 -59.24
CA PRO GA 279 6.37 -38.21 -58.12
C PRO GA 279 6.07 -36.74 -58.32
N GLN GA 280 5.34 -36.17 -57.35
CA GLN GA 280 4.99 -34.76 -57.32
C GLN GA 280 5.49 -34.18 -56.01
N ILE GA 281 6.46 -33.31 -56.09
CA ILE GA 281 7.03 -32.66 -54.91
C ILE GA 281 6.29 -31.36 -54.67
N GLU GA 282 6.13 -31.02 -53.39
CA GLU GA 282 5.46 -29.77 -53.05
C GLU GA 282 6.27 -28.58 -53.53
N ARG GA 283 7.61 -28.67 -53.42
CA ARG GA 283 8.49 -27.59 -53.84
C ARG GA 283 8.47 -27.35 -55.34
N MET GA 284 7.89 -28.27 -56.11
CA MET GA 284 7.88 -28.20 -57.56
C MET GA 284 6.48 -27.77 -57.99
N MET GA 285 6.35 -26.55 -58.49
CA MET GA 285 5.07 -25.91 -58.69
C MET GA 285 4.97 -25.42 -60.12
N ARG GA 286 3.75 -25.07 -60.54
CA ARG GA 286 3.52 -24.53 -61.87
C ARG GA 286 2.57 -23.34 -61.80
N VAL GA 287 2.67 -22.45 -62.78
CA VAL GA 287 1.71 -21.36 -62.87
C VAL GA 287 1.68 -20.76 -64.27
N ASN GA 288 0.50 -20.64 -64.86
CA ASN GA 288 0.37 -20.09 -66.21
C ASN GA 288 0.69 -18.61 -66.19
N TRP GA 289 0.90 -18.03 -67.37
CA TRP GA 289 1.36 -16.65 -67.38
C TRP GA 289 1.03 -16.02 -68.71
N LYS GA 290 0.83 -14.72 -68.70
CA LYS GA 290 1.04 -13.89 -69.87
C LYS GA 290 1.79 -12.62 -69.54
N ARG GA 291 2.07 -12.34 -68.27
CA ARG GA 291 2.66 -11.07 -67.86
C ARG GA 291 3.54 -11.31 -66.63
N TRP GA 292 4.82 -10.94 -66.75
CA TRP GA 292 5.73 -11.16 -65.64
C TRP GA 292 5.32 -10.39 -64.41
N TRP GA 293 4.65 -9.25 -64.58
CA TRP GA 293 4.09 -8.58 -63.41
C TRP GA 293 3.08 -9.46 -62.71
N GLN GA 294 2.22 -10.13 -63.48
CA GLN GA 294 1.24 -11.02 -62.86
C GLN GA 294 1.94 -12.16 -62.14
N VAL GA 295 3.00 -12.70 -62.75
CA VAL GA 295 3.73 -13.79 -62.10
C VAL GA 295 4.29 -13.34 -60.77
N PHE GA 296 5.00 -12.21 -60.77
CA PHE GA 296 5.64 -11.74 -59.55
C PHE GA 296 4.62 -11.35 -58.49
N TYR GA 297 3.50 -10.77 -58.91
CA TYR GA 297 2.46 -10.40 -57.95
C TYR GA 297 1.83 -11.64 -57.34
N THR GA 298 1.60 -12.69 -58.12
CA THR GA 298 1.07 -13.92 -57.53
C THR GA 298 2.06 -14.50 -56.53
N ILE GA 299 3.36 -14.48 -56.87
CA ILE GA 299 4.35 -15.00 -55.93
C ILE GA 299 4.34 -14.17 -54.65
N VAL GA 300 4.27 -12.85 -54.79
CA VAL GA 300 4.27 -11.98 -53.61
C VAL GA 300 3.04 -12.26 -52.76
N ASP GA 301 1.88 -12.35 -53.39
CA ASP GA 301 0.63 -12.53 -52.64
C ASP GA 301 0.64 -13.86 -51.91
N TYR GA 302 1.13 -14.91 -52.54
CA TYR GA 302 1.10 -16.25 -51.97
C TYR GA 302 2.45 -16.66 -51.40
N ILE GA 303 3.30 -15.70 -51.03
CA ILE GA 303 4.60 -16.05 -50.49
C ILE GA 303 4.46 -16.88 -49.22
N ASN GA 304 3.41 -16.65 -48.44
CA ASN GA 304 3.19 -17.47 -47.25
C ASN GA 304 3.08 -18.93 -47.64
N GLN GA 305 2.22 -19.23 -48.62
CA GLN GA 305 2.04 -20.61 -49.04
C GLN GA 305 3.33 -21.20 -49.60
N ILE GA 306 4.05 -20.44 -50.40
CA ILE GA 306 5.29 -20.93 -50.97
C ILE GA 306 6.28 -21.24 -49.87
N VAL GA 307 6.42 -20.33 -48.91
CA VAL GA 307 7.42 -20.50 -47.86
C VAL GA 307 7.09 -21.72 -47.02
N GLN GA 308 5.84 -21.84 -46.59
CA GLN GA 308 5.47 -22.99 -45.76
C GLN GA 308 5.12 -24.22 -46.58
N VAL GA 309 5.41 -24.18 -47.89
CA VAL GA 309 5.71 -25.41 -48.62
C VAL GA 309 7.19 -25.75 -48.51
N MET GA 310 8.06 -24.76 -48.62
CA MET GA 310 9.48 -24.98 -48.40
C MET GA 310 9.74 -25.10 -46.91
N SER GA 311 11.01 -25.32 -46.55
CA SER GA 311 11.40 -25.29 -45.15
C SER GA 311 12.91 -25.17 -45.08
N LYS GA 312 13.41 -24.88 -43.88
CA LYS GA 312 14.82 -24.56 -43.70
C LYS GA 312 15.69 -25.75 -44.11
N ARG GA 313 16.87 -25.45 -44.64
CA ARG GA 313 17.77 -26.50 -45.09
C ARG GA 313 18.25 -27.29 -43.88
N SER GA 314 17.92 -28.57 -43.85
CA SER GA 314 18.25 -29.39 -42.69
C SER GA 314 19.75 -29.46 -42.46
N ARG GA 315 20.54 -29.34 -43.54
CA ARG GA 315 21.98 -29.44 -43.42
C ARG GA 315 22.64 -28.14 -43.00
N SER GA 316 21.95 -27.00 -43.12
CA SER GA 316 22.50 -25.76 -42.62
C SER GA 316 22.26 -25.55 -41.13
N LEU GA 317 21.45 -26.40 -40.51
CA LEU GA 317 21.18 -26.28 -39.09
C LEU GA 317 22.36 -26.78 -38.28
N ASN GA 318 22.45 -26.28 -37.04
CA ASN GA 318 23.44 -26.82 -36.11
C ASN GA 318 23.21 -28.30 -35.83
N SER GA 319 21.96 -28.75 -35.96
CA SER GA 319 21.65 -30.15 -35.70
C SER GA 319 22.45 -31.08 -36.58
N ALA GA 320 22.74 -30.66 -37.81
CA ALA GA 320 23.48 -31.48 -38.77
C ALA GA 320 24.96 -31.13 -38.81
N ALA GA 321 25.54 -30.80 -37.66
CA ALA GA 321 26.88 -30.23 -37.65
C ALA GA 321 27.92 -31.20 -38.19
N PHE GA 322 27.94 -32.43 -37.67
CA PHE GA 322 28.98 -33.40 -38.01
C PHE GA 322 28.42 -34.57 -38.78
N TYR GA 323 27.50 -34.32 -39.73
CA TYR GA 323 27.23 -35.28 -40.79
C TYR GA 323 27.63 -34.72 -42.15
N TYR GA 324 26.93 -33.73 -42.67
CA TYR GA 324 27.29 -33.14 -43.95
C TYR GA 324 26.90 -31.67 -43.97
N ARG GA 325 27.25 -30.94 -42.91
CA ARG GA 325 26.81 -29.55 -42.80
C ARG GA 325 27.25 -28.74 -44.01
N VAL GA 326 26.35 -27.88 -44.48
CA VAL GA 326 26.55 -27.14 -45.70
C VAL GA 326 26.52 -25.64 -45.44
N ASN HA 52 14.92 -32.50 -37.15
CA ASN HA 52 14.95 -32.68 -35.71
C ASN HA 52 16.07 -33.63 -35.28
N TYR HA 53 16.73 -33.30 -34.18
CA TYR HA 53 17.73 -34.17 -33.59
C TYR HA 53 17.68 -34.05 -32.08
N GLY HA 54 18.20 -35.06 -31.41
CA GLY HA 54 18.28 -35.05 -29.97
C GLY HA 54 19.57 -34.45 -29.46
N LEU HA 55 19.87 -33.23 -29.89
CA LEU HA 55 21.02 -32.55 -29.32
C LEU HA 55 20.84 -32.35 -27.82
N ASN HA 56 19.65 -31.91 -27.41
CA ASN HA 56 19.43 -31.55 -26.02
C ASN HA 56 19.64 -32.75 -25.10
N ILE HA 57 19.10 -33.91 -25.46
CA ILE HA 57 19.14 -35.08 -24.59
C ILE HA 57 20.57 -35.57 -24.46
N PRO HA 58 20.99 -36.13 -23.33
CA PRO HA 58 22.35 -36.63 -23.19
C PRO HA 58 22.43 -38.12 -23.50
N ILE HA 59 23.67 -38.58 -23.68
CA ILE HA 59 23.97 -39.98 -23.92
C ILE HA 59 24.68 -40.53 -22.69
N THR HA 60 24.27 -41.70 -22.23
CA THR HA 60 24.94 -42.39 -21.13
C THR HA 60 25.83 -43.48 -21.70
N GLY HA 61 26.98 -43.69 -21.07
CA GLY HA 61 27.92 -44.66 -21.55
C GLY HA 61 28.72 -45.29 -20.44
N SER HA 62 28.79 -46.61 -20.42
CA SER HA 62 29.46 -47.33 -19.36
C SER HA 62 30.96 -47.03 -19.38
N MET HA 63 31.65 -47.57 -18.39
CA MET HA 63 33.11 -47.59 -18.35
C MET HA 63 33.67 -49.00 -18.31
N ASP HA 64 32.84 -50.02 -18.51
CA ASP HA 64 33.29 -51.40 -18.59
C ASP HA 64 32.89 -52.06 -19.90
N THR HA 65 32.45 -51.29 -20.88
CA THR HA 65 32.25 -51.83 -22.22
C THR HA 65 33.59 -52.18 -22.84
N VAL HA 66 33.64 -53.29 -23.55
CA VAL HA 66 34.86 -53.71 -24.21
C VAL HA 66 34.99 -52.97 -25.53
N TYR HA 67 36.24 -52.74 -25.93
CA TYR HA 67 36.51 -52.04 -27.19
C TYR HA 67 35.95 -52.84 -28.36
N SER HA 68 35.24 -52.16 -29.25
CA SER HA 68 34.69 -52.82 -30.43
C SER HA 68 35.82 -53.09 -31.42
N ASN HA 69 35.46 -53.63 -32.58
CA ASN HA 69 36.46 -53.92 -33.60
C ASN HA 69 36.97 -52.62 -34.23
N SER HA 70 38.06 -52.75 -34.98
CA SER HA 70 38.67 -51.61 -35.66
C SER HA 70 37.98 -51.35 -37.00
N THR HA 71 37.69 -50.09 -37.28
CA THR HA 71 37.09 -49.68 -38.54
C THR HA 71 38.12 -49.13 -39.52
N ARG HA 72 39.39 -49.47 -39.33
CA ARG HA 72 40.43 -49.06 -40.28
C ARG HA 72 40.11 -49.54 -41.68
N GLU HA 73 39.72 -50.81 -41.82
CA GLU HA 73 39.40 -51.33 -43.14
C GLU HA 73 38.20 -50.63 -43.76
N GLU HA 74 37.16 -50.33 -42.96
CA GLU HA 74 36.01 -49.63 -43.51
C GLU HA 74 36.39 -48.25 -43.99
N VAL HA 75 37.16 -47.50 -43.21
CA VAL HA 75 37.51 -46.15 -43.63
C VAL HA 75 38.36 -46.20 -44.89
N PHE HA 76 39.27 -47.18 -44.98
CA PHE HA 76 40.07 -47.30 -46.20
C PHE HA 76 39.18 -47.63 -47.39
N LEU HA 77 38.23 -48.55 -47.22
CA LEU HA 77 37.48 -49.07 -48.35
C LEU HA 77 36.35 -48.16 -48.78
N THR HA 78 36.00 -47.16 -47.97
CA THR HA 78 34.97 -46.19 -48.35
C THR HA 78 35.53 -44.80 -48.67
N SER HA 79 36.45 -44.28 -47.85
CA SER HA 79 36.85 -42.89 -47.96
C SER HA 79 37.66 -42.66 -49.22
N THR HA 80 38.15 -41.43 -49.38
CA THR HA 80 38.97 -41.03 -50.53
C THR HA 80 40.09 -40.11 -50.04
N LEU HA 81 41.30 -40.64 -50.00
CA LEU HA 81 42.46 -39.79 -49.75
C LEU HA 81 42.65 -38.84 -50.91
N CYS HA 82 43.30 -37.71 -50.64
CA CYS HA 82 43.22 -36.66 -51.65
C CYS HA 82 44.34 -35.66 -51.43
N LEU HA 83 45.35 -35.69 -52.30
CA LEU HA 83 46.60 -34.96 -52.12
C LEU HA 83 46.62 -33.71 -52.97
N TYR HA 84 46.93 -32.57 -52.35
CA TYR HA 84 47.22 -31.33 -53.05
C TYR HA 84 48.71 -31.09 -53.03
N TYR HA 85 49.30 -30.79 -54.18
CA TYR HA 85 50.74 -30.65 -54.30
C TYR HA 85 51.05 -29.55 -55.30
N PRO HA 86 52.21 -28.90 -55.21
CA PRO HA 86 52.53 -27.83 -56.15
C PRO HA 86 52.95 -28.39 -57.51
N THR HA 87 52.93 -27.51 -58.51
CA THR HA 87 53.36 -27.92 -59.85
C THR HA 87 54.84 -28.26 -59.87
N GLU HA 88 55.65 -27.53 -59.11
CA GLU HA 88 57.09 -27.76 -59.17
C GLU HA 88 57.44 -29.15 -58.67
N ALA HA 89 56.56 -29.77 -57.88
CA ALA HA 89 56.74 -31.19 -57.56
C ALA HA 89 56.74 -32.04 -58.81
N SER HA 90 55.73 -31.87 -59.67
CA SER HA 90 55.71 -32.63 -60.92
C SER HA 90 56.89 -32.25 -61.80
N THR HA 91 57.25 -30.98 -61.81
CA THR HA 91 58.38 -30.55 -62.64
C THR HA 91 59.66 -31.24 -62.22
N GLN HA 92 59.93 -31.33 -60.91
CA GLN HA 92 61.09 -32.06 -60.44
C GLN HA 92 60.97 -33.54 -60.74
N ILE HA 93 59.77 -34.10 -60.59
CA ILE HA 93 59.59 -35.54 -60.78
C ILE HA 93 59.91 -35.92 -62.22
N SER HA 94 59.45 -35.13 -63.18
CA SER HA 94 59.72 -35.38 -64.59
C SER HA 94 59.21 -36.76 -65.01
N ASP HA 95 57.89 -36.91 -64.90
CA ASP HA 95 57.22 -38.18 -65.12
C ASP HA 95 55.81 -37.85 -65.61
N GLY HA 96 54.84 -38.71 -65.34
CA GLY HA 96 53.54 -38.62 -65.98
C GLY HA 96 52.82 -39.94 -66.02
N GLU HA 97 53.51 -41.01 -65.63
CA GLU HA 97 52.87 -42.19 -65.07
C GLU HA 97 52.87 -42.15 -63.55
N TRP HA 98 53.36 -41.06 -62.95
CA TRP HA 98 53.62 -41.10 -61.52
C TRP HA 98 52.36 -41.10 -60.69
N LYS HA 99 51.29 -40.45 -61.15
CA LYS HA 99 50.04 -40.53 -60.41
C LYS HA 99 49.49 -41.95 -60.44
N ASP HA 100 49.60 -42.62 -61.58
CA ASP HA 100 49.21 -44.03 -61.65
C ASP HA 100 50.04 -44.88 -60.70
N SER HA 101 51.35 -44.65 -60.68
CA SER HA 101 52.21 -45.43 -59.80
C SER HA 101 51.86 -45.18 -58.34
N LEU HA 102 51.57 -43.94 -57.98
CA LEU HA 102 51.21 -43.64 -56.60
C LEU HA 102 49.88 -44.31 -56.24
N SER HA 103 48.93 -44.35 -57.17
CA SER HA 103 47.69 -45.05 -56.88
C SER HA 103 47.96 -46.54 -56.65
N GLN HA 104 48.78 -47.14 -57.50
CA GLN HA 104 49.08 -48.56 -57.34
C GLN HA 104 49.83 -48.83 -56.05
N MET HA 105 50.60 -47.86 -55.57
CA MET HA 105 51.29 -48.02 -54.29
C MET HA 105 50.36 -47.85 -53.11
N PHE HA 106 49.38 -46.94 -53.23
CA PHE HA 106 48.36 -46.84 -52.19
C PHE HA 106 47.54 -48.11 -52.11
N LEU HA 107 47.39 -48.80 -53.25
CA LEU HA 107 46.54 -49.98 -53.29
C LEU HA 107 46.98 -51.03 -52.29
N ILE HA 108 48.30 -51.18 -52.07
CA ILE HA 108 48.74 -52.17 -51.09
C ILE HA 108 48.54 -51.63 -49.69
N LYS HA 109 48.66 -50.33 -49.49
CA LYS HA 109 48.43 -49.77 -48.17
C LYS HA 109 46.99 -49.99 -47.74
N GLY HA 110 46.07 -50.05 -48.69
CA GLY HA 110 44.73 -50.51 -48.42
C GLY HA 110 43.64 -49.78 -49.18
N TRP HA 111 43.98 -48.69 -49.80
CA TRP HA 111 42.96 -47.91 -50.48
C TRP HA 111 42.55 -48.59 -51.78
N PRO HA 112 41.27 -48.73 -52.09
CA PRO HA 112 40.91 -49.20 -53.43
C PRO HA 112 41.39 -48.21 -54.49
N THR HA 113 41.45 -48.69 -55.73
CA THR HA 113 42.15 -47.94 -56.78
C THR HA 113 41.52 -46.57 -56.99
N GLY HA 114 40.22 -46.51 -57.19
CA GLY HA 114 39.59 -45.26 -57.55
C GLY HA 114 39.24 -44.38 -56.37
N SER HA 115 40.14 -44.29 -55.38
CA SER HA 115 39.91 -43.53 -54.17
C SER HA 115 40.87 -42.37 -54.00
N VAL HA 116 42.18 -42.62 -54.10
CA VAL HA 116 43.16 -41.57 -53.93
C VAL HA 116 43.12 -40.64 -55.13
N TYR HA 117 43.05 -39.34 -54.87
CA TYR HA 117 43.00 -38.33 -55.93
C TYR HA 117 44.16 -37.34 -55.78
N PHE HA 118 44.54 -36.75 -56.90
CA PHE HA 118 45.66 -35.81 -56.96
C PHE HA 118 45.17 -34.50 -57.57
N LYS HA 119 45.29 -33.41 -56.82
CA LYS HA 119 44.83 -32.09 -57.22
C LYS HA 119 46.02 -31.14 -57.24
N GLU HA 120 46.67 -31.05 -58.39
CA GLU HA 120 47.74 -30.11 -58.59
C GLU HA 120 47.25 -28.69 -58.39
N TYR HA 121 48.09 -27.85 -57.78
CA TYR HA 121 47.82 -26.42 -57.66
C TYR HA 121 49.08 -25.65 -58.03
N SER HA 122 48.88 -24.45 -58.57
CA SER HA 122 49.98 -23.69 -59.16
C SER HA 122 51.05 -23.36 -58.11
N ASN HA 123 50.71 -22.55 -57.13
CA ASN HA 123 51.62 -22.24 -56.04
C ASN HA 123 50.81 -21.86 -54.82
N ILE HA 124 51.50 -21.57 -53.73
CA ILE HA 124 50.82 -21.44 -52.43
C ILE HA 124 49.90 -20.22 -52.43
N VAL HA 125 50.42 -19.06 -52.84
CA VAL HA 125 49.63 -17.84 -52.73
C VAL HA 125 48.46 -17.88 -53.72
N ASP HA 126 48.70 -18.42 -54.91
CA ASP HA 126 47.65 -18.45 -55.92
C ASP HA 126 46.60 -19.52 -55.61
N PHE HA 127 46.98 -20.56 -54.87
CA PHE HA 127 46.00 -21.52 -54.36
C PHE HA 127 45.25 -20.97 -53.16
N SER HA 128 45.82 -20.01 -52.45
CA SER HA 128 45.15 -19.46 -51.28
C SER HA 128 43.83 -18.78 -51.63
N VAL HA 129 43.59 -18.44 -52.90
CA VAL HA 129 42.34 -17.81 -53.28
C VAL HA 129 41.28 -18.88 -53.47
N ASP HA 130 40.19 -18.77 -52.71
CA ASP HA 130 39.07 -19.71 -52.69
C ASP HA 130 39.54 -21.17 -52.74
N PRO HA 131 40.39 -21.60 -51.81
CA PRO HA 131 40.83 -22.99 -51.82
C PRO HA 131 39.65 -23.90 -51.56
N GLN HA 132 39.52 -24.93 -52.39
CA GLN HA 132 38.38 -25.82 -52.36
C GLN HA 132 38.82 -27.19 -51.87
N LEU HA 133 38.13 -27.68 -50.85
CA LEU HA 133 38.40 -28.99 -50.26
C LEU HA 133 37.39 -29.93 -50.90
N TYR HA 134 37.75 -30.48 -52.06
CA TYR HA 134 36.81 -31.18 -52.91
C TYR HA 134 36.26 -32.44 -52.28
N CYS HA 135 36.87 -32.93 -51.22
CA CYS HA 135 37.31 -34.31 -51.27
C CYS HA 135 37.48 -34.83 -49.84
N ASP HA 136 37.45 -36.14 -49.69
CA ASP HA 136 37.11 -36.73 -48.39
C ASP HA 136 38.18 -36.55 -47.31
N TYR HA 137 39.34 -37.15 -47.48
CA TYR HA 137 40.48 -36.92 -46.58
C TYR HA 137 41.47 -36.03 -47.32
N ASN HA 138 41.72 -34.85 -46.80
CA ASN HA 138 42.50 -33.86 -47.54
C ASN HA 138 43.90 -33.74 -46.95
N LEU HA 139 44.91 -33.84 -47.80
CA LEU HA 139 46.28 -33.50 -47.44
C LEU HA 139 46.76 -32.39 -48.35
N VAL HA 140 47.49 -31.44 -47.78
CA VAL HA 140 47.96 -30.28 -48.51
C VAL HA 140 49.46 -30.17 -48.31
N LEU HA 141 50.24 -30.73 -49.24
CA LEU HA 141 51.66 -30.45 -49.28
C LEU HA 141 51.84 -28.95 -49.49
N MET HA 142 52.69 -28.33 -48.70
CA MET HA 142 52.83 -26.88 -48.73
C MET HA 142 54.30 -26.55 -48.56
N LYS HA 143 54.94 -26.11 -49.63
CA LYS HA 143 56.39 -25.89 -49.62
C LYS HA 143 56.70 -24.58 -48.93
N TYR HA 144 57.58 -24.62 -47.94
CA TYR HA 144 57.97 -23.43 -47.21
C TYR HA 144 59.07 -22.69 -47.96
N ASP HA 145 58.95 -21.36 -47.97
CA ASP HA 145 60.05 -20.51 -48.38
C ASP HA 145 59.90 -19.18 -47.65
N GLN HA 146 61.01 -18.48 -47.52
CA GLN HA 146 61.01 -17.25 -46.74
C GLN HA 146 60.08 -16.22 -47.38
N SER HA 147 59.48 -15.37 -46.54
CA SER HA 147 58.58 -14.29 -46.89
C SER HA 147 57.17 -14.79 -47.18
N LEU HA 148 56.94 -16.09 -47.26
CA LEU HA 148 55.61 -16.66 -47.44
C LEU HA 148 55.04 -17.18 -46.13
N GLU HA 149 55.63 -16.80 -45.01
CA GLU HA 149 55.18 -17.28 -43.70
C GLU HA 149 53.73 -16.87 -43.45
N LEU HA 150 53.43 -15.59 -43.63
CA LEU HA 150 52.09 -15.12 -43.31
C LEU HA 150 51.06 -15.72 -44.26
N ASP HA 151 51.41 -15.87 -45.53
CA ASP HA 151 50.45 -16.42 -46.47
C ASP HA 151 50.21 -17.91 -46.21
N MET HA 152 51.26 -18.65 -45.85
CA MET HA 152 51.07 -20.03 -45.44
C MET HA 152 50.20 -20.11 -44.19
N SER HA 153 50.44 -19.23 -43.23
CA SER HA 153 49.61 -19.22 -42.03
C SER HA 153 48.16 -18.88 -42.35
N GLU HA 154 47.96 -17.91 -43.24
CA GLU HA 154 46.60 -17.52 -43.61
C GLU HA 154 45.88 -18.69 -44.26
N LEU HA 155 46.54 -19.38 -45.19
CA LEU HA 155 45.89 -20.52 -45.83
C LEU HA 155 45.61 -21.62 -44.81
N ALA HA 156 46.58 -21.92 -43.95
CA ALA HA 156 46.40 -22.99 -42.98
C ALA HA 156 45.25 -22.68 -42.05
N ASP HA 157 45.16 -21.43 -41.59
CA ASP HA 157 44.04 -21.03 -40.75
C ASP HA 157 42.73 -21.14 -41.51
N LEU HA 158 42.74 -20.81 -42.81
CA LEU HA 158 41.52 -20.87 -43.59
C LEU HA 158 41.01 -22.30 -43.71
N ILE HA 159 41.91 -23.24 -43.97
CA ILE HA 159 41.47 -24.59 -44.28
C ILE HA 159 41.32 -25.47 -43.04
N LEU HA 160 42.15 -25.27 -42.02
CA LEU HA 160 42.09 -26.11 -40.82
C LEU HA 160 40.90 -25.79 -39.94
N ASN HA 161 40.14 -24.74 -40.22
CA ASN HA 161 39.05 -24.31 -39.38
C ASN HA 161 37.79 -24.10 -40.21
N GLU HA 162 36.64 -24.36 -39.61
CA GLU HA 162 35.35 -24.23 -40.28
C GLU HA 162 34.87 -22.80 -40.12
N TRP HA 163 34.94 -22.02 -41.18
CA TRP HA 163 34.53 -20.62 -41.16
C TRP HA 163 33.12 -20.48 -41.68
N LEU HA 164 32.38 -19.54 -41.10
CA LEU HA 164 31.01 -19.24 -41.49
C LEU HA 164 30.97 -17.79 -41.96
N CYS HA 165 30.76 -17.59 -43.25
CA CYS HA 165 31.01 -16.31 -43.91
C CYS HA 165 29.73 -15.69 -44.41
N ASN HA 166 29.52 -14.41 -44.08
CA ASN HA 166 28.44 -13.59 -44.58
C ASN HA 166 28.97 -12.58 -45.59
N PRO HA 167 28.13 -12.10 -46.51
CA PRO HA 167 28.60 -11.10 -47.46
C PRO HA 167 28.87 -9.78 -46.77
N MET HA 168 29.70 -8.96 -47.42
CA MET HA 168 30.02 -7.63 -46.95
C MET HA 168 29.81 -6.65 -48.09
N ASP HA 169 28.85 -5.76 -47.92
CA ASP HA 169 28.59 -4.67 -48.86
C ASP HA 169 29.55 -3.53 -48.51
N ILE HA 170 30.67 -3.45 -49.22
CA ILE HA 170 31.66 -2.44 -48.90
C ILE HA 170 31.11 -1.05 -49.15
N THR HA 171 30.35 -0.88 -50.22
CA THR HA 171 29.93 0.47 -50.61
C THR HA 171 28.92 1.05 -49.65
N LEU HA 172 27.96 0.25 -49.17
CA LEU HA 172 26.81 0.81 -48.48
C LEU HA 172 27.00 0.88 -46.96
N TYR HA 173 27.40 -0.21 -46.32
CA TYR HA 173 27.45 -0.28 -44.88
C TYR HA 173 28.89 -0.28 -44.38
N TYR HA 174 29.06 0.24 -43.17
CA TYR HA 174 30.32 0.15 -42.43
C TYR HA 174 30.20 -1.00 -41.45
N TYR HA 175 31.21 -1.86 -41.42
CA TYR HA 175 31.12 -3.13 -40.73
C TYR HA 175 31.96 -3.09 -39.45
N GLN HA 176 31.66 -4.05 -38.59
CA GLN HA 176 32.22 -4.11 -37.24
C GLN HA 176 32.51 -5.56 -36.92
N GLN HA 177 33.57 -5.79 -36.16
CA GLN HA 177 34.01 -7.13 -35.81
C GLN HA 177 33.41 -7.51 -34.46
N SER HA 178 32.68 -8.62 -34.44
CA SER HA 178 31.85 -8.95 -33.28
C SER HA 178 32.70 -9.38 -32.09
N GLY HA 179 33.67 -10.25 -32.31
CA GLY HA 179 34.43 -10.78 -31.20
C GLY HA 179 35.73 -11.41 -31.68
N GLU HA 180 36.38 -12.13 -30.78
CA GLU HA 180 37.66 -12.74 -31.11
C GLU HA 180 37.53 -13.75 -32.23
N SER HA 181 36.36 -14.36 -32.39
CA SER HA 181 36.15 -15.39 -33.40
C SER HA 181 35.91 -14.81 -34.78
N ASN HA 182 35.65 -13.52 -34.90
CA ASN HA 182 35.29 -12.89 -36.16
C ASN HA 182 36.53 -12.34 -36.83
N LYS HA 183 36.59 -12.47 -38.16
CA LYS HA 183 37.63 -11.88 -38.98
C LYS HA 183 37.00 -11.44 -40.28
N TRP HA 184 37.79 -10.78 -41.13
CA TRP HA 184 37.36 -10.47 -42.48
C TRP HA 184 38.30 -11.18 -43.44
N ILE HA 185 37.74 -12.01 -44.30
CA ILE HA 185 38.50 -12.80 -45.26
C ILE HA 185 38.30 -12.19 -46.62
N SER HA 186 39.38 -11.69 -47.23
CA SER HA 186 39.34 -11.16 -48.58
C SER HA 186 40.07 -12.11 -49.50
N MET HA 187 39.43 -12.48 -50.61
CA MET HA 187 39.99 -13.37 -51.61
C MET HA 187 39.86 -12.74 -52.98
N GLY HA 188 40.88 -12.91 -53.80
CA GLY HA 188 40.81 -12.40 -55.15
C GLY HA 188 42.17 -12.43 -55.82
N SER HA 189 42.18 -11.94 -57.06
CA SER HA 189 43.43 -11.87 -57.80
C SER HA 189 44.39 -10.86 -57.18
N SER HA 190 43.85 -9.74 -56.68
CA SER HA 190 44.70 -8.71 -56.08
C SER HA 190 43.83 -7.91 -55.11
N CYS HA 191 43.98 -8.21 -53.82
CA CYS HA 191 43.25 -7.53 -52.78
C CYS HA 191 44.12 -6.44 -52.16
N THR HA 192 43.50 -5.32 -51.82
CA THR HA 192 44.15 -4.25 -51.07
C THR HA 192 43.12 -3.72 -50.08
N VAL HA 193 43.09 -4.32 -48.90
CA VAL HA 193 42.11 -3.98 -47.86
C VAL HA 193 42.60 -2.69 -47.22
N LYS HA 194 41.97 -1.56 -47.51
CA LYS HA 194 42.33 -0.29 -46.91
C LYS HA 194 41.20 0.13 -45.97
N VAL HA 195 41.46 0.17 -44.68
CA VAL HA 195 40.42 0.39 -43.68
C VAL HA 195 40.59 1.78 -43.10
N CYS HA 196 39.47 2.35 -42.64
CA CYS HA 196 39.44 3.64 -41.97
C CYS HA 196 38.45 3.54 -40.80
N PRO HA 197 38.90 3.61 -39.55
CA PRO HA 197 37.95 3.51 -38.44
C PRO HA 197 37.29 4.83 -38.13
N LEU HA 198 36.03 4.76 -37.71
CA LEU HA 198 35.16 5.92 -37.64
C LEU HA 198 34.75 6.22 -36.20
N ASN HA 199 34.23 7.43 -36.00
CA ASN HA 199 33.74 7.88 -34.70
C ASN HA 199 32.35 7.28 -34.45
N THR HA 200 31.69 7.77 -33.41
CA THR HA 200 30.26 7.65 -33.30
C THR HA 200 29.53 8.61 -34.24
N GLN HA 201 30.21 9.66 -34.69
CA GLN HA 201 29.69 10.54 -35.72
C GLN HA 201 29.93 10.00 -37.12
N THR HA 202 30.56 8.83 -37.24
CA THR HA 202 30.81 8.20 -38.54
C THR HA 202 31.76 9.06 -39.36
N LEU HA 203 32.82 9.54 -38.73
CA LEU HA 203 33.91 10.25 -39.38
C LEU HA 203 35.22 9.59 -38.98
N GLY HA 204 36.13 9.44 -39.93
CA GLY HA 204 37.32 8.67 -39.68
C GLY HA 204 38.26 9.34 -38.69
N ILE HA 205 39.02 8.51 -37.98
CA ILE HA 205 40.12 8.96 -37.12
C ILE HA 205 41.42 8.53 -37.78
N GLY HA 206 42.35 9.47 -37.90
CA GLY HA 206 43.58 9.19 -38.61
C GLY HA 206 43.39 8.97 -40.10
N CYS HA 207 42.22 9.28 -40.63
CA CYS HA 207 41.92 9.11 -42.05
C CYS HA 207 40.62 9.80 -42.37
N GLN HA 208 40.62 10.68 -43.38
CA GLN HA 208 39.37 11.25 -43.84
C GLN HA 208 38.52 10.15 -44.47
N THR HA 209 37.22 10.16 -44.16
CA THR HA 209 36.35 9.08 -44.63
C THR HA 209 36.25 9.05 -46.15
N THR HA 210 36.62 10.13 -46.83
CA THR HA 210 36.52 10.22 -48.28
C THR HA 210 37.85 10.13 -48.99
N ASN HA 211 38.95 10.50 -48.34
CA ASN HA 211 40.26 10.48 -48.98
C ASN HA 211 40.88 9.10 -48.79
N VAL HA 212 40.85 8.29 -49.84
CA VAL HA 212 41.31 6.92 -49.74
C VAL HA 212 42.82 6.83 -49.55
N ASP HA 213 43.55 7.90 -49.84
CA ASP HA 213 44.99 7.85 -49.67
C ASP HA 213 45.42 7.99 -48.21
N SER HA 214 44.53 8.41 -47.33
CA SER HA 214 44.80 8.45 -45.90
C SER HA 214 44.42 7.17 -45.18
N PHE HA 215 43.79 6.23 -45.87
CA PHE HA 215 43.37 4.98 -45.26
C PHE HA 215 44.59 4.18 -44.82
N GLU HA 216 44.35 3.23 -43.93
CA GLU HA 216 45.40 2.39 -43.35
C GLU HA 216 45.41 1.08 -44.11
N THR HA 217 46.51 0.81 -44.80
CA THR HA 217 46.62 -0.41 -45.60
C THR HA 217 47.02 -1.57 -44.70
N VAL HA 218 46.10 -2.51 -44.50
CA VAL HA 218 46.37 -3.67 -43.65
C VAL HA 218 46.88 -4.87 -44.45
N ALA HA 219 46.64 -4.91 -45.74
CA ALA HA 219 47.16 -6.00 -46.57
C ALA HA 219 47.03 -5.58 -48.02
N GLU HA 220 48.15 -5.52 -48.74
CA GLU HA 220 48.19 -5.01 -50.11
C GLU HA 220 48.70 -6.07 -51.07
N ASN HA 221 48.01 -6.18 -52.21
CA ASN HA 221 48.39 -7.10 -53.28
C ASN HA 221 48.46 -8.54 -52.80
N GLU HA 222 47.56 -8.93 -51.91
CA GLU HA 222 47.49 -10.29 -51.42
C GLU HA 222 46.35 -11.04 -52.08
N LYS HA 223 46.62 -12.29 -52.47
CA LYS HA 223 45.55 -13.14 -52.96
C LYS HA 223 44.53 -13.44 -51.88
N LEU HA 224 45.01 -13.74 -50.68
CA LEU HA 224 44.18 -13.99 -49.51
C LEU HA 224 44.64 -13.10 -48.39
N ALA HA 225 43.67 -12.57 -47.63
CA ALA HA 225 44.00 -11.75 -46.46
C ALA HA 225 42.97 -11.99 -45.39
N ILE HA 226 43.40 -12.50 -44.24
CA ILE HA 226 42.54 -12.64 -43.07
C ILE HA 226 42.88 -11.46 -42.17
N VAL HA 227 42.15 -10.37 -42.32
CA VAL HA 227 42.42 -9.15 -41.58
C VAL HA 227 41.57 -9.12 -40.31
N ASP HA 228 42.24 -8.87 -39.19
CA ASP HA 228 41.59 -8.59 -37.92
C ASP HA 228 41.77 -7.11 -37.62
N VAL HA 229 40.67 -6.46 -37.27
CA VAL HA 229 40.66 -5.08 -36.86
C VAL HA 229 40.05 -5.03 -35.46
N VAL HA 230 40.21 -3.88 -34.80
CA VAL HA 230 39.82 -3.78 -33.40
C VAL HA 230 38.33 -4.05 -33.27
N ASP HA 231 38.00 -5.03 -32.45
CA ASP HA 231 36.61 -5.48 -32.33
C ASP HA 231 35.87 -4.45 -31.49
N GLY HA 232 35.03 -3.65 -32.14
CA GLY HA 232 34.31 -2.59 -31.46
C GLY HA 232 34.12 -1.34 -32.30
N ILE HA 233 34.89 -1.21 -33.36
CA ILE HA 233 34.92 0.01 -34.16
C ILE HA 233 34.09 -0.20 -35.41
N ASN HA 234 33.60 0.89 -35.97
CA ASN HA 234 32.95 0.90 -37.28
C ASN HA 234 34.00 1.30 -38.30
N HIS HA 235 34.35 0.37 -39.18
CA HIS HA 235 35.35 0.62 -40.21
C HIS HA 235 34.68 0.82 -41.56
N LYS HA 236 35.22 1.74 -42.36
CA LYS HA 236 34.92 1.77 -43.78
C LYS HA 236 36.07 1.13 -44.53
N ILE HA 237 35.74 0.44 -45.62
CA ILE HA 237 36.70 -0.35 -46.37
C ILE HA 237 36.76 0.19 -47.78
N ASN HA 238 37.98 0.28 -48.32
CA ASN HA 238 38.20 0.48 -49.74
C ASN HA 238 38.93 -0.74 -50.26
N LEU HA 239 38.29 -1.46 -51.17
CA LEU HA 239 38.86 -2.69 -51.72
C LEU HA 239 38.31 -2.89 -53.13
N THR HA 240 38.99 -2.31 -54.12
CA THR HA 240 39.21 -2.91 -55.44
C THR HA 240 38.11 -3.87 -55.86
N THR HA 241 36.85 -3.45 -55.79
CA THR HA 241 35.75 -4.40 -55.77
C THR HA 241 35.65 -5.23 -57.03
N THR HA 242 36.30 -4.82 -58.11
CA THR HA 242 36.24 -5.61 -59.34
C THR HA 242 37.01 -6.92 -59.20
N THR HA 243 38.10 -6.92 -58.42
CA THR HA 243 39.07 -8.02 -58.44
C THR HA 243 39.24 -8.73 -57.11
N CYS HA 244 38.48 -8.39 -56.08
CA CYS HA 244 38.59 -9.07 -54.80
C CYS HA 244 37.30 -8.91 -54.01
N THR HA 245 36.85 -10.01 -53.41
CA THR HA 245 35.63 -10.03 -52.60
C THR HA 245 35.98 -10.32 -51.16
N ILE HA 246 35.33 -9.60 -50.25
CA ILE HA 246 35.59 -9.70 -48.82
C ILE HA 246 34.34 -10.24 -48.15
N ARG HA 247 34.56 -11.03 -47.09
CA ARG HA 247 33.48 -11.68 -46.36
C ARG HA 247 33.70 -11.52 -44.87
N ASN HA 248 32.60 -11.38 -44.15
CA ASN HA 248 32.62 -11.27 -42.69
C ASN HA 248 32.46 -12.67 -42.13
N CYS HA 249 33.55 -13.25 -41.63
CA CYS HA 249 33.59 -14.68 -41.34
C CYS HA 249 33.83 -14.93 -39.86
N LYS HA 250 32.90 -15.63 -39.24
CA LYS HA 250 33.14 -16.22 -37.93
C LYS HA 250 33.99 -17.48 -38.08
N LYS HA 251 34.69 -17.84 -37.02
CA LYS HA 251 35.51 -19.04 -36.98
C LYS HA 251 34.84 -20.05 -36.06
N LEU HA 252 34.22 -21.07 -36.64
CA LEU HA 252 33.62 -22.14 -35.84
C LEU HA 252 34.73 -23.09 -35.42
N GLY HA 253 34.34 -24.29 -34.97
CA GLY HA 253 35.29 -25.29 -34.56
C GLY HA 253 36.24 -25.70 -35.67
N PRO HA 254 37.09 -26.67 -35.42
CA PRO HA 254 38.15 -26.99 -36.36
C PRO HA 254 37.72 -28.00 -37.41
N ARG HA 255 38.04 -27.72 -38.66
CA ARG HA 255 37.79 -28.67 -39.75
C ARG HA 255 38.84 -29.76 -39.66
N GLU HA 256 38.49 -30.89 -39.05
CA GLU HA 256 39.43 -31.98 -38.85
C GLU HA 256 39.38 -32.98 -40.00
N ASN HA 257 39.11 -32.50 -41.21
CA ASN HA 257 39.16 -33.28 -42.43
C ASN HA 257 40.43 -33.07 -43.23
N VAL HA 258 41.18 -32.01 -42.92
CA VAL HA 258 42.32 -31.57 -43.71
C VAL HA 258 43.55 -31.66 -42.83
N ALA HA 259 44.67 -32.00 -43.45
CA ALA HA 259 45.99 -31.94 -42.83
C ALA HA 259 46.90 -31.19 -43.77
N VAL HA 260 47.78 -30.37 -43.20
CA VAL HA 260 48.69 -29.54 -43.99
C VAL HA 260 50.10 -29.96 -43.63
N ILE HA 261 50.90 -30.28 -44.65
CA ILE HA 261 52.24 -30.82 -44.49
C ILE HA 261 53.21 -29.73 -44.94
N GLN HA 262 53.80 -29.03 -43.97
CA GLN HA 262 54.86 -28.08 -44.26
C GLN HA 262 56.07 -28.86 -44.74
N VAL HA 263 56.41 -28.68 -46.01
CA VAL HA 263 57.44 -29.52 -46.61
C VAL HA 263 58.84 -29.01 -46.30
N GLY HA 264 59.00 -27.74 -45.94
CA GLY HA 264 60.32 -27.17 -45.80
C GLY HA 264 60.80 -26.94 -44.38
N GLY HA 265 60.68 -25.70 -43.90
CA GLY HA 265 61.50 -25.23 -42.80
C GLY HA 265 60.97 -25.50 -41.42
N ALA HA 266 60.97 -24.46 -40.58
CA ALA HA 266 60.69 -24.61 -39.16
C ALA HA 266 59.22 -24.42 -38.87
N ASN HA 267 58.83 -24.75 -37.65
CA ASN HA 267 57.45 -24.59 -37.21
C ASN HA 267 57.14 -23.10 -37.16
N ILE HA 268 56.32 -22.63 -38.11
CA ILE HA 268 55.98 -21.21 -38.20
C ILE HA 268 54.49 -20.96 -38.24
N LEU HA 269 53.68 -21.96 -38.54
CA LEU HA 269 52.26 -21.73 -38.80
C LEU HA 269 51.57 -21.34 -37.50
N ASP HA 270 51.13 -20.09 -37.42
CA ASP HA 270 50.32 -19.58 -36.32
C ASP HA 270 48.88 -19.57 -36.81
N ILE HA 271 48.15 -20.66 -36.56
CA ILE HA 271 46.79 -20.73 -37.05
C ILE HA 271 45.88 -19.77 -36.29
N THR HA 272 46.18 -19.49 -35.02
CA THR HA 272 45.35 -18.65 -34.18
C THR HA 272 45.91 -17.24 -34.18
N ALA HA 273 45.10 -16.28 -34.63
CA ALA HA 273 45.56 -14.91 -34.77
C ALA HA 273 45.86 -14.25 -33.43
N ASP HA 274 45.38 -14.82 -32.34
CA ASP HA 274 45.77 -14.35 -31.02
C ASP HA 274 47.29 -14.44 -30.90
N PRO HA 275 47.98 -13.39 -30.44
CA PRO HA 275 49.44 -13.49 -30.33
C PRO HA 275 49.91 -14.29 -29.14
N THR HA 276 49.10 -14.41 -28.08
CA THR HA 276 49.54 -15.13 -26.89
C THR HA 276 49.64 -16.62 -27.17
N THR HA 277 48.61 -17.19 -27.79
CA THR HA 277 48.52 -18.63 -27.98
C THR HA 277 49.07 -19.02 -29.35
N ASN HA 278 49.85 -20.10 -29.37
CA ASN HA 278 50.41 -20.65 -30.59
C ASN HA 278 50.37 -22.16 -30.50
N PRO HA 279 49.17 -22.75 -30.49
CA PRO HA 279 49.08 -24.19 -30.33
C PRO HA 279 49.60 -24.92 -31.56
N GLN HA 280 50.19 -26.08 -31.33
CA GLN HA 280 50.66 -26.97 -32.39
C GLN HA 280 49.61 -28.06 -32.54
N ILE HA 281 48.75 -27.92 -33.56
CA ILE HA 281 47.70 -28.90 -33.76
C ILE HA 281 48.32 -30.21 -34.25
N GLU HA 282 47.61 -31.30 -34.01
CA GLU HA 282 48.08 -32.60 -34.45
C GLU HA 282 48.21 -32.67 -35.97
N ARG HA 283 47.46 -31.83 -36.69
CA ARG HA 283 47.43 -31.85 -38.14
C ARG HA 283 48.44 -30.89 -38.78
N MET HA 284 49.27 -30.21 -37.99
CA MET HA 284 50.35 -29.38 -38.53
C MET HA 284 51.53 -30.29 -38.84
N MET HA 285 51.36 -31.09 -39.88
CA MET HA 285 52.40 -32.03 -40.24
C MET HA 285 53.61 -31.27 -40.77
N ARG HA 286 54.78 -31.86 -40.63
CA ARG HA 286 55.99 -31.22 -41.14
C ARG HA 286 57.02 -32.27 -41.53
N VAL HA 287 57.70 -32.03 -42.65
CA VAL HA 287 58.76 -32.90 -43.13
C VAL HA 287 59.95 -32.06 -43.56
N ASN HA 288 61.13 -32.63 -43.44
CA ASN HA 288 62.35 -32.10 -44.03
C ASN HA 288 62.57 -32.82 -45.35
N TRP HA 289 62.78 -32.06 -46.42
CA TRP HA 289 62.76 -32.60 -47.77
C TRP HA 289 63.98 -32.17 -48.56
N LYS HA 290 64.34 -32.99 -49.51
CA LYS HA 290 65.17 -32.59 -50.63
C LYS HA 290 64.58 -33.02 -51.97
N ARG HA 291 63.95 -34.19 -52.03
CA ARG HA 291 63.40 -34.75 -53.26
C ARG HA 291 61.91 -35.03 -53.11
N TRP HA 292 61.13 -34.58 -54.08
CA TRP HA 292 59.69 -34.75 -54.00
C TRP HA 292 59.29 -36.22 -54.06
N TRP HA 293 60.06 -37.05 -54.76
CA TRP HA 293 59.78 -38.48 -54.73
C TRP HA 293 59.92 -39.01 -53.32
N GLN HA 294 60.95 -38.59 -52.59
CA GLN HA 294 61.10 -39.05 -51.23
C GLN HA 294 59.96 -38.57 -50.36
N VAL HA 295 59.51 -37.33 -50.58
CA VAL HA 295 58.37 -36.82 -49.81
C VAL HA 295 57.12 -37.66 -50.06
N PHE HA 296 56.85 -37.96 -51.33
CA PHE HA 296 55.65 -38.71 -51.66
C PHE HA 296 55.72 -40.13 -51.14
N TYR HA 297 56.89 -40.77 -51.22
CA TYR HA 297 57.02 -42.10 -50.64
C TYR HA 297 56.81 -42.05 -49.13
N THR HA 298 57.32 -41.01 -48.48
CA THR HA 298 57.13 -40.89 -47.03
C THR HA 298 55.65 -40.80 -46.70
N ILE HA 299 54.92 -39.96 -47.43
CA ILE HA 299 53.48 -39.82 -47.18
C ILE HA 299 52.77 -41.14 -47.43
N VAL HA 300 53.09 -41.80 -48.54
CA VAL HA 300 52.41 -43.05 -48.87
C VAL HA 300 52.69 -44.09 -47.80
N ASP HA 301 53.94 -44.18 -47.35
CA ASP HA 301 54.29 -45.17 -46.35
C ASP HA 301 53.54 -44.91 -45.04
N TYR HA 302 53.51 -43.66 -44.61
CA TYR HA 302 52.91 -43.30 -43.33
C TYR HA 302 51.51 -42.74 -43.50
N ILE HA 303 50.78 -43.19 -44.51
CA ILE HA 303 49.43 -42.66 -44.72
C ILE HA 303 48.48 -43.08 -43.61
N ASN HA 304 48.63 -44.29 -43.10
CA ASN HA 304 47.71 -44.75 -42.06
C ASN HA 304 47.76 -43.84 -40.84
N GLN HA 305 48.96 -43.42 -40.44
CA GLN HA 305 49.09 -42.52 -39.31
C GLN HA 305 48.42 -41.18 -39.59
N ILE HA 306 48.54 -40.68 -40.82
CA ILE HA 306 47.95 -39.39 -41.15
C ILE HA 306 46.43 -39.45 -41.04
N VAL HA 307 45.84 -40.52 -41.59
CA VAL HA 307 44.40 -40.66 -41.48
C VAL HA 307 43.99 -40.83 -40.03
N GLN HA 308 44.80 -41.51 -39.24
CA GLN HA 308 44.51 -41.61 -37.81
C GLN HA 308 44.49 -40.22 -37.17
N VAL HA 309 45.39 -39.34 -37.61
CA VAL HA 309 45.36 -37.97 -37.10
C VAL HA 309 44.06 -37.28 -37.51
N MET HA 310 43.64 -37.46 -38.75
CA MET HA 310 42.45 -36.78 -39.25
C MET HA 310 41.19 -37.53 -38.87
N SER HA 311 40.04 -36.94 -39.19
CA SER HA 311 38.74 -37.56 -38.94
C SER HA 311 37.82 -37.25 -40.11
N LYS HA 312 37.30 -38.29 -40.74
CA LYS HA 312 36.48 -38.13 -41.93
C LYS HA 312 35.18 -37.38 -41.62
N ARG HA 313 34.67 -37.49 -40.39
CA ARG HA 313 33.29 -37.11 -40.13
C ARG HA 313 33.02 -35.65 -40.39
N SER HA 314 34.01 -34.79 -40.19
CA SER HA 314 33.81 -33.34 -40.35
C SER HA 314 33.97 -32.94 -41.81
N ARG HA 315 33.10 -33.51 -42.65
CA ARG HA 315 33.10 -33.27 -44.09
C ARG HA 315 31.84 -32.51 -44.46
N SER HA 316 31.98 -31.51 -45.33
CA SER HA 316 30.88 -30.65 -45.73
C SER HA 316 30.32 -31.08 -47.08
N LEU HA 317 29.08 -30.66 -47.35
CA LEU HA 317 28.49 -30.95 -48.66
C LEU HA 317 29.24 -30.24 -49.77
N ASN HA 318 29.42 -28.92 -49.63
CA ASN HA 318 30.10 -28.17 -50.67
C ASN HA 318 31.60 -28.38 -50.59
N SER HA 319 32.25 -28.23 -51.74
CA SER HA 319 33.70 -28.29 -51.79
C SER HA 319 34.35 -27.08 -51.12
N ALA HA 320 33.61 -25.98 -50.96
CA ALA HA 320 34.20 -24.74 -50.50
C ALA HA 320 34.73 -24.87 -49.09
N ALA HA 321 35.70 -24.05 -48.76
CA ALA HA 321 36.36 -24.09 -47.47
C ALA HA 321 35.61 -23.31 -46.39
N PHE HA 322 34.47 -22.70 -46.71
CA PHE HA 322 33.69 -21.98 -45.73
C PHE HA 322 32.21 -22.13 -46.06
N TYR HA 323 31.37 -21.92 -45.06
CA TYR HA 323 29.93 -21.99 -45.20
C TYR HA 323 29.39 -20.60 -45.49
N TYR HA 324 28.90 -20.39 -46.71
CA TYR HA 324 28.32 -19.11 -47.05
C TYR HA 324 26.89 -19.03 -46.54
N ARG HA 325 26.58 -17.95 -45.83
CA ARG HA 325 25.34 -17.85 -45.06
C ARG HA 325 24.70 -16.48 -45.26
N VAL HA 326 24.46 -16.12 -46.52
CA VAL HA 326 23.75 -14.88 -46.88
C VAL HA 326 22.59 -14.55 -45.95
N GLN IA 51 51.86 -4.26 8.24
CA GLN IA 51 52.90 -4.20 7.22
C GLN IA 51 54.25 -4.42 7.86
N ASN IA 52 54.81 -5.59 7.59
CA ASN IA 52 55.92 -6.16 8.34
C ASN IA 52 57.10 -6.46 7.43
N TYR IA 53 57.53 -5.45 6.67
CA TYR IA 53 58.44 -5.64 5.54
C TYR IA 53 59.74 -6.31 5.97
N GLY IA 54 60.49 -6.74 4.97
CA GLY IA 54 61.83 -7.25 5.16
C GLY IA 54 61.91 -8.51 5.99
N LEU IA 55 61.06 -9.48 5.72
CA LEU IA 55 61.08 -10.71 6.51
C LEU IA 55 60.25 -11.77 5.79
N ASN IA 56 60.79 -12.98 5.72
CA ASN IA 56 60.10 -14.11 5.10
C ASN IA 56 59.23 -14.77 6.17
N ILE IA 57 57.92 -14.57 6.06
CA ILE IA 57 56.97 -15.03 7.07
C ILE IA 57 55.86 -15.78 6.34
N PRO IA 58 55.50 -17.00 6.75
CA PRO IA 58 54.64 -17.83 5.91
C PRO IA 58 53.20 -17.35 5.92
N ILE IA 59 52.47 -17.75 4.88
CA ILE IA 59 51.08 -17.36 4.67
C ILE IA 59 50.23 -18.61 4.65
N THR IA 60 49.35 -18.75 5.63
CA THR IA 60 48.38 -19.83 5.65
C THR IA 60 47.13 -19.41 4.90
N GLY IA 61 46.50 -20.37 4.23
CA GLY IA 61 45.33 -20.06 3.44
C GLY IA 61 44.36 -21.21 3.33
N SER IA 62 43.08 -20.94 3.53
CA SER IA 62 42.07 -21.96 3.34
C SER IA 62 42.00 -22.36 1.88
N MET IA 63 41.60 -23.61 1.64
CA MET IA 63 41.46 -24.14 0.29
C MET IA 63 40.02 -24.14 -0.20
N ASP IA 64 39.05 -24.28 0.70
CA ASP IA 64 37.64 -24.39 0.35
C ASP IA 64 36.89 -23.08 0.52
N THR IA 65 37.54 -21.95 0.30
CA THR IA 65 36.92 -20.66 0.49
C THR IA 65 36.19 -20.26 -0.78
N VAL IA 66 34.95 -19.80 -0.63
CA VAL IA 66 34.08 -19.56 -1.78
C VAL IA 66 34.62 -18.44 -2.65
N TYR IA 67 34.94 -17.30 -2.06
CA TYR IA 67 35.30 -16.09 -2.79
C TYR IA 67 34.26 -15.76 -3.86
N SER IA 68 32.99 -15.71 -3.44
CA SER IA 68 31.93 -15.29 -4.36
C SER IA 68 32.00 -13.80 -4.63
N ASN IA 69 32.55 -13.03 -3.68
CA ASN IA 69 32.84 -11.62 -3.95
C ASN IA 69 33.90 -11.46 -5.03
N SER IA 70 34.88 -12.37 -5.07
CA SER IA 70 35.99 -12.25 -6.00
C SER IA 70 35.48 -12.18 -7.43
N THR IA 71 35.94 -11.18 -8.16
CA THR IA 71 35.52 -10.95 -9.53
C THR IA 71 36.71 -10.42 -10.31
N ARG IA 72 36.51 -10.21 -11.60
CA ARG IA 72 37.60 -9.73 -12.44
C ARG IA 72 38.09 -8.38 -11.96
N GLU IA 73 39.42 -8.22 -11.96
CA GLU IA 73 40.04 -6.96 -11.60
C GLU IA 73 40.25 -6.14 -12.87
N GLU IA 74 39.81 -4.89 -12.85
CA GLU IA 74 39.99 -3.98 -13.98
C GLU IA 74 41.32 -3.26 -13.80
N VAL IA 75 42.37 -3.95 -14.25
CA VAL IA 75 43.71 -3.40 -14.15
C VAL IA 75 43.87 -2.18 -15.05
N PHE IA 76 43.23 -2.19 -16.21
CA PHE IA 76 43.43 -1.12 -17.17
C PHE IA 76 42.89 0.23 -16.70
N LEU IA 77 42.02 0.26 -15.70
CA LEU IA 77 41.54 1.54 -15.21
C LEU IA 77 42.62 2.34 -14.50
N THR IA 78 43.74 1.70 -14.12
CA THR IA 78 44.79 2.37 -13.38
C THR IA 78 46.19 2.17 -13.97
N SER IA 79 46.49 1.00 -14.50
CA SER IA 79 47.84 0.72 -14.98
C SER IA 79 48.13 1.55 -16.23
N THR IA 80 49.37 1.43 -16.72
CA THR IA 80 49.81 2.17 -17.91
C THR IA 80 50.50 1.21 -18.86
N LEU IA 81 49.86 0.95 -20.00
CA LEU IA 81 50.46 0.14 -21.04
C LEU IA 81 51.50 0.96 -21.79
N CYS IA 82 52.44 0.27 -22.44
CA CYS IA 82 53.68 0.93 -22.82
C CYS IA 82 54.30 0.14 -23.97
N LEU IA 83 54.14 0.64 -25.19
CA LEU IA 83 54.55 -0.10 -26.39
C LEU IA 83 55.87 0.43 -26.93
N TYR IA 84 56.79 -0.49 -27.22
CA TYR IA 84 58.05 -0.18 -27.87
C TYR IA 84 58.02 -0.85 -29.25
N TYR IA 85 58.32 -0.08 -30.28
CA TYR IA 85 58.28 -0.54 -31.65
C TYR IA 85 59.52 -0.02 -32.37
N PRO IA 86 59.94 -0.67 -33.45
CA PRO IA 86 61.06 -0.14 -34.22
C PRO IA 86 60.62 1.02 -35.11
N THR IA 87 61.58 1.88 -35.43
CA THR IA 87 61.26 3.09 -36.18
C THR IA 87 60.78 2.78 -37.59
N GLU IA 88 61.22 1.67 -38.16
CA GLU IA 88 60.75 1.29 -39.48
C GLU IA 88 59.25 1.02 -39.48
N ALA IA 89 58.68 0.66 -38.32
CA ALA IA 89 57.23 0.55 -38.23
C ALA IA 89 56.58 1.89 -38.56
N SER IA 90 57.05 2.96 -37.92
CA SER IA 90 56.48 4.27 -38.20
C SER IA 90 56.72 4.67 -39.65
N THR IA 91 57.91 4.37 -40.18
CA THR IA 91 58.20 4.78 -41.55
C THR IA 91 57.28 4.08 -42.54
N GLN IA 92 57.01 2.79 -42.33
CA GLN IA 92 56.08 2.10 -43.21
C GLN IA 92 54.66 2.60 -43.01
N ILE IA 93 54.30 2.95 -41.78
CA ILE IA 93 52.93 3.41 -41.53
C ILE IA 93 52.69 4.74 -42.24
N SER IA 94 53.70 5.60 -42.31
CA SER IA 94 53.64 6.83 -43.10
C SER IA 94 52.46 7.70 -42.65
N ASP IA 95 52.55 8.13 -41.39
CA ASP IA 95 51.44 8.80 -40.71
C ASP IA 95 52.05 9.73 -39.66
N GLY IA 96 51.38 9.93 -38.54
CA GLY IA 96 51.76 11.01 -37.64
C GLY IA 96 50.62 11.46 -36.75
N GLU IA 97 49.42 10.92 -36.96
CA GLU IA 97 48.43 10.80 -35.91
C GLU IA 97 48.09 9.34 -35.64
N TRP IA 98 48.97 8.42 -36.02
CA TRP IA 98 48.69 7.01 -35.77
C TRP IA 98 48.80 6.67 -34.30
N LYS IA 99 49.65 7.39 -33.56
CA LYS IA 99 49.61 7.25 -32.11
C LYS IA 99 48.25 7.64 -31.56
N ASP IA 100 47.68 8.74 -32.08
CA ASP IA 100 46.34 9.14 -31.66
C ASP IA 100 45.30 8.09 -32.03
N SER IA 101 45.38 7.54 -33.23
CA SER IA 101 44.41 6.53 -33.64
C SER IA 101 44.49 5.30 -32.75
N LEU IA 102 45.71 4.83 -32.48
CA LEU IA 102 45.85 3.67 -31.61
C LEU IA 102 45.43 3.98 -30.19
N SER IA 103 45.65 5.21 -29.71
CA SER IA 103 45.20 5.54 -28.37
C SER IA 103 43.67 5.57 -28.30
N GLN IA 104 43.02 6.06 -29.35
CA GLN IA 104 41.56 6.03 -29.39
C GLN IA 104 41.06 4.59 -29.39
N MET IA 105 41.69 3.72 -30.16
CA MET IA 105 41.26 2.32 -30.19
C MET IA 105 41.53 1.64 -28.84
N PHE IA 106 42.64 1.99 -28.20
CA PHE IA 106 42.89 1.48 -26.85
C PHE IA 106 41.81 1.94 -25.89
N LEU IA 107 41.38 3.19 -26.02
CA LEU IA 107 40.30 3.67 -25.17
C LEU IA 107 39.04 2.86 -25.40
N ILE IA 108 38.73 2.58 -26.65
CA ILE IA 108 37.52 1.78 -26.92
C ILE IA 108 37.68 0.37 -26.38
N LYS IA 109 38.92 -0.13 -26.27
CA LYS IA 109 39.12 -1.37 -25.53
C LYS IA 109 38.91 -1.18 -24.04
N GLY IA 110 39.28 -0.02 -23.50
CA GLY IA 110 39.06 0.30 -22.10
C GLY IA 110 40.16 1.10 -21.42
N TRP IA 111 41.29 1.30 -22.08
CA TRP IA 111 42.42 1.95 -21.44
C TRP IA 111 42.26 3.47 -21.50
N PRO IA 112 42.30 4.18 -20.36
CA PRO IA 112 42.11 5.64 -20.41
C PRO IA 112 43.13 6.31 -21.32
N THR IA 113 42.86 7.58 -21.62
CA THR IA 113 43.63 8.30 -22.64
C THR IA 113 45.10 8.37 -22.27
N GLY IA 114 45.39 8.81 -21.06
CA GLY IA 114 46.78 8.94 -20.63
C GLY IA 114 47.41 7.66 -20.15
N SER IA 115 46.76 6.52 -20.36
CA SER IA 115 47.21 5.25 -19.82
C SER IA 115 47.95 4.40 -20.84
N VAL IA 116 48.32 4.95 -21.99
CA VAL IA 116 49.08 4.21 -23.00
C VAL IA 116 50.19 5.11 -23.52
N TYR IA 117 51.42 4.60 -23.48
CA TYR IA 117 52.59 5.31 -23.95
C TYR IA 117 53.20 4.58 -25.13
N PHE IA 118 53.80 5.34 -26.04
CA PHE IA 118 54.45 4.80 -27.22
C PHE IA 118 55.90 5.29 -27.23
N LYS IA 119 56.83 4.42 -26.87
CA LYS IA 119 58.24 4.75 -26.80
C LYS IA 119 58.95 4.09 -27.97
N GLU IA 120 59.15 4.85 -29.03
CA GLU IA 120 59.85 4.35 -30.21
C GLU IA 120 61.30 4.04 -29.88
N TYR IA 121 61.85 3.07 -30.61
CA TYR IA 121 63.28 2.77 -30.52
C TYR IA 121 63.82 2.58 -31.93
N SER IA 122 65.06 3.02 -32.13
CA SER IA 122 65.60 3.11 -33.49
C SER IA 122 65.73 1.74 -34.13
N ASN IA 123 66.38 0.80 -33.44
CA ASN IA 123 66.47 -0.56 -33.94
C ASN IA 123 66.89 -1.45 -32.76
N ILE IA 124 66.94 -2.75 -33.02
CA ILE IA 124 67.05 -3.72 -31.94
C ILE IA 124 68.37 -3.53 -31.19
N VAL IA 125 69.46 -3.35 -31.93
CA VAL IA 125 70.77 -3.27 -31.29
C VAL IA 125 70.89 -1.99 -30.47
N ASP IA 126 70.49 -0.86 -31.05
CA ASP IA 126 70.61 0.40 -30.33
C ASP IA 126 69.66 0.46 -29.14
N PHE IA 127 68.55 -0.27 -29.19
CA PHE IA 127 67.68 -0.38 -28.02
C PHE IA 127 68.26 -1.31 -26.98
N SER IA 128 69.07 -2.29 -27.40
CA SER IA 128 69.60 -3.25 -26.44
C SER IA 128 70.51 -2.61 -25.40
N VAL IA 129 71.06 -1.43 -25.67
CA VAL IA 129 72.04 -0.82 -24.76
C VAL IA 129 71.31 -0.06 -23.66
N ASP IA 130 71.49 -0.50 -22.43
CA ASP IA 130 70.84 0.08 -21.26
C ASP IA 130 69.33 0.25 -21.47
N PRO IA 131 68.60 -0.83 -21.73
CA PRO IA 131 67.16 -0.71 -21.99
C PRO IA 131 66.40 -0.54 -20.68
N GLN IA 132 65.92 0.66 -20.44
CA GLN IA 132 65.28 1.02 -19.18
C GLN IA 132 63.79 1.13 -19.41
N LEU IA 133 63.04 0.18 -18.87
CA LEU IA 133 61.59 0.10 -19.07
C LEU IA 133 60.86 0.65 -17.86
N TYR IA 134 61.08 1.94 -17.58
CA TYR IA 134 60.42 2.60 -16.45
C TYR IA 134 58.96 2.78 -16.80
N CYS IA 135 58.20 1.71 -16.70
CA CYS IA 135 56.82 1.78 -17.19
C CYS IA 135 56.07 0.60 -16.59
N ASP IA 136 54.74 0.60 -16.74
CA ASP IA 136 53.91 -0.28 -15.92
C ASP IA 136 53.42 -1.55 -16.61
N TYR IA 137 53.31 -1.56 -17.93
CA TYR IA 137 53.09 -2.81 -18.68
C TYR IA 137 53.83 -2.66 -20.00
N ASN IA 138 54.99 -3.27 -20.10
CA ASN IA 138 55.84 -3.09 -21.28
C ASN IA 138 55.56 -4.18 -22.30
N LEU IA 139 55.19 -3.77 -23.51
CA LEU IA 139 55.21 -4.63 -24.68
C LEU IA 139 56.36 -4.18 -25.57
N VAL IA 140 57.13 -5.14 -26.09
CA VAL IA 140 58.26 -4.85 -26.95
C VAL IA 140 58.08 -5.64 -28.23
N LEU IA 141 57.91 -4.93 -29.34
CA LEU IA 141 57.69 -5.56 -30.65
C LEU IA 141 59.06 -5.74 -31.30
N MET IA 142 59.66 -6.90 -31.09
CA MET IA 142 60.97 -7.19 -31.64
C MET IA 142 60.78 -7.77 -33.04
N LYS IA 143 61.20 -7.03 -34.05
CA LYS IA 143 61.14 -7.54 -35.42
C LYS IA 143 62.34 -8.42 -35.69
N TYR IA 144 62.09 -9.63 -36.19
CA TYR IA 144 63.16 -10.59 -36.38
C TYR IA 144 63.82 -10.41 -37.74
N ASP IA 145 65.14 -10.38 -37.73
CA ASP IA 145 65.96 -10.41 -38.93
C ASP IA 145 67.01 -11.49 -38.77
N GLN IA 146 67.36 -12.14 -39.88
CA GLN IA 146 68.36 -13.20 -39.82
C GLN IA 146 69.70 -12.62 -39.38
N SER IA 147 70.46 -13.44 -38.65
CA SER IA 147 71.77 -13.12 -38.09
C SER IA 147 71.66 -12.24 -36.85
N LEU IA 148 70.46 -11.88 -36.40
CA LEU IA 148 70.23 -11.19 -35.14
C LEU IA 148 69.73 -12.14 -34.06
N GLU IA 149 69.96 -13.44 -34.22
CA GLU IA 149 69.40 -14.42 -33.30
C GLU IA 149 69.92 -14.20 -31.88
N LEU IA 150 71.23 -14.13 -31.71
CA LEU IA 150 71.77 -14.02 -30.36
C LEU IA 150 71.52 -12.65 -29.77
N ASP IA 151 71.55 -11.60 -30.59
CA ASP IA 151 71.26 -10.28 -30.06
C ASP IA 151 69.82 -10.19 -29.58
N MET IA 152 68.88 -10.71 -30.36
CA MET IA 152 67.50 -10.75 -29.90
C MET IA 152 67.38 -11.58 -28.63
N SER IA 153 68.05 -12.73 -28.59
CA SER IA 153 67.95 -13.62 -27.43
C SER IA 153 68.47 -12.94 -26.17
N GLU IA 154 69.63 -12.30 -26.26
CA GLU IA 154 70.21 -11.69 -25.08
C GLU IA 154 69.43 -10.47 -24.63
N LEU IA 155 68.93 -9.67 -25.59
CA LEU IA 155 68.07 -8.56 -25.22
C LEU IA 155 66.81 -9.05 -24.53
N ALA IA 156 66.20 -10.09 -25.07
CA ALA IA 156 65.01 -10.66 -24.45
C ALA IA 156 65.30 -11.16 -23.05
N ASP IA 157 66.44 -11.83 -22.87
CA ASP IA 157 66.83 -12.27 -21.54
C ASP IA 157 66.94 -11.09 -20.60
N LEU IA 158 67.57 -10.01 -21.06
CA LEU IA 158 67.78 -8.86 -20.21
C LEU IA 158 66.46 -8.25 -19.75
N ILE IA 159 65.49 -8.13 -20.66
CA ILE IA 159 64.23 -7.47 -20.30
C ILE IA 159 63.16 -8.43 -19.79
N LEU IA 160 63.44 -9.74 -19.76
CA LEU IA 160 62.52 -10.69 -19.15
C LEU IA 160 62.94 -11.17 -17.77
N ASN IA 161 64.24 -11.14 -17.47
CA ASN IA 161 64.73 -11.52 -16.16
C ASN IA 161 65.16 -10.29 -15.39
N GLU IA 162 64.84 -10.25 -14.10
CA GLU IA 162 65.32 -9.19 -13.23
C GLU IA 162 66.72 -9.50 -12.76
N TRP IA 163 67.68 -8.67 -13.18
CA TRP IA 163 69.08 -8.87 -12.90
C TRP IA 163 69.51 -7.94 -11.77
N LEU IA 164 70.21 -8.49 -10.80
CA LEU IA 164 70.82 -7.71 -9.74
C LEU IA 164 72.29 -7.55 -10.08
N CYS IA 165 72.71 -6.32 -10.33
CA CYS IA 165 74.01 -6.04 -10.93
C CYS IA 165 74.90 -5.29 -9.97
N ASN IA 166 76.10 -5.84 -9.72
CA ASN IA 166 77.19 -5.18 -9.03
C ASN IA 166 78.17 -4.61 -10.04
N PRO IA 167 78.92 -3.58 -9.68
CA PRO IA 167 79.86 -2.99 -10.64
C PRO IA 167 81.15 -3.80 -10.67
N MET IA 168 81.97 -3.50 -11.67
CA MET IA 168 83.25 -4.16 -11.82
C MET IA 168 84.31 -3.13 -12.18
N ASP IA 169 85.53 -3.38 -11.70
CA ASP IA 169 86.69 -2.53 -11.95
C ASP IA 169 87.71 -3.40 -12.67
N ILE IA 170 87.65 -3.39 -13.99
CA ILE IA 170 88.38 -4.36 -14.79
C ILE IA 170 89.88 -4.23 -14.60
N THR IA 171 90.37 -3.00 -14.50
CA THR IA 171 91.81 -2.77 -14.41
C THR IA 171 92.36 -2.95 -13.02
N LEU IA 172 91.60 -3.52 -12.09
CA LEU IA 172 92.04 -3.63 -10.70
C LEU IA 172 91.89 -5.03 -10.12
N TYR IA 173 90.84 -5.77 -10.50
CA TYR IA 173 90.53 -7.05 -9.90
C TYR IA 173 90.35 -8.12 -10.97
N TYR IA 174 90.54 -9.36 -10.56
CA TYR IA 174 90.15 -10.52 -11.35
C TYR IA 174 88.80 -11.02 -10.88
N TYR IA 175 88.05 -11.61 -11.80
CA TYR IA 175 86.66 -11.97 -11.54
C TYR IA 175 86.41 -13.43 -11.92
N GLN IA 176 85.55 -14.08 -11.13
CA GLN IA 176 85.04 -15.39 -11.45
C GLN IA 176 83.54 -15.40 -11.18
N GLN IA 177 82.79 -16.08 -12.04
CA GLN IA 177 81.36 -16.18 -11.86
C GLN IA 177 81.05 -17.19 -10.76
N SER IA 178 80.16 -16.83 -9.84
CA SER IA 178 79.90 -17.68 -8.70
C SER IA 178 79.28 -19.01 -9.14
N GLY IA 179 78.32 -18.96 -10.05
CA GLY IA 179 77.63 -20.17 -10.44
C GLY IA 179 76.68 -20.03 -11.60
N GLU IA 180 75.64 -20.86 -11.60
CA GLU IA 180 74.79 -20.99 -12.78
C GLU IA 180 74.07 -19.70 -13.10
N SER IA 181 73.68 -18.95 -12.08
CA SER IA 181 72.79 -17.81 -12.25
C SER IA 181 73.53 -16.51 -12.52
N ASN IA 182 74.85 -16.52 -12.62
CA ASN IA 182 75.65 -15.31 -12.74
C ASN IA 182 76.14 -15.13 -14.17
N LYS IA 183 76.16 -13.89 -14.62
CA LYS IA 183 76.71 -13.53 -15.92
C LYS IA 183 77.46 -12.22 -15.77
N TRP IA 184 78.12 -11.77 -16.83
CA TRP IA 184 78.61 -10.40 -16.91
C TRP IA 184 77.88 -9.72 -18.06
N ILE IA 185 77.19 -8.63 -17.76
CA ILE IA 185 76.45 -7.87 -18.76
C ILE IA 185 77.34 -6.72 -19.20
N SER IA 186 77.68 -6.67 -20.48
CA SER IA 186 78.50 -5.62 -21.05
C SER IA 186 77.62 -4.80 -21.97
N MET IA 187 77.42 -3.53 -21.61
CA MET IA 187 76.59 -2.62 -22.37
C MET IA 187 77.40 -1.36 -22.69
N GLY IA 188 77.20 -0.85 -23.90
CA GLY IA 188 77.90 0.36 -24.30
C GLY IA 188 77.74 0.58 -25.78
N SER IA 189 78.39 1.64 -26.26
CA SER IA 189 78.34 1.93 -27.68
C SER IA 189 78.99 0.83 -28.48
N SER IA 190 80.13 0.29 -28.00
CA SER IA 190 80.80 -0.81 -28.68
C SER IA 190 81.65 -1.55 -27.66
N CYS IA 191 81.15 -2.68 -27.18
CA CYS IA 191 81.89 -3.51 -26.24
C CYS IA 191 82.72 -4.54 -27.00
N THR IA 192 83.91 -4.82 -26.49
CA THR IA 192 84.78 -5.86 -27.03
C THR IA 192 85.46 -6.53 -25.84
N VAL IA 193 84.84 -7.60 -25.34
CA VAL IA 193 85.31 -8.25 -24.12
C VAL IA 193 86.37 -9.27 -24.51
N LYS IA 194 87.56 -9.13 -23.94
CA LYS IA 194 88.62 -10.12 -24.07
C LYS IA 194 88.92 -10.67 -22.69
N VAL IA 195 88.85 -11.99 -22.54
CA VAL IA 195 89.00 -12.64 -21.25
C VAL IA 195 90.24 -13.51 -21.29
N CYS IA 196 91.01 -13.46 -20.20
CA CYS IA 196 92.19 -14.31 -20.03
C CYS IA 196 91.96 -15.15 -18.78
N PRO IA 197 91.63 -16.43 -18.91
CA PRO IA 197 91.51 -17.27 -17.71
C PRO IA 197 92.84 -17.34 -16.99
N LEU IA 198 92.76 -17.52 -15.67
CA LEU IA 198 93.93 -17.59 -14.81
C LEU IA 198 93.87 -18.85 -13.98
N ASN IA 199 95.00 -19.55 -13.88
CA ASN IA 199 95.07 -20.74 -13.05
C ASN IA 199 95.29 -20.32 -11.60
N THR IA 200 95.60 -21.29 -10.73
CA THR IA 200 95.72 -21.00 -9.31
C THR IA 200 96.89 -20.08 -9.00
N GLN IA 201 97.96 -20.14 -9.79
CA GLN IA 201 99.11 -19.29 -9.59
C GLN IA 201 98.95 -17.92 -10.25
N THR IA 202 97.75 -17.55 -10.68
CA THR IA 202 97.47 -16.27 -11.33
C THR IA 202 98.15 -16.16 -12.69
N LEU IA 203 98.62 -17.27 -13.24
CA LEU IA 203 99.25 -17.30 -14.55
C LEU IA 203 98.20 -17.67 -15.59
N GLY IA 204 98.17 -16.92 -16.69
CA GLY IA 204 97.15 -17.16 -17.69
C GLY IA 204 97.33 -18.50 -18.37
N ILE IA 205 96.20 -19.06 -18.81
CA ILE IA 205 96.16 -20.29 -19.60
C ILE IA 205 95.52 -19.94 -20.94
N GLY IA 206 96.21 -20.27 -22.03
CA GLY IA 206 95.80 -19.80 -23.33
C GLY IA 206 96.05 -18.33 -23.57
N CYS IA 207 96.80 -17.67 -22.69
CA CYS IA 207 96.98 -16.23 -22.72
C CYS IA 207 98.04 -15.84 -21.71
N GLN IA 208 98.85 -14.84 -22.08
CA GLN IA 208 99.77 -14.22 -21.14
C GLN IA 208 99.04 -13.07 -20.46
N THR IA 209 99.24 -12.94 -19.14
CA THR IA 209 98.50 -11.95 -18.38
C THR IA 209 98.78 -10.54 -18.87
N THR IA 210 99.97 -10.29 -19.40
CA THR IA 210 100.36 -8.96 -19.83
C THR IA 210 100.05 -8.71 -21.30
N ASN IA 211 100.20 -9.72 -22.13
CA ASN IA 211 99.92 -9.59 -23.56
C ASN IA 211 98.41 -9.62 -23.76
N VAL IA 212 97.80 -8.45 -23.88
CA VAL IA 212 96.37 -8.39 -24.14
C VAL IA 212 96.03 -9.04 -25.47
N ASP IA 213 96.97 -9.04 -26.41
CA ASP IA 213 96.69 -9.60 -27.74
C ASP IA 213 96.41 -11.09 -27.66
N SER IA 214 97.08 -11.80 -26.74
CA SER IA 214 96.87 -13.24 -26.62
C SER IA 214 95.54 -13.59 -25.98
N PHE IA 215 94.82 -12.62 -25.44
CA PHE IA 215 93.54 -12.88 -24.79
C PHE IA 215 92.57 -13.52 -25.78
N GLU IA 216 91.51 -14.09 -25.23
CA GLU IA 216 90.52 -14.83 -26.01
C GLU IA 216 89.25 -13.99 -26.09
N THR IA 217 88.99 -13.44 -27.26
CA THR IA 217 87.83 -12.58 -27.44
C THR IA 217 86.54 -13.37 -27.33
N VAL IA 218 85.64 -12.91 -26.47
CA VAL IA 218 84.33 -13.51 -26.32
C VAL IA 218 83.24 -12.72 -27.00
N ALA IA 219 83.45 -11.44 -27.30
CA ALA IA 219 82.50 -10.64 -28.05
C ALA IA 219 83.22 -9.41 -28.56
N GLU IA 220 82.79 -8.91 -29.72
CA GLU IA 220 83.43 -7.73 -30.30
C GLU IA 220 82.40 -6.87 -31.00
N ASN IA 221 82.51 -5.56 -30.80
CA ASN IA 221 81.68 -4.57 -31.47
C ASN IA 221 80.20 -4.81 -31.20
N GLU IA 222 79.87 -5.35 -30.03
CA GLU IA 222 78.50 -5.65 -29.65
C GLU IA 222 78.03 -4.61 -28.64
N LYS IA 223 76.86 -4.03 -28.90
CA LYS IA 223 76.32 -3.04 -27.99
C LYS IA 223 75.81 -3.68 -26.70
N LEU IA 224 75.39 -4.94 -26.76
CA LEU IA 224 75.01 -5.70 -25.59
C LEU IA 224 75.64 -7.08 -25.69
N ALA IA 225 76.18 -7.56 -24.57
CA ALA IA 225 76.76 -8.89 -24.54
C ALA IA 225 76.61 -9.48 -23.15
N ILE IA 226 75.85 -10.55 -23.03
CA ILE IA 226 75.71 -11.28 -21.78
C ILE IA 226 76.74 -12.40 -21.85
N VAL IA 227 77.94 -12.13 -21.37
CA VAL IA 227 79.04 -13.09 -21.49
C VAL IA 227 79.03 -14.02 -20.30
N ASP IA 228 79.10 -15.32 -20.60
CA ASP IA 228 79.21 -16.39 -19.62
C ASP IA 228 80.51 -17.12 -19.88
N VAL IA 229 81.26 -17.37 -18.81
CA VAL IA 229 82.52 -18.07 -18.86
C VAL IA 229 82.47 -19.20 -17.84
N VAL IA 230 83.58 -19.92 -17.71
CA VAL IA 230 83.61 -21.07 -16.82
C VAL IA 230 83.48 -20.60 -15.39
N ASP IA 231 82.49 -21.13 -14.68
CA ASP IA 231 82.20 -20.71 -13.32
C ASP IA 231 83.16 -21.43 -12.38
N GLY IA 232 84.08 -20.67 -11.78
CA GLY IA 232 85.07 -21.21 -10.87
C GLY IA 232 86.50 -20.89 -11.28
N ILE IA 233 86.67 -20.03 -12.27
CA ILE IA 233 87.97 -19.66 -12.83
C ILE IA 233 88.11 -18.15 -12.74
N ASN IA 234 89.18 -17.68 -12.12
CA ASN IA 234 89.48 -16.26 -12.16
C ASN IA 234 89.78 -15.84 -13.59
N HIS IA 235 89.36 -14.64 -13.96
CA HIS IA 235 89.59 -14.11 -15.30
C HIS IA 235 90.07 -12.67 -15.21
N LYS IA 236 90.98 -12.32 -16.10
CA LYS IA 236 91.35 -10.94 -16.33
C LYS IA 236 90.62 -10.44 -17.57
N ILE IA 237 89.96 -9.29 -17.46
CA ILE IA 237 89.09 -8.79 -18.50
C ILE IA 237 89.77 -7.61 -19.17
N ASN IA 238 89.42 -7.37 -20.43
CA ASN IA 238 89.93 -6.23 -21.19
C ASN IA 238 88.82 -5.74 -22.09
N LEU IA 239 88.34 -4.52 -21.85
CA LEU IA 239 87.40 -3.88 -22.78
C LEU IA 239 87.44 -2.38 -22.54
N THR IA 240 88.16 -1.66 -23.42
CA THR IA 240 87.75 -0.34 -23.92
C THR IA 240 86.94 0.47 -22.90
N THR IA 241 87.49 0.72 -21.72
CA THR IA 241 86.69 1.16 -20.58
C THR IA 241 85.93 2.45 -20.83
N THR IA 242 86.39 3.28 -21.77
CA THR IA 242 85.74 4.57 -21.99
C THR IA 242 84.34 4.42 -22.54
N THR IA 243 84.13 3.47 -23.44
CA THR IA 243 82.90 3.40 -24.22
C THR IA 243 81.95 2.29 -23.78
N CYS IA 244 82.43 1.30 -23.04
CA CYS IA 244 81.63 0.16 -22.62
C CYS IA 244 81.78 -0.08 -21.13
N THR IA 245 80.66 -0.29 -20.45
CA THR IA 245 80.63 -0.68 -19.04
C THR IA 245 80.25 -2.15 -18.94
N ILE IA 246 80.71 -2.79 -17.88
CA ILE IA 246 80.44 -4.21 -17.65
C ILE IA 246 80.10 -4.38 -16.18
N ARG IA 247 79.10 -5.22 -15.91
CA ARG IA 247 78.56 -5.39 -14.57
C ARG IA 247 78.37 -6.86 -14.27
N ASN IA 248 78.73 -7.26 -13.06
CA ASN IA 248 78.57 -8.63 -12.60
C ASN IA 248 77.13 -8.82 -12.14
N CYS IA 249 76.32 -9.56 -12.89
CA CYS IA 249 74.88 -9.58 -12.67
C CYS IA 249 74.40 -10.97 -12.35
N LYS IA 250 73.72 -11.11 -11.21
CA LYS IA 250 73.00 -12.32 -10.85
C LYS IA 250 71.59 -12.26 -11.44
N LYS IA 251 71.05 -13.42 -11.78
CA LYS IA 251 69.68 -13.53 -12.26
C LYS IA 251 68.79 -13.90 -11.10
N LEU IA 252 67.91 -12.98 -10.71
CA LEU IA 252 66.84 -13.30 -9.79
C LEU IA 252 65.74 -13.99 -10.56
N GLY IA 253 64.54 -14.05 -10.01
CA GLY IA 253 63.43 -14.66 -10.70
C GLY IA 253 63.08 -13.94 -11.98
N PRO IA 254 61.89 -14.22 -12.54
CA PRO IA 254 61.54 -13.62 -13.81
C PRO IA 254 60.97 -12.23 -13.62
N ARG IA 255 61.16 -11.40 -14.64
CA ARG IA 255 60.45 -10.14 -14.76
C ARG IA 255 59.14 -10.40 -15.48
N GLU IA 256 58.03 -10.02 -14.84
CA GLU IA 256 56.70 -10.27 -15.38
C GLU IA 256 56.03 -9.02 -15.90
N ASN IA 257 56.71 -7.88 -15.81
CA ASN IA 257 56.20 -6.62 -16.32
C ASN IA 257 56.32 -6.48 -17.82
N VAL IA 258 57.09 -7.36 -18.48
CA VAL IA 258 57.52 -7.18 -19.85
C VAL IA 258 57.08 -8.39 -20.68
N ALA IA 259 56.53 -8.12 -21.85
CA ALA IA 259 56.15 -9.14 -22.81
C ALA IA 259 56.74 -8.79 -24.16
N VAL IA 260 57.30 -9.78 -24.83
CA VAL IA 260 58.07 -9.59 -26.05
C VAL IA 260 57.32 -10.26 -27.19
N ILE IA 261 56.79 -9.45 -28.11
CA ILE IA 261 56.16 -9.96 -29.31
C ILE IA 261 57.23 -10.03 -30.39
N GLN IA 262 57.66 -11.25 -30.73
CA GLN IA 262 58.52 -11.43 -31.88
C GLN IA 262 57.64 -11.37 -33.13
N VAL IA 263 57.94 -10.42 -33.99
CA VAL IA 263 57.06 -10.12 -35.12
C VAL IA 263 57.35 -10.98 -36.35
N GLY IA 264 58.54 -11.59 -36.44
CA GLY IA 264 58.95 -12.24 -37.67
C GLY IA 264 58.92 -13.75 -37.70
N GLY IA 265 60.08 -14.36 -37.51
CA GLY IA 265 60.34 -15.73 -37.91
C GLY IA 265 59.93 -16.76 -36.89
N ALA IA 266 60.67 -17.86 -36.86
CA ALA IA 266 60.36 -18.98 -35.99
C ALA IA 266 60.90 -18.73 -34.59
N ASN IA 267 60.68 -19.70 -33.71
CA ASN IA 267 61.11 -19.58 -32.31
C ASN IA 267 62.62 -19.70 -32.24
N ILE IA 268 63.27 -18.62 -31.83
CA ILE IA 268 64.73 -18.55 -31.75
C ILE IA 268 65.18 -18.06 -30.38
N LEU IA 269 64.26 -17.48 -29.61
CA LEU IA 269 64.63 -16.88 -28.34
C LEU IA 269 64.96 -17.95 -27.31
N ASP IA 270 66.24 -18.28 -27.18
CA ASP IA 270 66.72 -19.17 -26.12
C ASP IA 270 67.30 -18.29 -25.03
N ILE IA 271 66.43 -17.77 -24.18
CA ILE IA 271 66.87 -16.83 -23.16
C ILE IA 271 67.74 -17.54 -22.13
N THR IA 272 67.41 -18.79 -21.80
CA THR IA 272 68.18 -19.51 -20.79
C THR IA 272 69.56 -19.81 -21.34
N ALA IA 273 70.59 -19.26 -20.69
CA ALA IA 273 71.96 -19.46 -21.15
C ALA IA 273 72.38 -20.91 -21.08
N ASP IA 274 71.70 -21.72 -20.29
CA ASP IA 274 71.94 -23.15 -20.32
C ASP IA 274 71.59 -23.69 -21.70
N PRO IA 275 72.37 -24.61 -22.27
CA PRO IA 275 72.00 -25.14 -23.59
C PRO IA 275 70.92 -26.20 -23.52
N THR IA 276 70.88 -26.95 -22.42
CA THR IA 276 69.94 -28.07 -22.34
C THR IA 276 68.50 -27.58 -22.32
N THR IA 277 68.22 -26.54 -21.55
CA THR IA 277 66.86 -26.05 -21.36
C THR IA 277 66.57 -24.92 -22.34
N ASN IA 278 65.44 -25.02 -23.02
CA ASN IA 278 65.01 -24.02 -24.00
C ASN IA 278 63.55 -23.69 -23.75
N PRO IA 279 63.23 -23.11 -22.61
CA PRO IA 279 61.83 -22.93 -22.22
C PRO IA 279 61.13 -21.91 -23.08
N GLN IA 280 59.81 -22.03 -23.16
CA GLN IA 280 58.96 -21.10 -23.89
C GLN IA 280 58.07 -20.38 -22.89
N ILE IA 281 58.60 -19.28 -22.34
CA ILE IA 281 57.80 -18.44 -21.45
C ILE IA 281 56.61 -17.88 -22.22
N GLU IA 282 55.45 -17.85 -21.57
CA GLU IA 282 54.26 -17.33 -22.22
C GLU IA 282 54.41 -15.86 -22.59
N ARG IA 283 55.22 -15.11 -21.86
CA ARG IA 283 55.49 -13.72 -22.21
C ARG IA 283 56.35 -13.58 -23.47
N MET IA 284 56.97 -14.65 -23.95
CA MET IA 284 57.68 -14.64 -25.23
C MET IA 284 56.69 -14.98 -26.33
N MET IA 285 55.89 -13.98 -26.69
CA MET IA 285 54.84 -14.14 -27.66
C MET IA 285 55.40 -14.00 -29.07
N ARG IA 286 54.65 -14.47 -30.05
CA ARG IA 286 55.09 -14.44 -31.43
C ARG IA 286 53.90 -14.25 -32.37
N VAL IA 287 54.15 -13.58 -33.49
CA VAL IA 287 53.10 -13.38 -34.49
C VAL IA 287 53.77 -13.16 -35.84
N ASN IA 288 53.13 -13.67 -36.89
CA ASN IA 288 53.62 -13.41 -38.25
C ASN IA 288 53.23 -11.99 -38.64
N TRP IA 289 53.80 -11.52 -39.75
CA TRP IA 289 53.51 -10.14 -40.15
C TRP IA 289 53.76 -9.97 -41.63
N LYS IA 290 52.99 -9.08 -42.22
CA LYS IA 290 53.37 -8.44 -43.47
C LYS IA 290 53.13 -6.95 -43.45
N ARG IA 291 52.36 -6.41 -42.51
CA ARG IA 291 52.07 -4.99 -42.46
C ARG IA 291 51.96 -4.55 -41.00
N TRP IA 292 52.69 -3.48 -40.70
CA TRP IA 292 52.75 -3.01 -39.32
C TRP IA 292 51.39 -2.56 -38.83
N TRP IA 293 50.55 -2.05 -39.72
CA TRP IA 293 49.19 -1.73 -39.28
C TRP IA 293 48.48 -2.98 -38.81
N GLN IA 294 48.65 -4.08 -39.54
CA GLN IA 294 48.02 -5.33 -39.12
C GLN IA 294 48.55 -5.77 -37.77
N VAL IA 295 49.86 -5.65 -37.55
CA VAL IA 295 50.42 -6.07 -36.28
C VAL IA 295 49.85 -5.23 -35.13
N PHE IA 296 49.83 -3.91 -35.31
CA PHE IA 296 49.35 -3.04 -34.25
C PHE IA 296 47.87 -3.28 -33.97
N TYR IA 297 47.09 -3.49 -35.02
CA TYR IA 297 45.67 -3.79 -34.82
C TYR IA 297 45.51 -5.11 -34.06
N THR IA 298 46.33 -6.10 -34.38
CA THR IA 298 46.27 -7.36 -33.65
C THR IA 298 46.54 -7.14 -32.17
N ILE IA 299 47.58 -6.38 -31.87
CA ILE IA 299 47.95 -6.15 -30.47
C ILE IA 299 46.84 -5.41 -29.75
N VAL IA 300 46.29 -4.36 -30.37
CA VAL IA 300 45.23 -3.60 -29.73
C VAL IA 300 44.01 -4.48 -29.51
N ASP IA 301 43.66 -5.29 -30.50
CA ASP IA 301 42.49 -6.15 -30.38
C ASP IA 301 42.64 -7.12 -29.23
N TYR IA 302 43.82 -7.71 -29.07
CA TYR IA 302 44.03 -8.78 -28.11
C TYR IA 302 44.72 -8.30 -26.84
N ILE IA 303 44.74 -7.00 -26.59
CA ILE IA 303 45.53 -6.47 -25.47
C ILE IA 303 45.12 -7.10 -24.15
N ASN IA 304 43.85 -7.44 -23.97
CA ASN IA 304 43.43 -8.01 -22.70
C ASN IA 304 44.11 -9.35 -22.43
N GLN IA 305 44.21 -10.19 -23.45
CA GLN IA 305 44.89 -11.47 -23.28
C GLN IA 305 46.37 -11.25 -23.00
N ILE IA 306 46.99 -10.27 -23.66
CA ILE IA 306 48.39 -9.98 -23.43
C ILE IA 306 48.62 -9.57 -21.98
N VAL IA 307 47.76 -8.69 -21.46
CA VAL IA 307 47.93 -8.27 -20.08
C VAL IA 307 47.67 -9.43 -19.13
N GLN IA 308 46.75 -10.33 -19.48
CA GLN IA 308 46.56 -11.52 -18.66
C GLN IA 308 47.83 -12.36 -18.62
N VAL IA 309 48.51 -12.48 -19.75
CA VAL IA 309 49.80 -13.19 -19.78
C VAL IA 309 50.79 -12.50 -18.85
N MET IA 310 50.86 -11.17 -18.93
CA MET IA 310 51.77 -10.41 -18.08
C MET IA 310 51.24 -10.38 -16.66
N SER IA 311 51.97 -9.71 -15.77
CA SER IA 311 51.54 -9.50 -14.40
C SER IA 311 52.29 -8.32 -13.84
N LYS IA 312 51.78 -7.80 -12.72
CA LYS IA 312 52.42 -6.65 -12.10
C LYS IA 312 53.85 -6.99 -11.68
N ARG IA 313 54.73 -6.01 -11.79
CA ARG IA 313 56.12 -6.21 -11.39
C ARG IA 313 56.18 -6.60 -9.92
N SER IA 314 56.74 -7.78 -9.64
CA SER IA 314 56.79 -8.27 -8.27
C SER IA 314 57.64 -7.38 -7.39
N ARG IA 315 58.81 -6.97 -7.88
CA ARG IA 315 59.71 -6.16 -7.05
C ARG IA 315 59.13 -4.78 -6.78
N SER IA 316 58.29 -4.27 -7.68
CA SER IA 316 57.76 -2.93 -7.51
C SER IA 316 56.88 -2.82 -6.28
N LEU IA 317 56.22 -3.90 -5.89
CA LEU IA 317 55.23 -3.82 -4.82
C LEU IA 317 55.90 -3.53 -3.48
N ASN IA 318 55.10 -2.98 -2.56
CA ASN IA 318 55.58 -2.75 -1.20
C ASN IA 318 55.97 -4.05 -0.53
N SER IA 319 55.37 -5.16 -0.92
CA SER IA 319 55.69 -6.44 -0.31
C SER IA 319 57.17 -6.78 -0.44
N ALA IA 320 57.82 -6.31 -1.52
CA ALA IA 320 59.24 -6.50 -1.73
C ALA IA 320 60.05 -5.32 -1.24
N ALA IA 321 59.59 -4.63 -0.20
CA ALA IA 321 60.17 -3.35 0.16
C ALA IA 321 61.63 -3.47 0.56
N PHE IA 322 61.96 -4.49 1.35
CA PHE IA 322 63.27 -4.59 1.99
C PHE IA 322 64.05 -5.79 1.51
N TYR IA 323 63.77 -6.26 0.29
CA TYR IA 323 64.58 -7.31 -0.32
C TYR IA 323 65.42 -6.75 -1.46
N TYR IA 324 64.80 -6.37 -2.57
CA TYR IA 324 65.50 -5.67 -3.63
C TYR IA 324 64.55 -4.74 -4.38
N ARG IA 325 63.74 -3.96 -3.64
CA ARG IA 325 62.69 -3.15 -4.25
C ARG IA 325 63.21 -2.33 -5.42
N VAL IA 326 62.36 -2.11 -6.40
CA VAL IA 326 62.73 -1.38 -7.60
C VAL IA 326 61.59 -0.48 -8.05
N GLN JA 51 76.95 -63.10 -13.09
CA GLN JA 51 76.74 -62.81 -14.50
C GLN JA 51 75.91 -63.92 -15.15
N ASN JA 52 74.81 -63.53 -15.77
CA ASN JA 52 73.85 -64.46 -16.38
C ASN JA 52 73.39 -63.93 -17.73
N TYR JA 53 74.34 -63.59 -18.59
CA TYR JA 53 74.09 -62.83 -19.81
C TYR JA 53 73.02 -63.45 -20.71
N GLY JA 54 72.48 -62.65 -21.61
CA GLY JA 54 71.61 -63.14 -22.67
C GLY JA 54 70.27 -63.68 -22.20
N LEU JA 55 69.62 -63.01 -21.25
CA LEU JA 55 68.30 -63.41 -20.80
C LEU JA 55 67.53 -62.15 -20.41
N ASN JA 56 66.21 -62.23 -20.54
CA ASN JA 56 65.32 -61.12 -20.18
C ASN JA 56 64.71 -61.36 -18.80
N ILE JA 57 65.57 -61.55 -17.81
CA ILE JA 57 65.12 -61.89 -16.46
C ILE JA 57 64.38 -60.70 -15.86
N PRO JA 58 63.17 -60.85 -15.32
CA PRO JA 58 62.55 -59.73 -14.61
C PRO JA 58 63.37 -59.34 -13.39
N ILE JA 59 63.35 -58.04 -13.09
CA ILE JA 59 64.18 -57.47 -12.02
C ILE JA 59 63.25 -56.71 -11.09
N THR JA 60 63.30 -57.06 -9.80
CA THR JA 60 62.41 -56.50 -8.80
C THR JA 60 63.10 -55.38 -8.03
N GLY JA 61 62.31 -54.44 -7.54
CA GLY JA 61 62.84 -53.34 -6.76
C GLY JA 61 61.81 -52.67 -5.89
N SER JA 62 62.16 -52.39 -4.64
CA SER JA 62 61.24 -51.71 -3.73
C SER JA 62 61.11 -50.25 -4.10
N MET JA 63 59.93 -49.69 -3.85
CA MET JA 63 59.67 -48.29 -4.11
C MET JA 63 60.01 -47.40 -2.93
N ASP JA 64 60.75 -47.92 -1.94
CA ASP JA 64 61.08 -47.17 -0.74
C ASP JA 64 62.55 -47.23 -0.37
N THR JA 65 63.37 -47.94 -1.13
CA THR JA 65 64.80 -47.97 -0.84
C THR JA 65 65.39 -46.58 -0.97
N VAL JA 66 66.13 -46.15 0.06
CA VAL JA 66 66.75 -44.83 0.03
C VAL JA 66 67.79 -44.82 -1.08
N TYR JA 67 67.62 -43.92 -2.04
CA TYR JA 67 68.50 -43.91 -3.21
C TYR JA 67 69.89 -43.42 -2.83
N SER JA 68 70.87 -43.89 -3.62
CA SER JA 68 72.27 -43.80 -3.27
C SER JA 68 72.83 -42.43 -3.61
N ASN JA 69 74.16 -42.30 -3.51
CA ASN JA 69 74.85 -41.02 -3.61
C ASN JA 69 74.99 -40.58 -5.05
N SER JA 70 75.51 -39.37 -5.23
CA SER JA 70 75.76 -38.85 -6.56
C SER JA 70 76.82 -39.68 -7.27
N THR JA 71 76.62 -39.89 -8.57
CA THR JA 71 77.58 -40.59 -9.42
C THR JA 71 78.21 -39.65 -10.43
N ARG JA 72 77.96 -38.34 -10.33
CA ARG JA 72 78.59 -37.38 -11.24
C ARG JA 72 80.10 -37.45 -11.12
N GLU JA 73 80.62 -37.49 -9.89
CA GLU JA 73 82.07 -37.60 -9.72
C GLU JA 73 82.61 -38.86 -10.35
N GLU JA 74 81.91 -39.98 -10.19
CA GLU JA 74 82.43 -41.24 -10.71
C GLU JA 74 82.42 -41.25 -12.23
N VAL JA 75 81.35 -40.74 -12.85
CA VAL JA 75 81.32 -40.74 -14.31
C VAL JA 75 82.40 -39.81 -14.85
N PHE JA 76 82.64 -38.69 -14.18
CA PHE JA 76 83.75 -37.84 -14.63
C PHE JA 76 85.08 -38.53 -14.46
N LEU JA 77 85.28 -39.26 -13.37
CA LEU JA 77 86.58 -39.85 -13.11
C LEU JA 77 86.87 -41.05 -14.00
N THR JA 78 85.84 -41.75 -14.45
CA THR JA 78 86.03 -42.90 -15.33
C THR JA 78 85.84 -42.58 -16.80
N SER JA 79 84.69 -42.04 -17.18
CA SER JA 79 84.33 -41.88 -18.57
C SER JA 79 85.23 -40.85 -19.23
N THR JA 80 84.97 -40.61 -20.53
CA THR JA 80 85.77 -39.70 -21.34
C THR JA 80 84.85 -38.85 -22.19
N LEU JA 81 84.97 -37.54 -22.04
CA LEU JA 81 84.20 -36.59 -22.85
C LEU JA 81 84.85 -36.43 -24.21
N CYS JA 82 84.05 -36.04 -25.19
CA CYS JA 82 84.52 -36.21 -26.56
C CYS JA 82 83.74 -35.28 -27.47
N LEU JA 83 84.38 -34.20 -27.91
CA LEU JA 83 83.71 -33.09 -28.61
C LEU JA 83 84.05 -33.14 -30.09
N TYR JA 84 83.02 -33.14 -30.93
CA TYR JA 84 83.18 -33.12 -32.38
C TYR JA 84 82.76 -31.74 -32.88
N TYR JA 85 83.73 -30.91 -33.26
CA TYR JA 85 83.50 -29.54 -33.67
C TYR JA 85 83.86 -29.36 -35.14
N PRO JA 86 83.30 -28.36 -35.82
CA PRO JA 86 83.70 -28.11 -37.21
C PRO JA 86 84.94 -27.26 -37.30
N THR JA 87 85.69 -27.43 -38.40
CA THR JA 87 87.00 -26.79 -38.52
C THR JA 87 86.89 -25.27 -38.52
N GLU JA 88 85.76 -24.73 -38.98
CA GLU JA 88 85.60 -23.28 -38.93
C GLU JA 88 85.65 -22.78 -37.50
N ALA JA 89 85.29 -23.62 -36.53
CA ALA JA 89 85.44 -23.24 -35.13
C ALA JA 89 86.89 -22.90 -34.82
N SER JA 90 87.81 -23.81 -35.16
CA SER JA 90 89.22 -23.54 -34.93
C SER JA 90 89.66 -22.32 -35.73
N THR JA 91 89.15 -22.18 -36.95
CA THR JA 91 89.53 -21.04 -37.78
C THR JA 91 89.21 -19.72 -37.09
N GLN JA 92 88.00 -19.60 -36.56
CA GLN JA 92 87.63 -18.36 -35.88
C GLN JA 92 88.34 -18.23 -34.54
N ILE JA 93 88.66 -19.35 -33.89
CA ILE JA 93 89.38 -19.30 -32.64
C ILE JA 93 90.74 -18.64 -32.85
N SER JA 94 91.43 -19.03 -33.92
CA SER JA 94 92.72 -18.44 -34.29
C SER JA 94 93.71 -18.56 -33.14
N ASP JA 95 93.92 -19.81 -32.74
CA ASP JA 95 94.77 -20.16 -31.61
C ASP JA 95 95.35 -21.54 -31.87
N GLY JA 96 95.62 -22.32 -30.83
CA GLY JA 96 96.41 -23.53 -31.02
C GLY JA 96 97.07 -24.04 -29.76
N GLU JA 97 96.95 -23.32 -28.66
CA GLU JA 97 96.92 -23.92 -27.34
C GLU JA 97 95.50 -23.96 -26.78
N TRP JA 98 94.49 -23.79 -27.64
CA TRP JA 98 93.11 -23.75 -27.16
C TRP JA 98 92.63 -25.14 -26.75
N LYS JA 99 93.15 -26.20 -27.36
CA LYS JA 99 92.87 -27.54 -26.88
C LYS JA 99 93.31 -27.69 -25.44
N ASP JA 100 94.54 -27.26 -25.15
CA ASP JA 100 95.05 -27.35 -23.78
C ASP JA 100 94.26 -26.46 -22.83
N SER JA 101 93.88 -25.26 -23.29
CA SER JA 101 93.11 -24.36 -22.42
C SER JA 101 91.76 -24.95 -22.07
N LEU JA 102 91.04 -25.46 -23.07
CA LEU JA 102 89.76 -26.08 -22.78
C LEU JA 102 89.93 -27.33 -21.93
N SER JA 103 91.01 -28.08 -22.14
CA SER JA 103 91.26 -29.24 -21.27
C SER JA 103 91.47 -28.80 -19.83
N GLN JA 104 92.19 -27.70 -19.61
CA GLN JA 104 92.38 -27.19 -18.26
C GLN JA 104 91.05 -26.78 -17.65
N MET JA 105 90.21 -26.08 -18.41
CA MET JA 105 88.92 -25.66 -17.88
C MET JA 105 88.05 -26.87 -17.54
N PHE JA 106 88.06 -27.89 -18.40
CA PHE JA 106 87.34 -29.11 -18.09
C PHE JA 106 87.89 -29.75 -16.82
N LEU JA 107 89.21 -29.74 -16.67
CA LEU JA 107 89.82 -30.34 -15.49
C LEU JA 107 89.33 -29.68 -14.23
N ILE JA 108 89.29 -28.35 -14.21
CA ILE JA 108 88.76 -27.68 -13.04
C ILE JA 108 87.28 -27.94 -12.89
N LYS JA 109 86.56 -28.21 -13.99
CA LYS JA 109 85.14 -28.54 -13.87
C LYS JA 109 84.91 -29.94 -13.34
N GLY JA 110 85.88 -30.84 -13.44
CA GLY JA 110 85.76 -32.16 -12.82
C GLY JA 110 86.40 -33.32 -13.54
N TRP JA 111 86.70 -33.18 -14.83
CA TRP JA 111 87.24 -34.30 -15.58
C TRP JA 111 88.73 -34.50 -15.27
N PRO JA 112 89.25 -35.70 -15.45
CA PRO JA 112 90.72 -35.86 -15.41
C PRO JA 112 91.39 -35.12 -16.55
N THR JA 113 92.72 -35.11 -16.51
CA THR JA 113 93.49 -34.26 -17.42
C THR JA 113 93.31 -34.70 -18.87
N GLY JA 114 93.54 -35.97 -19.15
CA GLY JA 114 93.47 -36.47 -20.51
C GLY JA 114 92.15 -37.11 -20.85
N SER JA 115 91.11 -36.80 -20.08
CA SER JA 115 89.82 -37.46 -20.22
C SER JA 115 88.93 -36.81 -21.27
N VAL JA 116 89.35 -35.71 -21.88
CA VAL JA 116 88.57 -35.02 -22.90
C VAL JA 116 89.32 -35.11 -24.22
N TYR JA 117 88.63 -35.58 -25.25
CA TYR JA 117 89.16 -35.67 -26.60
C TYR JA 117 88.44 -34.69 -27.49
N PHE JA 118 89.20 -34.03 -28.38
CA PHE JA 118 88.67 -33.07 -29.33
C PHE JA 118 88.87 -33.60 -30.73
N LYS JA 119 87.80 -33.66 -31.51
CA LYS JA 119 87.84 -34.13 -32.88
C LYS JA 119 87.29 -33.04 -33.79
N GLU JA 120 87.96 -32.85 -34.91
CA GLU JA 120 87.57 -31.88 -35.92
C GLU JA 120 86.98 -32.59 -37.12
N TYR JA 121 86.06 -31.92 -37.80
CA TYR JA 121 85.58 -32.38 -39.09
C TYR JA 121 85.43 -31.18 -40.00
N SER JA 122 85.68 -31.39 -41.30
CA SER JA 122 85.72 -30.28 -42.23
C SER JA 122 84.36 -29.57 -42.31
N ASN JA 123 83.28 -30.34 -42.39
CA ASN JA 123 81.94 -29.77 -42.45
C ASN JA 123 80.95 -30.91 -42.28
N ILE JA 124 79.69 -30.54 -42.09
CA ILE JA 124 78.69 -31.53 -41.67
C ILE JA 124 78.49 -32.60 -42.73
N VAL JA 125 78.44 -32.19 -44.00
CA VAL JA 125 78.17 -33.15 -45.07
C VAL JA 125 79.28 -34.17 -45.16
N ASP JA 126 80.54 -33.72 -45.11
CA ASP JA 126 81.65 -34.66 -45.19
C ASP JA 126 81.77 -35.49 -43.91
N PHE JA 127 81.37 -34.94 -42.77
CA PHE JA 127 81.38 -35.71 -41.54
C PHE JA 127 80.34 -36.82 -41.58
N SER JA 128 79.25 -36.60 -42.30
CA SER JA 128 78.15 -37.56 -42.32
C SER JA 128 78.59 -38.94 -42.81
N VAL JA 129 79.59 -39.00 -43.68
CA VAL JA 129 80.01 -40.29 -44.22
C VAL JA 129 80.82 -41.02 -43.15
N ASP JA 130 80.46 -42.28 -42.90
CA ASP JA 130 81.02 -43.11 -41.84
C ASP JA 130 81.21 -42.33 -40.55
N PRO JA 131 80.14 -41.86 -39.92
CA PRO JA 131 80.31 -41.11 -38.67
C PRO JA 131 80.55 -42.08 -37.53
N GLN JA 132 81.78 -42.15 -37.04
CA GLN JA 132 82.19 -43.21 -36.13
C GLN JA 132 82.48 -42.60 -34.77
N LEU JA 133 81.54 -42.78 -33.84
CA LEU JA 133 81.58 -42.13 -32.54
C LEU JA 133 82.22 -43.06 -31.50
N TYR JA 134 83.40 -43.58 -31.82
CA TYR JA 134 84.05 -44.57 -30.95
C TYR JA 134 84.56 -43.90 -29.69
N CYS JA 135 83.68 -43.49 -28.79
CA CYS JA 135 84.16 -42.59 -27.76
C CYS JA 135 83.04 -42.42 -26.74
N ASP JA 136 83.41 -42.20 -25.46
CA ASP JA 136 82.53 -42.61 -24.37
C ASP JA 136 81.31 -41.68 -24.22
N TYR JA 137 81.52 -40.41 -23.91
CA TYR JA 137 80.46 -39.42 -23.89
C TYR JA 137 80.71 -38.43 -25.00
N ASN JA 138 79.71 -38.23 -25.85
CA ASN JA 138 79.92 -37.64 -27.17
C ASN JA 138 79.04 -36.41 -27.34
N LEU JA 139 79.66 -35.29 -27.69
CA LEU JA 139 78.96 -34.10 -28.11
C LEU JA 139 79.30 -33.85 -29.57
N VAL JA 140 78.32 -33.42 -30.35
CA VAL JA 140 78.52 -33.08 -31.76
C VAL JA 140 77.95 -31.70 -31.99
N LEU JA 141 78.81 -30.73 -32.23
CA LEU JA 141 78.39 -29.38 -32.56
C LEU JA 141 78.11 -29.29 -34.04
N MET JA 142 77.02 -28.61 -34.41
CA MET JA 142 76.60 -28.51 -35.81
C MET JA 142 76.14 -27.08 -36.07
N LYS JA 143 76.86 -26.37 -36.93
CA LYS JA 143 76.42 -25.04 -37.32
C LYS JA 143 75.30 -25.18 -38.34
N TYR JA 144 74.13 -24.65 -38.01
CA TYR JA 144 73.01 -24.67 -38.93
C TYR JA 144 73.14 -23.58 -39.97
N ASP JA 145 72.91 -23.95 -41.23
CA ASP JA 145 72.73 -23.00 -42.30
C ASP JA 145 71.57 -23.47 -43.16
N GLN JA 146 70.99 -22.53 -43.91
CA GLN JA 146 69.85 -22.85 -44.74
C GLN JA 146 70.21 -23.89 -45.79
N SER JA 147 69.22 -24.67 -46.20
CA SER JA 147 69.29 -25.66 -47.26
C SER JA 147 69.98 -26.94 -46.83
N LEU JA 148 70.57 -27.01 -45.64
CA LEU JA 148 71.12 -28.24 -45.09
C LEU JA 148 70.21 -28.82 -44.01
N GLU JA 149 68.92 -28.48 -44.05
CA GLU JA 149 68.00 -29.00 -43.05
C GLU JA 149 67.96 -30.52 -43.08
N LEU JA 150 67.73 -31.09 -44.26
CA LEU JA 150 67.57 -32.53 -44.34
C LEU JA 150 68.88 -33.25 -44.03
N ASP JA 151 70.00 -32.70 -44.47
CA ASP JA 151 71.28 -33.33 -44.16
C ASP JA 151 71.57 -33.29 -42.68
N MET JA 152 71.28 -32.16 -42.03
CA MET JA 152 71.44 -32.08 -40.58
C MET JA 152 70.59 -33.11 -39.88
N SER JA 153 69.31 -33.21 -40.25
CA SER JA 153 68.43 -34.14 -39.56
C SER JA 153 68.78 -35.59 -39.89
N GLU JA 154 69.27 -35.85 -41.10
CA GLU JA 154 69.72 -37.20 -41.43
C GLU JA 154 70.89 -37.60 -40.55
N LEU JA 155 71.87 -36.71 -40.41
CA LEU JA 155 73.00 -37.01 -39.54
C LEU JA 155 72.54 -37.19 -38.11
N ALA JA 156 71.63 -36.34 -37.66
CA ALA JA 156 71.11 -36.46 -36.30
C ALA JA 156 70.44 -37.81 -36.10
N ASP JA 157 69.62 -38.22 -37.06
CA ASP JA 157 68.98 -39.53 -36.97
C ASP JA 157 70.03 -40.63 -36.85
N LEU JA 158 71.02 -40.61 -37.74
CA LEU JA 158 71.99 -41.69 -37.79
C LEU JA 158 72.78 -41.80 -36.49
N ILE JA 159 73.19 -40.65 -35.92
CA ILE JA 159 74.03 -40.73 -34.73
C ILE JA 159 73.20 -40.92 -33.47
N LEU JA 160 72.00 -40.32 -33.40
CA LEU JA 160 71.24 -40.39 -32.18
C LEU JA 160 70.55 -41.73 -31.99
N ASN JA 161 70.18 -42.43 -33.07
CA ASN JA 161 69.48 -43.69 -32.95
C ASN JA 161 70.43 -44.87 -33.16
N GLU JA 162 70.17 -45.95 -32.42
CA GLU JA 162 70.96 -47.18 -32.56
C GLU JA 162 70.41 -47.96 -33.74
N TRP JA 163 71.16 -48.00 -34.82
CA TRP JA 163 70.79 -48.76 -36.01
C TRP JA 163 71.52 -50.08 -36.02
N LEU JA 164 70.81 -51.16 -36.34
CA LEU JA 164 71.41 -52.46 -36.60
C LEU JA 164 71.09 -52.82 -38.03
N CYS JA 165 72.11 -53.25 -38.79
CA CYS JA 165 71.81 -53.39 -40.21
C CYS JA 165 72.72 -54.34 -40.95
N ASN JA 166 72.20 -54.76 -42.10
CA ASN JA 166 72.74 -55.82 -42.92
C ASN JA 166 73.05 -55.28 -44.31
N PRO JA 167 73.92 -55.94 -45.06
CA PRO JA 167 74.29 -55.42 -46.38
C PRO JA 167 73.21 -55.71 -47.40
N MET JA 168 73.28 -54.98 -48.52
CA MET JA 168 72.40 -55.21 -49.65
C MET JA 168 73.25 -55.42 -50.89
N ASP JA 169 72.92 -56.48 -51.63
CA ASP JA 169 73.55 -56.79 -52.91
C ASP JA 169 72.63 -56.25 -53.99
N ILE JA 170 72.85 -54.99 -54.37
CA ILE JA 170 71.90 -54.27 -55.20
C ILE JA 170 71.71 -54.96 -56.54
N THR JA 171 72.77 -55.50 -57.11
CA THR JA 171 72.72 -56.04 -58.47
C THR JA 171 72.22 -57.47 -58.52
N LEU JA 172 71.72 -58.01 -57.41
CA LEU JA 172 71.37 -59.43 -57.34
C LEU JA 172 70.03 -59.72 -56.71
N TYR JA 173 69.51 -58.83 -55.86
CA TYR JA 173 68.25 -59.05 -55.15
C TYR JA 173 67.34 -57.85 -55.32
N TYR JA 174 66.09 -58.03 -54.90
CA TYR JA 174 65.14 -56.94 -54.69
C TYR JA 174 64.81 -56.87 -53.21
N TYR JA 175 64.61 -55.65 -52.71
CA TYR JA 175 64.53 -55.41 -51.27
C TYR JA 175 63.24 -54.70 -50.91
N GLN JA 176 62.58 -55.21 -49.88
CA GLN JA 176 61.43 -54.55 -49.28
C GLN JA 176 61.88 -53.78 -48.05
N GLN JA 177 60.92 -53.28 -47.28
CA GLN JA 177 61.16 -52.72 -45.96
C GLN JA 177 60.09 -53.29 -45.03
N SER JA 178 60.53 -54.00 -44.00
CA SER JA 178 59.59 -54.78 -43.20
C SER JA 178 58.56 -53.90 -42.50
N GLY JA 179 58.99 -52.80 -41.93
CA GLY JA 179 58.08 -51.99 -41.14
C GLY JA 179 58.54 -50.56 -41.04
N GLU JA 180 57.88 -49.82 -40.15
CA GLU JA 180 58.18 -48.40 -39.99
C GLU JA 180 59.61 -48.17 -39.55
N SER JA 181 60.19 -49.10 -38.80
CA SER JA 181 61.52 -48.93 -38.25
C SER JA 181 62.62 -49.29 -39.22
N ASN JA 182 62.29 -49.66 -40.45
CA ASN JA 182 63.28 -50.07 -41.44
C ASN JA 182 63.51 -48.93 -42.43
N LYS JA 183 64.78 -48.71 -42.77
CA LYS JA 183 65.18 -47.72 -43.75
C LYS JA 183 66.34 -48.30 -44.55
N TRP JA 184 66.80 -47.56 -45.55
CA TRP JA 184 68.04 -47.86 -46.23
C TRP JA 184 68.98 -46.69 -46.06
N ILE JA 185 70.18 -46.97 -45.53
CA ILE JA 185 71.18 -45.95 -45.29
C ILE JA 185 72.19 -46.05 -46.42
N SER JA 186 72.38 -44.96 -47.16
CA SER JA 186 73.34 -44.91 -48.26
C SER JA 186 74.41 -43.90 -47.91
N MET JA 187 75.66 -44.36 -47.88
CA MET JA 187 76.79 -43.55 -47.43
C MET JA 187 77.94 -43.74 -48.40
N GLY JA 188 78.58 -42.63 -48.77
CA GLY JA 188 79.70 -42.70 -49.67
C GLY JA 188 80.12 -41.32 -50.11
N SER JA 189 81.11 -41.28 -51.00
CA SER JA 189 81.58 -40.01 -51.52
C SER JA 189 80.51 -39.33 -52.36
N SER JA 190 79.63 -40.10 -52.98
CA SER JA 190 78.49 -39.54 -53.69
C SER JA 190 77.49 -40.63 -54.00
N CYS JA 191 76.26 -40.48 -53.51
CA CYS JA 191 75.22 -41.49 -53.64
C CYS JA 191 74.12 -40.96 -54.54
N THR JA 192 73.73 -41.77 -55.53
CA THR JA 192 72.59 -41.49 -56.39
C THR JA 192 71.75 -42.75 -56.43
N VAL JA 193 70.87 -42.91 -55.44
CA VAL JA 193 70.04 -44.10 -55.33
C VAL JA 193 68.79 -43.89 -56.19
N LYS JA 194 68.61 -44.75 -57.18
CA LYS JA 194 67.49 -44.69 -58.10
C LYS JA 194 66.68 -45.96 -57.91
N VAL JA 195 65.41 -45.81 -57.59
CA VAL JA 195 64.59 -46.91 -57.09
C VAL JA 195 63.40 -47.11 -58.00
N CYS JA 196 63.15 -48.36 -58.39
CA CYS JA 196 62.02 -48.74 -59.24
C CYS JA 196 61.14 -49.72 -58.47
N PRO JA 197 59.93 -49.34 -58.02
CA PRO JA 197 59.06 -50.32 -57.39
C PRO JA 197 58.52 -51.30 -58.40
N LEU JA 198 58.27 -52.53 -57.95
CA LEU JA 198 57.83 -53.61 -58.82
C LEU JA 198 56.45 -54.10 -58.42
N ASN JA 199 55.69 -54.52 -59.43
CA ASN JA 199 54.43 -55.19 -59.21
C ASN JA 199 54.69 -56.55 -58.57
N THR JA 200 53.61 -57.26 -58.24
CA THR JA 200 53.78 -58.61 -57.72
C THR JA 200 54.33 -59.57 -58.76
N GLN JA 201 54.28 -59.19 -60.04
CA GLN JA 201 54.76 -60.02 -61.14
C GLN JA 201 56.19 -59.69 -61.53
N THR JA 202 56.92 -58.94 -60.71
CA THR JA 202 58.30 -58.57 -61.00
C THR JA 202 58.37 -57.69 -62.25
N LEU JA 203 57.38 -56.80 -62.40
CA LEU JA 203 57.38 -55.78 -63.43
C LEU JA 203 57.32 -54.42 -62.75
N GLY JA 204 58.14 -53.48 -63.21
CA GLY JA 204 58.17 -52.18 -62.59
C GLY JA 204 56.86 -51.44 -62.79
N ILE JA 205 56.56 -50.52 -61.86
CA ILE JA 205 55.42 -49.63 -61.97
C ILE JA 205 55.95 -48.22 -62.17
N GLY JA 206 55.58 -47.59 -63.28
CA GLY JA 206 56.14 -46.30 -63.61
C GLY JA 206 57.62 -46.34 -63.94
N CYS JA 207 58.16 -47.51 -64.25
CA CYS JA 207 59.58 -47.65 -64.55
C CYS JA 207 59.82 -49.03 -65.13
N GLN JA 208 60.74 -49.10 -66.09
CA GLN JA 208 61.12 -50.34 -66.72
C GLN JA 208 62.23 -50.99 -65.91
N THR JA 209 62.06 -52.27 -65.56
CA THR JA 209 63.08 -52.95 -64.77
C THR JA 209 64.41 -53.04 -65.51
N THR JA 210 64.40 -52.94 -66.84
CA THR JA 210 65.63 -52.97 -67.62
C THR JA 210 66.22 -51.56 -67.76
N ASN JA 211 65.45 -50.63 -68.32
CA ASN JA 211 65.89 -49.25 -68.44
C ASN JA 211 66.16 -48.66 -67.08
N VAL JA 212 67.28 -47.97 -66.95
CA VAL JA 212 67.64 -47.34 -65.68
C VAL JA 212 67.16 -45.90 -65.61
N ASP JA 213 67.09 -45.20 -66.74
CA ASP JA 213 66.70 -43.79 -66.71
C ASP JA 213 65.24 -43.62 -66.30
N SER JA 214 64.41 -44.64 -66.51
CA SER JA 214 63.01 -44.54 -66.12
C SER JA 214 62.79 -44.67 -64.63
N PHE JA 215 63.81 -45.12 -63.89
CA PHE JA 215 63.71 -45.25 -62.44
C PHE JA 215 63.37 -43.91 -61.81
N GLU JA 216 62.95 -43.97 -60.55
CA GLU JA 216 62.60 -42.79 -59.77
C GLU JA 216 63.75 -42.48 -58.82
N THR JA 217 64.39 -41.34 -59.01
CA THR JA 217 65.51 -40.95 -58.17
C THR JA 217 64.98 -40.32 -56.90
N VAL JA 218 65.44 -40.82 -55.75
CA VAL JA 218 64.99 -40.36 -54.44
C VAL JA 218 66.09 -39.66 -53.66
N ALA JA 219 67.32 -39.66 -54.15
CA ALA JA 219 68.39 -38.89 -53.52
C ALA JA 219 69.57 -38.77 -54.47
N GLU JA 220 69.99 -37.54 -54.76
CA GLU JA 220 71.06 -37.26 -55.72
C GLU JA 220 72.28 -36.68 -55.02
N ASN JA 221 73.43 -37.30 -55.22
CA ASN JA 221 74.72 -36.73 -54.88
C ASN JA 221 74.80 -36.34 -53.39
N GLU JA 222 74.15 -37.12 -52.55
CA GLU JA 222 74.22 -36.92 -51.11
C GLU JA 222 75.28 -37.84 -50.52
N LYS JA 223 76.13 -37.28 -49.66
CA LYS JA 223 77.09 -38.11 -48.96
C LYS JA 223 76.39 -39.12 -48.07
N LEU JA 224 75.27 -38.73 -47.47
CA LEU JA 224 74.51 -39.60 -46.60
C LEU JA 224 73.03 -39.42 -46.89
N ALA JA 225 72.31 -40.52 -46.97
CA ALA JA 225 70.88 -40.48 -47.25
C ALA JA 225 70.17 -41.64 -46.56
N ILE JA 226 69.24 -41.31 -45.67
CA ILE JA 226 68.31 -42.30 -45.14
C ILE JA 226 67.08 -42.24 -46.03
N VAL JA 227 66.84 -43.30 -46.81
CA VAL JA 227 65.73 -43.35 -47.74
C VAL JA 227 64.72 -44.37 -47.22
N ASP JA 228 63.48 -43.91 -47.07
CA ASP JA 228 62.33 -44.73 -46.75
C ASP JA 228 61.46 -44.84 -47.98
N VAL JA 229 60.96 -46.05 -48.24
CA VAL JA 229 60.06 -46.31 -49.35
C VAL JA 229 58.87 -47.10 -48.82
N VAL JA 230 57.90 -47.32 -49.69
CA VAL JA 230 56.66 -47.97 -49.27
C VAL JA 230 56.96 -49.36 -48.76
N ASP JA 231 56.42 -49.69 -47.59
CA ASP JA 231 56.79 -50.91 -46.89
C ASP JA 231 55.91 -52.05 -47.39
N GLY JA 232 56.46 -52.86 -48.28
CA GLY JA 232 55.71 -53.97 -48.86
C GLY JA 232 56.03 -54.18 -50.33
N ILE JA 233 56.60 -53.17 -50.98
CA ILE JA 233 56.93 -53.24 -52.40
C ILE JA 233 58.35 -53.77 -52.54
N ASN JA 234 58.52 -54.78 -53.39
CA ASN JA 234 59.84 -55.13 -53.88
C ASN JA 234 60.35 -53.97 -54.72
N HIS JA 235 61.59 -53.56 -54.50
CA HIS JA 235 62.22 -52.49 -55.24
C HIS JA 235 63.47 -52.99 -55.93
N LYS JA 236 63.71 -52.51 -57.14
CA LYS JA 236 65.00 -52.67 -57.81
C LYS JA 236 65.75 -51.36 -57.67
N ILE JA 237 66.94 -51.42 -57.10
CA ILE JA 237 67.73 -50.23 -56.79
C ILE JA 237 68.91 -50.19 -57.74
N ASN JA 238 69.35 -48.98 -58.06
CA ASN JA 238 70.63 -48.76 -58.70
C ASN JA 238 71.36 -47.70 -57.90
N LEU JA 239 72.58 -48.04 -57.46
CA LEU JA 239 73.43 -47.08 -56.77
C LEU JA 239 74.88 -47.47 -57.02
N THR JA 240 75.46 -46.94 -58.11
CA THR JA 240 76.86 -46.53 -58.20
C THR JA 240 77.78 -47.33 -57.29
N THR JA 241 77.77 -48.66 -57.42
CA THR JA 241 78.30 -49.53 -56.38
C THR JA 241 79.78 -49.27 -56.07
N THR JA 242 80.52 -48.66 -56.99
CA THR JA 242 81.94 -48.40 -56.74
C THR JA 242 82.12 -47.31 -55.69
N THR JA 243 81.23 -46.33 -55.63
CA THR JA 243 81.37 -45.19 -54.74
C THR JA 243 80.59 -45.37 -53.45
N CYS JA 244 79.28 -45.57 -53.54
CA CYS JA 244 78.38 -45.46 -52.41
C CYS JA 244 77.96 -46.84 -51.93
N THR JA 245 78.15 -47.11 -50.63
CA THR JA 245 77.68 -48.34 -50.01
C THR JA 245 76.33 -48.11 -49.37
N ILE JA 246 75.40 -49.03 -49.60
CA ILE JA 246 74.05 -48.94 -49.05
C ILE JA 246 73.84 -50.12 -48.13
N ARG JA 247 72.99 -49.94 -47.12
CA ARG JA 247 72.74 -50.95 -46.11
C ARG JA 247 71.28 -50.91 -45.70
N ASN JA 248 70.69 -52.09 -45.52
CA ASN JA 248 69.31 -52.22 -45.08
C ASN JA 248 69.30 -52.21 -43.57
N CYS JA 249 68.79 -51.12 -42.97
CA CYS JA 249 68.98 -50.87 -41.54
C CYS JA 249 67.68 -50.72 -40.78
N LYS JA 250 67.57 -51.49 -39.69
CA LYS JA 250 66.48 -51.35 -38.73
C LYS JA 250 66.93 -50.44 -37.60
N LYS JA 251 65.97 -49.76 -37.01
CA LYS JA 251 66.21 -48.83 -35.91
C LYS JA 251 65.80 -49.50 -34.60
N LEU JA 252 66.79 -49.78 -33.77
CA LEU JA 252 66.54 -50.22 -32.40
C LEU JA 252 66.23 -48.99 -31.56
N GLY JA 253 66.31 -49.10 -30.24
CA GLY JA 253 66.10 -47.96 -29.38
C GLY JA 253 67.08 -46.82 -29.64
N PRO JA 254 67.07 -45.80 -28.80
CA PRO JA 254 67.92 -44.63 -29.07
C PRO JA 254 69.33 -44.81 -28.55
N ARG JA 255 70.30 -44.34 -29.34
CA ARG JA 255 71.68 -44.28 -28.88
C ARG JA 255 71.77 -43.16 -27.87
N GLU JA 256 71.69 -43.51 -26.59
CA GLU JA 256 71.58 -42.52 -25.53
C GLU JA 256 72.87 -41.77 -25.27
N ASN JA 257 73.94 -42.07 -26.02
CA ASN JA 257 75.25 -41.50 -25.72
C ASN JA 257 75.40 -40.11 -26.31
N VAL JA 258 75.30 -40.00 -27.64
CA VAL JA 258 75.67 -38.77 -28.31
C VAL JA 258 74.63 -37.69 -28.04
N ALA JA 259 75.07 -36.44 -28.15
CA ALA JA 259 74.18 -35.29 -28.00
C ALA JA 259 74.52 -34.26 -29.05
N VAL JA 260 73.49 -33.74 -29.73
CA VAL JA 260 73.65 -32.79 -30.81
C VAL JA 260 73.46 -31.40 -30.24
N ILE JA 261 74.37 -30.49 -30.59
CA ILE JA 261 74.29 -29.09 -30.19
C ILE JA 261 74.21 -28.29 -31.49
N GLN JA 262 73.02 -27.82 -31.83
CA GLN JA 262 72.82 -27.00 -33.01
C GLN JA 262 73.22 -25.57 -32.66
N VAL JA 263 74.37 -25.14 -33.19
CA VAL JA 263 74.90 -23.83 -32.86
C VAL JA 263 74.15 -22.73 -33.59
N GLY JA 264 73.46 -23.03 -34.67
CA GLY JA 264 72.84 -22.00 -35.47
C GLY JA 264 71.43 -21.65 -35.04
N GLY JA 265 70.47 -21.82 -35.94
CA GLY JA 265 69.18 -21.16 -35.81
C GLY JA 265 68.03 -22.03 -35.39
N ALA JA 266 66.96 -22.02 -36.20
CA ALA JA 266 65.66 -22.51 -35.77
C ALA JA 266 65.68 -24.00 -35.50
N ASN JA 267 64.83 -24.42 -34.57
CA ASN JA 267 64.68 -25.82 -34.21
C ASN JA 267 64.08 -26.57 -35.40
N ILE JA 268 64.89 -27.41 -36.05
CA ILE JA 268 64.49 -28.07 -37.29
C ILE JA 268 64.65 -29.57 -37.26
N LEU JA 269 65.48 -30.15 -36.39
CA LEU JA 269 65.80 -31.56 -36.50
C LEU JA 269 64.58 -32.43 -36.32
N ASP JA 270 64.40 -33.37 -37.24
CA ASP JA 270 63.29 -34.34 -37.22
C ASP JA 270 63.92 -35.72 -37.33
N ILE JA 271 64.25 -36.32 -36.20
CA ILE JA 271 64.75 -37.69 -36.21
C ILE JA 271 63.69 -38.64 -36.71
N THR JA 272 62.45 -38.46 -36.28
CA THR JA 272 61.39 -39.37 -36.65
C THR JA 272 61.06 -39.20 -38.12
N ALA JA 273 61.42 -40.19 -38.93
CA ALA JA 273 61.13 -40.15 -40.35
C ALA JA 273 59.63 -40.20 -40.62
N ASP JA 274 58.83 -40.65 -39.66
CA ASP JA 274 57.40 -40.50 -39.78
C ASP JA 274 57.03 -39.03 -39.71
N PRO JA 275 56.06 -38.55 -40.49
CA PRO JA 275 55.73 -37.13 -40.44
C PRO JA 275 54.78 -36.75 -39.32
N THR JA 276 54.00 -37.68 -38.79
CA THR JA 276 53.03 -37.34 -37.76
C THR JA 276 53.71 -36.89 -36.48
N THR JA 277 54.77 -37.56 -36.07
CA THR JA 277 55.45 -37.29 -34.81
C THR JA 277 56.73 -36.50 -35.07
N ASN JA 278 56.86 -35.37 -34.39
CA ASN JA 278 58.06 -34.53 -34.45
C ASN JA 278 58.46 -34.22 -33.01
N PRO JA 279 59.08 -35.17 -32.31
CA PRO JA 279 59.33 -34.98 -30.89
C PRO JA 279 60.52 -34.08 -30.64
N GLN JA 280 60.62 -33.64 -29.39
CA GLN JA 280 61.76 -32.89 -28.89
C GLN JA 280 62.49 -33.79 -27.90
N ILE JA 281 63.57 -34.39 -28.34
CA ILE JA 281 64.36 -35.28 -27.49
C ILE JA 281 65.34 -34.45 -26.71
N GLU JA 282 65.67 -34.91 -25.51
CA GLU JA 282 66.50 -34.13 -24.61
C GLU JA 282 67.90 -33.93 -25.16
N ARG JA 283 68.49 -34.96 -25.78
CA ARG JA 283 69.86 -34.88 -26.25
C ARG JA 283 70.01 -34.05 -27.51
N MET JA 284 68.92 -33.58 -28.10
CA MET JA 284 68.96 -32.44 -29.00
C MET JA 284 69.10 -31.17 -28.19
N MET JA 285 69.89 -30.23 -28.69
CA MET JA 285 70.11 -28.98 -27.99
C MET JA 285 70.35 -27.90 -29.02
N ARG JA 286 70.15 -26.64 -28.61
CA ARG JA 286 70.42 -25.51 -29.48
C ARG JA 286 71.04 -24.39 -28.68
N VAL JA 287 71.83 -23.56 -29.36
CA VAL JA 287 72.36 -22.33 -28.79
C VAL JA 287 72.45 -21.28 -29.89
N ASN JA 288 72.21 -20.03 -29.52
CA ASN JA 288 72.48 -18.91 -30.40
C ASN JA 288 73.92 -18.46 -30.18
N TRP JA 289 74.54 -17.93 -31.23
CA TRP JA 289 75.98 -17.75 -31.20
C TRP JA 289 76.41 -16.56 -32.05
N LYS JA 290 77.49 -15.93 -31.62
CA LYS JA 290 78.41 -15.18 -32.46
C LYS JA 290 79.81 -15.77 -32.46
N ARG JA 291 80.31 -16.19 -31.30
CA ARG JA 291 81.72 -16.48 -31.10
C ARG JA 291 81.90 -17.90 -30.59
N TRP JA 292 82.77 -18.64 -31.28
CA TRP JA 292 83.01 -20.02 -30.89
C TRP JA 292 83.60 -20.11 -29.49
N TRP JA 293 84.36 -19.11 -29.07
CA TRP JA 293 84.80 -19.11 -27.68
C TRP JA 293 83.60 -19.08 -26.75
N GLN JA 294 82.60 -18.26 -27.06
CA GLN JA 294 81.43 -18.21 -26.21
C GLN JA 294 80.72 -19.56 -26.20
N VAL JA 295 80.63 -20.21 -27.36
CA VAL JA 295 79.96 -21.51 -27.42
C VAL JA 295 80.70 -22.53 -26.56
N PHE JA 296 82.02 -22.60 -26.71
CA PHE JA 296 82.79 -23.60 -25.98
C PHE JA 296 82.76 -23.32 -24.49
N TYR JA 297 82.83 -22.05 -24.10
CA TYR JA 297 82.73 -21.72 -22.68
C TYR JA 297 81.37 -22.10 -22.14
N THR JA 298 80.31 -21.92 -22.92
CA THR JA 298 78.99 -22.36 -22.48
C THR JA 298 78.97 -23.86 -22.26
N ILE JA 299 79.52 -24.62 -23.21
CA ILE JA 299 79.51 -26.07 -23.09
C ILE JA 299 80.31 -26.49 -21.86
N VAL JA 300 81.48 -25.90 -21.66
CA VAL JA 300 82.30 -26.26 -20.51
C VAL JA 300 81.57 -25.93 -19.21
N ASP JA 301 80.97 -24.74 -19.15
CA ASP JA 301 80.32 -24.30 -17.92
C ASP JA 301 79.17 -25.22 -17.57
N TYR JA 302 78.42 -25.66 -18.57
CA TYR JA 302 77.22 -26.48 -18.34
C TYR JA 302 77.44 -27.94 -18.67
N ILE JA 303 78.69 -28.42 -18.65
CA ILE JA 303 78.96 -29.80 -19.04
C ILE JA 303 78.28 -30.77 -18.11
N ASN JA 304 78.09 -30.40 -16.84
CA ASN JA 304 77.38 -31.28 -15.92
C ASN JA 304 75.99 -31.60 -16.46
N GLN JA 305 75.25 -30.57 -16.87
CA GLN JA 305 73.92 -30.80 -17.41
C GLN JA 305 73.98 -31.58 -18.72
N ILE JA 306 74.99 -31.32 -19.55
CA ILE JA 306 75.11 -32.02 -20.82
C ILE JA 306 75.21 -33.52 -20.59
N VAL JA 307 76.24 -33.95 -19.86
CA VAL JA 307 76.44 -35.38 -19.67
C VAL JA 307 75.29 -35.98 -18.88
N GLN JA 308 74.74 -35.22 -17.94
CA GLN JA 308 73.67 -35.75 -17.12
C GLN JA 308 72.36 -35.86 -17.88
N VAL JA 309 72.26 -35.22 -19.04
CA VAL JA 309 71.20 -35.51 -20.00
C VAL JA 309 71.56 -36.69 -20.89
N MET JA 310 72.82 -36.80 -21.26
CA MET JA 310 73.27 -37.99 -21.99
C MET JA 310 73.28 -39.19 -21.04
N SER JA 311 73.59 -40.36 -21.58
CA SER JA 311 73.69 -41.56 -20.76
C SER JA 311 74.56 -42.58 -21.48
N LYS JA 312 75.16 -43.47 -20.69
CA LYS JA 312 76.07 -44.47 -21.25
C LYS JA 312 75.33 -45.38 -22.23
N ARG JA 313 76.07 -45.88 -23.20
CA ARG JA 313 75.49 -46.78 -24.21
C ARG JA 313 74.95 -48.02 -23.55
N SER JA 314 73.64 -48.26 -23.70
CA SER JA 314 73.08 -49.51 -23.22
C SER JA 314 73.71 -50.71 -23.90
N ARG JA 315 74.29 -50.52 -25.09
CA ARG JA 315 74.89 -51.63 -25.84
C ARG JA 315 76.33 -51.89 -25.46
N SER JA 316 77.03 -50.93 -24.87
CA SER JA 316 78.42 -51.14 -24.50
C SER JA 316 78.58 -51.85 -23.16
N LEU JA 317 77.53 -51.91 -22.34
CA LEU JA 317 77.63 -52.56 -21.05
C LEU JA 317 77.74 -54.07 -21.21
N ASN JA 318 78.28 -54.72 -20.16
CA ASN JA 318 78.22 -56.17 -20.10
C ASN JA 318 76.80 -56.68 -20.03
N SER JA 319 75.85 -55.84 -19.61
CA SER JA 319 74.46 -56.26 -19.54
C SER JA 319 73.94 -56.72 -20.90
N ALA JA 320 74.34 -56.02 -21.97
CA ALA JA 320 73.93 -56.34 -23.32
C ALA JA 320 74.98 -57.19 -24.03
N ALA JA 321 75.65 -58.09 -23.31
CA ALA JA 321 76.79 -58.79 -23.87
C ALA JA 321 76.40 -59.65 -25.06
N PHE JA 322 75.34 -60.46 -24.92
CA PHE JA 322 74.90 -61.33 -26.00
C PHE JA 322 73.71 -60.81 -26.76
N TYR JA 323 73.24 -59.60 -26.50
CA TYR JA 323 72.17 -59.07 -27.34
C TYR JA 323 72.74 -58.47 -28.62
N TYR JA 324 73.32 -57.28 -28.54
CA TYR JA 324 73.94 -56.65 -29.70
C TYR JA 324 75.14 -55.80 -29.27
N ARG JA 325 76.04 -56.37 -28.46
CA ARG JA 325 77.09 -55.57 -27.83
C ARG JA 325 77.91 -54.84 -28.88
N VAL JA 326 78.19 -53.56 -28.61
CA VAL JA 326 78.95 -52.74 -29.53
C VAL JA 326 79.31 -51.42 -28.87
N ASN KA 52 54.46 -10.85 -2.52
CA ASN KA 52 53.54 -11.43 -1.57
C ASN KA 52 54.31 -12.08 -0.43
N TYR KA 53 55.03 -11.28 0.34
CA TYR KA 53 55.85 -11.77 1.43
C TYR KA 53 55.06 -11.91 2.74
N GLY KA 54 53.74 -11.98 2.67
CA GLY KA 54 52.93 -12.19 3.85
C GLY KA 54 53.10 -11.09 4.87
N LEU KA 55 53.14 -9.85 4.39
CA LEU KA 55 53.38 -8.69 5.25
C LEU KA 55 52.09 -8.17 5.86
N ASN KA 56 51.34 -9.07 6.48
CA ASN KA 56 50.14 -8.69 7.21
C ASN KA 56 49.98 -9.40 8.54
N ILE KA 57 50.58 -10.57 8.71
CA ILE KA 57 50.43 -11.33 9.96
C ILE KA 57 51.51 -10.87 10.92
N PRO KA 58 51.26 -10.80 12.22
CA PRO KA 58 52.31 -10.41 13.14
C PRO KA 58 53.30 -11.55 13.37
N ILE KA 59 54.50 -11.17 13.77
CA ILE KA 59 55.55 -12.12 14.13
C ILE KA 59 55.74 -12.06 15.63
N THR KA 60 55.61 -13.20 16.28
CA THR KA 60 55.71 -13.29 17.74
C THR KA 60 57.14 -13.65 18.10
N GLY KA 61 57.81 -12.77 18.84
CA GLY KA 61 59.14 -13.01 19.34
C GLY KA 61 59.11 -13.55 20.75
N SER KA 62 60.29 -13.52 21.38
CA SER KA 62 60.41 -13.82 22.79
C SER KA 62 61.45 -12.89 23.37
N MET KA 63 61.29 -12.55 24.64
CA MET KA 63 62.09 -11.51 25.27
C MET KA 63 63.18 -12.08 26.15
N ASP KA 64 63.45 -13.39 26.06
CA ASP KA 64 64.46 -14.02 26.90
C ASP KA 64 65.34 -15.02 26.18
N THR KA 65 65.17 -15.25 24.88
CA THR KA 65 65.86 -16.33 24.20
C THR KA 65 65.99 -16.00 22.71
N VAL KA 66 67.21 -15.96 22.16
CA VAL KA 66 68.52 -15.85 22.80
C VAL KA 66 69.32 -14.89 21.93
N TYR KA 67 70.56 -14.59 22.31
CA TYR KA 67 71.49 -13.92 21.42
C TYR KA 67 72.24 -14.97 20.63
N SER KA 68 72.09 -14.96 19.31
CA SER KA 68 72.55 -16.05 18.46
C SER KA 68 73.18 -15.46 17.20
N ASN KA 69 73.36 -16.30 16.19
CA ASN KA 69 73.99 -15.95 14.93
C ASN KA 69 72.96 -15.85 13.81
N SER KA 70 73.28 -15.02 12.81
CA SER KA 70 72.49 -14.93 11.60
C SER KA 70 72.94 -16.01 10.63
N THR KA 71 72.00 -16.78 10.08
CA THR KA 71 72.35 -18.01 9.39
C THR KA 71 73.23 -17.77 8.16
N ARG KA 72 72.64 -17.20 7.10
CA ARG KA 72 73.29 -17.10 5.79
C ARG KA 72 72.38 -16.33 4.85
N GLU KA 73 72.91 -16.04 3.65
CA GLU KA 73 72.12 -15.50 2.55
C GLU KA 73 72.94 -15.66 1.28
N GLU KA 74 72.36 -16.33 0.27
CA GLU KA 74 73.09 -16.70 -0.94
C GLU KA 74 72.50 -15.96 -2.13
N VAL KA 75 72.91 -14.70 -2.31
CA VAL KA 75 72.77 -14.00 -3.57
C VAL KA 75 74.08 -13.38 -4.05
N PHE KA 76 75.02 -13.12 -3.14
CA PHE KA 76 76.39 -12.78 -3.50
C PHE KA 76 77.31 -13.39 -2.47
N LEU KA 77 78.56 -13.59 -2.87
CA LEU KA 77 79.54 -14.17 -1.96
C LEU KA 77 79.70 -13.32 -0.71
N THR KA 78 79.65 -12.00 -0.85
CA THR KA 78 79.73 -11.10 0.29
C THR KA 78 79.37 -9.69 -0.17
N SER KA 79 79.11 -8.83 0.79
CA SER KA 79 78.74 -7.46 0.49
C SER KA 79 79.91 -6.73 -0.17
N THR KA 80 79.63 -5.52 -0.65
CA THR KA 80 80.61 -4.72 -1.36
C THR KA 80 80.60 -3.29 -0.83
N LEU KA 81 81.77 -2.78 -0.52
CA LEU KA 81 81.96 -1.42 -0.03
C LEU KA 81 82.33 -0.53 -1.20
N CYS KA 82 82.02 0.77 -1.08
CA CYS KA 82 81.88 1.54 -2.30
C CYS KA 82 82.09 3.02 -1.99
N LEU KA 83 83.28 3.53 -2.28
CA LEU KA 83 83.61 4.91 -1.99
C LEU KA 83 83.22 5.80 -3.15
N TYR KA 84 82.76 7.02 -2.85
CA TYR KA 84 82.45 8.04 -3.85
C TYR KA 84 83.18 9.30 -3.42
N TYR KA 85 84.25 9.64 -4.11
CA TYR KA 85 85.12 10.73 -3.73
C TYR KA 85 85.21 11.72 -4.88
N PRO KA 86 85.56 12.97 -4.61
CA PRO KA 86 85.71 13.94 -5.69
C PRO KA 86 87.12 13.91 -6.28
N THR KA 87 87.23 14.44 -7.50
CA THR KA 87 88.51 14.43 -8.21
C THR KA 87 89.59 15.21 -7.47
N GLU KA 88 89.20 16.13 -6.58
CA GLU KA 88 90.17 16.83 -5.76
C GLU KA 88 91.04 15.83 -5.00
N ALA KA 89 90.44 14.74 -4.53
CA ALA KA 89 91.21 13.75 -3.79
C ALA KA 89 92.34 13.19 -4.64
N SER KA 90 92.03 12.76 -5.85
CA SER KA 90 93.05 12.19 -6.72
C SER KA 90 94.11 13.23 -7.07
N THR KA 91 93.67 14.45 -7.40
CA THR KA 91 94.63 15.47 -7.80
C THR KA 91 95.59 15.81 -6.67
N GLN KA 92 95.09 15.87 -5.43
CA GLN KA 92 95.98 16.17 -4.31
C GLN KA 92 96.86 14.98 -3.97
N ILE KA 93 96.35 13.76 -4.10
CA ILE KA 93 97.14 12.59 -3.80
C ILE KA 93 98.30 12.45 -4.77
N SER KA 94 98.06 12.69 -6.06
CA SER KA 94 99.10 12.62 -7.09
C SER KA 94 99.75 11.23 -7.12
N ASP KA 95 98.92 10.25 -7.48
CA ASP KA 95 99.27 8.85 -7.46
C ASP KA 95 98.45 8.16 -8.54
N GLY KA 96 98.13 6.88 -8.37
CA GLY KA 96 97.53 6.11 -9.44
C GLY KA 96 97.74 4.62 -9.30
N GLU KA 97 98.57 4.22 -8.34
CA GLU KA 97 98.46 2.91 -7.71
C GLU KA 97 97.67 2.99 -6.42
N TRP KA 98 97.08 4.15 -6.11
CA TRP KA 98 96.51 4.35 -4.78
C TRP KA 98 95.21 3.60 -4.60
N LYS KA 99 94.43 3.39 -5.66
CA LYS KA 99 93.27 2.53 -5.53
C LYS KA 99 93.70 1.12 -5.18
N ASP KA 100 94.77 0.64 -5.80
CA ASP KA 100 95.30 -0.67 -5.45
C ASP KA 100 95.77 -0.70 -4.01
N SER KA 101 96.44 0.36 -3.55
CA SER KA 101 96.90 0.38 -2.16
C SER KA 101 95.73 0.39 -1.19
N LEU KA 102 94.69 1.16 -1.49
CA LEU KA 102 93.53 1.20 -0.61
C LEU KA 102 92.83 -0.15 -0.57
N SER KA 103 92.73 -0.83 -1.72
CA SER KA 103 92.17 -2.17 -1.72
C SER KA 103 93.02 -3.11 -0.88
N GLN KA 104 94.34 -3.01 -1.01
CA GLN KA 104 95.25 -3.85 -0.26
C GLN KA 104 95.09 -3.61 1.24
N MET KA 105 94.79 -2.37 1.62
CA MET KA 105 94.60 -2.06 3.04
C MET KA 105 93.23 -2.47 3.54
N PHE KA 106 92.20 -2.44 2.68
CA PHE KA 106 90.92 -2.99 3.09
C PHE KA 106 91.02 -4.50 3.30
N LEU KA 107 91.89 -5.16 2.53
CA LEU KA 107 92.01 -6.61 2.64
C LEU KA 107 92.35 -7.03 4.06
N ILE KA 108 93.27 -6.30 4.71
CA ILE KA 108 93.60 -6.67 6.08
C ILE KA 108 92.46 -6.32 7.02
N LYS KA 109 91.69 -5.28 6.72
CA LYS KA 109 90.51 -4.99 7.54
C LYS KA 109 89.50 -6.11 7.46
N GLY KA 110 89.49 -6.86 6.36
CA GLY KA 110 88.67 -8.05 6.26
C GLY KA 110 87.62 -7.97 5.17
N TRP KA 111 87.93 -7.25 4.10
CA TRP KA 111 87.09 -7.16 2.93
C TRP KA 111 87.80 -7.86 1.78
N PRO KA 112 87.28 -8.96 1.21
CA PRO KA 112 88.00 -9.62 0.12
C PRO KA 112 88.16 -8.68 -1.07
N THR KA 113 89.04 -9.07 -1.99
CA THR KA 113 89.57 -8.14 -2.97
C THR KA 113 88.47 -7.52 -3.82
N GLY KA 114 87.60 -8.33 -4.39
CA GLY KA 114 86.64 -7.79 -5.31
C GLY KA 114 85.55 -6.93 -4.70
N SER KA 115 85.53 -6.80 -3.37
CA SER KA 115 84.41 -6.18 -2.70
C SER KA 115 84.45 -4.66 -2.68
N VAL KA 116 85.63 -4.05 -2.78
CA VAL KA 116 85.78 -2.61 -2.61
C VAL KA 116 85.84 -1.96 -3.99
N TYR KA 117 85.02 -0.94 -4.20
CA TYR KA 117 84.97 -0.21 -5.46
C TYR KA 117 85.05 1.28 -5.19
N PHE KA 118 85.63 2.00 -6.14
CA PHE KA 118 85.85 3.43 -6.03
C PHE KA 118 85.18 4.14 -7.19
N LYS KA 119 84.55 5.27 -6.89
CA LYS KA 119 83.88 6.10 -7.88
C LYS KA 119 84.30 7.54 -7.68
N GLU KA 120 84.43 8.26 -8.79
CA GLU KA 120 85.08 9.56 -8.83
C GLU KA 120 84.19 10.53 -9.58
N TYR KA 121 83.54 11.43 -8.85
CA TYR KA 121 82.66 12.43 -9.43
C TYR KA 121 83.39 13.76 -9.52
N SER KA 122 82.98 14.59 -10.48
CA SER KA 122 83.70 15.83 -10.76
C SER KA 122 83.67 16.75 -9.55
N ASN KA 123 82.49 17.02 -9.03
CA ASN KA 123 82.31 17.80 -7.81
C ASN KA 123 80.87 17.62 -7.38
N ILE KA 124 80.47 18.34 -6.34
CA ILE KA 124 79.21 18.03 -5.69
C ILE KA 124 78.03 18.32 -6.63
N VAL KA 125 78.08 19.43 -7.35
CA VAL KA 125 76.96 19.80 -8.20
C VAL KA 125 76.87 18.83 -9.38
N ASP KA 126 78.01 18.43 -9.93
CA ASP KA 126 78.01 17.51 -11.06
C ASP KA 126 77.65 16.09 -10.65
N PHE KA 127 77.79 15.75 -9.37
CA PHE KA 127 77.31 14.48 -8.88
C PHE KA 127 75.83 14.53 -8.54
N SER KA 128 75.30 15.72 -8.21
CA SER KA 128 73.90 15.83 -7.86
C SER KA 128 72.98 15.39 -8.98
N VAL KA 129 73.39 15.58 -10.24
CA VAL KA 129 72.55 15.22 -11.37
C VAL KA 129 72.61 13.70 -11.56
N ASP KA 130 71.47 13.04 -11.39
CA ASP KA 130 71.35 11.59 -11.53
C ASP KA 130 72.41 10.88 -10.71
N PRO KA 131 72.37 10.96 -9.40
CA PRO KA 131 73.39 10.29 -8.60
C PRO KA 131 73.16 8.79 -8.56
N GLN KA 132 73.96 8.04 -9.31
CA GLN KA 132 73.76 6.61 -9.45
C GLN KA 132 74.67 5.89 -8.46
N LEU KA 133 74.06 5.09 -7.60
CA LEU KA 133 74.75 4.33 -6.56
C LEU KA 133 74.77 2.86 -6.97
N TYR KA 134 75.76 2.50 -7.79
CA TYR KA 134 75.73 1.22 -8.48
C TYR KA 134 76.22 0.09 -7.60
N CYS KA 135 75.77 -0.01 -6.36
CA CYS KA 135 76.67 -0.62 -5.39
C CYS KA 135 75.89 -0.88 -4.10
N ASP KA 136 76.57 -1.40 -3.08
CA ASP KA 136 75.90 -1.98 -1.91
C ASP KA 136 76.05 -1.16 -0.62
N TYR KA 137 77.27 -0.92 -0.17
CA TYR KA 137 77.56 0.00 0.93
C TYR KA 137 78.22 1.24 0.36
N ASN KA 138 77.43 2.28 0.15
CA ASN KA 138 77.90 3.50 -0.46
C ASN KA 138 78.32 4.49 0.62
N LEU KA 139 79.54 5.01 0.49
CA LEU KA 139 79.97 6.19 1.24
C LEU KA 139 80.19 7.31 0.24
N VAL KA 140 79.80 8.52 0.62
CA VAL KA 140 79.88 9.67 -0.27
C VAL KA 140 80.64 10.75 0.49
N LEU KA 141 81.88 11.00 0.09
CA LEU KA 141 82.68 12.05 0.72
C LEU KA 141 82.34 13.38 0.07
N MET KA 142 81.73 14.27 0.85
CA MET KA 142 81.25 15.56 0.37
C MET KA 142 82.15 16.63 0.97
N LYS KA 143 83.00 17.24 0.17
CA LYS KA 143 83.87 18.29 0.67
C LYS KA 143 83.06 19.57 0.80
N TYR KA 144 82.91 20.07 2.03
CA TYR KA 144 82.12 21.27 2.25
C TYR KA 144 82.83 22.48 1.67
N ASP KA 145 82.05 23.33 1.01
CA ASP KA 145 82.54 24.62 0.54
C ASP KA 145 81.45 25.66 0.75
N GLN KA 146 81.87 26.89 1.02
CA GLN KA 146 80.93 27.96 1.28
C GLN KA 146 80.04 28.17 0.06
N SER KA 147 78.76 28.43 0.32
CA SER KA 147 77.70 28.65 -0.67
C SER KA 147 77.19 27.35 -1.27
N LEU KA 148 77.77 26.19 -0.95
CA LEU KA 148 77.24 24.91 -1.37
C LEU KA 148 76.41 24.25 -0.29
N GLU KA 149 76.00 25.01 0.72
CA GLU KA 149 75.28 24.41 1.85
C GLU KA 149 73.96 23.82 1.39
N LEU KA 150 73.19 24.58 0.63
CA LEU KA 150 71.89 24.07 0.19
C LEU KA 150 72.05 22.96 -0.82
N ASP KA 151 73.07 23.02 -1.67
CA ASP KA 151 73.24 21.96 -2.67
C ASP KA 151 73.68 20.66 -2.01
N MET KA 152 74.57 20.74 -1.02
CA MET KA 152 74.93 19.55 -0.27
C MET KA 152 73.72 19.01 0.47
N SER KA 153 72.89 19.89 1.03
CA SER KA 153 71.68 19.44 1.68
C SER KA 153 70.74 18.77 0.68
N GLU KA 154 70.65 19.31 -0.53
CA GLU KA 154 69.82 18.72 -1.56
C GLU KA 154 70.29 17.30 -1.86
N LEU KA 155 71.59 17.13 -2.13
CA LEU KA 155 72.09 15.81 -2.45
C LEU KA 155 71.91 14.85 -1.28
N ALA KA 156 72.15 15.31 -0.07
CA ALA KA 156 71.98 14.46 1.10
C ALA KA 156 70.53 14.01 1.22
N ASP KA 157 69.59 14.95 1.13
CA ASP KA 157 68.19 14.60 1.21
C ASP KA 157 67.79 13.68 0.07
N LEU KA 158 68.47 13.76 -1.06
CA LEU KA 158 68.14 12.89 -2.18
C LEU KA 158 68.59 11.47 -1.92
N ILE KA 159 69.89 11.28 -1.64
CA ILE KA 159 70.39 9.92 -1.57
C ILE KA 159 70.04 9.25 -0.25
N LEU KA 160 70.06 9.99 0.86
CA LEU KA 160 69.82 9.39 2.15
C LEU KA 160 68.39 8.92 2.34
N ASN KA 161 67.47 9.28 1.43
CA ASN KA 161 66.07 8.94 1.56
C ASN KA 161 65.58 8.22 0.31
N GLU KA 162 64.50 7.47 0.48
CA GLU KA 162 63.98 6.56 -0.54
C GLU KA 162 62.83 7.25 -1.25
N TRP KA 163 63.07 7.72 -2.47
CA TRP KA 163 62.12 8.54 -3.20
C TRP KA 163 61.38 7.71 -4.25
N LEU KA 164 60.12 8.08 -4.49
CA LEU KA 164 59.28 7.47 -5.51
C LEU KA 164 58.80 8.58 -6.43
N CYS KA 165 59.25 8.57 -7.68
CA CYS KA 165 59.11 9.70 -8.58
C CYS KA 165 58.19 9.34 -9.75
N ASN KA 166 57.26 10.23 -10.05
CA ASN KA 166 56.44 10.18 -11.24
C ASN KA 166 56.85 11.26 -12.23
N PRO KA 167 56.54 11.11 -13.52
CA PRO KA 167 56.87 12.17 -14.48
C PRO KA 167 55.92 13.35 -14.38
N MET KA 168 56.41 14.50 -14.85
CA MET KA 168 55.64 15.74 -14.89
C MET KA 168 55.75 16.32 -16.28
N ASP KA 169 54.65 16.27 -17.03
CA ASP KA 169 54.59 16.91 -18.34
C ASP KA 169 54.32 18.39 -18.12
N ILE KA 170 55.37 19.19 -18.08
CA ILE KA 170 55.25 20.60 -17.71
C ILE KA 170 54.47 21.37 -18.77
N THR KA 171 54.62 21.00 -20.04
CA THR KA 171 54.03 21.81 -21.10
C THR KA 171 52.51 21.78 -21.07
N LEU KA 172 51.91 20.69 -20.58
CA LEU KA 172 50.48 20.46 -20.74
C LEU KA 172 49.65 20.72 -19.49
N TYR KA 173 50.08 20.27 -18.32
CA TYR KA 173 49.23 20.26 -17.14
C TYR KA 173 49.82 21.13 -16.04
N TYR KA 174 48.95 21.59 -15.15
CA TYR KA 174 49.37 22.17 -13.89
C TYR KA 174 49.59 21.05 -12.88
N TYR KA 175 50.15 21.41 -11.72
CA TYR KA 175 50.49 20.39 -10.74
C TYR KA 175 50.33 20.93 -9.33
N GLN KA 176 50.22 20.00 -8.38
CA GLN KA 176 50.05 20.30 -6.97
C GLN KA 176 51.09 19.55 -6.16
N GLN KA 177 50.93 19.55 -4.84
CA GLN KA 177 51.76 18.72 -3.95
C GLN KA 177 50.83 18.11 -2.92
N SER KA 178 50.74 16.79 -2.92
CA SER KA 178 49.72 16.10 -2.11
C SER KA 178 49.93 16.35 -0.62
N GLY KA 179 51.18 16.30 -0.16
CA GLY KA 179 51.44 16.43 1.26
C GLY KA 179 52.86 16.87 1.52
N GLU KA 180 53.20 16.93 2.81
CA GLU KA 180 54.52 17.41 3.21
C GLU KA 180 55.63 16.53 2.66
N SER KA 181 55.33 15.27 2.35
CA SER KA 181 56.33 14.34 1.85
C SER KA 181 56.54 14.44 0.35
N ASN KA 182 55.79 15.30 -0.34
CA ASN KA 182 55.87 15.39 -1.80
C ASN KA 182 56.66 16.62 -2.21
N LYS KA 183 57.77 16.40 -2.88
CA LYS KA 183 58.62 17.45 -3.42
C LYS KA 183 58.53 17.40 -4.94
N TRP KA 184 59.07 18.43 -5.60
CA TRP KA 184 59.37 18.34 -7.02
C TRP KA 184 60.88 18.38 -7.18
N ILE KA 185 61.43 17.36 -7.82
CA ILE KA 185 62.87 17.23 -7.97
C ILE KA 185 63.22 17.49 -9.42
N SER KA 186 64.05 18.49 -9.66
CA SER KA 186 64.48 18.85 -11.00
C SER KA 186 65.97 18.63 -11.13
N MET KA 187 66.38 17.98 -12.21
CA MET KA 187 67.78 17.68 -12.46
C MET KA 187 68.10 17.99 -13.92
N GLY KA 188 69.37 18.24 -14.19
CA GLY KA 188 69.81 18.49 -15.54
C GLY KA 188 71.05 19.35 -15.53
N SER KA 189 71.49 19.72 -16.73
CA SER KA 189 72.68 20.56 -16.85
C SER KA 189 72.42 21.95 -16.28
N SER KA 190 71.19 22.44 -16.38
CA SER KA 190 70.83 23.71 -15.77
C SER KA 190 69.32 23.80 -15.67
N CYS KA 191 68.80 23.97 -14.47
CA CYS KA 191 67.37 24.12 -14.21
C CYS KA 191 67.09 25.54 -13.77
N THR KA 192 66.05 26.14 -14.34
CA THR KA 192 65.54 27.44 -13.89
C THR KA 192 64.03 27.24 -13.73
N VAL KA 193 63.62 26.77 -12.56
CA VAL KA 193 62.23 26.39 -12.33
C VAL KA 193 61.48 27.66 -11.98
N LYS KA 194 60.68 28.17 -12.91
CA LYS KA 194 59.79 29.30 -12.65
C LYS KA 194 58.39 28.77 -12.45
N VAL KA 195 57.83 29.02 -11.27
CA VAL KA 195 56.48 28.58 -10.94
C VAL KA 195 55.55 29.77 -10.94
N CYS KA 196 54.26 29.49 -11.15
CA CYS KA 196 53.21 30.51 -11.12
C CYS KA 196 52.01 29.86 -10.44
N PRO KA 197 51.74 30.19 -9.16
CA PRO KA 197 50.60 29.57 -8.51
C PRO KA 197 49.30 30.14 -9.03
N LEU KA 198 48.30 29.29 -9.16
CA LEU KA 198 46.99 29.66 -9.67
C LEU KA 198 45.96 29.53 -8.56
N ASN KA 199 44.98 30.42 -8.58
CA ASN KA 199 43.90 30.35 -7.61
C ASN KA 199 42.95 29.23 -8.02
N THR KA 200 41.80 29.13 -7.35
CA THR KA 200 40.85 28.08 -7.69
C THR KA 200 40.29 28.26 -9.10
N GLN KA 201 40.22 29.49 -9.58
CA GLN KA 201 39.63 29.78 -10.88
C GLN KA 201 40.63 29.68 -12.02
N THR KA 202 41.79 29.06 -11.79
CA THR KA 202 42.81 28.91 -12.82
C THR KA 202 43.27 30.30 -13.30
N LEU KA 203 43.37 31.23 -12.37
CA LEU KA 203 43.94 32.55 -12.61
C LEU KA 203 45.20 32.68 -11.76
N GLY KA 204 46.33 32.98 -12.41
CA GLY KA 204 47.57 33.12 -11.69
C GLY KA 204 47.50 34.23 -10.67
N ILE KA 205 47.96 33.97 -9.45
CA ILE KA 205 48.04 34.98 -8.41
C ILE KA 205 49.48 35.47 -8.32
N GLY KA 206 49.67 36.78 -8.43
CA GLY KA 206 51.00 37.32 -8.52
C GLY KA 206 51.73 36.98 -9.79
N CYS KA 207 51.04 36.46 -10.80
CA CYS KA 207 51.66 36.06 -12.04
C CYS KA 207 50.57 35.87 -13.09
N GLN KA 208 50.90 36.16 -14.34
CA GLN KA 208 50.00 35.96 -15.46
C GLN KA 208 50.45 34.70 -16.19
N THR KA 209 49.54 33.74 -16.34
CA THR KA 209 49.91 32.46 -16.94
C THR KA 209 50.42 32.64 -18.37
N THR KA 210 50.03 33.71 -19.04
CA THR KA 210 50.45 33.96 -20.42
C THR KA 210 51.76 34.72 -20.53
N ASN KA 211 52.31 35.20 -19.42
CA ASN KA 211 53.54 35.98 -19.41
C ASN KA 211 54.52 35.30 -18.47
N VAL KA 212 55.47 34.54 -19.03
CA VAL KA 212 56.41 33.79 -18.21
C VAL KA 212 57.34 34.73 -17.44
N ASP KA 213 57.47 35.98 -17.87
CA ASP KA 213 58.35 36.90 -17.16
C ASP KA 213 57.85 37.18 -15.75
N SER KA 214 56.53 37.13 -15.53
CA SER KA 214 55.98 37.37 -14.21
C SER KA 214 56.05 36.14 -13.31
N PHE KA 215 56.40 34.97 -13.86
CA PHE KA 215 56.53 33.77 -13.05
C PHE KA 215 57.62 33.97 -12.00
N GLU KA 216 57.65 33.06 -11.03
CA GLU KA 216 58.46 33.24 -9.83
C GLU KA 216 59.52 32.15 -9.80
N THR KA 217 60.79 32.55 -9.72
CA THR KA 217 61.90 31.60 -9.83
C THR KA 217 62.23 31.06 -8.46
N VAL KA 218 61.84 29.81 -8.20
CA VAL KA 218 62.15 29.18 -6.93
C VAL KA 218 63.60 28.69 -6.89
N ALA KA 219 64.20 28.42 -8.05
CA ALA KA 219 65.58 27.97 -8.10
C ALA KA 219 66.10 28.17 -9.51
N GLU KA 220 67.23 28.85 -9.65
CA GLU KA 220 67.77 29.22 -10.95
C GLU KA 220 69.11 28.54 -11.17
N ASN KA 221 69.26 27.91 -12.33
CA ASN KA 221 70.56 27.45 -12.82
C ASN KA 221 71.19 26.45 -11.85
N GLU KA 222 70.38 25.54 -11.32
CA GLU KA 222 70.84 24.51 -10.41
C GLU KA 222 70.92 23.18 -11.14
N LYS KA 223 71.96 22.40 -10.81
CA LYS KA 223 72.03 21.04 -11.31
C LYS KA 223 70.99 20.15 -10.62
N LEU KA 224 70.60 20.48 -9.40
CA LEU KA 224 69.58 19.74 -8.69
C LEU KA 224 68.79 20.71 -7.83
N ALA KA 225 67.46 20.59 -7.86
CA ALA KA 225 66.60 21.46 -7.06
C ALA KA 225 65.46 20.63 -6.52
N ILE KA 226 65.40 20.52 -5.19
CA ILE KA 226 64.28 19.91 -4.49
C ILE KA 226 63.38 21.07 -4.10
N VAL KA 227 62.45 21.43 -4.98
CA VAL KA 227 61.60 22.60 -4.78
C VAL KA 227 60.31 22.16 -4.10
N ASP KA 228 59.93 22.91 -3.08
CA ASP KA 228 58.66 22.76 -2.39
C ASP KA 228 57.84 24.01 -2.68
N VAL KA 229 56.53 23.82 -2.88
CA VAL KA 229 55.59 24.90 -3.01
C VAL KA 229 54.41 24.59 -2.11
N VAL KA 230 53.59 25.62 -1.87
CA VAL KA 230 52.49 25.47 -0.93
C VAL KA 230 51.57 24.37 -1.39
N ASP KA 231 51.21 23.49 -0.46
CA ASP KA 231 50.53 22.25 -0.78
C ASP KA 231 49.05 22.54 -1.01
N GLY KA 232 48.50 21.99 -2.08
CA GLY KA 232 47.10 22.15 -2.40
C GLY KA 232 46.79 23.26 -3.38
N ILE KA 233 47.79 23.99 -3.85
CA ILE KA 233 47.62 25.06 -4.82
C ILE KA 233 48.20 24.60 -6.14
N ASN KA 234 47.42 24.72 -7.21
CA ASN KA 234 47.91 24.40 -8.54
C ASN KA 234 49.02 25.37 -8.93
N HIS KA 235 49.98 24.86 -9.70
CA HIS KA 235 51.08 25.67 -10.19
C HIS KA 235 51.28 25.40 -11.67
N LYS KA 236 51.62 26.45 -12.41
CA LYS KA 236 52.12 26.30 -13.76
C LYS KA 236 53.63 26.42 -13.71
N ILE KA 237 54.31 25.46 -14.32
CA ILE KA 237 55.77 25.34 -14.20
C ILE KA 237 56.38 25.75 -15.53
N ASN KA 238 57.63 26.19 -15.48
CA ASN KA 238 58.35 26.61 -16.68
C ASN KA 238 59.84 26.36 -16.47
N LEU KA 239 60.41 25.41 -17.21
CA LEU KA 239 61.85 25.20 -17.15
C LEU KA 239 62.29 24.51 -18.44
N THR KA 240 62.81 25.30 -19.38
CA THR KA 240 63.91 24.91 -20.26
C THR KA 240 63.95 23.42 -20.56
N THR KA 241 62.88 22.87 -21.13
CA THR KA 241 62.71 21.42 -21.14
C THR KA 241 63.81 20.68 -21.90
N THR KA 242 64.57 21.39 -22.74
CA THR KA 242 65.64 20.72 -23.48
C THR KA 242 66.71 20.17 -22.55
N THR KA 243 67.13 20.97 -21.56
CA THR KA 243 68.26 20.64 -20.70
C THR KA 243 67.85 19.98 -19.40
N CYS KA 244 66.83 20.50 -18.73
CA CYS KA 244 66.46 20.10 -17.39
C CYS KA 244 65.14 19.37 -17.41
N THR KA 245 65.06 18.26 -16.68
CA THR KA 245 63.83 17.51 -16.47
C THR KA 245 63.41 17.64 -15.02
N ILE KA 246 62.14 17.32 -14.75
CA ILE KA 246 61.53 17.49 -13.44
C ILE KA 246 60.60 16.32 -13.18
N ARG KA 247 60.47 15.97 -11.90
CA ARG KA 247 59.68 14.82 -11.48
C ARG KA 247 58.93 15.14 -10.20
N ASN KA 248 57.75 14.55 -10.07
CA ASN KA 248 56.91 14.70 -8.88
C ASN KA 248 57.22 13.54 -7.95
N CYS KA 249 57.99 13.79 -6.89
CA CYS KA 249 58.59 12.73 -6.09
C CYS KA 249 58.06 12.77 -4.68
N LYS KA 250 57.50 11.65 -4.23
CA LYS KA 250 57.11 11.48 -2.84
C LYS KA 250 58.24 10.79 -2.10
N LYS KA 251 58.33 11.05 -0.80
CA LYS KA 251 59.41 10.53 0.03
C LYS KA 251 58.90 9.33 0.82
N LEU KA 252 59.44 8.15 0.49
CA LEU KA 252 59.22 6.96 1.30
C LEU KA 252 60.15 7.03 2.49
N GLY KA 253 60.36 5.91 3.17
CA GLY KA 253 61.25 5.89 4.30
C GLY KA 253 62.69 6.22 3.94
N PRO KA 254 63.64 5.96 4.84
CA PRO KA 254 65.02 6.31 4.55
C PRO KA 254 65.75 5.19 3.84
N ARG KA 255 66.72 5.59 3.02
CA ARG KA 255 67.63 4.65 2.36
C ARG KA 255 68.91 4.58 3.17
N GLU KA 256 69.36 3.36 3.47
CA GLU KA 256 70.45 3.16 4.43
C GLU KA 256 71.60 2.37 3.85
N ASN KA 257 71.75 2.35 2.53
CA ASN KA 257 73.03 1.98 1.94
C ASN KA 257 74.04 3.10 2.02
N VAL KA 258 73.58 4.35 2.13
CA VAL KA 258 74.38 5.52 1.84
C VAL KA 258 74.78 6.19 3.13
N ALA KA 259 76.06 6.53 3.25
CA ALA KA 259 76.60 7.31 4.36
C ALA KA 259 77.25 8.54 3.80
N VAL KA 260 76.69 9.70 4.12
CA VAL KA 260 77.19 10.98 3.64
C VAL KA 260 78.23 11.47 4.65
N ILE KA 261 79.50 11.48 4.25
CA ILE KA 261 80.58 11.96 5.11
C ILE KA 261 80.89 13.39 4.68
N GLN KA 262 80.40 14.36 5.43
CA GLN KA 262 80.82 15.73 5.22
C GLN KA 262 82.26 15.87 5.69
N VAL KA 263 83.15 16.21 4.76
CA VAL KA 263 84.57 16.24 5.06
C VAL KA 263 85.03 17.54 5.68
N GLY KA 264 84.31 18.65 5.44
CA GLY KA 264 84.78 19.95 5.87
C GLY KA 264 84.16 20.53 7.13
N GLY KA 265 83.29 21.51 6.94
CA GLY KA 265 82.93 22.44 8.00
C GLY KA 265 81.98 21.89 9.05
N ALA KA 266 81.11 22.76 9.55
CA ALA KA 266 80.24 22.41 10.68
C ALA KA 266 79.02 21.64 10.19
N ASN KA 267 78.19 21.21 11.14
CA ASN KA 267 76.99 20.45 10.85
C ASN KA 267 75.98 21.38 10.19
N ILE KA 268 75.89 21.32 8.87
CA ILE KA 268 74.97 22.16 8.11
C ILE KA 268 73.94 21.37 7.34
N LEU KA 269 74.09 20.05 7.23
CA LEU KA 269 73.13 19.26 6.47
C LEU KA 269 71.77 19.30 7.16
N ASP KA 270 70.74 19.66 6.40
CA ASP KA 270 69.35 19.64 6.86
C ASP KA 270 68.56 18.87 5.81
N ILE KA 271 68.46 17.56 6.00
CA ILE KA 271 67.74 16.74 5.03
C ILE KA 271 66.25 17.02 5.10
N THR KA 272 65.72 17.20 6.29
CA THR KA 272 64.27 17.36 6.45
C THR KA 272 63.87 18.76 6.03
N ALA KA 273 63.05 18.84 4.98
CA ALA KA 273 62.61 20.13 4.46
C ALA KA 273 61.82 20.93 5.49
N ASP KA 274 61.29 20.28 6.51
CA ASP KA 274 60.62 21.00 7.58
C ASP KA 274 61.62 21.96 8.24
N PRO KA 275 61.30 23.24 8.38
CA PRO KA 275 62.23 24.12 9.11
C PRO KA 275 62.38 23.75 10.57
N THR KA 276 61.33 23.24 11.21
CA THR KA 276 61.38 23.00 12.65
C THR KA 276 62.40 21.92 13.00
N THR KA 277 62.32 20.76 12.36
CA THR KA 277 63.19 19.64 12.69
C THR KA 277 64.48 19.71 11.90
N ASN KA 278 65.54 19.23 12.52
CA ASN KA 278 66.86 19.19 11.93
C ASN KA 278 67.61 17.98 12.45
N PRO KA 279 67.13 16.77 12.18
CA PRO KA 279 67.67 15.58 12.85
C PRO KA 279 69.11 15.29 12.45
N GLN KA 280 69.80 14.61 13.36
CA GLN KA 280 71.19 14.20 13.17
C GLN KA 280 71.19 12.69 12.94
N ILE KA 281 71.07 12.30 11.67
CA ILE KA 281 71.04 10.88 11.33
C ILE KA 281 72.40 10.27 11.66
N GLU KA 282 72.42 8.97 11.92
CA GLU KA 282 73.68 8.30 12.22
C GLU KA 282 74.56 8.19 10.99
N ARG KA 283 73.95 8.13 9.81
CA ARG KA 283 74.68 8.06 8.55
C ARG KA 283 75.11 9.42 8.03
N MET KA 284 74.66 10.52 8.65
CA MET KA 284 75.13 11.85 8.29
C MET KA 284 76.41 12.10 9.08
N MET KA 285 77.48 11.54 8.56
CA MET KA 285 78.77 11.59 9.22
C MET KA 285 79.45 12.92 8.95
N ARG KA 286 80.37 13.30 9.85
CA ARG KA 286 81.12 14.53 9.67
C ARG KA 286 82.54 14.31 10.18
N VAL KA 287 83.51 14.35 9.29
CA VAL KA 287 84.92 14.17 9.63
C VAL KA 287 85.65 15.46 9.33
N ASN KA 288 86.79 15.63 9.97
CA ASN KA 288 87.60 16.83 9.89
C ASN KA 288 88.89 16.54 9.16
N TRP KA 289 89.30 17.43 8.26
CA TRP KA 289 90.30 17.09 7.25
C TRP KA 289 91.30 18.21 7.07
N LYS KA 290 92.54 17.80 6.76
CA LYS KA 290 93.53 18.66 6.16
C LYS KA 290 94.05 17.99 4.89
N ARG KA 291 94.10 16.66 4.88
CA ARG KA 291 94.69 15.90 3.78
C ARG KA 291 93.83 14.70 3.43
N TRP KA 292 93.69 14.47 2.12
CA TRP KA 292 92.85 13.39 1.65
C TRP KA 292 93.42 12.02 2.00
N TRP KA 293 94.75 11.90 2.13
CA TRP KA 293 95.29 10.66 2.65
C TRP KA 293 94.80 10.40 4.06
N GLN KA 294 94.80 11.42 4.91
CA GLN KA 294 94.30 11.23 6.26
C GLN KA 294 92.83 10.84 6.24
N VAL KA 295 92.05 11.47 5.37
CA VAL KA 295 90.63 11.15 5.29
C VAL KA 295 90.43 9.70 4.91
N PHE KA 296 91.09 9.25 3.83
CA PHE KA 296 90.91 7.88 3.38
C PHE KA 296 91.42 6.89 4.40
N TYR KA 297 92.52 7.21 5.07
CA TYR KA 297 93.03 6.32 6.10
C TYR KA 297 92.06 6.19 7.26
N THR KA 298 91.43 7.29 7.67
CA THR KA 298 90.44 7.20 8.73
C THR KA 298 89.27 6.33 8.30
N ILE KA 299 88.81 6.51 7.06
CA ILE KA 299 87.69 5.70 6.58
C ILE KA 299 88.07 4.22 6.59
N VAL KA 300 89.25 3.89 6.08
CA VAL KA 300 89.68 2.50 6.04
C VAL KA 300 89.80 1.94 7.44
N ASP KA 301 90.40 2.69 8.36
CA ASP KA 301 90.63 2.19 9.69
C ASP KA 301 89.33 1.93 10.42
N TYR KA 302 88.35 2.82 10.28
CA TYR KA 302 87.11 2.73 11.02
C TYR KA 302 85.97 2.15 10.20
N ILE KA 303 86.28 1.49 9.07
CA ILE KA 303 85.22 1.06 8.17
C ILE KA 303 84.27 0.09 8.83
N ASN KA 304 84.73 -0.69 9.81
CA ASN KA 304 83.84 -1.64 10.46
C ASN KA 304 82.67 -0.92 11.12
N GLN KA 305 82.93 0.22 11.76
CA GLN KA 305 81.84 0.98 12.35
C GLN KA 305 80.98 1.64 11.28
N ILE KA 306 81.59 2.06 10.16
CA ILE KA 306 80.82 2.72 9.11
C ILE KA 306 79.75 1.80 8.58
N VAL KA 307 80.09 0.53 8.34
CA VAL KA 307 79.10 -0.41 7.86
C VAL KA 307 78.24 -0.95 9.00
N GLN KA 308 78.75 -0.95 10.22
CA GLN KA 308 77.92 -1.39 11.33
C GLN KA 308 76.76 -0.43 11.56
N VAL KA 309 76.94 0.85 11.21
CA VAL KA 309 75.84 1.81 11.34
C VAL KA 309 74.92 1.83 10.11
N MET KA 310 75.22 1.04 9.08
CA MET KA 310 74.38 0.97 7.88
C MET KA 310 73.73 -0.42 7.79
N SER KA 311 73.00 -0.64 6.70
CA SER KA 311 72.31 -1.91 6.47
C SER KA 311 72.36 -2.25 4.99
N LYS KA 312 72.83 -3.46 4.67
CA LYS KA 312 72.86 -3.92 3.30
C LYS KA 312 71.47 -4.23 2.75
N ARG KA 313 70.46 -4.28 3.60
CA ARG KA 313 69.15 -4.77 3.18
C ARG KA 313 68.46 -3.82 2.23
N SER KA 314 68.46 -2.52 2.56
CA SER KA 314 67.68 -1.55 1.79
C SER KA 314 68.40 -1.20 0.50
N ARG KA 315 68.57 -2.20 -0.35
CA ARG KA 315 69.21 -2.06 -1.64
C ARG KA 315 68.19 -2.31 -2.74
N SER KA 316 68.44 -1.73 -3.90
CA SER KA 316 67.51 -1.79 -5.03
C SER KA 316 68.17 -2.45 -6.22
N LEU KA 317 67.35 -3.02 -7.10
CA LEU KA 317 67.87 -3.54 -8.36
C LEU KA 317 68.58 -2.46 -9.13
N ASN KA 318 67.84 -1.47 -9.60
CA ASN KA 318 68.44 -0.42 -10.40
C ASN KA 318 69.25 0.50 -9.50
N SER KA 319 70.27 1.10 -10.08
CA SER KA 319 71.21 1.93 -9.35
C SER KA 319 70.74 3.37 -9.20
N ALA KA 320 69.56 3.70 -9.72
CA ALA KA 320 69.09 5.07 -9.63
C ALA KA 320 68.84 5.45 -8.17
N ALA KA 321 68.71 6.74 -7.93
CA ALA KA 321 68.46 7.27 -6.60
C ALA KA 321 66.98 7.35 -6.26
N PHE KA 322 66.10 6.82 -7.11
CA PHE KA 322 64.67 6.88 -6.86
C PHE KA 322 64.01 5.75 -7.64
N TYR KA 323 62.77 5.48 -7.29
CA TYR KA 323 61.95 4.50 -8.02
C TYR KA 323 61.08 5.27 -9.00
N TYR KA 324 61.40 5.16 -10.28
CA TYR KA 324 60.63 5.84 -11.31
C TYR KA 324 59.39 5.01 -11.62
N ARG KA 325 58.23 5.52 -11.22
CA ARG KA 325 56.99 4.75 -11.30
C ARG KA 325 56.12 5.16 -12.47
N VAL KA 326 56.66 5.92 -13.42
CA VAL KA 326 55.94 6.43 -14.59
C VAL KA 326 54.58 7.02 -14.19
N ASN LA 56 49.73 32.74 40.96
CA ASN LA 56 48.83 31.80 40.30
C ASN LA 56 48.37 30.70 41.26
N ILE LA 57 47.06 30.49 41.30
CA ILE LA 57 46.44 29.51 42.20
C ILE LA 57 46.67 28.11 41.67
N PRO LA 58 46.48 27.06 42.48
CA PRO LA 58 46.64 25.70 41.97
C PRO LA 58 45.59 25.36 40.93
N ILE LA 59 45.93 24.44 40.04
CA ILE LA 59 45.05 23.96 38.98
C ILE LA 59 45.12 22.44 39.01
N THR LA 60 44.15 21.81 39.67
CA THR LA 60 44.07 20.35 39.67
C THR LA 60 43.60 19.85 38.32
N GLY LA 61 43.93 18.61 38.02
CA GLY LA 61 43.52 17.99 36.78
C GLY LA 61 43.52 16.49 36.88
N SER LA 62 42.66 15.85 36.10
CA SER LA 62 42.59 14.41 36.06
C SER LA 62 43.51 13.86 34.99
N MET LA 63 43.95 12.62 35.18
CA MET LA 63 44.79 11.94 34.21
C MET LA 63 43.99 11.10 33.22
N ASP LA 64 42.66 11.18 33.26
CA ASP LA 64 41.80 10.45 32.33
C ASP LA 64 40.85 11.35 31.57
N THR LA 65 41.06 12.66 31.58
CA THR LA 65 40.24 13.53 30.73
C THR LA 65 40.50 13.21 29.28
N VAL LA 66 39.42 13.16 28.49
CA VAL LA 66 39.57 12.86 27.06
C VAL LA 66 40.25 14.03 26.38
N TYR LA 67 41.12 13.73 25.43
CA TYR LA 67 41.80 14.79 24.68
C TYR LA 67 40.76 15.64 23.96
N SER LA 68 40.90 16.96 24.08
CA SER LA 68 39.97 17.84 23.42
C SER LA 68 40.17 17.79 21.91
N ASN LA 69 39.15 18.21 21.18
CA ASN LA 69 39.27 18.38 19.75
C ASN LA 69 40.39 19.36 19.44
N SER LA 70 40.95 19.26 18.24
CA SER LA 70 42.07 20.13 17.88
C SER LA 70 41.63 21.58 17.82
N THR LA 71 42.51 22.47 18.29
CA THR LA 71 42.26 23.90 18.29
C THR LA 71 43.02 24.64 17.21
N ARG LA 72 43.56 23.92 16.22
CA ARG LA 72 44.29 24.59 15.15
C ARG LA 72 43.39 25.54 14.38
N GLU LA 73 42.17 25.10 14.06
CA GLU LA 73 41.25 25.95 13.33
C GLU LA 73 40.90 27.19 14.14
N GLU LA 74 40.62 27.01 15.43
CA GLU LA 74 40.27 28.14 16.29
C GLU LA 74 41.42 29.13 16.37
N VAL LA 75 42.64 28.65 16.58
CA VAL LA 75 43.75 29.57 16.78
C VAL LA 75 44.07 30.30 15.48
N PHE LA 76 44.02 29.61 14.34
CA PHE LA 76 44.26 30.31 13.09
C PHE LA 76 43.15 31.29 12.80
N LEU LA 77 41.93 31.02 13.27
CA LEU LA 77 40.84 31.96 13.06
C LEU LA 77 40.92 33.16 13.99
N THR LA 78 41.58 33.04 15.15
CA THR LA 78 41.59 34.09 16.16
C THR LA 78 42.99 34.58 16.51
N SER LA 79 43.98 34.39 15.63
CA SER LA 79 45.32 34.89 15.88
C SER LA 79 45.88 35.49 14.61
N THR LA 80 47.02 36.17 14.74
CA THR LA 80 47.71 36.81 13.63
C THR LA 80 49.12 36.27 13.52
N LEU LA 81 49.53 35.95 12.30
CA LEU LA 81 50.90 35.53 11.99
C LEU LA 81 51.67 36.72 11.45
N CYS LA 82 52.95 36.81 11.82
CA CYS LA 82 53.59 38.11 11.90
C CYS LA 82 55.02 37.95 11.36
N LEU LA 83 55.20 38.12 10.06
CA LEU LA 83 56.50 37.86 9.45
C LEU LA 83 57.36 39.11 9.45
N TYR LA 84 58.64 38.94 9.80
CA TYR LA 84 59.62 40.03 9.80
C TYR LA 84 60.79 39.59 8.95
N TYR LA 85 60.94 40.22 7.78
CA TYR LA 85 61.89 39.77 6.77
C TYR LA 85 62.83 40.90 6.40
N PRO LA 86 64.05 40.59 5.94
CA PRO LA 86 64.97 41.66 5.56
C PRO LA 86 64.58 42.28 4.23
N THR LA 87 65.07 43.50 4.00
CA THR LA 87 64.73 44.19 2.75
C THR LA 87 65.36 43.52 1.54
N GLU LA 88 66.52 42.89 1.71
CA GLU LA 88 67.13 42.20 0.59
C GLU LA 88 66.25 41.07 0.10
N ALA LA 89 65.42 40.52 0.97
CA ALA LA 89 64.43 39.53 0.53
C ALA LA 89 63.57 40.10 -0.58
N SER LA 90 62.88 41.21 -0.31
CA SER LA 90 62.02 41.81 -1.33
C SER LA 90 62.82 42.24 -2.55
N THR LA 91 64.04 42.73 -2.36
CA THR LA 91 64.82 43.16 -3.52
C THR LA 91 65.13 41.97 -4.43
N GLN LA 92 65.45 40.82 -3.86
CA GLN LA 92 65.64 39.63 -4.70
C GLN LA 92 64.33 39.18 -5.31
N ILE LA 93 63.22 39.34 -4.59
CA ILE LA 93 61.93 38.94 -5.13
C ILE LA 93 61.62 39.72 -6.40
N SER LA 94 61.88 41.04 -6.38
CA SER LA 94 61.69 41.88 -7.57
C SER LA 94 60.23 41.84 -8.02
N ASP LA 95 59.33 42.10 -7.08
CA ASP LA 95 57.89 42.00 -7.28
C ASP LA 95 57.24 43.02 -6.36
N GLY LA 96 56.03 42.77 -5.89
CA GLY LA 96 55.29 43.79 -5.19
C GLY LA 96 53.79 43.55 -5.16
N GLU LA 97 53.34 42.53 -5.87
CA GLU LA 97 52.13 41.84 -5.47
C GLU LA 97 52.43 40.67 -4.54
N TRP LA 98 53.69 40.47 -4.16
CA TRP LA 98 54.04 39.23 -3.49
C TRP LA 98 53.48 39.17 -2.07
N LYS LA 99 53.34 40.31 -1.40
CA LYS LA 99 52.69 40.29 -0.09
C LYS LA 99 51.25 39.78 -0.22
N ASP LA 100 50.51 40.31 -1.18
CA ASP LA 100 49.13 39.86 -1.35
C ASP LA 100 49.08 38.40 -1.77
N SER LA 101 49.98 37.98 -2.66
CA SER LA 101 49.99 36.59 -3.09
C SER LA 101 50.30 35.65 -1.94
N LEU LA 102 51.24 36.02 -1.07
CA LEU LA 102 51.52 35.19 0.10
C LEU LA 102 50.36 35.22 1.07
N SER LA 103 49.64 36.33 1.17
CA SER LA 103 48.45 36.34 2.02
C SER LA 103 47.42 35.35 1.50
N GLN LA 104 47.25 35.29 0.18
CA GLN LA 104 46.33 34.31 -0.39
C GLN LA 104 46.82 32.89 -0.13
N MET LA 105 48.12 32.65 -0.28
CA MET LA 105 48.64 31.31 -0.06
C MET LA 105 48.54 30.92 1.42
N PHE LA 106 48.56 31.89 2.32
CA PHE LA 106 48.28 31.61 3.73
C PHE LA 106 46.80 31.33 3.94
N LEU LA 107 45.94 32.06 3.23
CA LEU LA 107 44.51 31.79 3.32
C LEU LA 107 44.20 30.36 2.90
N ILE LA 108 44.95 29.82 1.96
CA ILE LA 108 44.77 28.42 1.62
C ILE LA 108 45.04 27.54 2.83
N LYS LA 109 46.08 27.89 3.60
CA LYS LA 109 46.43 27.08 4.76
C LYS LA 109 45.46 27.25 5.91
N GLY LA 110 44.77 28.39 6.00
CA GLY LA 110 43.71 28.53 6.99
C GLY LA 110 43.55 29.90 7.62
N TRP LA 111 44.56 30.75 7.54
CA TRP LA 111 44.47 32.06 8.16
C TRP LA 111 43.44 32.91 7.43
N PRO LA 112 42.77 33.84 8.11
CA PRO LA 112 41.92 34.78 7.38
C PRO LA 112 42.75 35.64 6.45
N THR LA 113 42.06 36.44 5.64
CA THR LA 113 42.73 37.16 4.57
C THR LA 113 43.71 38.19 5.12
N GLY LA 114 43.35 38.88 6.19
CA GLY LA 114 44.17 39.94 6.76
C GLY LA 114 44.97 39.54 7.98
N SER LA 115 44.97 38.27 8.34
CA SER LA 115 45.58 37.84 9.60
C SER LA 115 47.09 37.69 9.50
N VAL LA 116 47.68 37.86 8.33
CA VAL LA 116 49.11 37.71 8.12
C VAL LA 116 49.68 39.08 7.80
N TYR LA 117 50.70 39.49 8.55
CA TYR LA 117 51.25 40.84 8.46
C TYR LA 117 52.74 40.76 8.17
N PHE LA 118 53.15 41.40 7.08
CA PHE LA 118 54.54 41.39 6.64
C PHE LA 118 55.23 42.70 7.01
N LYS LA 119 56.42 42.59 7.59
CA LYS LA 119 57.18 43.75 8.05
C LYS LA 119 58.60 43.63 7.53
N GLU LA 120 58.98 44.55 6.66
CA GLU LA 120 60.35 44.64 6.23
C GLU LA 120 61.19 45.28 7.32
N TYR LA 121 62.47 44.93 7.36
CA TYR LA 121 63.43 45.65 8.19
C TYR LA 121 64.72 45.80 7.40
N SER LA 122 65.48 46.85 7.73
CA SER LA 122 66.65 47.20 6.93
C SER LA 122 67.67 46.08 6.92
N ASN LA 123 68.25 45.78 8.08
CA ASN LA 123 69.16 44.65 8.22
C ASN LA 123 69.20 44.28 9.70
N ILE LA 124 70.12 43.39 10.06
CA ILE LA 124 70.00 42.71 11.34
C ILE LA 124 70.20 43.69 12.48
N VAL LA 125 71.24 44.53 12.41
CA VAL LA 125 71.50 45.46 13.50
C VAL LA 125 70.43 46.55 13.56
N ASP LA 126 69.99 47.03 12.39
CA ASP LA 126 68.96 48.05 12.37
C ASP LA 126 67.64 47.55 12.92
N PHE LA 127 67.36 46.26 12.80
CA PHE LA 127 66.24 45.69 13.52
C PHE LA 127 66.58 45.48 14.99
N SER LA 128 67.86 45.23 15.28
CA SER LA 128 68.28 45.00 16.65
C SER LA 128 67.97 46.19 17.53
N VAL LA 129 68.19 47.40 17.01
CA VAL LA 129 67.80 48.58 17.79
C VAL LA 129 66.28 48.62 17.87
N ASP LA 130 65.76 48.59 19.09
CA ASP LA 130 64.33 48.68 19.37
C ASP LA 130 63.52 47.66 18.58
N PRO LA 131 63.54 46.38 18.94
CA PRO LA 131 62.65 45.42 18.31
C PRO LA 131 61.24 45.53 18.89
N GLN LA 132 60.33 46.10 18.11
CA GLN LA 132 58.93 46.16 18.44
C GLN LA 132 58.19 45.13 17.60
N LEU LA 133 57.52 44.20 18.26
CA LEU LA 133 56.89 43.06 17.59
C LEU LA 133 55.39 43.31 17.60
N TYR LA 134 54.91 44.04 16.58
CA TYR LA 134 53.58 44.61 16.64
C TYR LA 134 52.50 43.60 16.28
N CYS LA 135 52.53 42.40 16.85
CA CYS LA 135 51.63 41.38 16.31
C CYS LA 135 51.65 40.12 17.18
N ASP LA 136 50.95 39.04 16.79
CA ASP LA 136 50.55 38.02 17.76
C ASP LA 136 51.33 36.72 17.74
N TYR LA 137 51.85 36.28 16.58
CA TYR LA 137 52.82 35.17 16.46
C TYR LA 137 53.97 35.62 15.58
N ASN LA 138 55.12 35.90 16.19
CA ASN LA 138 56.20 36.59 15.50
C ASN LA 138 57.19 35.59 14.93
N LEU LA 139 57.37 35.63 13.61
CA LEU LA 139 58.44 34.92 12.92
C LEU LA 139 59.46 35.96 12.48
N VAL LA 140 60.74 35.70 12.76
CA VAL LA 140 61.81 36.63 12.43
C VAL LA 140 62.76 35.90 11.49
N LEU LA 141 62.65 36.16 10.20
CA LEU LA 141 63.65 35.69 9.26
C LEU LA 141 64.96 36.40 9.56
N MET LA 142 66.07 35.67 9.45
CA MET LA 142 67.34 36.18 9.94
C MET LA 142 68.45 35.60 9.06
N LYS LA 143 68.92 36.39 8.10
CA LYS LA 143 69.95 35.91 7.20
C LYS LA 143 71.32 35.98 7.86
N TYR LA 144 71.97 34.84 7.97
CA TYR LA 144 73.31 34.79 8.55
C TYR LA 144 74.34 35.18 7.52
N ASP LA 145 75.20 36.12 7.89
CA ASP LA 145 76.41 36.42 7.14
C ASP LA 145 77.55 36.54 8.14
N GLN LA 146 78.77 36.31 7.65
CA GLN LA 146 79.90 36.20 8.56
C GLN LA 146 80.15 37.52 9.27
N SER LA 147 80.69 37.43 10.48
CA SER LA 147 81.04 38.52 11.38
C SER LA 147 79.84 39.10 12.12
N LEU LA 148 78.62 38.70 11.79
CA LEU LA 148 77.43 39.16 12.50
C LEU LA 148 76.92 38.12 13.48
N GLU LA 149 77.76 37.15 13.85
CA GLU LA 149 77.30 36.09 14.74
C GLU LA 149 76.84 36.64 16.08
N LEU LA 150 77.65 37.53 16.68
CA LEU LA 150 77.32 37.99 18.02
C LEU LA 150 76.12 38.92 18.01
N ASP LA 151 76.01 39.80 17.01
CA ASP LA 151 74.87 40.71 16.99
C ASP LA 151 73.58 39.95 16.66
N MET LA 152 73.67 38.97 15.77
CA MET LA 152 72.53 38.09 15.53
C MET LA 152 72.12 37.37 16.79
N SER LA 153 73.11 36.86 17.54
CA SER LA 153 72.81 36.16 18.78
C SER LA 153 72.19 37.10 19.81
N GLU LA 154 72.72 38.32 19.91
CA GLU LA 154 72.17 39.30 20.84
C GLU LA 154 70.71 39.59 20.52
N LEU LA 155 70.41 39.83 19.23
CA LEU LA 155 69.04 40.11 18.84
C LEU LA 155 68.14 38.92 19.15
N ALA LA 156 68.60 37.72 18.80
CA ALA LA 156 67.79 36.54 19.01
C ALA LA 156 67.48 36.36 20.49
N ASP LA 157 68.49 36.54 21.34
CA ASP LA 157 68.29 36.42 22.77
C ASP LA 157 67.27 37.45 23.26
N LEU LA 158 67.43 38.70 22.81
CA LEU LA 158 66.56 39.77 23.31
C LEU LA 158 65.11 39.53 22.92
N ILE LA 159 64.86 39.08 21.69
CA ILE LA 159 63.47 38.86 21.31
C ILE LA 159 62.95 37.56 21.89
N LEU LA 160 63.81 36.56 22.12
CA LEU LA 160 63.35 35.25 22.55
C LEU LA 160 63.09 35.16 24.04
N ASN LA 161 63.65 36.06 24.85
CA ASN LA 161 63.42 36.03 26.29
C ASN LA 161 62.65 37.28 26.73
N GLU LA 162 61.86 37.10 27.78
CA GLU LA 162 61.16 38.22 28.39
C GLU LA 162 62.07 38.95 29.35
N TRP LA 163 62.07 40.27 29.28
CA TRP LA 163 62.91 41.12 30.10
C TRP LA 163 62.05 42.10 30.88
N LEU LA 164 62.28 42.15 32.19
CA LEU LA 164 61.74 43.22 33.03
C LEU LA 164 62.87 44.20 33.24
N CYS LA 165 62.68 45.46 32.84
CA CYS LA 165 63.84 46.33 32.90
C CYS LA 165 63.50 47.80 32.90
N ASN LA 166 64.45 48.56 33.45
CA ASN LA 166 64.21 49.93 33.88
C ASN LA 166 65.45 50.76 33.60
N PRO LA 167 65.32 52.09 33.56
CA PRO LA 167 66.44 52.92 33.09
C PRO LA 167 67.56 53.01 34.11
N MET LA 168 68.67 53.52 33.63
CA MET LA 168 69.84 53.82 34.45
C MET LA 168 70.30 55.23 34.11
N ASP LA 169 70.60 56.02 35.12
CA ASP LA 169 71.14 57.37 34.94
C ASP LA 169 72.65 57.24 35.06
N ILE LA 170 73.31 57.06 33.91
CA ILE LA 170 74.73 56.69 33.91
C ILE LA 170 75.58 57.79 34.52
N THR LA 171 75.24 59.06 34.25
CA THR LA 171 76.13 60.15 34.60
C THR LA 171 76.29 60.32 36.10
N LEU LA 172 75.44 59.72 36.92
CA LEU LA 172 75.40 60.00 38.34
C LEU LA 172 75.81 58.81 39.20
N TYR LA 173 75.13 57.67 39.06
CA TYR LA 173 75.29 56.57 40.01
C TYR LA 173 76.40 55.60 39.56
N TYR LA 174 76.67 54.64 40.44
CA TYR LA 174 77.45 53.45 40.11
C TYR LA 174 76.53 52.25 40.23
N TYR LA 175 76.69 51.29 39.33
CA TYR LA 175 75.75 50.18 39.18
C TYR LA 175 76.47 48.84 39.29
N GLN LA 176 75.89 47.95 40.10
CA GLN LA 176 76.30 46.56 40.14
C GLN LA 176 75.42 45.75 39.19
N GLN LA 177 75.49 44.43 39.27
CA GLN LA 177 74.57 43.52 38.62
C GLN LA 177 74.10 42.50 39.64
N SER LA 178 72.78 42.29 39.71
CA SER LA 178 72.23 41.47 40.78
C SER LA 178 72.75 40.04 40.71
N GLY LA 179 72.76 39.44 39.53
CA GLY LA 179 73.14 38.06 39.42
C GLY LA 179 73.22 37.58 37.99
N GLU LA 180 73.06 36.26 37.85
CA GLU LA 180 73.26 35.63 36.55
C GLU LA 180 72.28 36.13 35.50
N SER LA 181 71.07 36.48 35.93
CA SER LA 181 69.99 36.85 35.03
C SER LA 181 69.80 38.35 34.95
N ASN LA 182 70.87 39.13 35.06
CA ASN LA 182 70.79 40.58 35.08
C ASN LA 182 71.88 41.14 34.19
N LYS LA 183 71.49 41.65 33.04
CA LYS LA 183 72.38 42.24 32.05
C LYS LA 183 72.07 43.72 31.95
N TRP LA 184 72.87 44.45 31.17
CA TRP LA 184 72.54 45.80 30.76
C TRP LA 184 72.38 45.81 29.25
N ILE LA 185 71.26 46.35 28.78
CA ILE LA 185 70.95 46.38 27.36
C ILE LA 185 71.13 47.80 26.88
N SER LA 186 72.00 47.98 25.89
CA SER LA 186 72.28 49.28 25.30
C SER LA 186 71.78 49.28 23.87
N MET LA 187 70.97 50.28 23.52
CA MET LA 187 70.37 50.38 22.20
C MET LA 187 70.49 51.80 21.69
N GLY LA 188 70.76 51.94 20.39
CA GLY LA 188 70.76 53.25 19.78
C GLY LA 188 71.52 53.25 18.46
N SER LA 189 71.80 54.47 18.00
CA SER LA 189 72.51 54.64 16.75
C SER LA 189 73.93 54.12 16.85
N SER LA 190 74.62 54.39 17.96
CA SER LA 190 75.99 53.94 18.14
C SER LA 190 76.27 53.86 19.62
N CYS LA 191 76.23 52.65 20.17
CA CYS LA 191 76.52 52.42 21.58
C CYS LA 191 78.00 52.10 21.73
N THR LA 192 78.64 52.75 22.70
CA THR LA 192 80.01 52.41 23.08
C THR LA 192 80.05 52.45 24.60
N VAL LA 193 79.72 51.33 25.22
CA VAL LA 193 79.86 51.20 26.66
C VAL LA 193 81.34 51.19 27.02
N LYS LA 194 81.71 51.96 28.03
CA LYS LA 194 83.07 51.97 28.56
C LYS LA 194 82.96 51.87 30.07
N VAL LA 195 83.27 50.69 30.61
CA VAL LA 195 83.06 50.41 32.01
C VAL LA 195 84.39 50.51 32.74
N CYS LA 196 84.30 50.81 34.02
CA CYS LA 196 85.44 50.91 34.92
C CYS LA 196 85.04 50.28 36.25
N PRO LA 197 85.54 49.09 36.60
CA PRO LA 197 85.20 48.53 37.90
C PRO LA 197 85.79 49.36 39.02
N LEU LA 198 85.16 49.30 40.18
CA LEU LA 198 85.61 50.02 41.35
C LEU LA 198 85.89 49.04 42.48
N ASN LA 199 86.37 49.58 43.60
CA ASN LA 199 86.60 48.83 44.82
C ASN LA 199 85.55 49.23 45.85
N THR LA 200 85.59 48.57 47.01
CA THR LA 200 84.74 49.02 48.10
C THR LA 200 85.11 50.41 48.57
N GLN LA 201 86.36 50.82 48.35
CA GLN LA 201 86.80 52.19 48.65
C GLN LA 201 86.40 53.19 47.58
N THR LA 202 85.76 52.74 46.49
CA THR LA 202 85.34 53.61 45.40
C THR LA 202 86.57 54.21 44.69
N LEU LA 203 87.48 53.35 44.29
CA LEU LA 203 88.58 53.72 43.40
C LEU LA 203 88.66 52.68 42.30
N GLY LA 204 88.91 53.13 41.08
CA GLY LA 204 88.90 52.24 39.95
C GLY LA 204 90.07 51.27 39.98
N ILE LA 205 89.87 50.13 39.32
CA ILE LA 205 90.91 49.13 39.14
C ILE LA 205 91.07 48.87 37.66
N GLY LA 206 92.30 49.02 37.17
CA GLY LA 206 92.53 49.03 35.74
C GLY LA 206 92.07 50.29 35.05
N CYS LA 207 91.69 51.31 35.83
CA CYS LA 207 91.10 52.52 35.27
C CYS LA 207 91.02 53.61 36.32
N GLN LA 208 91.34 54.84 35.95
CA GLN LA 208 91.13 55.97 36.84
C GLN LA 208 89.68 56.41 36.76
N THR LA 209 89.10 56.75 37.92
CA THR LA 209 87.69 57.08 37.96
C THR LA 209 87.34 58.28 37.10
N THR LA 210 88.31 59.18 36.90
CA THR LA 210 88.09 60.40 36.12
C THR LA 210 88.45 60.21 34.66
N ASN LA 211 89.65 59.71 34.39
CA ASN LA 211 90.12 59.54 33.03
C ASN LA 211 89.28 58.49 32.32
N VAL LA 212 88.45 58.93 31.37
CA VAL LA 212 87.68 57.98 30.58
C VAL LA 212 88.59 57.20 29.65
N ASP LA 213 89.76 57.73 29.32
CA ASP LA 213 90.63 57.07 28.37
C ASP LA 213 91.11 55.71 28.90
N SER LA 214 91.13 55.53 30.21
CA SER LA 214 91.57 54.26 30.79
C SER LA 214 90.43 53.29 31.03
N PHE LA 215 89.18 53.70 30.79
CA PHE LA 215 88.04 52.80 30.93
C PHE LA 215 88.16 51.64 29.97
N GLU LA 216 87.70 50.48 30.41
CA GLU LA 216 87.83 49.25 29.63
C GLU LA 216 86.60 49.13 28.74
N THR LA 217 86.75 49.50 27.48
CA THR LA 217 85.64 49.35 26.53
C THR LA 217 85.27 47.89 26.35
N VAL LA 218 83.98 47.62 26.25
CA VAL LA 218 83.48 46.26 26.08
C VAL LA 218 82.50 46.16 24.91
N ALA LA 219 82.31 47.25 24.19
CA ALA LA 219 81.58 47.25 22.92
C ALA LA 219 81.71 48.64 22.32
N GLU LA 220 81.76 48.71 20.99
CA GLU LA 220 81.82 50.00 20.32
C GLU LA 220 81.06 49.96 19.01
N ASN LA 221 80.33 51.03 18.74
CA ASN LA 221 79.67 51.25 17.46
C ASN LA 221 78.72 50.12 17.11
N GLU LA 222 78.11 49.52 18.13
CA GLU LA 222 77.06 48.53 17.95
C GLU LA 222 75.70 49.18 18.17
N LYS LA 223 74.76 48.87 17.28
CA LYS LA 223 73.40 49.35 17.48
C LYS LA 223 72.79 48.78 18.75
N LEU LA 224 73.08 47.51 19.05
CA LEU LA 224 72.58 46.85 20.25
C LEU LA 224 73.72 46.11 20.91
N ALA LA 225 73.71 46.09 22.24
CA ALA LA 225 74.73 45.41 23.01
C ALA LA 225 74.12 44.90 24.31
N ILE LA 226 74.19 43.59 24.53
CA ILE LA 226 73.73 42.96 25.76
C ILE LA 226 74.99 42.69 26.57
N VAL LA 227 75.36 43.64 27.43
CA VAL LA 227 76.64 43.59 28.12
C VAL LA 227 76.45 42.96 29.49
N ASP LA 228 77.30 42.00 29.82
CA ASP LA 228 77.40 41.38 31.14
C ASP LA 228 78.78 41.69 31.70
N VAL LA 229 78.80 42.15 32.95
CA VAL LA 229 80.05 42.39 33.67
C VAL LA 229 80.02 41.55 34.94
N VAL LA 230 81.16 41.55 35.64
CA VAL LA 230 81.27 40.74 36.85
C VAL LA 230 80.21 41.18 37.84
N ASP LA 231 79.51 40.22 38.42
CA ASP LA 231 78.32 40.49 39.20
C ASP LA 231 78.74 40.65 40.67
N GLY LA 232 78.73 41.88 41.15
CA GLY LA 232 79.13 42.18 42.52
C GLY LA 232 80.05 43.37 42.65
N ILE LA 233 80.50 43.94 41.52
CA ILE LA 233 81.45 45.03 41.50
C ILE LA 233 80.75 46.28 41.00
N ASN LA 234 80.86 47.37 41.76
CA ASN LA 234 80.31 48.64 41.33
C ASN LA 234 81.06 49.14 40.10
N HIS LA 235 80.35 49.30 38.99
CA HIS LA 235 80.94 49.73 37.74
C HIS LA 235 80.53 51.16 37.44
N LYS LA 236 81.51 52.00 37.09
CA LYS LA 236 81.24 53.31 36.53
C LYS LA 236 81.18 53.17 35.02
N ILE LA 237 80.14 53.74 34.41
CA ILE LA 237 79.85 53.55 33.00
C ILE LA 237 79.96 54.89 32.30
N ASN LA 238 80.56 54.88 31.11
CA ASN LA 238 80.41 55.99 30.17
C ASN LA 238 79.73 55.44 28.93
N LEU LA 239 78.66 56.11 28.54
CA LEU LA 239 77.97 55.81 27.29
C LEU LA 239 77.33 57.08 26.77
N THR LA 240 78.10 57.85 25.99
CA THR LA 240 77.66 58.50 24.75
C THR LA 240 76.16 58.78 24.76
N THR LA 241 75.69 59.60 25.72
CA THR LA 241 74.25 59.68 25.98
C THR LA 241 73.45 60.08 24.75
N THR LA 242 74.06 60.81 23.81
CA THR LA 242 73.30 61.34 22.68
C THR LA 242 72.77 60.23 21.79
N THR LA 243 73.65 59.31 21.36
CA THR LA 243 73.35 58.37 20.29
C THR LA 243 73.09 56.97 20.81
N CYS LA 244 72.84 56.79 22.10
CA CYS LA 244 72.56 55.47 22.64
C CYS LA 244 72.08 55.60 24.06
N THR LA 245 71.24 54.66 24.48
CA THR LA 245 70.71 54.62 25.84
C THR LA 245 70.85 53.21 26.39
N ILE LA 246 71.16 53.14 27.68
CA ILE LA 246 71.46 51.87 28.36
C ILE LA 246 70.48 51.70 29.50
N ARG LA 247 69.89 50.51 29.60
CA ARG LA 247 68.85 50.21 30.55
C ARG LA 247 69.17 48.90 31.24
N ASN LA 248 69.01 48.89 32.57
CA ASN LA 248 69.35 47.72 33.39
C ASN LA 248 68.22 46.72 33.32
N CYS LA 249 68.50 45.52 32.80
CA CYS LA 249 67.46 44.56 32.49
C CYS LA 249 67.73 43.21 33.12
N LYS LA 250 66.62 42.57 33.51
CA LYS LA 250 66.62 41.28 34.17
C LYS LA 250 65.77 40.32 33.35
N LYS LA 251 66.19 39.07 33.33
CA LYS LA 251 65.68 38.07 32.39
C LYS LA 251 64.64 37.20 33.07
N LEU LA 252 63.40 37.29 32.61
CA LEU LA 252 62.32 36.44 33.08
C LEU LA 252 62.27 35.18 32.22
N GLY LA 253 61.17 34.44 32.30
CA GLY LA 253 60.98 33.27 31.47
C GLY LA 253 61.03 33.58 29.99
N PRO LA 254 60.92 32.56 29.15
CA PRO LA 254 61.01 32.78 27.71
C PRO LA 254 59.84 33.59 27.19
N ARG LA 255 60.11 34.34 26.12
CA ARG LA 255 59.05 35.01 25.35
C ARG LA 255 58.60 34.00 24.31
N GLU LA 256 57.56 33.24 24.64
CA GLU LA 256 57.14 32.15 23.77
C GLU LA 256 56.42 32.63 22.51
N ASN LA 257 56.23 33.94 22.37
CA ASN LA 257 55.49 34.50 21.25
C ASN LA 257 56.30 34.57 19.97
N VAL LA 258 57.63 34.49 20.05
CA VAL LA 258 58.51 34.74 18.92
C VAL LA 258 59.15 33.42 18.49
N ALA LA 259 59.69 33.44 17.28
CA ALA LA 259 60.46 32.31 16.76
C ALA LA 259 61.37 32.86 15.68
N VAL LA 260 62.65 32.54 15.77
CA VAL LA 260 63.68 33.12 14.91
C VAL LA 260 64.15 32.04 13.95
N ILE LA 261 64.11 32.35 12.65
CA ILE LA 261 64.45 31.40 11.60
C ILE LA 261 65.78 31.86 11.01
N GLN LA 262 66.86 31.21 11.41
CA GLN LA 262 68.16 31.48 10.82
C GLN LA 262 68.21 30.89 9.43
N VAL LA 263 68.57 31.72 8.46
CA VAL LA 263 68.44 31.37 7.06
C VAL LA 263 69.76 30.85 6.52
N GLY LA 264 70.87 31.41 6.97
CA GLY LA 264 72.17 31.01 6.44
C GLY LA 264 72.70 29.74 7.05
N GLY LA 265 74.00 29.71 7.25
CA GLY LA 265 74.72 28.51 7.66
C GLY LA 265 74.50 28.03 9.07
N ALA LA 266 75.52 27.38 9.63
CA ALA LA 266 75.38 26.47 10.77
C ALA LA 266 74.80 27.12 12.03
N ASN LA 267 74.49 26.28 13.02
CA ASN LA 267 73.94 26.75 14.28
C ASN LA 267 75.02 27.52 15.04
N ILE LA 268 74.79 28.81 15.26
CA ILE LA 268 75.74 29.66 15.98
C ILE LA 268 75.05 30.47 17.07
N LEU LA 269 73.73 30.53 17.05
CA LEU LA 269 73.01 31.25 18.09
C LEU LA 269 73.30 30.63 19.45
N ASP LA 270 73.67 31.48 20.41
CA ASP LA 270 73.88 31.09 21.81
C ASP LA 270 73.15 32.15 22.63
N ILE LA 271 71.86 31.94 22.87
CA ILE LA 271 71.12 32.96 23.60
C ILE LA 271 71.53 32.99 25.06
N THR LA 272 71.92 31.85 25.62
CA THR LA 272 72.36 31.79 27.01
C THR LA 272 73.79 32.31 27.09
N ALA LA 273 73.96 33.46 27.75
CA ALA LA 273 75.28 34.07 27.82
C ALA LA 273 76.28 33.21 28.58
N ASP LA 274 75.81 32.26 29.36
CA ASP LA 274 76.71 31.38 30.08
C ASP LA 274 77.53 30.55 29.09
N PRO LA 275 78.86 30.47 29.25
CA PRO LA 275 79.61 29.57 28.36
C PRO LA 275 79.20 28.11 28.50
N THR LA 276 78.84 27.67 29.72
CA THR LA 276 78.69 26.25 29.97
C THR LA 276 77.51 25.66 29.21
N THR LA 277 76.39 26.39 29.15
CA THR LA 277 75.16 25.89 28.54
C THR LA 277 74.92 26.60 27.22
N ASN LA 278 74.64 25.80 26.19
CA ASN LA 278 74.30 26.31 24.86
C ASN LA 278 73.07 25.55 24.38
N PRO LA 279 71.92 25.75 25.01
CA PRO LA 279 70.75 24.95 24.67
C PRO LA 279 70.22 25.30 23.29
N GLN LA 280 69.58 24.33 22.66
CA GLN LA 280 68.87 24.51 21.41
C GLN LA 280 67.38 24.49 21.69
N ILE LA 281 66.70 25.57 21.34
CA ILE LA 281 65.28 25.74 21.63
C ILE LA 281 64.50 25.43 20.38
N GLU LA 282 63.29 24.92 20.57
CA GLU LA 282 62.39 24.65 19.47
C GLU LA 282 62.10 25.90 18.65
N ARG LA 283 62.17 27.08 19.25
CA ARG LA 283 61.83 28.32 18.56
C ARG LA 283 62.98 28.89 17.75
N MET LA 284 64.17 28.31 17.84
CA MET LA 284 65.32 28.71 17.03
C MET LA 284 65.42 27.74 15.86
N MET LA 285 64.70 28.05 14.79
CA MET LA 285 64.68 27.22 13.60
C MET LA 285 65.83 27.60 12.67
N ARG LA 286 66.16 26.68 11.77
CA ARG LA 286 67.23 26.93 10.83
C ARG LA 286 66.89 26.26 9.50
N VAL LA 287 66.97 27.01 8.41
CA VAL LA 287 66.65 26.49 7.09
C VAL LA 287 67.68 27.00 6.09
N ASN LA 288 68.26 26.09 5.32
CA ASN LA 288 69.17 26.47 4.24
C ASN LA 288 68.41 27.18 3.13
N TRP LA 289 69.13 27.95 2.33
CA TRP LA 289 68.47 28.84 1.39
C TRP LA 289 69.38 29.08 0.20
N LYS LA 290 68.77 29.32 -0.95
CA LYS LA 290 69.45 30.01 -2.05
C LYS LA 290 68.53 31.07 -2.64
N ARG LA 291 67.22 30.90 -2.53
CA ARG LA 291 66.24 31.80 -3.09
C ARG LA 291 65.20 32.17 -2.05
N TRP LA 292 64.95 33.48 -1.92
CA TRP LA 292 64.01 33.93 -0.90
C TRP LA 292 62.61 33.44 -1.19
N TRP LA 293 62.25 33.25 -2.46
CA TRP LA 293 60.96 32.65 -2.75
C TRP LA 293 60.86 31.26 -2.17
N GLN LA 294 61.94 30.48 -2.28
CA GLN LA 294 61.92 29.14 -1.71
C GLN LA 294 61.80 29.22 -0.19
N VAL LA 295 62.49 30.18 0.44
CA VAL LA 295 62.38 30.33 1.88
C VAL LA 295 60.94 30.60 2.27
N PHE LA 296 60.31 31.58 1.62
CA PHE LA 296 58.96 31.95 1.99
C PHE LA 296 57.98 30.82 1.72
N TYR LA 297 58.18 30.08 0.63
CA TYR LA 297 57.29 28.97 0.33
C TYR LA 297 57.43 27.86 1.37
N THR LA 298 58.65 27.57 1.80
CA THR LA 298 58.81 26.58 2.86
C THR LA 298 58.11 27.01 4.13
N ILE LA 299 58.28 28.28 4.50
CA ILE LA 299 57.64 28.77 5.73
C ILE LA 299 56.13 28.66 5.62
N VAL LA 300 55.57 29.07 4.48
CA VAL LA 300 54.12 29.04 4.32
C VAL LA 300 53.62 27.60 4.37
N ASP LA 301 54.33 26.69 3.69
CA ASP LA 301 53.86 25.31 3.65
C ASP LA 301 53.90 24.69 5.03
N TYR LA 302 54.97 24.91 5.79
CA TYR LA 302 55.12 24.31 7.12
C TYR LA 302 54.72 25.27 8.22
N ILE LA 303 53.82 26.21 7.95
CA ILE LA 303 53.41 27.15 8.99
C ILE LA 303 52.74 26.44 10.14
N ASN LA 304 52.04 25.33 9.86
CA ASN LA 304 51.39 24.60 10.94
C ASN LA 304 52.41 24.14 11.97
N GLN LA 305 53.54 23.60 11.51
CA GLN LA 305 54.57 23.16 12.43
C GLN LA 305 55.14 24.33 13.21
N ILE LA 306 55.37 25.45 12.53
CA ILE LA 306 55.99 26.61 13.18
C ILE LA 306 55.09 27.14 14.30
N VAL LA 307 53.82 27.37 13.98
CA VAL LA 307 52.93 27.92 14.98
C VAL LA 307 52.68 26.91 16.09
N GLN LA 308 52.71 25.61 15.78
CA GLN LA 308 52.62 24.62 16.84
C GLN LA 308 53.82 24.73 17.79
N VAL LA 309 55.02 24.89 17.23
CA VAL LA 309 56.22 25.05 18.04
C VAL LA 309 56.13 26.31 18.89
N MET LA 310 55.49 27.34 18.38
CA MET LA 310 55.37 28.61 19.07
C MET LA 310 54.13 28.58 19.95
N SER LA 311 54.14 29.36 21.04
CA SER LA 311 53.01 29.44 21.94
C SER LA 311 52.63 30.89 22.21
N LYS LA 312 51.37 31.10 22.58
CA LYS LA 312 50.90 32.44 22.88
C LYS LA 312 51.60 32.99 24.11
N ARG LA 313 51.75 34.32 24.13
CA ARG LA 313 52.45 34.98 25.21
C ARG LA 313 51.69 34.84 26.51
N SER LA 314 52.42 34.90 27.61
CA SER LA 314 51.81 34.89 28.94
C SER LA 314 52.67 35.77 29.84
N ARG LA 315 52.30 37.05 29.90
CA ARG LA 315 52.97 37.99 30.77
C ARG LA 315 52.12 39.24 30.89
N SER LA 316 51.78 39.63 32.11
CA SER LA 316 50.93 40.78 32.34
C SER LA 316 51.79 42.03 32.22
N LEU LA 317 51.62 42.76 31.12
CA LEU LA 317 52.41 43.95 30.87
C LEU LA 317 51.79 45.16 31.57
N ASN LA 318 52.65 46.06 32.02
CA ASN LA 318 52.24 47.33 32.58
C ASN LA 318 52.29 48.47 31.58
N SER LA 319 52.60 48.19 30.31
CA SER LA 319 52.86 49.21 29.31
C SER LA 319 51.94 49.00 28.13
N ALA LA 320 51.42 50.11 27.59
CA ALA LA 320 50.61 50.05 26.39
C ALA LA 320 51.49 50.06 25.15
N ALA LA 321 51.00 49.46 24.08
CA ALA LA 321 51.72 49.42 22.83
C ALA LA 321 50.75 49.06 21.72
N PHE LA 322 51.21 49.21 20.48
CA PHE LA 322 50.39 48.94 19.30
C PHE LA 322 50.59 47.49 18.88
N TYR LA 323 49.65 46.64 19.25
CA TYR LA 323 49.60 45.26 18.78
C TYR LA 323 48.66 45.18 17.59
N TYR LA 324 48.76 44.07 16.86
CA TYR LA 324 47.98 43.82 15.65
C TYR LA 324 47.19 42.54 15.88
N ARG LA 325 46.03 42.68 16.50
CA ARG LA 325 45.21 41.57 16.91
C ARG LA 325 43.97 41.48 16.03
N VAL LA 326 43.20 40.43 16.27
CA VAL LA 326 41.89 40.26 15.65
C VAL LA 326 40.84 40.36 16.75
N ASN MA 52 99.89 -2.03 47.63
CA ASN MA 52 98.89 -1.36 46.79
C ASN MA 52 97.93 -0.55 47.65
N TYR MA 53 96.87 -0.04 47.03
CA TYR MA 53 95.84 0.67 47.77
C TYR MA 53 94.56 0.71 46.95
N GLY MA 54 93.44 0.35 47.59
CA GLY MA 54 92.15 0.73 47.06
C GLY MA 54 91.55 -0.23 46.05
N LEU MA 55 91.81 0.07 44.78
CA LEU MA 55 90.96 -0.28 43.63
C LEU MA 55 90.18 -1.59 43.74
N ASN MA 56 90.84 -2.65 44.20
CA ASN MA 56 90.31 -4.00 44.04
C ASN MA 56 89.41 -4.46 45.18
N ILE MA 57 88.72 -3.52 45.84
CA ILE MA 57 87.67 -3.87 46.80
C ILE MA 57 86.46 -3.00 46.52
N PRO MA 58 85.23 -3.45 46.77
CA PRO MA 58 84.08 -2.58 46.53
C PRO MA 58 83.77 -1.68 47.72
N ILE MA 59 83.22 -0.52 47.41
CA ILE MA 59 82.75 0.42 48.43
C ILE MA 59 81.24 0.44 48.38
N THR MA 60 80.61 0.20 49.52
CA THR MA 60 79.16 0.09 49.62
C THR MA 60 78.59 1.41 50.11
N GLY MA 61 77.62 1.94 49.37
CA GLY MA 61 76.95 3.17 49.73
C GLY MA 61 75.63 2.91 50.42
N SER MA 62 74.80 3.93 50.41
CA SER MA 62 73.42 3.80 50.86
C SER MA 62 72.61 4.89 50.17
N MET MA 63 71.47 4.51 49.60
CA MET MA 63 70.62 5.46 48.91
C MET MA 63 69.68 6.19 49.85
N ASP MA 64 69.83 6.01 51.16
CA ASP MA 64 69.03 6.70 52.16
C ASP MA 64 69.93 7.30 53.22
N THR MA 65 71.08 7.82 52.80
CA THR MA 65 71.92 8.66 53.64
C THR MA 65 72.07 10.01 52.94
N VAL MA 66 71.87 11.08 53.70
CA VAL MA 66 71.90 12.44 53.17
C VAL MA 66 73.03 13.20 53.84
N TYR MA 67 73.90 13.79 53.02
CA TYR MA 67 74.80 14.83 53.48
C TYR MA 67 75.31 15.55 52.26
N SER MA 68 75.09 16.85 52.19
CA SER MA 68 75.80 17.69 51.24
C SER MA 68 75.57 19.14 51.60
N ASN MA 69 76.63 19.87 51.88
CA ASN MA 69 76.53 21.26 52.32
C ASN MA 69 77.53 22.13 51.56
N SER MA 70 77.52 22.02 50.24
CA SER MA 70 78.15 23.00 49.35
C SER MA 70 79.66 23.08 49.59
N THR MA 71 80.35 22.02 49.20
CA THR MA 71 81.81 22.04 49.20
C THR MA 71 82.40 22.95 48.11
N ARG MA 72 81.61 23.74 47.39
CA ARG MA 72 82.13 24.66 46.37
C ARG MA 72 82.96 25.80 46.94
N GLU MA 73 83.02 25.95 48.27
CA GLU MA 73 83.79 27.02 48.86
C GLU MA 73 85.26 26.63 49.03
N GLU MA 74 85.52 25.41 49.48
CA GLU MA 74 86.90 24.99 49.73
C GLU MA 74 87.69 24.90 48.43
N VAL MA 75 87.02 24.65 47.30
CA VAL MA 75 87.74 24.54 46.05
C VAL MA 75 88.37 25.87 45.67
N PHE MA 76 87.69 26.98 45.99
CA PHE MA 76 88.29 28.29 45.77
C PHE MA 76 89.59 28.44 46.55
N LEU MA 77 89.57 28.06 47.83
CA LEU MA 77 90.75 28.28 48.66
C LEU MA 77 91.89 27.36 48.28
N THR MA 78 91.58 26.15 47.84
CA THR MA 78 92.63 25.18 47.53
C THR MA 78 93.14 25.32 46.10
N SER MA 79 92.26 25.14 45.13
CA SER MA 79 92.68 25.02 43.74
C SER MA 79 93.26 26.33 43.22
N THR MA 80 93.68 26.31 41.95
CA THR MA 80 94.21 27.48 41.28
C THR MA 80 93.65 27.53 39.87
N LEU MA 81 92.79 28.51 39.62
CA LEU MA 81 92.31 28.74 38.27
C LEU MA 81 93.46 29.22 37.39
N CYS MA 82 93.32 28.99 36.09
CA CYS MA 82 94.48 29.09 35.22
C CYS MA 82 94.05 29.25 33.77
N LEU MA 83 94.25 30.45 33.21
CA LEU MA 83 93.77 30.78 31.87
C LEU MA 83 94.91 30.72 30.86
N TYR MA 84 94.56 30.35 29.63
CA TYR MA 84 95.47 30.38 28.49
C TYR MA 84 94.77 31.15 27.39
N TYR MA 85 95.28 32.33 27.06
CA TYR MA 85 94.66 33.22 26.10
C TYR MA 85 95.64 33.58 25.00
N PRO MA 86 95.16 33.94 23.82
CA PRO MA 86 96.07 34.30 22.74
C PRO MA 86 96.60 35.71 22.90
N THR MA 87 97.71 35.99 22.21
CA THR MA 87 98.35 37.30 22.33
C THR MA 87 97.47 38.41 21.76
N GLU MA 88 96.63 38.08 20.79
CA GLU MA 88 95.74 39.09 20.25
C GLU MA 88 94.79 39.60 21.31
N ALA MA 89 94.48 38.78 22.32
CA ALA MA 89 93.67 39.26 23.43
C ALA MA 89 94.33 40.44 24.10
N SER MA 90 95.60 40.30 24.47
CA SER MA 90 96.32 41.41 25.10
C SER MA 90 96.43 42.59 24.15
N THR MA 91 96.69 42.32 22.87
CA THR MA 91 96.81 43.42 21.91
C THR MA 91 95.53 44.24 21.85
N GLN MA 92 94.38 43.58 21.76
CA GLN MA 92 93.12 44.31 21.70
C GLN MA 92 92.79 44.96 23.03
N ILE MA 93 93.18 44.35 24.15
CA ILE MA 93 92.90 44.93 25.44
C ILE MA 93 93.65 46.24 25.60
N SER MA 94 94.91 46.28 25.19
CA SER MA 94 95.71 47.51 25.23
C SER MA 94 95.83 48.04 26.66
N ASP MA 95 96.37 47.19 27.52
CA ASP MA 95 96.46 47.44 28.95
C ASP MA 95 97.68 46.70 29.47
N GLY MA 96 97.68 46.28 30.72
CA GLY MA 96 98.89 45.82 31.37
C GLY MA 96 98.84 45.97 32.87
N GLU MA 97 97.78 46.63 33.36
CA GLU MA 97 97.24 46.34 34.68
C GLU MA 97 96.03 45.41 34.59
N TRP MA 98 95.69 44.94 33.38
CA TRP MA 98 94.47 44.14 33.24
C TRP MA 98 94.60 42.80 33.95
N LYS MA 99 95.79 42.24 34.02
CA LYS MA 99 95.98 41.02 34.79
C LYS MA 99 95.63 41.25 36.25
N ASP MA 100 96.10 42.36 36.82
CA ASP MA 100 95.78 42.69 38.19
C ASP MA 100 94.29 42.93 38.37
N SER MA 101 93.67 43.65 37.42
CA SER MA 101 92.26 43.94 37.54
C SER MA 101 91.43 42.66 37.49
N LEU MA 102 91.78 41.74 36.60
CA LEU MA 102 91.06 40.47 36.56
C LEU MA 102 91.32 39.66 37.82
N SER MA 103 92.52 39.75 38.37
CA SER MA 103 92.80 39.05 39.62
C SER MA 103 91.88 39.54 40.73
N GLN MA 104 91.71 40.86 40.83
CA GLN MA 104 90.81 41.39 41.85
C GLN MA 104 89.36 41.07 41.55
N MET MA 105 88.98 41.04 40.28
CA MET MA 105 87.61 40.68 39.94
C MET MA 105 87.34 39.19 40.12
N PHE MA 106 88.39 38.38 40.26
CA PHE MA 106 88.21 37.02 40.71
C PHE MA 106 88.15 36.95 42.22
N LEU MA 107 88.94 37.78 42.90
CA LEU MA 107 88.92 37.78 44.36
C LEU MA 107 87.56 38.19 44.89
N ILE MA 108 86.89 39.12 44.21
CA ILE MA 108 85.54 39.48 44.66
C ILE MA 108 84.62 38.28 44.53
N LYS MA 109 84.90 37.38 43.59
CA LYS MA 109 84.04 36.23 43.37
C LYS MA 109 84.41 35.03 44.23
N GLY MA 110 85.61 34.99 44.79
CA GLY MA 110 85.95 33.99 45.78
C GLY MA 110 87.36 33.44 45.70
N TRP MA 111 87.94 33.44 44.51
CA TRP MA 111 89.26 32.85 44.33
C TRP MA 111 90.32 33.75 44.97
N PRO MA 112 91.17 33.25 45.87
CA PRO MA 112 92.13 34.15 46.53
C PRO MA 112 93.10 34.77 45.54
N THR MA 113 93.92 35.67 46.04
CA THR MA 113 94.80 36.44 45.16
C THR MA 113 95.77 35.54 44.41
N GLY MA 114 96.39 34.60 45.11
CA GLY MA 114 97.44 33.80 44.52
C GLY MA 114 96.98 32.65 43.67
N SER MA 115 95.69 32.57 43.36
CA SER MA 115 95.14 31.41 42.67
C SER MA 115 95.08 31.61 41.16
N VAL MA 116 94.35 32.63 40.72
CA VAL MA 116 94.14 32.81 39.28
C VAL MA 116 95.47 33.15 38.63
N TYR MA 117 95.87 32.34 37.66
CA TYR MA 117 97.15 32.51 36.98
C TYR MA 117 96.91 32.63 35.48
N PHE MA 118 97.53 33.62 34.86
CA PHE MA 118 97.31 33.92 33.45
C PHE MA 118 98.48 33.43 32.62
N LYS MA 119 98.19 32.92 31.42
CA LYS MA 119 99.20 32.45 30.50
C LYS MA 119 98.86 32.88 29.09
N GLU MA 120 99.89 33.18 28.32
CA GLU MA 120 99.76 33.91 27.06
C GLU MA 120 100.54 33.17 25.99
N TYR MA 121 99.80 32.56 25.05
CA TYR MA 121 100.39 31.84 23.94
C TYR MA 121 100.23 32.65 22.66
N SER MA 122 101.20 32.51 21.76
CA SER MA 122 101.22 33.35 20.56
C SER MA 122 99.99 33.11 19.70
N ASN MA 123 99.72 31.87 19.36
CA ASN MA 123 98.51 31.50 18.63
C ASN MA 123 98.32 29.99 18.75
N ILE MA 124 97.27 29.48 18.13
CA ILE MA 124 96.84 28.13 18.44
C ILE MA 124 97.85 27.09 17.95
N VAL MA 125 98.36 27.24 16.73
CA VAL MA 125 99.30 26.26 16.22
C VAL MA 125 100.59 26.28 17.03
N ASP MA 126 101.07 27.46 17.39
CA ASP MA 126 102.30 27.56 18.18
C ASP MA 126 102.10 27.09 19.60
N PHE MA 127 100.87 27.16 20.12
CA PHE MA 127 100.59 26.56 21.41
C PHE MA 127 100.57 25.04 21.32
N SER MA 128 100.14 24.51 20.17
CA SER MA 128 100.01 23.07 20.02
C SER MA 128 101.33 22.34 20.17
N VAL MA 129 102.47 23.01 19.96
CA VAL MA 129 103.76 22.32 19.98
C VAL MA 129 104.11 22.03 21.43
N ASP MA 130 103.78 20.82 21.88
CA ASP MA 130 104.11 20.37 23.23
C ASP MA 130 103.50 21.29 24.28
N PRO MA 131 102.18 21.29 24.43
CA PRO MA 131 101.56 22.15 25.43
C PRO MA 131 101.93 21.71 26.83
N GLN MA 132 101.87 22.67 27.75
CA GLN MA 132 102.16 22.43 29.16
C GLN MA 132 101.02 22.96 29.99
N LEU MA 133 100.78 22.32 31.12
CA LEU MA 133 99.70 22.68 32.04
C LEU MA 133 100.31 22.96 33.41
N TYR MA 134 100.85 24.17 33.59
CA TYR MA 134 101.53 24.53 34.83
C TYR MA 134 100.50 24.90 35.88
N CYS MA 135 99.52 24.03 36.10
CA CYS MA 135 98.18 24.57 36.17
C CYS MA 135 97.27 23.56 36.84
N ASP MA 136 96.19 24.05 37.48
CA ASP MA 136 95.31 23.19 38.29
C ASP MA 136 93.87 23.17 37.83
N TYR MA 137 93.29 24.30 37.45
CA TYR MA 137 92.01 24.34 36.76
C TYR MA 137 92.28 25.04 35.44
N ASN MA 138 92.41 24.24 34.39
CA ASN MA 138 92.89 24.71 33.09
C ASN MA 138 91.72 25.23 32.27
N LEU MA 139 91.82 26.48 31.84
CA LEU MA 139 90.94 27.06 30.85
C LEU MA 139 91.76 27.45 29.64
N VAL MA 140 91.28 27.11 28.45
CA VAL MA 140 92.00 27.37 27.21
C VAL MA 140 91.05 28.11 26.27
N LEU MA 141 91.22 29.42 26.14
CA LEU MA 141 90.46 30.17 25.16
C LEU MA 141 91.00 29.87 23.77
N MET MA 142 90.12 29.92 22.77
CA MET MA 142 90.43 29.34 21.47
C MET MA 142 89.67 30.12 20.40
N LYS MA 143 90.39 30.86 19.56
CA LYS MA 143 89.76 31.70 18.54
C LYS MA 143 89.63 30.92 17.23
N TYR MA 144 88.40 30.75 16.76
CA TYR MA 144 88.14 29.96 15.57
C TYR MA 144 88.32 30.82 14.32
N ASP MA 145 89.01 30.27 13.34
CA ASP MA 145 89.11 30.88 12.03
C ASP MA 145 89.29 29.76 11.01
N GLN MA 146 88.94 30.06 9.77
CA GLN MA 146 88.93 29.03 8.74
C GLN MA 146 90.34 28.49 8.52
N SER MA 147 90.42 27.20 8.25
CA SER MA 147 91.63 26.47 7.90
C SER MA 147 92.52 26.15 9.10
N LEU MA 148 92.24 26.71 10.28
CA LEU MA 148 92.89 26.29 11.51
C LEU MA 148 91.98 25.40 12.34
N GLU MA 149 90.87 24.94 11.77
CA GLU MA 149 89.89 24.20 12.55
C GLU MA 149 90.32 22.75 12.80
N LEU MA 150 91.01 22.09 11.86
CA LEU MA 150 91.53 20.77 12.19
C LEU MA 150 92.65 20.86 13.20
N ASP MA 151 93.55 21.84 13.07
CA ASP MA 151 94.61 21.98 14.05
C ASP MA 151 94.03 22.27 15.42
N MET MA 152 93.00 23.11 15.46
CA MET MA 152 92.30 23.39 16.71
C MET MA 152 91.68 22.11 17.29
N SER MA 153 91.04 21.32 16.43
CA SER MA 153 90.43 20.08 16.88
C SER MA 153 91.48 19.11 17.42
N GLU MA 154 92.62 19.03 16.75
CA GLU MA 154 93.69 18.14 17.22
C GLU MA 154 94.21 18.60 18.56
N LEU MA 155 94.38 19.91 18.75
CA LEU MA 155 94.81 20.40 20.06
C LEU MA 155 93.80 20.05 21.13
N ALA MA 156 92.52 20.23 20.83
CA ALA MA 156 91.48 19.88 21.80
C ALA MA 156 91.54 18.40 22.14
N ASP MA 157 91.70 17.56 21.13
CA ASP MA 157 91.82 16.13 21.38
C ASP MA 157 93.02 15.83 22.27
N LEU MA 158 94.13 16.52 22.04
CA LEU MA 158 95.33 16.21 22.79
C LEU MA 158 95.19 16.61 24.25
N ILE MA 159 94.58 17.76 24.52
CA ILE MA 159 94.55 18.25 25.90
C ILE MA 159 93.36 17.69 26.67
N LEU MA 160 92.19 17.56 26.06
CA LEU MA 160 91.02 17.10 26.80
C LEU MA 160 91.21 15.69 27.33
N ASN MA 161 91.79 14.82 26.52
CA ASN MA 161 91.90 13.40 26.84
C ASN MA 161 93.31 13.08 27.32
N GLU MA 162 93.40 12.00 28.08
CA GLU MA 162 94.67 11.55 28.64
C GLU MA 162 95.38 10.65 27.65
N TRP MA 163 96.67 10.89 27.42
CA TRP MA 163 97.46 10.15 26.46
C TRP MA 163 98.66 9.52 27.15
N LEU MA 164 98.95 8.28 26.81
CA LEU MA 164 100.13 7.56 27.28
C LEU MA 164 101.02 7.35 26.06
N CYS MA 165 102.18 7.99 26.05
CA CYS MA 165 103.04 8.06 24.88
C CYS MA 165 104.31 7.28 25.11
N ASN MA 166 104.61 6.37 24.18
CA ASN MA 166 105.91 5.74 24.06
C ASN MA 166 106.72 6.42 22.96
N PRO MA 167 108.05 6.37 23.02
CA PRO MA 167 108.85 6.92 21.92
C PRO MA 167 108.96 5.92 20.78
N MET MA 168 109.07 6.47 19.58
CA MET MA 168 109.28 5.68 18.37
C MET MA 168 110.64 6.04 17.80
N ASP MA 169 111.45 5.02 17.51
CA ASP MA 169 112.70 5.21 16.79
C ASP MA 169 112.37 5.07 15.31
N ILE MA 170 112.19 6.21 14.65
CA ILE MA 170 111.73 6.21 13.26
C ILE MA 170 112.77 5.57 12.37
N THR MA 171 114.05 5.77 12.68
CA THR MA 171 115.10 5.33 11.77
C THR MA 171 115.25 3.81 11.76
N LEU MA 172 114.93 3.14 12.86
CA LEU MA 172 115.26 1.73 13.01
C LEU MA 172 114.08 0.81 12.72
N TYR MA 173 112.98 0.94 13.45
CA TYR MA 173 111.89 -0.02 13.43
C TYR MA 173 110.69 0.54 12.67
N TYR MA 174 110.08 -0.31 11.84
CA TYR MA 174 108.75 -0.03 11.33
C TYR MA 174 107.75 -0.17 12.45
N TYR MA 175 106.67 0.61 12.38
CA TYR MA 175 105.72 0.72 13.48
C TYR MA 175 104.31 0.45 13.02
N GLN MA 176 103.50 -0.06 13.94
CA GLN MA 176 102.17 -0.54 13.68
C GLN MA 176 101.26 -0.09 14.81
N GLN MA 177 100.00 0.19 14.47
CA GLN MA 177 99.00 0.59 15.46
C GLN MA 177 98.15 -0.60 15.85
N SER MA 178 97.84 -0.69 17.14
CA SER MA 178 97.11 -1.85 17.65
C SER MA 178 95.60 -1.65 17.54
N GLY MA 179 95.07 -0.62 18.19
CA GLY MA 179 93.63 -0.42 18.29
C GLY MA 179 93.24 1.01 17.98
N GLU MA 180 91.93 1.25 17.99
CA GLU MA 180 91.43 2.57 17.65
C GLU MA 180 91.88 3.64 18.63
N SER MA 181 92.19 3.26 19.86
CA SER MA 181 92.63 4.20 20.87
C SER MA 181 94.10 4.54 20.76
N ASN MA 182 94.75 4.21 19.66
CA ASN MA 182 96.17 4.48 19.44
C ASN MA 182 96.33 5.41 18.26
N LYS MA 183 97.21 6.41 18.42
CA LYS MA 183 97.52 7.35 17.37
C LYS MA 183 99.03 7.58 17.38
N TRP MA 184 99.51 8.32 16.38
CA TRP MA 184 100.89 8.80 16.40
C TRP MA 184 100.83 10.32 16.47
N ILE MA 185 101.45 10.89 17.47
CA ILE MA 185 101.40 12.32 17.72
C ILE MA 185 102.79 12.89 17.46
N SER MA 186 102.86 13.85 16.55
CA SER MA 186 104.12 14.45 16.14
C SER MA 186 104.07 15.93 16.43
N MET MA 187 105.06 16.42 17.17
CA MET MA 187 105.13 17.81 17.61
C MET MA 187 106.52 18.36 17.37
N GLY MA 188 106.57 19.60 16.90
CA GLY MA 188 107.84 20.25 16.66
C GLY MA 188 107.65 21.54 15.88
N SER MA 189 108.77 22.19 15.58
CA SER MA 189 108.72 23.45 14.87
C SER MA 189 108.08 23.28 13.50
N SER MA 190 108.31 22.15 12.85
CA SER MA 190 107.67 21.87 11.56
C SER MA 190 107.71 20.36 11.36
N CYS MA 191 106.57 19.71 11.55
CA CYS MA 191 106.45 18.27 11.36
C CYS MA 191 105.88 17.99 9.99
N THR MA 192 106.47 17.03 9.29
CA THR MA 192 105.94 16.57 8.01
C THR MA 192 106.09 15.06 7.98
N VAL MA 193 104.98 14.37 8.15
CA VAL MA 193 104.96 12.91 8.27
C VAL MA 193 104.72 12.33 6.88
N LYS MA 194 105.54 11.35 6.49
CA LYS MA 194 105.33 10.61 5.25
C LYS MA 194 105.39 9.13 5.58
N VAL MA 195 104.29 8.41 5.34
CA VAL MA 195 104.16 7.01 5.73
C VAL MA 195 104.03 6.15 4.49
N CYS MA 196 104.76 5.04 4.49
CA CYS MA 196 104.70 4.04 3.42
C CYS MA 196 104.29 2.72 4.04
N PRO MA 197 103.12 2.15 3.74
CA PRO MA 197 102.72 0.91 4.40
C PRO MA 197 103.32 -0.31 3.72
N LEU MA 198 103.65 -1.31 4.53
CA LEU MA 198 104.40 -2.47 4.09
C LEU MA 198 103.48 -3.68 3.94
N ASN MA 199 104.10 -4.83 3.67
CA ASN MA 199 103.42 -6.12 3.55
C ASN MA 199 104.06 -7.11 4.50
N THR MA 200 103.67 -8.38 4.37
CA THR MA 200 104.40 -9.45 5.02
C THR MA 200 105.80 -9.58 4.45
N GLN MA 201 106.03 -9.11 3.22
CA GLN MA 201 107.33 -9.15 2.59
C GLN MA 201 108.23 -8.00 3.01
N THR MA 202 107.74 -7.07 3.84
CA THR MA 202 108.51 -5.91 4.28
C THR MA 202 108.80 -4.96 3.13
N LEU MA 203 107.97 -5.00 2.08
CA LEU MA 203 108.10 -4.14 0.91
C LEU MA 203 106.83 -3.31 0.77
N GLY MA 204 107.00 -2.03 0.47
CA GLY MA 204 105.89 -1.11 0.49
C GLY MA 204 104.87 -1.38 -0.59
N ILE MA 205 103.68 -0.80 -0.40
CA ILE MA 205 102.59 -0.87 -1.36
C ILE MA 205 102.19 0.55 -1.73
N GLY MA 206 102.14 0.83 -3.03
CA GLY MA 206 101.95 2.19 -3.49
C GLY MA 206 103.13 3.10 -3.26
N CYS MA 207 104.26 2.55 -2.81
CA CYS MA 207 105.43 3.35 -2.46
C CYS MA 207 106.64 2.45 -2.24
N GLN MA 208 107.72 2.70 -2.96
CA GLN MA 208 108.95 1.95 -2.70
C GLN MA 208 109.52 2.36 -1.35
N THR MA 209 110.02 1.37 -0.60
CA THR MA 209 110.52 1.67 0.73
C THR MA 209 111.80 2.50 0.70
N THR MA 210 112.49 2.55 -0.43
CA THR MA 210 113.67 3.39 -0.56
C THR MA 210 113.33 4.79 -1.06
N ASN MA 211 112.36 4.90 -1.96
CA ASN MA 211 112.04 6.15 -2.62
C ASN MA 211 111.11 6.96 -1.73
N VAL MA 212 111.69 7.92 -0.99
CA VAL MA 212 110.90 8.76 -0.09
C VAL MA 212 109.88 9.57 -0.86
N ASP MA 213 110.18 9.91 -2.10
CA ASP MA 213 109.28 10.78 -2.86
C ASP MA 213 107.96 10.08 -3.20
N SER MA 214 107.93 8.76 -3.19
CA SER MA 214 106.71 8.01 -3.46
C SER MA 214 105.85 7.81 -2.22
N PHE MA 215 106.36 8.15 -1.04
CA PHE MA 215 105.60 8.01 0.19
C PHE MA 215 104.32 8.85 0.12
N GLU MA 216 103.42 8.60 1.07
CA GLU MA 216 102.16 9.32 1.18
C GLU MA 216 102.27 10.34 2.30
N THR MA 217 101.93 11.59 1.99
CA THR MA 217 101.99 12.67 2.97
C THR MA 217 100.68 12.73 3.73
N VAL MA 218 100.68 12.30 4.99
CA VAL MA 218 99.49 12.43 5.83
C VAL MA 218 99.36 13.80 6.46
N ALA MA 219 100.47 14.54 6.62
CA ALA MA 219 100.42 15.90 7.11
C ALA MA 219 101.78 16.56 6.95
N GLU MA 220 101.83 17.77 6.36
CA GLU MA 220 103.10 18.49 6.19
C GLU MA 220 103.02 19.85 6.86
N ASN MA 221 104.14 20.27 7.44
CA ASN MA 221 104.31 21.61 7.98
C ASN MA 221 103.23 21.95 9.00
N GLU MA 222 102.99 21.03 9.91
CA GLU MA 222 102.06 21.22 11.01
C GLU MA 222 102.83 21.17 12.33
N LYS MA 223 102.57 22.13 13.21
CA LYS MA 223 103.21 22.13 14.52
C LYS MA 223 102.84 20.90 15.31
N LEU MA 224 101.58 20.49 15.24
CA LEU MA 224 101.08 19.27 15.88
C LEU MA 224 100.30 18.49 14.86
N ALA MA 225 100.48 17.17 14.87
CA ALA MA 225 99.73 16.28 13.99
C ALA MA 225 99.46 14.98 14.72
N ILE MA 226 98.18 14.70 14.96
CA ILE MA 226 97.72 13.38 15.36
C ILE MA 226 97.35 12.64 14.09
N VAL MA 227 98.09 11.58 13.77
CA VAL MA 227 97.89 10.82 12.54
C VAL MA 227 97.49 9.40 12.90
N ASP MA 228 96.46 8.91 12.22
CA ASP MA 228 96.02 7.53 12.32
C ASP MA 228 96.15 6.86 10.97
N VAL MA 229 96.69 5.65 10.98
CA VAL MA 229 96.82 4.82 9.79
C VAL MA 229 96.02 3.55 10.04
N VAL MA 230 95.98 2.69 9.02
CA VAL MA 230 95.19 1.47 9.12
C VAL MA 230 95.83 0.56 10.17
N ASP MA 231 95.04 0.13 11.14
CA ASP MA 231 95.56 -0.58 12.30
C ASP MA 231 95.75 -2.04 11.94
N GLY MA 232 97.01 -2.48 11.88
CA GLY MA 232 97.33 -3.85 11.54
C GLY MA 232 98.39 -3.98 10.46
N ILE MA 233 99.00 -2.86 10.08
CA ILE MA 233 99.94 -2.81 8.97
C ILE MA 233 101.22 -2.13 9.44
N ASN MA 234 102.35 -2.75 9.19
CA ASN MA 234 103.62 -2.10 9.44
C ASN MA 234 103.78 -0.91 8.51
N HIS MA 235 104.44 0.13 9.01
CA HIS MA 235 104.67 1.35 8.25
C HIS MA 235 106.11 1.80 8.38
N LYS MA 236 106.60 2.45 7.33
CA LYS MA 236 107.85 3.19 7.39
C LYS MA 236 107.51 4.67 7.38
N ILE MA 237 107.97 5.39 8.39
CA ILE MA 237 107.70 6.81 8.55
C ILE MA 237 108.98 7.58 8.27
N ASN MA 238 108.85 8.72 7.59
CA ASN MA 238 109.92 9.70 7.49
C ASN MA 238 109.40 11.05 7.94
N LEU MA 239 110.14 11.68 8.86
CA LEU MA 239 109.90 13.07 9.21
C LEU MA 239 111.17 13.62 9.85
N THR MA 240 111.98 14.34 9.06
CA THR MA 240 112.75 15.50 9.51
C THR MA 240 113.13 15.45 10.99
N THR MA 241 113.85 14.40 11.40
CA THR MA 241 113.91 14.04 12.81
C THR MA 241 114.46 15.17 13.69
N THR MA 242 115.31 16.03 13.13
CA THR MA 242 115.88 17.10 13.94
C THR MA 242 114.83 18.13 14.33
N THR MA 243 113.83 18.34 13.49
CA THR MA 243 112.87 19.42 13.67
C THR MA 243 111.57 18.97 14.34
N CYS MA 244 111.27 17.68 14.34
CA CYS MA 244 110.01 17.17 14.86
C CYS MA 244 110.27 15.92 15.69
N THR MA 245 109.34 15.63 16.60
CA THR MA 245 109.41 14.46 17.46
C THR MA 245 108.07 13.75 17.43
N ILE MA 246 108.10 12.45 17.15
CA ILE MA 246 106.91 11.64 16.97
C ILE MA 246 106.87 10.58 18.05
N ARG MA 247 105.67 10.34 18.59
CA ARG MA 247 105.47 9.40 19.68
C ARG MA 247 104.24 8.56 19.38
N ASN MA 248 104.29 7.30 19.81
CA ASN MA 248 103.19 6.36 19.64
C ASN MA 248 102.35 6.41 20.92
N CYS MA 249 101.15 6.98 20.83
CA CYS MA 249 100.39 7.36 22.01
C CYS MA 249 99.04 6.64 22.03
N LYS MA 250 98.80 5.89 23.09
CA LYS MA 250 97.47 5.37 23.37
C LYS MA 250 96.64 6.45 24.07
N LYS MA 251 95.34 6.36 23.90
CA LYS MA 251 94.41 7.34 24.46
C LYS MA 251 93.72 6.74 25.68
N LEU MA 252 94.11 7.20 26.85
CA LEU MA 252 93.49 6.77 28.09
C LEU MA 252 92.19 7.55 28.26
N GLY MA 253 91.60 7.51 29.46
CA GLY MA 253 90.35 8.19 29.71
C GLY MA 253 90.46 9.70 29.53
N PRO MA 254 89.41 10.42 29.92
CA PRO MA 254 89.42 11.87 29.69
C PRO MA 254 90.19 12.60 30.77
N ARG MA 255 90.99 13.57 30.35
CA ARG MA 255 91.64 14.48 31.29
C ARG MA 255 90.59 15.48 31.69
N GLU MA 256 89.90 15.18 32.80
CA GLU MA 256 88.73 15.94 33.20
C GLU MA 256 89.07 17.36 33.61
N ASN MA 257 90.35 17.67 33.80
CA ASN MA 257 90.77 18.96 34.33
C ASN MA 257 90.52 20.09 33.34
N VAL MA 258 90.94 19.92 32.10
CA VAL MA 258 91.03 21.03 31.17
C VAL MA 258 89.67 21.29 30.54
N ALA MA 259 89.37 22.56 30.31
CA ALA MA 259 88.17 22.97 29.61
C ALA MA 259 88.55 23.98 28.54
N VAL MA 260 87.96 23.81 27.37
CA VAL MA 260 88.25 24.61 26.20
C VAL MA 260 87.07 25.53 25.94
N ILE MA 261 87.34 26.78 25.63
CA ILE MA 261 86.31 27.78 25.36
C ILE MA 261 86.59 28.32 23.97
N GLN MA 262 85.78 27.91 22.99
CA GLN MA 262 85.87 28.44 21.64
C GLN MA 262 85.18 29.79 21.62
N VAL MA 263 85.97 30.86 21.54
CA VAL MA 263 85.39 32.19 21.44
C VAL MA 263 84.79 32.41 20.06
N GLY MA 264 85.33 31.77 19.05
CA GLY MA 264 84.87 32.08 17.72
C GLY MA 264 83.53 31.47 17.39
N GLY MA 265 83.40 30.97 16.17
CA GLY MA 265 82.11 30.60 15.61
C GLY MA 265 81.60 29.20 15.90
N ALA MA 266 81.19 28.50 14.84
CA ALA MA 266 80.33 27.35 14.95
C ALA MA 266 81.00 26.20 15.71
N ASN MA 267 80.21 25.18 15.98
CA ASN MA 267 80.67 24.00 16.70
C ASN MA 267 81.39 23.07 15.75
N ILE MA 268 82.69 22.89 15.95
CA ILE MA 268 83.53 22.14 15.02
C ILE MA 268 84.38 21.07 15.68
N LEU MA 269 84.61 21.12 16.98
CA LEU MA 269 85.58 20.23 17.60
C LEU MA 269 85.09 18.78 17.52
N ASP MA 270 85.87 17.93 16.86
CA ASP MA 270 85.65 16.49 16.83
C ASP MA 270 86.83 15.88 17.59
N ILE MA 271 86.65 15.70 18.90
CA ILE MA 271 87.72 15.14 19.71
C ILE MA 271 87.99 13.70 19.31
N THR MA 272 86.95 12.96 18.94
CA THR MA 272 87.07 11.54 18.67
C THR MA 272 87.40 11.33 17.20
N ALA MA 273 88.58 10.76 16.94
CA ALA MA 273 89.02 10.58 15.56
C ALA MA 273 88.11 9.64 14.79
N ASP MA 274 87.44 8.72 15.48
CA ASP MA 274 86.45 7.88 14.83
C ASP MA 274 85.37 8.79 14.23
N PRO MA 275 85.00 8.63 12.96
CA PRO MA 275 84.03 9.56 12.38
C PRO MA 275 82.59 9.22 12.70
N THR MA 276 82.29 7.98 13.11
CA THR MA 276 80.90 7.63 13.43
C THR MA 276 80.40 8.45 14.62
N THR MA 277 81.22 8.60 15.64
CA THR MA 277 80.85 9.30 16.86
C THR MA 277 81.42 10.71 16.85
N ASN MA 278 80.59 11.66 17.26
CA ASN MA 278 80.98 13.06 17.41
C ASN MA 278 80.47 13.56 18.74
N PRO MA 279 81.02 13.07 19.85
CA PRO MA 279 80.48 13.43 21.16
C PRO MA 279 80.67 14.90 21.46
N GLN MA 280 79.75 15.44 22.24
CA GLN MA 280 79.75 16.84 22.63
C GLN MA 280 79.83 16.88 24.15
N ILE MA 281 81.05 16.82 24.67
CA ILE MA 281 81.25 16.74 26.11
C ILE MA 281 81.09 18.12 26.73
N GLU MA 282 81.02 18.18 28.05
CA GLU MA 282 80.69 19.42 28.74
C GLU MA 282 81.89 20.34 28.86
N ARG MA 283 83.11 19.80 28.82
CA ARG MA 283 84.30 20.63 28.98
C ARG MA 283 84.56 21.52 27.77
N MET MA 284 83.91 21.25 26.65
CA MET MA 284 84.01 22.12 25.48
C MET MA 284 82.86 23.11 25.52
N MET MA 285 83.18 24.39 25.37
CA MET MA 285 82.19 25.45 25.48
C MET MA 285 82.37 26.41 24.31
N ARG MA 286 81.31 27.14 24.00
CA ARG MA 286 81.30 28.11 22.91
C ARG MA 286 80.76 29.42 23.42
N VAL MA 287 81.39 30.53 23.00
CA VAL MA 287 80.94 31.85 23.41
C VAL MA 287 81.17 32.80 22.25
N ASN MA 288 80.10 33.25 21.62
CA ASN MA 288 80.22 34.26 20.57
C ASN MA 288 80.88 35.50 21.15
N TRP MA 289 81.76 36.12 20.36
CA TRP MA 289 82.61 37.18 20.86
C TRP MA 289 82.77 38.28 19.83
N LYS MA 290 82.94 39.49 20.33
CA LYS MA 290 83.49 40.60 19.55
C LYS MA 290 84.61 41.31 20.27
N ARG MA 291 84.52 41.45 21.59
CA ARG MA 291 85.53 42.15 22.39
C ARG MA 291 86.09 41.22 23.45
N TRP MA 292 87.42 41.17 23.52
CA TRP MA 292 88.07 40.28 24.47
C TRP MA 292 87.75 40.69 25.90
N TRP MA 293 87.51 41.97 26.14
CA TRP MA 293 87.08 42.37 27.47
C TRP MA 293 85.73 41.74 27.80
N GLN MA 294 84.82 41.70 26.84
CA GLN MA 294 83.55 41.06 27.08
C GLN MA 294 83.73 39.58 27.33
N VAL MA 295 84.65 38.94 26.61
CA VAL MA 295 84.91 37.53 26.83
C VAL MA 295 85.39 37.30 28.26
N PHE MA 296 86.39 38.06 28.69
CA PHE MA 296 86.97 37.83 30.01
C PHE MA 296 85.97 38.16 31.11
N TYR MA 297 85.13 39.16 30.90
CA TYR MA 297 84.08 39.42 31.87
C TYR MA 297 83.10 38.27 31.93
N THR MA 298 82.78 37.66 30.78
CA THR MA 298 81.90 36.51 30.81
C THR MA 298 82.52 35.36 31.60
N ILE MA 299 83.81 35.10 31.36
CA ILE MA 299 84.48 34.01 32.08
C ILE MA 299 84.48 34.29 33.58
N VAL MA 300 84.84 35.51 33.96
CA VAL MA 300 84.91 35.82 35.39
C VAL MA 300 83.53 35.75 36.02
N ASP MA 301 82.51 36.23 35.30
CA ASP MA 301 81.16 36.21 35.86
C ASP MA 301 80.69 34.79 36.09
N TYR MA 302 80.90 33.90 35.12
CA TYR MA 302 80.41 32.54 35.19
C TYR MA 302 81.51 31.54 35.51
N ILE MA 303 82.52 31.94 36.28
CA ILE MA 303 83.61 31.03 36.57
C ILE MA 303 83.12 29.85 37.40
N ASN MA 304 82.20 30.08 38.33
CA ASN MA 304 81.80 29.02 39.22
C ASN MA 304 81.17 27.86 38.46
N GLN MA 305 80.34 28.16 37.47
CA GLN MA 305 79.74 27.10 36.67
C GLN MA 305 80.81 26.34 35.87
N ILE MA 306 81.81 27.05 35.36
CA ILE MA 306 82.83 26.40 34.56
C ILE MA 306 83.64 25.43 35.41
N VAL MA 307 84.05 25.86 36.60
CA VAL MA 307 84.75 24.95 37.47
C VAL MA 307 83.83 23.82 37.92
N GLN MA 308 82.54 24.09 38.01
CA GLN MA 308 81.59 23.02 38.27
C GLN MA 308 81.67 21.95 37.19
N VAL MA 309 81.80 22.38 35.94
CA VAL MA 309 81.92 21.43 34.83
C VAL MA 309 83.24 20.68 34.93
N MET MA 310 84.30 21.35 35.35
CA MET MA 310 85.62 20.73 35.43
C MET MA 310 85.69 19.80 36.64
N SER MA 311 86.87 19.24 36.89
CA SER MA 311 87.11 18.43 38.09
C SER MA 311 88.57 18.48 38.46
N LYS MA 312 88.85 18.84 39.72
CA LYS MA 312 90.23 19.00 40.18
C LYS MA 312 90.97 17.66 40.16
N ARG MA 313 90.27 16.57 40.42
CA ARG MA 313 90.93 15.32 40.78
C ARG MA 313 91.84 14.82 39.66
N SER MA 314 91.39 14.88 38.42
CA SER MA 314 92.23 14.52 37.30
C SER MA 314 93.36 15.54 37.22
N ARG MA 315 94.57 15.13 37.61
CA ARG MA 315 95.71 16.03 37.55
C ARG MA 315 96.97 15.21 37.81
N SER MA 316 98.05 15.58 37.13
CA SER MA 316 99.29 14.84 37.20
C SER MA 316 100.36 15.70 37.89
N LEU MA 317 101.35 15.02 38.46
CA LEU MA 317 102.50 15.73 38.98
C LEU MA 317 103.17 16.55 37.89
N ASN MA 318 103.48 15.90 36.77
CA ASN MA 318 104.13 16.59 35.67
C ASN MA 318 103.14 17.50 34.97
N SER MA 319 103.65 18.63 34.46
CA SER MA 319 102.84 19.63 33.78
C SER MA 319 102.77 19.40 32.29
N ALA MA 320 103.25 18.26 31.80
CA ALA MA 320 103.12 17.94 30.39
C ALA MA 320 101.68 17.52 30.09
N ALA MA 321 101.39 17.37 28.79
CA ALA MA 321 100.07 16.99 28.33
C ALA MA 321 99.96 15.50 28.01
N PHE MA 322 100.97 14.71 28.35
CA PHE MA 322 100.94 13.28 28.06
C PHE MA 322 101.90 12.58 29.00
N TYR MA 323 101.64 11.29 29.21
CA TYR MA 323 102.41 10.48 30.15
C TYR MA 323 103.49 9.77 29.34
N TYR MA 324 104.71 10.24 29.45
CA TYR MA 324 105.82 9.65 28.70
C TYR MA 324 106.30 8.41 29.43
N ARG MA 325 106.24 7.25 28.76
CA ARG MA 325 106.48 5.97 29.40
C ARG MA 325 107.65 5.23 28.77
N VAL MA 326 108.59 5.97 28.18
CA VAL MA 326 109.83 5.43 27.59
C VAL MA 326 109.61 4.16 26.77
C1 NAG NA . 28.72 56.41 -12.68
C2 NAG NA . 29.75 55.49 -13.34
C3 NAG NA . 31.02 56.27 -13.70
C4 NAG NA . 30.66 57.46 -14.56
C5 NAG NA . 29.76 58.36 -13.74
C6 NAG NA . 29.34 59.61 -14.47
C7 NAG NA . 30.48 53.18 -12.95
C8 NAG NA . 30.78 52.15 -11.92
N2 NAG NA . 30.08 54.38 -12.48
O3 NAG NA . 31.91 55.41 -14.40
O4 NAG NA . 31.82 58.16 -14.98
O5 NAG NA . 28.56 57.63 -13.43
O6 NAG NA . 29.60 59.50 -15.86
O7 NAG NA . 30.62 52.98 -14.15
H1 NAG NA . 29.03 56.64 -11.78
H2 NAG NA . 29.38 55.15 -14.17
H3 NAG NA . 31.45 56.58 -12.88
H4 NAG NA . 30.12 57.14 -15.31
H5 NAG NA . 30.21 58.60 -12.91
H61 NAG NA . 28.38 59.75 -14.33
H62 NAG NA . 29.83 60.37 -14.11
H81 NAG NA . 31.49 52.45 -11.34
H82 NAG NA . 31.05 51.32 -12.37
H83 NAG NA . 29.98 51.97 -11.39
HN2 NAG NA . 30.00 54.48 -11.58
HO3 NAG NA . 32.74 55.73 -14.36
HO6 NAG NA . 28.83 59.54 -16.30
C1 NAG NA . 32.31 57.73 -16.28
C2 NAG NA . 32.75 58.97 -17.05
C3 NAG NA . 33.28 58.56 -18.41
C4 NAG NA . 34.39 57.53 -18.26
C5 NAG NA . 33.92 56.37 -17.40
C6 NAG NA . 35.04 55.41 -17.06
C7 NAG NA . 31.77 61.23 -17.01
C8 NAG NA . 30.53 62.04 -17.20
N2 NAG NA . 31.65 59.90 -17.19
O3 NAG NA . 33.76 59.73 -19.08
O4 NAG NA . 34.76 57.02 -19.53
O5 NAG NA . 33.42 56.84 -16.14
O6 NAG NA . 35.88 55.91 -16.04
O7 NAG NA . 32.86 61.73 -16.69
H1 NAG NA . 31.63 57.29 -16.82
H2 NAG NA . 33.47 59.38 -16.56
H3 NAG NA . 32.55 58.18 -18.94
H4 NAG NA . 35.16 57.94 -17.82
H5 NAG NA . 33.21 55.88 -17.87
H61 NAG NA . 34.65 54.55 -16.76
H62 NAG NA . 35.57 55.24 -17.87
H81 NAG NA . 30.78 62.99 -17.27
H82 NAG NA . 30.08 61.75 -18.00
H83 NAG NA . 29.94 61.92 -16.43
HN2 NAG NA . 30.83 59.58 -17.42
HO3 NAG NA . 33.64 59.63 -19.96
HO6 NAG NA . 35.77 55.44 -15.30
C1 BMA NA . 35.72 57.83 -20.23
C2 BMA NA . 37.03 57.06 -20.32
C3 BMA NA . 38.06 57.88 -21.11
C4 BMA NA . 37.48 58.43 -22.44
C5 BMA NA . 36.08 59.05 -22.25
C6 BMA NA . 35.38 59.35 -23.57
O2 BMA NA . 36.85 55.83 -21.03
O3 BMA NA . 39.23 57.11 -21.38
O4 BMA NA . 38.35 59.44 -22.94
O5 BMA NA . 35.25 58.13 -21.53
O6 BMA NA . 33.98 59.23 -23.36
H1 BMA NA . 35.91 58.78 -19.71
H2 BMA NA . 37.41 56.87 -19.30
H3 BMA NA . 38.38 58.73 -20.50
H4 BMA NA . 37.39 57.58 -23.14
H5 BMA NA . 36.16 59.99 -21.69
H61 BMA NA . 35.74 58.63 -24.32
H62 BMA NA . 35.67 60.36 -23.87
HO2 BMA NA . 37.30 55.15 -20.49
HO3 BMA NA . 39.97 57.66 -21.06
HO4 BMA NA . 38.67 59.09 -23.79
HO6 BMA NA . 33.54 59.50 -24.18
C1 NAG OA . 36.16 44.08 49.47
C2 NAG OA . 37.56 43.55 49.82
C3 NAG OA . 37.65 43.23 51.31
C4 NAG OA . 37.21 44.44 52.14
C5 NAG OA . 35.83 44.90 51.71
C6 NAG OA . 35.39 46.16 52.40
C7 NAG OA . 39.13 42.05 48.69
C8 NAG OA . 39.28 40.79 47.89
N2 NAG OA . 37.89 42.38 49.04
O3 NAG OA . 38.98 42.88 51.64
O4 NAG OA . 37.17 44.09 53.53
O5 NAG OA . 35.84 45.19 50.31
O6 NAG OA . 36.16 47.28 51.97
O7 NAG OA . 40.09 42.72 49.04
H1 NAG OA . 35.50 43.38 49.61
H2 NAG OA . 38.20 44.25 49.62
H3 NAG OA . 37.06 42.49 51.51
H4 NAG OA . 37.86 45.16 52.01
H5 NAG OA . 35.18 44.19 51.88
H61 NAG OA . 34.45 46.33 52.21
H62 NAG OA . 35.50 46.06 53.37
H81 NAG OA . 40.22 40.65 47.68
H82 NAG OA . 38.78 40.88 47.05
H83 NAG OA . 38.93 40.03 48.39
HN2 NAG OA . 37.19 41.84 48.76
HO3 NAG OA . 39.05 42.01 51.72
HO6 NAG OA . 35.98 47.99 52.49
CA CA PA . 27.04 61.86 5.09
CA CA QA . 15.38 57.59 14.33
CA CA RA . 16.86 49.68 4.23
CA CA SA . 14.75 60.74 -12.38
C1 NAG TA . -15.61 36.22 19.41
C2 NAG TA . -15.05 35.51 20.63
C3 NAG TA . -15.95 35.74 21.84
C4 NAG TA . -16.19 37.23 22.04
C5 NAG TA . -16.68 37.88 20.75
C6 NAG TA . -16.81 39.38 20.86
C7 NAG TA . -14.10 33.30 21.15
C8 NAG TA . -14.03 31.87 20.74
N2 NAG TA . -14.86 34.09 20.38
O3 NAG TA . -15.38 35.17 23.01
O4 NAG TA . -17.16 37.42 23.07
O5 NAG TA . -15.75 37.62 19.69
O6 NAG TA . -17.86 39.88 20.03
O7 NAG TA . -13.50 33.74 22.12
H1 NAG TA . -16.53 35.88 19.32
H2 NAG TA . -14.17 35.90 20.83
H3 NAG TA . -16.81 35.30 21.67
H4 NAG TA . -15.36 37.66 22.32
H5 NAG TA . -17.55 37.51 20.53
H61 NAG TA . -15.98 39.80 20.58
H62 NAG TA . -17.01 39.63 21.78
H81 NAG TA . -13.51 31.37 21.41
H82 NAG TA . -13.60 31.79 19.87
H83 NAG TA . -14.93 31.49 20.69
HN2 NAG TA . -15.29 33.72 19.67
HO3 NAG TA . -15.97 35.20 23.67
HO4 NAG TA . -17.07 38.23 23.44
HO6 NAG TA . -18.58 39.35 20.11
C1 NAG UA . -9.57 96.97 13.93
C2 NAG UA . -11.04 97.07 13.55
C3 NAG UA . -11.20 98.01 12.35
C4 NAG UA . -10.54 99.35 12.64
C5 NAG UA . -9.09 99.15 13.09
C6 NAG UA . -8.41 100.42 13.51
C7 NAG UA . -12.84 95.41 13.49
C8 NAG UA . -13.23 94.02 13.10
N2 NAG UA . -11.59 95.76 13.24
O3 NAG UA . -12.59 98.20 12.09
O4 NAG UA . -10.56 100.16 11.47
O5 NAG UA . -9.06 98.27 14.22
O6 NAG UA . -9.27 101.23 14.32
O7 NAG UA . -13.64 96.19 14.00
H1 NAG UA . -9.07 96.58 13.19
H2 NAG UA . -11.53 97.47 14.29
H3 NAG UA . -10.79 97.61 11.57
H4 NAG UA . -11.04 99.80 13.35
H5 NAG UA . -8.59 98.74 12.36
H61 NAG UA . -7.61 100.20 14.02
H62 NAG UA . -8.16 100.92 12.72
H81 NAG UA . -13.00 93.86 12.16
H82 NAG UA . -14.19 93.89 13.23
H83 NAG UA . -12.74 93.38 13.66
HN2 NAG UA . -11.03 95.14 12.86
HO3 NAG UA . -12.72 98.23 11.22
HO4 NAG UA . -11.21 100.76 11.54
HO6 NAG UA . -8.79 101.58 14.98
CA CA VA . 1.26 80.64 13.94
CA CA WA . 4.23 72.51 26.32
CA CA XA . -6.78 79.61 27.84
CA CA YA . -2.14 98.75 25.95
CA CA ZA . 34.86 68.84 39.97
CA CA AB . 50.51 76.21 29.34
C1 NAG BB . -12.05 68.22 52.37
C2 NAG BB . -12.35 68.44 53.85
C3 NAG BB . -13.58 67.64 54.29
C4 NAG BB . -14.75 67.93 53.37
C5 NAG BB . -14.35 67.68 51.92
C6 NAG BB . -15.45 68.01 50.93
C7 NAG BB . -10.92 68.66 55.84
C8 NAG BB . -9.68 68.17 56.53
N2 NAG BB . -11.19 68.09 54.67
O3 NAG BB . -13.91 68.00 55.62
O4 NAG BB . -15.85 67.10 53.70
O5 NAG BB . -13.22 68.51 51.59
O6 NAG BB . -15.59 69.41 50.76
O7 NAG BB . -11.64 69.54 56.32
H1 NAG BB . -11.79 67.29 52.23
H2 NAG BB . -12.56 69.38 54.00
H3 NAG BB . -13.37 66.69 54.26
H4 NAG BB . -15.02 68.87 53.47
H5 NAG BB . -14.10 66.74 51.81
H61 NAG BB . -16.28 67.64 51.25
H62 NAG BB . -15.22 67.61 50.07
H81 NAG BB . -9.54 68.69 57.35
H82 NAG BB . -9.79 67.23 56.77
H83 NAG BB . -8.92 68.27 55.94
HN2 NAG BB . -10.63 67.44 54.35
HO3 NAG BB . -13.82 67.29 56.15
HO4 NAG BB . -16.24 67.40 54.44
HO6 NAG BB . -16.36 69.58 50.37
C1 NAG CB . 46.90 87.85 37.12
C2 NAG CB . 47.46 88.34 38.46
C3 NAG CB . 47.93 89.79 38.33
C4 NAG CB . 48.90 89.92 37.16
C5 NAG CB . 48.28 89.35 35.89
C6 NAG CB . 49.23 89.34 34.72
C7 NAG CB . 46.80 88.09 40.81
C8 NAG CB . 45.66 87.97 41.77
N2 NAG CB . 46.47 88.21 39.52
O3 NAG CB . 48.56 90.18 39.53
O4 NAG CB . 49.20 91.30 36.96
O5 NAG CB . 47.88 87.99 36.12
O6 NAG CB . 48.78 88.46 33.70
O7 NAG CB . 47.97 88.07 41.18
H1 NAG CB . 46.12 88.38 36.90
H2 NAG CB . 48.25 87.81 38.69
H3 NAG CB . 47.16 90.36 38.17
H4 NAG CB . 49.72 89.44 37.37
H5 NAG CB . 47.49 89.88 35.66
H61 NAG CB . 49.30 90.23 34.36
H62 NAG CB . 50.11 89.05 35.03
H81 NAG CB . 45.12 88.78 41.72
H82 NAG CB . 46.02 87.87 42.67
H83 NAG CB . 45.12 87.19 41.54
HN2 NAG CB . 45.59 88.22 39.30
HO3 NAG CB . 48.57 91.07 39.59
HO4 NAG CB . 50.08 91.42 37.00
HO6 NAG CB . 49.40 88.37 33.07
CA CA DB . 29.66 82.59 31.66
CA CA EB . 25.16 66.96 32.12
C1 NAG FB . -23.72 25.93 -3.94
C2 NAG FB . -23.38 24.47 -4.21
C3 NAG FB . -22.41 23.96 -3.17
C4 NAG FB . -21.17 24.85 -3.11
C5 NAG FB . -21.58 26.31 -2.92
C6 NAG FB . -20.42 27.27 -3.05
C7 NAG FB . -24.98 22.95 -5.32
C8 NAG FB . -26.24 22.16 -5.16
N2 NAG FB . -24.58 23.64 -4.24
O3 NAG FB . -22.03 22.62 -3.49
O4 NAG FB . -20.34 24.46 -2.02
O5 NAG FB . -22.52 26.70 -3.93
O6 NAG FB . -20.36 27.83 -4.36
O7 NAG FB . -24.36 22.98 -6.38
H1 NAG FB . -24.12 25.99 -3.06
H2 NAG FB . -22.93 24.42 -5.08
H3 NAG FB . -22.84 23.96 -2.30
H4 NAG FB . -20.68 24.77 -3.94
H5 NAG FB . -21.99 26.42 -2.05
H61 NAG FB . -19.59 26.78 -2.88
H62 NAG FB . -20.51 27.98 -2.40
H81 NAG FB . -26.97 22.76 -4.91
H82 NAG FB . -26.11 21.50 -4.46
H83 NAG FB . -26.45 21.71 -5.99
HN2 NAG FB . -25.08 23.59 -3.48
HO3 NAG FB . -21.22 22.63 -3.89
HO4 NAG FB . -19.50 24.68 -2.20
HO6 NAG FB . -20.98 28.46 -4.43
C1 NAG GB . -64.20 55.67 -44.35
C2 NAG GB . -64.55 54.54 -45.33
C3 NAG GB . -64.05 54.86 -46.73
C4 NAG GB . -64.51 56.25 -47.17
C5 NAG GB . -64.09 57.28 -46.13
C6 NAG GB . -64.58 58.67 -46.44
C7 NAG GB . -64.67 52.11 -44.99
C8 NAG GB . -63.96 50.90 -44.47
N2 NAG GB . -64.02 53.27 -44.88
O3 NAG GB . -64.53 53.88 -47.64
O4 NAG GB . -63.94 56.58 -48.43
O5 NAG GB . -64.66 56.92 -44.86
O6 NAG GB . -64.87 59.39 -45.25
O7 NAG GB . -65.80 52.04 -45.49
H1 NAG GB . -63.22 55.70 -44.26
H2 NAG GB . -65.53 54.48 -45.38
H3 NAG GB . -63.08 54.84 -46.73
H4 NAG GB . -65.49 56.24 -47.25
H5 NAG GB . -63.13 57.28 -46.06
H61 NAG GB . -65.39 58.62 -46.99
H62 NAG GB . -63.89 59.14 -46.94
H81 NAG GB . -63.75 51.03 -43.52
H82 NAG GB . -63.13 50.77 -44.97
H83 NAG GB . -64.53 50.11 -44.57
HN2 NAG GB . -63.19 53.27 -44.50
HO3 NAG GB . -63.91 53.72 -48.26
HO4 NAG GB . -64.56 56.52 -49.06
HO6 NAG GB . -64.64 60.24 -45.36
CA CA HB . -49.75 56.07 -30.10
CA CA IB . -54.84 54.11 -14.92
CA CA JB . -63.50 48.73 -22.75
CA CA KB . -71.18 62.92 -34.21
C1 NAG LB . -78.79 37.98 -2.37
C2 NAG LB . -79.96 37.72 -1.44
C3 NAG LB . -80.29 36.23 -1.38
C4 NAG LB . -80.48 35.68 -2.79
C5 NAG LB . -79.30 36.05 -3.67
C6 NAG LB . -79.49 35.65 -5.12
C7 NAG LB . -80.26 39.32 0.42
C8 NAG LB . -79.84 39.68 1.82
N2 NAG LB . -79.69 38.22 -0.09
O3 NAG LB . -81.46 36.03 -0.62
O4 NAG LB . -80.60 34.26 -2.74
O5 NAG LB . -79.11 37.47 -3.66
O6 NAG LB . -79.79 36.79 -5.92
O7 NAG LB . -81.07 39.99 -0.22
H1 NAG LB . -78.02 37.49 -2.03
H2 NAG LB . -80.75 38.18 -1.79
H3 NAG LB . -79.54 35.76 -0.96
H4 NAG LB . -81.30 36.06 -3.17
H5 NAG LB . -78.50 35.61 -3.34
H61 NAG LB . -78.68 35.23 -5.46
H62 NAG LB . -80.23 35.02 -5.19
H81 NAG LB . -78.89 39.81 1.84
H82 NAG LB . -80.30 40.51 2.08
H83 NAG LB . -80.10 38.96 2.43
HN2 NAG LB . -79.09 37.77 0.42
HO3 NAG LB . -81.44 35.23 -0.24
HO4 NAG LB . -81.29 34.00 -3.24
HO6 NAG LB . -79.06 37.31 -5.99
C1 NAG MB . -56.15 98.09 0.99
C2 NAG MB . -57.38 98.74 1.59
C3 NAG MB . -57.99 99.73 0.59
C4 NAG MB . -56.93 100.71 0.11
C5 NAG MB . -55.70 99.96 -0.40
C6 NAG MB . -54.56 100.87 -0.77
C7 NAG MB . -59.36 97.98 2.82
C8 NAG MB . -60.27 96.82 3.11
N2 NAG MB . -58.37 97.74 1.96
O3 NAG MB . -59.04 100.44 1.23
O4 NAG MB . -57.46 101.52 -0.94
O5 NAG MB . -55.22 99.08 0.63
O6 NAG MB . -53.44 100.12 -1.23
O7 NAG MB . -59.52 99.07 3.34
H1 NAG MB . -56.42 97.66 0.16
H2 NAG MB . -57.12 99.24 2.39
H3 NAG MB . -58.34 99.24 -0.17
H4 NAG MB . -56.66 101.28 0.85
H5 NAG MB . -55.95 99.43 -1.19
H61 NAG MB . -54.29 101.39 0.01
H62 NAG MB . -54.84 101.47 -1.48
H81 NAG MB . -59.75 96.09 3.52
H82 NAG MB . -60.98 97.10 3.71
H83 NAG MB . -60.66 96.51 2.28
HN2 NAG MB . -58.29 96.90 1.60
HO3 NAG MB . -59.75 100.45 0.69
HO4 NAG MB . -57.97 102.15 -0.60
HO6 NAG MB . -52.69 100.50 -0.94
CA CA NB . -54.71 80.37 -6.49
CA CA OB . -48.54 68.29 0.91
CA CA PB . -51.99 77.56 9.26
CA CA QB . -42.99 94.61 4.44
CA CA RB . -21.01 52.59 -10.33
CA CA SB . -14.90 56.68 -28.45
C1 NAG TB . -44.21 63.78 31.53
C2 NAG TB . -43.51 63.82 32.88
C3 NAG TB . -44.49 63.46 33.98
C4 NAG TB . -45.72 64.36 33.92
C5 NAG TB . -46.33 64.33 32.51
C6 NAG TB . -47.46 65.30 32.34
C7 NAG TB . -41.24 63.18 33.56
C8 NAG TB . -40.17 62.14 33.48
N2 NAG TB . -42.37 62.91 32.90
O3 NAG TB . -43.86 63.60 35.25
O4 NAG TB . -46.70 63.92 34.86
O5 NAG TB . -45.33 64.67 31.55
O6 NAG TB . -47.22 66.19 31.25
O7 NAG TB . -41.09 64.23 34.20
H1 NAG TB . -44.55 62.88 31.37
H2 NAG TB . -43.20 64.73 33.03
H3 NAG TB . -44.78 62.53 33.88
H4 NAG TB . -45.46 65.27 34.14
H5 NAG TB . -46.66 63.42 32.33
H61 NAG TB . -47.57 65.83 33.15
H62 NAG TB . -48.29 64.81 32.17
H81 NAG TB . -40.46 61.33 33.94
H82 NAG TB . -39.99 61.93 32.53
H83 NAG TB . -39.36 62.47 33.89
HN2 NAG TB . -42.44 62.13 32.45
HO3 NAG TB . -44.46 63.86 35.85
HO4 NAG TB . -47.34 64.54 34.92
HO6 NAG TB . -47.48 65.80 30.48
C1 NAG UB . -6.76 66.60 -20.94
C2 NAG UB . -5.47 66.90 -20.16
C3 NAG UB . -4.93 68.27 -20.54
C4 NAG UB . -4.78 68.37 -22.06
C5 NAG UB . -6.09 68.03 -22.74
C6 NAG UB . -5.98 68.01 -24.25
C7 NAG UB . -5.21 65.86 -17.94
C8 NAG UB . -5.55 65.96 -16.49
N2 NAG UB . -5.70 66.83 -18.72
O3 NAG UB . -3.68 68.48 -19.91
O4 NAG UB . -4.39 69.70 -22.41
O5 NAG UB . -6.51 66.72 -22.34
O6 NAG UB . -7.26 68.00 -24.86
O7 NAG UB . -4.54 64.95 -18.40
H1 NAG UB . -7.44 67.25 -20.69
H2 NAG UB . -4.81 66.24 -20.42
H3 NAG UB . -5.56 68.95 -20.24
H4 NAG UB . -4.08 67.74 -22.34
H5 NAG UB . -6.76 68.68 -22.48
H61 NAG UB . -5.49 68.79 -24.55
H62 NAG UB . -5.48 67.20 -24.52
H81 NAG UB . -6.52 65.91 -16.37
H82 NAG UB . -5.22 66.81 -16.14
H83 NAG UB . -5.12 65.22 -16.01
HN2 NAG UB . -6.20 67.48 -18.34
HO3 NAG UB . -3.59 69.33 -19.69
HO4 NAG UB . -4.83 70.28 -21.90
HO6 NAG UB . -7.41 68.78 -25.24
CA CA VB . -24.76 69.34 -12.11
CA CA WB . -33.24 55.33 -8.88
C1 NAG XB . -26.00 -18.71 -26.93
C2 NAG XB . -26.69 -19.35 -25.73
C3 NAG XB . -25.69 -20.07 -24.84
C4 NAG XB . -24.90 -21.07 -25.67
C5 NAG XB . -24.29 -20.39 -26.89
C6 NAG XB . -23.60 -21.36 -27.82
C7 NAG XB . -27.30 -17.27 -24.38
C8 NAG XB . -25.91 -16.71 -24.53
N2 NAG XB . -27.58 -18.45 -24.96
O3 NAG XB . -26.39 -20.76 -23.80
O4 NAG XB . -23.87 -21.63 -24.87
O5 NAG XB . -25.30 -19.73 -27.66
O6 NAG XB . -23.83 -21.03 -29.18
O7 NAG XB . -28.17 -16.65 -23.77
H1 NAG XB . -25.29 -18.12 -26.63
H2 NAG XB . -27.27 -20.05 -26.10
H3 NAG XB . -25.05 -19.47 -24.42
H4 NAG XB . -25.50 -21.78 -25.96
H5 NAG XB . -23.63 -19.73 -26.59
H61 NAG XB . -22.64 -21.35 -27.64
H62 NAG XB . -23.94 -22.26 -27.65
H81 NAG XB . -25.81 -15.99 -23.89
H82 NAG XB . -25.21 -17.37 -24.34
H83 NAG XB . -25.81 -16.34 -25.43
HN2 NAG XB . -28.43 -18.76 -24.85
HO3 NAG XB . -26.32 -20.30 -23.05
HO4 NAG XB . -24.21 -22.01 -24.15
HO6 NAG XB . -23.07 -21.11 -29.63
C1 NAG YB . -44.64 -11.23 -87.03
C2 NAG YB . -43.96 -12.54 -87.47
C3 NAG YB . -43.25 -12.35 -88.80
C4 NAG YB . -44.21 -11.78 -89.84
C5 NAG YB . -44.84 -10.50 -89.30
C6 NAG YB . -45.88 -9.91 -90.22
C7 NAG YB . -42.82 -14.30 -86.18
C8 NAG YB . -41.82 -14.58 -85.11
N2 NAG YB . -43.03 -13.00 -86.46
O3 NAG YB . -42.76 -13.61 -89.24
O4 NAG YB . -43.51 -11.47 -91.04
O5 NAG YB . -45.51 -10.79 -88.06
O6 NAG YB . -46.50 -8.78 -89.63
O7 NAG YB . -43.40 -15.19 -86.78
H1 NAG YB . -43.95 -10.56 -86.88
H2 NAG YB . -44.65 -13.22 -87.59
H3 NAG YB . -42.51 -11.74 -88.68
H4 NAG YB . -44.91 -12.44 -90.03
H5 NAG YB . -44.15 -9.85 -89.14
H61 NAG YB . -45.45 -9.65 -91.05
H62 NAG YB . -46.56 -10.59 -90.41
H81 NAG YB . -41.73 -15.54 -84.99
H82 NAG YB . -42.11 -14.18 -84.27
H83 NAG YB . -40.95 -14.21 -85.36
HN2 NAG YB . -42.56 -12.37 -85.98
HO3 NAG YB . -41.94 -13.50 -89.57
HO4 NAG YB . -43.69 -12.09 -91.65
HO6 NAG YB . -46.65 -8.17 -90.25
CA CA ZB . -44.31 -0.98 -71.35
CA CA AC . -53.09 -3.58 -59.11
CA CA BC . -52.28 -14.18 -66.46
CA CA CC . -58.95 -9.35 -84.46
C1 NAG DC . -67.71 -29.59 -49.73
C2 NAG DC . -68.24 -30.70 -50.64
C3 NAG DC . -68.06 -32.07 -49.98
C4 NAG DC . -66.62 -32.26 -49.53
C5 NAG DC . -66.19 -31.09 -48.66
C6 NAG DC . -64.73 -31.17 -48.26
C7 NAG DC . -70.30 -31.13 -51.92
C8 NAG DC . -71.74 -30.77 -52.10
N2 NAG DC . -69.65 -30.47 -50.95
O3 NAG DC . -68.42 -33.09 -50.89
O4 NAG DC . -66.49 -33.47 -48.80
O5 NAG DC . -66.36 -29.87 -49.38
O6 NAG DC . -64.06 -29.94 -48.52
O7 NAG DC . -69.75 -31.98 -52.62
H1 NAG DC . -68.24 -29.54 -48.92
H2 NAG DC . -67.74 -30.70 -51.47
H3 NAG DC . -68.65 -32.12 -49.20
H4 NAG DC . -66.05 -32.30 -50.32
H5 NAG DC . -66.74 -31.07 -47.86
H61 NAG DC . -64.67 -31.36 -47.31
H62 NAG DC . -64.30 -31.89 -48.76
H81 NAG DC . -72.23 -30.97 -51.28
H82 NAG DC . -71.82 -29.82 -52.32
H83 NAG DC . -72.12 -31.30 -52.84
HN2 NAG DC . -70.11 -29.86 -50.46
HO3 NAG DC . -69.05 -33.60 -50.54
HO4 NAG DC . -66.50 -34.16 -49.36
HO6 NAG DC . -63.45 -30.07 -49.17
C1 NAG EC . -83.68 30.51 -65.09
C2 NAG EC . -85.20 30.40 -65.09
C3 NAG EC . -85.76 30.85 -66.43
C4 NAG EC . -85.24 32.24 -66.79
C5 NAG EC . -83.72 32.27 -66.70
C6 NAG EC . -83.14 33.64 -66.90
C7 NAG EC . -86.73 28.77 -64.07
C8 NAG EC . -87.01 27.33 -63.84
N2 NAG EC . -85.63 29.05 -64.78
O3 NAG EC . -87.18 30.87 -66.37
O4 NAG EC . -85.64 32.58 -68.11
O5 NAG EC . -83.30 31.84 -65.40
O6 NAG EC . -81.80 33.72 -66.42
O7 NAG EC . -87.45 29.66 -63.63
H1 NAG EC . -83.33 29.91 -65.78
H2 NAG EC . -85.56 31.02 -64.42
H3 NAG EC . -85.48 30.21 -67.12
H4 NAG EC . -85.62 32.89 -66.16
H5 NAG EC . -83.35 31.67 -67.37
H61 NAG EC . -83.69 34.30 -66.42
H62 NAG EC . -83.15 33.86 -67.85
H81 NAG EC . -87.65 27.22 -63.11
H82 NAG EC . -86.18 26.86 -63.62
H83 NAG EC . -87.38 26.94 -64.66
HN2 NAG EC . -85.12 28.35 -65.08
HO3 NAG EC . -87.51 30.57 -67.13
HO4 NAG EC . -85.24 32.03 -68.69
HO6 NAG EC . -81.73 34.40 -65.85
CA CA FC . -70.75 17.16 -63.62
CA CA GC . -64.35 13.21 -49.30
CA CA HC . -75.59 19.12 -47.72
CA CA IC . -74.82 37.44 -55.91
CA CA JC . -31.39 17.53 -42.69
CA CA KC . -19.90 22.41 -57.97
C1 NAG LC . -74.89 17.34 -20.04
C2 NAG LC . -75.93 18.12 -19.25
C3 NAG LC . -76.81 17.15 -18.46
C4 NAG LC . -77.41 16.11 -19.40
C5 NAG LC . -76.31 15.44 -20.24
C6 NAG LC . -76.87 14.51 -21.29
C7 NAG LC . -75.90 20.23 -18.00
C8 NAG LC . -75.13 21.11 -17.08
N2 NAG LC . -75.32 19.09 -18.35
O3 NAG LC . -77.84 17.86 -17.80
O4 NAG LC . -78.08 15.10 -18.64
O5 NAG LC . -75.55 16.44 -20.93
O6 NAG LC . -78.00 13.81 -20.81
O7 NAG LC . -77.02 20.55 -18.41
H1 NAG LC . -74.32 16.84 -19.43
H2 NAG LC . -76.50 18.59 -19.87
H3 NAG LC . -76.26 16.69 -17.79
H4 NAG LC . -78.04 16.53 -19.99
H5 NAG LC . -75.72 14.93 -19.64
H61 NAG LC . -76.18 13.87 -21.55
H62 NAG LC . -77.13 15.03 -22.07
H81 NAG LC . -75.63 21.93 -16.91
H82 NAG LC . -74.26 21.34 -17.49
H83 NAG LC . -74.97 20.65 -16.23
HN2 NAG LC . -74.48 18.91 -18.02
HO3 NAG LC . -78.60 17.40 -17.85
HO4 NAG LC . -78.93 15.08 -18.88
HO6 NAG LC . -78.67 13.90 -21.38
C1 NAG MC . -23.92 35.79 -53.56
C2 NAG MC . -23.12 36.63 -52.56
C3 NAG MC . -22.88 38.02 -53.12
C4 NAG MC . -22.24 37.93 -54.50
C5 NAG MC . -23.09 37.04 -55.41
C6 NAG MC . -22.47 36.83 -56.77
C7 NAG MC . -23.16 36.79 -50.11
C8 NAG MC . -24.02 36.87 -48.89
N2 NAG MC . -23.81 36.70 -51.28
O3 NAG MC . -22.04 38.74 -52.24
O4 NAG MC . -22.15 39.22 -55.08
O5 NAG MC . -23.23 35.74 -54.80
O6 NAG MC . -22.86 37.86 -57.66
O7 NAG MC . -21.94 36.78 -50.05
H1 NAG MC . -24.80 36.20 -53.69
H2 NAG MC . -22.25 36.22 -52.43
H3 NAG MC . -23.74 38.48 -53.19
H4 NAG MC . -21.35 37.56 -54.41
H5 NAG MC . -23.97 37.44 -55.51
H61 NAG MC . -22.78 35.97 -57.12
H62 NAG MC . -21.51 36.82 -56.68
H81 NAG MC . -24.57 37.68 -48.94
H82 NAG MC . -23.45 36.90 -48.10
H83 NAG MC . -24.60 36.08 -48.85
HN2 NAG MC . -24.72 36.71 -51.27
HO3 NAG MC . -22.41 39.52 -52.03
HO4 NAG MC . -21.60 39.73 -54.60
HO6 NAG MC . -22.14 38.24 -58.01
CA CA NC . -39.99 26.20 -51.39
CA CA OC . -41.95 12.04 -46.93
C1 NAG PC . 13.36 -69.37 -48.59
C2 NAG PC . 14.49 -70.28 -49.08
C3 NAG PC . 15.63 -70.31 -48.06
C4 NAG PC . 16.07 -68.90 -47.71
C5 NAG PC . 14.88 -68.07 -47.25
C6 NAG PC . 15.23 -66.63 -46.98
C7 NAG PC . 14.54 -72.46 -50.23
C8 NAG PC . 13.89 -73.80 -50.35
N2 NAG PC . 14.00 -71.62 -49.34
O3 NAG PC . 16.73 -71.05 -48.60
O4 NAG PC . 17.04 -68.94 -46.67
O5 NAG PC . 13.88 -68.07 -48.29
O6 NAG PC . 16.61 -66.49 -46.67
O7 NAG PC . 15.51 -72.14 -50.90
H1 NAG PC . 12.97 -69.76 -47.78
H2 NAG PC . 14.84 -69.90 -49.92
H3 NAG PC . 15.31 -70.76 -47.25
H4 NAG PC . 16.47 -68.49 -48.50
H5 NAG PC . 14.50 -68.48 -46.45
H61 NAG PC . 15.03 -66.09 -47.76
H62 NAG PC . 14.70 -66.31 -46.22
H81 NAG PC . 12.95 -73.69 -50.60
H82 NAG PC . 13.94 -74.27 -49.50
H83 NAG PC . 14.34 -74.32 -51.04
HN2 NAG PC . 13.28 -71.91 -48.86
HO3 NAG PC . 16.74 -71.86 -48.25
HO4 NAG PC . 17.56 -69.65 -46.77
HO6 NAG PC . 17.07 -66.34 -47.41
C1 NAG QC . -16.89 -46.78 -100.12
C2 NAG QC . -17.18 -48.10 -100.84
C3 NAG QC . -16.37 -48.18 -102.14
C4 NAG QC . -16.64 -46.95 -102.99
C5 NAG QC . -16.36 -45.69 -102.18
C6 NAG QC . -16.69 -44.42 -102.93
C7 NAG QC . -17.81 -50.07 -99.50
C8 NAG QC . -17.30 -51.19 -98.66
N2 NAG QC . -16.87 -49.24 -100.00
O3 NAG QC . -16.75 -49.36 -102.86
O4 NAG QC . -15.80 -46.97 -104.15
O5 NAG QC . -17.15 -45.69 -100.99
O6 NAG QC . -17.94 -43.88 -102.51
O7 NAG QC . -18.99 -49.90 -99.72
H1 NAG QC . -15.94 -46.76 -99.89
H2 NAG QC . -18.12 -48.12 -101.08
H3 NAG QC . -15.43 -48.23 -101.93
H4 NAG QC . -17.57 -46.95 -103.28
H5 NAG QC . -15.41 -45.67 -101.93
H61 NAG QC . -15.99 -43.76 -102.77
H62 NAG QC . -16.73 -44.61 -103.89
H81 NAG QC . -16.85 -50.83 -97.87
H82 NAG QC . -18.05 -51.75 -98.37
H83 NAG QC . -16.67 -51.73 -99.17
HN2 NAG QC . -15.99 -49.42 -99.80
HO3 NAG QC . -16.18 -49.49 -103.50
HO4 NAG QC . -16.30 -47.09 -104.87
HO6 NAG QC . -18.27 -43.38 -103.16
CA CA RC . -5.00 -43.82 -85.43
CA CA SC . -10.36 -40.86 -70.70
CA CA TC . -19.12 -47.23 -77.53
CA CA UC . -23.56 -35.98 -93.37
C1 NAG VC . -36.78 -48.44 -57.36
C2 NAG VC . -38.07 -47.65 -57.62
C3 NAG VC . -39.26 -48.32 -56.94
C4 NAG VC . -39.35 -49.77 -57.38
C5 NAG VC . -38.04 -50.48 -57.09
C6 NAG VC . -38.01 -51.91 -57.58
C7 NAG VC . -38.41 -45.22 -57.82
C8 NAG VC . -38.20 -43.88 -57.18
N2 NAG VC . -37.95 -46.27 -57.15
O3 NAG VC . -40.45 -47.63 -57.27
O4 NAG VC . -40.41 -50.43 -56.70
O5 NAG VC . -36.96 -49.81 -57.76
O6 NAG VC . -36.72 -52.26 -58.05
O7 NAG VC . -38.99 -45.33 -58.90
H1 NAG VC . -36.61 -48.46 -56.39
H2 NAG VC . -38.23 -47.64 -58.58
H3 NAG VC . -39.13 -48.30 -55.97
H4 NAG VC . -39.53 -49.81 -58.35
H5 NAG VC . -37.88 -50.47 -56.12
H61 NAG VC . -38.26 -52.51 -56.84
H62 NAG VC . -38.66 -52.01 -58.31
H81 NAG VC . -38.66 -43.84 -56.33
H82 NAG VC . -38.56 -43.18 -57.76
H83 NAG VC . -37.24 -43.74 -57.04
HN2 NAG VC . -37.54 -46.12 -56.35
HO3 NAG VC . -41.14 -48.01 -56.85
HO4 NAG VC . -40.90 -50.89 -57.29
HO6 NAG VC . -36.79 -52.89 -58.68
C1 NAG WC . -5.73 6.03 -68.79
C2 NAG WC . -6.88 7.00 -68.55
C3 NAG WC . -7.17 7.81 -69.81
C4 NAG WC . -5.92 8.48 -70.31
C5 NAG WC . -4.81 7.45 -70.49
C6 NAG WC . -3.49 8.07 -70.87
C7 NAG WC . -8.58 6.35 -66.88
C8 NAG WC . -9.81 5.54 -66.63
N2 NAG WC . -8.08 6.29 -68.12
O3 NAG WC . -8.17 8.78 -69.53
O4 NAG WC . -6.16 9.11 -71.57
O5 NAG WC . -4.60 6.76 -69.26
O6 NAG WC . -2.75 7.24 -71.76
O7 NAG WC . -8.05 7.01 -66.00
H1 NAG WC . -5.99 5.39 -69.46
H2 NAG WC . -6.62 7.63 -67.85
H3 NAG WC . -7.51 7.20 -70.50
H4 NAG WC . -5.63 9.15 -69.67
H5 NAG WC . -5.07 6.82 -71.18
H61 NAG WC . -2.96 8.22 -70.06
H62 NAG WC . -3.64 8.94 -71.30
H81 NAG WC . -9.76 4.71 -67.13
H82 NAG WC . -10.59 6.06 -66.92
H83 NAG WC . -9.89 5.35 -65.67
HN2 NAG WC . -8.52 5.77 -68.74
HO3 NAG WC . -8.51 9.09 -70.29
HO4 NAG WC . -5.63 9.82 -71.65
HO6 NAG WC . -1.90 7.24 -71.53
CA CA XC . -7.59 -13.39 -71.64
CA CA YC . -2.68 -23.17 -59.05
CA CA ZC . -4.91 -11.79 -54.39
CA CA AD . 6.86 1.85 -63.41
CA CA BD . 22.83 -45.64 -62.14
CA CA CD . 30.54 -47.92 -80.45
C1 NAG DD . -1.18 -18.76 -29.57
C2 NAG DD . -0.93 -17.88 -28.35
C3 NAG DD . -2.22 -17.69 -27.56
C4 NAG DD . -3.33 -17.17 -28.47
C5 NAG DD . -3.49 -18.09 -29.67
C6 NAG DD . -4.50 -17.58 -30.67
C7 NAG DD . 1.18 -17.75 -27.07
C8 NAG DD . 2.13 -18.50 -26.20
N2 NAG DD . 0.10 -18.44 -27.50
O3 NAG DD . -1.99 -16.76 -26.49
O4 NAG DD . -4.56 -17.11 -27.75
O5 NAG DD . -2.25 -18.20 -30.36
O6 NAG DD . -4.39 -18.26 -31.91
O7 NAG DD . 1.36 -16.57 -27.37
H1 NAG DD . -1.44 -19.65 -29.28
H2 NAG DD . -0.64 -17.00 -28.67
H3 NAG DD . -2.49 -18.55 -27.19
H4 NAG DD . -3.10 -16.28 -28.78
H5 NAG DD . -3.77 -18.97 -29.36
H61 NAG DD . -4.36 -16.63 -30.81
H62 NAG DD . -5.40 -17.72 -30.32
H81 NAG DD . 2.84 -17.89 -25.90
H82 NAG DD . 1.66 -18.85 -25.42
H83 NAG DD . 2.51 -19.24 -26.70
HN2 NAG DD . 0.02 -19.30 -27.24
HO3 NAG DD . -2.68 -16.79 -25.93
HO4 NAG DD . -5.04 -17.84 -27.93
HO6 NAG DD . -4.65 -17.71 -32.57
C1 NAG ED . 38.90 -37.17 -75.10
C2 NAG ED . 40.12 -37.27 -74.20
C3 NAG ED . 41.28 -36.48 -74.79
C4 NAG ED . 41.54 -36.93 -76.22
C5 NAG ED . 40.26 -36.88 -77.04
C6 NAG ED . 40.43 -37.45 -78.43
C7 NAG ED . 40.40 -37.33 -71.76
C8 NAG ED . 39.97 -36.74 -70.46
N2 NAG ED . 39.82 -36.81 -72.86
O3 NAG ED . 42.44 -36.67 -73.99
O4 NAG ED . 42.52 -36.08 -76.82
O5 NAG ED . 39.23 -37.64 -76.40
O6 NAG ED . 39.20 -37.46 -79.12
O7 NAG ED . 41.23 -38.23 -71.83
H1 NAG ED . 38.63 -36.23 -75.16
H2 NAG ED . 40.41 -38.21 -74.16
H3 NAG ED . 41.05 -35.53 -74.79
H4 NAG ED . 41.88 -37.84 -76.21
H5 NAG ED . 39.97 -35.94 -77.12
H61 NAG ED . 41.07 -36.91 -78.92
H62 NAG ED . 40.77 -38.36 -78.35
H81 NAG ED . 39.37 -35.98 -70.61
H82 NAG ED . 40.75 -36.44 -69.96
H83 NAG ED . 39.51 -37.42 -69.93
HN2 NAG ED . 39.21 -36.15 -72.75
HO3 NAG ED . 42.78 -35.88 -73.77
HO4 NAG ED . 43.33 -36.35 -76.58
HO6 NAG ED . 39.34 -37.40 -79.99
CA CA FD . 21.49 -29.87 -69.10
CA CA GD . 11.01 -40.70 -63.26
C1 NAG HD . 35.88 -58.05 -32.67
C2 NAG HD . 35.03 -59.04 -33.49
C3 NAG HD . 35.17 -60.44 -32.91
C4 NAG HD . 36.64 -60.83 -32.82
C5 NAG HD . 37.43 -59.76 -32.06
C6 NAG HD . 38.92 -60.02 -32.06
C7 NAG HD . 32.83 -58.81 -34.56
C8 NAG HD . 31.42 -58.32 -34.41
N2 NAG HD . 33.64 -58.63 -33.51
O3 NAG HD . 34.47 -61.36 -33.75
O4 NAG HD . 36.78 -62.07 -32.15
O5 NAG HD . 37.23 -58.48 -32.68
O6 NAG HD . 39.43 -60.15 -33.39
O7 NAG HD . 33.23 -59.36 -35.59
H1 NAG HD . 35.55 -58.03 -31.75
H2 NAG HD . 35.36 -59.06 -34.40
H3 NAG HD . 34.78 -60.46 -32.02
H4 NAG HD . 37.01 -60.91 -33.72
H5 NAG HD . 37.11 -59.73 -31.14
H61 NAG HD . 39.10 -60.85 -31.58
H62 NAG HD . 39.37 -59.28 -31.61
H81 NAG HD . 31.43 -57.36 -34.24
H82 NAG HD . 30.93 -58.50 -35.24
H83 NAG HD . 31.00 -58.78 -33.66
HN2 NAG HD . 33.29 -58.22 -32.76
HO3 NAG HD . 34.32 -62.10 -33.30
HO4 NAG HD . 37.34 -62.60 -32.60
HO6 NAG HD . 40.27 -59.87 -33.40
C1 NAG ID . 39.21 2.28 -53.78
C2 NAG ID . 37.78 2.41 -54.28
C3 NAG ID . 37.77 2.76 -55.76
C4 NAG ID . 38.60 4.01 -56.00
C5 NAG ID . 40.01 3.84 -55.41
C6 NAG ID . 40.82 5.11 -55.48
C7 NAG ID . 35.75 1.21 -53.56
C8 NAG ID . 35.11 -0.12 -53.38
N2 NAG ID . 37.00 1.21 -54.04
O3 NAG ID . 36.44 2.97 -56.20
O4 NAG ID . 38.73 4.25 -57.41
O5 NAG ID . 39.92 3.48 -54.02
O6 NAG ID . 41.99 5.01 -54.68
O7 NAG ID . 35.17 2.26 -53.29
H1 NAG ID . 39.64 1.55 -54.27
H2 NAG ID . 37.36 3.17 -53.83
H3 NAG ID . 38.16 2.01 -56.26
H4 NAG ID . 38.17 4.77 -55.59
H5 NAG ID . 40.47 3.13 -55.89
H61 NAG ID . 40.28 5.86 -55.16
H62 NAG ID . 41.08 5.27 -56.41
H81 NAG ID . 34.95 -0.53 -54.25
H82 NAG ID . 34.26 -0.01 -52.92
H83 NAG ID . 35.70 -0.70 -52.86
HN2 NAG ID . 37.39 0.40 -54.22
HO3 NAG ID . 36.42 3.03 -57.08
HO4 NAG ID . 39.20 3.60 -57.77
HO6 NAG ID . 42.44 5.78 -54.71
CA CA JD . 47.62 -14.21 -48.28
CA CA KD . 48.97 -17.11 -32.35
CA CA LD . 39.13 -9.37 -34.28
CA CA MD . 46.24 7.68 -42.15
C1 NAG ND . 35.39 -12.04 0.25
C2 NAG ND . 36.19 -11.06 1.10
C3 NAG ND . 37.05 -11.83 2.11
C4 NAG ND . 36.20 -12.78 2.92
C5 NAG ND . 35.40 -13.70 2.00
C6 NAG ND . 34.43 -14.59 2.72
C7 NAG ND . 36.59 -9.13 -0.36
C8 NAG ND . 37.60 -8.37 -1.17
N2 NAG ND . 37.04 -10.22 0.26
O3 NAG ND . 37.69 -10.90 2.98
O4 NAG ND . 37.03 -13.59 3.76
O5 NAG ND . 34.62 -12.90 1.10
O6 NAG ND . 33.16 -14.62 2.08
O7 NAG ND . 35.41 -8.77 -0.29
H1 NAG ND . 36.02 -12.59 -0.25
H2 NAG ND . 35.57 -10.49 1.60
H3 NAG ND . 37.73 -12.33 1.64
H4 NAG ND . 35.58 -12.27 3.47
H5 NAG ND . 36.03 -14.24 1.48
H61 NAG ND . 34.33 -14.27 3.64
H62 NAG ND . 34.80 -15.50 2.74
H81 NAG ND . 37.97 -8.95 -1.86
H82 NAG ND . 38.33 -8.06 -0.59
H83 NAG ND . 37.17 -7.60 -1.60
HN2 NAG ND . 37.92 -10.43 0.18
HO3 NAG ND . 37.68 -11.21 3.82
HO4 NAG ND . 36.56 -13.82 4.49
HO6 NAG ND . 32.58 -15.02 2.61
C1 NAG OD . 92.46 -3.27 -23.24
C2 NAG OD . 93.00 -2.55 -22.00
C3 NAG OD . 93.73 -1.29 -22.41
C4 NAG OD . 94.81 -1.60 -23.43
C5 NAG OD . 94.20 -2.36 -24.60
C6 NAG OD . 95.22 -2.80 -25.62
C7 NAG OD . 92.12 -2.14 -19.76
C8 NAG OD . 90.91 -1.82 -18.93
N2 NAG OD . 91.93 -2.24 -21.07
O3 NAG OD . 94.31 -0.70 -21.24
O4 NAG OD . 95.41 -0.40 -23.91
O5 NAG OD . 93.54 -3.54 -24.14
O6 NAG OD . 96.54 -2.79 -25.08
O7 NAG OD . 93.22 -2.30 -19.24
H1 NAG OD . 91.81 -2.70 -23.68
H2 NAG OD . 93.65 -3.12 -21.55
H3 NAG OD . 93.09 -0.65 -22.79
H4 NAG OD . 95.49 -2.15 -22.99
H5 NAG OD . 93.54 -1.78 -25.04
H61 NAG OD . 95.00 -3.69 -25.92
H62 NAG OD . 95.18 -2.19 -26.39
H81 NAG OD . 90.55 -0.96 -19.23
H82 NAG OD . 91.15 -1.76 -17.99
H83 NAG OD . 90.24 -2.51 -19.05
HN2 NAG OD . 91.09 -2.11 -21.40
HO3 NAG OD . 94.32 0.18 -21.33
HO4 NAG OD . 96.25 -0.36 -23.64
HO6 NAG OD . 97.09 -3.18 -25.66
CA CA PD . 75.05 -9.53 -28.38
CA CA QD . 68.85 -22.44 -23.44
CA CA RD . 78.28 -19.02 -16.06
CA CA SD . 95.24 -17.02 -26.95
CA CA TD . 59.63 -47.40 -44.68
CA CA UD . 59.62 -43.07 -64.30
C1 NAG VD . 75.85 -40.09 0.66
C2 NAG VD . 77.14 -40.48 1.42
C3 NAG VD . 76.97 -40.21 2.92
C4 NAG VD . 76.47 -38.80 3.18
C5 NAG VD . 75.22 -38.54 2.38
C6 NAG VD . 74.71 -37.12 2.50
C7 NAG VD . 78.65 -42.41 1.51
C8 NAG VD . 78.81 -43.87 1.21
N2 NAG VD . 77.46 -41.88 1.20
O3 NAG VD . 78.23 -40.39 3.56
O4 NAG VD . 76.20 -38.62 4.56
O5 NAG VD . 75.48 -38.76 0.99
O6 NAG VD . 75.49 -36.23 1.71
O7 NAG VD . 79.56 -41.75 1.99
H1 NAG VD . 75.13 -40.70 0.93
H2 NAG VD . 77.87 -39.93 1.10
H3 NAG VD . 76.34 -40.85 3.29
H4 NAG VD . 77.16 -38.16 2.91
H5 NAG VD . 74.51 -39.15 2.66
H61 NAG VD . 73.78 -37.09 2.19
H62 NAG VD . 74.75 -36.85 3.43
H81 NAG VD . 79.71 -44.16 1.47
H82 NAG VD . 78.14 -44.38 1.71
H83 NAG VD . 78.69 -44.03 0.25
HN2 NAG VD . 76.83 -42.42 0.84
HO3 NAG VD . 78.16 -40.99 4.22
HO4 NAG VD . 76.84 -39.00 5.04
HO6 NAG VD . 76.15 -35.90 2.21
C1 NAG WD . 73.09 -47.92 -62.88
C2 NAG WD . 73.98 -49.18 -62.91
C3 NAG WD . 75.25 -48.89 -63.69
C4 NAG WD . 74.92 -48.34 -65.07
C5 NAG WD . 74.00 -47.13 -64.94
C6 NAG WD . 73.53 -46.60 -66.27
C7 NAG WD . 74.52 -50.89 -61.24
C8 NAG WD . 74.85 -51.16 -59.80
N2 NAG WD . 74.32 -49.61 -61.57
O3 NAG WD . 75.98 -50.11 -63.83
O4 NAG WD . 76.11 -47.94 -65.74
O5 NAG WD . 72.83 -47.50 -64.20
O6 NAG WD . 73.02 -47.64 -67.09
O7 NAG WD . 74.43 -51.79 -62.06
H1 NAG WD . 73.55 -47.21 -62.41
H2 NAG WD . 73.49 -49.88 -63.35
H3 NAG WD . 75.79 -48.24 -63.21
H4 NAG WD . 74.47 -49.03 -65.60
H5 NAG WD . 74.47 -46.43 -64.46
H61 NAG WD . 72.83 -45.94 -66.12
H62 NAG WD . 74.28 -46.17 -66.73
H81 NAG WD . 75.69 -50.73 -59.58
H82 NAG WD . 74.93 -52.12 -59.66
H83 NAG WD . 74.14 -50.80 -59.24
HN2 NAG WD . 74.39 -48.99 -60.90
HO3 NAG WD . 76.83 -49.92 -64.05
HO4 NAG WD . 76.32 -48.54 -66.36
HO6 NAG WD . 73.36 -47.56 -67.91
CA CA XD . 72.54 -36.14 -46.37
CA CA YD . 58.85 -36.52 -37.94
C1 NAG ZD . 78.18 -17.06 16.72
C2 NAG ZD . 78.66 -18.52 16.85
C3 NAG ZD . 79.84 -18.60 17.83
C4 NAG ZD . 80.94 -17.63 17.43
C5 NAG ZD . 80.37 -16.22 17.32
C6 NAG ZD . 81.38 -15.21 16.84
C7 NAG ZD . 77.66 -20.73 17.26
C8 NAG ZD . 76.45 -21.46 17.74
N2 NAG ZD . 77.58 -19.39 17.28
O3 NAG ZD . 80.37 -19.93 17.85
O4 NAG ZD . 81.99 -17.65 18.39
O5 NAG ZD . 79.29 -16.21 16.38
O6 NAG ZD . 82.58 -15.27 17.59
O7 NAG ZD . 78.67 -21.31 16.87
H1 NAG ZD . 77.80 -16.77 17.57
H2 NAG ZD . 78.97 -18.81 15.98
H3 NAG ZD . 79.52 -18.37 18.72
H4 NAG ZD . 81.30 -17.90 16.56
H5 NAG ZD . 80.04 -15.95 18.20
H61 NAG ZD . 81.00 -14.31 16.91
H62 NAG ZD . 81.58 -15.39 15.90
H81 NAG ZD . 76.60 -22.42 17.67
H82 NAG ZD . 75.68 -21.22 17.19
H83 NAG ZD . 76.27 -21.22 18.67
HN2 NAG ZD . 76.81 -19.00 17.57
HO3 NAG ZD . 80.22 -20.29 18.65
HO4 NAG ZD . 82.55 -18.32 18.19
HO6 NAG ZD . 83.05 -14.51 17.47
C1 NAG AE . 59.81 28.60 -20.33
C2 NAG AE . 58.98 27.85 -21.36
C3 NAG AE . 59.50 28.16 -22.77
C4 NAG AE . 59.54 29.67 -22.98
C5 NAG AE . 60.34 30.33 -21.86
C6 NAG AE . 60.34 31.84 -21.95
C7 NAG AE . 57.91 25.64 -21.21
C8 NAG AE . 58.13 24.18 -20.93
N2 NAG AE . 59.01 26.41 -21.13
O3 NAG AE . 58.64 27.55 -23.72
O4 NAG AE . 60.15 29.97 -24.23
O5 NAG AE . 59.77 29.99 -20.59
O6 NAG AE . 61.30 32.40 -21.06
O7 NAG AE . 56.81 26.09 -21.50
H1 NAG AE . 60.73 28.28 -20.36
H2 NAG AE . 58.06 28.17 -21.33
H3 NAG AE . 60.39 27.80 -22.86
H4 NAG AE . 58.62 30.02 -22.97
H5 NAG AE . 61.25 30.02 -21.90
H61 NAG AE . 59.45 32.18 -21.71
H62 NAG AE . 60.54 32.11 -22.86
H81 NAG AE . 58.47 24.07 -20.02
H82 NAG AE . 58.78 23.82 -21.56
H83 NAG AE . 57.29 23.71 -21.03
HN2 NAG AE . 59.80 26.02 -20.91
HO3 NAG AE . 58.85 27.84 -24.53
HO4 NAG AE . 59.81 30.72 -24.55
HO6 NAG AE . 61.05 33.21 -20.83
CA CA BE . 70.38 22.97 -5.80
CA CA CE . 64.94 21.06 8.57
CA CA DE . 55.30 20.85 0.04
CA CA EE . 55.22 37.93 -10.34
C1 NAG FE . 36.21 17.58 16.14
C2 NAG FE . 35.83 18.81 15.32
C3 NAG FE . 35.45 18.40 13.91
C4 NAG FE . 36.58 17.60 13.27
C5 NAG FE . 36.96 16.42 14.17
C6 NAG FE . 38.18 15.68 13.67
C7 NAG FE . 34.93 20.73 16.56
C8 NAG FE . 33.70 21.35 17.16
N2 NAG FE . 34.76 19.55 15.96
O3 NAG FE . 35.18 19.57 13.14
O4 NAG FE . 36.16 17.11 12.00
O5 NAG FE . 37.28 16.88 15.49
O6 NAG FE . 37.83 14.41 13.11
O7 NAG FE . 36.02 21.28 16.63
H1 NAG FE . 35.44 16.98 16.20
H2 NAG FE . 36.62 19.38 15.26
H3 NAG FE . 34.65 17.86 13.94
H4 NAG FE . 37.36 18.18 13.16
H5 NAG FE . 36.21 15.80 14.22
H61 NAG FE . 38.63 16.21 12.98
H62 NAG FE . 38.80 15.53 14.41
H81 NAG FE . 33.45 20.85 17.97
H82 NAG FE . 33.87 22.28 17.40
H83 NAG FE . 32.97 21.30 16.52
HN2 NAG FE . 33.92 19.18 15.95
HO3 NAG FE . 34.34 19.54 12.86
HO4 NAG FE . 35.91 17.80 11.49
HO6 NAG FE . 38.51 14.09 12.66
C1 NAG GE . 82.50 59.85 28.00
C2 NAG GE . 81.61 61.00 28.48
C3 NAG GE . 81.59 62.10 27.43
C4 NAG GE . 83.00 62.55 27.11
C5 NAG GE . 83.87 61.35 26.73
C6 NAG GE . 85.32 61.71 26.58
C7 NAG GE . 79.81 60.32 29.99
C8 NAG GE . 78.39 59.85 30.10
N2 NAG GE . 80.26 60.54 28.75
O3 NAG GE . 80.82 63.20 27.91
O4 NAG GE . 82.99 63.50 26.06
O5 NAG GE . 83.81 60.36 27.76
O6 NAG GE . 85.92 62.02 27.83
O7 NAG GE . 80.51 60.48 30.98
H1 NAG GE . 82.15 59.52 27.15
H2 NAG GE . 82.00 61.38 29.28
H3 NAG GE . 81.18 61.76 26.61
H4 NAG GE . 83.39 62.98 27.91
H5 NAG GE . 83.54 60.98 25.89
H61 NAG GE . 85.80 60.96 26.17
H62 NAG GE . 85.41 62.49 25.98
H81 NAG GE . 78.16 59.72 31.04
H82 NAG GE . 78.29 59.00 29.62
H83 NAG GE . 77.79 60.51 29.70
HN2 NAG GE . 79.69 60.39 28.06
HO3 NAG GE . 80.68 63.78 27.24
HO4 NAG GE . 83.66 64.08 26.17
HO6 NAG GE . 86.77 62.20 27.72
CA CA HE . 75.21 44.09 18.47
CA CA IE . 76.00 29.75 26.07
CA CA JE . 76.20 39.36 34.90
CA CA KE . 92.52 50.49 31.40
CA CA LE . 94.14 3.71 14.41
CA CA ME . 102.71 6.65 -3.54
C1 NAG NE . 77.24 20.98 56.79
C2 NAG NE . 78.04 21.62 57.92
C3 NAG NE . 77.13 21.87 59.14
C4 NAG NE . 75.86 22.61 58.74
C5 NAG NE . 75.17 21.87 57.59
C6 NAG NE . 73.94 22.58 57.08
C7 NAG NE . 80.11 21.16 59.16
C8 NAG NE . 81.20 20.16 59.43
N2 NAG NE . 79.17 20.78 58.30
O3 NAG NE . 77.83 22.64 60.11
O4 NAG NE . 74.97 22.67 59.85
O5 NAG NE . 76.08 21.77 56.49
O6 NAG NE . 72.77 22.11 57.73
O7 NAG NE . 80.09 22.27 59.71
H1 NAG NE . 76.96 20.08 57.04
H2 NAG NE . 78.38 22.48 57.63
H3 NAG NE . 76.89 21.01 59.54
H4 NAG NE . 76.09 23.50 58.45
H5 NAG NE . 74.93 20.97 57.89
H61 NAG NE . 74.03 23.54 57.26
H62 NAG NE . 73.86 22.43 56.12
H81 NAG NE . 81.68 19.97 58.59
H82 NAG NE . 80.81 19.34 59.77
H83 NAG NE . 81.82 20.53 60.09
HN2 NAG NE . 79.23 19.95 57.93
HO3 NAG NE . 78.00 22.13 60.82
HO4 NAG NE . 75.33 22.25 60.54
HO6 NAG NE . 72.11 22.05 57.14
C1 NAG OE . 113.35 11.81 4.66
C2 NAG OE . 114.66 11.21 5.19
C3 NAG OE . 115.83 12.14 4.87
C4 NAG OE . 115.85 12.52 3.40
C5 NAG OE . 114.50 13.09 3.01
C6 NAG OE . 114.40 13.42 1.54
C7 NAG OE . 114.97 9.81 7.17
C8 NAG OE . 114.82 9.73 8.66
N2 NAG OE . 114.60 10.96 6.61
O3 NAG OE . 117.06 11.49 5.22
O4 NAG OE . 116.87 13.48 3.15
O5 NAG OE . 113.48 12.13 3.29
O6 NAG OE . 113.08 13.83 1.18
O7 NAG OE . 115.40 8.87 6.51
H1 NAG OE . 113.15 12.63 5.16
H2 NAG OE . 114.82 10.37 4.71
H3 NAG OE . 115.74 12.96 5.40
H4 NAG OE . 116.03 11.72 2.86
H5 NAG OE . 114.34 13.91 3.53
H61 NAG OE . 115.02 14.15 1.32
H62 NAG OE . 114.64 12.64 1.01
H81 NAG OE . 115.45 10.34 9.08
H82 NAG OE . 113.92 9.97 8.91
H83 NAG OE . 115.01 8.82 8.95
HN2 NAG OE . 114.28 11.62 7.15
HO3 NAG OE . 117.50 12.01 5.80
HO4 NAG OE . 117.66 13.10 3.23
HO6 NAG OE . 113.04 14.01 0.32
CA CA PE . 97.84 19.72 13.70
CA CA QE . 84.43 11.91 15.37
#